data_8HTU
#
_entry.id   8HTU
#
_cell.length_a   1.00
_cell.length_b   1.00
_cell.length_c   1.00
_cell.angle_alpha   90.00
_cell.angle_beta   90.00
_cell.angle_gamma   90.00
#
_symmetry.space_group_name_H-M   'P 1'
#
loop_
_entity.id
_entity.type
_entity.pdbx_description
1 polymer 'Chlorophyll a-b binding protein, chloroplastic'
2 polymer 'Chlorophyll a-b binding protein, chloroplastic'
3 polymer 'Chlorophyll a-b binding protein, chloroplastic'
4 polymer 'Chlorophyll a-b binding protein, chloroplastic'
5 polymer 'Chlorophyll a-b binding protein, chloroplastic'
6 polymer 'Photosystem I P700 chlorophyll a apoprotein A1'
7 polymer 'Photosystem I P700 chlorophyll a apoprotein A2'
8 polymer 'Photosystem I iron-sulfur center'
9 polymer 'Photosystem I reaction center subunit II, chloroplastic'
10 polymer 'Photosystem I reaction center subunit IV, chloroplastic'
11 polymer 'Photosystem I reaction center subunit III'
12 polymer 'Photosystem I reaction center subunit V, chloroplastic'
13 polymer 'Photosystem I reaction center subunit VI, chloroplastic'
14 polymer 'Photosystem I reaction center subunit VIII'
15 polymer 'Photosystem I reaction center subunit IX'
16 polymer 'Photosystem I subunit X'
17 polymer 'PSI subunit V'
18 polymer 'Photosystem I reaction center subunit XII'
19 polymer 'Photosystem I subunit O'
20 polymer 'Chlorophyll a-b binding protein, chloroplastic'
21 non-polymer 'CHLOROPHYLL B'
22 non-polymer 'CHLOROPHYLL A'
23 non-polymer "(3R,3'R,6S)-4,5-DIDEHYDRO-5,6-DIHYDRO-BETA,BETA-CAROTENE-3,3'-DIOL"
24 non-polymer "(3S,5R,6S,3'S,5'R,6'S)-5,6,5',6'-DIEPOXY-5,6,5',6'- TETRAHYDRO-BETA,BETA-CAROTENE-3,3'-DIOL"
25 non-polymer (1R,3R)-6-{(3E,5E,7E,9E,11E,13E,15E,17E)-18-[(1S,4R,6R)-4-HYDROXY-2,2,6-TRIMETHYL-7-OXABICYCLO[4.1.0]HEPT-1-YL]-3,7,12,16-TETRAMETHYLOCTADECA-1,3,5,7,9,11,13,15,17-NONAENYLIDENE}-1,5,5-TRIMETHYLCYCLOHEXANE-1,3-DIOL
26 non-polymer 1,2-DIPALMITOYL-PHOSPHATIDYL-GLYCEROLE
27 non-polymer BETA-CAROTENE
28 non-polymer 1,2-DISTEAROYL-MONOGALACTOSYL-DIGLYCERIDE
29 non-polymer PHYLLOQUINONE
30 non-polymer 'IRON/SULFUR CLUSTER'
31 non-polymer DODECYL-BETA-D-MALTOSIDE
32 non-polymer 'DIGALACTOSYL DIACYL GLYCEROL (DGDG)'
33 water water
#
loop_
_entity_poly.entity_id
_entity_poly.type
_entity_poly.pdbx_seq_one_letter_code
_entity_poly.pdbx_strand_id
1 'polypeptide(L)'
;MAAATAMHSTTLAGQSLLKPVNELSRKVGSSEARVTMRR(TPO)VKSTSDSIWYGADRPKYLGPFSGETPSYLTGEFAGD
YGWDTAGLSSDPETFARNRELEVIHARWAMLGALGCLTPELLAKSGVKFGEAVWFKAGAQIFSEGGLDYLGNPSLVHAQS
ILAIWASQVVLMGAVEGYRVAGGPLGEITDPIYPGGSFDPLGLADDPDTFAELKVKEIKNGRLAMFSMFGFFVQAIVTGK
GPLENLNDHLADPVANNAWAYATNFVPGN
;
U,V,W
2 'polypeptide(L)'
;MASAMATAAAAQVSRVVTGVATAQKSSFFAGSSSVSLLGCSNGSRVCMAEWLPGNPRPSYLDGSAPGDFGFDPLGLGEVP
ENLERFKESELIHARWAMLAVPGVLIPEALGYGNWVSAQKWAATPGGQATYLGNPVPWGNLPVILAIEFLAIAFAESQRN
GEPDPEKRKYPGGAFDPLGFSKGANLEELKLKEIKNGRLALVAFLGFAVQAIAYPGTGPLENLKTHLADPWHNTIAHVII
PRSVL
;
1,5
3 'polypeptide(L)'
;MASAVCASSNVAVVAGPSTSKVVNSAGPARTSLLAGRVRRVTRIAASPQAEAPVPAQPSLPNNDRPLWFPGSQPPEWLDG
SLPGDFGFDPLGLGSDPELLKWFVQAELVHCRWAMLGAAGIFIPEALTKAGILNTPSWTVAGDQQYFTDATTLFVIEIIL
FAWAEGRRWADIINPGCVNVDPVFPNNKLTGTDVGYPGGLWFDPLGWGQTGDAAKLKDLRTREIKNGRLAMLAVLGAVVQ
ANYTHTGPIDNLLAHLADPGHNTIFALSNLVGK
;
2,6
4 'polypeptide(L)'
;MRTFNLTHLSFPSIGVFLSPLSCIESRVAGVQVCSAMATRVAAGCAVSSFAAKVSPSAFEGKRSAVFGTNLPSTFYVVSK
KASSSAKTVVTKAQLSPTGGSKRSLIFASKQSLSYLDGTLPGDYGFDPLGLMDPEGAGGFIDPQWLPYAEIINGRFAMLG
AAGAIAPEVLGRIGLIPQETAIPWFQSGVIPPVGNYSYWADPYTLFVLEMALMGFAEHRRAQDYYKPGSMGKQYFLGLEK
FLGGSGNPAYPGGPIFNFLGFGKNEKELQELKVKEVKNGRLAMMAVLGYFTQAIFTGVGPFQNLLDHLADPVHNNVLTNL
KIH
;
3,7
5 'polypeptide(L)'
;MASAVCASSSVAAVAAPSTSKVVSNVGSARTSFLAGRALRTTQVCGAAKGDMTVSATLTGNKTDRPLWLPGSEAPKWLDG
SLPGDYGFDPLDLAAEPGRLNWMVQAELVHCRWAMLGAAGIFIPELLTKIGILNTPSWYKAGDATYFADQGTLFIVELLL
MAWAESRRWADIARPGSVNTDPIFPNNKLTGTDVGYPGGLWFDPLGWGSGSEDKLKEIRTKEVKNGRLAMLAVLGAFVQA
NVTHVGPIDNLFAHLADPYHTTILQSLFGK
;
4,8
6 'polypeptide(L)'
;MTIRSPEPEVKIMVEKDPVKTSFEKWAKPGHFSRTLAKGPNTTTWIWNLHADAHDFDSHTNDLEEISRKVFSAHFGQLAV
IFIWLSGMYFHGARFSNYEAWLSDPTHIKPSAQVVWPIVGQKILNGDVGGGFQGIQITSGFFQLWRASGITSELQLYTTA
IGGLIFAALMLFAGWFHYHKAAPKLAWFQNVESMLNHHLAGLLGLGSLAWAGHQVHVSLPINRLLDAGVDPKEIPLPHEF
ILNRDLLAQLYPSFSKGLTPFFTLNWSEYSDFLTFRGGLNPVTGGLWLTDTAHHHLAIAVLFLVAGHMYRTNFGIGHSMK
EILEAHKGPFTGEGHKGLYEILTTSWHAQLAINLAMLGSLTIIVAHHMYAMPPYPYLATDYATQLSLFTHHMWIGGFLVV
GAAAHAAIFMVRDYDPTTQYNNLLDRVLRHRDAIISHLNWVCIFLGFHSFGLYIHNDTMSALGRPQDMFSDTAIQLQPVF
AQWIQNTHALAPSLTAPNATASTSLTWGGGDLVAVGGKVALLPIPLGTADFLVHHIHAFTIHVTVLILLKGVLFARSSRL
IPDKANLGFRFPCDGPGRGGTCQVSAWDHVFLGLFWMYNAISVVIFHFSWKMQSDVWGSISDQGVVTHITGGNFAQSSIT
INGWLRDFLWAQASQVIQSYGSSLSAYGLLFLGAHFVWAFSLMFLFSGRGYWQELIESIVWAHNKLKVAPAIQPRALSIV
QGRAVGVAHYLLGGIATTWAFFLARIISVG
;
A
7 'polypeptide(L)'
;MASRFPKFSRGLSQDPTTRRIWFGIATAHDFESHDDMTEERLYQKIFASHFGQLAIIFLWTSGNLFHVAWQGNFEAWGQD
PLHVRPIAHAIWDPHFGQPAVEAFTRGGASGPVNIAYSGVYQWWYTIGLRTNQDLYGGSIFLLFVSALFLIAGWLHLQPK
WKPSVSWFKNAESRLNHHLSGLFGVSSLAWTGHLVHVAIPESRGEHVRWNNLLTALPHPQGLGPFFAGQWNVYAQNPDSN
SHLFGTSEGAGTAILTFLGGFHPQTQSLWLTDMAHHHLAIAVIFIIAGHMYRTNFGIGHSMKEILEAHTPPGGRLGRGHK
GLYDTINNSLHFQLGLALASLGVITSLVAQHMYSLPPYAFLAQDFTTQAALYTHHQYIAGFIMTGAFAHGAIFFIRDYNP
EQNKDNVLARMLEHKEAIISHLSWASLFLGFHTLGLYVHNDVMLAFGTPEKQILIEPVFAQWIQSAHGKALYGFDVLLSS
ADSPAFNAGQTLWLPGWLDAINNNSNSLFLTIGPGDFLVHHAIALGLHTTTLILVKGALDARGSKLMPDKKEFGYSFPCD
GPGRGGTCDISAWDAFYLAVFWMLNTIGWVTFYWHWKHITLWQGNVAQFNESSTYLMGWLRDYLWLNSSQLINGYNPFGM
NSLSVWAWMFLFGHLVWATGFMFLISWRGYWQELIETLAWAHERTPLANLVRWKDKPVALSIVQARLVGLAHFSVGYIFT
YAAFLIASTSGKFG
;
B
8 'polypeptide(L)'
;MAHSVKIYDTCIGCTQCVRACPTDVLEMVPWDGCKASQIASAPRTEDCVGCKRCESACPTDFLSVRVYLGAETTRSMGLA
Y
;
C
9 'polypeptide(L)'
;MAALAATSAASIALAIPQASSGASTSRSVNLRLSGIQGQKLAAVCNGSRVVAKAAGAAPDATAEAPKGFTPPTLNADTPA
PIFGGSTGGLLRKAQVEEFYVITWESPKEQIFEMPTGGAAIMRSGPNLLKLARKEQCLALGARLRTKFKIQYQFYRVFPN
GEVQYLHPKDGVYPEKVNAGRTAVGVNNRSIGQNANPAELKFAHKQAYDL
;
D
10 'polypeptide(L)'
;MSTAVSSFVGVASNAVAATGAATSSMFSTKVPCRPLSMVVSGRNSARLVVRAEEAAAAPPAKKEAQPVIGPKRGSIVKVL
RRESYWFNDTGKVVAVDQAPGVRYPVVVRFDKVNYAGVSTNNYSPDELEQSA
;
E
11 'polypeptide(L)'
;MASVTMAAIAPAGLVAPLCKDVSSRTAISGARASVFVKSSKARIVCSTSADETSTVAETAGKFATALALAAVVGSSDFVV
PDARADVAGLTPCKESKGFAKRQKQEIKKLEGRLKLYAPDSAPALAINATIEKTKRRFEFYGNQGLLCGTDGLPHLIVDG
DQAHLGEFVYPGLVFLYIAGWIGWVGRAYLIDVRTSKKPTEKEIIIDVPLALRIMSKGLTWPVAAIGELRSGKLVEKSSN
ITVSPR
;
F
12 'polypeptide(L)'
;MASCAASMTGVAASSLSLKANFSGLRRGTKVDSIAMSRSSSFASKTAIAKSSGKVTCEANTALTITLSTGALLFLGRFVF
LPFQRDNVSRQGLPVQNGVTHFDAGDSRAQEVTSFLKTNDPAGFTIVDVLAWGALGHAVGFFILATINNGYNPQF
;
G
13 'polypeptide(L)'
;MAAASATMAVSGLAGSSLAGQKFAIAPAKSVSVRSPSKVGAISAKYGEKSVYFDLGEIDNTTGNWDLYGNDDPNRYNGFQ
NKFFETFAGAFTKRGLLLKFLVLGGATTIGYLGSTSSGDLLAIKNGPKQAPIMGPRGRK
;
H
14 'polypeptide(L)' MTASYLPSIFVPLIGLVFPAITMASLFIYIEQDEII I
15 'polypeptide(L)' MQDVKTYLSTAPVLATLWFGFLAGLLIEINRFFPDALVLPL J
16 'polypeptide(L)'
;MAAMATTMSVATVRQFEGLKATTSSFSKPLPSLALRKTAGKGALGARCDYIGSSTNLIMVASTTLMLFAGRFGLAPSANR
KSTAGLKLVDRDSGLQTGDPAGFTATDTLACGALGHVIGVGIVLGLKATAGL
;
K
17 'polypeptide(L)'
;MAAAAMTRAGGLLAMERVQRVSKTTGAVSNRTFLGNVRGLRATSAPQALRVKVMAVRAGAEKYQVIEPLNGDPFIGGFET
PVTSSPLIAWYLSNLPAYRTAVAPLLRGVEIGLAHGYLLVGPFVLAGPLRNSAVRGEAGSLAAAGLVTILTMCLTIYGIA
SFKEGEASKAPSLTLTGRQKEADKLQTAEGWASFTGGWFFGGLSGVAWAYFLLYVINLPYPVK
;
L
18 'polypeptide(L)' MTSISDSQIIVALVSAFITGILALRLGKSLYQ M
19 'polypeptide(L)'
;MAMTATSMAMPAVAGLGSSSILARRSPKLQLTSAFVGGAIKVNKPLCMSRVTCFNRDWLRKDLSVIGFGLIGWLAPSSLP
VINGNSLTGLFLGSIGPELAHFPTGPALTSPFWLWMITWHVGLFIVLTLGQIGFKGRQDGYWN
;
O
20 'polypeptide(L)'
;MASMAIQGVVAPAVGAFGSSKCFQKKPSSISSSSWTCQAVSKGEGTADAPTVSLEGVINAVQQAPSADPAPEALLAESTS
NGSTATMTGIAEWYKVYGKSVAPDQDARAPYYGPNRPLWKGPFTKPKDVPEYLKGEYPGDYGCDIFKLARLPANYARLRT
QELMNGRWAMLGITGCLTPELINSNSTPGFEPVWFNTGAQIFSDAGIDYLGVPGFINAHSLFAVIVVQALLMGLAEYARI
KFVPEGADPFYPGGKTFDPLGFSSDPEILAELKVKEIKNGRLAMMAMAGLFAQGAVTGVSPLQNLHDWLHL
;
9
#
loop_
_chem_comp.id
_chem_comp.type
_chem_comp.name
_chem_comp.formula
BCR non-polymer BETA-CAROTENE 'C40 H56'
CHL non-polymer 'CHLOROPHYLL B' 'C55 H70 Mg N4 O6 2'
CLA non-polymer 'CHLOROPHYLL A' 'C55 H72 Mg N4 O5'
DGD saccharide 'DIGALACTOSYL DIACYL GLYCEROL (DGDG)' 'C51 H96 O15'
LHG non-polymer 1,2-DIPALMITOYL-PHOSPHATIDYL-GLYCEROLE 'C38 H75 O10 P'
LMG non-polymer 1,2-DISTEAROYL-MONOGALACTOSYL-DIGLYCERIDE 'C45 H86 O10'
LMT D-saccharide DODECYL-BETA-D-MALTOSIDE 'C24 H46 O11'
LUT non-polymer (3R,3'R,6S)-4,5-DIDEHYDRO-5,6-DIHYDRO-BETA,BETA-CAROTENE-3,3'-DIOL 'C40 H56 O2'
NEX non-polymer (1R,3R)-6-{(3E,5E,7E,9E,11E,13E,15E,17E)-18-[(1S,4R,6R)-4-HYDROXY-2,2,6-TRIMETHYL-7-OXABICYCLO[4.1.0]HEPT-1-YL]-3,7,12,16-TETRAMETHYLOCTADECA-1,3,5,7,9,11,13,15,17-NONAENYLIDENE}-1,5,5-TRIMETHYLCYCLOHEXANE-1,3-DIOL 'C40 H56 O4'
PQN non-polymer PHYLLOQUINONE 'C31 H46 O2'
SF4 non-polymer 'IRON/SULFUR CLUSTER' 'Fe4 S4'
XAT non-polymer '(3S,5R,6S,3'S,5'R,6'S)-5,6,5',6'-DIEPOXY-5,6,5',6'- TETRAHYDRO-BETA,BETA-CAROTENE-3,3'-DIOL' 'C40 H56 O4'
#
# COMPACT_ATOMS: atom_id res chain seq x y z
N SER A 47 -23.19 -65.52 30.25
CA SER A 47 -22.47 -66.74 29.81
C SER A 47 -21.94 -67.52 31.01
N ILE A 48 -20.92 -68.34 30.78
CA ILE A 48 -20.36 -69.16 31.87
C ILE A 48 -19.78 -68.26 32.96
N TRP A 49 -19.03 -67.22 32.56
CA TRP A 49 -18.35 -66.38 33.54
C TRP A 49 -19.32 -65.43 34.23
N TYR A 50 -20.27 -64.88 33.49
CA TYR A 50 -21.26 -63.96 34.05
C TYR A 50 -22.47 -64.73 34.54
N GLY A 51 -22.83 -64.54 35.82
CA GLY A 51 -23.97 -65.21 36.39
C GLY A 51 -23.68 -65.79 37.75
N ALA A 52 -24.71 -66.30 38.43
CA ALA A 52 -24.51 -66.87 39.76
C ALA A 52 -23.58 -68.08 39.69
N ASP A 53 -23.74 -68.93 38.68
CA ASP A 53 -22.92 -70.12 38.52
C ASP A 53 -21.71 -69.79 37.64
N ARG A 54 -20.69 -69.23 38.29
CA ARG A 54 -19.44 -68.87 37.61
C ARG A 54 -18.27 -69.57 38.30
N PRO A 55 -17.19 -69.84 37.58
CA PRO A 55 -16.00 -70.41 38.22
C PRO A 55 -15.46 -69.48 39.29
N LYS A 56 -15.24 -70.02 40.48
CA LYS A 56 -14.77 -69.26 41.62
C LYS A 56 -13.28 -69.49 41.84
N TYR A 57 -12.67 -68.58 42.62
CA TYR A 57 -11.22 -68.63 42.80
C TYR A 57 -10.79 -69.85 43.59
N LEU A 58 -11.64 -70.34 44.49
CA LEU A 58 -11.34 -71.54 45.26
C LEU A 58 -11.88 -72.81 44.61
N GLY A 59 -12.47 -72.72 43.43
CA GLY A 59 -13.00 -73.87 42.73
C GLY A 59 -14.11 -74.54 43.53
N PRO A 60 -14.02 -75.85 43.75
CA PRO A 60 -15.08 -76.55 44.49
C PRO A 60 -15.14 -76.19 45.96
N PHE A 61 -14.15 -75.47 46.48
CA PHE A 61 -14.06 -75.16 47.90
C PHE A 61 -14.66 -73.81 48.26
N SER A 62 -15.32 -73.16 47.31
CA SER A 62 -15.89 -71.84 47.54
C SER A 62 -17.34 -71.97 48.01
N GLY A 63 -17.61 -71.52 49.24
CA GLY A 63 -18.97 -71.54 49.76
C GLY A 63 -19.46 -70.19 50.22
N GLU A 64 -18.55 -69.30 50.62
CA GLU A 64 -18.91 -67.99 51.15
C GLU A 64 -18.74 -66.95 50.05
N THR A 65 -19.72 -66.88 49.16
CA THR A 65 -19.69 -65.90 48.08
C THR A 65 -20.25 -64.57 48.58
N PRO A 66 -19.49 -63.47 48.50
CA PRO A 66 -20.03 -62.19 48.95
C PRO A 66 -21.29 -61.81 48.19
N SER A 67 -22.23 -61.20 48.91
CA SER A 67 -23.50 -60.81 48.31
C SER A 67 -23.29 -59.77 47.21
N TYR A 68 -22.44 -58.78 47.46
CA TYR A 68 -22.18 -57.73 46.48
C TYR A 68 -21.49 -58.25 45.23
N LEU A 69 -20.85 -59.42 45.31
CA LEU A 69 -20.23 -60.05 44.14
C LEU A 69 -21.23 -61.08 43.59
N THR A 70 -22.02 -60.65 42.61
CA THR A 70 -23.05 -61.52 42.02
C THR A 70 -22.61 -62.16 40.72
N GLY A 71 -21.77 -61.49 39.93
CA GLY A 71 -21.28 -62.04 38.68
C GLY A 71 -21.64 -61.19 37.48
N GLU A 72 -21.92 -59.91 37.71
CA GLU A 72 -22.27 -58.99 36.64
C GLU A 72 -21.08 -58.21 36.10
N PHE A 73 -19.87 -58.48 36.59
CA PHE A 73 -18.67 -57.80 36.13
C PHE A 73 -17.62 -58.82 35.74
N ALA A 74 -16.74 -58.42 34.83
CA ALA A 74 -15.71 -59.32 34.33
C ALA A 74 -14.72 -59.69 35.42
N GLY A 75 -14.22 -60.92 35.33
CA GLY A 75 -13.25 -61.40 36.31
C GLY A 75 -13.80 -61.46 37.71
N ASP A 76 -15.06 -61.87 37.86
CA ASP A 76 -15.71 -61.96 39.16
C ASP A 76 -15.65 -63.42 39.61
N TYR A 77 -14.59 -63.76 40.35
CA TYR A 77 -14.43 -65.09 40.93
C TYR A 77 -14.95 -65.16 42.35
N GLY A 78 -15.57 -64.10 42.85
CA GLY A 78 -16.08 -64.11 44.21
C GLY A 78 -15.01 -64.00 45.27
N TRP A 79 -13.83 -63.50 44.94
CA TRP A 79 -12.73 -63.37 45.89
C TRP A 79 -12.78 -61.99 46.52
N ASP A 80 -13.43 -61.89 47.68
CA ASP A 80 -13.33 -60.67 48.49
C ASP A 80 -13.48 -61.12 49.96
N THR A 81 -12.33 -61.37 50.60
CA THR A 81 -12.31 -61.79 51.99
C THR A 81 -11.95 -60.66 52.94
N ALA A 82 -11.37 -59.58 52.45
CA ALA A 82 -11.07 -58.40 53.27
C ALA A 82 -12.24 -57.41 53.29
N GLY A 83 -13.28 -57.64 52.50
CA GLY A 83 -14.42 -56.73 52.49
C GLY A 83 -14.04 -55.34 52.06
N LEU A 84 -13.18 -55.21 51.05
CA LEU A 84 -12.69 -53.92 50.60
C LEU A 84 -13.46 -53.37 49.40
N SER A 85 -14.52 -54.06 48.97
CA SER A 85 -15.34 -53.61 47.86
C SER A 85 -16.81 -53.80 48.19
N SER A 86 -17.18 -53.58 49.44
CA SER A 86 -18.58 -53.77 49.83
C SER A 86 -19.46 -52.65 49.28
N ASP A 87 -19.02 -51.40 49.40
CA ASP A 87 -19.82 -50.29 48.90
C ASP A 87 -19.81 -50.29 47.37
N PRO A 88 -20.96 -50.01 46.73
CA PRO A 88 -20.96 -49.98 45.26
C PRO A 88 -19.98 -48.98 44.69
N GLU A 89 -19.86 -47.79 45.28
CA GLU A 89 -18.92 -46.79 44.77
C GLU A 89 -17.49 -47.24 44.97
N THR A 90 -17.18 -47.77 46.15
CA THR A 90 -15.83 -48.30 46.39
C THR A 90 -15.54 -49.46 45.46
N PHE A 91 -16.54 -50.30 45.19
CA PHE A 91 -16.34 -51.41 44.27
C PHE A 91 -16.05 -50.92 42.86
N ALA A 92 -16.76 -49.89 42.42
CA ALA A 92 -16.50 -49.32 41.10
C ALA A 92 -15.09 -48.73 41.02
N ARG A 93 -14.69 -47.99 42.06
CA ARG A 93 -13.35 -47.42 42.07
C ARG A 93 -12.30 -48.52 42.06
N ASN A 94 -12.52 -49.60 42.82
CA ASN A 94 -11.59 -50.71 42.84
C ASN A 94 -11.52 -51.38 41.47
N ARG A 95 -12.65 -51.52 40.79
CA ARG A 95 -12.64 -52.08 39.44
C ARG A 95 -11.81 -51.22 38.49
N GLU A 96 -12.01 -49.90 38.56
CA GLU A 96 -11.24 -49.00 37.71
C GLU A 96 -9.75 -49.13 37.98
N LEU A 97 -9.38 -49.14 39.27
CA LEU A 97 -7.98 -49.31 39.63
C LEU A 97 -7.44 -50.63 39.11
N GLU A 98 -8.22 -51.70 39.26
CA GLU A 98 -7.78 -53.01 38.82
C GLU A 98 -7.50 -53.03 37.32
N VAL A 99 -8.41 -52.45 36.54
CA VAL A 99 -8.25 -52.51 35.09
C VAL A 99 -7.06 -51.66 34.63
N ILE A 100 -6.92 -50.46 35.20
CA ILE A 100 -5.78 -49.62 34.82
C ILE A 100 -4.47 -50.30 35.21
N HIS A 101 -4.40 -50.85 36.43
CA HIS A 101 -3.21 -51.57 36.87
C HIS A 101 -2.95 -52.76 35.96
N ALA A 102 -4.02 -53.46 35.55
CA ALA A 102 -3.84 -54.62 34.68
C ALA A 102 -3.22 -54.23 33.36
N ARG A 103 -3.73 -53.17 32.73
CA ARG A 103 -3.20 -52.77 31.44
C ARG A 103 -1.74 -52.31 31.56
N TRP A 104 -1.44 -51.53 32.61
CA TRP A 104 -0.06 -51.10 32.81
C TRP A 104 0.85 -52.28 33.08
N ALA A 105 0.36 -53.29 33.82
CA ALA A 105 1.17 -54.46 34.10
C ALA A 105 1.40 -55.29 32.84
N MET A 106 0.39 -55.37 31.97
CA MET A 106 0.59 -56.05 30.68
C MET A 106 1.70 -55.37 29.89
N LEU A 107 1.62 -54.04 29.76
CA LEU A 107 2.65 -53.32 29.03
C LEU A 107 4.02 -53.53 29.67
N GLY A 108 4.08 -53.45 31.00
CA GLY A 108 5.35 -53.61 31.68
C GLY A 108 5.95 -54.98 31.52
N ALA A 109 5.11 -56.03 31.61
CA ALA A 109 5.60 -57.38 31.45
C ALA A 109 6.13 -57.61 30.04
N LEU A 110 5.41 -57.13 29.03
CA LEU A 110 5.90 -57.30 27.67
C LEU A 110 7.21 -56.53 27.45
N GLY A 111 7.28 -55.30 27.97
CA GLY A 111 8.45 -54.47 27.73
C GLY A 111 9.65 -54.79 28.59
N CYS A 112 9.46 -55.51 29.70
CA CYS A 112 10.60 -55.93 30.51
C CYS A 112 11.33 -57.10 29.90
N LEU A 113 10.62 -57.96 29.17
CA LEU A 113 11.23 -59.15 28.59
C LEU A 113 11.53 -59.00 27.11
N THR A 114 10.91 -58.05 26.40
CA THR A 114 11.28 -57.85 25.00
C THR A 114 12.76 -57.52 24.86
N PRO A 115 13.34 -56.58 25.62
CA PRO A 115 14.78 -56.39 25.54
C PRO A 115 15.57 -57.64 25.87
N GLU A 116 15.09 -58.45 26.81
CA GLU A 116 15.78 -59.71 27.12
C GLU A 116 15.82 -60.62 25.91
N LEU A 117 14.69 -60.82 25.25
CA LEU A 117 14.66 -61.69 24.07
C LEU A 117 15.54 -61.14 22.96
N LEU A 118 15.49 -59.82 22.73
CA LEU A 118 16.31 -59.24 21.68
C LEU A 118 17.79 -59.41 21.98
N ALA A 119 18.18 -59.24 23.26
CA ALA A 119 19.57 -59.47 23.64
C ALA A 119 19.97 -60.91 23.45
N LYS A 120 19.09 -61.86 23.82
CA LYS A 120 19.41 -63.26 23.62
C LYS A 120 19.62 -63.56 22.15
N SER A 121 18.80 -62.98 21.27
CA SER A 121 18.99 -63.17 19.84
C SER A 121 20.37 -62.65 19.42
N GLY A 122 20.73 -61.46 19.89
CA GLY A 122 22.01 -60.88 19.52
C GLY A 122 21.95 -59.37 19.37
N VAL A 123 20.76 -58.79 19.45
CA VAL A 123 20.63 -57.34 19.39
C VAL A 123 21.38 -56.73 20.56
N LYS A 124 22.18 -55.71 20.30
CA LYS A 124 23.00 -55.07 21.31
C LYS A 124 22.23 -53.94 21.98
N PHE A 125 22.29 -53.90 23.31
CA PHE A 125 21.69 -52.83 24.09
C PHE A 125 22.76 -52.20 24.98
N GLY A 126 22.36 -51.27 25.84
CA GLY A 126 23.26 -50.83 26.90
C GLY A 126 23.12 -51.74 28.10
N GLU A 127 21.91 -51.80 28.66
CA GLU A 127 21.55 -52.79 29.68
C GLU A 127 20.24 -53.43 29.25
N ALA A 128 20.29 -54.69 28.82
CA ALA A 128 19.06 -55.37 28.41
C ALA A 128 18.13 -55.58 29.60
N VAL A 129 18.67 -55.87 30.78
CA VAL A 129 17.85 -56.13 31.95
C VAL A 129 16.98 -54.93 32.26
N TRP A 130 15.75 -55.21 32.69
CA TRP A 130 14.77 -54.14 32.85
C TRP A 130 15.12 -53.20 34.00
N PHE A 131 15.65 -53.74 35.09
CA PHE A 131 15.87 -52.93 36.29
C PHE A 131 17.21 -52.20 36.29
N LYS A 132 18.03 -52.36 35.25
CA LYS A 132 19.14 -51.45 34.98
C LYS A 132 19.00 -50.78 33.62
N ALA A 133 17.86 -50.96 32.95
CA ALA A 133 17.64 -50.33 31.65
C ALA A 133 17.44 -48.82 31.75
N GLY A 134 17.24 -48.28 32.95
CA GLY A 134 16.95 -46.88 33.11
C GLY A 134 18.17 -46.02 33.43
N ALA A 135 19.28 -46.65 33.79
CA ALA A 135 20.48 -45.92 34.19
C ALA A 135 21.39 -45.57 33.02
N GLN A 136 21.13 -46.09 31.83
CA GLN A 136 21.99 -45.81 30.69
C GLN A 136 21.83 -44.39 30.16
N ILE A 137 20.82 -43.64 30.64
CA ILE A 137 20.73 -42.22 30.31
C ILE A 137 21.95 -41.47 30.83
N PHE A 138 22.55 -41.95 31.91
CA PHE A 138 23.73 -41.31 32.48
C PHE A 138 25.01 -41.69 31.77
N SER A 139 24.98 -42.68 30.89
CA SER A 139 26.17 -43.07 30.15
C SER A 139 26.53 -41.99 29.12
N GLU A 140 27.81 -41.97 28.75
CA GLU A 140 28.29 -40.95 27.82
C GLU A 140 27.62 -41.07 26.46
N GLY A 141 27.24 -42.29 26.06
CA GLY A 141 26.60 -42.49 24.78
C GLY A 141 25.12 -42.21 24.74
N GLY A 142 24.50 -41.97 25.88
CA GLY A 142 23.07 -41.74 25.93
C GLY A 142 22.28 -43.03 25.78
N LEU A 143 20.97 -42.88 25.58
CA LEU A 143 20.08 -44.00 25.41
C LEU A 143 19.95 -44.29 23.91
N ASP A 144 20.43 -45.46 23.49
CA ASP A 144 20.55 -45.75 22.07
C ASP A 144 19.29 -46.33 21.46
N TYR A 145 18.42 -46.99 22.24
CA TYR A 145 17.20 -47.58 21.70
C TYR A 145 17.52 -48.62 20.63
N LEU A 146 18.00 -49.78 21.09
CA LEU A 146 18.44 -50.89 20.26
C LEU A 146 19.85 -50.66 19.75
N GLY A 147 20.64 -49.89 20.48
CA GLY A 147 22.02 -49.66 20.10
C GLY A 147 22.16 -48.94 18.78
N ASN A 148 21.23 -48.04 18.46
CA ASN A 148 21.25 -47.28 17.22
C ASN A 148 21.45 -45.81 17.54
N PRO A 149 22.65 -45.26 17.37
CA PRO A 149 22.82 -43.83 17.65
C PRO A 149 21.93 -42.94 16.81
N SER A 150 21.53 -43.40 15.61
CA SER A 150 20.65 -42.60 14.76
C SER A 150 19.24 -42.52 15.32
N LEU A 151 18.88 -43.37 16.26
CA LEU A 151 17.57 -43.38 16.87
C LEU A 151 17.55 -42.38 18.03
N VAL A 152 16.56 -42.48 18.92
CA VAL A 152 16.21 -41.45 19.89
C VAL A 152 17.44 -40.73 20.42
N HIS A 153 18.44 -41.49 20.88
CA HIS A 153 19.73 -40.95 21.28
C HIS A 153 19.57 -39.81 22.29
N ALA A 154 18.87 -40.10 23.38
CA ALA A 154 18.64 -39.13 24.43
C ALA A 154 19.78 -39.14 25.43
N GLN A 155 20.08 -37.96 26.00
CA GLN A 155 21.15 -37.81 26.98
C GLN A 155 20.69 -37.16 28.27
N SER A 156 19.78 -36.19 28.20
CA SER A 156 19.35 -35.44 29.38
C SER A 156 18.11 -36.11 29.98
N ILE A 157 18.26 -36.64 31.20
CA ILE A 157 17.12 -37.22 31.88
C ILE A 157 16.10 -36.14 32.23
N LEU A 158 16.53 -34.90 32.39
CA LEU A 158 15.59 -33.82 32.72
C LEU A 158 14.60 -33.60 31.59
N ALA A 159 15.08 -33.60 30.34
CA ALA A 159 14.17 -33.43 29.21
C ALA A 159 13.19 -34.60 29.12
N ILE A 160 13.67 -35.82 29.34
CA ILE A 160 12.79 -36.98 29.33
C ILE A 160 11.72 -36.83 30.40
N TRP A 161 12.13 -36.42 31.60
CA TRP A 161 11.18 -36.26 32.70
C TRP A 161 10.14 -35.20 32.37
N ALA A 162 10.56 -34.06 31.84
CA ALA A 162 9.63 -32.99 31.54
C ALA A 162 8.64 -33.42 30.46
N SER A 163 9.14 -34.03 29.39
CA SER A 163 8.26 -34.48 28.32
C SER A 163 7.27 -35.51 28.84
N GLN A 164 7.74 -36.48 29.64
CA GLN A 164 6.84 -37.47 30.19
C GLN A 164 5.79 -36.82 31.07
N VAL A 165 6.21 -35.89 31.94
CA VAL A 165 5.25 -35.24 32.83
C VAL A 165 4.15 -34.57 32.00
N VAL A 166 4.54 -33.79 31.00
CA VAL A 166 3.54 -33.05 30.22
C VAL A 166 2.61 -34.00 29.50
N LEU A 167 3.17 -34.97 28.76
CA LEU A 167 2.34 -35.83 27.93
C LEU A 167 1.46 -36.73 28.78
N MET A 168 2.03 -37.34 29.82
CA MET A 168 1.24 -38.22 30.68
C MET A 168 0.17 -37.44 31.43
N GLY A 169 0.48 -36.24 31.91
CA GLY A 169 -0.55 -35.42 32.50
C GLY A 169 -1.69 -35.17 31.52
N ALA A 170 -1.36 -34.86 30.28
CA ALA A 170 -2.39 -34.61 29.28
C ALA A 170 -3.27 -35.85 29.08
N VAL A 171 -2.67 -37.01 28.88
CA VAL A 171 -3.45 -38.21 28.55
C VAL A 171 -4.24 -38.69 29.77
N GLU A 172 -3.62 -38.65 30.95
CA GLU A 172 -4.30 -38.98 32.20
C GLU A 172 -5.52 -38.08 32.40
N GLY A 173 -5.36 -36.78 32.18
CA GLY A 173 -6.48 -35.87 32.29
C GLY A 173 -7.55 -36.14 31.26
N TYR A 174 -7.15 -36.50 30.03
CA TYR A 174 -8.14 -36.87 29.02
C TYR A 174 -8.91 -38.10 29.45
N ARG A 175 -8.20 -39.08 30.03
CA ARG A 175 -8.86 -40.29 30.51
C ARG A 175 -9.87 -39.96 31.60
N VAL A 176 -9.54 -39.01 32.46
CA VAL A 176 -10.46 -38.65 33.55
C VAL A 176 -11.64 -37.83 33.03
N ALA A 177 -11.41 -36.93 32.09
CA ALA A 177 -12.41 -35.94 31.69
C ALA A 177 -12.73 -35.93 30.20
N GLY A 178 -11.99 -36.63 29.37
CA GLY A 178 -12.21 -36.61 27.94
C GLY A 178 -11.23 -35.69 27.22
N GLY A 179 -11.08 -35.95 25.92
CA GLY A 179 -10.11 -35.23 25.14
C GLY A 179 -10.26 -35.45 23.65
N PRO A 180 -9.16 -35.35 22.90
CA PRO A 180 -9.25 -35.51 21.45
C PRO A 180 -9.86 -36.82 21.00
N LEU A 181 -9.53 -37.92 21.66
CA LEU A 181 -9.93 -39.25 21.19
C LEU A 181 -11.27 -39.67 21.79
N GLY A 182 -12.26 -38.81 21.63
CA GLY A 182 -13.60 -39.06 22.12
C GLY A 182 -13.84 -38.48 23.50
N GLU A 183 -15.10 -38.51 23.89
CA GLU A 183 -15.50 -38.06 25.22
C GLU A 183 -15.53 -39.24 26.18
N ILE A 184 -15.73 -38.94 27.45
CA ILE A 184 -15.74 -39.97 28.50
C ILE A 184 -17.18 -40.39 28.75
N THR A 185 -17.47 -41.67 28.50
CA THR A 185 -18.74 -42.28 28.89
C THR A 185 -18.52 -43.40 29.90
N ASP A 186 -17.67 -44.37 29.58
CA ASP A 186 -17.28 -45.42 30.51
C ASP A 186 -15.84 -45.17 30.93
N PRO A 187 -15.54 -44.97 32.21
CA PRO A 187 -14.17 -44.57 32.57
C PRO A 187 -13.11 -45.57 32.12
N ILE A 188 -13.45 -46.85 32.01
CA ILE A 188 -12.48 -47.87 31.65
C ILE A 188 -12.81 -48.57 30.33
N TYR A 189 -13.98 -48.35 29.75
CA TYR A 189 -14.33 -48.89 28.44
C TYR A 189 -14.83 -47.76 27.55
N PRO A 190 -13.96 -46.81 27.21
CA PRO A 190 -14.40 -45.66 26.41
C PRO A 190 -14.96 -46.07 25.07
N GLY A 191 -14.18 -46.82 24.30
CA GLY A 191 -14.60 -47.21 22.96
C GLY A 191 -14.23 -46.17 21.93
N GLY A 192 -14.92 -46.24 20.80
CA GLY A 192 -14.72 -45.27 19.74
C GLY A 192 -13.29 -45.21 19.25
N SER A 193 -12.63 -44.08 19.49
CA SER A 193 -11.25 -43.91 18.99
C SER A 193 -10.30 -44.95 19.56
N PHE A 194 -10.64 -45.55 20.70
CA PHE A 194 -9.83 -46.62 21.26
C PHE A 194 -10.40 -48.00 20.94
N ASP A 195 -11.34 -48.06 20.01
CA ASP A 195 -11.84 -49.32 19.46
C ASP A 195 -11.85 -49.21 17.93
N PRO A 196 -10.68 -48.97 17.32
CA PRO A 196 -10.68 -48.78 15.86
C PRO A 196 -11.05 -50.04 15.10
N LEU A 197 -10.55 -51.19 15.54
CA LEU A 197 -10.85 -52.44 14.85
C LEU A 197 -12.28 -52.89 15.09
N GLY A 198 -12.98 -52.28 16.05
CA GLY A 198 -14.37 -52.62 16.30
C GLY A 198 -14.59 -54.06 16.70
N LEU A 199 -13.70 -54.60 17.55
CA LEU A 199 -13.88 -55.98 18.01
C LEU A 199 -15.00 -56.08 19.02
N ALA A 200 -15.27 -55.00 19.75
CA ALA A 200 -16.33 -54.98 20.75
C ALA A 200 -17.61 -54.38 20.16
N ASP A 201 -18.16 -55.09 19.17
CA ASP A 201 -19.40 -54.61 18.50
C ASP A 201 -20.63 -55.30 19.13
N ASP A 202 -20.67 -56.65 19.15
CA ASP A 202 -21.82 -57.29 19.78
C ASP A 202 -21.55 -57.52 21.26
N PRO A 203 -22.59 -57.53 22.09
CA PRO A 203 -22.36 -57.65 23.55
C PRO A 203 -21.63 -58.92 23.95
N ASP A 204 -21.89 -60.04 23.29
CA ASP A 204 -21.32 -61.31 23.75
C ASP A 204 -19.80 -61.32 23.59
N THR A 205 -19.31 -60.98 22.41
CA THR A 205 -17.86 -60.94 22.21
C THR A 205 -17.23 -59.88 23.10
N PHE A 206 -17.92 -58.76 23.31
CA PHE A 206 -17.39 -57.70 24.15
C PHE A 206 -17.22 -58.18 25.59
N ALA A 207 -18.20 -58.93 26.10
CA ALA A 207 -18.09 -59.45 27.47
C ALA A 207 -17.02 -60.53 27.58
N GLU A 208 -16.97 -61.45 26.62
CA GLU A 208 -15.93 -62.47 26.65
C GLU A 208 -14.55 -61.83 26.57
N LEU A 209 -14.42 -60.77 25.77
CA LEU A 209 -13.16 -60.07 25.66
C LEU A 209 -12.83 -59.30 26.93
N LYS A 210 -13.85 -58.77 27.61
CA LYS A 210 -13.64 -58.22 28.95
C LYS A 210 -12.97 -59.26 29.84
N VAL A 211 -13.56 -60.45 29.90
CA VAL A 211 -13.06 -61.48 30.80
C VAL A 211 -11.63 -61.88 30.42
N LYS A 212 -11.39 -62.04 29.12
CA LYS A 212 -10.06 -62.43 28.66
C LYS A 212 -9.03 -61.36 28.99
N GLU A 213 -9.41 -60.09 28.78
CA GLU A 213 -8.54 -58.97 29.14
C GLU A 213 -8.19 -59.01 30.62
N ILE A 214 -9.20 -59.14 31.48
CA ILE A 214 -8.92 -59.07 32.91
C ILE A 214 -8.08 -60.26 33.34
N LYS A 215 -8.27 -61.43 32.73
CA LYS A 215 -7.48 -62.59 33.11
C LYS A 215 -6.01 -62.44 32.69
N ASN A 216 -5.77 -62.08 31.43
CA ASN A 216 -4.39 -61.82 31.01
C ASN A 216 -3.77 -60.70 31.86
N GLY A 217 -4.58 -59.71 32.24
CA GLY A 217 -4.05 -58.61 33.04
C GLY A 217 -3.68 -59.02 34.45
N ARG A 218 -4.51 -59.84 35.08
CA ARG A 218 -4.17 -60.35 36.41
C ARG A 218 -2.93 -61.22 36.33
N LEU A 219 -2.81 -62.04 35.29
CA LEU A 219 -1.59 -62.82 35.10
C LEU A 219 -0.38 -61.90 34.96
N ALA A 220 -0.51 -60.83 34.18
CA ALA A 220 0.60 -59.91 33.99
C ALA A 220 0.96 -59.20 35.29
N MET A 221 -0.04 -58.81 36.08
CA MET A 221 0.23 -58.16 37.35
C MET A 221 0.97 -59.10 38.30
N PHE A 222 0.52 -60.35 38.38
CA PHE A 222 1.23 -61.34 39.18
C PHE A 222 2.68 -61.48 38.71
N SER A 223 2.86 -61.57 37.39
CA SER A 223 4.20 -61.74 36.85
C SER A 223 5.07 -60.52 37.09
N MET A 224 4.50 -59.33 37.13
CA MET A 224 5.31 -58.14 37.37
C MET A 224 5.67 -58.01 38.85
N PHE A 225 4.77 -58.40 39.75
CA PHE A 225 5.16 -58.52 41.14
C PHE A 225 6.32 -59.50 41.26
N GLY A 226 6.25 -60.60 40.51
CA GLY A 226 7.36 -61.53 40.48
C GLY A 226 8.64 -60.90 39.96
N PHE A 227 8.54 -60.14 38.86
CA PHE A 227 9.70 -59.42 38.36
C PHE A 227 10.34 -58.58 39.45
N PHE A 228 9.52 -57.80 40.15
CA PHE A 228 10.05 -56.90 41.17
C PHE A 228 10.74 -57.68 42.28
N VAL A 229 10.08 -58.71 42.80
CA VAL A 229 10.65 -59.45 43.92
C VAL A 229 11.94 -60.17 43.49
N GLN A 230 11.93 -60.79 42.31
CA GLN A 230 13.11 -61.49 41.82
C GLN A 230 14.26 -60.53 41.58
N ALA A 231 13.98 -59.35 41.04
CA ALA A 231 15.03 -58.34 40.89
C ALA A 231 15.59 -57.95 42.26
N ILE A 232 14.71 -57.79 43.25
CA ILE A 232 15.17 -57.39 44.57
C ILE A 232 16.09 -58.44 45.16
N VAL A 233 15.71 -59.72 45.07
CA VAL A 233 16.46 -60.75 45.80
C VAL A 233 17.61 -61.29 44.96
N THR A 234 17.31 -61.80 43.77
CA THR A 234 18.34 -62.48 42.98
C THR A 234 19.37 -61.50 42.44
N GLY A 235 18.94 -60.32 42.02
CA GLY A 235 19.84 -59.37 41.42
C GLY A 235 20.14 -59.63 39.96
N LYS A 236 19.33 -60.45 39.29
CA LYS A 236 19.53 -60.79 37.89
C LYS A 236 18.21 -60.68 37.14
N GLY A 237 18.32 -60.53 35.82
CA GLY A 237 17.16 -60.30 34.99
C GLY A 237 16.21 -61.48 35.00
N PRO A 238 14.96 -61.26 34.57
CA PRO A 238 13.96 -62.33 34.67
C PRO A 238 14.30 -63.55 33.83
N LEU A 239 14.61 -63.37 32.54
CA LEU A 239 14.91 -64.54 31.71
C LEU A 239 16.22 -65.18 32.11
N GLU A 240 17.14 -64.43 32.69
CA GLU A 240 18.36 -65.04 33.22
C GLU A 240 18.03 -65.97 34.39
N ASN A 241 17.10 -65.54 35.26
CA ASN A 241 16.62 -66.43 36.31
C ASN A 241 15.92 -67.64 35.71
N LEU A 242 15.18 -67.44 34.61
CA LEU A 242 14.54 -68.57 33.95
C LEU A 242 15.57 -69.58 33.45
N ASN A 243 16.64 -69.08 32.84
CA ASN A 243 17.70 -69.97 32.36
C ASN A 243 18.37 -70.69 33.52
N ASP A 244 18.62 -69.99 34.63
CA ASP A 244 19.22 -70.64 35.79
C ASP A 244 18.32 -71.74 36.33
N HIS A 245 17.01 -71.45 36.42
CA HIS A 245 16.06 -72.45 36.92
C HIS A 245 16.00 -73.64 35.99
N LEU A 246 16.00 -73.41 34.68
CA LEU A 246 15.97 -74.53 33.73
C LEU A 246 17.24 -75.35 33.80
N ALA A 247 18.39 -74.71 34.00
CA ALA A 247 19.66 -75.42 34.06
C ALA A 247 19.67 -76.42 35.20
N ASP A 248 19.55 -75.94 36.43
CA ASP A 248 19.52 -76.79 37.63
C ASP A 248 18.30 -76.42 38.46
N PRO A 249 17.12 -76.93 38.09
CA PRO A 249 15.91 -76.55 38.84
C PRO A 249 15.99 -76.88 40.32
N VAL A 250 16.63 -77.99 40.68
CA VAL A 250 16.70 -78.38 42.08
C VAL A 250 17.61 -77.44 42.86
N ALA A 251 18.69 -76.97 42.24
CA ALA A 251 19.67 -76.14 42.93
C ALA A 251 19.44 -74.66 42.72
N ASN A 252 19.21 -74.26 41.47
CA ASN A 252 18.98 -72.85 41.13
C ASN A 252 17.48 -72.58 41.23
N ASN A 253 17.05 -72.15 42.41
CA ASN A 253 15.64 -71.84 42.64
C ASN A 253 15.55 -70.81 43.75
N ALA A 254 14.33 -70.50 44.18
CA ALA A 254 14.14 -69.47 45.19
C ALA A 254 14.66 -69.92 46.56
N TRP A 255 14.53 -71.20 46.88
CA TRP A 255 15.01 -71.69 48.16
C TRP A 255 16.51 -71.52 48.32
N ALA A 256 17.24 -71.36 47.21
CA ALA A 256 18.68 -71.10 47.31
C ALA A 256 18.96 -69.76 47.98
N TYR A 257 18.03 -68.81 47.88
CA TYR A 257 18.20 -67.48 48.44
C TYR A 257 17.47 -67.30 49.76
N ALA A 258 16.94 -68.39 50.35
CA ALA A 258 16.21 -68.26 51.61
C ALA A 258 17.11 -67.76 52.74
N THR A 259 18.40 -68.09 52.70
CA THR A 259 19.33 -67.81 53.79
C THR A 259 20.18 -66.57 53.49
N ASN A 260 19.61 -65.56 52.83
CA ASN A 260 20.34 -64.33 52.54
C ASN A 260 19.86 -63.12 53.32
N PHE A 261 18.68 -63.18 53.92
CA PHE A 261 18.15 -62.08 54.71
C PHE A 261 18.08 -62.45 56.19
N VAL A 262 19.01 -63.29 56.64
CA VAL A 262 18.97 -63.71 58.05
C VAL A 262 19.34 -62.52 58.92
N PRO A 263 18.47 -62.09 59.83
CA PRO A 263 18.81 -60.94 60.68
C PRO A 263 19.76 -61.31 61.81
N GLY A 264 21.05 -61.44 61.48
CA GLY A 264 22.06 -61.61 62.51
C GLY A 264 22.11 -60.43 63.47
N ASN A 265 21.80 -59.24 62.97
CA ASN A 265 21.69 -58.06 63.81
C ASN A 265 21.15 -56.89 63.00
N ASP B 46 -26.46 -61.17 82.59
CA ASP B 46 -25.85 -60.54 81.38
C ASP B 46 -24.34 -60.44 81.53
N SER B 47 -23.63 -60.58 80.41
CA SER B 47 -22.17 -60.52 80.43
C SER B 47 -21.71 -59.08 80.55
N ILE B 48 -20.76 -58.83 81.45
CA ILE B 48 -20.22 -57.49 81.64
C ILE B 48 -19.36 -57.07 80.46
N TRP B 49 -18.94 -58.00 79.62
CA TRP B 49 -18.08 -57.70 78.49
C TRP B 49 -18.83 -57.23 77.26
N TYR B 50 -20.16 -57.24 77.29
CA TYR B 50 -20.99 -56.85 76.16
C TYR B 50 -21.86 -55.67 76.56
N GLY B 51 -22.73 -55.25 75.64
CA GLY B 51 -23.61 -54.13 75.88
C GLY B 51 -22.89 -52.80 75.75
N ALA B 52 -23.59 -51.75 76.16
CA ALA B 52 -23.07 -50.39 76.06
C ALA B 52 -22.31 -49.95 77.31
N ASP B 53 -22.29 -50.77 78.36
CA ASP B 53 -21.56 -50.45 79.58
C ASP B 53 -20.19 -51.13 79.64
N ARG B 54 -19.76 -51.74 78.54
CA ARG B 54 -18.50 -52.45 78.51
C ARG B 54 -17.33 -51.48 78.62
N PRO B 55 -16.19 -51.95 79.12
CA PRO B 55 -15.01 -51.08 79.20
C PRO B 55 -14.47 -50.71 77.82
N LYS B 56 -13.83 -49.56 77.76
CA LYS B 56 -13.34 -48.99 76.51
C LYS B 56 -11.83 -49.17 76.39
N TYR B 57 -11.33 -49.01 75.16
CA TYR B 57 -9.90 -49.17 74.92
C TYR B 57 -9.10 -48.05 75.55
N LEU B 58 -9.68 -46.86 75.66
CA LEU B 58 -9.06 -45.74 76.35
C LEU B 58 -9.48 -45.62 77.80
N GLY B 59 -10.28 -46.56 78.30
CA GLY B 59 -10.71 -46.54 79.68
C GLY B 59 -11.50 -45.29 80.04
N PRO B 60 -11.11 -44.62 81.13
CA PRO B 60 -11.88 -43.42 81.54
C PRO B 60 -11.86 -42.30 80.53
N PHE B 61 -10.89 -42.30 79.61
CA PHE B 61 -10.75 -41.24 78.62
C PHE B 61 -11.59 -41.49 77.37
N SER B 62 -12.61 -42.34 77.46
CA SER B 62 -13.44 -42.64 76.31
C SER B 62 -14.22 -41.42 75.87
N GLY B 63 -14.25 -41.19 74.56
CA GLY B 63 -15.00 -40.08 73.99
C GLY B 63 -16.14 -40.55 73.12
N GLU B 64 -15.98 -40.40 71.80
CA GLU B 64 -16.99 -40.84 70.85
C GLU B 64 -16.77 -42.30 70.50
N THR B 65 -17.84 -43.08 70.50
CA THR B 65 -17.79 -44.49 70.14
C THR B 65 -18.55 -44.73 68.84
N PRO B 66 -18.02 -45.51 67.90
CA PRO B 66 -18.75 -45.76 66.66
C PRO B 66 -20.10 -46.40 66.92
N SER B 67 -21.10 -45.98 66.16
CA SER B 67 -22.45 -46.49 66.35
C SER B 67 -22.53 -47.98 66.05
N TYR B 68 -21.91 -48.41 64.95
CA TYR B 68 -22.00 -49.81 64.55
C TYR B 68 -21.35 -50.74 65.57
N LEU B 69 -20.42 -50.24 66.37
CA LEU B 69 -19.85 -51.02 67.48
C LEU B 69 -20.80 -50.93 68.66
N THR B 70 -21.77 -51.84 68.70
CA THR B 70 -22.77 -51.89 69.75
C THR B 70 -22.44 -52.91 70.84
N GLY B 71 -21.26 -53.54 70.77
CA GLY B 71 -20.86 -54.52 71.76
C GLY B 71 -21.48 -55.88 71.59
N GLU B 72 -22.22 -56.12 70.51
CA GLU B 72 -22.88 -57.40 70.31
C GLU B 72 -21.91 -58.51 69.96
N PHE B 73 -20.64 -58.19 69.68
CA PHE B 73 -19.63 -59.19 69.37
C PHE B 73 -18.54 -59.16 70.44
N ALA B 74 -17.79 -60.25 70.53
CA ALA B 74 -16.78 -60.38 71.56
C ALA B 74 -15.61 -59.45 71.29
N GLY B 75 -14.95 -59.02 72.37
CA GLY B 75 -13.76 -58.19 72.25
C GLY B 75 -14.01 -56.80 71.71
N ASP B 76 -15.22 -56.29 71.85
CA ASP B 76 -15.55 -54.96 71.34
C ASP B 76 -15.21 -53.92 72.40
N TYR B 77 -14.31 -52.99 72.04
CA TYR B 77 -13.93 -51.89 72.92
C TYR B 77 -14.14 -50.53 72.27
N GLY B 78 -14.80 -50.49 71.12
CA GLY B 78 -14.99 -49.22 70.44
C GLY B 78 -13.76 -48.65 69.80
N TRP B 79 -12.73 -49.46 69.57
CA TRP B 79 -11.50 -48.99 68.94
C TRP B 79 -11.64 -49.11 67.43
N ASP B 80 -12.17 -48.07 66.81
CA ASP B 80 -12.12 -47.94 65.35
C ASP B 80 -12.04 -46.44 65.04
N THR B 81 -10.81 -45.96 64.89
CA THR B 81 -10.57 -44.56 64.55
C THR B 81 -10.36 -44.35 63.06
N ALA B 82 -10.06 -45.40 62.30
CA ALA B 82 -9.89 -45.31 60.87
C ALA B 82 -11.17 -45.57 60.10
N GLY B 83 -12.25 -45.98 60.77
CA GLY B 83 -13.48 -46.29 60.07
C GLY B 83 -13.34 -47.42 59.08
N LEU B 84 -12.55 -48.43 59.43
CA LEU B 84 -12.25 -49.53 58.52
C LEU B 84 -13.25 -50.68 58.64
N SER B 85 -14.23 -50.58 59.54
CA SER B 85 -15.24 -51.61 59.69
C SER B 85 -16.63 -51.00 59.82
N SER B 86 -16.86 -49.85 59.20
CA SER B 86 -18.15 -49.18 59.33
C SER B 86 -19.27 -50.02 58.73
N ASP B 87 -19.05 -50.55 57.53
CA ASP B 87 -20.08 -51.35 56.89
C ASP B 87 -20.22 -52.70 57.58
N PRO B 88 -21.45 -53.20 57.79
CA PRO B 88 -21.59 -54.50 58.47
C PRO B 88 -20.85 -55.63 57.79
N GLU B 89 -20.85 -55.68 56.46
CA GLU B 89 -20.19 -56.78 55.76
C GLU B 89 -18.68 -56.72 55.96
N THR B 90 -18.10 -55.54 55.78
CA THR B 90 -16.66 -55.39 56.03
C THR B 90 -16.33 -55.61 57.49
N PHE B 91 -17.23 -55.22 58.40
CA PHE B 91 -17.02 -55.51 59.82
C PHE B 91 -16.94 -57.00 60.06
N ALA B 92 -17.86 -57.77 59.47
CA ALA B 92 -17.82 -59.22 59.65
C ALA B 92 -16.55 -59.81 59.06
N ARG B 93 -16.18 -59.37 57.85
CA ARG B 93 -14.95 -59.86 57.24
C ARG B 93 -13.74 -59.58 58.11
N ASN B 94 -13.66 -58.37 58.66
CA ASN B 94 -12.60 -58.04 59.58
C ASN B 94 -12.64 -58.91 60.83
N ARG B 95 -13.83 -59.29 61.28
CA ARG B 95 -13.93 -60.17 62.44
C ARG B 95 -13.33 -61.54 62.14
N GLU B 96 -13.68 -62.13 61.00
CA GLU B 96 -13.07 -63.42 60.66
C GLU B 96 -11.56 -63.29 60.49
N LEU B 97 -11.12 -62.21 59.83
CA LEU B 97 -9.69 -62.00 59.67
C LEU B 97 -8.99 -61.92 61.03
N GLU B 98 -9.58 -61.17 61.95
CA GLU B 98 -9.00 -61.02 63.28
C GLU B 98 -8.93 -62.36 64.00
N VAL B 99 -10.00 -63.14 63.95
CA VAL B 99 -9.99 -64.40 64.69
C VAL B 99 -8.96 -65.36 64.11
N ILE B 100 -8.90 -65.48 62.78
CA ILE B 100 -7.93 -66.37 62.16
C ILE B 100 -6.51 -65.90 62.46
N HIS B 101 -6.25 -64.60 62.31
CA HIS B 101 -4.93 -64.07 62.61
C HIS B 101 -4.56 -64.30 64.06
N ALA B 102 -5.53 -64.15 64.96
CA ALA B 102 -5.26 -64.35 66.38
C ALA B 102 -4.89 -65.78 66.68
N ARG B 103 -5.65 -66.73 66.13
CA ARG B 103 -5.33 -68.14 66.37
C ARG B 103 -3.96 -68.50 65.80
N TRP B 104 -3.67 -68.04 64.57
CA TRP B 104 -2.37 -68.31 63.98
C TRP B 104 -1.25 -67.68 64.79
N ALA B 105 -1.46 -66.47 65.30
CA ALA B 105 -0.44 -65.81 66.11
C ALA B 105 -0.23 -66.53 67.43
N MET B 106 -1.30 -67.06 68.02
CA MET B 106 -1.16 -67.84 69.25
C MET B 106 -0.31 -69.09 68.99
N LEU B 107 -0.62 -69.82 67.91
CA LEU B 107 0.21 -70.96 67.55
C LEU B 107 1.66 -70.54 67.32
N GLY B 108 1.86 -69.42 66.61
CA GLY B 108 3.21 -68.99 66.31
C GLY B 108 4.00 -68.60 67.54
N ALA B 109 3.36 -67.89 68.47
CA ALA B 109 4.04 -67.52 69.70
C ALA B 109 4.40 -68.75 70.52
N LEU B 110 3.47 -69.70 70.65
CA LEU B 110 3.79 -70.90 71.39
C LEU B 110 4.92 -71.68 70.74
N GLY B 111 4.92 -71.77 69.41
CA GLY B 111 5.97 -72.48 68.70
C GLY B 111 7.29 -71.74 68.63
N CYS B 112 7.27 -70.43 68.86
CA CYS B 112 8.52 -69.67 68.97
C CYS B 112 9.10 -69.76 70.36
N LEU B 113 8.26 -69.91 71.39
CA LEU B 113 8.75 -70.02 72.75
C LEU B 113 9.19 -71.43 73.11
N THR B 114 8.37 -72.44 72.81
CA THR B 114 8.63 -73.79 73.32
C THR B 114 9.97 -74.34 72.84
N PRO B 115 10.34 -74.28 71.57
CA PRO B 115 11.61 -74.91 71.16
C PRO B 115 12.82 -74.30 71.86
N GLU B 116 12.86 -72.98 72.00
CA GLU B 116 14.02 -72.34 72.60
C GLU B 116 14.01 -72.50 74.11
N LEU B 117 12.82 -72.57 74.73
CA LEU B 117 12.75 -72.93 76.13
C LEU B 117 13.31 -74.34 76.36
N LEU B 118 12.95 -75.28 75.49
CA LEU B 118 13.51 -76.63 75.60
C LEU B 118 15.02 -76.61 75.38
N ALA B 119 15.50 -75.79 74.44
CA ALA B 119 16.93 -75.66 74.24
C ALA B 119 17.60 -75.15 75.52
N LYS B 120 16.99 -74.18 76.20
CA LYS B 120 17.47 -73.76 77.50
C LYS B 120 17.49 -74.92 78.48
N SER B 121 16.47 -75.78 78.42
CA SER B 121 16.45 -76.95 79.29
C SER B 121 17.61 -77.89 78.99
N GLY B 122 18.00 -78.00 77.72
CA GLY B 122 19.13 -78.83 77.35
C GLY B 122 18.98 -79.56 76.03
N VAL B 123 17.78 -79.53 75.46
CA VAL B 123 17.51 -80.24 74.20
C VAL B 123 18.10 -79.40 73.06
N LYS B 124 19.28 -79.80 72.58
CA LYS B 124 19.93 -79.07 71.51
C LYS B 124 19.28 -79.40 70.17
N PHE B 125 19.19 -78.39 69.30
CA PHE B 125 18.57 -78.52 68.00
C PHE B 125 19.52 -78.23 66.84
N GLY B 126 20.66 -77.61 67.10
CA GLY B 126 21.56 -77.12 66.05
C GLY B 126 21.24 -75.68 65.67
N GLU B 127 19.96 -75.35 65.62
CA GLU B 127 19.52 -73.98 65.38
C GLU B 127 18.17 -73.83 66.10
N ALA B 128 18.20 -73.25 67.30
CA ALA B 128 17.03 -73.23 68.16
C ALA B 128 16.18 -71.97 67.98
N VAL B 129 16.79 -70.85 67.60
CA VAL B 129 16.05 -69.60 67.54
C VAL B 129 14.97 -69.69 66.46
N TRP B 130 13.84 -69.04 66.70
CA TRP B 130 12.67 -69.27 65.85
C TRP B 130 12.92 -68.83 64.42
N PHE B 131 13.55 -67.68 64.21
CA PHE B 131 13.85 -67.24 62.86
C PHE B 131 15.06 -67.95 62.26
N LYS B 132 15.90 -68.54 63.10
CA LYS B 132 16.94 -69.47 62.63
C LYS B 132 16.47 -70.91 62.82
N ALA B 133 15.41 -71.25 62.09
CA ALA B 133 14.83 -72.59 62.15
C ALA B 133 14.51 -73.19 60.79
N GLY B 134 14.47 -72.39 59.72
CA GLY B 134 14.23 -72.92 58.40
C GLY B 134 15.49 -73.37 57.71
N ALA B 135 16.64 -72.89 58.18
CA ALA B 135 17.93 -73.27 57.62
C ALA B 135 18.39 -74.65 58.07
N GLN B 136 17.70 -75.26 59.04
CA GLN B 136 18.09 -76.58 59.50
C GLN B 136 18.02 -77.60 58.37
N ILE B 137 17.10 -77.43 57.42
CA ILE B 137 16.98 -78.36 56.32
C ILE B 137 18.24 -78.32 55.45
N PHE B 138 18.75 -77.12 55.16
CA PHE B 138 19.90 -77.00 54.27
C PHE B 138 21.17 -77.58 54.88
N SER B 139 21.19 -77.84 56.18
CA SER B 139 22.36 -78.40 56.80
C SER B 139 22.54 -79.87 56.38
N GLU B 140 23.76 -80.37 56.58
CA GLU B 140 24.05 -81.76 56.20
C GLU B 140 23.19 -82.74 56.98
N GLY B 141 23.05 -82.52 58.28
CA GLY B 141 22.21 -83.39 59.08
C GLY B 141 20.75 -83.35 58.68
N GLY B 142 20.27 -82.19 58.24
CA GLY B 142 18.88 -82.03 57.88
C GLY B 142 18.03 -81.62 59.07
N LEU B 143 16.73 -81.51 58.81
CA LEU B 143 15.77 -81.12 59.83
C LEU B 143 15.39 -82.33 60.66
N ASP B 144 15.82 -82.35 61.92
CA ASP B 144 15.54 -83.45 62.84
C ASP B 144 14.68 -82.91 63.97
N TYR B 145 13.50 -83.51 64.15
CA TYR B 145 12.60 -83.09 65.23
C TYR B 145 13.23 -83.40 66.59
N LEU B 146 13.22 -82.41 67.48
CA LEU B 146 13.78 -82.56 68.83
C LEU B 146 15.25 -82.96 68.80
N GLY B 147 15.95 -82.64 67.71
CA GLY B 147 17.36 -82.95 67.62
C GLY B 147 17.66 -84.43 67.73
N ASN B 148 16.87 -85.28 67.09
CA ASN B 148 17.06 -86.73 67.15
C ASN B 148 16.93 -87.29 65.74
N PRO B 149 17.86 -88.16 65.31
CA PRO B 149 17.77 -88.69 63.95
C PRO B 149 16.61 -89.65 63.75
N SER B 150 16.13 -90.33 64.80
CA SER B 150 15.02 -91.31 64.68
C SER B 150 13.65 -90.60 64.56
N LEU B 151 13.62 -89.26 64.50
CA LEU B 151 12.38 -88.54 64.22
C LEU B 151 12.29 -88.23 62.72
N VAL B 152 11.39 -87.33 62.35
CA VAL B 152 11.02 -87.06 60.96
C VAL B 152 12.24 -87.11 60.04
N HIS B 153 13.29 -86.35 60.41
CA HIS B 153 14.56 -86.39 59.70
C HIS B 153 14.39 -86.04 58.22
N ALA B 154 13.83 -84.86 57.97
CA ALA B 154 13.61 -84.39 56.62
C ALA B 154 14.84 -83.67 56.09
N GLN B 155 15.08 -83.80 54.77
CA GLN B 155 16.28 -83.22 54.17
C GLN B 155 16.05 -82.50 52.84
N SER B 156 14.85 -82.52 52.27
CA SER B 156 14.58 -81.91 50.97
C SER B 156 13.45 -80.90 51.10
N ILE B 157 13.77 -79.61 50.93
CA ILE B 157 12.78 -78.56 51.12
C ILE B 157 11.63 -78.71 50.15
N LEU B 158 11.90 -79.24 48.95
CA LEU B 158 10.85 -79.39 47.95
C LEU B 158 9.73 -80.30 48.46
N ALA B 159 10.09 -81.40 49.09
CA ALA B 159 9.09 -82.34 49.57
C ALA B 159 8.21 -81.71 50.64
N ILE B 160 8.83 -81.02 51.61
CA ILE B 160 8.05 -80.34 52.63
C ILE B 160 7.13 -79.32 52.00
N TRP B 161 7.66 -78.52 51.06
CA TRP B 161 6.84 -77.49 50.44
C TRP B 161 5.64 -78.09 49.73
N ALA B 162 5.87 -79.15 48.95
CA ALA B 162 4.77 -79.73 48.17
C ALA B 162 3.72 -80.34 49.09
N SER B 163 4.16 -81.13 50.08
CA SER B 163 3.21 -81.77 50.98
C SER B 163 2.42 -80.72 51.76
N GLN B 164 3.10 -79.69 52.26
CA GLN B 164 2.41 -78.64 53.00
C GLN B 164 1.45 -77.89 52.11
N VAL B 165 1.84 -77.59 50.87
CA VAL B 165 0.94 -76.91 49.95
C VAL B 165 -0.34 -77.71 49.78
N VAL B 166 -0.20 -79.01 49.48
CA VAL B 166 -1.38 -79.83 49.25
C VAL B 166 -2.26 -79.87 50.50
N LEU B 167 -1.66 -80.20 51.65
CA LEU B 167 -2.45 -80.38 52.86
C LEU B 167 -3.09 -79.08 53.31
N MET B 168 -2.34 -77.98 53.27
CA MET B 168 -2.88 -76.69 53.69
C MET B 168 -3.98 -76.22 52.75
N GLY B 169 -3.82 -76.46 51.45
CA GLY B 169 -4.90 -76.14 50.53
C GLY B 169 -6.16 -76.92 50.85
N ALA B 170 -6.02 -78.22 51.10
CA ALA B 170 -7.18 -79.04 51.42
C ALA B 170 -7.87 -78.53 52.69
N VAL B 171 -7.09 -78.28 53.74
CA VAL B 171 -7.69 -77.88 55.02
C VAL B 171 -8.30 -76.50 54.92
N GLU B 172 -7.64 -75.58 54.22
CA GLU B 172 -8.17 -74.23 54.08
C GLU B 172 -9.45 -74.24 53.25
N GLY B 173 -9.52 -75.09 52.22
CA GLY B 173 -10.77 -75.25 51.51
C GLY B 173 -11.87 -75.81 52.38
N TYR B 174 -11.54 -76.79 53.22
CA TYR B 174 -12.53 -77.32 54.16
C TYR B 174 -12.96 -76.26 55.17
N ARG B 175 -12.08 -75.30 55.47
CA ARG B 175 -12.41 -74.27 56.45
C ARG B 175 -13.59 -73.42 55.99
N VAL B 176 -13.65 -73.07 54.72
CA VAL B 176 -14.70 -72.22 54.18
C VAL B 176 -15.85 -73.04 53.61
N ALA B 177 -15.53 -74.13 52.92
CA ALA B 177 -16.54 -75.05 52.41
C ALA B 177 -16.75 -76.17 53.43
N GLY B 178 -17.45 -77.23 53.02
CA GLY B 178 -17.60 -78.41 53.86
C GLY B 178 -16.36 -79.28 53.83
N GLY B 179 -16.41 -80.36 54.62
CA GLY B 179 -15.31 -81.28 54.71
C GLY B 179 -15.60 -82.45 55.64
N PRO B 180 -14.63 -83.35 55.80
CA PRO B 180 -14.86 -84.51 56.67
C PRO B 180 -15.23 -84.14 58.08
N LEU B 181 -14.60 -83.10 58.64
CA LEU B 181 -14.84 -82.70 60.02
C LEU B 181 -16.01 -81.72 60.09
N GLY B 182 -17.13 -82.17 59.53
CA GLY B 182 -18.36 -81.40 59.54
C GLY B 182 -18.49 -80.45 58.38
N GLU B 183 -19.65 -79.81 58.30
CA GLU B 183 -19.95 -78.84 57.28
C GLU B 183 -19.76 -77.44 57.85
N ILE B 184 -20.10 -76.42 57.06
CA ILE B 184 -19.95 -75.03 57.48
C ILE B 184 -21.21 -74.60 58.22
N THR B 185 -21.04 -74.22 59.48
CA THR B 185 -22.11 -73.64 60.28
C THR B 185 -21.86 -72.18 60.60
N ASP B 186 -20.66 -71.87 61.09
CA ASP B 186 -20.18 -70.50 61.24
C ASP B 186 -18.80 -70.40 60.60
N PRO B 187 -18.47 -69.27 59.96
CA PRO B 187 -17.18 -69.20 59.27
C PRO B 187 -15.99 -69.47 60.17
N ILE B 188 -16.08 -69.11 61.45
CA ILE B 188 -14.94 -69.18 62.36
C ILE B 188 -15.25 -69.92 63.66
N TYR B 189 -16.48 -70.38 63.85
CA TYR B 189 -16.86 -71.22 65.00
C TYR B 189 -17.62 -72.43 64.48
N PRO B 190 -16.91 -73.42 63.94
CA PRO B 190 -17.60 -74.60 63.35
C PRO B 190 -18.63 -75.23 64.27
N GLY B 191 -18.34 -75.38 65.57
CA GLY B 191 -19.27 -75.98 66.50
C GLY B 191 -18.67 -77.19 67.20
N GLY B 192 -19.56 -78.12 67.56
CA GLY B 192 -19.15 -79.31 68.28
C GLY B 192 -18.15 -80.17 67.54
N SER B 193 -18.12 -80.06 66.21
CA SER B 193 -17.15 -80.84 65.43
C SER B 193 -15.73 -80.50 65.86
N PHE B 194 -15.43 -79.21 66.07
CA PHE B 194 -14.14 -78.77 66.56
C PHE B 194 -14.17 -78.37 68.02
N ASP B 195 -15.24 -78.70 68.75
CA ASP B 195 -15.37 -78.43 70.17
C ASP B 195 -15.76 -79.73 70.87
N PRO B 196 -14.87 -80.72 70.90
CA PRO B 196 -15.23 -82.02 71.47
C PRO B 196 -15.51 -81.99 72.96
N LEU B 197 -15.00 -81.01 73.71
CA LEU B 197 -15.23 -80.96 75.14
C LEU B 197 -16.47 -80.14 75.51
N GLY B 198 -17.20 -79.62 74.52
CA GLY B 198 -18.47 -78.98 74.79
C GLY B 198 -18.37 -77.73 75.66
N LEU B 199 -17.39 -76.87 75.37
CA LEU B 199 -17.28 -75.61 76.10
C LEU B 199 -18.29 -74.57 75.63
N ALA B 200 -18.95 -74.79 74.50
CA ALA B 200 -19.95 -73.87 73.97
C ALA B 200 -21.36 -74.28 74.33
N ASP B 201 -21.54 -75.32 75.15
CA ASP B 201 -22.87 -75.81 75.45
C ASP B 201 -23.73 -74.74 76.12
N ASP B 202 -23.17 -74.02 77.09
CA ASP B 202 -23.93 -73.00 77.81
C ASP B 202 -23.60 -71.64 77.22
N PRO B 203 -24.59 -70.88 76.72
CA PRO B 203 -24.27 -69.67 75.96
C PRO B 203 -23.44 -68.63 76.72
N ASP B 204 -23.68 -68.46 78.02
CA ASP B 204 -22.96 -67.43 78.77
C ASP B 204 -21.47 -67.78 78.86
N THR B 205 -21.16 -69.02 79.23
CA THR B 205 -19.77 -69.45 79.22
C THR B 205 -19.20 -69.42 77.81
N PHE B 206 -20.04 -69.66 76.80
CA PHE B 206 -19.56 -69.56 75.42
C PHE B 206 -19.09 -68.15 75.10
N ALA B 207 -19.90 -67.15 75.45
CA ALA B 207 -19.51 -65.76 75.19
C ALA B 207 -18.27 -65.38 76.00
N GLU B 208 -18.22 -65.82 77.26
CA GLU B 208 -17.05 -65.54 78.07
C GLU B 208 -15.79 -66.14 77.45
N LEU B 209 -15.89 -67.37 76.95
CA LEU B 209 -14.76 -68.02 76.31
C LEU B 209 -14.38 -67.31 75.02
N LYS B 210 -15.36 -66.80 74.28
CA LYS B 210 -15.06 -66.01 73.09
C LYS B 210 -14.24 -64.78 73.47
N VAL B 211 -14.65 -64.08 74.53
CA VAL B 211 -13.92 -62.89 74.96
C VAL B 211 -12.51 -63.26 75.39
N LYS B 212 -12.37 -64.34 76.17
CA LYS B 212 -11.05 -64.76 76.60
C LYS B 212 -10.17 -65.16 75.41
N GLU B 213 -10.75 -65.83 74.43
CA GLU B 213 -10.00 -66.23 73.25
C GLU B 213 -9.49 -65.01 72.51
N ILE B 214 -10.37 -64.04 72.25
CA ILE B 214 -9.92 -62.85 71.54
C ILE B 214 -8.87 -62.09 72.35
N LYS B 215 -9.00 -62.09 73.68
CA LYS B 215 -8.01 -61.42 74.52
C LYS B 215 -6.63 -62.08 74.39
N ASN B 216 -6.54 -63.36 74.74
CA ASN B 216 -5.27 -64.09 74.64
C ASN B 216 -4.71 -63.99 73.23
N GLY B 217 -5.59 -64.00 72.21
CA GLY B 217 -5.11 -63.97 70.84
C GLY B 217 -4.58 -62.63 70.41
N ARG B 218 -5.23 -61.54 70.82
CA ARG B 218 -4.69 -60.22 70.54
C ARG B 218 -3.35 -60.02 71.24
N LEU B 219 -3.24 -60.53 72.47
CA LEU B 219 -1.94 -60.49 73.15
C LEU B 219 -0.90 -61.26 72.36
N ALA B 220 -1.27 -62.43 71.83
CA ALA B 220 -0.34 -63.23 71.05
C ALA B 220 0.07 -62.51 69.77
N MET B 221 -0.88 -61.84 69.12
CA MET B 221 -0.55 -61.10 67.90
C MET B 221 0.41 -59.95 68.19
N PHE B 222 0.16 -59.20 69.27
CA PHE B 222 1.08 -58.14 69.64
C PHE B 222 2.45 -58.70 69.95
N SER B 223 2.50 -59.85 70.64
CA SER B 223 3.77 -60.48 70.94
C SER B 223 4.48 -60.94 69.67
N MET B 224 3.72 -61.39 68.67
CA MET B 224 4.33 -61.83 67.42
C MET B 224 4.92 -60.65 66.65
N PHE B 225 4.21 -59.52 66.65
CA PHE B 225 4.79 -58.31 66.08
C PHE B 225 6.07 -57.92 66.81
N GLY B 226 6.06 -58.03 68.15
CA GLY B 226 7.27 -57.78 68.91
C GLY B 226 8.40 -58.72 68.53
N PHE B 227 8.07 -60.00 68.33
CA PHE B 227 9.08 -60.97 67.91
C PHE B 227 9.69 -60.56 66.58
N PHE B 228 8.85 -60.20 65.62
CA PHE B 228 9.34 -59.82 64.31
C PHE B 228 10.26 -58.60 64.40
N VAL B 229 9.83 -57.58 65.13
CA VAL B 229 10.62 -56.36 65.23
C VAL B 229 11.93 -56.62 65.98
N GLN B 230 11.88 -57.41 67.05
CA GLN B 230 13.09 -57.72 67.79
C GLN B 230 14.08 -58.50 66.94
N ALA B 231 13.58 -59.48 66.18
CA ALA B 231 14.47 -60.24 65.31
C ALA B 231 15.09 -59.35 64.25
N ILE B 232 14.31 -58.45 63.65
CA ILE B 232 14.86 -57.57 62.63
C ILE B 232 15.89 -56.63 63.22
N VAL B 233 15.61 -56.07 64.40
CA VAL B 233 16.47 -55.06 65.01
C VAL B 233 17.59 -55.69 65.82
N THR B 234 17.22 -56.41 66.87
CA THR B 234 18.23 -56.97 67.77
C THR B 234 18.97 -58.12 67.12
N GLY B 235 18.27 -58.97 66.37
CA GLY B 235 18.89 -60.12 65.74
C GLY B 235 19.05 -61.32 66.64
N LYS B 236 18.43 -61.33 67.80
CA LYS B 236 18.60 -62.37 68.80
C LYS B 236 17.25 -62.99 69.16
N GLY B 237 17.29 -64.11 69.87
CA GLY B 237 16.08 -64.81 70.24
C GLY B 237 15.30 -64.10 71.31
N PRO B 238 14.00 -64.39 71.42
CA PRO B 238 13.18 -63.71 72.43
C PRO B 238 13.59 -64.02 73.86
N LEU B 239 13.89 -65.28 74.17
CA LEU B 239 14.30 -65.62 75.53
C LEU B 239 15.63 -64.98 75.87
N GLU B 240 16.56 -64.94 74.90
CA GLU B 240 17.84 -64.30 75.16
C GLU B 240 17.69 -62.80 75.31
N ASN B 241 16.77 -62.19 74.56
CA ASN B 241 16.44 -60.79 74.79
C ASN B 241 15.90 -60.57 76.19
N LEU B 242 15.00 -61.45 76.64
CA LEU B 242 14.48 -61.33 78.00
C LEU B 242 15.59 -61.46 79.03
N ASN B 243 16.50 -62.39 78.82
CA ASN B 243 17.61 -62.57 79.77
C ASN B 243 18.50 -61.33 79.79
N ASP B 244 18.80 -60.77 78.62
CA ASP B 244 19.61 -59.56 78.58
C ASP B 244 18.91 -58.40 79.29
N HIS B 245 17.60 -58.27 79.10
CA HIS B 245 16.86 -57.23 79.81
C HIS B 245 16.91 -57.45 81.31
N LEU B 246 16.74 -58.70 81.76
CA LEU B 246 16.78 -58.99 83.18
C LEU B 246 18.14 -58.71 83.77
N ALA B 247 19.21 -58.93 83.00
CA ALA B 247 20.55 -58.72 83.50
C ALA B 247 20.78 -57.27 83.89
N ASP B 248 20.73 -56.36 82.92
CA ASP B 248 20.91 -54.93 83.14
C ASP B 248 19.81 -54.19 82.38
N PRO B 249 18.58 -54.20 82.90
CA PRO B 249 17.47 -53.57 82.15
C PRO B 249 17.68 -52.09 81.89
N VAL B 250 18.43 -51.39 82.74
CA VAL B 250 18.62 -49.96 82.54
C VAL B 250 19.33 -49.70 81.22
N ALA B 251 20.40 -50.45 80.95
CA ALA B 251 21.19 -50.28 79.75
C ALA B 251 20.81 -51.24 78.63
N ASN B 252 20.55 -52.50 78.95
CA ASN B 252 20.19 -53.51 77.95
C ASN B 252 18.68 -53.47 77.69
N ASN B 253 18.21 -52.31 77.28
CA ASN B 253 16.84 -52.10 76.83
C ASN B 253 16.84 -51.79 75.35
N ALA B 254 15.66 -51.45 74.83
CA ALA B 254 15.55 -51.18 73.40
C ALA B 254 16.29 -49.91 73.00
N TRP B 255 16.32 -48.90 73.88
CA TRP B 255 16.96 -47.63 73.55
C TRP B 255 18.43 -47.80 73.22
N ALA B 256 19.04 -48.90 73.67
CA ALA B 256 20.45 -49.14 73.36
C ALA B 256 20.65 -49.31 71.86
N TYR B 257 19.72 -50.00 71.19
CA TYR B 257 19.89 -50.28 69.76
C TYR B 257 19.40 -49.14 68.87
N ALA B 258 19.10 -47.97 69.44
CA ALA B 258 18.75 -46.78 68.66
C ALA B 258 20.02 -45.95 68.49
N THR B 259 20.78 -46.29 67.46
CA THR B 259 22.00 -45.56 67.14
C THR B 259 22.21 -45.34 65.66
N ASN B 260 21.26 -45.71 64.82
CA ASN B 260 21.42 -45.61 63.38
C ASN B 260 20.80 -44.31 62.84
N ARG C 38 -17.70 2.55 41.51
CA ARG C 38 -17.44 2.12 42.91
C ARG C 38 -18.51 1.14 43.38
N ARG C 39 -19.67 1.66 43.75
CA ARG C 39 -20.80 0.83 44.16
C ARG C 39 -20.53 0.05 45.44
N TPO C 40 -21.60 -0.21 46.18
CA TPO C 40 -21.54 -1.08 47.40
CB TPO C 40 -22.51 -0.59 48.45
CG2 TPO C 40 -22.50 -1.53 49.65
OG1 TPO C 40 -22.13 0.73 48.87
P TPO C 40 -23.31 1.74 48.44
O1P TPO C 40 -23.56 1.64 46.85
O2P TPO C 40 -22.88 3.24 48.82
O3P TPO C 40 -24.54 1.39 49.16
C TPO C 40 -21.84 -2.51 46.99
O TPO C 40 -22.89 -2.80 46.42
N VAL C 41 -20.91 -3.42 47.30
CA VAL C 41 -21.04 -4.80 46.84
C VAL C 41 -21.63 -5.67 47.94
N LYS C 42 -22.66 -6.43 47.58
CA LYS C 42 -23.29 -7.40 48.49
C LYS C 42 -22.96 -8.83 48.10
N SER C 43 -23.15 -9.20 46.84
CA SER C 43 -22.78 -10.52 46.35
C SER C 43 -21.31 -10.53 46.00
N THR C 44 -20.54 -11.34 46.71
CA THR C 44 -19.09 -11.46 46.52
C THR C 44 -18.74 -12.92 46.22
N SER C 45 -17.43 -13.18 46.10
CA SER C 45 -16.92 -14.53 45.91
C SER C 45 -16.95 -15.26 47.26
N ASP C 46 -18.18 -15.54 47.71
CA ASP C 46 -18.41 -16.11 49.04
C ASP C 46 -17.92 -17.56 49.04
N SER C 47 -16.75 -17.79 49.62
CA SER C 47 -16.21 -19.12 49.85
C SER C 47 -16.19 -19.94 48.55
N ILE C 48 -15.38 -19.47 47.62
CA ILE C 48 -15.17 -20.20 46.37
C ILE C 48 -14.69 -21.61 46.64
N TRP C 49 -14.05 -21.84 47.80
CA TRP C 49 -13.52 -23.16 48.13
C TRP C 49 -14.60 -24.17 48.45
N TYR C 50 -15.85 -23.75 48.63
CA TYR C 50 -16.97 -24.65 48.86
C TYR C 50 -17.88 -24.62 47.64
N GLY C 51 -18.90 -25.48 47.67
CA GLY C 51 -19.87 -25.54 46.60
C GLY C 51 -19.41 -26.44 45.46
N ALA C 52 -20.25 -26.50 44.43
CA ALA C 52 -19.99 -27.35 43.27
C ALA C 52 -19.04 -26.72 42.28
N ASP C 53 -18.74 -25.43 42.39
CA ASP C 53 -17.85 -24.73 41.47
C ASP C 53 -16.47 -24.51 42.07
N ARG C 54 -16.11 -25.28 43.09
CA ARG C 54 -14.83 -25.12 43.76
C ARG C 54 -13.71 -25.67 42.88
N PRO C 55 -12.46 -25.26 43.12
CA PRO C 55 -11.34 -25.83 42.38
C PRO C 55 -11.17 -27.31 42.68
N LYS C 56 -10.68 -28.05 41.68
CA LYS C 56 -10.51 -29.50 41.78
C LYS C 56 -9.04 -29.85 41.65
N TYR C 57 -8.71 -31.10 41.99
CA TYR C 57 -7.31 -31.50 42.12
C TYR C 57 -6.63 -31.69 40.77
N LEU C 58 -7.37 -32.03 39.72
CA LEU C 58 -6.83 -32.12 38.37
C LEU C 58 -7.11 -30.86 37.55
N GLY C 59 -7.69 -29.83 38.16
CA GLY C 59 -7.97 -28.59 37.46
C GLY C 59 -9.01 -28.79 36.37
N PRO C 60 -8.72 -28.36 35.14
CA PRO C 60 -9.71 -28.49 34.07
C PRO C 60 -10.06 -29.92 33.75
N PHE C 61 -9.23 -30.89 34.13
CA PHE C 61 -9.43 -32.29 33.81
C PHE C 61 -10.15 -33.05 34.93
N SER C 62 -10.94 -32.35 35.73
CA SER C 62 -11.66 -32.95 36.86
C SER C 62 -13.14 -33.02 36.50
N GLY C 63 -13.53 -34.12 35.85
CA GLY C 63 -14.91 -34.31 35.46
C GLY C 63 -15.69 -35.22 36.39
N GLU C 64 -15.09 -36.36 36.75
CA GLU C 64 -15.78 -37.38 37.54
C GLU C 64 -15.59 -37.10 39.03
N THR C 65 -16.28 -36.07 39.49
CA THR C 65 -16.26 -35.74 40.92
C THR C 65 -17.13 -36.73 41.69
N PRO C 66 -16.62 -37.33 42.76
CA PRO C 66 -17.48 -38.23 43.54
C PRO C 66 -18.70 -37.52 44.07
N SER C 67 -19.82 -38.23 44.09
CA SER C 67 -21.08 -37.63 44.53
C SER C 67 -21.05 -37.25 46.00
N TYR C 68 -20.37 -38.04 46.82
CA TYR C 68 -20.33 -37.78 48.29
C TYR C 68 -19.49 -36.54 48.60
N LEU C 69 -18.54 -36.19 47.71
CA LEU C 69 -17.68 -35.03 47.93
C LEU C 69 -18.35 -33.85 47.25
N THR C 70 -19.23 -33.16 48.00
CA THR C 70 -20.04 -32.07 47.46
C THR C 70 -19.48 -30.70 47.81
N GLY C 71 -18.23 -30.63 48.29
CA GLY C 71 -17.65 -29.35 48.65
C GLY C 71 -18.12 -28.81 49.99
N GLU C 72 -18.79 -29.62 50.80
CA GLU C 72 -19.28 -29.14 52.08
C GLU C 72 -18.13 -28.77 53.01
N PHE C 73 -17.06 -29.56 53.01
CA PHE C 73 -16.02 -29.47 54.01
C PHE C 73 -14.75 -28.87 53.41
N ALA C 74 -13.89 -28.36 54.28
CA ALA C 74 -12.70 -27.64 53.85
C ALA C 74 -11.72 -28.58 53.16
N GLY C 75 -10.94 -28.00 52.24
CA GLY C 75 -9.94 -28.77 51.52
C GLY C 75 -10.51 -29.83 50.60
N ASP C 76 -11.76 -29.66 50.17
CA ASP C 76 -12.45 -30.65 49.33
C ASP C 76 -12.12 -30.34 47.87
N TYR C 77 -11.07 -30.97 47.36
CA TYR C 77 -10.71 -30.86 45.95
C TYR C 77 -11.30 -32.00 45.12
N GLY C 78 -12.12 -32.84 45.71
CA GLY C 78 -12.71 -33.96 45.00
C GLY C 78 -11.72 -35.01 44.57
N TRP C 79 -10.80 -35.41 45.45
CA TRP C 79 -9.78 -36.41 45.16
C TRP C 79 -10.01 -37.62 46.06
N ASP C 80 -10.83 -38.56 45.58
CA ASP C 80 -10.98 -39.86 46.23
C ASP C 80 -11.01 -40.95 45.18
N THR C 81 -10.03 -40.94 44.28
CA THR C 81 -9.97 -41.94 43.22
C THR C 81 -10.02 -43.36 43.78
N ALA C 82 -9.47 -43.56 44.97
CA ALA C 82 -9.48 -44.88 45.59
C ALA C 82 -10.80 -45.21 46.28
N GLY C 83 -11.66 -44.22 46.49
CA GLY C 83 -12.94 -44.48 47.12
C GLY C 83 -12.82 -44.95 48.55
N LEU C 84 -11.89 -44.40 49.32
CA LEU C 84 -11.68 -44.79 50.71
C LEU C 84 -12.58 -44.04 51.67
N SER C 85 -13.41 -43.12 51.19
CA SER C 85 -14.27 -42.31 52.05
C SER C 85 -15.71 -42.31 51.56
N SER C 86 -16.14 -43.39 50.91
CA SER C 86 -17.52 -43.47 50.43
C SER C 86 -18.51 -43.44 51.59
N ASP C 87 -18.22 -44.18 52.65
CA ASP C 87 -19.10 -44.23 53.82
C ASP C 87 -18.94 -42.94 54.62
N PRO C 88 -20.02 -42.20 54.90
CA PRO C 88 -19.84 -40.93 55.61
C PRO C 88 -19.14 -41.06 56.95
N GLU C 89 -19.38 -42.15 57.69
CA GLU C 89 -18.63 -42.34 58.93
C GLU C 89 -17.14 -42.50 58.66
N THR C 90 -16.79 -43.28 57.65
CA THR C 90 -15.38 -43.41 57.28
C THR C 90 -14.83 -42.08 56.80
N PHE C 91 -15.63 -41.30 56.09
CA PHE C 91 -15.17 -40.00 55.62
C PHE C 91 -14.87 -39.07 56.79
N ALA C 92 -15.73 -39.07 57.81
CA ALA C 92 -15.47 -38.26 59.00
C ALA C 92 -14.22 -38.75 59.73
N ARG C 93 -14.06 -40.06 59.87
CA ARG C 93 -12.85 -40.59 60.50
C ARG C 93 -11.62 -40.13 59.74
N ASN C 94 -11.67 -40.19 58.41
CA ASN C 94 -10.53 -39.80 57.59
C ASN C 94 -10.25 -38.31 57.70
N ARG C 95 -11.30 -37.49 57.79
CA ARG C 95 -11.11 -36.07 57.98
C ARG C 95 -10.39 -35.80 59.30
N GLU C 96 -10.83 -36.46 60.38
CA GLU C 96 -10.17 -36.28 61.67
C GLU C 96 -8.70 -36.68 61.58
N LEU C 97 -8.44 -37.86 60.99
CA LEU C 97 -7.07 -38.32 60.85
C LEU C 97 -6.24 -37.33 60.05
N GLU C 98 -6.80 -36.81 58.95
CA GLU C 98 -6.06 -35.90 58.10
C GLU C 98 -5.72 -34.61 58.84
N VAL C 99 -6.67 -34.07 59.59
CA VAL C 99 -6.41 -32.82 60.30
C VAL C 99 -5.36 -33.01 61.37
N ILE C 100 -5.46 -34.11 62.14
CA ILE C 100 -4.46 -34.36 63.18
C ILE C 100 -3.09 -34.56 62.56
N HIS C 101 -3.02 -35.36 61.49
CA HIS C 101 -1.75 -35.58 60.81
C HIS C 101 -1.19 -34.29 60.27
N ALA C 102 -2.05 -33.41 59.73
CA ALA C 102 -1.59 -32.16 59.17
C ALA C 102 -1.02 -31.25 60.25
N ARG C 103 -1.68 -31.17 61.39
CA ARG C 103 -1.16 -30.34 62.49
C ARG C 103 0.18 -30.87 62.98
N TRP C 104 0.26 -32.18 63.21
CA TRP C 104 1.52 -32.77 63.64
C TRP C 104 2.60 -32.58 62.58
N ALA C 105 2.23 -32.62 61.30
CA ALA C 105 3.21 -32.49 60.23
C ALA C 105 3.73 -31.06 60.15
N MET C 106 2.86 -30.07 60.34
CA MET C 106 3.33 -28.69 60.38
C MET C 106 4.28 -28.47 61.55
N LEU C 107 3.90 -28.99 62.73
CA LEU C 107 4.80 -28.88 63.88
C LEU C 107 6.14 -29.55 63.58
N GLY C 108 6.10 -30.74 62.99
CA GLY C 108 7.33 -31.46 62.71
C GLY C 108 8.21 -30.77 61.68
N ALA C 109 7.58 -30.23 60.62
CA ALA C 109 8.36 -29.52 59.62
C ALA C 109 9.03 -28.30 60.20
N LEU C 110 8.30 -27.53 61.02
CA LEU C 110 8.91 -26.37 61.65
C LEU C 110 10.04 -26.80 62.59
N GLY C 111 9.83 -27.86 63.37
CA GLY C 111 10.86 -28.32 64.28
C GLY C 111 12.06 -28.93 63.59
N CYS C 112 11.88 -29.41 62.35
CA CYS C 112 13.01 -29.90 61.57
C CYS C 112 13.75 -28.76 60.88
N LEU C 113 13.05 -27.67 60.57
CA LEU C 113 13.65 -26.59 59.81
C LEU C 113 14.38 -25.58 60.71
N THR C 114 13.75 -25.12 61.79
CA THR C 114 14.39 -24.09 62.61
C THR C 114 15.74 -24.50 63.16
N PRO C 115 15.95 -25.72 63.68
CA PRO C 115 17.28 -26.02 64.24
C PRO C 115 18.41 -25.82 63.25
N GLU C 116 18.21 -26.21 61.99
CA GLU C 116 19.27 -26.00 60.99
C GLU C 116 19.45 -24.53 60.67
N LEU C 117 18.35 -23.77 60.65
CA LEU C 117 18.45 -22.33 60.41
C LEU C 117 19.26 -21.66 61.51
N LEU C 118 19.00 -22.01 62.77
CA LEU C 118 19.78 -21.45 63.87
C LEU C 118 21.23 -21.92 63.82
N ALA C 119 21.45 -23.18 63.43
CA ALA C 119 22.82 -23.67 63.30
C ALA C 119 23.59 -22.86 62.27
N LYS C 120 22.96 -22.56 61.13
CA LYS C 120 23.60 -21.71 60.13
C LYS C 120 23.75 -20.29 60.63
N SER C 121 22.85 -19.82 61.49
CA SER C 121 22.98 -18.49 62.05
C SER C 121 24.24 -18.37 62.89
N GLY C 122 24.57 -19.41 63.65
CA GLY C 122 25.76 -19.41 64.47
C GLY C 122 25.58 -20.12 65.78
N VAL C 123 24.33 -20.48 66.11
CA VAL C 123 24.06 -21.19 67.36
C VAL C 123 24.66 -22.58 67.29
N LYS C 124 25.33 -23.00 68.35
CA LYS C 124 26.05 -24.27 68.40
C LYS C 124 25.31 -25.23 69.33
N PHE C 125 25.09 -26.45 68.85
CA PHE C 125 24.55 -27.53 69.67
C PHE C 125 25.02 -28.86 69.09
N GLY C 126 24.53 -29.95 69.69
CA GLY C 126 25.08 -31.26 69.36
C GLY C 126 24.99 -31.60 67.89
N GLU C 127 23.83 -31.39 67.29
CA GLU C 127 23.62 -31.76 65.90
C GLU C 127 22.52 -30.90 65.29
N ALA C 128 22.69 -30.56 64.01
CA ALA C 128 21.74 -29.69 63.31
C ALA C 128 20.64 -30.48 62.61
N VAL C 129 20.99 -31.57 61.93
CA VAL C 129 20.01 -32.32 61.17
C VAL C 129 19.00 -32.96 62.11
N TRP C 130 17.74 -33.02 61.66
CA TRP C 130 16.68 -33.53 62.53
C TRP C 130 16.83 -35.02 62.80
N PHE C 131 17.29 -35.78 61.81
CA PHE C 131 17.33 -37.24 61.93
C PHE C 131 18.53 -37.76 62.69
N LYS C 132 19.45 -36.88 63.12
CA LYS C 132 20.51 -37.26 64.04
C LYS C 132 20.47 -36.43 65.33
N ALA C 133 19.41 -35.64 65.53
CA ALA C 133 19.29 -34.84 66.74
C ALA C 133 18.68 -35.61 67.90
N GLY C 134 18.14 -36.80 67.66
CA GLY C 134 17.60 -37.62 68.72
C GLY C 134 18.63 -38.41 69.49
N ALA C 135 19.84 -38.56 68.95
CA ALA C 135 20.91 -39.29 69.61
C ALA C 135 21.82 -38.40 70.44
N GLN C 136 21.56 -37.08 70.48
CA GLN C 136 22.41 -36.19 71.27
C GLN C 136 22.39 -36.56 72.74
N ILE C 137 21.31 -37.20 73.22
CA ILE C 137 21.24 -37.59 74.61
C ILE C 137 22.25 -38.67 74.96
N PHE C 138 22.80 -39.36 73.96
CA PHE C 138 23.80 -40.39 74.19
C PHE C 138 25.23 -39.84 74.13
N SER C 139 25.38 -38.52 74.01
CA SER C 139 26.69 -37.91 73.98
C SER C 139 27.19 -37.66 75.40
N GLU C 140 28.42 -37.12 75.50
CA GLU C 140 28.99 -36.85 76.82
C GLU C 140 28.18 -35.80 77.57
N GLY C 141 27.77 -34.73 76.88
CA GLY C 141 27.05 -33.64 77.50
C GLY C 141 25.56 -33.83 77.62
N GLY C 142 25.02 -34.96 77.21
CA GLY C 142 23.59 -35.15 77.28
C GLY C 142 22.87 -34.29 76.25
N LEU C 143 21.59 -34.05 76.53
CA LEU C 143 20.74 -33.26 75.64
C LEU C 143 20.78 -31.80 76.10
N ASP C 144 21.39 -30.94 75.30
CA ASP C 144 21.47 -29.52 75.57
C ASP C 144 20.55 -28.78 74.61
N TYR C 145 19.69 -27.91 75.15
CA TYR C 145 18.68 -27.22 74.36
C TYR C 145 19.27 -25.91 73.88
N LEU C 146 19.58 -25.83 72.58
CA LEU C 146 20.45 -24.80 72.02
C LEU C 146 21.83 -24.81 72.66
N GLY C 147 22.33 -25.98 73.04
CA GLY C 147 23.67 -26.08 73.56
C GLY C 147 23.90 -25.27 74.82
N ASN C 148 22.88 -25.18 75.68
CA ASN C 148 22.95 -24.39 76.91
C ASN C 148 22.80 -25.31 78.11
N PRO C 149 23.88 -25.65 78.81
CA PRO C 149 23.73 -26.55 79.98
C PRO C 149 22.78 -26.01 81.04
N SER C 150 22.69 -24.68 81.19
CA SER C 150 21.78 -24.12 82.19
C SER C 150 20.31 -24.42 81.87
N LEU C 151 20.01 -24.81 80.63
CA LEU C 151 18.65 -25.13 80.23
C LEU C 151 18.37 -26.60 80.56
N VAL C 152 17.32 -27.17 79.97
CA VAL C 152 16.74 -28.45 80.38
C VAL C 152 17.82 -29.44 80.78
N HIS C 153 18.83 -29.61 79.92
CA HIS C 153 20.00 -30.43 80.22
C HIS C 153 19.59 -31.81 80.75
N ALA C 154 18.88 -32.54 79.90
CA ALA C 154 18.43 -33.88 80.26
C ALA C 154 19.52 -34.90 79.98
N GLN C 155 19.51 -35.97 80.77
CA GLN C 155 20.55 -37.00 80.72
C GLN C 155 20.03 -38.38 80.40
N SER C 156 18.90 -38.79 80.96
CA SER C 156 18.39 -40.15 80.81
C SER C 156 17.25 -40.16 79.80
N ILE C 157 17.39 -40.99 78.77
CA ILE C 157 16.31 -41.12 77.78
C ILE C 157 15.09 -41.78 78.40
N LEU C 158 15.29 -42.66 79.39
CA LEU C 158 14.17 -43.37 79.99
C LEU C 158 13.21 -42.40 80.67
N ALA C 159 13.74 -41.46 81.44
CA ALA C 159 12.88 -40.49 82.12
C ALA C 159 12.11 -39.64 81.12
N ILE C 160 12.80 -39.19 80.05
CA ILE C 160 12.14 -38.40 79.03
C ILE C 160 10.99 -39.19 78.41
N TRP C 161 11.26 -40.46 78.08
CA TRP C 161 10.24 -41.29 77.44
C TRP C 161 9.05 -41.49 78.37
N ALA C 162 9.30 -41.77 79.65
CA ALA C 162 8.21 -41.98 80.58
C ALA C 162 7.36 -40.72 80.75
N SER C 163 8.02 -39.57 80.92
CA SER C 163 7.29 -38.33 81.05
C SER C 163 6.47 -38.04 79.80
N GLN C 164 7.05 -38.26 78.62
CA GLN C 164 6.31 -38.04 77.39
C GLN C 164 5.10 -38.97 77.31
N VAL C 165 5.30 -40.24 77.67
CA VAL C 165 4.18 -41.19 77.62
C VAL C 165 3.04 -40.68 78.49
N VAL C 166 3.36 -40.31 79.74
CA VAL C 166 2.29 -39.89 80.66
C VAL C 166 1.59 -38.64 80.15
N LEU C 167 2.37 -37.60 79.81
CA LEU C 167 1.76 -36.33 79.42
C LEU C 167 0.97 -36.46 78.13
N MET C 168 1.53 -37.15 77.12
CA MET C 168 0.84 -37.26 75.85
C MET C 168 -0.38 -38.16 75.96
N GLY C 169 -0.32 -39.21 76.78
CA GLY C 169 -1.53 -39.99 77.02
C GLY C 169 -2.61 -39.14 77.65
N ALA C 170 -2.25 -38.32 78.64
CA ALA C 170 -3.23 -37.44 79.26
C ALA C 170 -3.89 -36.52 78.22
N VAL C 171 -3.07 -35.83 77.43
CA VAL C 171 -3.65 -34.87 76.48
C VAL C 171 -4.42 -35.57 75.37
N GLU C 172 -3.95 -36.73 74.93
CA GLU C 172 -4.66 -37.47 73.89
C GLU C 172 -6.02 -37.92 74.39
N GLY C 173 -6.09 -38.40 75.63
CA GLY C 173 -7.38 -38.73 76.22
C GLY C 173 -8.27 -37.51 76.36
N TYR C 174 -7.68 -36.38 76.76
CA TYR C 174 -8.47 -35.15 76.86
C TYR C 174 -9.06 -34.77 75.51
N ARG C 175 -8.27 -34.89 74.44
CA ARG C 175 -8.77 -34.58 73.10
C ARG C 175 -9.88 -35.55 72.71
N VAL C 176 -9.71 -36.83 73.01
CA VAL C 176 -10.71 -37.82 72.62
C VAL C 176 -12.02 -37.56 73.38
N ALA C 177 -11.93 -37.31 74.69
CA ALA C 177 -13.10 -37.20 75.54
C ALA C 177 -13.31 -35.80 76.10
N GLY C 178 -12.25 -35.18 76.64
CA GLY C 178 -12.38 -33.88 77.26
C GLY C 178 -11.55 -33.80 78.52
N GLY C 179 -11.43 -32.60 79.10
CA GLY C 179 -10.62 -32.41 80.28
C GLY C 179 -10.66 -30.97 80.79
N PRO C 180 -9.53 -30.50 81.32
CA PRO C 180 -9.53 -29.16 81.94
C PRO C 180 -9.93 -28.04 81.00
N LEU C 181 -9.64 -28.16 79.71
CA LEU C 181 -9.90 -27.10 78.75
C LEU C 181 -11.28 -27.21 78.09
N GLY C 182 -12.12 -28.13 78.54
CA GLY C 182 -13.50 -28.18 78.09
C GLY C 182 -13.87 -29.43 77.33
N GLU C 183 -15.11 -29.88 77.49
CA GLU C 183 -15.55 -31.10 76.82
C GLU C 183 -15.60 -30.89 75.31
N ILE C 184 -15.62 -32.01 74.58
CA ILE C 184 -15.56 -31.98 73.12
C ILE C 184 -16.93 -31.64 72.56
N THR C 185 -16.98 -30.62 71.71
CA THR C 185 -18.15 -30.33 70.89
C THR C 185 -17.93 -30.80 69.45
N ASP C 186 -16.87 -30.30 68.81
CA ASP C 186 -16.42 -30.78 67.51
C ASP C 186 -15.04 -31.41 67.70
N PRO C 187 -14.86 -32.71 67.46
CA PRO C 187 -13.57 -33.32 67.77
C PRO C 187 -12.40 -32.76 66.99
N ILE C 188 -12.66 -32.12 65.85
CA ILE C 188 -11.59 -31.56 65.04
C ILE C 188 -11.29 -30.12 65.41
N TYR C 189 -12.32 -29.34 65.73
CA TYR C 189 -12.20 -27.90 65.95
C TYR C 189 -12.87 -27.53 67.27
N PRO C 190 -12.24 -27.88 68.40
CA PRO C 190 -12.87 -27.58 69.69
C PRO C 190 -13.16 -26.10 69.91
N GLY C 191 -12.26 -25.22 69.49
CA GLY C 191 -12.46 -23.81 69.73
C GLY C 191 -12.41 -23.48 71.22
N GLY C 192 -13.15 -22.44 71.59
CA GLY C 192 -13.23 -22.08 73.00
C GLY C 192 -11.87 -21.74 73.56
N SER C 193 -11.45 -22.51 74.57
CA SER C 193 -10.18 -22.26 75.23
C SER C 193 -9.00 -22.47 74.29
N PHE C 194 -9.20 -23.13 73.15
CA PHE C 194 -8.17 -23.28 72.14
C PHE C 194 -8.22 -22.17 71.09
N ASP C 195 -9.04 -21.15 71.30
CA ASP C 195 -9.12 -19.99 70.43
C ASP C 195 -9.08 -18.73 71.29
N PRO C 196 -7.96 -18.45 71.95
CA PRO C 196 -7.88 -17.25 72.80
C PRO C 196 -7.96 -15.96 72.01
N LEU C 197 -7.14 -15.83 70.98
CA LEU C 197 -7.10 -14.60 70.20
C LEU C 197 -8.38 -14.37 69.40
N GLY C 198 -9.23 -15.38 69.27
CA GLY C 198 -10.53 -15.20 68.64
C GLY C 198 -10.46 -14.82 67.17
N LEU C 199 -9.63 -15.50 66.40
CA LEU C 199 -9.57 -15.27 64.97
C LEU C 199 -10.68 -16.01 64.21
N ALA C 200 -11.41 -16.91 64.87
CA ALA C 200 -12.46 -17.71 64.25
C ALA C 200 -13.85 -17.25 64.67
N ASP C 201 -14.05 -15.94 64.79
CA ASP C 201 -15.34 -15.41 65.21
C ASP C 201 -16.37 -15.54 64.11
N ASP C 202 -16.13 -14.87 62.97
CA ASP C 202 -17.09 -14.90 61.89
C ASP C 202 -17.08 -16.28 61.22
N PRO C 203 -18.25 -16.85 60.91
CA PRO C 203 -18.25 -18.16 60.24
C PRO C 203 -17.56 -18.16 58.88
N ASP C 204 -17.66 -17.07 58.12
CA ASP C 204 -17.07 -17.05 56.78
C ASP C 204 -15.54 -17.04 56.86
N THR C 205 -14.97 -16.16 57.68
CA THR C 205 -13.53 -16.18 57.86
C THR C 205 -13.10 -17.47 58.55
N PHE C 206 -13.98 -18.06 59.35
CA PHE C 206 -13.66 -19.35 59.96
C PHE C 206 -13.51 -20.44 58.90
N ALA C 207 -14.41 -20.47 57.92
CA ALA C 207 -14.29 -21.44 56.83
C ALA C 207 -13.05 -21.16 55.98
N GLU C 208 -12.79 -19.89 55.70
CA GLU C 208 -11.58 -19.55 54.93
C GLU C 208 -10.33 -20.00 55.66
N LEU C 209 -10.29 -19.80 56.98
CA LEU C 209 -9.15 -20.24 57.77
C LEU C 209 -9.08 -21.76 57.83
N LYS C 210 -10.22 -22.45 57.85
CA LYS C 210 -10.21 -23.91 57.73
C LYS C 210 -9.50 -24.34 56.46
N VAL C 211 -9.87 -23.73 55.33
CA VAL C 211 -9.26 -24.09 54.06
C VAL C 211 -7.76 -23.78 54.10
N LYS C 212 -7.39 -22.61 54.61
CA LYS C 212 -5.98 -22.25 54.69
C LYS C 212 -5.21 -23.24 55.54
N GLU C 213 -5.78 -23.65 56.67
CA GLU C 213 -5.10 -24.57 57.57
C GLU C 213 -4.92 -25.93 56.90
N ILE C 214 -5.96 -26.43 56.23
CA ILE C 214 -5.84 -27.72 55.56
C ILE C 214 -4.80 -27.67 54.45
N LYS C 215 -4.76 -26.57 53.68
CA LYS C 215 -3.78 -26.46 52.61
C LYS C 215 -2.36 -26.40 53.15
N ASN C 216 -2.12 -25.51 54.13
CA ASN C 216 -0.77 -25.41 54.68
C ASN C 216 -0.35 -26.73 55.31
N GLY C 217 -1.28 -27.41 55.98
CA GLY C 217 -0.96 -28.69 56.59
C GLY C 217 -0.68 -29.79 55.57
N ARG C 218 -1.42 -29.82 54.47
CA ARG C 218 -1.13 -30.79 53.42
C ARG C 218 0.24 -30.53 52.80
N LEU C 219 0.57 -29.26 52.58
CA LEU C 219 1.92 -28.93 52.12
C LEU C 219 2.96 -29.39 53.13
N ALA C 220 2.67 -29.22 54.43
CA ALA C 220 3.59 -29.66 55.46
C ALA C 220 3.78 -31.17 55.44
N MET C 221 2.69 -31.92 55.28
CA MET C 221 2.82 -33.38 55.21
C MET C 221 3.63 -33.78 53.98
N PHE C 222 3.38 -33.14 52.84
CA PHE C 222 4.15 -33.46 51.64
C PHE C 222 5.63 -33.19 51.87
N SER C 223 5.96 -32.05 52.47
CA SER C 223 7.34 -31.71 52.73
C SER C 223 7.96 -32.64 53.77
N MET C 224 7.16 -33.15 54.70
CA MET C 224 7.70 -34.08 55.70
C MET C 224 7.99 -35.43 55.07
N PHE C 225 7.11 -35.90 54.19
CA PHE C 225 7.40 -37.11 53.43
C PHE C 225 8.67 -36.92 52.60
N GLY C 226 8.84 -35.72 52.05
CA GLY C 226 10.11 -35.37 51.44
C GLY C 226 11.24 -35.59 52.41
N PHE C 227 11.27 -34.81 53.50
CA PHE C 227 12.29 -34.96 54.53
C PHE C 227 12.64 -36.44 54.73
N PHE C 228 11.64 -37.26 54.99
CA PHE C 228 11.90 -38.67 55.28
C PHE C 228 12.60 -39.37 54.11
N VAL C 229 12.02 -39.26 52.91
CA VAL C 229 12.54 -40.03 51.78
C VAL C 229 13.94 -39.56 51.40
N GLN C 230 14.13 -38.24 51.34
CA GLN C 230 15.43 -37.70 50.93
C GLN C 230 16.47 -37.75 52.04
N ALA C 231 16.06 -37.94 53.30
CA ALA C 231 17.03 -38.26 54.34
C ALA C 231 17.45 -39.72 54.26
N ILE C 232 16.51 -40.60 53.90
CA ILE C 232 16.86 -42.00 53.65
C ILE C 232 17.83 -42.09 52.48
N VAL C 233 17.57 -41.34 51.41
CA VAL C 233 18.35 -41.48 50.19
C VAL C 233 19.66 -40.70 50.30
N THR C 234 19.56 -39.38 50.44
CA THR C 234 20.76 -38.55 50.43
C THR C 234 21.58 -38.71 51.70
N GLY C 235 20.93 -38.97 52.83
CA GLY C 235 21.63 -39.04 54.09
C GLY C 235 22.11 -37.70 54.61
N LYS C 236 21.48 -36.61 54.18
CA LYS C 236 21.87 -35.26 54.56
C LYS C 236 20.64 -34.48 55.00
N GLY C 237 20.88 -33.38 55.69
CA GLY C 237 19.81 -32.55 56.20
C GLY C 237 19.08 -31.81 55.11
N PRO C 238 17.81 -31.45 55.35
CA PRO C 238 17.03 -30.79 54.28
C PRO C 238 17.66 -29.51 53.77
N LEU C 239 18.07 -28.60 54.66
CA LEU C 239 18.57 -27.32 54.20
C LEU C 239 19.91 -27.45 53.49
N GLU C 240 20.75 -28.40 53.91
CA GLU C 240 22.00 -28.61 53.19
C GLU C 240 21.75 -29.27 51.83
N ASN C 241 20.73 -30.12 51.72
CA ASN C 241 20.31 -30.59 50.41
C ASN C 241 19.88 -29.42 49.53
N LEU C 242 19.11 -28.49 50.09
CA LEU C 242 18.68 -27.33 49.31
C LEU C 242 19.88 -26.49 48.86
N ASN C 243 20.83 -26.28 49.77
CA ASN C 243 22.01 -25.49 49.41
C ASN C 243 22.80 -26.17 48.29
N ASP C 244 22.97 -27.48 48.38
CA ASP C 244 23.76 -28.19 47.37
C ASP C 244 23.01 -28.17 46.04
N HIS C 245 21.67 -28.30 46.08
CA HIS C 245 20.88 -28.14 44.85
C HIS C 245 21.07 -26.77 44.24
N LEU C 246 21.02 -25.72 45.06
CA LEU C 246 21.20 -24.37 44.55
C LEU C 246 22.59 -24.19 43.95
N ALA C 247 23.59 -24.84 44.54
CA ALA C 247 24.95 -24.71 44.02
C ALA C 247 25.03 -25.17 42.57
N ASP C 248 24.42 -26.32 42.27
CA ASP C 248 24.41 -26.83 40.90
C ASP C 248 23.10 -27.59 40.70
N PRO C 249 22.06 -26.93 40.20
CA PRO C 249 20.76 -27.60 40.14
C PRO C 249 20.69 -28.69 39.09
N VAL C 250 21.25 -28.47 37.90
CA VAL C 250 21.11 -29.44 36.82
C VAL C 250 21.85 -30.73 37.15
N ALA C 251 23.05 -30.63 37.72
CA ALA C 251 23.87 -31.80 37.98
C ALA C 251 23.58 -32.43 39.33
N ASN C 252 23.45 -31.60 40.37
CA ASN C 252 23.11 -32.08 41.71
C ASN C 252 21.60 -32.04 41.89
N ASN C 253 20.96 -33.17 41.65
CA ASN C 253 19.53 -33.34 41.90
C ASN C 253 19.31 -34.79 42.33
N ALA C 254 18.04 -35.17 42.49
CA ALA C 254 17.73 -36.52 42.95
C ALA C 254 18.21 -37.57 41.96
N TRP C 255 18.30 -37.23 40.67
CA TRP C 255 18.74 -38.20 39.68
C TRP C 255 20.16 -38.68 39.93
N ALA C 256 20.99 -37.88 40.61
CA ALA C 256 22.33 -38.33 40.95
C ALA C 256 22.30 -39.53 41.88
N TYR C 257 21.21 -39.73 42.62
CA TYR C 257 21.08 -40.84 43.56
C TYR C 257 20.23 -41.97 43.00
N ALA C 258 19.93 -41.95 41.69
CA ALA C 258 19.03 -42.94 41.12
C ALA C 258 19.63 -44.34 41.14
N THR C 259 20.96 -44.45 41.09
CA THR C 259 21.63 -45.74 40.97
C THR C 259 22.07 -46.29 42.33
N ASN C 260 21.76 -45.60 43.43
CA ASN C 260 22.30 -45.96 44.73
C ASN C 260 21.61 -47.15 45.37
N PHE C 261 20.43 -47.56 44.88
CA PHE C 261 19.67 -48.66 45.48
C PHE C 261 19.44 -49.79 44.50
N VAL C 262 20.29 -49.92 43.48
CA VAL C 262 20.12 -51.00 42.49
C VAL C 262 20.25 -52.34 43.20
N PRO C 263 19.45 -53.35 42.85
CA PRO C 263 19.47 -54.60 43.62
C PRO C 263 20.53 -55.58 43.17
N GLY C 264 20.99 -55.46 41.93
CA GLY C 264 21.92 -56.43 41.37
C GLY C 264 23.37 -56.18 41.72
N ASN C 265 23.67 -55.07 42.37
CA ASN C 265 25.03 -54.74 42.74
C ASN C 265 25.19 -54.77 44.25
N ALA D 49 -22.10 81.88 -36.17
CA ALA D 49 -21.68 82.85 -37.22
C ALA D 49 -20.57 83.75 -36.69
N GLU D 50 -20.24 84.79 -37.45
CA GLU D 50 -19.22 85.76 -37.06
C GLU D 50 -17.87 85.10 -36.84
N TRP D 51 -17.54 84.73 -35.60
CA TRP D 51 -16.19 84.26 -35.32
C TRP D 51 -15.83 83.06 -36.19
N LEU D 52 -16.83 82.24 -36.52
CA LEU D 52 -16.76 81.12 -37.45
C LEU D 52 -18.02 81.11 -38.32
N PRO D 53 -17.94 81.47 -39.59
CA PRO D 53 -19.15 81.49 -40.42
C PRO D 53 -19.82 80.13 -40.46
N GLY D 54 -21.14 80.13 -40.32
CA GLY D 54 -21.93 78.93 -40.38
C GLY D 54 -22.03 78.16 -39.07
N ASN D 55 -21.20 78.49 -38.09
CA ASN D 55 -21.21 77.75 -36.83
C ASN D 55 -22.46 78.10 -36.03
N PRO D 56 -23.19 77.10 -35.53
CA PRO D 56 -24.35 77.43 -34.68
C PRO D 56 -23.93 78.15 -33.42
N ARG D 57 -24.70 79.18 -33.06
CA ARG D 57 -24.40 79.96 -31.87
C ARG D 57 -24.88 79.22 -30.61
N PRO D 58 -24.16 79.37 -29.49
CA PRO D 58 -24.71 78.90 -28.22
C PRO D 58 -25.94 79.71 -27.83
N SER D 59 -26.85 79.07 -27.11
CA SER D 59 -28.12 79.70 -26.80
C SER D 59 -27.95 80.94 -25.94
N TYR D 60 -27.02 80.91 -24.99
CA TYR D 60 -26.82 82.02 -24.07
C TYR D 60 -26.17 83.23 -24.72
N LEU D 61 -25.68 83.11 -25.96
CA LEU D 61 -25.07 84.22 -26.68
C LEU D 61 -25.92 84.47 -27.93
N ASP D 62 -26.97 85.29 -27.77
CA ASP D 62 -27.86 85.53 -28.90
C ASP D 62 -27.18 86.38 -29.97
N GLY D 63 -26.43 87.39 -29.56
CA GLY D 63 -25.78 88.31 -30.49
C GLY D 63 -26.12 89.77 -30.26
N SER D 64 -27.03 90.09 -29.34
CA SER D 64 -27.39 91.48 -29.10
C SER D 64 -26.31 92.23 -28.33
N ALA D 65 -25.54 91.55 -27.49
CA ALA D 65 -24.55 92.22 -26.67
C ALA D 65 -23.40 92.75 -27.55
N PRO D 66 -22.76 93.84 -27.14
CA PRO D 66 -21.63 94.35 -27.93
C PRO D 66 -20.50 93.34 -28.00
N GLY D 67 -19.98 93.13 -29.20
CA GLY D 67 -18.89 92.19 -29.41
C GLY D 67 -19.29 90.74 -29.34
N ASP D 68 -20.60 90.45 -29.29
CA ASP D 68 -21.10 89.09 -29.15
C ASP D 68 -21.00 88.41 -30.50
N PHE D 69 -19.89 87.71 -30.73
CA PHE D 69 -19.69 86.94 -31.94
C PHE D 69 -19.92 85.45 -31.73
N GLY D 70 -20.44 85.06 -30.55
CA GLY D 70 -20.76 83.67 -30.30
C GLY D 70 -19.57 82.78 -30.06
N PHE D 71 -18.42 83.33 -29.68
CA PHE D 71 -17.21 82.56 -29.48
C PHE D 71 -17.16 82.07 -28.05
N ASP D 72 -17.42 80.78 -27.85
CA ASP D 72 -17.42 80.14 -26.54
C ASP D 72 -17.24 78.64 -26.70
N PRO D 73 -16.08 78.19 -27.19
CA PRO D 73 -15.89 76.75 -27.40
C PRO D 73 -15.94 75.94 -26.12
N LEU D 74 -15.51 76.51 -24.99
CA LEU D 74 -15.47 75.79 -23.73
C LEU D 74 -16.74 75.94 -22.91
N GLY D 75 -17.70 76.75 -23.37
CA GLY D 75 -18.95 76.89 -22.65
C GLY D 75 -18.78 77.50 -21.27
N LEU D 76 -17.92 78.51 -21.15
CA LEU D 76 -17.71 79.16 -19.86
C LEU D 76 -18.88 80.06 -19.47
N GLY D 77 -19.67 80.51 -20.44
CA GLY D 77 -20.75 81.44 -20.16
C GLY D 77 -22.10 80.78 -20.04
N GLU D 78 -22.14 79.48 -19.78
CA GLU D 78 -23.42 78.77 -19.70
C GLU D 78 -24.29 79.33 -18.58
N VAL D 79 -23.69 79.62 -17.44
CA VAL D 79 -24.45 80.15 -16.30
C VAL D 79 -24.65 81.66 -16.52
N PRO D 80 -25.88 82.16 -16.47
CA PRO D 80 -26.09 83.58 -16.85
C PRO D 80 -25.35 84.59 -15.98
N GLU D 81 -25.40 84.44 -14.66
CA GLU D 81 -24.74 85.42 -13.81
C GLU D 81 -23.21 85.34 -13.95
N ASN D 82 -22.67 84.14 -14.15
CA ASN D 82 -21.26 84.03 -14.47
C ASN D 82 -20.94 84.71 -15.79
N LEU D 83 -21.87 84.65 -16.76
CA LEU D 83 -21.67 85.36 -18.01
C LEU D 83 -21.64 86.87 -17.80
N GLU D 84 -22.52 87.40 -16.95
CA GLU D 84 -22.51 88.82 -16.67
C GLU D 84 -21.21 89.24 -15.98
N ARG D 85 -20.75 88.43 -15.01
CA ARG D 85 -19.47 88.70 -14.37
C ARG D 85 -18.34 88.68 -15.39
N PHE D 86 -18.41 87.74 -16.34
CA PHE D 86 -17.37 87.68 -17.37
C PHE D 86 -17.40 88.89 -18.27
N LYS D 87 -18.59 89.40 -18.59
CA LYS D 87 -18.67 90.64 -19.36
C LYS D 87 -17.99 91.78 -18.61
N GLU D 88 -18.31 91.92 -17.33
CA GLU D 88 -17.70 93.00 -16.54
C GLU D 88 -16.18 92.85 -16.50
N SER D 89 -15.71 91.63 -16.24
CA SER D 89 -14.26 91.39 -16.15
C SER D 89 -13.58 91.61 -17.49
N GLU D 90 -14.22 91.21 -18.59
CA GLU D 90 -13.68 91.47 -19.91
C GLU D 90 -13.52 92.96 -20.15
N LEU D 91 -14.54 93.74 -19.79
CA LEU D 91 -14.46 95.17 -20.01
C LEU D 91 -13.34 95.79 -19.17
N ILE D 92 -13.23 95.39 -17.90
CA ILE D 92 -12.20 95.96 -17.04
C ILE D 92 -10.81 95.59 -17.55
N HIS D 93 -10.61 94.31 -17.89
CA HIS D 93 -9.33 93.86 -18.41
C HIS D 93 -8.98 94.59 -19.69
N ALA D 94 -9.96 94.74 -20.59
CA ALA D 94 -9.72 95.40 -21.85
C ALA D 94 -9.37 96.87 -21.66
N ARG D 95 -10.07 97.56 -20.76
CA ARG D 95 -9.75 98.96 -20.51
C ARG D 95 -8.36 99.11 -19.93
N TRP D 96 -7.99 98.23 -19.00
CA TRP D 96 -6.63 98.30 -18.44
C TRP D 96 -5.58 98.07 -19.52
N ALA D 97 -5.81 97.09 -20.40
CA ALA D 97 -4.86 96.84 -21.47
C ALA D 97 -4.79 97.99 -22.46
N MET D 98 -5.94 98.59 -22.78
CA MET D 98 -5.95 99.77 -23.63
C MET D 98 -5.09 100.86 -23.04
N LEU D 99 -5.30 101.16 -21.76
CA LEU D 99 -4.53 102.21 -21.11
C LEU D 99 -3.07 101.81 -20.97
N ALA D 100 -2.78 100.51 -20.94
CA ALA D 100 -1.40 100.05 -20.73
C ALA D 100 -0.56 100.13 -22.00
N VAL D 101 -1.15 99.87 -23.16
CA VAL D 101 -0.35 99.81 -24.39
C VAL D 101 0.40 101.10 -24.67
N PRO D 102 -0.24 102.28 -24.62
CA PRO D 102 0.55 103.52 -24.81
C PRO D 102 1.61 103.71 -23.75
N GLY D 103 1.34 103.31 -22.51
CA GLY D 103 2.35 103.40 -21.48
C GLY D 103 3.51 102.46 -21.67
N VAL D 104 3.41 101.55 -22.65
CA VAL D 104 4.51 100.68 -23.03
C VAL D 104 5.21 101.18 -24.29
N LEU D 105 4.45 101.69 -25.26
CA LEU D 105 5.04 102.09 -26.53
C LEU D 105 5.66 103.47 -26.46
N ILE D 106 4.95 104.46 -25.91
CA ILE D 106 5.44 105.83 -25.92
C ILE D 106 6.76 105.97 -25.19
N PRO D 107 6.92 105.49 -23.95
CA PRO D 107 8.21 105.66 -23.27
C PRO D 107 9.37 105.01 -24.01
N GLU D 108 9.15 103.89 -24.68
CA GLU D 108 10.22 103.28 -25.47
C GLU D 108 10.50 104.09 -26.73
N ALA D 109 9.45 104.64 -27.36
CA ALA D 109 9.65 105.44 -28.56
C ALA D 109 10.41 106.72 -28.26
N LEU D 110 10.26 107.25 -27.05
CA LEU D 110 10.89 108.51 -26.66
C LEU D 110 12.27 108.32 -26.05
N GLY D 111 12.75 107.08 -25.97
CA GLY D 111 14.10 106.84 -25.48
C GLY D 111 14.23 106.66 -23.99
N TYR D 112 13.14 106.39 -23.29
CA TYR D 112 13.17 106.18 -21.85
C TYR D 112 13.17 104.70 -21.48
N GLY D 113 13.36 103.81 -22.45
CA GLY D 113 13.46 102.39 -22.18
C GLY D 113 12.15 101.66 -22.39
N ASN D 114 12.25 100.34 -22.41
CA ASN D 114 11.09 99.49 -22.60
C ASN D 114 10.36 99.25 -21.27
N TRP D 115 9.21 98.59 -21.37
CA TRP D 115 8.37 98.38 -20.20
C TRP D 115 8.92 97.30 -19.26
N VAL D 116 9.64 96.31 -19.79
CA VAL D 116 10.19 95.27 -18.94
C VAL D 116 11.26 95.86 -18.02
N SER D 117 12.05 96.80 -18.53
CA SER D 117 13.06 97.49 -17.75
C SER D 117 12.51 98.72 -17.05
N ALA D 118 11.19 98.93 -17.08
CA ALA D 118 10.60 100.07 -16.40
C ALA D 118 10.63 99.88 -14.88
N GLN D 119 10.47 98.66 -14.39
CA GLN D 119 10.63 98.39 -12.97
C GLN D 119 12.07 98.11 -12.58
N LYS D 120 13.01 98.15 -13.53
CA LYS D 120 14.38 97.77 -13.23
C LYS D 120 15.02 98.67 -12.19
N TRP D 121 14.53 99.91 -12.04
CA TRP D 121 15.03 100.76 -10.97
C TRP D 121 14.66 100.21 -9.60
N ALA D 122 13.46 99.64 -9.47
CA ALA D 122 13.01 99.15 -8.17
C ALA D 122 13.81 97.92 -7.75
N ALA D 123 14.30 97.14 -8.70
CA ALA D 123 15.12 95.97 -8.39
C ALA D 123 16.43 96.37 -7.74
N THR D 124 17.06 97.42 -8.24
CA THR D 124 18.30 97.89 -7.65
C THR D 124 18.02 98.68 -6.37
N PRO D 125 18.87 98.57 -5.35
CA PRO D 125 18.68 99.41 -4.16
C PRO D 125 18.93 100.88 -4.48
N GLY D 126 18.02 101.73 -4.03
CA GLY D 126 18.09 103.15 -4.35
C GLY D 126 17.90 103.39 -5.84
N GLY D 127 16.75 102.97 -6.36
CA GLY D 127 16.52 103.07 -7.79
C GLY D 127 16.42 104.49 -8.29
N GLN D 128 15.76 105.36 -7.53
CA GLN D 128 15.54 106.75 -7.92
C GLN D 128 14.77 106.84 -9.24
N ALA D 129 13.52 106.39 -9.16
CA ALA D 129 12.64 106.37 -10.32
C ALA D 129 12.65 107.72 -11.03
N THR D 130 12.38 107.69 -12.33
CA THR D 130 12.41 108.87 -13.17
C THR D 130 11.14 108.97 -13.99
N TYR D 131 10.87 110.19 -14.46
CA TYR D 131 9.72 110.47 -15.32
C TYR D 131 10.15 111.47 -16.38
N LEU D 132 10.14 111.05 -17.64
CA LEU D 132 10.58 111.89 -18.75
C LEU D 132 12.01 112.39 -18.51
N GLY D 133 12.84 111.54 -17.92
CA GLY D 133 14.20 111.88 -17.56
C GLY D 133 14.35 112.52 -16.20
N ASN D 134 13.38 113.34 -15.81
CA ASN D 134 13.46 114.02 -14.52
C ASN D 134 13.25 113.01 -13.39
N PRO D 135 14.15 112.94 -12.41
CA PRO D 135 13.94 112.01 -11.29
C PRO D 135 12.73 112.40 -10.46
N VAL D 136 12.10 111.39 -9.86
CA VAL D 136 10.93 111.57 -9.02
C VAL D 136 11.41 111.62 -7.57
N PRO D 137 11.31 112.76 -6.88
CA PRO D 137 11.83 112.83 -5.51
C PRO D 137 11.14 111.89 -4.54
N TRP D 138 9.86 111.57 -4.77
CA TRP D 138 9.11 110.66 -3.90
C TRP D 138 9.04 109.24 -4.45
N GLY D 139 9.98 108.87 -5.32
CA GLY D 139 9.96 107.56 -5.93
C GLY D 139 10.85 106.54 -5.26
N ASN D 140 10.76 106.47 -3.93
CA ASN D 140 11.48 105.41 -3.19
C ASN D 140 10.52 104.21 -3.14
N LEU D 141 11.01 103.01 -2.85
CA LEU D 141 10.13 101.81 -2.90
C LEU D 141 8.97 101.85 -1.87
N PRO D 142 9.14 102.25 -0.59
CA PRO D 142 8.04 102.18 0.40
C PRO D 142 7.08 103.36 0.52
N VAL D 143 6.75 104.05 -0.58
CA VAL D 143 5.74 105.11 -0.51
C VAL D 143 4.84 105.08 -1.74
N ILE D 144 5.43 104.90 -2.92
CA ILE D 144 4.61 104.86 -4.13
C ILE D 144 3.72 103.64 -4.15
N LEU D 145 4.23 102.51 -3.64
CA LEU D 145 3.42 101.29 -3.61
C LEU D 145 2.27 101.42 -2.61
N ALA D 146 2.53 102.04 -1.46
CA ALA D 146 1.44 102.27 -0.51
C ALA D 146 0.41 103.22 -1.10
N ILE D 147 0.85 104.28 -1.78
CA ILE D 147 -0.08 105.21 -2.41
C ILE D 147 -0.93 104.47 -3.45
N GLU D 148 -0.28 103.64 -4.27
CA GLU D 148 -1.01 102.81 -5.22
C GLU D 148 -2.06 101.97 -4.51
N PHE D 149 -1.66 101.28 -3.44
CA PHE D 149 -2.59 100.40 -2.75
C PHE D 149 -3.80 101.16 -2.27
N LEU D 150 -3.58 102.28 -1.57
CA LEU D 150 -4.71 103.02 -1.02
C LEU D 150 -5.61 103.58 -2.12
N ALA D 151 -5.03 104.24 -3.13
CA ALA D 151 -5.85 104.89 -4.15
C ALA D 151 -6.62 103.86 -4.97
N ILE D 152 -5.93 102.80 -5.41
CA ILE D 152 -6.61 101.79 -6.21
C ILE D 152 -7.64 101.05 -5.36
N ALA D 153 -7.37 100.84 -4.07
CA ALA D 153 -8.38 100.24 -3.21
C ALA D 153 -9.62 101.12 -3.14
N PHE D 154 -9.43 102.44 -3.05
CA PHE D 154 -10.57 103.35 -3.04
C PHE D 154 -11.39 103.20 -4.32
N ALA D 155 -10.74 103.28 -5.48
CA ALA D 155 -11.48 103.24 -6.74
C ALA D 155 -12.17 101.89 -6.94
N GLU D 156 -11.47 100.82 -6.59
CA GLU D 156 -11.98 99.46 -6.67
C GLU D 156 -13.18 99.26 -5.75
N SER D 157 -13.13 99.85 -4.55
CA SER D 157 -14.25 99.74 -3.61
C SER D 157 -15.46 100.53 -4.10
N GLN D 158 -15.24 101.75 -4.58
CA GLN D 158 -16.37 102.51 -5.12
C GLN D 158 -17.01 101.78 -6.29
N ARG D 159 -16.19 101.13 -7.13
CA ARG D 159 -16.75 100.40 -8.26
C ARG D 159 -17.52 99.17 -7.79
N ASN D 160 -16.98 98.43 -6.83
CA ASN D 160 -17.62 97.20 -6.36
C ASN D 160 -19.00 97.43 -5.76
N GLY D 161 -19.30 98.65 -5.33
CA GLY D 161 -20.50 98.89 -4.56
C GLY D 161 -21.64 99.53 -5.33
N GLU D 162 -21.87 99.07 -6.56
CA GLU D 162 -22.96 99.60 -7.39
C GLU D 162 -23.80 98.41 -7.84
N PRO D 163 -25.12 98.41 -7.59
CA PRO D 163 -25.89 97.18 -7.86
C PRO D 163 -26.11 96.91 -9.35
N ASP D 164 -26.47 97.91 -10.13
CA ASP D 164 -26.96 97.66 -11.49
C ASP D 164 -25.83 97.13 -12.39
N PRO D 165 -25.99 95.97 -13.02
CA PRO D 165 -24.91 95.47 -13.89
C PRO D 165 -24.60 96.38 -15.06
N GLU D 166 -25.63 97.03 -15.63
CA GLU D 166 -25.38 97.94 -16.75
C GLU D 166 -24.47 99.08 -16.33
N LYS D 167 -24.69 99.63 -15.13
CA LYS D 167 -23.79 100.66 -14.61
C LYS D 167 -22.50 100.06 -14.07
N ARG D 168 -22.47 98.77 -13.78
CA ARG D 168 -21.22 98.10 -13.44
C ARG D 168 -20.32 97.98 -14.66
N LYS D 169 -20.89 97.95 -15.86
CA LYS D 169 -20.12 97.92 -17.10
C LYS D 169 -19.93 99.31 -17.70
N TYR D 170 -21.01 100.08 -17.82
CA TYR D 170 -20.99 101.42 -18.42
C TYR D 170 -21.62 102.40 -17.45
N PRO D 171 -20.85 102.90 -16.48
CA PRO D 171 -21.43 103.80 -15.47
C PRO D 171 -21.92 105.11 -16.05
N GLY D 172 -21.06 105.78 -16.82
CA GLY D 172 -21.43 107.07 -17.36
C GLY D 172 -21.46 108.14 -16.27
N GLY D 173 -22.29 109.15 -16.50
CA GLY D 173 -22.43 110.24 -15.55
C GLY D 173 -21.17 111.08 -15.45
N ALA D 174 -20.51 111.04 -14.30
CA ALA D 174 -19.28 111.80 -14.12
C ALA D 174 -18.14 111.26 -14.97
N PHE D 175 -18.28 110.08 -15.55
CA PHE D 175 -17.27 109.49 -16.42
C PHE D 175 -17.45 109.86 -17.88
N ASP D 176 -18.42 110.72 -18.19
CA ASP D 176 -18.66 111.20 -19.55
C ASP D 176 -18.72 112.72 -19.54
N PRO D 177 -17.60 113.39 -19.29
CA PRO D 177 -17.60 114.86 -19.31
C PRO D 177 -17.79 115.44 -20.70
N LEU D 178 -17.52 114.68 -21.76
CA LEU D 178 -17.67 115.15 -23.13
C LEU D 178 -18.93 114.60 -23.79
N GLY D 179 -19.91 114.16 -23.00
CA GLY D 179 -21.15 113.66 -23.55
C GLY D 179 -21.00 112.25 -24.11
N PHE D 180 -21.10 112.13 -25.43
CA PHE D 180 -20.90 110.86 -26.13
C PHE D 180 -21.89 109.80 -25.68
N SER D 181 -23.01 110.22 -25.09
CA SER D 181 -24.12 109.32 -24.78
C SER D 181 -25.47 109.90 -25.18
N LYS D 182 -25.53 111.19 -25.54
CA LYS D 182 -26.79 111.78 -26.01
C LYS D 182 -27.12 111.32 -27.43
N GLY D 183 -26.11 111.04 -28.24
CA GLY D 183 -26.34 110.61 -29.61
C GLY D 183 -26.80 109.16 -29.70
N ALA D 184 -27.23 108.78 -30.90
CA ALA D 184 -27.72 107.44 -31.17
C ALA D 184 -26.62 106.46 -31.52
N ASN D 185 -25.37 106.91 -31.59
CA ASN D 185 -24.24 106.07 -31.96
C ASN D 185 -23.60 105.40 -30.75
N LEU D 186 -24.36 105.20 -29.68
CA LEU D 186 -23.79 104.69 -28.42
C LEU D 186 -23.46 103.21 -28.52
N GLU D 187 -24.36 102.41 -29.09
CA GLU D 187 -24.15 100.96 -29.12
C GLU D 187 -22.96 100.59 -30.00
N GLU D 188 -22.87 101.18 -31.19
CA GLU D 188 -21.73 100.91 -32.04
C GLU D 188 -20.44 101.43 -31.41
N LEU D 189 -20.55 102.47 -30.58
CA LEU D 189 -19.38 102.91 -29.83
C LEU D 189 -18.96 101.86 -28.81
N LYS D 190 -19.91 101.21 -28.15
CA LYS D 190 -19.57 100.10 -27.27
C LYS D 190 -18.90 98.98 -28.06
N LEU D 191 -19.40 98.72 -29.26
CA LEU D 191 -18.80 97.68 -30.10
C LEU D 191 -17.36 98.04 -30.47
N LYS D 192 -17.12 99.30 -30.83
CA LYS D 192 -15.76 99.75 -31.09
C LYS D 192 -14.89 99.63 -29.84
N GLU D 193 -15.45 99.95 -28.68
CA GLU D 193 -14.71 99.82 -27.44
C GLU D 193 -14.25 98.39 -27.23
N ILE D 194 -15.17 97.44 -27.32
CA ILE D 194 -14.81 96.05 -27.09
C ILE D 194 -13.86 95.53 -28.18
N LYS D 195 -13.96 96.08 -29.40
CA LYS D 195 -13.09 95.62 -30.48
C LYS D 195 -11.65 96.07 -30.26
N ASN D 196 -11.44 97.38 -30.08
CA ASN D 196 -10.11 97.85 -29.66
C ASN D 196 -9.65 97.19 -28.37
N GLY D 197 -10.58 96.82 -27.49
CA GLY D 197 -10.18 96.26 -26.20
C GLY D 197 -9.62 94.86 -26.32
N ARG D 198 -10.32 93.99 -27.03
CA ARG D 198 -9.79 92.67 -27.27
C ARG D 198 -8.50 92.76 -28.07
N LEU D 199 -8.44 93.70 -29.02
CA LEU D 199 -7.22 93.84 -29.81
C LEU D 199 -6.04 94.22 -28.91
N ALA D 200 -6.25 95.16 -27.99
CA ALA D 200 -5.20 95.55 -27.05
C ALA D 200 -4.88 94.43 -26.07
N LEU D 201 -5.87 93.63 -25.69
CA LEU D 201 -5.63 92.51 -24.79
C LEU D 201 -4.64 91.53 -25.42
N VAL D 202 -4.91 91.16 -26.67
CA VAL D 202 -4.01 90.26 -27.37
C VAL D 202 -2.65 90.93 -27.57
N ALA D 203 -2.64 92.25 -27.79
CA ALA D 203 -1.37 92.96 -27.94
C ALA D 203 -0.53 92.87 -26.66
N PHE D 204 -1.14 93.05 -25.49
CA PHE D 204 -0.35 92.98 -24.27
C PHE D 204 0.09 91.55 -23.97
N LEU D 205 -0.74 90.56 -24.30
CA LEU D 205 -0.27 89.19 -24.16
C LEU D 205 0.94 88.95 -25.05
N GLY D 206 0.93 89.52 -26.27
CA GLY D 206 2.10 89.46 -27.11
C GLY D 206 3.31 90.13 -26.49
N PHE D 207 3.09 91.30 -25.86
CA PHE D 207 4.17 91.95 -25.13
C PHE D 207 4.80 91.00 -24.12
N ALA D 208 3.96 90.34 -23.34
CA ALA D 208 4.48 89.49 -22.27
C ALA D 208 5.23 88.29 -22.84
N VAL D 209 4.62 87.58 -23.78
CA VAL D 209 5.26 86.39 -24.33
C VAL D 209 6.55 86.75 -25.03
N GLN D 210 6.59 87.92 -25.70
CA GLN D 210 7.83 88.37 -26.31
C GLN D 210 8.86 88.78 -25.27
N ALA D 211 8.41 89.26 -24.11
CA ALA D 211 9.34 89.57 -23.03
C ALA D 211 10.03 88.31 -22.54
N ILE D 212 9.27 87.23 -22.37
CA ILE D 212 9.92 85.95 -22.03
C ILE D 212 10.80 85.47 -23.19
N ALA D 213 10.34 85.63 -24.43
CA ALA D 213 11.06 85.10 -25.56
C ALA D 213 12.41 85.78 -25.74
N TYR D 214 12.44 87.12 -25.71
CA TYR D 214 13.66 87.90 -25.88
C TYR D 214 13.82 88.82 -24.67
N PRO D 215 14.42 88.33 -23.58
CA PRO D 215 14.63 89.20 -22.42
C PRO D 215 15.57 90.35 -22.75
N GLY D 216 15.33 91.48 -22.10
CA GLY D 216 16.11 92.67 -22.35
C GLY D 216 15.76 93.43 -23.61
N THR D 217 14.69 93.04 -24.30
CA THR D 217 14.26 93.68 -25.53
C THR D 217 12.85 94.22 -25.37
N GLY D 218 12.56 95.31 -26.08
CA GLY D 218 11.26 95.93 -26.04
C GLY D 218 10.42 95.56 -27.24
N PRO D 219 9.09 95.67 -27.11
CA PRO D 219 8.23 95.30 -28.24
C PRO D 219 8.50 96.09 -29.50
N LEU D 220 8.81 97.39 -29.37
CA LEU D 220 9.10 98.20 -30.54
C LEU D 220 10.42 97.79 -31.17
N GLU D 221 11.40 97.41 -30.35
CA GLU D 221 12.65 96.87 -30.87
C GLU D 221 12.40 95.55 -31.59
N ASN D 222 11.49 94.73 -31.08
CA ASN D 222 11.11 93.51 -31.78
C ASN D 222 10.48 93.84 -33.13
N LEU D 223 9.67 94.89 -33.19
CA LEU D 223 9.13 95.32 -34.47
C LEU D 223 10.23 95.74 -35.43
N LYS D 224 11.23 96.47 -34.92
CA LYS D 224 12.37 96.83 -35.77
C LYS D 224 13.10 95.59 -36.27
N THR D 225 13.29 94.60 -35.40
CA THR D 225 13.96 93.37 -35.81
C THR D 225 13.17 92.65 -36.90
N HIS D 226 11.84 92.59 -36.74
CA HIS D 226 11.02 91.98 -37.78
C HIS D 226 11.15 92.74 -39.10
N LEU D 227 11.14 94.07 -39.03
CA LEU D 227 11.31 94.86 -40.24
C LEU D 227 12.68 94.64 -40.87
N ALA D 228 13.68 94.30 -40.06
CA ALA D 228 15.03 94.10 -40.58
C ALA D 228 15.12 92.81 -41.38
N ASP D 229 14.82 91.68 -40.74
CA ASP D 229 14.85 90.36 -41.38
C ASP D 229 13.51 89.68 -41.13
N PRO D 230 12.49 90.03 -41.91
CA PRO D 230 11.16 89.45 -41.67
C PRO D 230 11.09 87.96 -41.93
N TRP D 231 12.04 87.39 -42.65
CA TRP D 231 12.00 85.98 -43.02
C TRP D 231 13.00 85.12 -42.24
N HIS D 232 13.65 85.69 -41.22
CA HIS D 232 14.59 84.92 -40.41
C HIS D 232 14.28 85.06 -38.93
N ASN D 233 13.76 86.21 -38.52
CA ASN D 233 13.42 86.48 -37.12
C ASN D 233 11.89 86.53 -37.01
N THR D 234 11.30 85.41 -36.60
CA THR D 234 9.86 85.31 -36.39
C THR D 234 9.63 84.48 -35.14
N ILE D 235 8.36 84.13 -34.89
CA ILE D 235 8.03 83.29 -33.75
C ILE D 235 8.68 81.92 -33.86
N ALA D 236 9.02 81.49 -35.07
CA ALA D 236 9.63 80.18 -35.27
C ALA D 236 10.94 80.04 -34.51
N HIS D 237 11.62 81.15 -34.23
CA HIS D 237 12.87 81.10 -33.48
C HIS D 237 12.66 80.57 -32.07
N VAL D 238 11.45 80.65 -31.55
CA VAL D 238 11.15 80.27 -30.17
C VAL D 238 10.54 78.87 -30.10
N ILE D 239 9.56 78.60 -30.96
CA ILE D 239 8.80 77.36 -30.87
C ILE D 239 9.50 76.21 -31.59
N ILE D 240 10.30 76.50 -32.62
CA ILE D 240 11.02 75.46 -33.35
C ILE D 240 12.48 75.85 -33.60
N PRO D 241 13.33 75.95 -32.58
CA PRO D 241 14.76 76.24 -32.75
C PRO D 241 15.62 74.99 -32.96
N ASN E 63 -22.11 1.02 -52.49
CA ASN E 63 -23.07 0.29 -53.38
C ASN E 63 -22.43 -0.96 -53.95
N ASP E 64 -22.04 -1.88 -53.07
CA ASP E 64 -21.40 -3.14 -53.47
C ASP E 64 -20.16 -2.88 -54.31
N ARG E 65 -19.45 -1.80 -54.00
CA ARG E 65 -18.23 -1.47 -54.71
C ARG E 65 -17.03 -2.13 -54.03
N PRO E 66 -15.94 -2.37 -54.77
CA PRO E 66 -14.72 -2.86 -54.12
C PRO E 66 -14.22 -1.86 -53.08
N LEU E 67 -13.70 -2.38 -51.98
CA LEU E 67 -13.26 -1.56 -50.87
C LEU E 67 -11.81 -1.86 -50.52
N TRP E 68 -11.21 -0.94 -49.77
CA TRP E 68 -9.82 -1.13 -49.32
C TRP E 68 -9.69 -2.37 -48.45
N PHE E 69 -10.75 -2.69 -47.70
CA PHE E 69 -10.79 -3.81 -46.77
C PHE E 69 -12.03 -4.63 -47.13
N PRO E 70 -11.88 -5.73 -47.86
CA PRO E 70 -13.06 -6.34 -48.50
C PRO E 70 -14.20 -6.68 -47.54
N GLY E 71 -13.89 -7.17 -46.35
CA GLY E 71 -14.95 -7.65 -45.47
C GLY E 71 -15.78 -6.53 -44.87
N SER E 72 -15.14 -5.42 -44.51
CA SER E 72 -15.79 -4.39 -43.72
C SER E 72 -16.75 -3.56 -44.56
N GLN E 73 -17.74 -2.95 -43.88
CA GLN E 73 -18.65 -2.02 -44.51
C GLN E 73 -17.97 -0.65 -44.68
N PRO E 74 -18.41 0.14 -45.65
CA PRO E 74 -17.79 1.44 -45.87
C PRO E 74 -18.46 2.51 -45.01
N PRO E 75 -17.77 3.60 -44.71
CA PRO E 75 -18.38 4.66 -43.91
C PRO E 75 -19.58 5.28 -44.60
N GLU E 76 -20.49 5.83 -43.79
CA GLU E 76 -21.73 6.38 -44.33
C GLU E 76 -21.46 7.60 -45.21
N TRP E 77 -20.50 8.44 -44.81
CA TRP E 77 -20.19 9.62 -45.59
C TRP E 77 -19.48 9.30 -46.90
N LEU E 78 -18.90 8.10 -47.01
CA LEU E 78 -18.26 7.65 -48.25
C LEU E 78 -19.25 6.71 -48.94
N ASP E 79 -20.14 7.29 -49.74
CA ASP E 79 -21.18 6.53 -50.44
C ASP E 79 -20.75 6.07 -51.82
N GLY E 80 -19.50 6.31 -52.21
CA GLY E 80 -19.02 5.89 -53.50
C GLY E 80 -19.30 6.84 -54.64
N SER E 81 -19.84 8.03 -54.36
CA SER E 81 -20.12 9.01 -55.39
C SER E 81 -18.90 9.85 -55.76
N LEU E 82 -17.79 9.71 -55.02
CA LEU E 82 -16.59 10.46 -55.32
C LEU E 82 -15.60 9.61 -56.11
N PRO E 83 -14.84 10.21 -57.03
CA PRO E 83 -13.77 9.45 -57.69
C PRO E 83 -12.75 8.95 -56.68
N GLY E 84 -12.29 7.73 -56.88
CA GLY E 84 -11.30 7.15 -55.98
C GLY E 84 -11.85 6.73 -54.65
N ASP E 85 -13.16 6.56 -54.54
CA ASP E 85 -13.78 6.16 -53.28
C ASP E 85 -13.66 4.66 -53.09
N PHE E 86 -13.08 4.26 -51.96
CA PHE E 86 -12.97 2.84 -51.61
C PHE E 86 -13.37 2.60 -50.16
N GLY E 87 -14.01 3.56 -49.51
CA GLY E 87 -14.42 3.41 -48.14
C GLY E 87 -13.30 3.44 -47.12
N PHE E 88 -12.17 4.04 -47.47
CA PHE E 88 -11.00 4.09 -46.61
C PHE E 88 -11.03 5.39 -45.81
N ASP E 89 -11.51 5.31 -44.57
CA ASP E 89 -11.57 6.44 -43.66
C ASP E 89 -11.59 5.91 -42.24
N PRO E 90 -10.59 5.15 -41.82
CA PRO E 90 -10.63 4.54 -40.48
C PRO E 90 -10.60 5.54 -39.35
N LEU E 91 -10.04 6.73 -39.56
CA LEU E 91 -10.03 7.78 -38.56
C LEU E 91 -11.24 8.71 -38.63
N GLY E 92 -12.09 8.55 -39.65
CA GLY E 92 -13.29 9.36 -39.74
C GLY E 92 -13.02 10.84 -39.89
N LEU E 93 -12.02 11.20 -40.68
CA LEU E 93 -11.70 12.60 -40.90
C LEU E 93 -12.56 13.25 -41.98
N GLY E 94 -13.39 12.48 -42.67
CA GLY E 94 -14.30 13.02 -43.66
C GLY E 94 -15.74 13.05 -43.19
N SER E 95 -15.94 13.00 -41.86
CA SER E 95 -17.30 12.95 -41.33
C SER E 95 -18.06 14.24 -41.58
N ASP E 96 -17.35 15.37 -41.66
CA ASP E 96 -17.99 16.65 -41.95
C ASP E 96 -18.04 16.85 -43.46
N PRO E 97 -19.22 16.87 -44.09
CA PRO E 97 -19.26 17.01 -45.55
C PRO E 97 -18.64 18.32 -46.05
N GLU E 98 -18.82 19.42 -45.32
CA GLU E 98 -18.21 20.67 -45.73
C GLU E 98 -16.69 20.59 -45.65
N LEU E 99 -16.17 19.93 -44.62
CA LEU E 99 -14.74 19.67 -44.55
C LEU E 99 -14.33 18.54 -45.50
N LEU E 100 -15.25 17.63 -45.80
CA LEU E 100 -14.93 16.56 -46.74
C LEU E 100 -14.67 17.13 -48.14
N LYS E 101 -15.44 18.13 -48.56
CA LYS E 101 -15.17 18.76 -49.85
C LYS E 101 -13.80 19.41 -49.87
N TRP E 102 -13.44 20.10 -48.78
CA TRP E 102 -12.12 20.71 -48.69
C TRP E 102 -11.02 19.65 -48.77
N PHE E 103 -11.21 18.52 -48.09
CA PHE E 103 -10.22 17.45 -48.15
C PHE E 103 -10.17 16.82 -49.54
N VAL E 104 -11.30 16.75 -50.23
CA VAL E 104 -11.29 16.25 -51.61
C VAL E 104 -10.42 17.14 -52.48
N GLN E 105 -10.60 18.45 -52.36
CA GLN E 105 -9.78 19.38 -53.13
C GLN E 105 -8.30 19.26 -52.74
N ALA E 106 -8.04 19.12 -51.44
CA ALA E 106 -6.66 19.00 -50.98
C ALA E 106 -6.01 17.75 -51.55
N GLU E 107 -6.72 16.63 -51.56
CA GLU E 107 -6.20 15.40 -52.15
C GLU E 107 -5.95 15.59 -53.63
N LEU E 108 -6.87 16.23 -54.34
CA LEU E 108 -6.71 16.42 -55.77
C LEU E 108 -5.44 17.21 -56.08
N VAL E 109 -5.25 18.34 -55.39
CA VAL E 109 -4.08 19.17 -55.69
C VAL E 109 -2.80 18.48 -55.20
N HIS E 110 -2.85 17.78 -54.07
CA HIS E 110 -1.69 17.03 -53.63
C HIS E 110 -1.29 15.97 -54.65
N CYS E 111 -2.28 15.27 -55.20
CA CYS E 111 -2.01 14.27 -56.22
C CYS E 111 -1.38 14.90 -57.46
N ARG E 112 -1.96 16.01 -57.92
CA ARG E 112 -1.44 16.62 -59.14
C ARG E 112 -0.06 17.23 -58.94
N TRP E 113 0.25 17.68 -57.72
CA TRP E 113 1.60 18.15 -57.44
C TRP E 113 2.59 17.00 -57.31
N ALA E 114 2.16 15.89 -56.70
CA ALA E 114 3.07 14.77 -56.51
C ALA E 114 3.36 14.06 -57.83
N MET E 115 2.41 14.08 -58.77
CA MET E 115 2.71 13.55 -60.10
C MET E 115 3.85 14.31 -60.76
N LEU E 116 3.77 15.65 -60.73
CA LEU E 116 4.85 16.45 -61.30
C LEU E 116 6.14 16.28 -60.51
N GLY E 117 6.04 16.08 -59.20
CA GLY E 117 7.24 15.81 -58.42
C GLY E 117 7.91 14.51 -58.80
N ALA E 118 7.13 13.45 -58.99
CA ALA E 118 7.71 12.17 -59.38
C ALA E 118 8.25 12.22 -60.80
N ALA E 119 7.55 12.92 -61.70
CA ALA E 119 8.04 13.05 -63.06
C ALA E 119 9.33 13.88 -63.13
N GLY E 120 9.49 14.85 -62.23
CA GLY E 120 10.69 15.64 -62.17
C GLY E 120 11.76 15.10 -61.27
N ILE E 121 11.55 13.94 -60.65
CA ILE E 121 12.52 13.31 -59.76
C ILE E 121 13.06 12.03 -60.36
N PHE E 122 12.17 11.15 -60.83
CA PHE E 122 12.56 9.82 -61.27
C PHE E 122 12.94 9.79 -62.75
N ILE E 123 12.17 10.48 -63.60
CA ILE E 123 12.50 10.50 -65.03
C ILE E 123 13.85 11.14 -65.28
N PRO E 124 14.14 12.35 -64.78
CA PRO E 124 15.49 12.90 -65.01
C PRO E 124 16.59 12.06 -64.40
N GLU E 125 16.37 11.45 -63.24
CA GLU E 125 17.39 10.59 -62.64
C GLU E 125 17.68 9.40 -63.54
N ALA E 126 16.62 8.74 -64.04
CA ALA E 126 16.81 7.59 -64.91
C ALA E 126 17.50 7.98 -66.21
N LEU E 127 17.12 9.12 -66.79
CA LEU E 127 17.77 9.56 -68.03
C LEU E 127 19.21 9.97 -67.79
N THR E 128 19.53 10.47 -66.59
CA THR E 128 20.91 10.80 -66.27
C THR E 128 21.76 9.55 -66.11
N LYS E 129 21.20 8.52 -65.46
CA LYS E 129 21.92 7.25 -65.37
C LYS E 129 22.14 6.64 -66.75
N ALA E 130 21.14 6.75 -67.62
CA ALA E 130 21.30 6.32 -69.00
C ALA E 130 22.29 7.18 -69.77
N GLY E 131 22.66 8.34 -69.24
CA GLY E 131 23.65 9.21 -69.85
C GLY E 131 23.10 10.30 -70.74
N ILE E 132 21.78 10.34 -70.96
CA ILE E 132 21.23 11.34 -71.87
C ILE E 132 21.30 12.74 -71.25
N LEU E 133 21.04 12.86 -69.96
CA LEU E 133 21.03 14.14 -69.27
C LEU E 133 22.10 14.16 -68.18
N ASN E 134 22.23 15.31 -67.54
CA ASN E 134 23.20 15.53 -66.46
C ASN E 134 22.54 16.25 -65.30
N THR E 135 21.36 15.79 -64.91
CA THR E 135 20.66 16.39 -63.80
C THR E 135 21.36 16.06 -62.48
N PRO E 136 21.45 17.01 -61.52
CA PRO E 136 22.18 16.78 -60.27
C PRO E 136 21.33 16.14 -59.17
N SER E 137 20.70 15.01 -59.48
CA SER E 137 20.14 14.09 -58.48
C SER E 137 19.01 14.70 -57.65
N TRP E 138 18.46 15.85 -58.07
CA TRP E 138 17.20 16.39 -57.56
C TRP E 138 17.22 16.73 -56.07
N THR E 139 18.31 16.44 -55.37
CA THR E 139 18.44 16.77 -53.96
C THR E 139 19.42 17.89 -53.71
N VAL E 140 20.57 17.87 -54.40
CA VAL E 140 21.44 19.04 -54.47
C VAL E 140 20.97 20.04 -55.51
N ALA E 141 19.83 19.77 -56.17
CA ALA E 141 19.34 20.65 -57.22
C ALA E 141 19.19 22.09 -56.73
N GLY E 142 18.87 22.27 -55.45
CA GLY E 142 18.74 23.62 -54.92
C GLY E 142 20.05 24.32 -54.75
N ASP E 143 21.14 23.57 -54.55
CA ASP E 143 22.44 24.18 -54.27
C ASP E 143 23.08 24.80 -55.48
N GLN E 144 22.78 24.32 -56.69
CA GLN E 144 23.45 24.82 -57.87
C GLN E 144 23.09 26.28 -58.14
N GLN E 145 23.95 26.94 -58.91
CA GLN E 145 23.80 28.35 -59.22
C GLN E 145 22.83 28.53 -60.38
N TYR E 146 22.00 29.56 -60.30
CA TYR E 146 21.11 29.93 -61.38
C TYR E 146 21.30 31.39 -61.73
N PHE E 147 20.46 31.94 -62.61
CA PHE E 147 20.57 33.35 -62.95
C PHE E 147 20.01 34.26 -61.86
N THR E 148 19.39 33.69 -60.82
CA THR E 148 18.86 34.45 -59.71
C THR E 148 19.09 33.67 -58.43
N ASP E 149 19.02 34.37 -57.29
CA ASP E 149 19.21 33.73 -56.00
C ASP E 149 18.00 32.88 -55.64
N ALA E 150 18.23 31.90 -54.75
CA ALA E 150 17.16 30.99 -54.38
C ALA E 150 16.04 31.71 -53.64
N THR E 151 16.38 32.61 -52.72
CA THR E 151 15.35 33.33 -51.98
C THR E 151 14.55 34.26 -52.89
N THR E 152 15.23 34.91 -53.83
CA THR E 152 14.52 35.75 -54.79
C THR E 152 13.59 34.91 -55.65
N LEU E 153 14.06 33.72 -56.05
CA LEU E 153 13.21 32.80 -56.80
C LEU E 153 11.99 32.39 -55.99
N PHE E 154 12.17 32.13 -54.70
CA PHE E 154 11.04 31.76 -53.87
C PHE E 154 10.03 32.90 -53.79
N VAL E 155 10.50 34.13 -53.66
CA VAL E 155 9.58 35.25 -53.54
C VAL E 155 8.85 35.49 -54.86
N ILE E 156 9.56 35.36 -55.98
CA ILE E 156 8.88 35.43 -57.28
C ILE E 156 7.83 34.33 -57.38
N GLU E 157 8.16 33.13 -56.90
CA GLU E 157 7.20 32.03 -56.96
C GLU E 157 5.97 32.34 -56.11
N ILE E 158 6.16 32.91 -54.91
CA ILE E 158 5.02 33.25 -54.07
C ILE E 158 4.16 34.30 -54.74
N ILE E 159 4.77 35.35 -55.29
CA ILE E 159 3.97 36.37 -55.97
C ILE E 159 3.21 35.76 -57.15
N LEU E 160 3.89 34.92 -57.92
CA LEU E 160 3.32 34.42 -59.16
C LEU E 160 2.25 33.35 -58.88
N PHE E 161 2.37 32.64 -57.77
CA PHE E 161 1.37 31.64 -57.35
C PHE E 161 0.24 32.24 -56.54
N ALA E 162 0.41 33.43 -55.98
CA ALA E 162 -0.67 34.01 -55.20
C ALA E 162 -1.91 34.18 -56.07
N TRP E 163 -1.73 34.68 -57.29
CA TRP E 163 -2.87 34.88 -58.18
C TRP E 163 -3.60 33.57 -58.46
N ALA E 164 -2.86 32.55 -58.92
CA ALA E 164 -3.50 31.30 -59.30
C ALA E 164 -4.12 30.59 -58.10
N GLU E 165 -3.40 30.53 -56.98
CA GLU E 165 -3.92 29.87 -55.80
C GLU E 165 -5.12 30.61 -55.23
N GLY E 166 -5.11 31.94 -55.26
CA GLY E 166 -6.24 32.69 -54.78
C GLY E 166 -7.46 32.53 -55.66
N ARG E 167 -7.27 32.41 -56.97
CA ARG E 167 -8.41 32.20 -57.85
C ARG E 167 -8.98 30.80 -57.66
N ARG E 168 -8.12 29.79 -57.48
CA ARG E 168 -8.62 28.46 -57.14
C ARG E 168 -9.31 28.47 -55.77
N TRP E 169 -8.80 29.25 -54.82
CA TRP E 169 -9.43 29.37 -53.53
C TRP E 169 -10.82 29.98 -53.65
N ALA E 170 -10.96 31.03 -54.46
CA ALA E 170 -12.26 31.64 -54.67
C ALA E 170 -13.21 30.67 -55.34
N ASP E 171 -12.70 29.88 -56.29
CA ASP E 171 -13.55 28.85 -56.91
C ASP E 171 -14.03 27.84 -55.89
N ILE E 172 -13.15 27.44 -54.96
CA ILE E 172 -13.54 26.48 -53.93
C ILE E 172 -14.59 27.08 -53.01
N ILE E 173 -14.34 28.30 -52.51
CA ILE E 173 -15.25 28.91 -51.55
C ILE E 173 -16.58 29.27 -52.23
N ASN E 174 -16.52 29.88 -53.41
CA ASN E 174 -17.70 30.31 -54.15
C ASN E 174 -17.67 29.66 -55.52
N PRO E 175 -18.25 28.47 -55.67
CA PRO E 175 -18.20 27.79 -56.97
C PRO E 175 -18.95 28.56 -58.04
N GLY E 176 -18.47 28.43 -59.28
CA GLY E 176 -19.09 29.06 -60.42
C GLY E 176 -18.53 30.42 -60.78
N CYS E 177 -17.76 31.04 -59.88
CA CYS E 177 -17.17 32.34 -60.12
C CYS E 177 -15.75 32.17 -60.64
N VAL E 178 -15.05 33.29 -60.81
CA VAL E 178 -13.66 33.32 -61.28
C VAL E 178 -13.47 32.43 -62.51
N ASN E 179 -14.53 32.18 -63.27
CA ASN E 179 -14.42 31.43 -64.51
C ASN E 179 -14.19 32.32 -65.73
N VAL E 180 -14.27 33.63 -65.58
CA VAL E 180 -14.20 34.57 -66.69
C VAL E 180 -12.86 35.30 -66.64
N ASP E 181 -12.23 35.44 -67.80
CA ASP E 181 -10.97 36.17 -67.88
C ASP E 181 -11.21 37.64 -67.53
N PRO E 182 -10.43 38.21 -66.61
CA PRO E 182 -10.68 39.62 -66.26
C PRO E 182 -10.29 40.59 -67.36
N VAL E 183 -9.19 40.33 -68.07
CA VAL E 183 -8.75 41.24 -69.12
C VAL E 183 -9.67 41.13 -70.33
N PHE E 184 -9.99 39.91 -70.76
CA PHE E 184 -10.80 39.67 -71.95
C PHE E 184 -11.98 38.80 -71.56
N PRO E 185 -13.06 39.40 -71.06
CA PRO E 185 -14.20 38.61 -70.56
C PRO E 185 -14.71 37.51 -71.49
N ASN E 186 -14.35 37.56 -72.77
CA ASN E 186 -14.92 36.66 -73.76
C ASN E 186 -14.21 35.30 -73.82
N ASN E 187 -13.32 35.02 -72.87
CA ASN E 187 -12.60 33.75 -72.87
C ASN E 187 -13.31 32.69 -72.03
N LYS E 188 -13.51 32.97 -70.73
CA LYS E 188 -14.26 32.09 -69.85
C LYS E 188 -13.64 30.71 -69.71
N LEU E 189 -14.13 29.93 -68.75
CA LEU E 189 -13.71 28.55 -68.54
C LEU E 189 -14.95 27.68 -68.50
N THR E 190 -14.97 26.63 -69.32
CA THR E 190 -16.12 25.74 -69.41
C THR E 190 -15.97 24.55 -68.47
N GLY E 191 -15.78 24.87 -67.19
CA GLY E 191 -15.70 23.88 -66.14
C GLY E 191 -16.90 23.99 -65.21
N THR E 192 -17.45 22.84 -64.83
CA THR E 192 -18.62 22.77 -63.96
C THR E 192 -18.30 22.32 -62.56
N ASP E 193 -17.50 21.26 -62.41
CA ASP E 193 -17.18 20.73 -61.10
C ASP E 193 -16.01 21.50 -60.48
N VAL E 194 -15.98 21.51 -59.16
CA VAL E 194 -14.90 22.15 -58.41
C VAL E 194 -13.67 21.25 -58.46
N GLY E 195 -12.52 21.85 -58.72
CA GLY E 195 -11.29 21.10 -58.86
C GLY E 195 -10.96 20.67 -60.27
N TYR E 196 -11.88 20.86 -61.21
CA TYR E 196 -11.69 20.49 -62.62
C TYR E 196 -12.02 21.72 -63.45
N PRO E 197 -11.12 22.70 -63.50
CA PRO E 197 -11.47 23.98 -64.13
C PRO E 197 -11.84 23.85 -65.61
N GLY E 198 -11.22 22.94 -66.34
CA GLY E 198 -11.56 22.77 -67.73
C GLY E 198 -11.22 24.01 -68.55
N GLY E 199 -12.00 24.23 -69.60
CA GLY E 199 -11.76 25.34 -70.49
C GLY E 199 -10.81 24.98 -71.62
N LEU E 200 -9.90 25.90 -71.95
CA LEU E 200 -8.90 25.67 -72.99
C LEU E 200 -7.48 25.72 -72.46
N TRP E 201 -7.19 26.60 -71.51
CA TRP E 201 -5.86 26.61 -70.90
C TRP E 201 -5.62 25.34 -70.10
N PHE E 202 -6.65 24.77 -69.49
CA PHE E 202 -6.48 23.64 -68.60
C PHE E 202 -6.92 22.32 -69.22
N ASP E 203 -7.83 22.36 -70.19
CA ASP E 203 -8.28 21.18 -70.92
C ASP E 203 -8.27 21.51 -72.41
N PRO E 204 -7.09 21.74 -72.99
CA PRO E 204 -7.05 22.15 -74.40
C PRO E 204 -7.55 21.10 -75.37
N LEU E 205 -7.59 19.83 -74.99
CA LEU E 205 -8.09 18.77 -75.85
C LEU E 205 -9.56 18.44 -75.58
N GLY E 206 -10.19 19.10 -74.61
CA GLY E 206 -11.60 18.90 -74.38
C GLY E 206 -11.97 17.49 -73.99
N TRP E 207 -11.19 16.87 -73.10
CA TRP E 207 -11.46 15.51 -72.66
C TRP E 207 -12.27 15.44 -71.38
N GLY E 208 -12.33 16.52 -70.61
CA GLY E 208 -13.04 16.53 -69.35
C GLY E 208 -14.55 16.60 -69.47
N GLN E 209 -15.08 16.94 -70.64
CA GLN E 209 -16.52 17.02 -70.88
C GLN E 209 -16.91 15.86 -71.80
N THR E 210 -17.45 14.79 -71.21
CA THR E 210 -17.84 13.61 -71.96
C THR E 210 -19.35 13.39 -72.00
N GLY E 211 -20.10 13.96 -71.09
CA GLY E 211 -21.54 13.76 -71.03
C GLY E 211 -21.96 12.58 -70.16
N ASP E 212 -21.38 11.42 -70.40
CA ASP E 212 -21.69 10.24 -69.60
C ASP E 212 -21.03 10.35 -68.23
N ALA E 213 -21.84 10.36 -67.18
CA ALA E 213 -21.30 10.52 -65.83
C ALA E 213 -20.41 9.35 -65.45
N ALA E 214 -20.82 8.12 -65.77
CA ALA E 214 -20.02 6.96 -65.43
C ALA E 214 -18.70 6.96 -66.17
N LYS E 215 -18.72 7.28 -67.46
CA LYS E 215 -17.47 7.32 -68.23
C LYS E 215 -16.57 8.46 -67.77
N LEU E 216 -17.16 9.60 -67.39
CA LEU E 216 -16.35 10.69 -66.84
C LEU E 216 -15.69 10.28 -65.52
N LYS E 217 -16.45 9.61 -64.65
CA LYS E 217 -15.88 9.13 -63.40
C LYS E 217 -14.80 8.08 -63.65
N ASP E 218 -14.94 7.29 -64.72
CA ASP E 218 -13.88 6.37 -65.10
C ASP E 218 -12.65 7.14 -65.57
N LEU E 219 -12.86 8.23 -66.31
CA LEU E 219 -11.74 9.10 -66.68
C LEU E 219 -11.08 9.68 -65.44
N ARG E 220 -11.89 10.17 -64.51
CA ARG E 220 -11.40 10.41 -63.16
C ARG E 220 -11.18 9.06 -62.49
N THR E 221 -10.71 9.07 -61.25
CA THR E 221 -10.31 7.88 -60.52
C THR E 221 -9.03 7.28 -61.10
N ARG E 222 -8.54 7.79 -62.23
CA ARG E 222 -7.24 7.44 -62.78
C ARG E 222 -6.17 8.43 -62.36
N GLU E 223 -6.47 9.74 -62.45
CA GLU E 223 -5.55 10.72 -61.88
C GLU E 223 -5.53 10.63 -60.36
N ILE E 224 -6.63 10.22 -59.74
CA ILE E 224 -6.62 10.01 -58.31
C ILE E 224 -5.67 8.86 -57.96
N LYS E 225 -5.66 7.81 -58.77
CA LYS E 225 -4.87 6.62 -58.46
C LYS E 225 -3.40 6.81 -58.82
N ASN E 226 -3.12 7.26 -60.05
CA ASN E 226 -1.75 7.69 -60.37
C ASN E 226 -1.26 8.72 -59.36
N GLY E 227 -2.16 9.58 -58.86
CA GLY E 227 -1.76 10.61 -57.93
C GLY E 227 -1.38 10.07 -56.57
N ARG E 228 -2.20 9.17 -56.03
CA ARG E 228 -1.87 8.55 -54.75
C ARG E 228 -0.56 7.77 -54.86
N LEU E 229 -0.39 7.04 -55.98
CA LEU E 229 0.86 6.31 -56.19
C LEU E 229 2.04 7.27 -56.25
N ALA E 230 1.89 8.41 -56.92
CA ALA E 230 3.00 9.36 -57.04
C ALA E 230 3.30 10.02 -55.70
N MET E 231 2.26 10.28 -54.89
CA MET E 231 2.49 10.81 -53.55
C MET E 231 3.30 9.84 -52.71
N LEU E 232 2.91 8.57 -52.72
CA LEU E 232 3.67 7.56 -52.00
C LEU E 232 5.09 7.46 -52.56
N ALA E 233 5.24 7.57 -53.88
CA ALA E 233 6.55 7.46 -54.50
C ALA E 233 7.46 8.61 -54.08
N VAL E 234 6.93 9.83 -54.02
CA VAL E 234 7.75 10.96 -53.60
C VAL E 234 8.10 10.87 -52.12
N LEU E 235 7.16 10.42 -51.29
CA LEU E 235 7.49 10.21 -49.88
C LEU E 235 8.61 9.17 -49.75
N GLY E 236 8.52 8.09 -50.52
CA GLY E 236 9.56 7.08 -50.51
C GLY E 236 10.89 7.63 -51.00
N ALA E 237 10.85 8.46 -52.03
CA ALA E 237 12.09 9.05 -52.52
C ALA E 237 12.75 9.92 -51.46
N VAL E 238 11.95 10.72 -50.75
CA VAL E 238 12.49 11.57 -49.70
C VAL E 238 13.11 10.71 -48.59
N VAL E 239 12.37 9.71 -48.12
CA VAL E 239 12.87 8.90 -47.03
C VAL E 239 14.10 8.10 -47.47
N GLN E 240 14.11 7.64 -48.71
CA GLN E 240 15.23 6.86 -49.21
C GLN E 240 16.48 7.71 -49.37
N ALA E 241 16.31 8.95 -49.85
CA ALA E 241 17.46 9.85 -49.92
C ALA E 241 17.99 10.16 -48.53
N ASN E 242 17.09 10.32 -47.55
CA ASN E 242 17.53 10.60 -46.19
C ASN E 242 18.24 9.40 -45.58
N TYR E 243 17.79 8.19 -45.89
CA TYR E 243 18.27 6.98 -45.24
C TYR E 243 19.50 6.38 -45.93
N THR E 244 19.35 6.03 -47.21
CA THR E 244 20.41 5.35 -47.94
C THR E 244 21.48 6.30 -48.48
N HIS E 245 21.22 7.62 -48.46
CA HIS E 245 22.17 8.59 -49.01
C HIS E 245 22.51 8.26 -50.46
N THR E 246 21.50 7.88 -51.23
CA THR E 246 21.70 7.41 -52.59
C THR E 246 20.46 7.73 -53.41
N GLY E 247 20.64 7.85 -54.72
CA GLY E 247 19.56 8.18 -55.62
C GLY E 247 18.50 7.10 -55.68
N PRO E 248 17.30 7.45 -56.14
CA PRO E 248 16.21 6.47 -56.15
C PRO E 248 16.38 5.39 -57.21
N ILE E 249 16.82 5.76 -58.42
CA ILE E 249 17.04 4.77 -59.44
C ILE E 249 18.22 3.88 -59.09
N ASP E 250 19.22 4.44 -58.41
CA ASP E 250 20.31 3.61 -57.90
C ASP E 250 19.80 2.61 -56.87
N ASN E 251 18.86 3.04 -56.02
CA ASN E 251 18.25 2.11 -55.07
C ASN E 251 17.48 1.02 -55.80
N LEU E 252 16.76 1.38 -56.87
CA LEU E 252 16.05 0.38 -57.65
C LEU E 252 17.02 -0.64 -58.25
N LEU E 253 18.13 -0.15 -58.82
CA LEU E 253 19.10 -1.07 -59.41
C LEU E 253 19.76 -1.94 -58.35
N ALA E 254 19.99 -1.39 -57.15
CA ALA E 254 20.55 -2.20 -56.07
C ALA E 254 19.57 -3.28 -55.63
N HIS E 255 18.29 -2.94 -55.53
CA HIS E 255 17.29 -3.95 -55.18
C HIS E 255 17.21 -5.04 -56.24
N LEU E 256 17.19 -4.66 -57.52
CA LEU E 256 17.17 -5.64 -58.60
C LEU E 256 18.47 -6.43 -58.68
N ALA E 257 19.57 -5.89 -58.14
CA ALA E 257 20.84 -6.60 -58.16
C ALA E 257 20.80 -7.83 -57.26
N ASP E 258 20.21 -7.69 -56.08
CA ASP E 258 20.09 -8.78 -55.13
C ASP E 258 18.88 -8.53 -54.23
N PRO E 259 17.67 -8.83 -54.70
CA PRO E 259 16.48 -8.43 -53.93
C PRO E 259 16.40 -9.04 -52.55
N GLY E 260 17.03 -10.20 -52.32
CA GLY E 260 16.93 -10.85 -51.02
C GLY E 260 17.71 -10.15 -49.93
N HIS E 261 18.72 -9.36 -50.29
CA HIS E 261 19.58 -8.70 -49.31
C HIS E 261 19.64 -7.18 -49.46
N ASN E 262 19.49 -6.66 -50.67
CA ASN E 262 19.50 -5.21 -50.89
C ASN E 262 18.08 -4.68 -50.62
N THR E 263 17.80 -4.49 -49.33
CA THR E 263 16.50 -4.04 -48.88
C THR E 263 16.70 -2.98 -47.81
N ILE E 264 15.63 -2.59 -47.13
CA ILE E 264 15.73 -1.61 -46.05
C ILE E 264 16.61 -2.13 -44.92
N PHE E 265 16.73 -3.45 -44.77
CA PHE E 265 17.55 -4.04 -43.73
C PHE E 265 19.01 -4.19 -44.14
N ALA E 266 19.38 -3.77 -45.36
CA ALA E 266 20.78 -3.82 -45.77
C ALA E 266 21.61 -2.87 -44.92
N LEU E 267 21.09 -1.68 -44.63
CA LEU E 267 21.80 -0.68 -43.84
C LEU E 267 21.33 -0.63 -42.39
N SER E 268 20.29 -1.37 -42.03
CA SER E 268 19.80 -1.33 -40.66
C SER E 268 20.73 -2.10 -39.73
N ASN E 269 21.24 -3.26 -40.17
CA ASN E 269 22.19 -4.05 -39.39
C ASN E 269 21.61 -4.44 -38.03
N LEU E 270 20.57 -5.27 -38.10
CA LEU E 270 19.90 -5.75 -36.90
C LEU E 270 20.74 -6.85 -36.24
N VAL E 271 20.16 -7.53 -35.25
CA VAL E 271 20.94 -8.43 -34.40
C VAL E 271 21.57 -9.56 -35.21
N GLY E 272 20.77 -10.23 -36.04
CA GLY E 272 21.21 -11.46 -36.65
C GLY E 272 21.16 -11.51 -38.17
N LYS E 273 22.32 -11.69 -38.79
CA LYS E 273 22.46 -11.90 -40.21
C LYS E 273 23.75 -12.66 -40.54
N LYS F 102 -21.64 -40.98 -20.88
CA LYS F 102 -21.77 -41.08 -22.36
C LYS F 102 -20.45 -40.75 -23.05
N ARG F 103 -19.50 -40.21 -22.30
CA ARG F 103 -18.22 -39.80 -22.85
C ARG F 103 -17.18 -39.81 -21.73
N SER F 104 -15.91 -39.75 -22.13
CA SER F 104 -14.82 -39.69 -21.19
C SER F 104 -14.70 -38.30 -20.59
N LEU F 105 -14.54 -38.23 -19.27
CA LEU F 105 -14.37 -36.97 -18.56
C LEU F 105 -12.99 -36.96 -17.91
N ILE F 106 -12.23 -35.89 -18.16
CA ILE F 106 -10.85 -35.83 -17.67
C ILE F 106 -10.81 -35.19 -16.29
N PHE F 107 -11.14 -33.90 -16.22
CA PHE F 107 -11.18 -33.18 -14.95
C PHE F 107 -12.40 -32.25 -14.92
N ALA F 108 -13.53 -32.76 -15.37
CA ALA F 108 -14.74 -31.96 -15.44
C ALA F 108 -15.14 -31.46 -14.06
N SER F 109 -16.12 -30.55 -14.03
CA SER F 109 -16.70 -30.03 -12.81
C SER F 109 -18.19 -29.86 -13.03
N LYS F 110 -18.92 -29.49 -11.96
CA LYS F 110 -20.33 -29.21 -12.12
C LYS F 110 -20.55 -27.96 -12.98
N GLN F 111 -19.68 -26.97 -12.82
CA GLN F 111 -19.80 -25.75 -13.61
C GLN F 111 -19.47 -26.00 -15.07
N SER F 112 -18.38 -26.73 -15.34
CA SER F 112 -17.96 -26.95 -16.72
C SER F 112 -18.99 -27.76 -17.49
N LEU F 113 -19.53 -28.81 -16.88
CA LEU F 113 -20.47 -29.69 -17.56
C LEU F 113 -21.78 -29.00 -17.89
N SER F 114 -22.04 -27.82 -17.32
CA SER F 114 -23.28 -27.11 -17.62
C SER F 114 -23.31 -26.65 -19.06
N TYR F 115 -22.19 -26.16 -19.59
CA TYR F 115 -22.14 -25.64 -20.95
C TYR F 115 -21.35 -26.53 -21.91
N LEU F 116 -20.58 -27.48 -21.42
CA LEU F 116 -19.87 -28.44 -22.26
C LEU F 116 -20.71 -29.71 -22.29
N ASP F 117 -21.40 -29.93 -23.41
CA ASP F 117 -22.33 -31.05 -23.53
C ASP F 117 -21.90 -32.11 -24.52
N GLY F 118 -21.14 -31.74 -25.56
CA GLY F 118 -20.61 -32.73 -26.48
C GLY F 118 -20.71 -32.37 -27.94
N THR F 119 -21.26 -31.19 -28.25
CA THR F 119 -21.37 -30.78 -29.65
C THR F 119 -20.00 -30.61 -30.28
N LEU F 120 -19.06 -30.02 -29.55
CA LEU F 120 -17.73 -29.80 -30.09
C LEU F 120 -17.00 -31.13 -30.27
N PRO F 121 -16.09 -31.22 -31.25
CA PRO F 121 -15.42 -32.52 -31.48
C PRO F 121 -14.67 -33.06 -30.28
N GLY F 122 -13.78 -32.25 -29.69
CA GLY F 122 -12.94 -32.73 -28.62
C GLY F 122 -13.52 -32.49 -27.24
N ASP F 123 -14.84 -32.33 -27.17
CA ASP F 123 -15.51 -31.99 -25.92
C ASP F 123 -15.45 -33.16 -24.95
N TYR F 124 -14.67 -33.00 -23.88
CA TYR F 124 -14.62 -33.97 -22.80
C TYR F 124 -14.81 -33.31 -21.44
N GLY F 125 -15.33 -32.08 -21.41
CA GLY F 125 -15.67 -31.43 -20.17
C GLY F 125 -14.50 -30.87 -19.39
N PHE F 126 -13.30 -30.90 -19.95
CA PHE F 126 -12.11 -30.42 -19.25
C PHE F 126 -12.07 -28.91 -19.33
N ASP F 127 -12.56 -28.25 -18.27
CA ASP F 127 -12.59 -26.79 -18.18
C ASP F 127 -12.47 -26.40 -16.72
N PRO F 128 -11.37 -26.76 -16.06
CA PRO F 128 -11.24 -26.46 -14.63
C PRO F 128 -11.24 -24.98 -14.31
N LEU F 129 -10.89 -24.12 -15.27
CA LEU F 129 -10.85 -22.68 -15.06
C LEU F 129 -12.11 -21.98 -15.56
N GLY F 130 -13.04 -22.71 -16.16
CA GLY F 130 -14.28 -22.10 -16.60
C GLY F 130 -14.09 -21.00 -17.62
N LEU F 131 -13.16 -21.19 -18.56
CA LEU F 131 -12.84 -20.15 -19.52
C LEU F 131 -13.86 -20.04 -20.65
N MET F 132 -14.74 -21.04 -20.81
CA MET F 132 -15.73 -21.03 -21.87
C MET F 132 -17.15 -20.91 -21.29
N ASP F 133 -17.28 -20.26 -20.15
CA ASP F 133 -18.59 -20.03 -19.56
C ASP F 133 -19.32 -18.95 -20.35
N PRO F 134 -20.51 -19.22 -20.89
CA PRO F 134 -21.19 -18.19 -21.70
C PRO F 134 -21.68 -17.00 -20.90
N GLU F 135 -21.76 -17.10 -19.58
CA GLU F 135 -22.32 -16.00 -18.79
C GLU F 135 -21.49 -14.74 -18.92
N GLY F 136 -20.16 -14.88 -18.95
CA GLY F 136 -19.27 -13.75 -19.03
C GLY F 136 -18.48 -13.70 -20.33
N ALA F 137 -19.12 -14.03 -21.44
CA ALA F 137 -18.44 -14.01 -22.73
C ALA F 137 -18.01 -12.59 -23.08
N GLY F 138 -16.82 -12.46 -23.64
CA GLY F 138 -16.27 -11.16 -23.97
C GLY F 138 -15.60 -11.10 -25.32
N GLY F 139 -14.44 -10.46 -25.38
CA GLY F 139 -13.75 -10.28 -26.65
C GLY F 139 -13.19 -11.57 -27.21
N PHE F 140 -12.17 -12.13 -26.54
CA PHE F 140 -11.55 -13.38 -26.96
C PHE F 140 -11.87 -14.54 -26.04
N ILE F 141 -12.36 -14.29 -24.83
CA ILE F 141 -12.77 -15.34 -23.91
C ILE F 141 -14.28 -15.49 -24.10
N ASP F 142 -14.67 -16.34 -25.04
CA ASP F 142 -16.08 -16.59 -25.32
C ASP F 142 -16.20 -17.90 -26.06
N PRO F 143 -17.39 -18.52 -26.07
CA PRO F 143 -17.54 -19.83 -26.70
C PRO F 143 -17.27 -19.84 -28.20
N GLN F 144 -17.39 -18.71 -28.88
CA GLN F 144 -17.28 -18.70 -30.33
C GLN F 144 -15.83 -18.69 -30.80
N TRP F 145 -14.92 -18.18 -29.98
CA TRP F 145 -13.54 -17.96 -30.38
C TRP F 145 -12.59 -19.03 -29.87
N LEU F 146 -12.79 -19.50 -28.63
CA LEU F 146 -11.84 -20.43 -28.04
C LEU F 146 -11.72 -21.74 -28.82
N PRO F 147 -12.80 -22.39 -29.25
CA PRO F 147 -12.62 -23.58 -30.10
C PRO F 147 -11.89 -23.27 -31.40
N TYR F 148 -12.19 -22.12 -32.02
CA TYR F 148 -11.50 -21.72 -33.24
C TYR F 148 -10.02 -21.48 -32.98
N ALA F 149 -9.69 -20.78 -31.90
CA ALA F 149 -8.30 -20.55 -31.56
C ALA F 149 -7.59 -21.86 -31.26
N GLU F 150 -8.28 -22.78 -30.59
CA GLU F 150 -7.70 -24.09 -30.33
C GLU F 150 -7.38 -24.80 -31.64
N ILE F 151 -8.31 -24.77 -32.58
CA ILE F 151 -8.10 -25.46 -33.85
C ILE F 151 -6.92 -24.85 -34.60
N ILE F 152 -6.82 -23.51 -34.61
CA ILE F 152 -5.76 -22.87 -35.38
C ILE F 152 -4.40 -23.09 -34.72
N ASN F 153 -4.31 -22.90 -33.39
CA ASN F 153 -3.07 -23.21 -32.70
C ASN F 153 -2.69 -24.66 -32.92
N GLY F 154 -3.67 -25.56 -32.93
CA GLY F 154 -3.38 -26.96 -33.13
C GLY F 154 -2.90 -27.29 -34.53
N ARG F 155 -3.47 -26.62 -35.54
CA ARG F 155 -3.04 -26.87 -36.91
C ARG F 155 -1.62 -26.36 -37.13
N PHE F 156 -1.33 -25.15 -36.65
CA PHE F 156 0.04 -24.66 -36.74
C PHE F 156 0.98 -25.53 -35.94
N ALA F 157 0.50 -26.11 -34.83
CA ALA F 157 1.34 -27.01 -34.04
C ALA F 157 1.56 -28.34 -34.74
N MET F 158 0.57 -28.81 -35.51
CA MET F 158 0.78 -29.98 -36.34
C MET F 158 1.87 -29.72 -37.37
N LEU F 159 1.82 -28.55 -38.02
CA LEU F 159 2.88 -28.20 -38.96
C LEU F 159 4.22 -28.06 -38.25
N GLY F 160 4.22 -27.54 -37.02
CA GLY F 160 5.46 -27.32 -36.31
C GLY F 160 6.12 -28.60 -35.84
N ALA F 161 5.35 -29.49 -35.20
CA ALA F 161 5.90 -30.71 -34.66
C ALA F 161 6.42 -31.62 -35.76
N ALA F 162 5.73 -31.62 -36.91
CA ALA F 162 6.18 -32.38 -38.07
C ALA F 162 7.19 -31.63 -38.92
N GLY F 163 7.52 -30.39 -38.57
CA GLY F 163 8.44 -29.59 -39.34
C GLY F 163 9.71 -29.25 -38.58
N ALA F 164 9.58 -29.12 -37.26
CA ALA F 164 10.74 -28.87 -36.42
C ALA F 164 11.64 -30.09 -36.28
N ILE F 165 11.15 -31.27 -36.67
CA ILE F 165 11.94 -32.49 -36.58
C ILE F 165 12.13 -33.16 -37.95
N ALA F 166 11.39 -32.76 -38.97
CA ALA F 166 11.50 -33.42 -40.27
C ALA F 166 12.88 -33.31 -40.89
N PRO F 167 13.50 -32.12 -40.99
CA PRO F 167 14.84 -32.09 -41.59
C PRO F 167 15.84 -32.96 -40.86
N GLU F 168 15.79 -32.99 -39.52
CA GLU F 168 16.73 -33.81 -38.76
C GLU F 168 16.53 -35.29 -39.05
N VAL F 169 15.28 -35.76 -39.08
CA VAL F 169 15.02 -37.16 -39.38
C VAL F 169 15.47 -37.50 -40.80
N LEU F 170 15.13 -36.63 -41.76
CA LEU F 170 15.45 -36.91 -43.16
C LEU F 170 16.96 -36.90 -43.39
N GLY F 171 17.70 -36.09 -42.63
CA GLY F 171 19.15 -36.14 -42.72
C GLY F 171 19.74 -37.33 -42.00
N ARG F 172 19.08 -37.80 -40.93
CA ARG F 172 19.56 -38.99 -40.25
C ARG F 172 19.41 -40.22 -41.13
N ILE F 173 18.27 -40.34 -41.84
CA ILE F 173 18.13 -41.43 -42.80
C ILE F 173 18.89 -41.17 -44.08
N GLY F 174 19.34 -39.95 -44.31
CA GLY F 174 20.28 -39.66 -45.38
C GLY F 174 19.67 -39.49 -46.76
N LEU F 175 18.76 -38.53 -46.90
CA LEU F 175 18.26 -38.16 -48.22
C LEU F 175 18.16 -36.66 -48.45
N ILE F 176 18.43 -35.84 -47.43
CA ILE F 176 18.60 -34.40 -47.62
C ILE F 176 20.05 -34.05 -47.32
N PRO F 177 20.58 -32.94 -47.82
CA PRO F 177 21.96 -32.57 -47.49
C PRO F 177 22.14 -32.41 -45.99
N GLN F 178 23.31 -32.82 -45.50
CA GLN F 178 23.55 -32.81 -44.05
C GLN F 178 23.61 -31.41 -43.50
N GLU F 179 24.03 -30.43 -44.30
CA GLU F 179 24.09 -29.06 -43.82
C GLU F 179 22.70 -28.45 -43.64
N THR F 180 21.68 -28.99 -44.32
CA THR F 180 20.31 -28.63 -44.05
C THR F 180 19.66 -29.51 -43.00
N ALA F 181 20.34 -30.57 -42.55
CA ALA F 181 19.84 -31.46 -41.51
C ALA F 181 20.33 -30.93 -40.16
N ILE F 182 19.61 -29.94 -39.65
CA ILE F 182 20.01 -29.23 -38.44
C ILE F 182 18.82 -29.14 -37.50
N PRO F 183 19.06 -28.98 -36.20
CA PRO F 183 17.94 -28.76 -35.28
C PRO F 183 17.16 -27.50 -35.65
N TRP F 184 15.90 -27.48 -35.21
CA TRP F 184 15.02 -26.39 -35.61
C TRP F 184 15.52 -25.04 -35.13
N PHE F 185 16.03 -24.97 -33.90
CA PHE F 185 16.45 -23.68 -33.36
C PHE F 185 17.72 -23.14 -34.00
N GLN F 186 18.42 -23.95 -34.79
CA GLN F 186 19.63 -23.52 -35.48
C GLN F 186 19.38 -23.14 -36.93
N SER F 187 18.12 -22.98 -37.33
CA SER F 187 17.75 -22.67 -38.71
C SER F 187 17.55 -21.19 -38.94
N GLY F 188 18.09 -20.34 -38.06
CA GLY F 188 17.94 -18.91 -38.19
C GLY F 188 16.74 -18.32 -37.46
N VAL F 189 15.88 -19.16 -36.90
CA VAL F 189 14.76 -18.65 -36.12
C VAL F 189 15.26 -17.94 -34.87
N ILE F 190 16.32 -18.46 -34.26
CA ILE F 190 17.01 -17.81 -33.15
C ILE F 190 18.47 -17.67 -33.56
N PRO F 191 18.87 -16.56 -34.17
CA PRO F 191 20.22 -16.47 -34.74
C PRO F 191 21.31 -16.72 -33.71
N PRO F 192 21.15 -16.25 -32.46
CA PRO F 192 22.22 -16.47 -31.48
C PRO F 192 22.60 -17.93 -31.31
N VAL F 193 21.63 -18.83 -31.15
CA VAL F 193 21.95 -20.25 -30.96
C VAL F 193 22.47 -20.84 -32.26
N GLY F 194 21.90 -20.43 -33.39
CA GLY F 194 22.38 -20.87 -34.68
C GLY F 194 21.75 -20.08 -35.81
N ASN F 195 22.46 -19.97 -36.94
CA ASN F 195 21.98 -19.20 -38.08
C ASN F 195 22.27 -19.97 -39.37
N TYR F 196 21.42 -19.77 -40.37
CA TYR F 196 21.59 -20.35 -41.68
C TYR F 196 21.41 -19.26 -42.74
N SER F 197 22.19 -19.35 -43.81
CA SER F 197 22.19 -18.35 -44.87
C SER F 197 21.28 -18.83 -45.99
N TYR F 198 20.10 -18.22 -46.08
CA TYR F 198 19.14 -18.53 -47.14
C TYR F 198 19.33 -17.54 -48.29
N TRP F 199 18.44 -17.59 -49.28
CA TRP F 199 18.53 -16.67 -50.40
C TRP F 199 18.30 -15.23 -49.99
N ALA F 200 17.63 -15.01 -48.86
CA ALA F 200 17.37 -13.67 -48.35
C ALA F 200 17.62 -13.65 -46.85
N ASP F 201 18.00 -12.49 -46.33
CA ASP F 201 18.27 -12.39 -44.91
C ASP F 201 16.95 -12.55 -44.14
N PRO F 202 17.01 -13.05 -42.90
CA PRO F 202 15.76 -13.44 -42.22
C PRO F 202 14.79 -12.30 -41.98
N TYR F 203 15.24 -11.05 -41.97
CA TYR F 203 14.30 -9.94 -41.82
C TYR F 203 13.55 -9.65 -43.11
N THR F 204 14.23 -9.74 -44.27
CA THR F 204 13.51 -9.66 -45.53
C THR F 204 12.54 -10.82 -45.66
N LEU F 205 12.97 -12.02 -45.27
CA LEU F 205 12.07 -13.16 -45.25
C LEU F 205 10.89 -12.92 -44.32
N PHE F 206 11.15 -12.29 -43.17
CA PHE F 206 10.06 -11.99 -42.24
C PHE F 206 9.09 -10.99 -42.83
N VAL F 207 9.58 -9.99 -43.54
CA VAL F 207 8.67 -9.02 -44.17
C VAL F 207 7.82 -9.70 -45.22
N LEU F 208 8.43 -10.56 -46.05
CA LEU F 208 7.67 -11.30 -47.05
C LEU F 208 6.64 -12.21 -46.39
N GLU F 209 7.06 -12.90 -45.32
CA GLU F 209 6.14 -13.74 -44.56
C GLU F 209 5.00 -12.93 -43.99
N MET F 210 5.29 -11.74 -43.46
CA MET F 210 4.24 -10.91 -42.90
C MET F 210 3.26 -10.47 -43.98
N ALA F 211 3.76 -10.11 -45.17
CA ALA F 211 2.86 -9.72 -46.25
C ALA F 211 1.94 -10.88 -46.65
N LEU F 212 2.53 -12.05 -46.91
CA LEU F 212 1.75 -13.19 -47.37
C LEU F 212 0.77 -13.66 -46.30
N MET F 213 1.28 -13.86 -45.08
CA MET F 213 0.43 -14.28 -43.97
C MET F 213 -0.61 -13.22 -43.64
N GLY F 214 -0.33 -11.94 -43.88
CA GLY F 214 -1.36 -10.94 -43.70
C GLY F 214 -2.47 -11.09 -44.71
N PHE F 215 -2.11 -11.26 -45.98
CA PHE F 215 -3.13 -11.46 -47.01
C PHE F 215 -3.98 -12.69 -46.70
N ALA F 216 -3.41 -13.71 -46.08
CA ALA F 216 -4.20 -14.91 -45.75
C ALA F 216 -4.99 -14.72 -44.46
N GLU F 217 -4.32 -14.21 -43.43
CA GLU F 217 -4.87 -14.16 -42.08
C GLU F 217 -5.95 -13.11 -41.94
N HIS F 218 -5.78 -11.95 -42.60
CA HIS F 218 -6.82 -10.94 -42.58
C HIS F 218 -8.07 -11.43 -43.26
N ARG F 219 -7.93 -12.18 -44.36
CA ARG F 219 -9.09 -12.77 -45.02
C ARG F 219 -9.76 -13.81 -44.14
N ARG F 220 -8.97 -14.64 -43.45
CA ARG F 220 -9.54 -15.58 -42.51
C ARG F 220 -10.32 -14.86 -41.40
N ALA F 221 -9.74 -13.78 -40.88
CA ALA F 221 -10.42 -13.01 -39.83
C ALA F 221 -11.72 -12.41 -40.35
N GLN F 222 -11.70 -11.84 -41.56
CA GLN F 222 -12.89 -11.21 -42.09
C GLN F 222 -13.98 -12.23 -42.38
N ASP F 223 -13.59 -13.46 -42.70
CA ASP F 223 -14.59 -14.52 -42.83
C ASP F 223 -15.10 -14.98 -41.48
N TYR F 224 -14.27 -14.92 -40.43
CA TYR F 224 -14.76 -15.26 -39.10
C TYR F 224 -15.77 -14.24 -38.61
N TYR F 225 -15.43 -12.95 -38.73
CA TYR F 225 -16.30 -11.90 -38.21
C TYR F 225 -17.53 -11.71 -39.09
N LYS F 226 -17.35 -11.72 -40.41
CA LYS F 226 -18.43 -11.52 -41.37
C LYS F 226 -18.42 -12.69 -42.34
N PRO F 227 -19.09 -13.80 -42.00
CA PRO F 227 -19.01 -15.00 -42.85
C PRO F 227 -19.51 -14.73 -44.26
N GLY F 228 -18.83 -15.32 -45.23
CA GLY F 228 -19.20 -15.20 -46.63
C GLY F 228 -18.77 -13.91 -47.29
N SER F 229 -18.08 -13.03 -46.57
CA SER F 229 -17.68 -11.74 -47.12
C SER F 229 -16.48 -11.83 -48.05
N MET F 230 -15.77 -12.95 -48.05
CA MET F 230 -14.62 -13.13 -48.92
C MET F 230 -14.98 -13.72 -50.28
N GLY F 231 -16.26 -13.93 -50.55
CA GLY F 231 -16.69 -14.47 -51.82
C GLY F 231 -17.43 -13.47 -52.69
N LYS F 232 -17.35 -12.18 -52.34
CA LYS F 232 -18.04 -11.13 -53.08
C LYS F 232 -17.07 -10.23 -53.84
N GLN F 233 -16.12 -9.61 -53.16
CA GLN F 233 -15.21 -8.68 -53.83
C GLN F 233 -14.26 -9.43 -54.74
N TYR F 234 -13.90 -8.80 -55.85
CA TYR F 234 -13.01 -9.44 -56.81
C TYR F 234 -11.64 -9.67 -56.18
N PHE F 235 -11.15 -10.90 -56.33
CA PHE F 235 -9.82 -11.28 -55.84
C PHE F 235 -9.20 -12.19 -56.89
N LEU F 236 -8.50 -11.61 -57.86
CA LEU F 236 -7.85 -12.34 -58.94
C LEU F 236 -8.75 -13.42 -59.55
N GLY F 237 -10.06 -13.26 -59.43
CA GLY F 237 -11.00 -14.17 -60.03
C GLY F 237 -11.29 -15.44 -59.26
N LEU F 238 -10.50 -15.76 -58.23
CA LEU F 238 -10.73 -16.96 -57.43
C LEU F 238 -11.32 -16.66 -56.07
N GLU F 239 -12.03 -15.53 -55.94
CA GLU F 239 -12.74 -15.25 -54.70
C GLU F 239 -13.88 -16.22 -54.46
N LYS F 240 -14.36 -16.90 -55.51
CA LYS F 240 -15.45 -17.85 -55.35
C LYS F 240 -15.00 -19.13 -54.67
N PHE F 241 -13.72 -19.48 -54.77
CA PHE F 241 -13.22 -20.64 -54.04
C PHE F 241 -13.14 -20.35 -52.55
N LEU F 242 -12.80 -19.12 -52.19
CA LEU F 242 -12.60 -18.72 -50.79
C LEU F 242 -13.87 -18.15 -50.19
N GLY F 243 -14.98 -18.90 -50.28
CA GLY F 243 -16.24 -18.46 -49.72
C GLY F 243 -16.48 -19.00 -48.33
N GLY F 244 -16.00 -20.21 -48.08
CA GLY F 244 -16.16 -20.82 -46.77
C GLY F 244 -17.56 -21.37 -46.55
N SER F 245 -17.79 -21.80 -45.32
CA SER F 245 -19.10 -22.32 -44.92
C SER F 245 -19.58 -21.61 -43.65
N GLY F 246 -20.63 -22.12 -43.04
CA GLY F 246 -21.14 -21.51 -41.83
C GLY F 246 -20.14 -21.56 -40.68
N ASN F 247 -19.34 -22.61 -40.61
CA ASN F 247 -18.39 -22.78 -39.52
C ASN F 247 -17.04 -22.17 -39.92
N PRO F 248 -16.53 -21.17 -39.19
CA PRO F 248 -15.27 -20.55 -39.62
C PRO F 248 -14.09 -21.49 -39.65
N ALA F 249 -14.03 -22.47 -38.75
CA ALA F 249 -12.86 -23.34 -38.67
C ALA F 249 -12.80 -24.35 -39.80
N TYR F 250 -13.91 -24.56 -40.51
CA TYR F 250 -14.01 -25.60 -41.53
C TYR F 250 -14.61 -25.00 -42.80
N PRO F 251 -13.81 -24.28 -43.59
CA PRO F 251 -14.32 -23.73 -44.85
C PRO F 251 -14.79 -24.81 -45.81
N GLY F 252 -13.93 -25.78 -46.10
CA GLY F 252 -14.33 -26.90 -46.94
C GLY F 252 -14.69 -26.53 -48.35
N GLY F 253 -13.95 -25.60 -48.94
CA GLY F 253 -14.20 -25.21 -50.31
C GLY F 253 -13.50 -26.12 -51.29
N PRO F 254 -13.60 -25.77 -52.58
CA PRO F 254 -12.86 -26.53 -53.60
C PRO F 254 -11.35 -26.51 -53.38
N ILE F 255 -10.81 -25.49 -52.73
CA ILE F 255 -9.38 -25.46 -52.43
C ILE F 255 -9.08 -26.12 -51.10
N PHE F 256 -9.73 -25.64 -50.03
CA PHE F 256 -9.46 -26.15 -48.70
C PHE F 256 -9.92 -27.59 -48.53
N ASN F 257 -10.75 -28.09 -49.44
CA ASN F 257 -11.17 -29.50 -49.45
C ASN F 257 -11.26 -29.92 -50.91
N PHE F 258 -10.15 -30.44 -51.44
CA PHE F 258 -10.08 -30.83 -52.85
C PHE F 258 -10.02 -32.33 -53.07
N LEU F 259 -9.81 -33.12 -52.02
CA LEU F 259 -10.06 -34.55 -52.06
C LEU F 259 -11.47 -34.90 -51.58
N GLY F 260 -12.19 -33.95 -51.01
CA GLY F 260 -13.58 -34.16 -50.65
C GLY F 260 -13.81 -35.18 -49.56
N PHE F 261 -13.17 -35.02 -48.42
CA PHE F 261 -13.45 -35.87 -47.27
C PHE F 261 -14.75 -35.43 -46.60
N GLY F 262 -15.27 -36.31 -45.75
CA GLY F 262 -16.47 -35.99 -44.98
C GLY F 262 -17.71 -35.81 -45.82
N LYS F 263 -17.95 -36.70 -46.79
CA LYS F 263 -19.20 -36.65 -47.54
C LYS F 263 -20.40 -36.88 -46.62
N ASN F 264 -20.29 -37.84 -45.71
CA ASN F 264 -21.31 -38.09 -44.70
C ASN F 264 -20.93 -37.41 -43.39
N GLU F 265 -21.94 -37.18 -42.56
CA GLU F 265 -21.75 -36.41 -41.33
C GLU F 265 -21.04 -37.21 -40.24
N LYS F 266 -21.26 -38.53 -40.18
CA LYS F 266 -20.62 -39.32 -39.13
C LYS F 266 -19.11 -39.38 -39.33
N GLU F 267 -18.66 -39.70 -40.55
CA GLU F 267 -17.23 -39.71 -40.81
C GLU F 267 -16.64 -38.32 -40.67
N LEU F 268 -17.40 -37.31 -41.08
CA LEU F 268 -16.95 -35.92 -40.94
C LEU F 268 -16.69 -35.58 -39.48
N GLN F 269 -17.63 -35.94 -38.59
CA GLN F 269 -17.46 -35.62 -37.17
C GLN F 269 -16.32 -36.43 -36.56
N GLU F 270 -16.20 -37.71 -36.92
CA GLU F 270 -15.09 -38.50 -36.40
C GLU F 270 -13.75 -37.92 -36.85
N LEU F 271 -13.69 -37.46 -38.09
CA LEU F 271 -12.47 -36.86 -38.61
C LEU F 271 -12.17 -35.55 -37.90
N LYS F 272 -13.21 -34.78 -37.55
CA LYS F 272 -13.01 -33.59 -36.72
C LYS F 272 -12.39 -33.96 -35.39
N VAL F 273 -12.91 -34.99 -34.73
CA VAL F 273 -12.38 -35.38 -33.43
C VAL F 273 -10.92 -35.81 -33.56
N LYS F 274 -10.61 -36.56 -34.62
CA LYS F 274 -9.23 -36.98 -34.85
C LYS F 274 -8.33 -35.76 -35.06
N GLU F 275 -8.80 -34.78 -35.81
CA GLU F 275 -8.02 -33.56 -36.03
C GLU F 275 -7.75 -32.86 -34.71
N VAL F 276 -8.77 -32.71 -33.87
CA VAL F 276 -8.59 -32.02 -32.60
C VAL F 276 -7.60 -32.76 -31.71
N LYS F 277 -7.69 -34.09 -31.66
CA LYS F 277 -6.77 -34.85 -30.83
C LYS F 277 -5.34 -34.72 -31.33
N ASN F 278 -5.12 -34.90 -32.64
CA ASN F 278 -3.76 -34.77 -33.16
C ASN F 278 -3.24 -33.36 -32.95
N GLY F 279 -4.11 -32.35 -33.02
CA GLY F 279 -3.67 -30.99 -32.80
C GLY F 279 -3.25 -30.73 -31.36
N ARG F 280 -4.03 -31.23 -30.40
CA ARG F 280 -3.63 -31.11 -29.01
C ARG F 280 -2.30 -31.80 -28.76
N LEU F 281 -2.13 -33.00 -29.33
CA LEU F 281 -0.87 -33.71 -29.17
C LEU F 281 0.29 -32.91 -29.76
N ALA F 282 0.09 -32.31 -30.94
CA ALA F 282 1.15 -31.53 -31.57
C ALA F 282 1.48 -30.28 -30.77
N MET F 283 0.47 -29.66 -30.17
CA MET F 283 0.72 -28.49 -29.32
C MET F 283 1.58 -28.86 -28.13
N MET F 284 1.21 -29.95 -27.44
CA MET F 284 2.03 -30.41 -26.32
C MET F 284 3.42 -30.79 -26.79
N ALA F 285 3.53 -31.35 -28.00
CA ALA F 285 4.82 -31.73 -28.56
C ALA F 285 5.69 -30.51 -28.82
N VAL F 286 5.11 -29.42 -29.31
CA VAL F 286 5.90 -28.21 -29.54
C VAL F 286 6.34 -27.59 -28.22
N LEU F 287 5.48 -27.64 -27.20
CA LEU F 287 5.92 -27.19 -25.88
C LEU F 287 7.09 -28.03 -25.39
N GLY F 288 7.02 -29.35 -25.60
CA GLY F 288 8.15 -30.21 -25.28
C GLY F 288 9.40 -29.86 -26.07
N TYR F 289 9.23 -29.56 -27.37
CA TYR F 289 10.36 -29.13 -28.18
C TYR F 289 11.05 -27.93 -27.56
N PHE F 290 10.26 -26.93 -27.17
CA PHE F 290 10.84 -25.71 -26.60
C PHE F 290 11.60 -26.01 -25.32
N THR F 291 10.93 -26.69 -24.38
CA THR F 291 11.57 -26.92 -23.08
C THR F 291 12.80 -27.81 -23.22
N GLN F 292 12.74 -28.81 -24.09
CA GLN F 292 13.90 -29.68 -24.31
C GLN F 292 15.01 -28.94 -25.04
N ALA F 293 14.67 -28.00 -25.92
CA ALA F 293 15.70 -27.20 -26.57
C ALA F 293 16.47 -26.40 -25.54
N ILE F 294 15.75 -25.81 -24.58
CA ILE F 294 16.45 -25.05 -23.54
C ILE F 294 17.27 -25.98 -22.64
N PHE F 295 16.67 -27.09 -22.20
CA PHE F 295 17.30 -27.91 -21.16
C PHE F 295 18.35 -28.87 -21.70
N THR F 296 18.35 -29.18 -22.99
CA THR F 296 19.26 -30.16 -23.57
C THR F 296 20.26 -29.58 -24.54
N GLY F 297 19.86 -28.63 -25.38
CA GLY F 297 20.75 -28.06 -26.37
C GLY F 297 20.85 -28.84 -27.67
N VAL F 298 20.08 -29.91 -27.83
CA VAL F 298 20.08 -30.71 -29.04
C VAL F 298 18.64 -30.84 -29.54
N GLY F 299 18.50 -31.39 -30.75
CA GLY F 299 17.21 -31.49 -31.39
C GLY F 299 16.32 -32.54 -30.76
N PRO F 300 15.01 -32.48 -31.05
CA PRO F 300 14.09 -33.46 -30.44
C PRO F 300 14.41 -34.89 -30.82
N PHE F 301 14.84 -35.13 -32.06
CA PHE F 301 15.18 -36.49 -32.47
C PHE F 301 16.41 -36.99 -31.72
N GLN F 302 17.37 -36.09 -31.47
CA GLN F 302 18.53 -36.46 -30.67
C GLN F 302 18.11 -36.86 -29.26
N ASN F 303 17.17 -36.12 -28.67
CA ASN F 303 16.68 -36.48 -27.34
C ASN F 303 15.99 -37.84 -27.37
N LEU F 304 15.18 -38.08 -28.41
CA LEU F 304 14.50 -39.37 -28.52
C LEU F 304 15.50 -40.51 -28.62
N LEU F 305 16.55 -40.34 -29.43
CA LEU F 305 17.53 -41.40 -29.59
C LEU F 305 18.36 -41.58 -28.33
N ASP F 306 18.66 -40.49 -27.62
CA ASP F 306 19.38 -40.61 -26.35
C ASP F 306 18.55 -41.40 -25.34
N HIS F 307 17.26 -41.11 -25.27
CA HIS F 307 16.39 -41.86 -24.36
C HIS F 307 16.26 -43.31 -24.78
N LEU F 308 16.16 -43.57 -26.08
CA LEU F 308 16.04 -44.94 -26.57
C LEU F 308 17.33 -45.73 -26.36
N ALA F 309 18.47 -45.04 -26.26
CA ALA F 309 19.74 -45.74 -26.07
C ALA F 309 19.88 -46.21 -24.63
N ASP F 310 19.85 -45.29 -23.66
CA ASP F 310 19.97 -45.60 -22.24
C ASP F 310 18.85 -44.88 -21.52
N PRO F 311 17.66 -45.47 -21.45
CA PRO F 311 16.51 -44.73 -20.90
C PRO F 311 16.69 -44.26 -19.48
N VAL F 312 17.38 -45.02 -18.64
CA VAL F 312 17.44 -44.69 -17.21
C VAL F 312 18.49 -43.64 -16.89
N HIS F 313 19.48 -43.44 -17.76
CA HIS F 313 20.50 -42.42 -17.56
C HIS F 313 20.34 -41.25 -18.53
N ASN F 314 19.31 -41.24 -19.35
CA ASN F 314 19.02 -40.14 -20.28
C ASN F 314 17.54 -39.80 -20.13
N ASN F 315 17.25 -38.88 -19.22
CA ASN F 315 15.88 -38.43 -18.98
C ASN F 315 15.94 -37.04 -18.37
N VAL F 316 14.79 -36.53 -17.94
CA VAL F 316 14.73 -35.19 -17.36
C VAL F 316 15.54 -35.13 -16.07
N LEU F 317 15.50 -36.20 -15.27
CA LEU F 317 16.21 -36.18 -13.99
C LEU F 317 17.71 -36.08 -14.18
N THR F 318 18.26 -36.84 -15.14
CA THR F 318 19.69 -36.81 -15.39
C THR F 318 20.11 -35.63 -16.24
N ASN F 319 19.19 -34.99 -16.93
CA ASN F 319 19.53 -34.04 -17.99
C ASN F 319 19.05 -32.62 -17.68
N LEU F 320 18.71 -32.32 -16.43
CA LEU F 320 18.50 -30.93 -16.04
C LEU F 320 19.81 -30.28 -15.58
N LYS F 321 20.94 -30.89 -15.91
CA LYS F 321 22.24 -30.26 -15.80
C LYS F 321 22.55 -29.42 -17.04
N ILE F 322 21.56 -29.24 -17.91
CA ILE F 322 21.62 -28.37 -19.09
C ILE F 322 22.55 -28.99 -20.14
N HIS F 323 23.85 -29.03 -19.87
CA HIS F 323 24.78 -29.50 -20.88
C HIS F 323 25.16 -30.96 -20.70
N ASP G 64 -23.25 44.11 -62.19
CA ASP G 64 -22.64 44.80 -61.02
C ASP G 64 -21.18 45.17 -61.32
N ARG G 65 -20.68 46.19 -60.64
CA ARG G 65 -19.35 46.68 -60.92
C ARG G 65 -18.30 45.65 -60.46
N PRO G 66 -17.12 45.64 -61.08
CA PRO G 66 -16.05 44.76 -60.61
C PRO G 66 -15.63 45.11 -59.20
N LEU G 67 -15.22 44.09 -58.45
CA LEU G 67 -14.81 44.23 -57.06
C LEU G 67 -13.33 43.94 -56.91
N TRP G 68 -12.78 44.30 -55.75
CA TRP G 68 -11.38 44.06 -55.48
C TRP G 68 -11.08 42.56 -55.37
N LEU G 69 -12.02 41.79 -54.86
CA LEU G 69 -11.87 40.34 -54.74
C LEU G 69 -12.97 39.65 -55.54
N PRO G 70 -12.67 39.02 -56.67
CA PRO G 70 -13.72 38.33 -57.42
C PRO G 70 -14.35 37.22 -56.58
N GLY G 71 -15.68 37.13 -56.67
CA GLY G 71 -16.42 36.17 -55.88
C GLY G 71 -16.79 36.63 -54.49
N SER G 72 -16.32 37.80 -54.07
CA SER G 72 -16.62 38.31 -52.74
C SER G 72 -17.81 39.26 -52.80
N GLU G 73 -18.44 39.44 -51.63
CA GLU G 73 -19.61 40.30 -51.50
C GLU G 73 -19.18 41.67 -51.03
N ALA G 74 -19.63 42.71 -51.73
CA ALA G 74 -19.29 44.07 -51.34
C ALA G 74 -19.98 44.42 -50.02
N PRO G 75 -19.37 45.29 -49.21
CA PRO G 75 -20.03 45.70 -47.97
C PRO G 75 -21.33 46.44 -48.24
N LYS G 76 -22.26 46.30 -47.29
CA LYS G 76 -23.57 46.91 -47.45
C LYS G 76 -23.47 48.43 -47.55
N TRP G 77 -22.47 49.02 -46.91
CA TRP G 77 -22.34 50.48 -46.91
C TRP G 77 -21.58 51.03 -48.10
N LEU G 78 -21.05 50.17 -48.98
CA LEU G 78 -20.51 50.60 -50.27
C LEU G 78 -21.57 50.32 -51.32
N ASP G 79 -22.43 51.30 -51.56
CA ASP G 79 -23.55 51.11 -52.48
C ASP G 79 -23.10 50.99 -53.93
N GLY G 80 -21.92 51.49 -54.27
CA GLY G 80 -21.39 51.42 -55.62
C GLY G 80 -21.57 52.69 -56.42
N SER G 81 -22.47 53.58 -56.01
CA SER G 81 -22.65 54.85 -56.70
C SER G 81 -21.53 55.83 -56.41
N LEU G 82 -20.77 55.59 -55.35
CA LEU G 82 -19.67 56.48 -54.99
C LEU G 82 -18.51 56.27 -55.97
N PRO G 83 -17.90 57.35 -56.47
CA PRO G 83 -16.81 57.17 -57.44
C PRO G 83 -15.62 56.42 -56.84
N GLY G 84 -15.01 55.57 -57.65
CA GLY G 84 -13.90 54.77 -57.20
C GLY G 84 -14.29 53.58 -56.35
N ASP G 85 -15.56 53.20 -56.33
CA ASP G 85 -16.01 52.12 -55.48
C ASP G 85 -15.62 50.76 -56.06
N TYR G 86 -15.03 49.92 -55.22
CA TYR G 86 -14.66 48.57 -55.62
C TYR G 86 -15.00 47.55 -54.54
N GLY G 87 -15.78 47.92 -53.54
CA GLY G 87 -16.13 47.00 -52.47
C GLY G 87 -15.02 46.75 -51.47
N PHE G 88 -13.95 47.54 -51.50
CA PHE G 88 -12.77 47.30 -50.66
C PHE G 88 -12.99 47.97 -49.31
N ASP G 89 -13.39 47.18 -48.32
CA ASP G 89 -13.48 47.63 -46.94
C ASP G 89 -13.47 46.41 -46.04
N PRO G 90 -12.43 45.57 -46.11
CA PRO G 90 -12.45 44.32 -45.34
C PRO G 90 -12.29 44.53 -43.84
N LEU G 91 -11.78 45.67 -43.40
CA LEU G 91 -11.63 45.96 -41.98
C LEU G 91 -12.77 46.80 -41.43
N ASP G 92 -13.77 47.11 -42.25
CA ASP G 92 -15.00 47.77 -41.79
C ASP G 92 -14.70 49.11 -41.13
N LEU G 93 -13.94 49.95 -41.84
CA LEU G 93 -13.58 51.26 -41.32
C LEU G 93 -14.64 52.32 -41.58
N ALA G 94 -15.59 52.05 -42.47
CA ALA G 94 -16.65 53.00 -42.80
C ALA G 94 -18.03 52.40 -42.56
N ALA G 95 -18.13 51.39 -41.70
CA ALA G 95 -19.41 50.74 -41.45
C ALA G 95 -20.38 51.68 -40.74
N GLU G 96 -19.89 52.47 -39.80
CA GLU G 96 -20.77 53.29 -38.99
C GLU G 96 -21.37 54.40 -39.85
N PRO G 97 -22.70 54.54 -39.89
CA PRO G 97 -23.30 55.55 -40.78
C PRO G 97 -22.84 56.96 -40.43
N GLY G 98 -22.62 57.76 -41.47
CA GLY G 98 -22.10 59.10 -41.31
C GLY G 98 -20.58 59.17 -41.24
N ARG G 99 -19.90 58.04 -41.15
CA ARG G 99 -18.44 58.00 -41.13
C ARG G 99 -17.85 57.86 -42.53
N LEU G 100 -18.65 57.42 -43.51
CA LEU G 100 -18.13 57.21 -44.85
C LEU G 100 -17.81 58.53 -45.54
N ASN G 101 -18.61 59.58 -45.30
CA ASN G 101 -18.37 60.85 -45.96
C ASN G 101 -17.05 61.47 -45.51
N TRP G 102 -16.75 61.39 -44.21
CA TRP G 102 -15.48 61.89 -43.70
C TRP G 102 -14.31 61.14 -44.34
N MET G 103 -14.44 59.82 -44.46
CA MET G 103 -13.39 59.04 -45.10
C MET G 103 -13.25 59.40 -46.56
N VAL G 104 -14.36 59.68 -47.25
CA VAL G 104 -14.29 60.10 -48.64
C VAL G 104 -13.52 61.40 -48.77
N GLN G 105 -13.81 62.37 -47.89
CA GLN G 105 -13.07 63.63 -47.92
C GLN G 105 -11.60 63.41 -47.62
N ALA G 106 -11.30 62.56 -46.63
CA ALA G 106 -9.90 62.30 -46.29
C ALA G 106 -9.16 61.66 -47.46
N GLU G 107 -9.80 60.70 -48.13
CA GLU G 107 -9.17 60.06 -49.28
C GLU G 107 -9.00 61.04 -50.42
N LEU G 108 -9.98 61.94 -50.63
CA LEU G 108 -9.83 62.94 -51.67
C LEU G 108 -8.62 63.82 -51.43
N VAL G 109 -8.48 64.33 -50.20
CA VAL G 109 -7.37 65.24 -49.92
C VAL G 109 -6.04 64.48 -49.95
N HIS G 110 -6.01 63.26 -49.42
CA HIS G 110 -4.79 62.46 -49.51
C HIS G 110 -4.42 62.20 -50.95
N CYS G 111 -5.40 61.92 -51.81
CA CYS G 111 -5.14 61.73 -53.23
C CYS G 111 -4.57 62.99 -53.85
N ARG G 112 -5.17 64.14 -53.54
CA ARG G 112 -4.70 65.40 -54.13
C ARG G 112 -3.26 65.67 -53.73
N TRP G 113 -2.97 65.60 -52.42
CA TRP G 113 -1.62 65.86 -51.95
C TRP G 113 -0.63 64.83 -52.48
N ALA G 114 -1.06 63.57 -52.61
CA ALA G 114 -0.15 62.54 -53.09
C ALA G 114 0.15 62.72 -54.57
N MET G 115 -0.85 63.11 -55.35
CA MET G 115 -0.59 63.38 -56.76
C MET G 115 0.35 64.57 -56.92
N LEU G 116 0.13 65.63 -56.15
CA LEU G 116 1.07 66.76 -56.17
C LEU G 116 2.46 66.30 -55.75
N GLY G 117 2.54 65.47 -54.72
CA GLY G 117 3.83 65.01 -54.24
C GLY G 117 4.55 64.16 -55.26
N ALA G 118 3.83 63.27 -55.93
CA ALA G 118 4.46 62.43 -56.95
C ALA G 118 4.92 63.26 -58.13
N ALA G 119 4.10 64.21 -58.56
CA ALA G 119 4.51 65.08 -59.66
C ALA G 119 5.71 65.95 -59.27
N GLY G 120 5.85 66.25 -57.97
CA GLY G 120 6.99 67.02 -57.51
C GLY G 120 8.20 66.21 -57.10
N ILE G 121 8.07 64.89 -57.01
CA ILE G 121 9.19 64.02 -56.66
C ILE G 121 9.76 63.31 -57.88
N PHE G 122 8.90 62.83 -58.78
CA PHE G 122 9.36 62.02 -59.90
C PHE G 122 9.71 62.86 -61.12
N ILE G 123 8.85 63.81 -61.48
CA ILE G 123 9.11 64.62 -62.68
C ILE G 123 10.37 65.44 -62.53
N PRO G 124 10.59 66.17 -61.43
CA PRO G 124 11.87 66.92 -61.31
C PRO G 124 13.09 66.04 -61.33
N GLU G 125 13.05 64.88 -60.66
CA GLU G 125 14.20 63.99 -60.67
C GLU G 125 14.39 63.34 -62.04
N LEU G 126 13.30 63.02 -62.72
CA LEU G 126 13.41 62.50 -64.08
C LEU G 126 14.05 63.53 -65.00
N LEU G 127 13.63 64.79 -64.89
CA LEU G 127 14.22 65.84 -65.72
C LEU G 127 15.69 66.04 -65.37
N THR G 128 16.03 65.98 -64.08
CA THR G 128 17.43 66.10 -63.68
C THR G 128 18.26 64.97 -64.28
N LYS G 129 17.74 63.74 -64.25
CA LYS G 129 18.45 62.63 -64.87
C LYS G 129 18.60 62.86 -66.37
N ILE G 130 17.57 63.38 -67.02
CA ILE G 130 17.67 63.72 -68.44
C ILE G 130 18.73 64.78 -68.64
N GLY G 131 18.73 65.82 -67.80
CA GLY G 131 19.74 66.85 -67.88
C GLY G 131 19.18 68.26 -67.73
N ILE G 132 17.96 68.47 -68.18
CA ILE G 132 17.33 69.78 -68.12
C ILE G 132 16.69 69.96 -66.75
N LEU G 133 16.78 71.17 -66.22
CA LEU G 133 16.18 71.51 -64.93
C LEU G 133 16.75 70.61 -63.82
N ASN G 134 18.05 70.81 -63.56
CA ASN G 134 18.73 70.04 -62.53
C ASN G 134 18.33 70.58 -61.15
N THR G 135 17.86 69.67 -60.29
CA THR G 135 17.45 70.04 -58.94
C THR G 135 18.00 69.04 -57.94
N PRO G 136 18.19 69.45 -56.68
CA PRO G 136 18.61 68.51 -55.65
C PRO G 136 17.55 67.44 -55.41
N SER G 137 17.99 66.34 -54.82
CA SER G 137 17.07 65.23 -54.56
C SER G 137 15.99 65.67 -53.57
N TRP G 138 14.84 65.01 -53.67
CA TRP G 138 13.68 65.44 -52.89
C TRP G 138 13.91 65.28 -51.39
N TYR G 139 14.60 64.22 -50.97
CA TYR G 139 14.88 64.05 -49.55
C TYR G 139 15.97 64.99 -49.05
N LYS G 140 16.85 65.47 -49.94
CA LYS G 140 17.83 66.48 -49.60
C LYS G 140 17.38 67.88 -49.95
N ALA G 141 16.15 68.05 -50.43
CA ALA G 141 15.67 69.38 -50.79
C ALA G 141 15.39 70.24 -49.55
N GLY G 142 15.07 69.60 -48.42
CA GLY G 142 14.80 70.37 -47.22
C GLY G 142 16.03 71.11 -46.72
N ASP G 143 17.18 70.46 -46.74
CA ASP G 143 18.44 71.07 -46.28
C ASP G 143 19.09 71.83 -47.45
N ALA G 144 18.44 72.93 -47.82
CA ALA G 144 18.93 73.79 -48.89
C ALA G 144 18.70 75.24 -48.50
N THR G 145 19.53 76.12 -49.05
CA THR G 145 19.41 77.54 -48.79
C THR G 145 18.29 78.14 -49.62
N TYR G 146 17.50 79.02 -49.00
CA TYR G 146 16.38 79.67 -49.64
C TYR G 146 16.44 81.16 -49.29
N PHE G 147 15.47 81.93 -49.78
CA PHE G 147 15.40 83.33 -49.40
C PHE G 147 14.83 83.52 -48.00
N ALA G 148 14.29 82.46 -47.40
CA ALA G 148 13.69 82.52 -46.09
C ALA G 148 14.11 81.31 -45.26
N ASP G 149 14.05 81.47 -43.94
CA ASP G 149 14.38 80.38 -43.04
C ASP G 149 13.35 79.27 -43.15
N GLN G 150 13.83 78.03 -42.99
CA GLN G 150 12.93 76.88 -43.09
C GLN G 150 11.87 76.90 -41.99
N GLY G 151 12.24 77.26 -40.77
CA GLY G 151 11.26 77.33 -39.69
C GLY G 151 10.22 78.42 -39.90
N THR G 152 10.67 79.61 -40.30
CA THR G 152 9.73 80.68 -40.59
C THR G 152 8.80 80.28 -41.74
N LEU G 153 9.36 79.67 -42.77
CA LEU G 153 8.53 79.17 -43.87
C LEU G 153 7.52 78.16 -43.36
N PHE G 154 7.94 77.29 -42.43
CA PHE G 154 7.02 76.29 -41.89
C PHE G 154 5.87 76.96 -41.14
N ILE G 155 6.16 78.02 -40.38
CA ILE G 155 5.09 78.66 -39.62
C ILE G 155 4.13 79.41 -40.54
N VAL G 156 4.65 80.11 -41.55
CA VAL G 156 3.76 80.76 -42.51
C VAL G 156 2.92 79.71 -43.22
N GLU G 157 3.54 78.57 -43.55
CA GLU G 157 2.82 77.48 -44.18
C GLU G 157 1.70 76.97 -43.27
N LEU G 158 2.00 76.81 -41.98
CA LEU G 158 1.01 76.31 -41.05
C LEU G 158 -0.16 77.28 -40.92
N LEU G 159 0.12 78.58 -40.89
CA LEU G 159 -0.95 79.56 -40.77
C LEU G 159 -1.83 79.60 -42.02
N LEU G 160 -1.20 79.65 -43.19
CA LEU G 160 -1.98 79.70 -44.43
C LEU G 160 -2.80 78.42 -44.62
N MET G 161 -2.18 77.27 -44.36
CA MET G 161 -2.92 76.02 -44.43
C MET G 161 -3.98 75.94 -43.34
N ALA G 162 -3.77 76.60 -42.21
CA ALA G 162 -4.81 76.66 -41.19
C ALA G 162 -6.03 77.39 -41.73
N TRP G 163 -5.83 78.53 -42.40
CA TRP G 163 -6.96 79.22 -43.01
C TRP G 163 -7.65 78.32 -44.03
N ALA G 164 -6.88 77.76 -44.97
CA ALA G 164 -7.48 76.98 -46.05
C ALA G 164 -8.21 75.77 -45.50
N GLU G 165 -7.59 75.03 -44.59
CA GLU G 165 -8.17 73.82 -44.06
C GLU G 165 -9.29 74.10 -43.06
N SER G 166 -9.30 75.26 -42.42
CA SER G 166 -10.45 75.63 -41.61
C SER G 166 -11.66 75.92 -42.48
N ARG G 167 -11.45 76.57 -43.63
CA ARG G 167 -12.57 76.75 -44.55
C ARG G 167 -13.05 75.40 -45.07
N ARG G 168 -12.11 74.51 -45.41
CA ARG G 168 -12.50 73.17 -45.85
C ARG G 168 -13.23 72.41 -44.75
N TRP G 169 -12.79 72.55 -43.50
CA TRP G 169 -13.45 71.89 -42.38
C TRP G 169 -14.86 72.41 -42.19
N ALA G 170 -15.04 73.73 -42.31
CA ALA G 170 -16.38 74.30 -42.20
C ALA G 170 -17.27 73.78 -43.31
N ASP G 171 -16.74 73.64 -44.51
CA ASP G 171 -17.51 73.07 -45.61
C ASP G 171 -17.90 71.62 -45.31
N ILE G 172 -16.96 70.84 -44.78
CA ILE G 172 -17.23 69.43 -44.51
C ILE G 172 -18.28 69.29 -43.41
N ALA G 173 -18.14 70.06 -42.33
CA ALA G 173 -19.05 69.92 -41.20
C ALA G 173 -20.47 70.31 -41.56
N ARG G 174 -20.64 71.23 -42.51
CA ARG G 174 -21.96 71.63 -42.96
C ARG G 174 -21.88 72.11 -44.40
N PRO G 175 -22.39 71.34 -45.37
CA PRO G 175 -22.28 71.77 -46.77
C PRO G 175 -23.07 73.04 -47.03
N GLY G 176 -22.56 73.85 -47.96
CA GLY G 176 -23.24 75.05 -48.39
C GLY G 176 -23.25 76.18 -47.37
N SER G 177 -22.08 76.46 -46.78
CA SER G 177 -21.97 77.54 -45.80
C SER G 177 -20.77 78.45 -46.01
N VAL G 178 -19.72 78.01 -46.72
CA VAL G 178 -18.50 78.79 -46.85
C VAL G 178 -18.18 79.02 -48.33
N ASN G 179 -19.21 79.12 -49.17
CA ASN G 179 -19.03 79.30 -50.60
C ASN G 179 -18.92 80.76 -51.02
N THR G 180 -19.01 81.70 -50.08
CA THR G 180 -18.97 83.12 -50.39
C THR G 180 -17.68 83.74 -49.85
N ASP G 181 -17.11 84.66 -50.62
CA ASP G 181 -15.93 85.39 -50.18
C ASP G 181 -16.28 86.22 -48.96
N PRO G 182 -15.46 86.18 -47.88
CA PRO G 182 -15.77 87.03 -46.72
C PRO G 182 -15.66 88.52 -47.03
N ILE G 183 -14.56 88.92 -47.67
CA ILE G 183 -14.31 90.35 -47.90
C ILE G 183 -15.27 90.91 -48.92
N PHE G 184 -15.50 90.19 -50.02
CA PHE G 184 -16.36 90.66 -51.11
C PHE G 184 -17.59 89.78 -51.22
N PRO G 185 -18.75 90.20 -50.72
CA PRO G 185 -19.92 89.31 -50.73
C PRO G 185 -20.37 88.90 -52.11
N ASN G 186 -20.06 89.68 -53.15
CA ASN G 186 -20.58 89.37 -54.48
C ASN G 186 -20.03 88.05 -54.99
N ASN G 187 -18.75 87.77 -54.75
CA ASN G 187 -18.16 86.53 -55.21
C ASN G 187 -18.77 85.35 -54.49
N LYS G 188 -19.10 84.30 -55.26
CA LYS G 188 -19.75 83.11 -54.71
C LYS G 188 -19.13 81.89 -55.40
N LEU G 189 -18.16 81.27 -54.73
CA LEU G 189 -17.51 80.04 -55.21
C LEU G 189 -18.38 78.87 -54.79
N THR G 190 -19.37 78.55 -55.63
CA THR G 190 -20.39 77.56 -55.30
C THR G 190 -20.08 76.23 -55.97
N GLY G 191 -20.19 75.16 -55.20
CA GLY G 191 -20.01 73.82 -55.73
C GLY G 191 -21.11 72.90 -55.25
N THR G 192 -21.51 72.00 -56.14
CA THR G 192 -22.67 71.15 -55.85
C THR G 192 -22.35 70.13 -54.75
N ASP G 193 -21.17 69.53 -54.79
CA ASP G 193 -20.83 68.41 -53.92
C ASP G 193 -19.63 68.77 -53.05
N VAL G 194 -19.57 68.14 -51.88
CA VAL G 194 -18.49 68.37 -50.93
C VAL G 194 -17.24 67.66 -51.44
N GLY G 195 -16.12 68.39 -51.47
CA GLY G 195 -14.86 67.89 -51.96
C GLY G 195 -14.46 68.47 -53.30
N TYR G 196 -15.39 69.10 -54.02
CA TYR G 196 -15.12 69.72 -55.32
C TYR G 196 -15.65 71.14 -55.28
N PRO G 197 -14.87 72.07 -54.74
CA PRO G 197 -15.32 73.49 -54.63
C PRO G 197 -15.30 74.21 -55.98
N GLY G 198 -16.37 74.04 -56.75
CA GLY G 198 -16.45 74.67 -58.03
C GLY G 198 -16.53 76.19 -57.93
N GLY G 199 -16.12 76.84 -59.01
CA GLY G 199 -16.09 78.28 -59.06
C GLY G 199 -14.92 78.75 -59.91
N LEU G 200 -14.69 80.05 -59.89
CA LEU G 200 -13.61 80.61 -60.69
C LEU G 200 -12.27 80.05 -60.23
N TRP G 201 -12.08 79.90 -58.93
CA TRP G 201 -10.93 79.18 -58.38
C TRP G 201 -11.25 77.69 -58.31
N PHE G 202 -10.22 76.87 -58.49
CA PHE G 202 -10.26 75.42 -58.42
C PHE G 202 -10.98 74.79 -59.61
N ASP G 203 -11.60 75.59 -60.48
CA ASP G 203 -12.24 75.08 -61.68
C ASP G 203 -12.45 76.22 -62.67
N PRO G 204 -11.40 76.75 -63.29
CA PRO G 204 -11.59 77.88 -64.21
C PRO G 204 -12.02 77.43 -65.60
N LEU G 205 -11.60 76.23 -66.02
CA LEU G 205 -11.95 75.75 -67.35
C LEU G 205 -13.40 75.28 -67.43
N GLY G 206 -14.05 75.03 -66.30
CA GLY G 206 -15.42 74.55 -66.32
C GLY G 206 -15.56 73.10 -66.70
N TRP G 207 -14.50 72.31 -66.55
CA TRP G 207 -14.52 70.91 -66.95
C TRP G 207 -15.30 70.03 -65.99
N GLY G 208 -15.74 70.56 -64.85
CA GLY G 208 -16.58 69.82 -63.92
C GLY G 208 -17.83 70.60 -63.58
N SER G 209 -18.10 70.77 -62.29
CA SER G 209 -19.22 71.60 -61.83
C SER G 209 -20.54 71.17 -62.45
N GLY G 210 -20.76 69.85 -62.50
CA GLY G 210 -22.03 69.33 -62.99
C GLY G 210 -22.29 69.59 -64.46
N SER G 211 -21.28 69.39 -65.31
CA SER G 211 -21.50 69.53 -66.75
C SER G 211 -22.52 68.51 -67.24
N GLU G 212 -22.42 67.27 -66.76
CA GLU G 212 -23.39 66.22 -67.05
C GLU G 212 -23.75 65.50 -65.77
N ASP G 213 -25.01 65.09 -65.66
CA ASP G 213 -25.47 64.41 -64.46
C ASP G 213 -24.70 63.10 -64.28
N LYS G 214 -24.47 62.74 -63.02
CA LYS G 214 -23.71 61.55 -62.68
C LYS G 214 -22.30 61.62 -63.27
N LEU G 215 -21.53 62.60 -62.79
CA LEU G 215 -20.18 62.80 -63.28
C LEU G 215 -19.41 61.48 -63.30
N LYS G 216 -19.20 60.87 -62.13
CA LYS G 216 -18.58 59.55 -62.08
C LYS G 216 -17.28 59.62 -62.87
N GLU G 217 -17.27 59.02 -64.07
CA GLU G 217 -16.05 58.73 -64.83
C GLU G 217 -14.87 59.65 -64.55
N ILE G 218 -15.03 60.97 -64.63
CA ILE G 218 -13.89 61.85 -64.35
C ILE G 218 -13.50 61.77 -62.87
N ARG G 219 -14.49 61.72 -61.99
CA ARG G 219 -14.21 61.56 -60.57
C ARG G 219 -13.51 60.23 -60.32
N THR G 220 -13.94 59.18 -61.01
CA THR G 220 -13.26 57.89 -60.92
C THR G 220 -11.82 58.00 -61.39
N LYS G 221 -11.59 58.71 -62.50
CA LYS G 221 -10.23 58.92 -62.97
C LYS G 221 -9.37 59.55 -61.88
N GLU G 222 -9.87 60.61 -61.27
CA GLU G 222 -9.06 61.32 -60.28
C GLU G 222 -8.81 60.46 -59.04
N VAL G 223 -9.83 59.75 -58.56
CA VAL G 223 -9.62 58.91 -57.38
C VAL G 223 -8.62 57.80 -57.68
N LYS G 224 -8.69 57.22 -58.88
CA LYS G 224 -7.77 56.13 -59.21
C LYS G 224 -6.34 56.62 -59.36
N ASN G 225 -6.14 57.72 -60.10
CA ASN G 225 -4.80 58.27 -60.22
C ASN G 225 -4.25 58.71 -58.86
N GLY G 226 -5.13 59.20 -57.97
CA GLY G 226 -4.68 59.57 -56.64
C GLY G 226 -4.28 58.38 -55.79
N ARG G 227 -5.02 57.27 -55.91
CA ARG G 227 -4.63 56.06 -55.19
C ARG G 227 -3.27 55.57 -55.67
N LEU G 228 -3.07 55.58 -57.00
CA LEU G 228 -1.77 55.22 -57.54
C LEU G 228 -0.70 56.15 -57.04
N ALA G 229 -1.00 57.46 -56.96
CA ALA G 229 -0.03 58.42 -56.48
C ALA G 229 0.32 58.19 -55.02
N MET G 230 -0.67 57.84 -54.19
CA MET G 230 -0.37 57.56 -52.79
C MET G 230 0.58 56.37 -52.66
N LEU G 231 0.27 55.28 -53.35
CA LEU G 231 1.16 54.13 -53.27
C LEU G 231 2.55 54.46 -53.80
N ALA G 232 2.61 55.24 -54.90
CA ALA G 232 3.90 55.61 -55.46
C ALA G 232 4.71 56.45 -54.50
N VAL G 233 4.07 57.41 -53.82
CA VAL G 233 4.82 58.27 -52.91
C VAL G 233 5.29 57.47 -51.69
N LEU G 234 4.45 56.57 -51.19
CA LEU G 234 4.91 55.72 -50.09
C LEU G 234 6.07 54.85 -50.52
N GLY G 235 6.03 54.33 -51.74
CA GLY G 235 7.15 53.54 -52.24
C GLY G 235 8.41 54.35 -52.36
N ALA G 236 8.30 55.58 -52.88
CA ALA G 236 9.46 56.46 -52.95
C ALA G 236 10.02 56.71 -51.57
N PHE G 237 9.16 56.99 -50.59
CA PHE G 237 9.60 57.23 -49.23
C PHE G 237 10.39 56.04 -48.71
N VAL G 238 9.81 54.85 -48.78
CA VAL G 238 10.40 53.67 -48.16
C VAL G 238 11.70 53.29 -48.87
N GLN G 239 11.69 53.27 -50.20
CA GLN G 239 12.87 52.82 -50.92
C GLN G 239 13.94 53.89 -51.04
N ALA G 240 13.63 55.15 -50.71
CA ALA G 240 14.68 56.14 -50.48
C ALA G 240 15.25 56.04 -49.08
N ASN G 241 14.43 55.64 -48.10
CA ASN G 241 14.96 55.37 -46.78
C ASN G 241 15.86 54.15 -46.78
N VAL G 242 15.57 53.18 -47.64
CA VAL G 242 16.35 51.94 -47.69
C VAL G 242 17.55 52.11 -48.63
N THR G 243 17.29 52.34 -49.91
CA THR G 243 18.36 52.36 -50.91
C THR G 243 19.20 53.62 -50.87
N HIS G 244 18.69 54.71 -50.29
CA HIS G 244 19.39 55.99 -50.30
C HIS G 244 19.69 56.44 -51.72
N VAL G 245 18.73 56.24 -52.61
CA VAL G 245 18.92 56.52 -54.04
C VAL G 245 17.61 57.09 -54.59
N GLY G 246 17.75 57.98 -55.58
CA GLY G 246 16.61 58.61 -56.19
C GLY G 246 15.68 57.61 -56.85
N PRO G 247 14.37 57.90 -56.86
CA PRO G 247 13.43 56.93 -57.45
C PRO G 247 13.69 56.60 -58.90
N ILE G 248 14.09 57.60 -59.70
CA ILE G 248 14.35 57.35 -61.12
C ILE G 248 15.59 56.48 -61.28
N ASP G 249 16.61 56.73 -60.46
CA ASP G 249 17.79 55.87 -60.49
C ASP G 249 17.45 54.46 -60.05
N ASN G 250 16.55 54.32 -59.08
CA ASN G 250 16.08 52.98 -58.70
C ASN G 250 15.38 52.31 -59.87
N LEU G 251 14.55 53.06 -60.60
CA LEU G 251 13.87 52.49 -61.76
C LEU G 251 14.88 52.00 -62.79
N PHE G 252 15.89 52.82 -63.08
CA PHE G 252 16.87 52.42 -64.08
C PHE G 252 17.72 51.24 -63.61
N ALA G 253 18.03 51.18 -62.31
CA ALA G 253 18.76 50.04 -61.77
C ALA G 253 17.94 48.76 -61.92
N HIS G 254 16.63 48.84 -61.64
CA HIS G 254 15.79 47.66 -61.82
C HIS G 254 15.68 47.29 -63.29
N LEU G 255 15.56 48.29 -64.18
CA LEU G 255 15.44 48.01 -65.61
C LEU G 255 16.73 47.47 -66.20
N ALA G 256 17.87 47.68 -65.54
CA ALA G 256 19.14 47.19 -66.03
C ALA G 256 19.43 45.77 -65.54
N ASP G 257 19.29 45.53 -64.24
CA ASP G 257 19.57 44.23 -63.63
C ASP G 257 18.37 43.84 -62.77
N PRO G 258 17.26 43.42 -63.41
CA PRO G 258 16.02 43.21 -62.64
C PRO G 258 16.09 42.07 -61.64
N TYR G 259 17.03 41.14 -61.77
CA TYR G 259 17.01 39.90 -61.01
C TYR G 259 17.97 39.89 -59.83
N HIS G 260 18.73 40.96 -59.62
CA HIS G 260 19.62 41.06 -58.47
C HIS G 260 19.52 42.37 -57.73
N THR G 261 18.61 43.27 -58.12
CA THR G 261 18.36 44.52 -57.40
C THR G 261 16.85 44.60 -57.17
N THR G 262 16.40 44.03 -56.05
CA THR G 262 14.99 43.99 -55.72
C THR G 262 14.84 44.15 -54.21
N ILE G 263 13.64 43.90 -53.70
CA ILE G 263 13.37 44.10 -52.29
C ILE G 263 14.21 43.16 -51.43
N LEU G 264 14.42 41.92 -51.89
CA LEU G 264 15.23 40.98 -51.14
C LEU G 264 16.69 41.42 -51.08
N GLN G 265 17.21 41.98 -52.17
CA GLN G 265 18.62 42.33 -52.29
C GLN G 265 18.88 43.77 -51.87
N SER G 266 17.95 44.39 -51.14
CA SER G 266 18.16 45.70 -50.55
C SER G 266 18.00 45.69 -49.03
N LEU G 267 17.18 44.79 -48.49
CA LEU G 267 17.05 44.64 -47.05
C LEU G 267 17.87 43.47 -46.50
N PHE G 268 18.17 42.46 -47.33
CA PHE G 268 18.90 41.28 -46.89
C PHE G 268 20.11 40.96 -47.77
N GLY G 269 20.51 41.87 -48.66
CA GLY G 269 21.64 41.65 -49.55
C GLY G 269 22.10 42.90 -50.28
N GLU H 9 -19.20 -17.94 -7.16
CA GLU H 9 -18.13 -18.68 -7.88
C GLU H 9 -17.26 -17.71 -8.67
N VAL H 10 -15.94 -17.83 -8.53
CA VAL H 10 -15.00 -16.90 -9.15
C VAL H 10 -14.96 -17.20 -10.64
N LYS H 11 -15.44 -16.28 -11.45
CA LYS H 11 -15.45 -16.46 -12.90
C LYS H 11 -15.28 -15.12 -13.59
N ILE H 12 -14.93 -15.18 -14.87
CA ILE H 12 -14.74 -13.98 -15.69
C ILE H 12 -16.10 -13.49 -16.17
N MET H 13 -16.40 -12.22 -15.91
CA MET H 13 -17.68 -11.64 -16.29
C MET H 13 -17.43 -10.25 -16.87
N VAL H 14 -17.83 -10.04 -18.11
CA VAL H 14 -17.71 -8.74 -18.77
C VAL H 14 -18.99 -8.42 -19.51
N GLU H 15 -19.10 -7.17 -19.95
CA GLU H 15 -20.17 -6.70 -20.80
C GLU H 15 -19.56 -6.19 -22.10
N LYS H 16 -20.21 -6.52 -23.22
CA LYS H 16 -19.72 -6.17 -24.55
C LYS H 16 -20.23 -4.79 -24.94
N ASP H 17 -19.31 -3.92 -25.36
CA ASP H 17 -19.64 -2.60 -25.89
C ASP H 17 -20.60 -1.86 -24.97
N PRO H 18 -20.20 -1.52 -23.75
CA PRO H 18 -21.10 -0.77 -22.87
C PRO H 18 -21.19 0.69 -23.25
N VAL H 19 -20.07 1.26 -23.67
CA VAL H 19 -19.98 2.68 -24.01
C VAL H 19 -19.46 2.80 -25.44
N LYS H 20 -20.18 3.56 -26.27
CA LYS H 20 -19.75 3.79 -27.64
C LYS H 20 -18.60 4.77 -27.68
N THR H 21 -17.57 4.43 -28.45
CA THR H 21 -16.40 5.29 -28.62
C THR H 21 -16.79 6.43 -29.56
N SER H 22 -17.00 7.62 -29.00
CA SER H 22 -17.44 8.76 -29.79
C SER H 22 -16.90 10.03 -29.16
N PHE H 23 -16.71 11.05 -30.01
CA PHE H 23 -16.24 12.35 -29.55
C PHE H 23 -17.38 13.28 -29.17
N GLU H 24 -18.62 12.79 -29.17
CA GLU H 24 -19.76 13.65 -28.90
C GLU H 24 -19.67 14.27 -27.52
N LYS H 25 -19.29 13.49 -26.50
CA LYS H 25 -19.18 14.00 -25.15
C LYS H 25 -17.91 14.80 -24.93
N TRP H 26 -16.94 14.72 -25.84
CA TRP H 26 -15.77 15.59 -25.74
C TRP H 26 -16.16 17.05 -25.94
N ALA H 27 -17.12 17.31 -26.82
CA ALA H 27 -17.60 18.68 -27.04
C ALA H 27 -18.43 19.19 -25.86
N LYS H 28 -18.99 18.29 -25.06
CA LYS H 28 -19.75 18.67 -23.87
C LYS H 28 -18.84 18.55 -22.66
N PRO H 29 -18.41 19.65 -22.05
CA PRO H 29 -17.44 19.55 -20.94
C PRO H 29 -17.98 18.84 -19.70
N GLY H 30 -19.11 19.30 -19.16
CA GLY H 30 -19.60 18.76 -17.89
C GLY H 30 -20.57 17.63 -18.05
N HIS H 31 -20.33 16.76 -19.03
CA HIS H 31 -21.29 15.69 -19.33
C HIS H 31 -21.43 14.71 -18.17
N PHE H 32 -20.38 14.54 -17.37
CA PHE H 32 -20.38 13.47 -16.38
C PHE H 32 -21.34 13.74 -15.23
N SER H 33 -21.73 15.00 -15.02
CA SER H 33 -22.62 15.36 -13.92
C SER H 33 -23.83 16.11 -14.47
N ARG H 34 -24.95 15.94 -13.78
CA ARG H 34 -26.19 16.60 -14.19
C ARG H 34 -26.12 18.10 -13.97
N THR H 35 -25.46 18.54 -12.91
CA THR H 35 -25.41 19.97 -12.60
C THR H 35 -24.57 20.73 -13.62
N LEU H 36 -23.38 20.20 -13.95
CA LEU H 36 -22.47 20.89 -14.85
C LEU H 36 -22.81 20.71 -16.32
N ALA H 37 -23.69 19.77 -16.66
CA ALA H 37 -24.03 19.53 -18.06
C ALA H 37 -24.92 20.61 -18.64
N LYS H 38 -25.47 21.50 -17.81
CA LYS H 38 -26.33 22.56 -18.32
C LYS H 38 -25.52 23.61 -19.05
N GLY H 39 -24.53 24.18 -18.37
CA GLY H 39 -23.66 25.17 -18.99
C GLY H 39 -23.05 26.13 -17.99
N PRO H 40 -22.11 26.96 -18.44
CA PRO H 40 -21.44 27.90 -17.52
C PRO H 40 -22.21 29.20 -17.29
N ASN H 41 -23.13 29.21 -16.33
CA ASN H 41 -23.74 30.48 -15.94
C ASN H 41 -22.71 31.43 -15.34
N THR H 42 -21.82 30.91 -14.49
CA THR H 42 -20.80 31.70 -13.82
C THR H 42 -19.44 31.09 -14.09
N THR H 43 -18.39 31.78 -13.65
CA THR H 43 -17.04 31.24 -13.81
C THR H 43 -16.77 30.08 -12.86
N THR H 44 -17.47 30.03 -11.72
CA THR H 44 -17.31 28.91 -10.80
C THR H 44 -17.48 27.59 -11.52
N TRP H 45 -18.38 27.54 -12.51
CA TRP H 45 -18.60 26.31 -13.24
C TRP H 45 -17.30 25.73 -13.76
N ILE H 46 -16.44 26.58 -14.33
CA ILE H 46 -15.17 26.08 -14.87
C ILE H 46 -14.39 25.35 -13.77
N TRP H 47 -14.24 25.99 -12.62
CA TRP H 47 -13.51 25.34 -11.54
C TRP H 47 -14.20 24.04 -11.13
N ASN H 48 -15.53 24.08 -11.04
CA ASN H 48 -16.25 22.87 -10.68
C ASN H 48 -15.99 21.76 -11.70
N LEU H 49 -15.86 22.14 -12.97
CA LEU H 49 -15.61 21.14 -14.00
C LEU H 49 -14.34 20.37 -13.72
N HIS H 50 -13.35 21.01 -13.10
CA HIS H 50 -12.09 20.35 -12.80
C HIS H 50 -12.05 19.76 -11.40
N ALA H 51 -13.06 20.02 -10.57
CA ALA H 51 -13.08 19.51 -9.21
C ALA H 51 -13.96 18.28 -9.05
N ASP H 52 -14.78 17.96 -10.05
CA ASP H 52 -15.67 16.82 -10.00
C ASP H 52 -15.42 15.85 -11.14
N ALA H 53 -14.33 16.02 -11.89
CA ALA H 53 -14.09 15.19 -13.06
C ALA H 53 -13.82 13.74 -12.68
N HIS H 54 -13.05 13.51 -11.63
CA HIS H 54 -12.67 12.17 -11.21
C HIS H 54 -13.44 11.68 -10.00
N ASP H 55 -14.40 12.45 -9.51
CA ASP H 55 -15.27 12.00 -8.43
C ASP H 55 -16.38 11.16 -9.05
N PHE H 56 -16.04 9.89 -9.33
CA PHE H 56 -16.95 9.02 -10.06
C PHE H 56 -18.18 8.65 -9.22
N ASP H 57 -18.03 8.62 -7.89
CA ASP H 57 -19.18 8.33 -7.04
C ASP H 57 -20.24 9.40 -7.20
N SER H 58 -19.82 10.66 -7.37
CA SER H 58 -20.78 11.75 -7.52
C SER H 58 -21.45 11.74 -8.88
N HIS H 59 -20.84 11.11 -9.89
CA HIS H 59 -21.46 11.07 -11.21
C HIS H 59 -22.71 10.20 -11.20
N THR H 60 -22.64 9.04 -10.54
CA THR H 60 -23.76 8.10 -10.52
C THR H 60 -23.66 7.25 -9.27
N ASN H 61 -24.77 6.58 -8.96
CA ASN H 61 -24.84 5.68 -7.81
C ASN H 61 -24.51 4.23 -8.15
N ASP H 62 -24.28 3.93 -9.43
CA ASP H 62 -24.02 2.56 -9.85
C ASP H 62 -22.58 2.20 -9.54
N LEU H 63 -22.39 1.14 -8.75
CA LEU H 63 -21.04 0.74 -8.36
C LEU H 63 -20.30 0.06 -9.51
N GLU H 64 -21.02 -0.61 -10.40
CA GLU H 64 -20.38 -1.24 -11.56
C GLU H 64 -19.72 -0.19 -12.45
N GLU H 65 -20.43 0.89 -12.75
CA GLU H 65 -19.88 1.92 -13.61
C GLU H 65 -18.71 2.63 -12.95
N ILE H 66 -18.80 2.86 -11.65
CA ILE H 66 -17.69 3.47 -10.92
C ILE H 66 -16.47 2.56 -10.98
N SER H 67 -16.67 1.27 -10.79
CA SER H 67 -15.56 0.32 -10.85
C SER H 67 -14.92 0.32 -12.24
N ARG H 68 -15.74 0.36 -13.29
CA ARG H 68 -15.19 0.40 -14.65
C ARG H 68 -14.39 1.66 -14.88
N LYS H 69 -14.91 2.81 -14.46
CA LYS H 69 -14.14 4.04 -14.58
C LYS H 69 -12.82 3.95 -13.82
N VAL H 70 -12.84 3.38 -12.62
CA VAL H 70 -11.62 3.30 -11.82
C VAL H 70 -10.59 2.42 -12.52
N PHE H 71 -11.03 1.28 -13.05
CA PHE H 71 -10.12 0.37 -13.75
C PHE H 71 -9.48 1.06 -14.94
N SER H 72 -10.29 1.74 -15.76
CA SER H 72 -9.74 2.38 -16.95
C SER H 72 -8.84 3.57 -16.59
N ALA H 73 -9.18 4.30 -15.52
CA ALA H 73 -8.31 5.39 -15.07
C ALA H 73 -6.97 4.84 -14.60
N HIS H 74 -6.98 3.68 -13.94
CA HIS H 74 -5.73 3.05 -13.54
C HIS H 74 -4.91 2.67 -14.76
N PHE H 75 -5.57 2.17 -15.80
CA PHE H 75 -4.85 1.87 -17.05
C PHE H 75 -4.23 3.13 -17.62
N GLY H 76 -4.96 4.24 -17.59
CA GLY H 76 -4.40 5.49 -18.07
C GLY H 76 -3.20 5.96 -17.26
N GLN H 77 -3.27 5.81 -15.95
CA GLN H 77 -2.13 6.18 -15.10
C GLN H 77 -0.93 5.29 -15.41
N LEU H 78 -1.16 4.00 -15.64
CA LEU H 78 -0.06 3.11 -15.99
C LEU H 78 0.57 3.53 -17.31
N ALA H 79 -0.26 3.92 -18.29
CA ALA H 79 0.28 4.40 -19.56
C ALA H 79 1.11 5.66 -19.36
N VAL H 80 0.64 6.58 -18.50
CA VAL H 80 1.38 7.80 -18.24
C VAL H 80 2.73 7.49 -17.61
N ILE H 81 2.74 6.58 -16.62
CA ILE H 81 3.99 6.21 -15.96
C ILE H 81 4.94 5.55 -16.95
N PHE H 82 4.40 4.73 -17.86
CA PHE H 82 5.24 4.11 -18.87
C PHE H 82 5.86 5.15 -19.78
N ILE H 83 5.08 6.16 -20.18
CA ILE H 83 5.63 7.24 -20.99
C ILE H 83 6.74 7.96 -20.23
N TRP H 84 6.53 8.21 -18.94
CA TRP H 84 7.53 8.92 -18.14
C TRP H 84 8.83 8.11 -18.06
N LEU H 85 8.71 6.82 -17.77
CA LEU H 85 9.90 5.96 -17.70
C LEU H 85 10.61 5.87 -19.05
N SER H 86 9.83 5.73 -20.13
CA SER H 86 10.43 5.69 -21.46
C SER H 86 11.16 6.99 -21.75
N GLY H 87 10.63 8.12 -21.28
CA GLY H 87 11.33 9.38 -21.44
C GLY H 87 12.64 9.41 -20.67
N MET H 88 12.63 8.89 -19.44
CA MET H 88 13.88 8.85 -18.67
C MET H 88 14.92 8.00 -19.39
N TYR H 89 14.51 6.84 -19.91
CA TYR H 89 15.47 5.97 -20.59
C TYR H 89 15.94 6.58 -21.90
N PHE H 90 15.06 7.26 -22.62
CA PHE H 90 15.48 7.96 -23.84
C PHE H 90 16.51 9.04 -23.52
N HIS H 91 16.26 9.82 -22.47
CA HIS H 91 17.17 10.90 -22.13
C HIS H 91 18.49 10.35 -21.61
N GLY H 92 18.46 9.17 -20.98
CA GLY H 92 19.70 8.47 -20.68
C GLY H 92 20.42 7.98 -21.91
N ALA H 93 19.68 7.60 -22.95
CA ALA H 93 20.31 7.08 -24.16
C ALA H 93 20.98 8.18 -24.96
N ARG H 94 20.32 9.33 -25.14
CA ARG H 94 20.83 10.40 -25.99
C ARG H 94 21.45 11.57 -25.24
N PHE H 95 20.74 12.18 -24.31
CA PHE H 95 21.16 13.45 -23.71
C PHE H 95 21.89 13.23 -22.40
N SER H 96 22.67 12.15 -22.31
CA SER H 96 23.31 11.74 -21.08
C SER H 96 24.77 11.41 -21.33
N ASN H 97 25.54 11.41 -20.25
CA ASN H 97 26.94 11.00 -20.24
C ASN H 97 27.09 9.67 -19.51
N TYR H 98 26.15 8.75 -19.73
CA TYR H 98 26.09 7.54 -18.94
C TYR H 98 27.33 6.68 -19.14
N GLU H 99 27.82 6.57 -20.39
CA GLU H 99 28.98 5.73 -20.64
C GLU H 99 30.25 6.34 -20.06
N ALA H 100 30.40 7.66 -20.16
CA ALA H 100 31.53 8.33 -19.54
C ALA H 100 31.51 8.11 -18.02
N TRP H 101 30.33 8.21 -17.42
CA TRP H 101 30.19 7.93 -16.00
C TRP H 101 30.52 6.47 -15.68
N LEU H 102 30.19 5.56 -16.59
CA LEU H 102 30.58 4.16 -16.42
C LEU H 102 32.10 4.03 -16.38
N SER H 103 32.80 4.73 -17.26
CA SER H 103 34.26 4.65 -17.29
C SER H 103 34.85 5.20 -15.99
N ASP H 104 34.29 6.29 -15.47
CA ASP H 104 34.77 6.90 -14.23
C ASP H 104 33.56 7.40 -13.44
N PRO H 105 33.05 6.59 -12.50
CA PRO H 105 31.83 6.99 -11.78
C PRO H 105 32.10 7.87 -10.58
N THR H 106 33.35 7.92 -10.11
CA THR H 106 33.68 8.66 -8.90
C THR H 106 34.01 10.12 -9.16
N HIS H 107 34.28 10.51 -10.41
CA HIS H 107 34.68 11.87 -10.73
C HIS H 107 33.80 12.55 -11.77
N ILE H 108 32.84 11.84 -12.35
CA ILE H 108 31.94 12.41 -13.35
C ILE H 108 30.56 12.53 -12.72
N LYS H 109 29.98 13.71 -12.79
CA LYS H 109 28.65 13.94 -12.26
C LYS H 109 27.60 13.40 -13.23
N PRO H 110 26.62 12.63 -12.76
CA PRO H 110 25.55 12.19 -13.66
C PRO H 110 24.78 13.36 -14.24
N SER H 111 24.49 13.29 -15.53
CA SER H 111 23.71 14.31 -16.22
C SER H 111 22.94 13.67 -17.36
N ALA H 112 21.66 14.01 -17.48
CA ALA H 112 20.83 13.46 -18.54
C ALA H 112 19.90 14.50 -19.15
N GLN H 113 20.11 15.79 -18.90
CA GLN H 113 19.26 16.84 -19.44
C GLN H 113 20.12 17.96 -19.98
N VAL H 114 19.87 18.35 -21.23
CA VAL H 114 20.65 19.36 -21.92
C VAL H 114 19.70 20.47 -22.37
N VAL H 115 20.03 21.71 -22.04
CA VAL H 115 19.17 22.83 -22.37
C VAL H 115 19.54 23.37 -23.74
N TRP H 116 18.63 24.12 -24.33
CA TRP H 116 18.87 24.75 -25.61
C TRP H 116 19.49 26.13 -25.44
N PRO H 117 20.36 26.56 -26.37
CA PRO H 117 20.97 27.89 -26.23
C PRO H 117 20.06 29.00 -26.75
N ILE H 118 19.18 29.51 -25.91
CA ILE H 118 18.20 30.52 -26.36
C ILE H 118 18.39 31.87 -25.68
N VAL H 119 18.24 31.94 -24.36
CA VAL H 119 18.18 33.24 -23.68
C VAL H 119 19.27 33.34 -22.63
N GLY H 120 20.41 32.68 -22.87
CA GLY H 120 21.45 32.58 -21.87
C GLY H 120 21.25 31.46 -20.89
N GLN H 121 20.18 30.68 -21.02
CA GLN H 121 19.96 29.51 -20.19
C GLN H 121 21.00 28.44 -20.44
N LYS H 122 21.78 28.58 -21.51
CA LYS H 122 22.84 27.64 -21.82
C LYS H 122 23.91 27.59 -20.74
N ILE H 123 23.97 28.58 -19.85
CA ILE H 123 24.87 28.51 -18.70
C ILE H 123 24.51 27.33 -17.83
N LEU H 124 23.25 26.91 -17.84
CA LEU H 124 22.82 25.79 -17.02
C LEU H 124 23.45 24.47 -17.46
N ASN H 125 24.00 24.43 -18.66
CA ASN H 125 24.75 23.26 -19.14
C ASN H 125 26.13 23.29 -18.50
N GLY H 126 26.18 22.88 -17.24
CA GLY H 126 27.43 22.92 -16.50
C GLY H 126 28.38 21.82 -16.90
N ASP H 127 29.64 21.99 -16.47
CA ASP H 127 30.70 21.03 -16.77
C ASP H 127 30.59 19.88 -15.78
N VAL H 128 29.81 18.86 -16.16
CA VAL H 128 29.59 17.70 -15.29
C VAL H 128 30.68 16.65 -15.42
N GLY H 129 31.51 16.73 -16.45
CA GLY H 129 32.59 15.79 -16.64
C GLY H 129 32.32 14.82 -17.78
N GLY H 130 33.39 14.17 -18.23
CA GLY H 130 33.27 13.22 -19.31
C GLY H 130 33.04 13.82 -20.67
N GLY H 131 33.48 15.06 -20.88
CA GLY H 131 33.24 15.73 -22.15
C GLY H 131 31.78 15.97 -22.43
N PHE H 132 31.02 16.38 -21.41
CA PHE H 132 29.59 16.58 -21.53
C PHE H 132 29.19 17.82 -20.75
N GLN H 133 28.17 18.51 -21.25
CA GLN H 133 27.57 19.64 -20.56
C GLN H 133 26.07 19.41 -20.45
N GLY H 134 25.53 19.57 -19.25
CA GLY H 134 24.10 19.41 -19.06
C GLY H 134 23.74 19.60 -17.60
N ILE H 135 22.45 19.42 -17.32
CA ILE H 135 21.95 19.51 -15.95
C ILE H 135 22.40 18.27 -15.19
N GLN H 136 22.95 18.47 -14.00
CA GLN H 136 23.34 17.36 -13.15
C GLN H 136 22.08 16.74 -12.53
N ILE H 137 21.82 15.48 -12.85
CA ILE H 137 20.63 14.80 -12.38
C ILE H 137 20.92 14.16 -11.03
N THR H 138 19.88 14.04 -10.20
CA THR H 138 20.01 13.47 -8.87
C THR H 138 18.98 12.36 -8.63
N SER H 139 18.44 11.78 -9.69
CA SER H 139 17.40 10.77 -9.57
C SER H 139 17.94 9.38 -9.27
N GLY H 140 19.24 9.16 -9.40
CA GLY H 140 19.82 7.86 -9.16
C GLY H 140 19.67 6.87 -10.29
N PHE H 141 19.22 7.33 -11.46
CA PHE H 141 19.03 6.42 -12.58
C PHE H 141 20.35 5.82 -13.06
N PHE H 142 21.44 6.60 -13.00
CA PHE H 142 22.74 6.07 -13.41
C PHE H 142 23.12 4.86 -12.57
N GLN H 143 22.99 4.97 -11.25
CA GLN H 143 23.35 3.87 -10.38
C GLN H 143 22.41 2.69 -10.56
N LEU H 144 21.13 2.95 -10.80
CA LEU H 144 20.18 1.87 -11.04
C LEU H 144 20.54 1.10 -12.31
N TRP H 145 20.92 1.81 -13.38
CA TRP H 145 21.31 1.14 -14.62
C TRP H 145 22.66 0.43 -14.46
N ARG H 146 23.55 0.98 -13.63
CA ARG H 146 24.80 0.27 -13.32
C ARG H 146 24.50 -1.04 -12.60
N ALA H 147 23.55 -1.02 -11.66
CA ALA H 147 23.17 -2.24 -10.96
C ALA H 147 22.51 -3.24 -11.90
N SER H 148 21.68 -2.75 -12.83
CA SER H 148 20.98 -3.64 -13.74
C SER H 148 21.91 -4.25 -14.79
N GLY H 149 23.15 -3.80 -14.89
CA GLY H 149 24.07 -4.33 -15.87
C GLY H 149 24.04 -3.63 -17.20
N ILE H 150 23.48 -2.43 -17.28
CA ILE H 150 23.42 -1.69 -18.54
C ILE H 150 24.78 -1.02 -18.77
N THR H 151 25.36 -1.26 -19.94
CA THR H 151 26.67 -0.74 -20.28
C THR H 151 26.69 0.14 -21.51
N SER H 152 25.63 0.15 -22.31
CA SER H 152 25.59 0.92 -23.54
C SER H 152 24.28 1.69 -23.63
N GLU H 153 24.28 2.72 -24.47
CA GLU H 153 23.08 3.51 -24.72
C GLU H 153 22.10 2.81 -25.63
N LEU H 154 22.54 1.79 -26.38
CA LEU H 154 21.61 1.02 -27.18
C LEU H 154 20.61 0.27 -26.31
N GLN H 155 21.07 -0.25 -25.17
CA GLN H 155 20.17 -0.92 -24.24
C GLN H 155 19.14 0.05 -23.66
N LEU H 156 19.57 1.27 -23.36
CA LEU H 156 18.63 2.28 -22.89
C LEU H 156 17.62 2.63 -23.99
N TYR H 157 18.08 2.72 -25.24
CA TYR H 157 17.15 2.99 -26.34
C TYR H 157 16.11 1.88 -26.48
N THR H 158 16.54 0.63 -26.44
CA THR H 158 15.57 -0.45 -26.58
C THR H 158 14.62 -0.49 -25.39
N THR H 159 15.11 -0.16 -24.19
CA THR H 159 14.22 -0.06 -23.04
C THR H 159 13.19 1.05 -23.24
N ALA H 160 13.61 2.19 -23.79
CA ALA H 160 12.69 3.29 -24.02
C ALA H 160 11.64 2.93 -25.07
N ILE H 161 12.06 2.25 -26.14
CA ILE H 161 11.11 1.82 -27.16
C ILE H 161 10.11 0.83 -26.58
N GLY H 162 10.59 -0.11 -25.78
CA GLY H 162 9.68 -1.01 -25.09
C GLY H 162 8.74 -0.28 -24.16
N GLY H 163 9.22 0.79 -23.52
CA GLY H 163 8.37 1.59 -22.65
C GLY H 163 7.27 2.30 -23.42
N LEU H 164 7.60 2.85 -24.59
CA LEU H 164 6.58 3.44 -25.44
C LEU H 164 5.57 2.40 -25.88
N ILE H 165 6.04 1.21 -26.27
CA ILE H 165 5.14 0.14 -26.67
C ILE H 165 4.21 -0.24 -25.53
N PHE H 166 4.75 -0.35 -24.32
CA PHE H 166 3.92 -0.69 -23.16
C PHE H 166 2.95 0.42 -22.82
N ALA H 167 3.34 1.68 -23.01
CA ALA H 167 2.41 2.78 -22.78
C ALA H 167 1.25 2.72 -23.76
N ALA H 168 1.53 2.48 -25.03
CA ALA H 168 0.47 2.30 -26.01
C ALA H 168 -0.41 1.09 -25.64
N LEU H 169 0.23 0.03 -25.14
CA LEU H 169 -0.51 -1.16 -24.76
C LEU H 169 -1.45 -0.88 -23.59
N MET H 170 -0.99 -0.13 -22.59
CA MET H 170 -1.84 0.22 -21.47
C MET H 170 -2.96 1.16 -21.89
N LEU H 171 -2.67 2.10 -22.79
CA LEU H 171 -3.72 2.99 -23.30
C LEU H 171 -4.80 2.19 -24.00
N PHE H 172 -4.38 1.25 -24.86
CA PHE H 172 -5.34 0.39 -25.53
C PHE H 172 -6.10 -0.48 -24.54
N ALA H 173 -5.44 -0.96 -23.49
CA ALA H 173 -6.11 -1.79 -22.51
C ALA H 173 -7.20 -1.01 -21.78
N GLY H 174 -6.91 0.24 -21.43
CA GLY H 174 -7.94 1.06 -20.82
C GLY H 174 -9.11 1.27 -21.75
N TRP H 175 -8.83 1.61 -23.02
CA TRP H 175 -9.92 1.77 -23.97
C TRP H 175 -10.74 0.48 -24.11
N PHE H 176 -10.06 -0.66 -24.21
CA PHE H 176 -10.75 -1.93 -24.41
C PHE H 176 -11.62 -2.28 -23.20
N HIS H 177 -11.10 -2.07 -22.00
CA HIS H 177 -11.84 -2.47 -20.80
C HIS H 177 -12.86 -1.43 -20.36
N TYR H 178 -12.91 -0.26 -21.00
CA TYR H 178 -14.06 0.62 -20.80
C TYR H 178 -15.10 0.52 -21.91
N HIS H 179 -14.68 0.59 -23.16
CA HIS H 179 -15.61 0.74 -24.28
C HIS H 179 -15.95 -0.57 -24.98
N LYS H 180 -15.18 -1.63 -24.79
CA LYS H 180 -15.36 -2.85 -25.55
C LYS H 180 -15.75 -4.04 -24.69
N ALA H 181 -14.99 -4.33 -23.63
CA ALA H 181 -15.28 -5.47 -22.74
C ALA H 181 -15.07 -5.00 -21.30
N ALA H 182 -16.15 -4.50 -20.69
CA ALA H 182 -16.05 -3.88 -19.38
C ALA H 182 -16.40 -4.90 -18.30
N PRO H 183 -15.54 -5.18 -17.34
CA PRO H 183 -15.88 -6.19 -16.33
C PRO H 183 -17.09 -5.77 -15.50
N LYS H 184 -17.85 -6.77 -15.06
CA LYS H 184 -19.01 -6.53 -14.24
C LYS H 184 -18.62 -6.42 -12.77
N LEU H 185 -19.60 -6.07 -11.93
CA LEU H 185 -19.32 -5.83 -10.52
C LEU H 185 -18.85 -7.09 -9.81
N ALA H 186 -19.40 -8.25 -10.17
CA ALA H 186 -18.96 -9.50 -9.57
C ALA H 186 -17.46 -9.72 -9.79
N TRP H 187 -16.97 -9.35 -10.98
CA TRP H 187 -15.55 -9.48 -11.27
C TRP H 187 -14.71 -8.63 -10.32
N PHE H 188 -15.14 -7.40 -10.06
CA PHE H 188 -14.35 -6.52 -9.18
C PHE H 188 -14.42 -6.98 -7.73
N GLN H 189 -15.53 -7.60 -7.32
CA GLN H 189 -15.72 -7.97 -5.92
C GLN H 189 -15.02 -9.27 -5.56
N ASN H 190 -14.33 -9.91 -6.49
CA ASN H 190 -13.56 -11.11 -6.21
C ASN H 190 -12.24 -10.68 -5.57
N VAL H 191 -12.31 -10.33 -4.29
CA VAL H 191 -11.12 -9.84 -3.59
C VAL H 191 -10.16 -10.97 -3.28
N GLU H 192 -10.67 -12.17 -3.00
CA GLU H 192 -9.79 -13.29 -2.71
C GLU H 192 -8.93 -13.64 -3.91
N SER H 193 -9.54 -13.73 -5.09
CA SER H 193 -8.80 -14.02 -6.31
C SER H 193 -7.81 -12.90 -6.62
N MET H 194 -8.22 -11.65 -6.40
CA MET H 194 -7.34 -10.52 -6.67
C MET H 194 -6.11 -10.59 -5.77
N LEU H 195 -6.31 -10.87 -4.48
CA LEU H 195 -5.18 -11.00 -3.56
C LEU H 195 -4.27 -12.16 -3.93
N ASN H 196 -4.86 -13.31 -4.26
CA ASN H 196 -4.05 -14.46 -4.64
C ASN H 196 -3.19 -14.13 -5.86
N HIS H 197 -3.78 -13.45 -6.85
CA HIS H 197 -3.05 -13.16 -8.08
C HIS H 197 -2.00 -12.08 -7.87
N HIS H 198 -2.29 -11.08 -7.04
CA HIS H 198 -1.35 -10.01 -6.80
C HIS H 198 -0.24 -10.40 -5.85
N LEU H 199 -0.44 -11.46 -5.07
CA LEU H 199 0.61 -11.95 -4.19
C LEU H 199 1.47 -12.99 -4.89
N ALA H 200 0.85 -14.01 -5.47
CA ALA H 200 1.60 -15.04 -6.16
C ALA H 200 2.09 -14.57 -7.52
N GLY H 201 1.20 -13.96 -8.30
CA GLY H 201 1.51 -13.66 -9.69
C GLY H 201 2.16 -12.32 -9.95
N LEU H 202 1.87 -11.32 -9.11
CA LEU H 202 2.42 -9.99 -9.33
C LEU H 202 3.72 -9.78 -8.55
N LEU H 203 3.66 -9.98 -7.23
CA LEU H 203 4.83 -9.73 -6.39
C LEU H 203 5.78 -10.92 -6.41
N GLY H 204 5.26 -12.13 -6.21
CA GLY H 204 6.12 -13.30 -6.17
C GLY H 204 6.80 -13.57 -7.49
N LEU H 205 6.03 -13.57 -8.58
CA LEU H 205 6.61 -13.83 -9.89
C LEU H 205 7.50 -12.69 -10.34
N GLY H 206 7.15 -11.44 -10.01
CA GLY H 206 8.02 -10.33 -10.34
C GLY H 206 9.35 -10.41 -9.61
N SER H 207 9.31 -10.77 -8.32
CA SER H 207 10.55 -10.94 -7.57
C SER H 207 11.37 -12.09 -8.13
N LEU H 208 10.72 -13.19 -8.51
CA LEU H 208 11.44 -14.30 -9.11
C LEU H 208 12.10 -13.90 -10.42
N ALA H 209 11.38 -13.14 -11.26
CA ALA H 209 11.95 -12.70 -12.52
C ALA H 209 13.13 -11.77 -12.30
N TRP H 210 13.01 -10.85 -11.34
CA TRP H 210 14.13 -9.95 -11.09
C TRP H 210 15.31 -10.71 -10.50
N ALA H 211 15.06 -11.74 -9.68
CA ALA H 211 16.15 -12.59 -9.22
C ALA H 211 16.81 -13.28 -10.39
N GLY H 212 16.03 -13.73 -11.37
CA GLY H 212 16.61 -14.34 -12.55
C GLY H 212 17.51 -13.38 -13.31
N HIS H 213 17.02 -12.15 -13.54
CA HIS H 213 17.84 -11.12 -14.15
C HIS H 213 19.14 -10.93 -13.38
N GLN H 214 19.04 -10.77 -12.06
CA GLN H 214 20.22 -10.50 -11.26
C GLN H 214 21.21 -11.65 -11.38
N VAL H 215 20.73 -12.89 -11.25
CA VAL H 215 21.60 -14.05 -11.31
C VAL H 215 22.31 -14.11 -12.65
N HIS H 216 21.59 -13.84 -13.74
CA HIS H 216 22.12 -14.06 -15.07
C HIS H 216 22.72 -12.82 -15.72
N VAL H 217 22.42 -11.62 -15.22
CA VAL H 217 22.84 -10.41 -15.90
C VAL H 217 23.61 -9.49 -14.94
N SER H 218 23.01 -9.18 -13.80
CA SER H 218 23.59 -8.16 -12.92
C SER H 218 24.88 -8.65 -12.28
N LEU H 219 24.87 -9.85 -11.70
CA LEU H 219 26.05 -10.30 -10.96
C LEU H 219 27.31 -10.41 -11.82
N PRO H 220 27.29 -11.08 -12.98
CA PRO H 220 28.54 -11.19 -13.74
C PRO H 220 29.04 -9.85 -14.26
N ILE H 221 28.15 -9.04 -14.83
CA ILE H 221 28.54 -7.74 -15.37
C ILE H 221 29.08 -6.86 -14.26
N ASN H 222 28.41 -6.84 -13.11
CA ASN H 222 28.83 -5.96 -12.03
C ASN H 222 30.12 -6.45 -11.38
N ARG H 223 30.36 -7.76 -11.34
CA ARG H 223 31.62 -8.22 -10.77
C ARG H 223 32.77 -7.99 -11.73
N LEU H 224 32.52 -8.03 -13.04
CA LEU H 224 33.53 -7.60 -13.99
C LEU H 224 33.79 -6.11 -13.89
N LEU H 225 32.74 -5.32 -13.63
CA LEU H 225 32.92 -3.89 -13.44
C LEU H 225 33.72 -3.59 -12.18
N ASP H 226 33.48 -4.34 -11.10
CA ASP H 226 34.22 -4.13 -9.87
C ASP H 226 35.69 -4.51 -10.02
N ALA H 227 36.01 -5.42 -10.94
CA ALA H 227 37.38 -5.84 -11.16
C ALA H 227 38.19 -4.81 -11.93
N GLY H 228 37.55 -3.78 -12.49
CA GLY H 228 38.24 -2.78 -13.27
C GLY H 228 38.20 -3.00 -14.77
N VAL H 229 37.38 -3.93 -15.25
CA VAL H 229 37.29 -4.16 -16.69
C VAL H 229 36.56 -3.01 -17.34
N ASP H 230 37.10 -2.54 -18.46
CA ASP H 230 36.46 -1.46 -19.20
C ASP H 230 35.11 -1.96 -19.72
N PRO H 231 34.02 -1.21 -19.56
CA PRO H 231 32.71 -1.73 -19.95
C PRO H 231 32.61 -2.10 -21.42
N LYS H 232 33.47 -1.57 -22.28
CA LYS H 232 33.37 -1.87 -23.70
C LYS H 232 33.63 -3.34 -23.99
N GLU H 233 34.62 -3.94 -23.32
CA GLU H 233 34.96 -5.34 -23.55
C GLU H 233 34.29 -6.28 -22.58
N ILE H 234 33.41 -5.78 -21.71
CA ILE H 234 32.63 -6.69 -20.86
C ILE H 234 31.65 -7.47 -21.73
N PRO H 235 31.61 -8.79 -21.65
CA PRO H 235 30.71 -9.55 -22.53
C PRO H 235 29.25 -9.19 -22.28
N LEU H 236 28.44 -9.32 -23.33
CA LEU H 236 27.04 -8.96 -23.24
C LEU H 236 26.27 -10.00 -22.43
N PRO H 237 25.12 -9.62 -21.85
CA PRO H 237 24.40 -10.55 -20.96
C PRO H 237 24.05 -11.86 -21.63
N HIS H 238 23.63 -11.82 -22.90
CA HIS H 238 23.28 -13.04 -23.61
C HIS H 238 24.48 -13.94 -23.81
N GLU H 239 25.69 -13.38 -23.82
CA GLU H 239 26.89 -14.21 -23.86
C GLU H 239 27.10 -14.93 -22.53
N PHE H 240 26.65 -14.33 -21.43
CA PHE H 240 26.67 -15.03 -20.14
C PHE H 240 25.61 -16.13 -20.11
N ILE H 241 24.43 -15.85 -20.67
CA ILE H 241 23.37 -16.85 -20.66
C ILE H 241 23.73 -18.04 -21.56
N LEU H 242 24.28 -17.76 -22.74
CA LEU H 242 24.56 -18.81 -23.71
C LEU H 242 25.85 -19.55 -23.36
N ASN H 243 26.97 -18.82 -23.33
CA ASN H 243 28.26 -19.41 -22.98
C ASN H 243 28.32 -19.48 -21.46
N ARG H 244 27.78 -20.56 -20.91
CA ARG H 244 27.72 -20.72 -19.45
C ARG H 244 29.09 -21.00 -18.84
N ASP H 245 30.07 -21.44 -19.63
CA ASP H 245 31.42 -21.55 -19.11
C ASP H 245 32.00 -20.18 -18.78
N LEU H 246 31.62 -19.16 -19.56
CA LEU H 246 32.03 -17.79 -19.26
C LEU H 246 31.42 -17.29 -17.95
N LEU H 247 30.19 -17.72 -17.65
CA LEU H 247 29.57 -17.34 -16.39
C LEU H 247 30.11 -18.15 -15.22
N ALA H 248 30.50 -19.40 -15.45
CA ALA H 248 30.97 -20.27 -14.37
C ALA H 248 32.35 -19.88 -13.86
N GLN H 249 33.18 -19.22 -14.68
CA GLN H 249 34.50 -18.82 -14.21
C GLN H 249 34.42 -17.66 -13.24
N LEU H 250 33.30 -16.95 -13.20
CA LEU H 250 33.07 -15.94 -12.17
C LEU H 250 32.45 -16.55 -10.92
N TYR H 251 31.44 -17.39 -11.10
CA TYR H 251 30.84 -18.14 -10.00
C TYR H 251 30.86 -19.62 -10.34
N PRO H 252 31.73 -20.43 -9.72
CA PRO H 252 31.85 -21.85 -10.12
C PRO H 252 30.58 -22.64 -9.92
N SER H 253 29.68 -22.22 -9.02
CA SER H 253 28.49 -23.00 -8.72
C SER H 253 27.57 -23.16 -9.94
N PHE H 254 27.70 -22.29 -10.94
CA PHE H 254 26.92 -22.45 -12.15
C PHE H 254 27.30 -23.70 -12.94
N SER H 255 28.51 -24.23 -12.73
CA SER H 255 28.90 -25.47 -13.39
C SER H 255 28.02 -26.63 -12.93
N LYS H 256 27.49 -26.55 -11.70
CA LYS H 256 26.60 -27.59 -11.21
C LYS H 256 25.31 -27.64 -12.02
N GLY H 257 24.76 -26.47 -12.35
CA GLY H 257 23.67 -26.37 -13.30
C GLY H 257 22.35 -26.95 -12.86
N LEU H 258 21.71 -26.33 -11.88
CA LEU H 258 20.35 -26.66 -11.46
C LEU H 258 20.23 -28.02 -10.80
N THR H 259 21.31 -28.79 -10.78
CA THR H 259 21.30 -30.03 -9.99
C THR H 259 21.18 -29.75 -8.50
N PRO H 260 21.94 -28.81 -7.92
CA PRO H 260 21.75 -28.52 -6.49
C PRO H 260 20.35 -28.03 -6.15
N PHE H 261 19.71 -27.31 -7.06
CA PHE H 261 18.37 -26.80 -6.78
C PHE H 261 17.38 -27.93 -6.57
N PHE H 262 17.47 -28.98 -7.38
CA PHE H 262 16.51 -30.07 -7.34
C PHE H 262 16.93 -31.21 -6.43
N THR H 263 18.22 -31.33 -6.13
CA THR H 263 18.69 -32.29 -5.14
C THR H 263 18.68 -31.70 -3.73
N LEU H 264 18.25 -30.45 -3.58
CA LEU H 264 18.17 -29.75 -2.30
C LEU H 264 19.55 -29.56 -1.67
N ASN H 265 20.62 -29.64 -2.47
CA ASN H 265 21.96 -29.31 -2.02
C ASN H 265 22.23 -27.82 -2.27
N TRP H 266 21.39 -26.99 -1.66
CA TRP H 266 21.38 -25.57 -1.97
C TRP H 266 22.64 -24.86 -1.51
N SER H 267 23.38 -25.42 -0.54
CA SER H 267 24.60 -24.79 -0.07
C SER H 267 25.62 -24.64 -1.18
N GLU H 268 25.54 -25.47 -2.22
CA GLU H 268 26.46 -25.35 -3.33
C GLU H 268 26.27 -24.07 -4.12
N TYR H 269 25.13 -23.39 -3.93
CA TYR H 269 24.87 -22.10 -4.57
C TYR H 269 25.37 -20.94 -3.73
N SER H 270 26.19 -21.19 -2.71
CA SER H 270 26.66 -20.12 -1.83
C SER H 270 27.57 -19.14 -2.55
N ASP H 271 28.04 -19.47 -3.75
CA ASP H 271 28.90 -18.53 -4.49
C ASP H 271 28.15 -17.26 -4.84
N PHE H 272 26.92 -17.38 -5.32
CA PHE H 272 26.14 -16.23 -5.78
C PHE H 272 24.84 -16.02 -5.03
N LEU H 273 24.55 -16.84 -4.02
CA LEU H 273 23.41 -16.65 -3.12
C LEU H 273 23.99 -16.58 -1.71
N THR H 274 24.38 -15.37 -1.31
CA THR H 274 25.05 -15.16 -0.04
C THR H 274 24.13 -14.43 0.94
N PHE H 275 24.58 -14.33 2.18
CA PHE H 275 23.91 -13.56 3.22
C PHE H 275 24.93 -12.69 3.94
N ARG H 276 25.74 -11.99 3.14
CA ARG H 276 26.87 -11.25 3.70
C ARG H 276 26.40 -10.08 4.57
N GLY H 277 25.64 -9.17 3.97
CA GLY H 277 25.29 -7.94 4.65
C GLY H 277 26.39 -6.91 4.51
N GLY H 278 26.14 -5.73 5.07
CA GLY H 278 27.10 -4.66 4.94
C GLY H 278 27.11 -4.09 3.53
N LEU H 279 28.28 -3.59 3.12
CA LEU H 279 28.43 -2.91 1.84
C LEU H 279 29.62 -3.48 1.08
N ASN H 280 29.53 -3.42 -0.24
CA ASN H 280 30.66 -3.74 -1.10
C ASN H 280 31.70 -2.64 -0.97
N PRO H 281 32.93 -2.94 -0.54
CA PRO H 281 33.91 -1.86 -0.38
C PRO H 281 34.23 -1.13 -1.68
N VAL H 282 34.16 -1.82 -2.82
CA VAL H 282 34.54 -1.20 -4.09
C VAL H 282 33.53 -0.13 -4.49
N THR H 283 32.23 -0.45 -4.37
CA THR H 283 31.18 0.44 -4.87
C THR H 283 30.43 1.17 -3.77
N GLY H 284 30.46 0.67 -2.54
CA GLY H 284 29.70 1.28 -1.46
C GLY H 284 28.24 0.91 -1.44
N GLY H 285 27.81 0.00 -2.31
CA GLY H 285 26.44 -0.49 -2.31
C GLY H 285 26.34 -1.88 -1.70
N LEU H 286 25.10 -2.37 -1.67
CA LEU H 286 24.87 -3.73 -1.19
C LEU H 286 25.45 -4.74 -2.17
N TRP H 287 25.83 -5.90 -1.63
CA TRP H 287 26.26 -7.01 -2.47
C TRP H 287 25.08 -7.48 -3.31
N LEU H 288 25.30 -7.65 -4.61
CA LEU H 288 24.23 -8.11 -5.48
C LEU H 288 23.93 -9.59 -5.31
N THR H 289 24.87 -10.36 -4.76
CA THR H 289 24.54 -11.74 -4.36
C THR H 289 23.51 -11.74 -3.25
N ASP H 290 23.69 -10.86 -2.26
CA ASP H 290 22.70 -10.74 -1.20
C ASP H 290 21.36 -10.29 -1.77
N THR H 291 21.38 -9.36 -2.73
CA THR H 291 20.13 -8.90 -3.34
C THR H 291 19.44 -10.02 -4.09
N ALA H 292 20.21 -10.82 -4.84
CA ALA H 292 19.61 -11.93 -5.58
C ALA H 292 18.98 -12.95 -4.64
N HIS H 293 19.71 -13.31 -3.57
CA HIS H 293 19.14 -14.24 -2.59
C HIS H 293 17.91 -13.64 -1.93
N HIS H 294 17.96 -12.34 -1.63
CA HIS H 294 16.81 -11.65 -1.05
C HIS H 294 15.60 -11.78 -1.94
N HIS H 295 15.76 -11.46 -3.23
CA HIS H 295 14.63 -11.45 -4.14
C HIS H 295 14.10 -12.85 -4.36
N LEU H 296 14.98 -13.85 -4.44
CA LEU H 296 14.53 -15.23 -4.54
C LEU H 296 13.71 -15.64 -3.32
N ALA H 297 14.20 -15.29 -2.12
CA ALA H 297 13.49 -15.67 -0.91
C ALA H 297 12.13 -15.01 -0.82
N ILE H 298 12.04 -13.71 -1.13
CA ILE H 298 10.76 -13.04 -1.03
C ILE H 298 9.83 -13.50 -2.14
N ALA H 299 10.37 -13.88 -3.31
CA ALA H 299 9.54 -14.48 -4.34
C ALA H 299 8.91 -15.77 -3.85
N VAL H 300 9.72 -16.62 -3.21
CA VAL H 300 9.17 -17.86 -2.65
C VAL H 300 8.11 -17.56 -1.61
N LEU H 301 8.39 -16.60 -0.73
CA LEU H 301 7.45 -16.27 0.34
C LEU H 301 6.13 -15.75 -0.23
N PHE H 302 6.20 -14.87 -1.23
CA PHE H 302 4.96 -14.32 -1.80
C PHE H 302 4.20 -15.36 -2.59
N LEU H 303 4.92 -16.23 -3.32
CA LEU H 303 4.24 -17.28 -4.06
C LEU H 303 3.55 -18.26 -3.13
N VAL H 304 4.14 -18.51 -1.95
CA VAL H 304 3.48 -19.35 -0.95
C VAL H 304 2.27 -18.62 -0.37
N ALA H 305 2.44 -17.33 -0.04
CA ALA H 305 1.37 -16.58 0.60
C ALA H 305 0.19 -16.35 -0.33
N GLY H 306 0.41 -16.36 -1.64
CA GLY H 306 -0.67 -16.15 -2.59
C GLY H 306 -1.56 -17.34 -2.81
N HIS H 307 -1.33 -18.43 -2.07
CA HIS H 307 -2.15 -19.63 -2.14
C HIS H 307 -2.99 -19.79 -0.88
N MET H 308 -3.43 -18.68 -0.30
CA MET H 308 -4.08 -18.67 1.00
C MET H 308 -5.59 -18.56 0.90
N TYR H 309 -6.12 -17.90 -0.12
CA TYR H 309 -7.53 -17.56 -0.18
C TYR H 309 -8.26 -18.49 -1.15
N ARG H 310 -9.52 -18.78 -0.82
CA ARG H 310 -10.35 -19.73 -1.55
C ARG H 310 -11.05 -19.01 -2.69
N THR H 311 -10.71 -19.37 -3.93
CA THR H 311 -11.41 -18.79 -5.08
C THR H 311 -12.52 -19.68 -5.59
N ASN H 312 -12.18 -20.84 -6.18
CA ASN H 312 -13.21 -21.79 -6.59
C ASN H 312 -12.79 -23.25 -6.46
N PHE H 313 -11.61 -23.56 -5.93
CA PHE H 313 -11.13 -24.93 -5.82
C PHE H 313 -11.16 -25.44 -4.39
N GLY H 314 -12.04 -24.88 -3.55
CA GLY H 314 -11.97 -25.20 -2.13
C GLY H 314 -10.65 -24.70 -1.57
N ILE H 315 -10.06 -25.50 -0.69
CA ILE H 315 -8.74 -25.23 -0.10
C ILE H 315 -8.41 -23.74 -0.05
N GLY H 316 -8.69 -23.10 1.08
CA GLY H 316 -8.31 -21.70 1.23
C GLY H 316 -9.02 -21.07 2.40
N HIS H 317 -9.05 -19.74 2.38
CA HIS H 317 -9.63 -18.94 3.45
C HIS H 317 -10.67 -17.99 2.85
N SER H 318 -11.84 -17.94 3.50
CA SER H 318 -12.80 -16.88 3.24
C SER H 318 -12.50 -15.73 4.19
N MET H 319 -12.14 -14.57 3.62
CA MET H 319 -11.79 -13.44 4.46
C MET H 319 -12.97 -12.97 5.30
N LYS H 320 -14.19 -13.15 4.78
CA LYS H 320 -15.38 -12.82 5.56
C LYS H 320 -15.46 -13.69 6.82
N GLU H 321 -15.19 -14.99 6.69
CA GLU H 321 -15.22 -15.87 7.84
C GLU H 321 -14.05 -15.61 8.78
N ILE H 322 -12.89 -15.20 8.25
CA ILE H 322 -11.77 -14.83 9.11
C ILE H 322 -12.13 -13.61 9.94
N LEU H 323 -12.72 -12.60 9.30
CA LEU H 323 -13.06 -11.38 10.02
C LEU H 323 -14.15 -11.63 11.05
N GLU H 324 -15.21 -12.33 10.66
CA GLU H 324 -16.32 -12.55 11.58
C GLU H 324 -15.92 -13.39 12.79
N ALA H 325 -14.82 -14.13 12.71
CA ALA H 325 -14.38 -14.99 13.80
C ALA H 325 -13.49 -14.27 14.81
N HIS H 326 -13.14 -13.02 14.56
CA HIS H 326 -12.22 -12.26 15.41
C HIS H 326 -13.01 -11.20 16.17
N LYS H 327 -13.43 -11.54 17.38
CA LYS H 327 -14.14 -10.62 18.26
C LYS H 327 -13.88 -11.05 19.70
N GLY H 328 -14.03 -10.10 20.62
CA GLY H 328 -13.71 -10.33 22.00
C GLY H 328 -14.64 -9.63 22.96
N PRO H 329 -14.35 -9.72 24.26
CA PRO H 329 -15.24 -9.11 25.27
C PRO H 329 -15.15 -7.60 25.29
N PHE H 330 -13.95 -7.06 25.03
CA PHE H 330 -13.78 -5.61 25.05
C PHE H 330 -14.38 -4.96 23.82
N THR H 331 -14.61 -5.71 22.76
CA THR H 331 -15.31 -5.23 21.58
C THR H 331 -16.66 -5.94 21.49
N GLY H 332 -17.41 -5.61 20.44
CA GLY H 332 -18.73 -6.16 20.25
C GLY H 332 -18.71 -7.36 19.33
N GLU H 333 -19.18 -7.19 18.10
CA GLU H 333 -19.05 -8.23 17.09
C GLU H 333 -17.67 -8.21 16.45
N GLY H 334 -16.80 -7.29 16.83
CA GLY H 334 -15.46 -7.27 16.28
C GLY H 334 -15.49 -6.93 14.81
N HIS H 335 -14.82 -7.74 14.02
CA HIS H 335 -14.62 -7.44 12.59
C HIS H 335 -15.80 -7.93 11.76
N LYS H 336 -17.00 -7.56 12.16
CA LYS H 336 -18.22 -7.98 11.49
C LYS H 336 -18.73 -6.82 10.66
N GLY H 337 -18.98 -7.08 9.38
CA GLY H 337 -19.43 -6.06 8.47
C GLY H 337 -18.33 -5.35 7.71
N LEU H 338 -17.06 -5.58 8.07
CA LEU H 338 -15.96 -4.91 7.37
C LEU H 338 -15.73 -5.49 5.98
N TYR H 339 -16.08 -6.75 5.77
CA TYR H 339 -15.96 -7.33 4.43
C TYR H 339 -16.85 -6.60 3.45
N GLU H 340 -18.09 -6.31 3.85
CA GLU H 340 -18.98 -5.53 2.98
C GLU H 340 -18.45 -4.12 2.76
N ILE H 341 -17.89 -3.52 3.82
CA ILE H 341 -17.30 -2.19 3.68
C ILE H 341 -16.22 -2.19 2.62
N LEU H 342 -15.32 -3.17 2.68
CA LEU H 342 -14.15 -3.19 1.82
C LEU H 342 -14.40 -3.85 0.47
N THR H 343 -15.56 -4.46 0.27
CA THR H 343 -15.94 -4.99 -1.03
C THR H 343 -17.02 -4.19 -1.72
N THR H 344 -17.57 -3.16 -1.06
CA THR H 344 -18.58 -2.30 -1.66
C THR H 344 -18.22 -0.84 -1.66
N SER H 345 -17.13 -0.44 -0.99
CA SER H 345 -16.68 0.95 -0.96
C SER H 345 -15.29 1.05 -1.54
N TRP H 346 -15.14 1.87 -2.58
CA TRP H 346 -13.83 2.13 -3.15
C TRP H 346 -13.00 3.04 -2.25
N HIS H 347 -13.67 3.94 -1.53
CA HIS H 347 -12.94 4.94 -0.74
C HIS H 347 -12.28 4.31 0.48
N ALA H 348 -12.91 3.30 1.07
CA ALA H 348 -12.27 2.59 2.19
C ALA H 348 -11.00 1.89 1.74
N GLN H 349 -11.06 1.20 0.60
CA GLN H 349 -9.87 0.57 0.05
C GLN H 349 -8.80 1.60 -0.27
N LEU H 350 -9.21 2.74 -0.84
CA LEU H 350 -8.24 3.78 -1.16
C LEU H 350 -7.58 4.31 0.11
N ALA H 351 -8.35 4.49 1.17
CA ALA H 351 -7.77 4.96 2.43
C ALA H 351 -6.74 3.97 2.97
N ILE H 352 -7.11 2.68 3.04
CA ILE H 352 -6.18 1.68 3.56
C ILE H 352 -4.92 1.65 2.71
N ASN H 353 -5.09 1.57 1.39
CA ASN H 353 -3.96 1.42 0.49
C ASN H 353 -3.09 2.67 0.48
N LEU H 354 -3.69 3.86 0.59
CA LEU H 354 -2.91 5.09 0.65
C LEU H 354 -2.09 5.15 1.93
N ALA H 355 -2.69 4.78 3.06
CA ALA H 355 -1.94 4.79 4.31
C ALA H 355 -0.76 3.83 4.24
N MET H 356 -1.01 2.61 3.74
CA MET H 356 0.05 1.62 3.66
C MET H 356 1.12 2.06 2.67
N LEU H 357 0.73 2.62 1.53
CA LEU H 357 1.71 3.06 0.54
C LEU H 357 2.55 4.21 1.08
N GLY H 358 1.94 5.15 1.80
CA GLY H 358 2.72 6.24 2.38
C GLY H 358 3.71 5.75 3.43
N SER H 359 3.25 4.88 4.33
CA SER H 359 4.16 4.32 5.32
C SER H 359 5.26 3.51 4.66
N LEU H 360 4.92 2.80 3.58
CA LEU H 360 5.89 2.00 2.85
C LEU H 360 6.93 2.89 2.18
N THR H 361 6.49 4.01 1.60
CA THR H 361 7.42 4.94 1.00
C THR H 361 8.35 5.56 2.03
N ILE H 362 7.83 5.83 3.23
CA ILE H 362 8.68 6.33 4.31
C ILE H 362 9.70 5.27 4.73
N ILE H 363 9.26 4.02 4.80
CA ILE H 363 10.19 2.92 5.07
C ILE H 363 11.27 2.87 3.99
N VAL H 364 10.88 3.02 2.73
CA VAL H 364 11.84 3.02 1.63
C VAL H 364 12.86 4.13 1.81
N ALA H 365 12.37 5.33 2.17
CA ALA H 365 13.27 6.46 2.38
C ALA H 365 14.27 6.17 3.48
N HIS H 366 13.80 5.57 4.58
CA HIS H 366 14.69 5.29 5.70
C HIS H 366 15.67 4.16 5.39
N HIS H 367 15.26 3.20 4.57
CA HIS H 367 16.06 2.00 4.35
C HIS H 367 17.02 2.13 3.18
N MET H 368 16.77 3.05 2.25
CA MET H 368 17.65 3.17 1.09
C MET H 368 18.91 3.99 1.38
N TYR H 369 18.96 4.74 2.48
CA TYR H 369 20.17 5.45 2.83
C TYR H 369 21.02 4.65 3.81
N ALA H 370 20.38 3.87 4.68
CA ALA H 370 21.13 3.04 5.62
C ALA H 370 21.73 1.83 4.92
N MET H 371 21.02 1.27 3.94
CA MET H 371 21.56 0.24 3.05
C MET H 371 21.44 0.75 1.62
N PRO H 372 22.43 1.47 1.11
CA PRO H 372 22.40 1.87 -0.30
C PRO H 372 22.41 0.66 -1.21
N PRO H 373 21.34 0.40 -1.94
CA PRO H 373 21.27 -0.82 -2.76
C PRO H 373 21.97 -0.70 -4.10
N TYR H 374 22.40 0.49 -4.50
CA TYR H 374 22.99 0.66 -5.82
C TYR H 374 24.47 1.05 -5.70
N PRO H 375 25.30 0.63 -6.67
CA PRO H 375 26.72 1.01 -6.62
C PRO H 375 26.90 2.51 -6.76
N TYR H 376 27.87 3.05 -6.03
CA TYR H 376 28.22 4.47 -6.11
C TYR H 376 27.01 5.35 -5.82
N LEU H 377 26.15 4.88 -4.93
CA LEU H 377 24.98 5.63 -4.47
C LEU H 377 25.25 6.40 -3.18
N ALA H 378 25.91 5.76 -2.21
CA ALA H 378 26.20 6.44 -0.95
C ALA H 378 27.10 7.64 -1.15
N THR H 379 28.14 7.49 -1.97
CA THR H 379 29.09 8.57 -2.18
C THR H 379 28.48 9.69 -3.02
N ASP H 380 27.40 9.42 -3.75
CA ASP H 380 26.65 10.46 -4.44
C ASP H 380 25.69 11.07 -3.44
N TYR H 381 26.19 12.05 -2.68
CA TYR H 381 25.40 12.63 -1.60
C TYR H 381 24.16 13.32 -2.14
N ALA H 382 24.27 13.98 -3.30
CA ALA H 382 23.12 14.66 -3.88
C ALA H 382 21.99 13.67 -4.16
N THR H 383 22.32 12.52 -4.76
CA THR H 383 21.30 11.52 -5.04
C THR H 383 20.68 10.99 -3.75
N GLN H 384 21.50 10.72 -2.74
CA GLN H 384 20.97 10.21 -1.48
C GLN H 384 19.99 11.19 -0.85
N LEU H 385 20.39 12.46 -0.75
CA LEU H 385 19.53 13.47 -0.17
C LEU H 385 18.24 13.62 -0.97
N SER H 386 18.37 13.67 -2.30
CA SER H 386 17.18 13.83 -3.14
C SER H 386 16.23 12.67 -2.97
N LEU H 387 16.74 11.43 -2.97
CA LEU H 387 15.87 10.27 -2.84
C LEU H 387 15.17 10.28 -1.49
N PHE H 388 15.91 10.54 -0.42
CA PHE H 388 15.30 10.58 0.90
C PHE H 388 14.19 11.62 0.96
N THR H 389 14.49 12.85 0.55
CA THR H 389 13.50 13.93 0.66
C THR H 389 12.29 13.65 -0.23
N HIS H 390 12.53 13.21 -1.47
CA HIS H 390 11.44 12.90 -2.38
C HIS H 390 10.50 11.87 -1.77
N HIS H 391 11.05 10.76 -1.28
CA HIS H 391 10.19 9.69 -0.83
C HIS H 391 9.53 10.01 0.49
N MET H 392 10.19 10.82 1.34
CA MET H 392 9.53 11.34 2.53
C MET H 392 8.29 12.16 2.17
N TRP H 393 8.45 13.07 1.21
CA TRP H 393 7.31 13.91 0.82
C TRP H 393 6.20 13.08 0.20
N ILE H 394 6.56 12.12 -0.65
CA ILE H 394 5.55 11.26 -1.26
C ILE H 394 4.78 10.50 -0.19
N GLY H 395 5.50 9.94 0.79
CA GLY H 395 4.84 9.20 1.84
C GLY H 395 3.91 10.06 2.67
N GLY H 396 4.37 11.26 3.04
CA GLY H 396 3.50 12.14 3.81
C GLY H 396 2.24 12.51 3.07
N PHE H 397 2.37 12.84 1.78
CA PHE H 397 1.19 13.18 0.99
C PHE H 397 0.23 12.00 0.93
N LEU H 398 0.76 10.78 0.74
CA LEU H 398 -0.10 9.62 0.66
C LEU H 398 -0.83 9.36 1.98
N VAL H 399 -0.15 9.56 3.12
CA VAL H 399 -0.81 9.37 4.40
C VAL H 399 -1.95 10.37 4.58
N VAL H 400 -1.70 11.63 4.25
CA VAL H 400 -2.77 12.63 4.37
C VAL H 400 -3.93 12.28 3.44
N GLY H 401 -3.62 11.76 2.25
CA GLY H 401 -4.67 11.34 1.35
C GLY H 401 -5.48 10.17 1.91
N ALA H 402 -4.80 9.26 2.59
CA ALA H 402 -5.51 8.16 3.25
C ALA H 402 -6.50 8.71 4.27
N ALA H 403 -6.08 9.70 5.05
CA ALA H 403 -6.99 10.32 5.99
C ALA H 403 -8.18 10.94 5.26
N ALA H 404 -7.90 11.65 4.16
CA ALA H 404 -8.97 12.30 3.41
C ALA H 404 -10.00 11.30 2.93
N HIS H 405 -9.55 10.18 2.38
CA HIS H 405 -10.49 9.21 1.82
C HIS H 405 -11.17 8.38 2.89
N ALA H 406 -10.54 8.19 4.05
CA ALA H 406 -11.27 7.62 5.18
C ALA H 406 -12.42 8.53 5.58
N ALA H 407 -12.18 9.84 5.61
CA ALA H 407 -13.26 10.78 5.91
C ALA H 407 -14.35 10.74 4.84
N ILE H 408 -13.95 10.65 3.57
CA ILE H 408 -14.94 10.59 2.49
C ILE H 408 -15.81 9.35 2.63
N PHE H 409 -15.19 8.20 2.93
CA PHE H 409 -15.97 7.00 3.17
C PHE H 409 -16.94 7.20 4.34
N MET H 410 -16.43 7.76 5.45
CA MET H 410 -17.28 7.94 6.61
C MET H 410 -18.48 8.81 6.30
N VAL H 411 -18.28 9.84 5.46
CA VAL H 411 -19.36 10.75 5.15
C VAL H 411 -20.36 10.11 4.20
N ARG H 412 -19.89 9.52 3.10
CA ARG H 412 -20.76 9.12 2.01
C ARG H 412 -21.08 7.63 1.97
N ASP H 413 -20.08 6.77 2.20
CA ASP H 413 -20.25 5.33 2.03
C ASP H 413 -20.62 4.62 3.33
N TYR H 414 -20.74 5.32 4.44
CA TYR H 414 -21.01 4.68 5.73
C TYR H 414 -22.50 4.40 5.88
N ASP H 415 -22.84 3.17 6.25
CA ASP H 415 -24.22 2.76 6.44
C ASP H 415 -24.44 2.27 7.87
N PRO H 416 -25.11 3.05 8.72
CA PRO H 416 -25.25 2.62 10.12
C PRO H 416 -26.01 1.31 10.29
N THR H 417 -26.95 1.00 9.39
CA THR H 417 -27.81 -0.16 9.58
C THR H 417 -26.99 -1.45 9.60
N THR H 418 -26.00 -1.57 8.72
CA THR H 418 -25.19 -2.77 8.62
C THR H 418 -23.96 -2.73 9.51
N GLN H 419 -23.79 -1.63 10.28
CA GLN H 419 -22.61 -1.48 11.19
C GLN H 419 -23.12 -1.20 12.61
N TYR H 420 -23.49 -2.24 13.37
CA TYR H 420 -24.01 -2.07 14.71
C TYR H 420 -23.14 -2.86 15.69
N ASN H 421 -22.65 -2.16 16.71
CA ASN H 421 -21.83 -2.74 17.76
C ASN H 421 -20.60 -3.46 17.23
N ASN H 422 -20.12 -3.07 16.05
CA ASN H 422 -18.87 -3.56 15.52
C ASN H 422 -17.74 -2.60 15.90
N LEU H 423 -16.57 -2.77 15.30
CA LEU H 423 -15.42 -1.94 15.68
C LEU H 423 -15.61 -0.49 15.25
N LEU H 424 -16.11 -0.27 14.03
CA LEU H 424 -16.29 1.10 13.56
C LEU H 424 -17.29 1.86 14.43
N ASP H 425 -18.40 1.21 14.77
CA ASP H 425 -19.41 1.84 15.61
C ASP H 425 -18.83 2.18 16.98
N ARG H 426 -18.06 1.27 17.56
CA ARG H 426 -17.52 1.50 18.89
C ARG H 426 -16.45 2.57 18.89
N VAL H 427 -15.66 2.65 17.83
CA VAL H 427 -14.71 3.76 17.69
C VAL H 427 -15.45 5.08 17.58
N LEU H 428 -16.53 5.10 16.80
CA LEU H 428 -17.36 6.30 16.72
C LEU H 428 -17.95 6.67 18.06
N ARG H 429 -18.18 5.67 18.93
CA ARG H 429 -18.90 5.90 20.17
C ARG H 429 -18.01 6.37 21.31
N HIS H 430 -16.68 6.23 21.21
CA HIS H 430 -15.78 6.80 22.21
C HIS H 430 -14.74 7.71 21.56
N ARG H 431 -15.12 8.36 20.45
CA ARG H 431 -14.22 9.31 19.80
C ARG H 431 -13.84 10.44 20.74
N ASP H 432 -14.71 10.81 21.67
CA ASP H 432 -14.39 11.88 22.61
C ASP H 432 -13.18 11.49 23.45
N ALA H 433 -13.16 10.26 23.97
CA ALA H 433 -12.02 9.82 24.76
C ALA H 433 -10.75 9.75 23.91
N ILE H 434 -10.87 9.24 22.68
CA ILE H 434 -9.72 9.12 21.80
C ILE H 434 -9.11 10.50 21.56
N ILE H 435 -9.95 11.46 21.17
CA ILE H 435 -9.44 12.78 20.82
C ILE H 435 -8.95 13.52 22.04
N SER H 436 -9.61 13.33 23.19
CA SER H 436 -9.12 13.91 24.43
C SER H 436 -7.70 13.45 24.73
N HIS H 437 -7.47 12.14 24.70
CA HIS H 437 -6.15 11.63 25.06
C HIS H 437 -5.12 11.99 24.01
N LEU H 438 -5.50 12.00 22.73
CA LEU H 438 -4.57 12.39 21.69
C LEU H 438 -4.20 13.87 21.81
N ASN H 439 -5.16 14.72 22.15
CA ASN H 439 -4.86 16.11 22.42
C ASN H 439 -3.92 16.26 23.60
N TRP H 440 -4.15 15.50 24.68
CA TRP H 440 -3.26 15.61 25.82
C TRP H 440 -1.84 15.19 25.46
N VAL H 441 -1.70 14.08 24.74
CA VAL H 441 -0.36 13.62 24.39
C VAL H 441 0.30 14.61 23.43
N CYS H 442 -0.47 15.23 22.55
CA CYS H 442 0.10 16.25 21.66
C CYS H 442 0.63 17.42 22.46
N ILE H 443 -0.15 17.90 23.44
CA ILE H 443 0.31 19.03 24.25
C ILE H 443 1.56 18.63 25.04
N PHE H 444 1.54 17.44 25.64
CA PHE H 444 2.68 17.01 26.45
C PHE H 444 3.94 16.90 25.60
N LEU H 445 3.83 16.30 24.41
CA LEU H 445 4.98 16.18 23.53
C LEU H 445 5.47 17.54 23.06
N GLY H 446 4.55 18.41 22.66
CA GLY H 446 4.96 19.74 22.24
C GLY H 446 5.72 20.45 23.33
N PHE H 447 5.21 20.42 24.55
CA PHE H 447 5.91 21.05 25.65
C PHE H 447 7.27 20.38 25.83
N HIS H 448 7.29 19.13 26.20
CA HIS H 448 8.56 18.52 26.57
C HIS H 448 9.50 18.29 25.41
N SER H 449 9.23 18.78 24.18
CA SER H 449 10.26 18.85 23.16
C SER H 449 10.59 20.30 22.79
N PHE H 450 9.60 21.07 22.34
CA PHE H 450 9.91 22.42 21.91
C PHE H 450 10.23 23.34 23.07
N GLY H 451 9.58 23.16 24.22
CA GLY H 451 9.97 23.90 25.40
C GLY H 451 11.38 23.57 25.86
N LEU H 452 11.83 22.33 25.64
CA LEU H 452 13.24 22.03 25.88
C LEU H 452 14.13 22.82 24.93
N TYR H 453 13.74 22.92 23.66
CA TYR H 453 14.51 23.77 22.75
C TYR H 453 14.52 25.23 23.20
N ILE H 454 13.38 25.72 23.68
CA ILE H 454 13.29 27.12 24.12
C ILE H 454 14.10 27.33 25.40
N HIS H 455 14.08 26.35 26.31
CA HIS H 455 14.94 26.37 27.46
C HIS H 455 16.40 26.48 27.05
N ASN H 456 16.82 25.68 26.07
CA ASN H 456 18.19 25.76 25.59
C ASN H 456 18.49 27.13 25.02
N ASP H 457 17.55 27.68 24.23
CA ASP H 457 17.73 29.02 23.67
C ASP H 457 17.95 30.03 24.78
N THR H 458 17.12 29.97 25.83
CA THR H 458 17.16 30.98 26.89
C THR H 458 18.44 30.87 27.70
N MET H 459 18.81 29.65 28.12
CA MET H 459 20.05 29.50 28.88
C MET H 459 21.27 29.86 28.06
N SER H 460 21.25 29.60 26.76
CA SER H 460 22.36 30.03 25.91
C SER H 460 22.41 31.55 25.82
N ALA H 461 21.24 32.20 25.74
CA ALA H 461 21.19 33.66 25.67
C ALA H 461 21.49 34.31 27.01
N LEU H 462 21.22 33.62 28.12
CA LEU H 462 21.48 34.15 29.45
C LEU H 462 22.91 33.91 29.91
N GLY H 463 23.74 33.28 29.10
CA GLY H 463 25.09 32.93 29.53
C GLY H 463 25.12 31.86 30.59
N ARG H 464 24.26 30.85 30.48
CA ARG H 464 24.22 29.73 31.41
C ARG H 464 24.23 28.44 30.61
N PRO H 465 25.33 28.14 29.93
CA PRO H 465 25.38 26.93 29.10
C PRO H 465 25.35 25.64 29.91
N GLN H 466 25.65 25.70 31.20
CA GLN H 466 25.62 24.51 32.06
C GLN H 466 24.20 24.11 32.45
N ASP H 467 23.22 24.97 32.24
CA ASP H 467 21.83 24.67 32.56
C ASP H 467 21.05 24.19 31.35
N MET H 468 21.72 23.93 30.23
CA MET H 468 21.06 23.52 29.01
C MET H 468 20.82 22.01 29.02
N PHE H 469 20.26 21.51 27.92
CA PHE H 469 20.05 20.08 27.70
C PHE H 469 20.98 19.67 26.57
N SER H 470 22.20 19.28 26.92
CA SER H 470 23.19 18.89 25.94
C SER H 470 24.08 17.81 26.54
N ASP H 471 25.11 17.42 25.77
CA ASP H 471 26.03 16.40 26.25
C ASP H 471 26.99 16.96 27.30
N THR H 472 27.33 18.24 27.21
CA THR H 472 28.12 18.92 28.23
C THR H 472 27.25 19.57 29.30
N ALA H 473 25.98 19.22 29.34
CA ALA H 473 25.01 19.79 30.28
C ALA H 473 24.11 18.65 30.74
N ILE H 474 22.94 18.98 31.27
CA ILE H 474 21.96 17.95 31.59
C ILE H 474 21.75 17.09 30.35
N GLN H 475 22.08 15.81 30.43
CA GLN H 475 22.05 14.92 29.28
C GLN H 475 20.76 14.14 29.22
N LEU H 476 20.17 14.05 28.03
CA LEU H 476 19.02 13.20 27.76
C LEU H 476 19.47 12.19 26.71
N GLN H 477 20.09 11.11 27.16
CA GLN H 477 20.61 10.11 26.24
C GLN H 477 19.48 9.21 25.75
N PRO H 478 19.41 8.90 24.46
CA PRO H 478 18.42 7.91 24.00
C PRO H 478 18.90 6.48 24.23
N VAL H 479 18.77 6.03 25.47
CA VAL H 479 19.36 4.76 25.87
C VAL H 479 18.72 3.59 25.11
N PHE H 480 17.43 3.69 24.78
CA PHE H 480 16.76 2.59 24.10
C PHE H 480 17.25 2.44 22.67
N ALA H 481 17.36 3.54 21.94
CA ALA H 481 17.89 3.49 20.58
C ALA H 481 19.35 3.04 20.59
N GLN H 482 20.13 3.50 21.58
CA GLN H 482 21.51 3.07 21.68
C GLN H 482 21.60 1.58 21.96
N TRP H 483 20.73 1.05 22.80
CA TRP H 483 20.72 -0.39 23.08
C TRP H 483 20.32 -1.17 21.83
N ILE H 484 19.37 -0.65 21.05
CA ILE H 484 18.97 -1.33 19.82
C ILE H 484 20.14 -1.35 18.83
N GLN H 485 20.86 -0.24 18.71
CA GLN H 485 22.04 -0.22 17.85
C GLN H 485 23.08 -1.22 18.34
N ASN H 486 23.31 -1.28 19.66
CA ASN H 486 24.27 -2.24 20.18
C ASN H 486 23.86 -3.67 19.87
N THR H 487 22.58 -3.98 20.03
CA THR H 487 22.09 -5.31 19.74
C THR H 487 22.26 -5.65 18.26
N HIS H 488 21.98 -4.70 17.38
CA HIS H 488 22.09 -4.96 15.95
C HIS H 488 23.53 -5.06 15.50
N ALA H 489 24.45 -4.39 16.20
CA ALA H 489 25.86 -4.48 15.86
C ALA H 489 26.43 -5.85 16.17
N LEU H 490 25.91 -6.52 17.19
CA LEU H 490 26.39 -7.83 17.61
C LEU H 490 25.52 -8.96 17.08
N ALA H 491 24.58 -8.67 16.19
CA ALA H 491 23.70 -9.71 15.68
C ALA H 491 24.46 -10.84 14.99
N PRO H 492 25.44 -10.59 14.12
CA PRO H 492 26.15 -11.70 13.48
C PRO H 492 26.91 -12.58 14.46
N SER H 493 27.25 -12.06 15.64
CA SER H 493 28.05 -12.85 16.58
C SER H 493 27.21 -13.97 17.20
N LEU H 494 26.00 -13.67 17.63
CA LEU H 494 25.23 -14.62 18.41
C LEU H 494 23.81 -14.83 17.88
N THR H 495 23.17 -13.80 17.35
CA THR H 495 21.74 -13.86 17.04
C THR H 495 21.45 -14.25 15.60
N ALA H 496 22.35 -13.93 14.67
CA ALA H 496 22.26 -14.35 13.29
C ALA H 496 23.63 -14.91 12.89
N PRO H 497 23.97 -16.11 13.35
CA PRO H 497 25.35 -16.60 13.17
C PRO H 497 25.75 -16.77 11.72
N ASN H 498 24.79 -16.92 10.80
CA ASN H 498 25.10 -17.09 9.38
C ASN H 498 25.24 -15.76 8.67
N ALA H 499 25.54 -14.68 9.39
CA ALA H 499 25.72 -13.35 8.83
C ALA H 499 27.18 -12.94 8.95
N THR H 500 27.71 -12.33 7.89
CA THR H 500 29.07 -11.83 7.92
C THR H 500 29.11 -10.45 8.56
N ALA H 501 28.36 -9.51 8.04
CA ALA H 501 28.27 -8.15 8.56
C ALA H 501 26.91 -7.92 9.21
N SER H 502 26.78 -6.79 9.90
CA SER H 502 25.47 -6.44 10.51
C SER H 502 24.54 -5.96 9.39
N THR H 503 23.30 -5.59 9.75
CA THR H 503 22.32 -5.16 8.73
C THR H 503 22.86 -3.91 8.01
N SER H 504 23.47 -2.98 8.76
CA SER H 504 23.93 -1.71 8.16
C SER H 504 25.19 -1.19 8.86
N LEU H 505 26.00 -0.40 8.15
CA LEU H 505 27.15 0.23 8.80
C LEU H 505 26.73 1.26 9.84
N THR H 506 25.45 1.59 9.91
CA THR H 506 24.97 2.62 10.84
C THR H 506 24.81 2.09 12.26
N TRP H 507 24.75 0.78 12.46
CA TRP H 507 24.54 0.25 13.80
C TRP H 507 25.80 0.42 14.64
N GLY H 508 26.92 -0.09 14.17
CA GLY H 508 28.17 0.03 14.89
C GLY H 508 29.16 -1.02 14.42
N GLY H 509 30.33 -0.99 15.07
CA GLY H 509 31.40 -1.92 14.75
C GLY H 509 32.72 -1.27 14.40
N GLY H 510 32.75 0.05 14.18
CA GLY H 510 33.98 0.72 13.84
C GLY H 510 34.42 0.56 12.41
N ASP H 511 33.54 0.09 11.52
CA ASP H 511 33.86 -0.11 10.12
C ASP H 511 33.40 1.10 9.31
N LEU H 512 34.27 1.59 8.44
CA LEU H 512 34.00 2.76 7.62
C LEU H 512 34.28 2.42 6.17
N VAL H 513 33.27 2.52 5.33
CA VAL H 513 33.41 2.30 3.89
C VAL H 513 33.65 3.65 3.23
N ALA H 514 34.75 3.73 2.48
CA ALA H 514 35.14 5.02 1.86
C ALA H 514 35.45 4.82 0.38
N VAL H 515 34.43 4.80 -0.47
CA VAL H 515 34.68 4.70 -1.95
C VAL H 515 35.40 5.97 -2.40
N GLY H 516 36.42 5.82 -3.25
CA GLY H 516 37.21 7.00 -3.67
C GLY H 516 37.81 7.70 -2.46
N GLY H 517 37.62 9.02 -2.35
CA GLY H 517 38.11 9.77 -1.18
C GLY H 517 36.96 10.23 -0.30
N LYS H 518 35.75 9.71 -0.52
CA LYS H 518 34.58 10.11 0.24
C LYS H 518 34.24 9.04 1.27
N VAL H 519 33.16 9.29 2.01
CA VAL H 519 32.69 8.40 3.06
C VAL H 519 31.30 7.91 2.67
N ALA H 520 31.14 6.59 2.60
CA ALA H 520 29.84 6.02 2.24
C ALA H 520 28.92 5.95 3.45
N LEU H 521 29.33 5.19 4.46
CA LEU H 521 28.54 5.09 5.69
C LEU H 521 29.49 4.82 6.85
N LEU H 522 29.03 5.16 8.06
CA LEU H 522 29.77 4.92 9.29
C LEU H 522 28.79 4.84 10.44
N PRO H 523 29.20 4.31 11.58
CA PRO H 523 28.30 4.24 12.74
C PRO H 523 27.77 5.62 13.10
N ILE H 524 26.45 5.77 13.03
CA ILE H 524 25.79 7.03 13.37
C ILE H 524 25.62 7.11 14.88
N PRO H 525 26.18 8.11 15.56
CA PRO H 525 25.97 8.23 17.00
C PRO H 525 24.70 8.99 17.34
N LEU H 526 24.09 8.60 18.46
CA LEU H 526 22.88 9.22 18.96
C LEU H 526 23.17 9.83 20.33
N GLY H 527 22.76 11.09 20.51
CA GLY H 527 22.97 11.77 21.76
C GLY H 527 21.76 12.58 22.18
N THR H 528 21.98 13.67 22.93
CA THR H 528 20.87 14.50 23.38
C THR H 528 20.15 15.14 22.21
N ALA H 529 20.90 15.59 21.20
CA ALA H 529 20.28 16.24 20.05
C ALA H 529 19.36 15.27 19.31
N ASP H 530 19.78 14.02 19.17
CA ASP H 530 18.94 13.02 18.51
C ASP H 530 17.70 12.70 19.33
N PHE H 531 17.86 12.60 20.65
CA PHE H 531 16.71 12.46 21.54
C PHE H 531 15.70 13.58 21.29
N LEU H 532 16.18 14.82 21.29
CA LEU H 532 15.31 15.96 21.13
C LEU H 532 14.62 15.94 19.77
N VAL H 533 15.36 15.65 18.71
CA VAL H 533 14.79 15.74 17.38
C VAL H 533 13.80 14.61 17.13
N HIS H 534 14.08 13.41 17.67
CA HIS H 534 13.10 12.33 17.56
C HIS H 534 11.84 12.65 18.34
N HIS H 535 11.96 13.29 19.49
CA HIS H 535 10.72 13.63 20.20
C HIS H 535 9.98 14.77 19.51
N ILE H 536 10.70 15.65 18.81
CA ILE H 536 10.04 16.63 17.96
C ILE H 536 9.28 15.94 16.83
N HIS H 537 9.90 14.92 16.22
CA HIS H 537 9.23 14.15 15.19
C HIS H 537 7.97 13.50 15.72
N ALA H 538 8.05 12.90 16.90
CA ALA H 538 6.88 12.26 17.50
C ALA H 538 5.79 13.28 17.77
N PHE H 539 6.17 14.47 18.23
CA PHE H 539 5.19 15.52 18.50
C PHE H 539 4.46 15.91 17.21
N THR H 540 5.22 16.15 16.14
CA THR H 540 4.60 16.57 14.88
C THR H 540 3.69 15.47 14.33
N ILE H 541 4.15 14.21 14.39
CA ILE H 541 3.34 13.11 13.86
C ILE H 541 2.05 12.97 14.67
N HIS H 542 2.13 13.04 16.00
CA HIS H 542 0.92 12.94 16.80
C HIS H 542 -0.04 14.10 16.55
N VAL H 543 0.48 15.31 16.32
CA VAL H 543 -0.44 16.42 16.05
C VAL H 543 -1.11 16.25 14.68
N THR H 544 -0.36 15.81 13.69
CA THR H 544 -0.98 15.54 12.39
C THR H 544 -2.04 14.45 12.52
N VAL H 545 -1.72 13.39 13.25
CA VAL H 545 -2.68 12.31 13.46
C VAL H 545 -3.90 12.82 14.21
N LEU H 546 -3.70 13.73 15.17
CA LEU H 546 -4.81 14.32 15.88
C LEU H 546 -5.75 15.04 14.92
N ILE H 547 -5.20 15.93 14.09
CA ILE H 547 -6.04 16.68 13.19
C ILE H 547 -6.80 15.74 12.25
N LEU H 548 -6.10 14.79 11.65
CA LEU H 548 -6.73 13.93 10.65
C LEU H 548 -7.74 12.98 11.28
N LEU H 549 -7.41 12.38 12.42
CA LEU H 549 -8.31 11.45 13.09
C LEU H 549 -9.53 12.17 13.65
N LYS H 550 -9.35 13.39 14.15
CA LYS H 550 -10.49 14.18 14.58
C LYS H 550 -11.39 14.54 13.42
N GLY H 551 -10.81 14.82 12.25
CA GLY H 551 -11.63 15.05 11.08
C GLY H 551 -12.41 13.82 10.67
N VAL H 552 -11.77 12.65 10.71
CA VAL H 552 -12.44 11.42 10.27
C VAL H 552 -13.53 11.02 11.25
N LEU H 553 -13.22 11.06 12.55
CA LEU H 553 -14.15 10.55 13.55
C LEU H 553 -15.35 11.47 13.72
N PHE H 554 -15.18 12.78 13.53
CA PHE H 554 -16.25 13.75 13.68
C PHE H 554 -16.79 14.21 12.34
N ALA H 555 -16.57 13.43 11.27
CA ALA H 555 -17.04 13.83 9.95
C ALA H 555 -18.56 13.75 9.86
N ARG H 556 -19.17 12.75 10.49
CA ARG H 556 -20.61 12.55 10.34
C ARG H 556 -21.41 13.48 11.25
N SER H 557 -20.96 13.69 12.48
CA SER H 557 -21.68 14.53 13.42
C SER H 557 -20.75 14.95 14.54
N SER H 558 -21.21 15.93 15.31
CA SER H 558 -20.50 16.40 16.49
C SER H 558 -21.52 17.07 17.41
N ARG H 559 -21.06 17.46 18.60
CA ARG H 559 -21.94 18.17 19.52
C ARG H 559 -22.33 19.54 18.99
N LEU H 560 -21.54 20.11 18.08
CA LEU H 560 -21.88 21.39 17.49
C LEU H 560 -22.92 21.24 16.40
N ILE H 561 -22.62 20.43 15.38
CA ILE H 561 -23.51 20.19 14.27
C ILE H 561 -23.85 18.70 14.24
N PRO H 562 -25.00 18.30 14.78
CA PRO H 562 -25.32 16.86 14.83
C PRO H 562 -25.69 16.26 13.49
N ASP H 563 -25.86 17.07 12.44
CA ASP H 563 -26.23 16.58 11.12
C ASP H 563 -25.16 16.95 10.08
N LYS H 564 -23.89 16.80 10.46
CA LYS H 564 -22.80 17.14 9.56
C LYS H 564 -22.70 16.19 8.38
N ALA H 565 -23.27 14.99 8.48
CA ALA H 565 -23.27 14.06 7.36
C ALA H 565 -24.14 14.58 6.22
N ASN H 566 -25.26 15.22 6.55
CA ASN H 566 -26.11 15.80 5.53
C ASN H 566 -25.44 16.97 4.83
N LEU H 567 -24.57 17.68 5.55
CA LEU H 567 -23.85 18.80 4.95
C LEU H 567 -22.91 18.33 3.86
N GLY H 568 -22.39 17.12 3.97
CA GLY H 568 -21.48 16.56 3.00
C GLY H 568 -20.07 16.45 3.55
N PHE H 569 -19.15 16.10 2.65
CA PHE H 569 -17.74 15.99 3.00
C PHE H 569 -16.97 17.28 2.73
N ARG H 570 -17.31 17.96 1.64
CA ARG H 570 -16.61 19.16 1.19
C ARG H 570 -17.59 20.32 1.19
N PHE H 571 -17.71 20.98 2.33
CA PHE H 571 -18.55 22.17 2.48
C PHE H 571 -17.82 23.19 3.32
N PRO H 572 -18.08 24.48 3.12
CA PRO H 572 -17.27 25.52 3.78
C PRO H 572 -17.51 25.58 5.28
N CYS H 573 -18.77 25.62 5.65
CA CYS H 573 -19.19 25.89 7.02
C CYS H 573 -20.68 25.65 7.11
N ASP H 574 -21.24 25.89 8.30
CA ASP H 574 -22.68 25.85 8.49
C ASP H 574 -23.26 27.23 8.80
N GLY H 575 -22.42 28.25 8.95
CA GLY H 575 -22.86 29.59 9.21
C GLY H 575 -22.11 30.23 10.36
N PRO H 576 -22.39 31.50 10.64
CA PRO H 576 -21.79 32.16 11.80
C PRO H 576 -22.45 31.84 13.13
N GLY H 577 -23.40 30.92 13.15
CA GLY H 577 -24.10 30.58 14.37
C GLY H 577 -23.31 29.62 15.24
N ARG H 578 -23.84 29.40 16.45
CA ARG H 578 -23.15 28.61 17.46
C ARG H 578 -21.74 29.15 17.71
N GLY H 579 -21.57 30.46 17.55
CA GLY H 579 -20.28 31.10 17.70
C GLY H 579 -19.41 31.10 16.46
N GLY H 580 -19.80 30.37 15.42
CA GLY H 580 -19.00 30.27 14.21
C GLY H 580 -18.63 28.84 13.91
N THR H 581 -18.99 28.35 12.72
CA THR H 581 -18.76 26.98 12.32
C THR H 581 -17.77 26.91 11.16
N CYS H 582 -16.73 27.74 11.22
CA CYS H 582 -15.74 27.77 10.15
C CYS H 582 -14.90 26.49 10.17
N GLN H 583 -14.75 25.86 9.00
CA GLN H 583 -13.86 24.71 8.85
C GLN H 583 -14.27 23.55 9.75
N VAL H 584 -15.56 23.22 9.73
CA VAL H 584 -16.05 22.06 10.47
C VAL H 584 -16.06 20.79 9.63
N SER H 585 -15.90 20.95 8.32
CA SER H 585 -15.94 19.78 7.38
C SER H 585 -14.64 18.99 7.45
N ALA H 586 -14.71 17.69 7.19
CA ALA H 586 -13.52 16.84 7.21
C ALA H 586 -12.52 17.27 6.14
N TRP H 587 -13.01 17.85 5.03
CA TRP H 587 -12.11 18.39 4.03
C TRP H 587 -11.19 19.44 4.64
N ASP H 588 -11.73 20.29 5.52
CA ASP H 588 -10.91 21.30 6.17
C ASP H 588 -9.91 20.67 7.14
N HIS H 589 -10.27 19.55 7.76
CA HIS H 589 -9.33 18.84 8.60
C HIS H 589 -8.16 18.30 7.78
N VAL H 590 -8.44 17.78 6.58
CA VAL H 590 -7.37 17.39 5.68
C VAL H 590 -6.55 18.61 5.29
N PHE H 591 -7.23 19.74 5.10
CA PHE H 591 -6.56 20.97 4.67
C PHE H 591 -5.54 21.44 5.71
N LEU H 592 -5.88 21.30 7.00
CA LEU H 592 -4.92 21.61 8.06
C LEU H 592 -3.89 20.50 8.27
N GLY H 593 -4.29 19.25 8.10
CA GLY H 593 -3.34 18.16 8.21
C GLY H 593 -2.28 18.22 7.14
N LEU H 594 -2.58 18.84 6.01
CA LEU H 594 -1.55 19.07 5.00
C LEU H 594 -0.47 20.00 5.52
N PHE H 595 -0.86 21.09 6.18
CA PHE H 595 0.13 21.98 6.80
C PHE H 595 0.96 21.24 7.84
N TRP H 596 0.31 20.42 8.66
CA TRP H 596 1.06 19.77 9.73
C TRP H 596 1.96 18.66 9.19
N MET H 597 1.54 17.94 8.15
CA MET H 597 2.43 17.00 7.48
C MET H 597 3.59 17.74 6.84
N TYR H 598 3.34 18.92 6.29
CA TYR H 598 4.42 19.72 5.73
C TYR H 598 5.47 20.02 6.79
N ASN H 599 5.04 20.47 7.97
CA ASN H 599 6.00 20.75 9.04
C ASN H 599 6.75 19.49 9.45
N ALA H 600 6.01 18.39 9.64
CA ALA H 600 6.65 17.15 10.08
C ALA H 600 7.73 16.72 9.10
N ILE H 601 7.38 16.63 7.81
CA ILE H 601 8.34 16.17 6.81
C ILE H 601 9.47 17.16 6.65
N SER H 602 9.18 18.47 6.76
CA SER H 602 10.24 19.46 6.64
C SER H 602 11.26 19.30 7.75
N VAL H 603 10.81 19.13 8.99
CA VAL H 603 11.73 18.94 10.10
C VAL H 603 12.49 17.63 9.94
N VAL H 604 11.82 16.59 9.43
CA VAL H 604 12.47 15.30 9.25
C VAL H 604 13.61 15.42 8.24
N ILE H 605 13.35 16.08 7.11
CA ILE H 605 14.38 16.20 6.08
C ILE H 605 15.49 17.14 6.53
N PHE H 606 15.16 18.20 7.29
CA PHE H 606 16.21 19.06 7.82
C PHE H 606 17.11 18.28 8.77
N HIS H 607 16.51 17.46 9.63
CA HIS H 607 17.30 16.64 10.56
C HIS H 607 18.18 15.67 9.79
N PHE H 608 17.63 15.01 8.77
CA PHE H 608 18.45 14.11 7.95
C PHE H 608 19.61 14.84 7.32
N SER H 609 19.34 15.99 6.69
CA SER H 609 20.38 16.72 5.97
C SER H 609 21.48 17.16 6.92
N TRP H 610 21.12 17.77 8.05
CA TRP H 610 22.13 18.23 8.98
C TRP H 610 22.92 17.07 9.56
N LYS H 611 22.23 16.01 9.99
CA LYS H 611 22.93 14.89 10.60
C LYS H 611 23.90 14.24 9.62
N MET H 612 23.49 14.08 8.36
CA MET H 612 24.39 13.46 7.39
C MET H 612 25.55 14.37 7.04
N GLN H 613 25.30 15.66 6.79
CA GLN H 613 26.39 16.56 6.48
C GLN H 613 27.34 16.75 7.65
N SER H 614 26.88 16.48 8.88
CA SER H 614 27.67 16.73 10.08
C SER H 614 28.44 15.50 10.56
N ASP H 615 27.81 14.33 10.56
CA ASP H 615 28.37 13.16 11.22
C ASP H 615 28.71 12.00 10.30
N VAL H 616 28.12 11.92 9.11
CA VAL H 616 28.30 10.78 8.21
C VAL H 616 29.06 11.19 6.94
N TRP H 617 28.47 12.08 6.14
CA TRP H 617 29.09 12.46 4.88
C TRP H 617 30.37 13.24 5.11
N GLY H 618 31.35 12.99 4.26
CA GLY H 618 32.62 13.67 4.38
C GLY H 618 33.65 13.05 3.46
N SER H 619 34.90 13.42 3.69
CA SER H 619 36.04 12.94 2.93
C SER H 619 37.08 12.35 3.87
N ILE H 620 37.66 11.24 3.46
CA ILE H 620 38.72 10.56 4.19
C ILE H 620 40.02 10.72 3.41
N SER H 621 41.10 11.00 4.13
CA SER H 621 42.41 11.20 3.52
C SER H 621 43.19 9.88 3.49
N ASP H 622 44.38 9.94 2.91
CA ASP H 622 45.21 8.74 2.83
C ASP H 622 45.61 8.25 4.21
N GLN H 623 45.94 9.16 5.11
CA GLN H 623 46.32 8.77 6.46
C GLN H 623 45.17 8.08 7.17
N GLY H 624 43.95 8.57 6.97
CA GLY H 624 42.77 7.98 7.59
C GLY H 624 41.97 8.98 8.39
N VAL H 625 42.23 10.27 8.18
CA VAL H 625 41.53 11.34 8.88
C VAL H 625 40.24 11.64 8.13
N VAL H 626 39.12 11.59 8.84
CA VAL H 626 37.81 11.80 8.25
C VAL H 626 37.33 13.19 8.63
N THR H 627 37.15 14.05 7.63
CA THR H 627 36.57 15.36 7.82
C THR H 627 35.16 15.37 7.24
N HIS H 628 34.26 16.11 7.88
CA HIS H 628 32.86 16.12 7.50
C HIS H 628 32.49 17.41 6.81
N ILE H 629 31.35 17.38 6.12
CA ILE H 629 30.93 18.51 5.29
C ILE H 629 30.70 19.74 6.17
N THR H 630 30.05 19.57 7.32
CA THR H 630 29.79 20.67 8.23
C THR H 630 30.80 20.73 9.38
N GLY H 631 31.20 19.59 9.93
CA GLY H 631 32.23 19.56 10.95
C GLY H 631 31.78 19.00 12.27
N GLY H 632 30.73 18.18 12.27
CA GLY H 632 30.24 17.57 13.48
C GLY H 632 29.68 18.53 14.50
N ASN H 633 28.98 19.57 14.05
CA ASN H 633 28.40 20.57 14.93
C ASN H 633 26.94 20.27 15.28
N PHE H 634 26.41 19.15 14.81
CA PHE H 634 25.02 18.79 15.12
C PHE H 634 24.84 18.48 16.60
N ALA H 635 25.84 17.89 17.25
CA ALA H 635 25.69 17.49 18.64
C ALA H 635 25.57 18.68 19.57
N GLN H 636 26.13 19.84 19.18
CA GLN H 636 26.15 21.01 20.04
C GLN H 636 25.36 22.19 19.49
N SER H 637 24.98 22.18 18.21
CA SER H 637 24.24 23.28 17.62
C SER H 637 22.77 22.97 17.36
N SER H 638 22.42 21.70 17.16
CA SER H 638 21.03 21.35 16.92
C SER H 638 20.18 21.44 18.18
N ILE H 639 20.79 21.57 19.35
CA ILE H 639 20.04 21.68 20.60
C ILE H 639 19.40 23.04 20.77
N THR H 640 19.77 24.02 19.95
CA THR H 640 19.32 25.39 20.08
C THR H 640 18.63 25.82 18.79
N ILE H 641 17.50 26.52 18.92
CA ILE H 641 16.80 26.99 17.73
C ILE H 641 17.65 28.01 16.99
N ASN H 642 18.40 28.84 17.72
CA ASN H 642 19.36 29.73 17.06
C ASN H 642 20.40 28.93 16.30
N GLY H 643 20.79 27.77 16.84
CA GLY H 643 21.71 26.91 16.11
C GLY H 643 21.15 26.43 14.80
N TRP H 644 19.86 26.09 14.78
CA TRP H 644 19.21 25.72 13.52
C TRP H 644 19.15 26.91 12.57
N LEU H 645 18.84 28.10 13.09
CA LEU H 645 18.73 29.28 12.25
C LEU H 645 20.08 29.64 11.63
N ARG H 646 21.17 29.49 12.38
CA ARG H 646 22.48 29.97 11.98
C ARG H 646 23.31 28.90 11.30
N ASP H 647 23.55 27.79 11.99
CA ASP H 647 24.46 26.76 11.48
C ASP H 647 23.83 25.90 10.40
N PHE H 648 22.51 25.93 10.22
CA PHE H 648 21.86 25.15 9.19
C PHE H 648 21.19 26.02 8.13
N LEU H 649 20.27 26.91 8.53
CA LEU H 649 19.53 27.69 7.54
C LEU H 649 20.39 28.80 6.95
N TRP H 650 21.22 29.43 7.78
CA TRP H 650 22.06 30.53 7.33
C TRP H 650 23.38 30.06 6.74
N ALA H 651 24.03 29.09 7.38
CA ALA H 651 25.32 28.61 6.92
C ALA H 651 25.20 27.79 5.63
N GLN H 652 24.22 26.89 5.57
CA GLN H 652 24.09 26.00 4.43
C GLN H 652 23.34 26.63 3.27
N ALA H 653 22.73 27.79 3.46
CA ALA H 653 22.07 28.50 2.38
C ALA H 653 23.01 29.47 1.66
N SER H 654 24.28 29.49 2.04
CA SER H 654 25.25 30.38 1.40
C SER H 654 25.47 30.04 -0.06
N GLN H 655 25.18 28.80 -0.46
CA GLN H 655 25.46 28.35 -1.81
C GLN H 655 24.31 28.58 -2.78
N VAL H 656 23.06 28.47 -2.31
CA VAL H 656 21.93 28.73 -3.18
C VAL H 656 21.85 30.22 -3.54
N ILE H 657 22.22 31.10 -2.60
CA ILE H 657 22.15 32.53 -2.84
C ILE H 657 23.38 33.06 -3.59
N GLN H 658 24.48 32.32 -3.59
CA GLN H 658 25.68 32.68 -4.34
C GLN H 658 25.83 31.88 -5.63
N SER H 659 24.76 31.21 -6.06
CA SER H 659 24.81 30.36 -7.24
C SER H 659 24.62 31.13 -8.54
N TYR H 660 24.34 32.43 -8.48
CA TYR H 660 24.09 33.20 -9.68
C TYR H 660 25.34 33.24 -10.55
N GLY H 661 25.14 33.23 -11.87
CA GLY H 661 26.24 33.23 -12.81
C GLY H 661 26.89 31.90 -13.03
N SER H 662 26.34 30.82 -12.48
CA SER H 662 26.88 29.48 -12.63
C SER H 662 25.75 28.53 -13.02
N SER H 663 26.10 27.25 -13.18
CA SER H 663 25.11 26.25 -13.58
C SER H 663 24.07 26.00 -12.50
N LEU H 664 24.31 26.46 -11.28
CA LEU H 664 23.36 26.31 -10.19
C LEU H 664 22.47 27.54 -10.03
N SER H 665 22.57 28.51 -10.94
CA SER H 665 21.76 29.72 -10.82
C SER H 665 20.29 29.43 -10.93
N ALA H 666 19.91 28.36 -11.64
CA ALA H 666 18.50 27.97 -11.69
C ALA H 666 17.98 27.62 -10.31
N TYR H 667 18.82 27.02 -9.48
CA TYR H 667 18.40 26.70 -8.12
C TYR H 667 18.13 27.96 -7.31
N GLY H 668 18.97 29.00 -7.46
CA GLY H 668 18.68 30.24 -6.76
C GLY H 668 17.43 30.92 -7.29
N LEU H 669 17.24 30.91 -8.61
CA LEU H 669 16.04 31.47 -9.19
C LEU H 669 14.80 30.79 -8.64
N LEU H 670 14.80 29.45 -8.59
CA LEU H 670 13.64 28.74 -8.08
C LEU H 670 13.52 28.85 -6.56
N PHE H 671 14.63 29.03 -5.86
CA PHE H 671 14.59 29.34 -4.43
C PHE H 671 13.75 30.58 -4.18
N LEU H 672 14.09 31.67 -4.87
CA LEU H 672 13.35 32.91 -4.71
C LEU H 672 11.91 32.78 -5.24
N GLY H 673 11.74 32.09 -6.36
CA GLY H 673 10.40 31.92 -6.90
C GLY H 673 9.50 31.11 -5.99
N ALA H 674 10.06 30.11 -5.31
CA ALA H 674 9.27 29.34 -4.35
C ALA H 674 8.92 30.18 -3.14
N HIS H 675 9.86 31.02 -2.68
CA HIS H 675 9.52 32.00 -1.66
C HIS H 675 8.33 32.84 -2.11
N PHE H 676 8.35 33.28 -3.36
CA PHE H 676 7.27 34.08 -3.91
C PHE H 676 5.96 33.34 -3.90
N VAL H 677 5.96 32.07 -4.31
CA VAL H 677 4.73 31.30 -4.39
C VAL H 677 4.16 31.08 -2.99
N TRP H 678 5.02 30.83 -2.01
CA TRP H 678 4.56 30.69 -0.63
C TRP H 678 3.90 31.97 -0.13
N ALA H 679 4.58 33.10 -0.31
CA ALA H 679 3.98 34.37 0.10
C ALA H 679 2.66 34.60 -0.62
N PHE H 680 2.58 34.20 -1.89
CA PHE H 680 1.35 34.35 -2.65
C PHE H 680 0.23 33.51 -2.05
N SER H 681 0.55 32.27 -1.65
CA SER H 681 -0.43 31.43 -0.98
C SER H 681 -0.98 32.10 0.27
N LEU H 682 -0.14 32.90 0.94
CA LEU H 682 -0.58 33.51 2.19
C LEU H 682 -1.87 34.31 2.06
N MET H 683 -2.15 34.91 0.89
CA MET H 683 -3.36 35.73 0.82
C MET H 683 -4.61 34.91 0.55
N PHE H 684 -4.50 33.84 -0.23
CA PHE H 684 -5.62 32.91 -0.32
C PHE H 684 -5.91 32.29 1.03
N LEU H 685 -4.87 32.10 1.86
CA LEU H 685 -5.08 31.52 3.18
C LEU H 685 -5.66 32.52 4.16
N PHE H 686 -5.24 33.79 4.10
CA PHE H 686 -5.66 34.78 5.08
C PHE H 686 -6.95 35.49 4.69
N SER H 687 -7.20 35.68 3.40
CA SER H 687 -8.33 36.49 2.98
C SER H 687 -9.62 35.67 2.99
N GLY H 688 -10.74 36.37 2.79
CA GLY H 688 -12.03 35.77 2.65
C GLY H 688 -12.54 35.81 1.23
N ARG H 689 -13.86 35.76 1.09
CA ARG H 689 -14.50 35.71 -0.21
C ARG H 689 -15.37 36.92 -0.51
N GLY H 690 -16.00 37.54 0.49
CA GLY H 690 -16.82 38.70 0.22
C GLY H 690 -16.00 39.87 -0.29
N TYR H 691 -14.81 40.06 0.27
CA TYR H 691 -13.96 41.17 -0.15
C TYR H 691 -13.66 41.07 -1.64
N TRP H 692 -13.24 39.88 -2.09
CA TRP H 692 -12.88 39.69 -3.48
C TRP H 692 -14.10 39.74 -4.38
N GLN H 693 -15.26 39.28 -3.89
CA GLN H 693 -16.46 39.39 -4.69
C GLN H 693 -16.83 40.86 -4.92
N GLU H 694 -16.68 41.70 -3.91
CA GLU H 694 -16.99 43.11 -4.08
C GLU H 694 -15.96 43.81 -4.99
N LEU H 695 -14.69 43.45 -4.84
CA LEU H 695 -13.68 43.97 -5.76
C LEU H 695 -14.00 43.57 -7.20
N ILE H 696 -14.46 42.33 -7.38
CA ILE H 696 -14.84 41.86 -8.70
C ILE H 696 -16.05 42.63 -9.20
N GLU H 697 -16.97 42.99 -8.31
CA GLU H 697 -18.10 43.82 -8.71
C GLU H 697 -17.63 45.17 -9.25
N SER H 698 -16.67 45.79 -8.57
CA SER H 698 -16.13 47.06 -9.07
C SER H 698 -15.46 46.88 -10.43
N ILE H 699 -14.68 45.82 -10.59
CA ILE H 699 -14.02 45.58 -11.87
C ILE H 699 -15.05 45.31 -12.95
N VAL H 700 -16.13 44.62 -12.61
CA VAL H 700 -17.19 44.34 -13.57
C VAL H 700 -17.89 45.63 -13.97
N TRP H 701 -18.07 46.56 -13.03
CA TRP H 701 -18.58 47.88 -13.41
C TRP H 701 -17.66 48.53 -14.42
N ALA H 702 -16.35 48.48 -14.16
CA ALA H 702 -15.40 49.08 -15.09
C ALA H 702 -15.54 48.47 -16.48
N HIS H 703 -15.72 47.15 -16.54
CA HIS H 703 -15.88 46.49 -17.84
C HIS H 703 -17.22 46.81 -18.49
N ASN H 704 -18.28 46.92 -17.69
CA ASN H 704 -19.59 47.24 -18.24
C ASN H 704 -19.64 48.65 -18.80
N LYS H 705 -18.87 49.57 -18.22
CA LYS H 705 -18.81 50.92 -18.75
C LYS H 705 -18.32 50.93 -20.19
N LEU H 706 -17.53 49.94 -20.59
CA LEU H 706 -16.99 49.86 -21.94
C LEU H 706 -17.62 48.73 -22.76
N LYS H 707 -18.71 48.13 -22.28
CA LYS H 707 -19.40 47.07 -23.00
C LYS H 707 -18.46 45.91 -23.33
N VAL H 708 -17.70 45.49 -22.31
CA VAL H 708 -16.78 44.37 -22.48
C VAL H 708 -16.96 43.39 -21.33
N ALA H 709 -18.09 43.46 -20.65
CA ALA H 709 -18.37 42.52 -19.56
C ALA H 709 -18.75 41.16 -20.14
N PRO H 710 -18.17 40.07 -19.65
CA PRO H 710 -18.50 38.75 -20.20
C PRO H 710 -19.88 38.29 -19.77
N ALA H 711 -20.47 37.40 -20.58
CA ALA H 711 -21.74 36.80 -20.21
C ALA H 711 -21.56 35.73 -19.14
N ILE H 712 -20.40 35.08 -19.10
CA ILE H 712 -20.06 34.17 -18.01
C ILE H 712 -19.63 35.03 -16.83
N GLN H 713 -20.51 35.16 -15.85
CA GLN H 713 -20.33 36.16 -14.80
C GLN H 713 -19.08 35.83 -13.98
N PRO H 714 -18.15 36.76 -13.83
CA PRO H 714 -16.98 36.50 -12.96
C PRO H 714 -17.41 36.39 -11.51
N ARG H 715 -16.93 35.34 -10.84
CA ARG H 715 -17.18 35.13 -9.43
C ARG H 715 -15.87 34.88 -8.71
N ALA H 716 -15.82 35.27 -7.44
CA ALA H 716 -14.67 34.94 -6.61
C ALA H 716 -14.65 33.44 -6.35
N LEU H 717 -13.46 32.93 -6.05
CA LEU H 717 -13.33 31.51 -5.73
C LEU H 717 -14.16 31.19 -4.50
N SER H 718 -14.73 29.99 -4.48
CA SER H 718 -15.46 29.54 -3.31
C SER H 718 -14.54 29.52 -2.10
N ILE H 719 -15.15 29.39 -0.91
CA ILE H 719 -14.36 29.33 0.31
C ILE H 719 -13.48 28.09 0.31
N VAL H 720 -14.06 26.94 -0.04
CA VAL H 720 -13.29 25.71 -0.08
C VAL H 720 -12.22 25.80 -1.16
N GLN H 721 -12.55 26.40 -2.30
CA GLN H 721 -11.54 26.58 -3.33
C GLN H 721 -10.46 27.55 -2.88
N GLY H 722 -10.84 28.61 -2.16
CA GLY H 722 -9.82 29.50 -1.61
C GLY H 722 -8.84 28.76 -0.72
N ARG H 723 -9.36 27.90 0.17
CA ARG H 723 -8.49 27.11 1.03
C ARG H 723 -7.63 26.16 0.22
N ALA H 724 -8.21 25.53 -0.80
CA ALA H 724 -7.44 24.59 -1.62
C ALA H 724 -6.31 25.29 -2.35
N VAL H 725 -6.59 26.44 -2.94
CA VAL H 725 -5.55 27.20 -3.64
C VAL H 725 -4.49 27.64 -2.66
N GLY H 726 -4.89 28.12 -1.49
CA GLY H 726 -3.92 28.55 -0.50
C GLY H 726 -2.99 27.42 -0.09
N VAL H 727 -3.56 26.26 0.23
CA VAL H 727 -2.73 25.14 0.71
C VAL H 727 -1.85 24.62 -0.43
N ALA H 728 -2.38 24.58 -1.65
CA ALA H 728 -1.58 24.10 -2.77
C ALA H 728 -0.37 24.99 -3.00
N HIS H 729 -0.60 26.31 -3.07
CA HIS H 729 0.52 27.22 -3.29
C HIS H 729 1.47 27.22 -2.11
N TYR H 730 0.93 27.11 -0.88
CA TYR H 730 1.79 27.07 0.30
C TYR H 730 2.74 25.88 0.25
N LEU H 731 2.19 24.69 0.02
CA LEU H 731 3.03 23.50 -0.04
C LEU H 731 4.00 23.57 -1.20
N LEU H 732 3.54 24.03 -2.37
CA LEU H 732 4.44 24.13 -3.52
C LEU H 732 5.62 25.05 -3.20
N GLY H 733 5.33 26.23 -2.66
CA GLY H 733 6.40 27.17 -2.35
C GLY H 733 7.37 26.63 -1.33
N GLY H 734 6.86 26.07 -0.23
CA GLY H 734 7.77 25.56 0.79
C GLY H 734 8.62 24.42 0.27
N ILE H 735 7.99 23.45 -0.39
CA ILE H 735 8.71 22.27 -0.83
C ILE H 735 9.71 22.62 -1.92
N ALA H 736 9.35 23.55 -2.81
CA ALA H 736 10.29 23.96 -3.85
C ALA H 736 11.44 24.78 -3.28
N THR H 737 11.17 25.59 -2.25
CA THR H 737 12.26 26.31 -1.59
C THR H 737 13.27 25.31 -1.02
N THR H 738 12.78 24.29 -0.32
CA THR H 738 13.69 23.29 0.22
C THR H 738 14.38 22.51 -0.88
N TRP H 739 13.66 22.19 -1.96
CA TRP H 739 14.25 21.44 -3.05
C TRP H 739 15.43 22.21 -3.65
N ALA H 740 15.23 23.49 -3.97
CA ALA H 740 16.31 24.30 -4.50
C ALA H 740 17.46 24.39 -3.50
N PHE H 741 17.14 24.61 -2.23
CA PHE H 741 18.19 24.80 -1.23
C PHE H 741 19.05 23.55 -1.08
N PHE H 742 18.41 22.39 -0.85
CA PHE H 742 19.15 21.15 -0.76
C PHE H 742 19.95 20.89 -2.04
N LEU H 743 19.32 21.02 -3.21
CA LEU H 743 20.04 20.63 -4.41
C LEU H 743 21.25 21.51 -4.64
N ALA H 744 21.10 22.83 -4.49
CA ALA H 744 22.25 23.71 -4.65
C ALA H 744 23.34 23.39 -3.63
N ARG H 745 22.96 23.27 -2.36
CA ARG H 745 23.95 23.03 -1.31
C ARG H 745 24.70 21.72 -1.55
N ILE H 746 23.97 20.64 -1.81
CA ILE H 746 24.57 19.33 -1.92
C ILE H 746 25.28 19.11 -3.24
N ILE H 747 24.97 19.90 -4.27
CA ILE H 747 25.78 19.85 -5.48
C ILE H 747 27.06 20.66 -5.27
N SER H 748 27.00 21.73 -4.49
CA SER H 748 28.20 22.52 -4.24
C SER H 748 29.19 21.81 -3.34
N VAL H 749 28.73 21.20 -2.24
CA VAL H 749 29.65 20.65 -1.24
C VAL H 749 30.04 19.21 -1.54
N GLY H 750 29.47 18.60 -2.57
CA GLY H 750 29.77 17.22 -2.92
C GLY H 750 30.52 17.10 -4.22
N ALA I 2 -26.47 39.82 34.91
CA ALA I 2 -26.88 40.52 36.16
C ALA I 2 -25.81 41.51 36.64
N SER I 3 -25.44 42.45 35.77
CA SER I 3 -24.38 43.41 36.05
C SER I 3 -23.06 42.70 36.37
N ARG I 4 -22.56 41.98 35.38
CA ARG I 4 -21.28 41.30 35.47
C ARG I 4 -20.19 42.22 34.95
N PHE I 5 -19.01 41.68 34.65
CA PHE I 5 -17.86 42.49 34.23
C PHE I 5 -18.17 43.48 33.12
N PRO I 6 -18.79 43.11 32.01
CA PRO I 6 -19.11 44.15 31.01
C PRO I 6 -20.36 44.94 31.42
N LYS I 7 -20.18 45.82 32.41
CA LYS I 7 -21.31 46.58 32.94
C LYS I 7 -21.90 47.54 31.91
N PHE I 8 -21.19 47.79 30.80
CA PHE I 8 -21.68 48.66 29.75
C PHE I 8 -22.45 47.91 28.67
N SER I 9 -22.61 46.60 28.80
CA SER I 9 -23.28 45.80 27.79
C SER I 9 -24.08 44.70 28.48
N ARG I 10 -25.41 44.76 28.37
CA ARG I 10 -26.23 43.73 28.99
C ARG I 10 -26.05 42.38 28.29
N GLY I 11 -25.91 42.39 26.97
CA GLY I 11 -25.78 41.14 26.25
C GLY I 11 -24.53 40.37 26.60
N LEU I 12 -23.40 41.07 26.73
CA LEU I 12 -22.16 40.39 27.11
C LEU I 12 -22.22 39.88 28.54
N SER I 13 -22.82 40.67 29.44
CA SER I 13 -22.89 40.26 30.83
C SER I 13 -23.66 38.96 30.99
N GLN I 14 -24.66 38.73 30.14
CA GLN I 14 -25.46 37.52 30.20
C GLN I 14 -24.86 36.37 29.40
N ASP I 15 -23.73 36.57 28.75
CA ASP I 15 -23.05 35.49 28.04
C ASP I 15 -22.42 34.56 29.07
N PRO I 16 -22.76 33.27 29.09
CA PRO I 16 -22.18 32.35 30.08
C PRO I 16 -20.85 31.72 29.66
N THR I 17 -20.21 32.23 28.62
CA THR I 17 -18.98 31.68 28.09
C THR I 17 -17.83 32.65 28.38
N THR I 18 -16.62 32.22 28.01
CA THR I 18 -15.47 33.10 28.11
C THR I 18 -15.48 34.21 27.05
N ARG I 19 -16.38 34.12 26.08
CA ARG I 19 -16.56 35.22 25.12
C ARG I 19 -16.92 36.52 25.82
N ARG I 20 -17.65 36.42 26.94
CA ARG I 20 -18.01 37.62 27.69
C ARG I 20 -16.76 38.39 28.11
N ILE I 21 -15.77 37.69 28.66
CA ILE I 21 -14.56 38.35 29.13
C ILE I 21 -13.83 38.99 27.96
N TRP I 22 -13.65 38.24 26.87
CA TRP I 22 -12.90 38.74 25.73
C TRP I 22 -13.55 40.00 25.17
N PHE I 23 -14.86 39.96 24.96
CA PHE I 23 -15.53 41.08 24.32
C PHE I 23 -15.71 42.26 25.27
N GLY I 24 -15.81 42.01 26.57
CA GLY I 24 -15.80 43.11 27.52
C GLY I 24 -14.45 43.81 27.56
N ILE I 25 -13.37 43.04 27.43
CA ILE I 25 -12.05 43.66 27.34
C ILE I 25 -11.92 44.45 26.05
N ALA I 26 -12.43 43.91 24.94
CA ALA I 26 -12.17 44.47 23.63
C ALA I 26 -13.15 45.53 23.18
N THR I 27 -14.23 45.76 23.92
CA THR I 27 -15.25 46.74 23.54
C THR I 27 -15.43 47.81 24.61
N ALA I 28 -14.41 48.01 25.46
CA ALA I 28 -14.55 48.94 26.56
C ALA I 28 -14.58 50.39 26.10
N HIS I 29 -13.75 50.72 25.10
CA HIS I 29 -13.58 52.11 24.69
C HIS I 29 -14.49 52.52 23.56
N ASP I 30 -15.38 51.63 23.10
CA ASP I 30 -16.40 51.99 22.12
C ASP I 30 -17.58 52.57 22.89
N PHE I 31 -17.43 53.82 23.31
CA PHE I 31 -18.41 54.43 24.20
C PHE I 31 -19.78 54.52 23.54
N GLU I 32 -19.82 54.80 22.24
CA GLU I 32 -21.10 54.95 21.56
C GLU I 32 -21.91 53.66 21.56
N SER I 33 -21.27 52.51 21.73
CA SER I 33 -21.97 51.24 21.73
C SER I 33 -22.44 50.81 23.12
N HIS I 34 -22.08 51.54 24.17
CA HIS I 34 -22.49 51.15 25.51
C HIS I 34 -23.98 51.41 25.71
N ASP I 35 -24.58 50.62 26.60
CA ASP I 35 -26.00 50.75 26.87
C ASP I 35 -26.29 52.04 27.63
N ASP I 36 -27.44 52.64 27.35
CA ASP I 36 -27.89 53.85 28.02
C ASP I 36 -26.82 54.94 27.91
N MET I 37 -26.32 55.14 26.69
CA MET I 37 -25.29 56.13 26.42
C MET I 37 -25.91 57.38 25.83
N THR I 38 -25.62 58.52 26.45
CA THR I 38 -26.08 59.83 26.00
C THR I 38 -24.90 60.60 25.43
N GLU I 39 -25.18 61.47 24.46
CA GLU I 39 -24.12 62.21 23.80
C GLU I 39 -23.35 63.08 24.79
N GLU I 40 -24.06 63.68 25.75
CA GLU I 40 -23.41 64.46 26.79
C GLU I 40 -22.40 63.61 27.58
N ARG I 41 -22.85 62.45 28.06
CA ARG I 41 -21.95 61.56 28.78
C ARG I 41 -20.83 61.07 27.88
N LEU I 42 -21.14 60.81 26.61
CA LEU I 42 -20.10 60.38 25.67
C LEU I 42 -19.00 61.41 25.56
N TYR I 43 -19.38 62.68 25.34
CA TYR I 43 -18.38 63.73 25.19
C TYR I 43 -17.58 63.93 26.46
N GLN I 44 -18.24 63.90 27.63
CA GLN I 44 -17.51 64.09 28.88
C GLN I 44 -16.56 62.94 29.15
N LYS I 45 -16.98 61.70 28.86
CA LYS I 45 -16.11 60.56 29.02
C LYS I 45 -14.90 60.66 28.09
N ILE I 46 -15.12 61.11 26.85
CA ILE I 46 -14.00 61.27 25.92
C ILE I 46 -13.04 62.33 26.44
N PHE I 47 -13.58 63.43 26.97
CA PHE I 47 -12.74 64.50 27.52
C PHE I 47 -11.86 63.97 28.65
N ALA I 48 -12.46 63.23 29.58
CA ALA I 48 -11.69 62.72 30.71
C ALA I 48 -10.68 61.66 30.26
N SER I 49 -11.03 60.85 29.26
CA SER I 49 -10.07 59.88 28.73
C SER I 49 -8.90 60.59 28.06
N HIS I 50 -9.16 61.70 27.39
CA HIS I 50 -8.07 62.48 26.81
C HIS I 50 -7.16 63.03 27.89
N PHE I 51 -7.75 63.50 28.99
CA PHE I 51 -6.93 63.93 30.13
C PHE I 51 -6.06 62.78 30.64
N GLY I 52 -6.66 61.59 30.76
CA GLY I 52 -5.89 60.44 31.23
C GLY I 52 -4.74 60.10 30.29
N GLN I 53 -4.99 60.16 28.99
CA GLN I 53 -3.92 59.89 28.02
C GLN I 53 -2.80 60.91 28.12
N LEU I 54 -3.15 62.18 28.29
CA LEU I 54 -2.13 63.20 28.46
C LEU I 54 -1.29 62.93 29.71
N ALA I 55 -1.96 62.55 30.80
CA ALA I 55 -1.24 62.21 32.03
C ALA I 55 -0.29 61.04 31.80
N ILE I 56 -0.76 60.02 31.08
CA ILE I 56 0.07 58.85 30.81
C ILE I 56 1.29 59.22 29.98
N ILE I 57 1.09 60.05 28.96
CA ILE I 57 2.21 60.46 28.10
C ILE I 57 3.25 61.21 28.92
N PHE I 58 2.79 62.14 29.77
CA PHE I 58 3.73 62.91 30.55
C PHE I 58 4.44 62.05 31.60
N LEU I 59 3.74 61.06 32.17
CA LEU I 59 4.41 60.11 33.05
C LEU I 59 5.48 59.32 32.30
N TRP I 60 5.18 58.90 31.06
CA TRP I 60 6.15 58.13 30.29
C TRP I 60 7.42 58.94 30.05
N THR I 61 7.26 60.20 29.63
CA THR I 61 8.45 61.03 29.40
C THR I 61 9.17 61.35 30.71
N SER I 62 8.44 61.56 31.80
CA SER I 62 9.09 61.81 33.08
C SER I 62 9.87 60.58 33.56
N GLY I 63 9.35 59.39 33.30
CA GLY I 63 10.08 58.18 33.63
C GLY I 63 11.34 58.03 32.81
N ASN I 64 11.27 58.37 31.51
CA ASN I 64 12.48 58.38 30.70
C ASN I 64 13.51 59.32 31.31
N LEU I 65 13.08 60.53 31.67
CA LEU I 65 14.00 61.51 32.26
C LEU I 65 14.61 60.97 33.54
N PHE I 66 13.77 60.40 34.41
CA PHE I 66 14.25 59.92 35.70
C PHE I 66 15.26 58.80 35.53
N HIS I 67 14.97 57.86 34.62
CA HIS I 67 15.88 56.74 34.44
C HIS I 67 17.19 57.18 33.83
N VAL I 68 17.17 58.13 32.90
CA VAL I 68 18.41 58.63 32.35
C VAL I 68 19.21 59.37 33.42
N ALA I 69 18.52 60.10 34.30
CA ALA I 69 19.21 60.84 35.36
C ALA I 69 19.79 59.91 36.41
N TRP I 70 19.11 58.82 36.71
CA TRP I 70 19.48 57.94 37.81
C TRP I 70 20.49 56.87 37.40
N GLN I 71 20.31 56.26 36.22
CA GLN I 71 21.13 55.12 35.81
C GLN I 71 21.94 55.39 34.55
N GLY I 72 21.94 56.63 34.05
CA GLY I 72 22.58 56.95 32.79
C GLY I 72 23.94 57.58 32.95
N ASN I 73 24.57 57.82 31.80
CA ASN I 73 25.86 58.50 31.70
C ASN I 73 25.72 59.81 30.93
N PHE I 74 24.65 60.56 31.25
CA PHE I 74 24.36 61.76 30.48
C PHE I 74 25.50 62.77 30.56
N GLU I 75 26.07 62.96 31.74
CA GLU I 75 27.19 63.88 31.88
C GLU I 75 28.42 63.38 31.13
N ALA I 76 28.74 62.09 31.30
CA ALA I 76 29.89 61.52 30.59
C ALA I 76 29.67 61.56 29.09
N TRP I 77 28.46 61.27 28.63
CA TRP I 77 28.15 61.37 27.20
C TRP I 77 28.31 62.81 26.71
N GLY I 78 27.86 63.78 27.49
CA GLY I 78 27.98 65.16 27.07
C GLY I 78 29.43 65.61 27.00
N GLN I 79 30.27 65.16 27.94
CA GLN I 79 31.68 65.50 27.88
C GLN I 79 32.35 64.92 26.64
N ASP I 80 31.80 63.84 26.09
CA ASP I 80 32.43 63.12 24.98
C ASP I 80 31.36 62.36 24.22
N PRO I 81 30.63 63.05 23.33
CA PRO I 81 29.46 62.40 22.69
C PRO I 81 29.81 61.38 21.63
N LEU I 82 30.87 61.63 20.87
CA LEU I 82 31.20 60.76 19.73
C LEU I 82 31.90 59.48 20.14
N HIS I 83 32.26 59.32 21.41
CA HIS I 83 32.90 58.09 21.86
C HIS I 83 32.31 57.58 23.17
N VAL I 84 31.06 57.91 23.47
CA VAL I 84 30.35 57.38 24.63
C VAL I 84 29.00 56.86 24.17
N ARG I 85 28.67 55.63 24.58
CA ARG I 85 27.37 55.08 24.22
C ARG I 85 26.32 55.50 25.26
N PRO I 86 25.18 56.05 24.85
CA PRO I 86 24.15 56.41 25.83
C PRO I 86 23.61 55.20 26.56
N ILE I 87 23.19 55.41 27.81
CA ILE I 87 22.59 54.39 28.64
C ILE I 87 21.11 54.68 28.80
N ALA I 88 20.27 53.68 28.55
CA ALA I 88 18.83 53.84 28.73
C ALA I 88 18.44 53.66 30.19
N HIS I 89 18.65 52.46 30.72
CA HIS I 89 18.37 52.18 32.12
C HIS I 89 19.19 50.96 32.53
N ALA I 90 19.27 50.74 33.84
CA ALA I 90 19.96 49.58 34.37
C ALA I 90 19.10 48.33 34.21
N ILE I 91 19.76 47.18 34.22
CA ILE I 91 19.10 45.88 34.13
C ILE I 91 19.26 45.16 35.46
N TRP I 92 18.16 44.65 35.99
CA TRP I 92 18.18 43.74 37.13
C TRP I 92 17.35 42.52 36.73
N ASP I 93 17.99 41.58 36.06
CA ASP I 93 17.36 40.33 35.68
C ASP I 93 17.90 39.21 36.55
N PRO I 94 17.12 38.63 37.46
CA PRO I 94 17.66 37.53 38.29
C PRO I 94 18.05 36.32 37.48
N HIS I 95 17.61 36.21 36.23
CA HIS I 95 17.88 35.04 35.40
C HIS I 95 19.22 35.11 34.68
N PHE I 96 19.91 36.24 34.73
CA PHE I 96 21.19 36.37 34.04
C PHE I 96 22.24 35.47 34.69
N GLY I 97 23.19 35.01 33.87
CA GLY I 97 24.42 34.44 34.35
C GLY I 97 25.54 35.48 34.38
N GLN I 98 26.69 35.05 34.87
CA GLN I 98 27.83 35.95 34.92
C GLN I 98 28.24 36.44 33.54
N PRO I 99 28.31 35.60 32.50
CA PRO I 99 28.62 36.13 31.17
C PRO I 99 27.62 37.16 30.70
N ALA I 100 26.34 37.00 31.04
CA ALA I 100 25.35 38.01 30.69
C ALA I 100 25.53 39.28 31.51
N VAL I 101 25.95 39.15 32.76
CA VAL I 101 26.20 40.33 33.59
C VAL I 101 27.32 41.15 32.99
N GLU I 102 28.42 40.49 32.59
CA GLU I 102 29.58 41.20 32.07
C GLU I 102 29.46 41.55 30.59
N ALA I 103 28.52 40.95 29.88
CA ALA I 103 28.30 41.31 28.47
C ALA I 103 27.53 42.62 28.34
N PHE I 104 26.64 42.90 29.29
CA PHE I 104 25.75 44.05 29.22
C PHE I 104 26.27 45.24 30.02
N THR I 105 27.50 45.17 30.51
CA THR I 105 28.11 46.28 31.24
C THR I 105 28.84 47.16 30.23
N ARG I 106 28.11 48.14 29.68
CA ARG I 106 28.65 49.06 28.70
C ARG I 106 28.38 50.49 29.17
N GLY I 107 28.94 51.45 28.45
CA GLY I 107 28.72 52.84 28.78
C GLY I 107 29.35 53.29 30.08
N GLY I 108 30.37 52.59 30.54
CA GLY I 108 31.02 52.93 31.80
C GLY I 108 30.13 52.77 33.01
N ALA I 109 29.26 51.77 33.00
CA ALA I 109 28.40 51.51 34.15
C ALA I 109 29.07 50.50 35.08
N SER I 110 28.49 50.38 36.28
CA SER I 110 28.95 49.42 37.27
C SER I 110 28.16 48.12 37.24
N GLY I 111 27.30 47.95 36.23
CA GLY I 111 26.49 46.76 36.11
C GLY I 111 25.82 46.71 34.75
N PRO I 112 24.99 45.69 34.54
CA PRO I 112 24.32 45.56 33.23
C PRO I 112 23.39 46.73 32.97
N VAL I 113 23.53 47.33 31.78
CA VAL I 113 22.73 48.46 31.37
C VAL I 113 22.29 48.26 29.92
N ASN I 114 21.25 49.00 29.53
CA ASN I 114 20.79 49.05 28.15
C ASN I 114 21.31 50.31 27.49
N ILE I 115 21.68 50.21 26.22
CA ILE I 115 22.20 51.33 25.46
C ILE I 115 21.04 51.97 24.70
N ALA I 116 20.77 53.24 24.99
CA ALA I 116 19.59 53.90 24.44
C ALA I 116 19.75 54.13 22.94
N TYR I 117 18.65 53.96 22.21
CA TYR I 117 18.60 54.21 20.77
C TYR I 117 17.41 55.08 20.41
N SER I 118 16.96 55.92 21.35
CA SER I 118 15.81 56.79 21.14
C SER I 118 16.21 58.23 20.83
N GLY I 119 17.49 58.57 20.91
CA GLY I 119 17.93 59.93 20.63
C GLY I 119 17.64 60.92 21.72
N VAL I 120 17.17 60.47 22.89
CA VAL I 120 16.84 61.40 23.97
C VAL I 120 18.09 62.12 24.46
N TYR I 121 19.25 61.45 24.43
CA TYR I 121 20.48 62.11 24.86
C TYR I 121 20.80 63.30 23.97
N GLN I 122 20.78 63.09 22.64
CA GLN I 122 21.07 64.18 21.72
C GLN I 122 20.02 65.28 21.84
N TRP I 123 18.75 64.91 21.94
CA TRP I 123 17.69 65.91 22.02
C TRP I 123 17.82 66.76 23.27
N TRP I 124 18.10 66.13 24.42
CA TRP I 124 18.21 66.87 25.66
C TRP I 124 19.50 67.69 25.71
N TYR I 125 20.58 67.21 25.09
CA TYR I 125 21.79 68.01 25.01
C TYR I 125 21.59 69.24 24.13
N THR I 126 20.78 69.10 23.07
CA THR I 126 20.55 70.22 22.17
C THR I 126 19.75 71.32 22.84
N ILE I 127 18.75 70.96 23.65
CA ILE I 127 17.84 71.94 24.22
C ILE I 127 18.38 72.53 25.52
N GLY I 128 19.62 72.19 25.87
CA GLY I 128 20.32 72.85 26.96
C GLY I 128 20.50 72.04 28.22
N LEU I 129 19.88 70.87 28.33
CA LEU I 129 20.06 70.05 29.53
C LEU I 129 21.46 69.48 29.55
N ARG I 130 22.14 69.63 30.69
CA ARG I 130 23.55 69.25 30.80
C ARG I 130 23.84 68.26 31.90
N THR I 131 23.24 68.40 33.07
CA THR I 131 23.53 67.57 34.23
C THR I 131 22.35 66.67 34.57
N ASN I 132 22.61 65.72 35.48
CA ASN I 132 21.54 64.83 35.93
C ASN I 132 20.52 65.56 36.80
N GLN I 133 20.94 66.62 37.49
CA GLN I 133 19.98 67.38 38.29
C GLN I 133 18.96 68.09 37.41
N ASP I 134 19.38 68.56 36.24
CA ASP I 134 18.44 69.15 35.30
C ASP I 134 17.38 68.13 34.88
N LEU I 135 17.81 66.92 34.56
CA LEU I 135 16.87 65.88 34.15
C LEU I 135 15.95 65.48 35.30
N TYR I 136 16.49 65.41 36.53
CA TYR I 136 15.63 65.09 37.67
C TYR I 136 14.59 66.17 37.89
N GLY I 137 14.99 67.44 37.78
CA GLY I 137 14.02 68.52 37.90
C GLY I 137 12.96 68.45 36.83
N GLY I 138 13.36 68.15 35.59
CA GLY I 138 12.39 67.98 34.54
C GLY I 138 11.42 66.85 34.80
N SER I 139 11.94 65.73 35.31
CA SER I 139 11.07 64.59 35.63
C SER I 139 10.08 64.93 36.72
N ILE I 140 10.54 65.62 37.77
CA ILE I 140 9.63 66.02 38.84
C ILE I 140 8.57 66.98 38.31
N PHE I 141 8.99 67.93 37.48
CA PHE I 141 8.05 68.88 36.90
C PHE I 141 7.00 68.17 36.06
N LEU I 142 7.41 67.17 35.28
CA LEU I 142 6.45 66.46 34.43
C LEU I 142 5.55 65.54 35.26
N LEU I 143 6.05 65.02 36.37
CA LEU I 143 5.17 64.34 37.33
C LEU I 143 4.08 65.29 37.83
N PHE I 144 4.47 66.51 38.18
CA PHE I 144 3.50 67.50 38.63
C PHE I 144 2.50 67.82 37.52
N VAL I 145 2.97 67.94 36.28
CA VAL I 145 2.09 68.24 35.16
C VAL I 145 1.07 67.13 34.96
N SER I 146 1.53 65.87 35.01
CA SER I 146 0.62 64.76 34.86
C SER I 146 -0.39 64.70 36.00
N ALA I 147 0.06 65.00 37.22
CA ALA I 147 -0.88 65.07 38.35
C ALA I 147 -1.93 66.15 38.12
N LEU I 148 -1.50 67.29 37.58
CA LEU I 148 -2.44 68.37 37.28
C LEU I 148 -3.46 67.95 36.24
N PHE I 149 -3.01 67.24 35.20
CA PHE I 149 -3.95 66.76 34.20
C PHE I 149 -4.90 65.72 34.76
N LEU I 150 -4.43 64.86 35.66
CA LEU I 150 -5.34 63.92 36.31
C LEU I 150 -6.38 64.66 37.14
N ILE I 151 -5.94 65.70 37.87
CA ILE I 151 -6.88 66.49 38.66
C ILE I 151 -7.91 67.14 37.75
N ALA I 152 -7.47 67.67 36.61
CA ALA I 152 -8.40 68.29 35.68
C ALA I 152 -9.39 67.28 35.12
N GLY I 153 -8.90 66.09 34.77
CA GLY I 153 -9.79 65.08 34.23
C GLY I 153 -10.83 64.64 35.23
N TRP I 154 -10.44 64.50 36.50
CA TRP I 154 -11.42 64.22 37.55
C TRP I 154 -12.38 65.38 37.73
N LEU I 155 -11.87 66.61 37.63
CA LEU I 155 -12.67 67.79 37.94
C LEU I 155 -13.77 68.01 36.92
N HIS I 156 -13.45 67.91 35.64
CA HIS I 156 -14.44 68.18 34.59
C HIS I 156 -15.47 67.08 34.49
N LEU I 157 -15.32 65.99 35.23
CA LEU I 157 -16.35 64.97 35.33
C LEU I 157 -17.31 65.21 36.48
N GLN I 158 -17.06 66.22 37.31
CA GLN I 158 -17.92 66.53 38.44
C GLN I 158 -19.16 67.29 37.97
N PRO I 159 -20.28 67.18 38.70
CA PRO I 159 -21.53 67.78 38.20
C PRO I 159 -21.45 69.27 37.91
N LYS I 160 -20.73 70.04 38.72
CA LYS I 160 -20.71 71.49 38.57
C LYS I 160 -19.59 71.98 37.66
N TRP I 161 -18.76 71.08 37.12
CA TRP I 161 -17.74 71.44 36.14
C TRP I 161 -17.80 70.58 34.88
N LYS I 162 -18.87 69.83 34.68
CA LYS I 162 -19.02 69.07 33.44
C LYS I 162 -19.39 70.01 32.29
N PRO I 163 -18.67 70.00 31.18
CA PRO I 163 -19.07 70.83 30.04
C PRO I 163 -20.29 70.26 29.34
N SER I 164 -20.94 71.13 28.57
CA SER I 164 -22.13 70.75 27.83
C SER I 164 -21.77 70.29 26.42
N VAL I 165 -22.75 69.69 25.75
CA VAL I 165 -22.53 69.22 24.39
C VAL I 165 -22.23 70.39 23.46
N SER I 166 -22.97 71.49 23.62
CA SER I 166 -22.77 72.64 22.77
C SER I 166 -21.37 73.21 22.92
N TRP I 167 -20.82 73.18 24.14
CA TRP I 167 -19.44 73.60 24.33
C TRP I 167 -18.49 72.72 23.54
N PHE I 168 -18.75 71.41 23.51
CA PHE I 168 -17.89 70.49 22.78
C PHE I 168 -18.00 70.68 21.27
N LYS I 169 -19.10 71.26 20.79
CA LYS I 169 -19.34 71.47 19.37
C LYS I 169 -18.98 72.88 18.92
N ASN I 170 -18.38 73.69 19.79
CA ASN I 170 -17.94 75.03 19.43
C ASN I 170 -16.65 74.90 18.63
N ALA I 171 -16.79 74.77 17.31
CA ALA I 171 -15.64 74.53 16.45
C ALA I 171 -14.80 75.79 16.25
N GLU I 172 -15.45 76.94 16.08
CA GLU I 172 -14.72 78.16 15.76
C GLU I 172 -13.83 78.59 16.93
N SER I 173 -14.38 78.60 18.15
CA SER I 173 -13.58 78.99 19.31
C SER I 173 -12.43 78.01 19.52
N ARG I 174 -12.70 76.72 19.36
CA ARG I 174 -11.66 75.72 19.54
C ARG I 174 -10.53 75.90 18.54
N LEU I 175 -10.87 76.09 17.26
CA LEU I 175 -9.84 76.32 16.26
C LEU I 175 -9.06 77.60 16.56
N ASN I 176 -9.75 78.68 16.92
CA ASN I 176 -9.06 79.92 17.21
C ASN I 176 -8.06 79.72 18.34
N HIS I 177 -8.50 79.07 19.42
CA HIS I 177 -7.63 78.91 20.59
C HIS I 177 -6.48 77.95 20.31
N HIS I 178 -6.74 76.90 19.53
CA HIS I 178 -5.71 75.90 19.29
C HIS I 178 -4.68 76.39 18.27
N LEU I 179 -5.11 77.20 17.30
CA LEU I 179 -4.16 77.78 16.35
C LEU I 179 -3.35 78.90 16.99
N SER I 180 -4.00 79.75 17.79
CA SER I 180 -3.31 80.87 18.39
C SER I 180 -2.43 80.42 19.56
N GLY I 181 -3.04 79.78 20.56
CA GLY I 181 -2.33 79.45 21.77
C GLY I 181 -1.64 78.11 21.75
N LEU I 182 -2.36 77.05 21.41
CA LEU I 182 -1.79 75.71 21.46
C LEU I 182 -0.66 75.54 20.47
N PHE I 183 -0.79 76.13 19.28
CA PHE I 183 0.22 76.03 18.25
C PHE I 183 1.15 77.25 18.22
N GLY I 184 0.58 78.45 18.19
CA GLY I 184 1.39 79.65 18.05
C GLY I 184 2.11 80.06 19.32
N VAL I 185 1.38 80.17 20.43
CA VAL I 185 2.01 80.61 21.67
C VAL I 185 2.98 79.55 22.19
N SER I 186 2.68 78.27 21.99
CA SER I 186 3.62 77.22 22.38
C SER I 186 4.93 77.35 21.60
N SER I 187 4.85 77.61 20.29
CA SER I 187 6.06 77.79 19.50
C SER I 187 6.80 79.07 19.91
N LEU I 188 6.05 80.12 20.26
CA LEU I 188 6.68 81.33 20.75
C LEU I 188 7.45 81.06 22.05
N ALA I 189 6.85 80.29 22.95
CA ALA I 189 7.53 79.92 24.19
C ALA I 189 8.76 79.08 23.90
N TRP I 190 8.67 78.18 22.92
CA TRP I 190 9.82 77.33 22.62
C TRP I 190 10.97 78.13 22.03
N THR I 191 10.66 79.08 21.14
CA THR I 191 11.72 79.93 20.62
C THR I 191 12.28 80.84 21.73
N GLY I 192 11.45 81.21 22.70
CA GLY I 192 11.97 81.93 23.85
C GLY I 192 12.94 81.08 24.65
N HIS I 193 12.62 79.81 24.85
CA HIS I 193 13.56 78.89 25.48
C HIS I 193 14.85 78.80 24.69
N LEU I 194 14.74 78.66 23.37
CA LEU I 194 15.94 78.52 22.54
C LEU I 194 16.81 79.77 22.66
N VAL I 195 16.20 80.94 22.68
CA VAL I 195 16.94 82.18 22.78
C VAL I 195 17.58 82.32 24.15
N HIS I 196 16.86 81.93 25.20
CA HIS I 196 17.30 82.21 26.57
C HIS I 196 18.16 81.10 27.17
N VAL I 197 18.00 79.86 26.75
CA VAL I 197 18.63 78.74 27.43
C VAL I 197 19.46 77.90 26.47
N ALA I 198 18.84 77.42 25.40
CA ALA I 198 19.52 76.46 24.53
C ALA I 198 20.72 77.08 23.82
N ILE I 199 20.53 78.24 23.18
CA ILE I 199 21.63 78.88 22.46
C ILE I 199 22.76 79.28 23.39
N PRO I 200 22.51 79.98 24.51
CA PRO I 200 23.61 80.27 25.44
C PRO I 200 24.30 79.01 25.95
N GLU I 201 23.55 77.93 26.17
CA GLU I 201 24.16 76.68 26.59
C GLU I 201 25.09 76.14 25.52
N SER I 202 24.68 76.20 24.26
CA SER I 202 25.53 75.76 23.17
C SER I 202 26.68 76.72 22.91
N ARG I 203 26.66 77.91 23.49
CA ARG I 203 27.76 78.86 23.37
C ARG I 203 28.56 78.99 24.66
N GLY I 204 28.38 78.08 25.62
CA GLY I 204 29.17 78.02 26.82
C GLY I 204 28.56 78.70 28.03
N GLU I 205 27.57 79.56 27.84
CA GLU I 205 26.91 80.20 28.96
C GLU I 205 26.01 79.21 29.69
N HIS I 206 25.76 79.48 30.96
CA HIS I 206 24.90 78.66 31.80
C HIS I 206 23.75 79.53 32.29
N VAL I 207 22.57 79.36 31.71
CA VAL I 207 21.38 80.12 32.06
C VAL I 207 20.38 79.17 32.69
N ARG I 208 20.00 79.44 33.94
CA ARG I 208 19.01 78.65 34.64
C ARG I 208 17.96 79.56 35.25
N TRP I 209 17.07 79.00 36.07
CA TRP I 209 15.99 79.81 36.64
C TRP I 209 16.54 80.88 37.58
N ASN I 210 17.69 80.63 38.19
CA ASN I 210 18.25 81.57 39.15
C ASN I 210 18.89 82.79 38.50
N ASN I 211 19.08 82.79 37.18
CA ASN I 211 19.64 83.94 36.50
C ASN I 211 18.96 84.20 35.16
N LEU I 212 17.70 83.78 35.01
CA LEU I 212 16.98 84.05 33.77
C LEU I 212 16.79 85.54 33.56
N LEU I 213 16.40 86.27 34.60
CA LEU I 213 16.22 87.71 34.50
C LEU I 213 17.54 88.46 34.50
N THR I 214 18.65 87.80 34.84
CA THR I 214 19.97 88.40 34.83
C THR I 214 20.71 88.14 33.53
N ALA I 215 20.67 86.90 33.04
CA ALA I 215 21.35 86.57 31.78
C ALA I 215 20.71 87.33 30.63
N LEU I 216 21.55 87.94 29.80
CA LEU I 216 21.07 88.78 28.71
C LEU I 216 21.19 88.02 27.41
N PRO I 217 20.08 87.63 26.76
CA PRO I 217 20.20 86.80 25.55
C PRO I 217 21.01 87.45 24.45
N HIS I 218 20.93 88.76 24.29
CA HIS I 218 21.68 89.50 23.29
C HIS I 218 22.27 90.73 23.95
N PRO I 219 23.46 91.17 23.55
CA PRO I 219 24.04 92.38 24.16
C PRO I 219 23.13 93.59 24.04
N GLN I 220 22.42 93.73 22.92
CA GLN I 220 21.44 94.80 22.72
C GLN I 220 20.07 94.18 22.91
N GLY I 221 19.61 94.16 24.16
CA GLY I 221 18.39 93.45 24.50
C GLY I 221 17.12 94.22 24.25
N LEU I 222 16.31 93.74 23.31
CA LEU I 222 14.97 94.23 23.04
C LEU I 222 14.96 95.68 22.56
N GLY I 223 16.12 96.28 22.31
CA GLY I 223 16.19 97.60 21.75
C GLY I 223 15.89 97.57 20.26
N PRO I 224 16.72 96.88 19.49
CA PRO I 224 16.46 96.74 18.06
C PRO I 224 15.17 96.00 17.75
N PHE I 225 14.66 95.18 18.67
CA PHE I 225 13.39 94.52 18.43
C PHE I 225 12.26 95.54 18.34
N PHE I 226 12.20 96.47 19.28
CA PHE I 226 11.15 97.48 19.31
C PHE I 226 11.50 98.70 18.47
N ALA I 227 12.71 98.76 17.92
CA ALA I 227 13.07 99.80 16.98
C ALA I 227 12.89 99.37 15.52
N GLY I 228 12.51 98.11 15.29
CA GLY I 228 12.29 97.61 13.95
C GLY I 228 13.54 97.17 13.22
N GLN I 229 14.72 97.38 13.81
CA GLN I 229 15.98 97.00 13.18
C GLN I 229 16.40 95.61 13.67
N TRP I 230 15.61 94.63 13.26
CA TRP I 230 15.81 93.25 13.70
C TRP I 230 17.11 92.64 13.19
N ASN I 231 17.71 93.23 12.15
CA ASN I 231 18.94 92.67 11.61
C ASN I 231 20.06 92.60 12.64
N VAL I 232 19.97 93.42 13.71
CA VAL I 232 20.99 93.38 14.75
C VAL I 232 21.06 92.00 15.38
N TYR I 233 19.95 91.26 15.39
CA TYR I 233 19.92 89.91 15.95
C TYR I 233 20.49 88.87 15.00
N ALA I 234 21.13 89.27 13.90
CA ALA I 234 21.75 88.31 13.00
C ALA I 234 23.11 88.80 12.49
N GLN I 235 23.73 89.76 13.17
CA GLN I 235 24.95 90.36 12.65
C GLN I 235 26.17 89.48 12.83
N ASN I 236 26.22 88.69 13.90
CA ASN I 236 27.41 87.91 14.26
C ASN I 236 27.03 86.45 14.44
N PRO I 237 26.90 85.70 13.35
CA PRO I 237 26.59 84.27 13.46
C PRO I 237 27.80 83.50 13.97
N ASP I 238 27.53 82.26 14.40
CA ASP I 238 28.60 81.38 14.85
C ASP I 238 29.49 81.00 13.67
N SER I 239 30.79 80.91 13.94
CA SER I 239 31.75 80.52 12.92
C SER I 239 31.68 79.02 12.68
N ASN I 240 32.41 78.56 11.66
CA ASN I 240 32.47 77.14 11.35
C ASN I 240 33.45 76.39 12.25
N SER I 241 34.25 77.10 13.04
CA SER I 241 35.14 76.49 14.01
C SER I 241 34.51 76.37 15.39
N HIS I 242 33.21 76.67 15.49
CA HIS I 242 32.54 76.59 16.78
C HIS I 242 32.42 75.15 17.24
N LEU I 243 32.69 74.94 18.53
CA LEU I 243 32.49 73.65 19.18
C LEU I 243 31.24 73.75 20.05
N PHE I 244 30.31 72.81 19.87
CA PHE I 244 29.04 72.87 20.57
C PHE I 244 29.26 72.83 22.08
N GLY I 245 28.61 73.74 22.79
CA GLY I 245 28.72 73.83 24.22
C GLY I 245 29.96 74.53 24.73
N THR I 246 30.81 75.05 23.83
CA THR I 246 32.06 75.67 24.21
C THR I 246 32.12 77.07 23.60
N SER I 247 32.66 78.02 24.36
CA SER I 247 32.68 79.41 23.93
C SER I 247 33.62 79.67 22.76
N GLU I 248 34.47 78.70 22.39
CA GLU I 248 35.44 78.90 21.33
C GLU I 248 34.75 78.85 19.98
N GLY I 249 34.86 79.94 19.22
CA GLY I 249 34.22 80.04 17.92
C GLY I 249 32.76 80.44 17.96
N ALA I 250 32.22 80.74 19.13
CA ALA I 250 30.80 81.09 19.24
C ALA I 250 30.56 82.51 18.77
N GLY I 251 29.29 82.81 18.48
CA GLY I 251 28.89 84.12 18.03
C GLY I 251 27.95 84.80 19.01
N THR I 252 27.31 85.88 18.58
CA THR I 252 26.35 86.60 19.42
C THR I 252 24.95 86.68 18.82
N ALA I 253 24.76 86.25 17.57
CA ALA I 253 23.44 86.30 16.96
C ALA I 253 22.52 85.25 17.58
N ILE I 254 21.26 85.62 17.76
CA ILE I 254 20.26 84.72 18.33
C ILE I 254 19.24 84.25 17.31
N LEU I 255 19.03 84.99 16.21
CA LEU I 255 18.10 84.61 15.14
C LEU I 255 18.84 84.76 13.83
N THR I 256 19.51 83.70 13.39
CA THR I 256 20.22 83.72 12.13
C THR I 256 19.35 83.08 11.05
N PHE I 257 19.89 83.03 9.84
CA PHE I 257 19.15 82.49 8.70
C PHE I 257 20.08 81.70 7.78
N LEU I 258 21.11 81.07 8.37
CA LEU I 258 22.22 80.55 7.60
C LEU I 258 21.80 79.40 6.70
N GLY I 259 21.09 78.42 7.26
CA GLY I 259 20.76 77.22 6.53
C GLY I 259 21.92 76.25 6.50
N GLY I 260 21.62 75.02 6.09
CA GLY I 260 22.62 73.97 6.06
C GLY I 260 22.77 73.26 7.39
N PHE I 261 24.00 72.89 7.74
CA PHE I 261 24.28 72.11 8.93
C PHE I 261 25.43 72.74 9.72
N HIS I 262 25.43 72.48 11.02
CA HIS I 262 26.56 72.84 11.86
C HIS I 262 27.75 71.95 11.49
N PRO I 263 28.91 72.52 11.17
CA PRO I 263 30.01 71.68 10.66
C PRO I 263 30.47 70.62 11.65
N GLN I 264 30.43 70.90 12.95
CA GLN I 264 30.97 69.98 13.94
C GLN I 264 29.94 68.98 14.45
N THR I 265 28.66 69.36 14.51
CA THR I 265 27.61 68.44 14.94
C THR I 265 26.80 67.88 13.80
N GLN I 266 27.00 68.38 12.57
CA GLN I 266 26.28 67.89 11.40
C GLN I 266 24.77 67.99 11.59
N SER I 267 24.34 69.07 12.26
CA SER I 267 22.94 69.28 12.58
C SER I 267 22.56 70.72 12.28
N LEU I 268 21.27 71.01 12.35
CA LEU I 268 20.79 72.35 12.08
C LEU I 268 21.27 73.32 13.17
N TRP I 269 21.48 74.57 12.77
CA TRP I 269 21.88 75.58 13.73
C TRP I 269 20.74 75.88 14.70
N LEU I 270 21.10 76.12 15.96
CA LEU I 270 20.09 76.41 16.97
C LEU I 270 19.41 77.74 16.67
N THR I 271 20.15 78.72 16.14
CA THR I 271 19.56 80.01 15.82
C THR I 271 18.59 79.90 14.66
N ASP I 272 18.89 79.06 13.68
CA ASP I 272 17.96 78.82 12.58
C ASP I 272 16.65 78.23 13.10
N MET I 273 16.74 77.27 14.02
CA MET I 273 15.53 76.68 14.58
C MET I 273 14.76 77.69 15.44
N ALA I 274 15.48 78.56 16.15
CA ALA I 274 14.80 79.60 16.92
C ALA I 274 14.02 80.53 16.00
N HIS I 275 14.65 80.96 14.91
CA HIS I 275 13.97 81.83 13.96
C HIS I 275 12.80 81.11 13.29
N HIS I 276 12.99 79.82 12.99
CA HIS I 276 11.89 78.99 12.49
C HIS I 276 10.69 79.05 13.42
N HIS I 277 10.91 78.77 14.70
CA HIS I 277 9.80 78.68 15.63
C HIS I 277 9.16 80.04 15.83
N LEU I 278 9.96 81.10 15.84
CA LEU I 278 9.39 82.44 15.95
C LEU I 278 8.51 82.76 14.76
N ALA I 279 8.97 82.43 13.54
CA ALA I 279 8.20 82.73 12.34
C ALA I 279 6.89 81.95 12.33
N ILE I 280 6.95 80.64 12.60
CA ILE I 280 5.72 79.86 12.56
C ILE I 280 4.81 80.25 13.71
N ALA I 281 5.36 80.70 14.85
CA ALA I 281 4.51 81.18 15.92
C ALA I 281 3.76 82.43 15.49
N VAL I 282 4.44 83.36 14.83
CA VAL I 282 3.75 84.55 14.33
C VAL I 282 2.65 84.15 13.36
N ILE I 283 2.98 83.25 12.43
CA ILE I 283 2.01 82.84 11.42
C ILE I 283 0.80 82.17 12.06
N PHE I 284 1.03 81.28 13.03
CA PHE I 284 -0.06 80.56 13.67
C PHE I 284 -0.91 81.49 14.52
N ILE I 285 -0.29 82.42 15.23
CA ILE I 285 -1.06 83.34 16.05
C ILE I 285 -1.93 84.22 15.16
N ILE I 286 -1.41 84.62 14.00
CA ILE I 286 -2.22 85.37 13.04
C ILE I 286 -3.37 84.50 12.54
N ALA I 287 -3.07 83.25 12.19
CA ALA I 287 -4.08 82.38 11.60
C ALA I 287 -5.18 82.04 12.59
N GLY I 288 -4.88 82.04 13.88
CA GLY I 288 -5.88 81.71 14.89
C GLY I 288 -6.89 82.80 15.15
N HIS I 289 -6.80 83.94 14.45
CA HIS I 289 -7.76 85.02 14.54
C HIS I 289 -8.74 85.01 13.38
N MET I 290 -8.94 83.85 12.76
CA MET I 290 -9.73 83.78 11.53
C MET I 290 -11.23 83.64 11.80
N TYR I 291 -11.61 82.80 12.75
CA TYR I 291 -13.01 82.42 12.90
C TYR I 291 -13.70 83.30 13.94
N ARG I 292 -15.03 83.31 13.86
CA ARG I 292 -15.86 84.20 14.67
C ARG I 292 -16.30 83.45 15.93
N THR I 293 -15.98 84.00 17.10
CA THR I 293 -16.35 83.38 18.37
C THR I 293 -17.33 84.22 19.17
N ASN I 294 -16.95 85.44 19.56
CA ASN I 294 -17.80 86.24 20.43
C ASN I 294 -17.77 87.73 20.14
N PHE I 295 -17.05 88.20 19.12
CA PHE I 295 -16.77 89.62 18.98
C PHE I 295 -17.24 90.20 17.65
N GLY I 296 -18.03 89.47 16.89
CA GLY I 296 -18.62 90.01 15.67
C GLY I 296 -17.70 90.02 14.47
N ILE I 297 -16.46 89.57 14.61
CA ILE I 297 -15.52 89.47 13.50
C ILE I 297 -15.03 88.04 13.42
N GLY I 298 -14.68 87.63 12.20
CA GLY I 298 -14.22 86.27 11.97
C GLY I 298 -14.90 85.65 10.77
N HIS I 299 -15.05 84.34 10.78
CA HIS I 299 -15.67 83.62 9.68
C HIS I 299 -16.70 82.67 10.27
N SER I 300 -17.70 82.32 9.47
CA SER I 300 -18.60 81.23 9.80
C SER I 300 -18.21 80.04 8.92
N MET I 301 -17.66 79.00 9.53
CA MET I 301 -17.16 77.87 8.76
C MET I 301 -18.26 77.21 7.96
N LYS I 302 -19.46 77.11 8.55
CA LYS I 302 -20.58 76.54 7.80
C LYS I 302 -20.86 77.36 6.56
N GLU I 303 -20.87 78.69 6.68
CA GLU I 303 -21.15 79.53 5.53
C GLU I 303 -20.02 79.47 4.52
N ILE I 304 -18.78 79.31 4.97
CA ILE I 304 -17.69 79.08 4.03
C ILE I 304 -17.95 77.81 3.23
N LEU I 305 -18.39 76.75 3.90
CA LEU I 305 -18.62 75.49 3.20
C LEU I 305 -19.79 75.60 2.21
N GLU I 306 -20.88 76.26 2.61
CA GLU I 306 -22.00 76.42 1.69
C GLU I 306 -21.60 77.29 0.49
N ALA I 307 -20.79 78.33 0.73
CA ALA I 307 -20.44 79.23 -0.36
C ALA I 307 -19.61 78.54 -1.43
N HIS I 308 -18.85 77.51 -1.06
CA HIS I 308 -17.89 76.88 -1.98
C HIS I 308 -18.60 75.75 -2.73
N THR I 309 -19.34 76.15 -3.77
CA THR I 309 -19.99 75.23 -4.67
C THR I 309 -19.74 75.74 -6.08
N PRO I 310 -19.17 74.95 -6.98
CA PRO I 310 -18.96 75.41 -8.36
C PRO I 310 -20.29 75.72 -9.02
N PRO I 311 -20.38 76.82 -9.78
CA PRO I 311 -21.65 77.11 -10.46
C PRO I 311 -21.99 76.14 -11.58
N GLY I 312 -21.00 75.45 -12.14
CA GLY I 312 -21.25 74.53 -13.23
C GLY I 312 -21.90 73.23 -12.85
N GLY I 313 -21.99 72.93 -11.56
CA GLY I 313 -22.62 71.72 -11.09
C GLY I 313 -21.78 70.47 -11.20
N ARG I 314 -20.50 70.59 -11.55
CA ARG I 314 -19.65 69.41 -11.66
C ARG I 314 -19.47 68.73 -10.32
N LEU I 315 -19.44 69.51 -9.23
CA LEU I 315 -19.34 68.96 -7.88
C LEU I 315 -20.69 68.76 -7.23
N GLY I 316 -21.79 69.06 -7.93
CA GLY I 316 -23.11 68.90 -7.34
C GLY I 316 -23.45 70.08 -6.48
N ARG I 317 -23.91 69.81 -5.26
CA ARG I 317 -24.16 70.88 -4.30
C ARG I 317 -22.90 71.36 -3.61
N GLY I 318 -21.76 70.73 -3.86
CA GLY I 318 -20.51 71.21 -3.30
C GLY I 318 -20.32 70.74 -1.89
N HIS I 319 -20.09 71.67 -0.98
CA HIS I 319 -19.80 71.38 0.42
C HIS I 319 -20.96 71.74 1.32
N LYS I 320 -22.17 71.80 0.77
CA LYS I 320 -23.35 72.12 1.57
C LYS I 320 -23.68 70.95 2.49
N GLY I 321 -23.93 71.25 3.75
CA GLY I 321 -24.22 70.23 4.73
C GLY I 321 -23.02 69.53 5.32
N LEU I 322 -21.80 69.90 4.90
CA LEU I 322 -20.61 69.24 5.44
C LEU I 322 -20.30 69.72 6.85
N TYR I 323 -20.62 70.96 7.19
CA TYR I 323 -20.32 71.44 8.53
C TYR I 323 -21.04 70.62 9.58
N ASP I 324 -22.35 70.39 9.39
CA ASP I 324 -23.10 69.61 10.37
C ASP I 324 -22.67 68.15 10.35
N THR I 325 -22.40 67.61 9.17
CA THR I 325 -21.96 66.23 9.08
C THR I 325 -20.64 66.01 9.82
N ILE I 326 -19.74 66.99 9.76
CA ILE I 326 -18.42 66.84 10.37
C ILE I 326 -18.48 67.16 11.86
N ASN I 327 -19.25 68.17 12.25
CA ASN I 327 -19.31 68.56 13.65
C ASN I 327 -20.13 67.58 14.47
N ASN I 328 -21.11 66.92 13.85
CA ASN I 328 -21.95 65.97 14.57
C ASN I 328 -21.33 64.57 14.66
N SER I 329 -20.33 64.27 13.84
CA SER I 329 -19.75 62.94 13.75
C SER I 329 -18.32 62.99 14.30
N LEU I 330 -18.10 62.34 15.44
CA LEU I 330 -16.76 62.28 16.01
C LEU I 330 -15.84 61.38 15.19
N HIS I 331 -16.41 60.42 14.45
CA HIS I 331 -15.58 59.53 13.66
C HIS I 331 -14.97 60.24 12.46
N PHE I 332 -15.72 61.17 11.85
CA PHE I 332 -15.15 61.98 10.78
C PHE I 332 -13.97 62.81 11.29
N GLN I 333 -14.13 63.43 12.47
CA GLN I 333 -13.06 64.21 13.04
C GLN I 333 -11.85 63.34 13.37
N LEU I 334 -12.10 62.15 13.92
CA LEU I 334 -11.01 61.24 14.24
C LEU I 334 -10.28 60.80 12.97
N GLY I 335 -11.03 60.50 11.90
CA GLY I 335 -10.39 60.12 10.66
C GLY I 335 -9.54 61.22 10.07
N LEU I 336 -10.06 62.45 10.07
CA LEU I 336 -9.29 63.58 9.56
C LEU I 336 -8.03 63.80 10.40
N ALA I 337 -8.17 63.74 11.73
CA ALA I 337 -7.04 63.94 12.60
C ALA I 337 -5.98 62.86 12.37
N LEU I 338 -6.40 61.61 12.24
CA LEU I 338 -5.43 60.54 12.01
C LEU I 338 -4.80 60.63 10.64
N ALA I 339 -5.54 61.04 9.62
CA ALA I 339 -4.94 61.24 8.30
C ALA I 339 -3.84 62.27 8.37
N SER I 340 -4.15 63.44 8.93
CA SER I 340 -3.16 64.50 9.04
C SER I 340 -1.98 64.05 9.90
N LEU I 341 -2.25 63.35 10.99
CA LEU I 341 -1.18 62.91 11.88
C LEU I 341 -0.28 61.89 11.21
N GLY I 342 -0.86 60.98 10.42
CA GLY I 342 -0.03 60.02 9.71
C GLY I 342 0.84 60.69 8.66
N VAL I 343 0.27 61.64 7.92
CA VAL I 343 1.07 62.38 6.95
C VAL I 343 2.21 63.11 7.66
N ILE I 344 1.91 63.73 8.80
CA ILE I 344 2.93 64.53 9.50
C ILE I 344 3.97 63.63 10.14
N THR I 345 3.58 62.43 10.58
CA THR I 345 4.56 61.48 11.12
C THR I 345 5.49 60.98 10.03
N SER I 346 4.95 60.70 8.85
CA SER I 346 5.81 60.37 7.71
C SER I 346 6.74 61.53 7.41
N LEU I 347 6.24 62.76 7.47
CA LEU I 347 7.08 63.93 7.23
C LEU I 347 8.19 64.03 8.27
N VAL I 348 7.88 63.78 9.53
CA VAL I 348 8.88 63.83 10.59
C VAL I 348 9.97 62.80 10.32
N ALA I 349 9.55 61.57 10.00
CA ALA I 349 10.53 60.53 9.72
C ALA I 349 11.40 60.88 8.52
N GLN I 350 10.80 61.44 7.47
CA GLN I 350 11.54 61.76 6.26
C GLN I 350 12.40 63.01 6.39
N HIS I 351 12.11 63.87 7.36
CA HIS I 351 12.86 65.12 7.51
C HIS I 351 13.92 65.08 8.59
N MET I 352 13.79 64.19 9.59
CA MET I 352 14.79 64.15 10.64
C MET I 352 16.02 63.34 10.26
N TYR I 353 15.93 62.41 9.31
CA TYR I 353 17.13 61.70 8.89
C TYR I 353 17.95 62.52 7.92
N SER I 354 17.31 63.35 7.10
CA SER I 354 18.02 64.16 6.11
C SER I 354 18.40 65.52 6.66
N LEU I 355 17.66 66.05 7.63
CA LEU I 355 17.95 67.32 8.27
C LEU I 355 17.97 67.10 9.77
N PRO I 356 19.03 66.52 10.31
CA PRO I 356 19.06 66.19 11.74
C PRO I 356 19.02 67.44 12.59
N PRO I 357 18.02 67.59 13.46
CA PRO I 357 17.94 68.79 14.29
C PRO I 357 18.74 68.73 15.60
N TYR I 358 19.27 67.58 15.97
CA TYR I 358 19.94 67.41 17.26
C TYR I 358 21.43 67.16 17.05
N ALA I 359 22.22 67.70 17.97
CA ALA I 359 23.68 67.61 17.86
C ALA I 359 24.14 66.16 18.04
N PHE I 360 25.10 65.77 17.21
CA PHE I 360 25.68 64.43 17.26
C PHE I 360 24.63 63.34 17.08
N LEU I 361 23.56 63.66 16.34
CA LEU I 361 22.55 62.66 16.03
C LEU I 361 22.81 61.98 14.70
N ALA I 362 23.43 62.68 13.75
CA ALA I 362 23.80 62.05 12.48
C ALA I 362 24.89 61.01 12.68
N GLN I 363 25.80 61.23 13.62
CA GLN I 363 26.84 60.24 13.88
C GLN I 363 26.29 58.98 14.54
N ASP I 364 25.18 59.10 15.28
CA ASP I 364 24.55 57.95 15.91
C ASP I 364 23.67 57.27 14.86
N PHE I 365 24.24 56.25 14.21
CA PHE I 365 23.55 55.61 13.09
C PHE I 365 22.39 54.76 13.56
N THR I 366 22.59 53.97 14.62
CA THR I 366 21.52 53.12 15.12
C THR I 366 20.34 53.95 15.60
N THR I 367 20.62 55.07 16.27
CA THR I 367 19.54 55.94 16.74
C THR I 367 18.74 56.49 15.56
N GLN I 368 19.42 56.93 14.51
CA GLN I 368 18.73 57.45 13.34
C GLN I 368 17.86 56.37 12.70
N ALA I 369 18.41 55.18 12.52
CA ALA I 369 17.64 54.10 11.88
C ALA I 369 16.43 53.72 12.73
N ALA I 370 16.61 53.62 14.04
CA ALA I 370 15.50 53.27 14.92
C ALA I 370 14.43 54.35 14.88
N LEU I 371 14.82 55.63 14.91
CA LEU I 371 13.85 56.70 14.88
C LEU I 371 13.05 56.68 13.58
N TYR I 372 13.74 56.51 12.45
CA TYR I 372 13.04 56.48 11.17
C TYR I 372 12.04 55.33 11.13
N THR I 373 12.49 54.13 11.48
CA THR I 373 11.60 52.97 11.43
C THR I 373 10.42 53.15 12.37
N HIS I 374 10.70 53.63 13.59
CA HIS I 374 9.65 53.91 14.56
C HIS I 374 8.56 54.80 13.97
N HIS I 375 8.95 56.00 13.55
CA HIS I 375 7.93 56.94 13.09
C HIS I 375 7.26 56.51 11.80
N GLN I 376 7.97 55.76 10.94
CA GLN I 376 7.30 55.27 9.73
C GLN I 376 6.24 54.23 10.05
N TYR I 377 6.55 53.29 10.95
CA TYR I 377 5.54 52.31 11.32
C TYR I 377 4.37 52.96 12.05
N ILE I 378 4.66 53.94 12.90
CA ILE I 378 3.61 54.67 13.59
C ILE I 378 2.72 55.36 12.56
N ALA I 379 3.33 55.98 11.55
CA ALA I 379 2.55 56.67 10.52
C ALA I 379 1.66 55.69 9.76
N GLY I 380 2.20 54.53 9.42
CA GLY I 380 1.39 53.55 8.70
C GLY I 380 0.19 53.09 9.51
N PHE I 381 0.42 52.79 10.78
CA PHE I 381 -0.70 52.39 11.64
C PHE I 381 -1.73 53.51 11.75
N ILE I 382 -1.26 54.75 11.86
CA ILE I 382 -2.17 55.89 11.97
C ILE I 382 -3.01 56.03 10.71
N MET I 383 -2.40 55.82 9.53
CA MET I 383 -3.16 55.92 8.29
C MET I 383 -4.22 54.82 8.21
N THR I 384 -3.87 53.59 8.58
CA THR I 384 -4.88 52.54 8.61
C THR I 384 -6.02 52.91 9.55
N GLY I 385 -5.69 53.49 10.69
CA GLY I 385 -6.74 53.91 11.62
C GLY I 385 -7.63 54.99 11.03
N ALA I 386 -7.04 55.94 10.31
CA ALA I 386 -7.82 57.00 9.69
C ALA I 386 -8.83 56.42 8.72
N PHE I 387 -8.39 55.47 7.88
CA PHE I 387 -9.32 54.87 6.92
C PHE I 387 -10.37 54.01 7.61
N ALA I 388 -9.97 53.28 8.65
CA ALA I 388 -10.95 52.48 9.39
C ALA I 388 -12.03 53.37 10.00
N HIS I 389 -11.64 54.53 10.54
CA HIS I 389 -12.61 55.41 11.15
C HIS I 389 -13.45 56.14 10.10
N GLY I 390 -12.92 56.34 8.90
CA GLY I 390 -13.77 56.78 7.81
C GLY I 390 -14.86 55.77 7.48
N ALA I 391 -14.48 54.49 7.45
CA ALA I 391 -15.48 53.45 7.23
C ALA I 391 -16.53 53.45 8.35
N ILE I 392 -16.07 53.59 9.60
CA ILE I 392 -16.99 53.62 10.73
C ILE I 392 -17.91 54.84 10.62
N PHE I 393 -17.38 55.96 10.14
CA PHE I 393 -18.23 57.13 9.92
C PHE I 393 -19.33 56.82 8.92
N PHE I 394 -18.97 56.22 7.79
CA PHE I 394 -19.98 55.89 6.79
C PHE I 394 -21.04 54.96 7.36
N ILE I 395 -20.63 53.96 8.14
CA ILE I 395 -21.60 53.00 8.65
C ILE I 395 -22.51 53.65 9.70
N ARG I 396 -21.93 54.38 10.65
CA ARG I 396 -22.67 54.77 11.85
C ARG I 396 -23.11 56.23 11.86
N ASP I 397 -22.43 57.12 11.15
CA ASP I 397 -22.64 58.55 11.30
C ASP I 397 -23.06 59.25 10.00
N TYR I 398 -23.14 58.56 8.88
CA TYR I 398 -23.44 59.18 7.60
C TYR I 398 -24.94 59.15 7.35
N ASN I 399 -25.55 60.33 7.22
CA ASN I 399 -26.96 60.46 6.89
C ASN I 399 -27.12 60.92 5.45
N PRO I 400 -27.60 60.08 4.54
CA PRO I 400 -27.79 60.55 3.15
C PRO I 400 -28.80 61.67 3.02
N GLU I 401 -29.70 61.84 3.99
CA GLU I 401 -30.71 62.89 3.89
C GLU I 401 -30.06 64.26 3.93
N GLN I 402 -29.22 64.54 4.93
CA GLN I 402 -28.56 65.83 5.02
C GLN I 402 -27.40 65.95 4.04
N ASN I 403 -26.73 64.85 3.73
CA ASN I 403 -25.66 64.84 2.73
C ASN I 403 -26.26 64.38 1.41
N LYS I 404 -26.94 65.31 0.74
CA LYS I 404 -27.65 65.05 -0.51
C LYS I 404 -26.92 65.75 -1.64
N ASP I 405 -26.29 64.97 -2.51
CA ASP I 405 -25.64 65.47 -3.71
C ASP I 405 -24.44 66.38 -3.40
N ASN I 406 -23.89 66.29 -2.20
CA ASN I 406 -22.66 67.01 -1.89
C ASN I 406 -21.47 66.10 -2.20
N VAL I 407 -20.27 66.57 -1.89
CA VAL I 407 -19.06 65.87 -2.33
C VAL I 407 -19.04 64.43 -1.81
N LEU I 408 -19.47 64.23 -0.56
CA LEU I 408 -19.49 62.86 -0.02
C LEU I 408 -20.44 61.97 -0.79
N ALA I 409 -21.64 62.47 -1.10
CA ALA I 409 -22.59 61.69 -1.88
C ALA I 409 -22.06 61.40 -3.27
N ARG I 410 -21.29 62.34 -3.85
CA ARG I 410 -20.72 62.11 -5.17
C ARG I 410 -19.59 61.07 -5.12
N MET I 411 -18.81 61.04 -4.04
CA MET I 411 -17.86 59.95 -3.86
C MET I 411 -18.57 58.61 -3.75
N LEU I 412 -19.65 58.56 -2.99
CA LEU I 412 -20.40 57.31 -2.90
C LEU I 412 -21.00 56.92 -4.25
N GLU I 413 -21.33 57.91 -5.08
CA GLU I 413 -22.01 57.63 -6.34
C GLU I 413 -21.10 56.95 -7.34
N HIS I 414 -19.87 57.44 -7.48
CA HIS I 414 -18.91 56.91 -8.45
C HIS I 414 -17.79 56.15 -7.73
N LYS I 415 -18.14 55.40 -6.68
CA LYS I 415 -17.14 54.63 -5.95
C LYS I 415 -16.59 53.49 -6.79
N GLU I 416 -17.39 52.92 -7.69
CA GLU I 416 -16.91 51.85 -8.55
C GLU I 416 -15.77 52.34 -9.43
N ALA I 417 -15.89 53.56 -9.97
CA ALA I 417 -14.80 54.12 -10.76
C ALA I 417 -13.54 54.28 -9.93
N ILE I 418 -13.68 54.80 -8.71
CA ILE I 418 -12.51 54.99 -7.85
C ILE I 418 -11.83 53.66 -7.59
N ILE I 419 -12.60 52.65 -7.20
CA ILE I 419 -12.02 51.36 -6.83
C ILE I 419 -11.40 50.70 -8.06
N SER I 420 -12.06 50.81 -9.22
CA SER I 420 -11.53 50.19 -10.43
C SER I 420 -10.23 50.85 -10.86
N HIS I 421 -10.14 52.18 -10.74
CA HIS I 421 -8.90 52.84 -11.13
C HIS I 421 -7.79 52.57 -10.14
N LEU I 422 -8.10 52.46 -8.84
CA LEU I 422 -7.09 52.01 -7.89
C LEU I 422 -6.63 50.59 -8.21
N SER I 423 -7.55 49.71 -8.59
CA SER I 423 -7.18 48.36 -8.98
C SER I 423 -6.26 48.38 -10.19
N TRP I 424 -6.58 49.21 -11.18
CA TRP I 424 -5.73 49.29 -12.36
C TRP I 424 -4.34 49.80 -12.01
N ALA I 425 -4.26 50.86 -11.20
CA ALA I 425 -2.95 51.40 -10.84
C ALA I 425 -2.14 50.36 -10.07
N SER I 426 -2.76 49.68 -9.10
CA SER I 426 -2.05 48.65 -8.36
C SER I 426 -1.59 47.53 -9.28
N LEU I 427 -2.46 47.08 -10.18
CA LEU I 427 -2.10 45.98 -11.07
C LEU I 427 -0.94 46.38 -11.98
N PHE I 428 -1.01 47.58 -12.56
CA PHE I 428 0.04 48.01 -13.47
C PHE I 428 1.37 48.11 -12.74
N LEU I 429 1.38 48.80 -11.59
CA LEU I 429 2.61 48.94 -10.82
C LEU I 429 3.16 47.58 -10.43
N GLY I 430 2.33 46.71 -9.87
CA GLY I 430 2.81 45.42 -9.42
C GLY I 430 3.35 44.58 -10.55
N PHE I 431 2.58 44.47 -11.64
CA PHE I 431 3.03 43.68 -12.78
C PHE I 431 4.38 44.18 -13.27
N HIS I 432 4.50 45.48 -13.52
CA HIS I 432 5.71 45.94 -14.20
C HIS I 432 6.91 45.97 -13.26
N THR I 433 6.71 46.35 -12.00
CA THR I 433 7.83 46.34 -11.06
C THR I 433 8.31 44.91 -10.81
N LEU I 434 7.39 43.98 -10.56
CA LEU I 434 7.77 42.60 -10.35
C LEU I 434 8.44 42.02 -11.60
N GLY I 435 7.92 42.35 -12.78
CA GLY I 435 8.51 41.85 -14.00
C GLY I 435 9.92 42.37 -14.22
N LEU I 436 10.14 43.66 -13.96
CA LEU I 436 11.49 44.20 -14.08
C LEU I 436 12.43 43.55 -13.09
N TYR I 437 11.97 43.35 -11.85
CA TYR I 437 12.81 42.69 -10.85
C TYR I 437 13.15 41.27 -11.26
N VAL I 438 12.17 40.52 -11.78
CA VAL I 438 12.42 39.15 -12.19
C VAL I 438 13.32 39.11 -13.41
N HIS I 439 13.17 40.07 -14.32
CA HIS I 439 14.06 40.19 -15.46
C HIS I 439 15.50 40.37 -14.99
N ASN I 440 15.71 41.29 -14.05
CA ASN I 440 17.05 41.53 -13.53
C ASN I 440 17.59 40.30 -12.81
N ASP I 441 16.73 39.62 -12.05
CA ASP I 441 17.15 38.39 -11.38
C ASP I 441 17.62 37.35 -12.39
N VAL I 442 16.86 37.16 -13.46
CA VAL I 442 17.20 36.15 -14.44
C VAL I 442 18.48 36.53 -15.18
N MET I 443 18.67 37.83 -15.45
CA MET I 443 19.88 38.25 -16.14
C MET I 443 21.11 38.04 -15.27
N LEU I 444 21.02 38.37 -13.98
CA LEU I 444 22.13 38.07 -13.09
C LEU I 444 22.34 36.57 -12.94
N ALA I 445 21.26 35.80 -12.95
CA ALA I 445 21.37 34.35 -12.83
C ALA I 445 22.12 33.75 -14.00
N PHE I 446 21.86 34.25 -15.21
CA PHE I 446 22.48 33.73 -16.41
C PHE I 446 23.85 34.35 -16.68
N GLY I 447 24.34 35.21 -15.80
CA GLY I 447 25.67 35.76 -15.94
C GLY I 447 25.79 36.89 -16.93
N THR I 448 24.70 37.60 -17.22
CA THR I 448 24.70 38.69 -18.19
C THR I 448 24.06 39.92 -17.54
N PRO I 449 24.79 40.59 -16.64
CA PRO I 449 24.21 41.78 -15.99
C PRO I 449 24.02 42.95 -16.92
N GLU I 450 24.65 42.97 -18.10
CA GLU I 450 24.51 44.07 -19.03
C GLU I 450 23.14 44.09 -19.70
N LYS I 451 22.35 43.01 -19.56
CA LYS I 451 21.04 42.91 -20.18
C LYS I 451 19.92 43.34 -19.25
N GLN I 452 20.25 43.90 -18.08
CA GLN I 452 19.24 44.37 -17.15
C GLN I 452 18.48 45.57 -17.73
N ILE I 453 17.24 45.72 -17.27
CA ILE I 453 16.43 46.90 -17.60
C ILE I 453 16.61 47.86 -16.44
N LEU I 454 17.61 48.73 -16.56
CA LEU I 454 17.96 49.71 -15.53
C LEU I 454 17.44 51.07 -15.98
N ILE I 455 16.35 51.51 -15.37
CA ILE I 455 15.71 52.77 -15.74
C ILE I 455 16.22 53.85 -14.78
N GLU I 456 16.77 54.91 -15.34
CA GLU I 456 17.35 55.97 -14.52
C GLU I 456 16.23 56.85 -13.97
N PRO I 457 16.19 57.11 -12.65
CA PRO I 457 15.16 58.00 -12.12
C PRO I 457 15.44 59.46 -12.44
N VAL I 458 15.26 59.83 -13.70
CA VAL I 458 15.67 61.16 -14.16
C VAL I 458 14.76 62.25 -13.65
N PHE I 459 13.50 61.94 -13.31
CA PHE I 459 12.61 62.98 -12.79
C PHE I 459 13.06 63.43 -11.39
N ALA I 460 13.32 62.46 -10.51
CA ALA I 460 13.80 62.81 -9.18
C ALA I 460 15.19 63.44 -9.24
N GLN I 461 16.03 63.01 -10.18
CA GLN I 461 17.33 63.64 -10.33
C GLN I 461 17.21 65.07 -10.85
N TRP I 462 16.24 65.32 -11.72
CA TRP I 462 15.97 66.69 -12.15
C TRP I 462 15.51 67.55 -10.98
N ILE I 463 14.67 66.98 -10.10
CA ILE I 463 14.25 67.73 -8.92
C ILE I 463 15.45 68.01 -8.02
N GLN I 464 16.32 67.01 -7.85
CA GLN I 464 17.53 67.22 -7.06
C GLN I 464 18.38 68.35 -7.64
N SER I 465 18.52 68.38 -8.97
CA SER I 465 19.25 69.47 -9.60
C SER I 465 18.54 70.81 -9.38
N ALA I 466 17.21 70.80 -9.38
CA ALA I 466 16.44 71.99 -9.06
C ALA I 466 16.57 72.37 -7.60
N HIS I 467 17.11 71.50 -6.76
CA HIS I 467 17.39 71.81 -5.37
C HIS I 467 18.84 72.18 -5.11
N GLY I 468 19.68 72.17 -6.15
CA GLY I 468 21.08 72.56 -6.01
C GLY I 468 22.07 71.43 -6.19
N LYS I 469 21.61 70.21 -6.46
CA LYS I 469 22.53 69.09 -6.66
C LYS I 469 23.21 69.22 -8.02
N ALA I 470 24.54 69.33 -8.03
CA ALA I 470 25.31 69.50 -9.25
C ALA I 470 25.85 68.19 -9.79
N LEU I 471 25.49 67.06 -9.18
CA LEU I 471 26.07 65.78 -9.60
C LEU I 471 25.54 65.34 -10.95
N TYR I 472 24.29 65.66 -11.28
CA TYR I 472 23.66 65.20 -12.51
C TYR I 472 23.82 66.17 -13.67
N GLY I 473 24.25 67.39 -13.40
CA GLY I 473 24.58 68.31 -14.48
C GLY I 473 23.41 68.84 -15.28
N PHE I 474 22.22 68.91 -14.68
CA PHE I 474 21.08 69.47 -15.38
C PHE I 474 21.13 70.99 -15.43
N ASP I 475 21.71 71.63 -14.42
CA ASP I 475 21.99 73.07 -14.43
C ASP I 475 20.71 73.88 -14.62
N VAL I 476 19.84 73.79 -13.62
CA VAL I 476 18.60 74.55 -13.60
C VAL I 476 18.14 74.70 -12.17
N LEU I 477 17.59 75.87 -11.85
CA LEU I 477 16.85 76.09 -10.59
C LEU I 477 17.73 75.77 -9.38
N LEU I 478 18.69 76.66 -9.15
CA LEU I 478 19.67 76.60 -8.06
C LEU I 478 20.84 75.69 -8.40
N SER I 479 20.85 75.13 -9.61
CA SER I 479 22.04 74.38 -10.08
C SER I 479 22.71 75.25 -11.15
N SER I 480 22.06 76.36 -11.51
CA SER I 480 22.58 77.28 -12.52
C SER I 480 22.76 78.66 -11.90
N ALA I 481 23.83 79.35 -12.28
CA ALA I 481 24.10 80.65 -11.70
C ALA I 481 23.17 81.73 -12.26
N ASP I 482 22.69 81.55 -13.49
CA ASP I 482 21.86 82.55 -14.14
C ASP I 482 20.38 82.42 -13.80
N SER I 483 20.01 81.44 -12.99
CA SER I 483 18.61 81.26 -12.62
C SER I 483 18.19 82.35 -11.62
N PRO I 484 17.00 82.94 -11.80
CA PRO I 484 16.58 83.98 -10.83
C PRO I 484 16.41 83.46 -9.42
N ALA I 485 16.03 82.20 -9.25
CA ALA I 485 15.94 81.63 -7.91
C ALA I 485 17.31 81.58 -7.24
N PHE I 486 18.33 81.16 -7.99
CA PHE I 486 19.68 81.13 -7.43
C PHE I 486 20.13 82.51 -7.01
N ASN I 487 19.88 83.53 -7.84
CA ASN I 487 20.28 84.89 -7.48
C ASN I 487 19.52 85.38 -6.26
N ALA I 488 18.23 85.04 -6.15
CA ALA I 488 17.47 85.49 -4.99
C ALA I 488 17.97 84.83 -3.72
N GLY I 489 18.30 83.54 -3.77
CA GLY I 489 18.70 82.82 -2.58
C GLY I 489 20.18 82.86 -2.22
N GLN I 490 21.04 83.38 -3.10
CA GLN I 490 22.48 83.29 -2.84
C GLN I 490 22.92 84.11 -1.64
N THR I 491 22.07 84.99 -1.13
CA THR I 491 22.44 85.87 -0.02
C THR I 491 22.04 85.33 1.34
N LEU I 492 21.06 84.42 1.40
CA LEU I 492 20.41 84.08 2.67
C LEU I 492 20.70 82.66 3.12
N TRP I 493 20.33 81.64 2.35
CA TRP I 493 20.52 80.26 2.77
C TRP I 493 21.40 79.45 1.85
N LEU I 494 21.55 79.85 0.59
CA LEU I 494 22.20 79.02 -0.40
C LEU I 494 23.65 78.74 -0.03
N PRO I 495 24.38 79.70 0.54
CA PRO I 495 25.75 79.37 0.97
C PRO I 495 25.82 78.14 1.86
N GLY I 496 24.83 77.93 2.72
CA GLY I 496 24.80 76.76 3.57
C GLY I 496 24.08 75.60 2.92
N TRP I 497 22.95 75.87 2.27
CA TRP I 497 22.15 74.80 1.67
C TRP I 497 22.90 74.10 0.56
N LEU I 498 23.54 74.84 -0.33
CA LEU I 498 24.27 74.24 -1.44
C LEU I 498 25.46 73.44 -0.92
N ASP I 499 26.15 73.96 0.10
CA ASP I 499 27.26 73.24 0.69
C ASP I 499 26.78 71.93 1.32
N ALA I 500 25.62 71.96 1.97
CA ALA I 500 25.10 70.76 2.63
C ALA I 500 24.59 69.74 1.61
N ILE I 501 23.99 70.20 0.52
CA ILE I 501 23.41 69.28 -0.44
C ILE I 501 24.48 68.73 -1.38
N ASN I 502 25.56 69.47 -1.61
CA ASN I 502 26.66 68.98 -2.42
C ASN I 502 27.64 68.13 -1.62
N ASN I 503 27.42 68.00 -0.31
CA ASN I 503 28.15 67.03 0.50
C ASN I 503 27.44 65.69 0.42
N ASN I 504 28.17 64.67 -0.05
CA ASN I 504 27.60 63.34 -0.20
C ASN I 504 27.86 62.45 1.01
N SER I 505 28.48 62.99 2.06
CA SER I 505 28.73 62.21 3.27
C SER I 505 27.52 62.17 4.19
N ASN I 506 26.52 63.02 3.97
CA ASN I 506 25.32 63.05 4.78
C ASN I 506 24.16 62.45 3.98
N SER I 507 22.96 62.50 4.57
CA SER I 507 21.76 61.94 3.97
C SER I 507 20.85 63.00 3.36
N LEU I 508 21.40 64.17 3.03
CA LEU I 508 20.62 65.24 2.42
C LEU I 508 20.60 65.01 0.92
N PHE I 509 19.48 64.50 0.42
CA PHE I 509 19.27 64.25 -1.00
C PHE I 509 20.33 63.28 -1.54
N LEU I 510 20.26 62.06 -1.03
CA LEU I 510 21.19 61.02 -1.44
C LEU I 510 21.14 60.79 -2.94
N THR I 511 22.25 60.34 -3.50
CA THR I 511 22.29 59.97 -4.90
C THR I 511 21.42 58.75 -5.14
N ILE I 512 20.70 58.75 -6.27
CA ILE I 512 19.73 57.71 -6.57
C ILE I 512 20.01 57.15 -7.96
N GLY I 513 19.57 55.90 -8.18
CA GLY I 513 19.78 55.21 -9.42
C GLY I 513 18.65 54.26 -9.77
N PRO I 514 18.92 53.31 -10.66
CA PRO I 514 17.85 52.38 -11.08
C PRO I 514 17.24 51.59 -9.92
N GLY I 515 18.05 51.18 -8.95
CA GLY I 515 17.49 50.51 -7.79
C GLY I 515 16.53 51.40 -7.03
N ASP I 516 16.86 52.67 -6.97
CA ASP I 516 16.02 53.67 -6.27
C ASP I 516 14.71 53.82 -7.06
N PHE I 517 14.80 53.79 -8.39
CA PHE I 517 13.61 53.83 -9.23
C PHE I 517 12.70 52.65 -8.93
N LEU I 518 13.26 51.44 -8.94
CA LEU I 518 12.47 50.23 -8.75
C LEU I 518 11.82 50.22 -7.37
N VAL I 519 12.58 50.59 -6.34
CA VAL I 519 12.04 50.53 -4.98
C VAL I 519 11.01 51.63 -4.73
N HIS I 520 11.18 52.81 -5.32
CA HIS I 520 10.13 53.82 -5.20
C HIS I 520 8.87 53.37 -5.93
N HIS I 521 9.00 52.66 -7.04
CA HIS I 521 7.81 52.14 -7.69
C HIS I 521 7.16 51.03 -6.88
N ALA I 522 7.97 50.23 -6.19
CA ALA I 522 7.41 49.27 -5.23
C ALA I 522 6.67 49.98 -4.11
N ILE I 523 7.21 51.09 -3.63
CA ILE I 523 6.55 51.87 -2.59
C ILE I 523 5.22 52.41 -3.10
N ALA I 524 5.20 52.92 -4.34
CA ALA I 524 3.96 53.38 -4.92
C ALA I 524 2.95 52.26 -5.04
N LEU I 525 3.41 51.07 -5.43
CA LEU I 525 2.53 49.90 -5.47
C LEU I 525 1.94 49.63 -4.10
N GLY I 526 2.77 49.66 -3.06
CA GLY I 526 2.27 49.37 -1.72
C GLY I 526 1.25 50.40 -1.26
N LEU I 527 1.56 51.68 -1.46
CA LEU I 527 0.62 52.73 -1.07
C LEU I 527 -0.68 52.59 -1.83
N HIS I 528 -0.61 52.34 -3.14
CA HIS I 528 -1.81 52.27 -3.96
C HIS I 528 -2.66 51.07 -3.58
N THR I 529 -2.02 49.93 -3.27
CA THR I 529 -2.79 48.74 -2.94
C THR I 529 -3.41 48.84 -1.54
N THR I 530 -2.66 49.36 -0.58
CA THR I 530 -3.24 49.55 0.75
C THR I 530 -4.39 50.55 0.68
N THR I 531 -4.22 51.62 -0.07
CA THR I 531 -5.30 52.59 -0.25
C THR I 531 -6.48 51.96 -0.96
N LEU I 532 -6.22 51.09 -1.95
CA LEU I 532 -7.31 50.40 -2.61
C LEU I 532 -8.13 49.60 -1.62
N ILE I 533 -7.46 48.80 -0.79
CA ILE I 533 -8.18 47.98 0.19
C ILE I 533 -8.96 48.87 1.14
N LEU I 534 -8.33 49.93 1.64
CA LEU I 534 -8.96 50.77 2.66
C LEU I 534 -10.13 51.56 2.10
N VAL I 535 -9.97 52.15 0.91
CA VAL I 535 -11.05 52.91 0.29
C VAL I 535 -12.18 51.98 -0.13
N LYS I 536 -11.86 50.79 -0.61
CA LYS I 536 -12.90 49.83 -0.94
C LYS I 536 -13.70 49.46 0.31
N GLY I 537 -13.02 49.25 1.43
CA GLY I 537 -13.74 48.99 2.67
C GLY I 537 -14.58 50.17 3.11
N ALA I 538 -14.08 51.39 2.93
CA ALA I 538 -14.80 52.57 3.39
C ALA I 538 -16.02 52.86 2.54
N LEU I 539 -15.93 52.65 1.23
CA LEU I 539 -17.02 52.99 0.32
C LEU I 539 -18.00 51.86 0.10
N ASP I 540 -17.59 50.61 0.32
CA ASP I 540 -18.50 49.47 0.32
C ASP I 540 -19.01 49.15 1.71
N ALA I 541 -18.70 49.99 2.70
CA ALA I 541 -19.09 49.70 4.07
C ALA I 541 -20.61 49.70 4.24
N ARG I 542 -21.29 50.66 3.61
CA ARG I 542 -22.74 50.76 3.79
C ARG I 542 -23.48 49.66 3.05
N GLY I 543 -22.90 49.12 2.00
CA GLY I 543 -23.54 48.04 1.27
C GLY I 543 -22.81 47.75 -0.03
N SER I 544 -23.26 46.68 -0.67
CA SER I 544 -22.70 46.25 -1.94
C SER I 544 -23.72 45.34 -2.62
N LYS I 545 -23.35 44.82 -3.79
CA LYS I 545 -24.25 43.90 -4.48
C LYS I 545 -24.40 42.59 -3.72
N LEU I 546 -23.33 42.15 -3.07
CA LEU I 546 -23.40 40.91 -2.28
C LEU I 546 -24.16 41.09 -0.98
N MET I 547 -24.06 42.28 -0.36
CA MET I 547 -24.71 42.55 0.93
C MET I 547 -25.24 43.97 0.89
N PRO I 548 -26.41 44.18 0.28
CA PRO I 548 -26.96 45.54 0.18
C PRO I 548 -27.29 46.18 1.51
N ASP I 549 -27.52 45.40 2.56
CA ASP I 549 -27.91 45.91 3.87
C ASP I 549 -26.79 45.77 4.89
N LYS I 550 -25.56 46.03 4.46
CA LYS I 550 -24.41 45.88 5.35
C LYS I 550 -24.41 46.89 6.48
N LYS I 551 -25.11 48.02 6.32
CA LYS I 551 -25.08 49.05 7.35
C LYS I 551 -25.81 48.61 8.61
N GLU I 552 -26.85 47.79 8.49
CA GLU I 552 -27.58 47.31 9.65
C GLU I 552 -26.78 46.31 10.48
N PHE I 553 -25.78 45.67 9.88
CA PHE I 553 -24.97 44.68 10.58
C PHE I 553 -23.78 45.28 11.32
N GLY I 554 -23.53 46.57 11.17
CA GLY I 554 -22.48 47.24 11.91
C GLY I 554 -21.16 47.28 11.15
N TYR I 555 -20.10 47.57 11.90
CA TYR I 555 -18.77 47.70 11.32
C TYR I 555 -18.03 46.37 11.30
N SER I 556 -17.98 45.68 12.44
CA SER I 556 -17.22 44.44 12.57
C SER I 556 -18.20 43.30 12.84
N PHE I 557 -18.55 42.56 11.80
CA PHE I 557 -19.31 41.33 11.91
C PHE I 557 -18.60 40.23 11.15
N PRO I 558 -18.74 38.98 11.56
CA PRO I 558 -17.94 37.90 10.97
C PRO I 558 -18.16 37.72 9.49
N CYS I 559 -19.40 37.48 9.11
CA CYS I 559 -19.77 37.13 7.74
C CYS I 559 -21.28 37.21 7.64
N ASP I 560 -21.81 36.82 6.48
CA ASP I 560 -23.25 36.69 6.28
C ASP I 560 -23.65 35.26 5.95
N GLY I 561 -22.82 34.29 6.32
CA GLY I 561 -23.11 32.89 6.09
C GLY I 561 -22.60 32.41 4.75
N PRO I 562 -22.69 31.11 4.50
CA PRO I 562 -22.22 30.55 3.23
C PRO I 562 -23.19 30.74 2.07
N GLY I 563 -24.31 31.42 2.28
CA GLY I 563 -25.23 31.65 1.19
C GLY I 563 -24.71 32.65 0.19
N ARG I 564 -25.32 32.63 -1.00
CA ARG I 564 -24.93 33.51 -2.10
C ARG I 564 -23.46 33.34 -2.47
N GLY I 565 -22.95 32.11 -2.36
CA GLY I 565 -21.59 31.81 -2.74
C GLY I 565 -20.56 31.90 -1.64
N GLY I 566 -20.91 32.49 -0.50
CA GLY I 566 -19.96 32.66 0.59
C GLY I 566 -19.65 34.12 0.83
N THR I 567 -19.58 34.53 2.09
CA THR I 567 -19.46 35.94 2.45
C THR I 567 -18.42 36.11 3.56
N CYS I 568 -17.26 35.47 3.40
CA CYS I 568 -16.17 35.67 4.34
C CYS I 568 -15.50 37.01 4.09
N ASP I 569 -15.14 37.70 5.18
CA ASP I 569 -14.45 38.99 5.12
C ASP I 569 -15.22 39.99 4.26
N ILE I 570 -16.53 40.09 4.52
CA ILE I 570 -17.38 41.01 3.77
C ILE I 570 -17.61 42.33 4.51
N SER I 571 -17.15 42.46 5.75
CA SER I 571 -17.30 43.68 6.52
C SER I 571 -16.16 44.65 6.22
N ALA I 572 -16.37 45.91 6.59
CA ALA I 572 -15.32 46.91 6.43
C ALA I 572 -14.18 46.69 7.42
N TRP I 573 -14.50 46.23 8.63
CA TRP I 573 -13.44 45.84 9.55
C TRP I 573 -12.53 44.79 8.93
N ASP I 574 -13.10 43.90 8.10
CA ASP I 574 -12.28 42.92 7.42
C ASP I 574 -11.43 43.56 6.34
N ALA I 575 -11.91 44.65 5.73
CA ALA I 575 -11.06 45.41 4.83
C ALA I 575 -9.87 46.01 5.56
N PHE I 576 -10.10 46.53 6.77
CA PHE I 576 -8.99 47.02 7.59
C PHE I 576 -8.03 45.89 7.95
N TYR I 577 -8.58 44.74 8.34
CA TYR I 577 -7.78 43.56 8.62
C TYR I 577 -6.89 43.20 7.44
N LEU I 578 -7.44 43.24 6.23
CA LEU I 578 -6.66 42.88 5.04
C LEU I 578 -5.67 43.97 4.67
N ALA I 579 -5.96 45.23 5.00
CA ALA I 579 -5.05 46.32 4.68
C ALA I 579 -3.91 46.45 5.67
N VAL I 580 -4.05 45.90 6.87
CA VAL I 580 -2.95 45.94 7.83
C VAL I 580 -1.77 45.13 7.32
N PHE I 581 -2.04 44.00 6.67
CA PHE I 581 -0.96 43.23 6.08
C PHE I 581 -0.23 44.04 5.02
N TRP I 582 -0.98 44.75 4.17
CA TRP I 582 -0.34 45.48 3.08
C TRP I 582 0.42 46.69 3.61
N MET I 583 -0.08 47.37 4.63
CA MET I 583 0.68 48.47 5.20
C MET I 583 1.95 47.95 5.88
N LEU I 584 1.86 46.82 6.59
CA LEU I 584 3.07 46.25 7.17
C LEU I 584 4.09 45.94 6.08
N ASN I 585 3.63 45.36 4.98
CA ASN I 585 4.53 45.05 3.87
C ASN I 585 5.14 46.32 3.28
N THR I 586 4.33 47.37 3.12
CA THR I 586 4.82 48.59 2.49
C THR I 586 5.84 49.30 3.38
N ILE I 587 5.55 49.43 4.68
CA ILE I 587 6.51 50.02 5.57
C ILE I 587 7.75 49.14 5.69
N GLY I 588 7.59 47.83 5.57
CA GLY I 588 8.75 46.97 5.54
C GLY I 588 9.64 47.25 4.36
N TRP I 589 9.05 47.43 3.18
CA TRP I 589 9.83 47.81 2.01
C TRP I 589 10.51 49.15 2.21
N VAL I 590 9.78 50.12 2.77
CA VAL I 590 10.33 51.47 2.96
C VAL I 590 11.52 51.42 3.90
N THR I 591 11.37 50.72 5.03
CA THR I 591 12.45 50.65 6.00
C THR I 591 13.60 49.79 5.50
N PHE I 592 13.32 48.76 4.72
CA PHE I 592 14.38 47.95 4.13
C PHE I 592 15.24 48.80 3.22
N TYR I 593 14.61 49.59 2.34
CA TYR I 593 15.33 50.52 1.48
C TYR I 593 16.13 51.52 2.29
N TRP I 594 15.49 52.21 3.23
CA TRP I 594 16.21 53.19 4.04
C TRP I 594 17.42 52.56 4.70
N HIS I 595 17.22 51.40 5.33
CA HIS I 595 18.30 50.77 6.09
C HIS I 595 19.44 50.34 5.19
N TRP I 596 19.15 49.70 4.06
CA TRP I 596 20.24 49.26 3.19
C TRP I 596 20.97 50.44 2.58
N LYS I 597 20.22 51.43 2.08
CA LYS I 597 20.86 52.62 1.53
C LYS I 597 21.80 53.24 2.55
N HIS I 598 21.36 53.32 3.81
CA HIS I 598 22.19 53.97 4.82
C HIS I 598 23.31 53.08 5.33
N ILE I 599 23.17 51.76 5.31
CA ILE I 599 24.31 50.90 5.64
C ILE I 599 25.41 51.09 4.61
N THR I 600 25.05 51.04 3.33
CA THR I 600 26.08 51.21 2.30
C THR I 600 26.59 52.65 2.24
N LEU I 601 25.81 53.63 2.67
CA LEU I 601 26.32 54.99 2.76
C LEU I 601 27.30 55.14 3.93
N TRP I 602 26.94 54.60 5.09
CA TRP I 602 27.76 54.80 6.28
C TRP I 602 29.08 54.05 6.17
N GLN I 603 29.05 52.84 5.60
CA GLN I 603 30.28 52.07 5.42
C GLN I 603 31.18 52.67 4.35
N GLY I 604 30.66 53.56 3.51
CA GLY I 604 31.44 54.19 2.47
C GLY I 604 31.43 53.46 1.15
N ASN I 605 30.88 52.24 1.09
CA ASN I 605 30.79 51.46 -0.14
C ASN I 605 29.34 51.48 -0.63
N VAL I 606 28.98 52.56 -1.32
CA VAL I 606 27.64 52.66 -1.91
C VAL I 606 27.53 51.87 -3.20
N ALA I 607 28.64 51.40 -3.76
CA ALA I 607 28.58 50.60 -4.97
C ALA I 607 27.82 49.30 -4.76
N GLN I 608 27.88 48.74 -3.54
CA GLN I 608 27.15 47.51 -3.26
C GLN I 608 25.66 47.72 -3.47
N PHE I 609 25.10 48.80 -2.92
CA PHE I 609 23.69 49.08 -3.13
C PHE I 609 23.40 49.39 -4.60
N ASN I 610 24.25 50.19 -5.22
CA ASN I 610 23.98 50.62 -6.59
C ASN I 610 24.01 49.43 -7.56
N GLU I 611 24.75 48.38 -7.22
CA GLU I 611 24.87 47.23 -8.11
C GLU I 611 23.94 46.07 -7.74
N SER I 612 23.56 45.96 -6.46
CA SER I 612 22.81 44.81 -5.98
C SER I 612 21.33 45.09 -5.76
N SER I 613 20.92 46.35 -5.67
CA SER I 613 19.54 46.68 -5.38
C SER I 613 18.63 46.58 -6.60
N THR I 614 19.18 46.33 -7.78
CA THR I 614 18.38 46.22 -8.99
C THR I 614 17.77 44.84 -9.19
N TYR I 615 18.17 43.85 -8.38
CA TYR I 615 17.62 42.51 -8.48
C TYR I 615 17.44 41.95 -7.07
N LEU I 616 16.44 41.08 -6.92
CA LEU I 616 15.97 40.69 -5.59
C LEU I 616 16.94 39.75 -4.88
N MET I 617 17.72 38.97 -5.64
CA MET I 617 18.74 38.16 -4.98
C MET I 617 19.77 39.02 -4.27
N GLY I 618 20.07 40.20 -4.82
CA GLY I 618 20.92 41.13 -4.11
C GLY I 618 20.30 41.58 -2.80
N TRP I 619 18.98 41.82 -2.80
CA TRP I 619 18.30 42.20 -1.58
C TRP I 619 18.37 41.09 -0.55
N LEU I 620 18.17 39.84 -0.99
CA LEU I 620 18.19 38.72 -0.05
C LEU I 620 19.60 38.48 0.50
N ARG I 621 20.61 38.54 -0.35
CA ARG I 621 21.95 38.13 0.05
C ARG I 621 22.76 39.27 0.65
N ASP I 622 22.86 40.39 -0.07
CA ASP I 622 23.74 41.48 0.37
C ASP I 622 23.12 42.34 1.46
N TYR I 623 21.84 42.17 1.76
CA TYR I 623 21.20 42.92 2.84
C TYR I 623 20.70 42.04 3.96
N LEU I 624 19.89 41.02 3.66
CA LEU I 624 19.29 40.23 4.72
C LEU I 624 20.25 39.16 5.23
N TRP I 625 20.80 38.36 4.33
CA TRP I 625 21.71 37.30 4.74
C TRP I 625 23.03 37.88 5.24
N LEU I 626 23.52 38.95 4.62
CA LEU I 626 24.83 39.48 4.97
C LEU I 626 24.81 40.18 6.32
N ASN I 627 23.78 40.98 6.59
CA ASN I 627 23.73 41.80 7.79
C ASN I 627 23.21 41.06 9.01
N SER I 628 22.74 39.82 8.84
CA SER I 628 22.25 39.03 9.96
C SER I 628 23.31 38.12 10.56
N SER I 629 24.55 38.18 10.08
CA SER I 629 25.58 37.29 10.60
C SER I 629 25.91 37.59 12.06
N GLN I 630 26.07 38.88 12.39
CA GLN I 630 26.36 39.23 13.77
C GLN I 630 25.13 39.08 14.66
N LEU I 631 23.94 39.25 14.08
CA LEU I 631 22.71 39.07 14.84
C LEU I 631 22.57 37.65 15.35
N ILE I 632 22.70 36.66 14.45
CA ILE I 632 22.49 35.27 14.82
C ILE I 632 23.60 34.71 15.67
N ASN I 633 24.73 35.41 15.78
CA ASN I 633 25.82 35.00 16.65
C ASN I 633 25.76 35.69 18.01
N GLY I 634 24.61 36.22 18.40
CA GLY I 634 24.49 36.85 19.70
C GLY I 634 24.78 35.90 20.84
N TYR I 635 24.28 34.67 20.74
CA TYR I 635 24.65 33.61 21.65
C TYR I 635 24.86 32.34 20.82
N ASN I 636 25.94 31.62 21.12
CA ASN I 636 26.28 30.41 20.39
C ASN I 636 26.93 29.41 21.35
N PRO I 637 27.24 28.20 20.90
CA PRO I 637 27.86 27.23 21.82
C PRO I 637 29.17 27.70 22.40
N PHE I 638 29.82 28.69 21.79
CA PHE I 638 31.12 29.16 22.24
C PHE I 638 31.03 30.38 23.15
N GLY I 639 29.83 30.89 23.42
CA GLY I 639 29.66 32.00 24.33
C GLY I 639 28.49 32.88 23.89
N MET I 640 28.53 34.11 24.38
CA MET I 640 27.48 35.09 24.09
C MET I 640 28.05 36.49 24.30
N ASN I 641 27.37 37.47 23.72
CA ASN I 641 27.80 38.87 23.82
C ASN I 641 26.57 39.74 24.01
N SER I 642 26.77 41.06 23.90
CA SER I 642 25.70 42.01 24.17
C SER I 642 24.59 41.97 23.13
N LEU I 643 24.80 41.31 21.99
CA LEU I 643 23.77 41.15 20.98
C LEU I 643 22.92 39.91 21.19
N SER I 644 23.11 39.20 22.30
CA SER I 644 22.31 38.01 22.57
C SER I 644 20.85 38.37 22.77
N VAL I 645 20.56 39.51 23.39
CA VAL I 645 19.18 39.91 23.61
C VAL I 645 18.49 40.16 22.27
N TRP I 646 19.20 40.76 21.32
CA TRP I 646 18.60 41.01 20.02
C TRP I 646 18.43 39.73 19.21
N ALA I 647 19.34 38.77 19.34
CA ALA I 647 19.12 37.47 18.71
C ALA I 647 17.90 36.79 19.30
N TRP I 648 17.75 36.85 20.62
CA TRP I 648 16.61 36.22 21.27
C TRP I 648 15.31 36.89 20.85
N MET I 649 15.32 38.23 20.73
CA MET I 649 14.12 38.94 20.26
C MET I 649 13.84 38.65 18.79
N PHE I 650 14.88 38.47 17.99
CA PHE I 650 14.72 38.07 16.60
C PHE I 650 13.95 36.77 16.50
N LEU I 651 14.42 35.76 17.23
CA LEU I 651 13.73 34.47 17.24
C LEU I 651 12.33 34.58 17.83
N PHE I 652 12.18 35.41 18.86
CA PHE I 652 10.89 35.63 19.49
C PHE I 652 9.89 36.21 18.49
N GLY I 653 10.31 37.21 17.73
CA GLY I 653 9.44 37.78 16.72
C GLY I 653 9.07 36.78 15.65
N HIS I 654 10.02 35.94 15.24
CA HIS I 654 9.70 34.87 14.30
C HIS I 654 8.59 33.96 14.85
N LEU I 655 8.72 33.60 16.13
CA LEU I 655 7.73 32.72 16.77
C LEU I 655 6.35 33.37 16.84
N VAL I 656 6.30 34.65 17.22
CA VAL I 656 5.00 35.32 17.30
C VAL I 656 4.38 35.47 15.92
N TRP I 657 5.21 35.71 14.90
CA TRP I 657 4.72 35.76 13.54
C TRP I 657 4.05 34.44 13.15
N ALA I 658 4.70 33.32 13.46
CA ALA I 658 4.12 32.03 13.12
C ALA I 658 2.84 31.75 13.93
N THR I 659 2.79 32.17 15.19
CA THR I 659 1.56 31.99 15.96
C THR I 659 0.42 32.81 15.35
N GLY I 660 0.73 34.01 14.87
CA GLY I 660 -0.26 34.76 14.10
C GLY I 660 -0.73 33.99 12.89
N PHE I 661 0.20 33.34 12.19
CA PHE I 661 -0.20 32.45 11.10
C PHE I 661 -1.21 31.42 11.59
N MET I 662 -0.98 30.86 12.78
CA MET I 662 -1.90 29.86 13.30
C MET I 662 -3.30 30.44 13.46
N PHE I 663 -3.39 31.63 14.03
CA PHE I 663 -4.70 32.21 14.25
C PHE I 663 -5.34 32.68 12.96
N LEU I 664 -4.56 32.87 11.90
CA LEU I 664 -5.11 33.35 10.64
C LEU I 664 -5.51 32.23 9.68
N ILE I 665 -4.93 31.03 9.80
CA ILE I 665 -5.23 29.96 8.85
C ILE I 665 -6.40 29.11 9.32
N SER I 666 -6.27 28.47 10.49
CA SER I 666 -7.36 27.66 11.03
C SER I 666 -8.40 28.57 11.66
N TRP I 667 -9.68 28.37 11.30
CA TRP I 667 -10.60 29.49 11.45
C TRP I 667 -11.50 29.45 12.67
N ARG I 668 -12.46 28.52 12.80
CA ARG I 668 -13.06 28.34 14.13
C ARG I 668 -13.44 26.92 14.50
N GLY I 669 -14.05 26.19 13.56
CA GLY I 669 -14.80 25.00 13.95
C GLY I 669 -13.93 23.91 14.55
N TYR I 670 -12.72 23.75 14.01
CA TYR I 670 -11.80 22.75 14.53
C TYR I 670 -11.64 22.91 16.04
N TRP I 671 -11.40 24.15 16.47
CA TRP I 671 -11.15 24.41 17.88
C TRP I 671 -12.41 24.27 18.72
N GLN I 672 -13.58 24.60 18.18
CA GLN I 672 -14.80 24.42 18.94
C GLN I 672 -15.06 22.94 19.21
N GLU I 673 -14.86 22.08 18.20
CA GLU I 673 -15.03 20.65 18.43
C GLU I 673 -13.97 20.12 19.40
N LEU I 674 -12.73 20.59 19.26
CA LEU I 674 -11.67 20.17 20.18
C LEU I 674 -12.00 20.58 21.62
N ILE I 675 -12.53 21.79 21.79
CA ILE I 675 -12.89 22.26 23.12
C ILE I 675 -14.07 21.45 23.67
N GLU I 676 -15.00 21.05 22.81
CA GLU I 676 -16.05 20.15 23.26
C GLU I 676 -15.46 18.87 23.84
N THR I 677 -14.52 18.28 23.11
CA THR I 677 -13.87 17.06 23.57
C THR I 677 -13.17 17.29 24.91
N LEU I 678 -12.47 18.42 25.04
CA LEU I 678 -11.73 18.68 26.28
C LEU I 678 -12.66 18.94 27.45
N ALA I 679 -13.82 19.57 27.21
CA ALA I 679 -14.80 19.73 28.26
C ALA I 679 -15.31 18.38 28.75
N TRP I 680 -15.60 17.48 27.80
CA TRP I 680 -15.97 16.12 28.21
C TRP I 680 -14.88 15.48 29.05
N ALA I 681 -13.63 15.62 28.59
CA ALA I 681 -12.51 14.99 29.29
C ALA I 681 -12.38 15.51 30.72
N HIS I 682 -12.49 16.82 30.89
CA HIS I 682 -12.38 17.38 32.24
C HIS I 682 -13.54 16.93 33.11
N GLU I 683 -14.75 16.90 32.56
CA GLU I 683 -15.90 16.51 33.36
C GLU I 683 -15.86 15.04 33.75
N ARG I 684 -15.13 14.21 33.01
CA ARG I 684 -15.06 12.78 33.29
C ARG I 684 -13.79 12.37 34.04
N THR I 685 -12.88 13.29 34.34
CA THR I 685 -11.63 12.92 34.99
C THR I 685 -11.77 13.02 36.51
N PRO I 686 -11.40 11.99 37.27
CA PRO I 686 -11.51 12.10 38.73
C PRO I 686 -10.45 13.03 39.31
N LEU I 687 -10.77 13.58 40.49
CA LEU I 687 -9.90 14.50 41.21
C LEU I 687 -9.77 15.83 40.49
N ALA I 688 -10.35 15.95 39.29
CA ALA I 688 -10.33 17.19 38.54
C ALA I 688 -11.72 17.67 38.16
N ASN I 689 -12.71 16.77 38.10
CA ASN I 689 -14.09 17.19 37.96
C ASN I 689 -14.60 17.88 39.22
N LEU I 690 -13.89 17.76 40.34
CA LEU I 690 -14.22 18.55 41.52
C LEU I 690 -14.02 20.04 41.24
N VAL I 691 -12.98 20.37 40.50
CA VAL I 691 -12.77 21.74 40.04
C VAL I 691 -13.65 21.99 38.83
N ARG I 692 -14.46 23.03 38.87
CA ARG I 692 -15.40 23.35 37.81
C ARG I 692 -15.20 24.79 37.36
N TRP I 693 -15.31 25.00 36.05
CA TRP I 693 -15.31 26.35 35.51
C TRP I 693 -16.66 27.02 35.74
N LYS I 694 -16.66 28.35 35.70
CA LYS I 694 -17.90 29.10 35.73
C LYS I 694 -18.30 29.61 34.35
N ASP I 695 -17.33 30.02 33.53
CA ASP I 695 -17.58 30.41 32.15
C ASP I 695 -17.32 29.22 31.24
N LYS I 696 -18.33 28.83 30.47
CA LYS I 696 -18.20 27.67 29.61
C LYS I 696 -17.13 27.92 28.56
N PRO I 697 -16.10 27.09 28.44
CA PRO I 697 -15.03 27.37 27.49
C PRO I 697 -15.48 27.19 26.06
N VAL I 698 -15.24 28.21 25.23
CA VAL I 698 -15.62 28.20 23.84
C VAL I 698 -14.42 28.62 23.00
N ALA I 699 -14.42 28.21 21.74
CA ALA I 699 -13.38 28.65 20.82
C ALA I 699 -13.54 30.13 20.53
N LEU I 700 -12.43 30.75 20.13
CA LEU I 700 -12.45 32.17 19.81
C LEU I 700 -13.37 32.44 18.63
N SER I 701 -14.03 33.60 18.65
CA SER I 701 -14.93 33.96 17.57
C SER I 701 -14.13 34.29 16.31
N ILE I 702 -14.86 34.47 15.21
CA ILE I 702 -14.21 34.66 13.91
C ILE I 702 -13.49 36.01 13.87
N VAL I 703 -14.20 37.08 14.23
CA VAL I 703 -13.58 38.41 14.24
C VAL I 703 -12.46 38.45 15.27
N GLN I 704 -12.69 37.87 16.45
CA GLN I 704 -11.64 37.83 17.45
C GLN I 704 -10.43 37.04 16.97
N ALA I 705 -10.68 35.92 16.28
CA ALA I 705 -9.56 35.15 15.75
C ALA I 705 -8.76 35.97 14.75
N ARG I 706 -9.45 36.70 13.86
CA ARG I 706 -8.75 37.55 12.92
C ARG I 706 -7.92 38.61 13.63
N LEU I 707 -8.50 39.24 14.65
CA LEU I 707 -7.78 40.31 15.34
C LEU I 707 -6.58 39.76 16.12
N VAL I 708 -6.73 38.59 16.74
CA VAL I 708 -5.62 38.01 17.49
C VAL I 708 -4.51 37.59 16.55
N GLY I 709 -4.86 36.98 15.42
CA GLY I 709 -3.85 36.64 14.44
C GLY I 709 -3.15 37.86 13.89
N LEU I 710 -3.90 38.94 13.65
CA LEU I 710 -3.29 40.19 13.19
C LEU I 710 -2.34 40.76 14.24
N ALA I 711 -2.73 40.71 15.51
CA ALA I 711 -1.86 41.22 16.56
C ALA I 711 -0.58 40.40 16.66
N HIS I 712 -0.69 39.08 16.60
CA HIS I 712 0.50 38.23 16.60
C HIS I 712 1.38 38.54 15.40
N PHE I 713 0.79 38.64 14.21
CA PHE I 713 1.54 38.94 13.00
C PHE I 713 2.28 40.27 13.13
N SER I 714 1.58 41.30 13.60
CA SER I 714 2.20 42.63 13.70
C SER I 714 3.29 42.65 14.76
N VAL I 715 3.05 42.01 15.91
CA VAL I 715 4.07 42.00 16.96
C VAL I 715 5.31 41.27 16.47
N GLY I 716 5.14 40.12 15.81
CA GLY I 716 6.29 39.43 15.26
C GLY I 716 7.02 40.25 14.23
N TYR I 717 6.28 40.90 13.33
CA TYR I 717 6.89 41.78 12.34
C TYR I 717 7.75 42.83 13.02
N ILE I 718 7.17 43.54 13.98
CA ILE I 718 7.85 44.68 14.60
C ILE I 718 9.07 44.21 15.38
N PHE I 719 8.91 43.17 16.20
CA PHE I 719 10.03 42.73 17.02
C PHE I 719 11.15 42.14 16.17
N THR I 720 10.82 41.33 15.18
CA THR I 720 11.85 40.76 14.32
C THR I 720 12.63 41.86 13.61
N TYR I 721 11.93 42.83 13.02
CA TYR I 721 12.65 43.85 12.27
C TYR I 721 13.41 44.78 13.20
N ALA I 722 12.87 45.09 14.39
CA ALA I 722 13.59 45.94 15.31
C ALA I 722 14.86 45.27 15.78
N ALA I 723 14.78 43.98 16.12
CA ALA I 723 15.98 43.26 16.55
C ALA I 723 17.01 43.24 15.44
N PHE I 724 16.60 42.90 14.21
CA PHE I 724 17.56 42.87 13.11
C PHE I 724 18.16 44.26 12.88
N LEU I 725 17.32 45.29 12.85
CA LEU I 725 17.79 46.64 12.59
C LEU I 725 18.83 47.06 13.61
N ILE I 726 18.51 46.93 14.89
CA ILE I 726 19.42 47.39 15.93
C ILE I 726 20.67 46.54 15.96
N ALA I 727 20.54 45.22 15.83
CA ALA I 727 21.71 44.35 15.91
C ALA I 727 22.65 44.58 14.74
N SER I 728 22.12 44.78 13.53
CA SER I 728 22.98 44.96 12.38
C SER I 728 23.52 46.38 12.26
N THR I 729 22.86 47.37 12.87
CA THR I 729 23.39 48.72 12.86
C THR I 729 24.32 49.00 14.04
N SER I 730 24.26 48.20 15.10
CA SER I 730 25.10 48.41 16.27
C SER I 730 26.22 47.38 16.40
N GLY I 731 26.06 46.19 15.82
CA GLY I 731 27.15 45.22 15.83
C GLY I 731 28.34 45.72 15.04
N LYS I 732 28.08 46.26 13.85
CA LYS I 732 29.05 47.04 13.10
C LYS I 732 28.54 48.47 13.07
N PHE I 733 29.23 49.38 13.75
CA PHE I 733 28.81 50.77 13.81
C PHE I 733 29.06 51.37 12.43
N GLY I 734 28.29 50.88 11.46
CA GLY I 734 28.51 51.21 10.07
C GLY I 734 27.61 50.46 9.11
N ALA J 2 -31.85 36.20 22.21
CA ALA J 2 -30.89 35.56 21.27
C ALA J 2 -30.74 36.41 20.02
N HIS J 3 -30.63 35.76 18.85
CA HIS J 3 -30.55 36.49 17.60
C HIS J 3 -31.92 37.00 17.18
N SER J 4 -31.90 38.01 16.32
CA SER J 4 -33.11 38.63 15.81
C SER J 4 -33.36 38.16 14.39
N VAL J 5 -34.53 37.55 14.15
CA VAL J 5 -34.91 37.05 12.83
C VAL J 5 -36.14 37.84 12.38
N LYS J 6 -36.09 38.36 11.16
CA LYS J 6 -37.15 39.20 10.63
C LYS J 6 -37.60 38.66 9.28
N ILE J 7 -38.89 38.79 9.01
CA ILE J 7 -39.48 38.38 7.74
C ILE J 7 -40.04 39.63 7.06
N TYR J 8 -39.90 39.69 5.75
CA TYR J 8 -40.31 40.86 4.99
C TYR J 8 -41.43 40.50 4.03
N ASP J 9 -42.13 41.54 3.56
CA ASP J 9 -43.29 41.35 2.70
C ASP J 9 -42.93 40.78 1.33
N THR J 10 -41.64 40.76 0.98
CA THR J 10 -41.21 40.17 -0.28
C THR J 10 -41.34 38.65 -0.28
N CYS J 11 -41.62 38.04 0.88
CA CYS J 11 -41.73 36.58 0.95
C CYS J 11 -42.85 36.09 0.04
N ILE J 12 -42.62 34.91 -0.55
CA ILE J 12 -43.55 34.28 -1.45
C ILE J 12 -44.18 33.02 -0.88
N GLY J 13 -43.89 32.70 0.38
CA GLY J 13 -44.49 31.54 1.02
C GLY J 13 -44.07 30.22 0.43
N CYS J 14 -42.80 30.08 0.09
CA CYS J 14 -42.29 28.81 -0.44
C CYS J 14 -41.96 27.81 0.64
N THR J 15 -41.90 28.23 1.91
CA THR J 15 -41.64 27.39 3.06
C THR J 15 -40.23 26.82 3.08
N GLN J 16 -39.37 27.20 2.14
CA GLN J 16 -38.04 26.62 2.08
C GLN J 16 -37.17 27.05 3.26
N CYS J 17 -37.45 28.19 3.86
CA CYS J 17 -36.69 28.62 5.04
C CYS J 17 -37.08 27.83 6.28
N VAL J 18 -38.34 27.40 6.37
CA VAL J 18 -38.78 26.62 7.51
C VAL J 18 -38.16 25.24 7.49
N ARG J 19 -38.08 24.62 6.32
CA ARG J 19 -37.53 23.27 6.22
C ARG J 19 -36.03 23.23 6.46
N ALA J 20 -35.32 24.34 6.23
CA ALA J 20 -33.87 24.37 6.40
C ALA J 20 -33.45 24.71 7.83
N CYS J 21 -34.38 25.09 8.69
CA CYS J 21 -34.03 25.52 10.03
C CYS J 21 -33.71 24.31 10.90
N PRO J 22 -32.54 24.24 11.53
CA PRO J 22 -32.20 23.07 12.34
C PRO J 22 -32.72 23.11 13.77
N THR J 23 -33.25 24.25 14.23
CA THR J 23 -33.71 24.38 15.61
C THR J 23 -35.19 24.75 15.69
N ASP J 24 -35.92 24.69 14.58
CA ASP J 24 -37.36 24.94 14.57
C ASP J 24 -37.68 26.32 15.17
N VAL J 25 -37.24 27.35 14.46
CA VAL J 25 -37.50 28.72 14.85
C VAL J 25 -38.59 29.35 14.00
N LEU J 26 -38.63 29.01 12.72
CA LEU J 26 -39.57 29.61 11.78
C LEU J 26 -40.78 28.70 11.57
N GLU J 27 -41.89 29.31 11.18
CA GLU J 27 -43.11 28.60 10.88
C GLU J 27 -43.94 29.43 9.91
N MET J 28 -44.83 28.77 9.17
CA MET J 28 -45.64 29.43 8.17
C MET J 28 -46.99 29.79 8.75
N VAL J 29 -47.42 31.03 8.49
CA VAL J 29 -48.67 31.55 9.04
C VAL J 29 -49.53 32.08 7.89
N PRO J 30 -50.85 32.12 8.04
CA PRO J 30 -51.69 32.64 6.96
C PRO J 30 -51.35 34.08 6.60
N TRP J 31 -51.47 34.40 5.32
CA TRP J 31 -51.15 35.73 4.82
C TRP J 31 -51.93 35.93 3.52
N ASP J 32 -52.02 37.20 3.10
CA ASP J 32 -52.78 37.55 1.91
C ASP J 32 -51.99 38.45 0.97
N GLY J 33 -50.67 38.48 1.09
CA GLY J 33 -49.83 39.31 0.26
C GLY J 33 -49.10 38.59 -0.85
N CYS J 34 -49.42 37.31 -1.11
CA CYS J 34 -48.75 36.56 -2.15
C CYS J 34 -49.71 35.50 -2.69
N LYS J 35 -49.27 34.80 -3.74
CA LYS J 35 -50.09 33.76 -4.32
C LYS J 35 -50.27 32.59 -3.38
N ALA J 36 -49.22 32.25 -2.61
CA ALA J 36 -49.28 31.10 -1.71
C ALA J 36 -50.17 31.33 -0.50
N SER J 37 -50.58 32.56 -0.24
CA SER J 37 -51.45 32.88 0.89
C SER J 37 -50.84 32.42 2.21
N GLN J 38 -49.52 32.60 2.34
CA GLN J 38 -48.84 32.32 3.60
C GLN J 38 -47.55 33.12 3.64
N ILE J 39 -47.02 33.28 4.85
CA ILE J 39 -45.77 34.00 5.06
C ILE J 39 -45.03 33.37 6.23
N ALA J 40 -43.70 33.44 6.17
CA ALA J 40 -42.88 32.93 7.25
C ALA J 40 -42.95 33.85 8.46
N SER J 41 -42.67 33.27 9.62
CA SER J 41 -42.64 34.02 10.87
C SER J 41 -41.69 33.32 11.82
N ALA J 42 -41.18 34.07 12.80
CA ALA J 42 -40.19 33.58 13.76
C ALA J 42 -40.69 33.84 15.17
N PRO J 43 -41.59 33.00 15.68
CA PRO J 43 -42.14 33.23 17.02
C PRO J 43 -41.21 32.84 18.16
N ARG J 44 -40.20 32.03 17.90
CA ARG J 44 -39.36 31.44 18.95
C ARG J 44 -37.89 31.60 18.60
N THR J 45 -37.49 32.84 18.29
CA THR J 45 -36.11 33.14 17.92
C THR J 45 -35.13 32.86 19.06
N GLU J 46 -35.61 32.69 20.29
CA GLU J 46 -34.70 32.40 21.39
C GLU J 46 -33.97 31.09 21.19
N ASP J 47 -34.46 30.22 20.31
CA ASP J 47 -33.82 28.97 19.97
C ASP J 47 -32.89 29.09 18.75
N CYS J 48 -32.84 30.26 18.12
CA CYS J 48 -32.04 30.43 16.91
C CYS J 48 -30.56 30.41 17.25
N VAL J 49 -29.79 29.68 16.45
CA VAL J 49 -28.35 29.56 16.65
C VAL J 49 -27.56 30.54 15.79
N GLY J 50 -28.14 31.01 14.68
CA GLY J 50 -27.47 31.94 13.81
C GLY J 50 -26.81 31.32 12.59
N CYS J 51 -27.25 30.14 12.17
CA CYS J 51 -26.63 29.47 11.04
C CYS J 51 -26.94 30.13 9.71
N LYS J 52 -28.06 30.86 9.62
CA LYS J 52 -28.47 31.52 8.39
C LYS J 52 -28.72 30.51 7.26
N ARG J 53 -29.01 29.25 7.61
CA ARG J 53 -29.44 28.30 6.60
C ARG J 53 -30.79 28.71 6.01
N CYS J 54 -31.64 29.35 6.82
CA CYS J 54 -32.87 29.93 6.30
C CYS J 54 -32.58 31.00 5.26
N GLU J 55 -31.48 31.74 5.43
CA GLU J 55 -31.11 32.77 4.45
C GLU J 55 -30.67 32.14 3.14
N SER J 56 -29.91 31.04 3.19
CA SER J 56 -29.44 30.40 1.98
C SER J 56 -30.57 29.75 1.18
N ALA J 57 -31.69 29.43 1.83
CA ALA J 57 -32.79 28.75 1.18
C ALA J 57 -33.83 29.69 0.60
N CYS J 58 -33.71 31.00 0.83
CA CYS J 58 -34.71 31.94 0.35
C CYS J 58 -34.41 32.30 -1.11
N PRO J 59 -35.38 32.14 -2.02
CA PRO J 59 -35.11 32.38 -3.44
C PRO J 59 -35.29 33.82 -3.92
N THR J 60 -35.78 34.73 -3.08
CA THR J 60 -35.99 36.10 -3.52
C THR J 60 -34.66 36.79 -3.79
N ASP J 61 -34.70 37.82 -4.64
CA ASP J 61 -33.48 38.48 -5.07
C ASP J 61 -32.60 38.83 -3.88
N PHE J 62 -33.12 39.65 -2.97
CA PHE J 62 -32.53 39.75 -1.65
C PHE J 62 -33.52 39.23 -0.61
N LEU J 63 -32.96 38.81 0.52
CA LEU J 63 -33.60 37.84 1.37
C LEU J 63 -34.86 38.41 2.02
N SER J 64 -35.95 37.65 1.95
CA SER J 64 -37.15 37.99 2.69
C SER J 64 -37.01 37.63 4.17
N VAL J 65 -36.16 36.67 4.49
CA VAL J 65 -35.83 36.31 5.87
C VAL J 65 -34.41 36.80 6.15
N ARG J 66 -34.25 37.52 7.26
CA ARG J 66 -32.97 38.12 7.61
C ARG J 66 -32.64 37.79 9.06
N VAL J 67 -31.42 37.34 9.30
CA VAL J 67 -30.92 37.02 10.64
C VAL J 67 -29.83 38.02 10.97
N TYR J 68 -29.92 38.62 12.15
CA TYR J 68 -29.06 39.74 12.52
C TYR J 68 -28.06 39.41 13.62
N LEU J 69 -28.16 38.24 14.24
CA LEU J 69 -27.21 37.80 15.26
C LEU J 69 -27.20 38.75 16.46
N GLY J 70 -26.42 38.40 17.49
CA GLY J 70 -26.34 39.17 18.71
C GLY J 70 -26.56 38.30 19.93
N ALA J 71 -26.44 38.94 21.10
CA ALA J 71 -26.71 38.29 22.39
C ALA J 71 -25.76 37.12 22.65
N GLU J 72 -25.88 36.06 21.86
CA GLU J 72 -25.06 34.86 22.01
C GLU J 72 -25.27 34.22 23.39
N THR J 73 -26.51 33.77 23.61
CA THR J 73 -26.88 33.11 24.86
C THR J 73 -26.45 31.65 24.81
N THR J 74 -26.89 30.87 25.81
CA THR J 74 -26.50 29.46 25.86
C THR J 74 -27.04 28.69 24.67
N ARG J 75 -28.33 28.85 24.38
CA ARG J 75 -28.93 28.15 23.25
C ARG J 75 -28.34 28.65 21.94
N SER J 76 -27.90 29.91 21.89
CA SER J 76 -27.34 30.47 20.68
C SER J 76 -25.98 29.85 20.36
N MET J 77 -25.13 29.65 21.37
CA MET J 77 -23.79 29.13 21.15
C MET J 77 -23.78 27.65 20.80
N GLY J 78 -24.90 26.96 20.92
CA GLY J 78 -24.95 25.55 20.57
C GLY J 78 -24.06 24.70 21.44
N LEU J 79 -24.12 24.93 22.75
CA LEU J 79 -23.28 24.23 23.71
C LEU J 79 -24.08 23.09 24.34
N ALA J 80 -23.49 21.90 24.35
CA ALA J 80 -24.08 20.77 25.04
C ALA J 80 -23.55 20.60 26.46
N TYR J 81 -22.56 21.40 26.86
CA TYR J 81 -22.04 21.38 28.22
C TYR J 81 -22.24 22.71 28.96
N PHE K 69 -55.90 22.42 20.19
CA PHE K 69 -54.93 21.30 20.34
C PHE K 69 -54.36 21.26 21.76
N THR K 70 -54.58 20.14 22.45
CA THR K 70 -54.07 19.96 23.79
C THR K 70 -52.69 19.30 23.73
N PRO K 71 -51.64 19.93 24.23
CA PRO K 71 -50.30 19.31 24.16
C PRO K 71 -50.28 18.01 24.94
N PRO K 72 -49.59 16.99 24.45
CA PRO K 72 -49.48 15.74 25.20
C PRO K 72 -48.54 15.87 26.39
N THR K 73 -48.74 15.00 27.37
CA THR K 73 -47.88 14.94 28.54
C THR K 73 -46.75 13.93 28.30
N LEU K 74 -45.64 14.14 28.99
CA LEU K 74 -44.46 13.30 28.84
C LEU K 74 -44.60 12.10 29.78
N ASN K 75 -44.86 10.93 29.22
CA ASN K 75 -44.98 9.72 30.01
C ASN K 75 -43.61 9.26 30.50
N ALA K 76 -43.56 8.76 31.72
CA ALA K 76 -42.33 8.28 32.34
C ALA K 76 -42.20 6.76 32.28
N ASP K 77 -43.04 6.08 31.51
CA ASP K 77 -43.00 4.63 31.37
C ASP K 77 -42.75 4.21 29.92
N THR K 78 -42.06 5.06 29.16
CA THR K 78 -41.81 4.79 27.75
C THR K 78 -40.43 4.20 27.58
N PRO K 79 -40.29 2.98 27.07
CA PRO K 79 -38.95 2.37 26.97
C PRO K 79 -38.07 3.11 25.99
N ALA K 80 -36.76 3.07 26.26
CA ALA K 80 -35.76 3.73 25.43
C ALA K 80 -35.23 2.78 24.37
N PRO K 81 -34.62 3.31 23.31
CA PRO K 81 -34.04 2.44 22.29
C PRO K 81 -32.88 1.61 22.83
N ILE K 82 -32.59 0.52 22.14
CA ILE K 82 -31.47 -0.34 22.51
C ILE K 82 -30.19 0.37 22.07
N PHE K 83 -29.43 0.90 23.03
CA PHE K 83 -28.18 1.57 22.75
C PHE K 83 -27.12 1.10 23.74
N GLY K 84 -25.90 0.92 23.24
CA GLY K 84 -24.82 0.38 24.03
C GLY K 84 -23.97 1.41 24.75
N GLY K 85 -24.35 2.67 24.71
CA GLY K 85 -23.61 3.71 25.40
C GLY K 85 -22.67 4.45 24.48
N SER K 86 -22.43 5.72 24.79
CA SER K 86 -21.58 6.57 23.98
C SER K 86 -21.03 7.69 24.85
N THR K 87 -19.88 8.23 24.44
CA THR K 87 -19.33 9.40 25.10
C THR K 87 -20.04 10.69 24.69
N GLY K 88 -20.85 10.65 23.65
CA GLY K 88 -21.69 11.78 23.29
C GLY K 88 -23.08 11.65 23.86
N GLY K 89 -23.33 12.29 24.98
CA GLY K 89 -24.61 12.18 25.66
C GLY K 89 -24.82 13.31 26.64
N LEU K 90 -25.61 13.04 27.67
CA LEU K 90 -25.92 14.05 28.66
C LEU K 90 -24.70 14.36 29.51
N LEU K 91 -24.50 15.66 29.79
CA LEU K 91 -23.38 16.12 30.59
C LEU K 91 -23.88 17.01 31.73
N ARG K 92 -22.96 17.72 32.40
CA ARG K 92 -23.36 18.56 33.53
C ARG K 92 -24.42 19.57 33.14
N LYS K 93 -24.45 20.01 31.88
CA LYS K 93 -25.49 20.94 31.45
C LYS K 93 -26.87 20.32 31.61
N ALA K 94 -26.99 19.02 31.33
CA ALA K 94 -28.28 18.36 31.44
C ALA K 94 -28.79 18.39 32.87
N GLN K 95 -27.90 18.41 33.85
CA GLN K 95 -28.30 18.36 35.25
C GLN K 95 -28.25 19.71 35.96
N VAL K 96 -27.75 20.76 35.31
CA VAL K 96 -27.75 22.08 35.96
C VAL K 96 -28.64 23.07 35.21
N GLU K 97 -28.77 22.91 33.89
CA GLU K 97 -29.53 23.86 33.09
C GLU K 97 -30.77 23.26 32.44
N GLU K 98 -30.62 22.26 31.58
CA GLU K 98 -31.74 21.74 30.81
C GLU K 98 -31.27 20.60 29.95
N PHE K 99 -32.24 19.77 29.53
CA PHE K 99 -32.00 18.78 28.48
C PHE K 99 -33.30 18.60 27.71
N TYR K 100 -33.33 17.66 26.78
CA TYR K 100 -34.48 17.47 25.91
C TYR K 100 -34.83 15.99 25.83
N VAL K 101 -36.07 15.72 25.48
CA VAL K 101 -36.59 14.35 25.43
C VAL K 101 -37.47 14.21 24.20
N ILE K 102 -37.10 13.31 23.29
CA ILE K 102 -37.84 13.09 22.05
C ILE K 102 -38.55 11.75 22.14
N THR K 103 -39.80 11.71 21.69
CA THR K 103 -40.64 10.54 21.71
C THR K 103 -41.24 10.31 20.33
N TRP K 104 -41.27 9.04 19.91
CA TRP K 104 -41.83 8.67 18.62
C TRP K 104 -42.35 7.25 18.68
N GLU K 105 -43.26 6.95 17.75
CA GLU K 105 -43.90 5.65 17.65
C GLU K 105 -43.33 4.93 16.44
N SER K 106 -42.90 3.68 16.63
CA SER K 106 -42.32 2.90 15.55
C SER K 106 -43.07 1.59 15.35
N PRO K 107 -43.30 1.17 14.11
CA PRO K 107 -44.05 -0.08 13.88
C PRO K 107 -43.21 -1.34 14.04
N LYS K 108 -41.89 -1.27 13.97
CA LYS K 108 -41.05 -2.46 14.00
C LYS K 108 -39.68 -2.11 14.54
N GLU K 109 -38.93 -3.14 14.91
CA GLU K 109 -37.59 -2.99 15.47
C GLU K 109 -36.62 -2.74 14.32
N GLN K 110 -36.12 -1.52 14.21
CA GLN K 110 -35.20 -1.16 13.13
C GLN K 110 -34.04 -0.34 13.68
N ILE K 111 -32.93 -0.38 12.95
CA ILE K 111 -31.70 0.31 13.34
C ILE K 111 -31.73 1.72 12.77
N PHE K 112 -31.50 2.71 13.62
CA PHE K 112 -31.30 4.09 13.23
C PHE K 112 -29.96 4.57 13.77
N GLU K 113 -29.54 5.75 13.31
CA GLU K 113 -28.26 6.31 13.69
C GLU K 113 -28.48 7.41 14.73
N MET K 114 -27.78 7.29 15.86
CA MET K 114 -27.90 8.29 16.91
C MET K 114 -27.31 9.61 16.43
N PRO K 115 -27.97 10.74 16.71
CA PRO K 115 -27.41 12.04 16.31
C PRO K 115 -26.09 12.36 17.02
N THR K 116 -25.82 11.74 18.15
CA THR K 116 -24.58 11.97 18.89
C THR K 116 -23.45 11.06 18.42
N GLY K 117 -23.73 10.14 17.52
CA GLY K 117 -22.71 9.23 17.01
C GLY K 117 -22.92 7.80 17.47
N GLY K 118 -23.28 6.93 16.54
CA GLY K 118 -23.48 5.53 16.83
C GLY K 118 -24.74 5.03 16.17
N ALA K 119 -25.16 3.83 16.57
CA ALA K 119 -26.36 3.20 16.04
C ALA K 119 -27.15 2.61 17.20
N ALA K 120 -28.47 2.50 17.00
CA ALA K 120 -29.35 1.94 18.01
C ALA K 120 -30.54 1.28 17.32
N ILE K 121 -31.25 0.45 18.07
CA ILE K 121 -32.49 -0.18 17.60
C ILE K 121 -33.64 0.52 18.31
N MET K 122 -34.60 1.01 17.52
CA MET K 122 -35.79 1.60 18.11
C MET K 122 -36.82 0.52 18.43
N ARG K 123 -37.52 0.71 19.55
CA ARG K 123 -38.50 -0.27 19.99
C ARG K 123 -39.65 -0.36 18.99
N SER K 124 -40.30 -1.53 18.96
CA SER K 124 -41.49 -1.73 18.14
C SER K 124 -42.67 -1.11 18.88
N GLY K 125 -42.73 0.21 18.86
CA GLY K 125 -43.73 0.94 19.58
C GLY K 125 -43.19 2.26 20.10
N PRO K 126 -43.66 2.69 21.29
CA PRO K 126 -43.18 3.96 21.83
C PRO K 126 -41.70 3.95 22.13
N ASN K 127 -41.06 5.11 21.93
CA ASN K 127 -39.64 5.29 22.19
C ASN K 127 -39.44 6.58 22.97
N LEU K 128 -38.33 6.66 23.68
CA LEU K 128 -38.05 7.78 24.57
C LEU K 128 -36.55 7.97 24.61
N LEU K 129 -36.05 9.10 24.10
CA LEU K 129 -34.62 9.33 23.98
C LEU K 129 -34.25 10.69 24.52
N LYS K 130 -33.20 10.74 25.35
CA LYS K 130 -32.74 11.96 26.00
C LYS K 130 -31.61 12.57 25.18
N LEU K 131 -31.73 13.87 24.91
CA LEU K 131 -30.74 14.61 24.13
C LEU K 131 -30.28 15.82 24.93
N ALA K 132 -29.12 16.36 24.54
CA ALA K 132 -28.55 17.52 25.20
C ALA K 132 -28.88 18.84 24.52
N ARG K 133 -29.24 18.82 23.24
CA ARG K 133 -29.52 20.04 22.50
C ARG K 133 -30.78 19.86 21.67
N LYS K 134 -31.44 20.98 21.38
CA LYS K 134 -32.62 20.94 20.52
C LYS K 134 -32.25 20.59 19.08
N GLU K 135 -31.07 20.99 18.63
CA GLU K 135 -30.66 20.72 17.26
C GLU K 135 -30.53 19.22 17.01
N GLN K 136 -30.03 18.48 17.99
CA GLN K 136 -29.98 17.02 17.85
C GLN K 136 -31.37 16.43 17.78
N CYS K 137 -32.30 16.97 18.56
CA CYS K 137 -33.69 16.50 18.47
C CYS K 137 -34.25 16.73 17.07
N LEU K 138 -34.02 17.91 16.51
CA LEU K 138 -34.50 18.17 15.15
C LEU K 138 -33.81 17.26 14.13
N ALA K 139 -32.52 17.01 14.29
CA ALA K 139 -31.82 16.15 13.34
C ALA K 139 -32.41 14.74 13.36
N LEU K 140 -32.56 14.17 14.55
CA LEU K 140 -33.13 12.83 14.66
C LEU K 140 -34.57 12.81 14.14
N GLY K 141 -35.36 13.84 14.47
CA GLY K 141 -36.73 13.88 14.00
C GLY K 141 -36.83 13.99 12.49
N ALA K 142 -35.97 14.81 11.88
CA ALA K 142 -35.97 14.94 10.42
C ALA K 142 -35.58 13.62 9.76
N ARG K 143 -34.57 12.95 10.28
CA ARG K 143 -34.22 11.64 9.73
C ARG K 143 -35.38 10.66 9.88
N LEU K 144 -36.02 10.67 11.04
CA LEU K 144 -37.15 9.76 11.26
C LEU K 144 -38.28 10.05 10.28
N ARG K 145 -38.55 11.33 10.03
CA ARG K 145 -39.67 11.71 9.18
C ARG K 145 -39.39 11.39 7.71
N THR K 146 -38.19 11.69 7.22
CA THR K 146 -37.88 11.52 5.81
C THR K 146 -37.37 10.12 5.48
N LYS K 147 -37.06 9.29 6.47
CA LYS K 147 -36.54 7.96 6.24
C LYS K 147 -37.50 6.86 6.69
N PHE K 148 -37.94 6.89 7.94
CA PHE K 148 -38.83 5.89 8.48
C PHE K 148 -40.30 6.31 8.45
N LYS K 149 -40.59 7.54 8.02
CA LYS K 149 -41.97 8.05 7.97
C LYS K 149 -42.64 7.92 9.34
N ILE K 150 -42.00 8.48 10.35
CA ILE K 150 -42.43 8.35 11.74
C ILE K 150 -42.71 9.73 12.31
N GLN K 151 -43.87 9.88 12.95
CA GLN K 151 -44.19 11.11 13.65
C GLN K 151 -43.46 11.17 14.98
N TYR K 152 -42.99 12.35 15.34
CA TYR K 152 -42.17 12.54 16.53
C TYR K 152 -42.58 13.84 17.22
N GLN K 153 -42.25 13.93 18.51
CA GLN K 153 -42.39 15.18 19.24
C GLN K 153 -41.43 15.16 20.42
N PHE K 154 -40.88 16.31 20.76
CA PHE K 154 -39.94 16.38 21.87
C PHE K 154 -40.32 17.49 22.82
N TYR K 155 -39.70 17.43 24.00
CA TYR K 155 -39.97 18.29 25.13
C TYR K 155 -38.65 18.82 25.66
N ARG K 156 -38.73 19.98 26.33
CA ARG K 156 -37.62 20.54 27.05
C ARG K 156 -37.83 20.27 28.55
N VAL K 157 -36.87 19.61 29.17
CA VAL K 157 -36.96 19.18 30.56
C VAL K 157 -35.94 19.96 31.37
N PHE K 158 -36.39 20.53 32.49
CA PHE K 158 -35.58 21.33 33.39
C PHE K 158 -35.25 20.52 34.65
N PRO K 159 -34.19 20.90 35.36
CA PRO K 159 -33.79 20.11 36.54
C PRO K 159 -34.85 20.08 37.64
N ASN K 160 -35.78 21.03 37.66
CA ASN K 160 -36.81 21.08 38.69
C ASN K 160 -38.04 20.24 38.33
N GLY K 161 -38.00 19.51 37.22
CA GLY K 161 -39.10 18.68 36.81
C GLY K 161 -40.11 19.34 35.90
N GLU K 162 -39.79 20.51 35.36
CA GLU K 162 -40.69 21.20 34.44
C GLU K 162 -40.50 20.66 33.03
N VAL K 163 -41.60 20.34 32.36
CA VAL K 163 -41.60 19.79 31.02
C VAL K 163 -42.36 20.74 30.10
N GLN K 164 -41.74 21.11 28.99
CA GLN K 164 -42.32 22.05 28.04
C GLN K 164 -42.43 21.37 26.67
N TYR K 165 -43.64 21.29 26.14
CA TYR K 165 -43.85 20.75 24.81
C TYR K 165 -43.36 21.74 23.76
N LEU K 166 -42.55 21.25 22.82
CA LEU K 166 -41.81 22.16 21.94
C LEU K 166 -42.20 22.07 20.47
N HIS K 167 -42.04 20.93 19.82
CA HIS K 167 -41.88 21.05 18.37
C HIS K 167 -43.20 21.29 17.65
N PRO K 168 -44.21 20.42 17.78
CA PRO K 168 -45.51 20.79 17.19
C PRO K 168 -46.36 21.62 18.17
N LYS K 169 -46.04 22.92 18.26
CA LYS K 169 -46.73 23.78 19.22
C LYS K 169 -48.24 23.67 19.07
N ASP K 170 -48.74 23.55 17.84
CA ASP K 170 -50.17 23.44 17.59
C ASP K 170 -50.55 22.08 17.02
N GLY K 171 -49.65 21.10 17.07
CA GLY K 171 -49.93 19.77 16.55
C GLY K 171 -49.61 19.60 15.08
N VAL K 172 -49.43 20.68 14.35
CA VAL K 172 -49.10 20.65 12.92
C VAL K 172 -47.67 21.12 12.75
N TYR K 173 -46.93 20.44 11.89
CA TYR K 173 -45.54 20.79 11.69
C TYR K 173 -45.44 22.18 11.06
N PRO K 174 -44.37 22.92 11.37
CA PRO K 174 -44.28 24.31 10.89
C PRO K 174 -44.23 24.46 9.38
N GLU K 175 -43.88 23.40 8.64
CA GLU K 175 -43.83 23.51 7.18
C GLU K 175 -45.22 23.73 6.60
N LYS K 176 -46.26 23.22 7.24
CA LYS K 176 -47.63 23.39 6.77
C LYS K 176 -48.25 24.59 7.45
N VAL K 177 -48.87 25.46 6.64
CA VAL K 177 -49.53 26.64 7.19
C VAL K 177 -50.79 26.21 7.93
N ASN K 178 -50.97 26.76 9.13
CA ASN K 178 -52.08 26.42 10.00
C ASN K 178 -52.74 27.69 10.52
N ALA K 179 -54.07 27.68 10.56
CA ALA K 179 -54.80 28.81 11.10
C ALA K 179 -54.61 28.91 12.61
N GLY K 180 -54.80 30.11 13.13
CA GLY K 180 -54.57 30.38 14.53
C GLY K 180 -53.15 30.71 14.87
N ARG K 181 -52.25 30.72 13.90
CA ARG K 181 -50.84 31.05 14.12
C ARG K 181 -50.64 32.55 13.91
N THR K 182 -49.97 33.18 14.86
CA THR K 182 -49.74 34.62 14.81
C THR K 182 -48.43 34.93 14.09
N ALA K 183 -48.42 36.04 13.37
CA ALA K 183 -47.25 36.48 12.63
C ALA K 183 -46.31 37.23 13.57
N VAL K 184 -45.15 36.66 13.84
CA VAL K 184 -44.15 37.25 14.73
C VAL K 184 -42.91 37.57 13.91
N GLY K 185 -42.43 38.80 14.04
CA GLY K 185 -41.25 39.23 13.32
C GLY K 185 -41.47 39.59 11.87
N VAL K 186 -42.72 39.64 11.42
CA VAL K 186 -43.02 39.95 10.02
C VAL K 186 -43.02 41.46 9.84
N ASN K 187 -42.22 41.94 8.89
CA ASN K 187 -42.13 43.36 8.57
C ASN K 187 -42.93 43.63 7.29
N ASN K 188 -43.70 44.71 7.31
CA ASN K 188 -44.61 45.05 6.23
C ASN K 188 -43.97 45.93 5.17
N ARG K 189 -42.68 45.77 4.93
CA ARG K 189 -41.96 46.56 3.95
C ARG K 189 -40.84 45.71 3.36
N SER K 190 -40.24 46.23 2.29
CA SER K 190 -39.10 45.54 1.68
C SER K 190 -37.87 45.67 2.56
N ILE K 191 -36.94 44.74 2.38
CA ILE K 191 -35.74 44.72 3.20
C ILE K 191 -34.88 45.95 2.94
N GLY K 192 -34.88 46.46 1.71
CA GLY K 192 -34.09 47.63 1.37
C GLY K 192 -34.67 48.95 1.80
N GLN K 193 -35.88 48.95 2.39
CA GLN K 193 -36.51 50.16 2.87
C GLN K 193 -36.23 50.42 4.35
N ASN K 194 -35.12 49.92 4.86
CA ASN K 194 -34.77 50.12 6.26
C ASN K 194 -34.26 51.53 6.51
N ALA K 195 -34.45 52.01 7.73
CA ALA K 195 -33.92 53.30 8.14
C ALA K 195 -32.41 53.24 8.31
N ASN K 196 -31.75 54.35 8.03
CA ASN K 196 -30.30 54.41 8.16
C ASN K 196 -29.90 54.45 9.63
N PRO K 197 -28.74 53.86 9.98
CA PRO K 197 -28.30 53.92 11.39
C PRO K 197 -28.08 55.33 11.89
N ALA K 198 -27.74 56.27 11.01
CA ALA K 198 -27.45 57.64 11.45
C ALA K 198 -28.70 58.30 12.02
N GLU K 199 -29.86 58.06 11.41
CA GLU K 199 -31.09 58.67 11.90
C GLU K 199 -31.44 58.15 13.29
N LEU K 200 -31.02 56.93 13.63
CA LEU K 200 -31.33 56.32 14.92
C LEU K 200 -30.16 56.44 15.90
N LYS K 201 -29.36 57.48 15.79
CA LYS K 201 -28.22 57.66 16.67
C LYS K 201 -28.68 57.96 18.09
N PHE K 202 -28.01 57.34 19.06
CA PHE K 202 -28.28 57.52 20.49
C PHE K 202 -29.68 57.07 20.89
N ALA K 203 -30.37 56.34 20.02
CA ALA K 203 -31.64 55.72 20.34
C ALA K 203 -31.42 54.22 20.48
N HIS K 204 -31.86 53.66 21.60
CA HIS K 204 -31.59 52.25 21.92
C HIS K 204 -32.55 51.33 21.18
N LYS K 205 -32.45 51.39 19.85
CA LYS K 205 -33.26 50.54 18.99
C LYS K 205 -32.53 50.36 17.67
N GLN K 206 -32.89 49.31 16.94
CA GLN K 206 -32.26 48.95 15.68
C GLN K 206 -33.15 49.31 14.51
N ALA K 207 -32.55 49.37 13.33
CA ALA K 207 -33.28 49.74 12.13
C ALA K 207 -34.36 48.70 11.80
N TYR K 208 -34.03 47.42 11.98
CA TYR K 208 -34.98 46.35 11.68
C TYR K 208 -36.08 46.21 12.72
N ASP K 209 -35.94 46.86 13.87
CA ASP K 209 -36.96 46.78 14.91
C ASP K 209 -38.13 47.73 14.67
N LEU K 210 -38.05 48.59 13.67
CA LEU K 210 -39.11 49.54 13.39
C LEU K 210 -40.21 48.90 12.55
N VAL L 68 -55.91 46.08 -15.74
CA VAL L 68 -54.66 45.31 -15.45
C VAL L 68 -53.93 45.95 -14.28
N ILE L 69 -52.87 45.29 -13.82
CA ILE L 69 -52.08 45.78 -12.68
C ILE L 69 -50.84 46.49 -13.20
N GLY L 70 -50.01 45.77 -13.95
CA GLY L 70 -48.72 46.29 -14.33
C GLY L 70 -48.42 46.10 -15.81
N PRO L 71 -47.16 45.83 -16.15
CA PRO L 71 -46.78 45.70 -17.56
C PRO L 71 -47.41 44.49 -18.22
N LYS L 72 -47.46 44.54 -19.55
CA LYS L 72 -48.00 43.44 -20.32
C LYS L 72 -47.08 42.23 -20.25
N ARG L 73 -47.65 41.06 -20.50
CA ARG L 73 -46.88 39.82 -20.50
C ARG L 73 -45.87 39.85 -21.64
N GLY L 74 -44.65 39.43 -21.34
CA GLY L 74 -43.59 39.36 -22.33
C GLY L 74 -42.89 40.67 -22.60
N SER L 75 -43.32 41.77 -21.96
CA SER L 75 -42.71 43.06 -22.21
C SER L 75 -41.35 43.15 -21.52
N ILE L 76 -40.49 44.01 -22.06
CA ILE L 76 -39.16 44.23 -21.51
C ILE L 76 -39.26 45.36 -20.48
N VAL L 77 -38.85 45.06 -19.25
CA VAL L 77 -38.95 46.01 -18.15
C VAL L 77 -37.60 46.15 -17.46
N LYS L 78 -37.35 47.37 -16.98
CA LYS L 78 -36.13 47.73 -16.28
C LYS L 78 -36.43 47.91 -14.79
N VAL L 79 -35.53 47.39 -13.96
CA VAL L 79 -35.75 47.28 -12.52
C VAL L 79 -35.27 48.55 -11.83
N LEU L 80 -36.10 49.08 -10.93
CA LEU L 80 -35.77 50.26 -10.14
C LEU L 80 -35.53 49.93 -8.67
N ARG L 81 -35.51 48.65 -8.29
CA ARG L 81 -35.21 48.26 -6.92
C ARG L 81 -33.71 48.41 -6.69
N ARG L 82 -33.34 49.24 -5.72
CA ARG L 82 -31.92 49.47 -5.47
C ARG L 82 -31.24 48.24 -4.89
N GLU L 83 -31.96 47.48 -4.07
CA GLU L 83 -31.40 46.30 -3.42
C GLU L 83 -31.44 45.06 -4.30
N SER L 84 -31.96 45.17 -5.53
CA SER L 84 -32.02 44.03 -6.43
C SER L 84 -30.68 43.79 -7.09
N TYR L 85 -30.36 42.52 -7.34
CA TYR L 85 -29.17 42.18 -8.11
C TYR L 85 -29.24 42.71 -9.54
N TRP L 86 -30.44 42.95 -10.06
CA TRP L 86 -30.65 43.37 -11.43
C TRP L 86 -31.09 44.83 -11.53
N PHE L 87 -30.63 45.67 -10.61
CA PHE L 87 -30.89 47.10 -10.73
C PHE L 87 -30.28 47.63 -12.02
N ASN L 88 -31.03 48.46 -12.73
CA ASN L 88 -30.61 49.01 -14.02
C ASN L 88 -30.36 47.90 -15.04
N ASP L 89 -31.13 46.82 -14.96
CA ASP L 89 -31.02 45.71 -15.89
C ASP L 89 -32.39 45.37 -16.44
N THR L 90 -32.40 44.78 -17.63
CA THR L 90 -33.61 44.50 -18.38
C THR L 90 -34.02 43.04 -18.22
N GLY L 91 -35.31 42.81 -18.03
CA GLY L 91 -35.84 41.47 -17.96
C GLY L 91 -37.16 41.37 -18.70
N LYS L 92 -37.66 40.15 -18.80
CA LYS L 92 -38.91 39.85 -19.48
C LYS L 92 -39.98 39.52 -18.45
N VAL L 93 -41.15 40.13 -18.61
CA VAL L 93 -42.28 39.85 -17.73
C VAL L 93 -42.88 38.51 -18.12
N VAL L 94 -43.06 37.64 -17.13
CA VAL L 94 -43.64 36.31 -17.34
C VAL L 94 -45.12 36.29 -16.99
N ALA L 95 -45.48 36.79 -15.81
CA ALA L 95 -46.87 36.78 -15.37
C ALA L 95 -47.10 37.93 -14.40
N VAL L 96 -48.32 38.45 -14.42
CA VAL L 96 -48.76 39.48 -13.47
C VAL L 96 -50.07 39.00 -12.85
N ASP L 97 -50.11 38.95 -11.53
CA ASP L 97 -51.28 38.46 -10.81
C ASP L 97 -52.21 39.62 -10.51
N GLN L 98 -53.50 39.43 -10.79
CA GLN L 98 -54.52 40.45 -10.62
C GLN L 98 -55.26 40.32 -9.29
N ALA L 99 -54.79 39.46 -8.39
CA ALA L 99 -55.47 39.27 -7.11
C ALA L 99 -55.33 40.53 -6.27
N PRO L 100 -56.44 41.12 -5.78
CA PRO L 100 -56.31 42.30 -4.92
C PRO L 100 -55.69 41.97 -3.57
N GLY L 101 -54.49 42.47 -3.32
CA GLY L 101 -53.80 42.23 -2.08
C GLY L 101 -52.35 41.84 -2.27
N VAL L 102 -52.02 41.30 -3.46
CA VAL L 102 -50.65 40.91 -3.75
C VAL L 102 -49.79 42.16 -3.89
N ARG L 103 -48.66 42.18 -3.18
CA ARG L 103 -47.81 43.36 -3.15
C ARG L 103 -46.79 43.38 -4.27
N TYR L 104 -46.30 42.22 -4.69
CA TYR L 104 -45.28 42.13 -5.75
C TYR L 104 -45.78 41.13 -6.78
N PRO L 105 -46.70 41.54 -7.66
CA PRO L 105 -47.34 40.57 -8.57
C PRO L 105 -46.59 40.32 -9.85
N VAL L 106 -45.73 41.25 -10.27
CA VAL L 106 -45.06 41.13 -11.57
C VAL L 106 -43.91 40.14 -11.43
N VAL L 107 -43.87 39.16 -12.33
CA VAL L 107 -42.80 38.16 -12.36
C VAL L 107 -41.87 38.51 -13.51
N VAL L 108 -40.58 38.63 -13.22
CA VAL L 108 -39.58 39.04 -14.19
C VAL L 108 -38.53 37.93 -14.30
N ARG L 109 -38.25 37.52 -15.54
CA ARG L 109 -37.18 36.59 -15.87
C ARG L 109 -35.98 37.38 -16.39
N PHE L 110 -34.78 36.95 -15.98
CA PHE L 110 -33.55 37.63 -16.36
C PHE L 110 -32.62 36.68 -17.09
N ASP L 111 -31.78 37.25 -17.96
CA ASP L 111 -30.86 36.44 -18.75
C ASP L 111 -29.69 35.92 -17.93
N LYS L 112 -29.31 36.64 -16.87
CA LYS L 112 -28.16 36.28 -16.05
C LYS L 112 -28.59 36.07 -14.60
N VAL L 113 -27.95 35.09 -13.96
CA VAL L 113 -28.33 34.70 -12.60
C VAL L 113 -27.71 35.65 -11.59
N ASN L 114 -28.21 35.59 -10.36
CA ASN L 114 -27.64 36.33 -9.24
C ASN L 114 -26.65 35.44 -8.51
N TYR L 115 -26.16 35.89 -7.35
CA TYR L 115 -25.19 35.10 -6.60
C TYR L 115 -25.77 33.78 -6.12
N ALA L 116 -27.04 33.78 -5.73
CA ALA L 116 -27.69 32.55 -5.28
C ALA L 116 -28.02 31.60 -6.43
N GLY L 117 -27.93 32.06 -7.67
CA GLY L 117 -28.24 31.23 -8.82
C GLY L 117 -29.64 31.38 -9.35
N VAL L 118 -30.41 32.34 -8.86
CA VAL L 118 -31.79 32.54 -9.28
C VAL L 118 -31.83 33.58 -10.38
N SER L 119 -32.60 33.30 -11.43
CA SER L 119 -32.72 34.19 -12.58
C SER L 119 -34.11 34.80 -12.71
N THR L 120 -34.95 34.71 -11.68
CA THR L 120 -36.29 35.27 -11.73
C THR L 120 -36.60 35.94 -10.39
N ASN L 121 -37.52 36.90 -10.44
CA ASN L 121 -37.90 37.59 -9.21
C ASN L 121 -39.30 38.18 -9.37
N ASN L 122 -39.79 38.76 -8.28
CA ASN L 122 -41.11 39.39 -8.22
C ASN L 122 -40.94 40.85 -7.85
N TYR L 123 -41.64 41.72 -8.58
CA TYR L 123 -41.57 43.16 -8.37
C TYR L 123 -42.98 43.74 -8.42
N SER L 124 -43.14 44.86 -7.74
CA SER L 124 -44.36 45.65 -7.88
C SER L 124 -44.25 46.55 -9.11
N PRO L 125 -45.38 46.91 -9.73
CA PRO L 125 -45.31 47.70 -10.97
C PRO L 125 -44.63 49.05 -10.81
N ASP L 126 -44.62 49.61 -9.60
CA ASP L 126 -44.07 50.95 -9.40
C ASP L 126 -42.54 50.98 -9.41
N GLU L 127 -41.88 49.82 -9.30
CA GLU L 127 -40.42 49.75 -9.38
C GLU L 127 -39.96 49.09 -10.68
N LEU L 128 -40.81 49.08 -11.71
CA LEU L 128 -40.46 48.60 -13.03
C LEU L 128 -40.85 49.67 -14.03
N GLU L 129 -39.97 49.96 -14.98
CA GLU L 129 -40.27 50.93 -16.02
C GLU L 129 -40.11 50.29 -17.40
N GLN L 130 -40.82 50.84 -18.38
CA GLN L 130 -40.86 50.27 -19.72
C GLN L 130 -39.59 50.68 -20.46
N SER L 131 -38.61 49.80 -20.48
CA SER L 131 -37.35 50.03 -21.20
C SER L 131 -36.74 51.38 -20.84
N ASP M 86 25.99 64.22 -18.43
CA ASP M 86 25.36 63.73 -19.69
C ASP M 86 24.08 62.94 -19.34
N VAL M 87 22.93 63.61 -19.40
CA VAL M 87 21.62 62.95 -19.07
C VAL M 87 21.77 62.23 -17.72
N ALA M 88 22.20 62.96 -16.67
CA ALA M 88 22.38 62.42 -15.30
C ALA M 88 23.78 61.85 -15.09
N GLY M 89 24.80 62.52 -15.65
CA GLY M 89 26.20 62.08 -15.44
C GLY M 89 26.46 60.66 -15.90
N LEU M 90 25.87 60.24 -17.02
CA LEU M 90 26.13 58.91 -17.56
C LEU M 90 26.99 59.04 -18.81
N THR M 91 28.11 58.33 -18.81
CA THR M 91 28.98 58.32 -19.99
C THR M 91 28.43 57.34 -21.04
N PRO M 92 28.62 57.63 -22.32
CA PRO M 92 28.28 56.64 -23.35
C PRO M 92 29.09 55.36 -23.17
N CYS M 93 28.44 54.23 -23.45
CA CYS M 93 29.07 52.94 -23.20
C CYS M 93 30.22 52.64 -24.14
N LYS M 94 30.37 53.39 -25.24
CA LYS M 94 31.51 53.16 -26.13
C LYS M 94 32.83 53.47 -25.43
N GLU M 95 32.88 54.59 -24.70
CA GLU M 95 34.07 54.99 -23.97
C GLU M 95 33.92 54.78 -22.45
N SER M 96 33.09 53.82 -22.07
CA SER M 96 32.92 53.44 -20.67
C SER M 96 33.93 52.37 -20.31
N LYS M 97 34.78 52.65 -19.33
CA LYS M 97 35.80 51.67 -18.94
C LYS M 97 35.18 50.47 -18.24
N GLY M 98 34.11 50.68 -17.47
CA GLY M 98 33.45 49.55 -16.81
C GLY M 98 32.80 48.61 -17.81
N PHE M 99 32.26 49.15 -18.89
CA PHE M 99 31.66 48.31 -19.92
C PHE M 99 32.70 47.41 -20.56
N ALA M 100 33.87 47.97 -20.89
CA ALA M 100 34.95 47.17 -21.44
C ALA M 100 35.47 46.16 -20.43
N LYS M 101 35.53 46.56 -19.15
CA LYS M 101 35.96 45.62 -18.12
C LYS M 101 35.02 44.43 -18.04
N ARG M 102 33.72 44.68 -18.09
CA ARG M 102 32.75 43.59 -18.09
C ARG M 102 32.88 42.72 -19.33
N GLN M 103 33.09 43.34 -20.49
CA GLN M 103 33.37 42.55 -21.69
C GLN M 103 34.52 41.60 -21.44
N LYS M 104 35.63 42.13 -20.95
CA LYS M 104 36.83 41.33 -20.75
C LYS M 104 36.59 40.23 -19.74
N GLN M 105 35.89 40.54 -18.64
CA GLN M 105 35.65 39.54 -17.62
C GLN M 105 34.78 38.40 -18.13
N GLU M 106 33.70 38.71 -18.85
CA GLU M 106 32.85 37.66 -19.37
C GLU M 106 33.60 36.80 -20.39
N ILE M 107 34.35 37.44 -21.30
CA ILE M 107 35.09 36.66 -22.29
C ILE M 107 36.13 35.79 -21.61
N LYS M 108 36.81 36.32 -20.58
CA LYS M 108 37.82 35.55 -19.87
C LYS M 108 37.20 34.37 -19.14
N LYS M 109 36.03 34.57 -18.53
CA LYS M 109 35.35 33.46 -17.86
C LYS M 109 34.96 32.38 -18.85
N LEU M 110 34.44 32.77 -20.02
CA LEU M 110 34.06 31.79 -21.02
C LEU M 110 35.29 31.03 -21.53
N GLU M 111 36.41 31.73 -21.73
CA GLU M 111 37.62 31.07 -22.18
C GLU M 111 38.17 30.12 -21.11
N GLY M 112 38.07 30.51 -19.84
CA GLY M 112 38.48 29.62 -18.77
C GLY M 112 37.63 28.37 -18.73
N ARG M 113 36.32 28.51 -18.94
CA ARG M 113 35.47 27.34 -19.06
C ARG M 113 35.82 26.52 -20.29
N LEU M 114 36.33 27.18 -21.35
CA LEU M 114 36.65 26.50 -22.59
C LEU M 114 37.95 25.69 -22.48
N LYS M 115 38.90 26.13 -21.66
CA LYS M 115 40.20 25.48 -21.66
C LYS M 115 40.14 24.00 -21.30
N LEU M 116 39.07 23.57 -20.63
CA LEU M 116 38.97 22.18 -20.17
C LEU M 116 38.26 21.27 -21.16
N TYR M 117 38.09 21.70 -22.41
CA TYR M 117 37.44 20.90 -23.44
C TYR M 117 38.31 20.85 -24.67
N ALA M 118 38.21 19.75 -25.42
CA ALA M 118 38.96 19.62 -26.66
C ALA M 118 38.42 20.59 -27.70
N PRO M 119 39.29 21.12 -28.57
CA PRO M 119 38.82 22.11 -29.55
C PRO M 119 37.71 21.60 -30.46
N ASP M 120 37.75 20.33 -30.85
CA ASP M 120 36.78 19.80 -31.79
C ASP M 120 35.47 19.36 -31.12
N SER M 121 35.41 19.37 -29.80
CA SER M 121 34.26 18.83 -29.10
C SER M 121 33.05 19.76 -29.23
N ALA M 122 31.86 19.16 -29.14
CA ALA M 122 30.63 19.96 -29.20
C ALA M 122 30.53 20.98 -28.06
N PRO M 123 30.87 20.65 -26.82
CA PRO M 123 30.89 21.70 -25.78
C PRO M 123 31.79 22.87 -26.14
N ALA M 124 32.92 22.60 -26.79
CA ALA M 124 33.79 23.70 -27.23
C ALA M 124 33.08 24.57 -28.25
N LEU M 125 32.35 23.95 -29.19
CA LEU M 125 31.58 24.73 -30.15
C LEU M 125 30.52 25.59 -29.45
N ALA M 126 29.85 25.01 -28.46
CA ALA M 126 28.84 25.76 -27.72
C ALA M 126 29.45 26.97 -27.01
N ILE M 127 30.60 26.76 -26.37
CA ILE M 127 31.23 27.86 -25.64
C ILE M 127 31.73 28.93 -26.61
N ASN M 128 32.24 28.53 -27.77
CA ASN M 128 32.68 29.51 -28.75
C ASN M 128 31.49 30.29 -29.31
N ALA M 129 30.35 29.62 -29.49
CA ALA M 129 29.14 30.33 -29.89
C ALA M 129 28.72 31.31 -28.81
N THR M 130 28.89 30.93 -27.54
CA THR M 130 28.63 31.85 -26.44
C THR M 130 29.51 33.07 -26.54
N ILE M 131 30.80 32.87 -26.82
CA ILE M 131 31.75 33.98 -26.90
C ILE M 131 31.35 34.93 -28.04
N GLU M 132 31.03 34.36 -29.20
CA GLU M 132 30.60 35.20 -30.33
C GLU M 132 29.32 35.95 -29.99
N LYS M 133 28.38 35.28 -29.31
CA LYS M 133 27.13 35.93 -28.91
C LYS M 133 27.40 37.10 -27.99
N THR M 134 28.28 36.91 -26.99
CA THR M 134 28.61 37.98 -26.07
C THR M 134 29.27 39.15 -26.80
N LYS M 135 30.21 38.84 -27.70
CA LYS M 135 30.89 39.90 -28.43
C LYS M 135 29.91 40.73 -29.25
N ARG M 136 29.02 40.06 -29.98
CA ARG M 136 28.07 40.80 -30.79
C ARG M 136 27.09 41.57 -29.92
N ARG M 137 26.70 41.01 -28.77
CA ARG M 137 25.79 41.72 -27.88
C ARG M 137 26.41 43.01 -27.40
N PHE M 138 27.67 42.96 -26.98
CA PHE M 138 28.32 44.16 -26.46
C PHE M 138 28.58 45.17 -27.57
N GLU M 139 28.93 44.70 -28.76
CA GLU M 139 29.08 45.63 -29.89
C GLU M 139 27.77 46.31 -30.23
N PHE M 140 26.66 45.56 -30.23
CA PHE M 140 25.36 46.15 -30.50
C PHE M 140 25.00 47.18 -29.44
N TYR M 141 25.26 46.86 -28.16
CA TYR M 141 24.93 47.81 -27.11
C TYR M 141 25.76 49.09 -27.25
N GLY M 142 27.03 48.95 -27.64
CA GLY M 142 27.86 50.13 -27.84
C GLY M 142 27.41 50.97 -29.03
N ASN M 143 26.96 50.31 -30.10
CA ASN M 143 26.68 51.04 -31.34
C ASN M 143 25.42 51.89 -31.27
N GLN M 144 24.51 51.62 -30.33
CA GLN M 144 23.27 52.37 -30.21
C GLN M 144 23.35 53.51 -29.21
N GLY M 145 24.55 53.84 -28.75
CA GLY M 145 24.71 54.98 -27.85
C GLY M 145 24.01 54.82 -26.52
N LEU M 146 24.08 53.65 -25.92
CA LEU M 146 23.53 53.45 -24.60
C LEU M 146 24.36 54.18 -23.56
N LEU M 147 23.72 54.56 -22.46
CA LEU M 147 24.36 55.35 -21.41
C LEU M 147 24.72 54.42 -20.25
N CYS M 148 26.01 54.27 -20.00
CA CYS M 148 26.51 53.46 -18.90
C CYS M 148 26.85 54.34 -17.72
N GLY M 149 26.49 53.89 -16.52
CA GLY M 149 26.73 54.66 -15.32
C GLY M 149 28.09 54.40 -14.72
N THR M 150 28.20 54.47 -13.40
CA THR M 150 29.45 54.16 -12.72
C THR M 150 29.60 52.63 -12.69
N ASP M 151 30.69 52.16 -13.29
CA ASP M 151 30.89 50.78 -13.78
C ASP M 151 30.17 50.65 -15.12
N GLY M 152 30.11 49.43 -15.66
CA GLY M 152 29.48 49.22 -16.95
C GLY M 152 28.10 48.62 -16.83
N LEU M 153 27.07 49.45 -16.94
CA LEU M 153 25.70 48.95 -16.96
C LEU M 153 24.85 49.93 -17.75
N PRO M 154 24.29 49.53 -18.88
CA PRO M 154 23.44 50.46 -19.64
C PRO M 154 22.24 50.91 -18.81
N HIS M 155 21.98 52.21 -18.82
CA HIS M 155 20.86 52.79 -18.13
C HIS M 155 19.89 53.38 -19.15
N LEU M 156 18.60 53.23 -18.89
CA LEU M 156 17.56 53.63 -19.83
C LEU M 156 17.00 55.00 -19.43
N ILE M 157 16.89 55.89 -20.40
CA ILE M 157 16.29 57.21 -20.19
C ILE M 157 14.88 57.18 -20.76
N VAL M 158 13.90 57.49 -19.92
CA VAL M 158 12.49 57.37 -20.30
C VAL M 158 11.78 58.70 -20.09
N ASP M 159 12.51 59.81 -20.26
CA ASP M 159 11.94 61.15 -20.13
C ASP M 159 11.43 61.71 -21.45
N GLY M 160 11.59 60.99 -22.55
CA GLY M 160 11.20 61.48 -23.86
C GLY M 160 12.32 62.10 -24.67
N ASP M 161 13.57 61.96 -24.24
CA ASP M 161 14.67 62.56 -24.96
C ASP M 161 14.76 61.98 -26.36
N GLN M 162 15.06 62.84 -27.34
CA GLN M 162 15.09 62.40 -28.73
C GLN M 162 16.21 61.41 -28.98
N ALA M 163 17.30 61.49 -28.22
CA ALA M 163 18.43 60.60 -28.40
C ALA M 163 18.19 59.22 -27.80
N HIS M 164 17.08 59.01 -27.10
CA HIS M 164 16.78 57.75 -26.43
C HIS M 164 15.38 57.25 -26.73
N LEU M 165 14.77 57.72 -27.81
CA LEU M 165 13.40 57.30 -28.14
C LEU M 165 13.30 55.80 -28.36
N GLY M 166 14.40 55.13 -28.70
CA GLY M 166 14.37 53.72 -28.98
C GLY M 166 14.35 52.83 -27.75
N GLU M 167 14.40 53.42 -26.56
CA GLU M 167 14.41 52.62 -25.33
C GLU M 167 13.02 52.39 -24.77
N PHE M 168 12.19 53.42 -24.74
CA PHE M 168 10.86 53.32 -24.15
C PHE M 168 9.75 53.83 -25.06
N VAL M 169 9.98 54.91 -25.80
CA VAL M 169 8.90 55.52 -26.56
C VAL M 169 8.55 54.66 -27.77
N TYR M 170 9.55 54.21 -28.52
CA TYR M 170 9.28 53.42 -29.71
C TYR M 170 8.77 52.03 -29.34
N PRO M 171 9.47 51.24 -28.52
CA PRO M 171 8.88 49.97 -28.07
C PRO M 171 7.61 50.16 -27.27
N GLY M 172 7.52 51.24 -26.50
CA GLY M 172 6.27 51.52 -25.81
C GLY M 172 5.10 51.66 -26.76
N LEU M 173 5.29 52.40 -27.85
CA LEU M 173 4.23 52.54 -28.84
C LEU M 173 3.91 51.20 -29.49
N VAL M 174 4.93 50.40 -29.78
CA VAL M 174 4.69 49.09 -30.36
C VAL M 174 3.84 48.25 -29.40
N PHE M 175 4.19 48.26 -28.11
CA PHE M 175 3.40 47.57 -27.11
C PHE M 175 1.97 48.08 -27.08
N LEU M 176 1.80 49.40 -27.14
CA LEU M 176 0.45 49.95 -27.08
C LEU M 176 -0.36 49.48 -28.27
N TYR M 177 0.26 49.41 -29.44
CA TYR M 177 -0.44 48.90 -30.62
C TYR M 177 -0.84 47.44 -30.45
N ILE M 178 0.05 46.61 -29.90
CA ILE M 178 -0.26 45.18 -29.74
C ILE M 178 -1.32 44.96 -28.68
N ALA M 179 -1.14 45.59 -27.51
CA ALA M 179 -2.09 45.44 -26.42
C ALA M 179 -3.47 45.94 -26.82
N GLY M 180 -3.54 47.11 -27.45
CA GLY M 180 -4.82 47.61 -27.92
C GLY M 180 -5.44 46.70 -28.97
N TRP M 181 -4.60 46.12 -29.84
CA TRP M 181 -5.09 45.10 -30.77
C TRP M 181 -5.83 44.00 -30.01
N ILE M 182 -5.14 43.40 -29.05
CA ILE M 182 -5.68 42.24 -28.33
C ILE M 182 -6.99 42.62 -27.66
N GLY M 183 -6.96 43.68 -26.85
CA GLY M 183 -8.16 44.10 -26.16
C GLY M 183 -9.31 44.44 -27.09
N TRP M 184 -9.02 45.17 -28.17
CA TRP M 184 -10.06 45.58 -29.09
C TRP M 184 -10.73 44.39 -29.74
N VAL M 185 -9.93 43.43 -30.21
CA VAL M 185 -10.51 42.25 -30.85
C VAL M 185 -11.27 41.40 -29.84
N GLY M 186 -10.78 41.30 -28.61
CA GLY M 186 -11.54 40.60 -27.58
C GLY M 186 -12.89 41.25 -27.33
N ARG M 187 -12.90 42.58 -27.22
CA ARG M 187 -14.15 43.31 -27.04
C ARG M 187 -15.08 43.07 -28.22
N ALA M 188 -14.55 43.12 -29.44
CA ALA M 188 -15.35 42.88 -30.63
C ALA M 188 -15.97 41.49 -30.59
N TYR M 189 -15.19 40.48 -30.21
CA TYR M 189 -15.73 39.13 -30.10
C TYR M 189 -16.84 39.06 -29.07
N LEU M 190 -16.65 39.70 -27.92
CA LEU M 190 -17.72 39.70 -26.90
C LEU M 190 -18.98 40.35 -27.45
N ILE M 191 -18.83 41.48 -28.13
CA ILE M 191 -19.99 42.13 -28.76
C ILE M 191 -20.67 41.18 -29.71
N ASP M 192 -19.89 40.51 -30.56
CA ASP M 192 -20.45 39.66 -31.61
C ASP M 192 -21.05 38.38 -31.07
N VAL M 193 -20.75 38.01 -29.82
CA VAL M 193 -21.33 36.81 -29.22
C VAL M 193 -22.38 37.13 -28.17
N ARG M 194 -22.60 38.41 -27.85
CA ARG M 194 -23.76 38.74 -27.01
C ARG M 194 -25.07 38.63 -27.77
N THR M 195 -25.05 38.70 -29.10
CA THR M 195 -26.24 38.54 -29.90
C THR M 195 -26.56 37.08 -30.21
N SER M 196 -25.68 36.16 -29.83
CA SER M 196 -25.93 34.75 -30.05
C SER M 196 -26.96 34.22 -29.07
N LYS M 197 -27.50 33.04 -29.37
CA LYS M 197 -28.54 32.45 -28.53
C LYS M 197 -27.99 31.89 -27.23
N LYS M 198 -26.75 31.38 -27.25
CA LYS M 198 -26.11 30.80 -26.07
C LYS M 198 -24.70 31.39 -25.96
N PRO M 199 -24.58 32.63 -25.46
CA PRO M 199 -23.25 33.27 -25.43
C PRO M 199 -22.23 32.54 -24.58
N THR M 200 -22.65 31.93 -23.46
CA THR M 200 -21.69 31.27 -22.58
C THR M 200 -21.00 30.11 -23.28
N GLU M 201 -21.74 29.33 -24.07
CA GLU M 201 -21.13 28.27 -24.85
C GLU M 201 -20.13 28.84 -25.85
N LYS M 202 -20.40 30.04 -26.37
CA LYS M 202 -19.45 30.68 -27.29
C LYS M 202 -18.22 31.16 -26.56
N GLU M 203 -18.33 31.47 -25.26
CA GLU M 203 -17.15 31.88 -24.51
C GLU M 203 -16.30 30.70 -24.08
N ILE M 204 -16.91 29.58 -23.68
CA ILE M 204 -16.10 28.43 -23.32
C ILE M 204 -15.64 27.67 -24.55
N ILE M 205 -16.45 27.66 -25.61
CA ILE M 205 -16.06 27.07 -26.89
C ILE M 205 -16.02 28.23 -27.89
N ILE M 206 -14.82 28.66 -28.24
CA ILE M 206 -14.64 29.85 -29.05
C ILE M 206 -14.98 29.52 -30.50
N ASP M 207 -15.78 30.40 -31.12
CA ASP M 207 -16.10 30.28 -32.54
C ASP M 207 -14.88 30.70 -33.34
N VAL M 208 -14.07 29.71 -33.75
CA VAL M 208 -12.78 30.00 -34.36
C VAL M 208 -12.92 30.83 -35.63
N PRO M 209 -13.84 30.53 -36.55
CA PRO M 209 -13.97 31.40 -37.73
C PRO M 209 -14.39 32.81 -37.36
N LEU M 210 -15.41 32.95 -36.51
CA LEU M 210 -15.81 34.26 -36.03
C LEU M 210 -14.66 34.96 -35.32
N ALA M 211 -13.98 34.24 -34.43
CA ALA M 211 -12.86 34.83 -33.71
C ALA M 211 -11.76 35.29 -34.65
N LEU M 212 -11.47 34.50 -35.69
CA LEU M 212 -10.40 34.84 -36.60
C LEU M 212 -10.75 36.06 -37.45
N ARG M 213 -11.99 36.13 -37.95
CA ARG M 213 -12.35 37.31 -38.72
C ARG M 213 -12.56 38.54 -37.82
N ILE M 214 -12.70 38.34 -36.51
CA ILE M 214 -12.63 39.47 -35.60
C ILE M 214 -11.17 39.90 -35.42
N MET M 215 -10.28 38.93 -35.22
CA MET M 215 -8.86 39.21 -35.02
C MET M 215 -8.27 39.93 -36.22
N SER M 216 -8.75 39.62 -37.43
CA SER M 216 -8.24 40.28 -38.62
C SER M 216 -8.53 41.78 -38.58
N LYS M 217 -9.55 42.20 -37.84
CA LYS M 217 -9.96 43.60 -37.79
C LYS M 217 -9.09 44.45 -36.88
N GLY M 218 -8.18 43.85 -36.13
CA GLY M 218 -7.35 44.59 -35.21
C GLY M 218 -6.21 45.36 -35.82
N LEU M 219 -6.02 45.23 -37.14
CA LEU M 219 -4.95 45.95 -37.81
C LEU M 219 -5.12 47.45 -37.67
N THR M 220 -6.35 47.94 -37.82
CA THR M 220 -6.67 49.36 -37.74
C THR M 220 -7.44 49.68 -36.46
N TRP M 221 -7.08 49.03 -35.36
CA TRP M 221 -7.84 49.18 -34.13
C TRP M 221 -7.93 50.62 -33.63
N PRO M 222 -6.88 51.44 -33.68
CA PRO M 222 -7.03 52.81 -33.14
C PRO M 222 -8.10 53.62 -33.86
N VAL M 223 -8.21 53.46 -35.18
CA VAL M 223 -9.23 54.20 -35.93
C VAL M 223 -10.61 53.79 -35.49
N ALA M 224 -10.84 52.48 -35.34
CA ALA M 224 -12.14 52.01 -34.87
C ALA M 224 -12.43 52.49 -33.47
N ALA M 225 -11.42 52.52 -32.60
CA ALA M 225 -11.63 52.99 -31.23
C ALA M 225 -12.04 54.45 -31.22
N ILE M 226 -11.35 55.29 -32.00
CA ILE M 226 -11.71 56.70 -32.06
C ILE M 226 -13.10 56.88 -32.65
N GLY M 227 -13.43 56.10 -33.69
CA GLY M 227 -14.75 56.22 -34.28
C GLY M 227 -15.85 55.86 -33.30
N GLU M 228 -15.66 54.78 -32.54
CA GLU M 228 -16.66 54.39 -31.55
C GLU M 228 -16.74 55.41 -30.42
N LEU M 229 -15.61 55.97 -30.02
CA LEU M 229 -15.63 56.99 -28.97
C LEU M 229 -16.39 58.23 -29.42
N ARG M 230 -16.15 58.69 -30.65
CA ARG M 230 -16.80 59.90 -31.12
C ARG M 230 -18.28 59.66 -31.41
N SER M 231 -18.61 58.48 -31.95
CA SER M 231 -20.00 58.18 -32.25
C SER M 231 -20.81 57.89 -31.00
N GLY M 232 -20.17 57.48 -29.91
CA GLY M 232 -20.85 57.17 -28.67
C GLY M 232 -21.15 55.70 -28.47
N LYS M 233 -20.66 54.82 -29.33
CA LYS M 233 -20.88 53.39 -29.19
C LYS M 233 -19.80 52.68 -28.39
N LEU M 234 -18.83 53.42 -27.85
CA LEU M 234 -17.76 52.82 -27.07
C LEU M 234 -18.09 52.70 -25.59
N VAL M 235 -18.76 53.71 -25.03
CA VAL M 235 -18.99 53.82 -23.59
C VAL M 235 -20.48 53.65 -23.32
N GLU M 236 -20.80 52.75 -22.39
CA GLU M 236 -22.19 52.55 -22.00
C GLU M 236 -22.65 53.68 -21.08
N LYS M 237 -23.90 54.09 -21.27
CA LYS M 237 -24.49 55.12 -20.41
C LYS M 237 -24.64 54.58 -18.99
N SER M 238 -24.45 55.47 -18.02
CA SER M 238 -24.48 55.06 -16.61
C SER M 238 -25.86 54.59 -16.18
N SER M 239 -26.92 54.92 -16.93
CA SER M 239 -28.27 54.52 -16.56
C SER M 239 -28.56 53.06 -16.82
N ASN M 240 -27.71 52.36 -17.57
CA ASN M 240 -27.92 50.95 -17.91
C ASN M 240 -26.86 50.04 -17.30
N ILE M 241 -26.19 50.48 -16.25
CA ILE M 241 -25.12 49.72 -15.61
C ILE M 241 -25.53 49.44 -14.17
N THR M 242 -25.44 48.18 -13.76
CA THR M 242 -25.81 47.80 -12.41
C THR M 242 -24.87 48.43 -11.40
N VAL M 243 -25.45 49.04 -10.36
CA VAL M 243 -24.70 49.62 -9.26
C VAL M 243 -25.33 49.17 -7.95
N SER M 244 -24.50 49.13 -6.90
CA SER M 244 -24.96 48.75 -5.58
C SER M 244 -25.70 49.91 -4.91
N PRO M 245 -26.52 49.63 -3.90
CA PRO M 245 -27.16 50.72 -3.16
C PRO M 245 -26.13 51.64 -2.52
N ARG M 246 -26.54 52.88 -2.27
CA ARG M 246 -25.64 53.87 -1.72
C ARG M 246 -25.65 53.91 -0.20
N ALA N 59 16.06 104.15 9.51
CA ALA N 59 14.58 104.14 9.32
C ALA N 59 13.88 104.60 10.59
N ASN N 60 12.90 105.48 10.42
CA ASN N 60 12.15 106.02 11.56
C ASN N 60 11.07 105.01 11.96
N THR N 61 11.21 104.45 13.17
CA THR N 61 10.23 103.48 13.64
C THR N 61 8.89 104.14 13.90
N ALA N 62 8.89 105.27 14.62
CA ALA N 62 7.63 105.91 14.99
C ALA N 62 6.87 106.36 13.76
N LEU N 63 7.55 107.02 12.82
CA LEU N 63 6.85 107.52 11.63
C LEU N 63 6.28 106.38 10.81
N THR N 64 7.06 105.32 10.59
CA THR N 64 6.58 104.21 9.78
C THR N 64 5.40 103.51 10.46
N ILE N 65 5.50 103.26 11.76
CA ILE N 65 4.41 102.58 12.46
C ILE N 65 3.15 103.43 12.42
N THR N 66 3.29 104.73 12.70
CA THR N 66 2.13 105.61 12.69
C THR N 66 1.49 105.67 11.31
N LEU N 67 2.31 105.82 10.27
CA LEU N 67 1.76 105.93 8.93
C LEU N 67 1.05 104.65 8.51
N SER N 68 1.65 103.49 8.77
CA SER N 68 1.02 102.24 8.39
C SER N 68 -0.27 102.02 9.16
N THR N 69 -0.25 102.27 10.49
CA THR N 69 -1.45 102.06 11.28
C THR N 69 -2.56 103.00 10.83
N GLY N 70 -2.24 104.27 10.58
CA GLY N 70 -3.25 105.20 10.11
C GLY N 70 -3.80 104.81 8.75
N ALA N 71 -2.93 104.38 7.84
CA ALA N 71 -3.37 104.00 6.51
C ALA N 71 -4.33 102.81 6.58
N LEU N 72 -3.97 101.79 7.37
CA LEU N 72 -4.84 100.62 7.42
C LEU N 72 -6.11 100.87 8.21
N LEU N 73 -6.05 101.73 9.23
CA LEU N 73 -7.27 102.13 9.92
C LEU N 73 -8.20 102.88 8.99
N PHE N 74 -7.65 103.79 8.16
CA PHE N 74 -8.45 104.49 7.19
C PHE N 74 -9.07 103.52 6.18
N LEU N 75 -8.27 102.56 5.71
CA LEU N 75 -8.78 101.57 4.77
C LEU N 75 -9.93 100.77 5.39
N GLY N 76 -9.78 100.39 6.66
CA GLY N 76 -10.82 99.63 7.33
C GLY N 76 -12.03 100.43 7.71
N ARG N 77 -11.88 101.75 7.87
CA ARG N 77 -12.97 102.61 8.31
C ARG N 77 -13.78 103.16 7.15
N PHE N 78 -13.17 103.38 5.99
CA PHE N 78 -13.84 104.10 4.90
C PHE N 78 -14.06 103.26 3.66
N VAL N 79 -13.04 102.54 3.18
CA VAL N 79 -13.17 101.82 1.91
C VAL N 79 -13.55 100.35 2.10
N PHE N 80 -13.22 99.74 3.24
CA PHE N 80 -13.49 98.33 3.46
C PHE N 80 -14.55 98.08 4.53
N LEU N 81 -15.00 99.12 5.23
CA LEU N 81 -16.02 98.91 6.27
C LEU N 81 -17.31 98.38 5.68
N PRO N 82 -17.87 98.94 4.60
CA PRO N 82 -19.12 98.38 4.07
C PRO N 82 -18.98 96.95 3.58
N PHE N 83 -17.86 96.60 2.97
CA PHE N 83 -17.64 95.24 2.49
C PHE N 83 -17.59 94.27 3.67
N GLN N 84 -16.85 94.63 4.71
CA GLN N 84 -16.76 93.79 5.90
C GLN N 84 -18.12 93.64 6.57
N ARG N 85 -18.88 94.73 6.65
CA ARG N 85 -20.22 94.67 7.22
C ARG N 85 -21.13 93.75 6.41
N ASP N 86 -21.09 93.88 5.08
CA ASP N 86 -21.91 93.02 4.24
C ASP N 86 -21.53 91.55 4.41
N ASN N 87 -20.23 91.26 4.50
CA ASN N 87 -19.81 89.87 4.63
C ASN N 87 -20.18 89.29 5.99
N VAL N 88 -20.05 90.08 7.06
CA VAL N 88 -20.46 89.55 8.37
C VAL N 88 -21.97 89.42 8.45
N SER N 89 -22.72 90.28 7.74
CA SER N 89 -24.17 90.11 7.70
C SER N 89 -24.55 88.85 6.94
N ARG N 90 -23.87 88.58 5.84
CA ARG N 90 -24.17 87.38 5.05
C ARG N 90 -23.80 86.12 5.82
N GLN N 91 -22.60 86.08 6.40
CA GLN N 91 -22.18 84.90 7.14
C GLN N 91 -22.90 84.79 8.47
N GLY N 92 -23.02 85.90 9.20
CA GLY N 92 -23.72 85.88 10.47
C GLY N 92 -22.94 85.12 11.54
N LEU N 93 -23.63 84.90 12.65
CA LEU N 93 -23.03 84.14 13.75
C LEU N 93 -22.84 82.69 13.33
N PRO N 94 -21.72 82.06 13.71
CA PRO N 94 -21.59 80.61 13.48
C PRO N 94 -22.72 79.86 14.15
N VAL N 95 -23.21 78.84 13.46
CA VAL N 95 -24.33 78.03 13.93
C VAL N 95 -23.84 76.61 14.18
N GLN N 96 -24.30 76.02 15.28
CA GLN N 96 -23.88 74.67 15.64
C GLN N 96 -24.61 73.63 14.81
N ASN N 97 -25.93 73.56 14.95
CA ASN N 97 -26.74 72.66 14.13
C ASN N 97 -28.12 73.32 13.99
N GLY N 98 -28.28 74.10 12.92
CA GLY N 98 -29.50 74.85 12.72
C GLY N 98 -29.53 76.16 13.48
N VAL N 99 -29.10 76.14 14.74
CA VAL N 99 -29.15 77.31 15.61
C VAL N 99 -27.73 77.69 16.02
N THR N 100 -27.61 78.86 16.63
CA THR N 100 -26.31 79.37 17.04
C THR N 100 -25.79 78.60 18.26
N HIS N 101 -24.50 78.76 18.53
CA HIS N 101 -23.88 78.07 19.65
C HIS N 101 -24.53 78.48 20.97
N PHE N 102 -24.79 79.77 21.15
CA PHE N 102 -25.46 80.22 22.37
C PHE N 102 -26.88 79.66 22.45
N ASP N 103 -27.59 79.64 21.32
CA ASP N 103 -28.93 79.09 21.31
C ASP N 103 -28.94 77.59 21.59
N ALA N 104 -27.83 76.91 21.35
CA ALA N 104 -27.71 75.49 21.65
C ALA N 104 -27.43 75.22 23.13
N GLY N 105 -27.20 76.26 23.91
CA GLY N 105 -26.95 76.11 25.34
C GLY N 105 -25.53 76.38 25.77
N ASP N 106 -24.74 77.11 24.98
CA ASP N 106 -23.35 77.42 25.32
C ASP N 106 -23.32 78.80 25.98
N SER N 107 -23.14 78.81 27.30
CA SER N 107 -23.15 80.07 28.04
C SER N 107 -21.96 80.94 27.68
N ARG N 108 -20.85 80.33 27.23
CA ARG N 108 -19.63 81.05 26.92
C ARG N 108 -19.53 81.47 25.46
N ALA N 109 -20.55 81.17 24.65
CA ALA N 109 -20.57 81.56 23.26
C ALA N 109 -21.43 82.78 23.00
N GLN N 110 -21.92 83.43 24.05
CA GLN N 110 -22.76 84.62 23.89
C GLN N 110 -21.91 85.79 23.39
N GLU N 111 -22.43 86.50 22.39
CA GLU N 111 -21.73 87.67 21.86
C GLU N 111 -21.67 88.75 22.93
N VAL N 112 -20.49 89.34 23.11
CA VAL N 112 -20.29 90.36 24.14
C VAL N 112 -20.81 91.69 23.64
N THR N 113 -22.07 91.99 23.94
CA THR N 113 -22.69 93.22 23.45
C THR N 113 -22.09 94.44 24.13
N SER N 114 -21.79 94.34 25.42
CA SER N 114 -21.27 95.50 26.15
C SER N 114 -19.95 95.96 25.58
N PHE N 115 -19.06 95.02 25.25
CA PHE N 115 -17.77 95.37 24.68
C PHE N 115 -17.88 95.81 23.22
N LEU N 116 -18.97 95.45 22.55
CA LEU N 116 -19.16 95.80 21.14
C LEU N 116 -19.95 97.09 20.95
N LYS N 117 -20.40 97.72 22.02
CA LYS N 117 -21.12 98.99 21.89
C LYS N 117 -20.18 100.08 21.41
N THR N 118 -20.67 100.92 20.49
CA THR N 118 -19.86 101.99 19.95
C THR N 118 -20.76 103.17 19.58
N ASN N 119 -20.19 104.36 19.61
CA ASN N 119 -20.90 105.58 19.23
C ASN N 119 -20.42 106.15 17.89
N ASP N 120 -19.49 105.49 17.23
CA ASP N 120 -19.01 105.96 15.94
C ASP N 120 -20.16 105.89 14.94
N PRO N 121 -20.42 106.95 14.18
CA PRO N 121 -21.63 106.94 13.32
C PRO N 121 -21.64 105.83 12.29
N ALA N 122 -20.48 105.37 11.85
CA ALA N 122 -20.40 104.32 10.84
C ALA N 122 -20.42 102.92 11.43
N GLY N 123 -20.50 102.79 12.75
CA GLY N 123 -20.50 101.49 13.38
C GLY N 123 -19.14 100.89 13.63
N PHE N 124 -18.08 101.70 13.59
CA PHE N 124 -16.74 101.17 13.84
C PHE N 124 -16.59 100.83 15.32
N THR N 125 -16.22 99.59 15.60
CA THR N 125 -16.19 99.07 16.96
C THR N 125 -14.74 98.95 17.44
N ILE N 126 -14.59 98.94 18.77
CA ILE N 126 -13.25 98.84 19.36
C ILE N 126 -12.55 97.56 18.91
N VAL N 127 -13.31 96.49 18.70
CA VAL N 127 -12.72 95.26 18.17
C VAL N 127 -12.22 95.48 16.75
N ASP N 128 -12.99 96.20 15.93
CA ASP N 128 -12.52 96.56 14.60
C ASP N 128 -11.29 97.44 14.68
N VAL N 129 -11.27 98.37 15.64
CA VAL N 129 -10.09 99.21 15.84
C VAL N 129 -8.88 98.34 16.12
N LEU N 130 -9.02 97.38 17.04
CA LEU N 130 -7.91 96.49 17.37
C LEU N 130 -7.47 95.69 16.16
N ALA N 131 -8.41 95.18 15.38
CA ALA N 131 -8.07 94.36 14.23
C ALA N 131 -7.29 95.14 13.20
N TRP N 132 -7.82 96.30 12.80
CA TRP N 132 -7.16 97.10 11.78
C TRP N 132 -5.84 97.67 12.29
N GLY N 133 -5.76 98.01 13.57
CA GLY N 133 -4.50 98.46 14.13
C GLY N 133 -3.45 97.36 14.17
N ALA N 134 -3.88 96.12 14.46
CA ALA N 134 -2.95 95.00 14.41
C ALA N 134 -2.44 94.79 13.00
N LEU N 135 -3.32 94.87 12.01
CA LEU N 135 -2.87 94.77 10.62
C LEU N 135 -1.89 95.89 10.28
N GLY N 136 -2.19 97.10 10.72
CA GLY N 136 -1.31 98.22 10.42
C GLY N 136 0.05 98.09 11.08
N HIS N 137 0.07 97.65 12.34
CA HIS N 137 1.34 97.42 13.02
C HIS N 137 2.14 96.31 12.35
N ALA N 138 1.45 95.25 11.91
CA ALA N 138 2.15 94.18 11.19
C ALA N 138 2.77 94.72 9.90
N VAL N 139 2.02 95.52 9.15
CA VAL N 139 2.54 96.10 7.93
C VAL N 139 3.74 97.01 8.23
N GLY N 140 3.62 97.83 9.27
CA GLY N 140 4.69 98.75 9.61
C GLY N 140 5.96 98.04 10.03
N PHE N 141 5.82 96.97 10.83
CA PHE N 141 7.00 96.22 11.25
C PHE N 141 7.60 95.41 10.10
N PHE N 142 6.76 94.91 9.19
CA PHE N 142 7.29 94.32 7.96
C PHE N 142 8.12 95.34 7.20
N ILE N 143 7.60 96.55 7.04
CA ILE N 143 8.32 97.59 6.31
C ILE N 143 9.63 97.90 7.01
N LEU N 144 9.59 98.07 8.33
CA LEU N 144 10.78 98.43 9.08
C LEU N 144 11.83 97.34 9.01
N ALA N 145 11.42 96.08 9.12
CA ALA N 145 12.38 94.98 9.09
C ALA N 145 12.98 94.81 7.70
N THR N 146 12.18 95.05 6.65
CA THR N 146 12.73 94.91 5.31
C THR N 146 13.65 96.08 4.96
N ILE N 147 13.31 97.29 5.39
CA ILE N 147 14.20 98.42 5.16
C ILE N 147 15.50 98.24 5.93
N ASN N 148 15.41 97.86 7.20
CA ASN N 148 16.58 97.62 8.03
C ASN N 148 16.99 96.14 7.92
N ASN N 149 17.24 95.72 6.69
CA ASN N 149 17.59 94.34 6.39
C ASN N 149 18.99 94.20 5.81
N GLY N 150 19.34 95.00 4.81
CA GLY N 150 20.61 94.86 4.13
C GLY N 150 20.63 93.82 3.04
N TYR N 151 19.47 93.23 2.71
CA TYR N 151 19.39 92.20 1.69
C TYR N 151 19.01 92.83 0.36
N ASN N 152 19.89 92.71 -0.63
CA ASN N 152 19.68 93.27 -1.97
C ASN N 152 19.81 92.16 -3.00
N PRO N 153 18.71 91.67 -3.57
CA PRO N 153 18.83 90.59 -4.57
C PRO N 153 19.54 91.02 -5.84
N GLN N 154 19.48 92.29 -6.21
CA GLN N 154 20.14 92.82 -7.40
C GLN N 154 19.66 92.10 -8.65
N PHE N 155 18.39 92.31 -8.97
CA PHE N 155 17.80 91.70 -10.16
C PHE N 155 18.14 92.48 -11.42
N LYS O 45 -40.35 3.76 37.46
CA LYS O 45 -39.07 3.63 38.20
C LYS O 45 -37.90 3.61 37.23
N TYR O 46 -36.74 4.08 37.69
CA TYR O 46 -35.56 4.15 36.82
C TYR O 46 -35.11 2.76 36.37
N GLY O 47 -35.10 1.80 37.29
CA GLY O 47 -34.59 0.47 37.00
C GLY O 47 -35.63 -0.62 36.83
N GLU O 48 -36.93 -0.29 36.86
CA GLU O 48 -37.94 -1.33 36.75
C GLU O 48 -37.94 -1.95 35.35
N LYS O 49 -37.75 -1.13 34.32
CA LYS O 49 -37.77 -1.59 32.94
C LYS O 49 -36.64 -0.88 32.20
N SER O 50 -36.68 -0.93 30.86
CA SER O 50 -35.69 -0.28 30.04
C SER O 50 -35.88 1.23 29.98
N VAL O 51 -36.77 1.80 30.79
CA VAL O 51 -36.98 3.24 30.82
C VAL O 51 -35.85 3.89 31.60
N TYR O 52 -35.34 5.01 31.07
CA TYR O 52 -34.24 5.73 31.69
C TYR O 52 -34.60 7.19 31.94
N PHE O 53 -35.89 7.53 31.95
CA PHE O 53 -36.37 8.87 32.21
C PHE O 53 -37.41 8.80 33.32
N ASP O 54 -37.25 9.63 34.34
CA ASP O 54 -38.15 9.62 35.48
C ASP O 54 -38.11 10.98 36.14
N LEU O 55 -39.27 11.64 36.23
CA LEU O 55 -39.32 12.95 36.87
C LEU O 55 -39.17 12.84 38.38
N GLY O 56 -39.61 11.73 38.97
CA GLY O 56 -39.44 11.53 40.40
C GLY O 56 -38.00 11.33 40.83
N GLU O 57 -37.15 10.87 39.91
CA GLU O 57 -35.72 10.70 40.15
C GLU O 57 -34.99 11.43 39.04
N ILE O 58 -34.79 12.74 39.22
CA ILE O 58 -34.13 13.53 38.18
C ILE O 58 -32.62 13.40 38.27
N ASP O 59 -32.07 13.16 39.47
CA ASP O 59 -30.64 12.97 39.58
C ASP O 59 -30.20 11.70 38.85
N ASN O 60 -30.99 10.63 38.96
CA ASN O 60 -30.69 9.41 38.21
C ASN O 60 -30.89 9.64 36.72
N THR O 61 -31.93 10.39 36.35
CA THR O 61 -32.22 10.62 34.93
C THR O 61 -31.09 11.39 34.26
N THR O 62 -30.60 12.43 34.91
CA THR O 62 -29.59 13.30 34.32
C THR O 62 -28.17 12.80 34.54
N GLY O 63 -27.98 11.72 35.28
CA GLY O 63 -26.66 11.19 35.50
C GLY O 63 -25.86 11.91 36.57
N ASN O 64 -26.54 12.55 37.52
CA ASN O 64 -25.88 13.29 38.59
C ASN O 64 -25.50 12.32 39.71
N TRP O 65 -24.55 11.45 39.40
CA TRP O 65 -24.07 10.44 40.33
C TRP O 65 -22.71 10.84 40.90
N ASP O 66 -22.37 10.21 42.02
CA ASP O 66 -21.05 10.35 42.64
C ASP O 66 -20.35 9.00 42.52
N LEU O 67 -19.37 8.93 41.62
CA LEU O 67 -18.78 7.64 41.29
C LEU O 67 -17.90 7.10 42.41
N TYR O 68 -17.10 7.97 43.03
CA TYR O 68 -16.13 7.53 44.03
C TYR O 68 -16.30 8.26 45.37
N GLY O 69 -17.45 8.87 45.60
CA GLY O 69 -17.65 9.67 46.80
C GLY O 69 -17.99 8.86 48.04
N ASN O 70 -17.00 8.18 48.62
CA ASN O 70 -17.22 7.44 49.84
C ASN O 70 -17.59 8.38 50.98
N ASP O 71 -18.63 8.03 51.73
CA ASP O 71 -19.11 8.85 52.84
C ASP O 71 -18.83 8.21 54.19
N ASP O 72 -17.83 7.35 54.27
CA ASP O 72 -17.44 6.77 55.55
C ASP O 72 -16.80 7.85 56.42
N PRO O 73 -17.28 8.08 57.65
CA PRO O 73 -16.75 9.19 58.43
C PRO O 73 -15.54 8.87 59.30
N ASN O 74 -15.13 7.61 59.38
CA ASN O 74 -14.05 7.20 60.26
C ASN O 74 -12.78 7.03 59.43
N ARG O 75 -12.00 8.10 59.33
CA ARG O 75 -10.72 8.08 58.62
C ARG O 75 -9.54 8.32 59.56
N TYR O 76 -9.56 9.41 60.30
CA TYR O 76 -8.49 9.77 61.22
C TYR O 76 -8.96 9.61 62.66
N ASN O 77 -7.98 9.46 63.56
CA ASN O 77 -8.26 9.38 64.98
C ASN O 77 -7.64 10.53 65.76
N GLY O 78 -6.34 10.79 65.58
CA GLY O 78 -5.69 11.92 66.21
C GLY O 78 -5.61 13.11 65.29
N PHE O 79 -6.55 14.05 65.44
CA PHE O 79 -6.59 15.24 64.58
C PHE O 79 -6.90 16.51 65.37
N GLN O 80 -6.71 16.50 66.68
CA GLN O 80 -6.89 17.73 67.46
C GLN O 80 -5.80 18.74 67.14
N ASN O 81 -4.57 18.26 66.92
CA ASN O 81 -3.47 19.18 66.62
C ASN O 81 -3.71 19.92 65.32
N LYS O 82 -4.22 19.23 64.30
CA LYS O 82 -4.40 19.87 62.99
C LYS O 82 -5.50 20.92 63.05
N PHE O 83 -6.57 20.65 63.78
CA PHE O 83 -7.59 21.67 64.00
C PHE O 83 -7.05 22.83 64.81
N PHE O 84 -6.24 22.53 65.83
CA PHE O 84 -5.74 23.59 66.72
C PHE O 84 -4.81 24.54 66.00
N GLU O 85 -3.88 24.00 65.22
CA GLU O 85 -2.83 24.82 64.61
C GLU O 85 -3.32 25.61 63.40
N THR O 86 -4.43 25.20 62.79
CA THR O 86 -4.94 25.86 61.58
C THR O 86 -6.17 26.69 61.95
N PHE O 87 -5.91 27.93 62.40
CA PHE O 87 -6.95 28.92 62.60
C PHE O 87 -6.83 30.10 61.66
N ALA O 88 -5.64 30.38 61.13
CA ALA O 88 -5.46 31.54 60.26
C ALA O 88 -6.06 31.31 58.88
N GLY O 89 -6.14 30.06 58.43
CA GLY O 89 -6.65 29.76 57.11
C GLY O 89 -8.11 29.39 57.08
N ALA O 90 -8.52 28.52 58.00
CA ALA O 90 -9.88 28.00 57.97
C ALA O 90 -10.88 29.10 58.32
N PHE O 91 -11.99 29.12 57.59
CA PHE O 91 -13.10 30.04 57.86
C PHE O 91 -12.63 31.49 57.83
N THR O 92 -11.68 31.79 56.94
CA THR O 92 -11.21 33.15 56.71
C THR O 92 -11.43 33.62 55.28
N LYS O 93 -11.12 32.78 54.30
CA LYS O 93 -11.35 33.11 52.90
C LYS O 93 -10.59 34.39 52.50
N ARG O 94 -11.30 35.48 52.22
CA ARG O 94 -10.68 36.65 51.62
C ARG O 94 -10.03 37.56 52.63
N GLY O 95 -10.46 37.52 53.90
CA GLY O 95 -10.01 38.47 54.89
C GLY O 95 -8.61 38.24 55.38
N LEU O 96 -8.36 37.09 56.01
CA LEU O 96 -7.09 36.84 56.68
C LEU O 96 -6.09 36.10 55.79
N LEU O 97 -6.52 34.99 55.20
CA LEU O 97 -5.57 34.16 54.44
C LEU O 97 -4.99 34.92 53.26
N LEU O 98 -5.84 35.62 52.51
CA LEU O 98 -5.35 36.32 51.32
C LEU O 98 -4.40 37.45 51.69
N LYS O 99 -4.75 38.26 52.70
CA LYS O 99 -3.87 39.34 53.12
C LYS O 99 -2.56 38.79 53.66
N PHE O 100 -2.62 37.74 54.47
CA PHE O 100 -1.40 37.13 54.98
C PHE O 100 -0.52 36.63 53.85
N LEU O 101 -1.12 36.00 52.84
CA LEU O 101 -0.34 35.48 51.73
C LEU O 101 0.32 36.60 50.95
N VAL O 102 -0.42 37.69 50.69
CA VAL O 102 0.17 38.82 49.96
C VAL O 102 1.33 39.41 50.75
N LEU O 103 1.13 39.65 52.05
CA LEU O 103 2.20 40.22 52.86
C LEU O 103 3.41 39.30 52.93
N GLY O 104 3.19 38.01 53.17
CA GLY O 104 4.28 37.08 53.32
C GLY O 104 4.92 36.62 52.04
N GLY O 105 4.35 37.02 50.89
CA GLY O 105 5.03 36.81 49.63
C GLY O 105 5.81 38.05 49.25
N ALA O 106 5.19 39.22 49.41
CA ALA O 106 5.89 40.46 49.10
C ALA O 106 7.11 40.64 49.98
N THR O 107 6.93 40.54 51.31
CA THR O 107 8.05 40.69 52.22
C THR O 107 9.09 39.60 52.01
N THR O 108 8.64 38.36 51.78
CA THR O 108 9.59 37.26 51.61
C THR O 108 10.47 37.48 50.39
N ILE O 109 9.85 37.78 49.24
CA ILE O 109 10.64 37.97 48.03
C ILE O 109 11.49 39.23 48.12
N GLY O 110 10.98 40.29 48.75
CA GLY O 110 11.80 41.48 48.91
C GLY O 110 13.03 41.22 49.76
N TYR O 111 12.84 40.51 50.88
CA TYR O 111 13.96 40.18 51.74
C TYR O 111 14.96 39.29 51.00
N LEU O 112 14.47 38.30 50.26
CA LEU O 112 15.38 37.40 49.54
C LEU O 112 16.17 38.14 48.47
N GLY O 113 15.51 39.04 47.73
CA GLY O 113 16.20 39.78 46.69
C GLY O 113 17.11 40.87 47.21
N SER O 114 16.86 41.37 48.42
CA SER O 114 17.68 42.41 49.00
C SER O 114 18.85 41.86 49.80
N THR O 115 18.73 40.64 50.34
CA THR O 115 19.74 40.08 51.22
C THR O 115 20.49 38.92 50.58
N SER O 116 20.23 38.62 49.31
CA SER O 116 20.97 37.57 48.63
C SER O 116 22.43 38.00 48.46
N SER O 117 23.34 37.04 48.59
CA SER O 117 24.76 37.33 48.44
C SER O 117 25.17 37.23 46.97
N GLY O 118 26.40 37.65 46.70
CA GLY O 118 26.88 37.68 45.32
C GLY O 118 26.96 36.30 44.71
N ASP O 119 27.44 35.33 45.48
CA ASP O 119 27.66 33.95 44.95
C ASP O 119 26.34 33.34 44.49
N LEU O 120 25.28 33.46 45.29
CA LEU O 120 24.01 32.82 44.95
C LEU O 120 23.37 33.45 43.74
N LEU O 121 23.45 34.77 43.62
CA LEU O 121 22.76 35.52 42.56
C LEU O 121 23.79 36.28 41.75
N ALA O 122 23.79 36.05 40.43
CA ALA O 122 24.82 36.63 39.57
C ALA O 122 24.57 38.10 39.29
N ILE O 123 23.31 38.53 39.21
CA ILE O 123 23.03 39.93 38.91
C ILE O 123 23.56 40.83 40.02
N LYS O 124 23.49 40.38 41.27
CA LYS O 124 24.02 41.14 42.39
C LYS O 124 25.51 40.94 42.59
N ASN O 125 26.10 39.91 41.98
CA ASN O 125 27.54 39.74 42.05
C ASN O 125 28.26 40.91 41.36
N GLY O 126 27.73 41.35 40.23
CA GLY O 126 28.30 42.47 39.52
C GLY O 126 29.37 42.03 38.53
N PRO O 127 29.77 42.94 37.64
CA PRO O 127 30.82 42.59 36.68
C PRO O 127 32.15 42.35 37.37
N LYS O 128 32.95 41.47 36.77
CA LYS O 128 34.28 41.16 37.29
C LYS O 128 35.39 41.42 36.28
N GLN O 129 35.15 41.24 34.99
CA GLN O 129 36.16 41.51 33.98
C GLN O 129 36.05 42.96 33.48
N ALA O 130 37.04 43.35 32.68
CA ALA O 130 37.08 44.68 32.12
C ALA O 130 36.00 44.84 31.04
N PRO O 131 35.55 46.07 30.80
CA PRO O 131 34.57 46.28 29.73
C PRO O 131 35.10 45.81 28.39
N ILE O 132 34.20 45.21 27.59
CA ILE O 132 34.61 44.65 26.31
C ILE O 132 34.77 45.77 25.27
N MET O 133 34.06 46.89 25.45
CA MET O 133 34.19 48.04 24.57
C MET O 133 33.63 47.75 23.18
N GLY O 134 33.03 48.77 22.56
CA GLY O 134 32.28 48.59 21.34
C GLY O 134 32.98 49.12 20.11
N PRO O 135 32.36 48.93 18.95
CA PRO O 135 33.01 49.31 17.68
C PRO O 135 33.02 50.83 17.49
N ARG O 136 33.86 51.25 16.55
CA ARG O 136 34.09 52.67 16.25
C ARG O 136 34.65 53.42 17.45
N GLY O 137 35.24 52.70 18.41
CA GLY O 137 35.78 53.33 19.59
C GLY O 137 34.77 53.83 20.59
N ARG O 138 33.47 53.65 20.34
CA ARG O 138 32.45 54.09 21.28
C ARG O 138 32.38 53.15 22.46
N LYS O 139 32.18 53.72 23.64
CA LYS O 139 32.35 53.01 24.90
C LYS O 139 31.03 52.94 25.66
N MET P 1 24.68 54.26 40.20
CA MET P 1 23.31 54.16 40.77
C MET P 1 23.34 54.54 42.25
N THR P 2 22.45 55.44 42.66
CA THR P 2 22.46 55.91 44.03
C THR P 2 22.04 54.82 45.00
N ALA P 3 21.00 54.07 44.66
CA ALA P 3 20.47 52.99 45.51
C ALA P 3 20.45 51.71 44.68
N SER P 4 21.47 50.87 44.86
CA SER P 4 21.56 49.63 44.09
C SER P 4 20.57 48.59 44.58
N TYR P 5 20.21 48.64 45.87
CA TYR P 5 19.24 47.70 46.42
C TYR P 5 17.83 47.98 45.92
N LEU P 6 17.60 49.16 45.37
CA LEU P 6 16.24 49.60 45.08
C LEU P 6 15.70 48.86 43.86
N PRO P 7 16.50 48.62 42.82
CA PRO P 7 16.06 47.69 41.77
C PRO P 7 15.77 46.29 42.30
N SER P 8 16.65 45.76 43.13
CA SER P 8 16.44 44.40 43.66
C SER P 8 15.17 44.34 44.48
N ILE P 9 14.74 45.46 45.03
CA ILE P 9 13.44 45.49 45.72
C ILE P 9 12.31 45.59 44.71
N PHE P 10 12.34 46.59 43.84
CA PHE P 10 11.17 46.92 43.04
C PHE P 10 10.89 45.88 41.96
N VAL P 11 11.92 45.39 41.27
CA VAL P 11 11.70 44.46 40.17
C VAL P 11 10.92 43.23 40.64
N PRO P 12 11.28 42.57 41.74
CA PRO P 12 10.44 41.44 42.20
C PRO P 12 9.00 41.81 42.44
N LEU P 13 8.72 42.98 43.03
CA LEU P 13 7.33 43.35 43.29
C LEU P 13 6.56 43.50 41.99
N ILE P 14 6.93 44.46 41.15
CA ILE P 14 6.19 44.69 39.91
C ILE P 14 6.23 43.47 39.00
N GLY P 15 7.16 42.55 39.24
CA GLY P 15 7.27 41.37 38.40
C GLY P 15 6.39 40.21 38.81
N LEU P 16 6.23 40.00 40.12
CA LEU P 16 5.51 38.85 40.64
C LEU P 16 4.32 39.23 41.51
N VAL P 17 4.50 40.17 42.44
CA VAL P 17 3.45 40.46 43.41
C VAL P 17 2.35 41.30 42.78
N PHE P 18 2.73 42.39 42.11
CA PHE P 18 1.74 43.23 41.45
C PHE P 18 0.91 42.44 40.43
N PRO P 19 1.50 41.62 39.56
CA PRO P 19 0.66 40.75 38.72
C PRO P 19 -0.22 39.80 39.51
N ALA P 20 0.29 39.24 40.61
CA ALA P 20 -0.52 38.32 41.40
C ALA P 20 -1.77 39.03 41.93
N ILE P 21 -1.59 40.19 42.56
CA ILE P 21 -2.71 40.92 43.11
C ILE P 21 -3.64 41.39 41.99
N THR P 22 -3.08 41.90 40.90
CA THR P 22 -3.89 42.40 39.81
C THR P 22 -4.77 41.30 39.22
N MET P 23 -4.16 40.15 38.91
CA MET P 23 -4.90 39.07 38.30
C MET P 23 -5.89 38.44 39.28
N ALA P 24 -5.53 38.35 40.57
CA ALA P 24 -6.49 37.83 41.55
C ALA P 24 -7.70 38.74 41.65
N SER P 25 -7.47 40.05 41.74
CA SER P 25 -8.57 41.00 41.83
C SER P 25 -9.44 40.96 40.57
N LEU P 26 -8.80 40.91 39.41
CA LEU P 26 -9.57 40.89 38.16
C LEU P 26 -10.34 39.59 38.00
N PHE P 27 -9.77 38.47 38.44
CA PHE P 27 -10.49 37.20 38.39
C PHE P 27 -11.68 37.20 39.33
N ILE P 28 -11.51 37.74 40.53
CA ILE P 28 -12.64 37.86 41.45
C ILE P 28 -13.71 38.77 40.85
N TYR P 29 -13.27 39.82 40.15
CA TYR P 29 -14.24 40.82 39.62
C TYR P 29 -15.02 40.23 38.44
N ILE P 30 -14.34 39.56 37.50
CA ILE P 30 -15.02 39.08 36.30
C ILE P 30 -15.84 37.82 36.54
N GLU P 31 -15.70 37.18 37.70
CA GLU P 31 -16.48 36.00 38.04
C GLU P 31 -17.64 36.31 38.98
N GLN P 32 -17.90 37.59 39.25
CA GLN P 32 -19.05 37.95 40.08
C GLN P 32 -20.35 37.76 39.31
N ASP P 33 -21.38 37.30 40.02
CA ASP P 33 -22.69 37.09 39.43
C ASP P 33 -23.60 38.30 39.62
N GLU P 34 -23.52 38.94 40.78
CA GLU P 34 -24.37 40.07 41.13
C GLU P 34 -25.83 39.81 40.76
N MET Q 1 -16.29 14.74 -37.08
CA MET Q 1 -15.33 15.87 -37.14
C MET Q 1 -15.94 17.13 -36.52
N GLN Q 2 -17.27 17.24 -36.55
CA GLN Q 2 -17.92 18.35 -35.87
C GLN Q 2 -17.59 18.36 -34.39
N ASP Q 3 -17.69 17.20 -33.75
CA ASP Q 3 -17.41 17.12 -32.32
C ASP Q 3 -15.93 17.30 -32.03
N VAL Q 4 -15.06 16.76 -32.89
CA VAL Q 4 -13.62 16.93 -32.71
C VAL Q 4 -13.24 18.40 -32.86
N LYS Q 5 -13.79 19.07 -33.87
CA LYS Q 5 -13.50 20.49 -34.05
C LYS Q 5 -14.06 21.31 -32.88
N THR Q 6 -15.23 20.92 -32.37
CA THR Q 6 -15.78 21.61 -31.20
C THR Q 6 -14.88 21.45 -29.99
N TYR Q 7 -14.37 20.23 -29.76
CA TYR Q 7 -13.46 20.03 -28.64
C TYR Q 7 -12.18 20.83 -28.82
N LEU Q 8 -11.63 20.83 -30.03
CA LEU Q 8 -10.40 21.59 -30.27
C LEU Q 8 -10.63 23.09 -30.13
N SER Q 9 -11.86 23.55 -30.25
CA SER Q 9 -12.20 24.95 -30.08
C SER Q 9 -12.48 25.33 -28.63
N THR Q 10 -12.35 24.39 -27.71
CA THR Q 10 -12.59 24.68 -26.30
C THR Q 10 -11.49 25.61 -25.78
N ALA Q 11 -11.80 26.28 -24.67
CA ALA Q 11 -10.89 27.28 -24.12
C ALA Q 11 -9.49 26.71 -23.84
N PRO Q 12 -9.34 25.58 -23.15
CA PRO Q 12 -7.98 25.14 -22.81
C PRO Q 12 -7.17 24.67 -24.01
N VAL Q 13 -7.79 23.97 -24.96
CA VAL Q 13 -7.05 23.50 -26.13
C VAL Q 13 -6.60 24.69 -26.97
N LEU Q 14 -7.50 25.63 -27.20
CA LEU Q 14 -7.14 26.81 -27.99
C LEU Q 14 -6.11 27.65 -27.27
N ALA Q 15 -6.21 27.76 -25.94
CA ALA Q 15 -5.19 28.48 -25.18
C ALA Q 15 -3.83 27.80 -25.32
N THR Q 16 -3.80 26.48 -25.22
CA THR Q 16 -2.54 25.76 -25.40
C THR Q 16 -1.96 26.03 -26.79
N LEU Q 17 -2.78 25.91 -27.83
CA LEU Q 17 -2.28 26.10 -29.19
C LEU Q 17 -1.78 27.53 -29.39
N TRP Q 18 -2.57 28.52 -28.98
CA TRP Q 18 -2.21 29.91 -29.20
C TRP Q 18 -0.97 30.28 -28.42
N PHE Q 19 -0.88 29.88 -27.15
CA PHE Q 19 0.28 30.24 -26.35
C PHE Q 19 1.52 29.48 -26.81
N GLY Q 20 1.38 28.24 -27.27
CA GLY Q 20 2.52 27.54 -27.82
C GLY Q 20 3.02 28.21 -29.09
N PHE Q 21 2.10 28.64 -29.95
CA PHE Q 21 2.51 29.37 -31.15
C PHE Q 21 3.23 30.66 -30.79
N LEU Q 22 2.69 31.40 -29.82
CA LEU Q 22 3.31 32.64 -29.40
C LEU Q 22 4.70 32.38 -28.81
N ALA Q 23 4.82 31.34 -27.99
CA ALA Q 23 6.11 31.02 -27.40
C ALA Q 23 7.12 30.61 -28.47
N GLY Q 24 6.69 29.81 -29.44
CA GLY Q 24 7.59 29.46 -30.52
C GLY Q 24 8.03 30.67 -31.33
N LEU Q 25 7.10 31.58 -31.60
CA LEU Q 25 7.44 32.79 -32.34
C LEU Q 25 8.46 33.62 -31.56
N LEU Q 26 8.22 33.83 -30.27
CA LEU Q 26 9.14 34.61 -29.46
C LEU Q 26 10.50 33.93 -29.36
N ILE Q 27 10.52 32.62 -29.20
CA ILE Q 27 11.76 31.88 -29.07
C ILE Q 27 12.57 31.98 -30.37
N GLU Q 28 11.91 31.83 -31.52
CA GLU Q 28 12.63 31.92 -32.78
C GLU Q 28 13.13 33.34 -33.02
N ILE Q 29 12.31 34.34 -32.68
CA ILE Q 29 12.75 35.73 -32.80
C ILE Q 29 14.00 35.95 -31.97
N ASN Q 30 14.02 35.42 -30.75
CA ASN Q 30 15.19 35.55 -29.89
C ASN Q 30 16.37 34.75 -30.44
N ARG Q 31 16.10 33.66 -31.16
CA ARG Q 31 17.18 32.94 -31.82
C ARG Q 31 17.87 33.82 -32.84
N PHE Q 32 17.10 34.52 -33.68
CA PHE Q 32 17.69 35.33 -34.73
C PHE Q 32 17.95 36.77 -34.31
N PHE Q 33 17.28 37.27 -33.28
CA PHE Q 33 17.45 38.65 -32.81
C PHE Q 33 17.54 38.66 -31.29
N PRO Q 34 18.67 38.20 -30.75
CA PRO Q 34 18.78 38.03 -29.29
C PRO Q 34 19.29 39.28 -28.57
N ASP Q 35 19.16 39.24 -27.25
CA ASP Q 35 19.82 40.15 -26.32
C ASP Q 35 19.81 41.60 -26.82
N ALA Q 36 18.61 42.11 -27.05
CA ALA Q 36 18.39 43.48 -27.45
C ALA Q 36 17.65 44.24 -26.36
N LEU Q 37 18.24 45.32 -25.86
CA LEU Q 37 17.59 46.20 -24.90
C LEU Q 37 16.98 47.44 -25.54
N VAL Q 38 17.40 47.77 -26.76
CA VAL Q 38 16.97 48.99 -27.44
C VAL Q 38 16.41 48.61 -28.80
N LEU Q 39 15.27 49.18 -29.15
CA LEU Q 39 14.70 48.93 -30.47
C LEU Q 39 15.44 49.80 -31.49
N PRO Q 40 16.16 49.21 -32.45
CA PRO Q 40 17.02 50.02 -33.34
C PRO Q 40 16.20 50.65 -34.45
N LEU Q 41 16.14 51.98 -34.46
CA LEU Q 41 15.41 52.69 -35.50
C LEU Q 41 15.84 54.17 -35.59
N TYR R 50 20.98 -41.60 -5.71
CA TYR R 50 20.18 -40.55 -5.02
C TYR R 50 18.87 -41.13 -4.48
N ILE R 51 18.46 -42.28 -5.01
CA ILE R 51 17.17 -42.86 -4.62
C ILE R 51 17.19 -43.24 -3.14
N GLY R 52 18.29 -43.81 -2.67
CA GLY R 52 18.44 -44.20 -1.29
C GLY R 52 18.94 -43.12 -0.36
N SER R 53 19.11 -41.89 -0.85
CA SER R 53 19.64 -40.82 -0.03
C SER R 53 18.62 -40.39 1.03
N SER R 54 19.14 -39.81 2.11
CA SER R 54 18.28 -39.35 3.19
C SER R 54 17.34 -38.23 2.72
N THR R 55 17.82 -37.36 1.84
CA THR R 55 16.96 -36.31 1.29
C THR R 55 15.78 -36.92 0.53
N ASN R 56 16.06 -37.91 -0.32
CA ASN R 56 14.99 -38.57 -1.06
C ASN R 56 14.00 -39.24 -0.13
N LEU R 57 14.52 -39.94 0.89
CA LEU R 57 13.62 -40.61 1.83
C LEU R 57 12.75 -39.61 2.57
N ILE R 58 13.34 -38.51 3.02
CA ILE R 58 12.58 -37.50 3.76
C ILE R 58 11.50 -36.90 2.88
N MET R 59 11.86 -36.54 1.65
CA MET R 59 10.88 -35.91 0.76
C MET R 59 9.76 -36.88 0.41
N VAL R 60 10.10 -38.13 0.10
CA VAL R 60 9.08 -39.11 -0.23
C VAL R 60 8.15 -39.33 0.96
N ALA R 61 8.73 -39.46 2.16
CA ALA R 61 7.91 -39.69 3.34
C ALA R 61 6.99 -38.51 3.60
N SER R 62 7.50 -37.28 3.47
CA SER R 62 6.67 -36.11 3.72
C SER R 62 5.53 -36.03 2.72
N THR R 63 5.83 -36.19 1.43
CA THR R 63 4.78 -36.11 0.42
C THR R 63 3.76 -37.22 0.61
N THR R 64 4.21 -38.44 0.87
CA THR R 64 3.29 -39.55 1.06
C THR R 64 2.41 -39.33 2.29
N LEU R 65 3.01 -38.85 3.38
CA LEU R 65 2.23 -38.62 4.59
C LEU R 65 1.18 -37.53 4.38
N MET R 66 1.56 -36.46 3.69
CA MET R 66 0.58 -35.40 3.42
C MET R 66 -0.54 -35.89 2.51
N LEU R 67 -0.19 -36.66 1.47
CA LEU R 67 -1.22 -37.19 0.58
C LEU R 67 -2.14 -38.14 1.32
N PHE R 68 -1.57 -38.98 2.20
CA PHE R 68 -2.39 -39.89 3.00
C PHE R 68 -3.32 -39.12 3.93
N ALA R 69 -2.81 -38.07 4.58
CA ALA R 69 -3.64 -37.30 5.49
C ALA R 69 -4.79 -36.62 4.74
N GLY R 70 -4.49 -36.03 3.59
CA GLY R 70 -5.54 -35.36 2.82
C GLY R 70 -6.56 -36.34 2.25
N ARG R 71 -6.09 -37.49 1.77
CA ARG R 71 -6.98 -38.45 1.14
C ARG R 71 -7.89 -39.12 2.17
N PHE R 72 -7.34 -39.46 3.34
CA PHE R 72 -8.07 -40.21 4.36
C PHE R 72 -8.67 -39.31 5.43
N GLY R 73 -8.93 -38.05 5.10
CA GLY R 73 -9.63 -37.16 6.00
C GLY R 73 -8.88 -36.82 7.27
N LEU R 74 -7.57 -36.70 7.21
CA LEU R 74 -6.77 -36.25 8.34
C LEU R 74 -6.23 -34.84 8.14
N ALA R 75 -6.56 -34.18 7.03
CA ALA R 75 -6.13 -32.83 6.76
C ALA R 75 -7.19 -32.15 5.92
N PRO R 76 -7.25 -30.82 5.95
CA PRO R 76 -8.23 -30.11 5.10
C PRO R 76 -7.98 -30.38 3.62
N SER R 77 -9.07 -30.41 2.86
CA SER R 77 -9.00 -30.62 1.42
C SER R 77 -10.08 -29.78 0.77
N ALA R 78 -10.29 -29.98 -0.54
CA ALA R 78 -11.31 -29.22 -1.25
C ALA R 78 -12.70 -29.52 -0.72
N ASN R 79 -12.96 -30.78 -0.37
CA ASN R 79 -14.24 -31.20 0.17
C ASN R 79 -14.22 -31.34 1.69
N ARG R 80 -13.15 -30.91 2.35
CA ARG R 80 -12.99 -31.05 3.80
C ARG R 80 -12.57 -29.69 4.35
N LYS R 81 -13.55 -28.89 4.77
CA LYS R 81 -13.31 -27.56 5.30
C LYS R 81 -13.02 -27.63 6.79
N SER R 82 -12.13 -26.77 7.26
CA SER R 82 -11.81 -26.68 8.68
C SER R 82 -12.51 -25.48 9.29
N THR R 83 -13.21 -25.70 10.39
CA THR R 83 -13.94 -24.64 11.07
C THR R 83 -12.98 -23.92 12.03
N ALA R 84 -13.54 -23.01 12.84
CA ALA R 84 -12.73 -22.31 13.83
C ALA R 84 -12.26 -23.23 14.95
N GLY R 85 -12.95 -24.34 15.17
CA GLY R 85 -12.56 -25.33 16.16
C GLY R 85 -11.67 -26.42 15.62
N LEU R 86 -11.18 -26.27 14.38
CA LEU R 86 -10.32 -27.27 13.76
C LEU R 86 -11.04 -28.61 13.59
N LYS R 87 -12.36 -28.57 13.41
CA LYS R 87 -13.13 -29.76 13.09
C LYS R 87 -13.46 -29.75 11.60
N LEU R 88 -13.37 -30.92 10.98
CA LEU R 88 -13.46 -31.05 9.53
C LEU R 88 -14.91 -31.34 9.13
N VAL R 89 -15.50 -30.42 8.37
CA VAL R 89 -16.86 -30.57 7.87
C VAL R 89 -16.80 -30.78 6.36
N ASP R 90 -17.88 -31.32 5.81
CA ASP R 90 -17.96 -31.67 4.41
C ASP R 90 -18.63 -30.55 3.62
N ARG R 91 -18.08 -30.26 2.44
CA ARG R 91 -18.61 -29.23 1.57
C ARG R 91 -18.60 -29.72 0.14
N ASP R 92 -19.44 -29.10 -0.69
CA ASP R 92 -19.54 -29.42 -2.11
C ASP R 92 -18.66 -28.44 -2.88
N SER R 93 -17.42 -28.84 -3.14
CA SER R 93 -16.52 -28.01 -3.94
C SER R 93 -16.95 -27.95 -5.40
N GLY R 94 -17.74 -28.91 -5.86
CA GLY R 94 -18.20 -28.95 -7.22
C GLY R 94 -17.26 -29.61 -8.20
N LEU R 95 -16.10 -30.09 -7.74
CA LEU R 95 -15.14 -30.75 -8.61
C LEU R 95 -15.37 -32.25 -8.56
N GLN R 96 -15.71 -32.85 -9.70
CA GLN R 96 -15.94 -34.28 -9.75
C GLN R 96 -14.61 -35.00 -9.93
N THR R 97 -14.43 -36.08 -9.18
CA THR R 97 -13.19 -36.85 -9.22
C THR R 97 -13.52 -38.33 -9.23
N GLY R 98 -12.61 -39.11 -9.79
CA GLY R 98 -12.77 -40.55 -9.80
C GLY R 98 -12.45 -41.23 -8.49
N ASP R 99 -11.87 -40.50 -7.55
CA ASP R 99 -11.55 -41.07 -6.25
C ASP R 99 -12.84 -41.34 -5.48
N PRO R 100 -13.06 -42.57 -5.01
CA PRO R 100 -14.29 -42.84 -4.24
C PRO R 100 -14.44 -41.97 -3.01
N ALA R 101 -13.33 -41.65 -2.33
CA ALA R 101 -13.41 -40.84 -1.12
C ALA R 101 -13.73 -39.39 -1.42
N GLY R 102 -13.21 -38.86 -2.53
CA GLY R 102 -13.45 -37.49 -2.90
C GLY R 102 -12.17 -36.68 -3.03
N PHE R 103 -11.06 -37.36 -3.27
CA PHE R 103 -9.78 -36.70 -3.47
C PHE R 103 -9.70 -36.20 -4.90
N THR R 104 -9.56 -34.88 -5.07
CA THR R 104 -9.58 -34.26 -6.37
C THR R 104 -8.15 -33.98 -6.86
N ALA R 105 -8.06 -33.56 -8.13
CA ALA R 105 -6.77 -33.17 -8.67
C ALA R 105 -6.23 -31.94 -7.95
N THR R 106 -7.09 -30.98 -7.62
CA THR R 106 -6.65 -29.83 -6.83
C THR R 106 -6.19 -30.26 -5.46
N ASP R 107 -6.90 -31.22 -4.85
CA ASP R 107 -6.45 -31.75 -3.56
C ASP R 107 -5.08 -32.40 -3.68
N THR R 108 -4.86 -33.17 -4.74
CA THR R 108 -3.56 -33.80 -4.95
C THR R 108 -2.47 -32.76 -5.10
N LEU R 109 -2.72 -31.71 -5.90
CA LEU R 109 -1.72 -30.67 -6.10
C LEU R 109 -1.43 -29.95 -4.79
N ALA R 110 -2.46 -29.63 -4.02
CA ALA R 110 -2.26 -28.93 -2.76
C ALA R 110 -1.48 -29.79 -1.78
N CYS R 111 -1.85 -31.06 -1.64
CA CYS R 111 -1.15 -31.93 -0.70
C CYS R 111 0.29 -32.14 -1.13
N GLY R 112 0.54 -32.32 -2.42
CA GLY R 112 1.91 -32.47 -2.88
C GLY R 112 2.73 -31.22 -2.65
N ALA R 113 2.15 -30.05 -2.91
CA ALA R 113 2.88 -28.80 -2.70
C ALA R 113 3.23 -28.62 -1.22
N LEU R 114 2.28 -28.87 -0.33
CA LEU R 114 2.55 -28.70 1.09
C LEU R 114 3.53 -29.76 1.59
N GLY R 115 3.44 -30.98 1.06
CA GLY R 115 4.40 -32.01 1.42
C GLY R 115 5.80 -31.65 0.99
N HIS R 116 5.95 -31.12 -0.22
CA HIS R 116 7.26 -30.66 -0.67
C HIS R 116 7.76 -29.51 0.21
N VAL R 117 6.88 -28.57 0.57
CA VAL R 117 7.30 -27.47 1.43
C VAL R 117 7.85 -28.01 2.75
N ILE R 118 7.09 -28.90 3.38
CA ILE R 118 7.48 -29.44 4.68
C ILE R 118 8.74 -30.28 4.55
N GLY R 119 8.86 -31.05 3.47
CA GLY R 119 10.04 -31.87 3.27
C GLY R 119 11.29 -31.05 3.04
N VAL R 120 11.17 -29.97 2.28
CA VAL R 120 12.31 -29.06 2.10
C VAL R 120 12.70 -28.45 3.43
N GLY R 121 11.71 -28.01 4.22
CA GLY R 121 12.02 -27.48 5.53
C GLY R 121 12.77 -28.48 6.39
N ILE R 122 12.28 -29.71 6.46
CA ILE R 122 12.93 -30.74 7.27
C ILE R 122 14.33 -31.04 6.75
N VAL R 123 14.48 -31.16 5.43
CA VAL R 123 15.79 -31.51 4.87
C VAL R 123 16.81 -30.43 5.19
N LEU R 124 16.45 -29.16 4.96
CA LEU R 124 17.39 -28.08 5.21
C LEU R 124 17.67 -27.93 6.70
N GLY R 125 16.66 -28.15 7.55
CA GLY R 125 16.88 -28.07 8.98
C GLY R 125 17.82 -29.15 9.48
N LEU R 126 17.65 -30.39 8.99
CA LEU R 126 18.51 -31.47 9.39
C LEU R 126 19.92 -31.30 8.83
N LYS R 127 20.05 -30.68 7.66
CA LYS R 127 21.38 -30.40 7.12
C LYS R 127 22.08 -29.32 7.94
N ALA R 128 21.36 -28.26 8.32
CA ALA R 128 21.96 -27.17 9.09
C ALA R 128 22.31 -27.61 10.50
N THR R 129 21.45 -28.41 11.13
CA THR R 129 21.73 -28.89 12.47
C THR R 129 22.75 -30.02 12.46
N ALA R 130 22.55 -31.01 11.60
CA ALA R 130 23.49 -32.11 11.46
C ALA R 130 23.85 -32.34 9.98
N GLU S 61 -24.10 -11.67 22.45
CA GLU S 61 -24.42 -12.57 23.59
C GLU S 61 -23.17 -12.98 24.36
N LYS S 62 -22.05 -12.33 24.05
CA LYS S 62 -20.78 -12.64 24.69
C LYS S 62 -20.70 -11.91 26.04
N TYR S 63 -19.51 -11.94 26.66
CA TYR S 63 -19.37 -11.36 27.99
C TYR S 63 -19.56 -9.85 27.97
N GLN S 64 -18.91 -9.16 27.03
CA GLN S 64 -19.08 -7.72 26.85
C GLN S 64 -18.71 -6.96 28.14
N VAL S 65 -17.40 -6.98 28.42
CA VAL S 65 -16.87 -6.28 29.58
C VAL S 65 -17.38 -4.85 29.64
N ILE S 66 -17.27 -4.12 28.53
CA ILE S 66 -17.55 -2.69 28.54
C ILE S 66 -19.06 -2.47 28.65
N GLU S 67 -19.45 -1.56 29.53
CA GLU S 67 -20.84 -1.24 29.81
C GLU S 67 -21.02 0.26 29.85
N PRO S 68 -22.25 0.75 29.61
CA PRO S 68 -22.51 2.19 29.73
C PRO S 68 -22.45 2.65 31.17
N LEU S 69 -22.37 3.97 31.33
CA LEU S 69 -22.22 4.58 32.65
C LEU S 69 -23.46 4.29 33.50
N ASN S 70 -23.30 3.42 34.49
CA ASN S 70 -24.39 3.05 35.40
C ASN S 70 -25.58 2.46 34.64
N GLY S 71 -25.32 1.85 33.48
CA GLY S 71 -26.36 1.23 32.70
C GLY S 71 -27.16 2.18 31.84
N ASP S 72 -26.90 3.48 31.99
CA ASP S 72 -27.62 4.51 31.19
C ASP S 72 -26.89 4.73 29.84
N PRO S 73 -27.39 4.29 28.65
CA PRO S 73 -26.65 4.50 27.40
C PRO S 73 -26.62 5.95 26.95
N PHE S 74 -27.41 6.83 27.55
CA PHE S 74 -27.55 8.20 27.10
C PHE S 74 -26.87 9.21 28.02
N ILE S 75 -26.00 8.74 28.90
CA ILE S 75 -25.10 9.61 29.66
C ILE S 75 -23.73 9.53 29.02
N GLY S 76 -23.04 10.67 28.95
CA GLY S 76 -21.79 10.75 28.24
C GLY S 76 -20.63 10.09 28.96
N GLY S 77 -20.65 8.77 29.05
CA GLY S 77 -19.57 8.05 29.70
C GLY S 77 -19.67 6.56 29.45
N PHE S 78 -18.67 5.84 29.98
CA PHE S 78 -18.59 4.39 29.83
C PHE S 78 -18.16 3.78 31.14
N GLU S 79 -18.38 2.47 31.27
CA GLU S 79 -17.85 1.66 32.36
C GLU S 79 -16.72 0.80 31.79
N THR S 80 -15.50 1.19 32.08
CA THR S 80 -14.31 0.49 31.64
C THR S 80 -13.54 -0.06 32.84
N PRO S 81 -12.68 -1.05 32.63
CA PRO S 81 -11.80 -1.48 33.73
C PRO S 81 -11.00 -0.33 34.31
N VAL S 82 -10.56 0.61 33.47
CA VAL S 82 -9.84 1.76 33.99
C VAL S 82 -10.73 2.59 34.90
N THR S 83 -12.02 2.67 34.57
CA THR S 83 -12.93 3.53 35.31
C THR S 83 -13.32 2.92 36.66
N SER S 84 -13.92 1.73 36.63
CA SER S 84 -14.58 1.16 37.81
C SER S 84 -14.12 -0.27 38.05
N SER S 85 -12.80 -0.49 38.02
CA SER S 85 -12.27 -1.75 38.53
C SER S 85 -12.41 -1.76 40.06
N PRO S 86 -12.61 -2.93 40.66
CA PRO S 86 -12.69 -2.98 42.12
C PRO S 86 -11.48 -2.37 42.79
N LEU S 87 -10.28 -2.59 42.24
CA LEU S 87 -9.07 -2.03 42.85
C LEU S 87 -8.97 -0.54 42.58
N ILE S 88 -9.20 -0.12 41.33
CA ILE S 88 -9.13 1.30 40.99
C ILE S 88 -10.22 2.07 41.71
N ALA S 89 -11.43 1.52 41.75
CA ALA S 89 -12.53 2.20 42.43
C ALA S 89 -12.29 2.27 43.93
N TRP S 90 -11.76 1.21 44.53
CA TRP S 90 -11.41 1.26 45.94
C TRP S 90 -10.34 2.32 46.21
N TYR S 91 -9.32 2.36 45.35
CA TYR S 91 -8.26 3.35 45.52
C TYR S 91 -8.80 4.77 45.42
N LEU S 92 -9.66 5.04 44.43
CA LEU S 92 -10.16 6.40 44.26
C LEU S 92 -11.17 6.78 45.34
N SER S 93 -11.90 5.80 45.87
CA SER S 93 -12.92 6.12 46.87
C SER S 93 -12.30 6.55 48.19
N ASN S 94 -11.11 6.06 48.50
CA ASN S 94 -10.46 6.36 49.78
C ASN S 94 -9.44 7.48 49.68
N LEU S 95 -9.30 8.13 48.53
CA LEU S 95 -8.47 9.31 48.45
C LEU S 95 -9.11 10.45 49.24
N PRO S 96 -8.31 11.31 49.85
CA PRO S 96 -8.88 12.35 50.73
C PRO S 96 -9.87 13.26 50.01
N ALA S 97 -9.72 13.45 48.70
CA ALA S 97 -10.65 14.29 47.97
C ALA S 97 -12.05 13.67 47.93
N TYR S 98 -12.13 12.35 47.97
CA TYR S 98 -13.40 11.64 47.83
C TYR S 98 -13.96 11.13 49.15
N ARG S 99 -13.34 11.49 50.28
CA ARG S 99 -13.89 11.17 51.60
C ARG S 99 -14.80 12.32 52.02
N THR S 100 -16.05 12.24 51.55
CA THR S 100 -16.98 13.35 51.72
C THR S 100 -17.38 13.55 53.17
N ALA S 101 -17.47 12.45 53.95
CA ALA S 101 -17.89 12.57 55.34
C ALA S 101 -16.83 13.21 56.22
N VAL S 102 -15.56 13.13 55.84
CA VAL S 102 -14.48 13.71 56.62
C VAL S 102 -14.47 15.21 56.44
N ALA S 103 -14.04 15.93 57.47
CA ALA S 103 -14.03 17.38 57.42
C ALA S 103 -13.08 17.86 56.34
N PRO S 104 -13.41 18.95 55.63
CA PRO S 104 -12.52 19.42 54.56
C PRO S 104 -11.13 19.79 55.05
N LEU S 105 -10.99 20.22 56.31
CA LEU S 105 -9.69 20.66 56.79
C LEU S 105 -8.69 19.52 56.78
N LEU S 106 -9.09 18.33 57.25
CA LEU S 106 -8.15 17.22 57.33
C LEU S 106 -7.81 16.68 55.95
N ARG S 107 -8.80 16.63 55.05
CA ARG S 107 -8.53 16.24 53.67
C ARG S 107 -7.55 17.21 53.03
N GLY S 108 -7.73 18.51 53.25
CA GLY S 108 -6.79 19.49 52.74
C GLY S 108 -5.41 19.31 53.34
N VAL S 109 -5.34 18.99 54.63
CA VAL S 109 -4.04 18.78 55.28
C VAL S 109 -3.32 17.61 54.60
N GLU S 110 -4.03 16.50 54.39
CA GLU S 110 -3.40 15.35 53.75
C GLU S 110 -2.95 15.67 52.32
N ILE S 111 -3.81 16.34 51.56
CA ILE S 111 -3.50 16.67 50.18
C ILE S 111 -2.28 17.58 50.11
N GLY S 112 -2.26 18.62 50.95
CA GLY S 112 -1.13 19.53 50.96
C GLY S 112 0.16 18.86 51.40
N LEU S 113 0.06 17.98 52.41
CA LEU S 113 1.25 17.25 52.85
C LEU S 113 1.84 16.45 51.71
N ALA S 114 1.01 15.63 51.06
CA ALA S 114 1.50 14.83 49.95
C ALA S 114 2.09 15.70 48.85
N HIS S 115 1.42 16.81 48.53
CA HIS S 115 1.83 17.58 47.36
C HIS S 115 3.11 18.36 47.63
N GLY S 116 3.24 18.98 48.81
CA GLY S 116 4.50 19.62 49.14
C GLY S 116 5.64 18.63 49.23
N TYR S 117 5.38 17.45 49.81
CA TYR S 117 6.43 16.45 49.93
C TYR S 117 6.93 16.01 48.57
N LEU S 118 6.01 15.79 47.61
CA LEU S 118 6.46 15.39 46.28
C LEU S 118 7.04 16.56 45.50
N LEU S 119 6.62 17.79 45.80
CA LEU S 119 7.09 18.96 45.06
C LEU S 119 8.50 19.36 45.46
N VAL S 120 8.92 19.03 46.68
CA VAL S 120 10.26 19.46 47.12
C VAL S 120 11.34 18.92 46.18
N GLY S 121 11.20 17.67 45.73
CA GLY S 121 12.26 17.00 45.01
C GLY S 121 12.66 17.67 43.71
N PRO S 122 11.70 17.89 42.81
CA PRO S 122 12.05 18.46 41.50
C PRO S 122 12.77 19.79 41.60
N PHE S 123 12.35 20.66 42.52
CA PHE S 123 13.01 21.95 42.68
C PHE S 123 14.44 21.77 43.17
N VAL S 124 14.66 20.79 44.04
CA VAL S 124 15.97 20.58 44.63
C VAL S 124 16.94 20.03 43.59
N LEU S 125 16.50 19.07 42.77
CA LEU S 125 17.39 18.44 41.81
C LEU S 125 17.40 19.10 40.44
N ALA S 126 16.60 20.16 40.23
CA ALA S 126 16.60 20.83 38.94
C ALA S 126 16.75 22.34 39.03
N GLY S 127 16.79 22.92 40.23
CA GLY S 127 16.80 24.35 40.38
C GLY S 127 18.10 24.98 39.90
N PRO S 128 18.11 26.32 39.77
CA PRO S 128 19.34 26.99 39.32
C PRO S 128 20.51 26.84 40.28
N LEU S 129 20.25 26.60 41.56
CA LEU S 129 21.29 26.46 42.56
C LEU S 129 21.53 25.00 42.94
N ARG S 130 21.22 24.08 42.02
CA ARG S 130 21.40 22.66 42.30
C ARG S 130 22.87 22.26 42.40
N ASN S 131 23.77 23.11 41.89
CA ASN S 131 25.21 22.84 41.97
C ASN S 131 25.88 23.59 43.12
N SER S 132 25.10 24.28 43.95
CA SER S 132 25.62 25.07 45.04
C SER S 132 25.38 24.37 46.38
N ALA S 133 25.90 24.97 47.45
CA ALA S 133 25.77 24.41 48.79
C ALA S 133 24.43 24.77 49.43
N VAL S 134 23.66 25.66 48.83
CA VAL S 134 22.34 26.02 49.31
C VAL S 134 21.26 25.36 48.46
N ARG S 135 21.63 24.28 47.77
CA ARG S 135 20.69 23.58 46.85
C ARG S 135 19.42 23.16 47.60
N GLY S 136 19.58 22.52 48.77
CA GLY S 136 18.42 22.06 49.52
C GLY S 136 17.54 23.21 49.96
N GLU S 137 18.15 24.25 50.52
CA GLU S 137 17.37 25.40 50.98
C GLU S 137 16.66 26.09 49.82
N ALA S 138 17.35 26.26 48.70
CA ALA S 138 16.74 26.90 47.54
C ALA S 138 15.56 26.09 47.03
N GLY S 139 15.73 24.77 46.92
CA GLY S 139 14.63 23.94 46.44
C GLY S 139 13.44 23.95 47.40
N SER S 140 13.72 23.90 48.70
CA SER S 140 12.63 23.91 49.67
C SER S 140 11.89 25.24 49.64
N LEU S 141 12.61 26.36 49.53
CA LEU S 141 11.94 27.65 49.46
C LEU S 141 11.14 27.78 48.17
N ALA S 142 11.64 27.23 47.06
CA ALA S 142 10.88 27.26 45.82
C ALA S 142 9.60 26.46 45.95
N ALA S 143 9.67 25.27 46.59
CA ALA S 143 8.47 24.48 46.80
C ALA S 143 7.49 25.22 47.70
N ALA S 144 7.98 25.88 48.74
CA ALA S 144 7.10 26.63 49.63
C ALA S 144 6.43 27.80 48.89
N GLY S 145 7.18 28.48 48.03
CA GLY S 145 6.59 29.55 47.25
C GLY S 145 5.53 29.06 46.29
N LEU S 146 5.78 27.92 45.65
CA LEU S 146 4.76 27.34 44.79
C LEU S 146 3.52 26.96 45.59
N VAL S 147 3.72 26.43 46.80
CA VAL S 147 2.60 26.09 47.66
C VAL S 147 1.80 27.34 48.00
N THR S 148 2.49 28.43 48.32
CA THR S 148 1.80 29.68 48.65
C THR S 148 1.01 30.20 47.46
N ILE S 149 1.61 30.16 46.27
CA ILE S 149 0.90 30.63 45.07
C ILE S 149 -0.34 29.77 44.83
N LEU S 150 -0.22 28.46 45.00
CA LEU S 150 -1.37 27.59 44.83
C LEU S 150 -2.40 27.83 45.91
N THR S 151 -1.98 28.26 47.10
CA THR S 151 -2.92 28.65 48.13
C THR S 151 -3.72 29.88 47.71
N MET S 152 -3.04 30.87 47.12
CA MET S 152 -3.78 32.00 46.58
C MET S 152 -4.73 31.56 45.48
N CYS S 153 -4.29 30.62 44.63
CA CYS S 153 -5.16 30.10 43.58
C CYS S 153 -6.42 29.47 44.17
N LEU S 154 -6.25 28.63 45.19
CA LEU S 154 -7.39 28.00 45.84
C LEU S 154 -8.31 29.04 46.48
N THR S 155 -7.73 30.05 47.12
CA THR S 155 -8.54 31.06 47.78
C THR S 155 -9.39 31.82 46.77
N ILE S 156 -8.78 32.25 45.66
CA ILE S 156 -9.55 32.99 44.66
C ILE S 156 -10.57 32.08 43.98
N TYR S 157 -10.22 30.81 43.77
CA TYR S 157 -11.19 29.88 43.20
C TYR S 157 -12.40 29.73 44.10
N GLY S 158 -12.17 29.60 45.41
CA GLY S 158 -13.29 29.51 46.34
C GLY S 158 -14.11 30.78 46.39
N ILE S 159 -13.44 31.93 46.33
CA ILE S 159 -14.15 33.21 46.34
C ILE S 159 -15.06 33.32 45.12
N ALA S 160 -14.55 32.94 43.94
CA ALA S 160 -15.33 33.10 42.73
C ALA S 160 -16.43 32.04 42.61
N SER S 161 -16.16 30.82 43.07
CA SER S 161 -17.06 29.71 42.79
C SER S 161 -18.20 29.63 43.80
N PHE S 162 -17.93 29.85 45.07
CA PHE S 162 -18.89 29.61 46.14
C PHE S 162 -19.28 30.91 46.81
N LYS S 163 -20.56 31.02 47.17
CA LYS S 163 -21.10 32.16 47.89
C LYS S 163 -21.55 31.72 49.27
N GLU S 164 -21.33 32.57 50.27
CA GLU S 164 -21.65 32.22 51.64
C GLU S 164 -23.14 31.98 51.80
N GLY S 165 -23.49 30.95 52.56
CA GLY S 165 -24.87 30.66 52.90
C GLY S 165 -25.60 29.75 51.93
N GLU S 166 -24.97 29.34 50.85
CA GLU S 166 -25.62 28.47 49.87
C GLU S 166 -25.35 27.00 50.19
N ALA S 167 -26.30 26.16 49.80
CA ALA S 167 -26.14 24.73 49.97
C ALA S 167 -25.13 24.18 48.95
N SER S 168 -24.57 23.03 49.29
CA SER S 168 -23.61 22.38 48.39
C SER S 168 -24.32 21.79 47.18
N LYS S 169 -23.73 21.99 46.00
CA LYS S 169 -24.26 21.45 44.75
C LYS S 169 -23.52 20.21 44.28
N ALA S 170 -22.70 19.60 45.14
CA ALA S 170 -22.02 18.38 44.77
C ALA S 170 -23.03 17.24 44.64
N PRO S 171 -22.74 16.23 43.81
CA PRO S 171 -23.67 15.11 43.65
C PRO S 171 -23.88 14.37 44.96
N SER S 172 -25.13 14.27 45.38
CA SER S 172 -25.51 13.61 46.61
C SER S 172 -26.11 12.23 46.38
N LEU S 173 -25.98 11.69 45.17
CA LEU S 173 -26.53 10.39 44.80
C LEU S 173 -25.39 9.46 44.42
N THR S 174 -25.39 8.25 44.99
CA THR S 174 -24.40 7.25 44.64
C THR S 174 -24.84 6.50 43.39
N LEU S 175 -23.96 5.64 42.87
CA LEU S 175 -24.32 4.84 41.70
C LEU S 175 -25.49 3.92 42.00
N THR S 176 -25.50 3.30 43.18
CA THR S 176 -26.62 2.45 43.56
C THR S 176 -27.90 3.26 43.70
N GLY S 177 -27.81 4.45 44.30
CA GLY S 177 -28.98 5.28 44.52
C GLY S 177 -29.27 5.48 46.00
N ARG S 178 -28.22 5.47 46.82
CA ARG S 178 -28.41 5.60 48.26
C ARG S 178 -28.89 6.99 48.64
N GLN S 179 -28.58 8.00 47.85
CA GLN S 179 -28.95 9.39 48.14
C GLN S 179 -28.35 9.82 49.49
N LYS S 180 -27.02 9.85 49.52
CA LYS S 180 -26.29 10.27 50.70
C LYS S 180 -26.34 11.78 50.86
N GLU S 181 -25.64 12.29 51.87
CA GLU S 181 -25.55 13.73 52.07
C GLU S 181 -24.57 14.36 51.09
N ALA S 182 -24.84 15.60 50.72
CA ALA S 182 -23.96 16.30 49.78
C ALA S 182 -22.62 16.62 50.44
N ASP S 183 -21.57 16.59 49.64
CA ASP S 183 -20.23 16.87 50.14
C ASP S 183 -20.10 18.35 50.49
N LYS S 184 -19.57 18.63 51.67
CA LYS S 184 -19.41 20.00 52.14
C LYS S 184 -18.15 20.67 51.60
N LEU S 185 -17.32 19.95 50.85
CA LEU S 185 -16.15 20.56 50.24
C LEU S 185 -16.56 21.62 49.22
N GLN S 186 -17.71 21.46 48.59
CA GLN S 186 -18.17 22.41 47.58
C GLN S 186 -19.03 23.51 48.21
N THR S 187 -18.48 24.13 49.25
CA THR S 187 -19.13 25.25 49.92
C THR S 187 -18.09 26.32 50.22
N ALA S 188 -18.56 27.53 50.50
CA ALA S 188 -17.65 28.62 50.76
C ALA S 188 -16.78 28.35 51.99
N GLU S 189 -17.42 28.02 53.11
CA GLU S 189 -16.66 27.71 54.31
C GLU S 189 -15.92 26.39 54.20
N GLY S 190 -16.53 25.41 53.50
CA GLY S 190 -15.83 24.16 53.28
C GLY S 190 -14.56 24.36 52.47
N TRP S 191 -14.64 25.14 51.40
CA TRP S 191 -13.45 25.41 50.59
C TRP S 191 -12.45 26.27 51.34
N ALA S 192 -12.92 27.19 52.19
CA ALA S 192 -11.99 27.98 52.99
C ALA S 192 -11.20 27.08 53.95
N SER S 193 -11.90 26.16 54.63
CA SER S 193 -11.21 25.23 55.50
C SER S 193 -10.26 24.34 54.72
N PHE S 194 -10.69 23.89 53.54
CA PHE S 194 -9.82 23.07 52.70
C PHE S 194 -8.55 23.84 52.31
N THR S 195 -8.69 25.11 51.95
CA THR S 195 -7.54 25.91 51.56
C THR S 195 -6.59 26.11 52.74
N GLY S 196 -7.14 26.42 53.92
CA GLY S 196 -6.28 26.58 55.09
C GLY S 196 -5.53 25.30 55.42
N GLY S 197 -6.23 24.18 55.42
CA GLY S 197 -5.57 22.91 55.66
C GLY S 197 -4.53 22.59 54.62
N TRP S 198 -4.80 22.93 53.36
CA TRP S 198 -3.84 22.67 52.29
C TRP S 198 -2.59 23.52 52.48
N PHE S 199 -2.75 24.79 52.87
CA PHE S 199 -1.60 25.63 53.15
C PHE S 199 -0.75 25.03 54.27
N PHE S 200 -1.40 24.70 55.40
CA PHE S 200 -0.66 24.15 56.53
C PHE S 200 0.04 22.86 56.13
N GLY S 201 -0.67 21.96 55.45
CA GLY S 201 -0.09 20.69 55.07
C GLY S 201 1.03 20.82 54.06
N GLY S 202 0.91 21.77 53.12
CA GLY S 202 1.96 21.98 52.16
C GLY S 202 3.23 22.48 52.82
N LEU S 203 3.12 23.46 53.71
CA LEU S 203 4.30 23.91 54.43
C LEU S 203 4.88 22.79 55.28
N SER S 204 4.03 22.00 55.94
CA SER S 204 4.52 20.90 56.74
C SER S 204 5.24 19.86 55.89
N GLY S 205 4.69 19.54 54.72
CA GLY S 205 5.33 18.55 53.86
C GLY S 205 6.65 19.03 53.30
N VAL S 206 6.72 20.30 52.92
CA VAL S 206 7.99 20.86 52.47
C VAL S 206 9.03 20.78 53.58
N ALA S 207 8.63 21.16 54.80
CA ALA S 207 9.56 21.11 55.93
C ALA S 207 10.01 19.68 56.20
N TRP S 208 9.08 18.72 56.14
CA TRP S 208 9.43 17.34 56.42
C TRP S 208 10.37 16.78 55.37
N ALA S 209 10.12 17.09 54.09
CA ALA S 209 11.01 16.62 53.04
C ALA S 209 12.40 17.23 53.20
N TYR S 210 12.46 18.53 53.53
CA TYR S 210 13.75 19.16 53.75
C TYR S 210 14.48 18.54 54.93
N PHE S 211 13.76 18.22 56.01
CA PHE S 211 14.39 17.62 57.17
C PHE S 211 14.93 16.24 56.86
N LEU S 212 14.10 15.40 56.21
CA LEU S 212 14.54 14.06 55.87
C LEU S 212 15.72 14.09 54.92
N LEU S 213 15.69 14.98 53.94
CA LEU S 213 16.73 14.99 52.91
C LEU S 213 18.04 15.57 53.42
N TYR S 214 17.97 16.66 54.19
CA TYR S 214 19.16 17.45 54.49
C TYR S 214 19.46 17.57 55.98
N VAL S 215 18.47 17.91 56.81
CA VAL S 215 18.76 18.06 58.24
C VAL S 215 19.15 16.72 58.84
N ILE S 216 18.42 15.66 58.48
CA ILE S 216 18.73 14.33 58.99
C ILE S 216 19.68 13.58 58.06
N ASN S 217 19.62 13.86 56.76
CA ASN S 217 20.50 13.24 55.76
C ASN S 217 20.35 11.71 55.77
N LEU S 218 19.12 11.25 55.57
CA LEU S 218 18.91 9.84 55.35
C LEU S 218 19.56 9.44 54.03
N PRO S 219 20.05 8.20 53.91
CA PRO S 219 20.67 7.77 52.65
C PRO S 219 19.65 7.51 51.56
N TYR S 220 19.70 8.30 50.50
CA TYR S 220 18.82 8.14 49.35
C TYR S 220 19.65 8.03 48.08
N PRO S 221 19.19 7.24 47.09
CA PRO S 221 20.01 7.05 45.88
C PRO S 221 20.29 8.36 45.16
N VAL S 222 19.23 9.08 44.80
CA VAL S 222 19.35 10.28 43.96
C VAL S 222 18.92 11.49 44.78
N LYS S 223 19.86 12.40 45.03
CA LYS S 223 19.53 13.65 45.70
C LYS S 223 20.72 14.59 45.78
N THR T 2 25.33 66.35 38.94
CA THR T 2 25.89 65.17 39.65
C THR T 2 24.79 64.14 39.93
N SER T 3 25.18 63.02 40.53
CA SER T 3 24.21 61.96 40.79
C SER T 3 23.15 62.42 41.78
N ILE T 4 21.94 61.91 41.60
CA ILE T 4 20.82 62.26 42.46
C ILE T 4 20.96 61.51 43.79
N SER T 5 20.39 62.10 44.84
CA SER T 5 20.50 61.58 46.19
C SER T 5 19.27 60.77 46.58
N ASP T 6 19.36 60.12 47.73
CA ASP T 6 18.23 59.33 48.23
C ASP T 6 17.04 60.20 48.59
N SER T 7 17.28 61.43 49.06
CA SER T 7 16.18 62.34 49.31
C SER T 7 15.42 62.63 48.03
N GLN T 8 16.13 62.85 46.93
CA GLN T 8 15.48 63.04 45.64
C GLN T 8 14.72 61.79 45.21
N ILE T 9 15.30 60.61 45.47
CA ILE T 9 14.63 59.36 45.11
C ILE T 9 13.30 59.24 45.84
N ILE T 10 13.30 59.51 47.15
CA ILE T 10 12.07 59.37 47.92
C ILE T 10 11.08 60.46 47.56
N VAL T 11 11.55 61.66 47.21
CA VAL T 11 10.63 62.69 46.73
C VAL T 11 9.95 62.24 45.45
N ALA T 12 10.71 61.65 44.52
CA ALA T 12 10.12 61.13 43.30
C ALA T 12 9.12 60.02 43.60
N LEU T 13 9.46 59.13 44.53
CA LEU T 13 8.54 58.05 44.89
C LEU T 13 7.25 58.59 45.47
N VAL T 14 7.33 59.59 46.35
CA VAL T 14 6.13 60.18 46.94
C VAL T 14 5.29 60.86 45.87
N SER T 15 5.94 61.59 44.97
CA SER T 15 5.20 62.23 43.89
C SER T 15 4.49 61.20 43.02
N ALA T 16 5.18 60.09 42.72
CA ALA T 16 4.54 59.03 41.94
C ALA T 16 3.39 58.40 42.70
N PHE T 17 3.53 58.24 44.02
CA PHE T 17 2.42 57.70 44.81
C PHE T 17 1.21 58.63 44.76
N ILE T 18 1.43 59.93 44.87
CA ILE T 18 0.33 60.89 44.79
C ILE T 18 -0.31 60.84 43.41
N THR T 19 0.51 60.77 42.36
CA THR T 19 -0.03 60.67 41.01
C THR T 19 -0.83 59.39 40.84
N GLY T 20 -0.40 58.31 41.50
CA GLY T 20 -1.17 57.07 41.47
C GLY T 20 -2.50 57.20 42.17
N ILE T 21 -2.53 57.91 43.31
CA ILE T 21 -3.79 58.17 43.98
C ILE T 21 -4.73 58.94 43.06
N LEU T 22 -4.20 59.98 42.41
CA LEU T 22 -5.03 60.77 41.50
C LEU T 22 -5.50 59.94 40.31
N ALA T 23 -4.64 59.04 39.82
CA ALA T 23 -5.02 58.15 38.74
C ALA T 23 -6.14 57.21 39.14
N LEU T 24 -6.04 56.63 40.33
CA LEU T 24 -7.10 55.76 40.82
C LEU T 24 -8.40 56.54 40.98
N ARG T 25 -8.30 57.79 41.44
CA ARG T 25 -9.48 58.64 41.56
C ARG T 25 -10.11 58.90 40.20
N LEU T 26 -9.29 59.22 39.19
CA LEU T 26 -9.82 59.45 37.85
C LEU T 26 -10.41 58.18 37.26
N GLY T 27 -9.80 57.03 37.53
CA GLY T 27 -10.37 55.77 37.07
C GLY T 27 -11.71 55.47 37.69
N LYS T 28 -11.86 55.73 38.99
CA LYS T 28 -13.14 55.58 39.66
C LYS T 28 -14.17 56.58 39.13
N SER T 29 -13.72 57.77 38.73
CA SER T 29 -14.63 58.75 38.15
C SER T 29 -15.06 58.34 36.75
N LEU T 30 -14.16 57.74 35.97
CA LEU T 30 -14.53 57.20 34.66
C LEU T 30 -15.42 55.98 34.76
N TYR T 31 -15.27 55.19 35.83
CA TYR T 31 -16.05 53.95 35.95
C TYR T 31 -17.54 54.23 36.00
N GLN T 32 -17.96 55.16 36.84
CA GLN T 32 -19.39 55.44 37.00
C GLN T 32 -19.80 56.71 36.28
N PHE U 54 -21.22 -2.43 35.63
CA PHE U 54 -19.95 -3.18 35.82
C PHE U 54 -20.13 -4.25 36.90
N ASN U 55 -19.77 -5.48 36.55
CA ASN U 55 -20.04 -6.63 37.40
C ASN U 55 -18.89 -6.98 38.34
N ARG U 56 -17.83 -6.18 38.38
CA ARG U 56 -16.70 -6.32 39.28
C ARG U 56 -15.87 -7.57 39.00
N ASP U 57 -16.21 -8.36 37.98
CA ASP U 57 -15.42 -9.52 37.58
C ASP U 57 -15.13 -9.45 36.09
N TRP U 58 -14.76 -8.26 35.61
CA TRP U 58 -14.48 -8.08 34.20
C TRP U 58 -13.37 -9.03 33.74
N LEU U 59 -12.32 -9.15 34.55
CA LEU U 59 -11.25 -10.12 34.30
C LEU U 59 -11.64 -11.39 35.05
N ARG U 60 -12.45 -12.22 34.41
CA ARG U 60 -13.02 -13.39 35.08
C ARG U 60 -11.90 -14.22 35.66
N LYS U 61 -11.82 -14.27 36.99
CA LYS U 61 -10.65 -14.79 37.68
C LYS U 61 -10.63 -16.31 37.57
N ASP U 62 -9.71 -16.84 36.78
CA ASP U 62 -9.39 -18.25 36.74
C ASP U 62 -7.89 -18.35 37.02
N LEU U 63 -7.55 -18.55 38.30
CA LEU U 63 -6.15 -18.46 38.72
C LEU U 63 -5.30 -19.61 38.18
N SER U 64 -5.91 -20.65 37.62
CA SER U 64 -5.13 -21.70 36.98
C SER U 64 -4.47 -21.21 35.69
N VAL U 65 -4.92 -20.08 35.15
CA VAL U 65 -4.36 -19.59 33.89
C VAL U 65 -2.88 -19.26 34.05
N ILE U 66 -2.51 -18.60 35.15
CA ILE U 66 -1.12 -18.19 35.30
C ILE U 66 -0.22 -19.40 35.46
N GLY U 67 -0.66 -20.40 36.21
CA GLY U 67 0.14 -21.61 36.36
C GLY U 67 0.28 -22.37 35.05
N PHE U 68 -0.83 -22.49 34.30
CA PHE U 68 -0.76 -23.17 33.02
C PHE U 68 0.16 -22.45 32.06
N GLY U 69 0.10 -21.12 32.03
CA GLY U 69 1.00 -20.35 31.19
C GLY U 69 2.44 -20.47 31.65
N LEU U 70 2.67 -20.50 32.96
CA LEU U 70 4.02 -20.69 33.48
C LEU U 70 4.59 -22.02 33.01
N ILE U 71 3.81 -23.10 33.11
CA ILE U 71 4.27 -24.40 32.65
C ILE U 71 4.52 -24.37 31.15
N GLY U 72 3.59 -23.80 30.38
CA GLY U 72 3.69 -23.79 28.94
C GLY U 72 4.72 -22.84 28.38
N TRP U 73 5.27 -21.96 29.21
CA TRP U 73 6.38 -21.12 28.80
C TRP U 73 7.72 -21.60 29.35
N LEU U 74 7.72 -22.27 30.50
CA LEU U 74 8.93 -22.95 30.95
C LEU U 74 9.29 -24.10 30.02
N ALA U 75 8.29 -24.84 29.53
CA ALA U 75 8.58 -26.00 28.70
C ALA U 75 9.32 -25.64 27.43
N PRO U 76 8.92 -24.64 26.64
CA PRO U 76 9.63 -24.36 25.39
C PRO U 76 10.91 -23.57 25.62
N SER U 77 10.90 -22.65 26.59
CA SER U 77 12.08 -21.84 26.85
C SER U 77 13.20 -22.65 27.48
N SER U 78 12.86 -23.64 28.30
CA SER U 78 13.86 -24.49 28.95
C SER U 78 14.12 -25.73 28.08
N LEU U 79 14.70 -25.49 26.91
CA LEU U 79 14.97 -26.54 25.95
C LEU U 79 16.41 -26.42 25.46
N PRO U 80 17.22 -27.49 25.51
CA PRO U 80 18.59 -27.38 25.02
C PRO U 80 18.66 -27.37 23.50
N VAL U 81 18.49 -26.19 22.90
CA VAL U 81 18.42 -26.07 21.45
C VAL U 81 19.78 -26.40 20.84
N ILE U 82 19.78 -27.21 19.78
CA ILE U 82 21.01 -27.69 19.14
C ILE U 82 21.64 -26.60 18.29
N ASN U 83 21.00 -25.44 18.19
CA ASN U 83 21.46 -24.35 17.34
C ASN U 83 22.57 -23.58 18.04
N GLY U 84 22.91 -22.40 17.51
CA GLY U 84 23.98 -21.60 18.10
C GLY U 84 23.90 -21.53 19.61
N ASN U 85 22.69 -21.39 20.15
CA ASN U 85 22.49 -21.47 21.59
C ASN U 85 22.59 -22.92 22.03
N SER U 86 23.81 -23.38 22.35
CA SER U 86 23.97 -24.77 22.78
C SER U 86 23.18 -25.05 24.05
N LEU U 87 23.16 -24.08 24.97
CA LEU U 87 22.30 -24.16 26.14
C LEU U 87 20.97 -23.48 25.83
N THR U 88 20.15 -23.38 26.88
CA THR U 88 18.78 -22.83 26.74
C THR U 88 18.72 -21.36 27.15
N GLY U 89 17.74 -20.61 26.65
CA GLY U 89 17.67 -19.18 26.88
C GLY U 89 17.31 -18.81 28.31
N LEU U 90 16.56 -19.69 29.00
CA LEU U 90 16.22 -19.39 30.39
C LEU U 90 17.46 -19.43 31.28
N PHE U 91 18.43 -20.29 30.96
CA PHE U 91 19.66 -20.28 31.74
C PHE U 91 20.44 -18.99 31.52
N LEU U 92 20.40 -18.44 30.31
CA LEU U 92 21.01 -17.12 30.09
C LEU U 92 20.27 -16.03 30.86
N GLY U 93 18.93 -16.09 30.87
CA GLY U 93 18.15 -15.14 31.63
C GLY U 93 18.26 -15.30 33.12
N SER U 94 18.80 -16.43 33.58
CA SER U 94 19.15 -16.60 34.98
C SER U 94 20.58 -16.16 35.28
N ILE U 95 21.50 -16.37 34.33
CA ILE U 95 22.86 -15.89 34.48
C ILE U 95 22.90 -14.37 34.56
N GLY U 96 22.08 -13.70 33.76
CA GLY U 96 22.06 -12.26 33.74
C GLY U 96 21.88 -11.67 35.12
N PRO U 97 20.78 -12.03 35.79
CA PRO U 97 20.59 -11.59 37.17
C PRO U 97 21.74 -11.99 38.08
N GLU U 98 22.30 -13.18 37.86
CA GLU U 98 23.41 -13.63 38.69
C GLU U 98 24.58 -12.66 38.61
N LEU U 99 24.88 -12.17 37.42
CA LEU U 99 25.93 -11.17 37.24
C LEU U 99 25.47 -9.76 37.56
N ALA U 100 24.17 -9.55 37.81
CA ALA U 100 23.65 -8.21 38.06
C ALA U 100 23.02 -8.08 39.45
N HIS U 101 23.49 -8.86 40.42
CA HIS U 101 22.99 -8.75 41.79
C HIS U 101 23.70 -7.68 42.61
N PHE U 102 24.61 -6.92 42.02
CA PHE U 102 25.27 -5.85 42.79
C PHE U 102 24.29 -4.71 43.04
N PRO U 103 24.00 -4.36 44.30
CA PRO U 103 23.03 -3.30 44.56
C PRO U 103 23.36 -1.99 43.83
N THR U 104 22.31 -1.22 43.57
CA THR U 104 22.42 0.17 43.12
C THR U 104 23.27 0.24 41.84
N GLY U 105 22.73 -0.34 40.77
CA GLY U 105 23.34 -0.24 39.47
C GLY U 105 22.55 -0.98 38.41
N PRO U 106 22.38 -0.37 37.25
CA PRO U 106 21.68 -1.05 36.14
C PRO U 106 22.62 -2.00 35.41
N ALA U 107 22.06 -2.70 34.43
CA ALA U 107 22.83 -3.64 33.64
C ALA U 107 23.84 -2.94 32.74
N LEU U 108 23.52 -1.71 32.31
CA LEU U 108 24.41 -0.90 31.47
C LEU U 108 24.73 -1.63 30.16
N THR U 109 23.66 -1.92 29.41
CA THR U 109 23.77 -2.52 28.08
C THR U 109 24.58 -3.82 28.12
N SER U 110 24.38 -4.62 29.16
CA SER U 110 24.99 -5.93 29.25
C SER U 110 24.10 -6.96 28.56
N PRO U 111 24.63 -8.15 28.28
CA PRO U 111 23.78 -9.19 27.66
C PRO U 111 22.73 -9.72 28.62
N PHE U 112 21.85 -8.83 29.09
CA PHE U 112 20.79 -9.21 30.02
C PHE U 112 19.44 -8.69 29.53
N TRP U 113 19.44 -7.55 28.84
CA TRP U 113 18.19 -6.94 28.41
C TRP U 113 17.52 -7.75 27.31
N LEU U 114 18.31 -8.27 26.37
CA LEU U 114 17.74 -9.02 25.26
C LEU U 114 17.04 -10.27 25.76
N TRP U 115 17.70 -11.03 26.63
CA TRP U 115 17.09 -12.24 27.17
C TRP U 115 15.86 -11.91 28.01
N MET U 116 15.95 -10.85 28.82
CA MET U 116 14.80 -10.41 29.61
C MET U 116 13.61 -10.13 28.71
N ILE U 117 13.82 -9.33 27.67
CA ILE U 117 12.72 -8.94 26.78
C ILE U 117 12.13 -10.15 26.09
N THR U 118 13.00 -11.01 25.54
CA THR U 118 12.51 -12.20 24.83
C THR U 118 11.68 -13.08 25.76
N TRP U 119 12.25 -13.40 26.92
CA TRP U 119 11.57 -14.30 27.84
C TRP U 119 10.23 -13.74 28.31
N HIS U 120 10.19 -12.45 28.62
CA HIS U 120 8.97 -11.88 29.16
C HIS U 120 7.92 -11.63 28.09
N VAL U 121 8.32 -11.30 26.86
CA VAL U 121 7.36 -11.24 25.77
C VAL U 121 6.75 -12.61 25.54
N GLY U 122 7.59 -13.66 25.55
CA GLY U 122 7.06 -15.00 25.42
C GLY U 122 6.09 -15.34 26.54
N LEU U 123 6.45 -15.03 27.78
CA LEU U 123 5.58 -15.31 28.91
C LEU U 123 4.25 -14.58 28.78
N PHE U 124 4.30 -13.29 28.39
CA PHE U 124 3.08 -12.52 28.27
C PHE U 124 2.18 -13.05 27.17
N ILE U 125 2.74 -13.40 26.02
CA ILE U 125 1.91 -13.93 24.95
C ILE U 125 1.33 -15.27 25.35
N VAL U 126 2.11 -16.10 26.06
CA VAL U 126 1.60 -17.40 26.50
C VAL U 126 0.45 -17.20 27.48
N LEU U 127 0.60 -16.28 28.44
CA LEU U 127 -0.47 -16.04 29.40
C LEU U 127 -1.72 -15.50 28.72
N THR U 128 -1.55 -14.56 27.79
CA THR U 128 -2.69 -14.00 27.10
C THR U 128 -3.41 -15.06 26.27
N LEU U 129 -2.66 -15.89 25.55
CA LEU U 129 -3.27 -16.95 24.75
C LEU U 129 -3.92 -18.00 25.63
N GLY U 130 -3.37 -18.28 26.80
CA GLY U 130 -4.01 -19.20 27.72
C GLY U 130 -5.33 -18.66 28.25
N GLN U 131 -5.33 -17.38 28.65
CA GLN U 131 -6.58 -16.75 29.08
C GLN U 131 -7.63 -16.82 27.97
N ILE U 132 -7.23 -16.46 26.75
CA ILE U 132 -8.17 -16.46 25.62
C ILE U 132 -8.67 -17.86 25.36
N GLY U 133 -7.78 -18.86 25.41
CA GLY U 133 -8.20 -20.22 25.15
C GLY U 133 -9.16 -20.76 26.19
N PHE U 134 -8.88 -20.50 27.46
CA PHE U 134 -9.79 -20.96 28.50
C PHE U 134 -11.15 -20.27 28.39
N LYS U 135 -11.16 -18.96 28.15
CA LYS U 135 -12.43 -18.23 28.17
C LYS U 135 -13.15 -18.23 26.83
N GLY U 136 -12.56 -18.78 25.79
CA GLY U 136 -13.26 -18.95 24.54
C GLY U 136 -14.04 -20.25 24.48
N ARG U 137 -13.69 -21.21 25.34
CA ARG U 137 -14.43 -22.47 25.38
C ARG U 137 -15.79 -22.28 26.04
N GLN U 138 -15.84 -21.54 27.16
CA GLN U 138 -17.13 -21.24 27.76
C GLN U 138 -18.02 -20.46 26.80
N ASP U 139 -17.43 -19.58 26.01
CA ASP U 139 -18.15 -18.89 24.96
C ASP U 139 -18.13 -19.77 23.71
N GLY U 140 -18.66 -19.26 22.60
CA GLY U 140 -18.72 -20.01 21.36
C GLY U 140 -17.87 -19.39 20.26
N TYR U 141 -16.71 -18.86 20.64
CA TYR U 141 -15.86 -18.16 19.68
C TYR U 141 -15.37 -19.10 18.59
N TRP U 142 -15.02 -20.34 18.96
CA TRP U 142 -14.64 -21.35 17.99
C TRP U 142 -15.55 -22.57 18.01
N ASN U 143 -16.55 -22.61 18.88
CA ASN U 143 -17.52 -23.68 18.89
C ASN U 143 -18.95 -23.13 18.78
N GLU V 50 -10.59 -41.84 -71.22
CA GLU V 50 -9.81 -42.68 -72.16
C GLU V 50 -8.33 -42.69 -71.78
N TRP V 51 -7.96 -41.90 -70.76
CA TRP V 51 -6.58 -41.92 -70.31
C TRP V 51 -6.19 -43.30 -69.79
N LEU V 52 -7.15 -44.02 -69.22
CA LEU V 52 -7.04 -45.44 -68.89
C LEU V 52 -8.15 -46.19 -69.59
N PRO V 53 -7.86 -47.11 -70.51
CA PRO V 53 -8.93 -47.91 -71.11
C PRO V 53 -9.72 -48.66 -70.05
N GLY V 54 -11.05 -48.69 -70.24
CA GLY V 54 -11.94 -49.39 -69.35
C GLY V 54 -12.39 -48.57 -68.15
N ASN V 55 -11.57 -47.63 -67.70
CA ASN V 55 -11.93 -46.83 -66.54
C ASN V 55 -13.22 -46.07 -66.83
N PRO V 56 -14.25 -46.20 -65.98
CA PRO V 56 -15.50 -45.49 -66.24
C PRO V 56 -15.30 -43.98 -66.27
N ARG V 57 -16.01 -43.33 -67.17
CA ARG V 57 -15.93 -41.88 -67.27
C ARG V 57 -16.67 -41.24 -66.10
N PRO V 58 -16.12 -40.18 -65.51
CA PRO V 58 -16.87 -39.45 -64.49
C PRO V 58 -18.14 -38.85 -65.06
N SER V 59 -19.16 -38.76 -64.22
CA SER V 59 -20.48 -38.32 -64.69
C SER V 59 -20.45 -36.90 -65.24
N TYR V 60 -19.47 -36.09 -64.87
CA TYR V 60 -19.38 -34.71 -65.32
C TYR V 60 -18.29 -34.48 -66.36
N LEU V 61 -17.59 -35.53 -66.78
CA LEU V 61 -16.57 -35.46 -67.82
C LEU V 61 -16.96 -36.43 -68.93
N ASP V 62 -17.76 -35.95 -69.87
CA ASP V 62 -18.13 -36.72 -71.05
C ASP V 62 -17.43 -36.15 -72.28
N GLY V 63 -17.39 -36.96 -73.34
CA GLY V 63 -16.70 -36.56 -74.55
C GLY V 63 -17.45 -35.50 -75.33
N SER V 64 -17.53 -34.29 -74.77
CA SER V 64 -18.21 -33.17 -75.43
C SER V 64 -17.25 -32.04 -75.78
N ALA V 65 -16.49 -31.55 -74.82
CA ALA V 65 -15.57 -30.45 -75.04
C ALA V 65 -14.20 -30.96 -75.48
N PRO V 66 -13.38 -30.10 -76.06
CA PRO V 66 -12.03 -30.52 -76.45
C PRO V 66 -11.31 -31.18 -75.27
N GLY V 67 -10.68 -32.31 -75.55
CA GLY V 67 -10.07 -33.12 -74.51
C GLY V 67 -11.04 -34.17 -73.97
N ASP V 68 -11.50 -33.97 -72.74
CA ASP V 68 -12.52 -34.83 -72.13
C ASP V 68 -12.14 -36.30 -72.24
N PHE V 69 -10.91 -36.62 -71.84
CA PHE V 69 -10.43 -37.99 -71.78
C PHE V 69 -10.67 -38.65 -70.43
N GLY V 70 -11.41 -37.98 -69.54
CA GLY V 70 -11.74 -38.57 -68.26
C GLY V 70 -10.61 -38.55 -67.25
N PHE V 71 -9.62 -37.68 -67.42
CA PHE V 71 -8.48 -37.61 -66.52
C PHE V 71 -8.81 -36.63 -65.40
N ASP V 72 -9.38 -37.15 -64.31
CA ASP V 72 -9.66 -36.36 -63.12
C ASP V 72 -9.61 -37.28 -61.91
N PRO V 73 -8.42 -37.77 -61.55
CA PRO V 73 -8.31 -38.68 -60.40
C PRO V 73 -8.85 -38.08 -59.11
N LEU V 74 -8.69 -36.78 -58.90
CA LEU V 74 -9.10 -36.14 -57.65
C LEU V 74 -10.54 -35.67 -57.72
N GLY V 75 -10.87 -34.85 -58.70
CA GLY V 75 -12.22 -34.35 -58.86
C GLY V 75 -12.35 -32.86 -58.66
N LEU V 76 -11.30 -32.12 -59.01
CA LEU V 76 -11.27 -30.68 -58.75
C LEU V 76 -12.30 -29.92 -59.59
N GLY V 77 -12.84 -30.54 -60.63
CA GLY V 77 -13.77 -29.85 -61.51
C GLY V 77 -15.19 -30.34 -61.38
N GLU V 78 -15.60 -30.67 -60.16
CA GLU V 78 -16.96 -31.17 -59.94
C GLU V 78 -18.01 -30.11 -60.28
N VAL V 79 -17.83 -28.90 -59.75
CA VAL V 79 -18.80 -27.83 -59.98
C VAL V 79 -18.73 -27.40 -61.44
N PRO V 80 -19.86 -27.35 -62.16
CA PRO V 80 -19.79 -26.98 -63.59
C PRO V 80 -19.12 -25.64 -63.84
N GLU V 81 -19.39 -24.62 -63.01
CA GLU V 81 -18.79 -23.31 -63.25
C GLU V 81 -17.30 -23.33 -62.96
N ASN V 82 -16.90 -24.00 -61.88
CA ASN V 82 -15.48 -24.09 -61.57
C ASN V 82 -14.74 -24.88 -62.66
N LEU V 83 -15.39 -25.91 -63.20
CA LEU V 83 -14.83 -26.62 -64.35
C LEU V 83 -14.68 -25.70 -65.54
N GLU V 84 -15.69 -24.86 -65.81
CA GLU V 84 -15.61 -23.95 -66.94
C GLU V 84 -14.46 -22.96 -66.75
N ARG V 85 -14.22 -22.50 -65.53
CA ARG V 85 -13.10 -21.59 -65.29
C ARG V 85 -11.76 -22.31 -65.42
N PHE V 86 -11.70 -23.55 -64.93
CA PHE V 86 -10.45 -24.31 -65.01
C PHE V 86 -10.09 -24.61 -66.46
N LYS V 87 -11.09 -24.82 -67.32
CA LYS V 87 -10.80 -25.04 -68.73
C LYS V 87 -10.08 -23.84 -69.34
N GLU V 88 -10.58 -22.63 -69.05
CA GLU V 88 -9.93 -21.42 -69.55
C GLU V 88 -8.54 -21.26 -68.97
N SER V 89 -8.37 -21.54 -67.67
CA SER V 89 -7.03 -21.50 -67.10
C SER V 89 -6.10 -22.45 -67.85
N GLU V 90 -6.60 -23.65 -68.18
CA GLU V 90 -5.80 -24.62 -68.91
C GLU V 90 -5.39 -24.07 -70.28
N LEU V 91 -6.33 -23.47 -71.01
CA LEU V 91 -5.97 -22.93 -72.32
C LEU V 91 -4.96 -21.82 -72.22
N ILE V 92 -5.09 -20.93 -71.22
CA ILE V 92 -4.13 -19.83 -71.10
C ILE V 92 -2.74 -20.40 -70.80
N HIS V 93 -2.65 -21.32 -69.84
CA HIS V 93 -1.37 -21.94 -69.55
C HIS V 93 -0.79 -22.61 -70.79
N ALA V 94 -1.62 -23.37 -71.51
CA ALA V 94 -1.15 -24.13 -72.66
C ALA V 94 -0.67 -23.22 -73.77
N ARG V 95 -1.41 -22.14 -74.04
CA ARG V 95 -0.99 -21.20 -75.08
C ARG V 95 0.32 -20.53 -74.70
N TRP V 96 0.47 -20.15 -73.42
CA TRP V 96 1.75 -19.57 -72.99
C TRP V 96 2.89 -20.56 -73.20
N ALA V 97 2.67 -21.83 -72.84
CA ALA V 97 3.74 -22.83 -72.99
C ALA V 97 4.08 -23.06 -74.45
N MET V 98 3.05 -23.13 -75.31
CA MET V 98 3.31 -23.33 -76.73
C MET V 98 4.09 -22.16 -77.31
N LEU V 99 3.74 -20.94 -76.92
CA LEU V 99 4.53 -19.79 -77.37
C LEU V 99 5.97 -19.89 -76.86
N ALA V 100 6.14 -20.31 -75.60
CA ALA V 100 7.47 -20.28 -75.00
C ALA V 100 8.41 -21.29 -75.64
N VAL V 101 7.94 -22.51 -75.89
CA VAL V 101 8.86 -23.58 -76.28
C VAL V 101 9.65 -23.25 -77.55
N PRO V 102 9.04 -22.79 -78.64
CA PRO V 102 9.84 -22.41 -79.82
C PRO V 102 10.87 -21.35 -79.51
N GLY V 103 10.54 -20.41 -78.61
CA GLY V 103 11.50 -19.41 -78.17
C GLY V 103 12.67 -19.99 -77.39
N VAL V 104 12.60 -21.26 -77.02
CA VAL V 104 13.72 -21.97 -76.41
C VAL V 104 14.34 -22.99 -77.34
N LEU V 105 13.69 -23.32 -78.45
CA LEU V 105 14.19 -24.33 -79.38
C LEU V 105 14.92 -23.73 -80.57
N ILE V 106 14.38 -22.67 -81.16
CA ILE V 106 15.01 -22.07 -82.35
C ILE V 106 16.31 -21.37 -81.98
N PRO V 107 16.33 -20.51 -80.95
CA PRO V 107 17.53 -19.69 -80.75
C PRO V 107 18.80 -20.47 -80.63
N GLU V 108 18.80 -21.53 -79.83
CA GLU V 108 20.03 -22.28 -79.63
C GLU V 108 20.40 -23.04 -80.87
N ALA V 109 19.40 -23.55 -81.61
CA ALA V 109 19.71 -24.37 -82.77
C ALA V 109 20.65 -23.65 -83.72
N LEU V 110 20.49 -22.33 -83.84
CA LEU V 110 21.42 -21.53 -84.62
C LEU V 110 22.72 -21.23 -83.87
N GLY V 111 22.80 -21.57 -82.59
CA GLY V 111 24.03 -21.41 -81.84
C GLY V 111 24.16 -20.06 -81.18
N TYR V 112 23.12 -19.62 -80.47
CA TYR V 112 23.05 -18.29 -79.90
C TYR V 112 22.78 -18.33 -78.40
N GLY V 113 22.98 -19.49 -77.77
CA GLY V 113 22.70 -19.67 -76.35
C GLY V 113 21.40 -20.40 -76.11
N ASN V 114 20.77 -20.16 -74.97
CA ASN V 114 19.55 -20.89 -74.59
C ASN V 114 18.68 -19.94 -73.77
N TRP V 115 17.63 -20.48 -73.15
CA TRP V 115 16.79 -19.68 -72.27
C TRP V 115 17.47 -19.42 -70.93
N VAL V 116 18.59 -20.09 -70.66
CA VAL V 116 19.44 -19.72 -69.54
C VAL V 116 20.45 -18.65 -69.91
N SER V 117 20.46 -18.21 -71.18
CA SER V 117 21.42 -17.21 -71.61
C SER V 117 21.21 -15.88 -70.90
N ALA V 118 19.96 -15.49 -70.71
CA ALA V 118 19.66 -14.16 -70.17
C ALA V 118 18.35 -14.21 -69.40
N GLN V 119 18.43 -14.12 -68.08
CA GLN V 119 17.30 -13.74 -67.24
C GLN V 119 17.69 -12.73 -66.17
N LYS V 120 18.98 -12.46 -65.97
CA LYS V 120 19.47 -11.50 -65.00
C LYS V 120 20.95 -11.26 -65.23
N TRP V 121 21.37 -10.00 -65.24
CA TRP V 121 22.78 -9.65 -65.46
C TRP V 121 23.32 -10.36 -66.70
N ALA V 122 22.75 -9.99 -67.84
CA ALA V 122 23.02 -10.65 -69.10
C ALA V 122 23.51 -9.66 -70.15
N ALA V 123 23.58 -10.09 -71.40
CA ALA V 123 24.16 -9.29 -72.47
C ALA V 123 23.63 -7.86 -72.47
N THR V 124 24.52 -6.90 -72.21
CA THR V 124 24.15 -5.49 -72.22
C THR V 124 24.09 -4.94 -73.65
N PRO V 125 24.98 -5.35 -74.57
CA PRO V 125 24.86 -4.76 -75.93
C PRO V 125 23.68 -5.32 -76.71
N GLY V 126 22.48 -4.95 -76.30
CA GLY V 126 21.29 -5.45 -76.97
C GLY V 126 21.22 -6.96 -76.87
N GLY V 127 20.80 -7.59 -77.96
CA GLY V 127 20.70 -9.03 -77.99
C GLY V 127 22.01 -9.70 -78.35
N GLN V 128 22.70 -10.26 -77.36
CA GLN V 128 24.04 -10.80 -77.57
C GLN V 128 24.85 -9.90 -78.49
N ALA V 129 25.22 -10.36 -79.69
CA ALA V 129 25.83 -9.48 -80.69
C ALA V 129 25.31 -9.72 -82.09
N THR V 130 24.25 -10.51 -82.29
CA THR V 130 23.88 -10.95 -83.63
C THR V 130 22.43 -11.41 -83.69
N TYR V 131 21.96 -11.60 -84.93
CA TYR V 131 20.65 -12.15 -85.31
C TYR V 131 19.48 -11.23 -84.99
N LEU V 132 19.27 -10.93 -83.71
CA LEU V 132 18.12 -10.12 -83.30
C LEU V 132 18.36 -8.66 -83.71
N GLY V 133 19.27 -8.47 -84.66
CA GLY V 133 19.83 -7.19 -85.01
C GLY V 133 21.13 -7.00 -84.29
N ASN V 134 22.21 -6.82 -85.04
CA ASN V 134 23.51 -6.57 -84.45
C ASN V 134 23.39 -5.34 -83.56
N PRO V 135 23.62 -5.47 -82.24
CA PRO V 135 23.08 -4.51 -81.27
C PRO V 135 22.11 -3.48 -81.83
N VAL V 136 21.09 -3.94 -82.54
CA VAL V 136 20.04 -3.10 -83.08
C VAL V 136 19.02 -2.79 -81.99
N PRO V 137 18.53 -3.80 -81.21
CA PRO V 137 17.40 -3.55 -80.31
C PRO V 137 17.48 -2.26 -79.54
N TRP V 138 16.35 -1.57 -79.41
CA TRP V 138 16.31 -0.27 -78.77
C TRP V 138 16.68 -0.36 -77.30
N GLY V 139 16.15 -1.36 -76.59
CA GLY V 139 16.46 -1.54 -75.19
C GLY V 139 17.83 -2.17 -75.00
N ASN V 140 18.87 -1.47 -75.45
CA ASN V 140 20.20 -2.04 -75.50
C ASN V 140 20.72 -2.41 -74.11
N LEU V 141 20.97 -1.40 -73.26
CA LEU V 141 21.69 -1.62 -72.02
C LEU V 141 20.84 -2.31 -70.97
N PRO V 142 19.63 -1.83 -70.69
CA PRO V 142 18.79 -2.50 -69.68
C PRO V 142 18.59 -3.97 -70.02
N VAL V 143 18.91 -4.83 -69.05
CA VAL V 143 18.67 -6.26 -69.16
C VAL V 143 17.42 -6.67 -68.39
N ILE V 144 17.27 -6.17 -67.16
CA ILE V 144 16.01 -6.30 -66.44
C ILE V 144 15.12 -5.20 -67.00
N LEU V 145 14.37 -5.54 -68.05
CA LEU V 145 13.76 -4.56 -68.95
C LEU V 145 12.29 -4.40 -68.57
N ALA V 146 11.95 -3.24 -68.02
CA ALA V 146 10.60 -2.97 -67.51
C ALA V 146 9.68 -2.41 -68.58
N ILE V 147 9.60 -3.12 -69.71
CA ILE V 147 8.67 -2.79 -70.79
C ILE V 147 7.88 -4.04 -71.14
N GLU V 148 8.36 -5.20 -70.69
CA GLU V 148 7.68 -6.46 -70.93
C GLU V 148 6.65 -6.76 -69.86
N PHE V 149 6.98 -6.54 -68.59
CA PHE V 149 5.98 -6.59 -67.53
C PHE V 149 5.32 -5.23 -67.34
N LEU V 150 4.96 -4.61 -68.46
CA LEU V 150 4.11 -3.42 -68.49
C LEU V 150 3.08 -3.48 -69.61
N ALA V 151 3.21 -4.40 -70.57
CA ALA V 151 2.24 -4.58 -71.63
C ALA V 151 1.47 -5.90 -71.51
N ILE V 152 2.09 -6.93 -70.94
CA ILE V 152 1.35 -8.13 -70.60
C ILE V 152 0.28 -7.82 -69.56
N ALA V 153 0.56 -6.87 -68.67
CA ALA V 153 -0.49 -6.36 -67.79
C ALA V 153 -1.64 -5.81 -68.61
N PHE V 154 -1.32 -5.08 -69.67
CA PHE V 154 -2.35 -4.53 -70.55
C PHE V 154 -3.15 -5.64 -71.23
N ALA V 155 -2.45 -6.67 -71.71
CA ALA V 155 -3.13 -7.76 -72.40
C ALA V 155 -4.07 -8.51 -71.46
N GLU V 156 -3.59 -8.81 -70.24
CA GLU V 156 -4.50 -9.24 -69.17
C GLU V 156 -5.72 -8.34 -69.05
N SER V 157 -5.49 -7.06 -68.77
CA SER V 157 -6.55 -6.16 -68.34
C SER V 157 -7.62 -6.02 -69.42
N GLN V 158 -7.20 -5.99 -70.68
CA GLN V 158 -8.18 -5.99 -71.76
C GLN V 158 -8.70 -7.39 -72.06
N ARG V 159 -8.09 -8.44 -71.49
CA ARG V 159 -8.62 -9.79 -71.66
C ARG V 159 -9.71 -10.08 -70.64
N ASN V 160 -9.41 -9.88 -69.35
CA ASN V 160 -10.40 -10.12 -68.31
C ASN V 160 -11.60 -9.19 -68.50
N GLY V 161 -12.80 -9.73 -68.25
CA GLY V 161 -14.00 -8.95 -68.34
C GLY V 161 -14.81 -9.19 -69.60
N GLU V 162 -14.97 -10.46 -69.98
CA GLU V 162 -15.71 -10.82 -71.17
C GLU V 162 -16.77 -11.86 -70.83
N PRO V 163 -18.04 -11.64 -71.16
CA PRO V 163 -19.05 -12.68 -70.94
C PRO V 163 -18.98 -13.79 -71.97
N ASP V 164 -19.96 -14.69 -71.97
CA ASP V 164 -20.01 -15.75 -72.97
C ASP V 164 -18.75 -16.62 -72.90
N PRO V 165 -18.63 -17.45 -71.85
CA PRO V 165 -17.39 -18.23 -71.65
C PRO V 165 -16.76 -18.78 -72.92
N GLU V 166 -17.57 -19.42 -73.77
CA GLU V 166 -17.02 -19.95 -75.02
C GLU V 166 -16.34 -18.86 -75.83
N LYS V 167 -16.84 -17.62 -75.76
CA LYS V 167 -16.15 -16.50 -76.35
C LYS V 167 -15.10 -15.91 -75.41
N ARG V 168 -15.23 -16.14 -74.09
CA ARG V 168 -14.17 -15.78 -73.17
C ARG V 168 -12.87 -16.51 -73.52
N LYS V 169 -12.98 -17.70 -74.11
CA LYS V 169 -11.85 -18.57 -74.39
C LYS V 169 -11.44 -18.59 -75.86
N TYR V 170 -12.40 -18.53 -76.78
CA TYR V 170 -12.15 -18.55 -78.21
C TYR V 170 -12.73 -17.26 -78.79
N PRO V 171 -12.02 -16.15 -78.64
CA PRO V 171 -12.57 -14.85 -79.06
C PRO V 171 -13.02 -14.83 -80.52
N GLY V 172 -12.13 -15.21 -81.42
CA GLY V 172 -12.45 -15.12 -82.82
C GLY V 172 -12.54 -13.67 -83.27
N GLY V 173 -13.12 -13.48 -84.44
CA GLY V 173 -13.31 -12.15 -84.96
C GLY V 173 -12.00 -11.41 -85.14
N ALA V 174 -11.74 -10.43 -84.27
CA ALA V 174 -10.51 -9.67 -84.37
C ALA V 174 -9.28 -10.56 -84.23
N PHE V 175 -9.38 -11.63 -83.44
CA PHE V 175 -8.27 -12.53 -83.19
C PHE V 175 -8.24 -13.70 -84.18
N ASP V 176 -8.88 -13.56 -85.34
CA ASP V 176 -8.91 -14.60 -86.36
C ASP V 176 -8.58 -13.97 -87.72
N PRO V 177 -7.34 -13.49 -87.90
CA PRO V 177 -6.99 -12.86 -89.18
C PRO V 177 -7.22 -13.74 -90.39
N LEU V 178 -6.93 -15.04 -90.28
CA LEU V 178 -7.06 -15.95 -91.41
C LEU V 178 -8.40 -16.66 -91.45
N GLY V 179 -9.29 -16.38 -90.50
CA GLY V 179 -10.64 -16.92 -90.57
C GLY V 179 -10.70 -18.43 -90.56
N PHE V 180 -9.87 -19.08 -89.74
CA PHE V 180 -9.93 -20.54 -89.61
C PHE V 180 -11.10 -20.99 -88.76
N SER V 181 -11.61 -20.13 -87.88
CA SER V 181 -12.73 -20.52 -87.03
C SER V 181 -14.03 -20.65 -87.81
N LYS V 182 -14.15 -19.91 -88.91
CA LYS V 182 -15.37 -19.94 -89.73
C LYS V 182 -15.33 -21.16 -90.68
N GLY V 183 -15.20 -22.34 -90.07
CA GLY V 183 -15.14 -23.58 -90.81
C GLY V 183 -15.92 -24.67 -90.09
N ALA V 184 -15.95 -25.84 -90.73
CA ALA V 184 -16.69 -26.98 -90.20
C ALA V 184 -15.85 -27.90 -89.32
N ASN V 185 -14.52 -27.80 -89.40
CA ASN V 185 -13.61 -28.63 -88.62
C ASN V 185 -13.12 -27.94 -87.36
N LEU V 186 -13.94 -27.04 -86.79
CA LEU V 186 -13.50 -26.27 -85.64
C LEU V 186 -13.23 -27.16 -84.43
N GLU V 187 -14.10 -28.14 -84.18
CA GLU V 187 -13.91 -29.02 -83.03
C GLU V 187 -12.60 -29.79 -83.13
N GLU V 188 -12.29 -30.30 -84.33
CA GLU V 188 -11.02 -30.98 -84.52
C GLU V 188 -9.86 -30.06 -84.21
N LEU V 189 -9.92 -28.82 -84.70
CA LEU V 189 -8.85 -27.86 -84.48
C LEU V 189 -8.67 -27.56 -83.00
N LYS V 190 -9.78 -27.41 -82.27
CA LYS V 190 -9.67 -27.20 -80.83
C LYS V 190 -9.00 -28.39 -80.16
N LEU V 191 -9.33 -29.60 -80.60
CA LEU V 191 -8.68 -30.79 -80.04
C LEU V 191 -7.17 -30.77 -80.32
N LYS V 192 -6.77 -30.42 -81.54
CA LYS V 192 -5.35 -30.41 -81.86
C LYS V 192 -4.62 -29.36 -81.02
N GLU V 193 -5.25 -28.20 -80.87
CA GLU V 193 -4.64 -27.14 -80.07
C GLU V 193 -4.48 -27.58 -78.63
N ILE V 194 -5.51 -28.19 -78.04
CA ILE V 194 -5.38 -28.62 -76.65
C ILE V 194 -4.33 -29.72 -76.53
N LYS V 195 -4.18 -30.56 -77.55
CA LYS V 195 -3.23 -31.66 -77.43
C LYS V 195 -1.79 -31.16 -77.47
N ASN V 196 -1.41 -30.40 -78.52
CA ASN V 196 -0.07 -29.81 -78.43
C ASN V 196 0.06 -28.80 -77.30
N GLY V 197 -1.04 -28.28 -76.76
CA GLY V 197 -0.92 -27.41 -75.62
C GLY V 197 -0.49 -28.16 -74.38
N ARG V 198 -1.12 -29.32 -74.15
CA ARG V 198 -0.72 -30.19 -73.06
C ARG V 198 0.71 -30.68 -73.24
N LEU V 199 1.07 -31.04 -74.48
CA LEU V 199 2.43 -31.47 -74.75
C LEU V 199 3.43 -30.36 -74.45
N ALA V 200 3.09 -29.11 -74.81
CA ALA V 200 3.97 -27.99 -74.51
C ALA V 200 4.07 -27.75 -73.01
N LEU V 201 2.97 -27.91 -72.28
CA LEU V 201 3.03 -27.77 -70.83
C LEU V 201 4.01 -28.78 -70.23
N VAL V 202 3.90 -30.05 -70.65
CA VAL V 202 4.83 -31.06 -70.15
C VAL V 202 6.26 -30.72 -70.56
N ALA V 203 6.44 -30.27 -71.80
CA ALA V 203 7.77 -29.95 -72.29
C ALA V 203 8.41 -28.83 -71.48
N PHE V 204 7.63 -27.82 -71.12
CA PHE V 204 8.19 -26.72 -70.33
C PHE V 204 8.40 -27.13 -68.87
N LEU V 205 7.57 -28.02 -68.34
CA LEU V 205 7.89 -28.60 -67.04
C LEU V 205 9.25 -29.28 -67.08
N GLY V 206 9.52 -30.02 -68.15
CA GLY V 206 10.84 -30.54 -68.39
C GLY V 206 11.87 -29.43 -68.38
N PHE V 207 11.75 -28.50 -69.33
CA PHE V 207 12.65 -27.35 -69.39
C PHE V 207 13.01 -26.86 -67.99
N ALA V 208 12.01 -26.65 -67.14
CA ALA V 208 12.28 -26.15 -65.81
C ALA V 208 13.10 -27.15 -64.99
N VAL V 209 12.66 -28.40 -64.91
CA VAL V 209 13.28 -29.35 -63.99
C VAL V 209 14.72 -29.64 -64.42
N GLN V 210 14.91 -29.99 -65.69
CA GLN V 210 16.23 -30.18 -66.27
C GLN V 210 16.92 -28.90 -66.71
N ALA V 211 16.44 -27.73 -66.26
CA ALA V 211 17.32 -26.59 -66.08
C ALA V 211 17.80 -26.49 -64.64
N ILE V 212 16.96 -26.92 -63.67
CA ILE V 212 17.36 -26.91 -62.27
C ILE V 212 18.22 -28.10 -61.88
N ALA V 213 18.30 -29.13 -62.73
CA ALA V 213 19.11 -30.30 -62.44
C ALA V 213 20.51 -30.22 -63.01
N TYR V 214 20.70 -29.44 -64.08
CA TYR V 214 22.02 -29.21 -64.68
C TYR V 214 22.19 -27.70 -64.87
N PRO V 215 22.45 -26.96 -63.78
CA PRO V 215 22.54 -25.50 -63.92
C PRO V 215 23.55 -25.10 -64.99
N GLY V 216 23.04 -24.58 -66.10
CA GLY V 216 23.87 -24.20 -67.23
C GLY V 216 23.95 -25.32 -68.23
N THR V 217 23.14 -25.26 -69.28
CA THR V 217 23.11 -26.29 -70.31
C THR V 217 22.10 -25.90 -71.37
N GLY V 218 22.16 -26.59 -72.50
CA GLY V 218 21.20 -26.41 -73.56
C GLY V 218 20.06 -27.40 -73.46
N PRO V 219 18.83 -26.93 -73.27
CA PRO V 219 17.70 -27.87 -73.21
C PRO V 219 17.49 -28.66 -74.48
N LEU V 220 18.29 -28.39 -75.52
CA LEU V 220 18.31 -29.23 -76.71
C LEU V 220 19.69 -29.80 -77.01
N GLU V 221 20.75 -29.19 -76.50
CA GLU V 221 22.04 -29.88 -76.43
C GLU V 221 21.98 -31.02 -75.43
N ASN V 222 20.96 -31.03 -74.56
CA ASN V 222 20.65 -32.21 -73.78
C ASN V 222 20.23 -33.36 -74.69
N LEU V 223 19.48 -33.05 -75.77
CA LEU V 223 19.19 -34.08 -76.76
C LEU V 223 20.47 -34.57 -77.43
N LYS V 224 21.42 -33.66 -77.68
CA LYS V 224 22.70 -34.07 -78.23
C LYS V 224 23.43 -35.01 -77.27
N THR V 225 23.43 -34.68 -75.98
CA THR V 225 24.06 -35.55 -74.99
C THR V 225 23.38 -36.92 -74.97
N HIS V 226 22.04 -36.93 -75.03
CA HIS V 226 21.31 -38.19 -75.03
C HIS V 226 21.63 -39.02 -76.26
N LEU V 227 21.74 -38.36 -77.43
CA LEU V 227 22.00 -39.08 -78.66
C LEU V 227 23.43 -39.60 -78.74
N ALA V 228 24.39 -38.86 -78.20
CA ALA V 228 25.77 -39.32 -78.20
C ALA V 228 25.92 -40.59 -77.36
N ASP V 229 25.23 -40.65 -76.22
CA ASP V 229 25.26 -41.79 -75.31
C ASP V 229 23.83 -42.16 -74.96
N PRO V 230 23.13 -42.84 -75.87
CA PRO V 230 21.71 -43.15 -75.60
C PRO V 230 21.51 -44.00 -74.35
N TRP V 231 22.24 -45.11 -74.22
CA TRP V 231 22.03 -46.04 -73.12
C TRP V 231 22.93 -45.78 -71.93
N HIS V 232 23.86 -44.82 -72.04
CA HIS V 232 24.81 -44.56 -70.95
C HIS V 232 24.49 -43.31 -70.15
N ASN V 233 23.98 -42.26 -70.78
CA ASN V 233 23.57 -41.04 -70.08
C ASN V 233 22.08 -40.83 -70.27
N THR V 234 21.34 -40.80 -69.16
CA THR V 234 19.91 -40.56 -69.16
C THR V 234 19.59 -39.76 -67.91
N ILE V 235 18.30 -39.69 -67.56
CA ILE V 235 17.89 -39.02 -66.34
C ILE V 235 18.48 -39.68 -65.10
N ALA V 236 18.99 -40.91 -65.25
CA ALA V 236 19.43 -41.67 -64.08
C ALA V 236 20.45 -40.91 -63.25
N HIS V 237 21.24 -40.03 -63.88
CA HIS V 237 22.25 -39.28 -63.14
C HIS V 237 21.64 -38.54 -61.96
N VAL V 238 20.47 -37.91 -62.16
CA VAL V 238 19.81 -37.22 -61.06
C VAL V 238 18.90 -38.15 -60.27
N ILE V 239 18.58 -39.32 -60.80
CA ILE V 239 17.69 -40.26 -60.11
C ILE V 239 18.50 -41.27 -59.30
N ILE V 240 19.49 -41.88 -59.93
CA ILE V 240 20.38 -42.84 -59.27
C ILE V 240 21.82 -42.55 -59.69
N PRO V 241 22.69 -42.12 -58.78
CA PRO V 241 24.11 -41.93 -59.10
C PRO V 241 24.87 -43.25 -59.25
N ASN W 63 -17.23 -101.95 -9.61
CA ASN W 63 -16.24 -102.93 -10.14
C ASN W 63 -15.07 -103.09 -9.16
N ASP W 64 -15.30 -103.83 -8.08
CA ASP W 64 -14.27 -104.04 -7.08
C ASP W 64 -13.05 -104.70 -7.72
N ARG W 65 -11.87 -104.20 -7.37
CA ARG W 65 -10.62 -104.71 -7.92
C ARG W 65 -9.51 -104.40 -6.93
N PRO W 66 -8.34 -105.01 -7.10
CA PRO W 66 -7.20 -104.65 -6.24
C PRO W 66 -6.91 -103.17 -6.34
N LEU W 67 -6.54 -102.58 -5.21
CA LEU W 67 -6.27 -101.16 -5.10
C LEU W 67 -4.85 -100.92 -4.62
N TRP W 68 -4.32 -99.74 -4.95
CA TRP W 68 -3.03 -99.33 -4.40
C TRP W 68 -3.07 -99.29 -2.88
N PHE W 69 -4.22 -98.90 -2.32
CA PHE W 69 -4.40 -98.75 -0.88
C PHE W 69 -5.66 -99.54 -0.50
N PRO W 70 -5.51 -100.75 0.05
CA PRO W 70 -6.65 -101.67 0.12
C PRO W 70 -7.94 -101.07 0.67
N GLY W 71 -7.86 -100.27 1.72
CA GLY W 71 -9.06 -99.83 2.41
C GLY W 71 -9.54 -98.45 2.02
N SER W 72 -9.54 -98.14 0.72
CA SER W 72 -9.96 -96.84 0.24
C SER W 72 -11.06 -96.98 -0.81
N GLN W 73 -11.92 -95.97 -0.87
CA GLN W 73 -12.96 -95.93 -1.89
C GLN W 73 -12.35 -95.48 -3.22
N PRO W 74 -12.49 -96.26 -4.29
CA PRO W 74 -11.90 -95.84 -5.56
C PRO W 74 -12.44 -94.50 -6.00
N PRO W 75 -11.62 -93.68 -6.64
CA PRO W 75 -12.13 -92.40 -7.17
C PRO W 75 -13.25 -92.64 -8.18
N GLU W 76 -14.24 -91.75 -8.17
CA GLU W 76 -15.42 -91.96 -8.98
C GLU W 76 -15.08 -92.00 -10.47
N TRP W 77 -14.22 -91.08 -10.93
CA TRP W 77 -13.93 -91.01 -12.36
C TRP W 77 -13.23 -92.28 -12.84
N LEU W 78 -12.30 -92.82 -12.07
CA LEU W 78 -11.73 -94.11 -12.40
C LEU W 78 -12.73 -95.22 -12.12
N ASP W 79 -12.75 -96.22 -13.00
CA ASP W 79 -13.67 -97.34 -12.84
C ASP W 79 -13.03 -98.69 -13.14
N GLY W 80 -11.72 -98.73 -13.38
CA GLY W 80 -11.03 -99.98 -13.63
C GLY W 80 -11.02 -100.44 -15.07
N SER W 81 -11.74 -99.76 -15.96
CA SER W 81 -11.76 -100.18 -17.36
C SER W 81 -10.40 -99.99 -18.01
N LEU W 82 -9.72 -98.89 -17.71
CA LEU W 82 -8.44 -98.63 -18.31
C LEU W 82 -7.41 -99.66 -17.82
N PRO W 83 -6.46 -100.03 -18.68
CA PRO W 83 -5.47 -101.03 -18.26
C PRO W 83 -4.53 -100.46 -17.20
N GLY W 84 -4.25 -101.28 -16.18
CA GLY W 84 -3.41 -100.84 -15.08
C GLY W 84 -4.09 -99.86 -14.14
N ASP W 85 -5.42 -99.84 -14.11
CA ASP W 85 -6.17 -98.90 -13.29
C ASP W 85 -6.38 -99.52 -11.91
N PHE W 86 -5.70 -98.96 -10.91
CA PHE W 86 -5.79 -99.42 -9.53
C PHE W 86 -6.36 -98.34 -8.60
N GLY W 87 -7.02 -97.34 -9.17
CA GLY W 87 -7.63 -96.30 -8.35
C GLY W 87 -6.65 -95.46 -7.58
N PHE W 88 -5.50 -95.14 -8.19
CA PHE W 88 -4.47 -94.34 -7.54
C PHE W 88 -4.54 -92.91 -8.09
N ASP W 89 -5.46 -92.13 -7.52
CA ASP W 89 -5.60 -90.71 -7.85
C ASP W 89 -5.74 -89.90 -6.56
N PRO W 90 -4.72 -89.95 -5.69
CA PRO W 90 -4.82 -89.20 -4.43
C PRO W 90 -4.98 -87.70 -4.62
N LEU W 91 -4.34 -87.13 -5.64
CA LEU W 91 -4.41 -85.71 -5.90
C LEU W 91 -5.59 -85.31 -6.78
N GLY W 92 -6.37 -86.28 -7.25
CA GLY W 92 -7.52 -85.95 -8.08
C GLY W 92 -7.16 -85.17 -9.33
N LEU W 93 -6.07 -85.55 -9.99
CA LEU W 93 -5.60 -84.81 -11.16
C LEU W 93 -6.34 -85.22 -12.43
N GLY W 94 -6.64 -86.52 -12.57
CA GLY W 94 -7.27 -87.02 -13.76
C GLY W 94 -8.79 -87.07 -13.66
N SER W 95 -9.38 -86.07 -13.01
CA SER W 95 -10.83 -86.05 -12.84
C SER W 95 -11.53 -85.80 -14.17
N ASP W 96 -11.15 -84.75 -14.87
CA ASP W 96 -11.80 -84.39 -16.12
C ASP W 96 -11.57 -85.49 -17.16
N PRO W 97 -12.63 -86.01 -17.80
CA PRO W 97 -12.42 -87.14 -18.73
C PRO W 97 -11.44 -86.85 -19.86
N GLU W 98 -11.51 -85.67 -20.48
CA GLU W 98 -10.60 -85.37 -21.57
C GLU W 98 -9.16 -85.30 -21.08
N LEU W 99 -8.95 -84.65 -19.93
CA LEU W 99 -7.61 -84.63 -19.35
C LEU W 99 -7.18 -86.03 -18.94
N LEU W 100 -8.12 -86.88 -18.51
CA LEU W 100 -7.76 -88.27 -18.21
C LEU W 100 -7.27 -88.99 -19.47
N LYS W 101 -7.94 -88.77 -20.60
CA LYS W 101 -7.49 -89.37 -21.85
C LYS W 101 -6.08 -88.90 -22.19
N TRP W 102 -5.86 -87.58 -22.15
CA TRP W 102 -4.53 -87.05 -22.43
C TRP W 102 -3.50 -87.65 -21.49
N PHE W 103 -3.88 -87.83 -20.22
CA PHE W 103 -2.93 -88.34 -19.24
C PHE W 103 -2.59 -89.79 -19.49
N VAL W 104 -3.57 -90.59 -19.95
CA VAL W 104 -3.26 -91.98 -20.24
C VAL W 104 -2.33 -92.08 -21.45
N GLN W 105 -2.54 -91.22 -22.45
CA GLN W 105 -1.58 -91.20 -23.56
C GLN W 105 -0.19 -90.81 -23.09
N ALA W 106 -0.11 -89.77 -22.24
CA ALA W 106 1.19 -89.36 -21.71
C ALA W 106 1.84 -90.47 -20.90
N GLU W 107 1.03 -91.20 -20.13
CA GLU W 107 1.54 -92.32 -19.36
C GLU W 107 2.13 -93.37 -20.28
N LEU W 108 1.42 -93.71 -21.35
CA LEU W 108 1.91 -94.75 -22.25
C LEU W 108 3.23 -94.33 -22.88
N VAL W 109 3.32 -93.08 -23.35
CA VAL W 109 4.53 -92.65 -24.03
C VAL W 109 5.71 -92.57 -23.05
N HIS W 110 5.50 -91.97 -21.87
CA HIS W 110 6.58 -92.00 -20.87
C HIS W 110 6.98 -93.42 -20.50
N CYS W 111 6.01 -94.33 -20.36
CA CYS W 111 6.35 -95.67 -19.93
C CYS W 111 7.20 -96.38 -20.97
N ARG W 112 6.85 -96.24 -22.25
CA ARG W 112 7.65 -96.88 -23.29
C ARG W 112 9.03 -96.25 -23.41
N TRP W 113 9.10 -94.91 -23.39
CA TRP W 113 10.41 -94.26 -23.44
C TRP W 113 11.26 -94.65 -22.25
N ALA W 114 10.65 -94.84 -21.08
CA ALA W 114 11.39 -95.26 -19.90
C ALA W 114 11.84 -96.71 -20.02
N MET W 115 11.02 -97.57 -20.63
CA MET W 115 11.47 -98.92 -20.91
C MET W 115 12.76 -98.89 -21.75
N LEU W 116 12.73 -98.13 -22.84
CA LEU W 116 13.92 -98.04 -23.69
C LEU W 116 15.09 -97.45 -22.93
N GLY W 117 14.84 -96.40 -22.14
CA GLY W 117 15.93 -95.76 -21.41
C GLY W 117 16.54 -96.67 -20.36
N ALA W 118 15.71 -97.40 -19.62
CA ALA W 118 16.23 -98.35 -18.65
C ALA W 118 17.04 -99.43 -19.33
N ALA W 119 16.55 -99.96 -20.46
CA ALA W 119 17.32 -100.94 -21.19
C ALA W 119 18.68 -100.39 -21.57
N GLY W 120 18.71 -99.24 -22.24
CA GLY W 120 19.96 -98.66 -22.70
C GLY W 120 20.84 -98.12 -21.61
N ILE W 121 20.33 -97.97 -20.39
CA ILE W 121 21.13 -97.50 -19.26
C ILE W 121 21.74 -98.67 -18.51
N PHE W 122 21.01 -99.77 -18.36
CA PHE W 122 21.44 -100.87 -17.51
C PHE W 122 22.06 -102.01 -18.30
N ILE W 123 21.42 -102.46 -19.38
CA ILE W 123 21.93 -103.63 -20.11
C ILE W 123 23.37 -103.42 -20.55
N PRO W 124 23.72 -102.33 -21.26
CA PRO W 124 25.15 -102.07 -21.53
C PRO W 124 25.99 -102.03 -20.27
N GLU W 125 25.48 -101.42 -19.20
CA GLU W 125 26.23 -101.33 -17.95
C GLU W 125 26.17 -102.63 -17.16
N ALA W 126 25.18 -103.48 -17.42
CA ALA W 126 25.22 -104.85 -16.91
C ALA W 126 26.25 -105.67 -17.66
N LEU W 127 26.47 -105.35 -18.94
CA LEU W 127 27.37 -106.10 -19.81
C LEU W 127 28.76 -105.48 -19.91
N THR W 128 29.06 -104.44 -19.12
CA THR W 128 30.42 -103.91 -19.08
C THR W 128 31.24 -104.53 -17.96
N LYS W 129 30.65 -104.67 -16.77
CA LYS W 129 31.32 -105.37 -15.67
C LYS W 129 31.53 -106.84 -15.98
N ALA W 130 30.86 -107.37 -17.00
CA ALA W 130 31.04 -108.73 -17.48
C ALA W 130 30.84 -108.71 -18.99
N GLY W 131 30.63 -109.88 -19.58
CA GLY W 131 30.35 -109.93 -21.00
C GLY W 131 31.48 -109.33 -21.82
N ILE W 132 31.10 -108.53 -22.82
CA ILE W 132 32.06 -107.98 -23.78
C ILE W 132 31.92 -106.46 -23.88
N LEU W 133 30.70 -105.97 -24.08
CA LEU W 133 30.49 -104.55 -24.40
C LEU W 133 30.98 -103.65 -23.28
N ASN W 134 32.08 -102.93 -23.54
CA ASN W 134 32.69 -102.04 -22.54
C ASN W 134 32.28 -100.59 -22.82
N THR W 135 31.00 -100.29 -22.57
CA THR W 135 30.57 -98.88 -22.64
C THR W 135 31.05 -98.27 -21.33
N PRO W 136 31.89 -97.21 -21.33
CA PRO W 136 32.47 -96.71 -20.06
C PRO W 136 31.40 -96.28 -19.06
N SER W 137 30.40 -95.50 -19.51
CA SER W 137 29.29 -95.09 -18.61
C SER W 137 28.13 -94.55 -19.45
N TRP W 138 26.95 -94.40 -18.86
CA TRP W 138 25.81 -93.78 -19.59
C TRP W 138 25.73 -92.29 -19.21
N THR W 139 26.29 -91.92 -18.05
CA THR W 139 26.26 -90.53 -17.58
C THR W 139 27.24 -89.66 -18.37
N VAL W 140 28.41 -90.20 -18.70
CA VAL W 140 29.38 -89.48 -19.53
C VAL W 140 29.35 -89.94 -20.98
N ALA W 141 28.34 -90.74 -21.36
CA ALA W 141 28.25 -91.19 -22.75
C ALA W 141 27.96 -90.04 -23.71
N GLY W 142 27.29 -88.99 -23.23
CA GLY W 142 26.94 -87.89 -24.12
C GLY W 142 28.16 -87.13 -24.61
N ASP W 143 29.12 -86.87 -23.72
CA ASP W 143 30.30 -86.07 -24.06
C ASP W 143 31.35 -86.97 -24.70
N GLN W 144 31.05 -87.40 -25.92
CA GLN W 144 31.95 -88.24 -26.70
C GLN W 144 31.96 -87.72 -28.13
N GLN W 145 32.58 -88.49 -29.02
CA GLN W 145 32.62 -88.18 -30.45
C GLN W 145 31.92 -89.28 -31.23
N TYR W 146 31.21 -88.89 -32.28
CA TYR W 146 30.42 -89.81 -33.07
C TYR W 146 30.50 -89.40 -34.53
N PHE W 147 29.67 -90.03 -35.37
CA PHE W 147 29.62 -89.66 -36.78
C PHE W 147 29.35 -88.17 -36.96
N THR W 148 28.54 -87.60 -36.08
CA THR W 148 28.08 -86.22 -36.22
C THR W 148 28.14 -85.53 -34.87
N ASP W 149 28.24 -84.20 -34.91
CA ASP W 149 28.39 -83.40 -33.70
C ASP W 149 27.08 -83.40 -32.90
N ALA W 150 27.15 -82.86 -31.67
CA ALA W 150 26.03 -82.95 -30.74
C ALA W 150 24.94 -81.93 -31.06
N THR W 151 25.31 -80.66 -31.22
CA THR W 151 24.31 -79.61 -31.41
C THR W 151 23.62 -79.68 -32.76
N THR W 152 24.07 -80.53 -33.66
CA THR W 152 23.37 -80.79 -34.91
C THR W 152 22.77 -82.17 -34.96
N LEU W 153 23.32 -83.15 -34.24
CA LEU W 153 22.60 -84.39 -34.01
C LEU W 153 21.28 -84.13 -33.32
N PHE W 154 21.26 -83.17 -32.39
CA PHE W 154 20.01 -82.80 -31.74
C PHE W 154 18.99 -82.31 -32.75
N VAL W 155 19.40 -81.43 -33.67
CA VAL W 155 18.45 -80.90 -34.65
C VAL W 155 18.03 -82.00 -35.62
N ILE W 156 18.94 -82.91 -35.97
CA ILE W 156 18.57 -84.04 -36.82
C ILE W 156 17.50 -84.88 -36.14
N GLU W 157 17.69 -85.16 -34.85
CA GLU W 157 16.69 -85.91 -34.10
C GLU W 157 15.36 -85.18 -34.06
N ILE W 158 15.40 -83.86 -33.84
CA ILE W 158 14.17 -83.08 -33.77
C ILE W 158 13.43 -83.15 -35.10
N ILE W 159 14.15 -83.01 -36.22
CA ILE W 159 13.52 -83.08 -37.53
C ILE W 159 12.93 -84.46 -37.76
N LEU W 160 13.69 -85.52 -37.43
CA LEU W 160 13.22 -86.87 -37.68
C LEU W 160 12.02 -87.22 -36.80
N PHE W 161 11.92 -86.62 -35.62
CA PHE W 161 10.83 -86.93 -34.69
C PHE W 161 9.62 -86.03 -34.87
N ALA W 162 9.77 -84.87 -35.51
CA ALA W 162 8.64 -83.99 -35.70
C ALA W 162 7.52 -84.69 -36.45
N TRP W 163 7.87 -85.42 -37.51
CA TRP W 163 6.87 -86.13 -38.30
C TRP W 163 6.06 -87.08 -37.42
N ALA W 164 6.73 -88.03 -36.78
CA ALA W 164 6.02 -89.06 -36.02
C ALA W 164 5.23 -88.45 -34.87
N GLU W 165 5.84 -87.49 -34.16
CA GLU W 165 5.14 -86.88 -33.02
C GLU W 165 3.90 -86.12 -33.49
N GLY W 166 3.99 -85.44 -34.64
CA GLY W 166 2.82 -84.78 -35.17
C GLY W 166 1.73 -85.76 -35.58
N ARG W 167 2.12 -86.90 -36.17
CA ARG W 167 1.11 -87.88 -36.53
C ARG W 167 0.40 -88.41 -35.29
N ARG W 168 1.17 -88.68 -34.22
CA ARG W 168 0.56 -89.14 -32.99
C ARG W 168 -0.34 -88.07 -32.37
N TRP W 169 0.09 -86.80 -32.43
CA TRP W 169 -0.74 -85.71 -31.95
C TRP W 169 -2.07 -85.65 -32.69
N ALA W 170 -2.01 -85.74 -34.02
CA ALA W 170 -3.23 -85.72 -34.82
C ALA W 170 -4.12 -86.90 -34.47
N ASP W 171 -3.52 -88.07 -34.25
CA ASP W 171 -4.31 -89.22 -33.82
C ASP W 171 -5.02 -88.94 -32.50
N ILE W 172 -4.30 -88.33 -31.55
CA ILE W 172 -4.91 -88.06 -30.24
C ILE W 172 -6.07 -87.09 -30.39
N ILE W 173 -5.85 -86.00 -31.14
CA ILE W 173 -6.92 -85.02 -31.33
C ILE W 173 -8.04 -85.61 -32.18
N ASN W 174 -7.68 -86.24 -33.30
CA ASN W 174 -8.65 -86.81 -34.24
C ASN W 174 -8.25 -88.25 -34.52
N PRO W 175 -8.76 -89.22 -33.75
CA PRO W 175 -8.40 -90.61 -34.01
C PRO W 175 -8.84 -91.06 -35.39
N GLY W 176 -7.95 -91.79 -36.07
CA GLY W 176 -8.24 -92.42 -37.33
C GLY W 176 -7.80 -91.64 -38.56
N CYS W 177 -7.51 -90.34 -38.40
CA CYS W 177 -7.15 -89.53 -39.57
C CYS W 177 -5.75 -89.83 -40.06
N VAL W 178 -4.90 -90.43 -39.24
CA VAL W 178 -3.48 -90.61 -39.56
C VAL W 178 -3.14 -92.09 -39.65
N ASN W 179 -4.10 -92.91 -40.07
CA ASN W 179 -3.91 -94.35 -40.16
C ASN W 179 -3.51 -94.82 -41.55
N VAL W 180 -3.34 -93.91 -42.52
CA VAL W 180 -3.06 -94.27 -43.90
C VAL W 180 -1.67 -93.79 -44.27
N ASP W 181 -0.96 -94.59 -45.06
CA ASP W 181 0.35 -94.21 -45.56
C ASP W 181 0.22 -93.09 -46.58
N PRO W 182 0.86 -91.93 -46.37
CA PRO W 182 0.65 -90.82 -47.32
C PRO W 182 1.08 -91.15 -48.75
N VAL W 183 2.13 -91.93 -48.92
CA VAL W 183 2.65 -92.21 -50.26
C VAL W 183 1.73 -93.18 -50.99
N PHE W 184 1.56 -94.37 -50.43
CA PHE W 184 0.74 -95.42 -51.04
C PHE W 184 -0.56 -95.55 -50.25
N PRO W 185 -1.73 -95.18 -50.82
CA PRO W 185 -2.99 -95.21 -50.07
C PRO W 185 -3.59 -96.60 -49.92
N ASN W 186 -2.76 -97.57 -49.53
CA ASN W 186 -3.23 -98.93 -49.30
C ASN W 186 -2.70 -99.48 -47.99
N ASN W 187 -1.56 -98.96 -47.53
CA ASN W 187 -0.88 -99.46 -46.34
C ASN W 187 -1.51 -98.81 -45.10
N LYS W 188 -2.67 -99.32 -44.71
CA LYS W 188 -3.35 -98.85 -43.53
C LYS W 188 -2.66 -99.40 -42.28
N LEU W 189 -3.19 -99.02 -41.11
CA LEU W 189 -2.61 -99.41 -39.83
C LEU W 189 -3.45 -100.38 -39.05
N THR W 190 -4.77 -100.41 -39.28
CA THR W 190 -5.67 -101.38 -38.64
C THR W 190 -5.58 -101.27 -37.11
N GLY W 191 -5.97 -100.11 -36.61
CA GLY W 191 -6.02 -99.89 -35.18
C GLY W 191 -7.06 -98.85 -34.79
N THR W 192 -7.93 -99.20 -33.84
CA THR W 192 -8.99 -98.31 -33.39
C THR W 192 -8.85 -97.88 -31.94
N ASP W 193 -7.78 -98.27 -31.26
CA ASP W 193 -7.53 -97.89 -29.88
C ASP W 193 -6.35 -96.92 -29.82
N VAL W 194 -6.60 -95.75 -29.24
CA VAL W 194 -5.60 -94.70 -29.24
C VAL W 194 -4.39 -95.15 -28.42
N GLY W 195 -3.20 -94.76 -28.87
CA GLY W 195 -1.97 -95.17 -28.25
C GLY W 195 -1.44 -96.51 -28.71
N TYR W 196 -2.18 -97.23 -29.55
CA TYR W 196 -1.77 -98.53 -30.08
C TYR W 196 -2.15 -98.60 -31.55
N PRO W 197 -1.34 -98.02 -32.42
CA PRO W 197 -1.63 -98.07 -33.86
C PRO W 197 -1.72 -99.50 -34.39
N GLY W 198 -0.64 -100.27 -34.23
CA GLY W 198 -0.59 -101.60 -34.80
C GLY W 198 -0.01 -101.56 -36.21
N GLY W 199 -0.64 -102.27 -37.12
CA GLY W 199 -0.23 -102.25 -38.51
C GLY W 199 0.87 -103.28 -38.78
N LEU W 200 1.97 -102.83 -39.36
CA LEU W 200 3.10 -103.70 -39.65
C LEU W 200 4.45 -103.11 -39.23
N TRP W 201 4.46 -101.89 -38.68
CA TRP W 201 5.67 -101.33 -38.09
C TRP W 201 5.67 -101.38 -36.57
N PHE W 202 4.49 -101.49 -35.94
CA PHE W 202 4.36 -101.43 -34.50
C PHE W 202 3.96 -102.76 -33.88
N ASP W 203 3.25 -103.62 -34.63
CA ASP W 203 2.91 -104.96 -34.15
C ASP W 203 3.20 -106.03 -35.21
N PRO W 204 4.41 -106.04 -35.78
CA PRO W 204 4.66 -106.90 -36.94
C PRO W 204 4.38 -108.38 -36.68
N LEU W 205 4.68 -108.86 -35.48
CA LEU W 205 4.58 -110.30 -35.19
C LEU W 205 3.21 -110.69 -34.66
N GLY W 206 2.17 -110.29 -35.37
CA GLY W 206 0.83 -110.78 -35.10
C GLY W 206 0.17 -110.23 -33.85
N TRP W 207 0.80 -110.45 -32.69
CA TRP W 207 0.15 -110.14 -31.42
C TRP W 207 -0.16 -108.65 -31.32
N GLY W 208 -1.23 -108.34 -30.60
CA GLY W 208 -1.66 -106.97 -30.41
C GLY W 208 -3.17 -106.82 -30.41
N GLN W 209 -3.86 -107.80 -31.00
CA GLN W 209 -5.32 -107.78 -31.07
C GLN W 209 -5.85 -109.16 -30.70
N THR W 210 -7.02 -109.18 -30.06
CA THR W 210 -7.64 -110.43 -29.65
C THR W 210 -9.14 -110.47 -29.96
N GLY W 211 -9.60 -109.69 -30.93
CA GLY W 211 -11.01 -109.65 -31.24
C GLY W 211 -11.83 -108.97 -30.17
N ASP W 212 -12.61 -109.76 -29.43
CA ASP W 212 -13.45 -109.26 -28.34
C ASP W 212 -13.19 -110.16 -27.12
N ALA W 213 -12.21 -109.78 -26.32
CA ALA W 213 -11.84 -110.57 -25.14
C ALA W 213 -11.13 -109.65 -24.16
N ALA W 214 -10.56 -110.24 -23.11
CA ALA W 214 -9.85 -109.50 -22.07
C ALA W 214 -8.38 -109.91 -21.93
N LYS W 215 -7.92 -110.91 -22.69
CA LYS W 215 -6.50 -111.21 -22.71
C LYS W 215 -5.69 -109.99 -23.11
N LEU W 216 -6.18 -109.23 -24.09
CA LEU W 216 -5.51 -108.01 -24.48
C LEU W 216 -5.40 -107.06 -23.30
N LYS W 217 -6.46 -106.95 -22.50
CA LYS W 217 -6.41 -106.08 -21.32
C LYS W 217 -5.32 -106.53 -20.36
N ASP W 218 -5.17 -107.84 -20.15
CA ASP W 218 -4.12 -108.34 -19.28
C ASP W 218 -2.74 -107.97 -19.82
N LEU W 219 -2.53 -108.15 -21.13
CA LEU W 219 -1.24 -107.80 -21.72
C LEU W 219 -0.98 -106.31 -21.62
N ARG W 220 -2.03 -105.50 -21.78
CA ARG W 220 -1.95 -104.06 -21.58
C ARG W 220 -1.50 -103.72 -20.17
N THR W 221 -2.10 -104.38 -19.17
CA THR W 221 -1.70 -104.14 -17.79
C THR W 221 -0.25 -104.54 -17.57
N ARG W 222 0.16 -105.67 -18.13
CA ARG W 222 1.56 -106.09 -18.03
C ARG W 222 2.49 -105.00 -18.57
N GLU W 223 2.16 -104.48 -19.75
CA GLU W 223 2.99 -103.45 -20.36
C GLU W 223 3.04 -102.20 -19.47
N ILE W 224 1.88 -101.74 -18.99
CA ILE W 224 1.84 -100.56 -18.15
C ILE W 224 2.71 -100.76 -16.92
N LYS W 225 2.68 -101.96 -16.35
CA LYS W 225 3.34 -102.18 -15.07
C LYS W 225 4.85 -102.28 -15.24
N ASN W 226 5.28 -103.06 -16.25
CA ASN W 226 6.70 -103.07 -16.61
C ASN W 226 7.17 -101.65 -16.89
N GLY W 227 6.34 -100.83 -17.52
CA GLY W 227 6.75 -99.48 -17.87
C GLY W 227 6.89 -98.55 -16.68
N ARG W 228 5.95 -98.63 -15.73
CA ARG W 228 6.11 -97.84 -14.52
C ARG W 228 7.35 -98.26 -13.75
N LEU W 229 7.62 -99.57 -13.71
CA LEU W 229 8.87 -100.03 -13.09
C LEU W 229 10.07 -99.42 -13.80
N ALA W 230 10.05 -99.39 -15.13
CA ALA W 230 11.17 -98.82 -15.87
C ALA W 230 11.31 -97.32 -15.59
N MET W 231 10.19 -96.60 -15.51
CA MET W 231 10.25 -95.18 -15.18
C MET W 231 10.94 -94.96 -13.84
N LEU W 232 10.48 -95.68 -12.82
CA LEU W 232 11.08 -95.54 -11.49
C LEU W 232 12.56 -95.90 -11.52
N ALA W 233 12.90 -96.95 -12.28
CA ALA W 233 14.29 -97.39 -12.34
C ALA W 233 15.18 -96.33 -12.97
N VAL W 234 14.71 -95.69 -14.05
CA VAL W 234 15.54 -94.69 -14.72
C VAL W 234 15.66 -93.44 -13.87
N LEU W 235 14.58 -93.06 -13.17
CA LEU W 235 14.71 -91.94 -12.24
C LEU W 235 15.73 -92.26 -11.16
N GLY W 236 15.70 -93.49 -10.64
CA GLY W 236 16.71 -93.90 -9.69
C GLY W 236 18.11 -93.85 -10.27
N ALA W 237 18.26 -94.32 -11.51
CA ALA W 237 19.55 -94.25 -12.17
C ALA W 237 20.07 -92.82 -12.18
N VAL W 238 19.22 -91.87 -12.57
CA VAL W 238 19.65 -90.48 -12.69
C VAL W 238 20.06 -89.93 -11.33
N VAL W 239 19.18 -90.06 -10.34
CA VAL W 239 19.43 -89.41 -9.05
C VAL W 239 20.60 -90.09 -8.33
N GLN W 240 20.66 -91.42 -8.41
CA GLN W 240 21.69 -92.19 -7.74
C GLN W 240 23.05 -92.04 -8.42
N ALA W 241 23.07 -91.79 -9.74
CA ALA W 241 24.32 -91.39 -10.38
C ALA W 241 24.72 -89.98 -9.96
N ASN W 242 23.76 -89.07 -9.83
CA ASN W 242 24.08 -87.71 -9.43
C ASN W 242 24.68 -87.66 -8.03
N TYR W 243 24.16 -88.47 -7.11
CA TYR W 243 24.62 -88.43 -5.72
C TYR W 243 25.80 -89.38 -5.48
N THR W 244 25.64 -90.66 -5.80
CA THR W 244 26.70 -91.63 -5.54
C THR W 244 27.93 -91.41 -6.41
N HIS W 245 27.85 -90.57 -7.44
CA HIS W 245 28.98 -90.30 -8.33
C HIS W 245 29.53 -91.59 -8.92
N THR W 246 28.65 -92.56 -9.19
CA THR W 246 29.08 -93.88 -9.62
C THR W 246 27.95 -94.53 -10.42
N GLY W 247 28.30 -95.57 -11.15
CA GLY W 247 27.34 -96.26 -11.99
C GLY W 247 26.35 -97.09 -11.19
N PRO W 248 25.29 -97.55 -11.85
CA PRO W 248 24.24 -98.29 -11.14
C PRO W 248 24.60 -99.73 -10.79
N ILE W 249 25.22 -100.45 -11.72
CA ILE W 249 25.40 -101.88 -11.54
C ILE W 249 26.44 -102.17 -10.46
N ASP W 250 27.55 -101.43 -10.46
CA ASP W 250 28.52 -101.62 -9.39
C ASP W 250 27.95 -101.20 -8.04
N ASN W 251 27.06 -100.21 -8.03
CA ASN W 251 26.36 -99.86 -6.79
C ASN W 251 25.48 -101.01 -6.32
N LEU W 252 24.79 -101.68 -7.24
CA LEU W 252 24.02 -102.86 -6.88
C LEU W 252 24.92 -103.93 -6.28
N LEU W 253 26.06 -104.19 -6.92
CA LEU W 253 26.97 -105.21 -6.42
C LEU W 253 27.47 -104.85 -5.02
N ALA W 254 27.81 -103.58 -4.79
CA ALA W 254 28.26 -103.16 -3.48
C ALA W 254 27.15 -103.30 -2.45
N HIS W 255 25.91 -102.95 -2.81
CA HIS W 255 24.79 -103.13 -1.90
C HIS W 255 24.63 -104.60 -1.53
N LEU W 256 24.75 -105.50 -2.51
CA LEU W 256 24.67 -106.92 -2.20
C LEU W 256 25.81 -107.34 -1.29
N ALA W 257 27.00 -106.77 -1.49
CA ALA W 257 28.14 -107.13 -0.65
C ALA W 257 27.88 -106.79 0.81
N ASP W 258 27.43 -105.57 1.09
CA ASP W 258 27.14 -105.11 2.44
C ASP W 258 25.76 -104.46 2.44
N PRO W 259 24.69 -105.24 2.55
CA PRO W 259 23.34 -104.63 2.55
C PRO W 259 23.13 -103.62 3.66
N GLY W 260 23.74 -103.84 4.82
CA GLY W 260 23.48 -102.98 5.96
C GLY W 260 24.13 -101.61 5.89
N HIS W 261 25.47 -101.56 5.90
CA HIS W 261 26.16 -100.28 5.99
C HIS W 261 26.15 -99.53 4.66
N ASN W 262 26.25 -100.24 3.54
CA ASN W 262 26.21 -99.58 2.24
C ASN W 262 24.75 -99.26 1.91
N THR W 263 24.39 -97.99 2.09
CA THR W 263 23.00 -97.57 1.97
C THR W 263 22.96 -96.11 1.54
N ILE W 264 21.82 -95.48 1.72
CA ILE W 264 21.60 -94.09 1.34
C ILE W 264 22.07 -93.16 2.44
N PHE W 265 22.77 -93.70 3.43
CA PHE W 265 23.19 -92.93 4.59
C PHE W 265 24.69 -92.94 4.83
N ALA W 266 25.46 -93.77 4.12
CA ALA W 266 26.89 -93.92 4.36
C ALA W 266 27.74 -93.10 3.41
N LEU W 267 27.25 -91.93 3.01
CA LEU W 267 27.95 -91.03 2.09
C LEU W 267 28.98 -90.20 2.83
N ARG X 103 -19.36 -102.08 39.09
CA ARG X 103 -19.78 -101.31 40.30
C ARG X 103 -18.60 -100.66 40.98
N SER X 104 -17.42 -101.25 40.84
CA SER X 104 -16.23 -100.69 41.46
C SER X 104 -15.91 -99.33 40.84
N LEU X 105 -15.65 -98.35 41.71
CA LEU X 105 -15.35 -96.99 41.28
C LEU X 105 -14.07 -96.50 41.96
N ILE X 106 -13.57 -95.38 41.46
CA ILE X 106 -12.38 -94.72 41.97
C ILE X 106 -12.71 -93.23 42.06
N PHE X 107 -11.75 -92.44 42.56
CA PHE X 107 -11.95 -91.00 42.67
C PHE X 107 -12.46 -90.43 41.36
N ALA X 108 -13.69 -89.92 41.37
CA ALA X 108 -14.36 -89.43 40.17
C ALA X 108 -14.88 -88.02 40.41
N SER X 109 -14.85 -87.21 39.36
CA SER X 109 -15.35 -85.85 39.42
C SER X 109 -16.88 -85.88 39.33
N LYS X 110 -17.51 -84.71 39.23
CA LYS X 110 -18.96 -84.65 39.17
C LYS X 110 -19.50 -85.35 37.94
N GLN X 111 -19.10 -84.89 36.75
CA GLN X 111 -19.61 -85.46 35.52
C GLN X 111 -19.25 -86.93 35.41
N SER X 112 -17.94 -87.22 35.28
CA SER X 112 -17.40 -88.58 35.22
C SER X 112 -18.44 -89.63 34.86
N LEU X 113 -19.27 -89.99 35.84
CA LEU X 113 -20.27 -91.04 35.62
C LEU X 113 -21.24 -90.70 34.51
N SER X 114 -21.43 -89.42 34.19
CA SER X 114 -22.38 -89.05 33.16
C SER X 114 -22.04 -89.70 31.82
N TYR X 115 -20.77 -89.64 31.43
CA TYR X 115 -20.31 -90.25 30.18
C TYR X 115 -19.60 -91.58 30.41
N LEU X 116 -18.75 -91.69 31.43
CA LEU X 116 -18.15 -92.97 31.76
C LEU X 116 -19.15 -93.84 32.51
N ASP X 117 -19.21 -95.12 32.13
CA ASP X 117 -20.08 -96.07 32.82
C ASP X 117 -19.50 -97.46 32.65
N GLY X 118 -19.93 -98.38 33.51
CA GLY X 118 -19.37 -99.71 33.52
C GLY X 118 -19.81 -100.54 32.33
N THR X 119 -19.39 -100.13 31.13
CA THR X 119 -19.75 -100.81 29.90
C THR X 119 -18.56 -101.28 29.09
N LEU X 120 -17.39 -100.67 29.23
CA LEU X 120 -16.17 -101.07 28.55
C LEU X 120 -15.15 -101.62 29.54
N PRO X 121 -14.23 -102.47 29.09
CA PRO X 121 -13.25 -103.04 30.02
C PRO X 121 -12.41 -101.95 30.68
N GLY X 122 -12.10 -102.16 31.96
CA GLY X 122 -11.25 -101.23 32.68
C GLY X 122 -11.90 -99.91 33.02
N ASP X 123 -13.23 -99.87 33.07
CA ASP X 123 -13.96 -98.63 33.33
C ASP X 123 -14.00 -98.37 34.84
N TYR X 124 -13.47 -97.21 35.26
CA TYR X 124 -13.45 -96.85 36.66
C TYR X 124 -13.90 -95.42 36.95
N GLY X 125 -14.04 -94.56 35.94
CA GLY X 125 -14.63 -93.24 36.13
C GLY X 125 -13.67 -92.11 36.46
N PHE X 126 -12.37 -92.36 36.46
CA PHE X 126 -11.39 -91.33 36.84
C PHE X 126 -11.16 -90.37 35.67
N ASP X 127 -11.74 -89.17 35.77
CA ASP X 127 -11.47 -88.09 34.82
C ASP X 127 -11.48 -86.75 35.53
N PRO X 128 -10.38 -86.40 36.21
CA PRO X 128 -10.27 -85.04 36.74
C PRO X 128 -10.63 -83.98 35.72
N LEU X 129 -10.00 -84.02 34.55
CA LEU X 129 -10.18 -82.99 33.53
C LEU X 129 -11.33 -83.30 32.56
N GLY X 130 -11.80 -84.54 32.51
CA GLY X 130 -12.94 -84.87 31.68
C GLY X 130 -12.74 -84.67 30.20
N LEU X 131 -11.61 -85.16 29.67
CA LEU X 131 -11.33 -85.02 28.24
C LEU X 131 -12.24 -85.89 27.38
N MET X 132 -12.88 -86.91 27.96
CA MET X 132 -13.77 -87.81 27.24
C MET X 132 -15.19 -87.29 27.16
N ASP X 133 -15.41 -86.00 27.41
CA ASP X 133 -16.75 -85.46 27.39
C ASP X 133 -17.36 -85.66 25.99
N PRO X 134 -18.58 -86.22 25.89
CA PRO X 134 -19.16 -86.47 24.55
C PRO X 134 -19.21 -85.21 23.70
N GLU X 135 -19.94 -84.19 24.13
CA GLU X 135 -19.86 -82.89 23.47
C GLU X 135 -18.91 -81.97 24.21
N GLY X 136 -19.29 -81.59 25.42
CA GLY X 136 -18.39 -80.97 26.39
C GLY X 136 -17.29 -80.11 25.78
N ALA X 137 -16.07 -80.41 26.18
CA ALA X 137 -14.86 -79.92 25.52
C ALA X 137 -13.99 -81.14 25.23
N GLY X 138 -13.93 -81.55 23.97
CA GLY X 138 -13.31 -82.80 23.61
C GLY X 138 -14.21 -83.66 22.73
N GLY X 139 -15.24 -83.04 22.15
CA GLY X 139 -16.08 -83.72 21.20
C GLY X 139 -15.48 -83.84 19.81
N PHE X 140 -14.37 -83.15 19.56
CA PHE X 140 -13.71 -83.24 18.26
C PHE X 140 -13.17 -84.65 18.04
N ILE X 141 -12.58 -85.25 19.07
CA ILE X 141 -12.06 -86.62 18.96
C ILE X 141 -13.23 -87.59 19.02
N ASP X 142 -13.19 -88.61 18.16
CA ASP X 142 -14.27 -89.57 18.12
C ASP X 142 -14.37 -90.30 19.46
N PRO X 143 -15.58 -90.57 19.96
CA PRO X 143 -15.70 -91.24 21.27
C PRO X 143 -15.04 -92.61 21.31
N GLN X 144 -14.90 -93.29 20.17
CA GLN X 144 -14.25 -94.58 20.13
C GLN X 144 -12.73 -94.47 20.07
N TRP X 145 -12.19 -93.28 19.82
CA TRP X 145 -10.75 -93.13 19.66
C TRP X 145 -10.03 -93.31 20.99
N LEU X 146 -10.52 -92.65 22.05
CA LEU X 146 -9.77 -92.63 23.30
C LEU X 146 -9.57 -94.02 23.88
N PRO X 147 -10.59 -94.86 24.02
CA PRO X 147 -10.33 -96.23 24.49
C PRO X 147 -9.36 -96.99 23.61
N TYR X 148 -9.45 -96.82 22.29
CA TYR X 148 -8.58 -97.54 21.38
C TYR X 148 -7.13 -97.09 21.57
N ALA X 149 -6.88 -95.79 21.57
CA ALA X 149 -5.52 -95.30 21.79
C ALA X 149 -5.01 -95.75 23.16
N GLU X 150 -5.88 -95.79 24.15
CA GLU X 150 -5.46 -96.14 25.50
C GLU X 150 -4.92 -97.57 25.54
N ILE X 151 -5.61 -98.48 24.86
CA ILE X 151 -5.14 -99.87 24.78
C ILE X 151 -3.78 -99.93 24.10
N ILE X 152 -3.65 -99.24 22.97
CA ILE X 152 -2.44 -99.38 22.14
C ILE X 152 -1.23 -98.80 22.86
N ASN X 153 -1.34 -97.58 23.40
CA ASN X 153 -0.23 -97.02 24.13
C ASN X 153 0.16 -97.91 25.29
N GLY X 154 -0.83 -98.51 25.96
CA GLY X 154 -0.53 -99.47 27.00
C GLY X 154 0.10 -100.73 26.44
N ARG X 155 -0.37 -101.19 25.28
CA ARG X 155 0.15 -102.41 24.71
C ARG X 155 1.64 -102.26 24.42
N PHE X 156 2.00 -101.15 23.78
CA PHE X 156 3.40 -100.87 23.52
C PHE X 156 4.17 -100.66 24.83
N ALA X 157 3.49 -100.13 25.85
CA ALA X 157 4.13 -99.95 27.14
C ALA X 157 4.52 -101.29 27.75
N MET X 158 3.69 -102.31 27.57
CA MET X 158 4.07 -103.65 28.02
C MET X 158 5.38 -104.08 27.37
N LEU X 159 5.46 -103.94 26.05
CA LEU X 159 6.70 -104.28 25.35
C LEU X 159 7.86 -103.42 25.82
N GLY X 160 7.62 -102.11 25.96
CA GLY X 160 8.69 -101.23 26.38
C GLY X 160 9.15 -101.49 27.80
N ALA X 161 8.20 -101.68 28.71
CA ALA X 161 8.56 -101.90 30.11
C ALA X 161 9.20 -103.27 30.31
N ALA X 162 8.86 -104.25 29.47
CA ALA X 162 9.47 -105.57 29.51
C ALA X 162 10.68 -105.67 28.59
N GLY X 163 11.05 -104.59 27.91
CA GLY X 163 12.15 -104.64 26.96
C GLY X 163 13.29 -103.73 27.34
N ALA X 164 13.00 -102.67 28.11
CA ALA X 164 14.03 -101.77 28.60
C ALA X 164 14.83 -102.38 29.74
N ILE X 165 14.30 -103.40 30.39
CA ILE X 165 14.93 -103.95 31.59
C ILE X 165 15.42 -105.38 31.39
N ALA X 166 14.94 -106.09 30.37
CA ALA X 166 15.42 -107.45 30.13
C ALA X 166 16.91 -107.50 29.80
N PRO X 167 17.44 -106.66 28.91
CA PRO X 167 18.87 -106.78 28.59
C PRO X 167 19.77 -106.63 29.80
N GLU X 168 19.44 -105.72 30.71
CA GLU X 168 20.31 -105.48 31.86
C GLU X 168 20.24 -106.64 32.85
N VAL X 169 19.03 -107.09 33.19
CA VAL X 169 18.91 -108.18 34.15
C VAL X 169 19.48 -109.46 33.58
N LEU X 170 19.15 -109.78 32.33
CA LEU X 170 19.62 -111.01 31.72
C LEU X 170 21.14 -111.02 31.58
N GLY X 171 21.76 -109.83 31.50
CA GLY X 171 23.20 -109.75 31.54
C GLY X 171 23.78 -109.81 32.94
N ARG X 172 22.98 -109.53 33.96
CA ARG X 172 23.47 -109.61 35.33
C ARG X 172 23.42 -111.05 35.85
N ILE X 173 22.24 -111.67 35.80
CA ILE X 173 22.17 -113.09 36.11
C ILE X 173 23.06 -113.88 35.16
N GLY X 174 23.06 -113.48 33.88
CA GLY X 174 23.99 -113.99 32.90
C GLY X 174 23.39 -114.97 31.92
N LEU X 175 22.95 -114.45 30.77
CA LEU X 175 22.64 -115.23 29.59
C LEU X 175 23.14 -114.57 28.32
N ILE X 176 23.82 -113.42 28.45
CA ILE X 176 24.18 -112.58 27.31
C ILE X 176 25.56 -112.00 27.57
N PRO X 177 26.41 -111.82 26.56
CA PRO X 177 27.71 -111.19 26.81
C PRO X 177 27.54 -109.76 27.30
N GLN X 178 28.44 -109.35 28.21
CA GLN X 178 28.34 -108.02 28.79
C GLN X 178 28.60 -106.92 27.77
N GLU X 179 29.20 -107.25 26.63
CA GLU X 179 29.44 -106.24 25.61
C GLU X 179 28.13 -105.66 25.10
N THR X 180 27.14 -106.51 24.83
CA THR X 180 25.84 -106.07 24.35
C THR X 180 24.83 -105.84 25.48
N ALA X 181 25.17 -106.21 26.72
CA ALA X 181 24.31 -105.98 27.88
C ALA X 181 24.50 -104.54 28.33
N ILE X 182 23.66 -103.65 27.81
CA ILE X 182 23.77 -102.21 28.07
C ILE X 182 22.41 -101.63 28.44
N PRO X 183 22.33 -100.49 29.14
CA PRO X 183 21.03 -99.93 29.46
C PRO X 183 20.36 -99.34 28.23
N TRP X 184 19.02 -99.21 28.32
CA TRP X 184 18.23 -98.88 27.14
C TRP X 184 18.65 -97.55 26.53
N PHE X 185 19.10 -96.59 27.34
CA PHE X 185 19.48 -95.28 26.82
C PHE X 185 20.90 -95.26 26.24
N GLN X 186 21.64 -96.36 26.34
CA GLN X 186 22.91 -96.53 25.63
C GLN X 186 22.75 -97.36 24.37
N SER X 187 21.53 -97.68 23.96
CA SER X 187 21.26 -98.65 22.91
C SER X 187 21.07 -98.00 21.53
N GLY X 188 21.32 -96.70 21.40
CA GLY X 188 21.25 -96.02 20.13
C GLY X 188 20.05 -95.11 19.95
N VAL X 189 19.03 -95.21 20.80
CA VAL X 189 17.92 -94.28 20.72
C VAL X 189 18.37 -92.85 20.98
N ILE X 190 19.41 -92.69 21.80
CA ILE X 190 20.00 -91.41 22.16
C ILE X 190 21.50 -91.49 21.84
N PRO X 191 21.91 -91.19 20.61
CA PRO X 191 23.33 -91.30 20.24
C PRO X 191 24.23 -90.49 21.16
N PRO X 192 23.92 -89.21 21.42
CA PRO X 192 24.87 -88.41 22.20
C PRO X 192 25.07 -88.89 23.62
N VAL X 193 24.15 -89.70 24.14
CA VAL X 193 24.36 -90.37 25.41
C VAL X 193 24.94 -91.77 25.21
N GLY X 194 24.80 -92.35 24.01
CA GLY X 194 25.34 -93.65 23.72
C GLY X 194 24.87 -94.19 22.38
N ASN X 195 25.77 -94.81 21.63
CA ASN X 195 25.43 -95.38 20.33
C ASN X 195 26.24 -96.66 20.14
N TYR X 196 25.57 -97.80 20.16
CA TYR X 196 26.21 -99.11 20.03
C TYR X 196 25.95 -99.64 18.63
N SER X 197 27.02 -99.99 17.92
CA SER X 197 26.89 -100.48 16.56
C SER X 197 26.11 -101.79 16.54
N TYR X 198 25.33 -101.98 15.47
CA TYR X 198 24.36 -103.06 15.40
C TYR X 198 24.47 -103.73 14.04
N TRP X 199 23.48 -104.58 13.73
CA TRP X 199 23.48 -105.30 12.46
C TRP X 199 23.64 -104.35 11.27
N ALA X 200 23.07 -103.16 11.38
CA ALA X 200 23.23 -102.13 10.36
C ALA X 200 23.26 -100.77 11.05
N ASP X 201 23.64 -99.75 10.30
CA ASP X 201 23.66 -98.41 10.86
C ASP X 201 22.24 -98.01 11.26
N PRO X 202 22.09 -97.14 12.27
CA PRO X 202 20.75 -96.91 12.83
C PRO X 202 19.82 -96.18 11.88
N TYR X 203 20.34 -95.50 10.86
CA TYR X 203 19.47 -94.84 9.89
C TYR X 203 18.90 -95.81 8.87
N THR X 204 19.53 -96.96 8.66
CA THR X 204 18.91 -98.00 7.85
C THR X 204 17.93 -98.82 8.69
N LEU X 205 18.28 -99.08 9.95
CA LEU X 205 17.35 -99.77 10.84
C LEU X 205 16.04 -99.00 10.95
N PHE X 206 16.12 -97.67 10.96
CA PHE X 206 14.92 -96.85 11.03
C PHE X 206 14.04 -97.06 9.81
N VAL X 207 14.65 -97.08 8.61
CA VAL X 207 13.85 -97.26 7.40
C VAL X 207 13.23 -98.65 7.38
N LEU X 208 14.00 -99.68 7.76
CA LEU X 208 13.43 -101.01 7.85
C LEU X 208 12.32 -101.06 8.90
N GLU X 209 12.50 -100.33 10.00
CA GLU X 209 11.43 -100.18 10.99
C GLU X 209 10.20 -99.53 10.38
N MET X 210 10.37 -98.36 9.75
CA MET X 210 9.22 -97.61 9.25
C MET X 210 8.49 -98.40 8.17
N ALA X 211 9.23 -99.12 7.33
CA ALA X 211 8.57 -99.93 6.31
C ALA X 211 7.74 -101.03 6.95
N LEU X 212 8.36 -101.83 7.83
CA LEU X 212 7.63 -102.94 8.44
C LEU X 212 6.50 -102.43 9.31
N MET X 213 6.76 -101.38 10.11
CA MET X 213 5.70 -100.82 10.93
C MET X 213 4.57 -100.30 10.06
N GLY X 214 4.92 -99.68 8.92
CA GLY X 214 3.89 -99.16 8.05
C GLY X 214 2.97 -100.23 7.51
N PHE X 215 3.56 -101.34 7.05
CA PHE X 215 2.73 -102.44 6.58
C PHE X 215 1.85 -102.98 7.71
N ALA X 216 2.33 -102.93 8.96
CA ALA X 216 1.56 -103.44 10.09
C ALA X 216 0.65 -102.40 10.76
N GLU X 217 0.87 -101.10 10.48
CA GLU X 217 0.16 -99.98 11.08
C GLU X 217 -0.92 -99.37 10.19
N HIS X 218 -0.70 -99.27 8.87
CA HIS X 218 -1.76 -98.77 7.98
C HIS X 218 -2.95 -99.71 7.96
N ARG X 219 -2.70 -101.02 7.93
CA ARG X 219 -3.80 -101.98 7.95
C ARG X 219 -4.62 -101.85 9.22
N ARG X 220 -3.93 -101.73 10.36
CA ARG X 220 -4.62 -101.49 11.61
C ARG X 220 -5.44 -100.21 11.57
N ALA X 221 -4.92 -99.18 10.91
CA ALA X 221 -5.62 -97.90 10.85
C ALA X 221 -6.99 -98.06 10.20
N GLN X 222 -7.04 -98.73 9.04
CA GLN X 222 -8.25 -98.77 8.24
C GLN X 222 -9.18 -99.93 8.61
N ASP X 223 -8.76 -100.81 9.51
CA ASP X 223 -9.72 -101.65 10.20
C ASP X 223 -10.55 -100.80 11.15
N TYR X 224 -9.90 -99.91 11.88
CA TYR X 224 -10.61 -99.00 12.78
C TYR X 224 -11.56 -98.09 12.00
N TYR X 225 -11.09 -97.54 10.89
CA TYR X 225 -11.93 -96.65 10.11
C TYR X 225 -13.03 -97.42 9.37
N LYS X 226 -12.65 -98.53 8.73
CA LYS X 226 -13.58 -99.35 7.96
C LYS X 226 -13.45 -100.79 8.45
N PRO X 227 -14.28 -101.20 9.41
CA PRO X 227 -14.15 -102.55 9.97
C PRO X 227 -14.29 -103.62 8.89
N GLY X 228 -13.48 -104.67 9.02
CA GLY X 228 -13.53 -105.79 8.10
C GLY X 228 -13.08 -105.47 6.69
N SER X 229 -12.35 -104.38 6.50
CA SER X 229 -11.89 -104.00 5.16
C SER X 229 -10.63 -104.73 4.73
N MET X 230 -9.93 -105.39 5.65
CA MET X 230 -8.72 -106.13 5.32
C MET X 230 -8.98 -107.59 5.01
N GLY X 231 -10.24 -108.04 5.09
CA GLY X 231 -10.58 -109.41 4.75
C GLY X 231 -11.09 -109.53 3.33
N LYS X 232 -10.80 -108.53 2.50
CA LYS X 232 -11.31 -108.48 1.13
C LYS X 232 -10.21 -108.66 0.10
N GLN X 233 -9.15 -107.87 0.17
CA GLN X 233 -8.10 -107.91 -0.84
C GLN X 233 -7.06 -108.99 -0.52
N TYR X 234 -6.51 -109.58 -1.57
CA TYR X 234 -5.49 -110.61 -1.41
C TYR X 234 -4.20 -110.01 -0.87
N PHE X 235 -3.68 -110.59 0.22
CA PHE X 235 -2.36 -110.24 0.74
C PHE X 235 -1.66 -111.55 1.12
N LEU X 236 -0.95 -112.13 0.16
CA LEU X 236 -0.21 -113.38 0.33
C LEU X 236 -1.10 -114.54 0.77
N GLY X 237 -2.42 -114.40 0.68
CA GLY X 237 -3.34 -115.44 1.07
C GLY X 237 -3.81 -115.38 2.51
N LEU X 238 -3.11 -114.64 3.36
CA LEU X 238 -3.48 -114.54 4.78
C LEU X 238 -4.36 -113.32 5.07
N GLU X 239 -5.42 -113.16 4.28
CA GLU X 239 -6.39 -112.09 4.52
C GLU X 239 -7.67 -112.59 5.19
N LYS X 240 -7.99 -113.87 5.05
CA LYS X 240 -9.17 -114.41 5.72
C LYS X 240 -9.04 -114.33 7.23
N PHE X 241 -7.85 -114.63 7.75
CA PHE X 241 -7.61 -114.49 9.18
C PHE X 241 -7.74 -113.04 9.62
N LEU X 242 -7.19 -112.11 8.83
CA LEU X 242 -7.12 -110.70 9.22
C LEU X 242 -8.39 -109.97 8.76
N GLY X 243 -9.50 -110.35 9.38
CA GLY X 243 -10.78 -109.73 9.10
C GLY X 243 -11.33 -108.99 10.31
N GLY X 244 -11.02 -109.49 11.50
CA GLY X 244 -11.46 -108.86 12.72
C GLY X 244 -12.85 -109.32 13.14
N SER X 245 -13.13 -109.15 14.43
CA SER X 245 -14.42 -109.50 15.00
C SER X 245 -15.34 -108.30 15.13
N GLY X 246 -14.96 -107.16 14.55
CA GLY X 246 -15.72 -105.94 14.65
C GLY X 246 -15.26 -104.99 15.74
N ASN X 247 -14.40 -105.43 16.64
CA ASN X 247 -13.86 -104.58 17.69
C ASN X 247 -12.51 -104.07 17.25
N PRO X 248 -12.35 -102.77 16.99
CA PRO X 248 -11.02 -102.27 16.57
C PRO X 248 -9.91 -102.63 17.54
N ALA X 249 -10.19 -102.57 18.85
CA ALA X 249 -9.15 -102.84 19.84
C ALA X 249 -8.85 -104.34 19.99
N TYR X 250 -9.84 -105.19 19.74
CA TYR X 250 -9.72 -106.63 19.97
C TYR X 250 -10.15 -107.36 18.71
N PRO X 251 -9.23 -107.49 17.74
CA PRO X 251 -9.60 -108.10 16.45
C PRO X 251 -10.02 -109.55 16.58
N GLY X 252 -9.17 -110.38 17.16
CA GLY X 252 -9.43 -111.80 17.27
C GLY X 252 -9.21 -112.52 15.96
N GLY X 253 -8.74 -113.76 16.02
CA GLY X 253 -8.52 -114.55 14.83
C GLY X 253 -7.49 -115.63 15.05
N PRO X 254 -7.44 -116.62 14.15
CA PRO X 254 -6.47 -117.72 14.32
C PRO X 254 -5.03 -117.24 14.32
N ILE X 255 -4.73 -116.06 13.80
CA ILE X 255 -3.38 -115.52 13.86
C ILE X 255 -3.18 -114.67 15.11
N PHE X 256 -4.04 -113.68 15.33
CA PHE X 256 -3.89 -112.79 16.47
C PHE X 256 -4.51 -113.38 17.74
N ASN X 257 -5.19 -114.51 17.64
CA ASN X 257 -5.71 -115.26 18.79
C ASN X 257 -5.42 -116.73 18.60
N PHE X 258 -4.20 -117.05 18.15
CA PHE X 258 -3.89 -118.42 17.76
C PHE X 258 -4.02 -119.39 18.93
N LEU X 259 -3.53 -119.00 20.11
CA LEU X 259 -3.59 -119.89 21.26
C LEU X 259 -5.02 -120.04 21.78
N GLY X 260 -5.87 -119.04 21.55
CA GLY X 260 -7.29 -119.18 21.82
C GLY X 260 -7.66 -119.39 23.27
N PHE X 261 -7.47 -118.38 24.10
CA PHE X 261 -7.97 -118.41 25.47
C PHE X 261 -9.30 -117.67 25.53
N GLY X 262 -10.23 -118.18 26.33
CA GLY X 262 -11.53 -117.57 26.50
C GLY X 262 -12.61 -118.24 25.69
N LYS X 263 -13.41 -119.07 26.36
CA LYS X 263 -14.51 -119.76 25.69
C LYS X 263 -15.74 -118.87 25.58
N ASN X 264 -16.25 -118.42 26.72
CA ASN X 264 -17.46 -117.63 26.79
C ASN X 264 -17.11 -116.17 27.14
N GLU X 265 -18.12 -115.31 27.12
CA GLU X 265 -17.91 -113.90 27.41
C GLU X 265 -17.50 -113.65 28.85
N LYS X 266 -17.74 -114.60 29.76
CA LYS X 266 -17.29 -114.41 31.14
C LYS X 266 -15.77 -114.38 31.21
N GLU X 267 -15.09 -115.28 30.50
CA GLU X 267 -13.64 -115.30 30.54
C GLU X 267 -13.05 -114.02 29.95
N LEU X 268 -13.56 -113.61 28.79
CA LEU X 268 -13.00 -112.43 28.12
C LEU X 268 -13.21 -111.17 28.95
N GLN X 269 -14.42 -110.99 29.50
CA GLN X 269 -14.76 -109.72 30.14
C GLN X 269 -13.84 -109.40 31.31
N GLU X 270 -13.18 -110.40 31.89
CA GLU X 270 -12.20 -110.16 32.95
C GLU X 270 -10.77 -110.18 32.44
N LEU X 271 -10.45 -111.03 31.46
CA LEU X 271 -9.12 -111.01 30.88
C LEU X 271 -8.82 -109.65 30.25
N LYS X 272 -9.82 -109.04 29.61
CA LYS X 272 -9.64 -107.68 29.11
C LYS X 272 -9.33 -106.72 30.26
N VAL X 273 -10.05 -106.85 31.38
CA VAL X 273 -9.79 -106.01 32.54
C VAL X 273 -8.38 -106.24 33.06
N LYS X 274 -7.93 -107.49 33.05
CA LYS X 274 -6.57 -107.80 33.49
C LYS X 274 -5.55 -107.12 32.58
N GLU X 275 -5.74 -107.23 31.26
CA GLU X 275 -4.73 -106.75 30.33
C GLU X 275 -4.67 -105.23 30.32
N VAL X 276 -5.83 -104.56 30.40
CA VAL X 276 -5.81 -103.10 30.49
C VAL X 276 -5.11 -102.68 31.77
N LYS X 277 -5.31 -103.43 32.86
CA LYS X 277 -4.66 -103.09 34.12
C LYS X 277 -3.20 -103.50 34.15
N ASN X 278 -2.82 -104.63 33.55
CA ASN X 278 -1.40 -104.95 33.46
C ASN X 278 -0.69 -103.92 32.58
N GLY X 279 -1.37 -103.44 31.55
CA GLY X 279 -0.86 -102.30 30.79
C GLY X 279 -0.93 -101.00 31.54
N ARG X 280 -1.78 -100.92 32.57
CA ARG X 280 -1.87 -99.70 33.36
C ARG X 280 -0.54 -99.46 34.05
N LEU X 281 -0.02 -100.50 34.68
CA LEU X 281 1.29 -100.47 35.33
C LEU X 281 2.41 -100.30 34.31
N ALA X 282 2.26 -100.89 33.13
CA ALA X 282 3.29 -100.79 32.10
C ALA X 282 3.47 -99.33 31.65
N MET X 283 2.38 -98.61 31.45
CA MET X 283 2.50 -97.19 31.10
C MET X 283 3.24 -96.43 32.19
N MET X 284 2.81 -96.58 33.44
CA MET X 284 3.52 -95.93 34.53
C MET X 284 4.95 -96.43 34.62
N ALA X 285 5.16 -97.72 34.34
CA ALA X 285 6.50 -98.28 34.44
C ALA X 285 7.45 -97.61 33.44
N VAL X 286 6.99 -97.42 32.20
CA VAL X 286 7.83 -96.78 31.19
C VAL X 286 8.06 -95.32 31.55
N LEU X 287 7.01 -94.63 32.00
CA LEU X 287 7.20 -93.26 32.45
C LEU X 287 8.22 -93.20 33.58
N GLY X 288 8.19 -94.18 34.48
CA GLY X 288 9.24 -94.29 35.46
C GLY X 288 10.60 -94.48 34.82
N TYR X 289 10.68 -95.39 33.85
CA TYR X 289 11.94 -95.61 33.14
C TYR X 289 12.48 -94.30 32.59
N PHE X 290 11.63 -93.54 31.90
CA PHE X 290 12.04 -92.29 31.28
C PHE X 290 12.54 -91.31 32.32
N THR X 291 11.66 -90.89 33.24
CA THR X 291 12.02 -89.87 34.22
C THR X 291 13.07 -90.37 35.19
N GLN X 292 12.95 -91.62 35.65
CA GLN X 292 13.96 -92.15 36.56
C GLN X 292 15.32 -92.22 35.88
N ALA X 293 15.35 -92.23 34.55
CA ALA X 293 16.61 -92.21 33.82
C ALA X 293 17.15 -90.80 33.65
N ILE X 294 16.29 -89.79 33.49
CA ILE X 294 16.77 -88.43 33.26
C ILE X 294 17.42 -87.86 34.52
N PHE X 295 16.83 -88.12 35.68
CA PHE X 295 17.40 -87.67 36.95
C PHE X 295 18.58 -88.52 37.41
N THR X 296 18.92 -89.57 36.68
CA THR X 296 20.07 -90.41 36.96
C THR X 296 20.90 -90.50 35.67
N GLY X 297 22.04 -91.17 35.73
CA GLY X 297 22.85 -91.37 34.55
C GLY X 297 23.03 -92.82 34.15
N VAL X 298 22.49 -93.71 34.98
CA VAL X 298 22.74 -95.15 34.85
C VAL X 298 21.39 -95.88 34.84
N GLY X 299 21.42 -97.14 34.42
CA GLY X 299 20.23 -97.88 34.05
C GLY X 299 19.25 -98.22 35.17
N PRO X 300 18.00 -98.54 34.81
CA PRO X 300 16.98 -98.81 35.83
C PRO X 300 17.33 -99.92 36.81
N PHE X 301 17.86 -101.06 36.35
CA PHE X 301 18.01 -102.20 37.24
C PHE X 301 18.89 -101.88 38.43
N GLN X 302 20.03 -101.22 38.19
CA GLN X 302 20.95 -100.94 39.29
C GLN X 302 20.31 -99.97 40.27
N ASN X 303 19.44 -99.08 39.77
CA ASN X 303 18.68 -98.21 40.67
C ASN X 303 17.89 -99.02 41.67
N LEU X 304 17.20 -100.06 41.21
CA LEU X 304 16.52 -100.97 42.13
C LEU X 304 17.53 -101.60 43.09
N LEU X 305 18.68 -102.02 42.58
CA LEU X 305 19.70 -102.62 43.42
C LEU X 305 20.27 -101.62 44.43
N ASP X 306 20.52 -100.39 43.99
CA ASP X 306 20.94 -99.36 44.95
C ASP X 306 19.86 -99.13 46.00
N HIS X 307 18.60 -99.03 45.57
CA HIS X 307 17.53 -98.84 46.53
C HIS X 307 17.45 -100.02 47.50
N LEU X 308 17.60 -101.25 46.98
CA LEU X 308 17.63 -102.42 47.84
C LEU X 308 18.87 -102.47 48.71
N ALA X 309 19.93 -101.74 48.35
CA ALA X 309 21.16 -101.76 49.14
C ALA X 309 21.09 -100.75 50.28
N ASP X 310 20.84 -99.47 49.96
CA ASP X 310 20.76 -98.40 50.95
C ASP X 310 19.44 -97.67 50.73
N PRO X 311 18.33 -98.23 51.23
CA PRO X 311 17.02 -97.59 51.00
C PRO X 311 16.95 -96.17 51.53
N VAL X 312 17.67 -95.85 52.61
CA VAL X 312 17.59 -94.54 53.22
C VAL X 312 18.67 -93.62 52.64
N HIS X 313 19.29 -94.05 51.54
CA HIS X 313 20.35 -93.26 50.92
C HIS X 313 20.23 -93.16 49.40
N ASN X 314 19.30 -93.86 48.75
CA ASN X 314 19.17 -93.82 47.30
C ASN X 314 17.72 -93.62 46.86
N ASN X 315 16.87 -93.08 47.74
CA ASN X 315 15.50 -92.81 47.38
C ASN X 315 15.41 -91.51 46.58
N VAL X 316 14.21 -91.22 46.07
CA VAL X 316 14.03 -90.04 45.23
C VAL X 316 14.41 -88.78 45.99
N LEU X 317 14.07 -88.70 47.27
CA LEU X 317 14.36 -87.51 48.04
C LEU X 317 15.87 -87.28 48.15
N THR X 318 16.63 -88.34 48.38
CA THR X 318 18.08 -88.20 48.49
C THR X 318 18.69 -87.86 47.13
N ASN X 319 18.24 -88.52 46.07
CA ASN X 319 18.75 -88.22 44.73
C ASN X 319 18.46 -86.77 44.39
N LEU X 320 19.49 -86.04 43.95
CA LEU X 320 19.37 -84.61 43.73
C LEU X 320 18.81 -83.96 44.99
N LYS X 321 17.54 -83.55 44.93
CA LYS X 321 16.84 -83.06 46.10
C LYS X 321 15.37 -83.51 46.08
N ASP Y 64 -12.02 -84.22 -47.71
CA ASP Y 64 -12.27 -83.71 -49.09
C ASP Y 64 -10.99 -83.79 -49.92
N ARG Y 65 -9.99 -83.02 -49.52
CA ARG Y 65 -8.71 -82.96 -50.21
C ARG Y 65 -7.59 -83.01 -49.19
N PRO Y 66 -6.39 -83.46 -49.59
CA PRO Y 66 -5.27 -83.49 -48.66
C PRO Y 66 -4.83 -82.08 -48.30
N LEU Y 67 -4.88 -81.76 -47.00
CA LEU Y 67 -4.51 -80.45 -46.50
C LEU Y 67 -3.09 -80.47 -45.96
N TRP Y 68 -2.60 -79.29 -45.57
CA TRP Y 68 -1.25 -79.18 -45.04
C TRP Y 68 -1.07 -80.01 -43.78
N LEU Y 69 -2.15 -80.25 -43.04
CA LEU Y 69 -2.15 -81.10 -41.86
C LEU Y 69 -3.14 -82.24 -42.06
N PRO Y 70 -2.75 -83.49 -41.81
CA PRO Y 70 -3.66 -84.60 -42.09
C PRO Y 70 -4.96 -84.52 -41.31
N GLY Y 71 -4.91 -84.09 -40.06
CA GLY Y 71 -6.11 -83.92 -39.26
C GLY Y 71 -6.41 -82.47 -38.96
N SER Y 72 -7.41 -81.93 -39.63
CA SER Y 72 -7.78 -80.53 -39.48
C SER Y 72 -9.02 -80.22 -40.30
N GLU Y 73 -9.50 -78.98 -40.20
CA GLU Y 73 -10.63 -78.52 -40.99
C GLU Y 73 -10.21 -77.26 -41.73
N ALA Y 74 -10.41 -77.25 -43.06
CA ALA Y 74 -9.93 -76.16 -43.87
C ALA Y 74 -10.70 -74.88 -43.57
N PRO Y 75 -10.07 -73.71 -43.68
CA PRO Y 75 -10.78 -72.46 -43.44
C PRO Y 75 -11.96 -72.31 -44.39
N LYS Y 76 -13.00 -71.64 -43.91
CA LYS Y 76 -14.24 -71.54 -44.69
C LYS Y 76 -14.00 -70.86 -46.03
N TRP Y 77 -13.21 -69.79 -46.05
CA TRP Y 77 -13.05 -69.02 -47.29
C TRP Y 77 -12.34 -69.83 -48.37
N LEU Y 78 -11.34 -70.64 -48.00
CA LEU Y 78 -10.62 -71.48 -48.96
C LEU Y 78 -11.39 -72.79 -49.15
N ASP Y 79 -12.57 -72.69 -49.74
CA ASP Y 79 -13.47 -73.83 -49.77
C ASP Y 79 -12.89 -75.00 -50.58
N GLY Y 80 -12.88 -74.88 -51.91
CA GLY Y 80 -12.28 -75.92 -52.73
C GLY Y 80 -11.76 -75.49 -54.08
N SER Y 81 -11.78 -74.19 -54.37
CA SER Y 81 -11.76 -73.75 -55.77
C SER Y 81 -10.36 -73.47 -56.30
N LEU Y 82 -9.65 -72.54 -55.68
CA LEU Y 82 -8.45 -71.99 -56.31
C LEU Y 82 -7.38 -73.06 -56.48
N PRO Y 83 -6.61 -73.02 -57.57
CA PRO Y 83 -5.52 -74.00 -57.72
C PRO Y 83 -4.55 -73.94 -56.56
N GLY Y 84 -4.04 -75.11 -56.18
CA GLY Y 84 -3.14 -75.17 -55.04
C GLY Y 84 -3.82 -75.02 -53.71
N ASP Y 85 -5.14 -75.18 -53.65
CA ASP Y 85 -5.90 -74.96 -52.44
C ASP Y 85 -5.67 -76.14 -51.49
N TYR Y 86 -5.03 -75.87 -50.36
CA TYR Y 86 -4.77 -76.87 -49.33
C TYR Y 86 -5.22 -76.39 -47.96
N GLY Y 87 -6.01 -75.33 -47.90
CA GLY Y 87 -6.49 -74.82 -46.62
C GLY Y 87 -5.37 -74.44 -45.69
N PHE Y 88 -4.30 -73.83 -46.20
CA PHE Y 88 -3.17 -73.38 -45.39
C PHE Y 88 -3.33 -71.88 -45.16
N ASP Y 89 -4.00 -71.53 -44.08
CA ASP Y 89 -4.16 -70.12 -43.70
C ASP Y 89 -4.24 -70.00 -42.19
N PRO Y 90 -3.18 -70.38 -41.46
CA PRO Y 90 -3.26 -70.29 -39.99
C PRO Y 90 -3.55 -68.89 -39.49
N LEU Y 91 -3.02 -67.87 -40.14
CA LEU Y 91 -3.13 -66.49 -39.67
C LEU Y 91 -4.36 -65.77 -40.20
N ASP Y 92 -5.15 -66.42 -41.06
CA ASP Y 92 -6.37 -65.84 -41.60
C ASP Y 92 -6.09 -64.48 -42.24
N LEU Y 93 -5.13 -64.49 -43.17
CA LEU Y 93 -4.74 -63.29 -43.87
C LEU Y 93 -5.55 -63.03 -45.13
N ALA Y 94 -6.54 -63.88 -45.42
CA ALA Y 94 -7.45 -63.67 -46.55
C ALA Y 94 -8.90 -63.86 -46.11
N ALA Y 95 -9.18 -63.62 -44.82
CA ALA Y 95 -10.53 -63.84 -44.31
C ALA Y 95 -11.48 -62.75 -44.77
N GLU Y 96 -11.02 -61.52 -44.87
CA GLU Y 96 -11.89 -60.42 -45.26
C GLU Y 96 -12.38 -60.63 -46.69
N PRO Y 97 -13.69 -60.48 -46.95
CA PRO Y 97 -14.18 -60.68 -48.32
C PRO Y 97 -13.51 -59.74 -49.30
N GLY Y 98 -13.25 -60.25 -50.50
CA GLY Y 98 -12.61 -59.49 -51.56
C GLY Y 98 -11.09 -59.59 -51.57
N ARG Y 99 -10.47 -59.81 -50.41
CA ARG Y 99 -9.02 -59.90 -50.35
C ARG Y 99 -8.50 -61.18 -50.98
N LEU Y 100 -9.31 -62.25 -51.00
CA LEU Y 100 -8.83 -63.52 -51.53
C LEU Y 100 -8.41 -63.37 -52.99
N ASN Y 101 -9.20 -62.65 -53.80
CA ASN Y 101 -8.84 -62.45 -55.19
C ASN Y 101 -7.51 -61.71 -55.32
N TRP Y 102 -7.28 -60.72 -54.45
CA TRP Y 102 -6.01 -59.99 -54.50
C TRP Y 102 -4.84 -60.91 -54.18
N MET Y 103 -4.99 -61.78 -53.18
CA MET Y 103 -3.85 -62.58 -52.75
C MET Y 103 -3.49 -63.64 -53.78
N VAL Y 104 -4.48 -64.28 -54.40
CA VAL Y 104 -4.19 -65.31 -55.39
C VAL Y 104 -3.42 -64.71 -56.56
N GLN Y 105 -3.82 -63.52 -57.01
CA GLN Y 105 -3.05 -62.82 -58.03
C GLN Y 105 -1.65 -62.49 -57.53
N ALA Y 106 -1.55 -62.04 -56.27
CA ALA Y 106 -0.25 -61.68 -55.73
C ALA Y 106 0.70 -62.86 -55.70
N GLU Y 107 0.20 -64.02 -55.26
CA GLU Y 107 1.07 -65.21 -55.22
C GLU Y 107 1.43 -65.66 -56.63
N LEU Y 108 0.48 -65.54 -57.57
CA LEU Y 108 0.78 -65.86 -58.96
C LEU Y 108 1.95 -65.03 -59.46
N VAL Y 109 1.98 -63.74 -59.13
CA VAL Y 109 3.04 -62.86 -59.63
C VAL Y 109 4.38 -63.22 -59.00
N HIS Y 110 4.41 -63.38 -57.68
CA HIS Y 110 5.68 -63.73 -57.02
C HIS Y 110 6.22 -65.05 -57.54
N CYS Y 111 5.37 -66.08 -57.61
CA CYS Y 111 5.88 -67.40 -57.99
C CYS Y 111 6.46 -67.37 -59.41
N ARG Y 112 5.72 -66.78 -60.35
CA ARG Y 112 6.21 -66.71 -61.72
C ARG Y 112 7.51 -65.94 -61.81
N TRP Y 113 7.62 -64.84 -61.07
CA TRP Y 113 8.88 -64.12 -60.99
C TRP Y 113 9.97 -64.99 -60.38
N ALA Y 114 9.62 -65.76 -59.34
CA ALA Y 114 10.62 -66.58 -58.66
C ALA Y 114 11.13 -67.69 -59.56
N MET Y 115 10.24 -68.30 -60.36
CA MET Y 115 10.69 -69.28 -61.33
C MET Y 115 11.78 -68.70 -62.21
N LEU Y 116 11.51 -67.53 -62.80
CA LEU Y 116 12.52 -66.89 -63.65
C LEU Y 116 13.76 -66.52 -62.84
N GLY Y 117 13.58 -66.11 -61.58
CA GLY Y 117 14.72 -65.71 -60.78
C GLY Y 117 15.59 -66.87 -60.35
N ALA Y 118 15.00 -68.06 -60.21
CA ALA Y 118 15.80 -69.23 -59.85
C ALA Y 118 16.58 -69.77 -61.05
N ALA Y 119 16.02 -69.65 -62.26
CA ALA Y 119 16.73 -70.07 -63.46
C ALA Y 119 17.88 -69.14 -63.81
N GLY Y 120 17.98 -67.99 -63.15
CA GLY Y 120 19.08 -67.08 -63.37
C GLY Y 120 20.05 -67.08 -62.20
N ILE Y 121 19.76 -67.88 -61.18
CA ILE Y 121 20.62 -67.97 -60.00
C ILE Y 121 21.28 -69.35 -59.88
N PHE Y 122 20.68 -70.40 -60.42
CA PHE Y 122 21.21 -71.75 -60.33
C PHE Y 122 21.69 -72.28 -61.67
N ILE Y 123 20.87 -72.19 -62.72
CA ILE Y 123 21.30 -72.69 -64.03
C ILE Y 123 22.58 -72.02 -64.50
N PRO Y 124 22.72 -70.69 -64.44
CA PRO Y 124 24.03 -70.09 -64.76
C PRO Y 124 25.17 -70.71 -63.96
N GLU Y 125 25.06 -70.73 -62.63
CA GLU Y 125 26.08 -71.36 -61.82
C GLU Y 125 26.14 -72.87 -62.05
N LEU Y 126 25.00 -73.48 -62.41
CA LEU Y 126 25.00 -74.91 -62.72
C LEU Y 126 25.93 -75.21 -63.89
N LEU Y 127 25.69 -74.57 -65.02
CA LEU Y 127 26.59 -74.70 -66.17
C LEU Y 127 27.64 -73.60 -66.19
N THR Y 128 28.24 -73.35 -65.03
CA THR Y 128 29.42 -72.49 -64.93
C THR Y 128 30.48 -73.17 -64.09
N LYS Y 129 30.06 -73.86 -63.03
CA LYS Y 129 31.00 -74.57 -62.17
C LYS Y 129 31.62 -75.75 -62.91
N ILE Y 130 30.78 -76.57 -63.54
CA ILE Y 130 31.29 -77.56 -64.48
C ILE Y 130 31.92 -76.85 -65.67
N GLY Y 131 31.27 -75.80 -66.16
CA GLY Y 131 31.86 -74.88 -67.11
C GLY Y 131 31.40 -75.06 -68.54
N ILE Y 132 30.41 -74.27 -68.94
CA ILE Y 132 30.06 -74.11 -70.35
C ILE Y 132 29.84 -72.66 -70.74
N LEU Y 133 29.68 -71.74 -69.79
CA LEU Y 133 29.34 -70.36 -70.05
C LEU Y 133 30.31 -69.36 -69.43
N ASN Y 134 30.81 -69.65 -68.24
CA ASN Y 134 31.76 -68.77 -67.53
C ASN Y 134 31.09 -67.47 -67.09
N THR Y 135 29.81 -67.52 -66.77
CA THR Y 135 29.12 -66.33 -66.31
C THR Y 135 29.49 -66.01 -64.86
N PRO Y 136 29.41 -64.74 -64.46
CA PRO Y 136 29.67 -64.39 -63.06
C PRO Y 136 28.59 -64.96 -62.15
N SER Y 137 28.84 -64.84 -60.85
CA SER Y 137 27.91 -65.33 -59.85
C SER Y 137 26.66 -64.44 -59.80
N TRP Y 138 25.57 -65.02 -59.29
CA TRP Y 138 24.32 -64.28 -59.18
C TRP Y 138 24.47 -63.06 -58.28
N TYR Y 139 25.20 -63.19 -57.16
CA TYR Y 139 25.33 -62.10 -56.21
C TYR Y 139 26.42 -61.11 -56.59
N LYS Y 140 27.14 -61.34 -57.68
CA LYS Y 140 28.15 -60.40 -58.17
C LYS Y 140 27.80 -59.79 -59.52
N ALA Y 141 26.71 -60.22 -60.15
CA ALA Y 141 26.32 -59.69 -61.46
C ALA Y 141 25.83 -58.26 -61.38
N GLY Y 142 25.60 -57.72 -60.19
CA GLY Y 142 25.12 -56.36 -60.02
C GLY Y 142 26.18 -55.30 -60.11
N ASP Y 143 27.43 -55.68 -60.40
CA ASP Y 143 28.52 -54.72 -60.54
C ASP Y 143 29.21 -54.82 -61.89
N ALA Y 144 29.01 -55.90 -62.65
CA ALA Y 144 29.65 -56.03 -63.95
C ALA Y 144 29.20 -54.92 -64.88
N THR Y 145 30.13 -54.42 -65.69
CA THR Y 145 29.85 -53.34 -66.62
C THR Y 145 29.22 -53.90 -67.88
N TYR Y 146 28.04 -53.40 -68.23
CA TYR Y 146 27.32 -53.81 -69.42
C TYR Y 146 27.31 -52.66 -70.43
N PHE Y 147 26.76 -52.94 -71.62
CA PHE Y 147 26.82 -51.94 -72.68
C PHE Y 147 26.09 -50.67 -72.28
N ALA Y 148 25.04 -50.79 -71.46
CA ALA Y 148 24.34 -49.66 -70.90
C ALA Y 148 24.87 -49.39 -69.49
N ASP Y 149 24.23 -48.46 -68.79
CA ASP Y 149 24.58 -48.15 -67.41
C ASP Y 149 23.62 -48.84 -66.45
N GLN Y 150 24.11 -49.14 -65.25
CA GLN Y 150 23.27 -49.78 -64.25
C GLN Y 150 22.08 -48.90 -63.89
N GLY Y 151 22.32 -47.61 -63.68
CA GLY Y 151 21.22 -46.71 -63.38
C GLY Y 151 20.26 -46.54 -64.54
N THR Y 152 20.80 -46.40 -65.76
CA THR Y 152 19.93 -46.28 -66.93
C THR Y 152 19.10 -47.53 -67.12
N LEU Y 153 19.72 -48.71 -66.94
CA LEU Y 153 18.98 -49.96 -67.06
C LEU Y 153 17.86 -50.03 -66.01
N PHE Y 154 18.13 -49.54 -64.80
CA PHE Y 154 17.11 -49.52 -63.77
C PHE Y 154 15.91 -48.68 -64.20
N ILE Y 155 16.15 -47.49 -64.74
CA ILE Y 155 15.05 -46.60 -65.08
C ILE Y 155 14.28 -47.13 -66.27
N VAL Y 156 14.97 -47.66 -67.27
CA VAL Y 156 14.28 -48.23 -68.42
C VAL Y 156 13.38 -49.38 -67.96
N GLU Y 157 13.90 -50.25 -67.09
CA GLU Y 157 13.08 -51.28 -66.49
C GLU Y 157 11.85 -50.68 -65.82
N LEU Y 158 12.05 -49.62 -65.03
CA LEU Y 158 10.96 -49.06 -64.25
C LEU Y 158 9.80 -48.63 -65.13
N LEU Y 159 10.10 -47.98 -66.26
CA LEU Y 159 9.04 -47.52 -67.15
C LEU Y 159 8.38 -48.68 -67.89
N LEU Y 160 9.19 -49.58 -68.44
CA LEU Y 160 8.61 -50.75 -69.12
C LEU Y 160 7.85 -51.63 -68.13
N MET Y 161 8.40 -51.84 -66.94
CA MET Y 161 7.65 -52.50 -65.87
C MET Y 161 6.37 -51.72 -65.54
N ALA Y 162 6.44 -50.39 -65.57
CA ALA Y 162 5.24 -49.61 -65.26
C ALA Y 162 4.13 -49.88 -66.26
N TRP Y 163 4.48 -49.96 -67.55
CA TRP Y 163 3.45 -50.22 -68.56
C TRP Y 163 2.83 -51.59 -68.37
N ALA Y 164 3.67 -52.63 -68.29
CA ALA Y 164 3.14 -53.98 -68.16
C ALA Y 164 2.37 -54.16 -66.86
N GLU Y 165 2.93 -53.65 -65.75
CA GLU Y 165 2.26 -53.75 -64.46
C GLU Y 165 0.94 -52.98 -64.47
N SER Y 166 0.92 -51.80 -65.10
CA SER Y 166 -0.30 -51.01 -65.14
C SER Y 166 -1.39 -51.71 -65.95
N ARG Y 167 -1.03 -52.32 -67.07
CA ARG Y 167 -2.00 -53.07 -67.85
C ARG Y 167 -2.59 -54.21 -67.04
N ARG Y 168 -1.73 -54.93 -66.31
CA ARG Y 168 -2.21 -56.01 -65.46
C ARG Y 168 -3.10 -55.47 -64.33
N TRP Y 169 -2.73 -54.32 -63.76
CA TRP Y 169 -3.52 -53.75 -62.68
C TRP Y 169 -4.92 -53.41 -63.16
N ALA Y 170 -5.05 -52.81 -64.34
CA ALA Y 170 -6.37 -52.49 -64.86
C ALA Y 170 -7.19 -53.75 -65.06
N ASP Y 171 -6.55 -54.85 -65.48
CA ASP Y 171 -7.26 -56.11 -65.64
C ASP Y 171 -7.80 -56.59 -64.29
N ILE Y 172 -6.97 -56.50 -63.24
CA ILE Y 172 -7.40 -56.97 -61.92
C ILE Y 172 -8.54 -56.12 -61.40
N ALA Y 173 -8.41 -54.80 -61.47
CA ALA Y 173 -9.45 -53.91 -60.96
C ALA Y 173 -10.75 -54.10 -61.72
N ARG Y 174 -10.69 -54.01 -63.05
CA ARG Y 174 -11.85 -54.22 -63.91
C ARG Y 174 -11.56 -55.38 -64.86
N PRO Y 175 -11.98 -56.60 -64.54
CA PRO Y 175 -11.72 -57.72 -65.46
C PRO Y 175 -12.41 -57.50 -66.80
N GLY Y 176 -11.77 -57.98 -67.86
CA GLY Y 176 -12.32 -57.88 -69.19
C GLY Y 176 -12.48 -56.44 -69.68
N SER Y 177 -11.45 -55.62 -69.49
CA SER Y 177 -11.46 -54.25 -69.96
C SER Y 177 -10.20 -53.84 -70.71
N VAL Y 178 -9.11 -54.59 -70.60
CA VAL Y 178 -7.84 -54.27 -71.26
C VAL Y 178 -7.50 -55.36 -72.25
N ASN Y 179 -8.53 -55.95 -72.86
CA ASN Y 179 -8.37 -57.13 -73.71
C ASN Y 179 -8.05 -56.80 -75.16
N THR Y 180 -7.85 -55.52 -75.50
CA THR Y 180 -7.64 -55.10 -76.87
C THR Y 180 -6.29 -54.42 -77.03
N ASP Y 181 -5.65 -54.64 -78.18
CA ASP Y 181 -4.39 -53.98 -78.49
C ASP Y 181 -4.60 -52.50 -78.78
N PRO Y 182 -3.91 -51.59 -78.08
CA PRO Y 182 -4.16 -50.15 -78.32
C PRO Y 182 -3.80 -49.69 -79.72
N ILE Y 183 -2.59 -50.00 -80.20
CA ILE Y 183 -2.16 -49.50 -81.50
C ILE Y 183 -3.11 -49.99 -82.59
N PHE Y 184 -3.38 -51.29 -82.59
CA PHE Y 184 -4.19 -51.94 -83.62
C PHE Y 184 -5.41 -52.59 -82.97
N PRO Y 185 -6.59 -51.95 -83.00
CA PRO Y 185 -7.79 -52.55 -82.36
C PRO Y 185 -8.38 -53.72 -83.15
N ASN Y 186 -7.52 -54.64 -83.58
CA ASN Y 186 -7.91 -55.87 -84.23
C ASN Y 186 -7.35 -57.11 -83.54
N ASN Y 187 -6.10 -57.04 -83.09
CA ASN Y 187 -5.53 -58.13 -82.32
C ASN Y 187 -6.13 -58.14 -80.92
N LYS Y 188 -6.62 -59.29 -80.49
CA LYS Y 188 -7.23 -59.45 -79.18
C LYS Y 188 -6.50 -60.54 -78.41
N LEU Y 189 -6.56 -60.44 -77.09
CA LEU Y 189 -5.89 -61.36 -76.18
C LEU Y 189 -6.90 -62.40 -75.71
N THR Y 190 -6.59 -63.68 -75.90
CA THR Y 190 -7.49 -64.75 -75.51
C THR Y 190 -7.33 -65.00 -74.02
N GLY Y 191 -8.32 -64.60 -73.24
CA GLY Y 191 -8.27 -64.79 -71.80
C GLY Y 191 -9.61 -64.56 -71.14
N THR Y 192 -9.97 -65.46 -70.21
CA THR Y 192 -11.23 -65.34 -69.48
C THR Y 192 -11.05 -65.39 -67.96
N ASP Y 193 -9.93 -65.91 -67.46
CA ASP Y 193 -9.67 -65.98 -66.03
C ASP Y 193 -8.60 -64.95 -65.67
N VAL Y 194 -8.88 -64.15 -64.64
CA VAL Y 194 -7.93 -63.14 -64.21
C VAL Y 194 -6.65 -63.83 -63.77
N GLY Y 195 -5.51 -63.34 -64.26
CA GLY Y 195 -4.22 -63.92 -63.96
C GLY Y 195 -3.74 -64.93 -64.99
N TYR Y 196 -4.58 -65.30 -65.95
CA TYR Y 196 -4.21 -66.26 -66.99
C TYR Y 196 -4.64 -65.71 -68.35
N PRO Y 197 -3.99 -64.64 -68.82
CA PRO Y 197 -4.34 -64.08 -70.13
C PRO Y 197 -3.52 -64.71 -71.25
N GLY Y 198 -4.19 -65.22 -72.28
CA GLY Y 198 -3.50 -65.97 -73.31
C GLY Y 198 -3.09 -65.14 -74.51
N GLY Y 199 -3.72 -65.41 -75.65
CA GLY Y 199 -3.34 -64.74 -76.89
C GLY Y 199 -2.12 -65.36 -77.52
N LEU Y 200 -1.70 -64.77 -78.64
CA LEU Y 200 -0.56 -65.27 -79.40
C LEU Y 200 0.77 -64.94 -78.75
N TRP Y 201 0.80 -64.05 -77.75
CA TRP Y 201 2.03 -63.68 -77.06
C TRP Y 201 2.26 -64.54 -75.81
N PHE Y 202 1.30 -64.50 -74.88
CA PHE Y 202 1.45 -65.25 -73.64
C PHE Y 202 1.19 -66.74 -73.83
N ASP Y 203 0.33 -67.11 -74.78
CA ASP Y 203 -0.09 -68.49 -74.99
C ASP Y 203 0.04 -68.81 -76.48
N PRO Y 204 1.26 -68.94 -77.00
CA PRO Y 204 1.43 -69.24 -78.42
C PRO Y 204 1.13 -70.68 -78.80
N LEU Y 205 0.86 -71.57 -77.84
CA LEU Y 205 0.65 -72.98 -78.12
C LEU Y 205 -0.72 -73.49 -77.69
N GLY Y 206 -1.54 -72.66 -77.05
CA GLY Y 206 -2.88 -73.06 -76.67
C GLY Y 206 -2.91 -74.24 -75.72
N TRP Y 207 -2.07 -74.21 -74.68
CA TRP Y 207 -1.98 -75.27 -73.70
C TRP Y 207 -2.79 -74.98 -72.43
N GLY Y 208 -3.54 -73.88 -72.40
CA GLY Y 208 -4.29 -73.51 -71.23
C GLY Y 208 -5.74 -73.19 -71.50
N SER Y 209 -6.34 -73.88 -72.47
CA SER Y 209 -7.74 -73.68 -72.82
C SER Y 209 -8.39 -75.05 -73.02
N GLY Y 210 -9.66 -75.15 -72.64
CA GLY Y 210 -10.41 -76.38 -72.80
C GLY Y 210 -11.15 -76.80 -71.56
N SER Y 211 -11.15 -78.11 -71.28
CA SER Y 211 -11.88 -78.63 -70.14
C SER Y 211 -11.34 -78.06 -68.83
N GLU Y 212 -12.24 -77.85 -67.88
CA GLU Y 212 -11.82 -77.31 -66.58
C GLU Y 212 -10.91 -78.28 -65.84
N ASP Y 213 -11.05 -79.58 -66.09
CA ASP Y 213 -10.27 -80.56 -65.35
C ASP Y 213 -8.77 -80.34 -65.58
N LYS Y 214 -8.34 -80.30 -66.84
CA LYS Y 214 -6.92 -80.12 -67.13
C LYS Y 214 -6.43 -78.75 -66.69
N LEU Y 215 -7.32 -77.76 -66.65
CA LEU Y 215 -6.93 -76.43 -66.20
C LEU Y 215 -6.40 -76.49 -64.77
N LYS Y 216 -7.15 -77.14 -63.87
CA LYS Y 216 -6.69 -77.26 -62.49
C LYS Y 216 -5.37 -78.02 -62.40
N GLU Y 217 -5.22 -79.10 -63.15
CA GLU Y 217 -3.98 -79.86 -63.11
C GLU Y 217 -2.79 -78.98 -63.46
N ILE Y 218 -2.80 -78.41 -64.66
CA ILE Y 218 -1.66 -77.61 -65.11
C ILE Y 218 -1.47 -76.40 -64.20
N ARG Y 219 -2.56 -75.75 -63.79
CA ARG Y 219 -2.43 -74.62 -62.87
C ARG Y 219 -1.84 -75.08 -61.55
N THR Y 220 -2.27 -76.23 -61.05
CA THR Y 220 -1.69 -76.76 -59.82
C THR Y 220 -0.22 -77.07 -60.01
N LYS Y 221 0.15 -77.66 -61.15
CA LYS Y 221 1.56 -77.90 -61.44
C LYS Y 221 2.33 -76.58 -61.49
N GLU Y 222 1.72 -75.54 -62.05
CA GLU Y 222 2.38 -74.24 -62.14
C GLU Y 222 2.71 -73.69 -60.75
N VAL Y 223 1.72 -73.66 -59.85
CA VAL Y 223 1.91 -73.01 -58.56
C VAL Y 223 2.90 -73.78 -57.71
N LYS Y 224 2.86 -75.11 -57.75
CA LYS Y 224 3.74 -75.90 -56.90
C LYS Y 224 5.21 -75.67 -57.27
N ASN Y 225 5.55 -75.78 -58.56
CA ASN Y 225 6.90 -75.44 -58.98
C ASN Y 225 7.25 -74.02 -58.58
N GLY Y 226 6.28 -73.11 -58.65
CA GLY Y 226 6.52 -71.73 -58.26
C GLY Y 226 6.77 -71.59 -56.76
N ARG Y 227 5.95 -72.26 -55.94
CA ARG Y 227 6.17 -72.21 -54.51
C ARG Y 227 7.55 -72.74 -54.14
N LEU Y 228 7.94 -73.85 -54.74
CA LEU Y 228 9.28 -74.39 -54.51
C LEU Y 228 10.34 -73.39 -54.98
N ALA Y 229 10.09 -72.74 -56.13
CA ALA Y 229 11.04 -71.76 -56.64
C ALA Y 229 11.19 -70.57 -55.70
N MET Y 230 10.07 -70.06 -55.18
CA MET Y 230 10.16 -68.94 -54.24
C MET Y 230 11.00 -69.33 -53.03
N LEU Y 231 10.79 -70.53 -52.50
CA LEU Y 231 11.58 -71.00 -51.37
C LEU Y 231 13.05 -71.09 -51.73
N ALA Y 232 13.37 -71.61 -52.91
CA ALA Y 232 14.76 -71.78 -53.30
C ALA Y 232 15.47 -70.43 -53.39
N VAL Y 233 14.81 -69.43 -53.98
CA VAL Y 233 15.45 -68.13 -54.13
C VAL Y 233 15.67 -67.47 -52.77
N LEU Y 234 14.72 -67.65 -51.85
CA LEU Y 234 14.92 -67.14 -50.49
C LEU Y 234 16.15 -67.76 -49.87
N GLY Y 235 16.33 -69.06 -50.04
CA GLY Y 235 17.56 -69.69 -49.60
C GLY Y 235 18.74 -68.93 -50.16
N ALA Y 236 18.93 -68.98 -51.48
CA ALA Y 236 20.05 -68.33 -52.13
C ALA Y 236 20.35 -66.96 -51.53
N PHE Y 237 19.31 -66.15 -51.31
CA PHE Y 237 19.50 -64.82 -50.74
C PHE Y 237 20.15 -64.90 -49.36
N VAL Y 238 19.45 -65.50 -48.39
CA VAL Y 238 20.01 -65.66 -47.06
C VAL Y 238 21.19 -66.60 -47.08
N GLN Y 239 21.12 -67.63 -47.92
CA GLN Y 239 22.00 -68.79 -47.82
C GLN Y 239 23.36 -68.50 -48.43
N ALA Y 240 23.42 -67.54 -49.37
CA ALA Y 240 24.69 -66.98 -49.80
C ALA Y 240 25.13 -65.82 -48.91
N ASN Y 241 24.18 -65.16 -48.26
CA ASN Y 241 24.51 -64.00 -47.44
C ASN Y 241 25.43 -64.38 -46.28
N VAL Y 242 25.14 -65.49 -45.61
CA VAL Y 242 25.92 -65.89 -44.44
C VAL Y 242 27.12 -66.74 -44.84
N THR Y 243 26.95 -67.63 -45.81
CA THR Y 243 28.04 -68.49 -46.24
C THR Y 243 29.02 -67.80 -47.18
N HIS Y 244 28.61 -66.70 -47.81
CA HIS Y 244 29.47 -65.96 -48.74
C HIS Y 244 30.03 -66.87 -49.83
N VAL Y 245 29.17 -67.74 -50.37
CA VAL Y 245 29.55 -68.66 -51.43
C VAL Y 245 28.33 -68.94 -52.29
N GLY Y 246 28.57 -69.40 -53.52
CA GLY Y 246 27.52 -69.61 -54.48
C GLY Y 246 26.60 -70.75 -54.09
N PRO Y 247 25.36 -70.73 -54.60
CA PRO Y 247 24.42 -71.81 -54.26
C PRO Y 247 24.87 -73.19 -54.72
N ILE Y 248 25.24 -73.33 -55.99
CA ILE Y 248 25.65 -74.64 -56.50
C ILE Y 248 26.89 -75.14 -55.78
N ASP Y 249 27.79 -74.23 -55.42
CA ASP Y 249 28.95 -74.62 -54.62
C ASP Y 249 28.50 -75.24 -53.30
N ASN Y 250 27.46 -74.68 -52.68
CA ASN Y 250 26.93 -75.24 -51.45
C ASN Y 250 26.38 -76.64 -51.68
N LEU Y 251 25.68 -76.85 -52.79
CA LEU Y 251 25.15 -78.18 -53.09
C LEU Y 251 26.26 -79.21 -53.16
N PHE Y 252 27.30 -78.93 -53.95
CA PHE Y 252 28.37 -79.90 -54.16
C PHE Y 252 29.33 -79.94 -52.98
N ALA Y 253 29.19 -79.04 -52.01
CA ALA Y 253 29.90 -79.16 -50.74
C ALA Y 253 29.06 -79.85 -49.68
N HIS Y 254 27.75 -79.95 -49.89
CA HIS Y 254 26.87 -80.66 -48.96
C HIS Y 254 26.80 -82.15 -49.22
N LEU Y 255 26.97 -82.57 -50.48
CA LEU Y 255 27.02 -83.99 -50.81
C LEU Y 255 28.41 -84.57 -50.62
N ALA Y 256 29.42 -83.74 -50.35
CA ALA Y 256 30.75 -84.24 -50.08
C ALA Y 256 30.89 -84.67 -48.62
N ASP Y 257 30.48 -83.81 -47.69
CA ASP Y 257 30.55 -84.10 -46.25
C ASP Y 257 29.26 -83.61 -45.59
N PRO Y 258 28.15 -84.33 -45.80
CA PRO Y 258 26.85 -83.78 -45.39
C PRO Y 258 26.73 -83.46 -43.91
N TYR Y 259 27.36 -84.25 -43.04
CA TYR Y 259 27.09 -84.16 -41.60
C TYR Y 259 27.90 -83.06 -40.91
N HIS Y 260 28.74 -82.33 -41.64
CA HIS Y 260 29.40 -81.15 -41.08
C HIS Y 260 29.23 -79.94 -41.99
N THR Y 261 28.19 -79.93 -42.83
CA THR Y 261 27.84 -78.79 -43.67
C THR Y 261 26.33 -78.56 -43.48
N THR Y 262 25.98 -77.82 -42.43
CA THR Y 262 24.59 -77.57 -42.06
C THR Y 262 24.40 -76.10 -41.76
N ILE Y 263 23.14 -75.71 -41.62
CA ILE Y 263 22.83 -74.31 -41.30
C ILE Y 263 23.43 -73.92 -39.96
N LEU Y 264 23.38 -74.83 -38.98
CA LEU Y 264 23.86 -74.49 -37.65
C LEU Y 264 25.35 -74.17 -37.67
N GLN Y 265 26.14 -74.93 -38.44
CA GLN Y 265 27.56 -74.69 -38.54
C GLN Y 265 27.87 -73.61 -39.58
N SER Y 266 27.15 -72.49 -39.50
CA SER Y 266 27.45 -71.30 -40.29
C SER Y 266 27.30 -70.00 -39.53
N LEU Y 267 26.59 -69.99 -38.41
CA LEU Y 267 26.33 -68.78 -37.60
C LEU Y 267 26.20 -67.52 -38.43
N MET Z 87 -21.73 -51.02 9.22
CA MET Z 87 -22.61 -51.47 10.35
C MET Z 87 -21.80 -52.10 11.48
N THR Z 88 -20.49 -52.21 11.29
CA THR Z 88 -19.59 -52.75 12.30
C THR Z 88 -18.23 -52.09 12.12
N GLY Z 89 -17.30 -52.47 13.00
CA GLY Z 89 -15.95 -51.91 12.98
C GLY Z 89 -15.38 -51.73 11.59
N ILE Z 90 -14.94 -50.51 11.30
CA ILE Z 90 -14.39 -50.13 9.99
C ILE Z 90 -15.06 -50.91 8.87
N ALA Z 91 -16.39 -51.03 8.95
CA ALA Z 91 -17.19 -51.57 7.87
C ALA Z 91 -17.97 -50.50 7.14
N GLU Z 92 -18.44 -49.47 7.85
CA GLU Z 92 -18.95 -48.26 7.24
C GLU Z 92 -17.84 -47.39 6.67
N TRP Z 93 -16.59 -47.81 6.82
CA TRP Z 93 -15.42 -47.06 6.37
C TRP Z 93 -15.38 -47.17 4.84
N TYR Z 94 -16.21 -46.34 4.20
CA TYR Z 94 -16.48 -46.41 2.77
C TYR Z 94 -15.59 -45.48 1.95
N LYS Z 95 -14.36 -45.23 2.39
CA LYS Z 95 -13.39 -44.48 1.61
C LYS Z 95 -12.28 -45.39 1.10
N VAL Z 96 -12.61 -46.65 0.82
CA VAL Z 96 -11.67 -47.61 0.25
C VAL Z 96 -12.29 -48.41 -0.89
N TYR Z 97 -13.52 -48.10 -1.30
CA TYR Z 97 -14.25 -48.91 -2.27
C TYR Z 97 -13.37 -49.35 -3.44
N GLY Z 98 -12.91 -48.38 -4.23
CA GLY Z 98 -12.12 -48.63 -5.42
C GLY Z 98 -12.84 -48.36 -6.72
N LYS Z 99 -14.17 -48.31 -6.71
CA LYS Z 99 -14.90 -48.06 -7.96
C LYS Z 99 -16.10 -47.15 -7.84
N SER Z 100 -16.48 -46.68 -6.66
CA SER Z 100 -17.78 -46.05 -6.46
C SER Z 100 -17.64 -44.79 -5.62
N VAL Z 101 -17.79 -43.63 -6.27
CA VAL Z 101 -17.93 -42.39 -5.51
C VAL Z 101 -19.28 -42.34 -4.81
N ALA Z 102 -20.27 -43.06 -5.34
CA ALA Z 102 -21.64 -42.97 -4.86
C ALA Z 102 -22.39 -44.23 -5.28
N PRO Z 103 -23.68 -44.37 -4.93
CA PRO Z 103 -24.44 -45.55 -5.36
C PRO Z 103 -24.54 -45.72 -6.88
N ASP Z 104 -23.91 -44.82 -7.65
CA ASP Z 104 -23.92 -44.96 -9.11
C ASP Z 104 -23.49 -46.37 -9.53
N GLN Z 105 -22.50 -46.93 -8.85
CA GLN Z 105 -22.20 -48.36 -8.94
C GLN Z 105 -22.37 -48.99 -7.56
N ASP Z 106 -22.67 -50.29 -7.56
CA ASP Z 106 -23.01 -51.01 -6.34
C ASP Z 106 -21.83 -51.79 -5.78
N ALA Z 107 -20.62 -51.52 -6.25
CA ALA Z 107 -19.37 -52.15 -5.83
C ALA Z 107 -19.19 -53.54 -6.44
N ARG Z 108 -20.16 -54.05 -7.21
CA ARG Z 108 -20.03 -55.36 -7.83
C ARG Z 108 -20.40 -55.36 -9.31
N ALA Z 109 -20.86 -54.24 -9.85
CA ALA Z 109 -21.22 -54.21 -11.27
C ALA Z 109 -20.07 -54.60 -12.17
N PRO Z 110 -18.87 -54.05 -12.02
CA PRO Z 110 -17.71 -54.58 -12.74
C PRO Z 110 -17.13 -55.78 -12.01
N TYR Z 111 -16.28 -56.52 -12.72
CA TYR Z 111 -15.67 -57.77 -12.27
C TYR Z 111 -16.68 -58.91 -12.27
N TYR Z 112 -17.95 -58.64 -12.54
CA TYR Z 112 -18.99 -59.66 -12.57
C TYR Z 112 -19.93 -59.33 -13.72
N GLY Z 113 -20.75 -60.32 -14.07
CA GLY Z 113 -21.72 -60.14 -15.13
C GLY Z 113 -21.07 -60.21 -16.50
N PRO Z 114 -21.81 -59.83 -17.55
CA PRO Z 114 -21.28 -59.95 -18.90
C PRO Z 114 -20.32 -58.84 -19.28
N ASN Z 115 -20.56 -57.63 -18.77
CA ASN Z 115 -19.73 -56.47 -19.08
C ASN Z 115 -18.64 -56.33 -18.03
N ARG Z 116 -17.59 -57.12 -18.17
CA ARG Z 116 -16.47 -57.15 -17.23
C ARG Z 116 -15.17 -57.18 -18.03
N PRO Z 117 -14.06 -56.82 -17.41
CA PRO Z 117 -12.78 -56.87 -18.14
C PRO Z 117 -12.34 -58.30 -18.37
N LEU Z 118 -11.79 -58.55 -19.55
CA LEU Z 118 -11.37 -59.87 -19.97
C LEU Z 118 -9.86 -59.88 -20.22
N TRP Z 119 -9.33 -61.09 -20.40
CA TRP Z 119 -7.88 -61.33 -20.38
C TRP Z 119 -7.14 -60.82 -21.61
N LYS Z 120 -7.85 -60.25 -22.58
CA LYS Z 120 -7.21 -59.65 -23.74
C LYS Z 120 -7.83 -58.30 -24.08
N GLY Z 121 -8.37 -57.61 -23.08
CA GLY Z 121 -8.94 -56.29 -23.29
C GLY Z 121 -10.06 -56.31 -24.31
N PRO Z 122 -10.01 -55.40 -25.28
CA PRO Z 122 -11.05 -55.35 -26.32
C PRO Z 122 -10.85 -56.34 -27.47
N PHE Z 123 -9.82 -57.18 -27.41
CA PHE Z 123 -9.53 -58.16 -28.45
C PHE Z 123 -10.08 -59.54 -28.10
N THR Z 124 -11.17 -59.59 -27.34
CA THR Z 124 -11.75 -60.84 -26.86
C THR Z 124 -13.02 -61.21 -27.62
N LYS Z 125 -13.04 -60.99 -28.93
CA LYS Z 125 -14.11 -61.50 -29.75
C LYS Z 125 -14.37 -62.95 -29.36
N PRO Z 126 -15.62 -63.34 -29.07
CA PRO Z 126 -15.82 -64.61 -28.37
C PRO Z 126 -15.47 -65.82 -29.23
N LYS Z 127 -14.27 -66.36 -28.97
CA LYS Z 127 -13.87 -67.68 -29.42
C LYS Z 127 -13.12 -68.45 -28.36
N ASP Z 128 -12.52 -67.77 -27.37
CA ASP Z 128 -11.79 -68.39 -26.28
C ASP Z 128 -12.46 -68.18 -24.93
N VAL Z 129 -13.35 -67.18 -24.82
CA VAL Z 129 -14.15 -66.99 -23.62
C VAL Z 129 -15.18 -68.11 -23.57
N PRO Z 130 -15.05 -69.10 -22.67
CA PRO Z 130 -15.95 -70.24 -22.73
C PRO Z 130 -17.37 -69.89 -22.32
N GLU Z 131 -18.27 -70.88 -22.37
CA GLU Z 131 -19.67 -70.70 -22.03
C GLU Z 131 -19.97 -71.11 -20.59
N TYR Z 132 -18.94 -71.26 -19.75
CA TYR Z 132 -19.14 -71.48 -18.32
C TYR Z 132 -18.54 -70.39 -17.45
N LEU Z 133 -17.69 -69.53 -18.00
CA LEU Z 133 -17.10 -68.42 -17.26
C LEU Z 133 -17.96 -67.17 -17.45
N LYS Z 134 -19.15 -67.18 -16.81
CA LYS Z 134 -20.11 -66.06 -17.01
C LYS Z 134 -19.72 -64.84 -16.15
N GLY Z 135 -18.96 -65.04 -15.07
CA GLY Z 135 -18.54 -63.93 -14.25
C GLY Z 135 -19.14 -63.89 -12.85
N GLU Z 136 -19.61 -65.01 -12.31
CA GLU Z 136 -20.16 -65.01 -10.96
C GLU Z 136 -19.10 -65.05 -9.88
N TYR Z 137 -17.84 -65.34 -10.23
CA TYR Z 137 -16.81 -65.56 -9.23
C TYR Z 137 -15.70 -64.52 -9.37
N PRO Z 138 -15.02 -64.19 -8.26
CA PRO Z 138 -14.01 -63.13 -8.31
C PRO Z 138 -12.87 -63.47 -9.24
N GLY Z 139 -12.34 -62.44 -9.90
CA GLY Z 139 -11.19 -62.60 -10.76
C GLY Z 139 -11.48 -63.32 -12.06
N ASP Z 140 -12.74 -63.37 -12.48
CA ASP Z 140 -13.10 -64.08 -13.70
C ASP Z 140 -12.80 -63.17 -14.89
N TYR Z 141 -11.73 -63.47 -15.60
CA TYR Z 141 -11.34 -62.75 -16.80
C TYR Z 141 -11.50 -63.59 -18.06
N GLY Z 142 -12.06 -64.79 -17.96
CA GLY Z 142 -12.38 -65.58 -19.13
C GLY Z 142 -11.19 -66.22 -19.81
N CYS Z 143 -10.16 -66.58 -19.05
CA CYS Z 143 -8.95 -67.19 -19.60
C CYS Z 143 -8.93 -68.66 -19.19
N ASP Z 144 -9.39 -69.53 -20.09
CA ASP Z 144 -9.30 -71.01 -19.85
C ASP Z 144 -8.76 -71.61 -21.15
N ILE Z 145 -7.59 -71.15 -21.60
CA ILE Z 145 -7.00 -71.59 -22.86
C ILE Z 145 -6.98 -73.12 -22.94
N PHE Z 146 -6.49 -73.76 -21.88
CA PHE Z 146 -6.29 -75.20 -21.87
C PHE Z 146 -7.50 -75.98 -21.39
N LYS Z 147 -8.60 -75.30 -21.05
CA LYS Z 147 -9.87 -75.95 -20.79
C LYS Z 147 -9.81 -76.84 -19.54
N LEU Z 148 -9.13 -76.35 -18.51
CA LEU Z 148 -9.02 -77.09 -17.25
C LEU Z 148 -10.29 -77.02 -16.42
N ALA Z 149 -10.93 -75.86 -16.38
CA ALA Z 149 -12.10 -75.64 -15.53
C ALA Z 149 -13.41 -75.89 -16.26
N ARG Z 150 -13.39 -76.71 -17.31
CA ARG Z 150 -14.61 -77.01 -18.05
C ARG Z 150 -15.58 -77.87 -17.25
N LEU Z 151 -15.10 -78.55 -16.20
CA LEU Z 151 -15.97 -79.32 -15.32
C LEU Z 151 -16.32 -78.46 -14.11
N PRO Z 152 -17.60 -78.19 -13.84
CA PRO Z 152 -17.92 -77.28 -12.72
C PRO Z 152 -17.36 -77.72 -11.39
N ALA Z 153 -17.33 -79.03 -11.11
CA ALA Z 153 -16.77 -79.49 -9.85
C ALA Z 153 -15.28 -79.21 -9.77
N ASN Z 154 -14.55 -79.49 -10.86
CA ASN Z 154 -13.13 -79.16 -10.90
C ASN Z 154 -12.91 -77.65 -10.84
N TYR Z 155 -13.84 -76.87 -11.40
CA TYR Z 155 -13.73 -75.43 -11.34
C TYR Z 155 -13.72 -74.92 -9.90
N ALA Z 156 -14.61 -75.48 -9.06
CA ALA Z 156 -14.62 -75.10 -7.66
C ALA Z 156 -13.33 -75.51 -6.96
N ARG Z 157 -12.84 -76.72 -7.23
CA ARG Z 157 -11.59 -77.16 -6.63
C ARG Z 157 -10.43 -76.26 -7.04
N LEU Z 158 -10.37 -75.90 -8.32
CA LEU Z 158 -9.30 -75.03 -8.79
C LEU Z 158 -9.38 -73.66 -8.14
N ARG Z 159 -10.58 -73.13 -7.97
CA ARG Z 159 -10.73 -71.83 -7.33
C ARG Z 159 -10.20 -71.85 -5.90
N THR Z 160 -10.54 -72.90 -5.15
CA THR Z 160 -10.01 -73.03 -3.80
C THR Z 160 -8.50 -73.20 -3.81
N GLN Z 161 -7.97 -74.01 -4.74
CA GLN Z 161 -6.53 -74.21 -4.83
C GLN Z 161 -5.83 -72.92 -5.24
N GLU Z 162 -6.45 -72.15 -6.13
CA GLU Z 162 -5.91 -70.84 -6.48
C GLU Z 162 -5.86 -69.93 -5.27
N LEU Z 163 -6.93 -69.94 -4.46
CA LEU Z 163 -6.99 -69.07 -3.29
C LEU Z 163 -5.90 -69.40 -2.29
N MET Z 164 -5.57 -70.69 -2.14
CA MET Z 164 -4.67 -71.10 -1.06
C MET Z 164 -3.22 -70.81 -1.40
N ASN Z 165 -2.74 -71.28 -2.56
CA ASN Z 165 -1.43 -70.80 -3.02
C ASN Z 165 -1.42 -69.28 -3.12
N GLY Z 166 -2.57 -68.66 -3.41
CA GLY Z 166 -2.60 -67.21 -3.48
C GLY Z 166 -2.35 -66.56 -2.13
N ARG Z 167 -3.05 -67.02 -1.10
CA ARG Z 167 -2.85 -66.46 0.24
C ARG Z 167 -1.45 -66.77 0.75
N TRP Z 168 -1.00 -68.01 0.58
CA TRP Z 168 0.34 -68.38 1.03
C TRP Z 168 1.42 -67.62 0.28
N ALA Z 169 1.19 -67.38 -1.02
CA ALA Z 169 2.15 -66.60 -1.79
C ALA Z 169 2.26 -65.18 -1.26
N MET Z 170 1.12 -64.60 -0.86
CA MET Z 170 1.14 -63.24 -0.32
C MET Z 170 2.01 -63.18 0.93
N LEU Z 171 1.82 -64.11 1.86
CA LEU Z 171 2.65 -64.14 3.06
C LEU Z 171 4.11 -64.38 2.70
N GLY Z 172 4.36 -65.29 1.76
CA GLY Z 172 5.74 -65.66 1.46
C GLY Z 172 6.55 -64.51 0.89
N ILE Z 173 5.97 -63.79 -0.08
CA ILE Z 173 6.68 -62.66 -0.66
C ILE Z 173 6.92 -61.57 0.38
N THR Z 174 5.93 -61.34 1.24
CA THR Z 174 6.13 -60.41 2.35
C THR Z 174 7.24 -60.90 3.27
N GLY Z 175 7.27 -62.21 3.54
CA GLY Z 175 8.30 -62.77 4.40
C GLY Z 175 9.67 -62.86 3.75
N CYS Z 176 9.71 -62.84 2.41
CA CYS Z 176 10.99 -62.86 1.70
C CYS Z 176 11.60 -61.48 1.50
N LEU Z 177 10.79 -60.43 1.59
CA LEU Z 177 11.26 -59.07 1.37
C LEU Z 177 11.48 -58.29 2.66
N THR Z 178 10.55 -58.37 3.61
CA THR Z 178 10.70 -57.63 4.85
C THR Z 178 12.03 -57.93 5.56
N PRO Z 179 12.53 -59.17 5.58
CA PRO Z 179 13.84 -59.39 6.23
C PRO Z 179 14.93 -58.52 5.65
N GLU Z 180 14.89 -58.24 4.35
CA GLU Z 180 15.93 -57.49 3.67
C GLU Z 180 15.55 -56.02 3.45
N LEU Z 181 14.45 -55.56 4.05
CA LEU Z 181 14.21 -54.13 4.23
C LEU Z 181 14.54 -53.67 5.64
N ILE Z 182 14.91 -54.59 6.53
CA ILE Z 182 15.34 -54.27 7.88
C ILE Z 182 16.71 -54.92 8.05
N ASN Z 183 17.75 -54.08 8.12
CA ASN Z 183 19.14 -54.57 8.19
C ASN Z 183 19.50 -55.29 6.90
N SER Z 184 20.73 -55.76 6.79
CA SER Z 184 21.18 -56.46 5.59
C SER Z 184 22.57 -57.03 5.88
N ASN Z 185 23.14 -57.69 4.86
CA ASN Z 185 24.45 -58.31 4.95
C ASN Z 185 24.42 -59.55 5.82
N SER Z 186 25.04 -60.63 5.37
CA SER Z 186 25.11 -61.89 6.10
C SER Z 186 26.41 -62.00 6.90
N THR Z 187 26.72 -61.00 7.73
CA THR Z 187 27.94 -61.03 8.51
C THR Z 187 27.80 -62.01 9.67
N PRO Z 188 26.76 -61.89 10.50
CA PRO Z 188 26.54 -62.90 11.54
C PRO Z 188 25.80 -64.10 10.99
N GLY Z 189 25.36 -65.01 11.85
CA GLY Z 189 24.55 -66.13 11.39
C GLY Z 189 23.17 -65.72 10.92
N PHE Z 190 22.94 -64.42 10.75
CA PHE Z 190 21.75 -63.90 10.11
C PHE Z 190 21.92 -63.91 8.60
N GLU Z 191 20.80 -63.92 7.89
CA GLU Z 191 20.82 -63.98 6.44
C GLU Z 191 19.73 -63.09 5.86
N PRO Z 192 20.08 -62.04 5.10
CA PRO Z 192 19.05 -61.20 4.47
C PRO Z 192 18.46 -61.80 3.22
N VAL Z 193 19.02 -62.91 2.72
CA VAL Z 193 18.59 -63.52 1.47
C VAL Z 193 17.57 -64.59 1.78
N TRP Z 194 16.43 -64.55 1.09
CA TRP Z 194 15.34 -65.47 1.41
C TRP Z 194 15.74 -66.91 1.16
N PHE Z 195 16.45 -67.18 0.07
CA PHE Z 195 16.77 -68.55 -0.32
C PHE Z 195 18.03 -69.09 0.32
N ASN Z 196 18.74 -68.29 1.11
CA ASN Z 196 19.91 -68.76 1.84
C ASN Z 196 19.67 -68.81 3.34
N THR Z 197 18.46 -68.47 3.80
CA THR Z 197 18.14 -68.54 5.21
C THR Z 197 17.83 -69.96 5.69
N GLY Z 198 17.58 -70.88 4.75
CA GLY Z 198 17.20 -72.24 5.12
C GLY Z 198 18.37 -73.14 5.43
N ALA Z 199 19.53 -72.85 4.87
CA ALA Z 199 20.77 -73.56 5.21
C ALA Z 199 21.48 -72.90 6.37
N GLN Z 200 20.90 -71.79 6.81
CA GLN Z 200 21.56 -71.04 7.88
C GLN Z 200 21.70 -71.95 9.11
N ILE Z 201 20.60 -72.50 9.63
CA ILE Z 201 20.66 -73.43 10.76
C ILE Z 201 21.47 -74.66 10.37
N PHE Z 202 21.19 -75.24 9.21
CA PHE Z 202 21.73 -76.54 8.82
C PHE Z 202 23.20 -76.67 9.17
N SER Z 203 23.98 -75.64 8.89
CA SER Z 203 25.42 -75.63 9.19
C SER Z 203 25.75 -74.40 10.02
N ASP Z 204 27.04 -74.30 10.37
CA ASP Z 204 27.56 -73.19 11.17
C ASP Z 204 26.69 -72.87 12.38
N ALA Z 205 26.03 -71.71 12.37
CA ALA Z 205 25.26 -71.24 13.50
C ALA Z 205 23.80 -71.69 13.35
N GLY Z 206 22.92 -71.15 14.21
CA GLY Z 206 21.50 -71.44 14.13
C GLY Z 206 20.76 -70.20 13.70
N ILE Z 207 19.43 -70.21 13.68
CA ILE Z 207 18.69 -69.07 13.16
C ILE Z 207 18.65 -67.98 14.22
N ASP Z 208 19.20 -66.81 13.89
CA ASP Z 208 19.30 -65.68 14.82
C ASP Z 208 18.42 -64.56 14.29
N TYR Z 209 17.19 -64.50 14.80
CA TYR Z 209 16.22 -63.51 14.39
C TYR Z 209 16.82 -62.11 14.41
N LEU Z 210 16.91 -61.48 13.25
CA LEU Z 210 17.42 -60.12 13.10
C LEU Z 210 18.81 -59.99 13.74
N GLY Z 211 19.77 -60.65 13.11
CA GLY Z 211 21.16 -60.55 13.53
C GLY Z 211 21.63 -61.72 14.37
N ILE Z 216 16.08 -71.18 19.30
CA ILE Z 216 16.41 -70.22 18.25
C ILE Z 216 17.91 -70.27 17.97
N ASN Z 217 18.52 -71.46 18.06
CA ASN Z 217 19.97 -71.57 17.96
C ASN Z 217 20.34 -72.97 17.49
N ALA Z 218 21.65 -73.25 17.50
CA ALA Z 218 22.24 -74.55 17.19
C ALA Z 218 21.84 -74.99 15.77
N HIS Z 219 21.75 -76.31 15.55
CA HIS Z 219 21.60 -76.87 14.21
C HIS Z 219 20.57 -77.99 14.20
N SER Z 220 19.63 -78.00 15.14
CA SER Z 220 18.68 -79.09 15.29
C SER Z 220 17.54 -78.88 14.29
N LEU Z 221 17.56 -79.64 13.20
CA LEU Z 221 16.45 -79.58 12.26
C LEU Z 221 15.19 -80.18 12.88
N PHE Z 222 15.26 -81.44 13.29
CA PHE Z 222 14.06 -82.14 13.77
C PHE Z 222 13.73 -81.74 15.20
N ALA Z 223 13.72 -80.43 15.45
CA ALA Z 223 13.03 -79.85 16.60
C ALA Z 223 12.16 -78.66 16.20
N VAL Z 224 12.46 -78.02 15.07
CA VAL Z 224 11.49 -77.16 14.38
C VAL Z 224 10.57 -77.99 13.49
N ILE Z 225 11.12 -79.03 12.85
CA ILE Z 225 10.36 -79.81 11.88
C ILE Z 225 9.12 -80.42 12.54
N VAL Z 226 9.32 -81.10 13.67
CA VAL Z 226 8.21 -81.79 14.31
C VAL Z 226 7.16 -80.78 14.77
N VAL Z 227 7.61 -79.70 15.41
CA VAL Z 227 6.68 -78.69 15.89
C VAL Z 227 5.87 -78.12 14.74
N GLN Z 228 6.56 -77.77 13.63
CA GLN Z 228 5.85 -77.24 12.49
C GLN Z 228 4.92 -78.29 11.88
N ALA Z 229 5.40 -79.53 11.75
CA ALA Z 229 4.56 -80.58 11.20
C ALA Z 229 3.34 -80.83 12.08
N LEU Z 230 3.53 -80.85 13.40
CA LEU Z 230 2.41 -81.04 14.31
C LEU Z 230 1.43 -79.87 14.24
N LEU Z 231 1.94 -78.64 14.33
CA LEU Z 231 1.05 -77.49 14.34
C LEU Z 231 0.30 -77.36 13.02
N MET Z 232 0.98 -77.53 11.89
CA MET Z 232 0.30 -77.41 10.61
C MET Z 232 -0.68 -78.54 10.39
N GLY Z 233 -0.30 -79.76 10.75
CA GLY Z 233 -1.19 -80.89 10.54
C GLY Z 233 -2.56 -80.68 11.16
N LEU Z 234 -2.59 -80.05 12.33
CA LEU Z 234 -3.86 -79.84 13.03
C LEU Z 234 -4.61 -78.64 12.49
N ALA Z 235 -3.90 -77.55 12.16
CA ALA Z 235 -4.54 -76.43 11.47
C ALA Z 235 -5.03 -76.86 10.09
N GLU Z 236 -4.15 -77.51 9.33
CA GLU Z 236 -4.52 -78.14 8.07
C GLU Z 236 -5.74 -79.05 8.26
N TYR Z 237 -5.73 -79.85 9.33
CA TYR Z 237 -6.83 -80.76 9.59
C TYR Z 237 -8.07 -80.03 10.08
N ALA Z 238 -7.89 -79.00 10.92
CA ALA Z 238 -9.03 -78.25 11.43
C ALA Z 238 -9.65 -77.35 10.38
N ARG Z 239 -8.96 -77.10 9.27
CA ARG Z 239 -9.50 -76.28 8.18
C ARG Z 239 -10.32 -77.11 7.20
N ILE Z 240 -9.84 -78.30 6.84
CA ILE Z 240 -10.60 -79.19 5.98
C ILE Z 240 -11.85 -79.70 6.66
N LYS Z 241 -11.92 -79.61 7.99
CA LYS Z 241 -13.09 -80.03 8.74
C LYS Z 241 -13.52 -78.90 9.67
N PHE Z 242 -14.47 -79.19 10.56
CA PHE Z 242 -14.84 -78.26 11.62
C PHE Z 242 -15.43 -76.97 11.05
N VAL Z 243 -16.11 -77.08 9.92
CA VAL Z 243 -16.86 -75.96 9.35
C VAL Z 243 -18.06 -75.73 10.27
N PRO Z 244 -18.24 -74.54 10.86
CA PRO Z 244 -19.15 -74.44 12.01
C PRO Z 244 -20.53 -75.03 11.78
N GLU Z 245 -21.32 -74.45 10.87
CA GLU Z 245 -22.52 -75.14 10.40
C GLU Z 245 -22.69 -75.03 8.89
N GLY Z 246 -22.44 -73.83 8.34
CA GLY Z 246 -22.65 -73.59 6.92
C GLY Z 246 -21.70 -72.57 6.32
N ALA Z 247 -20.60 -72.29 7.01
CA ALA Z 247 -19.65 -71.31 6.53
C ALA Z 247 -18.84 -71.89 5.38
N ASP Z 248 -18.52 -71.05 4.41
CA ASP Z 248 -17.66 -71.47 3.31
C ASP Z 248 -16.31 -71.92 3.89
N PRO Z 249 -15.85 -73.14 3.61
CA PRO Z 249 -14.59 -73.59 4.21
C PRO Z 249 -13.39 -72.76 3.82
N PHE Z 250 -13.54 -71.82 2.89
CA PHE Z 250 -12.45 -70.95 2.48
C PHE Z 250 -12.73 -69.48 2.74
N TYR Z 251 -13.98 -69.11 3.04
CA TYR Z 251 -14.33 -67.80 3.54
C TYR Z 251 -15.18 -67.97 4.80
N PRO Z 252 -14.58 -68.44 5.91
CA PRO Z 252 -15.38 -68.64 7.12
C PRO Z 252 -16.12 -67.40 7.57
N GLY Z 253 -15.42 -66.28 7.73
CA GLY Z 253 -16.09 -65.03 8.05
C GLY Z 253 -16.83 -65.04 9.36
N GLY Z 254 -16.25 -65.65 10.40
CA GLY Z 254 -16.85 -65.64 11.71
C GLY Z 254 -16.38 -64.48 12.55
N LYS Z 255 -15.98 -64.74 13.78
CA LYS Z 255 -15.38 -63.74 14.65
C LYS Z 255 -13.89 -63.96 14.88
N THR Z 256 -13.35 -65.10 14.47
CA THR Z 256 -11.92 -65.37 14.57
C THR Z 256 -11.18 -65.18 13.26
N PHE Z 257 -11.87 -65.30 12.11
CA PHE Z 257 -11.27 -65.07 10.81
C PHE Z 257 -11.70 -63.78 10.16
N ASP Z 258 -12.80 -63.18 10.60
CA ASP Z 258 -13.21 -61.84 10.16
C ASP Z 258 -13.51 -60.98 11.39
N PRO Z 259 -12.54 -60.84 12.29
CA PRO Z 259 -12.77 -60.01 13.48
C PRO Z 259 -13.07 -58.55 13.16
N LEU Z 260 -12.50 -58.01 12.10
CA LEU Z 260 -12.71 -56.61 11.75
C LEU Z 260 -14.00 -56.37 10.98
N GLY Z 261 -14.68 -57.43 10.56
CA GLY Z 261 -15.99 -57.27 9.94
C GLY Z 261 -15.99 -56.48 8.65
N PHE Z 262 -14.99 -56.68 7.80
CA PHE Z 262 -15.00 -56.06 6.47
C PHE Z 262 -16.10 -56.62 5.59
N SER Z 263 -16.59 -57.83 5.88
CA SER Z 263 -17.51 -58.54 5.01
C SER Z 263 -18.96 -58.44 5.47
N SER Z 264 -19.27 -57.53 6.40
CA SER Z 264 -20.64 -57.36 6.85
C SER Z 264 -21.56 -57.01 5.68
N ASP Z 265 -21.15 -56.03 4.87
CA ASP Z 265 -21.93 -55.67 3.69
C ASP Z 265 -21.65 -56.66 2.57
N PRO Z 266 -22.68 -57.29 1.99
CA PRO Z 266 -22.40 -58.25 0.91
C PRO Z 266 -21.68 -57.64 -0.28
N GLU Z 267 -22.01 -56.39 -0.63
CA GLU Z 267 -21.37 -55.76 -1.78
C GLU Z 267 -19.88 -55.56 -1.52
N ILE Z 268 -19.51 -55.13 -0.31
CA ILE Z 268 -18.10 -54.93 0.01
C ILE Z 268 -17.39 -56.26 0.20
N LEU Z 269 -18.11 -57.35 0.41
CA LEU Z 269 -17.52 -58.67 0.35
C LEU Z 269 -17.30 -59.12 -1.09
N ALA Z 270 -18.18 -58.71 -2.00
CA ALA Z 270 -18.03 -59.10 -3.40
C ALA Z 270 -16.76 -58.50 -4.01
N GLU Z 271 -16.50 -57.22 -3.76
CA GLU Z 271 -15.32 -56.59 -4.35
C GLU Z 271 -14.05 -56.96 -3.59
N LEU Z 272 -14.13 -57.13 -2.28
CA LEU Z 272 -12.95 -57.53 -1.51
C LEU Z 272 -12.46 -58.90 -1.95
N LYS Z 273 -13.36 -59.79 -2.35
CA LYS Z 273 -12.94 -61.06 -2.92
C LYS Z 273 -12.14 -60.86 -4.19
N VAL Z 274 -12.59 -59.94 -5.05
CA VAL Z 274 -11.83 -59.62 -6.26
C VAL Z 274 -10.47 -59.03 -5.89
N LYS Z 275 -10.45 -58.14 -4.89
CA LYS Z 275 -9.19 -57.56 -4.44
C LYS Z 275 -8.26 -58.64 -3.89
N GLU Z 276 -8.81 -59.56 -3.11
CA GLU Z 276 -7.99 -60.63 -2.52
C GLU Z 276 -7.36 -61.49 -3.61
N ILE Z 277 -8.16 -61.96 -4.56
CA ILE Z 277 -7.65 -62.87 -5.57
C ILE Z 277 -6.65 -62.17 -6.47
N LYS Z 278 -6.88 -60.89 -6.76
CA LYS Z 278 -5.98 -60.16 -7.66
C LYS Z 278 -4.65 -59.87 -6.99
N ASN Z 279 -4.67 -59.44 -5.72
CA ASN Z 279 -3.42 -59.27 -5.00
C ASN Z 279 -2.72 -60.61 -4.82
N GLY Z 280 -3.50 -61.68 -4.57
CA GLY Z 280 -2.92 -63.00 -4.45
C GLY Z 280 -2.23 -63.46 -5.73
N ARG Z 281 -2.84 -63.19 -6.87
CA ARG Z 281 -2.23 -63.56 -8.15
C ARG Z 281 -0.93 -62.80 -8.36
N LEU Z 282 -0.92 -61.52 -7.99
CA LEU Z 282 0.31 -60.73 -8.07
C LEU Z 282 1.40 -61.30 -7.17
N ALA Z 283 1.03 -61.73 -5.96
CA ALA Z 283 2.01 -62.34 -5.07
C ALA Z 283 2.59 -63.60 -5.70
N MET Z 284 1.75 -64.36 -6.40
CA MET Z 284 2.21 -65.61 -6.99
C MET Z 284 3.18 -65.36 -8.14
N MET Z 285 2.84 -64.43 -9.05
CA MET Z 285 3.77 -64.03 -10.10
C MET Z 285 5.08 -63.49 -9.52
N ALA Z 286 4.99 -62.67 -8.47
CA ALA Z 286 6.21 -62.20 -7.83
C ALA Z 286 7.03 -63.37 -7.30
N MET Z 287 6.37 -64.38 -6.74
CA MET Z 287 7.10 -65.52 -6.21
C MET Z 287 7.80 -66.28 -7.33
N ALA Z 288 7.10 -66.55 -8.43
CA ALA Z 288 7.72 -67.21 -9.56
C ALA Z 288 8.90 -66.40 -10.07
N GLY Z 289 8.79 -65.07 -10.02
CA GLY Z 289 9.93 -64.24 -10.37
C GLY Z 289 11.09 -64.43 -9.43
N LEU Z 290 10.82 -64.50 -8.12
CA LEU Z 290 11.89 -64.75 -7.15
C LEU Z 290 12.54 -66.11 -7.40
N PHE Z 291 11.73 -67.15 -7.63
CA PHE Z 291 12.29 -68.47 -7.86
C PHE Z 291 13.13 -68.49 -9.14
N ALA Z 292 12.59 -67.95 -10.23
CA ALA Z 292 13.32 -67.93 -11.49
C ALA Z 292 14.55 -67.03 -11.40
N GLN Z 293 14.40 -65.83 -10.84
CA GLN Z 293 15.53 -64.92 -10.73
C GLN Z 293 16.62 -65.48 -9.83
N GLY Z 294 16.23 -66.08 -8.71
CA GLY Z 294 17.22 -66.74 -7.86
C GLY Z 294 17.89 -67.90 -8.57
N ALA Z 295 17.13 -68.67 -9.35
CA ALA Z 295 17.70 -69.78 -10.08
C ALA Z 295 18.70 -69.31 -11.14
N VAL Z 296 18.45 -68.15 -11.74
CA VAL Z 296 19.30 -67.65 -12.82
C VAL Z 296 20.38 -66.76 -12.25
N THR Z 297 19.98 -65.64 -11.63
CA THR Z 297 20.97 -64.68 -11.15
C THR Z 297 21.65 -65.18 -9.88
N GLY Z 298 20.89 -65.75 -8.95
CA GLY Z 298 21.45 -66.20 -7.70
C GLY Z 298 21.68 -65.13 -6.67
N VAL Z 299 21.12 -63.93 -6.84
CA VAL Z 299 21.33 -62.81 -5.94
C VAL Z 299 19.98 -62.39 -5.37
N SER Z 300 20.03 -61.66 -4.26
CA SER Z 300 18.81 -61.29 -3.55
C SER Z 300 17.89 -60.49 -4.47
N PRO Z 301 16.57 -60.69 -4.39
CA PRO Z 301 15.67 -60.01 -5.35
C PRO Z 301 15.81 -58.49 -5.37
N LEU Z 302 15.96 -57.84 -4.22
CA LEU Z 302 16.06 -56.38 -4.23
C LEU Z 302 17.37 -55.92 -4.88
N GLN Z 303 18.46 -56.64 -4.61
CA GLN Z 303 19.72 -56.31 -5.27
C GLN Z 303 19.60 -56.47 -6.78
N ASN Z 304 18.80 -57.43 -7.24
CA ASN Z 304 18.51 -57.54 -8.67
C ASN Z 304 17.80 -56.30 -9.16
N LEU Z 305 16.81 -55.80 -8.39
CA LEU Z 305 16.13 -54.57 -8.77
C LEU Z 305 17.09 -53.39 -8.79
N HIS Z 306 17.96 -53.29 -7.79
CA HIS Z 306 18.92 -52.19 -7.74
C HIS Z 306 19.84 -52.22 -8.95
N ASP Z 307 20.34 -53.41 -9.30
CA ASP Z 307 21.20 -53.53 -10.48
C ASP Z 307 20.44 -53.18 -11.76
N TRP Z 308 19.21 -53.65 -11.88
CA TRP Z 308 18.43 -53.39 -13.09
C TRP Z 308 18.12 -51.91 -13.24
N LEU Z 309 17.67 -51.26 -12.17
CA LEU Z 309 17.26 -49.86 -12.26
C LEU Z 309 18.47 -48.93 -12.31
N HIS Z 310 19.31 -48.97 -11.28
CA HIS Z 310 20.45 -48.05 -11.22
C HIS Z 310 21.33 -48.21 -12.46
N LEU Z 311 21.62 -49.44 -12.85
CA LEU Z 311 22.40 -49.70 -14.05
C LEU Z 311 21.50 -50.17 -15.19
MG CHL AA . -7.56 -70.87 43.26
CHA CHL AA . -6.21 -67.73 43.74
CHB CHL AA . -6.14 -71.91 46.11
CHC CHL AA . -9.10 -73.91 42.78
CHD CHL AA . -8.70 -69.77 40.05
NA CHL AA . -6.45 -69.99 44.67
C1A CHL AA . -6.09 -68.77 44.79
C2A CHL AA . -5.49 -68.41 46.12
C3A CHL AA . -5.14 -69.78 46.64
C4A CHL AA . -5.96 -70.64 45.74
CMA CHL AA . -3.66 -70.11 46.52
CAA CHL AA . -6.49 -67.62 46.97
CBA CHL AA . -6.07 -67.39 48.41
CGA CHL AA . -4.96 -66.37 48.52
O1A CHL AA . -5.22 -65.19 48.62
O2A CHL AA . -3.57 -66.79 48.53
NB CHL AA . -7.60 -72.63 44.29
C1B CHL AA . -6.97 -72.91 45.44
C2B CHL AA . -7.18 -74.28 45.99
C3B CHL AA . -8.07 -74.84 44.97
C4B CHL AA . -8.28 -73.76 43.99
CMB CHL AA . -6.63 -74.91 47.24
CAB CHL AA . -8.66 -76.21 44.94
NC CHL AA . -8.68 -71.67 41.72
C1C CHL AA . -9.23 -72.90 41.70
C2C CHL AA . -9.98 -73.21 40.46
C3C CHL AA . -9.87 -72.01 39.64
C4C CHL AA . -9.05 -71.13 40.51
CMC CHL AA . -10.69 -74.47 40.14
CAC CHL AA . -10.44 -71.77 38.27
CBC CHL AA . -11.87 -71.27 38.38
ND CHL AA . -7.52 -69.20 42.09
C1D CHL AA . -7.95 -68.82 40.87
C2D CHL AA . -7.62 -67.39 40.50
C3D CHL AA . -6.91 -66.99 41.71
C4D CHL AA . -6.90 -68.04 42.52
CMD CHL AA . -7.83 -66.43 39.35
CAD CHL AA . -6.20 -65.87 42.35
OBD CHL AA . -6.03 -64.70 41.83
CBD CHL AA . -5.72 -66.31 43.69
CGD CHL AA . -4.24 -66.18 43.78
O1D CHL AA . -3.69 -65.98 44.86
O2D CHL AA . -3.43 -66.27 42.58
C1 CHL AA . -2.77 -66.51 49.68
C2 CHL AA . -2.30 -67.82 50.26
C3 CHL AA . -1.35 -68.55 49.66
C4 CHL AA . -0.69 -68.07 48.40
C5 CHL AA . -0.91 -69.86 50.27
C6 CHL AA . 0.42 -69.71 51.00
C7 CHL AA . 1.61 -70.01 50.08
C8 CHL AA . 2.73 -70.82 50.76
C9 CHL AA . 2.26 -72.24 51.05
C10 CHL AA . 3.24 -70.13 52.03
C11 CHL AA . 4.41 -69.20 51.75
C12 CHL AA . 5.53 -69.44 52.75
C13 CHL AA . 6.63 -68.40 52.62
C14 CHL AA . 7.98 -69.06 52.37
C15 CHL AA . 6.70 -67.52 53.86
C16 CHL AA . 7.18 -66.10 53.53
C17 CHL AA . 8.41 -65.71 54.37
C18 CHL AA . 8.45 -64.26 54.89
C19 CHL AA . 9.17 -63.37 53.89
C20 CHL AA . 7.09 -63.68 55.27
MG CLA BA . -8.21 -58.18 41.68
CHA CLA BA . -11.35 -59.32 42.63
CHB CLA BA . -9.09 -55.03 42.74
CHC CLA BA . -4.91 -57.22 41.54
CHD CLA BA . -7.20 -61.56 41.28
NA CLA BA . -9.93 -57.34 42.52
C1A CLA BA . -11.14 -57.99 42.84
C2A CLA BA . -12.15 -57.02 43.42
C3A CLA BA . -11.48 -55.64 43.20
C4A CLA BA . -10.05 -56.02 42.81
CMA CLA BA . -12.16 -54.88 42.09
CAA CLA BA . -12.41 -57.30 44.89
CBA CLA BA . -11.18 -57.27 45.78
CGA CLA BA . -10.97 -55.91 46.37
O1A CLA BA . -11.80 -55.13 46.82
O2A CLA BA . -9.65 -55.54 46.41
NB CLA BA . -7.20 -56.48 42.13
C1B CLA BA . -7.75 -55.27 42.39
C2B CLA BA . -6.74 -54.18 42.22
C3B CLA BA . -5.57 -54.80 41.88
C4B CLA BA . -5.84 -56.26 41.83
CMB CLA BA . -7.02 -52.76 42.40
CAB CLA BA . -4.28 -54.21 41.64
CBB CLA BA . -3.80 -53.17 42.30
NC CLA BA . -6.40 -59.20 41.42
C1C CLA BA . -5.17 -58.60 41.33
C2C CLA BA . -4.14 -59.61 41.07
C3C CLA BA . -4.78 -60.84 41.07
C4C CLA BA . -6.20 -60.58 41.26
CMC CLA BA . -2.72 -59.34 40.91
CAC CLA BA . -4.14 -62.15 40.83
CBC CLA BA . -3.57 -62.75 42.09
ND CLA BA . -9.03 -60.02 41.81
C1D CLA BA . -8.53 -61.33 41.55
C2D CLA BA . -9.64 -62.30 41.60
C3D CLA BA . -10.77 -61.58 41.99
C4D CLA BA . -10.31 -60.17 42.15
CMD CLA BA . -9.53 -63.72 41.32
CAD CLA BA . -12.19 -61.61 42.29
OBD CLA BA . -12.97 -62.53 42.21
CBD CLA BA . -12.58 -60.18 42.80
CGD CLA BA . -13.75 -59.63 42.04
O1D CLA BA . -14.94 -59.69 42.34
O2D CLA BA . -13.42 -59.00 40.88
CED CLA BA . -14.46 -58.38 40.13
C1 CLA BA . -9.39 -54.13 46.39
C2 CLA BA . -7.97 -53.95 46.01
C3 CLA BA . -6.93 -54.18 46.84
C4 CLA BA . -7.15 -54.64 48.24
C5 CLA BA . -5.54 -53.96 46.33
C6 CLA BA . -4.49 -53.55 47.36
C7 CLA BA . -3.36 -54.56 47.42
C8 CLA BA . -2.60 -54.56 48.74
C9 CLA BA . -1.22 -53.96 48.58
C10 CLA BA . -2.46 -55.97 49.30
C11 CLA BA . -1.50 -56.83 48.50
C12 CLA BA . -1.79 -58.30 48.70
C13 CLA BA . -0.57 -59.18 48.46
C14 CLA BA . 0.34 -59.16 49.67
C15 CLA BA . 0.20 -58.76 47.21
C16 CLA BA . 0.99 -59.91 46.62
C17 CLA BA . 0.10 -61.00 46.08
C18 CLA BA . 0.59 -61.73 44.83
C19 CLA BA . 1.85 -62.51 45.10
C20 CLA BA . 0.74 -60.80 43.64
MG CLA CA . -0.48 -49.38 42.45
CHA CLA CA . -2.83 -47.17 43.73
CHB CLA CA . -1.27 -51.60 44.93
CHC CLA CA . 2.27 -51.29 41.62
CHD CLA CA . 0.70 -46.82 40.33
NA CLA CA . -1.85 -49.36 44.04
C1A CLA CA . -2.76 -48.36 44.40
C2A CLA CA . -3.59 -48.76 45.61
C3A CLA CA . -3.15 -50.21 45.87
C4A CLA CA . -2.01 -50.43 44.89
CMA CLA CA . -2.72 -50.36 47.30
CAA CLA CA . -5.08 -48.70 45.32
CBA CLA CA . -5.95 -49.17 46.47
CGA CLA CA . -5.89 -48.22 47.62
O1A CLA CA . -6.13 -47.01 47.61
O2A CLA CA . -5.54 -48.83 48.80
NB CLA CA . 0.33 -51.10 43.14
C1B CLA CA . -0.18 -51.91 44.10
C2B CLA CA . 0.59 -53.17 44.18
C3B CLA CA . 1.60 -53.09 43.25
C4B CLA CA . 1.44 -51.77 42.58
CMB CLA CA . 0.31 -54.24 45.13
CAB CLA CA . 2.65 -54.03 42.95
CBB CLA CA . 3.94 -53.74 42.86
NC CLA CA . 1.16 -49.11 41.19
C1C CLA CA . 2.15 -50.04 40.97
C2C CLA CA . 3.09 -49.55 39.98
C3C CLA CA . 2.67 -48.27 39.65
C4C CLA CA . 1.46 -48.00 40.40
CMC CLA CA . 4.26 -50.28 39.46
CAC CLA CA . 3.28 -47.40 38.65
CBC CLA CA . 2.75 -47.72 37.27
ND CLA CA . -0.89 -47.45 42.08
C1D CLA CA . -0.39 -46.53 41.11
C2D CLA CA . -1.23 -45.31 41.12
C3D CLA CA . -2.18 -45.51 42.09
C4D CLA CA . -1.92 -46.84 42.67
CMD CLA CA . -1.01 -44.16 40.24
CAD CLA CA . -3.33 -44.95 42.79
OBD CLA CA . -3.90 -43.88 42.61
CBD CLA CA . -3.77 -45.99 43.87
CGD CLA CA . -3.76 -45.39 45.25
O1D CLA CA . -4.73 -44.96 45.88
O2D CLA CA . -2.54 -45.34 45.84
CED CLA CA . -2.44 -45.62 47.24
C1 CLA CA . -5.12 -48.02 49.92
C2 CLA CA . -3.73 -48.44 50.25
C3 CLA CA . -3.13 -48.17 51.42
C4 CLA CA . -3.83 -47.41 52.48
C5 CLA CA . -1.73 -48.61 51.74
C6 CLA CA . -0.99 -49.32 50.62
C7 CLA CA . 0.49 -49.47 50.90
C8 CLA CA . 1.28 -48.17 51.03
C9 CLA CA . 0.81 -47.13 50.02
C10 CLA CA . 2.79 -48.49 50.99
C11 CLA CA . 3.71 -47.62 50.14
C12 CLA CA . 4.62 -46.74 50.96
C13 CLA CA . 4.99 -45.44 50.25
C14 CLA CA . 3.83 -44.46 50.33
C15 CLA CA . 5.48 -45.62 48.81
C16 CLA CA . 5.38 -44.36 47.97
C17 CLA CA . 5.95 -44.59 46.58
C18 CLA CA . 6.23 -43.30 45.83
C19 CLA CA . 7.56 -42.70 46.23
C20 CLA CA . 5.13 -42.27 46.03
MG CLA DA . 10.20 -50.56 26.42
CHA CLA DA . 13.31 -49.40 25.40
CHB CLA DA . 10.14 -48.12 28.84
CHC CLA DA . 6.83 -51.12 26.90
CHD CLA DA . 10.08 -52.60 23.53
NA CLA DA . 11.52 -49.05 27.02
C1A CLA DA . 12.76 -48.73 26.46
C2A CLA DA . 13.42 -47.56 27.21
C3A CLA DA . 12.52 -47.39 28.45
C4A CLA DA . 11.29 -48.22 28.09
CMA CLA DA . 13.19 -47.88 29.70
CAA CLA DA . 13.52 -46.30 26.35
CBA CLA DA . 12.20 -45.68 25.92
CGA CLA DA . 11.89 -46.08 24.51
O1A CLA DA . 11.42 -47.14 24.11
O2A CLA DA . 12.22 -45.10 23.60
NB CLA DA . 8.79 -49.80 27.65
C1B CLA DA . 8.96 -48.84 28.59
C2B CLA DA . 7.70 -48.62 29.35
C3B CLA DA . 6.76 -49.47 28.81
C4B CLA DA . 7.43 -50.23 27.72
CMB CLA DA . 7.57 -47.64 30.42
CAB CLA DA . 5.37 -49.65 29.14
CBB CLA DA . 4.87 -49.69 30.38
NC CLA DA . 8.74 -51.68 25.42
C1C CLA DA . 7.44 -51.81 25.82
C2C CLA DA . 6.72 -52.73 24.93
C3C CLA DA . 7.63 -53.10 23.94
C4C CLA DA . 8.90 -52.46 24.27
CMC CLA DA . 5.31 -53.11 25.05
CAC CLA DA . 7.39 -54.02 22.81
CBC CLA DA . 7.15 -53.29 21.50
ND CLA DA . 11.34 -50.93 24.79
C1D CLA DA . 11.24 -51.89 23.75
C2D CLA DA . 12.53 -51.96 23.02
C3D CLA DA . 13.35 -51.02 23.61
C4D CLA DA . 12.57 -50.41 24.70
CMD CLA DA . 12.80 -52.85 21.89
CAD CLA DA . 14.66 -50.39 23.59
OBD CLA DA . 15.61 -50.56 22.84
CBD CLA DA . 14.67 -49.35 24.77
CGD CLA DA . 15.75 -49.73 25.74
O1D CLA DA . 16.27 -50.83 25.90
O2D CLA DA . 16.19 -48.70 26.54
CED CLA DA . 16.27 -48.98 27.93
C1 CLA DA . 11.17 -44.20 23.19
C2 CLA DA . 10.37 -44.89 22.13
C3 CLA DA . 9.67 -44.25 21.18
C4 CLA DA . 9.62 -42.77 21.10
C5 CLA DA . 8.91 -45.02 20.16
C6 CLA DA . 7.45 -44.59 20.06
C7 CLA DA . 6.85 -44.39 21.43
MG CHL EA . 16.82 -37.36 20.05
CHA CHL EA . 15.24 -38.59 17.23
CHB CHL EA . 19.65 -36.95 18.25
CHC CHL EA . 18.21 -35.85 22.80
CHD CHL EA . 13.73 -37.74 21.81
NA CHL EA . 17.37 -37.73 18.15
C1A CHL EA . 16.66 -38.19 17.17
C2A CHL EA . 17.38 -38.31 15.87
C3A CHL EA . 18.78 -37.93 16.23
C4A CHL EA . 18.61 -37.50 17.66
CMA CHL EA . 19.77 -39.07 16.11
CAA CHL EA . 16.77 -37.40 14.81
NB CHL EA . 18.64 -36.54 20.46
C1B CHL EA . 19.70 -36.44 19.63
C2B CHL EA . 20.91 -35.79 20.20
C3B CHL EA . 20.45 -35.47 21.55
C4B CHL EA . 19.05 -35.97 21.60
CMB CHL EA . 22.25 -35.51 19.56
CAB CHL EA . 21.21 -34.79 22.63
NC CHL EA . 16.11 -36.90 21.93
C1C CHL EA . 16.81 -36.30 22.91
C2C CHL EA . 16.04 -36.09 24.16
C3C CHL EA . 14.72 -36.64 23.90
C4C CHL EA . 14.88 -37.12 22.50
CMC CHL EA . 16.52 -35.45 25.41
CAC CHL EA . 13.51 -36.71 24.80
ND CHL EA . 14.91 -37.99 19.70
C1D CHL EA . 13.75 -38.14 20.40
C2D CHL EA . 12.59 -38.68 19.61
C3D CHL EA . 13.25 -38.85 18.32
C4D CHL EA . 14.51 -38.45 18.47
CMD CHL EA . 11.14 -39.04 19.80
CAD CHL EA . 13.04 -39.29 16.91
OBD CHL EA . 11.94 -39.74 16.43
CBD CHL EA . 14.33 -39.13 16.18
CGD CHL EA . 14.82 -40.45 15.65
O1D CHL EA . 15.28 -41.28 16.41
O2D CHL EA . 14.73 -40.77 14.24
MG CHL FA . 9.61 -42.74 28.59
CHA CHL FA . 9.69 -41.04 25.59
CHB CHL FA . 6.28 -42.34 28.71
CHC CHL FA . 9.63 -44.60 31.48
CHD CHL FA . 13.20 -42.97 28.40
NA CHL FA . 8.25 -41.89 27.40
C1A CHL FA . 8.41 -41.30 26.26
C2A CHL FA . 7.14 -40.85 25.59
C3A CHL FA . 6.11 -41.14 26.65
C4A CHL FA . 6.94 -41.84 27.67
CMA CHL FA . 5.48 -39.88 27.23
CAA CHL FA . 6.92 -41.58 24.27
CBA CHL FA . 6.65 -40.65 23.09
CGA CHL FA . 5.29 -40.95 22.51
O1A CHL FA . 5.05 -42.05 22.03
O2A CHL FA . 4.25 -39.93 22.51
NB CHL FA . 8.18 -43.38 29.90
C1B CHL FA . 6.87 -43.12 29.81
C2B CHL FA . 6.00 -43.69 30.87
C3B CHL FA . 6.98 -44.37 31.70
C4B CHL FA . 8.31 -44.12 31.02
CMB CHL FA . 4.51 -43.56 31.01
CAB CHL FA . 6.55 -45.11 32.92
CBB CHL FA . 7.32 -45.86 33.68
NC CHL FA . 11.11 -43.61 29.71
C1C CHL FA . 10.94 -44.33 30.85
C2C CHL FA . 12.22 -44.82 31.42
C3C CHL FA . 13.27 -44.34 30.54
C4C CHL FA . 12.47 -43.62 29.53
CMC CHL FA . 12.46 -45.61 32.66
OMC CHL FA . 11.53 -45.91 33.36
CAC CHL FA . 14.75 -44.55 30.63
CBC CHL FA . 15.39 -43.36 31.33
ND CHL FA . 11.15 -42.19 27.36
C1D CHL FA . 12.50 -42.28 27.32
C2D CHL FA . 13.15 -41.65 26.11
C3D CHL FA . 11.96 -41.17 25.44
C4D CHL FA . 10.92 -41.50 26.20
CMD CHL FA . 14.53 -41.45 25.54
CAD CHL FA . 11.50 -40.43 24.24
OBD CHL FA . 12.24 -39.97 23.30
CBD CHL FA . 10.00 -40.32 24.31
CGD CHL FA . 9.61 -38.88 24.39
O1D CHL FA . 10.09 -38.16 25.25
O2D CHL FA . 8.66 -38.32 23.46
CED CHL FA . 8.44 -36.91 23.44
MG CHL GA . 13.00 -46.01 36.98
CHA CHL GA . 16.31 -46.45 37.86
CHB CHL GA . 12.19 -48.77 38.72
CHC CHL GA . 9.70 -45.32 36.30
CHD CHL GA . 14.00 -43.14 35.09
NA CHL GA . 14.02 -47.35 38.07
C1A CHL GA . 15.29 -47.39 38.35
C2A CHL GA . 15.72 -48.54 39.23
C3A CHL GA . 14.45 -49.37 39.25
C4A CHL GA . 13.47 -48.44 38.64
CMA CHL GA . 14.57 -50.63 38.42
CAA CHL GA . 16.31 -48.06 40.56
CBA CHL GA . 15.51 -48.36 41.83
CGA CHL GA . 15.82 -49.75 42.31
O1A CHL GA . 16.98 -50.07 42.51
O2A CHL GA . 14.76 -50.72 42.52
NB CHL GA . 11.22 -46.90 37.44
C1B CHL GA . 11.05 -48.03 38.15
C2B CHL GA . 9.67 -48.51 38.34
C3B CHL GA . 8.91 -47.47 37.63
C4B CHL GA . 9.95 -46.53 37.11
CMB CHL GA . 9.20 -49.72 39.09
CAB CHL GA . 7.41 -47.52 37.56
CBB CHL GA . 6.62 -46.59 37.06
NC CHL GA . 12.05 -44.53 35.91
C1C CHL GA . 10.71 -44.40 35.74
C2C CHL GA . 10.32 -43.24 34.91
C3C CHL GA . 11.56 -42.58 34.54
C4C CHL GA . 12.56 -43.46 35.21
CMC CHL GA . 8.96 -42.79 34.51
OMC CHL GA . 7.96 -43.38 34.87
CAC CHL GA . 11.75 -41.34 33.69
CBC CHL GA . 11.32 -40.11 34.46
ND CHL GA . 14.69 -44.98 36.53
C1D CHL GA . 15.04 -43.89 35.79
C2D CHL GA . 16.52 -43.56 35.80
C3D CHL GA . 16.99 -44.64 36.67
C4D CHL GA . 15.92 -45.36 37.00
CMD CHL GA . 17.45 -42.54 35.22
CAD CHL GA . 18.20 -45.21 37.28
OBD CHL GA . 19.40 -44.77 37.15
CBD CHL GA . 17.79 -46.41 38.08
CGD CHL GA . 18.47 -47.65 37.57
O1D CHL GA . 18.07 -48.22 36.57
O2D CHL GA . 19.65 -48.16 38.24
CED CHL GA . 20.58 -49.00 37.55
C1 CHL GA . 15.02 -51.88 43.32
C2 CHL GA . 14.14 -51.88 44.55
C3 CHL GA . 12.86 -52.30 44.56
C4 CHL GA . 12.17 -52.23 45.90
C5 CHL GA . 12.17 -52.83 43.31
C6 CHL GA . 10.72 -52.38 43.17
C7 CHL GA . 10.60 -50.92 42.76
C8 CHL GA . 9.46 -50.15 43.43
C9 CHL GA . 9.88 -49.77 44.85
C10 CHL GA . 8.13 -50.89 43.45
C11 CHL GA . 7.23 -50.51 42.29
C12 CHL GA . 6.08 -49.58 42.70
C13 CHL GA . 6.53 -48.14 42.87
C14 CHL GA . 5.53 -47.39 43.74
C15 CHL GA . 6.80 -47.51 41.50
C16 CHL GA . 5.83 -46.43 41.03
C17 CHL GA . 6.38 -45.04 41.33
C18 CHL GA . 5.35 -43.92 41.13
C19 CHL GA . 4.85 -43.88 39.70
C20 CHL GA . 4.19 -44.05 42.11
MG CHL HA . -5.94 -42.67 26.59
CHA CHL HA . -5.12 -45.69 28.04
CHB CHL HA . -2.82 -42.46 25.31
CHC CHL HA . -6.93 -39.84 24.90
CHD CHL HA . -9.20 -42.98 28.02
NA CHL HA . -4.29 -43.80 26.67
C1A CHL HA . -4.13 -44.97 27.22
C2A CHL HA . -2.79 -45.61 26.95
C3A CHL HA . -2.02 -44.45 26.39
C4A CHL HA . -3.12 -43.48 26.10
CMA CHL HA . -1.01 -43.89 27.38
CAA CHL HA . -2.88 -46.77 25.98
CBA CHL HA . -3.66 -46.39 24.73
NB CHL HA . -5.02 -41.36 25.31
C1B CHL HA . -3.75 -41.40 24.89
C2B CHL HA . -3.34 -40.32 23.96
C3B CHL HA . -4.58 -39.56 23.84
C4B CHL HA . -5.55 -40.27 24.72
CMB CHL HA . -2.01 -40.10 23.31
CAB CHL HA . -4.82 -38.33 23.04
NC CHL HA . -7.71 -41.62 26.49
C1C CHL HA . -7.94 -40.50 25.75
C2C CHL HA . -9.33 -39.98 25.87
C3C CHL HA . -10.00 -40.88 26.79
C4C CHL HA . -8.91 -41.86 27.11
CMC CHL HA . -9.93 -38.79 25.23
OMC CHL HA . -9.27 -38.10 24.48
CAC CHL HA . -11.43 -40.84 27.29
ND CHL HA . -6.99 -43.97 27.75
C1D CHL HA . -8.24 -44.05 28.29
C2D CHL HA . -8.49 -45.30 29.10
C3D CHL HA . -7.18 -45.93 28.96
C4D CHL HA . -6.44 -45.13 28.21
CMD CHL HA . -9.59 -45.93 29.89
CAD CHL HA . -6.40 -47.13 29.35
OBD CHL HA . -6.82 -48.10 30.08
CBD CHL HA . -5.03 -47.00 28.76
CGD CHL HA . -3.98 -46.99 29.82
O1D CHL HA . -3.74 -47.99 30.48
O2D CHL HA . -3.22 -45.77 30.09
MG CHL IA . -1.90 -41.99 36.53
CHA CHL IA . -4.23 -43.82 38.31
CHB CHL IA . -3.66 -39.19 37.17
CHC CHL IA . 0.81 -40.20 35.42
CHD CHL IA . -0.18 -45.05 35.85
NA CHL IA . -3.59 -41.57 37.50
C1A CHL IA . -4.34 -42.36 38.20
C2A CHL IA . -5.41 -41.66 38.98
C3A CHL IA . -5.47 -40.33 38.28
C4A CHL IA . -4.16 -40.36 37.58
CMA CHL IA . -6.60 -40.24 37.27
CAA CHL IA . -5.09 -41.64 40.48
CBA CHL IA . -4.10 -40.57 40.95
CGA CHL IA . -2.89 -41.19 41.62
O1A CHL IA . -1.88 -41.40 40.98
O2A CHL IA . -2.92 -41.54 43.03
NB CHL IA . -1.48 -39.99 36.32
C1B CHL IA . -2.32 -38.98 36.61
C2B CHL IA . -1.79 -37.63 36.38
C3B CHL IA . -0.45 -37.90 35.86
C4B CHL IA . -0.34 -39.40 35.88
CMB CHL IA . -2.48 -36.32 36.61
CAB CHL IA . 0.48 -36.79 35.47
CBB CHL IA . 1.73 -36.92 35.04
NC CHL IA . -0.07 -42.52 35.77
C1C CHL IA . 0.91 -41.66 35.38
C2C CHL IA . 2.14 -42.34 34.88
C3C CHL IA . 1.87 -43.77 34.99
C4C CHL IA . 0.48 -43.76 35.55
CMC CHL IA . 3.39 -41.75 34.36
OMC CHL IA . 3.54 -40.55 34.31
CAC CHL IA . 2.77 -44.92 34.62
CBC CHL IA . 3.98 -44.94 35.53
ND CHL IA . -2.08 -43.98 36.92
C1D CHL IA . -1.41 -45.13 36.64
C2D CHL IA . -2.01 -46.38 37.22
C3D CHL IA . -3.16 -45.79 37.90
C4D CHL IA . -3.11 -44.48 37.67
CMD CHL IA . -1.77 -47.87 37.28
CAD CHL IA . -4.34 -46.11 38.73
OBD CHL IA . -4.69 -47.29 39.12
CBD CHL IA . -5.07 -44.84 39.03
CGD CHL IA . -6.48 -44.89 38.54
O1D CHL IA . -6.76 -45.40 37.47
O2D CHL IA . -7.55 -44.34 39.36
CED CHL IA . -8.90 -44.69 39.06
C1 CHL IA . -1.76 -41.42 43.86
C2 CHL IA . -1.08 -42.77 43.98
C3 CHL IA . 0.21 -42.99 43.65
C4 CHL IA . 1.13 -41.90 43.17
C5 CHL IA . 0.76 -44.40 43.81
C6 CHL IA . 1.87 -44.46 44.85
C7 CHL IA . 1.50 -45.40 45.99
C8 CHL IA . 1.55 -46.88 45.58
C9 CHL IA . 0.17 -47.49 45.81
C10 CHL IA . 2.69 -47.61 46.29
C11 CHL IA . 2.52 -49.11 46.53
C12 CHL IA . 3.58 -49.92 45.80
C13 CHL IA . 3.63 -51.40 46.21
C14 CHL IA . 2.42 -51.86 47.00
C15 CHL IA . 4.89 -51.69 47.03
C16 CHL IA . 5.93 -52.51 46.26
C17 CHL IA . 5.92 -53.97 46.72
C18 CHL IA . 7.09 -54.83 46.21
C19 CHL IA . 8.13 -54.08 45.38
C20 CHL IA . 7.78 -55.52 47.38
MG CLA JA . -7.88 -53.64 26.37
CHA CLA JA . -10.54 -51.90 24.97
CHB CLA JA . -9.41 -56.56 25.39
CHC CLA JA . -4.88 -55.31 26.65
CHD CLA JA . -6.14 -50.57 26.57
NA CLA JA . -9.69 -54.13 25.43
C1A CLA JA . -10.65 -53.25 24.91
C2A CLA JA . -11.80 -54.02 24.30
C3A CLA JA . -11.61 -55.44 24.86
C4A CLA JA . -10.12 -55.41 25.24
CMA CLA JA . -12.48 -55.70 26.06
CAA CLA JA . -11.57 -53.90 22.79
CBA CLA JA . -11.55 -55.18 21.98
CGA CLA JA . -10.37 -56.07 22.21
O1A CLA JA . -10.35 -57.16 22.78
O2A CLA JA . -9.18 -55.59 21.74
NB CLA JA . -7.26 -55.55 26.04
C1B CLA JA . -8.06 -56.61 25.74
C2B CLA JA . -7.29 -57.88 25.82
C3B CLA JA . -6.00 -57.54 26.17
C4B CLA JA . -5.97 -56.06 26.33
CMB CLA JA . -7.88 -59.19 25.54
CAB CLA JA . -4.85 -58.38 26.36
CBB CLA JA . -4.64 -59.56 25.77
NC CLA JA . -5.90 -53.05 26.68
C1C CLA JA . -4.85 -53.90 26.85
C2C CLA JA . -3.63 -53.15 27.12
C3C CLA JA . -3.96 -51.80 26.99
C4C CLA JA . -5.39 -51.75 26.73
CMC CLA JA . -2.31 -53.73 27.38
CAC CLA JA . -3.07 -50.66 27.18
CBC CLA JA . -2.37 -50.25 25.89
ND CLA JA . -8.25 -51.68 26.08
C1D CLA JA . -7.47 -50.51 26.25
C2D CLA JA . -8.31 -49.32 26.03
C3D CLA JA . -9.52 -49.80 25.55
C4D CLA JA . -9.40 -51.26 25.54
CMD CLA JA . -7.90 -47.94 26.23
CAD CLA JA . -10.87 -49.47 25.10
OBD CLA JA . -11.46 -48.40 25.11
CBD CLA JA . -11.49 -50.80 24.57
CGD CLA JA . -12.90 -51.00 25.06
O1D CLA JA . -13.27 -51.27 26.21
O2D CLA JA . -13.85 -50.88 24.08
CED CLA JA . -15.11 -50.34 24.43
C1 CLA JA . -8.42 -56.56 20.99
C2 CLA JA . -7.32 -57.11 21.84
C3 CLA JA . -6.64 -58.21 21.49
C4 CLA JA . -6.97 -58.98 20.26
C5 CLA JA . -5.55 -58.73 22.35
C6 CLA JA . -4.19 -58.11 22.06
C7 CLA JA . -3.55 -58.65 20.80
C8 CLA JA . -3.18 -57.53 19.83
C9 CLA JA . -3.04 -58.05 18.42
C10 CLA JA . -1.91 -56.81 20.28
C11 CLA JA . -0.65 -57.63 20.07
C12 CLA JA . 0.37 -57.41 21.16
C13 CLA JA . 1.21 -56.15 20.90
C14 CLA JA . 2.59 -56.54 20.44
C15 CLA JA . 1.26 -55.27 22.14
C16 CLA JA . 1.94 -53.95 21.83
C17 CLA JA . 1.78 -52.98 22.99
C18 CLA JA . 2.26 -51.56 22.70
C19 CLA JA . 1.08 -50.62 22.50
C20 CLA JA . 3.20 -51.47 21.52
MG CLA KA . -7.07 -70.95 31.86
CHA CLA KA . -8.45 -68.76 29.54
CHB CLA KA . -9.13 -73.41 30.66
CHC CLA KA . -5.12 -73.33 33.41
CHD CLA KA . -4.46 -68.59 32.37
NA CLA KA . -8.57 -71.03 30.41
C1A CLA KA . -8.99 -70.01 29.54
C2A CLA KA . -10.12 -70.48 28.63
C3A CLA KA . -10.50 -71.85 29.23
C4A CLA KA . -9.33 -72.15 30.16
CMA CLA KA . -11.81 -71.81 29.96
CAA CLA KA . -9.61 -70.61 27.21
CBA CLA KA . -10.70 -70.96 26.22
CGA CLA KA . -11.52 -69.74 25.91
O1A CLA KA . -12.72 -69.53 26.11
O2A CLA KA . -10.79 -68.75 25.32
NB CLA KA . -7.08 -72.97 31.95
C1B CLA KA . -8.10 -73.77 31.53
C2B CLA KA . -7.98 -75.13 32.12
C3B CLA KA . -6.84 -75.13 32.90
C4B CLA KA . -6.26 -73.75 32.81
CMB CLA KA . -8.93 -76.21 31.86
CAB CLA KA . -6.27 -76.18 33.69
CBB CLA KA . -5.00 -76.56 33.62
NC CLA KA . -5.20 -70.93 32.80
C1C CLA KA . -4.62 -72.00 33.43
C2C CLA KA . -3.35 -71.62 34.04
C3C CLA KA . -3.12 -70.30 33.65
C4C CLA KA . -4.29 -69.87 32.89
CMC CLA KA . -2.48 -72.49 34.82
CAC CLA KA . -1.99 -69.45 34.02
CBC CLA KA . -2.21 -68.75 35.34
ND CLA KA . -6.64 -69.05 31.32
C1D CLA KA . -5.55 -68.18 31.62
C2D CLA KA . -5.79 -66.85 31.00
C3D CLA KA . -6.93 -67.01 30.23
C4D CLA KA . -7.36 -68.41 30.39
CMD CLA KA . -4.96 -65.68 31.20
CAD CLA KA . -7.89 -66.37 29.34
OBD CLA KA . -8.04 -65.19 29.08
CBD CLA KA . -8.75 -67.52 28.72
CGD CLA KA . -10.21 -67.18 28.67
O1D CLA KA . -11.05 -67.53 27.83
O2D CLA KA . -10.65 -66.41 29.71
CED CLA KA . -11.77 -66.89 30.42
MG CLA LA . -2.69 -64.39 26.47
CHA CLA LA . -5.62 -65.37 24.86
CHB CLA LA . -2.40 -61.81 24.21
CHC CLA LA . 0.63 -63.98 27.30
CHD CLA LA . -2.60 -67.59 28.02
NA CLA LA . -3.87 -63.69 24.88
C1A CLA LA . -5.06 -64.23 24.38
C2A CLA LA . -5.61 -63.38 23.20
C3A CLA LA . -4.63 -62.19 23.15
C4A CLA LA . -3.56 -62.57 24.16
CMA CLA LA . -4.03 -62.05 21.78
CAA CLA LA . -7.00 -62.85 23.48
CBA CLA LA . -7.65 -62.26 22.24
CGA CLA LA . -8.45 -63.29 21.50
O1A CLA LA . -9.08 -64.25 21.96
O2A CLA LA . -8.44 -63.10 20.14
NB CLA LA . -1.20 -63.16 25.87
C1B CLA LA . -1.32 -62.09 25.04
C2B CLA LA . -0.11 -61.23 25.11
C3B CLA LA . 0.76 -61.83 25.97
C4B CLA LA . 0.09 -63.07 26.47
CMB CLA LA . 0.05 -60.02 24.30
CAB CLA LA . 2.09 -61.43 26.36
CBB CLA LA . 3.17 -62.23 26.34
NC CLA LA . -1.30 -65.52 27.55
C1C CLA LA . -0.02 -65.12 27.83
C2C CLA LA . 0.65 -66.10 28.67
C3C CLA LA . -0.22 -67.18 28.78
C4C CLA LA . -1.44 -66.80 28.09
CMC CLA LA . 2.02 -65.99 29.19
CAC CLA LA . 0.00 -68.43 29.53
CBC CLA LA . -0.82 -68.51 30.79
ND CLA LA . -3.86 -66.04 26.59
C1D CLA LA . -3.73 -67.25 27.32
C2D CLA LA . -4.97 -68.04 27.16
C3D CLA LA . -5.74 -67.36 26.24
C4D CLA LA . -4.97 -66.14 25.87
CMD CLA LA . -5.24 -69.32 27.84
CAD CLA LA . -6.98 -67.32 25.47
OBD CLA LA . -7.94 -68.08 25.50
CBD CLA LA . -6.88 -66.11 24.51
CGD CLA LA . -6.91 -66.53 23.06
O1D CLA LA . -7.88 -66.94 22.42
O2D CLA LA . -5.71 -66.41 22.43
CED CLA LA . -5.22 -67.57 21.74
C1 CLA LA . -7.66 -64.00 19.34
C2 CLA LA . -6.53 -63.20 18.79
C3 CLA LA . -5.24 -63.54 18.86
C4 CLA LA . -4.77 -64.79 19.53
C5 CLA LA . -4.20 -62.65 18.27
C6 CLA LA . -3.19 -63.36 17.39
C7 CLA LA . -2.27 -62.39 16.68
C8 CLA LA . -1.32 -61.62 17.61
C9 CLA LA . -0.70 -60.46 16.85
C10 CLA LA . -0.20 -62.49 18.19
C11 CLA LA . 0.26 -61.98 19.53
C12 CLA LA . 1.34 -62.85 20.13
C13 CLA LA . 2.35 -62.02 20.91
C14 CLA LA . 3.38 -61.41 19.97
C15 CLA LA . 2.99 -62.83 22.06
C16 CLA LA . 4.49 -62.99 21.98
C17 CLA LA . 5.02 -63.82 23.14
C18 CLA LA . 6.54 -63.77 23.28
C19 CLA LA . 7.25 -64.04 21.97
C20 CLA LA . 7.00 -62.45 23.87
MG CLA MA . 9.06 -66.09 40.49
CHA CLA MA . 12.11 -67.56 41.26
CHB CLA MA . 8.78 -68.19 37.80
CHC CLA MA . 5.74 -65.26 40.21
CHD CLA MA . 9.12 -64.56 43.70
NA CLA MA . 10.27 -67.58 39.66
C1A CLA MA . 11.51 -68.05 40.13
C2A CLA MA . 12.07 -69.13 39.22
C3A CLA MA . 11.11 -69.13 38.01
C4A CLA MA . 9.96 -68.26 38.50
CMA CLA MA . 11.76 -68.57 36.77
CAA CLA MA . 12.13 -70.47 39.96
CBA CLA MA . 10.79 -70.97 40.47
CGA CLA MA . 10.58 -70.54 41.89
O1A CLA MA . 11.41 -70.43 42.79
O2A CLA MA . 9.28 -70.23 42.14
NB CLA MA . 7.56 -66.65 39.27
C1B CLA MA . 7.66 -67.42 38.16
C2B CLA MA . 6.40 -67.37 37.37
C3B CLA MA . 5.54 -66.55 38.04
C4B CLA MA . 6.26 -66.08 39.26
CMB CLA MA . 6.21 -68.13 36.12
CAB CLA MA . 4.19 -66.16 37.74
CBB CLA MA . 3.72 -65.83 36.54
NC CLA MA . 7.71 -65.04 41.70
C1C CLA MA . 6.42 -64.76 41.36
C2C CLA MA . 5.78 -63.95 42.38
C3C CLA MA . 6.71 -63.82 43.42
C4C CLA MA . 7.92 -64.49 42.97
CMC CLA MA . 4.41 -63.44 42.32
CAC CLA MA . 6.54 -63.08 44.68
CBC CLA MA . 6.00 -63.95 45.78
ND CLA MA . 10.31 -65.95 42.07
C1D CLA MA . 10.24 -65.24 43.31
C2D CLA MA . 11.54 -65.35 44.01
C3D CLA MA . 12.32 -66.20 43.24
C4D CLA MA . 11.48 -66.58 42.09
CMD CLA MA . 11.85 -64.69 45.27
CAD CLA MA . 13.60 -66.85 43.08
OBD CLA MA . 14.64 -66.70 43.71
CBD CLA MA . 13.46 -67.84 41.88
CGD CLA MA . 14.57 -67.68 40.89
O1D CLA MA . 14.97 -66.63 40.38
O2D CLA MA . 15.20 -68.83 40.55
CED CLA MA . 16.56 -68.76 40.11
C1 CLA MA . 9.01 -69.51 43.36
C2 CLA MA . 7.57 -69.15 43.33
C3 CLA MA . 7.03 -68.30 44.21
C4 CLA MA . 7.88 -67.68 45.26
C5 CLA MA . 5.59 -67.92 44.21
C6 CLA MA . 4.87 -68.10 42.88
C7 CLA MA . 4.13 -69.42 42.86
C8 CLA MA . 3.95 -69.98 41.46
C9 CLA MA . 3.55 -68.89 40.49
C10 CLA MA . 2.90 -71.08 41.43
C11 CLA MA . 3.37 -72.37 42.07
C12 CLA MA . 4.17 -73.26 41.14
C13 CLA MA . 3.27 -74.12 40.25
C14 CLA MA . 2.67 -75.26 41.02
C15 CLA MA . 4.01 -74.64 39.03
C16 CLA MA . 4.96 -75.77 39.38
C17 CLA MA . 6.00 -76.02 38.32
C18 CLA MA . 5.50 -76.93 37.20
C19 CLA MA . 6.31 -76.72 35.93
C20 CLA MA . 5.56 -78.38 37.61
MG CLA NA . 10.12 -75.38 37.57
CHA CLA NA . 8.82 -75.17 40.81
CHB CLA NA . 11.32 -78.51 38.35
CHC CLA NA . 10.36 -76.16 34.21
CHD CLA NA . 8.00 -72.65 36.71
NA CLA NA . 10.13 -76.57 39.29
C1A CLA NA . 9.52 -76.31 40.54
C2A CLA NA . 9.78 -77.44 41.54
C3A CLA NA . 10.83 -78.29 40.81
C4A CLA NA . 10.76 -77.79 39.38
CMA CLA NA . 12.20 -78.13 41.42
CAA CLA NA . 8.49 -78.20 41.81
CBA CLA NA . 7.95 -78.86 40.56
NB CLA NA . 10.66 -77.03 36.51
C1B CLA NA . 11.28 -78.12 37.00
C2B CLA NA . 11.95 -78.90 35.92
C3B CLA NA . 11.69 -78.23 34.75
C4B CLA NA . 10.87 -77.04 35.11
CMB CLA NA . 12.69 -80.13 36.16
CAB CLA NA . 12.06 -78.56 33.40
CBB CLA NA . 12.00 -79.78 32.88
NC CLA NA . 9.41 -74.51 35.79
C1C CLA NA . 9.68 -74.96 34.53
C2C CLA NA . 9.09 -74.08 33.53
C3C CLA NA . 8.34 -73.15 34.24
C4C CLA NA . 8.55 -73.41 35.65
CMC CLA NA . 9.20 -74.23 32.08
CAC CLA NA . 7.55 -72.04 33.70
CBC CLA NA . 8.33 -70.77 33.57
ND CLA NA . 8.89 -74.06 38.50
C1D CLA NA . 8.15 -72.95 38.04
C2D CLA NA . 7.58 -72.22 39.21
C3D CLA NA . 7.86 -73.02 40.31
C4D CLA NA . 8.60 -74.18 39.80
CMD CLA NA . 6.88 -70.94 39.15
CAD CLA NA . 7.75 -73.17 41.75
OBD CLA NA . 7.39 -72.37 42.60
CBD CLA NA . 8.20 -74.64 42.07
CGD CLA NA . 9.12 -74.69 43.26
O1D CLA NA . 9.08 -75.45 44.23
O2D CLA NA . 10.10 -73.76 43.22
CED CLA NA . 11.41 -74.19 42.83
C1 LUT OA . 8.92 -66.16 32.97
C2 LUT OA . 10.34 -66.16 33.54
C3 LUT OA . 10.50 -65.51 34.90
C4 LUT OA . 9.73 -64.19 34.90
C5 LUT OA . 8.29 -64.58 34.78
C6 LUT OA . 7.89 -65.38 33.77
C7 LUT OA . 6.49 -65.39 33.30
C8 LUT OA . 5.79 -64.25 33.32
C9 LUT OA . 4.46 -64.15 32.66
C10 LUT OA . 4.02 -62.92 32.35
C11 LUT OA . 2.79 -62.72 31.59
C12 LUT OA . 2.52 -61.50 31.12
C13 LUT OA . 1.36 -61.23 30.26
C14 LUT OA . 1.37 -60.08 29.56
C15 LUT OA . 0.34 -59.68 28.60
C16 LUT OA . 8.51 -67.61 32.78
C17 LUT OA . 8.93 -65.46 31.61
C18 LUT OA . 7.40 -64.19 35.93
C19 LUT OA . 3.65 -65.36 32.30
C20 LUT OA . 0.29 -62.27 30.17
O3 LUT OA . 11.88 -65.30 35.20
C21 LUT OA . -6.17 -53.21 19.42
C22 LUT OA . -7.54 -53.30 18.76
C23 LUT OA . -8.67 -52.54 19.43
C24 LUT OA . -8.36 -52.03 20.83
C25 LUT OA . -7.27 -52.41 21.51
C26 LUT OA . -6.31 -53.40 20.93
C27 LUT OA . -4.97 -53.29 21.64
C28 LUT OA . -4.54 -54.31 22.38
C29 LUT OA . -3.26 -54.30 23.11
C30 LUT OA . -2.98 -55.40 23.84
C31 LUT OA . -1.77 -55.58 24.65
C32 LUT OA . -1.65 -56.68 25.38
C33 LUT OA . -0.50 -56.96 26.27
C34 LUT OA . -0.54 -58.12 26.98
C35 LUT OA . 0.49 -58.53 27.93
C36 LUT OA . -5.51 -51.88 19.02
C37 LUT OA . -5.34 -54.35 18.87
C38 LUT OA . -7.05 -51.85 22.89
C39 LUT OA . -2.32 -53.13 23.04
C40 LUT OA . 0.63 -55.98 26.40
O23 LUT OA . -9.83 -53.39 19.50
C1 LUT PA . 10.26 -49.50 33.80
C2 LUT PA . 11.52 -49.55 32.94
C3 LUT PA . 11.63 -50.72 31.96
C4 LUT PA . 10.78 -51.89 32.43
C5 LUT PA . 9.38 -51.36 32.47
C6 LUT PA . 9.10 -50.34 33.30
C7 LUT PA . 7.73 -50.12 33.86
C8 LUT PA . 6.82 -51.08 33.97
C9 LUT PA . 5.54 -50.83 34.70
C10 LUT PA . 4.87 -51.91 35.13
C11 LUT PA . 3.69 -51.81 35.97
C12 LUT PA . 3.20 -52.90 36.53
C13 LUT PA . 2.09 -52.87 37.50
C14 LUT PA . 1.91 -53.96 38.27
C15 LUT PA . 0.89 -54.05 39.32
C16 LUT PA . 9.88 -48.03 33.94
C17 LUT PA . 10.56 -50.04 35.19
C18 LUT PA . 8.41 -51.91 31.47
C19 LUT PA . 5.04 -49.46 35.05
C20 LUT PA . 1.26 -51.63 37.66
O3 LUT PA . 13.01 -51.13 31.86
C21 LUT PA . -6.67 -58.89 48.75
C22 LUT PA . -7.92 -58.50 49.52
C23 LUT PA . -9.18 -59.18 48.99
C24 LUT PA . -9.15 -59.45 47.51
C25 LUT PA . -8.08 -59.17 46.74
C26 LUT PA . -6.85 -58.52 47.28
C27 LUT PA . -5.64 -58.92 46.47
C28 LUT PA . -4.98 -57.98 45.79
C29 LUT PA . -3.78 -58.30 44.98
C30 LUT PA . -3.18 -57.28 44.33
C31 LUT PA . -2.02 -57.41 43.46
C32 LUT PA . -1.60 -56.35 42.77
C33 LUT PA . -0.46 -56.39 41.81
C34 LUT PA . -0.23 -55.28 41.08
C35 LUT PA . 0.80 -55.17 40.04
C36 LUT PA . -6.36 -60.37 49.00
C37 LUT PA . -5.52 -58.07 49.30
C38 LUT PA . -8.13 -59.48 45.27
C39 LUT PA . -3.29 -59.72 44.93
C40 LUT PA . 0.34 -57.65 41.64
O23 LUT PA . -10.31 -58.34 49.30
C1 XAT QA . -5.52 -75.14 38.06
C2 XAT QA . -6.85 -75.12 37.32
C3 XAT QA . -7.53 -76.47 37.29
C4 XAT QA . -7.91 -76.86 38.70
C5 XAT QA . -6.81 -76.71 39.77
C6 XAT QA . -5.61 -75.79 39.46
C7 XAT QA . -5.25 -74.90 40.62
C8 XAT QA . -4.04 -74.97 41.19
C9 XAT QA . -3.64 -74.09 42.31
C10 XAT QA . -2.38 -74.21 42.78
C11 XAT QA . -1.82 -73.38 43.84
C12 XAT QA . -0.52 -73.45 44.12
C13 XAT QA . 0.14 -72.59 45.13
C14 XAT QA . 1.47 -72.73 45.24
C15 XAT QA . 2.30 -71.93 46.15
C16 XAT QA . -5.06 -73.69 38.16
C17 XAT QA . -4.45 -75.87 37.25
C18 XAT QA . -7.32 -76.58 41.21
C19 XAT QA . -4.65 -73.13 42.90
C20 XAT QA . -0.66 -71.62 45.96
O3 XAT QA . -8.70 -76.38 36.48
O4 XAT QA . -5.49 -77.21 39.56
C21 XAT QA . 12.60 -65.28 50.40
C22 XAT QA . 13.74 -64.83 51.29
C23 XAT QA . 13.35 -64.81 52.75
C24 XAT QA . 13.16 -66.25 53.19
C25 XAT QA . 12.07 -66.96 52.37
C26 XAT QA . 11.77 -66.46 50.95
C27 XAT QA . 11.43 -67.57 49.97
C28 XAT QA . 10.16 -67.91 49.79
C29 XAT QA . 9.74 -68.98 48.86
C30 XAT QA . 8.42 -69.22 48.76
C31 XAT QA . 7.83 -70.20 47.86
C32 XAT QA . 6.51 -70.29 47.80
C33 XAT QA . 5.82 -71.23 46.89
C34 XAT QA . 4.47 -71.22 46.93
C35 XAT QA . 3.62 -72.05 46.09
C36 XAT QA . 13.23 -65.62 49.06
C37 XAT QA . 11.65 -64.11 50.15
C38 XAT QA . 12.05 -68.50 52.48
C39 XAT QA . 10.75 -69.75 48.05
C40 XAT QA . 6.63 -72.11 45.97
O23 XAT QA . 14.38 -64.18 53.53
O24 XAT QA . 10.88 -66.25 52.04
C1 NEX RA . -7.00 -31.33 19.36
C2 NEX RA . -8.01 -30.61 18.48
C3 NEX RA . -7.86 -29.12 18.46
C4 NEX RA . -6.45 -28.77 18.00
C5 NEX RA . -5.42 -29.24 18.99
C6 NEX RA . -5.62 -30.74 19.22
C7 NEX RA . -4.56 -31.42 19.30
C8 NEX RA . -3.54 -32.14 19.47
C9 NEX RA . -3.23 -32.58 20.83
C10 NEX RA . -2.20 -33.44 21.02
C11 NEX RA . -1.88 -34.04 22.31
C12 NEX RA . -0.99 -35.04 22.34
C13 NEX RA . -0.67 -35.80 23.57
C14 NEX RA . 0.03 -36.95 23.38
C15 NEX RA . 0.35 -37.86 24.47
C16 NEX RA . -7.00 -32.78 18.93
C17 NEX RA . -7.48 -31.25 20.82
C18 NEX RA . -4.03 -29.04 18.41
C19 NEX RA . -4.07 -32.15 22.05
C20 NEX RA . -1.17 -35.39 24.93
O3 NEX RA . -8.85 -28.52 17.62
O4 NEX RA . -5.51 -28.47 20.19
C21 NEX RA . 5.44 -48.27 23.95
C22 NEX RA . 6.50 -49.20 23.38
C23 NEX RA . 7.86 -48.54 23.19
C24 NEX RA . 8.28 -48.02 24.56
C25 NEX RA . 7.47 -46.79 24.90
C26 NEX RA . 5.96 -47.02 24.70
C27 NEX RA . 5.29 -46.63 25.98
C28 NEX RA . 4.39 -45.64 25.94
C29 NEX RA . 3.76 -45.16 27.19
C30 NEX RA . 3.02 -44.02 27.22
C31 NEX RA . 2.73 -43.21 26.03
C32 NEX RA . 2.02 -42.08 26.16
C33 NEX RA . 1.75 -41.21 24.98
C34 NEX RA . 1.22 -40.00 25.21
C35 NEX RA . 0.92 -39.01 24.17
C36 NEX RA . 4.54 -49.08 24.88
C37 NEX RA . 4.61 -47.71 22.81
C38 NEX RA . 7.83 -46.04 26.19
C39 NEX RA . 4.02 -45.87 28.48
C40 NEX RA . 2.13 -41.72 23.62
O23 NEX RA . 8.82 -49.50 22.72
O24 NEX RA . 6.71 -46.08 23.92
O1 LHG SA . -9.99 -74.68 34.57
C1 LHG SA . -11.41 -74.59 34.43
C2 LHG SA . -11.91 -73.27 34.99
O2 LHG SA . -13.31 -73.12 34.71
C3 LHG SA . -11.17 -72.10 34.37
O3 LHG SA . -9.80 -72.10 34.76
P LHG SA . -9.01 -70.70 34.70
O4 LHG SA . -8.67 -70.43 33.26
O5 LHG SA . -9.80 -69.68 35.49
O6 LHG SA . -7.64 -71.03 35.48
C4 LHG SA . -7.33 -70.40 36.72
C5 LHG SA . -6.04 -69.61 36.61
C6 LHG SA . -6.28 -68.41 35.71
O7 LHG SA . -5.68 -69.14 37.91
C7 LHG SA . -4.85 -70.05 38.66
O9 LHG SA . -4.18 -70.90 38.09
C8 LHG SA . -4.81 -69.94 40.18
C9 LHG SA . -3.46 -70.41 40.69
C10 LHG SA . -3.17 -69.81 42.06
O8 LHG SA . -5.38 -67.37 36.06
C23 LHG SA . -5.80 -65.98 35.89
O10 LHG SA . -6.91 -65.74 35.45
C24 LHG SA . -4.88 -64.86 36.29
C11 LHG SA . -1.68 -69.89 42.40
C12 LHG SA . -1.35 -68.87 43.48
C13 LHG SA . 0.14 -68.85 43.80
C14 LHG SA . 0.38 -67.98 45.02
C15 LHG SA . 1.84 -67.60 45.22
C16 LHG SA . 1.98 -66.45 46.20
C17 LHG SA . 2.63 -66.86 47.53
C18 LHG SA . 4.09 -66.42 47.57
C19 LHG SA . 4.71 -66.73 48.92
C20 LHG SA . 6.13 -66.18 49.00
C21 LHG SA . 6.12 -64.66 49.14
C25 LHG SA . -4.35 -65.08 37.69
C26 LHG SA . -3.04 -65.87 37.66
C27 LHG SA . -2.44 -65.99 39.06
C28 LHG SA . -0.99 -66.46 38.99
C29 LHG SA . -0.90 -67.95 38.68
C30 LHG SA . 0.53 -68.35 38.31
C31 LHG SA . 0.58 -69.74 37.69
C32 LHG SA . -0.12 -70.78 38.56
C33 LHG SA . 0.18 -72.19 38.11
C34 LHG SA . -0.54 -73.21 39.00
C35 LHG SA . -0.31 -74.63 38.49
MG CHL TA . -5.79 -48.45 76.39
CHA CHL TA . -4.84 -49.85 73.38
CHB CHL TA . -3.93 -45.74 75.69
CHC CHL TA . -6.80 -47.11 79.40
CHD CHL TA . -7.44 -51.51 77.19
NA CHL TA . -4.67 -47.87 74.84
C1A CHL TA . -4.44 -48.46 73.71
C2A CHL TA . -3.75 -47.64 72.68
C3A CHL TA . -3.20 -46.52 73.54
C4A CHL TA . -3.98 -46.71 74.79
CMA CHL TA . -1.71 -46.66 73.80
CAA CHL TA . -4.74 -47.35 71.55
CBA CHL TA . -4.82 -45.93 70.97
CGA CHL TA . -3.79 -45.74 69.89
O1A CHL TA . -4.13 -45.25 68.82
O2A CHL TA . -2.39 -46.11 70.07
NB CHL TA . -5.42 -46.71 77.39
C1B CHL TA . -4.64 -45.69 76.98
C2B CHL TA . -4.54 -44.53 77.89
C3B CHL TA . -5.41 -44.96 78.98
C4B CHL TA . -5.90 -46.29 78.58
CMB CHL TA . -3.77 -43.24 77.73
CAB CHL TA . -5.74 -44.23 80.23
NC CHL TA . -6.89 -49.17 77.97
C1C CHL TA . -7.22 -48.49 79.10
C2C CHL TA . -8.03 -49.25 80.06
C3C CHL TA . -8.23 -50.57 79.45
C4C CHL TA . -7.49 -50.40 78.16
CMC CHL TA . -8.52 -48.80 81.38
CAC CHL TA . -9.00 -51.74 80.01
CBC CHL TA . -10.47 -51.42 80.05
ND CHL TA . -6.12 -50.28 75.56
C1D CHL TA . -6.76 -51.43 75.90
C2D CHL TA . -6.68 -52.52 74.85
C3D CHL TA . -5.89 -51.82 73.84
C4D CHL TA . -5.64 -50.60 74.33
CMD CHL TA . -7.15 -53.94 74.63
CAD CHL TA . -5.27 -51.97 72.50
OBD CHL TA . -5.32 -53.01 71.76
CBD CHL TA . -4.58 -50.68 72.16
CGD CHL TA . -3.12 -50.93 71.93
O1D CHL TA . -2.48 -50.25 71.15
O2D CHL TA . -2.44 -52.00 72.65
C1 CHL TA . -1.43 -45.76 69.06
C2 CHL TA . -0.45 -44.73 69.56
C3 CHL TA . 0.62 -45.05 70.28
C4 CHL TA . 0.89 -46.49 70.61
C5 CHL TA . 1.53 -43.91 70.73
C6 CHL TA . 2.88 -44.38 71.29
C7 CHL TA . 3.81 -43.20 71.53
C8 CHL TA . 5.27 -43.61 71.49
C9 CHL TA . 6.06 -42.93 72.59
C10 CHL TA . 5.86 -43.29 70.11
C11 CHL TA . 7.10 -44.12 69.82
C12 CHL TA . 8.21 -43.26 69.21
C13 CHL TA . 9.11 -44.07 68.27
C14 CHL TA . 10.51 -44.20 68.87
C15 CHL TA . 9.18 -43.43 66.89
C16 CHL TA . 9.22 -44.47 65.76
C17 CHL TA . 10.31 -44.13 64.72
C18 CHL TA . 9.95 -44.23 63.23
C19 CHL TA . 10.85 -45.25 62.56
C20 CHL TA . 8.49 -44.55 62.90
MG CLA UA . -8.42 -56.07 66.34
CHA CLA UA . -11.23 -54.19 67.01
CHB CLA UA . -9.64 -56.67 63.18
CHC CLA UA . -5.31 -57.18 65.34
CHD CLA UA . -7.00 -54.90 69.37
NA CLA UA . -10.15 -55.51 65.29
C1A CLA UA . -11.20 -54.72 65.75
C2A CLA UA . -12.28 -54.55 64.69
C3A CLA UA . -11.88 -55.60 63.63
C4A CLA UA . -10.44 -55.94 64.03
CMA CLA UA . -12.78 -56.81 63.68
CAA CLA UA . -12.30 -53.16 64.08
CBA CLA UA . -11.01 -52.34 64.13
CGA CLA UA . -9.93 -52.87 63.25
O1A CLA UA . -9.02 -53.66 63.52
O2A CLA UA . -9.96 -52.37 61.97
NB CLA UA . -7.65 -56.78 64.61
C1B CLA UA . -8.32 -57.03 63.45
C2B CLA UA . -7.45 -57.75 62.49
C3B CLA UA . -6.23 -57.90 63.09
C4B CLA UA . -6.33 -57.27 64.44
CMB CLA UA . -7.90 -58.16 61.15
CAB CLA UA . -5.02 -58.47 62.58
CBB CLA UA . -4.56 -58.30 61.34
NC CLA UA . -6.52 -56.06 67.20
C1C CLA UA . -5.39 -56.60 66.64
C2C CLA UA . -4.26 -56.48 67.56
C3C CLA UA . -4.72 -55.78 68.66
C4C CLA UA . -6.14 -55.54 68.45
CMC CLA UA . -2.90 -56.94 67.29
CAC CLA UA . -3.94 -55.42 69.86
CBC CLA UA . -3.14 -54.14 69.68
ND CLA UA . -8.90 -54.80 67.84
C1D CLA UA . -8.29 -54.53 69.09
C2D CLA UA . -9.26 -53.83 69.97
C3D CLA UA . -10.42 -53.67 69.22
C4D CLA UA . -10.13 -54.28 67.90
CMD CLA UA . -9.00 -53.40 71.33
CAD CLA UA . -11.77 -53.14 69.17
OBD CLA UA . -12.39 -52.52 70.01
CBD CLA UA . -12.35 -53.54 67.77
CGD CLA UA . -13.48 -54.51 67.94
O1D CLA UA . -13.38 -55.70 68.26
O2D CLA UA . -14.73 -54.03 67.71
CED CLA UA . -15.78 -55.00 67.61
C1 CLA UA . -9.98 -53.32 60.90
C2 CLA UA . -8.77 -53.11 60.05
C3 CLA UA . -7.60 -53.77 60.18
C4 CLA UA . -7.37 -54.79 61.22
C5 CLA UA . -6.44 -53.47 59.28
C6 CLA UA . -5.12 -53.29 59.99
C7 CLA UA . -3.99 -53.29 58.99
C8 CLA UA . -2.83 -52.39 59.41
C9 CLA UA . -1.96 -52.11 58.21
C10 CLA UA . -2.02 -53.03 60.53
C11 CLA UA . -1.06 -52.06 61.18
C12 CLA UA . -0.32 -52.68 62.35
C13 CLA UA . 0.82 -51.80 62.82
C14 CLA UA . 0.33 -50.80 63.84
MG CLA VA . -1.90 -60.63 57.75
CHA CLA VA . -4.42 -60.13 55.40
CHB CLA VA . -2.00 -57.28 58.50
CHC CLA VA . 1.02 -60.94 59.53
CHD CLA VA . -1.40 -63.87 56.40
NA CLA VA . -3.04 -59.00 57.07
C1A CLA VA . -4.05 -59.00 56.10
C2A CLA VA . -4.66 -57.62 55.91
C3A CLA VA . -3.92 -56.76 56.96
C4A CLA VA . -2.91 -57.73 57.57
CMA CLA VA . -3.26 -55.56 56.32
CAA CLA VA . -6.15 -57.62 56.22
CBA CLA VA . -7.00 -57.03 55.12
CGA CLA VA . -6.73 -55.56 54.98
O1A CLA VA . -6.62 -54.71 55.87
O2A CLA VA . -6.62 -55.17 53.67
NB CLA VA . -0.71 -59.36 58.77
C1B CLA VA . -1.01 -58.08 59.10
C2B CLA VA . -0.10 -57.59 60.18
C3B CLA VA . 0.75 -58.63 60.48
C4B CLA VA . 0.38 -59.76 59.58
CMB CLA VA . -0.17 -56.24 60.73
CAB CLA VA . 1.85 -58.71 61.40
CBB CLA VA . 2.78 -57.77 61.55
NC CLA VA . -0.46 -62.14 57.94
C1C CLA VA . 0.63 -62.07 58.75
C2C CLA VA . 1.39 -63.31 58.70
C3C CLA VA . 0.72 -64.13 57.78
C4C CLA VA . -0.45 -63.39 57.32
CMC CLA VA . 2.61 -63.62 59.44
CAC CLA VA . 1.10 -65.49 57.42
CBC CLA VA . 0.60 -66.46 58.46
ND CLA VA . -2.69 -61.79 56.29
C1D CLA VA . -2.44 -63.13 55.90
C2D CLA VA . -3.48 -63.55 54.92
C3D CLA VA . -4.27 -62.45 54.71
C4D CLA VA . -3.72 -61.37 55.56
CMD CLA VA . -3.56 -64.89 54.33
CAD CLA VA . -5.42 -61.89 54.01
OBD CLA VA . -6.20 -62.44 53.24
CBD CLA VA . -5.51 -60.38 54.39
CGD CLA VA . -5.36 -59.51 53.17
O1D CLA VA . -6.19 -59.28 52.30
O2D CLA VA . -4.14 -58.90 53.07
CED CLA VA . -3.22 -59.45 52.12
C1 CLA VA . -5.28 -55.06 53.15
C2 CLA VA . -5.03 -53.62 52.92
C3 CLA VA . -3.82 -53.08 52.67
C4 CLA VA . -3.68 -51.62 52.46
C5 CLA VA . -2.56 -53.90 52.59
C6 CLA VA . -1.44 -53.34 53.45
C7 CLA VA . -0.50 -54.42 53.99
C8 CLA VA . 0.87 -54.44 53.33
C9 CLA VA . 1.67 -53.19 53.65
C10 CLA VA . 0.77 -54.64 51.82
C11 CLA VA . 1.64 -55.78 51.32
C12 CLA VA . 3.12 -55.43 51.35
C13 CLA VA . 3.89 -56.20 50.28
C14 CLA VA . 3.73 -55.55 48.92
C15 CLA VA . 3.47 -57.66 50.21
MG CLA WA . 7.19 -75.72 66.16
CHA CLA WA . 9.98 -77.65 65.42
CHB CLA WA . 6.98 -74.89 62.82
CHC CLA WA . 3.97 -74.58 66.65
CHD CLA WA . 7.07 -77.29 69.34
NA CLA WA . 8.32 -76.16 64.45
C1A CLA WA . 9.45 -76.99 64.36
C2A CLA WA . 9.98 -77.05 62.93
C3A CLA WA . 9.16 -75.97 62.20
C4A CLA WA . 8.06 -75.64 63.21
CMA CLA WA . 10.00 -74.77 61.85
CAA CLA WA . 9.72 -78.42 62.33
CBA CLA WA . 8.44 -79.05 62.83
CGA CLA WA . 7.81 -79.88 61.75
O1A CLA WA . 7.34 -79.48 60.69
O2A CLA WA . 7.77 -81.21 62.03
NB CLA WA . 5.76 -74.94 64.97
C1B CLA WA . 5.91 -74.55 63.68
C2B CLA WA . 4.76 -73.71 63.24
C3B CLA WA . 3.91 -73.61 64.32
C4B CLA WA . 4.53 -74.40 65.42
CMB CLA WA . 4.65 -73.16 61.90
CAB CLA WA . 2.65 -72.94 64.45
CBB CLA WA . 1.69 -72.97 63.52
NC CLA WA . 5.81 -75.86 67.73
C1C CLA WA . 4.58 -75.26 67.74
C2C CLA WA . 3.91 -75.50 69.02
C3C CLA WA . 4.74 -76.33 69.75
C4C CLA WA . 5.95 -76.53 68.94
CMC CLA WA . 2.58 -75.00 69.38
CAC CLA WA . 4.51 -76.85 71.11
CBC CLA WA . 3.80 -78.18 71.11
ND CLA WA . 8.27 -77.05 67.23
C1D CLA WA . 8.17 -77.54 68.56
C2D CLA WA . 9.37 -78.34 68.88
C3D CLA WA . 10.12 -78.39 67.72
C4D CLA WA . 9.37 -77.61 66.71
CMD CLA WA . 9.65 -78.94 70.18
CAD CLA WA . 11.33 -78.86 67.08
OBD CLA WA . 12.29 -79.46 67.56
CBD CLA WA . 11.22 -78.50 65.56
CGD CLA WA . 12.46 -77.78 65.07
O1D CLA WA . 13.33 -78.21 64.32
O2D CLA WA . 12.59 -76.51 65.55
CED CLA WA . 13.91 -75.96 65.58
C1 CLA WA . 6.47 -81.82 61.94
C2 CLA WA . 6.42 -82.85 63.01
C3 CLA WA . 5.36 -83.63 63.20
C4 CLA WA . 4.16 -83.56 62.34
C5 CLA WA . 5.37 -84.65 64.29
MG CHL XA . 11.09 -89.38 57.93
CHA CHL XA . 8.86 -90.83 60.15
CHB CHL XA . 13.41 -91.64 58.81
CHC CHL XA . 13.08 -88.12 55.43
CHD CHL XA . 8.49 -87.08 57.03
NA CHL XA . 11.16 -90.90 59.23
C1A CHL XA . 10.24 -91.36 60.00
C2A CHL XA . 10.62 -92.56 60.81
C3A CHL XA . 12.08 -92.70 60.50
C4A CHL XA . 12.25 -91.67 59.43
CMA CHL XA . 12.99 -92.41 61.68
CAA CHL XA . 9.81 -93.79 60.41
NB CHL XA . 12.96 -89.81 57.23
C1B CHL XA . 13.79 -90.76 57.69
C2B CHL XA . 15.11 -90.88 57.02
C3B CHL XA . 15.02 -89.84 55.99
C4B CHL XA . 13.65 -89.22 56.22
CMB CHL XA . 16.22 -91.84 57.31
CAB CHL XA . 16.14 -89.58 55.05
CBB CHL XA . 16.18 -88.69 54.08
NC CHL XA . 10.84 -87.89 56.52
C1C CHL XA . 11.75 -87.51 55.59
C2C CHL XA . 11.28 -86.41 54.71
C3C CHL XA . 9.94 -86.09 55.17
C4C CHL XA . 9.77 -87.06 56.29
CMC CHL XA . 11.98 -85.73 53.60
OMC CHL XA . 13.12 -86.06 53.29
CAC CHL XA . 8.96 -85.06 54.66
CBC CHL XA . 8.88 -83.92 55.63
ND CHL XA . 9.14 -88.98 58.41
C1D CHL XA . 8.18 -88.08 58.05
C2D CHL XA . 6.86 -88.26 58.75
C3D CHL XA . 7.18 -89.41 59.59
C4D CHL XA . 8.45 -89.72 59.33
CMD CHL XA . 5.48 -87.63 58.78
CAD CHL XA . 6.64 -90.32 60.62
OBD CHL XA . 5.45 -90.30 61.09
CBD CHL XA . 7.72 -91.30 60.99
CGD CHL XA . 7.95 -91.31 62.47
O1D CHL XA . 7.11 -91.83 63.19
O2D CHL XA . 9.12 -90.73 63.09
CED CHL XA . 9.37 -91.01 64.47
MG CHL YA . 5.71 -77.53 58.04
CHA CHL YA . 5.06 -80.91 58.15
CHB CHL YA . 2.41 -76.90 57.92
CHC CHL YA . 6.46 -74.18 58.30
CHD CHL YA . 9.20 -78.30 58.00
NA CHL YA . 4.06 -78.66 58.06
C1A CHL YA . 3.95 -79.94 58.15
C2A CHL YA . 2.55 -80.46 58.25
C3A CHL YA . 1.74 -79.22 57.99
C4A CHL YA . 2.80 -78.17 57.97
CMA CHL YA . 0.97 -79.28 56.67
CAA CHL YA . 2.27 -81.05 59.63
NB CHL YA . 4.61 -75.82 58.10
C1B CHL YA . 3.27 -75.71 58.02
C2B CHL YA . 2.72 -74.33 58.08
C3B CHL YA . 3.95 -73.55 58.21
C4B CHL YA . 5.04 -74.55 58.21
CMB CHL YA . 1.30 -73.86 58.04
CAB CHL YA . 4.07 -72.08 58.31
NC CHL YA . 7.47 -76.47 58.13
C1C CHL YA . 7.59 -75.12 58.23
C2C CHL YA . 8.99 -74.63 58.28
C3C CHL YA . 9.82 -75.83 58.18
C4C CHL YA . 8.78 -76.88 58.08
CMC CHL YA . 9.44 -73.23 58.38
CAC CHL YA . 11.33 -75.94 58.18
ND CHL YA . 6.93 -79.16 58.06
C1D CHL YA . 8.26 -79.43 58.03
C2D CHL YA . 8.62 -80.89 58.07
C3D CHL YA . 7.28 -81.46 58.13
C4D CHL YA . 6.43 -80.44 58.11
CMD CHL YA . 9.87 -81.74 58.07
CAD CHL YA . 6.51 -82.74 58.17
OBD CHL YA . 7.01 -83.92 58.20
CBD CHL YA . 5.05 -82.41 58.19
CGD CHL YA . 4.33 -82.97 57.02
O1D CHL YA . 4.52 -82.54 55.90
O2D CHL YA . 3.37 -84.07 57.19
MG CHL ZA . 10.35 -69.19 56.67
CHA CHL ZA . 13.77 -68.82 56.50
CHB CHL ZA . 10.10 -66.22 58.22
CHC CHL ZA . 6.92 -69.59 56.65
CHD CHL ZA . 10.72 -72.33 54.98
NA CHL ZA . 11.65 -67.80 57.26
C1A CHL ZA . 12.94 -67.77 57.13
C2A CHL ZA . 13.62 -66.55 57.66
C3A CHL ZA . 12.47 -65.75 58.20
C4A CHL ZA . 11.31 -66.65 57.88
CMA CHL ZA . 12.59 -65.49 59.69
CAA CHL ZA . 14.38 -65.81 56.57
NB CHL ZA . 8.77 -68.08 57.33
C1B CHL ZA . 8.83 -66.89 57.95
C2B CHL ZA . 7.52 -66.29 58.33
C3B CHL ZA . 6.60 -67.31 57.85
C4B CHL ZA . 7.46 -68.36 57.26
CMB CHL ZA . 7.22 -64.98 59.03
CAB CHL ZA . 5.12 -67.31 57.93
NC CHL ZA . 9.09 -70.66 55.96
C1C CHL ZA . 7.73 -70.66 56.03
C2C CHL ZA . 7.10 -71.86 55.43
C3C CHL ZA . 8.20 -72.67 54.93
C4C CHL ZA . 9.37 -71.84 55.32
CMC CHL ZA . 5.67 -72.21 55.31
OMC CHL ZA . 4.81 -71.44 55.72
CAC CHL ZA . 8.16 -74.01 54.22
ND CHL ZA . 11.83 -70.36 55.88
C1D CHL ZA . 11.93 -71.56 55.25
C2D CHL ZA . 13.34 -71.97 54.89
C3D CHL ZA . 14.05 -70.80 55.42
C4D CHL ZA . 13.15 -70.00 55.95
CMD CHL ZA . 14.07 -73.10 54.22
CAD CHL ZA . 15.40 -70.21 55.58
OBD CHL ZA . 16.51 -70.74 55.19
CBD CHL ZA . 15.25 -68.91 56.30
CGD CHL ZA . 15.97 -68.96 57.61
O1D CHL ZA . 15.64 -69.80 58.44
O2D CHL ZA . 17.06 -68.07 57.92
CED CHL ZA . 17.91 -68.36 59.03
MG CHL AB . -10.08 -76.90 60.28
CHA CHL AB . -8.43 -74.43 62.06
CHB CHL AB . -7.36 -78.89 60.54
CHC CHL AB . -11.80 -79.33 58.56
CHD CHL AB . -12.97 -74.80 60.24
NA CHL AB . -8.24 -76.69 61.08
C1A CHL AB . -7.73 -75.70 61.72
C2A CHL AB . -6.30 -75.86 62.15
C3A CHL AB . -5.99 -77.24 61.64
C4A CHL AB . -7.30 -77.65 61.04
CMA CHL AB . -4.88 -77.22 60.59
CAA CHL AB . -6.13 -75.76 63.66
CBA CHL AB . -7.33 -76.35 64.40
NB CHL AB . -9.65 -78.79 59.66
C1B CHL AB . -8.50 -79.47 59.84
C2B CHL AB . -8.45 -80.85 59.25
C3B CHL AB . -9.79 -80.95 58.68
C4B CHL AB . -10.44 -79.64 58.97
CMB CHL AB . -7.34 -81.87 59.28
CAB CHL AB . -10.38 -82.10 57.95
NC CHL AB . -12.00 -77.03 59.55
C1C CHL AB . -12.53 -78.08 58.87
C2C CHL AB . -13.95 -77.88 58.47
C3C CHL AB . -14.31 -76.55 58.96
C4C CHL AB . -13.03 -76.13 59.60
CMC CHL AB . -14.85 -78.80 57.72
OMC CHL AB . -14.46 -79.89 57.37
CAC CHL AB . -15.61 -75.81 58.84
ND CHL AB . -10.66 -75.06 60.95
C1D CHL AB . -11.76 -74.29 60.91
C2D CHL AB . -11.64 -72.95 61.60
C3D CHL AB . -10.25 -73.07 62.05
C4D CHL AB . -9.80 -74.25 61.65
CMD CHL AB . -12.46 -71.73 61.88
CAD CHL AB . -9.19 -72.34 62.78
OBD CHL AB . -9.29 -71.17 63.30
CBD CHL AB . -7.97 -73.22 62.81
CGD CHL AB . -6.82 -72.52 62.14
O1D CHL AB . -5.68 -72.87 62.35
O2D CHL AB . -7.08 -71.42 61.22
MG CHL BB . -4.93 -69.22 54.28
CHA CHL BB . -6.92 -66.58 55.28
CHB CHL BB . -7.14 -69.91 51.84
CHC CHL BB . -2.65 -71.45 53.05
CHD CHL BB . -2.81 -68.53 57.07
NA CHL BB . -6.66 -68.42 53.66
C1A CHL BB . -7.25 -67.35 54.07
C2A CHL BB . -8.35 -66.88 53.18
C3A CHL BB . -8.68 -68.16 52.43
C4A CHL BB . -7.41 -68.91 52.66
CMA CHL BB . -9.87 -68.90 53.01
CAA CHL BB . -7.84 -65.75 52.30
CBA CHL BB . -8.78 -65.41 51.14
NB CHL BB . -4.88 -70.50 52.69
C1B CHL BB . -5.88 -70.68 51.79
C2B CHL BB . -5.62 -71.67 50.73
C3B CHL BB . -4.26 -72.13 51.07
C4B CHL BB . -3.91 -71.35 52.29
CMB CHL BB . -6.52 -72.07 49.59
CAB CHL BB . -3.57 -73.17 50.24
CBB CHL BB . -2.35 -73.64 50.43
NC CHL BB . -3.10 -69.87 54.94
C1C CHL BB . -2.31 -70.78 54.32
C2C CHL BB . -1.04 -71.06 55.03
C3C CHL BB . -1.06 -70.21 56.23
C4C CHL BB . -2.38 -69.53 56.06
CMC CHL BB . 0.06 -71.98 54.67
OMC CHL BB . -0.01 -72.65 53.63
CAC CHL BB . -0.03 -70.08 57.31
CBC CHL BB . 1.25 -69.53 56.73
ND CHL BB . -4.81 -67.92 55.84
C1D CHL BB . -4.00 -67.69 56.91
C2D CHL BB . -4.41 -66.53 57.79
C3D CHL BB . -5.60 -66.11 57.07
C4D CHL BB . -5.74 -66.92 56.04
CMD CHL BB . -3.95 -65.82 59.02
CAD CHL BB . -6.71 -65.13 57.09
OBD CHL BB . -6.88 -64.21 57.96
CBD CHL BB . -7.60 -65.41 55.92
CGD CHL BB . -8.99 -65.73 56.35
MG CLA CB . -10.66 -71.44 70.19
CHA CLA CB . -13.70 -72.99 69.51
CHB CLA CB . -11.86 -70.66 73.32
CHC CLA CB . -7.44 -70.93 71.30
CHD CLA CB . -9.35 -72.99 67.28
NA CLA CB . -12.49 -71.72 71.19
C1A CLA CB . -13.62 -72.41 70.73
C2A CLA CB . -14.74 -72.37 71.77
C3A CLA CB . -14.25 -71.29 72.76
C4A CLA CB . -12.75 -71.22 72.43
CMA CLA CB . -14.93 -69.98 72.50
CAA CLA CB . -14.88 -73.73 72.44
NB CLA CB . -9.82 -70.96 71.97
C1B CLA CB . -10.49 -70.56 73.08
C2B CLA CB . -9.55 -69.97 74.07
C3B CLA CB . -8.30 -70.03 73.51
C4B CLA CB . -8.45 -70.67 72.17
CMB CLA CB . -9.95 -69.44 75.37
CAB CLA CB . -7.03 -69.62 74.04
NC CLA CB . -8.77 -71.79 69.38
C1C CLA CB . -7.58 -71.44 69.97
C2C CLA CB . -6.45 -71.76 69.12
C3C CLA CB . -6.99 -72.43 68.02
C4C CLA CB . -8.44 -72.43 68.18
CMC CLA CB . -5.04 -71.49 69.40
CAC CLA CB . -6.25 -72.96 66.86
ND CLA CB . -11.35 -72.55 68.63
C1D CLA CB . -10.71 -73.07 67.47
C2D CLA CB . -11.75 -73.67 66.60
C3D CLA CB . -12.92 -73.65 67.32
C4D CLA CB . -12.59 -73.00 68.60
CMD CLA CB . -11.49 -74.21 65.26
CAD CLA CB . -14.34 -73.96 67.35
OBD CLA CB . -15.07 -74.37 66.45
CBD CLA CB . -14.85 -73.69 68.80
CGD CLA CB . -16.11 -72.86 68.84
O1D CLA CB . -16.23 -71.70 69.23
O2D CLA CB . -17.22 -73.51 68.40
CED CLA CB . -18.47 -73.12 68.97
MG CLA DB . -6.48 -58.12 82.18
CHA CLA DB . -8.49 -60.90 81.64
CHB CLA DB . -8.27 -57.45 85.03
CHC CLA DB . -4.08 -55.84 83.14
CHD CLA DB . -4.27 -59.34 79.68
NA CLA DB . -8.12 -59.01 83.13
C1A CLA DB . -8.82 -60.16 82.74
C2A CLA DB . -9.96 -60.48 83.69
C3A CLA DB . -9.99 -59.24 84.64
C4A CLA DB . -8.71 -58.51 84.26
CMA CLA DB . -11.22 -58.41 84.43
CAA CLA DB . -9.69 -61.77 84.44
CBA CLA DB . -10.69 -62.85 84.05
NB CLA DB . -6.22 -56.91 83.77
C1B CLA DB . -7.11 -56.71 84.78
C2B CLA DB . -6.67 -55.57 85.64
C3B CLA DB . -5.48 -55.11 85.11
C4B CLA DB . -5.19 -55.95 83.92
CMB CLA DB . -7.41 -55.14 86.82
CAB CLA DB . -4.63 -54.06 85.56
NC CLA DB . -4.56 -57.64 81.48
C1C CLA DB . -3.78 -56.63 81.98
C2C CLA DB . -2.55 -56.51 81.21
C3C CLA DB . -2.55 -57.57 80.29
C4C CLA DB . -3.83 -58.26 80.46
CMC CLA DB . -1.48 -55.53 81.43
CAC CLA DB . -1.53 -57.86 79.28
CBC CLA DB . -0.42 -58.75 79.79
ND CLA DB . -6.38 -59.68 80.88
C1D CLA DB . -5.45 -60.04 79.87
C2D CLA DB . -5.97 -61.19 79.11
C3D CLA DB . -7.17 -61.54 79.72
C4D CLA DB . -7.34 -60.59 80.84
CMD CLA DB . -5.28 -61.79 77.96
CAD CLA DB . -8.31 -62.44 79.74
OBD CLA DB . -8.62 -63.31 78.94
CBD CLA DB . -9.14 -62.10 81.02
CGD CLA DB . -10.59 -61.85 80.72
O1D CLA DB . -11.13 -60.78 80.42
O2D CLA DB . -11.39 -62.96 80.79
MG CLA EB . -3.74 -66.92 79.21
CHA CLA EB . -6.94 -66.90 80.50
CHB CLA EB . -4.49 -69.72 77.41
CHC CLA EB . -0.63 -66.81 77.82
CHD CLA EB . -3.14 -63.79 80.79
NA CLA EB . -5.47 -68.07 78.95
C1A CLA EB . -6.69 -67.90 79.60
C2A CLA EB . -7.70 -68.97 79.16
C3A CLA EB . -6.92 -69.79 78.11
C4A CLA EB . -5.53 -69.16 78.13
CMA CLA EB . -6.89 -71.25 78.46
CAA CLA EB . -8.94 -68.32 78.58
NB CLA EB . -2.80 -67.98 77.78
C1B CLA EB . -3.18 -69.22 77.38
C2B CLA EB . -2.01 -70.01 76.90
C3B CLA EB . -0.91 -69.20 77.01
C4B CLA EB . -1.40 -67.90 77.57
CMB CLA EB . -2.11 -71.37 76.40
CAB CLA EB . 0.47 -69.43 76.69
NC CLA EB . -2.20 -65.50 79.23
C1C CLA EB . -1.02 -65.66 78.58
C2C CLA EB . -0.16 -64.51 78.83
C3C CLA EB . -0.86 -63.66 79.68
C4C CLA EB . -2.14 -64.31 79.94
CMC CLA EB . 1.18 -64.32 78.27
CAC CLA EB . -0.41 -62.37 80.22
ND CLA EB . -4.76 -65.57 80.32
C1D CLA EB . -4.37 -64.38 80.98
C2D CLA EB . -5.46 -63.95 81.89
C3D CLA EB . -6.46 -64.89 81.76
C4D CLA EB . -5.98 -65.87 80.76
CMD CLA EB . -5.41 -62.77 82.75
CAD CLA EB . -7.78 -65.32 82.18
OBD CLA EB . -8.52 -64.83 83.02
CBD CLA EB . -8.14 -66.60 81.36
CGD CLA EB . -8.49 -67.77 82.25
O1D CLA EB . -9.37 -68.61 82.07
O2D CLA EB . -7.72 -67.87 83.37
MG CLA FB . 9.63 -56.09 72.78
CHA CLA FB . 12.81 -55.07 73.77
CHB CLA FB . 9.09 -57.24 75.97
CHC CLA FB . 6.23 -55.99 72.25
CHD CLA FB . 10.07 -54.10 69.86
NA CLA FB . 10.78 -56.18 74.53
C1A CLA FB . 12.07 -55.67 74.75
C2A CLA FB . 12.52 -55.94 76.18
C3A CLA FB . 11.53 -57.01 76.63
C4A CLA FB . 10.36 -56.78 75.67
CMA CLA FB . 12.13 -58.39 76.51
CAA CLA FB . 12.26 -54.74 77.06
CBA CLA FB . 13.12 -53.52 76.76
CGA CLA FB . 12.53 -52.60 75.74
O2A CLA FB . 11.20 -52.76 75.45
NB CLA FB . 7.99 -56.43 73.93
C1B CLA FB . 8.00 -57.10 75.10
C2B CLA FB . 6.66 -57.70 75.38
C3B CLA FB . 5.85 -57.35 74.34
C4B CLA FB . 6.68 -56.55 73.40
CMB CLA FB . 6.37 -58.48 76.59
CAB CLA FB . 4.46 -57.65 74.09
CBB CLA FB . 3.51 -57.66 75.02
NC CLA FB . 8.39 -55.28 71.29
C1C CLA FB . 7.03 -55.41 71.24
C2C CLA FB . 6.49 -54.76 70.06
C3C CLA FB . 7.57 -54.16 69.42
C4C CLA FB . 8.77 -54.50 70.19
CMC CLA FB . 5.08 -54.72 69.67
CAC CLA FB . 7.54 -53.39 68.17
CBC CLA FB . 7.50 -51.90 68.41
ND CLA FB . 11.11 -55.05 71.87
C1D CLA FB . 11.17 -54.33 70.64
C2D CLA FB . 12.58 -53.92 70.39
C3D CLA FB . 13.27 -54.24 71.55
C4D CLA FB . 12.28 -54.86 72.46
CMD CLA FB . 13.09 -53.30 69.17
CAD CLA FB . 14.55 -54.28 72.24
OBD CLA FB . 15.68 -54.09 71.80
CBD CLA FB . 14.25 -54.60 73.74
CGD CLA FB . 15.20 -55.61 74.34
O1D CLA FB . 15.49 -55.73 75.53
O2D CLA FB . 15.79 -56.45 73.46
CED CLA FB . 17.04 -57.00 73.85
C1 CLA FB . 10.74 -52.05 74.28
C2 CLA FB . 9.26 -52.10 74.22
C3 CLA FB . 8.60 -51.71 73.11
C4 CLA FB . 9.34 -51.20 71.94
C5 CLA FB . 7.11 -51.72 72.95
C6 CLA FB . 6.32 -52.63 73.86
C7 CLA FB . 5.43 -51.81 74.77
C8 CLA FB . 4.92 -52.59 75.96
C9 CLA FB . 4.42 -53.96 75.55
C10 CLA FB . 3.84 -51.81 76.70
C11 CLA FB . 4.39 -51.02 77.86
C12 CLA FB . 4.73 -51.90 79.04
MG CLA GB . 11.57 -54.34 82.16
CHA CLA GB . 10.98 -51.42 80.38
CHB CLA GB . 13.25 -52.49 84.50
CHC CLA GB . 11.38 -56.98 84.37
CHD CLA GB . 9.20 -55.98 80.09
NA CLA GB . 12.06 -52.32 82.36
C1A CLA GB . 11.72 -51.26 81.50
C2A CLA GB . 12.30 -49.93 82.00
C3A CLA GB . 13.24 -50.37 83.15
C4A CLA GB . 12.83 -51.82 83.38
CMA CLA GB . 14.70 -50.26 82.77
CAA CLA GB . 11.19 -48.97 82.43
CBA CLA GB . 10.79 -49.05 83.89
CGA CLA GB . 10.16 -50.37 84.20
O1A CLA GB . 9.35 -51.01 83.53
O2A CLA GB . 10.56 -50.88 85.40
NB CLA GB . 12.16 -54.65 84.07
C1B CLA GB . 12.94 -53.83 84.81
C2B CLA GB . 13.44 -54.52 86.04
C3B CLA GB . 12.91 -55.80 86.00
C4B CLA GB . 12.09 -55.89 84.75
CMB CLA GB . 14.29 -53.89 87.02
CAB CLA GB . 13.04 -56.88 86.93
CBB CLA GB . 12.99 -56.76 88.26
NC CLA GB . 10.54 -56.17 82.18
C1C CLA GB . 10.65 -57.12 83.16
C2C CLA GB . 9.86 -58.30 82.82
C3C CLA GB . 9.17 -57.98 81.64
C4C CLA GB . 9.62 -56.65 81.24
CMC CLA GB . 9.75 -59.52 83.61
CAC CLA GB . 8.25 -58.84 80.89
CBC CLA GB . 6.81 -58.64 81.31
ND CLA GB . 10.43 -53.91 80.55
C1D CLA GB . 9.55 -54.70 79.75
C2D CLA GB . 9.13 -53.91 78.57
C3D CLA GB . 9.67 -52.64 78.75
C4D CLA GB . 10.42 -52.69 80.01
CMD CLA GB . 8.29 -54.39 77.49
CAD CLA GB . 9.81 -51.31 78.21
OBD CLA GB . 9.44 -50.85 77.13
CBD CLA GB . 10.57 -50.46 79.29
CGD CLA GB . 11.72 -49.73 78.67
O1D CLA GB . 12.90 -49.73 79.05
O2D CLA GB . 11.39 -48.99 77.57
CED CLA GB . 12.31 -48.94 76.49
C1 LUT HB . 8.55 -62.06 76.70
C2 LUT HB . 9.99 -61.57 76.47
C3 LUT HB . 10.33 -61.08 75.07
C4 LUT HB . 9.53 -61.87 74.06
C5 LUT HB . 8.10 -61.50 74.34
C6 LUT HB . 7.59 -61.79 75.54
C7 LUT HB . 6.14 -62.02 75.75
C8 LUT HB . 5.36 -62.46 74.76
C9 LUT HB . 3.97 -62.86 75.03
C10 LUT HB . 3.38 -63.67 74.14
C11 LUT HB . 2.05 -64.23 74.38
C12 LUT HB . 1.57 -65.19 73.58
C13 LUT HB . 0.29 -65.85 73.90
C14 LUT HB . 0.02 -67.03 73.30
C15 LUT HB . -1.16 -67.85 73.58
C16 LUT HB . 8.07 -61.47 78.04
C17 LUT HB . 8.56 -63.58 76.80
C18 LUT HB . 7.38 -60.70 73.29
C19 LUT HB . 3.24 -62.50 76.30
C20 LUT HB . -0.58 -65.22 74.94
O3 LUT HB . 11.73 -61.24 74.83
C21 LUT HB . -9.63 -77.47 73.63
C22 LUT HB . -11.02 -77.91 74.05
C23 LUT HB . -11.93 -78.21 72.87
C24 LUT HB . -11.72 -77.24 71.72
C25 LUT HB . -10.72 -76.35 71.67
C26 LUT HB . -9.73 -76.19 72.80
C27 LUT HB . -8.37 -75.84 72.23
C28 LUT HB . -7.70 -74.80 72.73
C29 LUT HB . -6.37 -74.40 72.22
C30 LUT HB . -5.81 -73.32 72.81
C31 LUT HB . -4.51 -72.76 72.44
C32 LUT HB . -4.07 -71.65 73.03
C33 LUT HB . -2.79 -71.02 72.67
C34 LUT HB . -2.47 -69.85 73.28
C35 LUT HB . -1.29 -69.05 73.00
C36 LUT HB . -8.93 -78.61 72.89
C37 LUT HB . -8.83 -77.15 74.89
C38 LUT HB . -10.57 -75.46 70.48
C39 LUT HB . -5.69 -75.17 71.13
C40 LUT HB . -1.92 -71.66 71.62
O23 LUT HB . -13.30 -78.15 73.30
C1 LUT IB . 7.83 -70.24 61.36
C2 LUT IB . 9.12 -70.90 61.89
C3 LUT IB . 9.29 -71.03 63.40
C4 LUT IB . 8.60 -69.89 64.11
C5 LUT IB . 7.15 -70.02 63.72
C6 LUT IB . 6.83 -69.85 62.44
C7 LUT IB . 5.56 -69.22 62.02
C8 LUT IB . 4.84 -68.44 62.84
C9 LUT IB . 3.65 -67.70 62.36
C10 LUT IB . 3.19 -66.71 63.15
C11 LUT IB . 2.10 -65.83 62.72
C12 LUT IB . 1.81 -64.76 63.46
C13 LUT IB . 0.80 -63.77 63.04
C14 LUT IB . 0.80 -62.58 63.67
C15 LUT IB . -0.09 -61.47 63.31
C16 LUT IB . 7.18 -71.13 60.29
C17 LUT IB . 8.21 -68.91 60.72
C18 LUT IB . 6.17 -70.47 64.76
C19 LUT IB . 3.01 -67.95 61.02
C20 LUT IB . -0.16 -64.05 61.91
O3 LUT IB . 10.68 -71.04 63.73
C21 LUT IB . -5.64 -49.67 63.15
C22 LUT IB . -6.86 -48.98 62.55
C23 LUT IB . -8.00 -48.85 63.55
C24 LUT IB . -8.13 -50.05 64.46
C25 LUT IB . -7.23 -51.05 64.49
C26 LUT IB . -6.04 -51.08 63.58
C27 LUT IB . -4.90 -51.79 64.26
C28 LUT IB . -4.49 -52.97 63.81
C29 LUT IB . -3.38 -53.72 64.43
C30 LUT IB . -3.07 -54.91 63.86
C31 LUT IB . -2.02 -55.80 64.35
C32 LUT IB . -1.86 -56.99 63.76
C33 LUT IB . -0.86 -57.99 64.21
C34 LUT IB . -0.87 -59.19 63.59
C35 LUT IB . 0.02 -60.31 63.94
C36 LUT IB . -5.08 -48.84 64.29
C37 LUT IB . -4.58 -49.77 62.06
C38 LUT IB . -7.41 -52.18 65.45
C39 LUT IB . -2.65 -53.19 65.64
C40 LUT IB . 0.07 -57.65 65.34
O23 LUT IB . -9.22 -48.66 62.83
C1 XAT JB . -3.97 -50.94 82.03
C2 XAT JB . -5.40 -51.23 82.48
C3 XAT JB . -5.57 -50.73 83.91
C4 XAT JB . -5.40 -49.22 84.01
C5 XAT JB . -4.17 -48.67 83.27
C6 XAT JB . -3.51 -49.46 82.09
C7 XAT JB . -3.05 -48.79 80.80
C8 XAT JB . -1.76 -48.71 80.49
C9 XAT JB . -1.30 -48.07 79.23
C10 XAT JB . 0.03 -48.09 78.97
C11 XAT JB . 0.61 -47.53 77.75
C12 XAT JB . 1.91 -47.68 77.50
C13 XAT JB . 2.56 -47.18 76.27
C14 XAT JB . 3.89 -47.41 76.15
C15 XAT JB . 4.68 -47.01 74.98
C16 XAT JB . -2.97 -52.01 81.59
C17 XAT JB . -4.50 -50.94 80.57
C18 XAT JB . -4.13 -47.13 83.21
C19 XAT JB . -2.30 -47.43 78.30
C20 XAT JB . 1.77 -46.45 75.23
O3 XAT JB . -6.88 -51.10 84.37
O4 XAT JB . -4.77 -48.85 82.02
C21 XAT JB . 12.64 -48.73 65.78
C22 XAT JB . 13.30 -49.59 64.71
C23 XAT JB . 14.64 -49.05 64.27
C24 XAT JB . 15.59 -49.16 65.44
C25 XAT JB . 15.11 -48.51 66.73
C26 XAT JB . 13.58 -48.29 66.93
C27 XAT JB . 13.11 -48.54 68.35
C28 XAT JB . 12.12 -47.81 68.90
C29 XAT JB . 11.63 -48.08 70.28
C30 XAT JB . 10.54 -47.42 70.70
C31 XAT JB . 9.91 -47.68 72.00
C32 XAT JB . 8.72 -47.18 72.31
C33 XAT JB . 8.04 -47.52 73.59
C34 XAT JB . 6.78 -47.08 73.76
C35 XAT JB . 5.96 -47.40 74.93
C36 XAT JB . 11.47 -49.55 66.32
C37 XAT JB . 12.05 -47.48 65.14
C38 XAT JB . 15.84 -48.96 67.98
C39 XAT JB . 12.37 -49.09 71.11
C40 XAT JB . 8.75 -48.39 74.60
O23 XAT JB . 15.12 -49.81 63.16
O24 XAT JB . 14.49 -47.21 66.69
C1 NEX KB . -13.50 -89.57 53.90
C2 NEX KB . -14.97 -89.73 53.48
C3 NEX KB . -15.51 -88.42 52.94
C4 NEX KB . -14.83 -88.27 51.60
C5 NEX KB . -13.34 -87.93 51.79
C6 NEX KB . -12.71 -88.63 52.95
C7 NEX KB . -11.46 -88.50 53.20
C8 NEX KB . -10.25 -88.21 53.49
C9 NEX KB . -9.73 -86.84 53.51
C10 NEX KB . -8.62 -86.57 54.22
C11 NEX KB . -8.11 -85.19 54.38
C12 NEX KB . -7.11 -84.91 55.20
C13 NEX KB . -6.60 -83.53 55.45
C14 NEX KB . -5.63 -83.39 56.39
C15 NEX KB . -5.08 -82.10 56.76
C16 NEX KB . -12.83 -90.95 53.92
C17 NEX KB . -13.43 -88.98 55.29
C18 NEX KB . -12.56 -88.31 50.53
C19 NEX KB . -10.46 -85.73 52.79
C20 NEX KB . -7.20 -82.32 54.79
O3 NEX KB . -16.94 -88.46 52.79
O4 NEX KB . -13.31 -86.51 52.02
C21 NEX KB . 2.20 -78.35 65.13
C22 NEX KB . 3.45 -78.25 65.98
C23 NEX KB . 4.57 -79.11 65.43
C24 NEX KB . 5.01 -78.53 64.11
C25 NEX KB . 3.88 -78.49 63.07
C26 NEX KB . 2.45 -78.35 63.61
C27 NEX KB . 1.67 -77.34 62.78
C28 NEX KB . 0.79 -77.80 61.91
C29 NEX KB . -0.01 -76.88 61.06
C30 NEX KB . -0.96 -77.32 60.20
C31 NEX KB . -1.30 -78.73 60.03
C32 NEX KB . -2.25 -79.07 59.17
C33 NEX KB . -2.65 -80.48 58.93
C34 NEX KB . -3.60 -80.71 58.02
C35 NEX KB . -4.12 -82.03 57.67
C36 NEX KB . 1.29 -77.19 65.52
C37 NEX KB . 1.45 -79.63 65.47
C38 NEX KB . 4.14 -77.64 61.82
C39 NEX KB . 0.25 -75.41 61.15
C40 NEX KB . -1.98 -81.61 59.69
O23 NEX KB . 5.67 -79.10 66.35
O24 NEX KB . 2.92 -79.55 62.99
O1 LHG LB . -8.53 -53.36 84.24
C1 LHG LB . -9.95 -53.47 84.38
C2 LHG LB . -10.61 -53.51 83.01
O2 LHG LB . -12.03 -53.45 83.15
C3 LHG LB . -10.27 -54.81 82.28
O3 LHG LB . -8.88 -54.87 81.95
P LHG LB . -8.41 -55.80 80.73
O4 LHG LB . -8.25 -57.20 81.27
O5 LHG LB . -9.31 -55.55 79.56
O6 LHG LB . -6.94 -55.23 80.41
C4 LHG LB . -6.69 -54.43 79.26
C5 LHG LB . -5.51 -54.98 78.49
C6 LHG LB . -5.94 -56.29 77.84
O7 LHG LB . -5.13 -54.05 77.47
C7 LHG LB . -3.94 -53.27 77.75
O9 LHG LB . -3.20 -53.56 78.68
C8 LHG LB . -3.61 -52.08 76.88
C9 LHG LB . -2.15 -51.69 77.01
C10 LHG LB . -1.74 -50.75 75.88
O8 LHG LB . -5.10 -56.58 76.74
C23 LHG LB . -5.58 -57.51 75.72
O10 LHG LB . -6.66 -58.05 75.87
C24 LHG LB . -4.74 -57.79 74.50
C11 LHG LB . -0.24 -50.86 75.58
C12 LHG LB . 0.09 -50.14 74.28
C13 LHG LB . 1.55 -50.31 73.89
C14 LHG LB . 1.83 -49.73 72.51
C15 LHG LB . 3.30 -49.81 72.16
C16 LHG LB . 3.56 -49.26 70.76
C17 LHG LB . 5.06 -49.08 70.50
C18 LHG LB . 5.30 -48.52 69.11
C19 LHG LB . 6.78 -48.23 68.88
C20 LHG LB . 7.06 -47.87 67.43
C21 LHG LB . 6.32 -46.60 67.02
C25 LHG LB . -4.08 -56.51 74.02
C26 LHG LB . -2.72 -56.32 74.68
C27 LHG LB . -2.04 -55.05 74.18
C28 LHG LB . -0.55 -55.07 74.50
C29 LHG LB . -0.29 -55.30 75.99
C30 LHG LB . 1.16 -55.00 76.34
C31 LHG LB . 1.38 -55.09 77.85
C32 LHG LB . 0.75 -53.89 78.57
MG CHL MB . -3.28 -31.05 40.42
CHA CHL MB . -2.62 -33.02 43.15
CHB CHL MB . -1.93 -33.39 38.41
CHC CHL MB . -4.12 -29.08 37.73
CHD CHL MB . -4.37 -28.48 42.66
NA CHL MB . -2.49 -32.86 40.70
C1A CHL MB . -2.37 -33.53 41.79
C2A CHL MB . -1.94 -34.95 41.61
C3A CHL MB . -1.37 -34.89 40.22
C4A CHL MB . -1.97 -33.62 39.73
CMA CHL MB . 0.14 -34.80 40.21
CAA CHL MB . -3.13 -35.90 41.75
CBA CHL MB . -2.79 -37.35 41.41
CGA CHL MB . -1.43 -37.71 41.92
O1A CHL MB . -1.23 -37.84 43.11
O2A CHL MB . -0.32 -37.94 41.00
NB CHL MB . -3.06 -31.21 38.39
C1B CHL MB . -2.49 -32.22 37.71
C2B CHL MB . -2.45 -32.09 36.23
C3B CHL MB . -3.12 -30.79 36.06
C4B CHL MB . -3.45 -30.34 37.44
CMB CHL MB . -1.90 -33.00 35.18
CAB CHL MB . -3.40 -30.08 34.80
NC CHL MB . -4.09 -29.16 40.23
C1C CHL MB . -4.37 -28.52 39.08
C2C CHL MB . -4.93 -27.17 39.25
C3C CHL MB . -5.02 -26.97 40.69
C4C CHL MB . -4.47 -28.26 41.20
CMC CHL MB . -5.34 -26.22 38.19
CAC CHL MB . -5.51 -25.77 41.45
CBC CHL MB . -6.98 -25.94 41.79
ND CHL MB . -3.48 -30.73 42.41
C1D CHL MB . -3.90 -29.74 43.24
C2D CHL MB . -3.82 -30.06 44.71
C3D CHL MB . -3.30 -31.42 44.62
C4D CHL MB . -3.15 -31.69 43.33
CMD CHL MB . -4.13 -29.43 46.04
CAD CHL MB . -2.87 -32.59 45.42
OBD CHL MB . -2.89 -32.67 46.71
CBD CHL MB . -2.42 -33.67 44.49
CGD CHL MB . -0.99 -34.04 44.75
O1D CHL MB . -0.12 -33.19 44.69
O2D CHL MB . -0.63 -35.40 45.08
C1 CHL MB . 0.77 -38.75 41.40
C2 CHL MB . 1.33 -39.53 40.23
C3 CHL MB . 1.97 -38.92 39.23
C4 CHL MB . 2.14 -37.43 39.22
C5 CHL MB . 2.52 -39.72 38.08
C6 CHL MB . 3.99 -40.03 38.27
C7 CHL MB . 4.87 -38.99 37.58
C8 CHL MB . 6.31 -39.44 37.35
C9 CHL MB . 6.48 -40.02 35.96
C10 CHL MB . 6.76 -40.45 38.42
C11 CHL MB . 8.28 -40.59 38.44
C12 CHL MB . 8.71 -42.05 38.30
C13 CHL MB . 9.99 -42.33 39.08
C14 CHL MB . 11.20 -41.76 38.36
C15 CHL MB . 10.14 -43.82 39.31
C16 CHL MB . 10.25 -44.16 40.79
C17 CHL MB . 11.03 -45.46 40.98
C18 CHL MB . 10.73 -46.22 42.27
C19 CHL MB . 12.00 -46.83 42.83
C20 CHL MB . 10.07 -45.36 43.35
MG CLA NB . -6.05 -35.72 52.12
CHA CLA NB . -8.97 -35.52 50.26
CHB CLA NB . -7.56 -38.08 54.11
CHC CLA NB . -2.99 -36.59 53.42
CHD CLA NB . -4.39 -33.89 49.56
NA CLA NB . -7.95 -36.59 52.18
C1A CLA NB . -9.02 -36.38 51.32
C2A CLA NB . -10.23 -37.21 51.72
C3A CLA NB . -9.84 -37.74 53.11
C4A CLA NB . -8.34 -37.49 53.15
CMA CLA NB . -10.57 -37.02 54.21
CAA CLA NB . -10.48 -38.34 50.72
CBA CLA NB . -9.28 -39.25 50.48
CGA CLA NB . -9.21 -40.35 51.49
O1A CLA NB . -10.04 -41.21 51.76
O2A CLA NB . -8.02 -40.35 52.17
NB CLA NB . -5.41 -37.07 53.47
C1B CLA NB . -6.19 -37.89 54.24
C2B CLA NB . -5.37 -38.57 55.29
C3B CLA NB . -4.08 -38.15 55.10
C4B CLA NB . -4.09 -37.20 53.95
CMB CLA NB . -5.95 -39.51 56.24
CAB CLA NB . -2.88 -38.52 55.80
CBB CLA NB . -2.78 -38.83 57.08
NC CLA NB . -4.07 -35.27 51.61
C1C CLA NB . -2.97 -35.67 52.32
C2C CLA NB . -1.76 -35.11 51.75
C3C CLA NB . -2.14 -34.42 50.61
C4C CLA NB . -3.59 -34.50 50.54
CMC CLA NB . -0.40 -35.31 52.25
CAC CLA NB . -1.25 -33.67 49.70
CBC CLA NB . -0.57 -34.56 48.70
ND CLA NB . -6.51 -34.83 50.37
C1D CLA NB . -5.76 -34.04 49.46
C2D CLA NB . -6.68 -33.44 48.45
C3D CLA NB . -7.93 -33.96 48.73
C4D CLA NB . -7.76 -34.85 49.89
CMD CLA NB . -6.27 -32.51 47.40
CAD CLA NB . -9.33 -33.99 48.37
OBD CLA NB . -9.93 -33.34 47.52
CBD CLA NB . -10.02 -35.05 49.29
CGD CLA NB . -11.22 -34.48 50.00
O1D CLA NB . -12.40 -34.65 49.75
O2D CLA NB . -10.88 -33.67 51.05
CED CLA NB . -11.93 -33.29 51.95
C1 CLA NB . -7.67 -41.56 52.90
C2 CLA NB . -6.20 -41.50 53.12
C3 CLA NB . -5.51 -42.50 53.69
C4 CLA NB . -6.14 -43.76 54.15
C5 CLA NB . -4.04 -42.35 53.87
C6 CLA NB . -3.22 -43.42 53.17
C7 CLA NB . -1.85 -42.89 52.84
C8 CLA NB . -1.02 -43.84 51.98
C9 CLA NB . -0.73 -45.11 52.75
C10 CLA NB . 0.29 -43.19 51.56
C11 CLA NB . 0.27 -42.71 50.12
C12 CLA NB . 1.36 -41.70 49.88
C13 CLA NB . 1.65 -41.47 48.40
C14 CLA NB . 2.38 -40.16 48.20
C15 CLA NB . 0.37 -41.51 47.56
MG CLA OB . 0.15 -41.88 60.08
CHA CLA OB . -2.64 -43.74 61.00
CHB CLA OB . -0.41 -42.78 56.83
CHC CLA OB . 3.28 -40.76 59.25
CHD CLA OB . 1.03 -41.67 63.53
NA CLA OB . -1.30 -43.03 59.10
C1A CLA OB . -2.38 -43.71 59.67
C2A CLA OB . -3.22 -44.42 58.61
C3A CLA OB . -2.59 -43.95 57.29
C4A CLA OB . -1.33 -43.20 57.75
CMA CLA OB . -2.26 -45.12 56.39
CAA CLA OB . -4.68 -44.01 58.70
NB CLA OB . 1.23 -41.83 58.38
C1B CLA OB . 0.78 -42.10 57.14
C2B CLA OB . 1.72 -41.58 56.12
C3B CLA OB . 2.76 -41.01 56.78
C4B CLA OB . 2.48 -41.16 58.24
CMB CLA OB . 1.50 -41.74 54.68
CAB CLA OB . 3.95 -40.38 56.25
CBB CLA OB . 5.20 -40.64 56.64
NC CLA OB . 1.82 -41.28 61.18
C1C CLA OB . 2.99 -40.81 60.64
C2C CLA OB . 3.91 -40.42 61.70
C3C CLA OB . 3.29 -40.73 62.90
C4C CLA OB . 1.98 -41.26 62.57
CMC CLA OB . 5.25 -39.86 61.50
CAC CLA OB . 3.84 -40.52 64.25
ND CLA OB . -0.60 -42.45 61.88
C1D CLA OB . -0.19 -42.23 63.22
C2D CLA OB . -1.24 -42.71 64.14
C3D CLA OB . -2.23 -43.27 63.34
C4D CLA OB . -1.76 -43.13 61.95
CMD CLA OB . -1.21 -42.59 65.60
CAD CLA OB . -3.52 -43.93 63.29
OBD CLA OB . -4.30 -44.18 64.20
CBD CLA OB . -3.78 -44.33 61.81
CGD CLA OB . -3.87 -45.81 61.60
O1D CLA OB . -4.90 -46.49 61.60
O2D CLA OB . -2.68 -46.43 61.40
MG CLA PB . 12.32 -29.01 68.21
CHA CLA PB . 15.33 -29.22 69.90
CHB CLA PB . 11.54 -32.18 69.33
CHC CLA PB . 9.03 -28.54 67.30
CHD CLA PB . 12.90 -25.54 67.74
NA CLA PB . 13.30 -30.45 69.39
C1A CLA PB . 14.55 -30.32 70.01
C2A CLA PB . 14.93 -31.61 70.76
C3A CLA PB . 13.79 -32.59 70.38
C4A CLA PB . 12.79 -31.68 69.65
CMA CLA PB . 14.29 -33.71 69.52
CAA CLA PB . 15.00 -31.36 72.26
CBA CLA PB . 13.67 -30.92 72.83
NB CLA PB . 10.63 -30.12 68.32
C1B CLA PB . 10.54 -31.43 68.68
C2B CLA PB . 9.21 -31.98 68.32
C3B CLA PB . 8.50 -30.96 67.75
C4B CLA PB . 9.38 -29.77 67.75
CMB CLA PB . 8.82 -33.36 68.62
CAB CLA PB . 7.15 -30.93 67.26
CBB CLA PB . 6.09 -31.42 67.89
NC CLA PB . 11.20 -27.36 67.60
C1C CLA PB . 9.87 -27.40 67.23
C2C CLA PB . 9.42 -26.07 66.80
C3C CLA PB . 10.50 -25.22 66.98
C4C CLA PB . 11.61 -26.03 67.46
CMC CLA PB . 8.07 -25.74 66.34
CAC CLA PB . 10.52 -23.77 66.68
CBC CLA PB . 10.03 -22.94 67.84
ND CLA PB . 13.75 -27.66 68.63
C1D CLA PB . 13.91 -26.29 68.29
C2D CLA PB . 15.29 -25.87 68.64
C3D CLA PB . 15.89 -26.96 69.24
C4D CLA PB . 14.88 -28.03 69.24
CMD CLA PB . 15.85 -24.54 68.38
CAD CLA PB . 17.09 -27.50 69.85
OBD CLA PB . 18.21 -26.99 69.96
CBD CLA PB . 16.74 -28.92 70.37
CGD CLA PB . 17.72 -29.97 69.89
O1D CLA PB . 18.52 -30.61 70.58
O2D CLA PB . 17.68 -30.21 68.56
CED CLA PB . 18.92 -30.21 67.85
MG CHL QB . 16.84 -30.72 83.78
CHA CHL QB . 15.59 -27.52 83.99
CHB CHL QB . 19.70 -29.67 85.24
CHC CHL QB . 17.87 -34.01 83.89
CHD CHL QB . 13.77 -31.73 82.26
NA CHL QB . 17.54 -28.97 84.45
C1A CHL QB . 16.93 -27.82 84.50
C2A CHL QB . 17.73 -26.71 85.11
C3A CHL QB . 19.06 -27.37 85.36
C4A CHL QB . 18.75 -28.77 84.99
CMA CHL QB . 20.18 -26.77 84.54
CAA CHL QB . 17.06 -26.19 86.38
NB CHL QB . 18.52 -31.68 84.45
C1B CHL QB . 19.61 -31.12 85.01
C2B CHL QB . 20.70 -32.06 85.41
C3B CHL QB . 20.11 -33.34 85.01
C4B CHL QB . 18.79 -33.00 84.43
CMB CHL QB . 22.03 -31.78 86.07
CAB CHL QB . 20.72 -34.69 85.13
NC CHL QB . 15.99 -32.50 83.19
C1C CHL QB . 16.54 -33.73 83.31
C2C CHL QB . 15.70 -34.83 82.79
C3C CHL QB . 14.48 -34.18 82.29
C4C CHL QB . 14.78 -32.76 82.59
CMC CHL QB . 16.01 -36.27 82.77
CAC CHL QB . 13.26 -34.80 81.66
ND CHL QB . 15.07 -29.91 83.22
C1D CHL QB . 13.91 -30.32 82.63
C2D CHL QB . 12.87 -29.23 82.44
C3D CHL QB . 13.61 -28.11 83.02
C4D CHL QB . 14.78 -28.58 83.41
CMD CHL QB . 11.48 -29.06 81.89
CAD CHL QB . 13.52 -26.66 83.31
OBD CHL QB . 12.52 -25.90 83.06
CBD CHL QB . 14.81 -26.24 83.96
CGD CHL QB . 15.51 -25.20 83.14
O1D CHL QB . 16.06 -25.50 82.10
O2D CHL QB . 15.54 -23.82 83.58
MG CHL RB . 10.15 -34.73 73.99
CHA CHL RB . 9.97 -32.96 76.95
CHB CHL RB . 6.82 -34.38 73.59
CHC CHL RB . 10.45 -36.28 70.93
CHD CHL RB . 13.69 -34.87 74.42
NA CHL RB . 8.67 -33.91 75.06
C1A CHL RB . 8.73 -33.27 76.18
C2A CHL RB . 7.43 -32.79 76.73
C3A CHL RB . 6.46 -33.33 75.72
C4A CHL RB . 7.38 -33.92 74.71
CMA CHL RB . 5.51 -34.37 76.28
CAA CHL RB . 7.39 -31.27 76.83
NB CHL RB . 8.85 -35.25 72.50
C1B CHL RB . 7.51 -35.04 72.48
C2B CHL RB . 6.80 -35.53 71.27
C3B CHL RB . 7.91 -36.08 70.50
C4B CHL RB . 9.10 -35.87 71.35
CMB CHL RB . 5.34 -35.46 70.94
CAB CHL RB . 7.84 -36.73 69.17
NC CHL RB . 11.75 -35.43 72.90
C1C CHL RB . 11.69 -36.03 71.69
C2C CHL RB . 13.00 -36.43 71.14
C3C CHL RB . 13.98 -36.04 72.16
C4C CHL RB . 13.09 -35.42 73.18
CMC CHL RB . 13.27 -37.11 69.85
CAC CHL RB . 15.48 -36.20 72.15
ND CHL RB . 11.57 -34.10 75.32
C1D CHL RB . 12.92 -34.18 75.46
C2D CHL RB . 13.46 -33.51 76.70
C3D CHL RB . 12.22 -33.02 77.26
C4D CHL RB . 11.24 -33.41 76.44
CMD CHL RB . 14.78 -33.25 77.37
CAD CHL RB . 11.64 -32.28 78.42
OBD CHL RB . 12.30 -31.79 79.40
CBD CHL RB . 10.16 -32.22 78.24
CGD CHL RB . 9.43 -32.89 79.37
O1D CHL RB . 9.34 -34.10 79.41
O2D CHL RB . 8.83 -32.10 80.42
MG CHL SB . 13.45 -40.91 67.21
CHA CHL SB . 16.66 -41.95 66.54
CHB CHL SB . 12.78 -40.83 63.91
CHC CHL SB . 10.19 -40.10 67.99
CHD CHL SB . 14.26 -40.98 70.70
NA CHL SB . 14.49 -41.30 65.55
C1A CHL SB . 15.71 -41.71 65.44
C2A CHL SB . 16.17 -41.97 64.04
C3A CHL SB . 14.99 -41.48 63.23
C4A CHL SB . 14.00 -41.18 64.31
CMA CHL SB . 15.32 -40.26 62.40
CAA CHL SB . 16.47 -43.44 63.80
NB CHL SB . 11.76 -40.53 66.12
C1B CHL SB . 11.64 -40.52 64.78
C2B CHL SB . 10.29 -40.21 64.24
C3B CHL SB . 9.54 -40.00 65.49
C4B CHL SB . 10.53 -40.21 66.56
CMB CHL SB . 9.82 -40.13 62.81
CAB CHL SB . 8.11 -39.65 65.62
NC CHL SB . 12.43 -40.60 68.99
C1C CHL SB . 11.12 -40.28 69.13
C2C CHL SB . 10.69 -40.13 70.53
C3C CHL SB . 11.87 -40.38 71.34
C4C CHL SB . 12.88 -40.66 70.29
CMC CHL SB . 9.34 -39.79 71.06
OMC CHL SB . 8.40 -39.60 70.31
CAC CHL SB . 12.02 -40.36 72.84
ND CHL SB . 15.02 -41.35 68.42
C1D CHL SB . 15.31 -41.35 69.75
C2D CHL SB . 16.71 -41.77 70.10
C3D CHL SB . 17.22 -42.01 68.75
C4D CHL SB . 16.23 -41.74 67.91
CMD CHL SB . 17.58 -41.99 71.31
CAD CHL SB . 18.42 -42.43 68.00
OBD CHL SB . 19.56 -42.75 68.51
CBD CHL SB . 18.09 -42.39 66.54
CGD CHL SB . 19.00 -41.44 65.85
O1D CHL SB . 19.14 -40.31 66.27
O2D CHL SB . 19.76 -41.85 64.68
CED CHL SB . 21.00 -41.23 64.40
MG CHL TB . -5.42 -30.68 73.48
CHA CHL TB . -4.01 -30.53 70.32
CHB CHL TB . -2.41 -29.95 74.84
CHC CHL TB . -6.94 -30.67 76.56
CHD CHL TB . -8.59 -31.22 71.91
NA CHL TB . -3.56 -30.38 72.75
C1A CHL TB . -3.17 -30.35 71.52
C2A CHL TB . -1.70 -30.11 71.32
C3A CHL TB . -1.21 -30.07 72.74
C4A CHL TB . -2.48 -30.13 73.51
CMA CHL TB . -0.30 -31.26 73.00
CAA CHL TB . -1.41 -28.80 70.57
CBA CHL TB . -2.42 -27.72 70.92
NB CHL TB . -4.77 -30.37 75.39
C1B CHL TB . -3.51 -30.08 75.81
C2B CHL TB . -3.35 -29.92 77.28
C3B CHL TB . -4.71 -30.13 77.74
C4B CHL TB . -5.50 -30.40 76.52
CMB CHL TB . -2.15 -29.59 78.12
CAB CHL TB . -5.19 -30.10 79.14
NC CHL TB . -7.37 -30.90 74.11
C1C CHL TB . -7.80 -30.88 75.39
C2C CHL TB . -9.26 -31.07 75.54
C3C CHL TB . -9.76 -31.24 74.18
C4C CHL TB . -8.51 -31.12 73.39
CMC CHL TB . -10.08 -31.10 76.78
OMC CHL TB . -9.56 -30.95 77.87
CAC CHL TB . -11.18 -31.46 73.72
ND CHL TB . -6.20 -30.85 71.60
C1D CHL TB . -7.42 -31.07 71.04
C2D CHL TB . -7.43 -31.11 69.53
C3D CHL TB . -6.00 -30.88 69.29
C4D CHL TB . -5.43 -30.76 70.48
CMD CHL TB . -8.40 -31.30 68.40
CAD CHL TB . -5.00 -30.75 68.22
OBD CHL TB . -5.22 -30.82 66.95
CBD CHL TB . -3.67 -30.51 68.87
CGD CHL TB . -2.68 -31.59 68.51
O1D CHL TB . -2.76 -32.69 69.01
O2D CHL TB . -1.63 -31.33 67.55
MG CHL UB . -1.50 -40.06 69.17
CHA CHL UB . -3.99 -40.12 66.78
CHB CHL UB . -3.50 -41.76 71.29
CHC CHL UB . 1.14 -40.23 71.38
CHD CHL UB . 0.59 -38.40 66.79
NA CHL UB . -3.37 -40.76 69.09
C1A CHL UB . -4.23 -40.71 68.12
C2A CHL UB . -5.59 -41.27 68.43
C3A CHL UB . -5.39 -41.83 69.81
C4A CHL UB . -3.97 -41.41 70.10
CMA CHL UB . -6.38 -41.27 70.82
CAA CHL UB . -6.03 -42.35 67.45
CBA CHL UB . -4.85 -43.19 66.97
NB CHL UB . -1.22 -40.87 71.03
C1B CHL UB . -2.13 -41.52 71.78
C2B CHL UB . -1.67 -42.00 73.12
C3B CHL UB . -0.28 -41.53 73.11
C4B CHL UB . -0.12 -40.85 71.81
CMB CHL UB . -2.43 -42.76 74.15
CAB CHL UB . 0.79 -41.68 74.15
CBB CHL UB . 0.63 -42.36 75.27
NC CHL UB . 0.47 -39.43 69.09
C1C CHL UB . 1.39 -39.58 70.08
C2C CHL UB . 2.72 -39.02 69.75
C3C CHL UB . 2.58 -38.48 68.40
C4C CHL UB . 1.16 -38.78 68.10
CMC CHL UB . 3.97 -38.99 70.56
OMC CHL UB . 3.99 -39.47 71.67
CAC CHL UB . 3.65 -37.79 67.57
CBC CHL UB . 4.71 -38.80 67.18
ND CHL UB . -1.58 -39.39 67.25
C1D CHL UB . -0.77 -38.74 66.37
C2D CHL UB . -1.37 -38.48 65.01
C3D CHL UB . -2.69 -39.07 65.23
C4D CHL UB . -2.71 -39.53 66.48
CMD CHL UB . -1.00 -37.86 63.70
CAD CHL UB . -4.00 -39.31 64.59
OBD CHL UB . -4.32 -39.01 63.39
CBD CHL UB . -4.88 -40.02 65.57
CGD CHL UB . -6.12 -39.24 65.85
MG CLA VB . -5.24 -24.62 63.61
CHA CLA VB . -8.04 -23.79 65.51
CHB CLA VB . -6.06 -22.09 61.45
CHC CLA VB . -2.01 -24.57 62.44
CHD CLA VB . -4.15 -26.59 66.36
NA CLA VB . -6.81 -23.24 63.47
C1A CLA VB . -7.87 -23.04 64.38
C2A CLA VB . -8.80 -21.94 63.89
C3A CLA VB . -8.36 -21.72 62.43
C4A CLA VB . -6.97 -22.37 62.43
CMA CLA VB . -9.30 -22.40 61.48
CAA CLA VB . -8.68 -20.68 64.75
CBA CLA VB . -7.27 -20.19 65.03
CGA CLA VB . -6.67 -19.44 63.89
O1A CLA VB . -7.22 -18.64 63.14
O2A CLA VB . -5.34 -19.72 63.72
NB CLA VB . -4.21 -23.47 62.31
C1B CLA VB . -4.78 -22.65 61.38
C2B CLA VB . -3.86 -22.41 60.24
C3B CLA VB . -2.71 -23.10 60.50
C4B CLA VB . -2.92 -23.78 61.82
CMB CLA VB . -4.24 -21.57 59.10
CAB CLA VB . -1.49 -23.23 59.76
CBB CLA VB . -0.98 -22.31 58.93
NC CLA VB . -3.45 -25.52 64.22
C1C CLA VB . -2.26 -25.42 63.57
C2C CLA VB . -1.23 -26.19 64.23
C3C CLA VB . -1.82 -26.70 65.39
C4C CLA VB . -3.21 -26.28 65.37
CMC CLA VB . 0.15 -26.35 63.80
CAC CLA VB . -1.18 -27.56 66.40
CBC CLA VB . -0.54 -26.75 67.49
ND CLA VB . -5.99 -25.31 65.36
C1D CLA VB . -5.46 -26.14 66.38
C2D CLA VB . -6.49 -26.38 67.41
C3D CLA VB . -7.54 -25.53 67.09
C4D CLA VB . -7.13 -24.83 65.86
CMD CLA VB . -6.37 -27.32 68.53
CAD CLA VB . -8.88 -25.07 67.41
OBD CLA VB . -9.71 -25.54 68.19
CBD CLA VB . -9.12 -23.79 66.56
CGD CLA VB . -10.51 -23.71 66.00
O1D CLA VB . -11.07 -24.52 65.25
O2D CLA VB . -11.18 -22.60 66.39
CED CLA VB . -12.61 -22.66 66.48
C1 CLA VB . -4.45 -18.66 63.29
C2 CLA VB . -3.58 -19.28 62.26
C3 CLA VB . -2.30 -18.98 61.97
C4 CLA VB . -1.68 -19.78 60.89
C5 CLA VB . -1.55 -17.90 62.69
C6 CLA VB . -0.03 -17.86 62.60
C7 CLA VB . 0.62 -18.31 63.89
C8 CLA VB . 2.16 -18.23 63.90
C9 CLA VB . 2.75 -18.31 62.49
C10 CLA VB . 2.72 -19.27 64.89
C11 CLA VB . 3.74 -20.30 64.41
C12 CLA VB . 5.01 -20.25 65.24
C13 CLA VB . 4.82 -20.92 66.60
C14 CLA VB . 5.65 -20.23 67.66
C15 CLA VB . 5.17 -22.41 66.53
C16 CLA VB . 4.14 -23.28 67.24
C17 CLA VB . 4.58 -23.63 68.64
C18 CLA VB . 3.42 -23.79 69.62
C19 CLA VB . 2.47 -24.88 69.18
C20 CLA VB . 2.68 -22.48 69.81
MG CLA WB . -1.67 -21.57 46.37
CHA CLA WB . -3.39 -20.35 49.12
CHB CLA WB . -3.11 -19.10 44.47
CHC CLA WB . 0.61 -22.18 43.85
CHD CLA WB . 0.30 -23.53 48.57
NA CLA WB . -3.04 -20.04 46.75
C1A CLA WB . -3.65 -19.69 47.97
C2A CLA WB . -4.60 -18.51 47.81
C3A CLA WB . -4.68 -18.34 46.28
C4A CLA WB . -3.53 -19.20 45.77
CMA CLA WB . -6.02 -18.81 45.75
CAA CLA WB . -4.04 -17.29 48.51
CBA CLA WB . -2.59 -17.06 48.15
NB CLA WB . -1.29 -20.76 44.56
C1B CLA WB . -2.07 -19.85 43.91
C2B CLA WB . -1.68 -19.75 42.49
C3B CLA WB . -0.63 -20.62 42.29
C4B CLA WB . -0.37 -21.27 43.60
CMB CLA WB . -2.35 -18.86 41.56
CAB CLA WB . 0.13 -20.90 41.11
NC CLA WB . 0.08 -22.71 46.22
C1C CLA WB . 0.81 -22.87 45.08
C2C CLA WB . 1.92 -23.80 45.31
C3C CLA WB . 1.90 -24.11 46.68
C4C CLA WB . 0.72 -23.44 47.23
CMC CLA WB . 2.90 -24.24 44.33
CAC CLA WB . 2.81 -25.02 47.39
CBC CLA WB . 4.10 -24.37 47.79
ND CLA WB . -1.60 -21.99 48.34
C1D CLA WB . -0.78 -22.86 49.11
C2D CLA WB . -1.28 -22.88 50.49
C3D CLA WB . -2.31 -21.97 50.55
C4D CLA WB . -2.42 -21.40 49.19
CMD CLA WB . -0.74 -23.72 51.56
CAD CLA WB . -3.33 -21.33 51.37
OBD CLA WB . -3.66 -21.58 52.52
CBD CLA WB . -3.96 -20.19 50.51
CGD CLA WB . -5.47 -20.21 50.52
O1D CLA WB . -6.22 -21.18 50.63
O2D CLA WB . -6.04 -18.98 50.42
MG CLA XB . 2.02 -20.58 54.78
CHA CLA XB . -0.65 -18.39 54.38
CHB CLA XB . 1.97 -19.89 58.15
CHC CLA XB . 5.20 -21.85 55.10
CHD CLA XB . 2.49 -20.46 51.25
NA CLA XB . 0.82 -19.40 56.03
C1A CLA XB . -0.25 -18.57 55.66
C2A CLA XB . -0.88 -17.88 56.86
C3A CLA XB . -0.16 -18.54 58.05
C4A CLA XB . 0.97 -19.34 57.39
CMA CLA XB . 0.38 -17.48 58.97
CAA CLA XB . -2.37 -18.16 56.91
NB CLA XB . 3.32 -20.81 56.31
C1B CLA XB . 3.07 -20.59 57.63
C2B CLA XB . 4.14 -21.17 58.48
C3B CLA XB . 5.06 -21.73 57.62
C4B CLA XB . 4.55 -21.50 56.24
CMB CLA XB . 4.16 -21.07 59.94
CAB CLA XB . 6.31 -22.38 57.91
NC CLA XB . 3.51 -21.14 53.42
C1C CLA XB . 4.71 -21.70 53.78
C2C CLA XB . 5.48 -22.03 52.59
C3C CLA XB . 4.75 -21.57 51.50
C4C CLA XB . 3.52 -21.03 52.03
CMC CLA XB . 6.80 -22.68 52.58
CAC CLA XB . 5.12 -21.68 50.08
ND CLA XB . 1.13 -19.76 53.15
C1D CLA XB . 1.37 -19.86 51.76
C2D CLA XB . 0.27 -19.20 51.02
C3D CLA XB . -0.55 -18.62 51.98
C4D CLA XB . 0.06 -18.97 53.29
CMD CLA XB . 0.15 -19.16 49.57
CAD CLA XB . -1.72 -17.81 52.25
OBD CLA XB . -2.52 -17.33 51.47
CBD CLA XB . -1.79 -17.59 53.79
CGD CLA XB . -1.72 -16.14 54.17
O1D CLA XB . -2.30 -15.57 55.10
O2D CLA XB . -0.90 -15.39 53.37
MG CLA YB . 12.62 -33.59 47.90
CHA CLA YB . 15.79 -33.89 46.53
CHB CLA YB . 12.80 -30.19 47.45
CHC CLA YB . 9.22 -33.33 48.38
CHD CLA YB . 12.26 -37.12 47.59
NA CLA YB . 14.07 -32.28 47.16
C1A CLA YB . 15.32 -32.61 46.62
C2A CLA YB . 16.11 -31.37 46.21
C3A CLA YB . 15.22 -30.20 46.70
C4A CLA YB . 13.93 -30.92 47.14
CMA CLA YB . 15.86 -29.44 47.83
CAA CLA YB . 16.37 -31.34 44.70
CBA CLA YB . 15.12 -31.36 43.85
CGA CLA YB . 14.77 -32.76 43.43
O1A CLA YB . 15.51 -33.65 43.02
O2A CLA YB . 13.42 -32.98 43.52
NB CLA YB . 11.28 -32.08 47.86
C1B CLA YB . 11.58 -30.75 47.84
C2B CLA YB . 10.40 -29.95 48.26
C3B CLA YB . 9.39 -30.83 48.52
C4B CLA YB . 9.93 -32.18 48.27
CMB CLA YB . 10.42 -28.48 48.33
CAB CLA YB . 8.03 -30.61 48.95
CBB CLA YB . 7.25 -29.61 48.52
NC CLA YB . 11.05 -34.97 48.03
C1C CLA YB . 9.74 -34.65 48.27
C2C CLA YB . 8.92 -35.86 48.34
C3C CLA YB . 9.77 -36.92 48.07
C4C CLA YB . 11.11 -36.36 47.88
CMC CLA YB . 7.48 -35.91 48.60
CAC CLA YB . 9.39 -38.34 48.03
CBC CLA YB . 8.84 -38.76 46.69
ND CLA YB . 13.74 -35.18 47.34
C1D CLA YB . 13.49 -36.58 47.33
C2D CLA YB . 14.76 -37.28 47.01
C3D CLA YB . 15.68 -36.30 46.73
C4D CLA YB . 14.98 -35.02 46.89
CMD CLA YB . 14.93 -38.73 46.99
CAD CLA YB . 17.06 -35.99 46.35
OBD CLA YB . 18.02 -36.74 46.24
CBD CLA YB . 17.12 -34.46 46.09
CGD CLA YB . 18.26 -33.78 46.79
O1D CLA YB . 18.42 -33.65 48.00
O2D CLA YB . 19.22 -33.29 45.95
CED CLA YB . 20.40 -32.73 46.54
C1 CLA YB . 12.99 -34.36 43.51
C2 CLA YB . 11.52 -34.32 43.72
C3 CLA YB . 10.81 -35.45 43.94
C4 CLA YB . 11.49 -36.77 43.99
C5 CLA YB . 9.34 -35.47 44.16
C6 CLA YB . 8.69 -34.13 44.44
C7 CLA YB . 8.26 -33.48 43.14
C8 CLA YB . 7.86 -32.01 43.31
C9 CLA YB . 7.01 -31.81 44.55
C10 CLA YB . 7.11 -31.50 42.08
C11 CLA YB . 8.04 -31.10 40.95
C12 CLA YB . 7.76 -29.70 40.48
C13 CLA YB . 8.47 -29.41 39.16
C14 CLA YB . 9.36 -28.19 39.28
C15 CLA YB . 7.46 -29.23 38.02
MG CLA ZB . 15.11 -26.63 41.56
CHA CLA ZB . 13.77 -29.39 39.89
CHB CLA ZB . 16.45 -25.58 38.58
CHC CLA ZB . 15.62 -23.50 42.89
CHD CLA ZB . 12.98 -27.39 44.29
NA CLA ZB . 15.14 -27.39 39.60
C1A CLA ZB . 14.53 -28.56 39.11
C2A CLA ZB . 14.82 -28.76 37.62
C3A CLA ZB . 15.89 -27.69 37.33
C4A CLA ZB . 15.84 -26.81 38.58
CMA CLA ZB . 17.25 -28.27 37.13
CAA CLA ZB . 13.56 -28.55 36.80
NB CLA ZB . 15.87 -24.89 40.86
C1B CLA ZB . 16.46 -24.69 39.66
C2B CLA ZB . 17.13 -23.36 39.62
C3B CLA ZB . 16.90 -22.77 40.84
C4B CLA ZB . 16.09 -23.73 41.65
CMB CLA ZB . 17.84 -22.86 38.44
CAB CLA ZB . 17.29 -21.47 41.33
NC CLA ZB . 14.49 -25.66 43.31
C1C CLA ZB . 14.87 -24.42 43.69
C2C CLA ZB . 14.32 -24.09 45.00
C3C CLA ZB . 13.50 -25.15 45.36
C4C CLA ZB . 13.63 -26.15 44.29
CMC CLA ZB . 14.53 -22.83 45.74
CAC CLA ZB . 12.72 -25.31 46.59
CBC CLA ZB . 11.34 -24.71 46.50
ND CLA ZB . 13.77 -28.06 42.08
C1D CLA ZB . 13.02 -28.29 43.25
C2D CLA ZB . 12.35 -29.61 43.15
C3D CLA ZB . 12.64 -30.10 41.89
C4D CLA ZB . 13.48 -29.07 41.25
CMD CLA ZB . 11.54 -30.22 44.20
CAD CLA ZB . 12.46 -31.17 40.93
OBD CLA ZB . 11.92 -32.26 41.08
CBD CLA ZB . 13.10 -30.71 39.59
CGD CLA ZB . 14.07 -31.73 39.06
O1D CLA ZB . 14.59 -31.77 37.95
O2D CLA ZB . 14.35 -32.73 39.95
C1 LUT AC . 12.95 -26.79 51.07
C2 LUT AC . 14.31 -27.47 50.82
C3 LUT AC . 14.40 -28.96 51.08
C4 LUT AC . 13.57 -29.30 52.30
C5 LUT AC . 12.15 -28.98 51.90
C6 LUT AC . 11.86 -27.72 51.57
C7 LUT AC . 10.50 -27.15 51.78
C8 LUT AC . 9.64 -27.65 52.68
C9 LUT AC . 8.37 -26.96 52.99
C10 LUT AC . 7.74 -27.26 54.13
C11 LUT AC . 6.56 -26.52 54.57
C12 LUT AC . 6.09 -26.68 55.81
C13 LUT AC . 4.97 -25.85 56.29
C14 LUT AC . 4.78 -25.76 57.63
C15 LUT AC . 3.76 -24.93 58.28
C16 LUT AC . 12.54 -26.04 49.80
C17 LUT AC . 13.12 -25.78 52.21
C18 LUT AC . 11.20 -30.14 51.74
C19 LUT AC . 7.82 -25.89 52.09
C20 LUT AC . 4.16 -25.08 55.29
O3 LUT AC . 15.76 -29.34 51.31
C21 LUT AC . -2.81 -18.78 67.56
C22 LUT AC . -4.07 -17.96 67.77
C23 LUT AC . -5.10 -18.68 68.63
C24 LUT AC . -5.19 -20.15 68.29
C25 LUT AC . -4.32 -20.77 67.48
C26 LUT AC . -3.19 -20.04 66.79
C27 LUT AC . -2.00 -20.96 66.63
C28 LUT AC . -1.50 -21.19 65.41
C29 LUT AC . -0.33 -22.07 65.16
C30 LUT AC . 0.06 -22.21 63.88
C31 LUT AC . 1.17 -23.05 63.45
C32 LUT AC . 1.45 -23.18 62.15
C33 LUT AC . 2.54 -24.03 61.63
C34 LUT AC . 2.69 -24.09 60.28
C35 LUT AC . 3.71 -24.90 59.60
C36 LUT AC . -2.12 -19.08 68.90
C37 LUT AC . -1.87 -17.94 66.72
C38 LUT AC . -4.47 -22.24 67.23
C39 LUT AC . 0.35 -22.76 66.30
C40 LUT AC . 3.40 -24.83 62.56
O23 LUT AC . -6.38 -18.06 68.46
C1 LUT BC . 11.36 -35.85 66.03
C2 LUT BC . 12.77 -35.27 66.26
C3 LUT BC . 13.14 -33.98 65.53
C4 LUT BC . 12.33 -33.83 64.25
C5 LUT BC . 10.90 -33.84 64.69
C6 LUT BC . 10.43 -34.96 65.22
C7 LUT BC . 9.04 -35.43 64.97
C8 LUT BC . 8.28 -34.97 63.97
C9 LUT BC . 6.95 -35.57 63.67
C10 LUT BC . 6.41 -35.28 62.48
C11 LUT BC . 5.19 -35.88 61.98
C12 LUT BC . 4.89 -35.70 60.68
C13 LUT BC . 3.74 -36.37 60.02
C14 LUT BC . 3.74 -36.40 58.68
C15 LUT BC . 2.71 -37.08 57.89
C16 LUT BC . 10.72 -36.23 67.36
C17 LUT BC . 11.51 -37.10 65.16
C18 LUT BC . 10.12 -32.56 64.63
C19 LUT BC . 6.25 -36.53 64.60
C20 LUT BC . 2.70 -37.06 60.83
O3 LUT BC . 14.54 -34.01 65.22
C21 LUT BC . -4.72 -41.78 48.64
C22 LUT BC . -6.09 -42.27 48.21
C23 LUT BC . -6.79 -41.26 47.30
C24 LUT BC . -6.72 -39.88 47.87
C25 LUT BC . -5.83 -39.52 48.81
C26 LUT BC . -4.85 -40.48 49.43
C27 LUT BC . -3.51 -39.78 49.55
C28 LUT BC . -2.87 -39.78 50.71
C29 LUT BC . -1.56 -39.11 50.90
C30 LUT BC . -1.04 -39.17 52.15
C31 LUT BC . 0.20 -38.51 52.57
C32 LUT BC . 0.51 -38.54 53.86
C33 LUT BC . 1.69 -37.85 54.44
C34 LUT BC . 1.75 -37.80 55.78
C35 LUT BC . 2.79 -37.12 56.56
C36 LUT BC . -3.81 -41.62 47.42
C37 LUT BC . -4.12 -42.86 49.54
C38 LUT BC . -5.81 -38.10 49.29
C39 LUT BC . -0.88 -38.41 49.76
C40 LUT BC . 2.68 -37.20 53.52
O23 LUT BC . -8.15 -41.65 47.12
C1 XAT CC . -0.31 -25.24 39.88
C2 XAT CC . -1.57 -24.42 40.09
C3 XAT CC . -1.78 -23.44 38.96
C4 XAT CC . -2.09 -24.20 37.68
C5 XAT CC . -1.13 -25.36 37.36
C6 XAT CC . -0.24 -25.90 38.50
C7 XAT CC . -0.14 -27.42 38.53
C8 XAT CC . 1.02 -28.02 38.33
C9 XAT CC . 1.14 -29.49 38.41
C10 XAT CC . 2.38 -30.01 38.27
C11 XAT CC . 2.67 -31.43 38.41
C12 XAT CC . 3.95 -31.82 38.45
C13 XAT CC . 4.35 -33.21 38.67
C14 XAT CC . 5.68 -33.43 38.77
C15 XAT CC . 6.28 -34.74 39.05
C16 XAT CC . -0.32 -26.28 40.98
C17 XAT CC . 0.95 -24.41 40.09
C18 XAT CC . -1.72 -26.46 36.47
C19 XAT CC . -0.07 -30.33 38.64
C20 XAT CC . 3.33 -34.31 38.82
O3 XAT CC . -2.86 -22.56 39.28
O4 XAT CC . 0.29 -25.17 37.39
C21 XAT CC . 15.04 -42.91 44.13
C22 XAT CC . 16.36 -43.65 44.04
C23 XAT CC . 16.26 -44.97 43.32
C24 XAT CC . 15.75 -44.79 41.90
C25 XAT CC . 14.80 -43.62 41.60
C26 XAT CC . 14.41 -42.67 42.74
C27 XAT CC . 14.28 -41.23 42.28
C28 XAT CC . 13.12 -40.80 41.78
C29 XAT CC . 12.92 -39.40 41.35
C30 XAT CC . 11.68 -39.08 40.93
C31 XAT CC . 11.31 -37.73 40.51
C32 XAT CC . 10.04 -37.48 40.22
C33 XAT CC . 9.55 -36.14 39.85
C34 XAT CC . 8.23 -36.04 39.58
C35 XAT CC . 7.59 -34.78 39.24
C36 XAT CC . 15.34 -41.59 44.83
C37 XAT CC . 14.03 -43.64 45.00
C38 XAT CC . 15.03 -42.91 40.26
C39 XAT CC . 14.05 -38.41 41.41
C40 XAT CC . 10.50 -34.98 39.81
O23 XAT CC . 17.56 -45.57 43.30
O24 XAT CC . 13.50 -43.63 42.20
C1 NEX DC . -7.77 -30.02 87.30
C2 NEX DC . -8.35 -29.68 88.67
C3 NEX DC . -8.27 -30.90 89.59
C4 NEX DC . -6.81 -31.08 89.94
C5 NEX DC . -5.97 -31.42 88.72
C6 NEX DC . -6.61 -30.98 87.41
C7 NEX DC . -6.13 -31.47 86.35
C8 NEX DC . -5.65 -31.99 85.31
C9 NEX DC . -4.49 -31.38 84.61
C10 NEX DC . -3.95 -32.05 83.58
C11 NEX DC . -2.80 -31.48 82.88
C12 NEX DC . -2.03 -32.26 82.14
C13 NEX DC . -0.87 -31.67 81.44
C14 NEX DC . -0.19 -32.39 80.55
C15 NEX DC . 0.95 -31.78 79.87
C16 NEX DC . -7.31 -28.72 86.64
C17 NEX DC . -8.87 -30.64 86.46
C18 NEX DC . -4.59 -30.77 88.85
C19 NEX DC . -3.93 -30.06 85.02
C20 NEX DC . -0.47 -30.27 81.76
O3 NEX DC . -9.04 -30.66 90.77
O4 NEX DC . -5.79 -32.83 88.68
C21 NEX DC . 9.53 -29.75 72.57
C22 NEX DC . 10.77 -29.01 72.08
C23 NEX DC . 10.55 -27.92 71.05
C24 NEX DC . 9.40 -27.06 71.50
C25 NEX DC . 8.11 -27.87 71.38
C26 NEX DC . 8.21 -29.33 71.89
C27 NEX DC . 6.93 -29.81 72.56
C28 NEX DC . 6.11 -30.63 71.92
C29 NEX DC . 4.91 -31.07 72.62
C30 NEX DC . 4.66 -30.62 73.86
C31 NEX DC . 3.48 -31.10 74.55
C32 NEX DC . 3.57 -31.20 75.87
C33 NEX DC . 2.45 -31.73 76.65
C34 NEX DC . 2.09 -31.18 77.81
C35 NEX DC . 0.98 -31.77 78.54
C36 NEX DC . 9.41 -29.58 74.08
C37 NEX DC . 9.72 -31.25 72.36
C38 NEX DC . 6.81 -27.20 71.81
C39 NEX DC . 3.96 -32.03 71.96
C40 NEX DC . 1.72 -32.93 76.13
O23 NEX DC . 11.73 -27.12 70.96
O24 NEX DC . 8.12 -29.01 70.50
O1 LHG EC . -4.06 -22.01 41.68
C1 LHG EC . -5.33 -21.39 41.51
C2 LHG EC . -6.41 -22.27 42.13
O2 LHG EC . -7.67 -21.57 42.20
C3 LHG EC . -5.99 -22.65 43.54
O3 LHG EC . -4.62 -23.03 43.52
P LHG EC . -3.98 -23.69 44.83
O4 LHG EC . -3.52 -22.57 45.73
O5 LHG EC . -4.94 -24.73 45.36
O6 LHG EC . -2.67 -24.42 44.24
C4 LHG EC . -2.58 -25.83 44.18
C5 LHG EC . -1.48 -26.33 45.10
C6 LHG EC . -1.93 -26.10 46.54
O7 LHG EC . -1.28 -27.73 44.90
C7 LHG EC . -0.30 -28.04 43.88
O9 LHG EC . 0.56 -27.24 43.58
C8 LHG EC . -0.37 -29.39 43.18
C9 LHG EC . 1.00 -29.76 42.64
C10 LHG EC . 1.00 -31.21 42.16
O8 LHG EC . -1.27 -27.03 47.39
C23 LHG EC . -1.93 -27.45 48.62
O10 LHG EC . -2.98 -26.93 48.95
C24 LHG EC . -1.32 -28.54 49.47
C11 LHG EC . 2.40 -31.79 42.09
C12 LHG EC . 2.47 -33.12 42.80
C13 LHG EC . 3.78 -33.84 42.52
C14 LHG EC . 3.72 -35.29 42.99
C15 LHG EC . 4.89 -36.11 42.49
C16 LHG EC . 4.66 -37.59 42.77
C17 LHG EC . 5.67 -38.48 42.08
C18 LHG EC . 6.95 -38.64 42.90
C19 LHG EC . 7.66 -39.94 42.50
C20 LHG EC . 8.94 -40.13 43.30
C21 LHG EC . 9.59 -41.47 42.98
C25 LHG EC . -0.83 -29.68 48.57
C26 LHG EC . 0.59 -29.42 48.10
C27 LHG EC . 1.08 -30.54 47.21
C28 LHG EC . 2.59 -30.48 47.04
C29 LHG EC . 3.02 -29.19 46.33
C30 LHG EC . 4.49 -29.28 45.95
C31 LHG EC . 4.92 -28.12 45.03
C32 LHG EC . 4.34 -28.29 43.63
C33 LHG EC . 5.08 -27.43 42.62
C34 LHG EC . 4.55 -27.66 41.21
C35 LHG EC . 5.40 -26.95 40.17
MG CHL FC . -12.55 83.78 -36.74
CHA CHL FC . -12.21 82.11 -39.74
CHB CHL FC . -10.96 81.28 -35.18
CHC CHL FC . -12.48 85.76 -33.94
CHD CHL FC . -14.56 86.20 -38.44
NA CHL FC . -11.68 82.08 -37.33
C1A CHL FC . -11.54 81.60 -38.52
C2A CHL FC . -10.55 80.50 -38.62
C3A CHL FC . -10.37 80.09 -37.18
C4A CHL FC . -11.09 81.21 -36.50
CMA CHL FC . -10.92 78.72 -36.86
CAA CHL FC . -9.25 81.01 -39.25
CBA CHL FC . -8.17 79.93 -39.27
CGA CHL FC . -6.93 80.41 -38.56
O1A CHL FC . -6.37 79.69 -37.75
O2A CHL FC . -6.40 81.74 -38.81
NB CHL FC . -11.83 83.56 -34.84
C1B CHL FC . -11.23 82.47 -34.36
C2B CHL FC . -10.78 82.53 -32.95
C3B CHL FC . -11.21 83.87 -32.56
C4B CHL FC . -11.86 84.42 -33.80
CMB CHL FC . -10.06 81.48 -32.14
CAB CHL FC . -10.97 84.39 -31.18
CBB CHL FC . -11.23 85.60 -30.75
NC CHL FC . -13.36 85.61 -36.29
C1C CHL FC . -13.22 86.27 -35.11
C2C CHL FC . -13.94 87.57 -35.07
C3C CHL FC . -14.55 87.71 -36.38
C4C CHL FC . -14.14 86.45 -37.04
CMC CHL FC . -14.02 88.57 -33.97
OMC CHL FC . -13.43 88.38 -32.91
CAC CHL FC . -15.41 88.83 -36.93
CBC CHL FC . -14.61 89.65 -37.91
ND CHL FC . -13.27 84.15 -38.61
C1D CHL FC . -14.05 85.08 -39.22
C2D CHL FC . -14.27 84.85 -40.69
C3D CHL FC . -13.50 83.62 -40.86
C4D CHL FC . -12.99 83.32 -39.67
CMD CHL FC . -14.98 85.48 -41.86
CAD CHL FC . -13.08 82.60 -41.85
OBD CHL FC . -13.39 82.59 -43.09
CBD CHL FC . -12.23 81.59 -41.15
CGD CHL FC . -12.84 80.22 -41.27
O1D CHL FC . -12.19 79.23 -41.02
O2D CHL FC . -14.23 80.07 -41.67
CED CHL FC . -14.85 78.81 -41.54
C1 CHL FC . -5.01 82.00 -38.55
C2 CHL FC . -4.31 82.42 -39.82
C3 CHL FC . -4.50 83.63 -40.36
C4 CHL FC . -5.42 84.64 -39.72
C5 CHL FC . -3.76 84.00 -41.62
C6 CHL FC . -2.38 84.53 -41.25
C7 CHL FC . -1.57 84.91 -42.48
C8 CHL FC . -1.89 86.34 -42.92
C9 CHL FC . -1.94 86.44 -44.44
C10 CHL FC . -0.84 87.28 -42.33
MG CLA GC . -13.78 87.68 -24.53
CHA CLA GC . -16.78 86.54 -25.84
CHB CLA GC . -15.02 87.18 -21.37
CHC CLA GC . -10.61 88.04 -23.24
CHD CLA GC . -12.40 87.50 -27.79
NA CLA GC . -15.61 87.00 -23.77
C1A CLA GC . -16.74 86.58 -24.47
C2A CLA GC . -17.88 86.19 -23.55
C3A CLA GC . -17.35 86.64 -22.16
C4A CLA GC . -15.89 86.95 -22.43
CMA CLA GC . -18.11 87.86 -21.68
CAA CLA GC . -18.20 84.71 -23.66
CBA CLA GC . -17.73 83.84 -22.52
CGA CLA GC . -16.25 83.71 -22.50
O1A CLA GC . -15.43 84.22 -23.28
O2A CLA GC . -15.80 82.92 -21.48
NB CLA GC . -12.97 87.57 -22.68
C1B CLA GC . -13.67 87.49 -21.51
C2B CLA GC . -12.77 87.81 -20.37
C3B CLA GC . -11.53 88.06 -20.89
C4B CLA GC . -11.63 87.90 -22.37
CMB CLA GC . -13.23 87.82 -18.97
CAB CLA GC . -10.29 88.40 -20.24
CBB CLA GC . -9.82 87.80 -19.15
NC CLA GC . -11.87 87.80 -25.38
C1C CLA GC . -10.72 88.00 -24.67
C2C CLA GC . -9.58 88.11 -25.57
C3C CLA GC . -10.07 87.89 -26.85
C4C CLA GC . -11.51 87.71 -26.72
CMC CLA GC . -8.19 88.36 -25.18
CAC CLA GC . -9.30 87.91 -28.10
CBC CLA GC . -8.49 86.64 -28.29
ND CLA GC . -14.39 87.23 -26.41
C1D CLA GC . -13.74 87.27 -27.66
C2D CLA GC . -14.74 87.03 -28.73
C3D CLA GC . -15.93 86.78 -28.08
C4D CLA GC . -15.65 86.86 -26.64
CMD CLA GC . -14.45 87.07 -30.16
CAD CLA GC . -17.35 86.46 -28.23
OBD CLA GC . -18.02 86.38 -29.25
CBD CLA GC . -17.91 86.23 -26.79
CGD CLA GC . -19.10 87.10 -26.51
O1D CLA GC . -20.29 86.88 -26.81
O2D CLA GC . -18.80 88.26 -25.86
CED CLA GC . -19.87 89.07 -25.40
C1 CLA GC . -15.30 83.60 -20.31
C2 CLA GC . -13.85 83.88 -20.54
C3 CLA GC . -12.98 84.04 -19.53
C4 CLA GC . -13.40 83.95 -18.12
C5 CLA GC . -11.54 84.34 -19.79
C6 CLA GC . -10.74 83.09 -20.14
C7 CLA GC . -10.49 82.25 -18.91
C8 CLA GC . -9.69 81.00 -19.24
C9 CLA GC . -10.26 79.81 -18.49
C10 CLA GC . -8.21 81.15 -18.88
C11 CLA GC . -7.31 80.67 -20.00
C12 CLA GC . -7.21 81.68 -21.11
C13 CLA GC . -6.05 81.39 -22.05
C14 CLA GC . -5.94 79.91 -22.34
C15 CLA GC . -4.73 81.95 -21.50
C16 CLA GC . -3.58 81.87 -22.49
C17 CLA GC . -3.70 82.88 -23.62
C18 CLA GC . -3.05 82.41 -24.92
C19 CLA GC . -3.81 81.27 -25.58
C20 CLA GC . -1.61 82.02 -24.70
MG CLA HC . -7.01 88.55 -15.10
CHA CLA HC . -9.63 87.99 -12.89
CHB CLA HC . -7.94 85.77 -16.86
CHC CLA HC . -4.10 88.77 -16.94
CHD CLA HC . -5.74 91.02 -12.88
NA CLA HC . -8.54 87.15 -14.90
C1A CLA HC . -9.55 87.10 -13.94
C2A CLA HC . -10.50 85.92 -14.18
C3A CLA HC . -9.96 85.28 -15.46
C4A CLA HC . -8.72 86.12 -15.79
CMA CLA HC . -9.61 83.82 -15.25
CAA CLA HC . -11.91 86.43 -14.45
CBA CLA HC . -12.96 85.33 -14.41
CGA CLA HC . -13.38 85.09 -13.00
O1A CLA HC . -13.74 85.92 -12.16
O2A CLA HC . -13.41 83.77 -12.64
NB CLA HC . -6.20 87.50 -16.61
C1B CLA HC . -6.76 86.44 -17.24
C2B CLA HC . -5.92 86.04 -18.41
C3B CLA HC . -4.84 86.87 -18.43
C4B CLA HC . -5.00 87.81 -17.28
CMB CLA HC . -6.25 84.91 -19.27
CAB CLA HC . -3.71 86.90 -19.31
CBB CLA HC . -2.82 85.92 -19.42
NC CLA HC . -5.26 89.70 -14.95
C1C CLA HC . -4.23 89.66 -15.83
C2C CLA HC . -3.21 90.64 -15.48
C3C CLA HC . -3.65 91.24 -14.30
C4C CLA HC . -4.95 90.67 -13.98
CMC CLA HC . -1.96 90.89 -16.20
CAC CLA HC . -2.96 92.32 -13.59
CBC CLA HC . -3.20 93.63 -14.30
ND CLA HC . -7.47 89.33 -13.29
C1D CLA HC . -6.92 90.40 -12.53
C2D CLA HC . -7.80 90.68 -11.38
C3D CLA HC . -8.85 89.79 -11.47
C4D CLA HC . -8.61 88.98 -12.68
CMD CLA HC . -7.55 91.70 -10.35
CAD CLA HC . -10.08 89.31 -10.87
OBD CLA HC . -10.64 89.68 -9.85
CBD CLA HC . -10.62 88.16 -11.78
CGD CLA HC . -10.85 86.88 -11.00
O1D CLA HC . -11.79 86.62 -10.27
O2D CLA HC . -9.87 85.94 -11.15
CED CLA HC . -9.80 84.93 -10.16
C1 CLA HC . -12.14 83.06 -12.62
C2 CLA HC . -12.14 82.19 -11.43
C3 CLA HC . -11.32 81.13 -11.27
C4 CLA HC . -11.40 80.32 -10.03
C5 CLA HC . -10.31 80.71 -12.30
C6 CLA HC . -8.91 80.46 -11.75
C7 CLA HC . -8.11 79.54 -12.66
C8 CLA HC . -7.14 78.64 -11.91
C9 CLA HC . -5.71 79.12 -12.11
C10 CLA HC . -7.27 77.19 -12.36
MG CLA IC . 3.59 105.22 -18.15
CHA CLA IC . 6.75 106.28 -17.23
CHB CLA IC . 3.45 103.28 -15.31
CHC CLA IC . 0.21 104.72 -18.64
CHD CLA IC . 3.55 107.72 -20.66
NA CLA IC . 4.90 104.85 -16.55
C1A CLA IC . 6.17 105.39 -16.36
C2A CLA IC . 6.82 104.85 -15.08
C3A CLA IC . 5.82 103.76 -14.61
C4A CLA IC . 4.62 103.97 -15.54
CMA CLA IC . 6.39 102.37 -14.73
CAA CLA IC . 7.11 105.95 -14.05
CBA CLA IC . 6.02 106.30 -13.06
CGA CLA IC . 5.21 107.45 -13.56
O1A CLA IC . 4.43 107.47 -14.51
O2A CLA IC . 5.40 108.59 -12.83
NB CLA IC . 2.13 104.19 -17.19
C1B CLA IC . 2.28 103.42 -16.08
C2B CLA IC . 1.01 102.72 -15.76
C3B CLA IC . 0.09 103.13 -16.69
C4B CLA IC . 0.79 104.05 -17.62
CMB CLA IC . 0.85 101.85 -14.60
CAB CLA IC . -1.31 102.82 -16.83
CBB CLA IC . -1.83 101.59 -16.89
NC CLA IC . 2.16 106.05 -19.43
C1C CLA IC . 0.84 105.67 -19.50
C2C CLA IC . 0.15 106.41 -20.54
C3C CLA IC . 1.08 107.30 -21.07
C4C CLA IC . 2.34 107.05 -20.38
CMC CLA IC . -1.27 106.27 -20.91
CAC CLA IC . 0.86 108.28 -22.15
CBC CLA IC . 0.57 109.65 -21.62
ND CLA IC . 4.78 106.72 -18.80
C1D CLA IC . 4.70 107.57 -19.93
C2D CLA IC . 6.02 108.23 -20.14
C3D CLA IC . 6.84 107.76 -19.14
C4D CLA IC . 6.02 106.84 -18.32
CMD CLA IC . 6.32 109.17 -21.22
CAD CLA IC . 8.17 107.80 -18.55
OBD CLA IC . 9.16 108.44 -18.89
CBD CLA IC . 8.15 106.85 -17.30
CGD CLA IC . 9.16 105.75 -17.44
O1D CLA IC . 9.17 104.85 -18.28
O2D CLA IC . 10.16 105.78 -16.52
CED CLA IC . 10.68 104.54 -16.07
C1 CLA IC . 4.37 109.59 -12.87
C2 CLA IC . 4.30 110.21 -11.52
C3 CLA IC . 3.30 111.01 -11.14
C4 CLA IC . 2.17 111.37 -12.03
C5 CLA IC . 3.28 111.60 -9.76
MG CLA JC . 2.25 103.85 -10.38
CHA CLA JC . 2.38 106.98 -8.87
CHB CLA JC . -1.12 103.76 -9.81
CHC CLA JC . 2.21 100.57 -11.34
CHD CLA JC . 5.79 103.76 -10.30
NA CLA JC . 0.88 105.15 -9.47
C1A CLA JC . 1.12 106.42 -8.92
C2A CLA JC . -0.16 107.05 -8.37
C3A CLA JC . -1.25 106.00 -8.69
C4A CLA JC . -0.46 104.88 -9.37
CMA CLA JC . -1.96 105.54 -7.44
CAA CLA JC . -0.52 108.35 -9.08
CBA CLA JC . -1.57 109.12 -8.31
CGA CLA JC . -2.03 110.29 -9.11
O1A CLA JC . -2.54 110.31 -10.24
O2A CLA JC . -1.85 111.49 -8.47
NB CLA JC . 0.84 102.41 -10.44
C1B CLA JC . -0.49 102.66 -10.43
C2B CLA JC . -1.23 101.64 -11.20
C3B CLA JC . -0.31 100.73 -11.63
C4B CLA JC . 1.02 101.20 -11.14
CMB CLA JC . -2.69 101.62 -11.36
CAB CLA JC . -0.52 99.54 -12.38
CBB CLA JC . -0.44 98.30 -11.91
NC CLA JC . 3.74 102.43 -10.74
C1C CLA JC . 3.50 101.14 -11.14
C2C CLA JC . 4.76 100.43 -11.34
C3C CLA JC . 5.77 101.33 -11.03
C4C CLA JC . 5.13 102.58 -10.66
CMC CLA JC . 4.90 99.04 -11.77
CAC CLA JC . 7.23 101.08 -11.09
CBC CLA JC . 7.74 100.29 -9.91
ND CLA JC . 3.78 105.05 -9.79
C1D CLA JC . 5.19 104.92 -9.89
C2D CLA JC . 5.82 106.20 -9.48
C3D CLA JC . 4.79 107.04 -9.11
C4D CLA JC . 3.54 106.25 -9.28
CMD CLA JC . 7.26 106.48 -9.51
CAD CLA JC . 4.41 108.35 -8.60
OBD CLA JC . 5.12 109.33 -8.38
CBD CLA JC . 2.87 108.32 -8.38
CGD CLA JC . 2.49 108.56 -6.94
O1D CLA JC . 3.03 108.07 -5.94
O2D CLA JC . 1.44 109.40 -6.77
CED CLA JC . 1.64 110.55 -5.95
MG CHL KC . 6.16 94.38 -12.32
CHA CHL KC . 9.14 92.72 -12.81
CHB CHL KC . 4.98 93.04 -15.16
CHC CHL KC . 3.05 95.42 -11.34
CHD CHL KC . 7.62 95.97 -9.47
NA CHL KC . 6.88 93.13 -13.69
C1A CHL KC . 7.99 92.48 -13.71
C2A CHL KC . 8.04 91.38 -14.73
C3A CHL KC . 7.04 91.91 -15.72
C4A CHL KC . 6.23 92.79 -14.82
CMA CHL KC . 7.69 92.71 -16.84
CAA CHL KC . 7.68 89.97 -14.19
CBA CHL KC . 7.13 89.88 -12.76
CGA CHL KC . 5.62 89.77 -12.75
O1A CHL KC . 5.04 89.48 -11.72
O2A CHL KC . 4.84 90.01 -13.96
NB CHL KC . 4.29 94.25 -13.13
C1B CHL KC . 3.98 93.69 -14.31
C2B CHL KC . 2.54 93.72 -14.69
C3B CHL KC . 1.95 94.42 -13.55
C4B CHL KC . 3.11 94.70 -12.63
CMB CHL KC . 1.88 93.17 -15.92
CAB CHL KC . 0.48 94.66 -13.45
CBB CHL KC . -0.17 95.06 -12.37
NC CHL KC . 5.48 95.49 -10.72
C1C CHL KC . 4.18 95.81 -10.48
C2C CHL KC . 4.00 96.62 -9.25
C3C CHL KC . 5.34 96.80 -8.69
C4C CHL KC . 6.16 96.08 -9.68
CMC CHL KC . 2.74 97.16 -8.66
OMC CHL KC . 1.68 96.97 -9.20
CAC CHL KC . 5.76 97.54 -7.45
CBC CHL KC . 5.86 96.56 -6.29
ND CHL KC . 7.93 94.41 -11.31
C1D CHL KC . 8.47 95.04 -10.24
C2D CHL KC . 9.89 94.67 -9.93
C3D CHL KC . 10.12 93.71 -11.00
C4D CHL KC . 8.99 93.65 -11.71
CMD CHL KC . 10.97 94.99 -8.93
CAD CHL KC . 11.13 92.81 -11.59
OBD CHL KC . 12.34 92.64 -11.17
CBD CHL KC . 10.53 92.14 -12.79
CGD CHL KC . 11.35 92.52 -13.98
O1D CHL KC . 11.05 92.17 -15.10
O2D CHL KC . 12.54 93.33 -13.79
CED CHL KC . 13.42 93.57 -14.88
C1 CHL KC . 3.43 90.24 -13.86
MG CLA LC . -14.27 104.20 -10.90
CHA CLA LC . -12.96 103.02 -13.89
CHB CLA LC . -11.54 106.25 -10.59
CHC CLA LC . -15.91 106.01 -8.48
CHD CLA LC . -17.32 102.59 -11.71
NA CLA LC . -12.53 104.54 -12.03
C1A CLA LC . -12.19 103.95 -13.26
C2A CLA LC . -10.83 104.45 -13.75
C3A CLA LC . -10.30 105.25 -12.55
C4A CLA LC . -11.54 105.38 -11.66
CMA CLA LC . -9.19 104.53 -11.86
CAA CLA LC . -10.99 105.28 -15.02
CBA CLA LC . -11.44 106.70 -14.74
CGA CLA LC . -11.70 107.43 -16.02
O1A CLA LC . -11.83 108.65 -16.20
O2A CLA LC . -11.83 106.62 -17.10
NB CLA LC . -13.82 105.82 -9.78
C1B CLA LC . -12.61 106.44 -9.71
C2B CLA LC . -12.58 107.38 -8.55
C3B CLA LC . -13.80 107.31 -7.95
C4B CLA LC . -14.62 106.33 -8.73
CMB CLA LC . -11.41 108.19 -8.23
CAB CLA LC . -14.32 108.04 -6.83
CBB CLA LC . -14.27 109.36 -6.70
NC CLA LC . -16.24 104.25 -10.20
C1C CLA LC . -16.68 105.03 -9.17
C2C CLA LC . -18.10 104.76 -8.89
C3C CLA LC . -18.51 103.84 -9.85
C4C CLA LC . -17.34 103.51 -10.66
CMC CLA LC . -18.91 105.41 -7.87
CAC CLA LC . -19.86 103.27 -9.98
CBC CLA LC . -20.81 104.18 -10.74
ND CLA LC . -15.02 103.03 -12.38
C1D CLA LC . -16.25 102.35 -12.54
C2D CLA LC . -16.15 101.42 -13.68
C3D CLA LC . -14.89 101.62 -14.23
C4D CLA LC . -14.26 102.66 -13.40
CMD CLA LC . -17.20 100.50 -14.11
CAD CLA LC . -13.94 101.23 -15.25
OBD CLA LC . -14.02 100.34 -16.10
CBD CLA LC . -12.71 102.17 -15.11
CGD CLA LC . -11.42 101.42 -14.95
O1D CLA LC . -10.66 101.41 -13.98
O2D CLA LC . -11.07 100.65 -16.02
CED CLA LC . -9.67 100.51 -16.27
MG CLA MC . -9.19 95.42 -9.13
CHA CLA MC . -11.45 93.39 -10.83
CHB CLA MC . -11.03 94.94 -6.29
CHC CLA MC . -6.44 96.27 -7.22
CHD CLA MC . -6.99 94.96 -11.90
NA CLA MC . -11.00 94.45 -8.69
C1A CLA MC . -11.78 93.64 -9.53
C2A CLA MC . -13.03 93.15 -8.82
C3A CLA MC . -13.01 93.96 -7.49
C4A CLA MC . -11.59 94.50 -7.47
CMA CLA MC . -14.02 95.08 -7.53
CAA CLA MC . -13.04 91.65 -8.68
CBA CLA MC . -12.76 91.14 -7.28
CGA CLA MC . -12.82 89.64 -7.33
O1A CLA MC . -13.70 88.93 -7.84
O2A CLA MC . -11.76 89.03 -6.73
NB CLA MC . -8.79 95.47 -7.15
C1B CLA MC . -9.73 95.45 -6.17
C2B CLA MC . -9.20 96.06 -4.91
C3B CLA MC . -7.91 96.43 -5.17
C4B CLA MC . -7.63 96.07 -6.59
CMB CLA MC . -9.99 96.17 -3.69
CAB CLA MC . -6.94 97.05 -4.31
CBB CLA MC . -6.27 96.43 -3.35
NC CLA MC . -7.13 95.69 -9.53
C1C CLA MC . -6.20 96.11 -8.61
C2C CLA MC . -4.90 96.29 -9.23
C3C CLA MC . -5.04 95.82 -10.53
C4C CLA MC . -6.44 95.47 -10.72
CMC CLA MC . -3.68 96.77 -8.58
CAC CLA MC . -4.01 95.81 -11.58
CBC CLA MC . -3.94 97.12 -12.32
ND CLA MC . -9.27 94.69 -11.03
C1D CLA MC . -8.29 94.57 -12.06
C2D CLA MC . -8.90 93.96 -13.26
C3D CLA MC . -10.13 93.51 -12.85
C4D CLA MC . -10.27 93.91 -11.43
CMD CLA MC . -8.24 93.82 -14.56
CAD CLA MC . -11.36 92.84 -13.22
OBD CLA MC . -11.79 92.53 -14.33
CBD CLA MC . -12.14 92.55 -11.90
CGD CLA MC . -13.61 92.83 -12.04
O1D CLA MC . -14.16 93.92 -12.17
O2D CLA MC . -14.37 91.71 -12.04
CED CLA MC . -15.77 91.84 -12.32
C1 CLA MC . -11.81 87.58 -6.70
C2 CLA MC . -10.80 87.11 -5.72
C3 CLA MC . -9.47 87.25 -5.85
C4 CLA MC . -8.59 86.72 -4.76
C5 CLA MC . -8.87 87.95 -7.03
C6 CLA MC . -7.44 87.51 -7.35
C7 CLA MC . -7.02 87.94 -8.74
C8 CLA MC . -5.62 87.40 -9.06
C9 CLA MC . -4.72 88.53 -9.53
C10 CLA MC . -5.67 86.26 -10.07
C11 CLA MC . -6.03 86.69 -11.47
C12 CLA MC . -5.82 85.58 -12.48
C13 CLA MC . -4.35 85.43 -12.83
C14 CLA MC . -4.03 86.08 -14.16
C15 CLA MC . -3.89 83.97 -12.84
C16 CLA MC . -4.82 83.11 -13.68
C17 CLA MC . -4.09 81.96 -14.39
C18 CLA MC . -4.51 81.81 -15.85
C19 CLA MC . -6.00 81.92 -16.06
C20 CLA MC . -3.78 82.81 -16.71
MG CLA NC . -14.70 103.49 -22.84
CHA CLA NC . -17.59 104.87 -21.50
CHB CLA NC . -16.03 103.92 -25.98
CHC CLA NC . -11.57 103.14 -24.22
CHD CLA NC . -13.20 103.81 -19.64
NA CLA NC . -16.52 104.21 -23.59
C1A CLA NC . -17.59 104.76 -22.86
C2A CLA NC . -18.72 105.16 -23.79
C3A CLA NC . -18.33 104.49 -25.13
C4A CLA NC . -16.85 104.20 -24.91
CMA CLA NC . -19.13 103.22 -25.35
CAA CLA NC . -18.82 106.68 -23.92
CBA CLA NC . -17.50 107.39 -24.21
CGA CLA NC . -17.11 107.26 -25.66
O1A CLA NC . -17.83 107.39 -26.65
O2A CLA NC . -15.78 106.99 -25.85
NB CLA NC . -13.94 103.60 -24.72
C1B CLA NC . -14.66 103.62 -25.87
C2B CLA NC . -13.81 103.28 -27.03
C3B CLA NC . -12.55 103.05 -26.55
C4B CLA NC . -12.61 103.25 -25.07
CMB CLA NC . -14.31 103.23 -28.41
CAB CLA NC . -11.34 102.70 -27.24
CBB CLA NC . -10.86 103.36 -28.29
NC CLA NC . -12.76 103.40 -22.06
C1C CLA NC . -11.63 103.19 -22.80
C2C CLA NC . -10.46 103.12 -21.93
C3C CLA NC . -10.91 103.39 -20.64
C4C CLA NC . -12.35 103.55 -20.73
CMC CLA NC . -9.08 102.89 -22.36
CAC CLA NC . -10.10 103.44 -19.42
CBC CLA NC . -9.59 104.83 -19.12
ND CLA NC . -15.24 104.02 -20.97
C1D CLA NC . -14.55 104.05 -19.72
C2D CLA NC . -15.51 104.36 -18.64
C3D CLA NC . -16.70 104.66 -19.27
C4D CLA NC . -16.47 104.50 -20.72
CMD CLA NC . -15.18 104.39 -17.22
CAD CLA NC . -18.09 105.05 -19.10
OBD CLA NC . -18.76 105.16 -18.09
CBD CLA NC . -18.66 105.32 -20.54
CGD CLA NC . -19.96 104.60 -20.77
O1D CLA NC . -20.18 103.68 -21.58
O2D CLA NC . -20.99 105.03 -20.00
CED CLA NC . -22.22 105.37 -20.64
C1 CLA NC . -15.21 107.55 -27.05
C2 CLA NC . -13.77 107.20 -27.10
C3 CLA NC . -12.94 107.73 -28.02
C4 CLA NC . -13.44 108.69 -29.03
C5 CLA NC . -11.50 107.38 -28.05
C6 CLA NC . -10.60 108.59 -28.25
C7 CLA NC . -9.20 108.37 -27.71
C8 CLA NC . -8.83 109.45 -26.70
C9 CLA NC . -8.56 110.77 -27.40
C10 CLA NC . -7.62 109.05 -25.84
C11 CLA NC . -6.38 108.69 -26.63
C12 CLA NC . -5.15 109.42 -26.13
C13 CLA NC . -3.87 108.58 -26.21
C14 CLA NC . -3.67 107.95 -27.58
C15 CLA NC . -3.83 107.52 -25.12
C16 CLA NC . -3.38 108.09 -23.79
C17 CLA NC . -4.40 107.94 -22.66
C18 CLA NC . -4.79 109.29 -22.06
C19 CLA NC . -5.98 109.13 -21.16
C20 CLA NC . -3.63 109.88 -21.29
MG CLA OC . -11.90 96.02 -39.23
CHA CLA OC . -14.13 97.90 -37.35
CHB CLA OC . -14.13 96.00 -41.82
CHC CLA OC . -10.00 93.65 -40.82
CHD CLA OC . -9.91 95.61 -36.31
NA CLA OC . -13.81 96.82 -39.51
C1A CLA OC . -14.57 97.59 -38.61
C2A CLA OC . -15.90 98.01 -39.22
C3A CLA OC . -15.85 97.42 -40.64
C4A CLA OC . -14.51 96.69 -40.68
CMA CLA OC . -17.01 96.49 -40.89
CAA CLA OC . -16.00 99.52 -39.30
CBA CLA OC . -17.38 100.02 -38.92
CGA CLA OC . -17.34 101.48 -38.57
O1A CLA OC . -18.13 102.11 -37.86
O2A CLA OC . -16.28 102.15 -39.12
NB CLA OC . -12.08 94.97 -40.94
C1B CLA OC . -12.93 95.29 -41.95
C2B CLA OC . -12.44 94.75 -43.25
C3B CLA OC . -11.27 94.08 -42.98
C4B CLA OC . -11.04 94.20 -41.51
CMB CLA OC . -13.15 94.92 -44.51
CAB CLA OC . -10.42 93.35 -43.87
CBB CLA OC . -9.11 93.60 -44.04
NC CLA OC . -10.27 94.84 -38.65
C1C CLA OC . -9.64 93.94 -39.47
C2C CLA OC . -8.53 93.33 -38.75
C3C CLA OC . -8.50 93.87 -37.48
C4C CLA OC . -9.59 94.83 -37.42
CMC CLA OC . -7.63 92.33 -39.31
CAC CLA OC . -7.55 93.54 -36.41
CBC CLA OC . -6.25 94.31 -36.53
ND CLA OC . -11.94 96.58 -37.28
C1D CLA OC . -11.01 96.43 -36.22
C2D CLA OC . -11.42 97.28 -35.08
C3D CLA OC . -12.63 97.85 -35.44
C4D CLA OC . -12.91 97.37 -36.82
CMD CLA OC . -10.66 97.43 -33.84
CAD CLA OC . -13.73 98.73 -35.07
OBD CLA OC . -13.90 99.35 -34.03
CBD CLA OC . -14.73 98.77 -36.26
CGD CLA OC . -16.13 98.35 -35.86
O1D CLA OC . -16.93 98.99 -35.19
O2D CLA OC . -16.51 97.11 -36.29
CED CLA OC . -17.86 96.95 -36.71
C1 CLA OC . -16.31 103.58 -39.00
C2 CLA OC . -15.00 104.07 -39.51
C3 CLA OC . -14.65 103.99 -40.80
C4 CLA OC . -15.54 103.39 -41.83
C5 CLA OC . -13.32 104.50 -41.25
C6 CLA OC . -12.26 103.41 -41.21
C7 CLA OC . -10.86 103.99 -41.30
C8 CLA OC . -9.84 103.24 -40.44
C9 CLA OC . -9.85 101.76 -40.75
C10 CLA OC . -10.10 103.47 -38.95
C11 CLA OC . -9.07 104.38 -38.29
C12 CLA OC . -8.26 103.69 -37.20
C13 CLA OC . -6.76 103.80 -37.40
C14 CLA OC . -6.08 102.53 -36.97
C15 CLA OC . -6.15 105.02 -36.68
C16 CLA OC . -6.00 104.82 -35.19
C17 CLA OC . -5.52 106.10 -34.53
C18 CLA OC . -4.71 105.82 -33.27
C19 CLA OC . -3.28 105.43 -33.62
C20 CLA OC . -4.69 107.04 -32.38
MG CLA PC . -8.52 101.84 -32.78
CHA CLA PC . -11.44 103.08 -34.21
CHB CLA PC . -8.52 104.54 -30.63
CHC CLA PC . -5.21 101.28 -32.00
CHD CLA PC . -8.13 99.74 -35.62
NA CLA PC . -9.81 103.47 -32.45
C1A CLA PC . -10.99 103.81 -33.13
C2A CLA PC . -11.64 105.07 -32.55
C3A CLA PC . -10.78 105.37 -31.31
C4A CLA PC . -9.62 104.40 -31.46
CMA CLA PC . -10.29 106.80 -31.33
CAA CLA PC . -13.06 104.78 -32.10
CBA CLA PC . -13.78 105.99 -31.52
CGA CLA PC . -14.20 106.91 -32.63
O1A CLA PC . -14.99 106.69 -33.54
O2A CLA PC . -13.59 108.13 -32.57
NB CLA PC . -7.17 102.71 -31.55
C1B CLA PC . -7.37 103.75 -30.70
C2B CLA PC . -6.17 104.01 -29.87
C3B CLA PC . -5.22 103.09 -30.26
C4B CLA PC . -5.84 102.26 -31.33
CMB CLA PC . -6.08 105.09 -28.89
CAB CLA PC . -3.87 102.92 -29.82
CBB CLA PC . -2.99 103.90 -29.66
NC CLA PC . -7.00 100.64 -33.60
C1C CLA PC . -5.75 100.49 -33.06
C2C CLA PC . -4.98 99.51 -33.80
C3C CLA PC . -5.77 99.16 -34.90
C4C CLA PC . -7.05 99.86 -34.75
CMC CLA PC . -3.63 99.06 -33.50
CAC CLA PC . -5.42 98.18 -35.94
CBC CLA PC . -4.50 98.76 -36.99
ND CLA PC . -9.53 101.40 -34.48
C1D CLA PC . -9.30 100.47 -35.52
C2D CLA PC . -10.47 100.43 -36.42
C3D CLA PC . -11.34 101.39 -35.94
C4D CLA PC . -10.69 102.00 -34.76
CMD CLA PC . -10.60 99.55 -37.57
CAD CLA PC . -12.62 102.06 -36.13
OBD CLA PC . -13.51 101.83 -36.93
CBD CLA PC . -12.69 103.21 -35.07
CGD CLA PC . -12.77 104.56 -35.72
O1D CLA PC . -11.85 105.37 -35.89
O2D CLA PC . -14.02 104.91 -36.15
CED CLA PC . -14.17 106.26 -36.59
C1 CLA PC . -14.43 109.28 -32.75
MG CLA QC . 4.16 88.77 -31.38
CHA CLA QC . 7.32 87.95 -32.54
CHB CLA QC . 3.85 91.00 -33.98
CHC CLA QC . 0.78 88.99 -30.79
CHD CLA QC . 4.30 85.91 -29.28
NA CLA QC . 5.39 89.38 -32.96
C1A CLA QC . 6.68 88.91 -33.26
C2A CLA QC . 7.27 89.61 -34.48
C3A CLA QC . 6.21 90.69 -34.81
C4A CLA QC . 5.06 90.35 -33.86
CMA CLA QC . 6.75 92.08 -34.57
CAA CLA QC . 7.59 88.68 -35.64
CBA CLA QC . 6.79 87.38 -35.75
CGA CLA QC . 5.45 87.66 -36.36
O1A CLA QC . 5.22 87.97 -37.53
O2A CLA QC . 4.42 87.53 -35.49
NB CLA QC . 2.63 89.76 -32.25
C1B CLA QC . 2.73 90.74 -33.17
C2B CLA QC . 1.47 91.53 -33.23
C3B CLA QC . 0.61 90.98 -32.32
C4B CLA QC . 1.32 89.83 -31.70
CMB CLA QC . 1.27 92.67 -34.13
CAB CLA QC . -0.76 91.31 -32.00
CBB CLA QC . -1.71 91.57 -32.90
NC CLA QC . 2.81 87.67 -30.22
C1C CLA QC . 1.48 87.96 -30.08
C2C CLA QC . 0.85 87.04 -29.15
C3C CLA QC . 1.83 86.13 -28.77
C4C CLA QC . 3.06 86.54 -29.43
CMC CLA QC . -0.57 87.04 -28.76
CAC CLA QC . 1.69 85.00 -27.85
CBC CLA QC . 1.39 83.70 -28.55
ND CLA QC . 5.47 87.30 -30.91
C1D CLA QC . 5.44 86.25 -29.96
C2D CLA QC . 6.79 85.63 -29.88
C3D CLA QC . 7.57 86.27 -30.82
C4D CLA QC . 6.68 87.27 -31.47
CMD CLA QC . 7.16 84.56 -28.97
CAD CLA QC . 8.87 86.38 -31.46
OBD CLA QC . 9.93 85.81 -31.19
CBD CLA QC . 8.73 87.40 -32.64
CGD CLA QC . 9.75 88.50 -32.57
O1D CLA QC . 9.68 89.54 -31.92
O2D CLA QC . 10.86 88.28 -33.33
CED CLA QC . 11.60 89.43 -33.76
C1 CLA QC . 3.92 86.20 -35.23
C2 CLA QC . 2.85 86.34 -34.20
C3 CLA QC . 2.06 85.31 -33.82
C4 CLA QC . 2.19 83.97 -34.42
C5 CLA QC . 1.02 85.50 -32.78
MG CLA RC . 5.18 90.74 -40.91
CHA CLA RC . 3.72 87.58 -40.70
CHB CLA RC . 6.59 89.81 -43.89
CHC CLA RC . 5.71 94.05 -41.68
CHD CLA RC . 3.06 91.75 -38.24
NA CLA RC . 5.21 88.98 -42.04
C1A CLA RC . 4.52 87.78 -41.78
C2A CLA RC . 4.82 86.73 -42.85
C3A CLA RC . 6.00 87.37 -43.63
C4A CLA RC . 5.94 88.83 -43.18
CMA CLA RC . 7.31 86.73 -43.25
CAA CLA RC . 3.59 86.40 -43.70
CBA CLA RC . 3.23 87.42 -44.77
CGA CLA RC . 1.80 87.81 -44.63
O1A CLA RC . 1.28 88.57 -43.81
O2A CLA RC . 0.97 87.24 -45.57
NB CLA RC . 5.92 91.73 -42.50
C1B CLA RC . 6.58 91.16 -43.55
C2B CLA RC . 7.34 92.20 -44.30
C3B CLA RC . 7.09 93.40 -43.68
C4B CLA RC . 6.20 93.12 -42.53
CMB CLA RC . 8.14 91.90 -45.49
CAB CLA RC . 7.56 94.72 -44.01
CBB CLA RC . 7.44 95.30 -45.20
NC CLA RC . 4.57 92.55 -40.06
C1C CLA RC . 4.96 93.79 -40.50
C2C CLA RC . 4.40 94.83 -39.65
C3C CLA RC . 3.59 94.18 -38.72
C4C CLA RC . 3.72 92.76 -38.98
CMC CLA RC . 4.61 96.28 -39.80
CAC CLA RC . 2.81 94.81 -37.64
ND CLA RC . 3.88 89.89 -39.61
C1D CLA RC . 3.11 90.41 -38.52
C2D CLA RC . 2.43 89.30 -37.83
C3D CLA RC . 2.63 88.18 -38.62
C4D CLA RC . 3.49 88.63 -39.74
CMD CLA RC . 1.65 89.42 -36.61
CAD CLA RC . 2.41 86.76 -38.79
OBD CLA RC . 1.90 85.95 -38.02
CBD CLA RC . 2.96 86.37 -40.20
CGD CLA RC . 3.81 85.14 -40.15
O1D CLA RC . 3.59 84.05 -40.69
O2D CLA RC . 4.95 85.26 -39.40
CED CLA RC . 5.25 84.17 -38.53
C1 CLA RC . 1.01 87.79 -46.89
C2 CLA RC . -0.33 88.36 -47.18
C3 CLA RC . -0.65 89.65 -46.99
C4 CLA RC . 0.32 90.65 -46.47
C5 CLA RC . -2.02 90.14 -47.29
MG CLA SC . 7.73 73.49 -30.81
CHA CLA SC . 9.54 73.53 -27.83
CHB CLA SC . 5.24 75.28 -29.27
CHC CLA SC . 5.64 72.87 -33.46
CHD CLA SC . 9.92 70.97 -32.01
NA CLA SC . 7.46 74.28 -28.89
C1A CLA SC . 8.34 74.20 -27.79
C2A CLA SC . 7.76 74.91 -26.56
C3A CLA SC . 6.42 75.49 -27.07
C4A CLA SC . 6.34 74.99 -28.51
CMA CLA SC . 5.27 74.97 -26.24
CAA CLA SC . 8.65 76.06 -26.13
CBA CLA SC . 8.10 76.74 -24.90
CGA CLA SC . 9.21 77.05 -23.95
O1A CLA SC . 10.27 77.64 -24.16
O2A CLA SC . 8.97 76.59 -22.68
NB CLA SC . 5.79 73.90 -31.23
C1B CLA SC . 5.05 74.85 -30.60
C2B CLA SC . 4.01 75.40 -31.51
C3B CLA SC . 4.11 74.73 -32.69
C4B CLA SC . 5.23 73.77 -32.53
CMB CLA SC . 3.05 76.44 -31.10
CAB CLA SC . 3.33 74.82 -33.89
CBB CLA SC . 3.06 75.96 -34.53
NC CLA SC . 7.79 72.18 -32.44
C1C CLA SC . 6.84 72.12 -33.43
C2C CLA SC . 7.21 71.13 -34.44
C3C CLA SC . 8.40 70.55 -34.00
C4C CLA SC . 8.76 71.23 -32.75
CMC CLA SC . 6.45 70.79 -35.64
CAC CLA SC . 9.18 69.50 -34.66
CBC CLA SC . 10.24 70.06 -35.57
ND CLA SC . 9.39 72.52 -30.19
C1D CLA SC . 10.23 71.56 -30.80
C2D CLA SC . 11.44 71.35 -29.96
C3D CLA SC . 11.24 72.11 -28.82
C4D CLA SC . 9.93 72.77 -28.99
CMD CLA SC . 12.57 70.50 -30.30
CAD CLA SC . 11.77 72.53 -27.54
OBD CLA SC . 12.87 72.30 -27.03
CBD CLA SC . 10.66 73.36 -26.83
CGD CLA SC . 10.19 72.70 -25.56
O1D CLA SC . 9.88 71.52 -25.40
O2D CLA SC . 10.11 73.55 -24.50
CED CLA SC . 9.19 73.22 -23.45
C1 LUT TC . 3.48 95.90 -32.55
C2 LUT TC . 4.82 95.17 -32.65
C3 LUT TC . 5.02 94.04 -31.66
C4 LUT TC . 4.34 94.40 -30.35
C5 LUT TC . 2.87 94.43 -30.64
C6 LUT TC . 2.46 95.17 -31.69
C7 LUT TC . 1.04 95.49 -31.91
C8 LUT TC . 0.30 95.84 -30.84
C9 LUT TC . -1.08 96.36 -31.00
C10 LUT TC . -1.65 96.96 -29.95
C11 LUT TC . -2.97 97.60 -30.00
C12 LUT TC . -3.39 98.27 -28.93
C13 LUT TC . -4.66 99.03 -28.91
C14 LUT TC . -4.79 99.95 -27.92
C15 LUT TC . -5.95 100.84 -27.74
C16 LUT TC . 3.00 96.18 -33.97
C17 LUT TC . 3.67 97.24 -31.84
C18 LUT TC . 2.01 93.48 -29.85
C19 LUT TC . -1.77 96.26 -32.32
C20 LUT TC . -5.68 98.77 -29.98
O3 LUT TC . 6.42 93.82 -31.48
C21 LUT TC . -13.46 110.46 -23.59
C22 LUT TC . -14.89 110.93 -23.82
C23 LUT TC . -15.79 110.71 -22.61
C24 LUT TC . -15.44 109.45 -21.85
C25 LUT TC . -14.38 108.68 -22.13
C26 LUT TC . -13.48 108.98 -23.28
C27 LUT TC . -12.09 108.44 -23.03
C28 LUT TC . -11.56 107.55 -23.87
C29 LUT TC . -10.22 106.97 -23.70
C30 LUT TC . -9.84 106.07 -24.63
C31 LUT TC . -8.57 105.36 -24.63
C32 LUT TC . -8.34 104.43 -25.57
C33 LUT TC . -7.11 103.63 -25.63
C34 LUT TC . -7.05 102.67 -26.59
C35 LUT TC . -5.91 101.76 -26.78
C36 LUT TC . -12.81 111.30 -22.49
C37 LUT TC . -12.68 110.68 -24.89
C38 LUT TC . -14.11 107.47 -21.27
C39 LUT TC . -9.33 107.36 -22.56
C40 LUT TC . -6.03 103.87 -24.62
O23 LUT TC . -17.16 110.64 -23.03
C1 XAT UC . -11.12 80.56 -24.44
C2 XAT UC . -12.43 79.86 -24.78
C3 XAT UC . -13.60 80.52 -24.09
C4 XAT UC . -13.75 81.87 -24.75
C5 XAT UC . -12.57 82.77 -24.32
C6 XAT UC . -11.22 82.07 -24.09
C7 XAT UC . -9.95 82.88 -24.39
C8 XAT UC . -9.53 83.77 -23.52
C9 XAT UC . -8.31 84.58 -23.71
C10 XAT UC . -8.09 85.52 -22.78
C11 XAT UC . -6.96 86.43 -22.79
C12 XAT UC . -6.88 87.34 -21.83
C13 XAT UC . -5.77 88.32 -21.74
C14 XAT UC . -5.85 89.24 -20.78
C15 XAT UC . -4.83 90.27 -20.58
C16 XAT UC . -10.22 80.38 -25.65
C17 XAT UC . -10.49 79.83 -23.25
C18 XAT UC . -12.42 84.13 -25.02
C19 XAT UC . -7.41 84.39 -24.91
C20 XAT UC . -4.62 88.26 -22.71
O3 XAT UC . -14.77 79.72 -24.25
O4 XAT UC . -12.04 82.54 -23.03
C21 XAT UC . 3.56 98.17 -16.16
C22 XAT UC . 4.68 99.19 -16.12
C23 XAT UC . 5.09 99.64 -17.51
C24 XAT UC . 3.93 100.47 -18.03
C25 XAT UC . 2.66 99.64 -18.17
C26 XAT UC . 2.48 98.44 -17.23
C27 XAT UC . 1.05 98.16 -16.81
C28 XAT UC . 0.41 97.20 -17.44
C29 XAT UC . -0.97 96.78 -17.13
C30 XAT UC . -1.40 95.77 -17.88
C31 XAT UC . -2.70 95.11 -17.77
C32 XAT UC . -2.89 94.12 -18.63
C33 XAT UC . -4.08 93.27 -18.66
C34 XAT UC . -3.99 92.23 -19.50
C35 XAT UC . -5.03 91.21 -19.67
C36 XAT UC . 2.92 98.16 -14.78
C37 XAT UC . 4.15 96.79 -16.43
C38 XAT UC . 1.35 100.40 -18.40
C39 XAT UC . -1.78 97.42 -16.05
C40 XAT UC . -5.25 93.52 -17.76
O23 XAT UC . 6.30 100.40 -17.46
O24 XAT UC . 2.78 98.29 -18.63
C1 BCR VC . -13.24 111.47 4.21
C2 BCR VC . -14.65 111.48 4.79
C3 BCR VC . -15.70 111.72 3.70
C4 BCR VC . -15.72 110.56 2.71
C5 BCR VC . -14.32 110.06 2.52
C6 BCR VC . -13.30 110.86 2.83
C7 BCR VC . -12.20 111.15 1.90
C8 BCR VC . -12.22 110.81 0.61
C9 BCR VC . -11.09 111.15 -0.28
C10 BCR VC . -11.20 110.72 -1.55
C11 BCR VC . -10.12 110.91 -2.51
C33 BCR VC . -14.08 108.65 2.08
C31 BCR VC . -12.27 110.65 5.04
C32 BCR VC . -12.72 112.90 4.12
C34 BCR VC . -9.92 111.96 0.22
C12 BCR VC . -10.12 110.26 -3.66
C13 BCR VC . -8.93 110.36 -4.52
C14 BCR VC . -8.84 109.43 -5.48
C15 BCR VC . -7.69 109.29 -6.35
C16 BCR VC . -7.63 108.22 -7.11
C17 BCR VC . -6.47 108.00 -7.96
C18 BCR VC . -6.39 106.95 -8.77
C19 BCR VC . -5.17 106.90 -9.59
C20 BCR VC . -5.01 106.09 -10.63
C21 BCR VC . -3.78 106.32 -11.36
C22 BCR VC . -3.59 105.90 -12.60
C23 BCR VC . -2.36 106.42 -13.22
C24 BCR VC . -2.24 106.54 -14.53
C25 BCR VC . -1.11 107.26 -15.15
C26 BCR VC . 0.06 107.51 -14.57
C27 BCR VC . 1.22 107.07 -15.40
C28 BCR VC . 1.31 108.07 -16.53
C29 BCR VC . -0.03 108.31 -17.24
C30 BCR VC . -1.33 107.88 -16.52
C35 BCR VC . -7.87 111.39 -4.23
C36 BCR VC . -7.51 105.96 -8.86
C37 BCR VC . -4.60 105.02 -13.29
C38 BCR VC . 0.32 108.21 -13.28
C39 BCR VC . -2.15 106.96 -17.43
C40 BCR VC . -2.16 109.14 -16.28
O1 LHG WC . -14.26 91.21 -44.22
C1 LHG WC . -15.16 91.52 -43.16
C2 LHG WC . -14.49 91.22 -41.83
O2 LHG WC . -14.97 89.98 -41.32
C3 LHG WC . -14.79 92.30 -40.81
O3 LHG WC . -14.02 92.04 -39.65
P LHG WC . -13.97 93.09 -38.44
O4 LHG WC . -13.20 94.30 -38.90
O5 LHG WC . -15.36 93.25 -37.88
O6 LHG WC . -13.07 92.30 -37.37
C4 LHG WC . -12.63 92.94 -36.17
C5 LHG WC . -11.82 91.95 -35.34
C6 LHG WC . -10.66 91.38 -36.15
O7 LHG WC . -11.30 92.61 -34.19
C7 LHG WC . -12.10 92.38 -33.01
O9 LHG WC . -13.30 92.20 -33.11
C8 LHG WC . -11.42 92.34 -31.65
C9 LHG WC . -10.56 91.08 -31.58
C10 LHG WC . -9.20 91.29 -32.21
O8 LHG WC . -10.89 90.02 -36.46
C23 LHG WC . -10.02 89.01 -35.88
O10 LHG WC . -9.76 89.07 -34.70
C24 LHG WC . -9.43 87.92 -36.76
C11 LHG WC . -8.41 89.99 -32.15
C12 LHG WC . -7.13 90.06 -32.98
C13 LHG WC . -6.63 88.68 -33.40
C14 LHG WC . -6.88 87.63 -32.32
C15 LHG WC . -6.02 86.39 -32.54
C16 LHG WC . -6.58 85.24 -31.72
C17 LHG WC . -5.53 84.54 -30.86
C18 LHG WC . -6.14 83.92 -29.62
C19 LHG WC . -7.38 83.07 -29.93
C20 LHG WC . -7.88 82.36 -28.69
C21 LHG WC . -7.18 81.02 -28.48
C22 LHG WC . -7.83 79.95 -29.31
C25 LHG WC . -8.90 86.74 -35.96
C26 LHG WC . -9.33 85.42 -36.59
C27 LHG WC . -8.20 84.40 -36.55
C28 LHG WC . -7.75 84.11 -35.11
C29 LHG WC . -6.41 83.39 -35.11
C30 LHG WC . -6.58 81.87 -35.03
C31 LHG WC . -6.32 81.38 -33.61
C32 LHG WC . -6.40 79.86 -33.44
C33 LHG WC . -7.40 79.21 -34.38
C34 LHG WC . -7.68 77.75 -33.98
C35 LHG WC . -9.14 77.50 -33.61
C36 LHG WC . -9.31 77.29 -32.12
C37 LHG WC . -10.78 77.16 -31.75
C38 LHG WC . -10.96 77.25 -30.26
MG CHL XC . -6.50 -3.28 -49.19
CHA CHL XC . -6.48 -6.64 -48.37
CHB CHL XC . -4.97 -2.58 -46.28
CHC CHL XC . -6.20 -0.04 -50.27
CHD CHL XC . -8.32 -4.13 -52.15
NA CHL XC . -5.82 -4.37 -47.65
C1A CHL XC . -5.82 -5.66 -47.48
C2A CHL XC . -5.10 -6.14 -46.25
C3A CHL XC . -4.85 -4.84 -45.51
C4A CHL XC . -5.26 -3.85 -46.54
CMA CHL XC . -5.66 -4.73 -44.24
CAA CHL XC . -3.83 -6.95 -46.51
CBA CHL XC . -2.74 -6.21 -47.27
CGA CHL XC . -1.37 -6.61 -46.75
O1A CHL XC . -1.23 -7.51 -45.95
O2A CHL XC . -0.18 -5.91 -47.22
NB CHL XC . -5.71 -1.56 -48.40
C1B CHL XC . -5.13 -1.44 -47.20
C2B CHL XC . -4.63 -0.09 -46.84
C3B CHL XC . -4.99 0.68 -48.03
C4B CHL XC . -5.64 -0.32 -48.94
CMB CHL XC . -3.94 0.37 -45.58
CAB CHL XC . -4.68 2.13 -48.13
CBB CHL XC . -4.96 2.95 -49.13
NC CHL XC . -7.14 -2.29 -50.88
C1C CHL XC . -6.93 -0.99 -51.16
C2C CHL XC . -7.52 -0.55 -52.44
C3C CHL XC . -8.15 -1.74 -53.01
C4C CHL XC . -7.86 -2.74 -51.95
CMC CHL XC . -7.50 0.79 -53.09
OMC CHL XC . -6.94 1.73 -52.56
CAC CHL XC . -8.90 -1.90 -54.30
CBC CHL XC . -10.39 -1.79 -54.03
ND CHL XC . -7.26 -4.93 -50.11
C1D CHL XC . -7.97 -5.22 -51.24
C2D CHL XC . -8.28 -6.68 -51.43
C3D CHL XC . -7.64 -7.21 -50.24
C4D CHL XC . -7.12 -6.18 -49.58
CMD CHL XC . -8.98 -7.59 -52.41
CAD CHL XC . -7.39 -8.47 -49.50
OBD CHL XC . -7.76 -9.64 -49.85
CBD CHL XC . -6.62 -8.13 -48.26
CGD CHL XC . -7.36 -8.56 -47.04
O1D CHL XC . -6.77 -8.72 -45.99
O2D CHL XC . -8.79 -8.81 -47.07
CED CHL XC . -9.50 -8.94 -45.86
MG CHL YC . -6.83 9.96 -49.35
CHA CHL YC . -10.01 8.65 -49.33
CHB CHL YC . -8.16 12.99 -48.72
CHC CHL YC . -3.63 11.18 -49.28
CHD CHL YC . -5.64 6.77 -50.46
NA CHL YC . -8.66 10.67 -49.03
C1A CHL YC . -9.76 10.03 -48.91
C2A CHL YC . -10.80 10.81 -48.17
C3A CHL YC . -10.43 12.18 -48.64
C4A CHL YC . -8.97 11.95 -48.84
CMA CHL YC . -11.11 12.57 -49.94
CAA CHL YC . -10.56 10.55 -46.68
CBA CHL YC . -11.15 11.60 -45.75
CGA CHL YC . -10.11 12.52 -45.14
O1A CHL YC . -10.47 13.41 -44.40
O2A CHL YC . -8.67 12.39 -45.40
NB CHL YC . -6.01 11.81 -49.05
C1B CHL YC . -6.69 12.94 -48.79
C2B CHL YC . -5.89 14.17 -48.60
C3B CHL YC . -4.54 13.64 -48.75
C4B CHL YC . -4.70 12.17 -49.02
CMB CHL YC . -6.34 15.58 -48.30
CAB CHL YC . -3.39 14.59 -48.62
CBB CHL YC . -2.13 14.25 -48.68
NC CHL YC . -5.00 9.12 -49.79
C1C CHL YC . -3.80 9.76 -49.69
C2C CHL YC . -2.65 8.89 -50.07
C3C CHL YC . -3.23 7.60 -50.43
C4C CHL YC . -4.68 7.86 -50.21
CMC CHL YC . -1.21 9.19 -50.12
OMC CHL YC . -0.81 10.30 -49.84
CAC CHL YC . -2.54 6.33 -50.88
CBC CHL YC . -2.16 5.51 -49.67
ND CHL YC . -7.56 8.11 -49.81
C1D CHL YC . -7.09 6.91 -50.23
C2D CHL YC . -8.13 5.84 -50.42
C3D CHL YC . -9.31 6.60 -50.03
C4D CHL YC . -8.89 7.82 -49.71
CMD CHL YC . -8.20 4.39 -50.85
CAD CHL YC . -10.78 6.53 -49.87
OBD CHL YC . -11.52 5.49 -50.08
CBD CHL YC . -11.27 7.85 -49.40
CGD CHL YC . -12.18 8.48 -50.41
O1D CHL YC . -13.38 8.45 -50.27
O2D CHL YC . -11.61 9.14 -51.57
CED CHL YC . -12.45 9.77 -52.54
C1 CHL YC . -7.84 13.55 -45.31
C2 CHL YC . -6.94 13.53 -44.09
C3 CHL YC . -5.58 13.63 -44.11
C4 CHL YC . -4.82 13.80 -45.39
C5 CHL YC . -4.84 13.60 -42.79
C6 CHL YC . -3.48 12.91 -42.90
C7 CHL YC . -2.86 12.75 -41.52
C8 CHL YC . -1.34 12.53 -41.55
C9 CHL YC . -0.63 13.85 -41.80
C10 CHL YC . -0.95 11.49 -42.59
C11 CHL YC . 0.54 11.18 -42.51
C12 CHL YC . 0.81 9.70 -42.70
C13 CHL YC . 2.28 9.42 -43.00
C14 CHL YC . 3.21 10.22 -42.11
C15 CHL YC . 2.56 9.69 -44.47
MG CLA ZC . 0.65 18.75 -47.68
CHA CLA ZC . -1.77 20.91 -46.47
CHB CLA ZC . -0.56 16.29 -45.61
CHC CLA ZC . 3.43 16.83 -48.35
CHD CLA ZC . 2.21 21.49 -49.31
NA CLA ZC . -0.94 18.63 -46.31
C1A CLA ZC . -1.85 19.63 -45.98
C2A CLA ZC . -2.88 19.12 -44.96
C3A CLA ZC . -2.56 17.61 -44.87
C4A CLA ZC . -1.27 17.47 -45.65
CMA CLA ZC . -2.40 17.16 -43.44
CAA CLA ZC . -4.28 19.28 -45.53
CBA CLA ZC . -5.38 18.97 -44.53
CGA CLA ZC . -5.68 20.18 -43.69
O1A CLA ZC . -5.57 20.32 -42.48
O2A CLA ZC . -6.14 21.24 -44.43
NB CLA ZC . 1.25 16.89 -47.18
C1B CLA ZC . 0.66 16.08 -46.27
C2B CLA ZC . 1.53 14.89 -45.99
C3B CLA ZC . 2.65 15.04 -46.77
C4B CLA ZC . 2.50 16.31 -47.52
CMB CLA ZC . 1.17 13.85 -45.04
CAB CLA ZC . 3.83 14.21 -46.85
CBB CLA ZC . 4.51 13.78 -45.80
NC CLA ZC . 2.46 19.08 -48.69
C1C CLA ZC . 3.42 18.14 -48.91
C2C CLA ZC . 4.49 18.68 -49.74
C3C CLA ZC . 4.18 20.02 -49.94
C4C CLA ZC . 2.89 20.26 -49.30
CMC CLA ZC . 5.68 17.97 -50.19
CAC CLA ZC . 4.93 21.00 -50.72
CBC CLA ZC . 4.40 21.13 -52.13
ND CLA ZC . 0.40 20.74 -47.83
C1D CLA ZC . 1.05 21.74 -48.61
C2D CLA ZC . 0.30 23.01 -48.51
C3D CLA ZC . -0.77 22.74 -47.68
C4D CLA ZC . -0.67 21.33 -47.30
CMD CLA ZC . 0.69 24.26 -49.15
CAD CLA ZC . -1.93 23.30 -47.02
OBD CLA ZC . -2.33 24.46 -46.99
CBD CLA ZC . -2.63 22.14 -46.27
CGD CLA ZC . -2.81 22.46 -44.81
O1D CLA ZC . -3.88 22.65 -44.21
O2D CLA ZC . -1.65 22.54 -44.10
CED CLA ZC . -1.68 22.20 -42.72
C1 CLA ZC . -6.88 22.25 -43.70
MG CLA AD . 12.51 19.70 -63.01
CHA CLA AD . 15.63 21.07 -63.62
CHB CLA AD . 12.07 21.99 -60.48
CHC CLA AD . 9.16 18.96 -62.94
CHD CLA AD . 12.78 17.93 -66.07
NA CLA AD . 13.68 21.24 -62.19
C1A CLA AD . 14.95 21.66 -62.60
C2A CLA AD . 15.48 22.79 -61.72
C3A CLA AD . 14.42 22.88 -60.60
C4A CLA AD . 13.29 21.99 -61.11
CMA CLA AD . 14.96 22.37 -59.30
CAA CLA AD . 15.69 24.10 -62.48
CBA CLA AD . 14.51 24.60 -63.28
CGA CLA AD . 15.02 25.15 -64.57
O1A CLA AD . 15.63 24.57 -65.47
O2A CLA AD . 14.75 26.48 -64.74
NB CLA AD . 10.92 20.39 -61.96
C1B CLA AD . 10.98 21.20 -60.88
C2B CLA AD . 9.69 21.16 -60.13
C3B CLA AD . 8.86 20.31 -60.83
C4B CLA AD . 9.64 19.81 -61.99
CMB CLA AD . 9.44 21.94 -58.92
CAB CLA AD . 7.50 19.92 -60.57
CBB CLA AD . 6.57 20.74 -60.11
NC CLA AD . 11.23 18.61 -64.24
C1C CLA AD . 9.90 18.40 -64.00
C2C CLA AD . 9.31 17.54 -65.03
C3C CLA AD . 10.33 17.29 -65.95
C4C CLA AD . 11.53 17.96 -65.44
CMC CLA AD . 7.92 17.10 -65.09
CAC CLA AD . 10.24 16.48 -67.17
CBC CLA AD . 10.52 15.02 -66.92
ND CLA AD . 13.87 19.43 -64.47
C1D CLA AD . 13.89 18.61 -65.63
C2D CLA AD . 15.25 18.65 -66.23
C3D CLA AD . 15.97 19.56 -65.48
C4D CLA AD . 15.05 20.06 -64.43
CMD CLA AD . 15.67 17.86 -67.39
CAD CLA AD . 17.24 20.23 -65.28
OBD CLA AD . 18.31 20.06 -65.84
CBD CLA AD . 17.02 21.29 -64.15
CGD CLA AD . 18.05 21.19 -63.07
O1D CLA AD . 17.99 20.53 -62.01
O2D CLA AD . 19.18 21.91 -63.30
CED CLA AD . 20.09 22.10 -62.21
C1 CLA AD . 13.42 26.86 -65.15
C2 CLA AD . 13.15 26.30 -66.50
C3 CLA AD . 12.19 26.77 -67.30
C4 CLA AD . 11.31 27.90 -66.93
C5 CLA AD . 11.96 26.16 -68.65
MG CHL BD . 11.04 27.14 -59.48
CHA CHL BD . 11.04 29.27 -62.19
CHB CHL BD . 7.66 27.13 -59.53
CHC CHL BD . 11.13 24.79 -56.99
CHD CHL BD . 14.62 27.13 -59.64
NA CHL BD . 9.63 28.06 -60.56
C1A CHL BD . 9.76 28.85 -61.58
C2A CHL BD . 8.48 29.38 -62.14
C3A CHL BD . 7.48 28.91 -61.13
C4A CHL BD . 8.30 27.96 -60.34
CMA CHL BD . 6.97 30.02 -60.22
CAA CHL BD . 8.16 28.88 -63.54
CBA CHL BD . 7.35 29.90 -64.32
CGA CHL BD . 7.50 29.63 -65.80
O1A CHL BD . 8.55 29.86 -66.38
O2A CHL BD . 6.38 29.11 -66.56
NB CHL BD . 9.62 26.12 -58.41
C1B CHL BD . 8.29 26.22 -58.55
C2B CHL BD . 7.46 25.39 -57.67
C3B CHL BD . 8.48 24.68 -56.89
C4B CHL BD . 9.78 25.20 -57.44
CMB CHL BD . 5.96 25.28 -57.58
CAB CHL BD . 8.10 23.67 -55.88
CBB CHL BD . 8.94 22.86 -55.24
NC CHL BD . 12.57 26.17 -58.51
C1C CHL BD . 12.42 25.25 -57.52
C2C CHL BD . 13.72 24.72 -57.01
C3C CHL BD . 14.75 25.40 -57.77
C4C CHL BD . 13.93 26.27 -58.66
CMC CHL BD . 13.98 23.73 -55.94
OMC CHL BD . 13.05 23.23 -55.32
CAC CHL BD . 16.24 25.27 -57.68
CBC CHL BD . 16.79 26.33 -56.75
ND CHL BD . 12.54 27.96 -60.59
C1D CHL BD . 13.90 27.94 -60.62
C2D CHL BD . 14.52 28.77 -61.71
C3D CHL BD . 13.31 29.29 -62.33
C4D CHL BD . 12.29 28.80 -61.65
CMD CHL BD . 15.89 29.13 -62.24
CAD CHL BD . 12.81 30.17 -63.42
OBD CHL BD . 13.52 30.80 -64.26
CBD CHL BD . 11.31 30.17 -63.36
CGD CHL BD . 10.79 31.55 -63.12
O1D CHL BD . 11.13 32.19 -62.14
O2D CHL BD . 9.86 32.15 -64.06
CED CHL BD . 9.58 33.55 -64.00
MG CHL CD . 14.41 22.94 -51.52
CHA CHL CD . 17.57 22.51 -50.18
CHB CHL CD . 13.59 19.84 -50.53
CHC CHL CD . 11.18 23.68 -52.36
CHD CHL CD . 15.49 26.12 -52.74
NA CHL CD . 15.36 21.48 -50.54
C1A CHL CD . 16.54 21.47 -50.00
C2A CHL CD . 16.80 20.31 -49.10
C3A CHL CD . 15.74 19.35 -49.57
C4A CHL CD . 14.83 20.27 -50.29
CMA CHL CD . 16.28 18.26 -50.50
CAA CHL CD . 16.68 20.76 -47.66
CBA CHL CD . 16.61 19.63 -46.64
CGA CHL CD . 15.30 19.69 -45.91
O1A CHL CD . 14.25 19.59 -46.53
O2A CHL CD . 15.26 19.87 -44.47
NB CHL CD . 12.65 21.92 -51.46
C1B CHL CD . 12.48 20.65 -51.05
C2B CHL CD . 11.11 20.11 -51.09
C3B CHL CD . 10.37 21.25 -51.63
C4B CHL CD . 11.41 22.32 -51.82
CMB CHL CD . 10.59 18.76 -50.69
CAB CHL CD . 8.89 21.18 -51.84
CBB CHL CD . 8.08 22.19 -52.14
NC CHL CD . 13.53 24.58 -52.39
C1C CHL CD . 12.20 24.71 -52.65
C2C CHL CD . 11.85 26.00 -53.28
C3C CHL CD . 13.10 26.73 -53.41
C4C CHL CD . 14.06 25.75 -52.83
CMC CHL CD . 10.53 26.51 -53.72
OMC CHL CD . 9.52 25.83 -53.58
CAC CHL CD . 13.34 28.11 -53.98
CBC CHL CD . 13.51 28.04 -55.48
ND CHL CD . 16.09 24.11 -51.52
C1D CHL CD . 16.48 25.32 -52.01
C2D CHL CD . 17.90 25.71 -51.70
C3D CHL CD . 18.31 24.53 -50.95
C4D CHL CD . 17.25 23.72 -50.90
CMD CHL CD . 18.86 26.84 -51.93
CAD CHL CD . 19.44 23.91 -50.23
OBD CHL CD . 20.60 24.42 -50.08
CBD CHL CD . 18.99 22.57 -49.71
CGD CHL CD . 19.83 21.50 -50.30
O1D CHL CD . 20.25 21.59 -51.45
O2D CHL CD . 20.18 20.30 -49.54
CED CHL CD . 21.11 19.37 -50.08
C1 CHL CD . 14.07 19.59 -43.75
MG CHL DD . -4.85 27.14 -61.90
CHA CHL DD . -3.82 23.87 -61.36
CHB CHL DD . -1.77 27.89 -62.99
CHC CHL DD . -6.13 30.13 -62.99
CHD CHL DD . -7.99 26.27 -60.44
NA CHL DD . -3.15 26.12 -62.14
C1A CHL DD . -2.92 24.86 -62.01
C2A CHL DD . -1.58 24.44 -62.54
C3A CHL DD . -0.83 25.74 -62.40
C4A CHL DD . -1.98 26.68 -62.50
CMA CHL DD . -0.13 25.91 -61.05
CAA CHL DD . -1.58 24.04 -64.01
CBA CHL DD . -2.46 22.84 -64.34
CGA CHL DD . -2.68 22.77 -65.83
O1A CHL DD . -3.19 21.78 -66.33
O2A CHL DD . -2.28 23.86 -66.70
NB CHL DD . -4.07 28.77 -62.85
C1B CHL DD . -2.78 28.93 -63.22
C2B CHL DD . -2.44 30.21 -63.89
C3B CHL DD . -3.74 30.87 -63.91
C4B CHL DD . -4.68 29.92 -63.24
CMB CHL DD . -1.13 30.71 -64.43
CAB CHL DD . -3.87 32.23 -64.52
CBB CHL DD . -4.98 32.95 -64.62
NC CHL DD . -6.71 28.02 -61.73
C1C CHL DD . -7.05 29.23 -62.24
C2C CHL DD . -8.45 29.60 -61.96
C3C CHL DD . -9.03 28.49 -61.21
C4C CHL DD . -7.85 27.58 -61.12
CMC CHL DD . -9.21 30.83 -62.35
OMC CHL DD . -8.66 31.70 -62.99
CAC CHL DD . -10.43 28.33 -60.66
CBC CHL DD . -11.40 28.11 -61.80
ND CHL DD . -5.77 25.52 -61.08
C1D CHL DD . -6.97 25.23 -60.51
C2D CHL DD . -7.13 23.80 -60.04
C3D CHL DD . -5.80 23.29 -60.43
C4D CHL DD . -5.14 24.30 -60.97
CMD CHL DD . -8.14 22.91 -59.38
CAD CHL DD . -4.95 22.09 -60.40
OBD CHL DD . -5.29 20.93 -59.95
CBD CHL DD . -3.65 22.42 -61.04
CGD CHL DD . -2.47 22.11 -60.18
O1D CHL DD . -2.33 22.60 -59.08
O2D CHL DD . -1.46 21.18 -60.69
CED CHL DD . -0.20 21.04 -60.06
MG CLA ED . -1.65 26.67 -52.13
CHA CLA ED . -3.65 24.37 -50.44
CHB CLA ED . -3.56 29.18 -50.75
CHC CLA ED . 0.94 28.92 -52.57
CHD CLA ED . 0.66 24.03 -52.67
NA CLA ED . -3.36 26.74 -50.93
C1A CLA ED . -4.03 25.68 -50.30
C2A CLA ED . -5.23 26.19 -49.52
C3A CLA ED . -5.43 27.60 -50.12
C4A CLA ED . -4.01 27.89 -50.61
CMA CLA ED . -6.42 27.59 -51.25
CAA CLA ED . -4.91 26.16 -48.03
CBA CLA ED . -4.65 27.47 -47.30
CGA CLA ED . -3.48 27.30 -46.38
O1A CLA ED . -2.29 27.30 -46.66
O2A CLA ED . -3.85 27.11 -45.08
NB CLA ED . -1.35 28.63 -51.70
C1B CLA ED . -2.29 29.50 -51.23
C2B CLA ED . -1.79 30.90 -51.31
C3B CLA ED . -0.52 30.83 -51.83
C4B CLA ED . -0.23 29.40 -52.09
CMB CLA ED . -2.57 32.06 -50.88
CAB CLA ED . 0.42 31.89 -52.09
CBB CLA ED . 0.76 32.82 -51.21
NC CLA ED . 0.37 26.51 -52.68
C1C CLA ED . 1.21 27.56 -52.91
C2C CLA ED . 2.51 27.09 -53.35
C3C CLA ED . 2.47 25.70 -53.26
C4C CLA ED . 1.12 25.34 -52.85
CMC CLA ED . 3.65 27.93 -53.71
CAC CLA ED . 3.54 24.76 -53.60
CBC CLA ED . 3.51 24.38 -55.06
ND CLA ED . -1.60 24.65 -51.95
C1D CLA ED . -0.60 23.68 -52.23
C2D CLA ED . -1.14 22.33 -51.96
C3D CLA ED . -2.34 22.54 -51.30
C4D CLA ED . -2.53 24.00 -51.25
CMD CLA ED . -0.46 21.08 -52.29
CAD CLA ED . -3.52 21.94 -50.70
OBD CLA ED . -3.92 20.79 -50.75
CBD CLA ED . -4.25 23.08 -49.92
CGD CLA ED . -5.75 23.02 -49.97
O1D CLA ED . -6.52 23.07 -49.02
O2D CLA ED . -6.31 22.91 -51.21
CED CLA ED . -7.74 22.81 -51.21
C1 CLA ED . -2.84 26.56 -44.21
MG CLA FD . -5.81 15.93 -64.71
CHA CLA FD . -8.46 17.69 -66.14
CHB CLA FD . -7.08 13.06 -66.10
CHC CLA FD . -2.76 14.39 -64.28
CHD CLA FD . -4.23 19.06 -64.11
NA CLA FD . -7.52 15.46 -65.82
C1A CLA FD . -8.49 16.34 -66.32
C2A CLA FD . -9.59 15.56 -67.06
C3A CLA FD . -9.32 14.10 -66.63
C4A CLA FD . -7.87 14.18 -66.15
CMA CLA FD . -10.24 13.67 -65.53
CAA CLA FD . -9.55 15.74 -68.57
CBA CLA FD . -8.19 15.56 -69.20
CGA CLA FD . -7.81 14.13 -69.35
O1A CLA FD . -8.47 13.19 -69.79
O2A CLA FD . -6.53 13.88 -68.94
NB CLA FD . -5.06 14.11 -65.18
C1B CLA FD . -5.76 13.04 -65.65
C2B CLA FD . -4.94 11.81 -65.57
C3B CLA FD . -3.72 12.18 -65.05
C4B CLA FD . -3.78 13.64 -64.78
CMB CLA FD . -5.43 10.49 -65.98
CAB CLA FD . -2.56 11.37 -64.78
CBB CLA FD . -2.05 10.45 -65.58
NC CLA FD . -3.89 16.59 -64.18
C1C CLA FD . -2.81 15.78 -63.97
C2C CLA FD . -1.67 16.55 -63.51
C3C CLA FD . -2.05 17.89 -63.58
C4C CLA FD . -3.46 17.90 -63.98
CMC CLA FD . -0.35 16.03 -63.15
CAC CLA FD . -1.23 19.05 -63.20
CBC CLA FD . -0.35 19.55 -64.32
ND CLA FD . -6.28 17.89 -64.80
C1D CLA FD . -5.55 19.07 -64.50
C2D CLA FD . -6.42 20.26 -64.70
C3D CLA FD . -7.56 19.77 -65.31
C4D CLA FD . -7.38 18.31 -65.42
CMD CLA FD . -6.06 21.62 -64.35
CAD CLA FD . -8.87 20.09 -65.84
OBD CLA FD . -9.50 21.14 -65.77
CBD CLA FD . -9.38 18.81 -66.56
CGD CLA FD . -10.83 18.56 -66.25
O1D CLA FD . -11.33 17.64 -65.61
O2D CLA FD . -11.65 19.51 -66.80
CED CLA FD . -13.06 19.32 -66.72
C1 CLA FD . -5.89 12.70 -69.47
C2 CLA FD . -4.46 12.72 -69.06
C3 CLA FD . -3.58 11.85 -69.55
C4 CLA FD . -3.98 10.80 -70.52
C5 CLA FD . -2.14 11.88 -69.15
C6 CLA FD . -1.20 12.19 -70.29
C7 CLA FD . 0.24 11.95 -69.89
C8 CLA FD . 1.18 13.08 -70.33
C9 CLA FD . 1.27 13.15 -71.83
C10 CLA FD . 2.56 12.89 -69.72
C11 CLA FD . 3.47 14.08 -69.97
C12 CLA FD . 4.45 14.34 -68.83
C13 CLA FD . 5.86 13.88 -69.14
C14 CLA FD . 6.17 12.57 -68.43
C15 CLA FD . 6.89 14.93 -68.74
MG CLA GD . -5.04 -1.32 -60.44
CHA CLA GD . -6.26 1.11 -62.61
CHB CLA GD . -7.22 -3.58 -61.82
CHC CLA GD . -3.27 -3.90 -58.98
CHD CLA GD . -2.31 0.86 -59.73
NA CLA GD . -6.51 -1.22 -61.92
C1A CLA GD . -6.87 -0.11 -62.70
C2A CLA GD . -8.00 -0.45 -63.66
C3A CLA GD . -8.45 -1.86 -63.20
C4A CLA GD . -7.31 -2.27 -62.25
CMA CLA GD . -9.79 -1.84 -62.51
CAA CLA GD . -7.57 -0.41 -65.12
CBA CLA GD . -6.14 -0.82 -65.41
CGA CLA GD . -5.89 -2.25 -65.05
O1A CLA GD . -6.54 -3.25 -65.37
O2A CLA GD . -4.80 -2.41 -64.25
NB CLA GD . -5.18 -3.34 -60.46
C1B CLA GD . -6.22 -4.05 -60.96
C2B CLA GD . -6.16 -5.45 -60.48
C3B CLA GD . -5.06 -5.56 -59.68
C4B CLA GD . -4.41 -4.22 -59.66
CMB CLA GD . -7.15 -6.46 -60.86
CAB CLA GD . -4.53 -6.70 -58.98
CBB CLA GD . -3.60 -7.53 -59.45
NC CLA GD . -3.19 -1.46 -59.45
C1C CLA GD . -2.71 -2.60 -58.86
C2C CLA GD . -1.45 -2.31 -58.18
C3C CLA GD . -1.12 -1.00 -58.50
C4C CLA GD . -2.23 -0.46 -59.28
CMC CLA GD . -0.66 -3.27 -57.40
CAC CLA GD . 0.05 -0.25 -58.03
CBC CLA GD . -0.20 0.40 -56.69
ND CLA GD . -4.47 0.58 -60.87
C1D CLA GD . -3.34 1.36 -60.50
C2D CLA GD . -3.49 2.73 -61.04
C3D CLA GD . -4.64 2.71 -61.81
C4D CLA GD . -5.16 1.33 -61.73
CMD CLA GD . -2.56 3.83 -60.79
CAD CLA GD . -5.53 3.45 -62.68
OBD CLA GD . -5.57 4.66 -62.91
CBD CLA GD . -6.52 2.42 -63.32
CGD CLA GD . -7.95 2.85 -63.24
O1D CLA GD . -8.71 3.12 -64.18
O2D CLA GD . -8.46 2.96 -61.98
CED CLA GD . -9.87 2.84 -61.83
C2 CLA GD . -1.28 -3.29 -62.37
MG CLA HD . -0.08 5.55 -64.82
CHA CLA HD . -2.91 4.56 -66.60
CHB CLA HD . 0.25 8.21 -66.99
CHC CLA HD . 3.22 5.98 -63.86
CHD CLA HD . 0.03 2.30 -63.39
NA CLA HD . -1.19 6.28 -66.44
C1A CLA HD . -2.35 5.74 -67.02
C2A CLA HD . -2.84 6.61 -68.18
C3A CLA HD . -1.95 7.86 -68.09
C4A CLA HD . -0.88 7.44 -67.10
CMA CLA HD . -1.34 8.18 -69.44
CAA CLA HD . -4.29 7.03 -68.07
CBA CLA HD . -4.98 6.90 -69.41
CGA CLA HD . -6.43 7.26 -69.30
O1A CLA HD . -7.36 6.93 -70.05
O2A CLA HD . -6.71 8.05 -68.22
NB CLA HD . 1.40 6.85 -65.29
C1B CLA HD . 1.33 7.90 -66.16
C2B CLA HD . 2.58 8.69 -66.14
C3B CLA HD . 3.42 8.07 -65.25
C4B CLA HD . 2.69 6.90 -64.71
CMB CLA HD . 2.80 9.87 -66.98
CAB CLA HD . 4.78 8.38 -64.90
CBB CLA HD . 5.75 8.64 -65.78
NC CLA HD . 1.31 4.41 -63.73
C1C CLA HD . 2.57 4.82 -63.38
C2C CLA HD . 3.23 3.82 -62.54
C3C CLA HD . 2.37 2.73 -62.50
C4C CLA HD . 1.16 3.11 -63.23
CMC CLA HD . 4.57 3.94 -61.98
CAC CLA HD . 2.60 1.47 -61.79
CBC CLA HD . 3.44 0.50 -62.59
ND CLA HD . -1.18 3.84 -64.85
C1D CLA HD . -1.06 2.62 -64.15
C2D CLA HD . -2.27 1.80 -64.41
C3D CLA HD . -3.03 2.51 -65.33
C4D CLA HD . -2.28 3.75 -65.60
CMD CLA HD . -2.52 0.49 -63.81
CAD CLA HD . -4.22 2.53 -66.15
OBD CLA HD . -5.14 1.74 -66.22
CBD CLA HD . -4.16 3.83 -67.03
CGD CLA HD . -4.16 3.47 -68.50
O1D CLA HD . -5.11 3.02 -69.15
O2D CLA HD . -2.98 3.67 -69.14
CED CLA HD . -2.74 2.88 -70.30
MG CLA ID . 10.90 2.70 -50.91
CHA CLA ID . 13.72 0.77 -50.29
CHB CLA ID . 10.31 0.83 -53.74
CHC CLA ID . 7.62 3.78 -50.98
CHD CLA ID . 11.20 4.01 -47.62
NA CLA ID . 11.88 1.10 -51.86
C1A CLA ID . 13.03 0.43 -51.43
C2A CLA ID . 13.40 -0.68 -52.42
C3A CLA ID . 12.55 -0.33 -53.65
C4A CLA ID . 11.48 0.58 -53.04
CMA CLA ID . 13.34 0.32 -54.75
CAA CLA ID . 12.89 -2.02 -51.95
CBA CLA ID . 13.63 -2.62 -50.78
CGA CLA ID . 13.02 -2.30 -49.45
O1A CLA ID . 13.47 -2.57 -48.33
O2A CLA ID . 11.84 -1.63 -49.50
NB CLA ID . 9.31 2.37 -52.11
C1B CLA ID . 9.28 1.66 -53.27
C2B CLA ID . 8.01 1.87 -53.99
C3B CLA ID . 7.24 2.70 -53.22
C4B CLA ID . 8.05 3.03 -52.01
CMB CLA ID . 7.70 1.21 -55.27
CAB CLA ID . 5.92 3.21 -53.40
CBB CLA ID . 5.52 3.99 -54.39
NC CLA ID . 9.67 3.75 -49.58
C1C CLA ID . 8.38 4.12 -49.83
C2C CLA ID . 7.84 4.89 -48.71
C3C CLA ID . 8.81 4.91 -47.73
C4C CLA ID . 9.98 4.20 -48.28
CMC CLA ID . 6.48 5.46 -48.63
CAC CLA ID . 8.75 5.56 -46.42
CBC CLA ID . 8.33 4.62 -45.32
ND CLA ID . 12.15 2.53 -49.32
C1D CLA ID . 12.22 3.21 -48.08
C2D CLA ID . 13.52 2.93 -47.44
C3D CLA ID . 14.16 2.02 -48.26
C4D CLA ID . 13.24 1.77 -49.40
CMD CLA ID . 14.00 3.52 -46.20
CAD CLA ID . 15.35 1.23 -48.50
OBD CLA ID . 16.41 1.21 -47.88
CBD CLA ID . 15.08 0.34 -49.75
CGD CLA ID . 16.17 0.49 -50.77
O1D CLA ID . 16.66 1.53 -51.18
O2D CLA ID . 16.64 -0.70 -51.26
CED CLA ID . 17.99 -0.73 -51.72
C1 CLA ID . 11.37 -1.07 -48.26
C2 CLA ID . 10.06 -0.44 -48.50
C3 CLA ID . 9.43 0.26 -47.54
C4 CLA ID . 10.02 0.43 -46.20
C5 CLA ID . 8.10 0.92 -47.75
C6 CLA ID . 7.30 0.37 -48.92
C7 CLA ID . 5.86 0.79 -48.79
C8 CLA ID . 5.19 1.05 -50.13
C9 CLA ID . 4.00 1.97 -49.94
C10 CLA ID . 4.78 -0.25 -50.80
C11 CLA ID . 4.40 -0.04 -52.25
C12 CLA ID . 4.27 -1.35 -53.01
MG CLA JD . 10.97 -6.15 -54.47
CHA CLA JD . 10.24 -6.20 -51.10
CHB CLA JD . 11.73 -9.50 -54.29
CHC CLA JD . 10.92 -6.34 -57.90
CHD CLA JD . 9.45 -2.95 -54.68
NA CLA JD . 11.01 -7.57 -52.95
C1A CLA JD . 10.69 -7.38 -51.60
C2A CLA JD . 10.86 -8.66 -50.79
C3A CLA JD . 11.55 -9.62 -51.79
C4A CLA JD . 11.42 -8.87 -53.11
CMA CLA JD . 12.98 -9.88 -51.40
CAA CLA JD . 9.55 -9.23 -50.24
CBA CLA JD . 8.31 -9.06 -51.09
CGA CLA JD . 7.11 -9.01 -50.19
O1A CLA JD . 6.97 -8.43 -49.11
O2A CLA JD . 6.04 -9.71 -50.68
NB CLA JD . 11.33 -7.61 -55.82
C1B CLA JD . 11.62 -8.91 -55.56
C2B CLA JD . 11.79 -9.67 -56.82
C3B CLA JD . 11.57 -8.79 -57.85
C4B CLA JD . 11.26 -7.47 -57.23
CMB CLA JD . 12.08 -11.10 -56.86
CAB CLA JD . 11.56 -9.05 -59.27
CBB CLA JD . 11.99 -8.22 -60.22
NC CLA JD . 10.37 -4.85 -55.99
C1C CLA JD . 10.51 -5.11 -57.33
C2C CLA JD . 10.07 -3.96 -58.12
C3C CLA JD . 9.56 -3.04 -57.21
C4C CLA JD . 9.77 -3.60 -55.88
CMC CLA JD . 10.09 -3.87 -59.59
CAC CLA JD . 8.98 -1.72 -57.51
CBC CLA JD . 10.04 -0.65 -57.61
ND CLA JD . 10.05 -4.83 -53.25
C1D CLA JD . 9.56 -3.52 -53.43
C2D CLA JD . 9.23 -2.93 -52.11
C3D CLA JD . 9.50 -3.90 -51.18
C4D CLA JD . 9.97 -5.08 -51.94
CMD CLA JD . 8.74 -1.57 -51.89
CAD CLA JD . 9.48 -4.27 -49.77
OBD CLA JD . 9.18 -3.60 -48.79
CBD CLA JD . 9.94 -5.76 -49.68
CGD CLA JD . 11.15 -5.90 -48.80
O1D CLA JD . 12.23 -6.41 -49.08
O2D CLA JD . 10.98 -5.37 -47.57
CED CLA JD . 12.04 -5.54 -46.63
C1 CLA JD . 5.23 -9.03 -51.65
C2 CLA JD . 3.96 -9.78 -51.78
C3 CLA JD . 2.74 -9.26 -51.54
C4 CLA JD . 1.52 -10.10 -51.69
C5 CLA JD . 2.54 -7.85 -51.12
MG CHL KD . -6.41 34.66 -70.55
CHA CHL KD . -6.82 33.45 -73.76
CHB CHL KD . -4.01 36.73 -71.68
CHC CHL KD . -6.13 35.86 -67.35
CHD CHL KD . -8.59 32.06 -69.41
NA CHL KD . -5.65 35.09 -72.35
C1A CHL KD . -5.96 34.62 -73.51
C2A CHL KD . -5.40 35.40 -74.67
C3A CHL KD . -4.28 36.16 -73.99
C4A CHL KD . -4.65 35.97 -72.56
CMA CHL KD . -2.91 35.58 -74.29
CAA CHL KD . -6.43 36.31 -75.30
CBA CHL KD . -5.85 37.07 -76.49
NB CHL KD . -5.24 36.08 -69.65
C1B CHL KD . -4.31 36.83 -70.24
C2B CHL KD . -3.60 37.80 -69.39
C3B CHL KD . -4.24 37.56 -68.09
C4B CHL KD . -5.24 36.48 -68.35
CMB CHL KD . -2.52 38.78 -69.77
CAB CHL KD . -3.81 38.33 -66.88
CBB CHL KD . -4.28 38.20 -65.65
NC CHL KD . -7.21 34.07 -68.75
C1C CHL KD . -7.00 34.68 -67.55
C2C CHL KD . -7.71 34.04 -66.41
C3C CHL KD . -8.43 32.91 -67.01
C4C CHL KD . -8.05 33.03 -68.44
CMC CHL KD . -7.73 34.41 -64.98
OMC CHL KD . -7.09 35.36 -64.58
CAC CHL KD . -9.33 31.91 -66.31
CBC CHL KD . -10.69 32.54 -66.06
ND CHL KD . -7.48 33.10 -71.31
C1D CHL KD . -8.30 32.12 -70.85
C2D CHL KD . -8.84 31.19 -71.91
C3D CHL KD . -8.21 31.79 -73.08
C4D CHL KD . -7.49 32.82 -72.65
CMD CHL KD . -9.75 30.00 -72.04
CAD CHL KD . -8.08 31.65 -74.55
OBD CHL KD . -8.65 30.75 -75.27
CBD CHL KD . -7.17 32.72 -75.04
CGD CHL KD . -6.00 32.09 -75.73
O1D CHL KD . -5.14 32.75 -76.28
O2D CHL KD . -5.89 30.64 -75.79
CED CHL KD . -4.79 30.04 -76.47
C1 LUT LD . -3.75 16.77 -71.53
C2 LUT LD . -5.21 16.68 -72.01
C3 LUT LD . -6.04 17.89 -71.65
C4 LUT LD . -6.00 18.12 -70.15
C5 LUT LD . -4.66 17.91 -69.50
C6 LUT LD . -3.68 17.19 -70.07
C7 LUT LD . -2.49 16.83 -69.34
C8 LUT LD . -2.37 15.91 -68.32
C9 LUT LD . -1.21 15.77 -67.57
C10 LUT LD . -0.77 14.53 -67.10
C11 LUT LD . 0.44 14.21 -66.52
C12 LUT LD . 0.78 13.01 -65.95
C13 LUT LD . 1.71 12.77 -64.93
C14 LUT LD . 1.63 11.67 -64.06
C15 LUT LD . 2.65 11.08 -63.34
C16 LUT LD . -3.02 17.80 -72.40
C17 LUT LD . -3.08 15.41 -71.74
C18 LUT LD . -4.54 18.60 -68.16
C19 LUT LD . -0.37 16.94 -67.26
C20 LUT LD . 2.83 13.72 -64.75
O3 LUT LD . -7.37 17.68 -72.08
C21 LUT LD . 11.44 4.17 -58.09
C22 LUT LD . 12.81 4.17 -57.42
C23 LUT LD . 12.77 3.50 -56.06
C24 LUT LD . 11.63 4.00 -55.22
C25 LUT LD . 10.58 4.65 -55.71
C26 LUT LD . 10.39 4.88 -57.20
C27 LUT LD . 8.98 4.58 -57.61
C28 LUT LD . 8.18 5.37 -58.35
C29 LUT LD . 6.88 5.11 -58.78
C30 LUT LD . 6.27 5.93 -59.74
C31 LUT LD . 5.28 6.87 -59.59
C32 LUT LD . 5.03 7.90 -60.48
C33 LUT LD . 3.81 8.41 -60.94
C34 LUT LD . 3.69 9.66 -61.57
C35 LUT LD . 2.63 10.13 -62.33
C36 LUT LD . 10.99 2.72 -58.38
C37 LUT LD . 11.54 4.89 -59.45
C38 LUT LD . 9.52 5.23 -54.81
C39 LUT LD . 6.10 3.97 -58.24
C40 LUT LD . 2.59 7.60 -60.74
O23 LUT LD . 14.00 3.70 -55.34
C1 XAT MD . 12.13 19.21 -55.86
C2 XAT MD . 13.39 19.60 -56.60
C3 XAT MD . 13.78 18.60 -57.66
C4 XAT MD . 12.67 18.60 -58.69
C5 XAT MD . 11.38 18.03 -58.13
C6 XAT MD . 11.06 18.40 -56.66
C7 XAT MD . 9.63 18.76 -56.33
C8 XAT MD . 8.84 17.86 -55.73
C9 XAT MD . 7.46 18.13 -55.30
C10 XAT MD . 6.88 17.14 -54.62
C11 XAT MD . 5.55 17.16 -54.02
C12 XAT MD . 5.20 16.07 -53.34
C13 XAT MD . 3.93 15.97 -52.59
C14 XAT MD . 3.81 14.88 -51.82
C15 XAT MD . 2.67 14.61 -50.94
C16 XAT MD . 11.49 20.49 -55.33
C17 XAT MD . 12.56 18.40 -54.63
C18 XAT MD . 10.19 18.03 -59.09
C19 XAT MD . 6.80 19.45 -55.57
C20 XAT MD . 2.89 17.05 -52.62
O3 XAT MD . 15.02 18.97 -58.27
O4 XAT MD . 11.38 17.07 -57.07
C21 XAT MD . -5.32 8.40 -42.70
C22 XAT MD . -6.69 7.91 -42.25
C23 XAT MD . -7.83 8.61 -42.92
C24 XAT MD . -7.76 8.28 -44.39
C25 XAT MD . -6.51 8.88 -45.02
C26 XAT MD . -5.24 8.95 -44.14
C27 XAT MD . -3.91 8.72 -44.85
C28 XAT MD . -3.21 9.76 -45.29
C29 XAT MD . -1.90 9.60 -45.98
C30 XAT MD . -1.34 10.72 -46.49
C31 XAT MD . -0.06 10.74 -47.23
C32 XAT MD . 0.32 11.90 -47.76
C33 XAT MD . 1.52 12.06 -48.59
C34 XAT MD . 1.61 13.20 -49.29
C35 XAT MD . 2.72 13.50 -50.22
C36 XAT MD . -4.39 7.21 -42.53
C37 XAT MD . -4.88 9.46 -41.71
C38 XAT MD . -6.23 8.51 -46.48
C39 XAT MD . -1.25 8.24 -46.11
C40 XAT MD . 2.54 10.97 -48.69
O23 XAT MD . -9.05 8.16 -42.33
O24 XAT MD . -6.01 10.12 -44.50
C1 BCR ND . -5.10 43.15 -63.67
C2 BCR ND . -6.12 43.75 -62.68
C3 BCR ND . -6.27 42.87 -61.46
C4 BCR ND . -4.98 42.82 -60.67
C5 BCR ND . -3.82 42.81 -61.61
C6 BCR ND . -3.93 42.55 -62.90
C7 BCR ND . -2.97 41.67 -63.58
C8 BCR ND . -2.39 40.69 -62.87
C9 BCR ND . -1.56 39.67 -63.53
C10 BCR ND . -1.36 38.49 -62.90
C11 BCR ND . -0.61 37.41 -63.56
C33 BCR ND . -2.50 43.25 -61.04
C31 BCR ND . -4.64 44.19 -64.68
C32 BCR ND . -5.77 41.96 -64.37
C34 BCR ND . -1.01 39.85 -64.91
C12 BCR ND . -0.39 36.26 -62.95
C13 BCR ND . 0.39 35.18 -63.61
C14 BCR ND . 0.45 33.99 -62.98
C15 BCR ND . 1.23 32.86 -63.48
C16 BCR ND . 1.41 31.80 -62.71
C17 BCR ND . 2.28 30.71 -63.18
C18 BCR ND . 2.58 29.63 -62.44
C19 BCR ND . 3.52 28.62 -63.02
C20 BCR ND . 3.86 27.51 -62.37
C21 BCR ND . 4.73 26.53 -63.00
C22 BCR ND . 4.84 25.27 -62.54
C23 BCR ND . 5.78 24.31 -63.14
C24 BCR ND . 6.94 24.72 -63.65
C25 BCR ND . 8.03 23.77 -64.04
C26 BCR ND . 7.88 22.46 -64.32
C27 BCR ND . 8.59 21.93 -65.54
C28 BCR ND . 10.05 22.37 -65.55
C29 BCR ND . 10.42 23.18 -64.32
C30 BCR ND . 9.44 24.30 -64.01
C35 BCR ND . 1.03 35.41 -64.96
C36 BCR ND . 2.01 29.48 -61.06
C37 BCR ND . 4.18 24.84 -61.26
C38 BCR ND . 7.08 21.44 -63.55
C39 BCR ND . 9.69 25.43 -65.01
C40 BCR ND . 9.68 24.77 -62.56
O1 LHG OD . -11.68 -4.32 -57.95
C1 LHG OD . -10.61 -4.70 -58.82
C2 LHG OD . -9.32 -4.07 -58.31
O2 LHG OD . -9.16 -4.47 -56.95
C3 LHG OD . -9.36 -2.55 -58.38
O3 LHG OD . -8.40 -2.05 -57.46
P LHG OD . -6.87 -1.84 -57.91
O4 LHG OD . -6.19 -3.19 -57.84
O5 LHG OD . -6.83 -1.04 -59.19
O6 LHG OD . -6.26 -0.96 -56.72
C4 LHG OD . -5.34 0.07 -57.04
C5 LHG OD . -4.21 0.13 -56.02
C6 LHG OD . -3.76 1.57 -55.87
O7 LHG OD . -4.67 -0.37 -54.76
C7 LHG OD . -3.73 -1.26 -54.07
O9 LHG OD . -2.78 -1.74 -54.68
C8 LHG OD . -3.94 -1.57 -52.62
C9 LHG OD . -2.68 -2.20 -52.03
C10 LHG OD . -2.87 -2.42 -50.53
O8 LHG OD . -2.72 1.62 -54.90
C23 LHG OD . -2.43 2.84 -54.16
O10 LHG OD . -2.91 3.89 -54.54
C24 LHG OD . -1.58 2.76 -52.92
C11 LHG OD . -2.64 -3.87 -50.13
C12 LHG OD . -1.18 -4.25 -50.29
C25 LHG OD . -2.04 1.58 -52.07
C26 LHG OD . -0.95 1.10 -51.11
C27 LHG OD . -0.80 1.99 -49.90
C28 LHG OD . 0.10 1.36 -48.84
C29 LHG OD . -0.62 0.27 -48.06
C30 LHG OD . 0.17 -0.19 -46.85
C31 LHG OD . 1.50 -0.79 -47.27
C1 LMG PD . 20.34 29.65 -48.85
O1 LMG PD . 19.20 28.86 -49.22
C2 LMG PD . 21.59 28.79 -49.04
O2 LMG PD . 21.48 27.62 -48.22
C3 LMG PD . 22.84 29.61 -48.72
O3 LMG PD . 24.01 28.81 -48.91
C4 LMG PD . 22.84 30.84 -49.61
O4 LMG PD . 22.95 30.46 -50.99
C5 LMG PD . 21.56 31.63 -49.38
O5 LMG PD . 22.68 33.68 -50.02
C6 LMG PD . 21.48 32.93 -50.19
O6 LMG PD . 20.43 30.80 -49.69
C7 LMG PD . 17.95 29.45 -48.88
C8 LMG PD . 16.81 28.55 -49.37
C9 LMG PD . 17.02 27.12 -48.90
O7 LMG PD . 15.56 28.98 -48.85
C10 LMG PD . 14.67 29.49 -49.88
O9 LMG PD . 15.07 30.41 -50.59
C11 LMG PD . 13.30 28.88 -50.09
C12 LMG PD . 12.63 28.56 -48.77
C13 LMG PD . 11.21 28.01 -48.97
C14 LMG PD . 11.22 26.56 -49.43
C15 LMG PD . 9.83 26.10 -49.85
C16 LMG PD . 8.89 25.96 -48.65
C17 LMG PD . 7.57 25.28 -49.04
C18 LMG PD . 6.88 26.03 -50.16
C19 LMG PD . 5.42 25.59 -50.33
C20 LMG PD . 4.48 26.23 -49.30
C21 LMG PD . 4.40 27.74 -49.47
C22 LMG PD . 2.96 28.23 -49.58
C23 LMG PD . 2.18 28.02 -48.28
C24 LMG PD . 0.82 28.70 -48.33
C25 LMG PD . 0.95 30.21 -48.16
C26 LMG PD . 0.21 30.70 -46.93
C27 LMG PD . -1.29 30.71 -47.15
O8 LMG PD . 16.71 27.03 -47.51
C28 LMG PD . 16.88 25.78 -46.79
O10 LMG PD . 17.68 24.96 -47.19
C29 LMG PD . 16.05 25.52 -45.55
C30 LMG PD . 14.89 24.59 -45.88
C31 LMG PD . 13.99 25.18 -46.96
C32 LMG PD . 13.97 24.30 -48.21
C33 LMG PD . 13.16 23.03 -47.99
C34 LMG PD . 11.67 23.28 -48.13
C35 LMG PD . 10.86 21.99 -47.99
C36 LMG PD . 10.89 21.47 -46.56
C37 LMG PD . 9.94 20.29 -46.40
MG CLA QD . -8.37 -27.42 -25.36
CHA CLA QD . -11.46 -28.19 -24.00
CHB CLA QD . -9.50 -24.22 -25.94
CHC CLA QD . -5.14 -26.37 -25.86
CHD CLA QD . -7.13 -30.49 -24.06
NA CLA QD . -10.19 -26.41 -25.04
C1A CLA QD . -11.35 -26.92 -24.46
C2A CLA QD . -12.45 -25.86 -24.44
C3A CLA QD . -11.90 -24.76 -25.37
C4A CLA QD . -10.41 -25.13 -25.45
CMA CLA QD . -12.56 -24.82 -26.72
CAA CLA QD . -12.70 -25.39 -23.00
CBA CLA QD . -12.10 -24.04 -22.61
CGA CLA QD . -10.61 -24.12 -22.48
O1A CLA QD . -9.88 -25.08 -22.68
O2A CLA QD . -10.05 -22.93 -22.08
NB CLA QD . -7.50 -25.64 -25.77
C1B CLA QD . -8.14 -24.48 -26.08
C2B CLA QD . -7.19 -23.48 -26.63
C3B CLA QD . -5.96 -24.08 -26.61
C4B CLA QD . -6.13 -25.45 -26.07
CMB CLA QD . -7.60 -22.14 -27.05
CAB CLA QD . -4.67 -23.57 -26.99
CBB CLA QD . -4.44 -22.79 -28.05
NC CLA QD . -6.49 -28.30 -25.07
C1C CLA QD . -5.30 -27.71 -25.40
C2C CLA QD . -4.20 -28.63 -25.15
C3C CLA QD . -4.75 -29.76 -24.57
C4C CLA QD . -6.20 -29.56 -24.53
CMC CLA QD . -2.78 -28.37 -25.42
CAC CLA QD . -4.03 -30.99 -24.15
CBC CLA QD . -3.50 -30.91 -22.74
ND CLA QD . -9.07 -29.02 -24.34
C1D CLA QD . -8.49 -30.26 -23.96
C2D CLA QD . -9.54 -31.16 -23.46
C3D CLA QD . -10.71 -30.43 -23.48
C4D CLA QD . -10.36 -29.09 -23.99
CMD CLA QD . -9.33 -32.54 -23.03
CAD CLA QD . -12.14 -30.42 -23.21
OBD CLA QD . -12.88 -31.33 -22.85
CBD CLA QD . -12.65 -28.96 -23.48
CGD CLA QD . -13.77 -28.96 -24.47
O1D CLA QD . -14.95 -28.60 -24.29
O2D CLA QD . -13.41 -29.38 -25.71
CED CLA QD . -13.93 -28.68 -26.85
C1 CLA QD . -9.49 -22.07 -23.10
C2 CLA QD . -8.03 -22.34 -23.17
C3 CLA QD . -7.11 -21.38 -23.37
C4 CLA QD . -7.47 -19.95 -23.56
C5 CLA QD . -5.66 -21.70 -23.43
C6 CLA QD . -4.86 -20.97 -22.37
C7 CLA QD . -3.47 -21.56 -22.22
C8 CLA QD . -2.67 -20.88 -21.10
C9 CLA QD . -2.43 -19.43 -21.43
C10 CLA QD . -1.33 -21.56 -20.85
C11 CLA QD . -1.44 -23.05 -20.57
C12 CLA QD . -0.34 -23.53 -19.66
C13 CLA QD . 1.04 -23.55 -20.32
C14 CLA QD . 1.08 -24.45 -21.54
C15 CLA QD . 2.14 -23.96 -19.35
C16 CLA QD . 2.15 -25.46 -19.10
C17 CLA QD . 2.71 -25.79 -17.73
C18 CLA QD . 2.66 -27.27 -17.38
C19 CLA QD . 1.24 -27.80 -17.36
C20 CLA QD . 3.50 -28.11 -18.32
MG CLA RD . -0.49 -19.60 -29.38
CHA CLA RD . -3.11 -17.37 -29.66
CHB CLA RD . -1.69 -20.53 -26.29
CHC CLA RD . 2.47 -21.26 -28.70
CHD CLA RD . 1.09 -18.03 -32.13
NA CLA RD . -2.16 -19.07 -28.23
C1A CLA RD . -3.15 -18.15 -28.54
C2A CLA RD . -4.23 -18.09 -27.46
C3A CLA RD . -3.82 -19.22 -26.50
C4A CLA RD . -2.47 -19.66 -27.03
CMA CLA RD . -3.69 -18.69 -25.09
CAA CLA RD . -5.56 -18.47 -28.08
CBA CLA RD . -6.72 -18.53 -27.12
CGA CLA RD . -7.46 -17.24 -27.13
O1A CLA RD . -7.99 -16.67 -28.09
O2A CLA RD . -7.52 -16.64 -25.91
NB CLA RD . 0.17 -20.80 -27.89
C1B CLA RD . -0.41 -20.93 -26.67
C2B CLA RD . 0.53 -21.53 -25.69
C3B CLA RD . 1.70 -21.75 -26.35
C4B CLA RD . 1.49 -21.28 -27.76
CMB CLA RD . 0.20 -21.77 -24.29
CAB CLA RD . 2.96 -22.26 -25.87
CBB CLA RD . 3.68 -23.22 -26.44
NC CLA RD . 1.38 -19.69 -30.30
C1C CLA RD . 2.42 -20.52 -29.91
C2C CLA RD . 3.52 -20.43 -30.85
C3C CLA RD . 3.19 -19.42 -31.75
C4C CLA RD . 1.83 -18.99 -31.42
CMC CLA RD . 4.79 -21.17 -30.75
CAC CLA RD . 3.99 -18.97 -32.89
CBC CLA RD . 3.86 -19.90 -34.07
ND CLA RD . -0.81 -18.01 -30.58
C1D CLA RD . -0.14 -17.55 -31.75
C2D CLA RD . -0.96 -16.51 -32.40
C3D CLA RD . -2.10 -16.39 -31.64
C4D CLA RD . -1.97 -17.36 -30.53
CMD CLA RD . -0.57 -15.75 -33.58
CAD CLA RD . -3.34 -15.68 -31.44
OBD CLA RD . -3.80 -14.72 -32.04
CBD CLA RD . -4.07 -16.35 -30.24
CGD CLA RD . -4.57 -15.34 -29.24
O1D CLA RD . -3.93 -14.82 -28.31
O2D CLA RD . -5.87 -15.00 -29.41
CED CLA RD . -6.25 -13.64 -29.19
C1 CLA RD . -6.68 -15.48 -25.74
C2 CLA RD . -7.36 -14.62 -24.74
C3 CLA RD . -6.83 -13.48 -24.23
C4 CLA RD . -7.59 -12.71 -23.24
C5 CLA RD . -5.49 -12.96 -24.63
C6 CLA RD . -5.54 -11.56 -25.23
C7 CLA RD . -4.14 -11.06 -25.50
C8 CLA RD . -4.07 -10.06 -26.64
C9 CLA RD . -4.20 -10.79 -27.96
C10 CLA RD . -2.77 -9.26 -26.57
C11 CLA RD . -2.65 -8.11 -27.57
C12 CLA RD . -3.51 -6.91 -27.19
C13 CLA RD . -3.91 -6.08 -28.41
C14 CLA RD . -5.01 -6.74 -29.19
C15 CLA RD . -2.70 -5.76 -29.31
C16 CLA RD . -3.02 -4.60 -30.24
C17 CLA RD . -2.08 -3.41 -30.10
C18 CLA RD . -2.82 -2.09 -30.17
C19 CLA RD . -1.87 -0.93 -29.94
C20 CLA RD . -3.52 -1.92 -31.51
MG CLA SD . 10.44 -26.86 -42.66
CHA CLA SD . 13.57 -26.32 -44.02
CHB CLA SD . 10.16 -23.49 -42.10
CHC CLA SD . 7.08 -27.25 -42.09
CHD CLA SD . 10.54 -30.18 -43.93
NA CLA SD . 11.68 -25.21 -42.98
C1A CLA SD . 12.95 -25.20 -43.55
C2A CLA SD . 13.52 -23.78 -43.60
C3A CLA SD . 12.54 -22.98 -42.71
C4A CLA SD . 11.35 -23.93 -42.60
CMA CLA SD . 13.14 -22.61 -41.37
CAA CLA SD . 13.58 -23.19 -45.01
CBA CLA SD . 12.57 -23.73 -46.01
CGA CLA SD . 11.85 -22.61 -46.70
O1A CLA SD . 10.84 -22.02 -46.33
O2A CLA SD . 12.42 -22.25 -47.89
NB CLA SD . 8.92 -25.62 -42.23
C1B CLA SD . 9.01 -24.29 -41.95
C2B CLA SD . 7.71 -23.75 -41.48
C3B CLA SD . 6.83 -24.81 -41.47
C4B CLA SD . 7.59 -26.01 -41.93
CMB CLA SD . 7.52 -22.36 -41.10
CAB CLA SD . 5.46 -24.86 -41.08
CBB CLA SD . 4.59 -23.86 -41.18
NC CLA SD . 9.09 -28.45 -42.91
C1C CLA SD . 7.77 -28.40 -42.53
C2C CLA SD . 7.13 -29.70 -42.75
C3C CLA SD . 8.09 -30.50 -43.36
C4C CLA SD . 9.32 -29.72 -43.43
CMC CLA SD . 5.73 -30.01 -42.45
CAC CLA SD . 7.91 -31.90 -43.79
CBC CLA SD . 7.54 -32.01 -45.25
ND CLA SD . 11.73 -28.04 -43.68
C1D CLA SD . 11.68 -29.41 -44.06
C2D CLA SD . 13.01 -29.80 -44.59
C3D CLA SD . 13.79 -28.66 -44.57
C4D CLA SD . 12.92 -27.59 -44.04
CMD CLA SD . 13.36 -31.14 -45.04
CAD CLA SD . 15.07 -28.05 -44.87
OBD CLA SD . 16.10 -28.59 -45.31
CBD CLA SD . 14.97 -26.54 -44.55
CGD CLA SD . 16.01 -26.11 -43.55
O1D CLA SD . 15.95 -26.23 -42.33
O2D CLA SD . 17.11 -25.52 -44.09
CED CLA SD . 18.16 -25.08 -43.22
C1 CLA SD . 12.18 -23.05 -49.06
C2 CLA SD . 10.72 -23.08 -49.35
C3 CLA SD . 10.20 -22.92 -50.58
C4 CLA SD . 11.06 -22.72 -51.78
C5 CLA SD . 8.72 -22.97 -50.79
C6 CLA SD . 8.15 -21.79 -51.54
C7 CLA SD . 7.17 -22.24 -52.61
C8 CLA SD . 7.85 -22.86 -53.83
C9 CLA SD . 8.47 -21.81 -54.72
C10 CLA SD . 6.86 -23.70 -54.62
MG CLA TD . 9.29 -19.37 -43.86
CHA CLA TD . 9.25 -18.96 -47.31
CHB CLA TD . 5.91 -18.79 -43.79
CHC CLA TD . 9.42 -19.09 -40.45
CHD CLA TD . 12.83 -19.28 -43.97
NA CLA TD . 7.84 -18.95 -45.32
C1A CLA TD . 8.04 -18.84 -46.70
C2A CLA TD . 6.73 -18.56 -47.42
C3A CLA TD . 5.67 -18.61 -46.30
C4A CLA TD . 6.51 -18.79 -45.04
CMA CLA TD . 4.83 -17.35 -46.25
CAA CLA TD . 6.47 -19.62 -48.47
CBA CLA TD . 6.01 -19.05 -49.79
CGA CLA TD . 4.98 -19.95 -50.39
O1A CLA TD . 4.90 -21.18 -50.33
O2A CLA TD . 4.02 -19.26 -51.08
NB CLA TD . 7.94 -18.94 -42.42
C1B CLA TD . 6.59 -18.93 -42.58
C2B CLA TD . 5.91 -19.13 -41.27
C3B CLA TD . 6.90 -19.21 -40.32
C4B CLA TD . 8.20 -19.09 -41.04
CMB CLA TD . 4.46 -19.15 -41.12
CAB CLA TD . 6.80 -19.37 -38.90
CBB CLA TD . 6.16 -18.54 -38.07
NC CLA TD . 10.85 -19.22 -42.47
C1C CLA TD . 10.67 -19.15 -41.11
C2C CLA TD . 11.97 -19.11 -40.43
C3C CLA TD . 12.93 -19.13 -41.44
C4C CLA TD . 12.22 -19.22 -42.71
CMC CLA TD . 12.17 -19.04 -39.00
CAC CLA TD . 14.39 -19.12 -41.27
CBC CLA TD . 14.96 -17.71 -41.19
ND CLA TD . 10.75 -19.20 -45.25
C1D CLA TD . 12.17 -19.28 -45.17
C2D CLA TD . 12.73 -19.33 -46.54
C3D CLA TD . 11.66 -19.23 -47.40
C4D CLA TD . 10.45 -19.13 -46.55
CMD CLA TD . 14.15 -19.46 -46.85
CAD CLA TD . 11.22 -19.18 -48.78
OBD CLA TD . 11.87 -19.28 -49.81
CBD CLA TD . 9.68 -18.96 -48.77
CGD CLA TD . 9.27 -17.70 -49.47
O1D CLA TD . 8.96 -16.61 -48.97
O2D CLA TD . 9.25 -17.80 -50.83
CED CLA TD . 8.35 -16.99 -51.56
C1 CLA TD . 4.25 -19.09 -52.50
MG CLA UD . 13.24 -15.39 -33.77
CHA CLA UD . 11.59 -14.75 -36.74
CHB CLA UD . 15.42 -12.84 -34.50
CHC CLA UD . 14.36 -15.43 -30.52
CHD CLA UD . 10.53 -17.49 -32.83
NA CLA UD . 13.46 -14.05 -35.36
C1A CLA UD . 12.67 -13.94 -36.51
C2A CLA UD . 13.18 -12.84 -37.44
C3A CLA UD . 14.52 -12.43 -36.80
C4A CLA UD . 14.48 -13.14 -35.45
CMA CLA UD . 15.71 -12.85 -37.63
CAA CLA UD . 12.16 -11.71 -37.60
CBA CLA UD . 12.21 -10.57 -36.60
CGA CLA UD . 11.27 -10.83 -35.45
O1A CLA UD . 11.45 -11.55 -34.46
O2A CLA UD . 10.08 -10.17 -35.56
NB CLA UD . 14.58 -14.32 -32.72
C1B CLA UD . 15.47 -13.42 -33.23
C2B CLA UD . 16.54 -13.11 -32.24
C3B CLA UD . 16.26 -13.84 -31.12
C4B CLA UD . 15.01 -14.61 -31.40
CMB CLA UD . 17.63 -12.18 -32.51
CAB CLA UD . 16.95 -13.89 -29.86
CBB CLA UD . 16.37 -13.60 -28.70
NC CLA UD . 12.59 -16.33 -32.01
C1C CLA UD . 13.23 -16.24 -30.81
C2C CLA UD . 12.54 -17.07 -29.82
C3C CLA UD . 11.42 -17.60 -30.46
C4C CLA UD . 11.47 -17.14 -31.83
CMC CLA UD . 12.94 -17.24 -28.42
CAC CLA UD . 10.41 -18.50 -29.88
CBC CLA UD . 9.17 -17.77 -29.44
ND CLA UD . 11.50 -16.05 -34.55
C1D CLA UD . 10.52 -16.97 -34.10
C2D CLA UD . 9.57 -17.26 -35.20
C3D CLA UD . 9.96 -16.46 -36.26
C4D CLA UD . 11.13 -15.69 -35.78
CMD CLA UD . 8.47 -18.22 -35.13
CAD CLA UD . 9.70 -16.05 -37.62
OBD CLA UD . 8.88 -16.47 -38.43
CBD CLA UD . 10.70 -14.90 -37.95
CGD CLA UD . 11.53 -15.17 -39.18
O1D CLA UD . 12.75 -15.32 -39.24
O2D CLA UD . 10.82 -15.27 -40.33
CED CLA UD . 11.59 -15.38 -41.53
C1 CLA UD . 10.09 -8.75 -35.29
C2 CLA UD . 8.73 -8.39 -34.81
C3 CLA UD . 8.40 -8.28 -33.51
C4 CLA UD . 9.36 -8.48 -32.42
C5 CLA UD . 7.01 -7.92 -33.12
MG CHL VD . -6.59 -19.61 -45.57
CHA CHL VD . -5.43 -21.99 -43.36
CHB CHL VD . -3.52 -19.37 -46.89
CHC CHL VD . -7.86 -17.33 -47.81
CHD CHL VD . -9.78 -19.80 -43.94
NA CHL VD . -4.83 -20.48 -45.20
C1A CHL VD . -4.52 -21.44 -44.40
C2A CHL VD . -3.12 -21.94 -44.56
C3A CHL VD . -2.48 -20.76 -45.21
C4A CHL VD . -3.69 -20.15 -45.83
CMA CHL VD . -1.86 -19.79 -44.22
CAA CHL VD . -2.98 -23.13 -45.49
CBA CHL VD . -3.23 -24.47 -44.82
CGA CHL VD . -4.55 -25.00 -45.32
O1A CHL VD . -5.56 -24.32 -45.21
O2A CHL VD . -4.63 -26.31 -45.94
NB CHL VD . -5.82 -18.52 -47.10
C1B CHL VD . -4.54 -18.54 -47.54
C2B CHL VD . -4.23 -17.64 -48.67
C3B CHL VD . -5.55 -17.04 -48.94
C4B CHL VD . -6.43 -17.65 -47.92
CMB CHL VD . -2.88 -17.48 -49.32
CAB CHL VD . -5.97 -16.04 -49.95
CBB CHL VD . -5.15 -15.51 -50.83
NC CHL VD . -8.45 -18.74 -45.82
C1C CHL VD . -8.78 -17.84 -46.78
C2C CHL VD . -10.19 -17.40 -46.72
C3C CHL VD . -10.77 -18.11 -45.58
C4C CHL VD . -9.61 -18.90 -45.10
CMC CHL VD . -10.93 -16.43 -47.57
OMC CHL VD . -10.36 -15.86 -48.48
CAC CHL VD . -12.17 -18.04 -45.07
CBC CHL VD . -13.04 -19.01 -45.83
ND CHL VD . -7.49 -20.61 -44.03
C1D CHL VD . -8.71 -20.66 -43.43
C2D CHL VD . -8.81 -21.62 -42.30
C3D CHL VD . -7.45 -22.15 -42.31
C4D CHL VD . -6.80 -21.53 -43.30
CMD CHL VD . -9.82 -22.11 -41.29
CAD CHL VD . -6.55 -23.09 -41.62
OBD CHL VD . -6.88 -23.84 -40.64
CBD CHL VD . -5.21 -23.04 -42.30
CGD CHL VD . -4.14 -22.72 -41.32
O1D CHL VD . -3.81 -21.57 -41.08
O2D CHL VD . -3.47 -23.82 -40.65
CED CHL VD . -2.11 -23.72 -40.28
C1 CHL VD . -5.59 -26.57 -46.96
C2 CHL VD . -4.88 -26.96 -48.24
C3 CHL VD . -4.66 -26.10 -49.25
C4 CHL VD . -5.15 -24.69 -49.16
C5 CHL VD . -3.93 -26.64 -50.47
C6 CHL VD . -4.25 -25.86 -51.74
C7 CHL VD . -3.55 -26.46 -52.95
C8 CHL VD . -4.47 -27.37 -53.74
C9 CHL VD . -3.68 -28.32 -54.62
C10 CHL VD . -5.43 -26.53 -54.58
MG CLA WD . -2.34 -15.45 -37.37
CHA CLA WD . -4.69 -16.34 -34.94
CHB CLA WD . -4.07 -12.53 -37.85
CHC CLA WD . 0.47 -14.01 -38.76
CHD CLA WD . -0.25 -18.01 -36.07
NA CLA WD . -4.12 -14.66 -36.61
C1A CLA WD . -4.95 -15.17 -35.59
C2A CLA WD . -6.13 -14.25 -35.35
C3A CLA WD . -6.11 -13.34 -36.59
C4A CLA WD . -4.66 -13.48 -37.06
CMA CLA WD . -7.07 -13.84 -37.62
CAA CLA WD . -5.89 -13.51 -34.06
CBA CLA WD . -6.17 -12.02 -34.15
CGA CLA WD . -5.96 -11.41 -32.80
O1A CLA WD . -6.68 -11.48 -31.80
O2A CLA WD . -4.81 -10.69 -32.74
NB CLA WD . -1.86 -13.59 -38.03
C1B CLA WD . -2.76 -12.62 -38.33
C2B CLA WD . -2.19 -11.66 -39.32
C3B CLA WD . -0.91 -12.08 -39.58
C4B CLA WD . -0.69 -13.30 -38.77
CMB CLA WD . -2.94 -10.53 -39.87
CAB CLA WD . 0.10 -11.53 -40.45
CBB CLA WD . 0.43 -10.24 -40.52
NC CLA WD . -0.32 -15.99 -37.52
C1C CLA WD . 0.64 -15.31 -38.21
C2C CLA WD . 1.92 -15.99 -38.15
C3C CLA WD . 1.73 -17.07 -37.30
C4C CLA WD . 0.32 -17.07 -36.92
CMC CLA WD . 3.15 -15.55 -38.80
CAC CLA WD . 2.72 -18.07 -36.90
CBC CLA WD . 2.48 -19.43 -37.53
ND CLA WD . -2.52 -17.04 -36.12
C1D CLA WD . -1.57 -18.00 -35.68
C2D CLA WD . -2.22 -18.93 -34.73
C3D CLA WD . -3.45 -18.36 -34.45
C4D CLA WD . -3.53 -17.14 -35.26
CMD CLA WD . -1.62 -20.14 -34.20
CAD CLA WD . -4.69 -18.49 -33.72
OBD CLA WD . -5.16 -19.44 -33.11
CBD CLA WD . -5.39 -17.09 -33.82
CGD CLA WD . -6.88 -17.27 -33.88
O1D CLA WD . -7.63 -17.30 -32.90
O2D CLA WD . -7.49 -17.45 -35.07
CED CLA WD . -8.83 -17.93 -34.95
C1 CLA WD . -4.43 -10.18 -31.45
C2 CLA WD . -3.04 -9.67 -31.57
C3 CLA WD . -1.93 -10.39 -31.33
C4 CLA WD . -0.60 -9.75 -31.51
C5 CLA WD . -2.00 -11.82 -30.89
C6 CLA WD . -0.70 -12.42 -30.37
C7 CLA WD . -0.98 -13.48 -29.33
C8 CLA WD . 0.27 -14.15 -28.75
C9 CLA WD . 1.26 -14.53 -29.84
C10 CLA WD . -0.14 -15.35 -27.91
C11 CLA WD . 1.06 -16.09 -27.33
C12 CLA WD . 0.75 -16.72 -25.99
C13 CLA WD . 1.75 -17.79 -25.55
C14 CLA WD . 1.57 -18.10 -24.08
C15 CLA WD . 3.23 -17.44 -25.79
C16 CLA WD . 3.86 -18.32 -26.85
C17 CLA WD . 5.38 -18.39 -26.72
C18 CLA WD . 5.87 -19.74 -26.23
C19 CLA WD . 5.66 -19.90 -24.73
C20 CLA WD . 7.33 -19.94 -26.56
MG CLA XD . -7.84 -30.41 -41.21
CHA CLA XD . -10.61 -29.73 -43.18
CHB CLA XD . -9.09 -33.54 -40.63
CHC CLA XD . -4.73 -31.46 -40.15
CHD CLA XD . -6.34 -27.46 -42.49
NA CLA XD . -9.59 -31.41 -41.75
C1A CLA XD . -10.62 -30.96 -42.60
C2A CLA XD . -11.72 -32.01 -42.71
C3A CLA XD . -11.36 -33.00 -41.58
C4A CLA XD . -9.91 -32.65 -41.30
CMA CLA XD . -12.24 -32.77 -40.38
CAA CLA XD . -11.83 -32.73 -44.06
CBA CLA XD . -10.61 -32.62 -44.96
CGA CLA XD . -9.38 -33.18 -44.31
O1A CLA XD . -8.43 -32.53 -43.86
O2A CLA XD . -9.34 -34.55 -44.23
NB CLA XD . -7.05 -32.17 -40.58
C1B CLA XD . -7.75 -33.29 -40.32
C2B CLA XD . -6.90 -34.28 -39.60
C3B CLA XD . -5.67 -33.70 -39.46
C4B CLA XD . -5.75 -32.35 -40.07
CMB CLA XD . -7.38 -35.59 -39.19
CAB CLA XD . -4.49 -34.24 -38.84
CBB CLA XD . -3.93 -35.42 -39.15
NC CLA XD . -5.92 -29.56 -41.23
C1C CLA XD . -4.80 -30.13 -40.68
C2C CLA XD . -3.65 -29.24 -40.79
C3C CLA XD . -4.08 -28.15 -41.54
C4C CLA XD . -5.51 -28.35 -41.80
CMC CLA XD . -2.30 -29.49 -40.30
CAC CLA XD . -3.29 -26.97 -41.91
CBC CLA XD . -2.43 -27.20 -43.14
ND CLA XD . -8.36 -28.84 -42.37
C1D CLA XD . -7.66 -27.67 -42.78
C2D CLA XD . -8.60 -26.80 -43.54
C3D CLA XD . -9.76 -27.54 -43.70
C4D CLA XD . -9.53 -28.82 -43.01
CMD CLA XD . -8.28 -25.46 -44.02
CAD CLA XD . -11.12 -27.56 -44.21
OBD CLA XD . -11.78 -26.67 -44.72
CBD CLA XD . -11.64 -29.02 -44.04
CGD CLA XD . -13.03 -29.08 -43.45
O1D CLA XD . -13.34 -29.43 -42.32
O2D CLA XD . -14.02 -28.68 -44.30
CED CLA XD . -15.23 -29.42 -44.30
C1 CLA XD . -8.03 -35.14 -44.38
C2 CLA XD . -7.97 -36.39 -43.59
C3 CLA XD . -6.86 -36.89 -43.01
C4 CLA XD . -6.92 -38.15 -42.24
C5 CLA XD . -5.51 -36.23 -43.06
C6 CLA XD . -4.45 -37.03 -43.79
C7 CLA XD . -3.14 -36.28 -43.77
C8 CLA XD . -2.21 -36.67 -44.91
C9 CLA XD . -1.65 -38.06 -44.67
C10 CLA XD . -1.08 -35.66 -45.06
C11 CLA XD . -0.48 -35.68 -46.45
C12 CLA XD . -1.19 -34.71 -47.37
C13 CLA XD . -0.81 -34.93 -48.84
C14 CLA XD . 0.65 -34.59 -49.07
C15 CLA XD . -1.70 -34.13 -49.77
MG CLA YD . -6.50 -42.39 -27.45
CHA CLA YD . -7.50 -41.79 -30.72
CHB CLA YD . -8.58 -45.11 -27.40
CHC CLA YD . -4.85 -43.58 -24.69
CHD CLA YD . -3.74 -40.21 -28.07
NA CLA YD . -7.84 -43.24 -28.80
C1A CLA YD . -8.11 -42.85 -30.13
C2A CLA YD . -9.15 -43.73 -30.79
C3A CLA YD . -9.64 -44.61 -29.62
C4A CLA YD . -8.62 -44.33 -28.52
CMA CLA YD . -11.05 -44.24 -29.20
CAA CLA YD . -8.45 -44.51 -31.90
CBA CLA YD . -8.95 -45.91 -32.12
CGA CLA YD . -8.05 -46.89 -31.42
O1A CLA YD . -8.20 -47.45 -30.34
O2A CLA YD . -6.91 -47.15 -32.14
NB CLA YD . -6.59 -44.10 -26.36
C1B CLA YD . -7.68 -44.91 -26.34
C2B CLA YD . -7.84 -45.57 -25.01
C3B CLA YD . -6.78 -45.15 -24.24
C4B CLA YD . -5.99 -44.21 -25.08
CMB CLA YD . -8.92 -46.51 -24.70
CAB CLA YD . -6.43 -45.48 -22.88
CBB CLA YD . -6.83 -44.81 -21.81
NC CLA YD . -4.69 -41.90 -26.50
C1C CLA YD . -4.24 -42.48 -25.34
C2C CLA YD . -2.98 -41.87 -24.92
C3C CLA YD . -2.63 -40.99 -25.93
C4C CLA YD . -3.71 -41.00 -26.91
CMC CLA YD . -2.23 -42.23 -23.71
CAC CLA YD . -1.43 -40.13 -25.98
CBC CLA YD . -1.62 -38.84 -25.22
ND CLA YD . -5.91 -41.05 -28.87
C1D CLA YD . -4.76 -40.22 -29.00
C2D CLA YD . -4.86 -39.43 -30.24
C3D CLA YD . -5.96 -39.94 -30.91
C4D CLA YD . -6.50 -41.03 -30.06
CMD CLA YD . -3.95 -38.36 -30.64
CAD CLA YD . -6.82 -39.87 -32.08
OBD CLA YD . -6.93 -38.99 -32.92
CBD CLA YD . -7.63 -41.20 -32.11
CGD CLA YD . -9.05 -41.06 -32.61
O1D CLA YD . -9.53 -41.58 -33.62
O2D CLA YD . -9.87 -40.29 -31.85
CED CLA YD . -11.24 -40.22 -32.29
C1 CLA YD . -5.72 -47.53 -31.41
C2 CLA YD . -5.12 -46.29 -30.85
C3 CLA YD . -4.90 -46.09 -29.54
C4 CLA YD . -5.24 -47.08 -28.49
C5 CLA YD . -4.30 -44.80 -29.08
C6 CLA YD . -2.98 -44.94 -28.35
C7 CLA YD . -1.79 -44.89 -29.28
C8 CLA YD . -0.67 -44.00 -28.76
C9 CLA YD . -0.81 -42.58 -29.29
C10 CLA YD . 0.69 -44.56 -29.13
MG CLA ZD . -1.40 -38.98 -36.07
CHA CLA ZD . -4.32 -40.75 -36.67
CHB CLA ZD . -1.41 -38.00 -39.36
CHC CLA ZD . 1.90 -38.09 -35.83
CHD CLA ZD . -1.09 -40.73 -32.99
NA CLA ZD . -2.70 -39.27 -37.69
C1A CLA ZD . -3.87 -40.03 -37.74
C2A CLA ZD . -4.53 -39.96 -39.12
C3A CLA ZD . -3.68 -38.92 -39.87
C4A CLA ZD . -2.50 -38.69 -38.92
CMA CLA ZD . -3.17 -39.45 -41.19
CAA CLA ZD . -5.96 -39.45 -38.98
CBA CLA ZD . -7.03 -40.42 -39.45
CGA CLA ZD . -6.62 -41.16 -40.68
O1A CLA ZD . -5.93 -40.79 -41.63
O2A CLA ZD . -7.11 -42.44 -40.72
NB CLA ZD . -0.03 -38.23 -37.35
C1B CLA ZD . -0.27 -37.75 -38.59
C2B CLA ZD . 0.87 -36.93 -39.08
C3B CLA ZD . 1.81 -36.95 -38.09
C4B CLA ZD . 1.26 -37.78 -36.99
CMB CLA ZD . 0.91 -36.29 -40.40
CAB CLA ZD . 3.12 -36.35 -38.04
CBB CLA ZD . 4.23 -36.96 -37.65
NC CLA ZD . 0.10 -39.30 -34.65
C1C CLA ZD . 1.37 -38.80 -34.74
C2C CLA ZD . 2.13 -39.16 -33.55
C3C CLA ZD . 1.30 -39.95 -32.77
C4C CLA ZD . 0.02 -40.02 -33.45
CMC CLA ZD . 3.54 -38.79 -33.32
CAC CLA ZD . 1.63 -40.55 -31.47
CBC CLA ZD . 2.35 -41.88 -31.58
ND CLA ZD . -2.46 -40.32 -34.98
C1D CLA ZD . -2.26 -40.89 -33.69
C2D CLA ZD . -3.45 -41.69 -33.32
C3D CLA ZD . -4.28 -41.68 -34.44
C4D CLA ZD . -3.60 -40.84 -35.45
CMD CLA ZD . -3.63 -42.39 -32.05
CAD CLA ZD . -5.52 -42.15 -35.04
OBD CLA ZD . -6.39 -42.87 -34.59
CBD CLA ZD . -5.55 -41.60 -36.50
CGD CLA ZD . -5.58 -42.74 -37.48
O1D CLA ZD . -6.55 -43.42 -37.83
O2D CLA ZD . -4.35 -43.03 -38.02
CED CLA ZD . -4.31 -43.86 -39.18
C1 CLA ZD . -8.52 -42.59 -41.02
C2 CLA ZD . -8.77 -42.01 -42.36
C3 CLA ZD . -9.95 -42.16 -43.00
C4 CLA ZD . -11.07 -42.93 -42.41
C5 CLA ZD . -10.14 -41.55 -44.35
C6 CLA ZD . -9.12 -42.01 -45.37
C7 CLA ZD . -9.24 -43.50 -45.66
C8 CLA ZD . -10.37 -43.79 -46.65
C9 CLA ZD . -10.98 -45.14 -46.35
C10 CLA ZD . -9.88 -43.73 -48.09
C11 CLA ZD . -10.83 -42.97 -48.98
C12 CLA ZD . -10.22 -42.64 -50.33
C13 CLA ZD . -9.22 -41.50 -50.29
C14 CLA ZD . -9.83 -40.21 -49.80
C15 CLA ZD . -8.60 -41.28 -51.68
C16 CLA ZD . -7.18 -40.75 -51.60
C17 CLA ZD . -6.62 -40.49 -52.99
C18 CLA ZD . -5.10 -40.46 -53.05
C19 CLA ZD . -4.50 -41.84 -52.95
C20 CLA ZD . -4.52 -39.55 -51.99
MG CLA AE . 9.59 -34.31 -23.41
CHA CLA AE . 12.58 -35.55 -22.14
CHB CLA AE . 8.98 -37.35 -24.85
CHC CLA AE . 6.28 -33.45 -23.84
CHD CLA AE . 10.01 -31.45 -21.34
NA CLA AE . 10.62 -36.13 -23.48
C1A CLA AE . 11.85 -36.45 -22.88
C2A CLA AE . 12.23 -37.90 -23.19
C3A CLA AE . 11.28 -38.26 -24.34
C4A CLA AE . 10.18 -37.20 -24.21
CMA CLA AE . 11.98 -38.21 -25.68
CAA CLA AE . 11.80 -38.81 -22.04
CBA CLA AE . 12.65 -38.71 -20.81
CGA CLA AE . 12.13 -37.74 -19.78
O1A CLA AE . 12.69 -37.36 -18.76
O2A CLA AE . 10.89 -37.24 -20.05
NB CLA AE . 7.95 -35.24 -24.15
C1B CLA AE . 7.94 -36.42 -24.80
C2B CLA AE . 6.64 -36.62 -25.52
C3B CLA AE . 5.87 -35.52 -25.23
C4B CLA AE . 6.69 -34.63 -24.37
CMB CLA AE . 6.33 -37.81 -26.29
CAB CLA AE . 4.52 -35.20 -25.63
CBB CLA AE . 4.12 -35.04 -26.88
NC CLA AE . 8.39 -32.73 -22.74
C1C CLA AE . 7.07 -32.54 -23.08
C2C CLA AE . 6.56 -31.32 -22.48
C3C CLA AE . 7.60 -30.79 -21.73
C4C CLA AE . 8.75 -31.67 -21.91
CMC CLA AE . 5.20 -30.81 -22.61
CAC CLA AE . 7.57 -29.55 -20.94
CBC CLA AE . 7.16 -29.79 -19.51
ND CLA AE . 10.94 -33.60 -22.08
C1D CLA AE . 11.05 -32.35 -21.41
C2D CLA AE . 12.40 -32.23 -20.81
C3D CLA AE . 13.03 -33.43 -21.09
C4D CLA AE . 12.07 -34.25 -21.85
CMD CLA AE . 12.91 -31.08 -20.07
CAD CLA AE . 14.25 -34.19 -20.93
OBD CLA AE . 15.32 -33.89 -20.43
CBD CLA AE . 13.98 -35.60 -21.57
CGD CLA AE . 15.02 -35.87 -22.63
O1D CLA AE . 15.22 -35.21 -23.65
O2D CLA AE . 15.81 -36.95 -22.39
CED CLA AE . 17.08 -37.01 -23.04
C1 CLA AE . 10.48 -36.11 -19.25
C2 CLA AE . 9.11 -35.74 -19.67
C3 CLA AE . 8.49 -34.64 -19.24
C4 CLA AE . 9.13 -33.70 -18.30
C5 CLA AE . 7.11 -34.34 -19.72
C6 CLA AE . 6.09 -35.31 -19.18
C7 CLA AE . 4.67 -34.90 -19.48
C8 CLA AE . 4.38 -34.69 -20.97
C9 CLA AE . 2.97 -34.15 -21.14
C10 CLA AE . 4.57 -35.96 -21.79
C11 CLA AE . 3.52 -37.02 -21.53
C12 CLA AE . 3.78 -38.25 -22.38
C13 CLA AE . 2.50 -38.99 -22.73
C14 CLA AE . 2.62 -40.47 -22.40
C15 CLA AE . 2.07 -38.80 -24.19
C16 CLA AE . 3.04 -39.42 -25.20
C17 CLA AE . 2.46 -39.41 -26.60
C18 CLA AE . 2.87 -40.60 -27.45
C19 CLA AE . 2.20 -41.88 -26.98
C20 CLA AE . 4.36 -40.79 -27.48
MG CLA BE . 10.65 -43.76 -21.56
CHA CLA BE . 10.01 -42.09 -18.59
CHB CLA BE . 12.07 -46.32 -19.75
CHC CLA BE . 10.58 -45.77 -24.36
CHD CLA BE . 8.57 -41.43 -23.24
NA CLA BE . 11.01 -44.11 -19.52
C1A CLA BE . 10.66 -43.28 -18.44
C2A CLA BE . 11.12 -43.88 -17.12
C3A CLA BE . 11.99 -45.09 -17.55
C4A CLA BE . 11.67 -45.20 -19.05
CMA CLA BE . 13.45 -44.84 -17.31
CAA CLA BE . 9.96 -44.27 -16.21
CBA CLA BE . 9.07 -45.38 -16.74
CGA CLA BE . 8.47 -46.12 -15.58
O1A CLA BE . 8.24 -47.33 -15.46
O2A CLA BE . 8.15 -45.30 -14.53
NB CLA BE . 11.21 -45.66 -21.97
C1B CLA BE . 11.82 -46.52 -21.11
C2B CLA BE . 12.22 -47.77 -21.84
C3B CLA BE . 11.81 -47.62 -23.13
C4B CLA BE . 11.17 -46.28 -23.24
CMB CLA BE . 12.88 -48.89 -21.19
CAB CLA BE . 11.91 -48.53 -24.25
CBB CLA BE . 12.76 -48.41 -25.27
NC CLA BE . 9.78 -43.60 -23.46
C1C CLA BE . 9.94 -44.51 -24.47
C2C CLA BE . 9.26 -44.04 -25.67
C3C CLA BE . 8.62 -42.85 -25.33
C4C CLA BE . 8.98 -42.57 -23.94
CMC CLA BE . 9.21 -44.73 -26.96
CAC CLA BE . 7.81 -41.99 -26.19
CBC CLA BE . 8.62 -40.91 -26.85
ND CLA BE . 9.55 -42.13 -21.11
C1D CLA BE . 8.83 -41.20 -21.90
C2D CLA BE . 8.43 -40.04 -21.07
C3D CLA BE . 8.87 -40.32 -19.79
C4D CLA BE . 9.54 -41.64 -19.86
CMD CLA BE . 7.71 -38.86 -21.55
CAD CLA BE . 8.95 -39.87 -18.42
OBD CLA BE . 8.56 -38.83 -17.92
CBD CLA BE . 9.67 -40.99 -17.61
CGD CLA BE . 10.91 -40.47 -16.94
O1D CLA BE . 12.07 -40.58 -17.32
O2D CLA BE . 10.66 -39.78 -15.79
CED CLA BE . 11.74 -39.71 -14.85
MG CLA CE . 15.52 -29.37 -50.18
CHA CLA CE . 18.38 -27.58 -50.96
CHB CLA CE . 14.36 -26.69 -48.41
CHC CLA CE . 12.97 -31.31 -48.95
CHD CLA CE . 17.01 -32.24 -51.61
NA CLA CE . 16.27 -27.46 -49.75
C1A CLA CE . 17.47 -26.90 -50.18
C2A CLA CE . 17.63 -25.47 -49.69
C3A CLA CE . 16.32 -25.20 -48.93
C4A CLA CE . 15.58 -26.53 -49.01
CMA CLA CE . 16.57 -24.81 -47.49
CAA CLA CE . 17.77 -24.49 -50.86
CBA CLA CE . 16.79 -24.71 -52.01
CGA CLA CE . 15.76 -23.64 -52.06
O1A CLA CE . 15.05 -23.21 -51.14
O2A CLA CE . 15.60 -23.11 -53.31
NB CLA CE . 14.01 -29.07 -48.88
C1B CLA CE . 13.60 -27.87 -48.43
C2B CLA CE . 12.20 -27.95 -47.93
C3B CLA CE . 11.80 -29.24 -48.07
C4B CLA CE . 12.94 -29.99 -48.67
CMB CLA CE . 11.50 -26.80 -47.36
CAB CLA CE . 10.56 -29.89 -47.72
CBB CLA CE . 9.35 -29.43 -48.05
NC CLA CE . 15.09 -31.42 -50.25
C1C CLA CE . 13.98 -32.00 -49.69
C2C CLA CE . 13.98 -33.43 -49.97
C3C CLA CE . 15.13 -33.69 -50.71
C4C CLA CE . 15.81 -32.41 -50.89
CMC CLA CE . 12.96 -34.39 -49.53
CAC CLA CE . 15.58 -34.97 -51.26
CBC CLA CE . 15.10 -35.19 -52.68
ND CLA CE . 17.27 -29.88 -51.03
C1D CLA CE . 17.72 -31.06 -51.69
C2D CLA CE . 18.99 -30.79 -52.40
C3D CLA CE . 19.29 -29.47 -52.14
C4D CLA CE . 18.20 -28.95 -51.30
CMD CLA CE . 19.73 -31.76 -53.19
CAD CLA CE . 20.23 -28.38 -52.36
OBD CLA CE . 21.28 -28.38 -52.99
CBD CLA CE . 19.66 -27.13 -51.62
CGD CLA CE . 20.63 -26.55 -50.63
O1D CLA CE . 21.07 -25.40 -50.58
O2D CLA CE . 21.08 -27.44 -49.71
CED CLA CE . 22.23 -27.05 -48.96
C1 CLA CE . 14.36 -23.40 -53.98
C2 CLA CE . 14.61 -24.54 -54.90
C3 CLA CE . 13.67 -25.22 -55.57
C4 CLA CE . 14.04 -26.35 -56.46
C5 CLA CE . 12.21 -24.92 -55.49
C6 CLA CE . 11.58 -24.55 -56.81
C7 CLA CE . 10.15 -25.05 -56.89
C8 CLA CE . 9.48 -24.64 -58.21
MG CLA DE . -3.88 -6.49 -39.01
CHA CLA DE . -3.07 -3.57 -40.80
CHB CLA DE . -0.49 -6.99 -38.59
CHD CLA DE . -7.30 -5.42 -39.16
NA CLA DE . -2.14 -5.48 -39.63
C1A CLA DE . -2.01 -4.29 -40.35
C2A CLA DE . -0.56 -3.92 -40.62
C3A CLA DE . 0.19 -5.20 -40.19
C4A CLA DE . -0.87 -5.95 -39.40
CMA CLA DE . 0.64 -6.01 -41.39
CAA CLA DE . -0.13 -2.70 -39.83
CBA CLA DE . 0.68 -1.75 -40.68
CGA CLA DE . 2.15 -1.91 -40.39
O1A CLA DE . 2.70 -2.17 -39.33
O2A CLA DE . 2.94 -1.74 -41.50
NB CLA DE . -2.72 -7.63 -37.79
C1B CLA DE . -1.37 -7.74 -37.82
C2B CLA DE . -0.87 -8.80 -36.89
C3B CLA DE . -1.99 -9.34 -36.29
C4B CLA DE . -3.15 -8.60 -36.85
CMB CLA DE . 0.54 -9.12 -36.74
CAB CLA DE . -2.12 -10.39 -35.31
CBB CLA DE . -1.43 -11.52 -35.29
NC CLA DE . -5.72 -7.04 -38.11
C1C CLA DE . -5.91 -8.04 -37.19
C2C CLA DE . -7.31 -8.20 -36.85
C3C CLA DE . -7.99 -7.20 -37.53
C4C CLA DE . -6.98 -6.50 -38.33
CMC CLA DE . -7.84 -9.19 -35.91
CAC CLA DE . -9.43 -6.95 -37.53
CBC CLA DE . -10.12 -7.77 -38.59
ND CLA DE . -4.98 -4.98 -39.84
C1D CLA DE . -6.37 -4.70 -39.87
C2D CLA DE . -6.64 -3.53 -40.73
C3D CLA DE . -5.40 -3.06 -41.11
C4D CLA DE . -4.41 -3.98 -40.50
CMD CLA DE . -7.97 -2.99 -41.05
CAD CLA DE . -4.67 -2.07 -41.89
OBD CLA DE . -5.10 -1.19 -42.63
CBD CLA DE . -3.16 -2.31 -41.63
CGD CLA DE . -2.36 -2.41 -42.90
O1D CLA DE . -1.94 -1.47 -43.60
O2D CLA DE . -2.08 -3.68 -43.31
CED CLA DE . -1.13 -3.82 -44.37
C1 CLA DE . 3.22 -2.92 -42.29
C2 CLA DE . 4.18 -3.76 -41.53
C3 CLA DE . 4.65 -4.92 -42.02
C4 CLA DE . 4.23 -5.40 -43.36
C5 CLA DE . 5.62 -5.78 -41.28
C6 CLA DE . 5.57 -5.71 -39.76
C7 CLA DE . 4.25 -6.26 -39.23
C8 CLA DE . 4.23 -6.25 -37.70
C9 CLA DE . 4.47 -7.64 -37.15
C10 CLA DE . 2.93 -5.69 -37.15
C11 CLA DE . 3.08 -4.24 -36.74
C12 CLA DE . 3.80 -4.10 -35.41
C1 LUT EE . 9.23 -37.18 -29.81
C2 LUT EE . 10.60 -37.15 -29.11
C3 LUT EE . 10.87 -35.92 -28.27
C4 LUT EE . 10.17 -34.71 -28.88
C5 LUT EE . 8.69 -34.98 -28.80
C6 LUT EE . 8.25 -36.16 -29.26
C7 LUT EE . 6.82 -36.41 -29.50
C8 LUT EE . 6.20 -35.45 -30.20
C9 LUT EE . 4.84 -35.67 -30.73
C10 LUT EE . 4.47 -34.89 -31.76
C11 LUT EE . 3.21 -35.05 -32.50
C12 LUT EE . 3.02 -34.31 -33.60
C13 LUT EE . 1.83 -34.48 -34.45
C14 LUT EE . 1.87 -33.92 -35.68
C15 LUT EE . 0.78 -34.04 -36.67
C16 LUT EE . 8.70 -38.59 -29.74
C17 LUT EE . 9.41 -36.80 -31.28
C18 LUT EE . 7.85 -33.96 -28.07
C19 LUT EE . 3.99 -36.78 -30.17
C20 LUT EE . 0.67 -35.30 -33.96
O3 LUT EE . 12.28 -35.73 -28.21
C21 LUT EE . -5.98 -33.27 -47.45
C22 LUT EE . -7.33 -33.60 -48.06
C23 LUT EE . -8.04 -32.34 -48.55
C24 LUT EE . -7.94 -31.22 -47.54
C25 LUT EE . -7.10 -31.24 -46.49
C26 LUT EE . -6.20 -32.41 -46.22
C27 LUT EE . -4.87 -31.96 -45.68
C28 LUT EE . -4.45 -32.42 -44.50
C29 LUT EE . -3.15 -32.06 -43.92
C30 LUT EE . -2.81 -32.66 -42.76
C31 LUT EE . -1.56 -32.43 -42.03
C32 LUT EE . -1.39 -33.06 -40.87
C33 LUT EE . -0.19 -32.89 -40.02
C34 LUT EE . -0.18 -33.54 -38.83
C35 LUT EE . 0.91 -33.45 -37.84
C36 LUT EE . -5.09 -32.59 -48.49
C37 LUT EE . -5.34 -34.58 -47.04
C38 LUT EE . -7.08 -30.09 -45.55
C39 LUT EE . -2.24 -31.08 -44.61
C40 LUT EE . 0.96 -32.02 -40.47
O23 LUT EE . -9.42 -32.65 -48.77
C1 XAT FE . 10.31 -23.15 -36.46
C2 XAT FE . 11.55 -23.27 -37.34
C3 XAT FE . 11.74 -24.65 -37.94
C4 XAT FE . 10.50 -24.92 -38.79
C5 XAT FE . 9.26 -25.07 -37.91
C6 XAT FE . 9.14 -24.11 -36.73
C7 XAT FE . 7.73 -23.54 -36.55
C8 XAT FE . 6.97 -23.97 -35.54
C9 XAT FE . 5.61 -23.44 -35.28
C10 XAT FE . 4.99 -23.93 -34.20
C11 XAT FE . 3.67 -23.51 -33.71
C12 XAT FE . 3.29 -24.01 -32.55
C13 XAT FE . 2.06 -23.66 -31.83
C14 XAT FE . 1.97 -24.15 -30.60
C15 XAT FE . 0.86 -23.88 -29.68
C16 XAT FE . 9.80 -21.71 -36.57
C17 XAT FE . 10.72 -23.42 -35.03
C18 XAT FE . 7.92 -25.15 -38.62
C19 XAT FE . 4.98 -22.42 -36.20
C20 XAT FE . 1.03 -22.73 -32.42
O3 XAT FE . 12.92 -24.68 -38.74
O4 XAT FE . 9.34 -25.52 -36.57
C21 XAT FE . -6.13 -25.06 -18.76
C22 XAT FE . -7.45 -25.18 -18.04
C23 XAT FE . -8.61 -24.79 -18.91
C24 XAT FE . -8.72 -25.88 -19.95
C25 XAT FE . -7.52 -25.83 -20.89
C26 XAT FE . -6.18 -25.35 -20.27
C27 XAT FE . -4.92 -25.96 -20.85
C28 XAT FE . -4.33 -25.34 -21.86
C29 XAT FE . -3.09 -25.83 -22.49
C30 XAT FE . -2.67 -25.14 -23.56
C31 XAT FE . -1.49 -25.47 -24.35
C32 XAT FE . -1.25 -24.73 -25.43
C33 XAT FE . -0.11 -24.98 -26.34
C34 XAT FE . -0.11 -24.28 -27.49
C35 XAT FE . 0.94 -24.46 -28.50
C36 XAT FE . -5.19 -26.04 -18.07
C37 XAT FE . -5.57 -23.66 -18.56
C38 XAT FE . -7.38 -26.96 -21.91
C39 XAT FE . -2.36 -27.02 -21.96
C40 XAT FE . 0.96 -25.98 -25.98
O23 XAT FE . -9.80 -24.69 -18.13
O24 XAT FE . -6.96 -24.53 -21.17
C1 BCR GE . -3.99 -5.77 -54.93
C2 BCR GE . -4.84 -4.56 -55.34
C3 BCR GE . -6.28 -4.92 -55.62
C4 BCR GE . -6.75 -5.97 -54.65
C5 BCR GE . -5.96 -7.21 -54.94
C6 BCR GE . -4.63 -7.13 -55.11
C7 BCR GE . -3.72 -8.29 -55.25
C8 BCR GE . -3.95 -9.46 -54.65
C9 BCR GE . -2.91 -10.52 -54.64
C10 BCR GE . -2.99 -11.45 -53.68
C11 BCR GE . -1.97 -12.48 -53.48
C33 BCR GE . -6.75 -8.48 -55.13
C31 BCR GE . -3.72 -5.71 -53.43
C32 BCR GE . -2.63 -5.69 -55.61
C34 BCR GE . -1.81 -10.46 -55.67
C12 BCR GE . -1.97 -13.27 -52.40
C13 BCR GE . -0.89 -14.26 -52.17
C14 BCR GE . -0.89 -14.92 -51.00
C15 BCR GE . 0.12 -15.91 -50.60
C16 BCR GE . 0.11 -16.44 -49.37
C17 BCR GE . 1.12 -17.42 -49.01
C18 BCR GE . 1.15 -18.03 -47.80
C19 BCR GE . 2.22 -19.03 -47.58
C20 BCR GE . 2.26 -19.84 -46.52
C21 BCR GE . 3.33 -20.83 -46.47
C22 BCR GE . 3.42 -21.78 -45.54
C23 BCR GE . 4.51 -22.74 -45.74
C24 BCR GE . 4.58 -23.92 -45.11
C25 BCR GE . 5.62 -24.90 -45.51
C26 BCR GE . 6.81 -24.52 -46.01
C27 BCR GE . 7.60 -25.51 -46.81
C28 BCR GE . 7.77 -26.69 -45.88
C29 BCR GE . 6.42 -27.34 -45.62
C30 BCR GE . 5.25 -26.37 -45.50
C35 BCR GE . 0.13 -14.50 -53.25
C36 BCR GE . 0.14 -17.71 -46.75
C37 BCR GE . 2.42 -21.84 -44.41
C38 BCR GE . 7.46 -23.19 -45.73
C39 BCR GE . 4.43 -26.72 -44.26
C40 BCR GE . 4.41 -26.59 -46.75
C1 BCR HE . -2.87 -20.22 -53.04
C2 BCR HE . -3.97 -19.77 -53.99
C3 BCR HE . -5.22 -20.59 -53.80
C4 BCR HE . -5.71 -20.37 -52.39
C5 BCR HE . -4.68 -20.86 -51.42
C6 BCR HE . -3.37 -20.58 -51.64
C7 BCR HE . -2.40 -20.79 -50.55
C8 BCR HE . -2.37 -22.04 -50.05
C9 BCR HE . -1.41 -22.50 -49.02
C10 BCR HE . -1.48 -23.80 -48.64
C11 BCR HE . -0.59 -24.37 -47.62
C33 BCR HE . -5.34 -21.44 -50.19
C31 BCR HE . -1.78 -19.15 -52.98
C32 BCR HE . -2.28 -21.51 -53.60
C34 BCR HE . -0.40 -21.58 -48.39
C12 BCR HE . -0.74 -25.65 -47.26
C13 BCR HE . 0.14 -26.27 -46.25
C14 BCR HE . 0.15 -27.61 -46.13
C15 BCR HE . 1.00 -28.35 -45.19
C16 BCR HE . 1.01 -29.67 -45.24
C17 BCR HE . 1.86 -30.48 -44.35
C18 BCR HE . 2.00 -31.81 -44.50
C19 BCR HE . 2.91 -32.55 -43.58
C20 BCR HE . 3.30 -33.82 -43.79
C21 BCR HE . 4.26 -34.46 -42.90
C22 BCR HE . 4.81 -35.64 -43.19
C23 BCR HE . 5.85 -36.16 -42.26
C24 BCR HE . 6.73 -37.12 -42.60
C25 BCR HE . 7.81 -37.37 -41.61
C26 BCR HE . 7.47 -37.27 -40.33
C27 BCR HE . 8.25 -36.49 -39.32
C28 BCR HE . 9.59 -36.16 -39.94
C29 BCR HE . 10.13 -37.29 -40.82
C30 BCR HE . 9.24 -37.60 -42.01
C35 BCR HE . 0.97 -25.38 -45.35
C36 BCR HE . 1.20 -32.53 -45.56
C37 BCR HE . 4.40 -36.38 -44.42
C38 BCR HE . 6.27 -38.06 -39.90
C39 BCR HE . 9.44 -39.04 -42.47
C40 BCR HE . 9.58 -36.64 -43.13
O1 LHG IE . -13.31 -41.77 -26.01
C1 LHG IE . -11.95 -41.36 -26.16
C2 LHG IE . -11.02 -42.49 -25.75
O2 LHG IE . -11.30 -42.82 -24.39
C3 LHG IE . -9.56 -42.07 -25.86
O3 LHG IE . -9.40 -40.78 -25.31
P LHG IE . -7.95 -40.28 -24.86
O4 LHG IE . -7.61 -40.92 -23.52
O5 LHG IE . -7.03 -40.46 -26.04
O6 LHG IE . -8.19 -38.70 -24.60
C4 LHG IE . -7.53 -38.05 -23.53
C5 LHG IE . -7.62 -36.54 -23.70
C6 LHG IE . -7.32 -35.85 -22.38
O7 LHG IE . -6.64 -36.12 -24.65
C7 LHG IE . -7.19 -35.57 -25.88
O9 LHG IE . -8.29 -35.08 -25.89
C8 LHG IE . -6.36 -35.59 -27.14
C9 LHG IE . -4.94 -35.09 -26.85
C10 LHG IE . -4.08 -36.20 -26.24
O8 LHG IE . -6.11 -36.37 -21.84
C23 LHG IE . -5.18 -35.49 -21.15
O10 LHG IE . -5.27 -34.29 -21.33
C24 LHG IE . -4.13 -36.06 -20.23
C11 LHG IE . -3.49 -35.80 -24.88
C12 LHG IE . -2.11 -35.18 -25.03
C13 LHG IE . -1.40 -35.12 -23.68
C14 LHG IE . 0.04 -34.67 -23.84
C25 LHG IE . -3.05 -35.03 -19.90
C26 LHG IE . -3.29 -34.34 -18.55
C27 LHG IE . -4.63 -33.60 -18.46
C28 LHG IE . -4.62 -32.33 -19.29
C29 LHG IE . -6.02 -32.05 -19.86
MG CLA JE . -7.84 42.50 -56.08
CHA CLA JE . -7.17 39.23 -57.02
CHB CLA JE . -5.89 42.06 -53.29
CHC CLA JE . -7.89 45.89 -55.53
CHD CLA JE . -9.23 43.06 -59.30
NA CLA JE . -6.75 40.90 -55.29
C1A CLA JE . -6.60 39.62 -55.84
C2A CLA JE . -5.74 38.72 -54.94
C3A CLA JE . -5.43 39.62 -53.71
C4A CLA JE . -6.07 40.95 -54.10
CMA CLA JE . -5.97 39.06 -52.42
CAA CLA JE . -4.50 38.15 -55.62
CBA CLA JE . -3.44 39.18 -55.94
CGA CLA JE . -2.14 38.78 -55.30
O1A CLA JE . -1.93 38.00 -54.37
O2A CLA JE . -1.06 39.44 -55.82
NB CLA JE . -6.98 43.73 -54.72
C1B CLA JE . -6.39 43.33 -53.56
C2B CLA JE . -6.32 44.46 -52.60
C3B CLA JE . -6.88 45.55 -53.23
C4B CLA JE . -7.31 45.10 -54.58
CMB CLA JE . -5.75 44.35 -51.27
CAB CLA JE . -7.06 46.90 -52.76
CBB CLA JE . -6.65 47.99 -53.42
NC CLA JE . -8.48 44.16 -57.19
C1C CLA JE . -8.45 45.45 -56.75
C2C CLA JE . -9.04 46.33 -57.75
C3C CLA JE . -9.37 45.54 -58.85
C4C CLA JE . -9.02 44.17 -58.48
CMC CLA JE . -9.20 47.79 -57.60
CAC CLA JE . -10.00 45.95 -60.11
CBC CLA JE . -11.48 45.68 -60.19
ND CLA JE . -8.24 41.44 -57.75
C1D CLA JE . -8.85 41.76 -58.99
C2D CLA JE . -9.03 40.54 -59.78
C3D CLA JE . -8.45 39.52 -59.05
C4D CLA JE . -7.92 40.15 -57.83
CMD CLA JE . -9.71 40.48 -61.08
CAD CLA JE . -8.14 38.10 -58.97
OBD CLA JE . -8.52 37.18 -59.69
CBD CLA JE . -7.20 37.90 -57.74
CGD CLA JE . -7.63 36.79 -56.82
O1D CLA JE . -6.90 36.12 -56.08
O2D CLA JE . -8.95 36.52 -56.81
CED CLA JE . -9.50 35.93 -55.62
C1 CLA JE . -0.50 38.89 -57.03
C2 CLA JE . -0.03 40.05 -57.83
C3 CLA JE . 0.31 39.95 -59.11
C4 CLA JE . 0.25 38.66 -59.85
C5 CLA JE . 0.78 41.15 -59.88
MG CLA KE . -9.22 54.25 -50.27
CHA CLA KE . -12.28 52.64 -50.59
CHB CLA KE . -10.48 55.96 -47.58
CHC CLA KE . -6.02 55.12 -49.34
CHD CLA KE . -7.84 51.82 -52.49
NA CLA KE . -11.07 54.32 -49.31
C1A CLA KE . -12.22 53.57 -49.60
C2A CLA KE . -13.36 53.92 -48.66
C3A CLA KE . -12.84 55.20 -47.98
C4A CLA KE . -11.35 55.16 -48.29
CMA CLA KE . -13.51 56.42 -48.59
CAA CLA KE . -13.61 52.75 -47.70
CBA CLA KE . -13.52 53.04 -46.22
CGA CLA KE . -12.15 52.72 -45.69
O1A CLA KE . -11.77 51.68 -45.17
O2A CLA KE . -11.25 53.75 -45.80
NB CLA KE . -8.42 55.27 -48.72
C1B CLA KE . -9.09 56.01 -47.81
C2B CLA KE . -8.18 56.94 -47.09
C3B CLA KE . -6.92 56.70 -47.58
C4B CLA KE . -7.05 55.64 -48.63
CMB CLA KE . -8.63 57.87 -46.06
CAB CLA KE . -5.66 57.29 -47.24
CBB CLA KE . -5.17 57.40 -46.01
NC CLA KE . -7.30 53.64 -50.87
C1C CLA KE . -6.12 54.19 -50.41
C2C CLA KE . -4.98 53.61 -51.10
C3C CLA KE . -5.50 52.60 -51.91
C4C CLA KE . -6.95 52.65 -51.77
CMC CLA KE . -3.58 53.96 -50.90
CAC CLA KE . -4.73 51.73 -52.81
CBC CLA KE . -4.27 50.47 -52.13
ND CLA KE . -9.86 52.70 -51.40
C1D CLA KE . -9.21 51.84 -52.32
C2D CLA KE . -10.22 50.99 -53.00
C3D CLA KE . -11.43 51.30 -52.40
C4D CLA KE . -11.12 52.32 -51.38
CMD CLA KE . -9.92 50.04 -54.08
CAD CLA KE . -12.85 51.04 -52.35
OBD CLA KE . -13.55 50.34 -53.09
CBD CLA KE . -13.42 51.82 -51.13
CGD CLA KE . -14.58 52.68 -51.53
O1D CLA KE . -15.64 52.88 -50.94
O2D CLA KE . -14.39 53.32 -52.72
CED CLA KE . -14.66 54.72 -52.80
C1 CLA KE . -10.68 54.23 -44.57
C2 CLA KE . -9.21 54.10 -44.68
C3 CLA KE . -8.38 54.63 -43.76
C4 CLA KE . -8.89 55.36 -42.58
C5 CLA KE . -6.89 54.49 -43.88
C6 CLA KE . -6.32 53.43 -42.96
C7 CLA KE . -4.80 53.42 -43.00
C8 CLA KE . -4.22 52.21 -42.27
C9 CLA KE . -4.44 52.37 -40.78
C10 CLA KE . -2.74 51.98 -42.55
C11 CLA KE . -2.45 51.69 -44.00
C12 CLA KE . -1.72 50.38 -44.25
C13 CLA KE . -0.21 50.52 -44.44
C14 CLA KE . 0.45 51.10 -43.20
C15 CLA KE . 0.20 51.33 -45.67
C16 CLA KE . 0.20 50.49 -46.94
C17 CLA KE . 1.36 49.52 -47.01
C18 CLA KE . 1.82 49.26 -48.43
C19 CLA KE . 2.84 48.15 -48.47
C20 CLA KE . 0.65 48.91 -49.34
MG CLA LE . -2.35 60.85 -43.54
CHA CLA LE . -4.86 61.85 -41.36
CHB CLA LE . -3.38 57.59 -43.18
CHC CLA LE . 0.51 59.79 -45.14
CHD CLA LE . -0.99 64.13 -43.36
NA CLA LE . -3.89 59.91 -42.47
C1A CLA LE . -4.85 60.50 -41.65
C2A CLA LE . -5.82 59.46 -41.09
C3A CLA LE . -5.42 58.17 -41.82
C4A CLA LE . -4.14 58.56 -42.55
CMA CLA LE . -5.21 57.05 -40.83
CAA CLA LE . -7.27 59.79 -41.44
CBA CLA LE . -8.23 58.83 -40.77
CGA CLA LE . -9.44 59.58 -40.32
O1A CLA LE . -10.44 59.89 -40.97
O2A CLA LE . -9.40 59.93 -38.99
NB CLA LE . -1.64 59.06 -44.13
C1B CLA LE . -2.17 57.85 -43.85
C2B CLA LE . -1.27 56.77 -44.33
C3B CLA LE . -0.17 57.39 -44.88
C4B CLA LE . -0.39 58.84 -44.76
CMB CLA LE . -1.56 55.34 -44.17
CAB CLA LE . 1.02 56.83 -45.45
CBB CLA LE . 1.82 55.96 -44.80
NC CLA LE . -0.60 61.80 -44.18
C1C CLA LE . 0.41 61.19 -44.87
C2C CLA LE . 1.43 62.17 -45.26
C3C CLA LE . 1.04 63.37 -44.68
C4C CLA LE . -0.24 63.14 -44.04
CMC CLA LE . 2.64 61.89 -46.02
CAC CLA LE . 1.74 64.65 -44.83
CBC CLA LE . 1.23 65.39 -46.04
ND CLA LE . -2.72 62.59 -42.55
C1D CLA LE . -2.14 63.88 -42.65
C2D CLA LE . -2.96 64.84 -41.87
C3D CLA LE . -4.00 64.10 -41.35
C4D CLA LE . -3.81 62.71 -41.81
CMD CLA LE . -2.65 66.26 -41.71
CAD CLA LE . -5.18 64.13 -40.50
OBD CLA LE . -5.64 65.05 -39.84
CBD CLA LE . -5.81 62.70 -40.55
CGD CLA LE . -6.04 62.15 -39.17
O1D CLA LE . -5.20 61.87 -38.31
O2D CLA LE . -7.36 61.95 -38.87
CED CLA LE . -8.14 63.09 -38.53
C1 CLA LE . -9.81 58.94 -38.04
C2 CLA LE . -8.62 58.58 -37.23
C3 CLA LE . -8.22 59.29 -36.16
C4 CLA LE . -8.95 60.50 -35.69
C5 CLA LE . -7.02 58.87 -35.39
C6 CLA LE . -5.83 58.63 -36.28
C7 CLA LE . -4.52 58.68 -35.52
C8 CLA LE . -4.01 57.29 -35.16
C9 CLA LE . -3.01 57.39 -34.01
C10 CLA LE . -3.36 56.60 -36.35
C11 CLA LE . -3.41 55.10 -36.25
C12 CLA LE . -2.70 54.44 -37.41
C13 CLA LE . -1.81 53.29 -36.97
C14 CLA LE . -0.53 53.82 -36.33
C15 CLA LE . -1.48 52.37 -38.14
C16 CLA LE . -0.67 51.17 -37.70
C17 CLA LE . -0.97 49.91 -38.49
C18 CLA LE . 0.10 49.56 -39.51
C19 CLA LE . 1.36 49.02 -38.87
C20 CLA LE . -0.43 48.54 -40.49
MG CLA ME . 8.11 71.80 -56.12
CHA CLA ME . 11.38 72.98 -56.16
CHB CLA ME . 8.35 71.35 -52.73
CHC CLA ME . 5.16 70.07 -56.17
CHD CLA ME . 8.19 71.73 -59.68
NA CLA ME . 9.63 72.12 -54.70
C1A CLA ME . 10.91 72.64 -54.91
C2A CLA ME . 11.68 72.74 -53.60
C3A CLA ME . 10.65 72.30 -52.53
C4A CLA ME . 9.44 71.89 -53.36
CMA CLA ME . 11.18 71.17 -51.70
CAA CLA ME . 12.19 74.14 -53.28
CBA CLA ME . 11.16 75.09 -52.69
CGA CLA ME . 10.02 75.35 -53.62
O1A CLA ME . 8.87 74.91 -53.56
O2A CLA ME . 10.34 76.17 -54.65
NB CLA ME . 7.02 70.82 -54.74
C1B CLA ME . 7.19 70.90 -53.39
C2B CLA ME . 5.97 70.47 -52.66
C3B CLA ME . 5.06 70.10 -53.63
C4B CLA ME . 5.71 70.34 -54.95
CMB CLA ME . 5.87 70.47 -51.20
CAB CLA ME . 3.71 69.59 -53.52
CBB CLA ME . 3.27 68.77 -52.57
NC CLA ME . 6.91 71.04 -57.65
C1C CLA ME . 5.72 70.39 -57.45
C2C CLA ME . 5.13 70.05 -58.74
C3C CLA ME . 6.01 70.49 -59.73
C4C CLA ME . 7.10 71.13 -59.03
CMC CLA ME . 3.86 69.34 -58.93
CAC CLA ME . 5.86 70.40 -61.20
CBC CLA ME . 6.56 69.21 -61.80
ND CLA ME . 9.41 72.25 -57.62
C1D CLA ME . 9.29 72.27 -59.03
C2D CLA ME . 10.49 72.89 -59.63
C3D CLA ME . 11.32 73.18 -58.57
C4D CLA ME . 10.61 72.75 -57.35
CMD CLA ME . 10.71 73.10 -61.05
CAD CLA ME . 12.60 73.73 -58.17
OBD CLA ME . 13.48 74.23 -58.86
CBD CLA ME . 12.68 73.58 -56.62
CGD CLA ME . 13.84 72.72 -56.21
O1D CLA ME . 13.97 71.50 -56.35
O2D CLA ME . 14.87 73.40 -55.61
CED CLA ME . 15.36 72.87 -54.39
C1 CLA ME . 10.30 77.60 -54.40
C2 CLA ME . 8.92 78.08 -54.68
C3 CLA ME . 8.39 78.12 -55.91
C4 CLA ME . 9.15 77.68 -57.10
C5 CLA ME . 7.00 78.63 -56.13
C6 CLA ME . 6.90 79.78 -57.11
C7 CLA ME . 7.48 81.05 -56.53
C8 CLA ME . 8.52 81.70 -57.44
C9 CLA ME . 9.11 82.93 -56.79
C10 CLA ME . 7.91 82.05 -58.80
MG CHL NE . 6.39 75.51 -48.93
CHA CHL NE . 6.11 78.71 -50.22
CHB CHL NE . 3.06 75.35 -48.67
CHC CHL NE . 6.74 72.21 -48.02
CHD CHL NE . 9.93 75.76 -49.38
NA CHL NE . 4.89 76.78 -49.29
C1A CHL NE . 4.90 77.97 -49.79
C2A CHL NE . 3.56 78.64 -49.89
C3A CHL NE . 2.67 77.64 -49.21
C4A CHL NE . 3.60 76.50 -49.05
CMA CHL NE . 2.14 78.12 -47.87
CAA CHL NE . 3.07 78.91 -51.30
CBA CHL NE . 1.77 79.72 -51.28
CGA CHL NE . 1.72 80.72 -52.41
O1A CHL NE . 0.69 81.28 -52.68
O2A CHL NE . 2.91 81.03 -53.20
NB CHL NE . 5.09 74.01 -48.42
C1B CHL NE . 3.75 74.10 -48.36
C2B CHL NE . 3.02 72.88 -47.95
C3B CHL NE . 4.11 71.94 -47.76
C4B CHL NE . 5.35 72.73 -48.07
CMB CHL NE . 1.53 72.63 -47.79
CAB CHL NE . 3.84 70.53 -47.37
CBB CHL NE . 4.72 69.54 -47.30
NC CHL NE . 8.01 74.25 -48.73
C1C CHL NE . 7.97 72.95 -48.34
C2C CHL NE . 9.31 72.30 -48.29
C3C CHL NE . 10.26 73.33 -48.68
C4C CHL NE . 9.35 74.48 -48.93
CMC CHL NE . 9.67 70.93 -47.88
OMC CHL NE . 8.80 70.17 -47.47
CAC CHL NE . 11.77 73.25 -48.79
CBC CHL NE . 12.40 73.62 -47.47
ND CHL NE . 7.77 76.85 -49.61
C1D CHL NE . 9.12 76.91 -49.77
C2D CHL NE . 9.63 78.20 -50.34
C3D CHL NE . 8.36 78.90 -50.51
C4D CHL NE . 7.40 78.08 -50.08
CMD CHL NE . 10.93 78.84 -50.73
CAD CHL NE . 7.76 80.17 -50.96
OBD CHL NE . 8.39 81.19 -51.45
CBD CHL NE . 6.27 80.08 -50.79
CGD CHL NE . 5.74 81.12 -49.87
O1D CHL NE . 6.36 81.42 -48.86
O2D CHL NE . 4.48 81.79 -50.15
CED CHL NE . 4.06 82.93 -49.41
MG CHL OE . 11.22 67.56 -43.96
CHA CHL OE . 14.36 66.81 -42.76
CHB CHL OE . 10.77 64.33 -44.75
CHC CHL OE . 7.93 68.32 -44.61
CHD CHL OE . 11.94 71.02 -43.36
NA CHL OE . 12.30 65.90 -43.77
C1A CHL OE . 13.45 65.73 -43.21
C2A CHL OE . 13.84 64.31 -42.99
C3A CHL OE . 12.92 63.61 -43.96
C4A CHL OE . 11.93 64.69 -44.22
CMA CHL OE . 13.63 63.18 -45.24
CAA CHL OE . 13.64 63.91 -41.54
CBA CHL OE . 13.84 62.41 -41.30
CGA CHL OE . 14.89 62.19 -40.23
O1A CHL OE . 14.83 62.77 -39.17
O2A CHL OE . 15.98 61.27 -40.48
NB CHL OE . 9.59 66.50 -44.59
C1B CHL OE . 9.58 65.19 -44.88
C2B CHL OE . 8.28 64.63 -45.32
C3B CHL OE . 7.41 65.81 -45.27
C4B CHL OE . 8.32 66.91 -44.80
CMB CHL OE . 7.94 63.22 -45.70
CAB CHL OE . 5.97 65.72 -45.63
CBB CHL OE . 5.07 66.69 -45.54
NC CHL OE . 10.15 69.33 -43.98
C1C CHL OE . 8.83 69.45 -44.26
C2C CHL OE . 8.33 70.84 -44.21
C3C CHL OE . 9.49 71.66 -43.84
C4C CHL OE . 10.56 70.62 -43.75
CMC CHL OE . 6.97 71.38 -44.45
OMC CHL OE . 6.06 70.62 -44.75
CAC CHL OE . 9.56 73.15 -43.65
CBC CHL OE . 9.45 73.87 -44.98
ND CHL OE . 12.74 68.72 -43.24
C1D CHL OE . 12.99 70.05 -43.05
C2D CHL OE . 14.35 70.36 -42.47
C3D CHL OE . 14.87 69.00 -42.37
C4D CHL OE . 13.92 68.18 -42.82
CMD CHL OE . 15.17 71.54 -42.04
CAD CHL OE . 16.06 68.20 -41.98
OBD CHL OE . 17.15 68.66 -41.48
CBD CHL OE . 15.75 66.75 -42.19
CGD CHL OE . 16.73 66.08 -43.10
O1D CHL OE . 17.17 66.66 -44.09
O2D CHL OE . 17.16 64.72 -42.81
CED CHL OE . 18.07 64.03 -43.67
C1 CHL OE . 16.63 60.63 -39.39
MG CHL PE . -9.28 75.14 -50.80
CHA CHL PE . -7.88 72.24 -52.04
CHB CHL PE . -6.31 76.69 -51.14
CHC CHL PE . -10.85 78.05 -49.90
CHD CHL PE . -12.26 73.28 -50.09
NA CHL PE . -7.48 74.61 -51.49
C1A CHL PE . -7.12 73.51 -52.05
C2A CHL PE . -5.78 73.62 -52.73
C3A CHL PE . -5.16 74.71 -51.91
C4A CHL PE . -6.40 75.40 -51.46
CMA CHL PE . -4.35 74.22 -50.73
CAA CHL PE . -5.86 74.05 -54.19
CBA CHL PE . -6.38 72.99 -55.14
CGA CHL PE . -6.49 73.60 -56.51
O1A CHL PE . -6.75 72.92 -57.48
O2A CHL PE . -6.29 75.03 -56.69
NB CHL PE . -8.67 77.08 -50.55
C1B CHL PE . -7.43 77.56 -50.72
C2B CHL PE . -7.26 79.03 -50.48
C3B CHL PE . -8.64 79.40 -50.10
C4B CHL PE . -9.41 78.14 -50.20
CMB CHL PE . -6.03 79.88 -50.57
CAB CHL PE . -9.20 80.74 -49.74
CBB CHL PE . -8.51 81.86 -49.75
NC CHL PE . -11.18 75.57 -50.13
C1C CHL PE . -11.65 76.81 -49.82
C2C CHL PE . -13.05 76.81 -49.36
C3C CHL PE . -13.48 75.42 -49.40
C4C CHL PE . -12.25 74.75 -49.89
CMC CHL PE . -13.90 77.95 -48.93
OMC CHL PE . -13.46 79.08 -48.94
CAC CHL PE . -14.83 74.86 -49.04
CBC CHL PE . -15.87 75.27 -50.07
ND CHL PE . -9.99 73.24 -50.98
C1D CHL PE . -11.13 72.55 -50.68
C2D CHL PE . -11.11 71.09 -51.04
C3D CHL PE . -9.76 71.02 -51.61
C4D CHL PE . -9.23 72.24 -51.52
CMD CHL PE . -12.00 69.88 -50.98
CAD CHL PE . -8.77 70.08 -52.19
OBD CHL PE . -8.95 68.84 -52.43
CBD CHL PE . -7.53 70.86 -52.53
CGD CHL PE . -6.30 70.28 -51.90
O1D CHL PE . -6.10 70.34 -50.70
O2D CHL PE . -5.31 69.67 -52.77
CED CHL PE . -3.93 69.98 -52.65
MG CLA QE . -5.20 69.37 -42.88
CHA CLA QE . -7.24 66.56 -42.85
CHB CLA QE . -7.20 70.75 -40.46
CHC CLA QE . -2.72 71.62 -42.13
CHD CLA QE . -2.88 67.55 -44.87
NA CLA QE . -6.95 68.77 -41.88
C1A CLA QE . -7.62 67.56 -42.01
C2A CLA QE . -8.85 67.53 -41.11
C3A CLA QE . -9.02 69.02 -40.75
C4A CLA QE . -7.62 69.57 -41.02
CMA CLA QE . -10.03 69.68 -41.64
CAA CLA QE . -8.59 66.64 -39.91
CBA CLA QE . -8.41 67.34 -38.58
CGA CLA QE . -7.82 66.40 -37.58
O1A CLA QE . -6.65 66.05 -37.45
O2A CLA QE . -8.75 65.90 -36.71
NB CLA QE . -5.01 70.89 -41.56
C1B CLA QE . -5.95 71.32 -40.68
C2B CLA QE . -5.45 72.53 -39.95
C3B CLA QE . -4.18 72.77 -40.42
C4B CLA QE . -3.89 71.74 -41.46
CMB CLA QE . -6.22 73.22 -38.93
CAB CLA QE . -3.24 73.79 -40.05
CBB CLA QE . -2.80 73.99 -38.80
NC CLA QE . -3.20 69.58 -43.46
C1C CLA QE . -2.39 70.61 -43.08
C2C CLA QE . -1.09 70.50 -43.71
C3C CLA QE . -1.11 69.30 -44.43
C4C CLA QE . -2.44 68.75 -44.29
CMC CLA QE . 0.03 71.41 -43.56
CAC CLA QE . -0.01 68.74 -45.25
CBC CLA QE . -0.13 69.09 -46.71
ND CLA QE . -5.06 67.53 -43.74
C1D CLA QE . -4.10 66.96 -44.63
C2D CLA QE . -4.64 65.69 -45.16
C3D CLA QE . -5.84 65.47 -44.49
C4D CLA QE . -6.04 66.65 -43.61
CMD CLA QE . -3.96 64.84 -46.13
CAD CLA QE . -6.98 64.60 -44.31
OBD CLA QE . -7.26 63.54 -44.87
CBD CLA QE . -7.89 65.25 -43.23
CGD CLA QE . -9.28 65.48 -43.75
O1D CLA QE . -9.64 66.34 -44.56
O2D CLA QE . -10.22 64.63 -43.27
CED CLA QE . -11.51 64.67 -43.88
MG CLA RE . -9.07 67.17 -59.25
CHA CLA RE . -11.81 69.31 -59.56
CHB CLA RE . -10.13 65.58 -62.08
CHC CLA RE . -5.82 66.16 -59.92
CHD CLA RE . -7.72 69.59 -57.01
NA CLA RE . -10.74 67.34 -60.48
C1A CLA RE . -11.75 68.31 -60.49
C2A CLA RE . -12.78 68.04 -61.58
C3A CLA RE . -12.45 66.57 -61.95
C4A CLA RE . -11.00 66.47 -61.50
CMA CLA RE . -13.32 65.60 -61.19
CAA CLA RE . -12.59 69.01 -62.73
CBA CLA RE . -12.26 68.39 -64.08
CGA CLA RE . -10.79 68.08 -64.20
O1A CLA RE . -9.84 68.79 -63.87
O2A CLA RE . -10.55 66.87 -64.77
NB CLA RE . -8.14 66.19 -60.76
C1B CLA RE . -8.79 65.45 -61.71
C2B CLA RE . -7.89 64.43 -62.31
C3B CLA RE . -6.67 64.59 -61.70
C4B CLA RE . -6.81 65.70 -60.72
CMB CLA RE . -8.33 63.51 -63.35
CAB CLA RE . -5.43 63.88 -61.91
CBB CLA RE . -4.98 63.43 -63.09
NC CLA RE . -7.17 67.64 -58.46
C1C CLA RE . -5.99 67.03 -58.81
C2C CLA RE . -4.89 67.55 -58.02
C3C CLA RE . -5.40 68.62 -57.30
C4C CLA RE . -6.83 68.66 -57.58
CMC CLA RE . -3.50 67.08 -58.09
CAC CLA RE . -4.67 69.45 -56.34
CBC CLA RE . -4.03 70.67 -56.97
ND CLA RE . -9.72 68.77 -58.18
C1D CLA RE . -9.06 69.67 -57.30
C2D CLA RE . -10.03 70.66 -56.79
C3D CLA RE . -11.13 70.55 -57.61
C4D CLA RE . -10.83 69.43 -58.54
CMD CLA RE . -9.80 71.61 -55.71
CAD CLA RE . -12.48 70.98 -57.90
OBD CLA RE . -13.27 71.63 -57.22
CBD CLA RE . -12.80 70.44 -59.32
CGD CLA RE . -14.24 70.07 -59.51
O1D CLA RE . -14.74 68.94 -59.51
O2D CLA RE . -15.05 71.15 -59.70
CED CLA RE . -16.39 71.11 -59.19
C1 CLA RE . -9.55 66.84 -65.81
C2 CLA RE . -8.23 66.67 -65.15
C3 CLA RE . -7.08 66.58 -65.85
C4 CLA RE . -7.06 66.66 -67.32
C5 CLA RE . -5.78 66.40 -65.15
C6 CLA RE . -4.76 67.49 -65.44
C7 CLA RE . -3.35 66.93 -65.54
C8 CLA RE . -2.45 67.77 -66.44
C9 CLA RE . -1.46 66.88 -67.19
C10 CLA RE . -1.71 68.83 -65.62
C11 CLA RE . -0.42 68.34 -65.02
C12 CLA RE . -0.06 69.16 -63.81
C13 CLA RE . 1.43 69.16 -63.50
C14 CLA RE . 2.06 67.78 -63.70
C15 CLA RE . 1.69 69.64 -62.08
C16 CLA RE . 0.70 70.71 -61.65
MG CLA SE . -7.17 50.31 -65.47
CHA CLA SE . -8.82 53.31 -65.98
CHB CLA SE . -9.05 48.91 -67.98
CHC CLA SE . -4.96 47.65 -65.65
CHD CLA SE . -4.73 52.09 -63.55
NA CLA SE . -8.71 50.99 -66.71
C1A CLA SE . -9.27 52.27 -66.75
C2A CLA SE . -10.40 52.35 -67.78
C3A CLA SE . -10.66 50.86 -68.10
C4A CLA SE . -9.39 50.19 -67.59
CMA CLA SE . -11.87 50.32 -67.38
CAA CLA SE . -9.97 53.12 -69.00
CBA CLA SE . -11.09 53.28 -70.01
CGA CLA SE . -12.19 54.10 -69.42
O1A CLA SE . -12.91 53.84 -68.47
O2A CLA SE . -12.37 55.29 -70.08
NB CLA SE . -7.07 48.59 -66.54
C1B CLA SE . -7.90 48.24 -67.56
C2B CLA SE . -7.42 46.97 -68.19
C3B CLA SE . -6.27 46.61 -67.52
C4B CLA SE . -6.02 47.64 -66.48
CMB CLA SE . -8.11 46.32 -69.31
CAB CLA SE . -5.38 45.51 -67.77
CBB CLA SE . -5.73 44.25 -68.02
NC CLA SE . -5.26 49.92 -64.66
C1C CLA SE . -4.61 48.72 -64.76
C2C CLA SE . -3.40 48.72 -63.94
C3C CLA SE . -3.26 50.02 -63.46
C4C CLA SE . -4.44 50.76 -63.89
CMC CLA SE . -2.49 47.59 -63.75
CAC CLA SE . -2.20 50.48 -62.54
CBC CLA SE . -0.93 50.91 -63.23
ND CLA SE . -6.81 52.21 -64.87
C1D CLA SE . -5.82 52.78 -64.01
C2D CLA SE . -6.20 54.19 -63.72
C3D CLA SE . -7.36 54.44 -64.44
C4D CLA SE . -7.66 53.18 -65.16
CMD CLA SE . -5.44 55.09 -62.86
CAD CLA SE . -8.36 55.42 -64.80
OBD CLA SE . -8.46 56.60 -64.45
CBD CLA SE . -9.32 54.72 -65.80
CGD CLA SE . -10.73 54.75 -65.27
O1D CLA SE . -11.36 53.82 -64.76
O2D CLA SE . -11.32 55.96 -65.38
CED CLA SE . -12.72 55.95 -65.68
MG CLA TE . -2.35 59.08 -65.22
CHA CLA TE . -5.32 58.99 -67.03
CHB CLA TE . -2.35 62.50 -65.49
CHC CLA TE . 0.97 59.18 -64.32
CHD CLA TE . -2.00 55.59 -65.83
NA CLA TE . -3.66 60.49 -66.07
C1A CLA TE . -4.85 60.25 -66.77
C2A CLA TE . -5.50 61.56 -67.22
C3A CLA TE . -4.58 62.64 -66.62
C4A CLA TE . -3.44 61.85 -66.00
CMA CLA TE . -4.07 63.55 -67.72
CAA CLA TE . -6.91 61.71 -66.65
CBA CLA TE . -7.61 62.98 -67.09
CGA CLA TE . -8.51 62.70 -68.25
O1A CLA TE . -9.65 63.13 -68.46
O2A CLA TE . -7.96 61.86 -69.18
NB CLA TE . -0.97 60.54 -64.98
C1B CLA TE . -1.22 61.88 -64.95
C2B CLA TE . -0.10 62.61 -64.30
C3B CLA TE . 0.84 61.67 -63.97
C4B CLA TE . 0.32 60.36 -64.41
CMB CLA TE . -0.07 64.07 -64.16
CAB CLA TE . 2.15 61.83 -63.38
CBB CLA TE . 3.08 62.67 -63.83
NC CLA TE . -0.83 57.64 -65.04
C1C CLA TE . 0.44 57.90 -64.61
C2C CLA TE . 1.22 56.68 -64.57
C3C CLA TE . 0.40 55.67 -65.05
C4C CLA TE . -0.90 56.27 -65.33
CMC CLA TE . 2.62 56.57 -64.17
CAC CLA TE . 0.77 54.25 -65.20
CBC CLA TE . 0.72 53.50 -63.89
ND CLA TE . -3.40 57.58 -66.10
C1D CLA TE . -3.18 56.18 -66.21
C2D CLA TE . -4.38 55.54 -66.78
C3D CLA TE . -5.25 56.57 -67.09
C4D CLA TE . -4.57 57.82 -66.69
CMD CLA TE . -4.54 54.10 -67.00
CAD CLA TE . -6.53 56.94 -67.65
OBD CLA TE . -7.45 56.22 -68.04
CBD CLA TE . -6.58 58.50 -67.70
CGD CLA TE . -6.71 59.00 -69.12
O1D CLA TE . -7.72 58.92 -69.84
O2D CLA TE . -5.61 59.59 -69.63
CED CLA TE . -5.53 59.71 -71.05
MG CLA UE . 9.11 50.18 -54.66
CHA CLA UE . 12.24 48.70 -54.89
CHB CLA UE . 8.80 49.95 -58.07
CHC CLA UE . 5.73 50.79 -54.40
CHD CLA UE . 9.26 49.74 -51.14
NA CLA UE . 10.33 49.46 -56.20
C1A CLA UE . 11.60 48.88 -56.08
C2A CLA UE . 12.17 48.49 -57.44
C3A CLA UE . 11.16 49.13 -58.43
C4A CLA UE . 9.99 49.53 -57.53
CMA CLA UE . 11.75 50.30 -59.16
CAA CLA UE . 12.27 46.98 -57.59
CBA CLA UE . 10.99 46.23 -57.26
CGA CLA UE . 11.01 45.72 -55.85
O1A CLA UE . 11.94 45.72 -55.04
O2A CLA UE . 9.82 45.16 -55.47
NB CLA UE . 7.58 50.31 -55.97
C1B CLA UE . 7.69 50.33 -57.32
C2B CLA UE . 6.41 50.81 -57.93
C3B CLA UE . 5.54 51.05 -56.90
C4B CLA UE . 6.27 50.73 -55.65
CMB CLA UE . 6.21 50.92 -59.37
CAB CLA UE . 4.16 51.48 -56.91
CBB CLA UE . 3.68 52.44 -57.70
NC CLA UE . 7.76 50.26 -53.07
C1C CLA UE . 6.43 50.56 -53.18
C2C CLA UE . 5.79 50.56 -51.87
C3C CLA UE . 6.78 50.23 -50.95
C4C CLA UE . 8.02 50.06 -51.70
CMC CLA UE . 4.37 50.84 -51.61
CAC CLA UE . 6.63 50.13 -49.50
CBC CLA UE . 6.45 48.71 -49.03
ND CLA UE . 10.40 49.42 -53.28
C1D CLA UE . 10.39 49.42 -51.87
C2D CLA UE . 11.73 49.05 -51.37
C3D CLA UE . 12.49 48.76 -52.49
C4D CLA UE . 11.60 48.99 -53.64
CMD CLA UE . 12.12 49.00 -49.95
CAD CLA UE . 13.78 48.35 -53.01
OBD CLA UE . 14.82 48.08 -52.41
CBD CLA UE . 13.65 48.27 -54.56
CGD CLA UE . 14.65 49.17 -55.25
O1D CLA UE . 14.74 50.39 -55.16
O2D CLA UE . 15.53 48.51 -56.06
CED CLA UE . 16.09 49.24 -57.15
C1 CLA UE . 8.80 46.06 -55.01
C2 CLA UE . 8.68 45.86 -53.55
C3 CLA UE . 7.66 46.29 -52.79
C4 CLA UE . 7.64 46.05 -51.33
C5 CLA UE . 6.49 47.03 -53.35
C6 CLA UE . 5.24 46.17 -53.37
C7 CLA UE . 4.01 47.00 -53.71
C8 CLA UE . 3.89 47.32 -55.20
C9 CLA UE . 2.75 48.28 -55.43
C10 CLA UE . 3.69 46.06 -56.03
MG CLA VE . 9.98 44.32 -62.10
CHA CLA VE . 9.05 42.59 -59.23
CHB CLA VE . 11.42 41.44 -63.30
CHC CLA VE . 10.17 45.74 -65.23
CHD CLA VE . 7.94 47.02 -61.04
NA CLA VE . 10.21 42.37 -61.37
C1A CLA VE . 9.75 41.85 -60.15
C2A CLA VE . 10.13 40.38 -59.98
C3A CLA VE . 11.09 40.14 -61.16
C4A CLA VE . 10.89 41.39 -62.03
CMA CLA VE . 12.52 40.00 -60.69
CAA CLA VE . 8.88 39.50 -59.97
CBA CLA VE . 8.60 38.75 -61.26
CGA CLA VE . 8.18 39.69 -62.35
O1A CLA VE . 7.33 40.57 -62.30
O2A CLA VE . 8.86 39.50 -63.52
NB CLA VE . 10.65 43.71 -63.90
C1B CLA VE . 11.28 42.53 -64.17
C2B CLA VE . 11.83 42.55 -65.55
C3B CLA VE . 11.49 43.76 -66.10
C4B CLA VE . 10.72 44.50 -65.06
CMB CLA VE . 12.56 41.43 -66.14
CAB CLA VE . 11.73 44.29 -67.42
CBB CLA VE . 12.92 44.31 -68.00
NC CLA VE . 9.23 46.07 -62.95
C1C CLA VE . 9.47 46.48 -64.24
C2C CLA VE . 8.85 47.78 -64.48
C3C CLA VE . 8.16 48.12 -63.31
C4C CLA VE . 8.42 47.05 -62.35
CMC CLA VE . 8.90 48.53 -65.74
CAC CLA VE . 7.38 49.33 -63.06
CBC CLA VE . 5.90 49.12 -63.24
ND CLA VE . 8.76 44.78 -60.54
C1D CLA VE . 8.08 45.96 -60.16
C2D CLA VE . 7.57 45.82 -58.78
C3D CLA VE . 7.91 44.54 -58.38
C4D CLA VE . 8.64 43.93 -59.51
CMD CLA VE . 6.84 46.86 -58.06
CAD CLA VE . 7.84 43.55 -57.32
OBD CLA VE . 7.32 43.62 -56.22
CBD CLA VE . 8.58 42.28 -57.84
CGD CLA VE . 9.74 41.93 -56.94
O1D CLA VE . 10.94 42.04 -57.20
O2D CLA VE . 9.38 41.45 -55.73
CED CLA VE . 10.17 40.37 -55.19
C1 CLA VE . 8.60 38.26 -64.22
MG CHL WE . -11.75 85.98 -53.63
CHA CHL WE . -12.65 87.06 -56.77
CHB CHL WE . -9.42 88.40 -53.48
CHC CHL WE . -11.07 84.94 -50.43
CHD CHL WE . -13.80 83.11 -54.13
NA CHL WE . -11.22 87.49 -54.82
C1A CHL WE . -11.72 87.86 -55.95
C2A CHL WE . -11.27 89.21 -56.42
C3A CHL WE . -10.02 89.41 -55.58
C4A CHL WE . -10.21 88.35 -54.55
CMA CHL WE . -8.73 89.23 -56.36
CAA CHL WE . -12.33 90.28 -56.16
CBA CHL WE . -11.88 91.65 -56.67
NB CHL WE . -10.44 86.58 -52.17
C1B CHL WE . -9.55 87.58 -52.27
C2B CHL WE . -8.72 87.82 -51.06
C3B CHL WE . -9.22 86.79 -50.14
C4B CHL WE . -10.29 86.09 -50.92
CMB CHL WE . -7.65 88.85 -50.83
CAB CHL WE . -8.67 86.64 -48.77
CBB CHL WE . -9.05 85.78 -47.83
NC CHL WE . -12.34 84.35 -52.51
C1C CHL WE . -11.97 84.10 -51.23
C2C CHL WE . -12.54 82.86 -50.68
C3C CHL WE . -13.35 82.28 -51.74
C4C CHL WE . -13.15 83.29 -52.83
CMC CHL WE . -12.37 82.27 -49.33
OMC CHL WE . -11.68 82.82 -48.48
CAC CHL WE . -14.16 81.01 -51.69
CBC CHL WE . -15.48 81.27 -50.99
ND CHL WE . -12.96 85.18 -55.06
C1D CHL WE . -13.73 84.08 -55.22
C2D CHL WE . -14.45 84.00 -56.55
C3D CHL WE . -13.97 85.24 -57.15
C4D CHL WE . -13.17 85.81 -56.26
CMD CHL WE . -15.40 83.06 -57.26
CAD CHL WE . -14.05 86.08 -58.36
OBD CHL WE . -14.74 85.83 -59.42
CBD CHL WE . -13.19 87.29 -58.15
CGD CHL WE . -12.09 87.36 -59.17
O1D CHL WE . -11.38 86.39 -59.37
O2D CHL WE . -11.88 88.58 -59.92
CED CHL WE . -11.02 88.58 -61.06
C1 LUT XE . 8.40 54.17 -60.88
C2 LUT XE . 9.80 53.77 -60.39
C3 LUT XE . 10.12 54.03 -58.93
C4 LUT XE . 9.37 55.26 -58.45
C5 LUT XE . 7.93 54.88 -58.56
C6 LUT XE . 7.44 54.55 -59.77
C7 LUT XE . 6.01 54.75 -60.10
C8 LUT XE . 5.32 55.73 -59.52
C9 LUT XE . 3.96 56.06 -59.99
C10 LUT XE . 3.46 57.27 -59.65
C11 LUT XE . 2.18 57.78 -60.13
C12 LUT XE . 1.91 59.06 -59.85
C13 LUT XE . 0.70 59.73 -60.35
C14 LUT XE . 0.70 61.07 -60.27
C15 LUT XE . -0.38 61.92 -60.76
C16 LUT XE . 7.88 53.07 -61.82
C17 LUT XE . 8.51 55.48 -61.68
C18 LUT XE . 7.18 54.73 -57.27
C19 LUT XE . 3.22 55.09 -60.86
C20 LUT XE . -0.41 58.94 -60.97
O3 LUT XE . 11.53 54.21 -58.78
C21 LUT XE . -7.19 72.69 -63.78
C22 LUT XE . -8.52 72.85 -64.49
C23 LUT XE . -9.75 72.75 -63.57
C24 LUT XE . -9.48 72.09 -62.24
C25 LUT XE . -8.31 71.50 -61.94
C26 LUT XE . -7.24 71.39 -62.97
C27 LUT XE . -5.90 71.08 -62.36
C28 LUT XE . -5.47 69.82 -62.34
C29 LUT XE . -4.17 69.42 -61.78
C30 LUT XE . -3.87 68.10 -61.86
C31 LUT XE . -2.65 67.51 -61.34
C32 LUT XE . -2.49 66.19 -61.44
C33 LUT XE . -1.31 65.46 -60.94
C34 LUT XE . -1.33 64.12 -61.09
C35 LUT XE . -0.26 63.24 -60.63
C36 LUT XE . -6.90 73.93 -62.94
C37 LUT XE . -6.09 72.53 -64.82
C38 LUT XE . -8.11 70.92 -60.56
C39 LUT XE . -3.24 70.42 -61.14
C40 LUT XE . -0.18 66.19 -60.27
O23 LUT XE . -10.80 72.05 -64.24
C1 XAT YE . 8.85 66.71 -49.88
C2 XAT YE . 9.99 67.45 -50.61
C3 XAT YE . 10.07 67.29 -52.12
C4 XAT YE . 8.77 67.73 -52.74
C5 XAT YE . 7.74 66.70 -52.30
C6 XAT YE . 7.68 66.27 -50.78
C7 XAT YE . 6.35 66.08 -50.04
C8 XAT YE . 5.48 65.20 -50.51
C9 XAT YE . 4.20 64.92 -49.83
C10 XAT YE . 3.52 63.87 -50.34
C11 XAT YE . 2.31 63.36 -49.73
C12 XAT YE . 1.86 62.15 -50.04
C13 XAT YE . 0.74 61.55 -49.32
C14 XAT YE . 0.52 60.23 -49.53
C15 XAT YE . -0.48 59.47 -48.80
C16 XAT YE . 8.35 67.65 -48.80
C17 XAT YE . 9.40 65.49 -49.15
C18 XAT YE . 6.46 66.73 -53.11
C19 XAT YE . 3.70 65.75 -48.66
C20 XAT YE . -0.01 62.41 -48.35
O3 XAT YE . 11.14 68.06 -52.69
O4 XAT YE . 7.26 67.53 -51.28
C21 XAT YE . -7.10 48.78 -45.32
C22 XAT YE . -8.40 48.00 -45.25
C23 XAT YE . -9.60 48.91 -45.11
C24 XAT YE . -9.71 49.66 -46.42
C25 XAT YE . -8.54 50.64 -46.55
C26 XAT YE . -7.20 50.18 -45.96
C27 XAT YE . -6.01 50.58 -46.80
C28 XAT YE . -5.38 51.71 -46.55
C29 XAT YE . -4.22 52.12 -47.37
C30 XAT YE . -3.74 53.34 -47.11
C31 XAT YE . -2.64 53.93 -47.85
C32 XAT YE . -2.39 55.20 -47.61
C33 XAT YE . -1.37 55.97 -48.36
C34 XAT YE . -1.40 57.31 -48.23
C35 XAT YE . -0.47 58.16 -48.97
C36 XAT YE . -6.14 47.90 -46.11
C37 XAT YE . -6.54 48.95 -43.92
C38 XAT YE . -8.39 51.40 -47.89
C39 XAT YE . -3.61 51.24 -48.42
C40 XAT YE . -0.44 55.26 -49.30
O23 XAT YE . -10.77 48.13 -44.86
O24 XAT YE . -7.99 51.21 -45.36
C1 BCR ZE . 4.57 74.37 -53.71
C2 BCR ZE . 5.40 74.26 -54.98
C3 BCR ZE . 4.79 75.09 -56.11
C4 BCR ZE . 3.43 74.55 -56.50
C5 BCR ZE . 2.73 73.95 -55.30
C6 BCR ZE . 3.11 74.15 -54.03
C7 BCR ZE . 2.16 74.35 -52.93
C8 BCR ZE . 0.91 74.82 -53.12
C9 BCR ZE . 0.12 75.22 -51.94
C10 BCR ZE . -0.75 76.25 -52.03
C11 BCR ZE . -1.40 76.82 -50.84
C33 BCR ZE . 1.60 73.00 -55.60
C31 BCR ZE . 4.79 75.75 -53.07
C32 BCR ZE . 5.10 73.40 -52.68
C34 BCR ZE . 0.43 74.55 -50.65
C12 BCR ZE . -2.05 77.97 -50.86
C13 BCR ZE . -2.56 78.53 -49.59
C14 BCR ZE . -2.97 79.81 -49.61
C15 BCR ZE . -3.47 80.55 -48.44
C16 BCR ZE . -3.87 81.81 -48.57
C17 BCR ZE . -4.37 82.49 -47.37
C18 BCR ZE . -4.84 83.75 -47.34
C19 BCR ZE . -5.29 84.26 -46.02
C20 BCR ZE . -5.77 85.49 -45.92
C21 BCR ZE . -6.26 86.07 -44.66
C22 BCR ZE . -6.90 87.25 -44.62
C23 BCR ZE . -7.54 87.71 -43.37
C24 BCR ZE . -8.79 88.19 -43.47
C25 BCR ZE . -9.68 88.45 -42.31
C26 BCR ZE . -11.02 88.23 -42.46
C27 BCR ZE . -12.04 88.37 -41.36
C28 BCR ZE . -11.46 88.27 -39.98
C29 BCR ZE . -10.22 89.14 -39.86
C30 BCR ZE . -9.18 88.91 -40.94
C35 BCR ZE . -2.53 77.69 -48.33
C36 BCR ZE . -4.88 84.58 -48.59
C37 BCR ZE . -7.05 88.08 -45.88
C38 BCR ZE . -11.63 87.78 -43.75
C39 BCR ZE . -7.74 89.29 -40.58
C40 BCR ZE . -8.92 87.45 -40.52
O1 LHG AF . -10.61 45.85 -66.49
C1 LHG AF . -9.67 44.90 -66.02
C2 LHG AF . -8.86 45.50 -64.90
O2 LHG AF . -9.18 44.79 -63.71
C3 LHG AF . -9.20 46.97 -64.69
O3 LHG AF . -8.10 47.52 -64.01
P LHG AF . -8.17 48.96 -63.30
O4 LHG AF . -9.07 49.90 -64.06
O5 LHG AF . -6.78 49.43 -63.02
O6 LHG AF . -8.61 48.45 -61.86
C4 LHG AF . -7.51 47.70 -61.31
C5 LHG AF . -6.61 48.48 -60.36
C6 LHG AF . -5.22 47.84 -60.37
O7 LHG AF . -6.60 49.84 -60.83
C7 LHG AF . -6.32 50.82 -59.81
O9 LHG AF . -5.46 51.66 -60.02
C8 LHG AF . -7.12 50.79 -58.54
C9 LHG AF . -6.76 51.95 -57.62
C10 LHG AF . -5.81 51.49 -56.53
O8 LHG AF . -4.89 47.41 -59.05
C23 LHG AF . -5.10 46.02 -58.70
O10 LHG AF . -6.08 45.44 -59.17
C24 LHG AF . -4.14 45.30 -57.80
C11 LHG AF . -4.33 51.57 -56.94
C12 LHG AF . -3.69 50.21 -57.18
C13 LHG AF . -3.92 49.25 -56.02
C14 LHG AF . -2.68 48.41 -55.71
C15 LHG AF . -3.00 47.39 -54.63
C16 LHG AF . -1.96 47.42 -53.50
C17 LHG AF . -2.56 46.87 -52.22
C18 LHG AF . -1.45 46.58 -51.20
C25 LHG AF . -4.76 43.99 -57.31
C26 LHG AF . -3.73 43.04 -56.72
C27 LHG AF . -2.91 43.75 -55.65
C28 LHG AF . -2.03 42.76 -54.90
C29 LHG AF . -2.18 42.92 -53.40
C30 LHG AF . -1.84 41.61 -52.68
C31 LHG AF . -2.21 41.72 -51.21
MG CLA BF . 13.26 31.44 3.58
CHA CLA BF . 12.37 28.13 4.20
CHB CLA BF . 10.00 32.29 4.14
CHC CLA BF . 14.25 34.62 4.52
CHD CLA BF . 16.60 30.43 3.89
NA CLA BF . 11.50 30.37 3.90
C1A CLA BF . 11.33 29.02 4.19
C2A CLA BF . 9.84 28.70 4.30
C3A CLA BF . 9.20 29.93 3.63
C4A CLA BF . 10.28 30.96 3.91
CMA CLA BF . 8.98 29.75 2.16
CAA CLA BF . 9.27 28.52 5.70
CBA CLA BF . 7.86 28.03 5.52
CGA CLA BF . 7.31 27.21 6.65
O1A CLA BF . 6.15 27.22 7.08
O2A CLA BF . 8.20 26.36 7.23
NB CLA BF . 12.32 33.10 4.26
C1B CLA BF . 10.98 33.26 4.40
C2B CLA BF . 10.67 34.63 4.87
C3B CLA BF . 11.87 35.29 4.99
C4B CLA BF . 12.92 34.34 4.56
CMB CLA BF . 9.32 35.10 5.12
CAB CLA BF . 12.15 36.65 5.36
CBB CLA BF . 11.54 37.72 4.85
NC CLA BF . 15.09 32.39 3.89
C1C CLA BF . 15.28 33.71 4.15
C2C CLA BF . 16.69 34.06 4.23
C3C CLA BF . 17.35 32.83 4.21
C4C CLA BF . 16.35 31.80 3.99
CMC CLA BF . 17.23 35.40 4.43
CAC CLA BF . 18.81 32.64 4.25
CBC CLA BF . 19.44 32.78 2.88
ND CLA BF . 14.28 29.69 3.48
C1D CLA BF . 15.67 29.44 3.70
C2D CLA BF . 15.90 27.98 3.64
C3D CLA BF . 14.64 27.42 3.77
C4D CLA BF . 13.69 28.54 3.81
CMD CLA BF . 17.21 27.36 3.53
CAD CLA BF . 13.81 26.23 3.74
OBD CLA BF . 14.00 25.13 3.22
CBD CLA BF . 12.51 26.64 4.51
CGD CLA BF . 11.26 25.80 4.43
O1D CLA BF . 10.28 25.94 5.16
O2D CLA BF . 11.20 24.74 3.57
CED CLA BF . 10.43 23.60 3.96
C1 CLA BF . 8.27 26.41 8.66
C2 CLA BF . 9.69 26.69 8.95
C3 CLA BF . 10.62 25.73 8.97
C4 CLA BF . 10.28 24.31 8.70
C5 CLA BF . 12.04 26.08 9.25
C6 CLA BF . 12.67 25.28 10.38
C7 CLA BF . 12.49 25.94 11.73
C8 CLA BF . 13.75 25.87 12.60
C9 CLA BF . 14.82 26.79 12.05
C10 CLA BF . 14.26 24.45 12.76
C11 CLA BF . 14.04 23.93 14.16
C12 CLA BF . 14.00 22.42 14.18
C13 CLA BF . 13.75 21.88 15.58
C14 CLA BF . 13.86 20.37 15.58
C15 CLA BF . 12.40 22.33 16.16
C16 CLA BF . 11.26 22.20 15.18
C17 CLA BF . 9.92 22.44 15.83
C18 CLA BF . 8.79 21.86 15.00
C19 CLA BF . 7.55 21.65 15.84
C20 CLA BF . 8.49 22.77 13.82
MG CLA CF . -2.22 40.04 -2.61
CHA CLA CF . -4.13 42.56 -4.06
CHB CLA CF . -0.27 40.04 -5.43
CHC CLA CF . 0.38 38.62 -0.83
CHD CLA CF . -3.81 40.78 0.46
NA CLA CF . -2.27 41.05 -4.44
C1A CLA CF . -3.12 42.07 -4.85
C2A CLA CF . -2.82 42.52 -6.27
C3A CLA CF . -1.95 41.35 -6.79
C4A CLA CF . -1.42 40.77 -5.48
CMA CLA CF . -2.76 40.36 -7.57
CAA CLA CF . -2.06 43.83 -6.23
CBA CLA CF . -1.75 44.37 -7.62
CGA CLA CF . -0.52 43.75 -8.17
O1A CLA CF . 0.59 43.62 -7.64
O2A CLA CF . -0.68 43.30 -9.46
NB CLA CF . -0.32 39.48 -3.04
C1B CLA CF . 0.26 39.48 -4.26
C2B CLA CF . 1.58 38.81 -4.21
C3B CLA CF . 1.78 38.41 -2.92
C4B CLA CF . 0.56 38.81 -2.15
CMB CLA CF . 2.43 38.68 -5.39
CAB CLA CF . 2.89 37.73 -2.33
CBB CLA CF . 4.14 37.81 -2.77
NC CLA CF . -1.85 39.66 -0.59
C1C CLA CF . -0.76 39.01 -0.09
C2C CLA CF . -0.88 38.85 1.36
C3C CLA CF . -2.03 39.56 1.73
C4C CLA CF . -2.62 40.05 0.50
CMC CLA CF . 0.07 38.15 2.22
CAC CLA CF . -2.62 39.70 3.07
CBC CLA CF . -3.81 38.79 3.25
ND CLA CF . -3.74 41.19 -1.94
C1D CLA CF . -4.34 41.35 -0.67
C2D CLA CF . -5.54 42.20 -0.80
C3D CLA CF . -5.52 42.70 -2.08
C4D CLA CF . -4.34 42.08 -2.74
CMD CLA CF . -6.47 42.46 0.30
CAD CLA CF . -6.18 43.50 -3.10
OBD CLA CF . -7.28 44.04 -3.08
CBD CLA CF . -5.22 43.58 -4.31
CGD CLA CF . -5.94 43.36 -5.62
O1D CLA CF . -6.30 42.29 -6.10
O2D CLA CF . -6.21 44.51 -6.29
CED CLA CF . -6.34 44.44 -7.70
C1 CLA CF . 0.37 42.54 -10.07
C2 CLA CF . 0.06 41.10 -9.87
C3 CLA CF . 0.84 40.24 -9.19
C4 CLA CF . 2.12 40.64 -8.56
C5 CLA CF . 0.42 38.82 -9.05
C6 CLA CF . 1.41 37.82 -9.61
C7 CLA CF . 1.42 37.83 -11.12
C8 CLA CF . 2.19 36.65 -11.69
C9 CLA CF . 3.65 36.73 -11.27
C10 CLA CF . 2.09 36.59 -13.20
C11 CLA CF . 1.71 35.21 -13.72
C12 CLA CF . 2.92 34.31 -13.85
C13 CLA CF . 2.62 33.00 -14.59
C14 CLA CF . 2.10 33.24 -15.99
C15 CLA CF . 1.65 32.11 -13.82
C16 CLA CF . 2.10 30.66 -13.87
C17 CLA CF . 1.10 29.72 -13.23
C18 CLA CF . 0.62 28.60 -14.14
C19 CLA CF . -0.18 29.12 -15.33
C20 CLA CF . 1.75 27.71 -14.60
MG CLA DF . 6.31 27.21 13.37
CHA CLA DF . 8.85 29.45 12.67
CHB CLA DF . 8.08 26.10 16.05
CHC CLA DF . 4.02 24.72 13.81
CHD CLA DF . 4.92 27.88 10.17
NA CLA DF . 8.18 27.69 14.19
C1A CLA DF . 9.08 28.67 13.76
C2A CLA DF . 10.32 28.71 14.65
C3A CLA DF . 10.10 27.53 15.63
C4A CLA DF . 8.68 27.06 15.30
CMA CLA DF . 11.11 26.44 15.40
CAA CLA DF . 10.35 30.04 15.41
CBA CLA DF . 11.48 30.14 16.41
CGA CLA DF . 11.02 29.71 17.77
O1A CLA DF . 9.87 29.68 18.22
O2A CLA DF . 12.02 29.30 18.60
NB CLA DF . 6.16 25.63 14.61
C1B CLA DF . 6.80 25.59 15.81
C2B CLA DF . 5.97 24.93 16.84
C3B CLA DF . 4.81 24.53 16.21
C4B CLA DF . 4.93 24.95 14.78
CMB CLA DF . 6.42 24.73 18.21
CAB CLA DF . 3.67 23.81 16.68
CBB CLA DF . 3.27 23.71 17.94
NC CLA DF . 4.78 26.43 12.18
C1C CLA DF . 3.96 25.41 12.57
C2C CLA DF . 2.96 25.13 11.54
C3C CLA DF . 3.24 26.00 10.48
C4C CLA DF . 4.38 26.82 10.90
CMC CLA DF . 1.93 24.10 11.64
CAC CLA DF . 2.51 26.09 9.21
CBC CLA DF . 3.08 25.23 8.11
ND CLA DF . 6.71 28.38 11.77
C1D CLA DF . 6.01 28.63 10.56
C2D CLA DF . 6.62 29.79 9.88
C3D CLA DF . 7.68 30.18 10.67
C4D CLA DF . 7.73 29.24 11.80
CMD CLA DF . 6.12 30.37 8.64
CAD CLA DF . 8.77 31.12 10.86
OBD CLA DF . 9.04 32.15 10.27
CBD CLA DF . 9.62 30.61 12.07
CGD CLA DF . 11.00 30.24 11.61
O1D CLA DF . 11.38 29.14 11.19
O2D CLA DF . 11.91 31.24 11.66
CED CLA DF . 13.23 30.96 11.20
C1 CLA DF . 12.87 30.31 19.17
C2 CLA DF . 12.06 31.20 20.03
C3 CLA DF . 12.57 31.95 21.02
C4 CLA DF . 14.01 31.97 21.37
C5 CLA DF . 11.68 32.82 21.85
C6 CLA DF . 11.16 32.11 23.09
C7 CLA DF . 9.98 32.85 23.68
C8 CLA DF . 9.30 32.05 24.78
C9 CLA DF . 8.42 30.98 24.15
C10 CLA DF . 8.47 32.95 25.70
C11 CLA DF . 9.18 33.30 26.99
C12 CLA DF . 9.16 34.79 27.32
C13 CLA DF . 8.56 35.08 28.68
C14 CLA DF . 7.07 34.81 28.70
C15 CLA DF . 8.83 36.53 29.06
C16 CLA DF . 8.45 36.85 30.48
C17 CLA DF . 8.62 38.32 30.79
C18 CLA DF . 7.75 38.78 31.95
C19 CLA DF . 6.31 38.99 31.51
C20 CLA DF . 8.29 40.06 32.53
MG CLA EF . -9.63 22.45 -18.52
CHA CLA EF . -9.72 25.91 -18.27
CHB CLA EF . -6.38 22.51 -17.41
CHC CLA EF . -9.28 19.14 -19.37
CHD CLA EF . -12.66 22.57 -20.35
NA CLA EF . -8.30 23.96 -17.92
C1A CLA EF . -8.55 25.34 -17.87
C2A CLA EF . -7.32 26.11 -17.34
C3A CLA EF . -6.32 24.98 -17.01
C4A CLA EF . -7.04 23.71 -17.47
CMA CLA EF . -5.01 25.19 -17.72
CAA CLA EF . -7.67 26.85 -16.06
CBA CLA EF . -7.20 28.29 -16.10
CGA CLA EF . -5.71 28.38 -16.12
O1A CLA EF . -4.89 27.63 -15.56
O2A CLA EF . -5.24 29.43 -16.85
NB CLA EF . -8.13 21.11 -18.43
C1B CLA EF . -6.93 21.28 -17.82
C2B CLA EF . -6.22 19.98 -17.67
C3B CLA EF . -7.04 19.03 -18.21
C4B CLA EF . -8.25 19.73 -18.71
CMB CLA EF . -4.90 19.87 -17.07
CAB CLA EF . -6.83 17.63 -18.38
CBB CLA EF . -5.67 17.07 -18.71
NC CLA EF . -10.78 21.11 -19.63
C1C CLA EF . -10.47 19.77 -19.82
C2C CLA EF . -11.52 19.12 -20.58
C3C CLA EF . -12.44 20.09 -20.92
C4C CLA EF . -11.98 21.34 -20.30
CMC CLA EF . -11.54 17.70 -20.97
CAC CLA EF . -13.69 19.91 -21.68
CBC CLA EF . -13.42 19.84 -23.17
ND CLA EF . -10.94 23.85 -19.17
C1D CLA EF . -12.20 23.75 -19.83
C2D CLA EF . -12.83 25.09 -19.85
C3D CLA EF . -11.94 25.95 -19.25
C4D CLA EF . -10.77 25.13 -18.87
CMD CLA EF . -14.15 25.38 -20.41
CAD CLA EF . -11.67 27.32 -18.84
OBD CLA EF . -12.37 28.32 -18.92
CBD CLA EF . -10.23 27.34 -18.24
CGD CLA EF . -9.34 28.30 -18.99
O1D CLA EF . -9.27 29.52 -18.83
O2D CLA EF . -8.54 27.75 -19.95
CED CLA EF . -8.06 28.63 -20.96
C1 CLA EF . -5.01 29.21 -18.27
C2 CLA EF . -3.68 29.80 -18.55
C3 CLA EF . -2.60 29.14 -19.03
C4 CLA EF . -1.33 29.88 -19.25
C5 CLA EF . -2.56 27.69 -19.36
C6 CLA EF . -2.86 27.40 -20.81
C7 CLA EF . -2.39 26.02 -21.23
C8 CLA EF . -0.90 25.84 -21.54
C9 CLA EF . -0.13 25.34 -20.33
C10 CLA EF . -0.27 27.12 -22.09
C11 CLA EF . 1.13 26.93 -22.64
C12 CLA EF . 1.99 28.12 -22.28
C13 CLA EF . 3.45 27.93 -22.67
C14 CLA EF . 3.59 27.28 -24.03
C15 CLA EF . 4.14 27.14 -21.55
C16 CLA EF . 4.77 28.07 -20.51
C17 CLA EF . 4.33 27.77 -19.08
C18 CLA EF . 3.36 28.73 -18.40
C19 CLA EF . 3.15 30.09 -19.06
C20 CLA EF . 2.01 28.06 -18.20
MG CLA FF . -9.04 13.26 -16.22
CHA CLA FF . -12.04 12.87 -17.87
CHB CLA FF . -8.28 9.99 -16.92
CHC CLA FF . -5.77 13.83 -15.29
CHD CLA FF . -9.69 16.72 -15.95
NA CLA FF . -10.02 11.70 -17.22
C1A CLA FF . -11.27 11.74 -17.83
C2A CLA FF . -11.65 10.38 -18.41
C3A CLA FF . -10.58 9.45 -17.82
C4A CLA FF . -9.53 10.43 -17.30
CMA CLA FF . -11.15 8.63 -16.68
CAA CLA FF . -11.73 10.39 -19.94
CBA CLA FF . -10.56 9.74 -20.64
CGA CLA FF . -10.77 9.78 -22.13
O1A CLA FF . -11.83 9.63 -22.74
O2A CLA FF . -9.64 10.02 -22.86
NB CLA FF . -7.38 12.11 -16.06
C1B CLA FF . -7.26 10.82 -16.45
C2B CLA FF . -5.85 10.36 -16.28
C3B CLA FF . -5.14 11.43 -15.82
C4B CLA FF . -6.10 12.57 -15.68
CMB CLA FF . -5.44 9.00 -16.62
CAB CLA FF . -3.74 11.56 -15.52
CBB CLA FF . -2.98 10.61 -14.98
NC CLA FF . -7.95 14.96 -15.69
C1C CLA FF . -6.64 14.96 -15.30
C2C CLA FF . -6.24 16.31 -14.91
C3C CLA FF . -7.34 17.13 -15.16
C4C CLA FF . -8.41 16.27 -15.62
CMC CLA FF . -4.93 16.72 -14.42
CAC CLA FF . -7.46 18.57 -14.91
CBC CLA FF . -7.95 18.83 -13.51
ND CLA FF . -10.44 14.57 -16.85
C1D CLA FF . -10.66 15.94 -16.54
C2D CLA FF . -12.02 16.33 -16.96
C3D CLA FF . -12.59 15.20 -17.50
C4D CLA FF . -11.57 14.13 -17.38
CMD CLA FF . -12.58 17.68 -16.83
CAD CLA FF . -13.75 14.60 -18.14
OBD CLA FF . -14.79 15.13 -18.50
CBD CLA FF . -13.46 13.08 -18.31
CGD CLA FF . -14.37 12.25 -17.45
O1D CLA FF . -14.18 11.87 -16.29
O2D CLA FF . -15.54 11.88 -18.05
CED CLA FF . -16.34 10.95 -17.32
C1 CLA FF . -8.58 9.03 -22.80
C2 CLA FF . -8.06 8.80 -24.18
C3 CLA FF . -7.40 9.68 -24.94
C4 CLA FF . -6.95 9.27 -26.29
C5 CLA FF . -7.08 11.08 -24.50
C6 CLA FF . -5.66 11.48 -24.84
C7 CLA FF . -5.30 12.78 -24.15
C8 CLA FF . -4.66 13.80 -25.10
C9 CLA FF . -3.59 14.56 -24.36
C10 CLA FF . -5.70 14.77 -25.66
C11 CLA FF . -5.80 14.69 -27.17
C12 CLA FF . -4.76 15.54 -27.86
C13 CLA FF . -5.26 16.96 -28.06
C14 CLA FF . -6.05 17.09 -29.35
C15 CLA FF . -4.10 17.96 -28.05
C16 CLA FF . -3.97 18.57 -26.67
C17 CLA FF . -2.83 19.56 -26.54
C18 CLA FF . -1.44 18.94 -26.76
C19 CLA FF . -0.36 19.99 -26.61
C20 CLA FF . -1.17 17.81 -25.79
MG CLA GF . -7.25 5.07 -8.52
CHA CLA GF . -4.99 3.04 -6.87
CHB CLA GF . -4.65 6.39 -10.34
CHC CLA GF . -9.34 7.51 -9.71
CHD CLA GF . -9.70 4.15 -6.14
NA CLA GF . -5.19 4.73 -8.60
C1A CLA GF . -4.44 3.83 -7.83
C2A CLA GF . -2.98 3.83 -8.23
C3A CLA GF . -2.90 4.91 -9.32
C4A CLA GF . -4.34 5.38 -9.46
CMA CLA GF . -1.98 6.02 -8.89
CAA CLA GF . -2.65 2.50 -8.87
CBA CLA GF . -1.17 2.17 -8.78
CGA CLA GF . -0.50 2.48 -10.08
O1A CLA GF . -0.58 1.87 -11.15
O2A CLA GF . 0.27 3.61 -10.04
NB CLA GF . -7.03 6.65 -9.75
C1B CLA GF . -5.93 6.92 -10.52
C2B CLA GF . -6.27 7.92 -11.58
C3B CLA GF . -7.60 8.24 -11.40
C4B CLA GF . -8.09 7.45 -10.24
CMB CLA GF . -5.30 8.44 -12.54
CAB CLA GF . -8.42 9.17 -12.13
CBB CLA GF . -8.26 9.45 -13.42
NC CLA GF . -9.17 5.70 -8.02
C1C CLA GF . -9.85 6.70 -8.66
C2C CLA GF . -11.18 6.85 -8.08
C3C CLA GF . -11.27 5.92 -7.05
C4C CLA GF . -10.01 5.19 -7.03
CMC CLA GF . -12.19 7.83 -8.49
CAC CLA GF . -12.42 5.68 -6.17
CBC CLA GF . -12.15 6.03 -4.73
ND CLA GF . -7.40 3.88 -6.89
C1D CLA GF . -8.49 3.52 -6.05
C2D CLA GF . -8.06 2.44 -5.14
C3D CLA GF . -6.73 2.23 -5.40
C4D CLA GF . -6.36 3.15 -6.48
CMD CLA GF . -8.92 1.79 -4.14
CAD CLA GF . -5.54 1.46 -5.07
OBD CLA GF . -5.40 0.54 -4.28
CBD CLA GF . -4.38 2.01 -5.95
CGD CLA GF . -3.30 2.64 -5.11
O1D CLA GF . -2.12 2.85 -5.40
O2D CLA GF . -3.72 2.99 -3.86
CED CLA GF . -2.80 3.74 -3.06
C1 CLA GF . 1.54 3.51 -9.34
C2 CLA GF . 2.40 2.60 -10.13
C3 CLA GF . 2.97 1.48 -9.65
C4 CLA GF . 2.80 1.03 -8.25
C5 CLA GF . 3.85 0.59 -10.47
C6 CLA GF . 4.14 1.08 -11.88
C7 CLA GF . 5.26 0.27 -12.52
C8 CLA GF . 5.80 0.97 -13.76
C9 CLA GF . 4.70 1.20 -14.77
C10 CLA GF . 6.95 0.18 -14.38
C11 CLA GF . 6.56 -1.17 -14.93
C12 CLA GF . 7.75 -1.84 -15.60
C13 CLA GF . 8.31 -2.99 -14.77
C14 CLA GF . 9.80 -3.13 -14.95
C15 CLA GF . 7.52 -4.28 -15.05
C16 CLA GF . 8.09 -5.16 -16.14
C17 CLA GF . 7.54 -6.57 -16.04
C18 CLA GF . 6.90 -7.04 -17.33
C19 CLA GF . 6.70 -8.54 -17.29
C20 CLA GF . 5.56 -6.35 -17.53
MG CLA HF . 0.25 9.66 -10.42
CHA CLA HF . -2.27 11.94 -11.09
CHB CLA HF . -1.26 8.92 -7.43
CHC CLA HF . 3.00 7.83 -9.49
CHD CLA HF . 2.13 11.05 -13.09
NA CLA HF . -1.48 10.31 -9.46
C1A CLA HF . -2.41 11.26 -9.91
C2A CLA HF . -3.56 11.45 -8.93
C3A CLA HF . -3.20 10.47 -7.79
C4A CLA HF . -1.90 9.84 -8.24
CMA CLA HF . -3.04 11.25 -6.51
CAA CLA HF . -4.86 11.05 -9.61
CBA CLA HF . -6.03 10.79 -8.68
CGA CLA HF . -6.98 11.95 -8.74
O1A CLA HF . -7.79 12.22 -9.63
O2A CLA HF . -6.89 12.75 -7.64
NB CLA HF . 0.78 8.61 -8.78
C1B CLA HF . -0.03 8.31 -7.73
C2B CLA HF . 0.57 7.23 -6.90
C3B CLA HF . 1.77 6.92 -7.49
C4B CLA HF . 1.92 7.80 -8.67
CMB CLA HF . -0.07 6.71 -5.69
CAB CLA HF . 2.79 5.98 -7.09
CBB CLA HF . 2.54 4.78 -6.56
NC CLA HF . 2.19 9.46 -11.17
C1C CLA HF . 3.15 8.62 -10.66
C2C CLA HF . 4.36 8.69 -11.46
C3C CLA HF . 4.13 9.65 -12.44
C4C CLA HF . 2.76 10.11 -12.26
CMC CLA HF . 5.58 7.93 -11.21
CAC CLA HF . 5.06 10.08 -13.49
CBC CLA HF . 5.89 11.26 -13.03
ND CLA HF . 0.05 11.13 -11.80
C1D CLA HF . 0.86 11.53 -12.89
C2D CLA HF . 0.11 12.52 -13.71
C3D CLA HF . -1.11 12.68 -13.08
C4D CLA HF . -1.08 11.82 -11.88
CMD CLA HF . 0.60 13.14 -14.93
CAD CLA HF . -2.38 13.37 -13.09
OBD CLA HF . -2.82 14.16 -13.91
CBD CLA HF . -3.15 12.94 -11.80
CGD CLA HF . -3.52 14.12 -10.94
O1D CLA HF . -4.65 14.55 -10.71
O2D CLA HF . -2.45 14.75 -10.38
CED CLA HF . -2.66 15.65 -9.29
C1 CLA HF . -6.65 14.14 -7.90
C2 CLA HF . -5.68 14.63 -6.89
C3 CLA HF . -6.03 15.00 -5.65
C4 CLA HF . -7.45 14.97 -5.21
C5 CLA HF . -5.03 15.49 -4.65
C6 CLA HF . -3.67 14.82 -4.70
C7 CLA HF . -2.56 15.80 -5.05
C8 CLA HF . -1.23 15.41 -4.41
C9 CLA HF . -0.31 16.61 -4.33
C10 CLA HF . -0.55 14.30 -5.21
C11 CLA HF . 0.16 13.32 -4.30
C12 CLA HF . 1.46 12.82 -4.89
C13 CLA HF . 1.27 11.67 -5.86
C14 CLA HF . 1.82 10.40 -5.24
C15 CLA HF . 1.96 11.93 -7.19
C16 CLA HF . 1.31 13.02 -8.01
C17 CLA HF . 1.93 13.10 -9.39
C18 CLA HF . 2.10 14.52 -9.87
C19 CLA HF . 0.76 15.25 -9.92
C20 CLA HF . 2.75 14.54 -11.24
MG CLA IF . 12.07 14.20 -23.98
CHA CLA IF . 13.74 16.74 -25.63
CHB CLA IF . 11.29 16.41 -21.48
CHC CLA IF . 9.74 11.97 -22.76
CHD CLA IF . 12.27 12.26 -26.96
NA CLA IF . 12.46 16.22 -23.63
C1A CLA IF . 13.20 17.10 -24.43
C2A CLA IF . 13.28 18.49 -23.80
C3A CLA IF . 12.65 18.29 -22.40
C4A CLA IF . 12.07 16.88 -22.49
CMA CLA IF . 13.67 18.42 -21.31
CAA CLA IF . 12.56 19.56 -24.62
CBA CLA IF . 11.14 19.23 -25.01
CGA CLA IF . 10.90 19.62 -26.43
O1A CLA IF . 11.65 19.50 -27.40
O2A CLA IF . 9.67 20.18 -26.62
NB CLA IF . 10.76 14.20 -22.45
C1B CLA IF . 10.69 15.14 -21.45
C2B CLA IF . 9.89 14.63 -20.31
C3B CLA IF . 9.45 13.38 -20.66
C4B CLA IF . 9.99 13.09 -22.03
CMB CLA IF . 9.62 15.42 -19.12
CAB CLA IF . 8.59 12.49 -19.94
CBB CLA IF . 7.48 11.94 -20.44
NC CLA IF . 11.21 12.42 -24.71
C1C CLA IF . 10.32 11.64 -24.02
C2C CLA IF . 9.98 10.45 -24.79
C3C CLA IF . 10.65 10.56 -26.00
C4C CLA IF . 11.43 11.79 -25.94
CMC CLA IF . 9.07 9.38 -24.36
CAC CLA IF . 10.63 9.61 -27.12
CBC CLA IF . 9.70 10.05 -28.23
ND CLA IF . 12.82 14.38 -25.86
C1D CLA IF . 12.92 13.47 -26.94
C2D CLA IF . 13.81 14.05 -27.98
C3D CLA IF . 14.18 15.29 -27.52
C4D CLA IF . 13.50 15.46 -26.21
CMD CLA IF . 14.20 13.39 -29.23
CAD CLA IF . 14.93 16.51 -27.78
OBD CLA IF . 15.66 16.79 -28.72
CBD CLA IF . 14.65 17.48 -26.59
CGD CLA IF . 15.94 17.87 -25.91
O1D CLA IF . 16.25 17.66 -24.73
O2D CLA IF . 16.82 18.51 -26.71
CED CLA IF . 18.10 18.82 -26.15
C1 CLA IF . 9.59 21.25 -27.59
C2 CLA IF . 8.17 21.66 -27.66
C3 CLA IF . 7.26 21.02 -28.41
C4 CLA IF . 7.60 19.83 -29.25
C5 CLA IF . 5.84 21.47 -28.43
C6 CLA IF . 5.38 21.97 -29.79
C7 CLA IF . 3.88 22.16 -29.82
C8 CLA IF . 3.47 23.51 -29.26
C9 CLA IF . 2.11 23.42 -28.59
C10 CLA IF . 3.49 24.62 -30.31
C11 CLA IF . 2.60 24.37 -31.52
C12 CLA IF . 2.19 25.68 -32.17
C13 CLA IF . 1.46 25.48 -33.48
C14 CLA IF . 0.15 24.74 -33.27
C15 CLA IF . 2.31 24.75 -34.53
MG CLA JF . 14.76 19.06 -15.29
CHA CLA JF . 15.04 15.78 -14.23
CHB CLA JF . 12.32 18.08 -17.48
CHC CLA JF . 13.84 22.34 -15.72
CHD CLA JF . 16.70 20.02 -12.47
NA CLA JF . 13.87 17.23 -15.78
C1A CLA JF . 14.14 15.97 -15.23
C2A CLA JF . 13.28 14.89 -15.87
C3A CLA JF . 12.67 15.62 -17.08
C4A CLA JF . 12.94 17.09 -16.77
CMA CLA JF . 13.33 15.19 -18.36
CAA CLA JF . 12.26 14.47 -14.81
CBA CLA JF . 10.85 14.18 -15.29
CGA CLA JF . 9.92 15.28 -14.88
O1A CLA JF . 9.97 16.48 -15.18
O2A CLA JF . 8.90 14.85 -14.07
NB CLA JF . 13.33 20.01 -16.35
C1B CLA JF . 12.52 19.45 -17.29
C2B CLA JF . 11.88 20.49 -18.12
C3B CLA JF . 12.30 21.71 -17.63
C4B CLA JF . 13.22 21.41 -16.50
CMB CLA JF . 10.96 20.16 -19.21
CAB CLA JF . 11.97 23.05 -18.03
CBB CLA JF . 11.78 23.45 -19.29
NC CLA JF . 15.23 20.85 -14.32
C1C CLA JF . 14.78 22.08 -14.69
C2C CLA JF . 15.36 23.12 -13.85
C3C CLA JF . 16.12 22.45 -12.88
C4C CLA JF . 16.04 21.03 -13.19
CMC CLA JF . 15.14 24.55 -13.97
CAC CLA JF . 16.91 23.06 -11.82
CBC CLA JF . 18.33 23.30 -12.25
ND CLA JF . 15.74 18.18 -13.75
C1D CLA JF . 16.56 18.68 -12.71
C2D CLA JF . 17.19 17.54 -12.00
C3D CLA JF . 16.68 16.39 -12.58
C4D CLA JF . 15.74 16.85 -13.62
CMD CLA JF . 18.16 17.66 -10.91
CAD CLA JF . 16.65 14.94 -12.59
OBD CLA JF . 17.32 14.14 -11.95
CBD CLA JF . 15.55 14.50 -13.60
CGD CLA JF . 16.08 13.58 -14.66
O1D CLA JF . 16.34 13.85 -15.84
O2D CLA JF . 16.28 12.30 -14.27
CED CLA JF . 16.57 11.37 -15.32
C1 CLA JF . 7.68 15.61 -14.01
C2 CLA JF . 7.65 16.30 -12.70
C3 CLA JF . 6.62 17.04 -12.25
C4 CLA JF . 6.70 17.67 -10.91
C5 CLA JF . 5.35 17.26 -13.00
C6 CLA JF . 5.16 18.72 -13.38
C7 CLA JF . 4.84 18.84 -14.85
C8 CLA JF . 5.00 20.23 -15.45
C9 CLA JF . 6.32 20.86 -15.07
C10 CLA JF . 3.84 21.14 -15.07
C11 CLA JF . 3.69 22.29 -16.04
MG CLA KF . 14.17 27.99 -20.48
CHA CLA KF . 14.01 24.67 -21.49
CHB CLA KF . 12.35 28.86 -23.24
CHC CLA KF . 13.59 31.07 -19.10
CHD CLA KF . 15.47 26.88 -17.37
NA CLA KF . 13.32 26.93 -22.07
C1A CLA KF . 13.36 25.55 -22.32
C2A CLA KF . 12.62 25.19 -23.59
C3A CLA KF . 12.35 26.55 -24.24
C4A CLA KF . 12.66 27.53 -23.11
CMA CLA KF . 13.24 26.79 -25.43
CAA CLA KF . 11.30 24.60 -23.16
CBA CLA KF . 11.04 23.20 -23.67
CGA CLA KF . 9.66 22.78 -23.25
O1A CLA KF . 8.66 23.48 -23.18
O2A CLA KF . 9.57 21.44 -22.94
NB CLA KF . 13.08 29.60 -21.02
C1B CLA KF . 12.61 29.83 -22.27
C2B CLA KF . 12.44 31.28 -22.52
C3B CLA KF . 12.78 31.92 -21.35
C4B CLA KF . 13.19 30.86 -20.38
CMB CLA KF . 11.94 31.83 -23.78
CAB CLA KF . 12.76 33.32 -21.03
CBB CLA KF . 11.68 34.04 -20.83
NC CLA KF . 14.49 28.82 -18.59
C1C CLA KF . 14.20 30.11 -18.25
C2C CLA KF . 14.59 30.37 -16.86
C3C CLA KF . 15.09 29.17 -16.36
C4C CLA KF . 15.04 28.21 -17.46
CMC CLA KF . 14.44 31.64 -16.15
CAC CLA KF . 15.63 28.92 -15.01
CBC CLA KF . 14.65 28.19 -14.12
ND CLA KF . 14.68 26.24 -19.59
C1D CLA KF . 15.32 25.95 -18.36
C2D CLA KF . 15.73 24.52 -18.36
C3D CLA KF . 15.26 23.99 -19.54
C4D CLA KF . 14.59 25.10 -20.25
CMD CLA KF . 16.47 23.86 -17.29
CAD CLA KF . 15.16 22.80 -20.39
OBD CLA KF . 15.61 21.69 -20.20
CBD CLA KF . 14.32 23.21 -21.64
CGD CLA KF . 15.09 22.95 -22.91
O1D CLA KF . 15.98 23.64 -23.41
O2D CLA KF . 14.74 21.81 -23.57
CED CLA KF . 15.75 21.12 -24.29
C1 CLA KF . 8.49 21.02 -22.08
C2 CLA KF . 8.15 19.62 -22.44
C3 CLA KF . 7.64 19.27 -23.63
C4 CLA KF . 7.36 20.30 -24.68
C5 CLA KF . 7.33 17.84 -23.90
C6 CLA KF . 6.06 17.53 -24.68
C7 CLA KF . 4.81 17.74 -23.86
C8 CLA KF . 3.59 17.15 -24.57
C9 CLA KF . 3.15 18.07 -25.68
C10 CLA KF . 2.44 16.91 -23.59
C11 CLA KF . 2.26 15.45 -23.23
C12 CLA KF . 1.40 14.69 -24.23
C13 CLA KF . 1.34 13.20 -23.92
C14 CLA KF . 1.73 12.39 -25.14
C15 CLA KF . -0.05 12.79 -23.43
C16 CLA KF . -0.03 11.41 -22.80
C17 CLA KF . -1.32 11.12 -22.05
C18 CLA KF . -1.98 9.82 -22.46
C19 CLA KF . -1.27 8.62 -21.87
C20 CLA KF . -3.43 9.80 -22.03
MG CLA LF . -7.41 -7.48 -20.17
CHA CLA LF . -9.62 -9.80 -21.48
CHB CLA LF . -8.34 -8.45 -17.01
CHC CLA LF . -4.60 -5.95 -18.88
CHD CLA LF . -6.04 -7.11 -23.43
NA CLA LF . -8.78 -8.86 -19.40
C1A CLA LF . -9.60 -9.73 -20.11
C2A CLA LF . -10.49 -10.55 -19.17
C3A CLA LF . -10.29 -9.84 -17.81
C4A CLA LF . -9.05 -9.00 -18.06
CMA CLA LF . -11.49 -9.01 -17.44
CAA CLA LF . -10.14 -12.04 -19.23
CBA CLA LF . -9.02 -12.51 -18.32
CGA CLA LF . -7.91 -13.08 -19.14
O1A CLA LF . -7.41 -12.63 -20.17
O2A CLA LF . -7.41 -14.24 -18.64
NB CLA LF . -6.63 -7.25 -18.33
C1B CLA LF . -7.19 -7.65 -17.15
C2B CLA LF . -6.41 -7.15 -16.00
C3B CLA LF . -5.35 -6.44 -16.52
C4B CLA LF . -5.49 -6.50 -18.00
CMB CLA LF . -6.76 -7.42 -14.62
CAB CLA LF . -4.27 -5.77 -15.86
CBB CLA LF . -4.39 -4.99 -14.79
NC CLA LF . -5.68 -6.63 -21.01
C1C CLA LF . -4.69 -6.01 -20.29
C2C CLA LF . -3.67 -5.48 -21.20
C3C CLA LF . -4.04 -5.87 -22.48
C4C CLA LF . -5.32 -6.58 -22.36
CMC CLA LF . -2.47 -4.76 -20.78
CAC CLA LF . -3.34 -5.60 -23.74
CBC CLA LF . -3.92 -4.44 -24.51
ND CLA LF . -7.74 -8.18 -22.04
C1D CLA LF . -7.18 -7.88 -23.30
C2D CLA LF . -7.99 -8.50 -24.37
C3D CLA LF . -8.96 -9.25 -23.72
C4D CLA LF . -8.73 -9.04 -22.28
CMD CLA LF . -7.76 -8.33 -25.80
CAD CLA LF . -10.11 -10.11 -23.86
OBD CLA LF . -10.71 -10.48 -24.86
CBD CLA LF . -10.52 -10.56 -22.41
CGD CLA LF . -11.96 -10.27 -22.12
O1D CLA LF . -12.47 -9.19 -21.80
O2D CLA LF . -12.79 -11.35 -22.21
CED CLA LF . -13.53 -11.70 -21.04
C1 CLA LF . -6.06 -14.57 -19.03
C2 CLA LF . -6.15 -15.34 -20.29
C3 CLA LF . -5.08 -15.70 -21.03
C4 CLA LF . -5.26 -16.47 -22.29
C5 CLA LF . -3.68 -15.35 -20.67
C6 CLA LF . -3.03 -14.41 -21.66
C7 CLA LF . -1.63 -14.87 -22.03
C8 CLA LF . -0.89 -13.84 -22.88
C9 CLA LF . -1.42 -13.84 -24.30
C10 CLA LF . 0.60 -14.13 -22.87
MG CLA MF . -13.15 6.89 -23.41
CHA CLA MF . -15.45 8.29 -21.21
CHB CLA MF . -14.62 8.69 -25.95
CHC CLA MF . -10.33 6.50 -25.34
CHD CLA MF . -11.33 5.72 -20.60
NA CLA MF . -14.79 8.19 -23.54
C1A CLA MF . -15.60 8.66 -22.51
C2A CLA MF . -16.68 9.59 -23.04
C3A CLA MF . -16.62 9.35 -24.56
C4A CLA MF . -15.24 8.72 -24.72
CMA CLA MF . -17.72 8.44 -25.04
CAA CLA MF . -16.37 11.03 -22.67
CBA CLA MF . -14.90 11.33 -22.53
CGA CLA MF . -14.68 12.81 -22.57
O1A CLA MF . -15.29 13.66 -23.21
O2A CLA MF . -13.63 13.20 -21.79
NB CLA MF . -12.58 7.52 -25.25
C1B CLA MF . -13.36 8.13 -26.17
C2B CLA MF . -12.69 8.15 -27.50
C3B CLA MF . -11.47 7.54 -27.33
C4B CLA MF . -11.39 7.12 -25.91
CMB CLA MF . -13.27 8.76 -28.68
CAB CLA MF . -10.42 7.29 -28.27
CBB CLA MF . -9.82 8.24 -29.00
NC CLA MF . -11.23 6.17 -23.05
C1C CLA MF . -10.26 6.05 -24.00
C2C CLA MF . -9.06 5.46 -23.41
C3C CLA MF . -9.31 5.31 -22.06
C4C CLA MF . -10.69 5.73 -21.84
CMC CLA MF . -7.82 5.19 -24.13
CAC CLA MF . -8.41 4.75 -21.03
CBC CLA MF . -7.76 5.84 -20.20
ND CLA MF . -13.36 6.83 -21.40
C1D CLA MF . -12.58 6.23 -20.36
C2D CLA MF . -13.31 6.34 -19.09
C3D CLA MF . -14.41 7.12 -19.35
C4D CLA MF . -14.38 7.43 -20.78
CMD CLA MF . -12.86 5.75 -17.83
CAD CLA MF . -15.62 7.73 -18.81
OBD CLA MF . -16.09 7.65 -17.69
CBD CLA MF . -16.26 8.57 -19.96
CGD CLA MF . -17.72 8.26 -20.12
O1D CLA MF . -18.24 7.39 -20.82
O2D CLA MF . -18.54 9.07 -19.39
CED CLA MF . -19.55 8.45 -18.59
C1 CLA MF . -12.53 13.84 -22.47
C2 CLA MF . -11.42 13.95 -21.48
C3 CLA MF . -10.18 14.33 -21.82
C4 CLA MF . -9.82 14.68 -23.21
C5 CLA MF . -9.10 14.42 -20.80
C6 CLA MF . -7.93 13.53 -21.13
C7 CLA MF . -7.07 13.25 -19.92
C8 CLA MF . -5.98 12.23 -20.20
C9 CLA MF . -6.53 10.83 -20.15
C10 CLA MF . -4.85 12.34 -19.18
C11 CLA MF . -3.78 13.31 -19.60
C12 CLA MF . -2.84 13.59 -18.45
C13 CLA MF . -1.76 14.59 -18.84
C14 CLA MF . -0.61 13.89 -19.52
C15 CLA MF . -1.25 15.37 -17.64
C16 CLA MF . -1.92 16.73 -17.51
C17 CLA MF . -1.06 17.74 -16.78
C18 CLA MF . 0.07 18.31 -17.63
C19 CLA MF . 1.09 19.01 -16.76
C20 CLA MF . -0.46 19.28 -18.66
MG CLA NF . -5.60 -16.40 -13.03
CHA CLA NF . -8.80 -15.15 -13.38
CHB CLA NF . -6.89 -19.18 -11.51
CHC CLA NF . -2.57 -18.00 -13.37
CHD CLA NF . -4.44 -13.83 -15.18
NA CLA NF . -7.53 -17.03 -12.53
C1A CLA NF . -8.74 -16.37 -12.76
C2A CLA NF . -9.93 -17.15 -12.21
C3A CLA NF . -9.25 -18.29 -11.42
C4A CLA NF . -7.78 -18.19 -11.85
CMA CLA NF . -9.42 -18.11 -9.94
CAA CLA NF . -10.88 -17.70 -13.27
CBA CLA NF . -10.40 -17.69 -14.72
CGA CLA NF . -9.16 -18.51 -14.90
O1A CLA NF . -8.76 -19.45 -14.22
O2A CLA NF . -8.42 -18.10 -15.98
NB CLA NF . -4.88 -18.23 -12.54
C1B CLA NF . -5.54 -19.19 -11.84
C2B CLA NF . -4.60 -20.28 -11.46
C3B CLA NF . -3.37 -19.95 -11.98
C4B CLA NF . -3.53 -18.64 -12.68
CMB CLA NF . -5.06 -21.45 -10.71
CAB CLA NF . -2.11 -20.65 -11.97
CBB CLA NF . -1.66 -21.47 -11.01
NC CLA NF . -3.83 -15.97 -14.07
C1C CLA NF . -2.71 -16.74 -14.04
C2C CLA NF . -1.65 -16.13 -14.83
C3C CLA NF . -2.18 -14.97 -15.38
C4C CLA NF . -3.55 -14.87 -14.89
CMC CLA NF . -0.30 -16.68 -15.03
CAC CLA NF . -1.52 -14.01 -16.28
CBC CLA NF . -0.66 -13.00 -15.55
ND CLA NF . -6.37 -14.84 -14.07
C1D CLA NF . -5.76 -13.79 -14.81
C2D CLA NF . -6.77 -12.75 -15.09
C3D CLA NF . -7.96 -13.21 -14.56
C4D CLA NF . -7.66 -14.53 -13.96
CMD CLA NF . -6.48 -11.49 -15.77
CAD CLA NF . -9.37 -12.95 -14.34
OBD CLA NF . -10.04 -11.97 -14.63
CBD CLA NF . -9.96 -14.20 -13.60
CGD CLA NF . -10.62 -13.83 -12.31
O1D CLA NF . -10.24 -14.10 -11.16
O2D CLA NF . -11.76 -13.11 -12.45
CED CLA NF . -12.69 -13.12 -11.37
C1 CLA NF . -7.00 -17.98 -15.82
C2 CLA NF . -6.41 -18.11 -17.18
C3 CLA NF . -5.16 -18.52 -17.46
C4 CLA NF . -4.72 -18.60 -18.87
C5 CLA NF . -4.14 -18.89 -16.44
C6 CLA NF . -3.76 -20.36 -16.53
C7 CLA NF . -2.41 -20.61 -15.89
C8 CLA NF . -2.02 -22.08 -15.98
C9 CLA NF . -2.78 -22.91 -14.97
C10 CLA NF . -0.52 -22.24 -15.77
MG CLA OF . -4.48 -7.19 -11.19
CHA CLA OF . -4.47 -3.72 -11.23
CHB CLA OF . -1.20 -7.18 -12.15
CHC CLA OF . -4.65 -10.59 -11.73
CHD CLA OF . -8.01 -7.11 -10.86
NA CLA OF . -3.08 -5.68 -11.59
C1A CLA OF . -3.26 -4.30 -11.52
C2A CLA OF . -1.97 -3.55 -11.87
C3A CLA OF . -0.94 -4.69 -12.06
C4A CLA OF . -1.78 -5.95 -11.92
CMA CLA OF . -0.32 -4.60 -13.41
CAA CLA OF . -1.52 -2.66 -10.72
CBA CLA OF . -0.36 -1.77 -11.11
CGA CLA OF . 0.94 -2.37 -10.66
O1A CLA OF . 1.54 -2.20 -9.60
O2A CLA OF . 1.46 -3.21 -11.62
NB CLA OF . -3.18 -8.60 -11.80
C1B CLA OF . -1.86 -8.41 -12.08
C2B CLA OF . -1.20 -9.72 -12.35
C3B CLA OF . -2.17 -10.68 -12.24
C4B CLA OF . -3.43 -9.99 -11.89
CMB CLA OF . 0.22 -9.82 -12.70
CAB CLA OF . -2.09 -12.10 -12.42
CBB CLA OF . -1.00 -12.85 -12.19
NC CLA OF . -6.04 -8.59 -11.25
C1C CLA OF . -5.87 -9.93 -11.42
C2C CLA OF . -7.16 -10.61 -11.32
C3C CLA OF . -8.13 -9.63 -11.14
C4C CLA OF . -7.41 -8.36 -11.07
CMC CLA OF . -7.37 -12.05 -11.45
CAC CLA OF . -9.58 -9.82 -10.99
CBC CLA OF . -9.97 -10.29 -9.61
ND CLA OF . -5.95 -5.80 -11.08
C1D CLA OF . -7.35 -5.91 -10.86
C2D CLA OF . -7.91 -4.55 -10.67
C3D CLA OF . -6.85 -3.68 -10.80
C4D CLA OF . -5.66 -4.50 -11.07
CMD CLA OF . -9.32 -4.25 -10.43
CAD CLA OF . -6.43 -2.29 -10.82
OBD CLA OF . -7.09 -1.27 -10.68
CBD CLA OF . -4.88 -2.28 -11.08
CGD CLA OF . -4.49 -1.46 -12.27
O1D CLA OF . -3.62 -0.58 -12.33
O2D CLA OF . -5.20 -1.72 -13.40
CED CLA OF . -4.62 -1.35 -14.65
C1 CLA OF . 2.89 -3.21 -11.79
C2 CLA OF . 3.17 -3.92 -13.07
C3 CLA OF . 2.99 -3.37 -14.29
C4 CLA OF . 2.51 -1.97 -14.46
C5 CLA OF . 3.31 -4.18 -15.50
C6 CLA OF . 2.43 -4.01 -16.72
C7 CLA OF . 1.29 -5.00 -16.73
C8 CLA OF . 1.71 -6.35 -17.29
C9 CLA OF . 1.45 -6.43 -18.78
C10 CLA OF . 1.01 -7.49 -16.55
C11 CLA OF . -0.48 -7.56 -16.80
C12 CLA OF . -1.05 -8.85 -16.22
C13 CLA OF . -2.49 -9.08 -16.67
C14 CLA OF . -3.39 -9.27 -15.47
C15 CLA OF . -2.59 -10.27 -17.61
C16 CLA OF . -3.85 -10.26 -18.45
C17 CLA OF . -3.71 -9.36 -19.65
C18 CLA OF . -3.53 -10.17 -20.94
C19 CLA OF . -4.88 -10.58 -21.50
C20 CLA OF . -2.77 -9.38 -21.98
MG CLA PF . 16.32 -8.64 -17.70
CHA CLA PF . 18.03 -6.97 -20.23
CHB CLA PF . 14.79 -5.68 -16.88
CHC CLA PF . 13.89 -10.37 -15.98
CHD CLA PF . 17.46 -11.69 -19.08
NA CLA PF . 16.43 -6.67 -18.42
C1A CLA PF . 17.19 -6.17 -19.49
C2A CLA PF . 16.97 -4.67 -19.65
C3A CLA PF . 16.32 -4.30 -18.32
C4A CLA PF . 15.77 -5.63 -17.84
CMA CLA PF . 17.33 -3.73 -17.34
CAA CLA PF . 15.93 -4.40 -20.73
CBA CLA PF . 16.53 -3.98 -22.05
CGA CLA PF . 15.59 -4.26 -23.19
O1A CLA PF . 15.89 -4.55 -24.35
O2A CLA PF . 14.26 -4.15 -22.88
NB CLA PF . 14.64 -8.12 -16.70
C1B CLA PF . 14.26 -6.87 -16.37
C2B CLA PF . 13.20 -6.89 -15.32
C3B CLA PF . 12.95 -8.22 -15.06
C4B CLA PF . 13.86 -9.02 -15.93
CMB CLA PF . 12.60 -5.68 -14.76
CAB CLA PF . 12.01 -8.81 -14.15
CBB CLA PF . 10.77 -8.41 -13.96
NC CLA PF . 15.82 -10.66 -17.52
C1C CLA PF . 14.82 -11.16 -16.72
C2C CLA PF . 14.78 -12.62 -16.79
C3C CLA PF . 15.76 -12.98 -17.72
C4C CLA PF . 16.42 -11.75 -18.15
CMC CLA PF . 13.86 -13.49 -16.06
CAC CLA PF . 16.11 -14.34 -18.13
CBC CLA PF . 17.08 -15.01 -17.19
ND CLA PF . 17.53 -9.25 -19.20
C1D CLA PF . 17.99 -10.53 -19.60
C2D CLA PF . 19.06 -10.37 -20.60
C3D CLA PF . 19.13 -9.02 -20.88
C4D CLA PF . 18.12 -8.37 -20.01
CMD CLA PF . 19.83 -11.47 -21.19
CAD CLA PF . 19.78 -7.97 -21.63
OBD CLA PF . 20.73 -8.03 -22.40
CBD CLA PF . 19.05 -6.63 -21.29
CGD CLA PF . 20.00 -5.57 -20.84
O1D CLA PF . 19.98 -4.37 -21.11
O2D CLA PF . 20.99 -6.02 -20.03
CED CLA PF . 21.49 -5.13 -19.04
C1 CLA PF . 13.35 -4.08 -23.99
C2 CLA PF . 13.12 -5.47 -24.46
C3 CLA PF . 11.98 -6.17 -24.29
C4 CLA PF . 11.86 -7.56 -24.78
C5 CLA PF . 10.78 -5.60 -23.60
C6 CLA PF . 9.95 -4.68 -24.48
C7 CLA PF . 8.70 -5.34 -25.02
C8 CLA PF . 8.88 -5.88 -26.43
C9 CLA PF . 8.58 -4.79 -27.45
C10 CLA PF . 8.03 -7.11 -26.69
C11 CLA PF . 6.56 -6.89 -26.47
C12 CLA PF . 5.74 -8.14 -26.72
C13 CLA PF . 5.31 -8.81 -25.42
C14 CLA PF . 4.95 -10.27 -25.67
C15 CLA PF . 4.14 -8.08 -24.77
C16 CLA PF . 3.94 -8.52 -23.34
C17 CLA PF . 2.90 -7.66 -22.64
C18 CLA PF . 1.87 -8.45 -21.85
C19 CLA PF . 0.95 -9.26 -22.73
C20 CLA PF . 2.52 -9.35 -20.81
MG CLA QF . 18.25 -19.35 -14.13
CHA CLA QF . 20.05 -21.69 -15.91
CHB CLA QF . 16.21 -18.89 -16.86
CHC CLA QF . 16.00 -17.64 -12.16
CHD CLA QF . 19.96 -20.37 -11.19
NA CLA QF . 18.17 -20.15 -16.06
C1A CLA QF . 19.02 -21.12 -16.61
C2A CLA QF . 18.66 -21.41 -18.06
C3A CLA QF . 17.61 -20.31 -18.38
C4A CLA QF . 17.28 -19.74 -17.01
CMA CLA QF . 18.18 -19.26 -19.30
CAA CLA QF . 18.16 -22.84 -18.29
CBA CLA QF . 17.07 -23.32 -17.35
CGA CLA QF . 15.69 -23.00 -17.82
O1A CLA QF . 14.62 -23.33 -17.30
O2A CLA QF . 15.63 -22.27 -18.96
NB CLA QF . 16.49 -18.43 -14.45
C1B CLA QF . 15.82 -18.32 -15.63
C2B CLA QF . 14.60 -17.50 -15.47
C3B CLA QF . 14.53 -17.15 -14.14
C4B CLA QF . 15.73 -17.73 -13.48
CMB CLA QF . 13.65 -17.23 -16.55
CAB CLA QF . 13.56 -16.40 -13.41
CBB CLA QF . 12.24 -16.49 -13.59
NC CLA QF . 18.06 -19.02 -12.06
C1C CLA QF . 17.10 -18.24 -11.49
C2C CLA QF . 17.30 -18.16 -10.05
C3C CLA QF . 18.37 -19.00 -9.76
C4C CLA QF . 18.86 -19.52 -11.04
CMC CLA QF . 16.47 -17.40 -9.10
CAC CLA QF . 18.96 -19.27 -8.45
CBC CLA QF . 18.42 -20.55 -7.84
ND CLA QF . 19.65 -20.71 -13.59
C1D CLA QF . 20.35 -20.94 -12.38
C2D CLA QF . 21.49 -21.85 -12.64
C3D CLA QF . 21.42 -22.17 -13.98
C4D CLA QF . 20.26 -21.44 -14.52
CMD CLA QF . 22.43 -22.30 -11.62
CAD CLA QF . 22.00 -22.92 -15.08
OBD CLA QF . 22.99 -23.66 -15.08
CBD CLA QF . 21.14 -22.64 -16.34
CGD CLA QF . 21.97 -22.05 -17.45
O1D CLA QF . 22.51 -20.93 -17.49
O2D CLA QF . 22.13 -22.86 -18.53
CED CLA QF . 22.52 -22.25 -19.77
MG CLA RF . 19.22 -9.93 -25.60
CHA CLA RF . 20.39 -7.77 -28.04
CHB CLA RF . 17.28 -7.37 -24.36
CHC CLA RF . 17.35 -12.20 -23.81
CHD CLA RF . 20.59 -12.62 -27.46
NA CLA RF . 18.94 -7.92 -26.09
C1A CLA RF . 19.53 -7.20 -27.15
C2A CLA RF . 19.04 -5.75 -27.15
C3A CLA RF . 18.45 -5.60 -25.74
C4A CLA RF . 18.17 -7.06 -25.37
CMA CLA RF . 19.42 -4.92 -24.80
CAA CLA RF . 17.86 -5.69 -28.09
CBA CLA RF . 18.12 -5.01 -29.43
CGA CLA RF . 17.01 -5.41 -30.35
O1A CLA RF . 17.00 -5.39 -31.59
O2A CLA RF . 15.89 -5.85 -29.68
NB CLA RF . 17.63 -9.81 -24.34
C1B CLA RF . 17.00 -8.68 -23.93
C2B CLA RF . 15.95 -9.01 -22.93
C3B CLA RF . 15.97 -10.37 -22.76
C4B CLA RF . 17.04 -10.89 -23.65
CMB CLA RF . 15.12 -7.97 -22.33
CAB CLA RF . 15.17 -11.23 -21.94
CBB CLA RF . 14.69 -10.91 -20.74
NC CLA RF . 19.08 -12.02 -25.57
C1C CLA RF . 18.32 -12.74 -24.71
C2C CLA RF . 18.54 -14.17 -24.88
C3C CLA RF . 19.36 -14.30 -26.00
C4C CLA RF . 19.71 -12.94 -26.42
CMC CLA RF . 17.93 -15.24 -24.08
CAC CLA RF . 19.88 -15.55 -26.57
CBC CLA RF . 18.86 -16.28 -27.42
ND CLA RF . 20.30 -10.20 -27.28
C1D CLA RF . 20.88 -11.36 -27.88
C2D CLA RF . 21.79 -10.93 -28.97
C3D CLA RF . 21.69 -9.55 -29.04
C4D CLA RF . 20.70 -9.16 -28.00
CMD CLA RF . 22.63 -11.82 -29.76
CAD CLA RF . 22.13 -8.34 -29.69
OBD CLA RF . 23.03 -8.17 -30.50
CBD CLA RF . 21.24 -7.17 -29.15
CGD CLA RF . 22.07 -6.02 -28.67
O1D CLA RF . 22.39 -5.00 -29.29
O2D CLA RF . 22.54 -6.16 -27.39
CED CLA RF . 23.38 -5.12 -26.89
C1 CLA RF . 15.24 -7.03 -30.18
C2 CLA RF . 16.22 -8.15 -30.17
C3 CLA RF . 16.37 -9.06 -29.18
C4 CLA RF . 17.41 -10.12 -29.33
C5 CLA RF . 15.58 -9.11 -27.92
C6 CLA RF . 14.63 -10.30 -27.89
C7 CLA RF . 14.42 -10.82 -26.47
C8 CLA RF . 13.69 -12.17 -26.43
C9 CLA RF . 12.32 -12.08 -27.08
C10 CLA RF . 13.53 -12.65 -24.99
C11 CLA RF . 13.99 -14.08 -24.79
C12 CLA RF . 12.91 -15.09 -25.15
C13 CLA RF . 13.18 -16.46 -24.54
C14 CLA RF . 14.49 -17.03 -25.02
C15 CLA RF . 12.04 -17.44 -24.83
C16 CLA RF . 11.24 -17.75 -23.59
C17 CLA RF . 10.15 -18.77 -23.88
C18 CLA RF . 9.31 -19.12 -22.65
C19 CLA RF . 10.13 -19.81 -21.58
C20 CLA RF . 8.62 -17.91 -22.07
MG CLA SF . 18.03 -19.28 1.26
CHA CLA SF . 20.83 -19.78 3.22
CHB CLA SF . 19.52 -21.14 -1.23
CHC CLA SF . 15.00 -19.60 -0.34
CHD CLA SF . 16.32 -18.10 4.14
NA CLA SF . 19.87 -20.27 1.04
C1A CLA SF . 20.90 -20.35 1.99
C2A CLA SF . 22.07 -21.15 1.46
C3A CLA SF . 21.73 -21.34 -0.03
C4A CLA SF . 20.27 -20.91 -0.10
CMA CLA SF . 22.62 -20.50 -0.92
CAA CLA SF . 22.21 -22.46 2.22
CBA CLA SF . 20.97 -23.33 2.21
CGA CLA SF . 20.08 -23.02 3.38
O1A CLA SF . 20.36 -23.02 4.58
O2A CLA SF . 18.80 -22.70 3.01
NB CLA SF . 17.39 -20.18 -0.44
C1B CLA SF . 18.18 -20.80 -1.36
C2B CLA SF . 17.39 -21.08 -2.60
C3B CLA SF . 16.10 -20.64 -2.35
C4B CLA SF . 16.09 -20.08 -0.98
CMB CLA SF . 17.94 -21.75 -3.77
CAB CLA SF . 14.93 -20.72 -3.17
CBB CLA SF . 14.58 -21.78 -3.89
NC CLA SF . 16.04 -18.87 1.78
C1C CLA SF . 14.97 -19.04 0.96
C2C CLA SF . 13.74 -18.61 1.62
C3C CLA SF . 14.11 -18.24 2.92
C4C CLA SF . 15.56 -18.40 3.00
CMC CLA SF . 12.39 -18.64 1.05
CAC CLA SF . 13.20 -17.76 3.97
CBC CLA SF . 12.94 -16.28 3.89
ND CLA SF . 18.41 -18.97 3.22
C1D CLA SF . 17.66 -18.37 4.27
C2D CLA SF . 18.56 -18.10 5.42
C3D CLA SF . 19.80 -18.61 5.06
C4D CLA SF . 19.63 -19.17 3.71
CMD CLA SF . 18.16 -17.44 6.65
CAD CLA SF . 21.17 -18.83 5.47
OBD CLA SF . 21.76 -18.51 6.48
CBD CLA SF . 21.86 -19.63 4.31
CGD CLA SF . 23.09 -18.91 3.84
O1D CLA SF . 23.34 -18.53 2.69
O2D CLA SF . 24.00 -18.68 4.81
CED CLA SF . 25.23 -18.06 4.44
C1 CLA SF . 17.84 -22.55 4.07
C2 CLA SF . 16.55 -22.13 3.46
C3 CLA SF . 15.36 -22.35 4.04
C4 CLA SF . 15.24 -23.05 5.34
C5 CLA SF . 14.10 -21.91 3.40
C6 CLA SF . 13.58 -22.87 2.36
C7 CLA SF . 12.12 -22.64 2.03
C8 CLA SF . 11.16 -23.02 3.15
C9 CLA SF . 11.45 -24.40 3.71
C10 CLA SF . 9.70 -22.97 2.67
C11 CLA SF . 9.29 -21.59 2.18
C12 CLA SF . 9.52 -20.51 3.20
C13 CLA SF . 8.79 -19.21 2.85
C14 CLA SF . 9.45 -18.04 3.54
C15 CLA SF . 7.30 -19.26 3.18
C16 CLA SF . 7.02 -19.20 4.67
C17 CLA SF . 5.86 -20.10 5.05
C18 CLA SF . 6.29 -21.56 5.13
C19 CLA SF . 6.41 -22.00 6.58
C20 CLA SF . 5.32 -22.45 4.40
MG CLA TF . 15.91 -8.88 2.65
CHA CLA TF . 16.86 -5.57 2.97
CHB CLA TF . 19.19 -9.72 2.10
CHC CLA TF . 15.10 -12.20 3.02
CHD CLA TF . 12.75 -8.01 4.02
NA CLA TF . 17.69 -7.81 2.52
C1A CLA TF . 17.87 -6.43 2.65
C2A CLA TF . 19.33 -6.03 2.46
C3A CLA TF . 19.98 -7.34 1.95
C4A CLA TF . 18.90 -8.38 2.20
CMA CLA TF . 20.33 -7.25 0.48
CAA CLA TF . 19.87 -5.52 3.78
CBA CLA TF . 21.26 -6.02 4.15
CGA CLA TF . 21.23 -7.35 4.85
O1A CLA TF . 22.14 -8.17 4.95
O2A CLA TF . 20.03 -7.65 5.45
NB CLA TF . 16.95 -10.60 2.62
C1B CLA TF . 18.26 -10.75 2.30
C2B CLA TF . 18.61 -12.17 2.13
C3B CLA TF . 17.47 -12.89 2.39
C4B CLA TF . 16.39 -11.90 2.69
CMB CLA TF . 19.96 -12.61 1.76
CAB CLA TF . 17.25 -14.30 2.38
CBB CLA TF . 18.09 -15.21 2.85
NC CLA TF . 14.21 -9.91 3.33
C1C CLA TF . 14.07 -11.27 3.30
C2C CLA TF . 12.73 -11.63 3.70
C3C CLA TF . 12.10 -10.46 4.11
C4C CLA TF . 13.03 -9.38 3.85
CMC CLA TF . 12.19 -12.99 3.76
CAC CLA TF . 10.72 -10.30 4.58
CBC CLA TF . 9.76 -9.98 3.47
ND CLA TF . 14.94 -7.22 3.27
C1D CLA TF . 13.62 -6.99 3.76
C2D CLA TF . 13.42 -5.53 3.93
C3D CLA TF . 14.62 -4.93 3.59
C4D CLA TF . 15.55 -6.03 3.24
CMD CLA TF . 12.17 -4.91 4.35
CAD CLA TF . 15.36 -3.69 3.47
OBD CLA TF . 14.98 -2.53 3.61
CBD CLA TF . 16.83 -4.07 3.11
CGD CLA TF . 17.28 -3.38 1.86
O1D CLA TF . 17.88 -3.87 0.90
O2D CLA TF . 16.95 -2.07 1.79
CED CLA TF . 17.38 -1.33 0.66
C1 CLA TF . 19.72 -9.04 5.63
C2 CLA TF . 18.24 -9.14 5.70
C3 CLA TF . 17.53 -9.23 6.83
C4 CLA TF . 18.14 -9.25 8.17
C5 CLA TF . 16.04 -9.31 6.77
C6 CLA TF . 15.52 -10.71 6.50
C7 CLA TF . 15.51 -11.54 7.77
C8 CLA TF . 15.11 -13.00 7.56
C9 CLA TF . 16.07 -13.67 6.61
C10 CLA TF . 13.68 -13.16 7.05
C11 CLA TF . 12.64 -12.77 8.08
C12 CLA TF . 11.79 -13.94 8.55
C13 CLA TF . 10.87 -14.54 7.49
C14 CLA TF . 9.85 -13.55 6.97
C15 CLA TF . 10.14 -15.76 8.02
C16 CLA TF . 10.27 -16.95 7.08
C17 CLA TF . 9.22 -17.99 7.39
MG CLA UF . 13.04 -5.46 -4.87
CHA CLA UF . 15.42 -3.52 -6.47
CHB CLA UF . 14.35 -4.44 -1.85
CHC CLA UF . 10.27 -6.68 -3.26
CHD CLA UF . 11.35 -5.83 -7.97
NA CLA UF . 14.63 -4.22 -4.28
C1A CLA UF . 15.51 -3.51 -5.11
C2A CLA UF . 16.53 -2.74 -4.29
C3A CLA UF . 16.36 -3.33 -2.88
C4A CLA UF . 15.01 -4.03 -2.98
CMA CLA UF . 17.47 -4.29 -2.55
CAA CLA UF . 16.17 -1.26 -4.37
CBA CLA UF . 15.84 -0.58 -3.05
CGA CLA UF . 14.46 -0.91 -2.57
O1A CLA UF . 13.42 -1.01 -3.22
O2A CLA UF . 14.42 -1.15 -1.22
NB CLA UF . 12.43 -5.53 -2.95
C1B CLA UF . 13.12 -5.10 -1.85
C2B CLA UF . 12.40 -5.48 -0.61
C3B CLA UF . 11.25 -6.12 -1.00
C4B CLA UF . 11.26 -6.16 -2.49
CMB CLA UF . 12.91 -5.12 0.71
CAB CLA UF . 10.17 -6.69 -0.24
CBB CLA UF . 10.26 -7.22 0.97
NC CLA UF . 11.17 -6.16 -5.52
C1C CLA UF . 10.22 -6.67 -4.69
C2C CLA UF . 9.09 -7.17 -5.45
C3C CLA UF . 9.35 -6.85 -6.79
C4C CLA UF . 10.68 -6.25 -6.82
CMC CLA UF . 7.88 -7.78 -4.89
CAC CLA UF . 8.50 -7.19 -7.95
CBC CLA UF . 7.35 -6.23 -8.14
ND CLA UF . 13.27 -4.85 -6.79
C1D CLA UF . 12.56 -5.16 -7.99
C2D CLA UF . 13.32 -4.65 -9.14
C3D CLA UF . 14.46 -4.05 -8.62
C4D CLA UF . 14.35 -4.18 -7.16
CMD CLA UF . 12.91 -4.78 -10.54
CAD CLA UF . 15.68 -3.32 -8.89
OBD CLA UF . 16.16 -2.98 -9.97
CBD CLA UF . 16.33 -2.97 -7.53
CGD CLA UF . 17.68 -3.61 -7.40
O1D CLA UF . 17.92 -4.80 -7.18
O2D CLA UF . 18.74 -2.77 -7.54
CED CLA UF . 19.96 -3.18 -6.91
C1 CLA UF . 13.29 -0.63 -0.49
C2 CLA UF . 12.18 -1.60 -0.63
C3 CLA UF . 11.29 -1.89 0.35
C4 CLA UF . 11.34 -1.26 1.69
C5 CLA UF . 10.21 -2.88 0.11
C6 CLA UF . 8.82 -2.29 0.21
C7 CLA UF . 7.94 -2.75 -0.95
C8 CLA UF . 7.55 -4.22 -0.86
C9 CLA UF . 7.11 -4.73 -2.22
C10 CLA UF . 6.47 -4.50 0.17
C11 CLA UF . 6.62 -5.87 0.78
C12 CLA UF . 5.87 -6.02 2.09
C13 CLA UF . 6.43 -7.18 2.90
C14 CLA UF . 5.33 -7.83 3.73
C15 CLA UF . 7.62 -6.82 3.77
C16 CLA UF . 7.42 -5.65 4.70
C17 CLA UF . 8.31 -4.49 4.29
C18 CLA UF . 8.25 -3.28 5.22
C19 CLA UF . 8.82 -3.58 6.60
C20 CLA UF . 6.84 -2.76 5.36
MG CLA VF . -0.98 -22.07 -7.60
CHA CLA VF . -4.40 -21.99 -7.04
CHB CLA VF . -1.03 -25.45 -7.03
CHC CLA VF . 2.17 -22.31 -8.94
CHD CLA VF . -1.20 -18.74 -8.86
NA CLA VF . -2.45 -23.45 -7.08
C1A CLA VF . -3.83 -23.21 -6.89
C2A CLA VF . -4.56 -24.50 -6.51
C3A CLA VF . -3.41 -25.49 -6.23
C4A CLA VF . -2.20 -24.77 -6.83
CMA CLA VF . -3.22 -25.76 -4.76
CAA CLA VF . -5.45 -24.93 -7.68
CBA CLA VF . -4.86 -26.04 -8.52
CGA CLA VF . -5.50 -26.06 -9.88
O1A CLA VF . -6.69 -25.93 -10.17
O2A CLA VF . -4.59 -26.24 -10.89
NB CLA VF . 0.30 -23.58 -7.92
C1B CLA VF . 0.14 -24.87 -7.55
C2B CLA VF . 1.39 -25.64 -7.77
C3B CLA VF . 2.30 -24.77 -8.31
C4B CLA VF . 1.62 -23.44 -8.41
CMB CLA VF . 1.54 -27.06 -7.48
CAB CLA VF . 3.64 -25.01 -8.72
CBB CLA VF . 4.65 -24.19 -8.47
NC CLA VF . 0.27 -20.75 -8.65
C1C CLA VF . 1.55 -21.04 -9.04
C2C CLA VF . 2.17 -19.87 -9.66
C3C CLA VF . 1.18 -18.89 -9.72
C4C CLA VF . 0.00 -19.44 -9.06
CMC CLA VF . 3.53 -19.81 -10.19
CAC CLA VF . 1.30 -17.52 -10.25
CBC CLA VF . 0.60 -17.32 -11.57
ND CLA VF . -2.40 -20.64 -7.86
C1D CLA VF . -2.33 -19.29 -8.32
C2D CLA VF . -3.65 -18.66 -8.09
C3D CLA VF . -4.47 -19.64 -7.57
C4D CLA VF . -3.65 -20.85 -7.49
CMD CLA VF . -3.95 -17.27 -8.39
CAD CLA VF . -5.80 -19.98 -7.09
OBD CLA VF . -6.78 -19.25 -6.93
CBD CLA VF . -5.80 -21.50 -6.79
CGD CLA VF . -6.24 -21.78 -5.37
O1D CLA VF . -7.22 -22.42 -5.00
O2D CLA VF . -5.42 -21.23 -4.43
CED CLA VF . -5.77 -21.44 -3.06
C1 CLA VF . -3.71 -25.15 -11.20
C2 CLA VF . -2.33 -25.54 -10.85
C3 CLA VF . -1.53 -26.25 -11.67
C4 CLA VF . -1.97 -26.69 -13.01
C5 CLA VF . -0.14 -26.62 -11.26
C6 CLA VF . 0.94 -25.99 -12.12
C7 CLA VF . 0.80 -24.48 -12.16
C8 CLA VF . 2.03 -23.82 -12.76
C9 CLA VF . 1.88 -22.31 -12.72
C10 CLA VF . 2.25 -24.28 -14.19
MG CLA WF . -1.11 -11.07 3.82
CHA CLA WF . -3.85 -11.06 5.95
CHB CLA WF . -2.14 -8.03 2.59
CHC CLA WF . 1.99 -10.58 2.42
CHD CLA WF . 0.21 -13.77 5.69
NA CLA WF . -2.74 -9.79 4.19
C1A CLA WF . -3.77 -9.99 5.12
C2A CLA WF . -4.77 -8.84 5.07
C3A CLA WF . -4.33 -8.05 3.81
C4A CLA WF . -2.97 -8.64 3.50
CMA CLA WF . -5.28 -8.31 2.67
CAA CLA WF . -4.72 -8.01 6.35
CBA CLA WF . -3.39 -7.36 6.63
CGA CLA WF . -3.10 -7.30 8.09
O1A CLA WF . -3.76 -7.74 9.03
O2A CLA WF . -1.92 -6.67 8.37
NB CLA WF . -0.23 -9.58 2.78
C1B CLA WF . -0.87 -8.50 2.25
C2B CLA WF . -0.01 -7.86 1.21
C3B CLA WF . 1.15 -8.58 1.15
C4B CLA WF . 1.03 -9.67 2.15
CMB CLA WF . -0.44 -6.68 0.47
CAB CLA WF . 2.33 -8.38 0.35
CBB CLA WF . 2.92 -7.21 0.14
NC CLA WF . 0.73 -12.04 3.98
C1C CLA WF . 1.85 -11.70 3.28
C2C CLA WF . 2.94 -12.62 3.59
C3C CLA WF . 2.46 -13.49 4.57
C4C CLA WF . 1.06 -13.13 4.79
CMC CLA WF . 4.29 -12.56 3.04
CAC CLA WF . 3.17 -14.59 5.23
CBC CLA WF . 3.06 -15.91 4.49
ND CLA WF . -1.67 -12.25 5.37
C1D CLA WF . -1.08 -13.37 5.99
C2D CLA WF . -2.03 -13.97 6.94
C3D CLA WF . -3.14 -13.14 6.94
C4D CLA WF . -2.83 -12.06 5.99
CMD CLA WF . -1.79 -15.19 7.71
CAD CLA WF . -4.46 -12.88 7.48
OBD CLA WF . -5.15 -13.56 8.23
CBD CLA WF . -4.91 -11.49 6.93
CGD CLA WF . -6.26 -11.57 6.28
O1D CLA WF . -6.58 -12.21 5.29
O2D CLA WF . -7.23 -10.83 6.90
CED CLA WF . -8.59 -11.19 6.69
C1 CLA WF . -1.89 -5.74 9.48
C2 CLA WF . -0.87 -4.72 9.11
C3 CLA WF . -0.85 -3.44 9.52
C4 CLA WF . 0.22 -2.53 9.08
C5 CLA WF . -1.89 -2.83 10.41
C6 CLA WF . -2.81 -1.90 9.65
C7 CLA WF . -2.83 -0.47 10.18
C8 CLA WF . -4.18 0.19 9.99
C9 CLA WF . -4.70 0.07 8.57
C10 CLA WF . -4.15 1.68 10.38
C11 CLA WF . -5.38 2.10 11.13
C12 CLA WF . -5.22 3.48 11.76
C13 CLA WF . -6.50 4.08 12.35
C14 CLA WF . -6.11 4.96 13.52
C15 CLA WF . -7.55 3.05 12.73
C16 CLA WF . -8.83 3.64 13.28
C17 CLA WF . -9.77 4.08 12.19
C18 CLA WF . -11.13 4.50 12.72
C19 CLA WF . -11.94 3.29 13.15
C20 CLA WF . -11.89 5.29 11.68
MG CLA XF . -4.39 -21.15 6.63
CHA CLA XF . -6.53 -23.81 6.07
CHB CLA XF . -5.14 -21.31 9.98
CHC CLA XF . -1.72 -19.10 7.34
CHD CLA XF . -3.18 -21.52 3.32
NA CLA XF . -5.63 -22.36 7.80
C1A CLA XF . -6.44 -23.42 7.37
C2A CLA XF . -7.22 -24.03 8.54
C3A CLA XF . -6.88 -23.11 9.73
C4A CLA XF . -5.80 -22.20 9.15
CMA CLA XF . -8.08 -22.36 10.23
CAA CLA XF . -6.83 -25.47 8.81
CBA CLA XF . -5.35 -25.69 9.10
CGA CLA XF . -5.19 -26.57 10.29
O1A CLA XF . -6.00 -27.35 10.80
O2A CLA XF . -3.95 -26.48 10.88
NB CLA XF . -3.55 -20.42 8.33
C1B CLA XF . -4.13 -20.44 9.55
C2B CLA XF . -3.55 -19.39 10.44
C3B CLA XF . -2.57 -18.76 9.70
C4B CLA XF . -2.56 -19.42 8.36
CMB CLA XF . -3.99 -19.22 11.82
CAB CLA XF . -1.65 -17.71 10.04
CBB CLA XF . -1.88 -16.73 10.91
NC CLA XF . -2.77 -20.42 5.52
C1C CLA XF . -1.81 -19.57 5.99
C2C CLA XF . -0.86 -19.23 4.94
C3C CLA XF . -1.25 -19.95 3.82
C4C CLA XF . -2.46 -20.70 4.18
CMC CLA XF . 0.29 -18.34 5.08
CAC CLA XF . -0.62 -19.96 2.48
CBC CLA XF . 0.22 -21.19 2.24
ND CLA XF . -4.75 -22.30 5.02
C1D CLA XF . -4.26 -22.29 3.68
C2D CLA XF . -5.09 -23.18 2.85
C3D CLA XF . -6.00 -23.78 3.71
C4D CLA XF . -5.72 -23.22 5.05
CAD CLA XF . -7.12 -24.69 3.85
OBD CLA XF . -7.76 -25.27 2.98
CBD CLA XF . -7.43 -24.81 5.38
CGD CLA XF . -8.88 -24.58 5.67
O1D CLA XF . -9.74 -25.43 5.91
O2D CLA XF . -9.25 -23.27 5.69
CED CLA XF . -10.57 -22.96 6.14
C1 CLA XF . -3.62 -27.49 11.88
C2 CLA XF . -2.25 -27.20 12.37
C3 CLA XF . -1.47 -28.13 12.94
C4 CLA XF . -1.92 -29.53 13.13
C5 CLA XF . -0.09 -27.80 13.42
C6 CLA XF . 0.78 -27.01 12.45
C7 CLA XF . 1.47 -25.83 13.13
C8 CLA XF . 2.94 -25.66 12.77
C9 CLA XF . 3.76 -25.45 14.03
C10 CLA XF . 3.15 -24.49 11.81
MG CLA YF . -6.75 -15.47 14.30
CHA CLA YF . -8.43 -18.08 12.79
CHB CLA YF . -8.01 -16.48 17.32
CHC CLA YF . -4.53 -13.39 15.91
CHD CLA YF . -4.94 -14.98 11.29
NA CLA YF . -8.04 -17.00 14.92
C1A CLA YF . -8.63 -17.99 14.13
C2A CLA YF . -9.56 -18.89 14.96
C3A CLA YF . -9.57 -18.20 16.34
C4A CLA YF . -8.47 -17.16 16.22
CMA CLA YF . -10.91 -17.58 16.63
CAA CLA YF . -9.15 -20.36 14.98
CBA CLA YF . -7.77 -20.60 15.53
CGA CLA YF . -6.78 -20.78 14.41
O1A CLA YF . -6.30 -19.92 13.68
O2A CLA YF . -6.42 -22.09 14.22
NB CLA YF . -6.36 -15.03 16.23
C1B CLA YF . -7.01 -15.51 17.33
C2B CLA YF . -6.49 -14.85 18.55
C3B CLA YF . -5.51 -13.98 18.16
C4B CLA YF . -5.41 -14.08 16.68
CMB CLA YF . -7.00 -15.16 19.89
CAB CLA YF . -4.67 -13.10 18.94
CBB CLA YF . -4.15 -13.41 20.12
NC CLA YF . -5.10 -14.34 13.69
C1C CLA YF . -4.37 -13.51 14.50
C2C CLA YF . -3.36 -12.80 13.73
C3C CLA YF . -3.41 -13.32 12.45
C4C CLA YF . -4.52 -14.27 12.42
CMC CLA YF . -2.42 -11.81 14.27
CAC CLA YF . -2.57 -12.92 11.31
CBC CLA YF . -3.00 -11.61 10.69
ND CLA YF . -6.69 -16.24 12.44
C1D CLA YF . -5.95 -15.92 11.28
C2D CLA YF . -6.46 -16.72 10.14
C3D CLA YF . -7.45 -17.54 10.66
C4D CLA YF . -7.51 -17.24 12.09
CMD CLA YF . -5.98 -16.62 8.76
CAD CLA YF . -8.43 -18.57 10.39
OBD CLA YF . -8.79 -19.04 9.31
CBD CLA YF . -9.03 -19.01 11.76
CGD CLA YF . -10.53 -18.99 11.80
O1D CLA YF . -11.27 -19.69 12.51
O2D CLA YF . -11.11 -18.11 10.95
CED CLA YF . -12.37 -18.53 10.38
C1 CLA YF . -5.02 -22.29 13.95
C2 CLA YF . -4.66 -23.62 14.50
C3 CLA YF . -3.44 -23.97 14.94
C4 CLA YF . -3.19 -25.32 15.46
C5 CLA YF . -2.26 -23.05 14.92
C6 CLA YF . -1.12 -23.56 14.07
C7 CLA YF . -0.61 -22.49 13.13
C8 CLA YF . -1.46 -22.22 11.88
C9 CLA YF . -2.19 -23.45 11.36
C10 CLA YF . -0.64 -21.63 10.74
C11 CLA YF . 0.58 -22.44 10.35
C12 CLA YF . 1.04 -22.21 8.92
C13 CLA YF . 0.20 -22.95 7.89
C14 CLA YF . 0.44 -24.45 7.93
C15 CLA YF . 0.48 -22.41 6.50
C16 CLA YF . 1.95 -22.40 6.13
C17 CLA YF . 2.54 -21.02 6.32
MG CLA ZF . -8.68 -5.31 13.73
CHA CLA ZF . -7.35 -7.45 11.36
CHB CLA ZF . -6.83 -6.89 16.13
CHC CLA ZF . -9.35 -2.74 15.90
CHD CLA ZF . -10.13 -3.44 11.11
NA CLA ZF . -7.31 -6.90 13.73
C1A CLA ZF . -6.90 -7.66 12.63
C2A CLA ZF . -5.91 -8.75 13.05
C3A CLA ZF . -5.92 -8.66 14.58
C4A CLA ZF . -6.72 -7.39 14.86
CMA CLA ZF . -6.58 -9.87 15.18
CAA CLA ZF . -4.52 -8.58 12.44
CBA CLA ZF . -3.92 -7.20 12.62
CGA CLA ZF . -2.85 -7.22 13.67
O1A CLA ZF . -2.92 -7.61 14.84
O2A CLA ZF . -1.66 -6.73 13.21
NB CLA ZF . -8.16 -4.90 15.63
C1B CLA ZF . -7.53 -5.73 16.48
C2B CLA ZF . -7.68 -5.25 17.89
C3B CLA ZF . -8.39 -4.08 17.83
C4B CLA ZF . -8.70 -3.83 16.39
CMB CLA ZF . -7.10 -5.93 19.04
CAB CLA ZF . -8.78 -3.17 18.87
CBB CLA ZF . -8.32 -1.92 18.97
NC CLA ZF . -9.56 -3.43 13.52
C1C CLA ZF . -9.74 -2.54 14.55
C2C CLA ZF . -10.42 -1.34 14.06
C3C CLA ZF . -10.64 -1.53 12.69
C4C CLA ZF . -10.11 -2.85 12.38
CMC CLA ZF . -10.76 -0.16 14.85
CAC CLA ZF . -11.29 -0.61 11.75
CBC CLA ZF . -12.79 -0.55 11.91
ND CLA ZF . -8.71 -5.33 11.70
C1D CLA ZF . -9.47 -4.59 10.75
C2D CLA ZF . -9.41 -5.26 9.43
C3D CLA ZF . -8.59 -6.36 9.61
C4D CLA ZF . -8.19 -6.35 11.02
CMD CLA ZF . -10.06 -4.83 8.20
CAD CLA ZF . -7.97 -7.53 8.98
OBD CLA ZF . -8.03 -7.91 7.82
CBD CLA ZF . -7.16 -8.26 10.10
CGD CLA ZF . -7.64 -9.67 10.31
O1D CLA ZF . -8.81 -10.07 10.36
O2D CLA ZF . -6.64 -10.58 10.46
CED CLA ZF . -6.97 -11.79 11.15
C1 CLA ZF . -0.89 -5.90 14.11
C2 CLA ZF . -1.30 -4.48 13.89
C3 CLA ZF . -1.03 -3.51 14.76
C4 CLA ZF . -0.30 -3.80 16.01
C5 CLA ZF . -1.50 -2.12 14.42
C6 CLA ZF . -1.18 -1.04 15.42
C7 CLA ZF . -1.85 0.25 15.00
C8 CLA ZF . -3.31 0.26 15.43
C9 CLA ZF . -4.18 0.80 14.31
C10 CLA ZF . -3.51 1.05 16.71
C11 CLA ZF . -3.64 2.53 16.47
C12 CLA ZF . -3.43 3.34 17.74
C13 CLA ZF . -1.99 3.70 18.12
C14 CLA ZF . -1.11 3.94 16.91
C15 CLA ZF . -1.36 2.67 19.05
C16 CLA ZF . -0.11 3.17 19.75
C17 CLA ZF . -0.39 4.20 20.83
C18 CLA ZF . -1.22 3.64 21.98
C19 CLA ZF . -2.62 4.20 21.94
C20 CLA ZF . -0.55 3.95 23.31
MG CLA AG . -6.06 -4.76 1.66
CHA CLA AG . -4.24 -4.83 -1.30
CHB CLA AG . -3.34 -3.43 3.24
CHC CLA AG . -7.47 -5.53 4.70
CHD CLA AG . -8.51 -6.79 0.08
NA CLA AG . -4.14 -4.17 1.04
C1A CLA AG . -3.57 -4.28 -0.23
C2A CLA AG . -2.16 -3.70 -0.26
C3A CLA AG . -2.04 -3.02 1.12
C4A CLA AG . -3.25 -3.57 1.88
CMA CLA AG . -0.73 -3.31 1.80
CAA CLA AG . -2.02 -2.69 -1.38
CBA CLA AG . -0.93 -1.66 -1.13
CGA CLA AG . -0.82 -0.70 -2.29
O1A CLA AG . -0.15 0.32 -2.39
O2A CLA AG . -1.61 -1.05 -3.34
NB CLA AG . -5.48 -4.58 3.58
C1B CLA AG . -4.40 -3.89 4.02
C2B CLA AG . -4.49 -3.68 5.49
C3B CLA AG . -5.66 -4.26 5.91
C4B CLA AG . -6.31 -4.84 4.70
CMB CLA AG . -3.47 -2.97 6.27
CAB CLA AG . -6.23 -4.37 7.23
CBB CLA AG . -5.58 -4.76 8.30
NC CLA AG . -7.73 -5.88 2.26
C1C CLA AG . -8.15 -6.02 3.55
C2C CLA AG . -9.37 -6.81 3.61
C3C CLA AG . -9.63 -7.22 2.30
C4C CLA AG . -8.60 -6.62 1.47
CMC CLA AG . -10.12 -7.15 4.83
CAC CLA AG . -10.76 -8.04 1.84
CBC CLA AG . -11.95 -7.21 1.42
ND CLA AG . -6.43 -5.51 -0.19
C1D CLA AG . -7.50 -6.28 -0.71
C2D CLA AG . -7.31 -6.45 -2.16
C3D CLA AG . -6.07 -5.91 -2.44
C4D CLA AG . -5.55 -5.38 -1.17
CMD CLA AG . -8.26 -7.12 -3.06
CAD CLA AG . -5.09 -5.62 -3.47
OBD CLA AG . -5.14 -5.81 -4.69
CBD CLA AG . -3.84 -5.03 -2.75
CGD CLA AG . -2.65 -5.94 -2.88
O1D CLA AG . -2.50 -7.06 -2.40
O2D CLA AG . -1.63 -5.42 -3.62
CED CLA AG . -0.42 -6.18 -3.72
C1 CLA AG . -1.10 -0.80 -4.67
C2 CLA AG . -2.17 -1.27 -5.56
C3 CLA AG . -2.16 -2.44 -6.23
C4 CLA AG . -1.01 -3.38 -6.13
C5 CLA AG . -3.29 -2.87 -7.10
C6 CLA AG . -4.62 -2.24 -6.74
C7 CLA AG . -5.76 -3.17 -7.05
C8 CLA AG . -7.11 -2.63 -6.59
C9 CLA AG . -7.36 -1.26 -7.18
C10 CLA AG . -7.21 -2.56 -5.07
C11 CLA AG . -8.43 -3.28 -4.52
C12 CLA AG . -9.74 -2.70 -5.03
C13 CLA AG . -10.95 -3.37 -4.39
C14 CLA AG . -11.21 -4.72 -5.00
C15 CLA AG . -12.18 -2.48 -4.52
C16 CLA AG . -13.32 -2.93 -3.62
C17 CLA AG . -14.62 -2.23 -3.96
C18 CLA AG . -15.19 -2.61 -5.33
C19 CLA AG . -15.21 -4.10 -5.57
C20 CLA AG . -16.59 -2.05 -5.49
MG CLA BG . 3.78 7.20 10.56
CHA CLA BG . 7.13 6.48 10.96
CHB CLA BG . 3.00 4.42 12.41
CHC CLA BG . 0.54 8.33 10.91
CHD CLA BG . 4.66 10.30 9.12
NA CLA BG . 4.90 5.73 11.54
C1A CLA BG . 6.29 5.59 11.57
C2A CLA BG . 6.72 4.37 12.36
C3A CLA BG . 5.39 3.61 12.55
C4A CLA BG . 4.34 4.65 12.17
CMA CLA BG . 5.34 2.38 11.71
CAA CLA BG . 7.30 4.81 13.70
CBA CLA BG . 7.66 3.64 14.60
CGA CLA BG . 8.10 4.09 15.95
O1A CLA BG . 8.83 5.03 16.24
O2A CLA BG . 7.58 3.30 16.94
NB CLA BG . 2.11 6.48 11.42
C1B CLA BG . 1.98 5.31 12.11
C2B CLA BG . 0.57 5.11 12.54
C3B CLA BG . -0.13 6.21 12.11
C4B CLA BG . 0.84 7.11 11.43
CMB CLA BG . 0.15 3.95 13.32
CAB CLA BG . -1.52 6.56 12.31
CBB CLA BG . -2.21 6.34 13.43
NC CLA BG . 2.78 8.99 10.10
C1C CLA BG . 1.45 9.22 10.29
C2C CLA BG . 1.09 10.54 9.79
C3C CLA BG . 2.27 11.11 9.32
C4C CLA BG . 3.32 10.12 9.49
CMC CLA BG . -0.24 11.14 9.84
CAC CLA BG . 2.44 12.44 8.70
CBC CLA BG . 3.05 13.44 9.65
ND CLA BG . 5.46 8.29 10.25
C1D CLA BG . 5.69 9.45 9.47
C2D CLA BG . 7.13 9.57 9.17
C3D CLA BG . 7.74 8.47 9.74
C4D CLA BG . 6.65 7.69 10.38
CMD CLA BG . 7.75 10.68 8.43
CAD CLA BG . 8.98 7.77 10.00
OBD CLA BG . 10.13 8.10 9.77
CBD CLA BG . 8.61 6.41 10.65
CGD CLA BG . 8.91 5.30 9.69
O1D CLA BG . 9.83 4.49 9.70
O2D CLA BG . 8.03 5.28 8.64
CED CLA BG . 7.11 4.21 8.50
C1 CLA BG . 8.26 3.24 18.22
C2 CLA BG . 8.78 1.85 18.37
C3 CLA BG . 8.70 1.15 19.51
C4 CLA BG . 8.08 1.68 20.76
C5 CLA BG . 9.26 -0.24 19.58
C6 CLA BG . 8.25 -1.30 19.99
C7 CLA BG . 7.79 -2.08 18.79
C8 CLA BG . 8.81 -3.15 18.37
C9 CLA BG . 9.13 -2.97 16.89
C10 CLA BG . 8.32 -4.58 18.61
C11 CLA BG . 8.94 -5.18 19.86
C12 CLA BG . 8.24 -6.47 20.24
C13 CLA BG . 8.82 -7.15 21.46
C14 CLA BG . 9.07 -6.17 22.59
C15 CLA BG . 10.11 -7.91 21.16
C16 CLA BG . 9.91 -9.38 20.88
C17 CLA BG . 11.09 -10.20 21.38
C18 CLA BG . 11.01 -11.68 21.03
C19 CLA BG . 9.84 -12.36 21.70
C20 CLA BG . 10.95 -11.89 19.53
MG CLA CG . 13.78 -0.66 9.53
CHA CLA CG . 10.86 0.50 10.98
CHB CLA CG . 12.36 -3.76 9.24
CHC CLA CG . 16.85 -1.95 8.66
CHD CLA CG . 15.35 2.39 10.44
NA CLA CG . 11.92 -1.48 10.02
C1A CLA CG . 10.82 -0.82 10.59
C2A CLA CG . 9.64 -1.76 10.76
C3A CLA CG . 10.14 -3.09 10.18
C4A CLA CG . 11.57 -2.77 9.77
CMA CLA CG . 10.08 -4.16 11.24
CAA CLA CG . 8.48 -1.24 9.91
CBA CLA CG . 7.31 -2.20 9.87
CGA CLA CG . 6.09 -1.44 9.48
O1A CLA CG . 5.61 -0.44 10.03
O2A CLA CG . 5.44 -1.95 8.40
NB CLA CG . 14.47 -2.50 9.05
C1B CLA CG . 13.71 -3.61 8.85
C2B CLA CG . 14.51 -4.67 8.21
C3B CLA CG . 15.78 -4.17 8.04
C4B CLA CG . 15.77 -2.79 8.59
CMB CLA CG . 13.95 -5.99 7.90
CAB CLA CG . 16.95 -4.80 7.50
CBB CLA CG . 16.96 -5.78 6.60
NC CLA CG . 15.73 0.09 9.55
C1C CLA CG . 16.84 -0.60 9.12
C2C CLA CG . 18.02 0.25 9.23
C3C CLA CG . 17.59 1.47 9.75
C4C CLA CG . 16.16 1.36 9.93
CMC CLA CG . 19.38 -0.13 8.88
CAC CLA CG . 18.42 2.65 10.02
CBC CLA CG . 18.69 2.88 11.49
ND CLA CG . 13.31 1.05 10.51
C1D CLA CG . 14.02 2.26 10.73
C2D CLA CG . 13.10 3.27 11.30
C3D CLA CG . 11.88 2.64 11.43
C4D CLA CG . 12.07 1.27 10.93
CMD CLA CG . 13.47 4.63 11.65
CAD CLA CG . 10.50 2.77 11.85
OBD CLA CG . 9.92 3.74 12.36
CBD CLA CG . 9.80 1.40 11.58
CGD CLA CG . 9.19 0.83 12.83
O1D CLA CG . 9.60 0.94 13.98
O2D CLA CG . 8.06 0.12 12.62
CED CLA CG . 7.32 -0.33 13.76
C1 CLA CG . 4.20 -1.30 8.07
C2 CLA CG . 3.58 -2.04 6.93
C3 CLA CG . 3.48 -1.57 5.67
C4 CLA CG . 3.99 -0.22 5.29
C5 CLA CG . 2.84 -2.37 4.59
C6 CLA CG . 3.25 -3.84 4.53
C7 CLA CG . 2.26 -4.64 3.70
C8 CLA CG . 1.25 -5.45 4.52
C9 CLA CG . 0.34 -4.54 5.31
C10 CLA CG . 1.95 -6.43 5.45
C11 CLA CG . 1.38 -7.83 5.41
C12 CLA CG . 0.89 -8.29 6.77
C13 CLA CG . 0.68 -9.80 6.77
C14 CLA CG . -0.55 -10.16 7.59
C15 CLA CG . 1.97 -10.52 7.18
C16 CLA CG . 2.06 -11.06 8.61
C17 CLA CG . 2.27 -12.56 8.64
C18 CLA CG . 1.52 -13.25 9.77
C19 CLA CG . 1.90 -12.67 11.12
C20 CLA CG . 1.80 -14.73 9.74
MG CLA DG . 10.35 14.70 -6.32
CHA CLA DG . 11.36 13.78 -9.51
CHB CLA DG . 13.65 15.18 -5.50
CHC CLA DG . 9.41 16.66 -3.67
CHD CLA DG . 7.03 14.90 -7.55
NA CLA DG . 12.17 14.40 -7.31
C1A CLA DG . 12.39 14.03 -8.64
C2A CLA DG . 13.88 13.89 -8.92
C3A CLA DG . 14.49 13.89 -7.50
C4A CLA DG . 13.38 14.54 -6.69
CMA CLA DG . 14.73 12.50 -6.97
CAA CLA DG . 14.42 14.98 -9.86
CBA CLA DG . 14.39 16.39 -9.31
CGA CLA DG . 13.05 17.05 -9.47
O1A CLA DG . 12.38 17.64 -8.64
O2A CLA DG . 12.55 16.94 -10.75
NB CLA DG . 11.34 15.70 -4.86
C1B CLA DG . 12.68 15.80 -4.71
C2B CLA DG . 13.01 16.69 -3.56
C3B CLA DG . 11.82 17.12 -3.03
C4B CLA DG . 10.74 16.48 -3.85
CMB CLA DG . 14.40 16.95 -3.16
CAB CLA DG . 11.51 18.00 -1.95
CBB CLA DG . 12.33 18.92 -1.41
NC CLA DG . 8.53 15.48 -5.64
C1C CLA DG . 8.36 16.15 -4.48
C2C CLA DG . 6.95 16.46 -4.26
C3C CLA DG . 6.30 16.09 -5.43
C4C CLA DG . 7.29 15.45 -6.29
CMC CLA DG . 6.42 17.15 -3.09
CAC CLA DG . 4.87 16.21 -5.72
CBC CLA DG . 4.01 15.26 -4.93
ND CLA DG . 9.34 14.22 -8.01
C1D CLA DG . 7.97 14.34 -8.38
C2D CLA DG . 7.79 13.79 -9.74
C3D CLA DG . 9.07 13.53 -10.21
C4D CLA DG . 10.00 13.89 -9.12
CMD CLA DG . 6.51 13.62 -10.42
CAD CLA DG . 9.87 13.01 -11.30
OBD CLA DG . 9.53 12.40 -12.31
CBD CLA DG . 11.36 13.36 -10.97
CGD CLA DG . 12.36 12.29 -11.32
O1D CLA DG . 13.40 12.43 -11.96
O2D CLA DG . 12.07 11.02 -10.91
CED CLA DG . 12.81 10.00 -11.59
C1 CLA DG . 13.01 17.90 -11.72
C2 CLA DG . 12.38 19.22 -11.44
C3 CLA DG . 11.59 19.89 -12.30
C4 CLA DG . 11.22 19.36 -13.63
C5 CLA DG . 11.00 21.22 -11.92
C6 CLA DG . 11.38 22.37 -12.84
C7 CLA DG . 10.21 23.35 -12.96
C8 CLA DG . 10.63 24.77 -13.31
C9 CLA DG . 9.65 25.75 -12.69
C10 CLA DG . 10.68 24.97 -14.82
C11 CLA DG . 11.27 26.30 -15.25
C12 CLA DG . 10.32 27.15 -16.08
C13 CLA DG . 11.04 27.86 -17.22
C14 CLA DG . 10.41 29.21 -17.49
C15 CLA DG . 11.03 27.02 -18.49
MG CLA EG . 10.00 6.16 -5.96
CHA CLA EG . 12.96 4.68 -7.01
CHB CLA EG . 10.43 8.53 -8.41
CHC CLA EG . 6.67 7.00 -5.75
CHD CLA EG . 9.34 3.29 -4.00
NA CLA EG . 11.48 6.56 -7.39
C1A CLA EG . 12.62 5.82 -7.67
C2A CLA EG . 13.43 6.49 -8.79
C3A CLA EG . 12.85 7.92 -8.78
C4A CLA EG . 11.47 7.66 -8.18
CMA CLA EG . 13.65 8.85 -7.92
CAA CLA EG . 13.06 5.84 -10.11
CBA CLA EG . 14.12 4.91 -10.63
CGA CLA EG . 13.45 3.78 -11.33
O1A CLA EG . 12.92 3.76 -12.44
O2A CLA EG . 13.47 2.63 -10.59
NB CLA EG . 8.81 7.53 -6.86
C1B CLA EG . 9.16 8.37 -7.88
C2B CLA EG . 7.99 9.16 -8.32
C3B CLA EG . 6.93 8.74 -7.56
C4B CLA EG . 7.43 7.70 -6.62
CMB CLA EG . 8.09 10.14 -9.41
CAB CLA EG . 5.56 9.13 -7.61
CBB CLA EG . 5.14 10.37 -7.84
NC CLA EG . 8.33 5.35 -4.97
C1C CLA EG . 7.09 5.90 -4.96
C2C CLA EG . 6.20 5.13 -4.10
C3C CLA EG . 6.93 4.02 -3.68
C4C CLA EG . 8.27 4.18 -4.22
CMC CLA EG . 4.80 5.42 -3.83
CAC CLA EG . 6.47 2.95 -2.78
CBC CLA EG . 6.05 1.69 -3.49
ND CLA EG . 10.89 4.41 -5.51
C1D CLA EG . 10.56 3.37 -4.61
C2D CLA EG . 11.72 2.46 -4.49
C3D CLA EG . 12.67 2.91 -5.38
C4D CLA EG . 12.10 4.12 -6.01
CMD CLA EG . 11.76 1.30 -3.60
CAD CLA EG . 14.00 2.73 -5.94
OBD CLA EG . 14.85 1.89 -5.67
CBD CLA EG . 14.20 3.82 -7.03
CGD CLA EG . 15.43 4.65 -6.76
O1D CLA EG . 15.59 5.48 -5.87
O2D CLA EG . 16.46 4.44 -7.62
CED CLA EG . 17.63 5.23 -7.44
C1 CLA EG . 12.19 1.98 -10.43
C2 CLA EG . 12.25 1.24 -9.15
C3 CLA EG . 12.88 0.07 -9.03
C4 CLA EG . 13.58 -0.58 -10.16
C5 CLA EG . 12.90 -0.64 -7.71
C6 CLA EG . 11.53 -0.72 -7.08
C7 CLA EG . 11.43 -1.92 -6.17
C8 CLA EG . 10.06 -2.04 -5.52
C9 CLA EG . 10.16 -2.81 -4.22
C10 CLA EG . 9.08 -2.71 -6.47
C11 CLA EG . 7.66 -2.21 -6.34
C12 CLA EG . 6.71 -3.28 -5.84
C13 CLA EG . 5.24 -2.92 -6.05
C14 CLA EG . 4.89 -2.79 -7.52
C15 CLA EG . 4.85 -1.66 -5.30
C16 CLA EG . 3.58 -1.86 -4.50
C17 CLA EG . 3.80 -2.66 -3.24
C18 CLA EG . 2.53 -2.88 -2.42
C19 CLA EG . 1.52 -3.71 -3.19
C20 CLA EG . 2.86 -3.58 -1.13
MG CLA FG . -7.91 11.92 -3.27
CHA CLA FG . -10.69 13.92 -3.89
CHB CLA FG . -8.76 10.02 -6.00
CHC CLA FG . -4.71 10.69 -3.42
CHD CLA FG . -6.79 14.42 -1.00
NA CLA FG . -9.47 11.96 -4.66
C1A CLA FG . -10.52 12.88 -4.76
C2A CLA FG . -11.43 12.53 -5.93
C3A CLA FG . -11.03 11.10 -6.26
C4A CLA FG . -9.63 11.01 -5.64
CMA CLA FG . -11.99 10.12 -5.64
CAA CLA FG . -10.99 13.42 -7.08
CBA CLA FG . -11.96 14.52 -7.42
CGA CLA FG . -11.21 15.74 -7.86
O1A CLA FG . -11.52 16.92 -7.69
O2A CLA FG . -10.06 15.46 -8.54
NB CLA FG . -6.92 10.67 -4.51
C1B CLA FG . -7.49 9.86 -5.44
C2B CLA FG . -6.58 8.72 -5.78
C3B CLA FG . -5.44 8.90 -5.05
C4B CLA FG . -5.63 10.14 -4.24
CMB CLA FG . -6.95 7.71 -6.75
CAB CLA FG . -4.22 8.13 -5.00
CBB CLA FG . -4.12 6.82 -5.19
NC CLA FG . -6.11 12.43 -2.34
C1C CLA FG . -4.93 11.77 -2.52
C2C CLA FG . -3.88 12.36 -1.72
C3C CLA FG . -4.45 13.44 -1.06
C4C CLA FG . -5.85 13.46 -1.44
CMC CLA FG . -2.47 11.92 -1.67
CAC CLA FG . -3.80 14.38 -0.13
CBC CLA FG . -3.45 15.67 -0.82
ND CLA FG . -8.57 13.66 -2.49
C1D CLA FG . -8.06 14.53 -1.48
C2D CLA FG . -9.10 15.52 -1.11
C3D CLA FG . -10.15 15.32 -2.00
C4D CLA FG . -9.74 14.19 -2.86
CMD CLA FG . -8.97 16.52 -0.06
CAD CLA FG . -11.48 15.73 -2.42
OBD CLA FG . -12.23 16.54 -1.93
CBD CLA FG . -11.82 14.90 -3.70
CGD CLA FG . -13.15 14.21 -3.55
O1D CLA FG . -13.39 13.01 -3.68
O2D CLA FG . -14.17 15.03 -3.23
CED CLA FG . -15.40 14.43 -2.79
C1 CLA FG . -9.77 16.23 -9.73
C2 CLA FG . -8.32 16.56 -9.72
C3 CLA FG . -7.81 17.62 -9.09
C4 CLA FG . -8.65 18.57 -8.32
C5 CLA FG . -6.34 17.89 -9.12
C6 CLA FG . -5.98 19.28 -9.63
C7 CLA FG . -4.50 19.58 -9.48
C8 CLA FG . -4.00 19.68 -8.04
C9 CLA FG . -5.03 20.30 -7.11
C10 CLA FG . -2.73 20.51 -7.95
C11 CLA FG . -1.58 19.94 -8.75
C12 CLA FG . -0.26 20.22 -8.05
C13 CLA FG . 0.94 20.18 -8.99
C14 CLA FG . 1.80 18.95 -8.72
C15 CLA FG . 1.76 21.46 -8.85
C16 CLA FG . 2.93 21.57 -9.81
C17 CLA FG . 2.52 21.79 -11.26
C18 CLA FG . 1.99 23.19 -11.55
C19 CLA FG . 1.24 23.20 -12.87
C20 CLA FG . 3.10 24.22 -11.59
MG CLA GG . -10.27 2.74 22.36
CHA CLA GG . -12.86 0.64 23.24
CHB CLA GG . -10.48 4.26 25.42
CHC CLA GG . -7.91 5.00 21.36
CHD CLA GG . -10.36 1.40 19.09
NA CLA GG . -11.49 2.50 24.03
C1A CLA GG . -12.50 1.54 24.22
C2A CLA GG . -13.14 1.68 25.59
C3A CLA GG . -12.41 2.88 26.22
C4A CLA GG . -11.38 3.26 25.17
CMA CLA GG . -13.37 4.01 26.49
CAA CLA GG . -12.86 0.42 26.40
CBA CLA GG . -11.42 -0.06 26.29
CGA CLA GG . -10.95 -0.59 27.60
O1A CLA GG . -11.61 -0.87 28.59
O2A CLA GG . -9.60 -0.76 27.65
NB CLA GG . -9.42 4.37 23.19
C1B CLA GG . -9.50 4.70 24.51
C2B CLA GG . -8.40 5.62 24.87
C3B CLA GG . -7.67 5.84 23.74
C4B CLA GG . -8.30 5.04 22.65
CMB CLA GG . -8.23 6.16 26.22
CAB CLA GG . -6.51 6.66 23.54
CBB CLA GG . -5.40 6.59 24.26
NC CLA GG . -9.35 3.16 20.53
C1C CLA GG . -8.41 4.13 20.35
C2C CLA GG . -7.97 4.13 18.96
C3C CLA GG . -8.65 3.10 18.32
C4C CLA GG . -9.50 2.48 19.32
CMC CLA GG . -6.99 5.06 18.38
CAC CLA GG . -8.55 2.69 16.91
CBC CLA GG . -7.64 1.50 16.73
ND CLA GG . -11.36 1.38 21.33
C1D CLA GG . -11.23 0.87 20.01
C2D CLA GG . -12.18 -0.27 19.85
C3D CLA GG . -12.83 -0.39 21.06
C4D CLA GG . -12.28 0.66 21.95
CMD CLA GG . -12.33 -1.05 18.63
CAD CLA GG . -13.83 -1.10 21.83
OBD CLA GG . -14.55 -2.03 21.48
CBD CLA GG . -13.87 -0.48 23.25
CGD CLA GG . -15.24 0.03 23.60
O1D CLA GG . -16.10 -0.52 24.30
O2D CLA GG . -15.54 1.25 23.07
CED CLA GG . -16.91 1.63 23.02
C1 CLA GG . -9.10 -1.99 28.22
C2 CLA GG . -8.05 -1.62 29.20
C3 CLA GG . -7.45 -2.53 29.99
C4 CLA GG . -7.79 -3.97 29.96
C5 CLA GG . -6.38 -2.11 30.96
C6 CLA GG . -6.87 -2.05 32.39
C7 CLA GG . -5.73 -2.35 33.35
C8 CLA GG . -5.94 -1.75 34.73
C9 CLA GG . -7.29 -2.19 35.32
C10 CLA GG . -5.84 -0.24 34.72
MG CLA HG . -6.99 8.02 30.27
CHA CLA HG . -9.98 6.32 30.61
CHB CLA HG . -8.36 10.70 31.92
CHC CLA HG . -3.86 9.43 30.57
CHD CLA HG . -5.49 5.00 29.18
NA CLA HG . -8.86 8.42 31.12
C1A CLA HG . -9.97 7.58 31.14
C2A CLA HG . -11.15 8.24 31.84
C3A CLA HG . -10.67 9.70 32.05
C4A CLA HG . -9.19 9.62 31.69
CMA CLA HG . -11.40 10.66 31.14
CAA CLA HG . -11.44 7.50 33.14
CBA CLA HG . -10.95 8.23 34.36
CGA CLA HG . -11.08 7.37 35.58
O1A CLA HG . -12.04 6.69 35.94
O2A CLA HG . -9.97 7.42 36.38
NB CLA HG . -6.25 9.69 31.14
C1B CLA HG . -7.00 10.73 31.61
C2B CLA HG . -6.16 11.94 31.76
C3B CLA HG . -4.88 11.59 31.37
C4B CLA HG . -4.93 10.16 30.98
CMB CLA HG . -6.67 13.22 32.24
CAB CLA HG . -3.68 12.37 31.34
CBB CLA HG . -3.32 13.24 32.28
NC CLA HG . -5.04 7.34 29.91
C1C CLA HG . -3.91 8.09 30.06
C2C CLA HG . -2.74 7.33 29.66
C3C CLA HG . -3.19 6.06 29.33
C4C CLA HG . -4.64 6.08 29.47
CMC CLA HG . -1.35 7.81 29.68
CAC CLA HG . -2.40 4.91 28.85
CBC CLA HG . -2.42 4.79 27.35
ND CLA HG . -7.53 6.11 29.92
C1D CLA HG . -6.85 4.98 29.39
C2D CLA HG . -7.82 3.89 29.13
C3D CLA HG . -9.05 4.37 29.55
C4D CLA HG . -8.80 5.73 30.07
CMD CLA HG . -7.49 2.60 28.53
CAD CLA HG . -10.47 4.09 29.71
OBD CLA HG . -11.11 3.12 29.36
CBD CLA HG . -11.09 5.32 30.43
CGD CLA HG . -12.22 5.91 29.64
O1D CLA HG . -12.14 6.74 28.73
O2D CLA HG . -13.46 5.46 29.98
CED CLA HG . -14.57 6.21 29.50
C1 CLA HG . -8.92 6.48 36.10
C2 CLA HG . -8.11 6.33 37.34
C3 CLA HG . -7.20 5.36 37.51
C4 CLA HG . -6.93 4.35 36.46
C5 CLA HG . -6.43 5.25 38.78
C6 CLA HG . -5.10 5.98 38.73
C7 CLA HG . -3.95 5.10 39.19
C8 CLA HG . -3.40 4.24 38.05
C9 CLA HG . -3.12 2.83 38.56
C10 CLA HG . -2.12 4.85 37.48
MG CLA IG . 6.54 17.66 32.86
CHA CLA IG . 3.20 18.21 32.17
CHB CLA IG . 7.02 21.05 33.02
CHC CLA IG . 9.62 17.14 34.30
CHD CLA IG . 5.84 14.21 33.23
NA CLA IG . 5.31 19.33 32.62
C1A CLA IG . 3.94 19.34 32.31
C2A CLA IG . 3.41 20.77 32.18
C3A CLA IG . 4.71 21.61 32.20
C4A CLA IG . 5.77 20.61 32.67
CMA CLA IG . 5.03 22.16 30.84
CAA CLA IG . 2.48 21.07 33.35
CBA CLA IG . 1.21 21.79 32.93
CGA CLA IG . 1.51 22.98 32.10
O1A CLA IG . 2.34 23.88 32.30
O2A CLA IG . 0.75 23.04 30.97
NB CLA IG . 8.02 18.85 33.53
C1B CLA IG . 8.05 20.22 33.47
C2B CLA IG . 9.36 20.72 33.99
C3B CLA IG . 10.09 19.62 34.35
C4B CLA IG . 9.26 18.42 34.06
CMB CLA IG . 9.73 22.13 34.07
CAB CLA IG . 11.42 19.54 34.92
CBB CLA IG . 11.69 19.17 36.17
NC CLA IG . 7.55 15.97 33.58
C1C CLA IG . 8.83 15.98 34.06
C2C CLA IG . 9.26 14.63 34.39
C3C CLA IG . 8.16 13.80 34.15
C4C CLA IG . 7.10 14.66 33.62
CMC CLA IG . 10.57 14.24 34.92
CAC CLA IG . 8.08 12.35 34.32
CBC CLA IG . 8.60 11.61 33.10
ND CLA IG . 4.93 16.43 32.76
C1D CLA IG . 4.80 15.02 32.84
C2D CLA IG . 3.42 14.64 32.44
C3D CLA IG . 2.77 15.83 32.16
C4D CLA IG . 3.75 16.91 32.39
CMD CLA IG . 2.91 13.29 32.37
CAD CLA IG . 1.53 16.46 31.76
OBD CLA IG . 0.45 15.94 31.47
CBD CLA IG . 1.77 17.99 31.73
CGD CLA IG . 1.52 18.56 30.36
O1D CLA IG . 2.34 18.79 29.48
O2D CLA IG . 0.21 18.84 30.09
CED CLA IG . -0.32 18.39 28.86
C1 CLA IG . 0.30 24.33 30.56
C2 CLA IG . -1.03 24.16 29.92
C3 CLA IG . -1.64 25.08 29.16
C4 CLA IG . -2.97 24.82 28.58
C5 CLA IG . -1.04 26.41 28.85
C6 CLA IG . -1.82 27.60 29.39
C7 CLA IG . -0.88 28.77 29.59
C8 CLA IG . -1.60 30.10 29.73
C9 CLA IG . -0.67 31.22 29.29
C10 CLA IG . -2.06 30.32 31.16
C11 CLA IG . -3.15 31.37 31.28
C12 CLA IG . -4.53 30.75 31.32
C13 CLA IG . -5.65 31.77 31.50
C14 CLA IG . -6.99 31.07 31.34
C15 CLA IG . -5.49 32.94 30.54
C16 CLA IG . -6.71 33.83 30.36
C17 CLA IG . -6.88 34.77 31.53
C18 CLA IG . -8.03 35.77 31.34
C19 CLA IG . -9.38 35.10 31.47
C20 CLA IG . -7.93 36.47 30.01
MG CLA JG . 13.32 25.50 31.82
CHA CLA JG . 15.06 26.10 34.77
CHB CLA JG . 13.13 22.17 32.70
CHC CLA JG . 10.87 25.00 29.46
CHD CLA JG . 12.93 29.00 31.44
NA CLA JG . 13.99 24.35 33.45
C1A CLA JG . 14.71 24.80 34.57
C2A CLA JG . 15.00 23.66 35.53
C3A CLA JG . 14.66 22.41 34.70
C4A CLA JG . 13.84 23.00 33.54
CMA CLA JG . 15.88 21.69 34.21
CAA CLA JG . 14.11 23.85 36.74
CBA CLA JG . 12.93 22.91 36.80
CGA CLA JG . 12.06 23.27 37.97
O1A CLA JG . 12.37 23.85 39.01
O2A CLA JG . 10.76 22.86 37.80
NB CLA JG . 12.25 23.91 31.20
C1B CLA JG . 12.36 22.63 31.63
C2B CLA JG . 11.51 21.72 30.81
C3B CLA JG . 10.87 22.52 29.89
C4B CLA JG . 11.31 23.91 30.13
CMB CLA JG . 11.41 20.28 31.01
CAB CLA JG . 9.89 22.16 28.91
CBB CLA JG . 8.77 21.49 29.18
NC CLA JG . 12.17 26.76 30.62
C1C CLA JG . 11.27 26.34 29.69
C2C CLA JG . 10.69 27.49 28.98
C3C CLA JG . 11.21 28.62 29.60
C4C CLA JG . 12.15 28.16 30.61
CMC CLA JG . 9.69 27.41 27.92
CAC CLA JG . 10.91 30.02 29.26
CBC CLA JG . 11.99 30.69 28.46
ND CLA JG . 13.83 27.19 32.81
C1D CLA JG . 13.71 28.57 32.48
C2D CLA JG . 14.53 29.37 33.41
C3D CLA JG . 15.10 28.47 34.30
C4D CLA JG . 14.62 27.13 33.89
CMD CLA JG . 14.67 30.82 33.37
CAD CLA JG . 15.94 28.30 35.47
OBD CLA JG . 16.56 29.13 36.12
CBD CLA JG . 15.94 26.77 35.81
CGD CLA JG . 17.35 26.25 35.81
O1D CLA JG . 18.35 26.82 36.23
O2D CLA JG . 17.51 25.01 35.27
CED CLA JG . 18.70 24.28 35.59
C1 CLA JG . 10.05 22.46 38.98
C2 CLA JG . 9.27 21.25 38.60
C3 CLA JG . 8.08 20.94 39.14
C4 CLA JG . 7.42 21.79 40.16
C5 CLA JG . 7.33 19.72 38.72
C6 CLA JG . 7.67 19.23 37.33
C7 CLA JG . 6.60 18.34 36.76
C8 CLA JG . 6.37 17.02 37.49
C9 CLA JG . 7.67 16.25 37.67
C10 CLA JG . 5.34 16.22 36.70
C11 CLA JG . 5.16 14.80 37.18
C12 CLA JG . 3.89 14.20 36.60
C13 CLA JG . 3.66 12.77 37.10
C14 CLA JG . 4.47 11.79 36.29
C15 CLA JG . 2.16 12.46 37.05
C16 CLA JG . 1.80 11.01 37.30
C17 CLA JG . 1.97 10.59 38.74
C18 CLA JG . 0.63 10.48 39.47
C19 CLA JG . 0.84 10.39 40.96
C20 CLA JG . -0.16 9.26 39.00
MG CLA KG . 15.83 -5.36 15.91
CHA CLA KG . 17.34 -7.87 14.06
CHB CLA KG . 14.90 -3.82 13.00
CHD CLA KG . 16.19 -7.37 18.79
NA CLA KG . 16.12 -5.78 13.88
C1A CLA KG . 16.77 -6.88 13.31
C2A CLA KG . 16.79 -6.80 11.79
C3A CLA KG . 16.22 -5.38 11.51
C4A CLA KG . 15.68 -4.95 12.87
CMA CLA KG . 17.35 -4.47 11.10
CAA CLA KG . 15.98 -7.91 11.13
CBA CLA KG . 14.52 -7.93 11.52
CGA CLA KG . 13.93 -9.22 11.07
O1A CLA KG . 13.99 -10.32 11.61
O2A CLA KG . 13.26 -9.12 9.89
NB CLA KG . 14.50 -3.94 15.42
C1B CLA KG . 14.40 -3.34 14.21
C2B CLA KG . 13.68 -2.03 14.35
C3B CLA KG . 13.37 -1.90 15.69
C4B CLA KG . 13.87 -3.12 16.38
CMB CLA KG . 13.43 -1.15 13.22
CAB CLA KG . 12.68 -0.85 16.38
CBB CLA KG . 11.61 -0.21 15.92
NC CLA KG . 15.06 -5.34 17.85
C2C CLA KG . 13.86 -4.74 19.76
C3C CLA KG . 14.60 -5.87 20.06
C4C CLA KG . 15.35 -6.25 18.87
CMC CLA KG . 12.94 -4.00 20.64
CAC CLA KG . 14.65 -6.59 21.35
CBC CLA KG . 13.83 -7.86 21.32
ND CLA KG . 16.64 -7.15 16.39
C1D CLA KG . 16.81 -7.80 17.64
C2D CLA KG . 17.70 -8.97 17.45
C3D CLA KG . 17.95 -9.04 16.08
C4D CLA KG . 17.23 -7.91 15.48
CMD CLA KG . 18.17 -9.81 18.53
CAD CLA KG . 18.64 -9.73 15.01
OBD CLA KG . 19.45 -10.65 15.05
CBD CLA KG . 18.19 -9.06 13.67
CGD CLA KG . 19.38 -8.68 12.83
O1D CLA KG . 20.07 -7.66 12.92
O2D CLA KG . 19.69 -9.60 11.87
CED CLA KG . 21.02 -9.61 11.36
C1 CLA KG . 11.83 -8.93 9.97
C2 CLA KG . 11.43 -8.31 8.70
C3 CLA KG . 10.26 -7.68 8.50
C4 CLA KG . 9.93 -7.08 7.18
C5 CLA KG . 9.22 -7.55 9.56
C6 CLA KG . 7.83 -7.84 9.04
C7 CLA KG . 6.95 -8.39 10.14
C8 CLA KG . 5.47 -8.36 9.81
C9 CLA KG . 5.20 -8.63 8.35
C10 CLA KG . 4.83 -7.03 10.22
C11 CLA KG . 3.96 -7.19 11.45
C12 CLA KG . 2.50 -7.47 11.11
C13 CLA KG . 1.91 -8.68 11.83
C14 CLA KG . 0.46 -8.84 11.42
C15 CLA KG . 2.01 -8.61 13.36
C16 CLA KG . 1.61 -9.92 13.99
C17 CLA KG . 1.98 -9.95 15.46
MG CLA LG . 18.13 -14.96 15.25
CHA CLA LG . 18.96 -16.55 12.30
CHB CLA LG . 16.46 -12.57 13.44
CHC CLA LG . 16.64 -13.82 18.15
CHD CLA LG . 19.41 -17.72 17.04
NA CLA LG . 17.80 -14.61 13.21
C1A CLA LG . 18.25 -15.38 12.14
C2A CLA LG . 17.85 -14.76 10.80
C3A CLA LG . 17.30 -13.38 11.20
C4A CLA LG . 17.16 -13.51 12.72
CMA CLA LG . 18.23 -12.25 10.81
CAA CLA LG . 16.83 -15.62 10.05
CBA CLA LG . 15.48 -15.63 10.72
CGA CLA LG . 14.78 -16.91 10.40
O1A CLA LG . 15.12 -17.78 9.59
O2A CLA LG . 13.64 -17.07 11.11
NB CLA LG . 16.91 -13.42 15.71
C1B CLA LG . 16.24 -12.63 14.82
C2B CLA LG . 15.20 -11.83 15.52
C3B CLA LG . 15.24 -12.18 16.84
C4B CLA LG . 16.31 -13.20 16.98
CMB CLA LG . 14.30 -10.90 14.84
CAB CLA LG . 14.39 -11.74 17.91
CBB CLA LG . 14.73 -11.00 18.96
NC CLA LG . 18.09 -15.61 17.23
C1C CLA LG . 17.48 -14.97 18.27
C2C CLA LG . 17.76 -15.64 19.53
C3C CLA LG . 18.47 -16.80 19.19
C4C CLA LG . 18.70 -16.76 17.76
CMC CLA LG . 17.31 -15.22 20.86
CAC CLA LG . 19.03 -17.79 20.12
CBC CLA LG . 20.45 -17.40 20.46
ND CLA LG . 18.90 -16.79 14.84
C1D CLA LG . 19.50 -17.76 15.67
C2D CLA LG . 20.20 -18.76 14.82
C3D CLA LG . 19.99 -18.36 13.52
C4D CLA LG . 19.21 -17.12 13.59
CMD CLA LG . 20.90 -19.94 15.32
CAD CLA LG . 20.23 -18.64 12.11
OBD CLA LG . 20.79 -19.61 11.59
CBD CLA LG . 19.63 -17.46 11.30
CGD CLA LG . 20.70 -16.74 10.53
O1D CLA LG . 21.92 -16.80 10.69
O2D CLA LG . 20.21 -15.93 9.56
CED CLA LG . 20.92 -15.87 8.32
C1 CLA LG . 12.58 -17.87 10.54
C2 CLA LG . 12.29 -18.93 11.53
C3 CLA LG . 11.34 -19.85 11.36
C4 CLA LG . 10.49 -19.85 10.15
C5 CLA LG . 11.08 -20.90 12.38
C6 CLA LG . 12.33 -21.56 12.95
C7 CLA LG . 12.46 -22.98 12.47
C8 CLA LG . 11.64 -23.96 13.31
C9 CLA LG . 12.57 -24.87 14.09
C10 CLA LG . 10.71 -24.78 12.44
C11 CLA LG . 9.62 -25.47 13.23
C12 CLA LG . 8.74 -26.33 12.35
C13 CLA LG . 8.23 -27.58 13.06
C14 CLA LG . 7.43 -27.23 14.29
C15 CLA LG . 9.38 -28.54 13.40
C16 CLA LG . 8.91 -29.98 13.47
C17 CLA LG . 8.80 -30.63 12.11
C18 CLA LG . 7.91 -31.86 12.13
C19 CLA LG . 8.57 -33.04 11.47
C20 CLA LG . 6.59 -31.55 11.45
MG CLA MG . 15.05 7.78 13.87
CHA CLA MG . 16.33 4.96 15.42
CHB CLA MG . 11.89 6.77 14.76
CHC CLA MG . 13.69 10.12 11.76
CHD CLA MG . 18.21 8.28 12.32
NA CLA MG . 14.27 6.15 14.94
C1A CLA MG . 14.97 5.10 15.53
C2A CLA MG . 14.04 4.12 16.23
C3A CLA MG . 12.65 4.76 16.06
C4A CLA MG . 12.93 5.98 15.20
CMA CLA MG . 11.73 3.78 15.36
CAA CLA MG . 14.31 4.02 17.72
CBA CLA MG . 13.84 2.70 18.26
CGA CLA MG . 13.82 2.70 19.76
O1A CLA MG . 14.47 3.40 20.53
O2A CLA MG . 12.94 1.80 20.27
NB CLA MG . 13.18 8.31 13.35
C1B CLA MG . 12.03 7.89 13.94
C2B CLA MG . 10.89 8.75 13.56
C3B CLA MG . 11.39 9.71 12.71
C4B CLA MG . 12.84 9.43 12.55
CMB CLA MG . 9.53 8.51 14.05
CAB CLA MG . 10.74 10.77 12.01
CBB CLA MG . 9.48 10.75 11.57
NC CLA MG . 15.83 9.00 12.36
C1C CLA MG . 15.10 9.94 11.67
C2C CLA MG . 15.96 10.66 10.74
C3C CLA MG . 17.22 10.10 10.84
C4C CLA MG . 17.14 9.07 11.88
CMC CLA MG . 15.52 11.73 9.84
CAC CLA MG . 18.44 10.48 10.10
CBC CLA MG . 19.36 11.39 10.86
ND CLA MG . 16.88 6.91 13.87
C1D CLA MG . 18.11 7.26 13.24
C2D CLA MG . 19.17 6.37 13.76
C3D CLA MG . 18.55 5.47 14.61
C4D CLA MG . 17.12 5.83 14.61
CMD CLA MG . 20.58 6.44 13.38
CAD CLA MG . 18.70 4.31 15.47
OBD CLA MG . 19.72 3.70 15.77
CBD CLA MG . 17.29 3.93 15.99
CGD CLA MG . 16.91 2.51 15.62
O1D CLA MG . 16.94 1.52 16.35
O2D CLA MG . 16.51 2.36 14.34
CED CLA MG . 15.60 1.30 14.04
C1 CLA MG . 13.17 1.36 21.63
C2 CLA MG . 12.31 0.18 21.86
C3 CLA MG . 11.69 -0.09 23.03
C4 CLA MG . 11.81 0.80 24.21
C5 CLA MG . 10.85 -1.30 23.17
C6 CLA MG . 9.47 -1.05 23.76
C7 CLA MG . 9.32 -1.72 25.11
C8 CLA MG . 9.10 -3.22 24.99
C9 CLA MG . 7.63 -3.56 25.15
C10 CLA MG . 9.94 -3.97 26.01
MG CLA NG . 10.39 8.90 24.14
CHA CLA NG . 12.84 7.24 22.35
CHB CLA NG . 8.33 8.70 21.40
CHC CLA NG . 7.72 9.87 26.08
CHD CLA NG . 12.33 8.48 27.07
NA CLA NG . 10.58 8.11 22.20
C1A CLA NG . 11.70 7.47 21.65
C2A CLA NG . 11.45 7.06 20.20
C3A CLA NG . 10.08 7.70 19.88
C4A CLA NG . 9.61 8.20 21.25
CMA CLA NG . 10.21 8.81 18.87
CAA CLA NG . 11.47 5.55 19.98
CBA CLA NG . 10.44 4.77 20.79
CGA CLA NG . 10.95 4.50 22.17
O1A CLA NG . 12.12 4.35 22.54
O2A CLA NG . 9.96 4.43 23.10
NB CLA NG . 8.42 9.21 23.80
C1B CLA NG . 7.79 9.18 22.60
C2B CLA NG . 6.42 9.72 22.73
C3B CLA NG . 6.24 10.05 24.05
C4B CLA NG . 7.51 9.72 24.75
CMB CLA NG . 5.50 9.80 21.60
CAB CLA NG . 5.10 10.58 24.75
CBB CLA NG . 4.04 9.88 25.13
NC CLA NG . 10.09 9.14 26.20
C1C CLA NG . 8.94 9.59 26.77
C2C CLA NG . 9.10 9.71 28.22
C3C CLA NG . 10.39 9.26 28.50
C4C CLA NG . 11.01 8.93 27.23
CMC CLA NG . 8.07 10.15 29.16
CAC CLA NG . 11.02 9.20 29.82
CBC CLA NG . 10.93 7.82 30.45
ND CLA NG . 12.15 8.04 24.67
C1D CLA NG . 12.88 8.05 25.89
C2D CLA NG . 14.25 7.53 25.63
C3D CLA NG . 14.29 7.22 24.29
C4D CLA NG . 12.95 7.54 23.74
CMD CLA NG . 15.29 7.41 26.64
CAD CLA NG . 15.08 6.68 23.20
OBD CLA NG . 16.23 6.27 23.20
CBD CLA NG . 14.19 6.70 21.92
CGD CLA NG . 14.79 7.57 20.85
O1D CLA NG . 14.97 8.79 20.87
O2D CLA NG . 15.19 6.89 19.73
CED CLA NG . 16.18 7.51 18.91
C1 CLA NG . 10.34 4.75 24.45
C2 CLA NG . 9.14 5.31 25.12
C3 CLA NG . 9.14 5.61 26.42
C4 CLA NG . 10.33 5.43 27.28
C5 CLA NG . 7.93 6.17 27.08
C6 CLA NG . 7.36 5.26 28.15
C7 CLA NG . 6.16 5.90 28.81
C8 CLA NG . 4.93 5.85 27.90
C9 CLA NG . 4.32 7.22 27.79
C10 CLA NG . 3.93 4.79 28.36
C11 CLA NG . 3.19 5.13 29.64
C12 CLA NG . 2.19 4.03 29.97
C13 CLA NG . 1.71 4.11 31.41
C14 CLA NG . 0.91 2.88 31.78
C15 CLA NG . 0.89 5.37 31.64
MG CLA OG . 1.10 7.50 20.19
CHA CLA OG . 3.98 6.34 18.68
CHB CLA OG . -0.54 7.16 17.19
CHC CLA OG . -1.92 7.93 21.80
CHD CLA OG . 2.64 7.02 23.35
NA CLA OG . 1.65 6.90 18.27
C1A CLA OG . 2.92 6.47 17.85
C2A CLA OG . 2.92 6.15 16.36
C3A CLA OG . 1.54 6.66 15.87
C4A CLA OG . 0.81 6.93 17.19
CMA CLA OG . 1.65 7.90 15.04
CAA CLA OG . 3.22 4.69 16.02
CBA CLA OG . 2.63 3.65 16.95
CGA CLA OG . 3.37 2.36 16.75
O1A CLA OG . 3.86 1.62 17.60
O2A CLA OG . 3.47 2.02 15.43
NB CLA OG . -0.83 7.59 19.60
C1B CLA OG . -1.32 7.41 18.34
C2B CLA OG . -2.80 7.47 18.34
C3B CLA OG . -3.18 7.69 19.63
C4B CLA OG . -1.95 7.77 20.45
CMB CLA OG . -3.63 7.27 17.15
CAB CLA OG . -4.50 7.81 20.19
CBB CLA OG . -4.90 8.79 20.99
NC CLA OG . 0.49 7.55 22.19
C1C CLA OG . -0.77 7.84 22.63
C2C CLA OG . -0.82 7.93 24.07
C3C CLA OG . 0.44 7.54 24.53
C4C CLA OG . 1.27 7.34 23.34
CMC CLA OG . -2.01 8.25 24.86
CAC CLA OG . 0.89 7.48 25.92
CBC CLA OG . 1.11 6.06 26.39
ND CLA OG . 2.86 6.86 20.93
C1D CLA OG . 3.40 6.77 22.23
C2D CLA OG . 4.84 6.43 22.16
C3D CLA OG . 5.12 6.30 20.81
C4D CLA OG . 3.86 6.54 20.09
CMD CLA OG . 5.73 6.29 23.30
CAD CLA OG . 6.13 6.00 19.81
OBD CLA OG . 7.33 5.81 19.94
CBD CLA OG . 5.41 5.98 18.42
CGD CLA OG . 6.05 6.92 17.45
O1D CLA OG . 6.92 6.68 16.60
O2D CLA OG . 5.60 8.21 17.53
CED CLA OG . 5.54 8.95 16.33
C1 CLA OG . 2.88 0.77 15.03
C2 CLA OG . 3.85 -0.30 15.37
C3 CLA OG . 3.75 -1.10 16.45
C4 CLA OG . 4.77 -2.14 16.71
C5 CLA OG . 2.62 -0.99 17.41
MG CLA PG . -10.18 43.46 -17.97
CHA CLA PG . -9.17 45.98 -15.81
CHB CLA PG . -10.34 45.76 -20.48
CHC CLA PG . -10.31 40.91 -20.26
CHD CLA PG . -9.37 41.10 -15.44
NA CLA PG . -9.85 45.53 -18.09
C1A CLA PG . -9.44 46.39 -17.08
C2A CLA PG . -9.35 47.83 -17.57
C3A CLA PG . -10.03 47.75 -18.96
C4A CLA PG . -10.07 46.25 -19.23
CMA CLA PG . -11.43 48.30 -18.93
CAA CLA PG . -7.91 48.32 -17.59
CBA CLA PG . -6.98 47.49 -18.45
CGA CLA PG . -6.40 46.35 -17.68
O1A CLA PG . -6.00 46.34 -16.51
O2A CLA PG . -6.33 45.20 -18.41
NB CLA PG . -10.30 43.35 -19.98
C1B CLA PG . -10.41 44.41 -20.83
C2B CLA PG . -10.61 43.93 -22.22
C3B CLA PG . -10.61 42.56 -22.17
C4B CLA PG . -10.41 42.17 -20.74
CMB CLA PG . -10.76 44.82 -23.37
CAB CLA PG . -10.75 41.60 -23.24
CBB CLA PG . -11.90 41.20 -23.76
NC CLA PG . -9.96 41.38 -17.85
C1C CLA PG . -10.13 40.52 -18.90
C2C CLA PG . -9.97 39.15 -18.46
C3C CLA PG . -9.62 39.20 -17.11
C4C CLA PG . -9.64 40.62 -16.73
CMC CLA PG . -10.11 37.96 -19.30
CAC CLA PG . -9.37 38.05 -16.22
CBC CLA PG . -8.05 37.40 -16.50
ND CLA PG . -9.51 43.47 -16.06
C1D CLA PG . -9.29 42.44 -15.12
C2D CLA PG . -8.98 43.04 -13.80
C3D CLA PG . -8.93 44.41 -14.01
C4D CLA PG . -9.24 44.61 -15.43
CMD CLA PG . -8.77 42.30 -12.56
CAD CLA PG . -8.75 45.72 -13.40
OBD CLA PG . -8.57 46.02 -12.23
CBD CLA PG . -8.81 46.77 -14.56
CGD CLA PG . -9.78 47.88 -14.29
O1D CLA PG . -10.90 47.80 -13.80
O2D CLA PG . -9.31 49.11 -14.65
CED CLA PG . -10.27 50.14 -14.88
C1 CLA PG . -5.09 44.47 -18.30
C2 CLA PG . -5.29 43.43 -17.26
C3 CLA PG . -5.92 42.25 -17.45
C4 CLA PG . -6.06 41.30 -16.32
C5 CLA PG . -6.52 41.83 -18.75
C6 CLA PG . -5.90 40.60 -19.35
C7 CLA PG . -6.78 40.06 -20.45
C8 CLA PG . -6.07 39.08 -21.36
C9 CLA PG . -5.24 39.80 -22.40
C10 CLA PG . -7.07 38.13 -22.04
C11 CLA PG . -7.92 38.82 -23.08
C12 CLA PG . -9.31 38.20 -23.24
C13 CLA PG . -9.41 37.07 -24.26
C14 CLA PG . -8.79 35.81 -23.72
C15 CLA PG . -8.84 37.43 -25.62
C16 CLA PG . -9.30 36.50 -26.73
C17 CLA PG . -10.32 37.14 -27.66
C18 CLA PG . -10.55 36.28 -28.89
C19 CLA PG . -11.64 35.24 -28.64
C20 CLA PG . -10.93 37.14 -30.07
MG CLA QG . -1.82 29.18 -8.92
CHA CLA QG . -4.04 26.53 -8.84
CHB CLA QG . 0.77 26.92 -9.21
CHC CLA QG . 0.29 31.73 -9.90
CHD CLA QG . -4.56 31.38 -9.22
NA CLA QG . -1.68 27.09 -8.98
C1A CLA QG . -2.73 26.16 -8.94
C2A CLA QG . -2.22 24.72 -8.98
C3A CLA QG . -0.69 24.91 -8.79
C4A CLA QG . -0.50 26.41 -9.02
CMA CLA QG . -0.26 24.51 -7.41
CAA CLA QG . -2.63 24.01 -10.26
CBA CLA QG . -1.77 24.29 -11.48
CGA CLA QG . -1.94 25.69 -11.97
O1A CLA QG . -1.24 26.66 -11.70
O2A CLA QG . -3.00 25.85 -12.83
NB CLA QG . 0.14 29.29 -9.43
C1B CLA QG . 1.05 28.28 -9.43
C2B CLA QG . 2.41 28.81 -9.70
C3B CLA QG . 2.28 30.16 -9.89
C4B CLA QG . 0.84 30.49 -9.73
CMB CLA QG . 3.60 27.98 -9.77
CAB CLA QG . 3.29 31.14 -10.23
CBB CLA QG . 3.51 32.27 -9.57
NC CLA QG . -2.09 31.18 -9.42
C1C CLA QG . -1.08 32.06 -9.75
C2C CLA QG . -1.63 33.39 -10.00
C3C CLA QG . -3.00 33.28 -9.85
C4C CLA QG . -3.28 31.90 -9.47
CMC CLA QG . -0.87 34.57 -10.39
CAC CLA QG . -4.01 34.34 -10.01
CBC CLA QG . -4.55 34.89 -8.72
ND CLA QG . -3.83 29.06 -9.03
C1D CLA QG . -4.84 30.05 -9.01
C2D CLA QG . -6.16 29.41 -8.79
C3D CLA QG . -5.91 28.05 -8.75
C4D CLA QG . -4.45 27.89 -8.90
CMD CLA QG . -7.43 30.11 -8.70
CAD CLA QG . -6.48 26.72 -8.60
OBD CLA QG . -7.65 26.38 -8.48
CBD CLA QG . -5.29 25.71 -8.63
CGD CLA QG . -5.20 24.91 -7.36
O1D CLA QG . -4.35 25.01 -6.48
O2D CLA QG . -6.20 24.00 -7.18
CED CLA QG . -6.38 23.47 -5.88
C1 CLA QG . -3.94 26.92 -12.60
C2 CLA QG . -3.25 28.23 -12.81
C3 CLA QG . -3.86 29.41 -12.73
C4 CLA QG . -5.30 29.56 -12.42
C5 CLA QG . -3.06 30.66 -12.93
C6 CLA QG . -3.49 31.57 -14.05
C7 CLA QG . -2.80 32.91 -13.84
C8 CLA QG . -2.64 33.73 -15.12
C9 CLA QG . -3.97 33.94 -15.80
C10 CLA QG . -1.66 33.07 -16.08
MG CLA RG . -7.39 21.66 31.96
CHA CLA RG . -6.26 18.90 30.20
CHB CLA RG . -7.35 19.79 34.83
CHC CLA RG . -7.74 24.53 33.82
CHD CLA RG . -6.74 23.64 29.09
NA CLA RG . -6.92 19.68 32.41
C1A CLA RG . -6.47 18.68 31.53
C2A CLA RG . -6.26 17.36 32.25
C3A CLA RG . -6.86 17.62 33.64
C4A CLA RG . -7.04 19.13 33.66
CMA CLA RG . -8.19 16.92 33.78
CAA CLA RG . -4.78 16.99 32.26
CBA CLA RG . -4.04 17.51 33.48
CGA CLA RG . -2.58 17.19 33.32
O1A CLA RG . -2.06 16.12 33.03
O2A CLA RG . -1.77 18.27 33.54
NB CLA RG . -7.49 22.07 33.93
C1B CLA RG . -7.54 21.17 34.94
C2B CLA RG . -7.86 21.85 36.23
C3B CLA RG . -7.97 23.19 35.95
C4B CLA RG . -7.74 23.35 34.49
CMB CLA RG . -7.98 21.15 37.51
CAB CLA RG . -8.26 24.30 36.83
CBB CLA RG . -7.40 25.27 37.14
NC CLA RG . -7.31 23.71 31.52
C1C CLA RG . -7.55 24.71 32.41
C2C CLA RG . -7.50 26.00 31.74
C3C CLA RG . -7.14 25.75 30.43
C4C CLA RG . -7.05 24.31 30.29
CMC CLA RG . -7.72 27.30 32.37
CAC CLA RG . -6.99 26.76 29.36
CBC CLA RG . -5.64 27.44 29.36
ND CLA RG . -6.73 21.40 30.07
C1D CLA RG . -6.59 22.29 28.97
C2D CLA RG . -6.24 21.50 27.77
C3D CLA RG . -6.13 20.19 28.18
C4D CLA RG . -6.41 20.19 29.62
CMD CLA RG . -6.04 22.07 26.45
CAD CLA RG . -5.83 18.82 27.79
OBD CLA RG . -5.58 18.35 26.67
CBD CLA RG . -5.87 17.96 29.08
CGD CLA RG . -6.83 16.81 28.96
O1D CLA RG . -8.04 16.88 28.68
O2D CLA RG . -6.29 15.58 29.17
CED CLA RG . -7.04 14.44 28.74
C1 CLA RG . -1.86 19.32 32.56
C2 CLA RG . -2.38 20.52 33.26
C3 CLA RG . -3.16 21.44 32.67
C4 CLA RG . -3.54 21.31 31.26
C5 CLA RG . -3.67 22.64 33.39
C6 CLA RG . -4.02 22.45 34.86
C7 CLA RG . -3.52 23.61 35.70
C8 CLA RG . -3.39 23.26 37.17
C9 CLA RG . -4.67 22.70 37.74
C10 CLA RG . -2.97 24.52 37.94
C11 CLA RG . -1.96 24.23 39.02
C12 CLA RG . -0.62 23.80 38.46
C13 CLA RG . 0.49 24.06 39.46
C14 CLA RG . 1.10 25.44 39.26
C15 CLA RG . 1.59 23.02 39.38
C16 CLA RG . 1.70 22.14 40.61
C17 CLA RG . 0.49 21.25 40.79
C18 CLA RG . 0.61 20.29 41.97
C19 CLA RG . 1.96 19.60 42.03
C20 CLA RG . 0.34 21.00 43.28
C1 PQN SG . -8.16 35.26 -3.08
O1 PQN SG . -7.13 35.39 -2.45
C2 PQN SG . -8.26 35.78 -4.45
C2M PQN SG . -7.06 36.46 -5.02
C3 PQN SG . -9.41 35.65 -5.15
C4 PQN SG . -10.59 34.97 -4.58
O4 PQN SG . -11.61 34.85 -5.20
C5 PQN SG . -10.49 34.44 -3.22
C6 PQN SG . -11.57 33.81 -2.65
C7 PQN SG . -11.50 33.30 -1.36
C8 PQN SG . -10.33 33.44 -0.64
C9 PQN SG . -9.25 34.08 -1.19
C10 PQN SG . -9.32 34.58 -2.49
C11 PQN SG . -9.53 36.17 -6.54
C12 PQN SG . -9.00 35.16 -7.52
C13 PQN SG . -9.65 34.79 -8.61
C14 PQN SG . -10.99 35.34 -8.96
C15 PQN SG . -9.06 33.77 -9.53
C16 PQN SG . -8.21 34.40 -10.61
C17 PQN SG . -7.58 33.27 -11.41
C18 PQN SG . -7.06 33.73 -12.79
C19 PQN SG . -6.48 35.13 -12.71
C20 PQN SG . -8.21 33.72 -13.81
C21 PQN SG . -7.73 33.10 -15.11
C22 PQN SG . -8.85 33.08 -16.13
C23 PQN SG . -8.46 33.89 -17.37
C24 PQN SG . -9.70 34.58 -17.93
C25 PQN SG . -7.87 32.94 -18.42
C26 PQN SG . -7.54 33.66 -19.74
C27 PQN SG . -6.08 33.46 -20.13
C28 PQN SG . -5.17 34.31 -19.23
C29 PQN SG . -3.72 33.93 -19.49
C30 PQN SG . -5.34 35.80 -19.53
MG CLA TG . -8.87 -10.94 23.30
CHA CLA TG . -9.26 -11.55 26.70
CHB CLA TG . -6.11 -9.04 24.04
CHC CLA TG . -7.87 -11.13 20.01
CHD CLA TG . -11.17 -13.57 22.69
NA CLA TG . -7.92 -10.35 25.07
C1A CLA TG . -8.23 -10.71 26.39
C2A CLA TG . -7.29 -10.05 27.39
C3A CLA TG . -6.50 -9.06 26.53
C4A CLA TG . -6.85 -9.50 25.10
CMA CLA TG . -6.90 -7.64 26.79
CAA CLA TG . -6.41 -11.10 28.04
CBA CLA TG . -5.29 -10.49 28.86
CGA CLA TG . -5.24 -11.12 30.21
O1A CLA TG . -6.18 -11.40 30.97
O2A CLA TG . -3.96 -11.39 30.62
NB CLA TG . -7.27 -10.28 22.27
C1B CLA TG . -6.36 -9.38 22.70
C2B CLA TG . -5.61 -8.79 21.56
C3B CLA TG . -6.11 -9.37 20.42
C4B CLA TG . -7.16 -10.33 20.85
CMB CLA TG . -4.56 -7.78 21.72
CAB CLA TG . -5.75 -9.18 19.04
CBB CLA TG . -4.51 -9.13 18.56
NC CLA TG . -9.48 -12.06 21.66
C1C CLA TG . -8.98 -11.94 20.38
C2C CLA TG . -9.68 -12.82 19.47
C3C CLA TG . -10.56 -13.58 20.24
C4C CLA TG . -10.44 -13.09 21.60
CMC CLA TG . -9.43 -12.94 18.02
CAC CLA TG . -11.49 -14.62 19.77
CBC CLA TG . -11.05 -16.01 20.12
ND CLA TG . -10.11 -12.13 24.37
C1D CLA TG . -11.03 -13.15 23.99
C2D CLA TG . -11.73 -13.64 25.20
C3D CLA TG . -11.12 -13.02 26.28
C4D CLA TG . -10.06 -12.16 25.70
CMD CLA TG . -12.82 -14.61 25.19
CAD CLA TG . -11.08 -12.85 27.71
OBD CLA TG . -11.87 -13.24 28.56
CBD CLA TG . -9.79 -12.04 28.04
CGD CLA TG . -10.04 -10.93 29.03
O1D CLA TG . -9.32 -10.58 29.97
O2D CLA TG . -11.23 -10.28 28.87
CED CLA TG . -12.09 -10.20 30.01
C1 CLA TG . -3.26 -10.28 31.23
C2 CLA TG . -2.18 -9.91 30.27
C3 CLA TG . -0.89 -10.27 30.36
C4 CLA TG . 0.09 -9.82 29.34
C5 CLA TG . -0.31 -11.13 31.44
C6 CLA TG . 0.65 -10.37 32.33
C7 CLA TG . -0.10 -9.61 33.41
C8 CLA TG . 0.21 -8.11 33.48
C9 CLA TG . -0.15 -7.45 32.16
C10 CLA TG . 1.66 -7.86 33.89
C11 CLA TG . 2.19 -6.53 33.40
C12 CLA TG . 3.48 -6.14 34.09
C13 CLA TG . 3.89 -4.71 33.75
C14 CLA TG . 3.84 -4.45 32.25
C15 CLA TG . 5.30 -4.38 34.24
C16 CLA TG . 5.50 -4.68 35.71
C17 CLA TG . 6.70 -3.91 36.25
C18 CLA TG . 7.18 -4.32 37.64
C19 CLA TG . 6.19 -5.16 38.41
C20 CLA TG . 8.52 -5.05 37.56
O1 LHG UG . -20.57 20.84 -5.24
C1 LHG UG . -20.37 21.56 -6.46
C2 LHG UG . -18.88 21.82 -6.64
O2 LHG UG . -18.19 20.59 -6.81
C3 LHG UG . -18.30 22.50 -5.41
O3 LHG UG . -16.89 22.62 -5.58
P LHG UG . -16.01 23.33 -4.46
O4 LHG UG . -16.19 24.82 -4.60
O5 LHG UG . -16.30 22.66 -3.14
O6 LHG UG . -14.51 22.97 -4.89
C4 LHG UG . -13.45 23.44 -4.07
C5 LHG UG . -12.11 22.87 -4.49
C6 LHG UG . -12.11 21.35 -4.31
O7 LHG UG . -11.82 23.16 -5.85
C7 LHG UG . -10.47 23.64 -6.04
O9 LHG UG . -9.94 24.37 -5.22
C8 LHG UG . -9.71 23.23 -7.27
C9 LHG UG . -10.49 23.61 -8.52
C10 LHG UG . -9.57 23.79 -9.71
O8 LHG UG . -10.81 20.86 -4.63
C23 LHG UG . -10.52 19.45 -4.63
O10 LHG UG . -11.43 18.65 -4.58
C24 LHG UG . -9.07 18.98 -4.70
C11 LHG UG . -8.92 22.47 -10.12
C12 LHG UG . -7.65 22.71 -10.91
C13 LHG UG . -7.85 23.73 -12.03
C14 LHG UG . -6.63 23.76 -12.95
C15 LHG UG . -6.56 22.49 -13.79
C16 LHG UG . -5.37 21.62 -13.42
C17 LHG UG . -4.08 22.28 -13.88
C18 LHG UG . -2.92 21.31 -14.02
C19 LHG UG . -2.79 20.32 -12.86
C20 LHG UG . -1.59 19.40 -13.10
C21 LHG UG . -1.64 18.17 -12.21
C22 LHG UG . -0.60 17.16 -12.63
C25 LHG UG . -8.68 18.34 -3.38
C26 LHG UG . -7.22 18.61 -3.04
C27 LHG UG . -7.06 19.98 -2.38
C28 LHG UG . -5.66 20.16 -1.81
C29 LHG UG . -4.62 20.32 -2.90
C30 LHG UG . -3.20 20.30 -2.35
C31 LHG UG . -2.18 20.24 -3.47
C32 LHG UG . -0.75 20.26 -2.95
C33 LHG UG . 0.23 20.46 -4.08
C34 LHG UG . 1.66 20.47 -3.56
C35 LHG UG . 2.67 20.50 -4.71
C36 LHG UG . 4.08 20.18 -4.19
O1 LHG VG . -10.83 -6.37 17.24
C1 LHG VG . -11.41 -7.42 18.02
C2 LHG VG . -10.33 -8.13 18.82
O2 LHG VG . -9.77 -9.16 18.03
C3 LHG VG . -10.93 -8.77 20.05
O3 LHG VG . -11.01 -7.84 21.11
P LHG VG . -9.83 -7.96 22.18
O4 LHG VG . -10.13 -9.09 23.12
O5 LHG VG . -8.55 -7.96 21.37
O6 LHG VG . -9.84 -6.56 22.97
C4 LHG VG . -8.74 -6.36 23.85
C5 LHG VG . -8.25 -4.91 23.84
C6 LHG VG . -6.74 -4.88 23.67
O7 LHG VG . -8.84 -4.17 22.77
C7 LHG VG . -9.66 -3.07 23.24
O9 LHG VG . -10.30 -3.19 24.27
C8 LHG VG . -9.72 -1.77 22.47
C9 LHG VG . -8.39 -1.02 22.58
C10 LHG VG . -8.01 -0.76 24.03
O8 LHG VG . -6.19 -3.91 24.56
C23 LHG VG . -4.83 -3.46 24.38
O10 LHG VG . -4.31 -3.55 23.28
C24 LHG VG . -4.05 -2.90 25.54
C11 LHG VG . -7.84 0.71 24.34
C12 LHG VG . -6.50 1.25 23.85
C13 LHG VG . -6.07 2.46 24.66
C14 LHG VG . -4.56 2.60 24.67
C25 LHG VG . -4.80 -1.71 26.15
C26 LHG VG . -3.99 -1.11 27.29
C27 LHG VG . -4.67 0.12 27.87
C28 LHG VG . -3.85 0.73 28.99
C1 BCR WG . 10.43 -1.97 -20.39
C2 BCR WG . 10.13 -0.55 -19.92
C3 BCR WG . 9.68 -0.55 -18.47
C4 BCR WG . 10.83 -0.97 -17.59
C5 BCR WG . 11.53 -2.18 -18.16
C6 BCR WG . 11.11 -2.78 -19.29
C7 BCR WG . 11.25 -4.22 -19.59
C8 BCR WG . 11.43 -5.19 -18.68
C9 BCR WG . 11.42 -6.61 -19.08
C10 BCR WG . 11.26 -7.56 -18.13
C11 BCR WG . 11.13 -8.97 -18.49
C33 BCR WG . 12.79 -2.60 -17.47
C31 BCR WG . 11.28 -1.96 -21.65
C32 BCR WG . 9.11 -2.68 -20.66
C34 BCR WG . 11.49 -7.06 -20.51
C12 BCR WG . 10.87 -9.88 -17.56
C13 BCR WG . 10.68 -11.32 -17.89
C14 BCR WG . 10.21 -12.10 -16.91
C15 BCR WG . 9.93 -13.53 -17.05
C16 BCR WG . 9.48 -14.18 -15.98
C17 BCR WG . 9.18 -15.61 -15.97
C18 BCR WG . 8.78 -16.26 -14.85
C19 BCR WG . 8.56 -17.73 -14.93
C20 BCR WG . 8.32 -18.47 -13.85
C21 BCR WG . 8.15 -19.93 -13.95
C22 BCR WG . 7.96 -20.71 -12.87
C23 BCR WG . 7.90 -22.19 -13.05
C24 BCR WG . 8.11 -23.02 -12.02
C25 BCR WG . 8.18 -24.49 -12.18
C26 BCR WG . 7.79 -25.11 -13.30
C27 BCR WG . 8.68 -26.13 -13.97
C28 BCR WG . 9.51 -26.87 -12.92
C29 BCR WG . 8.88 -26.77 -11.54
C30 BCR WG . 8.75 -25.32 -11.06
C35 BCR WG . 10.94 -11.87 -19.27
C36 BCR WG . 8.63 -15.50 -13.56
C37 BCR WG . 7.92 -20.10 -11.51
C38 BCR WG . 6.41 -24.90 -13.84
C39 BCR WG . 10.12 -24.79 -10.65
C40 BCR WG . 7.84 -25.29 -9.84
C1 BCR XG . 3.92 -19.88 -16.24
C2 BCR XG . 4.74 -21.08 -16.66
C3 BCR XG . 6.20 -20.65 -16.82
C4 BCR XG . 6.34 -19.76 -18.03
C5 BCR XG . 5.25 -18.72 -17.98
C6 BCR XG . 4.41 -18.63 -16.94
C7 BCR XG . 3.98 -17.35 -16.36
C8 BCR XG . 4.58 -16.17 -16.59
C9 BCR XG . 4.17 -14.97 -15.85
C10 BCR XG . 4.99 -13.91 -15.81
C11 BCR XG . 4.71 -12.72 -15.01
C33 BCR XG . 5.07 -17.82 -19.17
C31 BCR XG . 4.12 -19.68 -14.73
C32 BCR XG . 2.44 -20.13 -16.55
C34 BCR XG . 2.84 -15.02 -15.14
C12 BCR XG . 5.62 -11.76 -14.81
C13 BCR XG . 5.33 -10.60 -13.93
C14 BCR XG . 6.32 -9.71 -13.74
C15 BCR XG . 6.18 -8.52 -12.89
C16 BCR XG . 7.21 -7.70 -12.71
C17 BCR XG . 7.03 -6.52 -11.87
C18 BCR XG . 7.99 -5.59 -11.71
C19 BCR XG . 7.64 -4.41 -10.88
C20 BCR XG . 8.41 -3.33 -10.84
C21 BCR XG . 7.98 -2.15 -10.08
C22 BCR XG . 8.64 -0.99 -10.16
C23 BCR XG . 8.07 0.18 -9.44
C24 BCR XG . 8.52 1.41 -9.63
C25 BCR XG . 7.91 2.61 -9.02
C26 BCR XG . 7.02 2.54 -8.04
C27 BCR XG . 5.73 3.29 -8.10
C28 BCR XG . 5.78 4.29 -9.25
C29 BCR XG . 7.13 4.96 -9.31
C30 BCR XG . 8.25 3.96 -9.61
C35 BCR XG . 3.99 -10.45 -13.28
C36 BCR XG . 9.31 -5.77 -12.40
C37 BCR XG . 9.88 -0.92 -10.99
C38 BCR XG . 7.35 1.74 -6.81
C39 BCR XG . 9.56 4.44 -9.02
C40 BCR XG . 8.40 3.84 -11.12
C1 BCR YG . -11.85 1.33 6.90
C2 BCR YG . -12.48 2.64 6.45
C3 BCR YG . -12.54 3.63 7.60
C4 BCR YG . -11.16 3.95 8.17
C5 BCR YG . -10.16 2.90 7.77
C6 BCR YG . -10.53 1.64 7.57
C7 BCR YG . -9.71 0.49 8.04
C8 BCR YG . -8.79 0.63 9.00
C9 BCR YG . -8.12 -0.58 9.54
C10 BCR YG . -7.52 -0.47 10.73
C11 BCR YG . -6.92 -1.61 11.42
C33 BCR YG . -8.75 3.35 7.49
C31 BCR YG . -11.69 0.36 5.74
C32 BCR YG . -12.73 0.69 7.95
C34 BCR YG . -8.20 -1.87 8.78
C12 BCR YG . -6.41 -1.43 12.64
C13 BCR YG . -5.84 -2.57 13.40
C14 BCR YG . -5.58 -2.36 14.71
C15 BCR YG . -5.06 -3.40 15.61
C16 BCR YG . -4.80 -3.07 16.87
C17 BCR YG . -4.24 -4.06 17.79
C18 BCR YG . -3.83 -3.77 19.04
C19 BCR YG . -3.19 -4.85 19.84
C20 BCR YG . -2.53 -4.55 20.97
C21 BCR YG . -1.82 -5.59 21.72
C22 BCR YG . -0.97 -5.30 22.74
C23 BCR YG . -0.20 -6.40 23.35
C24 BCR YG . 0.89 -6.11 24.07
C25 BCR YG . 1.79 -7.16 24.61
C26 BCR YG . 1.43 -8.44 24.64
C27 BCR YG . 2.34 -9.50 24.07
C28 BCR YG . 3.79 -9.03 24.17
C29 BCR YG . 3.97 -8.04 25.32
C30 BCR YG . 3.15 -6.77 25.12
C35 BCR YG . -5.64 -3.89 12.74
C36 BCR YG . -3.93 -2.39 19.62
C37 BCR YG . -0.74 -3.88 23.20
C38 BCR YG . 0.19 -8.86 25.37
C39 BCR YG . 3.85 -5.89 24.09
C40 BCR YG . 3.05 -6.02 26.43
C1 BCR ZG . -5.16 8.93 10.00
C2 BCR ZG . -6.60 9.43 9.89
C3 BCR ZG . -7.60 8.39 10.36
C4 BCR ZG . -7.45 7.07 9.61
C5 BCR ZG . -6.09 6.88 8.97
C6 BCR ZG . -5.01 7.61 9.29
C7 BCR ZG . -3.61 7.18 9.07
C8 BCR ZG . -3.25 5.91 8.99
C9 BCR ZG . -1.83 5.50 8.93
C10 BCR ZG . -1.60 4.22 9.20
C11 BCR ZG . -0.27 3.66 9.29
C33 BCR ZG . -6.06 5.89 7.84
C31 BCR ZG . -4.80 8.68 11.46
C32 BCR ZG . -4.18 9.92 9.39
C34 BCR ZG . -0.69 6.42 8.56
C12 BCR ZG . -0.17 2.43 9.79
C13 BCR ZG . 1.13 1.76 9.99
C14 BCR ZG . 1.08 0.59 10.65
C15 BCR ZG . 2.26 -0.20 10.98
C16 BCR ZG . 2.15 -1.28 11.72
C17 BCR ZG . 3.39 -2.01 12.04
C18 BCR ZG . 3.45 -3.09 12.83
C19 BCR ZG . 4.80 -3.65 13.05
C20 BCR ZG . 5.05 -4.66 13.86
C21 BCR ZG . 6.44 -5.10 14.00
C22 BCR ZG . 6.84 -6.09 14.81
C23 BCR ZG . 8.30 -6.34 14.83
C24 BCR ZG . 8.85 -7.21 15.68
C25 BCR ZG . 10.31 -7.53 15.83
C26 BCR ZG . 10.57 -8.37 16.81
C27 BCR ZG . 11.72 -8.07 17.73
C28 BCR ZG . 12.93 -8.08 16.83
C29 BCR ZG . 12.79 -7.02 15.73
C30 BCR ZG . 11.46 -7.02 14.97
C35 BCR ZG . 2.42 2.35 9.48
C36 BCR ZG . 2.24 -3.69 13.47
C37 BCR ZG . 5.88 -6.84 15.69
C38 BCR ZG . 9.75 -9.60 17.03
C39 BCR ZG . 11.60 -7.94 13.76
C40 BCR ZG . 11.29 -5.60 14.47
C1 BCR AH . 9.75 21.18 -7.57
C2 BCR AH . 9.95 20.94 -6.09
C3 BCR AH . 9.36 19.63 -5.62
C4 BCR AH . 7.88 19.68 -5.90
C5 BCR AH . 7.66 19.83 -7.38
C6 BCR AH . 8.36 20.74 -8.09
C7 BCR AH . 7.72 21.31 -9.30
C8 BCR AH . 7.73 22.62 -9.55
C9 BCR AH . 6.96 23.21 -10.67
C10 BCR AH . 6.86 24.53 -10.86
C11 BCR AH . 7.46 25.54 -10.00
C33 BCR AH . 6.61 18.92 -7.96
C31 BCR AH . 10.69 20.28 -8.38
C32 BCR AH . 10.26 22.58 -7.85
C34 BCR AH . 6.25 22.33 -11.65
C12 BCR AH . 7.19 26.82 -10.26
C13 BCR AH . 7.69 27.95 -9.46
C14 BCR AH . 7.33 29.16 -9.89
C15 BCR AH . 7.73 30.41 -9.26
C16 BCR AH . 7.42 31.54 -9.87
C17 BCR AH . 7.84 32.82 -9.31
C18 BCR AH . 7.65 33.99 -9.93
C19 BCR AH . 7.04 34.10 -11.26
C20 BCR AH . 7.01 35.30 -11.87
C21 BCR AH . 6.43 35.42 -13.20
C22 BCR AH . 6.33 36.61 -13.83
C23 BCR AH . 5.68 36.62 -15.15
C24 BCR AH . 5.40 37.77 -15.75
C25 BCR AH . 4.72 37.89 -17.07
C26 BCR AH . 4.44 36.85 -17.85
C27 BCR AH . 3.05 36.67 -18.41
C28 BCR AH . 2.46 38.04 -18.75
C29 BCR AH . 3.53 39.12 -18.84
C30 BCR AH . 4.34 39.27 -17.54
C35 BCR AH . 8.49 27.75 -8.20
C36 BCR AH . 8.16 35.24 -9.28
C37 BCR AH . 6.80 37.89 -13.18
C38 BCR AH . 5.52 35.91 -18.30
C39 BCR AH . 3.51 40.01 -16.51
C40 BCR AH . 5.62 40.04 -17.82
FE1 SF4 BH . -18.79 32.78 7.68
FE2 SF4 BH . -16.75 31.18 8.51
FE3 SF4 BH . -16.81 32.04 5.96
FE4 SF4 BH . -18.67 30.26 6.81
S1 SF4 BH . -16.38 29.98 6.66
S2 SF4 BH . -19.04 32.03 5.60
S3 SF4 BH . -18.96 30.92 8.87
S4 SF4 BH . -16.59 33.29 7.80
MG CLA CH . 5.66 39.50 -0.74
CHA CLA CH . 8.46 37.50 -0.23
CHB CLA CH . 7.10 40.73 -3.55
CHC CLA CH . 3.07 41.65 -1.08
CHD CLA CH . 4.60 38.74 2.54
NA CLA CH . 7.52 39.20 -1.68
C1A CLA CH . 8.54 38.31 -1.34
C2A CLA CH . 9.73 38.42 -2.31
C3A CLA CH . 9.35 39.65 -3.15
C4A CLA CH . 7.89 39.89 -2.79
CMA CLA CH . 10.23 40.82 -2.79
CAA CLA CH . 9.90 37.16 -3.16
CBA CLA CH . 10.15 37.38 -4.66
CGA CLA CH . 11.42 36.72 -5.10
O1A CLA CH . 12.50 36.68 -4.50
O2A CLA CH . 11.31 36.10 -6.31
NB CLA CH . 5.26 41.02 -2.00
C1B CLA CH . 5.78 41.03 -3.26
C2B CLA CH . 4.75 41.39 -4.27
C3B CLA CH . 3.60 41.65 -3.57
C4B CLA CH . 3.92 41.46 -2.13
CMB CLA CH . 5.09 41.46 -5.69
CAB CLA CH . 2.31 42.10 -4.01
CBB CLA CH . 2.06 42.88 -5.06
NC CLA CH . 4.14 40.13 0.53
C1C CLA CH . 3.18 41.05 0.19
C2C CLA CH . 2.27 41.26 1.31
C3C CLA CH . 2.70 40.42 2.34
C4C CLA CH . 3.88 39.72 1.84
CMC CLA CH . 1.13 42.18 1.33
CAC CLA CH . 2.12 40.27 3.68
CBC CLA CH . 2.94 40.97 4.75
ND CLA CH . 6.31 38.40 0.82
C1D CLA CH . 5.74 38.12 2.09
C2D CLA CH . 6.50 37.03 2.73
C3D CLA CH . 7.50 36.68 1.85
C4D CLA CH . 7.38 37.62 0.71
CMD CLA CH . 6.12 36.45 4.02
CAD CLA CH . 8.63 35.82 1.57
OBD CLA CH . 8.99 34.79 2.12
CBD CLA CH . 9.36 36.42 0.33
CGD CLA CH . 10.69 36.93 0.80
O1D CLA CH . 10.87 37.87 1.58
O2D CLA CH . 11.76 36.27 0.33
CED CLA CH . 12.82 36.00 1.25
C1 CLA CH . 11.85 36.80 -7.45
C2 CLA CH . 11.70 35.89 -8.62
C3 CLA CH . 12.68 35.18 -9.21
C4 CLA CH . 14.08 35.25 -8.74
C5 CLA CH . 12.43 34.29 -10.38
C6 CLA CH . 11.03 33.69 -10.42
C7 CLA CH . 11.03 32.22 -10.79
C8 CLA CH . 11.29 31.80 -12.24
C9 CLA CH . 12.76 31.48 -12.42
C10 CLA CH . 10.87 32.80 -13.32
C11 CLA CH . 10.12 32.10 -14.44
C12 CLA CH . 8.65 32.01 -14.13
C13 CLA CH . 7.85 31.62 -15.36
C14 CLA CH . 7.52 32.84 -16.19
C15 CLA CH . 6.57 30.88 -14.97
C1 BCR DH . 15.58 25.06 -32.13
C2 BCR DH . 17.08 24.93 -32.33
C3 BCR DH . 17.78 24.63 -31.02
C4 BCR DH . 17.53 25.77 -30.06
C5 BCR DH . 16.07 26.11 -29.92
C6 BCR DH . 15.17 25.83 -30.89
C7 BCR DH . 13.71 26.12 -30.81
C8 BCR DH . 13.01 26.16 -29.68
C9 BCR DH . 11.53 26.29 -29.67
C10 BCR DH . 10.92 26.02 -28.50
C11 BCR DH . 9.47 26.02 -28.32
C33 BCR DH . 15.76 26.90 -28.67
C31 BCR DH . 14.99 23.65 -32.02
C32 BCR DH . 14.97 25.72 -33.36
C34 BCR DH . 10.78 26.74 -30.91
C12 BCR DH . 8.94 25.57 -27.20
C13 BCR DH . 7.48 25.50 -26.98
C14 BCR DH . 7.06 24.89 -25.85
C15 BCR DH . 5.65 24.68 -25.51
C16 BCR DH . 5.32 23.89 -24.49
C17 BCR DH . 3.91 23.65 -24.21
C18 BCR DH . 3.43 22.77 -23.32
C19 BCR DH . 1.97 22.62 -23.26
C20 BCR DH . 1.37 21.65 -22.58
C21 BCR DH . -0.09 21.57 -22.64
C22 BCR DH . -0.77 20.55 -22.12
C23 BCR DH . -2.23 20.51 -22.31
C24 BCR DH . -2.89 19.42 -21.96
C25 BCR DH . -4.35 19.20 -22.17
C26 BCR DH . -4.78 17.93 -22.02
C27 BCR DH . -6.15 17.53 -22.49
C28 BCR DH . -7.10 18.58 -21.97
C29 BCR DH . -6.79 19.88 -22.67
C30 BCR DH . -5.32 20.32 -22.57
C35 BCR DH . 6.53 26.12 -27.97
C36 BCR DH . 4.31 21.94 -22.43
C38 BCR DH . -3.92 16.87 -21.41
C39 BCR DH . -5.25 21.44 -21.53
C40 BCR DH . -5.04 20.89 -23.95
C1B LMT EH . 18.78 21.88 -34.42
C2B LMT EH . 20.21 22.11 -33.88
C3B LMT EH . 21.17 22.44 -35.02
C4B LMT EH . 20.35 23.08 -36.18
C5B LMT EH . 19.22 23.93 -35.55
C6B LMT EH . 18.61 24.86 -36.60
O1B LMT EH . 17.93 21.65 -33.32
O2B LMT EH . 20.25 23.18 -32.97
O3B LMT EH . 21.66 21.25 -35.57
O4' LMT EH . 21.19 23.98 -36.85
O5B LMT EH . 18.26 23.04 -35.06
O6B LMT EH . 17.49 25.47 -36.02
C1' LMT EH . 15.59 19.11 -31.76
C2' LMT EH . 16.92 18.96 -31.06
C3' LMT EH . 17.70 20.18 -31.54
C4' LMT EH . 17.72 20.27 -33.10
C5' LMT EH . 16.35 19.86 -33.76
C6' LMT EH . 16.56 19.47 -35.23
O1' LMT EH . 14.72 18.15 -31.22
O2' LMT EH . 16.76 19.14 -29.69
O3' LMT EH . 19.03 20.02 -31.15
O5' LMT EH . 15.83 18.74 -33.08
O6' LMT EH . 17.50 18.43 -35.23
C1 LMT EH . 13.41 18.39 -31.72
C2 LMT EH . 12.55 18.99 -30.61
C3 LMT EH . 11.37 18.04 -30.36
C4 LMT EH . 11.85 16.85 -29.55
C5 LMT EH . 10.70 15.92 -29.19
C6 LMT EH . 9.72 16.61 -28.25
C7 LMT EH . 9.37 15.69 -27.08
C8 LMT EH . 8.77 14.37 -27.55
C9 LMT EH . 7.52 14.01 -26.75
C10 LMT EH . 7.80 13.96 -25.23
C11 LMT EH . 6.57 13.50 -24.44
C12 LMT EH . 6.00 12.20 -24.98
C1 LMG FH . -18.57 9.03 -34.74
O1 LMG FH . -17.19 9.33 -34.52
C2 LMG FH . -19.03 9.77 -35.99
O2 LMG FH . -19.02 11.17 -35.73
C3 LMG FH . -20.42 9.30 -36.44
O3 LMG FH . -20.75 9.91 -37.69
C4 LMG FH . -20.39 7.77 -36.55
O4 LMG FH . -19.42 7.37 -37.51
C5 LMG FH . -20.00 7.16 -35.21
O5 LMG FH . -18.95 5.17 -36.15
C6 LMG FH . -19.97 5.63 -35.24
O6 LMG FH . -18.69 7.61 -34.89
C7 LMG FH . -16.43 8.18 -34.15
C8 LMG FH . -14.98 8.53 -33.84
C9 LMG FH . -14.28 7.31 -33.25
O7 LMG FH . -14.27 8.93 -35.01
C10 LMG FH . -14.81 10.08 -35.70
O9 LMG FH . -15.72 9.92 -36.51
C11 LMG FH . -14.25 11.46 -35.47
C12 LMG FH . -12.73 11.39 -35.31
C13 LMG FH . -12.04 12.36 -36.26
C14 LMG FH . -10.68 12.79 -35.71
C15 LMG FH . -9.78 11.62 -35.36
C16 LMG FH . -8.46 12.13 -34.79
C17 LMG FH . -7.60 10.98 -34.28
O8 LMG FH . -12.88 7.53 -33.14
C28 LMG FH . -12.00 7.14 -34.23
O10 LMG FH . -11.62 8.00 -35.01
C29 LMG FH . -11.60 5.70 -34.43
C30 LMG FH . -10.62 5.25 -33.34
C31 LMG FH . -9.21 5.78 -33.60
C32 LMG FH . -8.72 6.63 -32.43
C33 LMG FH . -7.24 6.96 -32.60
C34 LMG FH . -6.75 7.83 -31.44
C1 BCR GH . 7.74 44.69 -27.24
C2 BCR GH . 9.25 44.84 -27.16
C3 BCR GH . 9.75 44.44 -25.79
C4 BCR GH . 9.54 42.95 -25.59
C5 BCR GH . 8.18 42.53 -26.09
C6 BCR GH . 7.28 43.40 -26.58
C7 BCR GH . 5.81 43.22 -26.49
C8 BCR GH . 5.24 42.39 -25.61
C9 BCR GH . 3.77 42.29 -25.47
C10 BCR GH . 3.33 41.55 -24.43
C11 BCR GH . 1.92 41.38 -24.09
C33 BCR GH . 7.94 41.04 -26.11
C31 BCR GH . 7.27 44.76 -28.69
C32 BCR GH . 7.09 45.81 -26.43
C34 BCR GH . 2.84 42.98 -26.44
C12 BCR GH . 1.63 40.68 -23.00
C13 BCR GH . 0.26 40.47 -22.50
C14 BCR GH . 0.13 39.94 -21.27
C15 BCR GH . -1.14 39.73 -20.58
C16 BCR GH . -1.10 39.29 -19.32
C17 BCR GH . -2.31 39.12 -18.52
C18 BCR GH . -2.26 38.81 -17.21
C19 BCR GH . -3.56 38.74 -16.48
C20 BCR GH . -3.63 38.62 -15.15
C21 BCR GH . -4.92 38.64 -14.45
C22 BCR GH . -4.97 38.67 -13.10
C23 BCR GH . -6.31 38.77 -12.45
C24 BCR GH . -6.43 38.96 -11.13
C25 BCR GH . -7.68 39.18 -10.36
C26 BCR GH . -8.91 39.04 -10.85
C27 BCR GH . -10.04 39.87 -10.30
C28 BCR GH . -10.04 39.64 -8.80
C29 BCR GH . -8.73 40.15 -8.23
C30 BCR GH . -7.46 39.67 -8.93
C35 BCR GH . -0.89 40.89 -23.35
C36 BCR GH . -0.93 38.60 -16.55
C37 BCR GH . -3.68 38.62 -12.34
C38 BCR GH . -9.25 38.01 -11.88
C39 BCR GH . -6.85 38.52 -8.15
C40 BCR GH . -6.49 40.85 -9.00
MG CLA HH . 13.26 35.64 8.85
CHA CLA HH . 12.27 38.96 8.59
CHB CLA HH . 9.95 34.74 8.66
CHC CLA HH . 14.21 32.46 7.98
CHD CLA HH . 16.60 36.70 8.38
NA CLA HH . 11.45 36.69 8.76
C1A CLA HH . 11.25 38.06 8.65
C2A CLA HH . 9.75 38.38 8.67
C3A CLA HH . 9.15 37.07 9.21
C4A CLA HH . 10.24 36.07 8.85
CMA CLA HH . 8.95 37.14 10.70
CAA CLA HH . 9.19 38.76 7.32
CBA CLA HH . 7.83 39.37 7.52
CGA CLA HH . 7.17 39.62 6.20
O1A CLA HH . 5.97 39.62 5.94
O2A CLA HH . 8.07 39.86 5.21
NB CLA HH . 12.26 33.93 8.43
C1B CLA HH . 10.92 33.76 8.33
C2B CLA HH . 10.61 32.40 7.80
C3B CLA HH . 11.81 31.78 7.61
C4B CLA HH . 12.88 32.72 8.03
CMB CLA HH . 9.25 31.90 7.55
CAB CLA HH . 12.11 30.46 7.13
CBB CLA HH . 11.81 29.33 7.75
NC CLA HH . 15.09 34.73 8.42
C1C CLA HH . 15.26 33.39 8.19
C2C CLA HH . 16.68 33.09 8.03
C3C CLA HH . 17.34 34.31 8.03
C4C CLA HH . 16.34 35.34 8.29
CMC CLA HH . 17.25 31.76 7.82
CAC CLA HH . 18.79 34.55 7.93
CBC CLA HH . 19.42 34.66 9.30
ND CLA HH . 14.27 37.39 8.71
C1D CLA HH . 15.64 37.68 8.53
C2D CLA HH . 15.83 39.14 8.59
C3D CLA HH . 14.56 39.69 8.60
C4D CLA HH . 13.63 38.55 8.63
CMD CLA HH . 17.14 39.79 8.55
CAD CLA HH . 13.77 40.89 8.67
OBD CLA HH . 14.12 42.06 8.84
CBD CLA HH . 12.28 40.48 8.48
CGD CLA HH . 11.34 41.15 9.45
O1D CLA HH . 10.83 40.69 10.46
O2D CLA HH . 11.03 42.44 9.11
CED CLA HH . 10.03 42.67 8.14
C1 CLA HH . 7.60 40.62 4.08
C2 CLA HH . 8.59 40.43 3.00
C3 CLA HH . 9.51 41.33 2.64
C4 CLA HH . 9.63 42.67 3.29
C5 CLA HH . 10.47 41.03 1.55
C6 CLA HH . 11.84 40.69 2.07
C7 CLA HH . 12.80 40.22 1.00
C8 CLA HH . 12.92 41.15 -0.21
C9 CLA HH . 13.83 40.47 -1.22
C10 CLA HH . 13.43 42.53 0.17
C11 CLA HH . 13.38 43.52 -0.97
C12 CLA HH . 11.99 44.06 -1.24
C13 CLA HH . 12.03 45.19 -2.26
C14 CLA HH . 12.60 46.45 -1.67
C15 CLA HH . 10.65 45.51 -2.83
C16 CLA HH . 10.06 44.39 -3.65
C17 CLA HH . 9.12 44.97 -4.69
C18 CLA HH . 8.18 43.96 -5.32
C19 CLA HH . 7.21 44.66 -6.23
C20 CLA HH . 8.94 42.92 -6.13
MG CLA IH . -0.66 25.62 16.20
CHA CLA IH . -2.03 22.77 17.68
CHB CLA IH . 1.34 25.99 18.93
CHC CLA IH . 1.53 27.48 14.31
CHD CLA IH . -2.42 24.78 13.23
NA CLA IH . -0.47 24.60 18.01
C1A CLA IH . -1.10 23.42 18.43
C2A CLA IH . -0.67 23.08 19.87
C3A CLA IH . -0.10 24.43 20.33
C4A CLA IH . 0.32 25.05 19.01
CMA CLA IH . -1.18 25.28 20.94
CAA CLA IH . 0.37 21.99 19.95
CBA CLA IH . 0.29 21.20 21.24
CGA CLA IH . 0.31 22.12 22.43
O1A CLA IH . -0.56 22.92 22.79
O2A CLA IH . 1.42 22.00 23.22
NB CLA IH . 1.10 26.52 16.55
C1B CLA IH . 1.74 26.60 17.75
C2B CLA IH . 2.96 27.44 17.62
C3B CLA IH . 3.02 27.86 16.32
C4B CLA IH . 1.84 27.29 15.62
CMB CLA IH . 3.86 27.71 18.75
CAB CLA IH . 3.98 28.69 15.66
CBB CLA IH . 5.29 28.67 15.91
NC CLA IH . -0.54 26.12 14.17
C1C CLA IH . 0.38 26.96 13.63
C2C CLA IH . 0.11 27.19 12.22
C3C CLA IH . -0.95 26.36 11.89
C4C CLA IH . -1.37 25.70 13.12
CMC CLA IH . 0.85 28.10 11.35
CAC CLA IH . -1.64 26.26 10.60
CBC CLA IH . -1.52 24.91 9.94
ND CLA IH . -2.04 24.25 15.60
C1D CLA IH . -2.74 24.08 14.37
C2D CLA IH . -3.76 23.03 14.54
C3D CLA IH . -3.48 22.45 15.77
C4D CLA IH . -2.40 23.24 16.38
CMD CLA IH . -4.74 22.65 13.53
CAD CLA IH . -3.89 21.46 16.75
OBD CLA IH . -4.82 20.66 16.71
CBD CLA IH . -2.90 21.55 17.94
CGD CLA IH . -3.63 21.57 19.26
O1D CLA IH . -4.75 22.00 19.50
O2D CLA IH . -2.93 21.01 20.30
CED CLA IH . -3.02 19.60 20.49
C1 CLA IH . 2.66 22.55 22.72
C2 CLA IH . 2.58 24.03 22.79
C3 CLA IH . 3.52 24.83 22.28
C4 CLA IH . 4.74 24.29 21.63
C5 CLA IH . 3.37 26.31 22.38
C6 CLA IH . 4.57 27.03 22.97
C7 CLA IH . 4.76 26.70 24.43
C8 CLA IH . 6.20 26.92 24.87
C9 CLA IH . 7.03 25.70 24.56
C10 CLA IH . 6.26 27.23 26.36
C11 CLA IH . 6.05 28.70 26.65
C12 CLA IH . 5.41 28.93 28.01
C13 CLA IH . 6.26 29.80 28.92
C14 CLA IH . 6.18 29.31 30.35
C15 CLA IH . 5.83 31.26 28.85
C16 CLA IH . 4.60 31.52 29.68
C17 CLA IH . 3.90 32.78 29.25
C18 CLA IH . 3.27 33.48 30.43
C19 CLA IH . 2.13 34.36 30.00
C20 CLA IH . 4.31 34.29 31.18
MG CLA JH . -9.65 51.32 29.40
CHA CLA JH . -12.51 50.86 31.32
CHB CLA JH . -9.76 54.67 30.16
CHC CLA JH . -6.31 51.63 28.59
CHD CLA JH . -9.28 47.79 29.32
NA CLA JH . -10.94 52.53 30.50
C1A CLA JH . -12.07 52.15 31.24
C2A CLA JH . -12.72 53.36 31.89
C3A CLA JH . -12.09 54.54 31.11
C4A CLA JH . -10.82 53.90 30.58
CMA CLA JH . -12.99 55.04 30.02
CAA CLA JH . -12.15 53.40 33.30
CBA CLA JH . -13.00 52.68 34.32
CGA CLA JH . -12.23 51.53 34.91
O1A CLA JH . -12.61 50.37 35.08
O2A CLA JH . -10.98 51.88 35.30
NB CLA JH . -8.30 52.83 29.43
C1B CLA JH . -8.56 54.15 29.64
C2B CLA JH . -7.41 55.00 29.24
C3B CLA JH . -6.43 54.15 28.80
C4B CLA JH . -6.99 52.77 28.91
CMB CLA JH . -7.42 56.46 29.36
CAB CLA JH . -5.10 54.42 28.32
CBB CLA JH . -4.75 55.47 27.59
NC CLA JH . -8.11 49.97 28.95
C1C CLA JH . -6.84 50.32 28.60
C2C CLA JH . -6.04 49.12 28.32
C3C CLA JH . -6.87 48.04 28.58
C4C CLA JH . -8.17 48.58 28.96
CMC CLA JH . -4.64 49.09 27.92
CAC CLA JH . -6.55 46.62 28.43
CBC CLA JH . -6.90 46.08 27.06
ND CLA JH . -10.67 49.68 30.01
C1D CLA JH . -10.46 48.29 29.83
C2D CLA JH . -11.64 47.54 30.29
C3D CLA JH . -12.48 48.49 30.86
C4D CLA JH . -11.80 49.79 30.70
CMD CLA JH . -11.81 46.10 30.18
CAD CLA JH . -13.75 48.74 31.52
OBD CLA JH . -14.68 47.97 31.74
CBD CLA JH . -13.76 50.25 31.94
CGD CLA JH . -15.04 50.93 31.53
O1D CLA JH . -15.98 51.24 32.25
O2D CLA JH . -15.14 51.20 30.20
CED CLA JH . -16.20 52.06 29.80
C1 CLA JH . -10.06 50.81 35.65
C2 CLA JH . -9.12 51.39 36.62
C3 CLA JH . -9.51 51.79 37.85
C4 CLA JH . -10.93 51.66 38.28
C5 CLA JH . -8.58 52.38 38.86
C6 CLA JH . -7.11 52.09 38.62
C7 CLA JH . -6.50 53.13 37.69
C8 CLA JH . -5.18 52.68 37.07
C9 CLA JH . -5.38 51.62 36.01
C10 CLA JH . -4.21 52.18 38.13
C11 CLA JH . -3.93 53.24 39.17
C12 CLA JH . -2.67 52.97 39.96
C13 CLA JH . -2.72 51.67 40.78
C14 CLA JH . -3.67 51.79 41.94
C15 CLA JH . -1.34 51.24 41.27
C16 CLA JH . -0.64 52.30 42.10
C17 CLA JH . -0.47 51.90 43.56
C18 CLA JH . -0.47 53.10 44.49
C19 CLA JH . 0.43 54.24 44.02
C20 CLA JH . -1.88 53.61 44.70
MG CLA KH . -9.94 60.30 21.69
CHA CLA KH . -7.95 62.46 19.86
CHB CLA KH . -7.18 59.33 23.47
CHC CLA KH . -11.73 57.70 23.04
CHD CLA KH . -12.58 60.89 19.39
NA CLA KH . -7.93 60.86 21.68
C1A CLA KH . -7.31 61.78 20.84
C2A CLA KH . -5.84 61.96 21.18
C3A CLA KH . -5.62 60.97 22.34
C4A CLA KH . -6.99 60.34 22.54
CMA CLA KH . -4.61 59.95 21.91
CAA CLA KH . -5.70 63.42 21.63
CBA CLA KH . -5.06 63.70 22.97
CGA CLA KH . -3.57 63.58 22.90
O1A CLA KH . -2.80 63.04 23.70
O2A CLA KH . -3.05 64.20 21.79
NB CLA KH . -9.54 58.82 23.00
C1B CLA KH . -8.38 58.65 23.69
C2B CLA KH . -8.54 57.59 24.71
C3B CLA KH . -9.82 57.12 24.60
C4B CLA KH . -10.47 57.89 23.50
CMB CLA KH . -7.44 57.17 25.59
CAB CLA KH . -10.51 56.07 25.31
CBB CLA KH . -10.25 55.69 26.56
NC CLA KH . -11.82 59.46 21.30
C1C CLA KH . -12.37 58.42 22.00
C2C CLA KH . -13.72 58.14 21.50
C3C CLA KH . -13.94 59.02 20.44
C4C CLA KH . -12.74 59.86 20.33
CMC CLA KH . -14.62 57.10 22.01
CAC CLA KH . -15.14 59.13 19.61
CBC CLA KH . -14.94 58.56 18.23
ND CLA KH . -10.27 61.39 20.02
C1D CLA KH . -11.43 61.63 19.23
C2D CLA KH . -11.14 62.70 18.25
C3D CLA KH . -9.81 63.03 18.43
C4D CLA KH . -9.33 62.20 19.53
CMD CLA KH . -12.09 63.21 17.28
CAD CLA KH . -8.70 63.88 18.01
OBD CLA KH . -8.66 64.73 17.12
CBD CLA KH . -7.48 63.50 18.88
CGD CLA KH . -6.31 63.00 18.09
O1D CLA KH . -5.12 63.05 18.38
O2D CLA KH . -6.63 62.40 16.91
CED CLA KH . -5.54 61.91 16.13
C1 CLA KH . -2.37 63.33 20.86
C2 CLA KH . -1.23 64.12 20.32
C3 CLA KH . -1.19 64.82 19.17
C4 CLA KH . 0.03 65.54 18.80
C5 CLA KH . -2.32 64.93 18.20
C6 CLA KH . -2.91 66.32 18.11
C7 CLA KH . -4.15 66.47 18.97
C8 CLA KH . -5.01 67.63 18.50
C9 CLA KH . -4.66 68.90 19.24
C10 CLA KH . -6.50 67.31 18.63
C11 CLA KH . -6.99 67.30 20.06
C12 CLA KH . -8.43 66.83 20.23
C13 CLA KH . -9.45 67.71 19.54
C14 CLA KH . -9.68 68.97 20.33
C15 CLA KH . -10.76 66.96 19.27
C16 CLA KH . -11.50 66.52 20.52
C17 CLA KH . -12.61 65.56 20.16
C18 CLA KH . -13.86 65.71 21.02
C19 CLA KH . -14.65 66.96 20.68
C20 CLA KH . -13.53 65.69 22.51
MG CLA LH . -1.57 56.65 23.00
CHA CLA LH . -3.79 54.16 23.89
CHB CLA LH . -3.37 57.16 20.12
CHC CLA LH . 0.87 58.74 21.86
CHD CLA LH . 0.55 55.62 25.64
NA CLA LH . -3.28 55.79 22.16
C1A CLA LH . -4.08 54.78 22.71
C2A CLA LH . -5.27 54.45 21.81
C3A CLA LH . -5.07 55.37 20.60
C4A CLA LH . -3.83 56.18 20.97
CMA CLA LH . -4.84 54.56 19.35
CAA CLA LH . -6.54 54.80 22.56
CBA CLA LH . -7.78 54.83 21.70
CGA CLA LH . -8.69 53.72 22.11
O1A CLA LH . -9.82 53.78 22.59
O2A CLA LH . -8.14 52.49 21.89
NB CLA LH . -1.29 57.68 21.30
C1B CLA LH . -2.22 57.93 20.36
C2B CLA LH . -1.87 59.12 19.55
C3B CLA LH . -0.68 59.58 20.05
C4B CLA LH . -0.28 58.67 21.14
CMB CLA LH . -2.69 59.62 18.45
CAB CLA LH . 0.14 60.69 19.62
CBB CLA LH . 1.26 60.56 18.93
NC CLA LH . 0.37 57.07 23.63
C1C CLA LH . 1.20 57.98 23.02
C2C CLA LH . 2.46 58.07 23.75
C3C CLA LH . 2.37 57.17 24.81
C4C CLA LH . 1.04 56.57 24.73
CMC CLA LH . 3.59 58.93 23.38
CAC CLA LH . 3.38 56.88 25.85
CBC CLA LH . 4.35 55.82 25.43
ND CLA LH . -1.54 55.22 24.43
C1D CLA LH . -0.67 54.99 25.53
C2D CLA LH . -1.27 53.97 26.42
C3D CLA LH . -2.47 53.62 25.83
C4D CLA LH . -2.58 54.42 24.60
CMD CLA LH . -0.67 53.48 27.66
CAD CLA LH . -3.64 52.77 25.91
OBD CLA LH . -3.94 51.93 26.73
CBD CLA LH . -4.54 53.11 24.68
CGD CLA LH . -4.87 51.90 23.86
O1D CLA LH . -4.16 51.33 23.03
O2D CLA LH . -6.12 51.40 24.11
CED CLA LH . -6.21 50.01 24.43
C1 CLA LH . -8.25 51.94 20.56
C2 CLA LH . -7.08 51.05 20.36
C3 CLA LH . -6.91 50.37 19.23
C4 CLA LH . -7.89 50.51 18.12
C5 CLA LH . -5.77 49.44 18.95
C6 CLA LH . -4.63 49.43 19.95
C7 CLA LH . -3.67 50.58 19.72
C8 CLA LH . -2.76 50.36 18.53
C9 CLA LH . -1.46 49.71 18.98
C10 CLA LH . -2.56 51.71 17.85
C11 CLA LH . -1.47 51.78 16.81
C12 CLA LH . -0.25 52.60 17.22
C13 CLA LH . -0.57 54.02 17.72
C14 CLA LH . -0.16 55.05 16.69
C15 CLA LH . 0.12 54.31 19.05
C16 CLA LH . -0.36 53.46 20.20
C17 CLA LH . 0.29 53.88 21.49
C18 CLA LH . 0.30 52.80 22.56
C19 CLA LH . -0.89 51.86 22.50
C20 CLA LH . 1.59 52.01 22.48
MG CLA MH . 10.90 53.24 36.55
CHA CLA MH . 12.54 50.54 37.94
CHB CLA MH . 10.21 51.34 33.79
CHC CLA MH . 8.71 55.66 35.44
CHD CLA MH . 11.24 54.99 39.59
NA CLA MH . 11.31 51.27 35.98
C1A CLA MH . 12.02 50.31 36.71
C2A CLA MH . 12.14 49.00 35.93
C3A CLA MH . 11.63 49.38 34.53
C4A CLA MH . 10.98 50.74 34.77
CMA CLA MH . 12.77 49.48 33.55
CAA CLA MH . 11.37 47.84 36.56
CBA CLA MH . 9.91 48.13 36.82
CGA CLA MH . 9.71 48.70 38.19
O1A CLA MH . 10.12 48.26 39.26
O2A CLA MH . 8.97 49.85 38.19
NB CLA MH . 9.75 53.48 34.91
C1B CLA MH . 9.57 52.58 33.91
C2B CLA MH . 8.59 53.09 32.92
C3B CLA MH . 8.17 54.31 33.38
C4B CLA MH . 8.88 54.57 34.65
CMB CLA MH . 8.19 52.33 31.73
CAB CLA MH . 7.19 55.22 32.83
CBB CLA MH . 5.99 54.87 32.39
NC CLA MH . 10.14 55.00 37.36
C1C CLA MH . 9.29 55.88 36.72
C2C CLA MH . 9.03 57.04 37.55
C3C CLA MH . 9.71 56.82 38.75
C4C CLA MH . 10.41 55.55 38.61
CMC CLA MH . 8.18 58.17 37.20
CAC CLA MH . 9.78 57.71 39.92
CBC CLA MH . 9.05 57.15 41.11
ND CLA MH . 11.58 52.87 38.41
C1D CLA MH . 11.80 53.73 39.53
C2D CLA MH . 12.66 53.03 40.51
C3D CLA MH . 12.95 51.80 39.96
C4D CLA MH . 12.28 51.76 38.65
CMD CLA MH . 13.07 53.58 41.80
CAD CLA MH . 13.64 50.53 40.14
OBD CLA MH . 14.24 50.10 41.11
CBD CLA MH . 13.46 49.73 38.81
CGD CLA MH . 14.79 49.55 38.12
O1D CLA MH . 15.55 50.43 37.73
O2D CLA MH . 15.17 48.26 37.90
CED CLA MH . 16.39 48.06 37.18
C1 CLA MH . 8.93 50.62 39.41
C2 CLA MH . 8.36 51.93 39.02
C3 CLA MH . 7.94 52.85 39.89
C4 CLA MH . 8.02 52.65 41.36
C5 CLA MH . 7.38 54.13 39.39
C6 CLA MH . 5.87 54.16 39.44
C7 CLA MH . 5.24 53.78 38.11
C8 CLA MH . 5.31 54.89 37.04
C9 CLA MH . 4.85 56.22 37.59
C10 CLA MH . 4.51 54.55 35.78
C11 CLA MH . 3.10 54.04 36.02
C12 CLA MH . 2.08 54.49 34.99
C13 CLA MH . 2.42 54.10 33.55
C14 CLA MH . 1.73 55.04 32.57
C15 CLA MH . 2.08 52.64 33.25
C16 CLA MH . 0.62 52.39 32.92
C17 CLA MH . 0.34 50.89 32.85
C18 CLA MH . -0.08 50.40 31.47
C19 CLA MH . 0.99 50.65 30.41
C20 CLA MH . -1.41 50.97 31.05
MG CLA NH . 13.85 49.32 28.24
CHA CLA NH . 14.00 52.53 26.92
CHB CLA NH . 11.22 50.33 30.20
CHC CLA NH . 13.03 46.03 28.82
CHD CLA NH . 16.06 48.26 25.68
NA CLA NH . 12.83 51.13 28.54
C1A CLA NH . 13.07 52.35 27.89
C2A CLA NH . 12.13 53.42 28.41
C3A CLA NH . 11.55 52.78 29.69
C4A CLA NH . 11.86 51.31 29.47
CMA CLA NH . 12.22 53.32 30.93
CAA CLA NH . 11.11 53.78 27.33
CBA CLA NH . 9.90 52.85 27.18
CGA CLA NH . 10.06 51.85 26.08
O1A CLA NH . 9.16 51.29 25.46
O2A CLA NH . 11.36 51.56 25.76
NB CLA NH . 12.41 48.37 29.30
C1B CLA NH . 11.46 48.95 30.08
C2B CLA NH . 10.68 47.91 30.79
C3B CLA NH . 11.19 46.70 30.41
C4B CLA NH . 12.29 46.98 29.46
CMB CLA NH . 9.58 48.18 31.71
CAB CLA NH . 10.78 45.38 30.81
CBB CLA NH . 10.24 44.46 30.02
NC CLA NH . 14.48 47.49 27.45
C1C CLA NH . 14.08 46.27 27.89
C2C CLA NH . 14.78 45.21 27.18
C3C CLA NH . 15.59 45.84 26.24
C4C CLA NH . 15.41 47.27 26.43
CMC CLA NH . 14.57 43.79 27.38
CAC CLA NH . 16.50 45.21 25.27
CBC CLA NH . 15.84 45.00 23.93
ND CLA NH . 14.87 50.13 26.70
C1D CLA NH . 15.81 49.60 25.79
C2D CLA NH . 16.40 50.70 24.99
C3D CLA NH . 15.74 51.85 25.39
C4D CLA NH . 14.79 51.44 26.44
CMD CLA NH . 17.43 50.52 23.99
CAD CLA NH . 15.60 53.28 25.22
OBD CLA NH . 16.20 54.04 24.45
CBD CLA NH . 14.47 53.76 26.17
CGD CLA NH . 14.98 54.81 27.12
O1D CLA NH . 15.35 54.67 28.29
O2D CLA NH . 15.03 56.06 26.60
CED CLA NH . 14.78 57.14 27.50
C1 CLA NH . 11.58 50.53 24.79
C2 CLA NH . 11.44 49.22 25.47
C3 CLA NH . 11.81 48.05 24.90
C4 CLA NH . 12.39 47.98 23.53
C5 CLA NH . 11.66 46.76 25.61
C6 CLA NH . 10.64 45.83 24.98
C7 CLA NH . 10.12 44.85 26.03
C8 CLA NH . 8.64 45.00 26.37
C9 CLA NH . 7.80 44.37 25.28
C10 CLA NH . 8.23 46.46 26.56
C11 CLA NH . 7.31 46.66 27.75
C12 CLA NH . 6.43 47.89 27.61
C13 CLA NH . 7.23 49.16 27.31
C14 CLA NH . 8.14 49.50 28.48
C15 CLA NH . 6.32 50.33 26.96
C16 CLA NH . 5.84 51.12 28.16
C17 CLA NH . 4.69 52.04 27.78
C18 CLA NH . 4.47 53.13 28.81
C19 CLA NH . 4.38 52.57 30.21
C20 CLA NH . 3.21 53.90 28.50
MG CLA OH . 14.76 39.39 30.71
CHA CLA OH . 14.64 42.59 31.97
CHB CLA OH . 12.60 38.37 33.14
CHC CLA OH . 15.17 36.14 29.68
CHD CLA OH . 17.44 40.37 28.61
NA CLA OH . 13.81 40.33 32.31
C1A CLA OH . 13.87 41.70 32.64
C2A CLA OH . 13.00 42.00 33.86
C3A CLA OH . 12.48 40.61 34.29
C4A CLA OH . 12.98 39.69 33.17
CMA CLA OH . 13.01 40.22 35.64
CAA CLA OH . 11.84 42.85 33.42
CBA CLA OH . 11.36 43.77 34.53
CGA CLA OH . 9.98 43.41 34.95
O1A CLA OH . 9.57 43.21 36.09
O2A CLA OH . 9.10 43.31 33.90
NB CLA OH . 14.08 37.60 31.35
C1B CLA OH . 13.03 37.44 32.19
C2B CLA OH . 12.40 36.10 31.99
C3B CLA OH . 13.12 35.47 31.01
C4B CLA OH . 14.21 36.40 30.61
CMB CLA OH . 11.25 35.62 32.75
CAB CLA OH . 12.96 34.15 30.46
CBB CLA OH . 12.72 33.07 31.19
NC CLA OH . 16.09 38.43 29.40
C1C CLA OH . 16.06 37.09 29.11
C2C CLA OH . 17.09 36.77 28.12
C3C CLA OH . 17.75 37.97 27.84
C4C CLA OH . 17.10 39.00 28.64
CMC CLA OH . 17.35 35.45 27.56
CAC CLA OH . 18.85 38.16 26.90
CBC CLA OH . 20.20 38.13 27.58
ND CLA OH . 15.85 41.04 30.34
C1D CLA OH . 16.87 41.33 29.39
C2D CLA OH . 17.14 42.79 29.40
C3D CLA OH . 16.28 43.33 30.35
C4D CLA OH . 15.53 42.20 30.92
CMD CLA OH . 18.11 43.46 28.54
CAD CLA OH . 15.84 44.54 31.03
OBD CLA OH . 16.17 45.70 30.84
CBD CLA OH . 14.80 44.10 32.10
CGD CLA OH . 15.24 44.51 33.48
O1D CLA OH . 15.94 43.86 34.27
O2D CLA OH . 14.81 45.75 33.85
CED CLA OH . 14.43 45.94 35.21
C1 CLA OH . 7.70 43.53 34.13
C2 CLA OH . 7.31 44.71 33.32
C3 CLA OH . 6.88 44.70 32.05
C4 CLA OH . 6.54 46.00 31.40
C5 CLA OH . 6.71 43.46 31.23
C6 CLA OH . 5.54 43.53 30.27
C7 CLA OH . 5.03 42.14 29.92
C8 CLA OH . 3.77 42.15 29.06
C9 CLA OH . 4.03 42.77 27.70
C10 CLA OH . 2.64 42.89 29.76
C11 CLA OH . 1.27 42.38 29.39
C12 CLA OH . 0.20 43.26 30.02
C13 CLA OH . -1.18 42.60 30.11
C14 CLA OH . -2.19 43.64 30.55
C15 CLA OH . -1.28 41.36 31.00
C16 CLA OH . -0.83 41.53 32.45
C17 CLA OH . -1.97 41.87 33.39
C18 CLA OH . -1.51 42.61 34.64
C19 CLA OH . -0.25 42.03 35.25
C20 CLA OH . -1.29 44.08 34.35
MG CLA PH . 11.71 33.81 37.16
CHA CLA PH . 13.52 31.33 38.78
CHB CLA PH . 12.57 36.01 39.63
CHC CLA PH . 9.42 36.06 35.93
CHD CLA PH . 10.34 31.32 35.04
NA CLA PH . 12.89 33.68 38.89
C1A CLA PH . 13.59 32.57 39.37
C2A CLA PH . 14.37 32.92 40.64
C3A CLA PH . 14.03 34.40 40.88
C4A CLA PH . 13.12 34.75 39.71
CMA CLA PH . 13.33 34.58 42.20
CAA CLA PH . 15.84 32.86 40.29
CBA CLA PH . 16.63 31.87 41.13
CGA CLA PH . 16.72 32.33 42.55
O1A CLA PH . 16.26 33.34 43.07
O2A CLA PH . 17.44 31.46 43.33
NB CLA PH . 11.09 35.65 37.71
C1B CLA PH . 11.67 36.44 38.64
C2B CLA PH . 11.20 37.85 38.50
C3B CLA PH . 10.31 37.86 37.45
C4B CLA PH . 10.23 36.47 36.94
CMB CLA PH . 11.64 38.94 39.38
CAB CLA PH . 9.52 38.91 36.89
CBB CLA PH . 9.64 39.39 35.66
NC CLA PH . 10.18 33.70 35.73
C1C CLA PH . 9.38 34.76 35.36
C2C CLA PH . 8.47 34.34 34.29
C3C CLA PH . 8.71 33.00 34.07
C4C CLA PH . 9.81 32.61 34.95
CMC CLA PH . 7.46 35.20 33.66
CAC CLA PH . 8.04 32.13 33.09
CBC CLA PH . 8.77 32.10 31.76
ND CLA PH . 11.88 31.82 36.88
C1D CLA PH . 11.30 30.92 35.94
C2D CLA PH . 11.87 29.58 36.12
C3D CLA PH . 12.73 29.68 37.20
C4D CLA PH . 12.69 31.09 37.65
CMD CLA PH . 11.52 28.41 35.32
CAD CLA PH . 13.66 28.99 38.07
OBD CLA PH . 14.00 27.81 38.06
CBD CLA PH . 14.15 30.00 39.14
CGD CLA PH . 13.79 29.53 40.52
O1D CLA PH . 14.52 29.34 41.49
O2D CLA PH . 12.46 29.27 40.69
CED CLA PH . 11.97 29.21 42.03
C1 CLA PH . 16.79 30.24 43.71
C2 CLA PH . 15.48 30.61 44.31
C3 CLA PH . 15.34 30.93 45.62
C4 CLA PH . 16.48 30.92 46.55
C5 CLA PH . 14.03 31.31 46.22
C6 CLA PH . 12.80 31.05 45.36
C7 CLA PH . 11.56 30.91 46.21
C8 CLA PH . 11.06 32.22 46.82
C9 CLA PH . 10.78 31.99 48.30
C10 CLA PH . 9.85 32.72 46.04
C11 CLA PH . 8.94 33.70 46.76
C12 CLA PH . 7.66 33.01 47.20
C13 CLA PH . 6.67 33.95 47.88
C14 CLA PH . 6.08 33.27 49.10
C15 CLA PH . 5.56 34.41 46.95
C16 CLA PH . 5.87 35.72 46.27
C17 CLA PH . 5.10 35.92 44.98
C18 CLA PH . 3.59 35.93 45.16
C19 CLA PH . 3.10 37.18 45.84
C20 CLA PH . 2.91 35.77 43.81
MG CLA QH . -10.65 73.22 32.61
CHA CLA QH . -13.26 75.28 33.64
CHB CLA QH . -11.83 73.47 29.39
CHC CLA QH . -7.64 72.06 31.41
CHD CLA QH . -9.17 73.65 35.79
NA CLA QH . -12.30 74.15 31.71
C1A CLA QH . -13.27 74.98 32.31
C2A CLA QH . -14.32 75.42 31.30
C3A CLA QH . -14.01 74.54 30.06
C4A CLA QH . -12.61 74.01 30.38
CMA CLA QH . -15.00 73.42 29.94
CAA CLA QH . -14.28 76.91 30.99
CBA CLA QH . -12.90 77.50 30.86
CGA CLA QH . -13.01 78.94 30.49
O1A CLA QH . -13.68 79.48 29.61
O2A CLA QH . -12.25 79.75 31.29
NB CLA QH . -9.87 72.87 30.77
C1B CLA QH . -10.54 72.95 29.59
C2B CLA QH . -9.71 72.40 28.48
C3B CLA QH . -8.53 72.00 29.03
C4B CLA QH . -8.61 72.27 30.50
CMB CLA QH . -10.15 72.35 27.09
CAB CLA QH . -7.39 71.41 28.37
CBB CLA QH . -7.17 70.11 28.23
NC CLA QH . -8.78 72.85 33.46
C1C CLA QH . -7.70 72.31 32.80
C2C CLA QH . -6.60 72.12 33.73
C3C CLA QH . -7.00 72.65 34.95
C4C CLA QH . -8.39 73.08 34.78
CMC CLA QH . -5.29 71.56 33.39
CAC CLA QH . -6.24 72.69 36.21
CBC CLA QH . -6.55 71.54 37.13
ND CLA QH . -11.11 74.10 34.37
C1D CLA QH . -10.44 74.14 35.62
C2D CLA QH . -11.33 74.80 36.61
C3D CLA QH . -12.42 75.25 35.91
C4D CLA QH . -12.22 74.83 34.51
CMD CLA QH . -11.02 74.96 38.03
CAD CLA QH . -13.70 75.94 35.97
OBD CLA QH . -14.31 76.38 36.94
CBD CLA QH . -14.22 76.06 34.50
CGD CLA QH . -15.63 75.53 34.38
O1D CLA QH . -16.03 74.62 33.65
O2D CLA QH . -16.53 76.16 35.18
CED CLA QH . -17.83 75.60 35.31
C1 CLA QH . -10.91 80.07 30.82
C2 CLA QH . -11.02 81.32 30.03
C3 CLA QH . -10.00 82.20 29.89
C4 CLA QH . -10.16 83.43 29.09
C5 CLA QH . -8.67 81.99 30.54
C6 CLA QH . -8.61 82.57 31.93
C7 CLA QH . -7.23 82.38 32.55
C8 CLA QH . -7.25 81.43 33.74
C9 CLA QH . -7.93 82.06 34.94
C10 CLA QH . -5.83 81.02 34.11
C11 CLA QH . -5.36 79.82 33.32
C12 CLA QH . -3.90 79.53 33.57
C13 CLA QH . -3.50 78.14 33.06
C14 CLA QH . -2.92 77.32 34.19
C15 CLA QH . -2.51 78.24 31.92
C16 CLA QH . -2.40 76.92 31.18
MG CLA RH . -9.96 81.77 25.65
CHA CLA RH . -13.10 80.41 26.19
CHB CLA RH . -11.46 84.56 24.29
CHC CLA RH . -6.99 83.46 25.82
CHD CLA RH . -8.60 79.22 27.71
NA CLA RH . -11.94 82.36 25.29
C1A CLA RH . -13.10 81.64 25.59
C2A CLA RH . -14.36 82.39 25.16
C3A CLA RH . -13.78 83.61 24.38
C4A CLA RH . -12.29 83.53 24.68
CMA CLA RH . -14.06 83.50 22.91
CAA CLA RH . -15.22 82.74 26.36
CBA CLA RH . -15.78 84.14 26.35
CGA CLA RH . -14.82 85.16 26.90
O1A CLA RH . -14.91 86.39 26.87
O2A CLA RH . -13.73 84.62 27.51
NB CLA RH . -9.37 83.65 25.21
C1B CLA RH . -10.08 84.57 24.50
C2B CLA RH . -9.18 85.64 23.99
C3B CLA RH . -7.92 85.33 24.42
C4B CLA RH . -8.02 84.07 25.20
CMB CLA RH . -9.66 86.78 23.21
CAB CLA RH . -6.67 86.02 24.25
CBB CLA RH . -6.48 87.30 24.56
NC CLA RH . -8.13 81.39 26.57
C1C CLA RH . -7.03 82.21 26.48
C2C CLA RH . -5.90 81.62 27.19
C3C CLA RH . -6.37 80.45 27.77
C4C CLA RH . -7.76 80.29 27.36
CMC CLA RH . -4.56 82.21 27.29
CAC CLA RH . -5.59 79.51 28.61
CBC CLA RH . -4.67 78.62 27.81
ND CLA RH . -10.61 80.15 26.68
C1D CLA RH . -9.93 79.12 27.38
C2D CLA RH . -10.90 78.04 27.70
C3D CLA RH . -12.13 78.47 27.23
C4D CLA RH . -11.90 79.81 26.65
CAD CLA RH . -13.54 78.17 27.08
OBD CLA RH . -14.15 77.14 27.35
CBD CLA RH . -14.21 79.43 26.46
CGD CLA RH . -14.97 79.11 25.21
O1D CLA RH . -14.59 79.27 24.04
O2D CLA RH . -16.20 78.57 25.40
CED CLA RH . -17.08 78.52 24.28
MG CLA SH . -8.41 72.86 23.94
CHA CLA SH . -8.01 69.44 24.26
CHB CLA SH . -5.15 73.29 24.88
CHC CLA SH . -8.96 76.25 24.25
CHD CLA SH . -11.90 72.37 23.64
NA CLA SH . -6.85 71.57 24.46
C1A CLA SH . -6.88 70.17 24.50
C2A CLA SH . -5.52 69.59 24.92
C3A CLA SH . -4.61 70.85 24.95
C4A CLA SH . -5.59 72.00 24.76
CMA CLA SH . -3.84 70.95 26.23
CAA CLA SH . -5.03 68.57 23.90
CBA CLA SH . -3.63 68.85 23.41
CGA CLA SH . -3.09 67.66 22.68
O1A CLA SH . -3.26 66.46 22.92
O2A CLA SH . -2.30 68.00 21.61
NB CLA SH . -7.27 74.44 24.46
C1B CLA SH . -5.94 74.43 24.73
C2B CLA SH . -5.42 75.81 24.86
C3B CLA SH . -6.49 76.65 24.69
C4B CLA SH . -7.68 75.80 24.43
CMB CLA SH . -4.02 76.09 25.16
CAB CLA SH . -6.54 78.08 24.74
CBB CLA SH . -5.56 78.89 24.31
NC CLA SH . -10.11 74.07 23.92
C1C CLA SH . -10.10 75.45 24.00
C2C CLA SH . -11.46 75.97 23.84
C3C CLA SH . -12.30 74.86 23.74
C4C CLA SH . -11.44 73.69 23.78
CMC CLA SH . -11.81 77.40 23.84
CAC CLA SH . -13.76 74.82 23.52
CBC CLA SH . -14.53 75.98 24.09
ND CLA SH . -9.72 71.32 23.98
C1D CLA SH . -11.11 71.24 23.74
C2D CLA SH . -11.51 69.82 23.62
C3D CLA SH . -10.35 69.09 23.82
C4D CLA SH . -9.27 70.07 24.04
CMD CLA SH . -12.87 69.37 23.37
CAD CLA SH . -9.77 67.76 23.91
OBD CLA SH . -10.31 66.66 23.81
CBD CLA SH . -8.25 67.95 24.16
CGD CLA SH . -7.75 67.20 25.37
O1D CLA SH . -6.84 66.36 25.41
O2D CLA SH . -8.37 67.51 26.53
CED CLA SH . -7.88 66.86 27.71
C1 CLA SH . -1.27 68.99 21.84
C2 CLA SH . -0.28 68.82 20.76
C3 CLA SH . 0.65 69.75 20.45
C4 CLA SH . 0.76 71.04 21.17
C5 CLA SH . 1.62 69.52 19.36
C6 CLA SH . 1.32 70.35 18.13
C7 CLA SH . 2.56 70.41 17.26
C8 CLA SH . 2.28 70.14 15.79
C9 CLA SH . 1.87 68.70 15.58
C10 CLA SH . 3.49 70.51 14.94
C11 CLA SH . 4.71 69.62 15.11
C12 CLA SH . 5.62 70.04 16.25
C13 CLA SH . 6.29 68.87 16.96
C14 CLA SH . 5.33 67.98 17.73
C15 CLA SH . 7.35 69.38 17.93
C16 CLA SH . 8.38 68.32 18.24
C17 CLA SH . 8.50 68.06 19.72
C18 CLA SH . 9.46 66.92 20.00
C19 CLA SH . 8.98 66.04 21.13
C20 CLA SH . 10.83 67.46 20.34
MG CLA TH . 12.42 76.32 29.10
CHA CLA TH . 14.45 74.88 31.52
CHB CLA TH . 11.34 73.19 28.23
CHC CLA TH . 9.74 77.72 27.44
CHD CLA TH . 13.14 79.49 30.53
NA CLA TH . 12.86 74.39 29.75
C1A CLA TH . 13.72 73.99 30.78
C2A CLA TH . 13.77 72.47 30.91
C3A CLA TH . 13.15 72.04 29.57
C4A CLA TH . 12.36 73.28 29.16
CMA CLA TH . 14.18 71.68 28.54
CAA CLA TH . 12.88 71.92 32.01
CBA CLA TH . 12.66 72.71 33.29
CGA CLA TH . 11.22 72.54 33.65
O1A CLA TH . 10.21 72.83 33.00
O2A CLA TH . 11.02 71.97 34.88
NB CLA TH . 10.84 75.59 28.07
C1B CLA TH . 10.60 74.29 27.77
C2B CLA TH . 9.46 74.16 26.84
C3B CLA TH . 9.00 75.45 26.61
C4B CLA TH . 9.89 76.36 27.38
CMB CLA TH . 8.98 72.88 26.35
CAB CLA TH . 7.91 75.90 25.81
CBB CLA TH . 7.58 75.43 24.61
NC CLA TH . 11.64 78.26 28.95
C1C CLA TH . 10.57 78.62 28.17
C2C CLA TH . 10.35 80.05 28.25
C3C CLA TH . 11.26 80.54 29.19
C4C CLA TH . 12.08 79.42 29.60
CMC CLA TH . 9.31 80.80 27.54
CAC CLA TH . 11.45 81.93 29.62
CBC CLA TH . 12.35 82.69 28.68
ND CLA TH . 13.56 77.08 30.60
C1D CLA TH . 13.84 78.41 31.02
C2D CLA TH . 14.94 78.38 32.01
C3D CLA TH . 15.21 77.04 32.24
C4D CLA TH . 14.31 76.29 31.35
CMD CLA TH . 15.53 79.56 32.63
CAD CLA TH . 16.02 76.08 32.96
OBD CLA TH . 16.94 76.27 33.75
CBD CLA TH . 15.52 74.66 32.56
CGD CLA TH . 16.63 73.79 32.05
O1D CLA TH . 17.02 72.72 32.53
O2D CLA TH . 17.24 74.25 30.93
CED CLA TH . 17.63 73.29 29.96
C1 CLA TH . 11.18 72.82 36.03
C2 CLA TH . 10.17 73.91 35.98
C3 CLA TH . 10.13 74.86 36.93
C4 CLA TH . 11.08 74.84 38.06
C5 CLA TH . 9.13 75.97 36.92
C6 CLA TH . 8.59 76.34 35.55
C7 CLA TH . 7.91 77.68 35.62
C8 CLA TH . 6.80 77.87 34.59
C9 CLA TH . 6.52 79.33 34.38
C10 CLA TH . 5.53 77.15 35.02
C11 CLA TH . 4.63 76.81 33.85
C12 CLA TH . 4.06 75.41 34.01
C13 CLA TH . 3.16 74.97 32.86
C14 CLA TH . 3.75 75.34 31.51
C15 CLA TH . 1.75 75.53 33.01
C16 CLA TH . 0.74 74.86 32.09
C17 CLA TH . 0.43 73.43 32.49
C18 CLA TH . 0.32 72.46 31.30
C19 CLA TH . -0.82 72.85 30.40
C20 CLA TH . 1.61 72.37 30.52
MG CLA UH . 12.88 86.91 25.85
CHA CLA UH . 14.43 89.52 27.51
CHB CLA UH . 10.79 86.54 28.55
CHC CLA UH . 10.70 85.07 23.91
CHD CLA UH . 14.59 87.90 22.90
NA CLA UH . 12.70 87.84 27.72
C1A CLA UH . 13.43 88.92 28.21
C2A CLA UH . 13.00 89.28 29.62
C3A CLA UH . 12.10 88.10 30.02
C4A CLA UH . 11.81 87.44 28.68
CMA CLA UH . 12.84 87.14 30.93
CAA CLA UH . 12.26 90.61 29.61
CBA CLA UH . 12.28 91.27 30.97
CGA CLA UH . 11.77 92.67 30.88
O1A CLA UH . 10.63 93.05 30.59
O2A CLA UH . 12.72 93.61 31.17
NB CLA UH . 11.09 86.02 26.17
C1B CLA UH . 10.46 85.88 27.36
C2B CLA UH . 9.34 84.90 27.25
C3B CLA UH . 9.32 84.48 25.94
C4B CLA UH . 10.42 85.19 25.24
CMB CLA UH . 8.48 84.55 28.37
CAB CLA UH . 8.43 83.57 25.28
CBB CLA UH . 7.12 83.50 25.48
NC CLA UH . 12.73 86.50 23.80
C1C CLA UH . 11.79 85.68 23.23
C2C CLA UH . 12.01 85.58 21.80
C3C CLA UH . 13.06 86.44 21.50
C4C CLA UH . 13.52 87.00 22.77
CMC CLA UH . 11.20 84.80 20.86
CAC CLA UH . 13.66 86.70 20.19
CBC CLA UH . 13.17 88.00 19.59
ND CLA UH . 14.28 88.27 25.30
C1D CLA UH . 14.96 88.51 24.07
C2D CLA UH . 16.03 89.49 24.31
C3D CLA UH . 15.89 89.91 25.62
C4D CLA UH . 14.76 89.15 26.18
CMD CLA UH . 17.01 89.92 23.30
CAD CLA UH . 16.41 90.75 26.69
OBD CLA UH . 17.41 91.44 26.73
CBD CLA UH . 15.42 90.61 27.90
CGD CLA UH . 16.12 90.27 29.18
O1D CLA UH . 16.45 89.16 29.60
O2D CLA UH . 16.43 91.36 29.94
CED CLA UH . 17.26 91.16 31.08
MG CLA VH . 12.36 86.83 10.16
CHA CLA VH . 15.06 87.66 8.11
CHB CLA VH . 13.75 88.71 12.66
CHC CLA VH . 9.34 86.83 11.82
CHD CLA VH . 10.67 85.64 7.25
NA CLA VH . 14.13 87.93 10.36
C1A CLA VH . 15.12 88.16 9.38
C2A CLA VH . 16.26 89.01 9.95
C3A CLA VH . 15.94 89.07 11.46
C4A CLA VH . 14.50 88.54 11.51
CMA CLA VH . 16.89 88.24 12.28
CAA CLA VH . 16.36 90.37 9.28
CBA CLA VH . 15.13 91.25 9.41
CGA CLA VH . 14.17 90.94 8.31
O1A CLA VH . 14.35 90.99 7.09
O2A CLA VH . 12.94 90.58 8.79
NB CLA VH . 11.68 87.65 11.87
C1B CLA VH . 12.43 88.27 12.81
C2B CLA VH . 11.65 88.45 14.06
C3B CLA VH . 10.40 87.92 13.83
C4B CLA VH . 10.41 87.40 12.44
CMB CLA VH . 12.20 89.10 15.24
CAB CLA VH . 9.24 87.86 14.68
CBB CLA VH . 8.87 88.81 15.53
NC CLA VH . 10.41 86.25 9.65
C1C CLA VH . 9.34 86.27 10.52
C2C CLA VH . 8.14 85.74 9.87
C3C CLA VH . 8.51 85.49 8.55
C4C CLA VH . 9.92 85.80 8.42
CMC CLA VH . 6.83 85.58 10.49
CAC CLA VH . 7.64 84.93 7.49
CBC CLA VH . 7.55 83.43 7.56
ND CLA VH . 12.76 86.53 8.19
C1D CLA VH . 12.00 85.98 7.12
C2D CLA VH . 12.85 85.86 5.92
C3D CLA VH . 14.06 86.46 6.26
C4D CLA VH . 13.91 86.91 7.66
CMD CLA VH . 12.46 85.24 4.66
CAD CLA VH . 15.40 86.81 5.83
OBD CLA VH . 15.99 86.49 4.81
CBD CLA VH . 16.01 87.72 6.94
CGD CLA VH . 17.41 87.29 7.26
O1D CLA VH . 18.39 87.33 6.50
O2D CLA VH . 17.62 86.81 8.52
CED CLA VH . 18.97 86.81 8.99
C1 CLA VH . 11.94 90.12 7.86
C2 CLA VH . 10.64 90.48 8.51
C3 CLA VH . 9.46 90.06 8.06
C4 CLA VH . 9.33 89.20 6.86
C5 CLA VH . 8.22 90.47 8.76
C6 CLA VH . 7.42 89.32 9.33
C7 CLA VH . 6.73 89.74 10.61
C8 CLA VH . 5.80 90.93 10.44
C9 CLA VH . 6.16 92.01 11.43
C10 CLA VH . 4.34 90.54 10.62
C11 CLA VH . 3.85 89.58 9.56
C12 CLA VH . 3.86 90.16 8.16
C13 CLA VH . 2.91 89.42 7.23
C14 CLA VH . 1.49 89.93 7.42
C15 CLA VH . 2.99 87.90 7.43
C16 CLA VH . 2.23 87.12 6.37
C17 CLA VH . 1.25 86.17 7.03
C18 CLA VH . 0.68 85.15 6.07
C19 CLA VH . -0.14 85.81 4.97
C20 CLA VH . -0.15 84.14 6.83
MG CLA WH . 11.25 76.09 8.67
CHA CLA WH . 12.52 72.89 8.40
CHB CLA WH . 14.41 77.24 9.37
CHC CLA WH . 10.13 79.33 8.36
CHD CLA WH . 8.17 74.93 7.38
NA CLA WH . 13.13 75.21 8.87
C1A CLA WH . 13.45 73.85 8.73
C2A CLA WH . 14.93 73.60 8.98
C3A CLA WH . 15.44 74.96 9.49
C4A CLA WH . 14.26 75.88 9.22
CMA CLA WH . 15.79 74.91 10.95
CAA CLA WH . 15.66 73.15 7.73
CBA CLA WH . 15.47 74.08 6.55
CGA CLA WH . 16.80 74.48 5.97
O1A CLA WH . 17.86 73.87 5.99
O2A CLA WH . 16.75 75.70 5.36
NB CLA WH . 12.10 77.91 8.85
C1B CLA WH . 13.39 78.18 9.17
C2B CLA WH . 13.61 79.64 9.31
C3B CLA WH . 12.41 80.23 9.02
C4B CLA WH . 11.43 79.15 8.73
CMB CLA WH . 14.91 80.24 9.63
CAB CLA WH . 12.07 81.62 8.99
CBB CLA WH . 11.81 82.28 7.86
NC CLA WH . 9.47 76.96 8.00
C1C CLA WH . 9.21 78.31 8.01
C2C CLA WH . 7.84 78.55 7.56
C3C CLA WH . 7.31 77.31 7.21
C4C CLA WH . 8.33 76.32 7.52
CMC CLA WH . 7.21 79.87 7.44
CAC CLA WH . 5.94 77.05 6.73
CBC CLA WH . 5.84 77.14 5.22
ND CLA WH . 10.48 74.36 7.96
C1D CLA WH . 9.16 74.00 7.59
C2D CLA WH . 9.09 72.53 7.46
C3D CLA WH . 10.35 72.05 7.76
C4D CLA WH . 11.17 73.24 8.07
CMD CLA WH . 7.89 71.77 7.09
CAD CLA WH . 11.20 70.89 7.89
OBD CLA WH . 10.94 69.70 7.70
CBD CLA WH . 12.60 71.39 8.34
CGD CLA WH . 12.99 70.81 9.67
O1D CLA WH . 12.71 71.26 10.78
O2D CLA WH . 13.74 69.68 9.60
CED CLA WH . 13.92 68.93 10.80
C1 CLA WH . 16.96 75.71 3.93
C2 CLA WH . 15.64 75.90 3.29
C3 CLA WH . 15.00 77.06 3.28
C4 CLA WH . 15.56 78.28 3.93
C5 CLA WH . 13.67 77.19 2.61
C6 CLA WH . 12.52 76.67 3.47
C7 CLA WH . 12.27 77.56 4.67
C8 CLA WH . 10.90 78.22 4.68
C9 CLA WH . 9.81 77.17 4.69
C10 CLA WH . 10.73 79.17 3.51
C11 CLA WH . 11.21 80.57 3.83
C12 CLA WH . 10.14 81.37 4.56
C13 CLA WH . 9.07 81.90 3.62
C14 CLA WH . 9.16 83.41 3.59
C15 CLA WH . 7.69 81.44 4.04
C16 CLA WH . 6.65 81.67 2.96
C17 CLA WH . 5.36 82.19 3.55
C18 CLA WH . 5.43 83.68 3.85
C19 CLA WH . 5.05 84.49 2.63
C20 CLA WH . 4.51 84.03 4.99
MG CLA XH . 9.11 72.56 16.50
CHA CLA XH . 11.75 70.90 17.99
CHB CLA XH . 10.40 71.74 13.43
CHC CLA XH . 6.14 73.49 15.02
CHD CLA XH . 7.51 72.72 19.67
NA CLA XH . 10.80 71.53 15.84
C1A CLA XH . 11.79 70.92 16.62
C2A CLA XH . 12.87 70.29 15.76
C3A CLA XH . 12.57 70.87 14.37
C4A CLA XH . 11.15 71.41 14.53
CMA CLA XH . 13.54 71.97 13.99
CAA CLA XH . 12.73 68.77 15.85
CBA CLA XH . 12.41 68.05 14.56
CGA CLA XH . 10.96 68.16 14.23
O1A CLA XH . 10.07 68.75 14.83
O2A CLA XH . 10.62 67.46 13.09
NB CLA XH . 8.42 72.61 14.61
C1B CLA XH . 9.10 72.24 13.49
C2B CLA XH . 8.25 72.44 12.28
C3B CLA XH . 7.05 72.94 12.73
C4B CLA XH . 7.15 73.07 14.21
CMB CLA XH . 8.70 72.14 10.93
CAB CLA XH . 5.89 73.34 12.00
CBB CLA XH . 5.92 74.17 10.96
NC CLA XH . 7.21 73.07 17.22
C1C CLA XH . 6.17 73.50 16.44
C2C CLA XH . 5.04 73.89 17.26
C3C CLA XH . 5.38 73.57 18.58
C4C CLA XH . 6.76 73.08 18.54
CMC CLA XH . 3.76 74.41 16.77
CAC CLA XH . 4.56 73.77 19.78
CBC CLA XH . 4.06 72.47 20.37
ND CLA XH . 9.48 71.99 18.41
C1D CLA XH . 8.79 72.19 19.63
C2D CLA XH . 9.65 71.75 20.75
C3D CLA XH . 10.81 71.28 20.18
C4D CLA XH . 10.64 71.42 18.72
CMD CLA XH . 9.27 71.83 22.17
CAD CLA XH . 12.11 70.66 20.41
OBD CLA XH . 12.65 70.35 21.46
CBD CLA XH . 12.74 70.41 19.01
CGD CLA XH . 14.03 71.17 18.84
O1D CLA XH . 14.27 72.05 18.01
O2D CLA XH . 15.01 70.84 19.72
CED CLA XH . 16.31 71.38 19.46
C1 CLA XH . 10.15 68.23 11.97
C2 CLA XH . 8.67 68.29 12.06
C3 CLA XH . 7.86 68.27 10.99
C4 CLA XH . 8.38 68.18 9.60
C5 CLA XH . 6.38 68.33 11.13
C6 CLA XH . 5.78 69.71 10.84
C7 CLA XH . 4.33 69.57 10.39
C8 CLA XH . 3.40 70.62 11.01
C9 CLA XH . 2.08 69.94 11.38
C10 CLA XH . 3.09 71.89 10.19
C11 CLA XH . 3.28 71.84 8.69
C12 CLA XH . 2.21 71.01 8.01
C13 CLA XH . 2.10 71.36 6.53
C14 CLA XH . 0.74 70.98 6.01
C15 CLA XH . 3.21 70.68 5.73
C16 CLA XH . 4.20 71.68 5.19
C17 CLA XH . 3.63 72.49 4.05
C18 CLA XH . 4.31 73.85 3.93
C19 CLA XH . 5.81 73.68 3.76
MG CLA YH . -6.46 76.61 8.57
CHA CLA YH . -9.24 76.45 6.49
CHB CLA YH . -7.30 73.52 9.82
CHC CLA YH . -3.30 76.29 9.88
CHD CLA YH . -5.35 79.40 6.68
NA CLA YH . -8.03 75.26 8.24
C1A CLA YH . -9.08 75.38 7.33
C2A CLA YH . -10.03 74.18 7.42
C3A CLA YH . -9.55 73.45 8.69
C4A CLA YH . -8.19 74.10 8.94
CMA CLA YH . -10.49 73.70 9.84
CAA CLA YH . -9.96 73.32 6.16
CBA CLA YH . -8.61 72.68 5.93
CGA CLA YH . -8.39 72.45 4.47
O1A CLA YH . -8.93 73.00 3.51
O2A CLA YH . -7.46 71.49 4.21
NB CLA YH . -5.49 75.18 9.62
C1B CLA YH . -6.03 74.04 10.11
C2B CLA YH . -5.08 73.39 11.05
C3B CLA YH . -3.95 74.17 11.07
C4B CLA YH . -4.20 75.32 10.16
CMB CLA YH . -5.36 72.14 11.74
CAB CLA YH . -2.72 73.97 11.78
CBB CLA YH . -1.58 73.57 11.22
NC CLA YH . -4.68 77.69 8.37
C1C CLA YH . -3.52 77.43 9.05
C2C CLA YH . -2.50 78.42 8.72
C3C CLA YH . -3.07 79.25 7.75
C4C CLA YH . -4.43 78.80 7.55
CMC CLA YH . -1.15 78.47 9.27
CAC CLA YH . -2.43 80.41 7.09
CBC CLA YH . -2.95 81.74 7.59
ND CLA YH . -7.11 77.75 7.03
C1D CLA YH . -6.61 78.92 6.40
C2D CLA YH . -7.62 79.47 5.48
C3D CLA YH . -8.67 78.57 5.50
C4D CLA YH . -8.28 77.50 6.44
CMD CLA YH . -7.49 80.72 4.73
CAD CLA YH . -9.99 78.25 4.99
OBD CLA YH . -10.73 78.89 4.27
CBD CLA YH . -10.36 76.84 5.56
CGD CLA YH . -11.69 76.86 6.25
O1D CLA YH . -12.05 77.62 7.16
O2D CLA YH . -12.57 75.92 5.80
CED CLA YH . -13.87 75.90 6.38
C1 CLA YH . -7.86 70.42 3.33
C2 CLA YH . -6.93 70.39 2.17
C3 CLA YH . -5.60 70.29 2.28
C4 CLA YH . -4.97 70.25 3.62
C5 CLA YH . -4.79 70.27 1.01
C6 CLA YH . -3.27 70.13 1.10
C7 CLA YH . -2.61 71.49 1.26
C8 CLA YH . -1.39 71.49 2.17
C9 CLA YH . -1.68 72.27 3.43
C10 CLA YH . -0.14 72.05 1.48
C11 CLA YH . -0.36 73.42 0.88
C12 CLA YH . 0.79 74.36 1.16
C13 CLA YH . 0.36 75.82 1.09
C14 CLA YH . -0.27 76.25 2.41
C15 CLA YH . -0.61 76.08 -0.06
MG CLA ZH . -6.18 87.87 19.87
CHA CLA ZH . -9.62 87.50 19.61
CHB CLA ZH . -6.55 91.25 19.38
CHC CLA ZH . -2.90 88.35 20.80
CHD CLA ZH . -5.99 84.54 21.08
NA CLA ZH . -7.82 89.14 19.52
C1A CLA ZH . -9.17 88.78 19.45
C2A CLA ZH . -10.05 90.00 19.16
C3A CLA ZH . -9.02 91.14 18.92
C4A CLA ZH . -7.69 90.48 19.30
CMA CLA ZH . -9.03 91.60 17.49
CAA CLA ZH . -11.02 90.30 20.31
CBA CLA ZH . -10.43 90.26 21.70
CGA CLA ZH . -9.68 91.52 22.01
O1A CLA ZH . -10.10 92.68 22.07
O2A CLA ZH . -8.35 91.30 22.27
NB CLA ZH . -4.99 89.49 20.08
C1B CLA ZH . -5.28 90.76 19.71
C2B CLA ZH . -4.06 91.60 19.73
C3B CLA ZH . -3.02 90.79 20.12
C4B CLA ZH . -3.60 89.44 20.36
CMB CLA ZH . -4.06 93.03 19.41
CAB CLA ZH . -1.63 91.09 20.34
CBB CLA ZH . -1.18 92.05 21.14
NC CLA ZH . -4.71 86.66 20.74
C1C CLA ZH . -3.43 87.05 20.99
C2C CLA ZH . -2.66 85.93 21.52
C3C CLA ZH . -3.55 84.88 21.68
C4C CLA ZH . -4.84 85.34 21.16
CMC CLA ZH . -1.24 85.97 21.90
CAC CLA ZH . -3.26 83.53 22.19
CBC CLA ZH . -3.34 83.42 23.69
ND CLA ZH . -7.43 86.34 20.24
C1D CLA ZH . -7.22 85.00 20.66
C2D CLA ZH . -8.49 84.25 20.55
C3D CLA ZH . -9.44 85.16 20.12
C4D CLA ZH . -8.74 86.44 19.98
CMD CLA ZH . -8.63 82.82 20.86
CAD CLA ZH . -10.83 85.37 19.77
OBD CLA ZH . -11.75 84.56 19.69
CBD CLA ZH . -11.00 86.89 19.48
CGD CLA ZH . -11.61 87.15 18.13
O1D CLA ZH . -12.78 87.44 17.88
O2D CLA ZH . -10.74 87.04 17.09
CED CLA ZH . -11.27 86.57 15.84
C1 CLA ZH . -7.97 91.20 23.66
C2 CLA ZH . -6.51 90.93 23.70
C3 CLA ZH . -5.58 91.89 23.60
C4 CLA ZH . -5.98 93.32 23.45
C5 CLA ZH . -4.10 91.63 23.65
C6 CLA ZH . -3.66 90.39 24.41
C7 CLA ZH . -2.20 90.06 24.17
C8 CLA ZH . -1.24 90.68 25.19
C9 CLA ZH . -0.51 91.86 24.58
C10 CLA ZH . -0.24 89.65 25.68
MG CLA AI . -11.00 86.20 6.00
CHA CLA AI . -13.15 88.81 6.77
CHB CLA AI . -11.97 86.49 2.72
CHC CLA AI . -8.26 84.35 5.00
CHD CLA AI . -9.48 86.64 9.17
NA CLA AI . -12.34 87.44 4.95
C1A CLA AI . -13.13 88.47 5.45
C2A CLA AI . -13.95 89.14 4.37
C3A CLA AI . -13.78 88.17 3.19
C4A CLA AI . -12.59 87.31 3.62
CMA CLA AI . -15.03 87.33 3.00
CAA CLA AI . -13.20 90.41 4.02
CBA CLA AI . -13.96 91.69 4.27
CGA CLA AI . -13.02 92.85 4.19
O1A CLA AI . -12.95 93.84 4.93
O2A CLA AI . -12.17 92.76 3.13
NB CLA AI . -10.24 85.59 4.22
C1B CLA AI . -10.89 85.66 3.02
C2B CLA AI . -10.29 84.71 2.05
C3B CLA AI . -9.24 84.10 2.68
C4B CLA AI . -9.20 84.65 4.06
CMB CLA AI . -10.76 84.56 0.67
CAB CLA AI . -8.30 83.13 2.20
CBB CLA AI . -7.00 83.35 2.00
NC CLA AI . -9.23 85.58 6.92
C1C CLA AI . -8.26 84.79 6.36
C2C CLA AI . -7.20 84.49 7.32
C3C CLA AI . -7.52 85.20 8.46
C4C CLA AI . -8.79 85.87 8.23
CMC CLA AI . -6.03 83.65 7.07
CAC CLA AI . -6.75 85.22 9.72
CBC CLA AI . -5.94 86.50 9.87
ND CLA AI . -11.23 87.38 7.63
C1D CLA AI . -10.63 87.36 8.92
C2D CLA AI . -11.43 88.20 9.84
C3D CLA AI . -12.45 88.72 9.08
C4D CLA AI . -12.24 88.22 7.71
CMD CLA AI . -11.15 88.37 11.27
CAD CLA AI . -13.63 89.57 9.05
OBD CLA AI . -14.22 90.11 9.98
CBD CLA AI . -14.06 89.71 7.56
CGD CLA AI . -15.50 89.32 7.37
O1D CLA AI . -16.45 90.04 7.06
O2D CLA AI . -15.73 88.00 7.57
CED CLA AI . -17.02 87.47 7.25
C1 CLA AI . -10.93 93.49 3.21
C2 CLA AI . -10.32 93.49 1.86
C3 CLA AI . -9.03 93.77 1.64
C4 CLA AI . -8.11 94.12 2.76
C5 CLA AI . -8.46 93.76 0.27
MG CLA BI . -13.10 80.81 -1.49
CHA CLA BI . -15.07 83.10 0.21
CHB CLA BI . -14.74 81.66 -4.38
CHC CLA BI . -10.63 79.27 -3.35
CHD CLA BI . -11.01 80.60 1.37
NA CLA BI . -14.66 82.11 -1.97
C1A CLA BI . -15.35 82.99 -1.12
C2A CLA BI . -16.43 83.76 -1.87
C3A CLA BI . -16.52 83.00 -3.20
C4A CLA BI . -15.21 82.21 -3.22
CMA CLA BI . -17.71 82.08 -3.25
CAA CLA BI . -15.92 85.17 -2.12
CBA CLA BI . -16.75 86.23 -1.41
CGA CLA BI . -15.94 87.17 -0.56
O1A CLA BI . -16.37 88.05 0.19
O2A CLA BI . -14.59 87.01 -0.66
NB CLA BI . -12.76 80.51 -3.46
C1B CLA BI . -13.56 80.91 -4.49
C2B CLA BI . -13.02 80.42 -5.79
C3B CLA BI . -11.87 79.75 -5.50
C4B CLA BI . -11.68 79.79 -4.02
CMB CLA BI . -13.65 80.70 -7.07
CAB CLA BI . -10.93 79.10 -6.38
CBB CLA BI . -9.84 79.68 -6.88
NC CLA BI . -11.22 80.01 -1.05
C1C CLA BI . -10.40 79.37 -1.94
C2C CLA BI . -9.20 78.87 -1.28
C3C CLA BI . -9.27 79.33 0.04
C4C CLA BI . -10.55 80.03 0.18
CMC CLA BI . -8.12 78.12 -1.91
CAC CLA BI . -8.28 79.10 1.10
CBC CLA BI . -8.38 77.73 1.75
ND CLA BI . -13.03 81.58 0.38
C1D CLA BI . -12.17 81.34 1.48
C2D CLA BI . -12.74 81.99 2.70
C3D CLA BI . -13.87 82.66 2.26
C4D CLA BI . -13.98 82.40 0.81
CMD CLA BI . -12.17 81.91 4.04
CAD CLA BI . -15.00 83.50 2.62
OBD CLA BI . -15.34 83.90 3.74
CBD CLA BI . -15.76 83.87 1.32
CGD CLA BI . -17.23 83.56 1.39
O1D CLA BI . -18.16 84.16 0.86
O2D CLA BI . -17.55 82.47 2.14
CED CLA BI . -18.80 82.55 2.84
C1 CLA BI . -13.79 88.20 -0.55
C2 CLA BI . -12.41 87.83 -0.95
C3 CLA BI . -11.40 88.72 -0.91
C4 CLA BI . -11.65 90.11 -0.45
C5 CLA BI . -10.03 88.27 -1.35
C6 CLA BI . -8.85 88.86 -0.61
C7 CLA BI . -8.65 88.23 0.76
C8 CLA BI . -8.65 89.24 1.91
C9 CLA BI . -7.70 90.40 1.64
C10 CLA BI . -8.29 88.60 3.24
C11 CLA BI . -6.91 87.96 3.25
C12 CLA BI . -6.42 87.68 4.65
C13 CLA BI . -4.91 87.53 4.69
C14 CLA BI . -4.44 86.35 3.85
C15 CLA BI . -4.40 87.37 6.12
MG CLA CI . -13.58 69.88 -0.59
CHA CLA CI . -12.52 72.33 1.60
CHB CLA CI . -12.24 71.69 -3.18
CHC CLA CI . -13.89 67.14 -2.64
CHD CLA CI . -14.50 67.87 2.18
NA CLA CI . -12.57 71.71 -0.75
C1A CLA CI . -12.22 72.57 0.29
C2A CLA CI . -11.53 73.82 -0.23
C3A CLA CI . -11.73 73.70 -1.75
C4A CLA CI . -12.19 72.26 -1.93
CMA CLA CI . -12.78 74.68 -2.21
CAA CLA CI . -10.07 73.85 0.21
CBA CLA CI . -9.24 74.91 -0.47
CGA CLA CI . -7.79 74.62 -0.30
O1A CLA CI . -6.84 75.03 -0.96
O2A CLA CI . -7.53 73.77 0.76
NB CLA CI . -13.17 69.49 -2.53
C1B CLA CI . -12.65 70.37 -3.44
C2B CLA CI . -12.59 69.74 -4.78
C3B CLA CI . -13.06 68.45 -4.62
C4B CLA CI . -13.42 68.28 -3.20
CMB CLA CI . -12.08 70.41 -5.97
CAB CLA CI . -13.19 67.38 -5.59
CBB CLA CI . -12.25 67.02 -6.46
NC CLA CI . -14.11 67.87 -0.27
C1C CLA CI . -14.21 66.93 -1.27
C2C CLA CI . -14.69 65.67 -0.71
C3C CLA CI . -14.83 65.86 0.66
C4C CLA CI . -14.48 67.26 0.92
CMC CLA CI . -14.93 64.44 -1.47
CAC CLA CI . -15.36 64.87 1.62
CBC CLA CI . -14.39 64.34 2.64
ND CLA CI . -13.51 69.99 1.43
C1D CLA CI . -14.04 69.15 2.45
C2D CLA CI . -13.99 69.87 3.74
C3D CLA CI . -13.39 71.09 3.48
C4D CLA CI . -13.12 71.11 2.03
CMD CLA CI . -14.46 69.35 5.02
CAD CLA CI . -12.97 72.37 4.01
OBD CLA CI . -13.04 72.80 5.16
CBD CLA CI . -12.36 73.20 2.83
CGD CLA CI . -13.03 74.54 2.65
O1D CLA CI . -14.23 74.78 2.57
O2D CLA CI . -12.17 75.58 2.57
CED CLA CI . -12.57 76.72 1.80
MG CLA DI . -10.28 70.48 11.32
CHA CLA DI . -8.69 70.16 14.38
CHB CLA DI . -7.90 68.47 9.92
CHC CLA DI . -12.13 70.32 8.44
CHD CLA DI . -13.06 71.91 12.99
NA CLA DI . -8.59 69.48 12.05
C1A CLA DI . -8.09 69.47 13.36
C2A CLA DI . -6.82 68.64 13.47
C3A CLA DI . -6.60 68.12 12.03
C4A CLA DI . -7.77 68.72 11.26
CMA CLA DI . -5.25 68.51 11.49
CAA CLA DI . -6.94 67.49 14.45
CBA CLA DI . -5.59 66.86 14.69
CGA CLA DI . -4.52 67.91 14.73
O1A CLA DI . -4.60 69.05 15.18
O2A CLA DI . -3.33 67.49 14.20
NB CLA DI . -10.08 69.53 9.55
C1B CLA DI . -8.95 68.94 9.11
C2B CLA DI . -8.95 68.84 7.64
C3B CLA DI . -10.15 69.36 7.20
C4B CLA DI . -10.88 69.79 8.42
CMB CLA DI . -7.85 68.22 6.90
CAB CLA DI . -10.69 69.48 5.88
CBB CLA DI . -10.54 68.57 4.91
NC CLA DI . -12.24 71.01 10.82
C1C CLA DI . -12.79 70.89 9.57
C2C CLA DI . -14.15 71.41 9.55
C3C CLA DI . -14.42 71.83 10.85
C4C CLA DI . -13.22 71.59 11.64
CMC CLA DI . -15.04 71.45 8.39
CAC CLA DI . -15.66 72.43 11.35
CBC CLA DI . -16.59 71.41 11.96
ND CLA DI . -10.82 70.95 13.21
C1D CLA DI . -11.95 71.62 13.75
C2D CLA DI . -11.69 71.95 15.16
C3D CLA DI . -10.43 71.46 15.45
C4D CLA DI . -9.96 70.80 14.21
CMD CLA DI . -12.61 72.68 16.03
CAD CLA DI . -9.40 71.29 16.45
OBD CLA DI . -9.35 71.74 17.58
CBD CLA DI . -8.28 70.41 15.82
CGD CLA DI . -6.93 71.07 15.93
O1D CLA DI . -6.08 70.91 16.80
O2D CLA DI . -6.64 71.92 14.91
CED CLA DI . -6.00 73.15 15.25
C1 CLA DI . -2.17 68.32 14.42
C2 CLA DI . -2.08 69.26 13.27
C3 CLA DI . -1.70 68.88 12.05
C4 CLA DI . -1.33 67.46 11.79
C5 CLA DI . -1.62 69.89 10.94
C6 CLA DI . -1.77 69.34 9.53
C7 CLA DI . -2.18 70.42 8.55
C8 CLA DI . -3.66 70.36 8.21
C9 CLA DI . -3.91 69.46 7.01
C10 CLA DI . -4.24 71.74 7.96
C11 CLA DI . -3.68 72.42 6.72
C12 CLA DI . -4.36 73.77 6.55
C13 CLA DI . -3.66 74.65 5.53
C14 CLA DI . -2.41 75.29 6.12
C15 CLA DI . -4.63 75.71 5.00
C16 CLA DI . -3.94 76.70 4.09
C17 CLA DI . -4.95 77.49 3.27
C18 CLA DI . -4.32 78.51 2.33
C19 CLA DI . -3.60 77.85 1.17
C20 CLA DI . -3.40 79.46 3.05
MG CLA EI . 0.68 57.94 1.87
CHA CLA EI . 3.74 59.53 2.14
CHB CLA EI . -0.54 60.64 0.16
CHC CLA EI . -2.46 56.58 1.99
CHD CLA EI . 1.84 55.45 4.11
NA CLA EI . 1.48 59.77 1.26
C1A CLA EI . 2.79 60.23 1.44
C2A CLA EI . 2.99 61.60 0.82
C3A CLA EI . 1.61 61.93 0.22
C4A CLA EI . 0.77 60.71 0.55
CMA CLA EI . 1.07 63.15 0.89
CAA CLA EI . 4.08 61.62 -0.24
CBA CLA EI . 3.78 60.99 -1.59
CGA CLA EI . 3.83 62.04 -2.67
O1A CLA EI . 3.12 63.04 -2.79
O2A CLA EI . 4.81 61.82 -3.60
NB CLA EI . -1.15 58.52 1.23
C1B CLA EI . -1.42 59.58 0.44
C2B CLA EI . -2.80 59.49 -0.10
C3B CLA EI . -3.34 58.34 0.42
C4B CLA EI . -2.31 57.71 1.28
CMB CLA EI . -3.39 60.51 -0.98
CAB CLA EI . -4.64 57.75 0.27
CBB CLA EI . -5.80 58.40 0.26
NC CLA EI . -0.15 56.31 2.88
C1C CLA EI . -1.45 55.91 2.75
C2C CLA EI . -1.68 54.70 3.53
C3C CLA EI . -0.48 54.40 4.16
C4C CLA EI . 0.49 55.41 3.72
CMC CLA EI . -2.95 53.99 3.65
CAC CLA EI . -0.18 53.26 5.04
CBC CLA EI . 0.71 52.25 4.36
ND CLA EI . 2.35 57.54 2.94
C1D CLA EI . 2.72 56.44 3.75
C2D CLA EI . 4.15 56.58 4.12
C3D CLA EI . 4.59 57.76 3.54
C4D CLA EI . 3.43 58.31 2.81
CMD CLA EI . 4.89 55.65 4.96
CAD CLA EI . 5.70 58.67 3.34
OBD CLA EI . 6.85 58.61 3.77
CBD CLA EI . 5.19 59.83 2.45
CGD CLA EI . 5.36 61.17 3.11
O1D CLA EI . 4.51 61.84 3.71
O2D CLA EI . 6.62 61.66 3.02
CED CLA EI . 6.92 62.79 3.82
C1 CLA EI . 4.46 62.04 -4.99
C2 CLA EI . 4.91 63.41 -5.37
C3 CLA EI . 4.93 63.88 -6.64
C4 CLA EI . 5.40 65.27 -6.90
C5 CLA EI . 4.52 63.09 -7.83
C6 CLA EI . 3.09 63.32 -8.28
C7 CLA EI . 3.02 64.24 -9.48
C8 CLA EI . 3.20 63.53 -10.82
C9 CLA EI . 3.72 64.48 -11.87
C10 CLA EI . 1.88 62.92 -11.26
C11 CLA EI . 1.89 62.30 -12.64
C12 CLA EI . 0.48 62.01 -13.11
C13 CLA EI . 0.25 62.28 -14.59
C14 CLA EI . 0.59 63.72 -14.97
C15 CLA EI . -1.19 61.98 -15.01
C16 CLA EI . -2.19 62.73 -14.16
C17 CLA EI . -3.55 62.80 -14.82
C18 CLA EI . -4.43 63.91 -14.23
C19 CLA EI . -4.11 65.25 -14.85
C20 CLA EI . -4.31 63.98 -12.72
MG CLA FI . 10.10 67.40 2.51
CHA CLA FI . 7.28 65.77 1.31
CHB CLA FI . 8.27 70.28 2.80
CHC CLA FI . 13.01 69.15 3.05
CHD CLA FI . 12.02 64.54 1.68
NA CLA FI . 8.10 67.92 2.13
C1A CLA FI . 7.07 67.09 1.64
C2A CLA FI . 5.75 67.86 1.53
C3A CLA FI . 6.08 69.22 2.17
C4A CLA FI . 7.59 69.16 2.38
CMA CLA FI . 5.64 70.38 1.31
CAA CLA FI . 4.62 67.18 2.29
CBA CLA FI . 3.37 68.03 2.37
CGA CLA FI . 2.22 67.17 2.76
O1A CLA FI . 1.89 66.08 2.29
O2A CLA FI . 1.47 67.71 3.78
NB CLA FI . 10.56 69.35 2.78
C1B CLA FI . 9.66 70.34 3.03
C2B CLA FI . 10.35 71.53 3.60
C3B CLA FI . 11.68 71.21 3.68
C4B CLA FI . 11.83 69.83 3.16
CMB CLA FI . 9.66 72.76 3.98
CAB CLA FI . 12.79 71.99 4.15
CBB CLA FI . 13.58 72.72 3.37
NC CLA FI . 12.13 66.92 2.40
C1C CLA FI . 13.16 67.78 2.70
C2C CLA FI . 14.44 67.09 2.58
C3C CLA FI . 14.16 65.78 2.15
C4C CLA FI . 12.71 65.69 2.07
CMC CLA FI . 15.76 67.68 2.82
CAC CLA FI . 15.10 64.68 1.92
CBC CLA FI . 15.19 64.25 0.48
ND CLA FI . 9.79 65.56 1.75
C1D CLA FI . 10.66 64.46 1.51
C2D CLA FI . 9.87 63.30 1.06
C3D CLA FI . 8.57 63.76 0.98
C4D CLA FI . 8.58 65.16 1.39
CMD CLA FI . 10.41 61.98 0.75
CAD CLA FI . 7.21 63.40 0.64
OBD CLA FI . 6.77 62.32 0.30
CBD CLA FI . 6.35 64.69 0.80
CGD CLA FI . 5.70 65.06 -0.50
O1D CLA FI . 6.24 65.13 -1.60
O2D CLA FI . 4.36 65.32 -0.43
CED CLA FI . 3.76 65.92 -1.57
C1 CLA FI . 0.17 68.26 3.40
C2 CLA FI . -0.84 67.18 3.54
C3 CLA FI . -1.42 66.85 4.71
C4 CLA FI . -1.07 67.52 5.98
C5 CLA FI . -2.44 65.77 4.77
C6 CLA FI . -3.86 66.28 4.79
C7 CLA FI . -4.85 65.14 4.66
C8 CLA FI . -6.30 65.60 4.66
C9 CLA FI . -7.23 64.41 4.77
C10 CLA FI . -6.68 66.47 3.45
C11 CLA FI . -6.36 65.83 2.10
C12 CLA FI . -6.85 66.71 0.96
C13 CLA FI . -6.45 66.15 -0.39
C14 CLA FI . -6.43 67.23 -1.47
C15 CLA FI . -7.32 64.97 -0.83
C16 CLA FI . -6.51 63.81 -1.38
C17 CLA FI . -6.47 63.76 -2.89
C18 CLA FI . -5.54 62.66 -3.39
C19 CLA FI . -4.71 63.12 -4.57
C20 CLA FI . -6.31 61.42 -3.75
MG CLA GI . 8.85 52.28 18.75
CHA CLA GI . 10.12 53.42 21.76
CHB CLA GI . 12.06 51.84 17.63
CHC CLA GI . 7.66 50.45 16.11
CHD CLA GI . 5.62 52.19 20.22
NA CLA GI . 10.74 52.63 19.56
C1A CLA GI . 11.06 53.13 20.82
C2A CLA GI . 12.58 53.26 21.00
C3A CLA GI . 13.08 53.09 19.55
C4A CLA GI . 11.90 52.45 18.84
CMA CLA GI . 13.43 54.41 18.91
CAA CLA GI . 13.04 52.19 21.96
CBA CLA GI . 14.41 51.60 21.68
CGA CLA GI . 14.29 50.22 21.10
O1A CLA GI . 14.88 49.19 21.45
O2A CLA GI . 13.40 50.14 20.06
NB CLA GI . 9.69 51.38 17.15
C1B CLA GI . 11.02 51.24 16.90
C2B CLA GI . 11.24 50.36 15.73
C3B CLA GI . 10.00 49.97 15.29
C4B CLA GI . 8.99 50.62 16.19
CMB CLA GI . 12.57 50.04 15.23
CAB CLA GI . 9.60 49.10 14.23
CBB CLA GI . 10.30 48.05 13.78
NC CLA GI . 6.97 51.54 18.22
C1C CLA GI . 6.68 50.89 17.06
C2C CLA GI . 5.26 50.61 16.96
C3C CLA GI . 4.71 51.02 18.17
C4C CLA GI . 5.78 51.62 18.95
CMC CLA GI . 4.60 49.96 15.82
CAC CLA GI . 3.29 50.98 18.56
CBC CLA GI . 3.04 49.99 19.68
ND CLA GI . 8.00 52.68 20.54
C1D CLA GI . 6.65 52.68 20.99
C2D CLA GI . 6.60 53.25 22.35
C3D CLA GI . 7.90 53.57 22.69
C4D CLA GI . 8.73 53.19 21.53
CMD CLA GI . 5.40 53.41 23.14
CAD CLA GI . 8.77 54.12 23.71
OBD CLA GI . 8.51 54.59 24.80
CBD CLA GI . 10.22 54.03 23.15
CGD CLA GI . 10.87 55.38 23.13
O1D CLA GI . 10.52 56.36 22.49
O2D CLA GI . 11.97 55.48 23.93
CED CLA GI . 12.09 56.66 24.73
C1 CLA GI . 12.67 48.90 19.85
C2 CLA GI . 11.25 49.19 20.19
C3 CLA GI . 10.27 48.29 20.00
C4 CLA GI . 10.54 46.95 19.44
C5 CLA GI . 8.86 48.62 20.36
C6 CLA GI . 8.70 49.31 21.70
C7 CLA GI . 7.75 48.56 22.61
C8 CLA GI . 6.31 48.57 22.11
C9 CLA GI . 5.46 49.50 22.95
C10 CLA GI . 5.72 47.16 22.13
C11 CLA GI . 5.50 46.67 23.54
MG CLA HI . 7.72 60.65 18.10
CHA CLA HI . 10.64 62.31 18.95
CHB CLA HI . 8.43 58.31 20.52
CHC CLA HI . 4.47 59.50 17.95
CHD CLA HI . 6.77 63.45 16.15
NA CLA HI . 9.32 60.34 19.43
C1A CLA HI . 10.44 61.15 19.63
C2A CLA HI . 11.38 60.52 20.66
C3A CLA HI . 10.82 59.08 20.81
C4A CLA HI . 9.42 59.23 20.22
CMA CLA HI . 11.64 58.08 20.04
CAA CLA HI . 11.52 61.29 21.96
CBA CLA HI . 10.47 61.01 23.03
CGA CLA HI . 9.38 62.01 22.90
O1A CLA HI . 8.52 62.13 22.02
O2A CLA HI . 9.38 62.88 23.95
NB CLA HI . 6.69 59.18 19.01
C1B CLA HI . 7.13 58.37 20.01
C2B CLA HI . 6.03 57.51 20.51
C3B CLA HI . 4.91 57.84 19.78
C4B CLA HI . 5.31 58.90 18.82
CMB CLA HI . 6.22 56.54 21.58
CAB CLA HI . 3.57 57.34 19.85
CBB CLA HI . 3.22 56.06 19.91
NC CLA HI . 5.98 61.31 17.15
C1C CLA HI . 4.79 60.64 17.14
C2C CLA HI . 3.82 61.32 16.28
C3C CLA HI . 4.43 62.50 15.87
C4C CLA HI . 5.80 62.46 16.39
CMC CLA HI . 2.44 60.89 16.02
CAC CLA HI . 3.88 63.51 14.96
CBC CLA HI . 3.39 64.73 15.70
ND CLA HI . 8.48 62.44 17.58
C1D CLA HI . 8.02 63.46 16.71
C2D CLA HI . 9.09 64.47 16.55
C3D CLA HI . 10.12 64.08 17.38
C4D CLA HI . 9.68 62.83 18.02
CMD CLA HI . 8.98 65.64 15.67
CAD CLA HI . 11.45 64.37 17.87
OBD CLA HI . 12.21 65.28 17.57
CBD CLA HI . 11.80 63.28 18.93
CGD CLA HI . 13.08 62.57 18.61
O1D CLA HI . 13.24 61.65 17.80
O2D CLA HI . 14.16 63.03 19.29
CED CLA HI . 15.31 62.19 19.34
C1 CLA HI . 8.18 62.92 24.74
C2 CLA HI . 7.97 64.35 25.03
C3 CLA HI . 6.84 64.82 25.55
C4 CLA HI . 5.68 63.96 25.88
C5 CLA HI . 6.70 66.27 25.81
C6 CLA HI . 6.03 66.97 24.64
C7 CLA HI . 5.32 68.23 25.10
C8 CLA HI . 5.77 69.47 24.35
C9 CLA HI . 7.17 69.85 24.77
C10 CLA HI . 4.73 70.54 24.64
C11 CLA HI . 5.24 71.96 24.45
C12 CLA HI . 4.13 72.94 24.77
C13 CLA HI . 4.41 73.76 26.02
C14 CLA HI . 3.92 73.05 27.25
C15 CLA HI . 3.72 75.13 25.90
C16 CLA HI . 4.25 76.11 26.92
C17 CLA HI . 3.14 76.82 27.65
C18 CLA HI . 3.43 78.30 27.94
C19 CLA HI . 4.76 78.50 28.62
C20 CLA HI . 3.34 79.13 26.68
MG CLA II . -9.79 53.41 16.55
CHA CLA II . -12.43 51.22 17.03
CHB CLA II . -10.86 55.24 19.24
CHC CLA II . -6.78 55.05 16.63
CHD CLA II . -8.39 51.05 14.28
NA CLA II . -11.39 53.25 17.88
C1A CLA II . -12.38 52.26 17.91
C2A CLA II . -13.38 52.50 19.03
C3A CLA II . -12.97 53.88 19.58
C4A CLA II . -11.64 54.16 18.88
CMA CLA II . -13.99 54.93 19.24
CAA CLA II . -13.32 51.39 20.07
CBA CLA II . -11.92 50.97 20.46
CGA CLA II . -11.98 49.89 21.49
O1A CLA II . -12.84 49.02 21.62
O2A CLA II . -10.92 49.92 22.34
NB CLA II . -8.96 54.81 17.74
C1B CLA II . -9.62 55.56 18.66
C2B CLA II . -8.86 56.80 18.98
C3B CLA II . -7.71 56.76 18.24
C4B CLA II . -7.76 55.50 17.46
CMB CLA II . -9.33 57.79 19.94
CAB CLA II . -6.59 57.67 18.17
CBB CLA II . -6.64 58.99 18.34
NC CLA II . -7.94 53.11 15.60
C1C CLA II . -6.85 53.93 15.76
C2C CLA II . -5.75 53.47 14.93
C3C CLA II . -6.18 52.30 14.30
C4C CLA II . -7.57 52.10 14.71
CMC CLA II . -4.43 54.10 14.85
CAC CLA II . -5.43 51.46 13.36
CBC CLA II . -4.73 50.31 14.04
ND CLA II . -10.26 51.60 15.75
C1D CLA II . -9.66 50.80 14.75
C2D CLA II . -10.58 49.71 14.37
C3D CLA II . -11.68 49.84 15.21
C4D CLA II . -11.40 51.00 16.06
CMD CLA II . -10.33 48.73 13.32
CAD CLA II . -12.97 49.31 15.59
OBD CLA II . -13.62 48.40 15.09
CBD CLA II . -13.46 50.14 16.82
CGD CLA II . -14.83 50.72 16.59
O1D CLA II . -15.12 51.90 16.43
O2D CLA II . -15.83 49.81 16.57
CED CLA II . -16.95 50.08 15.72
C1 CLA II . -10.51 48.69 22.99
C2 CLA II . -9.11 48.44 22.58
C3 CLA II . -8.67 47.34 21.93
C4 CLA II . -9.55 46.22 21.51
C5 CLA II . -7.23 47.20 21.57
C6 CLA II . -6.63 45.99 22.26
C7 CLA II . -5.13 45.91 22.08
C8 CLA II . -4.70 45.78 20.61
C9 CLA II . -5.25 44.51 19.98
C10 CLA II . -3.18 45.83 20.47
C11 CLA II . -2.46 44.85 21.37
C12 CLA II . -1.09 44.53 20.83
C13 CLA II . -0.26 43.67 21.79
C14 CLA II . -1.02 42.45 22.25
C15 CLA II . 0.23 44.45 22.99
C16 CLA II . 1.75 44.52 23.02
C17 CLA II . 2.34 43.18 23.39
C18 CLA II . 3.86 43.22 23.53
C19 CLA II . 4.51 43.67 22.24
C20 CLA II . 4.38 41.86 23.93
MG CLA JI . -14.20 61.47 -8.94
CHA CLA JI . -16.92 63.40 -9.90
CHB CLA JI . -14.22 60.01 -12.03
CHC CLA JI . -11.01 60.31 -8.40
CHD CLA JI . -13.92 63.49 -6.05
NA CLA JI . -15.38 61.69 -10.66
C1A CLA JI . -16.45 62.57 -10.86
C2A CLA JI . -17.04 62.39 -12.25
C3A CLA JI . -16.37 61.10 -12.76
C4A CLA JI . -15.21 60.93 -11.78
CMA CLA JI . -17.31 59.92 -12.67
CAA CLA JI . -16.65 63.58 -13.10
CBA CLA JI . -17.85 64.20 -13.79
CGA CLA JI . -17.46 65.48 -14.47
O1A CLA JI . -18.19 66.33 -14.96
O2A CLA JI . -16.10 65.67 -14.51
NB CLA JI . -12.86 60.42 -10.03
C1B CLA JI . -13.13 59.78 -11.20
C2B CLA JI . -12.08 58.76 -11.48
C3B CLA JI . -11.17 58.83 -10.47
C4B CLA JI . -11.64 59.90 -9.53
CMB CLA JI . -12.09 57.90 -12.65
CAB CLA JI . -9.94 58.10 -10.35
CBB CLA JI . -9.64 57.20 -9.43
NC CLA JI . -12.75 61.82 -7.47
C1C CLA JI . -11.52 61.22 -7.43
C2C CLA JI . -10.79 61.67 -6.25
C3C CLA JI . -11.60 62.60 -5.61
C4C CLA JI . -12.84 62.67 -6.37
CMC CLA JI . -9.43 61.25 -5.90
CAC CLA JI . -11.32 63.33 -4.36
CBC CLA JI . -10.26 64.40 -4.52
ND CLA JI . -15.16 63.04 -8.10
C1D CLA JI . -15.02 63.69 -6.84
C2D CLA JI . -16.19 64.54 -6.58
C3D CLA JI . -16.96 64.46 -7.73
C4D CLA JI . -16.26 63.55 -8.64
CMD CLA JI . -16.42 65.30 -5.35
CAD CLA JI . -18.19 64.88 -8.40
OBD CLA JI . -19.10 65.58 -7.98
CBD CLA JI . -18.16 64.27 -9.83
CGD CLA JI . -19.39 63.44 -10.12
O1D CLA JI . -20.08 63.44 -11.14
O2D CLA JI . -19.74 62.62 -9.10
CED CLA JI . -20.22 61.32 -9.44
MG CLA KI . -10.15 56.11 -16.63
CHA CLA KI . -13.36 57.37 -16.95
CHB CLA KI . -11.16 53.27 -18.28
CHC CLA KI . -6.85 55.25 -17.21
CHD CLA KI . -9.06 59.33 -15.61
NA CLA KI . -11.96 55.44 -17.43
C1A CLA KI . -13.18 56.11 -17.44
C2A CLA KI . -14.26 55.26 -18.11
C3A CLA KI . -13.60 53.86 -18.13
C4A CLA KI . -12.13 54.19 -17.96
CMA CLA KI . -14.12 52.99 -17.02
CAA CLA KI . -14.46 55.75 -19.52
CBA CLA KI . -15.78 56.49 -19.68
CGA CLA KI . -15.69 57.71 -20.55
O1A CLA KI . -16.62 58.36 -21.02
O2A CLA KI . -14.40 58.13 -20.79
NB CLA KI . -9.21 54.56 -17.53
C1B CLA KI . -9.78 53.50 -18.14
C2B CLA KI . -8.75 52.56 -18.64
C3B CLA KI . -7.53 53.12 -18.34
C4B CLA KI . -7.80 54.39 -17.63
CMB CLA KI . -9.07 51.32 -19.35
CAB CLA KI . -6.20 52.66 -18.61
CBB CLA KI . -5.82 52.08 -19.76
NC CLA KI . -8.30 57.09 -16.37
C1C CLA KI . -7.08 56.52 -16.59
C2C CLA KI . -6.02 57.43 -16.22
C3C CLA KI . -6.64 58.62 -15.86
C4C CLA KI . -8.08 58.38 -15.94
CMC CLA KI . -4.60 57.12 -16.32
CAC CLA KI . -6.01 59.86 -15.38
CBC CLA KI . -6.20 60.04 -13.90
ND CLA KI . -10.95 57.94 -16.31
C1D CLA KI . -10.42 59.15 -15.79
C2D CLA KI . -11.51 60.09 -15.50
C3D CLA KI . -12.67 59.46 -15.92
C4D CLA KI . -12.26 58.13 -16.43
CMD CLA KI . -11.35 61.42 -14.92
CAD CLA KI . -14.12 59.54 -16.07
OBD CLA KI . -14.88 60.45 -15.75
CBD CLA KI . -14.59 58.21 -16.73
CGD CLA KI . -15.57 57.49 -15.85
O1D CLA KI . -15.42 56.41 -15.29
O2D CLA KI . -16.74 58.14 -15.66
CED CLA KI . -17.81 57.40 -15.07
C1 CLA KI . -14.12 58.86 -22.00
C2 CLA KI . -13.40 57.93 -22.92
C3 CLA KI . -12.20 58.16 -23.48
C4 CLA KI . -11.46 59.43 -23.19
C5 CLA KI . -11.62 57.12 -24.39
C6 CLA KI . -10.16 57.27 -24.75
C7 CLA KI . -9.69 56.10 -25.61
C8 CLA KI . -8.18 56.04 -25.89
C9 CLA KI . -7.38 57.00 -25.03
C10 CLA KI . -7.87 56.29 -27.36
C11 CLA KI . -6.47 55.89 -27.75
C12 CLA KI . -6.12 56.29 -29.17
C13 CLA KI . -4.63 56.58 -29.34
C14 CLA KI . -4.41 58.06 -29.58
C15 CLA KI . -4.00 55.76 -30.46
C16 CLA KI . -2.54 55.51 -30.18
C17 CLA KI . -1.86 54.77 -31.32
C18 CLA KI . -0.73 53.89 -30.82
C19 CLA KI . 0.29 53.65 -31.93
C20 CLA KI . -1.25 52.57 -30.30
MG CLA LI . 2.87 46.57 -20.02
CHA CLA LI . -0.43 46.58 -18.99
CHB CLA LI . 2.86 43.13 -19.88
CHC CLA LI . 5.89 46.49 -21.70
CHD CLA LI . 2.61 50.02 -20.73
NA CLA LI . 1.46 45.12 -19.50
C1A CLA LI . 0.13 45.34 -19.09
C2A CLA LI . -0.57 44.02 -18.74
C3A CLA LI . 0.56 42.97 -18.87
C4A CLA LI . 1.71 43.78 -19.46
CMA CLA LI . 0.90 42.35 -17.55
CAA CLA LI . -1.79 43.73 -19.60
CBA CLA LI . -1.55 43.81 -21.08
CGA CLA LI . -2.76 43.26 -21.76
O1A CLA LI . -3.76 42.76 -21.24
O2A CLA LI . -2.70 43.36 -23.12
NB CLA LI . 4.16 45.11 -20.59
C1B CLA LI . 3.95 43.77 -20.47
C2B CLA LI . 5.10 43.03 -21.08
C3B CLA LI . 5.95 43.96 -21.59
C4B CLA LI . 5.37 45.30 -21.29
CMB CLA LI . 5.16 41.57 -21.15
CAB CLA LI . 7.17 43.77 -22.32
CBB CLA LI . 8.05 42.80 -22.06
NC CLA LI . 4.04 47.99 -21.01
C1C CLA LI . 5.26 47.76 -21.57
C2C CLA LI . 5.83 48.99 -22.10
C3C CLA LI . 4.87 49.99 -21.88
C4C CLA LI . 3.76 49.35 -21.17
CMC CLA LI . 7.11 49.12 -22.78
CAC CLA LI . 4.96 51.41 -22.23
CBC CLA LI . 3.94 51.80 -23.27
ND CLA LI . 1.44 48.00 -20.01
C1D CLA LI . 1.51 49.41 -20.20
C2D CLA LI . 0.24 50.02 -19.73
C3D CLA LI . -0.55 48.98 -19.27
C4D CLA LI . 0.25 47.75 -19.46
CMD CLA LI . -0.06 51.45 -19.78
CAD CLA LI . -1.81 48.59 -18.69
OBD CLA LI . -2.80 49.27 -18.42
CBD CLA LI . -1.75 47.05 -18.45
CGD CLA LI . -1.85 46.72 -16.99
O1D CLA LI . -0.92 46.46 -16.22
O2D CLA LI . -3.11 46.73 -16.47
CED CLA LI . -3.25 46.95 -15.06
C1 CLA LI . -3.94 43.18 -23.84
C2 CLA LI . -4.68 44.43 -23.60
C3 CLA LI . -5.90 44.53 -23.05
C4 CLA LI . -6.70 43.36 -22.62
C5 CLA LI . -6.46 45.89 -22.87
C6 CLA LI . -5.65 46.66 -21.84
C7 CLA LI . -5.60 48.15 -22.12
C8 CLA LI . -4.43 48.58 -23.00
C9 CLA LI . -3.09 48.36 -22.34
C10 CLA LI . -4.58 50.06 -23.35
C11 CLA LI . -3.64 50.51 -24.43
C12 CLA LI . -4.11 51.74 -25.20
C13 CLA LI . -4.35 52.96 -24.33
C14 CLA LI . -5.23 53.96 -25.05
C15 CLA LI . -3.06 53.66 -23.93
C16 CLA LI . -2.64 53.42 -22.49
C17 CLA LI . -2.06 54.66 -21.84
C18 CLA LI . -2.85 55.17 -20.64
C19 CLA LI . -4.32 55.37 -20.94
C20 CLA LI . -2.67 54.24 -19.45
MG CLA MI . 12.48 40.41 -20.00
CHA CLA MI . 14.54 39.79 -22.72
CHB CLA MI . 11.47 43.32 -21.49
CHC CLA MI . 9.80 40.57 -17.85
CHD CLA MI . 13.13 37.11 -18.87
NA CLA MI . 12.96 41.38 -21.79
C1A CLA MI . 13.83 40.95 -22.81
C2A CLA MI . 13.94 41.98 -23.93
C3A CLA MI . 13.15 43.19 -23.37
C4A CLA MI . 12.46 42.61 -22.14
CMA CLA MI . 14.07 44.32 -23.01
CAA CLA MI . 13.42 41.54 -25.29
CBA CLA MI . 12.52 40.31 -25.28
CGA CLA MI . 12.06 40.02 -26.68
O1A CLA MI . 11.46 39.03 -27.10
O2A CLA MI . 12.39 41.03 -27.54
NB CLA MI . 10.89 41.65 -19.79
C1B CLA MI . 10.79 42.88 -20.35
C2B CLA MI . 9.82 43.72 -19.60
C3B CLA MI . 9.35 42.94 -18.57
C4B CLA MI . 10.01 41.63 -18.67
CMB CLA MI . 9.49 45.09 -19.97
CAB CLA MI . 8.38 43.25 -17.54
CBB CLA MI . 7.13 43.63 -17.76
NC CLA MI . 11.65 39.10 -18.60
C1C CLA MI . 10.57 39.38 -17.81
C2C CLA MI . 10.28 38.26 -16.92
C3C CLA MI . 11.21 37.27 -17.23
C4C CLA MI . 12.06 37.80 -18.28
CMC CLA MI . 9.19 38.19 -15.93
CAC CLA MI . 11.34 35.93 -16.63
CBC CLA MI . 10.66 34.86 -17.45
ND CLA MI . 13.61 38.83 -20.54
C1D CLA MI . 13.86 37.58 -19.94
C2D CLA MI . 14.98 36.92 -20.65
C3D CLA MI . 15.29 37.73 -21.73
C4D CLA MI . 14.37 38.88 -21.63
CMD CLA MI . 15.59 35.64 -20.24
CAD CLA MI . 16.15 37.95 -22.87
OBD CLA MI . 17.12 37.31 -23.25
CBD CLA MI . 15.61 39.21 -23.61
CGD CLA MI . 16.68 40.22 -23.93
O1D CLA MI . 17.11 40.52 -25.05
O2D CLA MI . 17.21 40.86 -22.85
CED CLA MI . 17.66 42.20 -23.03
C1 CLA MI . 12.52 40.74 -28.95
C2 CLA MI . 11.50 41.57 -29.65
C3 CLA MI . 10.26 41.17 -29.98
C4 CLA MI . 9.76 39.80 -29.66
C5 CLA MI . 9.38 42.16 -30.69
C6 CLA MI . 7.88 41.91 -30.67
C7 CLA MI . 7.43 41.25 -31.97
C8 CLA MI . 5.92 41.32 -32.17
C9 CLA MI . 5.45 40.09 -32.91
C10 CLA MI . 5.53 42.59 -32.92
C11 CLA MI . 5.73 42.47 -34.42
C12 CLA MI . 5.76 43.83 -35.10
C13 CLA MI . 4.45 44.60 -34.96
C14 CLA MI . 3.28 43.82 -35.52
C15 CLA MI . 4.55 45.94 -35.67
C16 CLA MI . 4.93 47.05 -34.71
C17 CLA MI . 5.34 48.33 -35.42
C18 CLA MI . 6.69 48.25 -36.14
C19 CLA MI . 7.81 47.80 -35.22
C20 CLA MI . 7.06 49.60 -36.71
MG CLA NI . 11.50 71.58 -4.49
CHA CLA NI . 12.85 74.20 -2.67
CHB CLA NI . 10.83 69.96 -1.54
CHC CLA NI . 9.43 69.42 -6.17
CHD CLA NI . 11.81 73.53 -7.42
NA CLA NI . 11.81 72.03 -2.46
C1A CLA NI . 12.39 73.16 -1.91
C2A CLA NI . 12.47 73.05 -0.39
C3A CLA NI . 12.12 71.58 -0.14
C4A CLA NI . 11.51 71.15 -1.46
CMA CLA NI . 13.36 70.77 0.13
CAA CLA NI . 11.52 73.99 0.37
CBA CLA NI . 10.29 74.40 -0.43
CGA CLA NI . 9.12 74.57 0.49
O1A CLA NI . 8.35 73.71 0.90
O2A CLA NI . 8.95 75.87 0.89
NB CLA NI . 10.34 70.03 -3.95
C1B CLA NI . 10.26 69.46 -2.72
C2B CLA NI . 9.50 68.20 -2.78
C3B CLA NI . 9.10 68.04 -4.09
C4B CLA NI . 9.63 69.20 -4.84
CMB CLA NI . 9.25 67.36 -1.60
CAB CLA NI . 8.32 66.98 -4.67
CBB CLA NI . 7.23 66.48 -4.11
NC CLA NI . 10.77 71.49 -6.45
C1C CLA NI . 9.96 70.50 -6.94
C2C CLA NI . 9.69 70.70 -8.35
C3C CLA NI . 10.33 71.90 -8.70
C4C CLA NI . 11.02 72.37 -7.50
CMC CLA NI . 8.86 69.85 -9.20
CAC CLA NI . 10.36 72.52 -10.03
CBC CLA NI . 9.18 73.43 -10.30
ND CLA NI . 12.15 73.42 -5.00
C1D CLA NI . 12.34 74.06 -6.26
C2D CLA NI . 13.12 75.29 -6.06
C3D CLA NI . 13.32 75.41 -4.71
C4D CLA NI . 12.70 74.22 -4.09
CMD CLA NI . 13.52 76.21 -7.13
CAD CLA NI . 13.91 76.20 -3.63
OBD CLA NI . 14.49 77.27 -3.68
CBD CLA NI . 13.63 75.44 -2.30
CGD CLA NI . 14.90 75.05 -1.60
O1D CLA NI . 15.38 73.92 -1.47
O2D CLA NI . 15.59 76.09 -1.04
CED CLA NI . 16.56 75.75 -0.06
C1 CLA NI . 7.74 76.21 1.58
C2 CLA NI . 6.76 76.69 0.57
C3 CLA NI . 6.77 77.95 0.09
C4 CLA NI . 7.75 78.96 0.52
C5 CLA NI . 5.77 78.35 -0.93
C6 CLA NI . 6.38 78.76 -2.26
C7 CLA NI . 5.90 77.89 -3.41
C8 CLA NI . 5.80 78.65 -4.72
C9 CLA NI . 5.38 77.69 -5.82
C10 CLA NI . 7.09 79.35 -5.11
C11 CLA NI . 6.93 80.84 -5.27
C12 CLA NI . 6.66 81.23 -6.71
C13 CLA NI . 7.96 81.32 -7.51
C14 CLA NI . 8.72 82.60 -7.15
C15 CLA NI . 7.74 81.18 -9.01
C16 CLA NI . 7.24 82.44 -9.73
C17 CLA NI . 7.88 82.63 -11.10
C18 CLA NI . 8.22 84.07 -11.43
C19 CLA NI . 7.04 85.01 -11.26
C20 CLA NI . 9.41 84.56 -10.62
MG CLA OI . 11.52 79.89 -5.73
CHA CLA OI . 11.96 82.61 -3.65
CHB CLA OI . 10.46 78.07 -3.02
CHC CLA OI . 10.21 77.51 -7.85
CHD CLA OI . 12.02 82.03 -8.52
NA CLA OI . 11.31 80.28 -3.69
C1A CLA OI . 11.54 81.48 -3.02
C2A CLA OI . 11.29 81.35 -1.51
C3A CLA OI . 11.14 79.82 -1.34
C4A CLA OI . 10.93 79.33 -2.78
CMA CLA OI . 12.35 79.20 -0.70
CAA CLA OI . 10.06 82.13 -1.06
CBA CLA OI . 8.79 81.78 -1.82
CGA CLA OI . 7.64 82.54 -1.25
O1A CLA OI . 7.60 83.72 -0.88
O2A CLA OI . 6.49 81.80 -1.15
NB CLA OI . 10.58 78.13 -5.48
C1B CLA OI . 10.24 77.55 -4.30
C2B CLA OI . 9.55 76.24 -4.55
C3B CLA OI . 9.48 76.09 -5.92
C4B CLA OI . 10.13 77.28 -6.52
CMB CLA OI . 9.06 75.40 -3.47
CAB CLA OI . 8.90 75.06 -6.72
CBB CLA OI . 7.71 74.52 -6.55
NC CLA OI . 11.23 79.77 -7.80
C1C CLA OI . 10.74 78.68 -8.46
C2C CLA OI . 10.75 78.90 -9.90
C3C CLA OI . 11.20 80.21 -10.09
C4C CLA OI . 11.52 80.74 -8.77
CMC CLA OI . 10.30 77.95 -10.93
CAC CLA OI . 11.39 80.90 -11.36
CBC CLA OI . 12.67 80.48 -12.05
ND CLA OI . 11.91 81.85 -6.09
C1D CLA OI . 12.20 82.57 -7.27
C2D CLA OI . 12.67 83.93 -6.91
C3D CLA OI . 12.59 83.99 -5.53
C4D CLA OI . 12.10 82.68 -5.07
CMD CLA OI . 13.09 84.96 -7.86
CAD CLA OI . 12.79 84.80 -4.34
OBD CLA OI . 13.19 85.95 -4.22
CBD CLA OI . 12.38 83.96 -3.11
CGD CLA OI . 13.51 83.84 -2.13
O1D CLA OI . 14.50 83.08 -2.19
O2D CLA OI . 13.43 84.71 -1.08
CED CLA OI . 14.50 85.63 -0.89
MG CLA PI . 11.81 58.93 -1.64
CHA CLA PI . 12.69 61.71 -3.52
CHB CLA PI . 8.51 59.68 -2.16
CHC CLA PI . 10.94 56.69 0.80
CHD CLA PI . 15.21 58.62 -0.65
NA CLA PI . 10.79 60.43 -2.69
C1A CLA PI . 11.34 61.49 -3.42
C2A CLA PI . 10.26 62.35 -4.06
C3A CLA PI . 8.97 61.57 -3.74
C4A CLA PI . 9.43 60.48 -2.79
CMA CLA PI . 7.97 62.49 -3.10
CAA CLA PI . 10.57 62.53 -5.55
CBA CLA PI . 9.41 62.43 -6.51
CGA CLA PI . 9.39 63.63 -7.40
O1A CLA PI . 8.66 64.62 -7.33
O2A CLA PI . 10.31 63.56 -8.39
NB CLA PI . 10.07 58.33 -0.83
C1B CLA PI . 8.83 58.67 -1.25
C2B CLA PI . 7.80 57.82 -0.58
C3B CLA PI . 8.48 56.98 0.27
C4B CLA PI . 9.93 57.30 0.12
CMB CLA PI . 6.37 57.99 -0.85
CAB CLA PI . 8.02 55.97 1.18
CBB CLA PI . 6.82 55.91 1.75
NC CLA PI . 12.89 57.83 -0.22
C1C CLA PI . 12.33 56.92 0.64
C2C CLA PI . 13.36 56.27 1.43
C3C CLA PI . 14.57 56.86 1.07
C4C CLA PI . 14.26 57.82 0.02
CMC CLA PI . 13.13 55.23 2.44
CAC CLA PI . 15.92 56.53 1.56
CBC CLA PI . 16.56 57.64 2.36
ND CLA PI . 13.58 59.86 -1.98
C1D CLA PI . 14.90 59.58 -1.58
C2D CLA PI . 15.83 60.50 -2.30
C3D CLA PI . 15.03 61.33 -3.06
C4D CLA PI . 13.64 60.90 -2.81
CMD CLA PI . 17.27 60.48 -2.16
CAD CLA PI . 14.98 62.43 -4.00
OBD CLA PI . 15.90 63.07 -4.50
CBD CLA PI . 13.48 62.73 -4.29
CGD CLA PI . 13.06 64.12 -3.91
O1D CLA PI . 12.83 65.07 -4.67
O2D CLA PI . 12.93 64.32 -2.57
CED CLA PI . 11.90 65.18 -2.11
C1 CLA PI . 9.83 63.22 -9.70
C2 CLA PI . 9.62 64.49 -10.45
C3 CLA PI . 8.42 65.04 -10.72
C4 CLA PI . 7.14 64.42 -10.31
C5 CLA PI . 8.29 66.31 -11.48
C6 CLA PI . 9.49 66.66 -12.35
C7 CLA PI . 9.14 67.73 -13.36
MG CLA QI . 7.09 56.31 -12.10
CHA CLA QI . 9.26 58.45 -10.47
CHB CLA QI . 4.99 56.46 -9.39
CHC CLA QI . 4.53 54.98 -14.00
CHD CLA QI . 9.03 56.69 -15.05
NA CLA QI . 7.14 57.27 -10.26
C1A CLA QI . 8.14 58.13 -9.76
C2A CLA QI . 7.79 58.60 -8.36
C3A CLA QI . 6.70 57.60 -7.93
C4A CLA QI . 6.21 57.09 -9.28
CMA CLA QI . 7.29 56.48 -7.12
CAA CLA QI . 7.17 59.99 -8.31
CBA CLA QI . 7.03 60.75 -9.63
CGA CLA QI . 5.87 60.26 -10.42
O1A CLA QI . 4.77 59.90 -10.00
O2A CLA QI . 6.09 60.23 -11.77
NB CLA QI . 5.15 55.83 -11.76
C1B CLA QI . 4.49 55.93 -10.59
C2B CLA QI . 3.12 55.38 -10.69
C3B CLA QI . 2.97 54.96 -11.99
C4B CLA QI . 4.27 55.24 -12.69
CMB CLA QI . 2.20 55.35 -9.57
CAB CLA QI . 1.84 54.38 -12.64
CBB CLA QI . 0.57 54.75 -12.46
NC CLA QI . 6.85 55.87 -14.14
C1C CLA QI . 5.75 55.28 -14.69
C2C CLA QI . 5.97 55.05 -16.11
C3C CLA QI . 7.21 55.60 -16.41
C4C CLA QI . 7.77 56.10 -15.17
CMC CLA QI . 5.03 54.41 -17.04
CAC CLA QI . 7.88 55.60 -17.72
CBC CLA QI . 8.82 54.43 -17.87
ND CLA QI . 8.74 57.31 -12.70
C1D CLA QI . 9.50 57.28 -13.89
C2D CLA QI . 10.80 57.97 -13.66
C3D CLA QI . 10.75 58.44 -12.37
C4D CLA QI . 9.45 58.01 -11.82
CMD CLA QI . 11.86 58.12 -14.65
CAD CLA QI . 11.45 59.16 -11.32
OBD CLA QI . 12.56 59.68 -11.34
CBD CLA QI . 10.51 59.19 -10.08
CGD CLA QI . 11.19 58.55 -8.90
O1D CLA QI . 11.54 57.37 -8.77
O2D CLA QI . 11.44 59.39 -7.85
CED CLA QI . 12.32 58.93 -6.84
C1 CLA QI . 5.15 59.46 -12.54
C2 CLA QI . 5.34 59.80 -13.97
C3 CLA QI . 4.61 59.28 -14.97
C4 CLA QI . 4.89 59.69 -16.36
C5 CLA QI . 3.54 58.24 -14.78
C6 CLA QI . 2.17 58.73 -15.21
C7 CLA QI . 1.22 57.56 -15.45
C8 CLA QI . 0.59 57.55 -16.84
C9 CLA QI . -0.84 58.02 -16.77
C10 CLA QI . 0.63 56.17 -17.47
C11 CLA QI . 2.02 55.80 -17.95
C12 CLA QI . 2.31 56.30 -19.35
C13 CLA QI . 2.05 55.23 -20.41
C14 CLA QI . 3.05 54.10 -20.31
C15 CLA QI . 2.06 55.81 -21.82
C16 CLA QI . 3.45 56.28 -22.24
C17 CLA QI . 3.41 56.96 -23.59
C18 CLA QI . 3.94 56.15 -24.78
C19 CLA QI . 5.30 55.48 -24.56
C20 CLA QI . 4.06 57.06 -25.98
MG CLA RI . -2.25 57.51 -7.33
CHA CLA RI . 0.62 58.99 -6.10
CHB CLA RI . -3.64 57.78 -4.20
CHC CLA RI . -5.35 56.81 -8.66
CHD CLA RI . -0.99 57.90 -10.60
NA CLA RI . -1.60 58.24 -5.48
C1A CLA RI . -0.36 58.81 -5.17
C2A CLA RI . -0.29 59.21 -3.70
C3A CLA RI . -1.46 58.41 -3.10
C4A CLA RI . -2.33 58.15 -4.33
CMA CLA RI . -1.01 57.13 -2.45
CAA CLA RI . -0.64 60.67 -3.56
CBA CLA RI . 0.50 61.65 -3.73
CGA CLA RI . 0.08 63.01 -3.25
O1A CLA RI . -0.75 63.28 -2.38
O2A CLA RI . 0.72 64.03 -3.88
NB CLA RI . -4.09 57.24 -6.56
C1B CLA RI . -4.47 57.49 -5.28
C2B CLA RI . -5.94 57.38 -5.15
C3B CLA RI . -6.43 57.11 -6.40
C4B CLA RI . -5.27 57.02 -7.32
CMB CLA RI . -6.65 57.60 -3.89
CAB CLA RI . -7.80 56.94 -6.81
CBB CLA RI . -8.81 57.66 -6.33
NC CLA RI . -3.01 57.34 -9.27
C1C CLA RI . -4.27 56.95 -9.59
C2C CLA RI . -4.42 56.80 -11.04
C3C CLA RI . -3.21 57.23 -11.58
C4C CLA RI . -2.32 57.52 -10.47
CMC CLA RI . -5.62 56.39 -11.75
CAC CLA RI . -2.82 57.28 -13.00
CBC CLA RI . -2.53 58.69 -13.47
ND CLA RI . -0.64 58.34 -8.23
C1D CLA RI . -0.18 58.30 -9.57
C2D CLA RI . 1.23 58.74 -9.61
C3D CLA RI . 1.60 58.98 -8.32
C4D CLA RI . 0.40 58.73 -7.49
CMD CLA RI . 2.03 58.83 -10.84
CAD CLA RI . 2.66 59.42 -7.42
OBD CLA RI . 3.81 59.76 -7.67
CBD CLA RI . 2.08 59.37 -5.97
CGD CLA RI . 2.82 58.39 -5.12
O1D CLA RI . 2.38 57.39 -4.55
O2D CLA RI . 4.15 58.67 -4.98
CED CLA RI . 4.99 57.66 -4.41
C1 CLA RI . -0.08 65.16 -4.28
C2 CLA RI . 0.84 66.14 -4.89
MG CLA SI . -11.18 28.11 31.48
CHA CLA SI . -11.09 28.49 34.92
CHB CLA SI . -10.46 31.45 31.14
CHC CLA SI . -10.42 27.62 28.16
CHD CLA SI . -11.24 24.59 31.94
NA CLA SI . -10.85 29.68 32.81
C1A CLA SI . -10.87 29.63 34.22
C2A CLA SI . -10.58 31.01 34.82
C3A CLA SI . -10.60 31.95 33.60
C4A CLA SI . -10.62 30.97 32.42
CMA CLA SI . -11.79 32.88 33.61
CAA CLA SI . -9.21 31.06 35.48
CBA CLA SI . -8.22 30.08 34.90
CGA CLA SI . -6.82 30.46 35.27
O1A CLA SI . -6.20 31.49 34.95
O2A CLA SI . -6.19 29.54 36.06
NB CLA SI . -10.51 29.29 29.98
C1B CLA SI . -10.47 30.65 30.00
C2B CLA SI . -10.43 31.20 28.63
C3B CLA SI . -10.42 30.12 27.78
C4B CLA SI . -10.46 28.90 28.62
CMB CLA SI . -10.37 32.62 28.34
CAB CLA SI . -10.35 30.04 26.35
CBB CLA SI . -11.02 30.82 25.50
NC CLA SI . -10.90 26.42 30.28
C1C CLA SI . -10.63 26.45 28.94
C2C CLA SI . -10.53 25.09 28.41
C3C CLA SI . -10.74 24.23 29.48
C4C CLA SI . -10.99 25.07 30.65
CMC CLA SI . -10.24 24.74 27.01
CAC CLA SI . -10.74 22.77 29.45
CBC CLA SI . -12.08 22.21 29.03
ND CLA SI . -11.20 26.79 33.01
C1D CLA SI . -11.33 25.38 33.06
C2D CLA SI . -11.55 24.96 34.47
C3D CLA SI . -11.47 26.12 35.22
C4D CLA SI . -11.23 27.22 34.27
CMD CLA SI . -11.76 23.59 34.92
CAD CLA SI . -11.54 26.70 36.55
OBD CLA SI . -11.75 26.16 37.64
CBD CLA SI . -11.26 28.22 36.39
CGD CLA SI . -12.40 29.03 36.96
O1D CLA SI . -13.18 29.76 36.35
O2D CLA SI . -12.56 28.89 38.31
CED CLA SI . -13.75 29.42 38.91
C1 CLA SI . -5.87 28.28 35.42
C2 CLA SI . -4.40 28.09 35.53
C3 CLA SI . -3.71 27.27 34.74
C4 CLA SI . -4.35 26.46 33.67
C5 CLA SI . -2.23 27.12 34.90
C6 CLA SI . -1.46 27.46 33.63
C7 CLA SI . 0.01 27.08 33.77
C8 CLA SI . 0.87 28.24 34.27
C9 CLA SI . 1.72 28.77 33.14
C10 CLA SI . 1.74 27.83 35.44
C11 CLA SI . 2.25 29.03 36.19
C12 CLA SI . 2.86 28.67 37.54
C13 CLA SI . 3.61 29.83 38.17
C14 CLA SI . 4.33 29.37 39.42
C15 CLA SI . 2.67 30.99 38.49
C16 CLA SI . 3.38 32.20 39.06
C17 CLA SI . 2.39 33.32 39.30
C18 CLA SI . 3.02 34.68 39.56
C19 CLA SI . 1.98 35.65 40.08
C20 CLA SI . 4.17 34.58 40.55
MG CLA TI . -0.47 34.76 22.09
CHA CLA TI . -2.35 37.53 22.96
CHB CLA TI . 2.38 36.58 22.61
CHC CLA TI . 1.37 31.86 21.94
CHD CLA TI . -3.43 32.83 22.11
NA CLA TI . -0.07 36.72 22.69
C1A CLA TI . -0.99 37.73 22.99
C2A CLA TI . -0.29 39.04 23.35
C3A CLA TI . 1.18 38.75 22.99
C4A CLA TI . 1.19 37.24 22.77
CMA CLA TI . 1.58 39.45 21.72
CAA CLA TI . -0.54 39.45 24.79
CBA CLA TI . 0.60 39.13 25.74
CGA CLA TI . 0.22 39.56 27.13
O1A CLA TI . -0.39 40.57 27.47
O2A CLA TI . 0.61 38.68 28.11
NB CLA TI . 1.49 34.32 22.25
C1B CLA TI . 2.52 35.19 22.40
C2B CLA TI . 3.81 34.48 22.28
C3B CLA TI . 3.53 33.15 22.09
C4B CLA TI . 2.05 33.03 22.08
CMB CLA TI . 5.11 35.14 22.39
CAB CLA TI . 4.39 32.01 21.94
CBB CLA TI . 5.15 31.52 22.92
NC CLA TI . -0.95 32.72 22.02
C1C CLA TI . -0.04 31.71 21.91
C2C CLA TI . -0.72 30.42 21.79
C3C CLA TI . -2.08 30.69 21.88
C4C CLA TI . -2.22 32.13 22.01
CMC CLA TI . -0.06 29.13 21.64
CAC CLA TI . -3.18 29.71 21.78
CBC CLA TI . -3.28 28.81 22.98
ND CLA TI . -2.44 35.03 22.48
C1D CLA TI . -3.56 34.18 22.33
C2D CLA TI . -4.79 34.97 22.47
C3D CLA TI . -4.39 36.27 22.69
C4D CLA TI . -2.92 36.25 22.70
CMD CLA TI . -6.14 34.45 22.36
CAD CLA TI . -4.80 37.64 22.95
OBD CLA TI . -5.94 38.11 23.02
CBD CLA TI . -3.51 38.49 23.09
CGD CLA TI . -3.45 39.55 22.03
O1D CLA TI . -2.59 39.72 21.17
O2D CLA TI . -4.51 40.42 22.05
CED CLA TI . -5.03 40.83 20.79
C1 CLA TI . -0.45 38.01 28.82
C2 CLA TI . 0.07 37.62 30.15
C3 CLA TI . -0.70 37.08 31.12
C4 CLA TI . -2.14 36.82 30.94
C5 CLA TI . -0.12 36.71 32.43
C6 CLA TI . -0.45 35.29 32.84
C7 CLA TI . 0.42 34.84 34.01
C8 CLA TI . 0.29 33.37 34.36
C9 CLA TI . 0.89 32.53 33.25
C10 CLA TI . -1.16 32.99 34.63
C11 CLA TI . -1.29 31.56 35.12
C12 CLA TI . -2.00 31.45 36.45
C13 CLA TI . -1.03 31.46 37.62
C14 CLA TI . -1.17 30.19 38.43
C15 CLA TI . -1.22 32.71 38.48
C16 CLA TI . -2.42 32.61 39.39
C17 CLA TI . -2.74 33.94 40.05
C18 CLA TI . -2.60 33.85 41.56
C19 CLA TI . -3.31 35.01 42.22
C20 CLA TI . -1.15 33.82 41.98
MG CLA UI . -14.41 78.31 -10.13
CHA CLA UI . -14.42 75.78 -7.76
CHB CLA UI . -12.41 76.40 -12.13
CHC CLA UI . -15.00 80.47 -12.75
CHD CLA UI . -16.95 79.97 -8.26
NA CLA UI . -13.58 76.41 -9.96
C1A CLA UI . -13.68 75.52 -8.89
C2A CLA UI . -12.91 74.23 -9.14
C3A CLA UI . -12.10 74.58 -10.41
C4A CLA UI . -12.75 75.87 -10.90
CMA CLA UI . -10.64 74.78 -10.09
CAA CLA UI . -13.93 73.15 -9.39
CBA CLA UI . -13.37 71.84 -9.90
CGA CLA UI . -14.50 70.95 -10.30
O1A CLA UI . -15.64 71.27 -10.66
O2A CLA UI . -14.17 69.63 -10.26
NB CLA UI . -13.86 78.38 -12.07
C1B CLA UI . -12.94 77.58 -12.66
C2B CLA UI . -12.56 78.14 -14.00
C3B CLA UI . -13.29 79.29 -14.17
C4B CLA UI . -14.13 79.46 -12.95
CMB CLA UI . -11.59 77.49 -14.87
CAB CLA UI . -13.34 80.22 -15.26
CBB CLA UI . -12.28 80.82 -15.79
NC CLA UI . -15.72 79.93 -10.43
C1C CLA UI . -15.75 80.70 -11.56
C2C CLA UI . -16.70 81.78 -11.40
C3C CLA UI . -17.31 81.61 -10.16
C4C CLA UI . -16.67 80.46 -9.54
CMC CLA UI . -16.97 82.81 -12.41
CAC CLA UI . -18.31 82.47 -9.52
CBC CLA UI . -17.69 83.46 -8.56
ND CLA UI . -15.46 78.01 -8.43
C1D CLA UI . -16.41 78.82 -7.72
C2D CLA UI . -16.65 78.22 -6.38
C3D CLA UI . -15.89 77.06 -6.34
C4D CLA UI . -15.20 76.97 -7.65
CMD CLA UI . -17.53 78.80 -5.38
CAD CLA UI . -15.49 75.90 -5.56
OBD CLA UI . -15.80 75.59 -4.41
CBD CLA UI . -14.56 75.03 -6.46
CGD CLA UI . -13.22 74.79 -5.84
O1D CLA UI . -12.64 73.71 -5.69
O2D CLA UI . -12.59 75.91 -5.39
CED CLA UI . -11.21 75.80 -5.05
C1 CLA UI . -13.49 69.10 -11.41
C2 CLA UI . -12.94 67.79 -11.01
C3 CLA UI . -13.72 66.73 -10.75
C4 CLA UI . -15.20 66.82 -10.88
C5 CLA UI . -13.21 65.39 -10.34
C6 CLA UI . -11.69 65.24 -10.37
C7 CLA UI . -11.32 63.86 -9.89
C8 CLA UI . -9.87 63.71 -9.43
C9 CLA UI . -9.50 64.75 -8.39
C10 CLA UI . -8.90 63.75 -10.61
C11 CLA UI . -8.05 62.50 -10.64
C12 CLA UI . -7.06 62.45 -9.49
C13 CLA UI . -6.29 61.14 -9.42
C14 CLA UI . -7.23 59.97 -9.21
C15 CLA UI . -5.26 61.20 -8.30
C16 CLA UI . -3.84 61.23 -8.84
C17 CLA UI . -2.89 61.76 -7.79
C18 CLA UI . -1.47 61.91 -8.31
C19 CLA UI . -1.36 63.02 -9.34
C20 CLA UI . -0.53 62.19 -7.16
C1 PQN VI . -6.54 29.12 17.28
O1 PQN VI . -5.57 29.17 16.57
C2 PQN VI . -6.48 28.53 18.62
C2M PQN VI . -5.16 27.99 19.06
C3 PQN VI . -7.58 28.48 19.40
C4 PQN VI . -8.87 29.02 18.96
O4 PQN VI . -9.85 28.98 19.66
C5 PQN VI . -8.95 29.61 17.63
C6 PQN VI . -10.15 30.12 17.19
C7 PQN VI . -10.24 30.68 15.93
C8 PQN VI . -9.12 30.73 15.11
C9 PQN VI . -7.91 30.22 15.56
C10 PQN VI . -7.82 29.66 16.82
C11 PQN VI . -7.56 27.90 20.75
C12 PQN VI . -7.29 28.98 21.75
C13 PQN VI . -8.09 29.20 22.79
C14 PQN VI . -9.30 28.37 23.05
C15 PQN VI . -7.82 30.29 23.80
C16 PQN VI . -6.41 30.84 23.71
C17 PQN VI . -6.14 31.69 24.93
C18 PQN VI . -5.34 30.92 25.98
C19 PQN VI . -5.97 31.10 27.35
C20 PQN VI . -3.88 31.43 25.98
C21 PQN VI . -3.79 32.82 26.61
C22 PQN VI . -2.41 33.39 26.45
C23 PQN VI . -2.48 34.88 26.11
C24 PQN VI . -1.07 35.40 25.90
C25 PQN VI . -3.12 35.65 27.25
C26 PQN VI . -3.54 37.03 26.79
C27 PQN VI . -4.61 37.58 27.73
C28 PQN VI . -4.88 39.06 27.46
C29 PQN VI . -3.79 39.90 28.11
C30 PQN VI . -6.22 39.44 28.05
C1 BCR WI . 9.63 89.60 23.47
C2 BCR WI . 10.11 89.62 24.92
C3 BCR WI . 9.09 90.25 25.85
C4 BCR WI . 7.69 89.68 25.66
C5 BCR WI . 7.70 88.62 24.59
C6 BCR WI . 8.32 88.84 23.44
C7 BCR WI . 7.78 88.42 22.12
C8 BCR WI . 6.49 88.08 21.96
C9 BCR WI . 5.94 87.77 20.63
C10 BCR WI . 4.61 87.70 20.55
C11 BCR WI . 3.93 87.50 19.26
C33 BCR WI . 7.09 87.29 24.92
C31 BCR WI . 10.68 89.00 22.55
C32 BCR WI . 9.33 91.03 23.05
C34 BCR WI . 6.79 87.60 19.40
C12 BCR WI . 2.61 87.63 19.23
C13 BCR WI . 1.89 87.58 17.94
C14 BCR WI . 0.68 88.13 17.92
C15 BCR WI . -0.12 88.22 16.71
C16 BCR WI . -1.32 88.79 16.77
C17 BCR WI . -2.12 88.88 15.57
C18 BCR WI . -3.35 89.42 15.54
C19 BCR WI . -4.01 89.41 14.23
C20 BCR WI . -5.26 89.83 14.03
C21 BCR WI . -5.81 89.80 12.69
C22 BCR WI . -7.01 90.32 12.42
C23 BCR WI . -7.45 90.31 10.99
C24 BCR WI . -8.48 91.06 10.61
C25 BCR WI . -9.00 91.26 9.23
C26 BCR WI . -8.55 90.65 8.12
C27 BCR WI . -9.50 90.44 6.99
C28 BCR WI . -9.97 91.81 6.58
C29 BCR WI . -10.75 92.45 7.72
C30 BCR WI . -10.12 92.31 9.12
C35 BCR WI . 2.53 87.01 16.71
C36 BCR WI . -3.97 89.98 16.78
C37 BCR WI . -7.80 90.90 13.55
C38 BCR WI . -7.13 90.21 7.89
C39 BCR WI . -11.26 91.99 10.07
C40 BCR WI . -9.57 93.66 9.50
C1 BCR XI . -2.99 84.25 31.43
C2 BCR XI . -3.49 85.52 32.11
C3 BCR XI . -3.90 86.55 31.07
C4 BCR XI . -2.66 87.05 30.37
C5 BCR XI . -1.76 85.88 30.05
C6 BCR XI . -2.16 84.62 30.22
C7 BCR XI . -1.67 83.65 29.19
C8 BCR XI . -1.74 82.32 29.29
C9 BCR XI . -1.20 81.43 28.23
C10 BCR XI . -1.46 80.11 28.36
C11 BCR XI . -0.97 79.13 27.39
C33 BCR XI . -0.38 86.17 29.55
C31 BCR XI . -4.24 83.43 31.14
C32 BCR XI . -2.08 83.53 32.44
C34 BCR XI . -0.44 81.96 27.05
C12 BCR XI . -1.16 77.82 27.59
C13 BCR XI . -0.64 76.79 26.65
C14 BCR XI . -0.83 75.50 26.99
C15 BCR XI . -0.33 74.37 26.19
C16 BCR XI . -0.44 73.12 26.62
C17 BCR XI . 0.14 72.07 25.78
C18 BCR XI . 0.16 70.76 26.08
C19 BCR XI . 0.84 69.90 25.09
C20 BCR XI . 0.99 68.58 25.20
C21 BCR XI . 1.70 67.88 24.14
C22 BCR XI . 1.93 66.55 24.12
C23 BCR XI . 2.69 66.01 22.96
C24 BCR XI . 2.98 64.72 22.81
C25 BCR XI . 3.72 64.15 21.67
C26 BCR XI . 3.83 62.82 21.66
C27 BCR XI . 5.15 62.15 21.44
C28 BCR XI . 6.05 63.08 20.64
C29 BCR XI . 5.21 63.97 19.71
C30 BCR XI . 4.35 64.93 20.53
C35 BCR XI . 0.06 77.21 25.39
C36 BCR XI . -0.42 70.19 27.35
C37 BCR XI . 1.47 65.68 25.25
C38 BCR XI . 2.61 61.97 21.84
C39 BCR XI . 3.29 65.56 19.65
C40 BCR XI . 5.29 66.03 21.03
C1 BCR YI . 5.42 89.76 31.95
C2 BCR YI . 5.31 91.23 32.41
C3 BCR YI . 6.46 92.13 31.97
C4 BCR YI . 7.78 91.51 32.36
C5 BCR YI . 7.81 90.22 31.59
C6 BCR YI . 6.87 89.32 31.78
C7 BCR YI . 7.17 87.86 31.78
C8 BCR YI . 8.41 87.37 31.94
C9 BCR YI . 8.71 85.91 31.98
C10 BCR YI . 7.74 84.99 31.85
C11 BCR YI . 7.96 83.55 31.81
C33 BCR YI . 8.82 90.06 30.48
C31 BCR YI . 4.68 89.57 30.63
C32 BCR YI . 4.78 88.89 33.03
C34 BCR YI . 10.13 85.46 32.15
C12 BCR YI . 6.87 82.89 31.46
C13 BCR YI . 6.70 81.44 31.22
C14 BCR YI . 7.67 80.51 31.40
C15 BCR YI . 7.38 79.11 31.09
C16 BCR YI . 8.21 78.09 31.25
C17 BCR YI . 7.67 76.78 30.87
C18 BCR YI . 8.32 75.62 30.95
C19 BCR YI . 7.57 74.45 30.45
C20 BCR YI . 8.03 73.20 30.34
C21 BCR YI . 7.10 72.25 29.74
C22 BCR YI . 7.37 70.99 29.36
C23 BCR YI . 8.70 70.33 29.55
C24 BCR YI . 8.97 69.18 28.91
C25 BCR YI . 10.30 68.55 28.92
C26 BCR YI . 11.18 68.74 29.91
C27 BCR YI . 12.66 68.65 29.65
C28 BCR YI . 12.88 67.36 28.90
C29 BCR YI . 12.16 67.44 27.58
C30 BCR YI . 10.66 67.71 27.71
C35 BCR YI . 5.32 81.16 30.69
C36 BCR YI . 9.73 75.56 31.45
C37 BCR YI . 6.22 70.27 28.72
C38 BCR YI . 10.70 68.95 31.31
C39 BCR YI . 9.90 66.38 27.75
C40 BCR YI . 10.25 68.52 26.49
C1 BCR ZI . 5.14 73.24 -2.39
C2 BCR ZI . 6.56 73.22 -1.81
C3 BCR ZI . 7.50 72.28 -2.54
C4 BCR ZI . 6.96 70.87 -2.52
C5 BCR ZI . 5.59 70.91 -3.15
C6 BCR ZI . 4.70 71.86 -2.84
C7 BCR ZI . 3.25 71.57 -2.90
C8 BCR ZI . 2.86 70.34 -2.58
C9 BCR ZI . 1.44 69.95 -2.47
C10 BCR ZI . 1.21 68.74 -1.93
C11 BCR ZI . -0.13 68.22 -1.71
C33 BCR ZI . 5.35 69.92 -4.26
C31 BCR ZI . 5.04 74.21 -3.55
C32 BCR ZI . 4.22 73.68 -1.25
C34 BCR ZI . 0.32 70.86 -2.89
C12 BCR ZI . -0.25 67.03 -1.12
C13 BCR ZI . -1.55 66.40 -0.82
C14 BCR ZI . -1.56 65.34 0.00
C15 BCR ZI . -2.79 64.66 0.39
C16 BCR ZI . -2.86 63.64 1.24
C17 BCR ZI . -4.21 63.08 1.51
C18 BCR ZI . -4.48 62.08 2.36
C19 BCR ZI . -5.90 61.66 2.48
C20 BCR ZI . -6.36 60.75 3.34
C21 BCR ZI . -7.80 60.46 3.40
C22 BCR ZI . -8.34 59.70 4.37
C23 BCR ZI . -9.83 59.58 4.42
C24 BCR ZI . -10.48 59.35 5.59
C25 BCR ZI . -11.94 59.50 5.49
C26 BCR ZI . -12.57 58.90 4.48
C27 BCR ZI . -13.82 59.50 3.92
C28 BCR ZI . -14.74 59.64 5.11
C29 BCR ZI . -14.16 60.68 6.05
C30 BCR ZI . -12.67 60.50 6.36
C35 BCR ZI . -2.83 66.95 -1.40
C36 BCR ZI . -3.38 61.40 3.13
C37 BCR ZI . -7.46 59.07 5.40
C38 BCR ZI . -12.08 57.57 3.99
C39 BCR ZI . -12.50 60.13 7.83
C40 BCR ZI . -11.99 61.85 6.10
C1 BCR AJ . 12.05 40.47 27.90
C2 BCR AJ . 13.51 40.41 27.44
C3 BCR AJ . 13.71 39.31 26.43
C4 BCR AJ . 12.97 39.67 25.16
C5 BCR AJ . 11.61 40.23 25.46
C6 BCR AJ . 11.13 40.36 26.71
C7 BCR AJ . 9.68 40.30 26.98
C8 BCR AJ . 8.94 39.46 26.25
C9 BCR AJ . 7.54 39.20 26.57
C10 BCR AJ . 6.98 38.10 26.04
C11 BCR AJ . 5.63 37.68 26.37
C33 BCR AJ . 10.87 40.75 24.25
C31 BCR AJ . 11.78 41.73 28.73
C32 BCR AJ . 11.76 39.23 28.72
C34 BCR AJ . 6.72 40.04 27.51
C12 BCR AJ . 5.24 36.50 25.90
C13 BCR AJ . 3.93 35.91 26.20
C14 BCR AJ . 3.77 34.62 25.86
C15 BCR AJ . 2.56 33.86 26.10
C16 BCR AJ . 2.56 32.57 25.75
C17 BCR AJ . 1.37 31.75 25.94
C18 BCR AJ . 1.32 30.44 25.61
C19 BCR AJ . 0.03 29.75 25.81
C20 BCR AJ . -0.17 28.48 25.46
C21 BCR AJ . -1.52 27.94 25.61
C22 BCR AJ . -1.89 26.76 25.08
C23 BCR AJ . -3.34 26.44 25.15
C24 BCR AJ . -3.85 25.58 24.26
C25 BCR AJ . -5.27 25.16 24.04
C26 BCR AJ . -6.36 25.68 24.64
C27 BCR AJ . -7.70 25.00 24.56
C28 BCR AJ . -7.89 24.55 23.13
C29 BCR AJ . -6.83 23.54 22.79
C30 BCR AJ . -5.41 24.09 22.96
C35 BCR AJ . 2.86 36.71 26.87
C36 BCR AJ . 2.49 29.76 24.94
C37 BCR AJ . -0.90 25.92 24.32
C38 BCR AJ . -6.36 27.01 25.32
C39 BCR AJ . -5.04 24.71 21.62
C40 BCR AJ . -4.49 22.91 23.22
C1B LMT BJ . 14.81 98.76 28.27
C2B LMT BJ . 16.34 98.84 28.35
C3B LMT BJ . 16.94 97.70 27.54
C4B LMT BJ . 16.35 96.38 28.10
C5B LMT BJ . 14.81 96.43 27.98
C6B LMT BJ . 14.23 95.11 28.50
O1B LMT BJ . 14.42 98.84 26.91
O2B LMT BJ . 16.82 100.03 27.81
O3B LMT BJ . 18.32 97.61 27.80
O4' LMT BJ . 16.76 95.34 27.26
O5B LMT BJ . 14.35 97.52 28.76
O6B LMT BJ . 12.89 95.35 28.86
C1' LMT BJ . 11.76 100.93 24.74
C2' LMT BJ . 12.75 101.81 25.49
C3' LMT BJ . 13.90 100.87 25.86
C4' LMT BJ . 13.32 99.72 26.71
C5' LMT BJ . 12.22 99.01 25.90
C6' LMT BJ . 11.59 97.88 26.72
O1' LMT BJ . 10.68 101.74 24.37
O2' LMT BJ . 13.32 102.75 24.62
O3' LMT BJ . 14.80 101.56 26.69
O5' LMT BJ . 11.23 99.99 25.63
O6' LMT BJ . 11.85 96.69 26.03
C1 LMT BJ . 10.21 101.36 23.09
C2 LMT BJ . 8.72 101.72 23.00
C3 LMT BJ . 7.97 100.96 24.12
C4 LMT BJ . 7.88 99.45 23.84
C5 LMT BJ . 6.92 99.14 22.68
C6 LMT BJ . 5.47 99.19 23.13
C7 LMT BJ . 5.08 97.83 23.70
C8 LMT BJ . 3.59 97.78 24.01
C1A DGD CJ . -12.23 45.58 17.50
C2A DGD CJ . -11.52 46.71 18.19
C3A DGD CJ . -10.02 46.63 17.90
C4A DGD CJ . -9.67 47.40 16.64
C5A DGD CJ . -8.44 46.84 15.94
C6A DGD CJ . -7.29 46.66 16.92
C7A DGD CJ . -5.95 46.94 16.28
C8A DGD CJ . -5.65 45.98 15.13
C9A DGD CJ . -4.34 46.34 14.43
CAA DGD CJ . -3.32 45.21 14.53
CBA DGD CJ . -2.79 45.06 15.96
CCA DGD CJ . -1.88 46.22 16.34
CDA DGD CJ . -0.51 45.73 16.78
CEA DGD CJ . 0.48 46.89 16.77
CFA DGD CJ . 1.38 46.89 18.00
CGA DGD CJ . 2.61 46.01 17.80
CHA DGD CJ . 3.44 45.96 19.08
CIA DGD CJ . 4.89 45.67 18.77
O1A DGD CJ . -12.47 45.63 16.31
C1B DGD CJ . -13.10 40.69 20.12
C2B DGD CJ . -12.14 40.16 21.16
C3B DGD CJ . -10.71 40.07 20.60
C4B DGD CJ . -9.69 40.84 21.43
C5B DGD CJ . -9.37 40.12 22.73
C6B DGD CJ . -8.81 41.08 23.78
C7B DGD CJ . -7.46 41.65 23.37
C8B DGD CJ . -7.03 42.76 24.34
C9B DGD CJ . -6.15 42.23 25.46
CAB DGD CJ . -4.69 42.11 25.04
CBB DGD CJ . -3.79 42.97 25.92
CCB DGD CJ . -3.87 44.45 25.54
CDB DGD CJ . -3.05 45.32 26.49
CEB DGD CJ . -1.55 45.08 26.32
CFB DGD CJ . -0.73 46.06 27.15
CGB DGD CJ . 0.75 45.78 26.97
CHB DGD CJ . 1.62 46.87 27.58
CIB DGD CJ . 1.44 46.95 29.08
O1B DGD CJ . -13.99 39.96 19.70
O1G DGD CJ . -12.63 44.40 18.25
C1G DGD CJ . -13.16 43.27 17.56
C2G DGD CJ . -13.89 42.36 18.54
O2G DGD CJ . -12.99 42.04 19.61
C3G DGD CJ . -15.16 43.02 19.08
O3G DGD CJ . -16.01 43.44 18.01
C1D DGD CJ . -17.23 44.02 18.48
C2D DGD CJ . -17.92 44.76 17.34
O2D DGD CJ . -17.12 45.89 16.93
C3D DGD CJ . -19.33 45.20 17.71
O3D DGD CJ . -19.98 45.77 16.56
C4D DGD CJ . -20.13 44.03 18.27
O4D DGD CJ . -20.34 43.06 17.24
C5D DGD CJ . -19.34 43.45 19.44
O5D DGD CJ . -21.48 42.55 20.08
C6D DGD CJ . -20.08 42.32 20.14
O6D DGD CJ . -18.07 42.98 18.97
C1E DGD CJ . -22.09 42.56 21.37
C2E DGD CJ . -23.60 42.35 21.23
O2E DGD CJ . -23.95 42.49 19.85
C3E DGD CJ . -24.36 43.39 22.06
O3E DGD CJ . -24.14 43.22 23.46
C4E DGD CJ . -23.92 44.81 21.74
O4E DGD CJ . -24.37 45.64 22.82
C5E DGD CJ . -22.41 44.95 21.56
O6E DGD CJ . -21.76 43.78 22.06
C6E DGD CJ . -21.85 46.22 22.23
O5E DGD CJ . -20.49 46.45 21.82
O1 LHG DJ . -17.47 77.24 -15.98
C1 LHG DJ . -18.72 77.92 -15.83
C2 LHG DJ . -18.59 78.94 -14.71
O2 LHG DJ . -17.54 79.86 -15.04
C3 LHG DJ . -18.25 78.25 -13.40
O3 LHG DJ . -17.06 77.49 -13.60
P LHG DJ . -16.55 76.45 -12.50
O4 LHG DJ . -15.84 77.20 -11.40
O5 LHG DJ . -17.69 75.52 -12.18
O6 LHG DJ . -15.45 75.65 -13.36
C4 LHG DJ . -15.38 74.22 -13.31
C5 LHG DJ . -14.52 73.74 -14.46
C6 LHG DJ . -14.87 74.52 -15.72
O7 LHG DJ . -13.13 73.94 -14.16
C7 LHG DJ . -12.39 72.74 -13.80
O9 LHG DJ . -12.96 71.67 -13.72
C8 LHG DJ . -10.91 72.84 -13.52
C9 LHG DJ . -10.23 73.64 -14.63
C10 LHG DJ . -8.88 74.19 -14.17
O8 LHG DJ . -14.99 73.62 -16.82
C23 LHG DJ . -15.59 74.10 -18.06
O10 LHG DJ . -16.33 75.06 -18.06
C24 LHG DJ . -15.24 73.40 -19.36
C11 LHG DJ . -7.82 73.08 -14.10
C12 LHG DJ . -6.75 73.42 -13.08
C13 LHG DJ . -7.20 73.05 -11.68
C14 LHG DJ . -6.22 73.59 -10.63
C15 LHG DJ . -6.60 73.13 -9.23
C16 LHG DJ . -6.10 71.71 -8.96
C17 LHG DJ . -4.60 71.70 -8.72
C25 LHG DJ . -13.72 73.18 -19.41
C26 LHG DJ . -12.95 74.49 -19.34
C27 LHG DJ . -11.45 74.24 -19.21
C28 LHG DJ . -10.72 75.54 -18.94
C29 LHG DJ . -9.22 75.32 -18.82
C1 BCR EJ . -10.01 59.92 -1.00
C2 BCR EJ . -10.31 58.41 -0.88
C3 BCR EJ . -11.59 58.05 -0.17
C4 BCR EJ . -11.72 58.93 1.06
C5 BCR EJ . -11.95 60.28 0.49
C6 BCR EJ . -10.96 60.82 -0.22
C7 BCR EJ . -10.78 62.29 -0.21
C8 BCR EJ . -11.23 63.02 0.83
C9 BCR EJ . -11.03 64.48 0.96
C10 BCR EJ . -10.46 65.23 0.01
C11 BCR EJ . -10.32 66.67 0.17
C33 BCR EJ . -13.31 60.90 0.59
C31 BCR EJ . -9.95 60.29 -2.47
C32 BCR EJ . -8.62 60.18 -0.42
C34 BCR EJ . -11.48 65.16 2.22
C12 BCR EJ . -9.87 67.36 -0.87
C13 BCR EJ . -9.74 68.83 -0.88
C14 BCR EJ . -9.42 69.38 -2.06
C15 BCR EJ . -9.29 70.82 -2.29
C16 BCR EJ . -8.95 71.28 -3.49
C17 BCR EJ . -8.81 72.73 -3.72
C18 BCR EJ . -8.40 73.27 -4.89
C19 BCR EJ . -8.26 74.75 -4.98
C20 BCR EJ . -7.66 75.35 -6.01
C21 BCR EJ . -7.50 76.81 -6.04
C22 BCR EJ . -6.77 77.45 -7.00
C23 BCR EJ . -6.55 78.91 -6.91
C24 BCR EJ . -5.48 79.47 -7.49
C25 BCR EJ . -5.22 80.89 -7.16
C26 BCR EJ . -6.26 81.74 -7.06
C27 BCR EJ . -6.26 82.93 -6.16
C28 BCR EJ . -5.16 82.87 -5.12
C29 BCR EJ . -3.79 82.52 -5.73
C30 BCR EJ . -3.84 81.44 -6.82
C35 BCR EJ . -10.04 69.65 0.34
C36 BCR EJ . -8.08 72.42 -6.08
C37 BCR EJ . -6.14 76.68 -8.13
C38 BCR EJ . -7.41 81.65 -8.02
C39 BCR EJ . -2.55 80.88 -7.45
C40 BCR EJ . -3.67 80.36 -5.71
FE1 SF4 FJ . -33.23 28.87 11.83
FE2 SF4 FJ . -32.17 30.90 10.37
FE3 SF4 FJ . -30.53 29.11 11.53
FE4 SF4 FJ . -31.95 30.85 13.08
S1 SF4 FJ . -30.32 31.32 11.52
S2 SF4 FJ . -31.70 28.71 13.43
S3 SF4 FJ . -33.80 31.00 11.93
S4 SF4 FJ . -32.02 28.72 9.92
FE1 SF4 GJ . -37.94 33.09 1.81
FE2 SF4 GJ . -39.77 31.18 1.20
FE3 SF4 GJ . -40.53 33.38 2.55
FE4 SF4 GJ . -38.92 31.55 3.75
S1 SF4 GJ . -41.07 31.26 2.99
S2 SF4 GJ . -38.68 33.71 3.79
S3 SF4 GJ . -37.70 30.90 2.06
S4 SF4 GJ . -39.75 33.29 0.46
MG CLA HJ . -13.34 35.79 -17.38
CHA CLA HJ . -12.95 35.60 -20.83
CHB CLA HJ . -12.63 32.44 -17.19
CHC CLA HJ . -12.63 36.16 -14.04
CHD CLA HJ . -13.39 39.33 -17.70
NA CLA HJ . -12.93 34.29 -18.79
C1A CLA HJ . -12.80 34.42 -20.18
C2A CLA HJ . -12.52 33.07 -20.83
C3A CLA HJ . -12.80 32.07 -19.68
C4A CLA HJ . -12.77 32.97 -18.45
CMA CLA HJ . -14.12 31.38 -19.86
CAA CLA HJ . -11.07 33.00 -21.29
CBA CLA HJ . -10.78 31.73 -22.06
CGA CLA HJ . -10.81 32.01 -23.53
O1A CLA HJ . -11.30 32.96 -24.13
O2A CLA HJ . -10.17 31.04 -24.24
NB CLA HJ . -12.72 34.55 -15.92
C1B CLA HJ . -12.58 33.20 -16.02
C2B CLA HJ . -12.38 32.62 -14.66
C3B CLA HJ . -12.38 33.66 -13.77
C4B CLA HJ . -12.60 34.90 -14.56
CMB CLA HJ . -12.21 31.18 -14.44
CAB CLA HJ . -12.20 33.67 -12.34
CBB CLA HJ . -12.98 33.06 -11.46
NC CLA HJ . -13.13 37.43 -16.11
C1C CLA HJ . -12.90 37.35 -14.76
C2C CLA HJ . -12.88 38.68 -14.17
C3C CLA HJ . -13.02 39.58 -15.22
C4C CLA HJ . -13.21 38.79 -16.42
CMC CLA HJ . -12.66 39.01 -12.76
CAC CLA HJ . -13.08 41.05 -15.13
CBC CLA HJ . -14.50 41.54 -15.05
ND CLA HJ . -13.34 37.17 -18.86
C1D CLA HJ . -13.44 38.59 -18.85
C2D CLA HJ . -13.57 39.08 -20.24
C3D CLA HJ . -13.37 37.97 -21.05
C4D CLA HJ . -13.20 36.82 -20.14
CMD CLA HJ . -13.78 40.48 -20.61
CAD CLA HJ . -13.33 37.45 -22.40
OBD CLA HJ . -13.55 38.02 -23.47
CBD CLA HJ . -12.93 35.95 -22.30
CGD CLA HJ . -13.86 35.08 -23.12
O1D CLA HJ . -14.96 34.63 -22.78
O2D CLA HJ . -13.40 34.80 -24.36
CED CLA HJ . -14.34 34.89 -25.44
C1 CLA HJ . -8.82 31.31 -24.64
C2 CLA HJ . -8.89 32.10 -25.89
C3 CLA HJ . -7.78 32.45 -26.58
C4 CLA HJ . -6.43 32.07 -26.11
C5 CLA HJ . -7.89 33.24 -27.83
C6 CLA HJ . -8.33 32.40 -29.01
C7 CLA HJ . -7.49 32.72 -30.23
C8 CLA HJ . -7.89 31.98 -31.50
C9 CLA HJ . -9.38 32.08 -31.74
C10 CLA HJ . -7.49 30.51 -31.46
C11 CLA HJ . -6.06 30.29 -31.90
C12 CLA HJ . -5.87 30.53 -33.39
C13 CLA HJ . -5.58 29.25 -34.17
C14 CLA HJ . -6.79 28.34 -34.21
C15 CLA HJ . -4.36 28.51 -33.62
C16 CLA HJ . -3.47 27.94 -34.70
C17 CLA HJ . -2.01 27.93 -34.31
C18 CLA HJ . -1.06 28.33 -35.44
C19 CLA HJ . -1.25 27.47 -36.68
C20 CLA HJ . -1.21 29.79 -35.78
MG CLA IJ . -0.91 38.06 -28.59
CHA CLA IJ . -2.32 39.16 -31.56
CHB CLA IJ . 2.10 39.37 -29.60
CHC CLA IJ . 0.28 37.77 -25.38
CHD CLA IJ . -4.18 37.36 -27.40
NA CLA IJ . -0.24 39.04 -30.31
C1A CLA IJ . -0.99 39.41 -31.44
C2A CLA IJ . -0.11 40.08 -32.50
C3A CLA IJ . 1.32 39.88 -31.95
C4A CLA IJ . 1.06 39.41 -30.52
CMA CLA IJ . 2.08 38.85 -32.74
CAA CLA IJ . -0.47 41.54 -32.69
CBA CLA IJ . 0.37 42.20 -33.76
CGA CLA IJ . 0.17 41.54 -35.09
O1A CLA IJ . 0.88 41.61 -36.09
O2A CLA IJ . -0.95 40.76 -35.15
NB CLA IJ . 0.83 38.52 -27.68
C1B CLA IJ . 1.97 38.97 -28.26
C2B CLA IJ . 3.09 38.97 -27.29
C3B CLA IJ . 2.58 38.51 -26.10
C4B CLA IJ . 1.14 38.22 -26.33
CMB CLA IJ . 4.43 39.41 -27.65
CAB CLA IJ . 3.18 38.31 -24.81
CBB CLA IJ . 4.43 37.92 -24.60
NC CLA IJ . -1.79 37.59 -26.75
C1C CLA IJ . -1.10 37.47 -25.57
C2C CLA IJ . -1.99 37.06 -24.50
C3C CLA IJ . -3.28 37.01 -25.06
C4C CLA IJ . -3.12 37.33 -26.47
CMC CLA IJ . -1.62 36.81 -23.11
CAC CLA IJ . -4.53 36.63 -24.40
CBC CLA IJ . -4.93 35.22 -24.75
ND CLA IJ . -2.82 38.14 -29.28
C1D CLA IJ . -4.06 37.74 -28.71
C2D CLA IJ . -5.12 37.86 -29.74
C3D CLA IJ . -4.50 38.40 -30.86
C4D CLA IJ . -3.08 38.58 -30.50
CMD CLA IJ . -6.52 37.49 -29.54
CAD CLA IJ . -4.66 38.85 -32.22
OBD CLA IJ . -5.67 38.86 -32.93
CBD CLA IJ . -3.28 39.39 -32.70
CGD CLA IJ . -2.84 38.70 -33.96
O1D CLA IJ . -1.79 38.09 -34.18
O2D CLA IJ . -3.74 38.79 -34.98
CED CLA IJ . -3.77 37.74 -35.95
MG CLA JJ . 9.92 64.81 -21.19
CHB CLA JJ . 6.50 64.33 -21.49
CHC CLA JJ . 9.46 65.09 -17.74
CHD CLA JJ . 13.30 65.85 -20.67
NA CLA JJ . 8.54 64.81 -22.78
C1A CLA JJ . 8.73 65.07 -24.15
C2A CLA JJ . 7.47 64.94 -24.98
C3A CLA JJ . 6.46 64.36 -23.98
C4A CLA JJ . 7.21 64.50 -22.65
CMA CLA JJ . 5.17 65.13 -23.97
CAA CLA JJ . 7.75 63.97 -26.13
CBA CLA JJ . 6.57 63.82 -27.06
CGA CLA JJ . 6.75 62.60 -27.91
O1A CLA JJ . 6.74 61.41 -27.58
O2A CLA JJ . 6.97 62.91 -29.23
NB CLA JJ . 8.33 64.77 -19.91
C1B CLA JJ . 7.05 64.44 -20.21
C2B CLA JJ . 6.24 64.20 -19.00
C3B CLA JJ . 7.07 64.42 -17.93
C4B CLA JJ . 8.39 64.78 -18.50
CMB CLA JJ . 4.81 63.85 -19.02
CAB CLA JJ . 6.80 64.34 -16.52
CBB CLA JJ . 6.64 65.39 -15.71
NC CLA JJ . 11.14 65.35 -19.55
C1C CLA JJ . 10.76 65.38 -18.23
C2C CLA JJ . 11.86 65.76 -17.36
C3C CLA JJ . 12.94 66.00 -18.19
C4C CLA JJ . 12.49 65.72 -19.56
CMC CLA JJ . 11.82 65.89 -15.91
CAC CLA JJ . 14.28 66.42 -17.79
CBC CLA JJ . 15.10 65.26 -17.27
ND CLA JJ . 11.52 65.42 -22.29
C1D CLA JJ . 12.88 65.71 -21.97
C2D CLA JJ . 13.70 65.86 -23.19
C3D CLA JJ . 12.83 65.72 -24.25
C4D CLA JJ . 11.51 65.48 -23.63
CMD CLA JJ . 15.14 66.11 -23.22
CAD CLA JJ . 12.68 65.71 -25.70
OBD CLA JJ . 13.55 65.83 -26.55
CBD CLA JJ . 11.17 65.54 -26.03
CGD CLA JJ . 10.54 66.83 -26.49
O1D CLA JJ . 9.98 67.68 -25.81
O2D CLA JJ . 10.61 67.04 -27.84
CED CLA JJ . 9.48 66.66 -28.63
C1 CLA JJ . 7.78 61.98 -29.98
C1 BCR KJ . -9.03 50.61 -25.99
C2 BCR KJ . -9.00 49.39 -26.88
C3 BCR KJ . -10.11 48.41 -26.57
C4 BCR KJ . -9.92 47.91 -25.15
C5 BCR KJ . -9.97 49.11 -24.25
C6 BCR KJ . -9.81 50.36 -24.69
C7 BCR KJ . -10.26 51.44 -23.79
C8 BCR KJ . -9.74 52.67 -23.79
C9 BCR KJ . -10.12 53.65 -22.75
C10 BCR KJ . -9.32 54.72 -22.59
C11 BCR KJ . -9.51 55.70 -21.51
C33 BCR KJ . -10.16 48.84 -22.79
C31 BCR KJ . -9.66 51.73 -26.84
C32 BCR KJ . -7.57 50.87 -25.66
C34 BCR KJ . -11.33 53.37 -21.89
C12 BCR KJ . -8.57 56.61 -21.26
C13 BCR KJ . -8.69 57.52 -20.11
C14 BCR KJ . -7.67 58.29 -19.67
C15 BCR KJ . -6.36 58.33 -20.30
C16 BCR KJ . -5.40 59.03 -19.69
C17 BCR KJ . -4.05 59.08 -20.26
C18 BCR KJ . -3.01 59.69 -19.66
C19 BCR KJ . -1.70 59.64 -20.35
C20 BCR KJ . -0.58 60.14 -19.84
C21 BCR KJ . 0.67 60.02 -20.59
C22 BCR KJ . 1.85 60.41 -20.08
C23 BCR KJ . 3.05 60.19 -20.92
C24 BCR KJ . 4.31 60.39 -20.48
C25 BCR KJ . 5.50 60.07 -21.30
C26 BCR KJ . 5.44 59.94 -22.63
C27 BCR KJ . 6.37 58.99 -23.33
C28 BCR KJ . 7.75 59.44 -22.91
C29 BCR KJ . 7.92 59.20 -21.43
C30 BCR KJ . 6.81 59.83 -20.57
C35 BCR KJ . -9.95 57.60 -19.30
C36 BCR KJ . -3.21 60.43 -18.37
C37 BCR KJ . 1.89 61.05 -18.72
C38 BCR KJ . 4.54 60.78 -23.48
C39 BCR KJ . 7.33 61.12 -19.98
C40 BCR KJ . 6.53 58.82 -19.46
MG CLA LJ . 11.70 89.30 -2.58
CHA CLA LJ . 11.99 90.02 0.82
CHB CLA LJ . 9.68 86.66 -1.77
CHC CLA LJ . 10.55 89.18 -5.82
CHD CLA LJ . 13.08 92.50 -3.24
NA CLA LJ . 11.01 88.46 -0.78
C1A CLA LJ . 11.23 88.92 0.52
C2A CLA LJ . 10.56 88.03 1.56
C3A CLA LJ . 10.08 86.83 0.71
C4A CLA LJ . 10.24 87.34 -0.72
CMA CLA LJ . 10.92 85.61 0.96
CAA CLA LJ . 9.39 88.79 2.17
CBA CLA LJ . 9.00 88.28 3.54
CGA CLA LJ . 8.26 86.98 3.46
O1A CLA LJ . 8.21 86.08 4.29
O2A CLA LJ . 7.54 86.82 2.30
NB CLA LJ . 10.31 88.21 -3.56
C1B CLA LJ . 9.79 87.05 -3.10
C2B CLA LJ . 9.35 86.18 -4.23
C3B CLA LJ . 9.60 86.88 -5.38
C4B CLA LJ . 10.20 88.17 -4.97
CMB CLA LJ . 8.74 84.87 -4.03
CAB CLA LJ . 9.33 86.56 -6.76
CBB CLA LJ . 8.14 86.26 -7.25
NC CLA LJ . 11.85 90.58 -4.24
C1C CLA LJ . 11.34 90.31 -5.48
C2C CLA LJ . 11.66 91.39 -6.41
C3C CLA LJ . 12.34 92.35 -5.66
C4C CLA LJ . 12.47 91.83 -4.31
CMC CLA LJ . 11.29 91.49 -7.82
CAC CLA LJ . 12.87 93.64 -6.14
CBC CLA LJ . 12.10 94.78 -5.53
ND CLA LJ . 12.54 90.82 -1.55
C1D CLA LJ . 13.11 92.07 -1.94
C2D CLA LJ . 13.71 92.72 -0.75
C3D CLA LJ . 13.35 91.96 0.33
C4D CLA LJ . 12.56 90.83 -0.21
CMD CLA LJ . 14.48 93.96 -0.81
CAD CLA LJ . 13.43 91.76 1.78
OBD CLA LJ . 14.15 92.31 2.59
CBD CLA LJ . 12.41 90.63 2.14
CGD CLA LJ . 13.02 89.62 3.08
O1D CLA LJ . 12.57 89.24 4.16
O2D CLA LJ . 14.17 89.08 2.63
CED CLA LJ . 14.20 87.67 2.43
C1 LMG MJ . 13.64 98.88 -0.01
O1 LMG MJ . 12.26 99.17 0.20
C2 LMG MJ . 14.45 100.17 0.01
O2 LMG MJ . 13.89 101.09 -0.93
C3 LMG MJ . 15.92 99.89 -0.27
O3 LMG MJ . 16.69 101.09 -0.13
C4 LMG MJ . 16.43 98.80 0.67
O4 LMG MJ . 16.51 99.30 2.01
C5 LMG MJ . 15.50 97.59 0.62
O5 LMG MJ . 14.85 95.54 1.70
C6 LMG MJ . 15.95 96.43 1.51
O6 LMG MJ . 14.20 98.02 1.00
C7 LMG MJ . 11.52 98.28 1.06
C8 LMG MJ . 10.39 97.60 0.29
C9 LMG MJ . 10.66 96.10 0.30
O7 LMG MJ . 9.14 97.83 0.93
C10 LMG MJ . 8.01 97.73 0.01
O9 LMG MJ . 8.07 98.26 -1.09
C11 LMG MJ . 6.77 96.97 0.43
C12 LMG MJ . 6.17 97.58 1.69
C13 LMG MJ . 5.31 98.81 1.41
C14 LMG MJ . 3.94 98.45 0.83
C15 LMG MJ . 3.03 97.83 1.88
C16 LMG MJ . 1.61 97.68 1.35
C17 LMG MJ . 1.55 96.74 0.15
O8 LMG MJ . 9.81 95.42 -0.62
C28 LMG MJ . 9.85 93.96 -0.65
O10 LMG MJ . 10.39 93.36 0.26
C29 LMG MJ . 9.22 93.21 -1.80
C30 LMG MJ . 7.88 92.62 -1.39
C31 LMG MJ . 8.05 91.39 -0.49
C32 LMG MJ . 6.70 90.86 -0.02
MG CLA NJ . 1.55 100.12 19.17
CHA CLA NJ . 3.07 103.12 18.33
CHB CLA NJ . -1.37 101.83 19.80
CHC CLA NJ . 0.24 97.34 20.73
CHD CLA NJ . 4.77 98.62 19.31
NA CLA NJ . 0.95 102.13 19.04
C1A CLA NJ . 1.74 103.23 18.63
C2A CLA NJ . 0.94 104.52 18.65
C3A CLA NJ . -0.50 104.04 18.96
C4A CLA NJ . -0.31 102.56 19.29
CMA CLA NJ . -1.10 104.81 20.11
CAA CLA NJ . 0.95 105.19 17.28
CBA CLA NJ . 1.32 106.65 17.35
CGA CLA NJ . 0.14 107.50 16.98
O1A CLA NJ . -0.71 107.29 16.10
O2A CLA NJ . 0.03 108.63 17.74
NB CLA NJ . -0.21 99.68 20.07
C1B CLA NJ . -1.30 100.49 20.16
C2B CLA NJ . -2.44 99.73 20.74
C3B CLA NJ . -1.99 98.46 21.00
C4B CLA NJ . -0.57 98.41 20.58
CMB CLA NJ . -3.76 100.33 20.98
CAB CLA NJ . -2.67 97.33 21.61
CBB CLA NJ . -3.42 97.39 22.70
NC CLA NJ . 2.35 98.29 19.82
C1C CLA NJ . 1.62 97.28 20.36
C2C CLA NJ . 2.47 96.12 20.62
C3C CLA NJ . 3.76 96.51 20.32
C4C CLA NJ . 3.68 97.87 19.80
CMC CLA NJ . 2.01 94.83 21.18
CAC CLA NJ . 4.98 95.71 20.42
CBC CLA NJ . 5.44 95.15 19.10
ND CLA NJ . 3.47 100.65 18.86
C1D CLA NJ . 4.70 99.92 18.87
C2D CLA NJ . 5.78 100.78 18.35
C3D CLA NJ . 5.21 102.01 18.10
C4D CLA NJ . 3.79 101.89 18.47
CMD CLA NJ . 7.17 100.36 18.17
CAD CLA NJ . 5.42 103.38 17.65
OBD CLA NJ . 6.44 103.90 17.22
CBD CLA NJ . 4.07 104.14 17.83
CGD CLA NJ . 4.20 105.30 18.79
O1D CLA NJ . 3.66 105.44 19.88
O2D CLA NJ . 5.01 106.30 18.33
CED CLA NJ . 6.00 106.82 19.22
C1 CLA NJ . -1.30 109.15 17.94
C2 CLA NJ . -1.55 110.14 16.86
C3 CLA NJ . -2.72 110.82 16.77
C4 CLA NJ . -3.82 110.62 17.74
C5 CLA NJ . -2.94 111.80 15.67
MG CLA OJ . -14.63 108.00 15.38
CHA CLA OJ . -15.85 107.01 18.48
CHB CLA OJ . -12.52 105.31 15.40
CHC CLA OJ . -13.94 108.55 12.08
CHD CLA OJ . -17.28 110.35 15.19
NA CLA OJ . -14.27 106.43 16.72
C1A CLA OJ . -14.88 106.20 17.96
C2A CLA OJ . -14.32 104.94 18.63
C3A CLA OJ . -13.18 104.50 17.68
C4A CLA OJ . -13.33 105.46 16.50
CMA CLA OJ . -11.83 104.60 18.34
CAA CLA OJ . -15.38 103.88 18.77
CBA CLA OJ . -14.81 102.59 19.31
CGA CLA OJ . -15.69 102.04 20.38
O1A CLA OJ . -16.40 101.02 20.36
O2A CLA OJ . -15.69 102.80 21.51
NB CLA OJ . -13.54 107.03 13.98
C1B CLA OJ . -12.57 106.13 14.26
C2B CLA OJ . -11.52 106.13 13.21
C3B CLA OJ . -11.91 107.05 12.27
C4B CLA OJ . -13.20 107.63 12.74
CMB CLA OJ . -10.34 105.26 13.25
CAB CLA OJ . -11.27 107.43 11.03
CBB CLA OJ . -9.99 107.71 10.89
NC CLA OJ . -15.46 109.23 13.91
C1C CLA OJ . -15.02 109.31 12.61
C2C CLA OJ . -15.80 110.28 11.86
C3C CLA OJ . -16.76 110.78 12.74
C4C CLA OJ . -16.54 110.12 14.03
CMC CLA OJ . -15.61 110.63 10.45
CAC CLA OJ . -17.78 111.79 12.45
CBC CLA OJ . -17.25 113.19 12.53
ND CLA OJ . -16.17 108.63 16.53
C1D CLA OJ . -17.13 109.67 16.38
C2D CLA OJ . -17.87 109.84 17.64
C3D CLA OJ . -17.40 108.86 18.50
C4D CLA OJ . -16.38 108.11 17.74
CMD CLA OJ . -18.89 110.87 17.90
CAD CLA OJ . -17.48 108.27 19.82
OBD CLA OJ . -18.13 108.61 20.80
CBD CLA OJ . -16.54 107.02 19.82
CGD CLA OJ . -15.55 107.08 20.95
O1D CLA OJ . -14.45 107.63 20.94
O2D CLA OJ . -15.95 106.44 22.08
CED CLA OJ . -14.94 106.10 23.04
C1 CLA OJ . -16.91 102.85 22.27
C1 BCR PJ . -10.17 111.14 15.85
C2 BCR PJ . -11.59 111.65 16.04
C3 BCR PJ . -12.58 110.49 16.08
C4 BCR PJ . -12.34 109.60 17.29
C5 BCR PJ . -10.87 109.66 17.67
C6 BCR PJ . -9.96 109.94 16.74
C7 BCR PJ . -8.72 109.15 16.54
C8 BCR PJ . -8.52 107.96 17.11
C9 BCR PJ . -7.31 107.16 16.82
C10 BCR PJ . -7.27 105.90 17.30
C11 BCR PJ . -6.13 105.01 17.02
C33 BCR PJ . -10.50 109.50 19.11
C31 BCR PJ . -9.13 112.22 16.17
C32 BCR PJ . -9.98 110.65 14.42
C34 BCR PJ . -6.17 107.69 15.98
C12 BCR PJ . -6.09 103.76 17.48
C13 BCR PJ . -4.95 102.86 17.17
C14 BCR PJ . -5.06 101.56 17.52
C15 BCR PJ . -3.99 100.60 17.24
C16 BCR PJ . -4.08 99.31 17.60
C17 BCR PJ . -2.94 98.47 17.27
C18 BCR PJ . -2.84 97.15 17.59
C19 BCR PJ . -1.58 96.49 17.19
C20 BCR PJ . -1.23 95.24 17.49
C21 BCR PJ . 0.09 94.81 17.02
C22 BCR PJ . 0.68 93.62 17.24
C23 BCR PJ . 2.05 93.44 16.69
C24 BCR PJ . 2.79 92.38 17.01
C25 BCR PJ . 4.19 92.15 16.55
C26 BCR PJ . 4.81 92.91 15.64
C27 BCR PJ . 6.23 93.38 15.86
C28 BCR PJ . 6.84 92.61 17.02
C29 BCR PJ . 6.44 91.14 16.92
C30 BCR PJ . 4.94 90.96 17.11
C35 BCR PJ . -3.74 103.37 16.44
C36 BCR PJ . -3.93 96.45 18.34
C37 BCR PJ . 0.02 92.53 18.04
C38 BCR PJ . 4.15 93.21 14.32
C39 BCR PJ . 4.65 90.79 18.60
C40 BCR PJ . 4.48 89.74 16.33
C1B LMT QJ . -18.43 83.56 33.16
C2B LMT QJ . -19.96 83.49 32.97
C3B LMT QJ . -20.29 83.14 31.51
C4B LMT QJ . -19.58 84.19 30.63
C5B LMT QJ . -18.07 84.09 30.90
C6B LMT QJ . -17.31 85.04 29.96
O1B LMT QJ . -17.87 82.29 32.89
O2B LMT QJ . -20.54 82.50 33.77
O3B LMT QJ . -21.65 83.34 31.27
O4' LMT QJ . -19.76 83.80 29.29
O5B LMT QJ . -17.85 84.47 32.25
O6B LMT QJ . -16.28 85.63 30.70
C1' LMT QJ . -15.00 80.01 34.56
C2' LMT QJ . -16.02 80.55 35.57
C3' LMT QJ . -17.21 80.96 34.71
C4' LMT QJ . -16.73 82.04 33.71
C5' LMT QJ . -15.57 81.45 32.86
C6' LMT QJ . -15.00 82.48 31.88
O1' LMT QJ . -13.88 79.50 35.27
O2' LMT QJ . -16.50 79.52 36.39
O3' LMT QJ . -18.18 81.58 35.52
O5' LMT QJ . -14.55 81.10 33.77
O6' LMT QJ . -14.73 83.63 32.63
C1 LMT QJ . -13.25 80.47 36.09
C2 LMT QJ . -11.80 80.07 36.29
C3 LMT QJ . -11.18 79.91 34.88
C4 LMT QJ . -10.99 78.44 34.51
C5 LMT QJ . -9.62 78.22 33.91
C6 LMT QJ . -9.57 76.93 33.13
C7 LMT QJ . -8.14 76.64 32.71
C8 LMT QJ . -7.97 76.72 31.20
C9 LMT QJ . -6.86 75.80 30.75
C10 LMT QJ . -6.74 75.80 29.24
C11 LMT QJ . -5.91 74.62 28.79
C12 LMT QJ . -4.45 74.85 29.11
MG CLA RJ . -0.99 9.54 63.71
CHA CLA RJ . 0.17 12.69 64.59
CHB CLA RJ . 0.75 9.78 60.77
CHC CLA RJ . -1.43 6.18 63.20
CHD CLA RJ . -2.06 9.12 67.08
NA CLA RJ . 0.22 11.01 62.84
C1A CLA RJ . 0.59 12.26 63.36
C2A CLA RJ . 1.47 13.04 62.40
C3A CLA RJ . 1.48 12.16 61.13
C4A CLA RJ . 0.78 10.88 61.59
CMA CLA RJ . 0.76 12.83 59.98
CAA CLA RJ . 2.87 13.19 62.98
NB CLA RJ . -0.38 8.23 62.31
C1B CLA RJ . 0.15 8.56 61.10
C2B CLA RJ . -0.02 7.43 60.13
C3B CLA RJ . -0.64 6.42 60.81
C4B CLA RJ . -0.87 6.90 62.20
CMB CLA RJ . 0.45 7.47 58.74
CAB CLA RJ . -1.01 5.11 60.36
CBB CLA RJ . -1.88 4.86 59.38
NC CLA RJ . -1.67 7.96 64.91
C1C CLA RJ . -1.81 6.66 64.49
C2C CLA RJ . -2.36 5.83 65.54
C3C CLA RJ . -2.47 6.65 66.66
C4C CLA RJ . -2.05 7.99 66.26
CMC CLA RJ . -2.65 4.40 65.44
CAC CLA RJ . -2.98 6.26 67.99
CBC CLA RJ . -1.88 5.78 68.90
ND CLA RJ . -1.08 10.63 65.43
C1D CLA RJ . -1.61 10.37 66.72
C2D CLA RJ . -1.56 11.62 67.52
C3D CLA RJ . -0.93 12.56 66.73
C4D CLA RJ . -0.60 11.88 65.46
CMD CLA RJ . -2.11 11.76 68.87
CAD CLA RJ . -0.45 13.92 66.63
OBD CLA RJ . -0.61 14.87 67.40
CBD CLA RJ . 0.37 14.01 65.30
CGD CLA RJ . -0.06 15.19 64.45
C1 BCR SJ . 5.48 49.80 34.11
C2 BCR SJ . 6.00 50.83 35.08
C3 BCR SJ . 6.39 50.19 36.41
C4 BCR SJ . 5.17 49.59 37.10
C5 BCR SJ . 4.22 49.00 36.09
C6 BCR SJ . 4.51 48.87 34.80
C7 BCR SJ . 3.96 47.75 34.01
C8 BCR SJ . 3.73 46.58 34.64
C9 BCR SJ . 3.35 45.36 33.90
C10 BCR SJ . 3.47 44.21 34.58
C11 BCR SJ . 3.22 42.89 33.99
C33 BCR SJ . 2.83 48.68 36.57
C31 BCR SJ . 6.65 48.95 33.61
C32 BCR SJ . 4.82 50.46 32.91
C34 BCR SJ . 2.86 45.47 32.49
C12 BCR SJ . 3.57 41.80 34.66
C13 BCR SJ . 3.39 40.44 34.14
C14 BCR SJ . 3.79 39.43 34.94
C15 BCR SJ . 3.70 38.01 34.60
C16 BCR SJ . 4.22 37.11 35.43
C17 BCR SJ . 4.16 35.70 35.05
C18 BCR SJ . 4.76 34.69 35.72
C19 BCR SJ . 4.64 33.35 35.12
C20 BCR SJ . 5.35 32.32 35.57
C21 BCR SJ . 5.26 31.03 34.89
C22 BCR SJ . 6.07 30.00 35.17
C23 BCR SJ . 6.00 28.79 34.34
C24 BCR SJ . 7.04 27.95 34.29
C25 BCR SJ . 7.06 26.79 33.37
C26 BCR SJ . 5.95 26.31 32.79
C27 BCR SJ . 5.88 25.95 31.34
C28 BCR SJ . 7.24 25.45 30.85
C29 BCR SJ . 8.13 25.03 32.01
C30 BCR SJ . 8.38 26.15 33.02
C35 BCR SJ . 2.73 40.21 32.81
C36 BCR SJ . 5.55 34.90 36.98
C37 BCR SJ . 7.12 30.11 36.24
C38 BCR SJ . 4.76 25.98 33.64
C39 BCR SJ . 9.32 27.20 32.43
C40 BCR SJ . 9.03 25.57 34.27
MG CLA TJ . 10.51 26.61 -36.06
CHA CLA TJ . 13.32 26.76 -38.07
CHB CLA TJ . 9.57 29.70 -37.17
CHC CLA TJ . 8.08 26.73 -33.63
CHD CLA TJ . 11.86 23.71 -34.51
NA CLA TJ . 11.33 27.99 -37.41
C1A CLA TJ . 12.50 27.85 -38.17
C2A CLA TJ . 12.72 29.08 -39.05
C3A CLA TJ . 11.44 29.92 -38.84
C4A CLA TJ . 10.71 29.17 -37.72
CMA CLA TJ . 11.72 31.35 -38.47
CAA CLA TJ . 12.87 28.72 -40.52
CBA CLA TJ . 11.63 28.04 -41.09
CGA CLA TJ . 12.02 26.97 -42.07
O1A CLA TJ . 13.12 26.77 -42.61
O2A CLA TJ . 10.99 26.12 -42.37
NB CLA TJ . 9.16 27.99 -35.46
C1B CLA TJ . 8.81 29.10 -36.16
C2B CLA TJ . 7.49 29.62 -35.71
C3B CLA TJ . 7.07 28.78 -34.70
C4B CLA TJ . 8.12 27.73 -34.53
CMB CLA TJ . 6.87 30.81 -36.26
CAB CLA TJ . 5.87 28.83 -33.92
CBB CLA TJ . 4.85 27.99 -34.08
NC CLA TJ . 10.06 25.43 -34.39
C1C CLA TJ . 8.99 25.64 -33.55
C2C CLA TJ . 8.94 24.59 -32.53
C3C CLA TJ . 10.03 23.76 -32.76
C4C CLA TJ . 10.72 24.29 -33.93
CMC CLA TJ . 7.93 24.47 -31.48
CAC CLA TJ . 10.40 22.57 -31.98
CBC CLA TJ . 9.79 21.31 -32.54
ND CLA TJ . 12.15 25.45 -36.21
C1D CLA TJ . 12.54 24.23 -35.58
C2D CLA TJ . 13.76 23.71 -36.25
C3D CLA TJ . 14.09 24.62 -37.21
C4D CLA TJ . 13.08 25.70 -37.15
CMD CLA TJ . 14.44 22.46 -35.89
CAD CLA TJ . 15.03 24.98 -38.27
OBD CLA TJ . 16.00 24.37 -38.68
CBD CLA TJ . 14.58 26.36 -38.83
CGD CLA TJ . 15.65 27.42 -38.71
O1D CLA TJ . 15.81 28.22 -37.80
O2D CLA TJ . 16.51 27.43 -39.77
CED CLA TJ . 17.83 27.94 -39.55
C1 CLA TJ . 10.72 25.06 -41.43
C2 CLA TJ . 9.77 24.13 -42.07
C3 CLA TJ . 10.14 23.13 -42.89
C4 CLA TJ . 11.56 22.86 -43.22
C5 CLA TJ . 9.13 22.22 -43.49
C1 BCR UJ . 8.32 37.43 -21.77
C2 BCR UJ . 9.05 38.76 -21.53
C3 BCR UJ . 10.25 38.93 -22.43
C4 BCR UJ . 11.07 37.66 -22.41
C5 BCR UJ . 10.24 36.69 -23.18
C6 BCR UJ . 8.93 36.57 -22.88
C7 BCR UJ . 8.18 35.43 -23.40
C8 BCR UJ . 8.78 34.27 -23.14
C9 BCR UJ . 8.18 32.94 -23.39
C10 BCR UJ . 8.75 31.88 -22.80
C11 BCR UJ . 8.19 30.54 -22.91
C33 BCR UJ . 10.90 36.06 -24.38
C31 BCR UJ . 6.83 37.71 -22.00
C32 BCR UJ . 8.44 36.56 -20.52
C34 BCR UJ . 6.94 32.75 -24.22
C12 BCR UJ . 8.72 29.53 -22.20
C13 BCR UJ . 8.11 28.19 -22.23
C14 BCR UJ . 8.39 27.31 -21.24
C15 BCR UJ . 7.77 25.98 -21.18
C16 BCR UJ . 7.99 25.14 -20.17
C17 BCR UJ . 7.32 23.84 -20.21
C18 BCR UJ . 7.47 22.87 -19.29
C19 BCR UJ . 6.77 21.60 -19.55
C20 BCR UJ . 6.98 20.51 -18.82
C21 BCR UJ . 6.30 19.26 -19.15
C22 BCR UJ . 6.47 18.12 -18.45
C23 BCR UJ . 5.73 16.91 -18.87
C24 BCR UJ . 5.73 15.76 -18.16
C25 BCR UJ . 4.91 14.60 -18.55
C26 BCR UJ . 4.41 14.48 -19.77
C27 BCR UJ . 3.01 13.98 -19.96
C28 BCR UJ . 3.01 12.60 -19.33
C29 BCR UJ . 3.35 12.70 -17.85
C30 BCR UJ . 4.59 13.53 -17.51
C35 BCR UJ . 7.14 27.83 -23.32
C36 BCR UJ . 8.39 23.02 -18.10
C37 BCR UJ . 7.43 18.14 -17.28
C38 BCR UJ . 5.27 14.76 -20.97
C39 BCR UJ . 5.79 12.60 -17.37
C40 BCR UJ . 4.30 14.23 -16.19
C1 LMG VJ . 18.50 43.66 -32.68
O1 LMG VJ . 17.22 43.20 -32.23
C2 LMG VJ . 19.49 42.51 -32.76
O2 LMG VJ . 19.59 41.86 -31.49
C3 LMG VJ . 20.83 43.07 -33.23
O3 LMG VJ . 21.81 42.04 -33.33
C4 LMG VJ . 20.62 43.75 -34.59
O4 LMG VJ . 20.26 42.77 -35.56
C5 LMG VJ . 19.53 44.81 -34.49
O5 LMG VJ . 18.63 44.49 -36.72
C6 LMG VJ . 19.21 45.46 -35.83
O6 LMG VJ . 18.34 44.22 -33.99
C7 LMG VJ . 16.36 44.31 -31.96
C8 LMG VJ . 14.92 43.83 -31.91
C9 LMG VJ . 14.05 44.79 -31.10
O7 LMG VJ . 14.36 43.81 -33.22
C10 LMG VJ . 14.50 42.51 -33.83
O9 LMG VJ . 15.53 42.23 -34.40
C11 LMG VJ . 13.34 41.54 -33.77
C12 LMG VJ . 12.15 42.10 -34.52
C13 LMG VJ . 11.01 41.08 -34.60
C14 LMG VJ . 11.31 39.96 -35.60
C15 LMG VJ . 11.13 40.41 -37.04
C16 LMG VJ . 9.67 40.31 -37.46
C17 LMG VJ . 9.28 38.88 -37.79
C18 LMG VJ . 7.77 38.70 -37.80
C19 LMG VJ . 7.22 38.63 -36.38
C20 LMG VJ . 5.71 38.34 -36.38
C21 LMG VJ . 4.93 39.47 -37.03
C22 LMG VJ . 3.44 39.25 -36.88
C23 LMG VJ . 2.94 38.23 -37.90
C24 LMG VJ . 1.52 37.77 -37.57
C25 LMG VJ . 1.53 36.71 -36.49
C26 LMG VJ . 0.11 36.26 -36.13
C27 LMG VJ . -0.48 35.38 -37.21
O8 LMG VJ . 14.17 44.55 -29.71
C28 LMG VJ . 13.08 44.95 -28.84
O10 LMG VJ . 11.94 44.98 -29.29
C29 LMG VJ . 13.33 45.35 -27.41
C30 LMG VJ . 12.86 46.79 -27.24
C31 LMG VJ . 13.21 47.33 -25.86
C32 LMG VJ . 12.18 46.93 -24.82
C33 LMG VJ . 12.32 47.83 -23.60
C34 LMG VJ . 11.43 47.35 -22.46
C35 LMG VJ . 11.71 48.14 -21.19
C36 LMG VJ . 11.05 49.52 -21.26
C37 LMG VJ . 11.02 50.20 -19.89
C38 LMG VJ . 10.16 49.48 -18.87
C39 LMG VJ . 8.78 49.14 -19.41
C40 LMG VJ . 7.75 49.13 -18.29
C41 LMG VJ . 7.32 50.56 -17.97
C42 LMG VJ . 6.88 50.71 -16.51
C43 LMG VJ . 8.09 50.83 -15.59
C44 LMG VJ . 7.69 51.37 -14.21
C45 LMG VJ . 6.79 50.40 -13.48
C1 LMG WJ . -15.83 25.21 -34.47
O1 LMG WJ . -14.81 25.78 -35.31
C2 LMG WJ . -16.76 26.32 -33.99
O2 LMG WJ . -16.49 26.59 -32.61
C3 LMG WJ . -18.22 25.89 -34.18
O3 LMG WJ . -18.54 25.99 -35.56
C4 LMG WJ . -18.41 24.47 -33.66
O4 LMG WJ . -19.79 24.09 -33.79
C5 LMG WJ . -17.49 23.50 -34.41
O5 LMG WJ . -17.34 21.72 -36.01
C6 LMG WJ . -18.27 22.56 -35.32
O6 LMG WJ . -16.57 24.24 -35.21
C7 LMG WJ . -13.98 24.76 -35.87
C8 LMG WJ . -12.76 25.37 -36.54
C9 LMG WJ . -11.59 24.41 -36.42
O7 LMG WJ . -12.99 25.60 -37.93
C10 LMG WJ . -12.35 26.80 -38.47
O9 LMG WJ . -11.99 27.70 -37.72
C11 LMG WJ . -12.15 26.94 -39.96
C12 LMG WJ . -10.83 26.28 -40.37
C13 LMG WJ . -9.64 27.09 -39.89
C14 LMG WJ . -8.33 26.35 -40.21
C15 LMG WJ . -7.13 27.27 -40.01
C16 LMG WJ . -7.03 27.77 -38.57
C17 LMG WJ . -5.67 28.43 -38.31
C18 LMG WJ . -5.51 29.72 -39.10
C19 LMG WJ . -4.23 30.44 -38.71
O8 LMG WJ . -11.11 24.33 -35.08
C28 LMG WJ . -9.73 24.69 -34.80
O10 LMG WJ . -9.39 25.85 -34.93
C29 LMG WJ . -8.73 23.63 -34.39
C30 LMG WJ . -7.31 24.18 -34.45
C31 LMG WJ . -6.88 24.60 -35.86
C32 LMG WJ . -6.83 23.44 -36.84
C33 LMG WJ . -5.83 22.37 -36.40
MG CLA XJ . -7.21 -42.36 -5.35
CHA CLA XJ . -8.15 -41.35 -8.52
CHB CLA XJ . -4.86 -39.86 -5.29
CHC CLA XJ . -5.91 -43.66 -2.44
CHD CLA XJ . -9.28 -45.22 -5.68
NA CLA XJ . -6.62 -40.86 -6.69
C1A CLA XJ . -7.17 -40.59 -7.95
C2A CLA XJ . -6.51 -39.37 -8.59
C3A CLA XJ . -5.53 -38.88 -7.51
C4A CLA XJ . -5.67 -39.92 -6.40
CMA CLA XJ . -4.12 -38.78 -8.03
CAA CLA XJ . -7.53 -38.27 -8.86
CBA CLA XJ . -7.28 -37.57 -10.17
NB CLA XJ . -5.72 -41.84 -4.10
C1B CLA XJ . -4.88 -40.77 -4.23
C2B CLA XJ . -3.93 -40.73 -3.08
C3B CLA XJ . -4.23 -41.80 -2.29
C4B CLA XJ . -5.36 -42.52 -2.92
CMB CLA XJ . -2.89 -39.71 -2.96
CAB CLA XJ . -3.61 -42.25 -1.07
CBB CLA XJ . -3.01 -41.46 -0.17
NC CLA XJ . -7.54 -44.12 -4.26
C1C CLA XJ . -6.93 -44.43 -3.08
C2C CLA XJ . -7.47 -45.67 -2.53
C3C CLA XJ . -8.38 -46.15 -3.48
C4C CLA XJ . -8.44 -45.15 -4.55
CMC CLA XJ . -7.06 -46.30 -1.27
CAC CLA XJ . -9.21 -47.36 -3.36
CBC CLA XJ . -8.63 -48.58 -4.04
ND CLA XJ . -8.37 -43.22 -6.77
C1D CLA XJ . -9.25 -44.33 -6.73
C2D CLA XJ . -10.07 -44.34 -7.97
C3D CLA XJ . -9.67 -43.24 -8.71
C4D CLA XJ . -8.63 -42.57 -7.90
CMD CLA XJ . -11.07 -45.35 -8.30
CAD CLA XJ . -9.84 -42.48 -9.92
OBD CLA XJ . -10.55 -42.71 -10.90
CBD CLA XJ . -8.91 -41.22 -9.82
CGD CLA XJ . -7.99 -41.10 -11.00
O1D CLA XJ . -7.04 -41.84 -11.29
O2D CLA XJ . -8.26 -40.03 -11.81
CED CLA XJ . -7.23 -39.57 -12.68
C1 BCR YJ . 15.05 -22.22 -11.86
C2 BCR YJ . 15.59 -22.48 -13.27
C3 BCR YJ . 14.87 -21.71 -14.37
C4 BCR YJ . 13.37 -21.86 -14.19
C5 BCR YJ . 13.09 -21.11 -12.93
C6 BCR YJ . 13.73 -21.47 -11.80
C7 BCR YJ . 13.18 -21.21 -10.45
C8 BCR YJ . 11.89 -20.99 -10.21
C9 BCR YJ . 11.35 -20.86 -8.84
C10 BCR YJ . 10.01 -20.87 -8.71
C11 BCR YJ . 9.36 -20.84 -7.42
C33 BCR YJ . 12.20 -19.91 -13.04
C31 BCR YJ . 16.13 -21.53 -11.05
C32 BCR YJ . 14.75 -23.57 -11.20
C34 BCR YJ . 12.23 -20.76 -7.62
C12 BCR YJ . 8.04 -20.99 -7.36
C13 BCR YJ . 7.38 -21.07 -6.04
C14 BCR YJ . 6.16 -21.62 -5.99
C15 BCR YJ . 5.42 -21.86 -4.76
C16 BCR YJ . 4.26 -22.50 -4.80
C17 BCR YJ . 3.55 -22.76 -3.55
C18 BCR YJ . 2.39 -23.45 -3.48
C19 BCR YJ . 1.83 -23.64 -2.13
C20 BCR YJ . 0.67 -24.27 -1.91
C21 BCR YJ . 0.18 -24.46 -0.55
C22 BCR YJ . -0.93 -25.17 -0.30
C23 BCR YJ . -1.34 -25.34 1.12
C24 BCR YJ . -2.37 -26.12 1.47
C25 BCR YJ . -2.87 -26.48 2.84
C26 BCR YJ . -2.48 -25.92 4.01
C27 BCR YJ . -2.92 -26.49 5.33
C28 BCR YJ . -4.34 -27.00 5.18
C29 BCR YJ . -4.29 -28.12 4.19
C30 BCR YJ . -3.88 -27.62 2.80
C35 BCR YJ . 8.16 -20.61 -4.84
C36 BCR YJ . 1.72 -23.97 -4.72
C37 BCR YJ . -1.68 -25.74 -1.46
C38 BCR YJ . -1.60 -24.71 4.12
C39 BCR YJ . -5.15 -27.20 2.08
C40 BCR YJ . -3.24 -28.81 2.10
MG CLA ZJ . 13.56 -25.33 9.55
CHA CLA ZJ . 15.08 -22.22 9.59
CHB CLA ZJ . 15.83 -26.40 11.88
CHC CLA ZJ . 11.61 -28.09 10.17
CHD CLA ZJ . 10.83 -23.87 7.79
NA CLA ZJ . 15.18 -24.45 10.55
C1A CLA ZJ . 15.65 -23.14 10.42
C2A CLA ZJ . 16.85 -22.88 11.33
C3A CLA ZJ . 17.22 -24.30 11.82
C4A CLA ZJ . 15.99 -25.12 11.42
CMA CLA ZJ . 18.46 -24.82 11.17
CAA CLA ZJ . 16.41 -22.02 12.49
CBA CLA ZJ . 17.27 -20.81 12.70
CGA CLA ZJ . 16.43 -19.62 13.03
O1A CLA ZJ . 16.26 -18.60 12.35
O2A CLA ZJ . 15.79 -19.72 14.23
NB CLA ZJ . 13.67 -26.90 10.82
C1B CLA ZJ . 14.76 -27.23 11.55
C2B CLA ZJ . 14.68 -28.66 11.98
C3B CLA ZJ . 13.49 -29.14 11.50
C4B CLA ZJ . 12.83 -28.03 10.76
CMB CLA ZJ . 15.72 -29.30 12.79
CAB CLA ZJ . 12.91 -30.45 11.66
CBB CLA ZJ . 13.54 -31.59 11.40
NC CLA ZJ . 11.60 -25.89 9.04
C1C CLA ZJ . 11.02 -27.08 9.37
C2C CLA ZJ . 9.67 -27.16 8.81
C3C CLA ZJ . 9.43 -25.94 8.18
C4C CLA ZJ . 10.65 -25.15 8.33
CMC CLA ZJ . 8.75 -28.29 8.94
CAC CLA ZJ . 8.19 -25.53 7.50
CBC CLA ZJ . 8.24 -25.71 6.00
ND CLA ZJ . 13.03 -23.52 8.80
C1D CLA ZJ . 11.95 -23.08 8.00
C2D CLA ZJ . 12.24 -21.72 7.48
C3D CLA ZJ . 13.45 -21.36 8.03
C4D CLA ZJ . 13.88 -22.49 8.88
CMD CLA ZJ . 11.38 -20.96 6.58
CAD CLA ZJ . 14.48 -20.33 8.15
OBD CLA ZJ . 14.56 -19.25 7.57
CBD CLA ZJ . 15.53 -20.84 9.17
CGD CLA ZJ . 16.90 -20.92 8.55
O1D CLA ZJ . 17.30 -21.75 7.75
O2D CLA ZJ . 17.77 -19.95 8.94
CED CLA ZJ . 19.16 -20.23 8.72
C1 CLA ZJ . 15.76 -18.54 15.07
C2 CLA ZJ . 14.59 -17.72 14.66
C3 CLA ZJ . 13.96 -16.88 15.49
C4 CLA ZJ . 14.37 -16.70 16.90
C5 CLA ZJ . 12.78 -16.09 15.02
C6 CLA ZJ . 13.16 -14.80 14.31
C7 CLA ZJ . 12.04 -13.78 14.39
C8 CLA ZJ . 11.50 -13.33 13.03
C9 CLA ZJ . 10.70 -14.45 12.39
C10 CLA ZJ . 12.60 -12.86 12.09
MG CLA AK . 9.23 -32.91 -6.41
CHA CLA AK . 10.23 -36.06 -5.35
CHB CLA AK . 6.61 -34.34 -8.11
CHC CLA AK . 8.61 -29.92 -7.98
CHD CLA AK . 12.31 -31.62 -5.21
NA CLA AK . 8.53 -34.87 -6.65
C1A CLA AK . 9.09 -36.04 -6.11
C2A CLA AK . 8.27 -37.27 -6.50
C3A CLA AK . 7.10 -36.68 -7.32
C4A CLA AK . 7.42 -35.19 -7.38
CMA CLA AK . 7.04 -37.31 -8.69
CAA CLA AK . 7.70 -37.92 -5.25
CBA CLA AK . 7.58 -39.41 -5.40
CGA CLA AK . 6.17 -39.81 -5.09
O1A CLA AK . 5.26 -40.11 -5.86
O2A CLA AK . 5.93 -39.83 -3.74
NB CLA AK . 7.89 -32.27 -7.78
C1B CLA AK . 6.82 -32.96 -8.25
C2B CLA AK . 5.90 -32.05 -8.99
C3B CLA AK . 6.46 -30.80 -8.95
C4B CLA AK . 7.73 -30.93 -8.20
CMB CLA AK . 4.67 -32.50 -9.64
CAB CLA AK . 6.01 -29.56 -9.53
CBB CLA AK . 5.36 -29.45 -10.68
NC CLA AK . 10.27 -31.10 -6.56
C1C CLA AK . 9.81 -30.00 -7.22
C2C CLA AK . 10.75 -28.91 -7.09
C3C CLA AK . 11.82 -29.39 -6.33
C4C CLA AK . 11.49 -30.76 -5.98
CMC CLA AK . 10.59 -27.58 -7.71
CAC CLA AK . 13.00 -28.65 -5.91
CBC CLA AK . 13.13 -28.50 -4.41
ND CLA AK . 10.91 -33.60 -5.50
C1D CLA AK . 12.06 -32.95 -4.99
C2D CLA AK . 12.87 -33.92 -4.23
C3D CLA AK . 12.21 -35.13 -4.32
C4D CLA AK . 11.00 -34.88 -5.14
CMD CLA AK . 14.12 -33.60 -3.55
CAD CLA AK . 12.21 -36.54 -3.98
OBD CLA AK . 13.01 -37.18 -3.30
CBD CLA AK . 10.96 -37.19 -4.66
CGD CLA AK . 11.33 -38.28 -5.61
O1D CLA AK . 10.86 -39.43 -5.66
O2D CLA AK . 12.29 -37.94 -6.50
CED CLA AK . 12.12 -38.34 -7.86
C1 CLA AK . 4.61 -40.22 -3.32
C2 CLA AK . 4.48 -41.67 -3.60
C3 CLA AK . 3.36 -42.38 -3.36
C4 CLA AK . 3.32 -43.83 -3.67
C5 CLA AK . 2.14 -41.71 -2.78
C6 CLA AK . 1.21 -42.62 -1.97
C7 CLA AK . -0.10 -42.90 -2.70
C8 CLA AK . -0.53 -44.36 -2.62
C9 CLA AK . -1.76 -44.55 -3.50
C10 CLA AK . -0.79 -44.80 -1.18
C11 CLA AK . -0.90 -46.30 -1.07
C12 CLA AK . -2.20 -46.75 -0.40
C13 CLA AK . -2.00 -47.00 1.08
C14 CLA AK . -1.38 -48.37 1.29
C15 CLA AK . -3.32 -46.83 1.83
C16 CLA AK . -3.36 -47.42 3.23
C17 CLA AK . -4.76 -47.70 3.69
C18 CLA AK . -5.30 -49.00 3.10
C19 CLA AK . -4.76 -50.20 3.84
C20 CLA AK . -6.81 -49.00 3.10
C1 BCR BK . 10.07 -24.91 -4.50
C2 BCR BK . 10.41 -23.62 -3.77
C3 BCR BK . 9.23 -23.10 -2.97
C4 BCR BK . 8.90 -24.03 -1.83
C5 BCR BK . 8.90 -25.42 -2.40
C6 BCR BK . 9.04 -25.67 -3.69
C7 BCR BK . 8.03 -26.58 -4.29
C8 BCR BK . 6.78 -26.21 -3.96
C9 BCR BK . 5.66 -26.82 -4.70
C10 BCR BK . 5.72 -28.14 -5.02
C11 BCR BK . 4.71 -28.83 -5.81
C33 BCR BK . 8.79 -26.59 -1.48
C31 BCR BK . 11.31 -25.75 -4.73
C32 BCR BK . 9.39 -24.54 -5.81
C34 BCR BK . 4.58 -25.89 -5.19
C12 BCR BK . 4.75 -30.16 -5.85
C13 BCR BK . 3.74 -30.99 -6.53
C14 BCR BK . 3.76 -32.31 -6.30
C15 BCR BK . 2.84 -33.27 -6.90
C16 BCR BK . 2.98 -34.56 -6.61
C17 BCR BK . 2.10 -35.57 -7.17
C18 BCR BK . 2.17 -36.88 -6.86
C19 BCR BK . 1.22 -37.81 -7.51
C20 BCR BK . 1.13 -39.11 -7.23
C21 BCR BK . 0.13 -39.95 -7.91
C22 BCR BK . -0.08 -41.22 -7.55
C23 BCR BK . -1.17 -41.94 -8.26
C24 BCR BK . -1.70 -43.09 -7.77
C25 BCR BK . -2.88 -43.67 -8.43
C26 BCR BK . -3.13 -43.43 -9.71
C27 BCR BK . -4.48 -43.02 -10.21
C28 BCR BK . -5.55 -43.55 -9.26
C29 BCR BK . -5.09 -44.77 -8.47
C30 BCR BK . -3.86 -44.46 -7.62
C35 BCR BK . 2.70 -30.38 -7.42
C36 BCR BK . 3.23 -37.36 -5.91
C37 BCR BK . 0.73 -41.84 -6.46
C38 BCR BK . -2.02 -43.67 -10.71
C39 BCR BK . -3.21 -45.74 -7.10
C40 BCR BK . -4.30 -43.62 -6.43
MG CLA CK . -3.77 -34.07 10.30
CHA CLA CK . -6.10 -34.64 12.80
CHB CLA CK . -4.77 -30.80 10.19
CHC CLA CK . -0.98 -33.30 8.44
CHD CLA CK . -2.37 -37.27 10.98
NA CLA CK . -5.21 -32.94 11.31
C1A CLA CK . -6.09 -33.37 12.32
C2A CLA CK . -7.00 -32.24 12.78
C3A CLA CK . -6.71 -31.11 11.77
C4A CLA CK . -5.46 -31.62 11.04
CMA CLA CK . -7.86 -30.87 10.83
CAA CLA CK . -6.64 -31.81 14.19
CBA CLA CK . -7.81 -31.08 14.82
NB CLA CK . -3.02 -32.38 9.49
C1B CLA CK . -3.62 -31.17 9.48
C2B CLA CK . -2.87 -30.23 8.59
C3B CLA CK . -1.80 -30.93 8.09
C4B CLA CK . -1.88 -32.31 8.66
CMB CLA CK . -3.26 -28.84 8.38
CAB CLA CK . -0.75 -30.49 7.22
CBB CLA CK . 0.53 -30.39 7.55
NC CLA CK . -2.02 -35.12 9.77
C1C CLA CK . -1.05 -34.62 8.95
C2C CLA CK . -0.02 -35.63 8.73
C3C CLA CK . -0.38 -36.74 9.50
C4C CLA CK . -1.65 -36.41 10.13
CMC CLA CK . 1.17 -35.48 7.90
CAC CLA CK . 0.33 -38.03 9.61
CBC CLA CK . 1.19 -38.11 10.85
ND CLA CK . -4.11 -35.64 11.54
C1D CLA CK . -3.52 -36.93 11.64
C2D CLA CK . -4.35 -37.76 12.56
C3D CLA CK . -5.36 -36.93 13.02
C4D CLA CK . -5.14 -35.63 12.38
CMD CLA CK . -4.08 -39.16 12.88
CAD CLA CK . -6.53 -36.82 13.87
OBD CLA CK . -7.10 -37.68 14.54
CBD CLA CK . -7.01 -35.34 13.79
CGD CLA CK . -8.46 -35.28 13.37
O1D CLA CK . -8.97 -35.70 12.33
O2D CLA CK . -9.27 -34.65 14.27
CED CLA CK . -10.40 -33.92 13.76
C1B LMT DK . 19.73 -37.31 -11.02
C2B LMT DK . 20.46 -38.58 -10.58
C3B LMT DK . 21.62 -38.17 -9.69
C4B LMT DK . 22.52 -37.24 -10.53
C5B LMT DK . 21.70 -36.02 -11.02
C6B LMT DK . 22.59 -35.12 -11.89
O1B LMT DK . 19.36 -36.58 -9.87
O2B LMT DK . 19.64 -39.43 -9.84
O3B LMT DK . 22.42 -39.28 -9.41
O4' LMT DK . 23.50 -36.71 -9.69
O5B LMT DK . 20.59 -36.49 -11.77
O6B LMT DK . 21.76 -34.49 -12.83
C1' LMT DK . 16.04 -35.30 -8.05
C2' LMT DK . 15.97 -36.78 -8.44
C3' LMT DK . 17.42 -37.19 -8.74
C4' LMT DK . 17.98 -36.26 -9.85
C5' LMT DK . 17.81 -34.79 -9.41
C6' LMT DK . 18.30 -33.88 -10.51
O1' LMT DK . 14.75 -34.88 -7.69
O2' LMT DK . 15.60 -37.54 -7.32
O3' LMT DK . 17.42 -38.47 -9.30
O5' LMT DK . 16.43 -34.58 -9.21
O6' LMT DK . 18.89 -32.76 -9.89
C1 LMT DK . 13.96 -34.51 -8.79
C2 LMT DK . 12.58 -34.17 -8.28
C3 LMT DK . 11.72 -33.83 -9.49
C4 LMT DK . 12.14 -32.49 -10.05
C5 LMT DK . 10.93 -31.59 -10.23
C6 LMT DK . 10.13 -31.98 -11.45
C7 LMT DK . 9.09 -30.90 -11.69
C8 LMT DK . 7.95 -31.42 -12.54
C9 LMT DK . 8.38 -31.49 -14.00
C10 LMT DK . 7.17 -31.57 -14.91
C11 LMT DK . 6.54 -30.19 -15.08
C12 LMT DK . 5.46 -30.23 -16.15
C1 BCR EK . 9.20 32.03 40.50
C2 BCR EK . 8.58 33.23 41.22
C3 BCR EK . 8.14 32.89 42.63
C4 BCR EK . 7.16 31.75 42.56
C5 BCR EK . 7.95 30.59 42.08
C6 BCR EK . 8.63 30.68 40.93
C7 BCR EK . 8.82 29.53 40.01
C8 BCR EK . 8.00 28.47 40.02
C9 BCR EK . 8.12 27.39 39.02
C10 BCR EK . 7.13 26.48 39.00
C11 BCR EK . 7.08 25.38 38.04
C33 BCR EK . 8.09 29.40 43.00
C31 BCR EK . 10.69 32.03 40.75
C32 BCR EK . 8.93 32.19 39.00
C34 BCR EK . 9.24 27.33 38.02
C12 BCR EK . 6.07 24.51 38.08
C13 BCR EK . 5.93 23.36 37.18
C14 BCR EK . 4.83 22.60 37.34
C15 BCR EK . 4.52 21.40 36.55
C16 BCR EK . 3.40 20.75 36.85
C17 BCR EK . 2.96 19.54 36.15
C18 BCR EK . 1.78 18.94 36.42
C19 BCR EK . 1.46 17.71 35.67
C20 BCR EK . 0.38 16.94 35.88
C21 BCR EK . 0.25 15.72 35.07
C22 BCR EK . -0.71 14.78 35.19
C23 BCR EK . -1.82 14.87 36.18
C24 BCR EK . -2.70 13.89 36.40
C25 BCR EK . -3.58 14.25 37.52
C26 BCR EK . -3.26 13.90 38.76
C27 BCR EK . -4.26 13.98 39.90
C28 BCR EK . -5.20 15.15 39.68
C29 BCR EK . -5.77 15.14 38.28
C30 BCR EK . -4.66 15.29 37.24
C35 BCR EK . 6.94 23.03 36.12
C36 BCR EK . 0.89 19.46 37.50
C37 BCR EK . -0.53 13.65 34.21
C38 BCR EK . -1.89 13.38 39.09
C39 BCR EK . -4.18 16.74 37.23
C40 BCR EK . -5.30 14.92 35.90
MG CLA FK . -3.24 8.71 53.10
CHA CLA FK . -2.10 9.95 56.13
CHB CLA FK . -0.48 10.08 51.56
CHC CLA FK . -3.87 6.84 50.27
CHD CLA FK . -5.60 6.77 54.88
NA CLA FK . -1.59 9.83 53.74
C1A CLA FK . -1.31 10.25 55.06
C2A CLA FK . -0.02 11.03 55.12
C3A CLA FK . 0.37 11.23 53.64
C4A CLA FK . -0.62 10.31 52.91
CMA CLA FK . 0.24 12.68 53.21
CAA CLA FK . 1.02 10.22 55.88
CBA CLA FK . 1.22 8.79 55.37
CGA CLA FK . 2.62 8.57 54.88
O1A CLA FK . 3.63 8.32 55.54
O2A CLA FK . 2.74 8.62 53.51
NB CLA FK . -2.35 8.50 51.30
C1B CLA FK . -1.32 9.25 50.82
C2B CLA FK . -1.18 9.05 49.35
C3B CLA FK . -2.13 8.14 48.97
C4B CLA FK . -2.88 7.76 50.20
CMB CLA FK . -0.14 9.70 48.56
CAB CLA FK . -2.37 7.55 47.69
CBB CLA FK . -1.50 6.75 47.08
NC CLA FK . -4.52 7.12 52.66
C1C CLA FK . -4.64 6.53 51.43
C2C CLA FK . -5.66 5.49 51.47
C3C CLA FK . -6.11 5.43 52.78
C4C CLA FK . -5.41 6.47 53.52
CMC CLA FK . -6.06 4.64 50.34
CAC CLA FK . -7.15 4.53 53.31
CBC CLA FK . -6.57 3.25 53.86
ND CLA FK . -3.76 8.37 55.03
C1D CLA FK . -4.84 7.66 55.60
C2D CLA FK . -4.96 8.03 57.04
C3D CLA FK . -3.94 8.92 57.29
C4D CLA FK . -3.22 9.08 56.01
CMD CLA FK . -5.99 7.52 57.95
CAD CLA FK . -3.27 9.75 58.27
OBD CLA FK . -3.56 9.94 59.45
CBD CLA FK . -2.06 10.44 57.57
CGD CLA FK . -2.13 11.93 57.66
O1D CLA FK . -1.19 12.74 57.60
O2D CLA FK . -3.38 12.42 57.85
CED CLA FK . -3.64 13.77 57.48
C1 CLA FK . 2.94 7.38 52.81
C2 CLA FK . 1.64 6.66 52.82
C3 CLA FK . 0.99 6.26 51.71
C4 CLA FK . 1.51 6.50 50.35
C5 CLA FK . -0.32 5.54 51.77
C6 CLA FK . -1.19 5.81 52.99
C7 CLA FK . -1.17 4.66 53.99
C8 CLA FK . -2.55 4.02 54.20
C9 CLA FK . -2.78 3.81 55.68
C10 CLA FK . -2.72 2.71 53.44
C11 CLA FK . -3.01 2.95 51.97
C12 CLA FK . -2.69 1.75 51.09
C13 CLA FK . -2.25 2.03 49.65
C14 CLA FK . -2.27 3.49 49.24
C15 CLA FK . -3.09 1.18 48.68
C16 CLA FK . -2.75 1.45 47.23
C17 CLA FK . -3.29 0.38 46.29
C18 CLA FK . -2.72 0.40 44.86
C19 CLA FK . -1.52 1.32 44.67
C20 CLA FK . -3.79 0.78 43.86
MG CLA GK . -2.52 15.68 43.01
CHA CLA GK . -4.08 13.45 45.14
CHB CLA GK . 0.19 13.56 42.89
CHC CLA GK . -1.27 17.42 40.32
CHD CLA GK . -5.56 17.45 42.74
NA CLA GK . -2.05 13.82 43.88
C1A CLA GK . -2.83 13.07 44.74
C2A CLA GK . -2.12 11.78 45.16
C3A CLA GK . -0.68 12.01 44.66
C4A CLA GK . -0.83 13.20 43.72
CMA CLA GK . 0.23 12.36 45.81
CAA CLA GK . -2.76 10.56 44.51
CBA CLA GK . -3.24 10.78 43.09
CGA CLA GK . -2.98 9.56 42.25
O1A CLA GK . -1.96 8.89 42.19
O2A CLA GK . -4.04 9.19 41.46
NB CLA GK . -0.88 15.51 41.84
C1B CLA GK . 0.16 14.64 42.01
C2B CLA GK . 1.28 14.98 41.10
C3B CLA GK . 0.88 16.07 40.38
C4B CLA GK . -0.50 16.42 40.83
CMB CLA GK . 2.52 14.21 41.06
CAB CLA GK . 1.57 16.78 39.34
CBB CLA GK . 2.84 17.17 39.41
NC CLA GK . -3.28 17.17 41.77
C1C CLA GK . -2.59 17.77 40.75
C2C CLA GK . -3.41 18.82 40.14
C3C CLA GK . -4.64 18.80 40.80
C4C CLA GK . -4.54 17.77 41.84
CMC CLA GK . -3.00 19.68 39.02
CAC CLA GK . -5.80 19.66 40.55
CBC CLA GK . -6.96 18.91 39.94
ND CLA GK . -4.41 15.52 43.71
C1D CLA GK . -5.53 16.40 43.63
C2D CLA GK . -6.56 15.97 44.61
C3D CLA GK . -6.05 14.84 45.23
C4D CLA GK . -4.72 14.61 44.62
CMD CLA GK . -7.83 16.65 44.82
CAD CLA GK . -6.26 13.79 46.21
OBD CLA GK . -7.22 13.59 46.94
CBD CLA GK . -4.98 12.89 46.20
CGD CLA GK . -4.27 12.93 47.52
O1D CLA GK . -3.70 13.90 48.02
O2D CLA GK . -4.26 11.76 48.22
CED CLA GK . -3.32 11.67 49.29
C1 CLA GK . -4.68 10.18 40.64
C2 CLA GK . -4.93 9.58 39.30
C3 CLA GK . -5.98 9.93 38.53
C4 CLA GK . -6.98 10.95 38.91
C5 CLA GK . -6.18 9.30 37.19
C6 CLA GK . -5.88 10.23 36.04
C7 CLA GK . -5.04 9.55 34.98
C8 CLA GK . -3.59 9.30 35.38
C9 CLA GK . -2.87 10.63 35.59
C10 CLA GK . -2.90 8.48 34.30
C11 CLA GK . -1.52 7.98 34.70
C12 CLA GK . -0.50 8.18 33.59
C13 CLA GK . 0.14 9.56 33.61
C14 CLA GK . -0.53 10.52 32.64
C15 CLA GK . 1.63 9.50 33.32
C16 CLA GK . 1.92 9.09 31.89
C17 CLA GK . 3.34 8.58 31.72
C18 CLA GK . 4.36 9.70 31.67
C19 CLA GK . 4.42 10.34 30.30
C20 CLA GK . 5.73 9.20 32.07
MG CLA HK . 10.14 12.86 44.04
CHA CLA HK . 11.41 11.19 46.80
CHB CLA HK . 13.35 13.77 43.19
CHC CLA HK . 9.12 13.58 40.83
CHD CLA HK . 7.03 11.25 44.60
NA CLA HK . 12.02 12.56 44.89
C1A CLA HK . 12.34 11.83 46.05
C2A CLA HK . 13.84 11.89 46.32
C3A CLA HK . 14.31 13.04 45.42
C4A CLA HK . 13.17 13.13 44.40
CMA CLA HK . 14.47 14.32 46.20
CAA CLA HK . 14.44 10.59 45.81
CBA CLA HK . 14.71 9.60 46.92
CGA CLA HK . 14.12 8.27 46.55
O1A CLA HK . 12.94 7.90 46.60
O2A CLA HK . 15.06 7.40 46.09
NB CLA HK . 11.05 13.53 42.35
C1B CLA HK . 12.36 13.91 42.23
C2B CLA HK . 12.58 14.51 40.88
C3B CLA HK . 11.39 14.46 40.21
C4B CLA HK . 10.41 13.84 41.14
CMB CLA HK . 13.88 15.01 40.44
CAB CLA HK . 11.04 14.88 38.89
CBB CLA HK . 11.41 16.03 38.32
NC CLA HK . 8.38 12.55 42.96
C1C CLA HK . 8.15 13.00 41.68
C2C CLA HK . 6.80 12.67 41.26
C3C CLA HK . 6.24 11.94 42.29
C4C CLA HK . 7.23 11.88 43.37
CMC CLA HK . 6.19 13.00 39.97
CAC CLA HK . 4.87 11.39 42.34
CBC CLA HK . 4.84 9.95 41.89
ND CLA HK . 9.32 11.61 45.39
C1D CLA HK . 8.00 11.10 45.56
C2D CLA HK . 7.91 10.42 46.87
C3D CLA HK . 9.19 10.44 47.40
C4D CLA HK . 10.03 11.14 46.42
CMD CLA HK . 6.70 9.84 47.44
CAD CLA HK . 10.04 10.06 48.51
OBD CLA HK . 9.74 9.52 49.57
CBD CLA HK . 11.50 10.48 48.13
CGD CLA HK . 12.08 11.36 49.20
O1D CLA HK . 12.71 11.00 50.20
O2D CLA HK . 11.88 12.68 49.00
CED CLA HK . 11.89 13.52 50.15
C1 CLA HK . 15.31 7.42 44.67
C2 CLA HK . 14.57 6.28 44.09
C3 CLA HK . 14.46 6.09 42.76
C4 CLA HK . 15.08 7.04 41.81
C5 CLA HK . 13.70 4.95 42.18
C6 CLA HK . 13.82 3.65 42.97
C7 CLA HK . 12.92 2.56 42.40
C8 CLA HK . 11.43 2.77 42.71
C9 CLA HK . 11.16 2.57 44.19
C10 CLA HK . 10.55 1.81 41.92
C11 CLA HK . 10.46 2.13 40.44
C12 CLA HK . 9.89 0.98 39.63
C13 CLA HK . 10.84 -0.22 39.59
C14 CLA HK . 11.38 -0.42 38.19
C15 CLA HK . 10.17 -1.48 40.09
C1 BCR IK . -6.57 43.06 31.49
C2 BCR IK . -7.34 44.32 31.15
C3 BCR IK . -8.43 44.57 32.17
C4 BCR IK . -9.44 43.46 31.99
C5 BCR IK . -8.78 42.13 32.24
C6 BCR IK . -7.43 41.98 32.12
C7 BCR IK . -6.65 40.80 32.61
C8 BCR IK . -7.04 39.68 33.24
C9 BCR IK . -6.12 38.66 33.70
C10 BCR IK . -6.67 37.67 34.42
C11 BCR IK . -5.90 36.58 34.99
C33 BCR IK . -9.74 41.05 32.61
C31 BCR IK . -5.46 43.54 32.44
C32 BCR IK . -5.99 42.51 30.20
C34 BCR IK . -4.66 38.80 33.37
C12 BCR IK . -6.56 35.70 35.74
C13 BCR IK . -5.90 34.55 36.38
C14 BCR IK . -6.71 33.71 37.01
C15 BCR IK . -6.24 32.50 37.68
C16 BCR IK . -7.11 31.71 38.26
C17 BCR IK . -6.63 30.49 38.90
C18 BCR IK . -7.44 29.58 39.44
C19 BCR IK . -6.76 28.41 40.02
C20 BCR IK . -7.40 27.38 40.57
C21 BCR IK . -6.61 26.30 41.13
C22 BCR IK . -7.14 25.23 41.75
C23 BCR IK . -6.18 24.25 42.31
C24 BCR IK . -6.60 23.27 43.11
C25 BCR IK . -5.72 22.25 43.76
C26 BCR IK . -6.34 21.31 44.47
C27 BCR IK . -5.62 20.61 45.59
C28 BCR IK . -4.36 20.06 44.97
C29 BCR IK . -3.49 21.21 44.50
C30 BCR IK . -4.19 22.27 43.65
C35 BCR IK . -4.43 34.28 36.31
C36 BCR IK . -8.93 29.76 39.48
C37 BCR IK . -8.62 25.08 41.93
C38 BCR IK . -7.76 20.89 44.20
C39 BCR IK . -3.76 22.09 42.18
C40 BCR IK . -3.65 23.58 44.23
C1 BCR JK . 6.73 19.01 61.11
C2 BCR JK . 6.73 20.52 61.35
C3 BCR JK . 5.47 21.02 62.01
C4 BCR JK . 4.29 20.75 61.10
C5 BCR JK . 4.30 19.27 60.76
C6 BCR JK . 5.43 18.62 60.42
C7 BCR JK . 5.32 17.43 59.52
C8 BCR JK . 6.19 16.42 59.67
C9 BCR JK . 5.96 15.14 58.94
C10 BCR JK . 5.39 15.16 57.71
C11 BCR JK . 5.07 13.95 56.97
C33 BCR JK . 3.01 18.53 60.93
C31 BCR JK . 6.97 18.32 62.44
C32 BCR JK . 7.90 18.81 60.13
C34 BCR JK . 6.22 13.90 59.74
C12 BCR JK . 4.76 14.02 55.67
C13 BCR JK . 4.50 12.81 54.87
C14 BCR JK . 4.35 12.94 53.55
C15 BCR JK . 4.10 11.82 52.63
C16 BCR JK . 3.97 12.03 51.32
C17 BCR JK . 3.71 10.89 50.45
C18 BCR JK . 3.59 10.96 49.11
C19 BCR JK . 3.25 9.71 48.39
C20 BCR JK . 2.95 9.71 47.09
C21 BCR JK . 2.56 8.49 46.39
C22 BCR JK . 2.31 8.49 45.06
C23 BCR JK . 1.94 7.22 44.38
C24 BCR JK . 1.92 7.10 43.05
C25 BCR JK . 1.70 5.81 42.32
C26 BCR JK . 0.95 4.78 42.78
C27 BCR JK . 0.25 3.92 41.76
C28 BCR JK . 0.18 4.66 40.44
C29 BCR JK . 1.59 4.88 39.95
C30 BCR JK . 2.44 5.59 40.99
C35 BCR JK . 4.47 11.46 55.53
C36 BCR JK . 3.66 12.28 48.37
C37 BCR JK . 2.40 9.80 44.34
C38 BCR JK . 0.66 4.42 44.20
C39 BCR JK . 2.98 6.87 40.38
C40 BCR JK . 3.64 4.71 41.32
C1 LMG KK . 23.28 16.78 38.96
O1 LMG KK . 22.40 15.87 38.32
C2 LMG KK . 22.89 16.94 40.43
O2 LMG KK . 21.73 17.79 40.51
C3 LMG KK . 24.04 17.54 41.22
O3 LMG KK . 24.72 16.49 41.92
C4 LMG KK . 24.98 18.29 40.27
O4 LMG KK . 25.99 18.97 41.02
C5 LMG KK . 25.56 17.36 39.20
O5 LMG KK . 26.71 15.77 40.60
C6 LMG KK . 26.90 16.74 39.56
O6 LMG KK . 24.63 16.31 38.94
C7 LMG KK . 22.94 15.30 37.12
C8 LMG KK . 22.78 16.25 35.95
C9 LMG KK . 23.28 15.56 34.69
O7 LMG KK . 21.40 16.58 35.75
C10 LMG KK . 20.95 17.79 36.41
O9 LMG KK . 21.75 18.59 36.88
C11 LMG KK . 19.46 18.05 36.49
C12 LMG KK . 18.75 16.74 36.79
C13 LMG KK . 17.24 16.91 36.68
C14 LMG KK . 16.68 16.33 35.38
C15 LMG KK . 15.94 17.40 34.59
C16 LMG KK . 15.37 16.79 33.30
C17 LMG KK . 14.09 17.50 32.90
C18 LMG KK . 13.58 16.97 31.56
C19 LMG KK . 12.30 16.16 31.72
C20 LMG KK . 11.58 15.97 30.40
C21 LMG KK . 12.49 15.32 29.36
C22 LMG KK . 11.73 14.93 28.10
C23 LMG KK . 10.82 13.73 28.33
C24 LMG KK . 10.42 13.08 27.02
C25 LMG KK . 9.33 13.87 26.30
O8 LMG KK . 22.15 14.99 34.04
C28 LMG KK . 22.18 13.68 33.42
O10 LMG KK . 23.23 13.25 32.94
C29 LMG KK . 20.92 12.85 33.41
C30 LMG KK . 19.74 13.74 33.82
C31 LMG KK . 18.49 12.95 34.13
C32 LMG KK . 17.67 12.64 32.89
C33 LMG KK . 16.21 12.45 33.26
C34 LMG KK . 15.44 11.77 32.14
C35 LMG KK . 14.11 12.46 31.88
C36 LMG KK . 13.34 11.76 30.76
C1 BCR LK . -6.13 55.78 33.43
C2 BCR LK . -7.39 55.11 32.92
C3 BCR LK . -7.47 53.65 33.30
C4 BCR LK . -6.33 52.93 32.60
C5 BCR LK . -5.05 53.56 33.07
C6 BCR LK . -5.01 54.75 33.67
C7 BCR LK . -3.83 55.04 34.53
C8 BCR LK . -3.45 56.29 34.78
C9 BCR LK . -2.28 56.68 35.60
C10 BCR LK . -1.41 55.79 36.12
C11 BCR LK . -0.34 56.25 37.00
C33 BCR LK . -3.78 52.81 32.80
C31 BCR LK . -6.61 56.48 34.70
C32 BCR LK . -5.70 56.79 32.37
C34 BCR LK . -2.14 58.16 35.79
C12 BCR LK . 0.29 55.38 37.78
C13 BCR LK . 1.28 55.82 38.78
C14 BCR LK . 1.79 54.86 39.58
C15 BCR LK . 2.72 55.13 40.68
C16 BCR LK . 3.08 54.16 41.49
C17 BCR LK . 3.96 54.49 42.62
C18 BCR LK . 4.35 53.61 43.55
C19 BCR LK . 5.20 54.16 44.63
C20 BCR LK . 5.64 53.44 45.65
C21 BCR LK . 6.46 54.10 46.67
C22 BCR LK . 6.98 53.43 47.71
C23 BCR LK . 7.79 54.22 48.67
C24 BCR LK . 8.41 53.67 49.72
C25 BCR LK . 9.28 54.37 50.71
C26 BCR LK . 9.44 55.70 50.80
C27 BCR LK . 9.57 56.27 52.18
C28 BCR LK . 10.86 55.71 52.71
C29 BCR LK . 10.79 54.20 52.82
C30 BCR LK . 10.05 53.48 51.68
C35 BCR LK . 1.62 57.28 38.91
C36 BCR LK . 3.93 52.16 43.53
C37 BCR LK . 6.70 51.95 47.86
C38 BCR LK . 9.58 56.66 49.65
C39 BCR LK . 9.11 52.48 52.34
C40 BCR LK . 11.10 52.71 50.87
MG CLA MK . 10.00 -10.69 34.99
CHA CLA MK . 10.49 -7.28 34.68
CHB CLA MK . 6.62 -10.17 34.80
CHC CLA MK . 9.46 -13.91 36.09
CHD CLA MK . 13.45 -11.05 35.76
NA CLA MK . 8.79 -9.00 34.76
C1A CLA MK . 9.19 -7.67 34.64
C2A CLA MK . 8.00 -6.73 34.47
C3A CLA MK . 6.82 -7.71 34.28
C4A CLA MK . 7.43 -9.06 34.65
NB CLA MK . 8.36 -11.81 35.37
C1B CLA MK . 7.07 -11.45 35.14
C2B CLA MK . 6.17 -12.63 35.32
C3B CLA MK . 6.97 -13.68 35.68
C4B CLA MK . 8.37 -13.17 35.73
NC CLA MK . 11.23 -12.20 35.75
C1C CLA MK . 10.80 -13.45 36.10
C2C CLA MK . 11.92 -14.26 36.55
C3C CLA MK . 13.05 -13.44 36.50
C4C CLA MK . 12.61 -12.15 35.98
ND CLA MK . 11.63 -9.51 35.19
C1D CLA MK . 13.00 -9.80 35.40
C2D CLA MK . 13.80 -8.56 35.17
C3D CLA MK . 12.89 -7.56 34.90
C4D CLA MK . 11.55 -8.20 34.93
CAD CLA MK . 12.69 -6.16 34.57
CBD CLA MK . 11.15 -5.93 34.45
MG CLA NK . -3.90 -22.56 23.23
CHA CLA NK . -7.06 -22.90 21.85
CHB CLA NK . -2.81 -21.23 20.27
CHC CLA NK . -1.10 -21.34 24.82
CHD CLA NK . -5.34 -23.24 26.40
NA CLA NK . -4.79 -22.19 21.38
C1A CLA NK . -6.12 -22.39 21.00
C2A CLA NK . -6.36 -21.99 19.56
C3A CLA NK . -4.93 -21.79 19.02
C4A CLA NK . -4.10 -21.71 20.30
CMA CLA NK . -4.50 -22.94 18.15
CAA CLA NK . -7.24 -20.73 19.54
CBA CLA NK . -6.67 -19.55 18.78
CGA CLA NK . -5.74 -18.73 19.63
O1A CLA NK . -5.61 -18.76 20.85
O2A CLA NK . -4.98 -17.86 18.89
NB CLA NK . -2.32 -21.43 22.68
C1B CLA NK . -1.99 -21.13 21.39
C2B CLA NK . -0.57 -20.68 21.31
C3B CLA NK . -0.07 -20.71 22.59
C4B CLA NK . -1.17 -21.19 23.48
CMB CLA NK . 0.07 -20.29 20.06
CAB CLA NK . 1.23 -20.36 23.08
CBB CLA NK . 2.15 -21.25 23.47
NC CLA NK . -3.31 -22.40 25.23
C1C CLA NK . -2.10 -21.93 25.65
C2C CLA NK . -1.99 -22.02 27.11
C3C CLA NK . -3.23 -22.49 27.56
C4C CLA NK . -4.04 -22.73 26.38
CMC CLA NK . -0.83 -21.64 27.91
CAC CLA NK . -3.63 -22.76 28.94
CBC CLA NK . -3.57 -24.24 29.26
ND CLA NK . -5.69 -23.14 23.98
C1D CLA NK . -6.14 -23.43 25.30
C2D CLA NK . -7.53 -23.93 25.24
C3D CLA NK . -7.92 -23.77 23.93
C4D CLA NK . -6.77 -23.21 23.21
CMD CLA NK . -8.29 -24.44 26.37
CAD CLA NK . -8.98 -23.94 22.95
OBD CLA NK . -10.07 -24.51 23.08
CBD CLA NK . -8.52 -23.24 21.64
CGD CLA NK . -8.74 -24.11 20.45
O1D CLA NK . -8.55 -23.84 19.26
O2D CLA NK . -9.24 -25.33 20.76
CED CLA NK . -8.87 -26.41 19.90
C1 CLA NK . -3.80 -18.38 18.25
C2 CLA NK . -3.54 -17.56 17.05
C3 CLA NK . -2.94 -18.03 15.95
C4 CLA NK . -2.49 -19.44 15.84
C5 CLA NK . -2.69 -17.16 14.77
C6 CLA NK . -1.89 -15.92 15.11
C7 CLA NK . -0.53 -16.26 15.68
C8 CLA NK . 0.21 -15.04 16.22
C9 CLA NK . -0.46 -14.52 17.49
C10 CLA NK . 0.31 -13.94 15.17
MG CLA OK . 16.70 0.30 41.00
CHA CLA OK . 17.51 -0.12 37.65
CHB CLA OK . 19.26 2.57 41.29
CHC CLA OK . 16.49 0.09 44.42
CHD CLA OK . 14.55 -2.52 40.74
NA CLA OK . 18.12 1.09 39.68
C1A CLA OK . 18.28 0.79 38.31
C2A CLA OK . 19.43 1.59 37.69
C3A CLA OK . 19.84 2.56 38.84
C4A CLA OK . 19.04 2.05 40.03
NB CLA OK . 17.74 1.10 42.54
C1B CLA OK . 18.57 2.17 42.44
C2B CLA OK . 18.68 2.88 43.75
C3B CLA OK . 17.90 2.19 44.63
C4B CLA OK . 17.30 1.04 43.89
NC CLA OK . 15.69 -0.97 42.32
C1C CLA OK . 15.73 -0.85 43.69
C2C CLA OK . 14.89 -1.87 44.31
C3C CLA OK . 14.36 -2.64 43.27
C4C CLA OK . 14.86 -2.05 42.02
ND CLA OK . 16.07 -0.99 39.57
C1D CLA OK . 15.11 -2.03 39.57
C2D CLA OK . 14.88 -2.48 38.18
C3D CLA OK . 15.77 -1.77 37.40
C4D CLA OK . 16.51 -0.88 38.32
CAD CLA OK . 16.26 -1.51 36.05
CBD CLA OK . 17.45 -0.51 36.19
C1 BCR PK . -4.26 -13.21 34.66
C2 BCR PK . -4.91 -14.59 34.69
C3 BCR PK . -6.17 -14.62 35.52
C4 BCR PK . -5.84 -14.15 36.92
C5 BCR PK . -5.30 -12.75 36.87
C6 BCR PK . -4.35 -12.43 35.97
C7 BCR PK . -3.38 -11.37 36.39
C8 BCR PK . -2.05 -11.45 36.19
C9 BCR PK . -1.09 -10.47 36.78
C10 BCR PK . 0.21 -10.80 36.68
C11 BCR PK . 1.30 -9.99 37.23
C33 BCR PK . -5.89 -11.81 37.88
C31 BCR PK . -5.05 -12.35 33.68
C32 BCR PK . -2.91 -13.37 33.98
C34 BCR PK . -1.59 -9.19 37.41
C12 BCR PK . 2.56 -10.40 37.20
C13 BCR PK . 3.66 -9.59 37.79
C14 BCR PK . 4.91 -10.09 37.76
C15 BCR PK . 6.07 -9.41 38.32
C16 BCR PK . 7.26 -10.00 38.33
C17 BCR PK . 8.42 -9.29 38.89
C18 BCR PK . 9.67 -9.79 38.91
C19 BCR PK . 10.74 -8.94 39.48
C20 BCR PK . 12.04 -9.26 39.39
C21 BCR PK . 13.08 -8.35 39.86
C22 BCR PK . 14.37 -8.58 39.56
C23 BCR PK . 15.41 -7.58 39.91
C24 BCR PK . 16.54 -7.54 39.21
C25 BCR PK . 17.56 -6.49 39.37
C26 BCR PK . 17.60 -5.69 40.44
C27 BCR PK . 17.86 -4.22 40.34
C28 BCR PK . 18.54 -3.87 39.02
C29 BCR PK . 19.39 -5.03 38.52
C30 BCR PK . 18.53 -6.26 38.22
C35 BCR PK . 3.36 -8.22 38.35
C36 BCR PK . 9.94 -11.17 38.36
C37 BCR PK . 14.73 -9.82 38.80
C38 BCR PK . 17.47 -6.30 41.81
C39 BCR PK . 19.39 -7.49 38.00
C40 BCR PK . 17.72 -6.01 36.95
MG CHL QK . -2.96 -42.87 -70.42
CHA CHL QK . -2.40 -46.28 -70.34
CHB CHL QK . -1.65 -42.59 -67.34
CHC CHL QK . -3.18 -39.46 -70.79
CHD CHL QK . -4.65 -43.34 -73.54
NA CHL QK . -2.10 -44.14 -69.13
C1A CHL QK . -1.87 -45.40 -69.26
C2A CHL QK . -0.90 -45.95 -68.27
C3A CHL QK . -0.90 -44.87 -67.21
C4A CHL QK . -1.63 -43.78 -67.93
CMA CHL QK . -1.55 -45.26 -65.90
CAA CHL QK . 0.46 -46.17 -68.93
CBA CHL QK . 1.54 -46.58 -67.96
CGA CHL QK . 2.72 -45.62 -68.05
O1A CHL QK . 3.12 -45.06 -67.05
O2A CHL QK . 3.39 -45.38 -69.33
NB CHL QK . -2.49 -41.27 -69.25
C1B CHL QK . -1.98 -41.32 -68.00
C2B CHL QK . -1.71 -40.02 -67.34
C3B CHL QK . -2.15 -39.08 -68.37
C4B CHL QK . -2.62 -39.94 -69.51
CMB CHL QK . -1.14 -39.75 -65.99
CAB CHL QK . -2.08 -37.60 -68.14
CBB CHL QK . -2.41 -36.65 -68.99
NC CHL QK . -3.75 -41.66 -71.88
C1C CHL QK . -3.75 -40.30 -71.87
C2C CHL QK . -4.41 -39.69 -73.05
C3C CHL QK . -4.85 -40.82 -73.87
C4C CHL QK . -4.40 -41.97 -73.04
CMC CHL QK . -4.60 -38.26 -73.40
OMC CHL QK . -4.20 -37.38 -72.66
CAC CHL QK . -5.58 -40.81 -75.20
CBC CHL QK . -7.06 -40.91 -74.93
ND CHL QK . -3.45 -44.38 -71.70
C1D CHL QK . -4.12 -44.53 -72.88
C2D CHL QK . -4.19 -45.94 -73.40
C3D CHL QK . -3.47 -46.62 -72.32
C4D CHL QK . -3.10 -45.69 -71.45
CMD CHL QK . -4.76 -46.70 -74.57
CAD CHL QK . -3.00 -47.95 -71.85
OBD CHL QK . -3.18 -49.06 -72.46
CBD CHL QK . -2.28 -47.76 -70.55
CGD CHL QK . -2.97 -48.54 -69.48
O1D CHL QK . -2.47 -48.65 -68.36
O2D CHL QK . -4.24 -49.20 -69.73
CED CHL QK . -4.88 -49.88 -68.66
C1 CHL QK . 4.72 -44.87 -69.35
C2 CHL QK . 5.64 -45.82 -70.09
C3 CHL QK . 5.59 -45.98 -71.42
C4 CHL QK . 4.59 -45.22 -72.24
C5 CHL QK . 6.54 -46.94 -72.09
MG CLA RK . -5.72 -30.59 -68.02
CHA CLA RK . -8.65 -32.45 -68.13
CHB CLA RK . -7.36 -28.20 -66.17
CHC CLA RK . -2.70 -29.13 -67.24
CHD CLA RK . -3.98 -33.42 -69.26
NA CLA RK . -7.67 -30.37 -67.31
C1A CLA RK . -8.75 -31.26 -67.46
C2A CLA RK . -10.01 -30.71 -66.81
C3A CLA RK . -9.63 -29.27 -66.42
C4A CLA RK . -8.11 -29.26 -66.62
CMA CLA RK . -10.31 -28.25 -67.29
CAA CLA RK . -10.45 -31.55 -65.61
CBA CLA RK . -9.41 -31.65 -64.51
CGA CLA RK . -9.58 -30.53 -63.52
O1A CLA RK . -10.43 -30.42 -62.64
O2A CLA RK . -8.65 -29.56 -63.69
NB CLA RK . -5.15 -29.01 -66.90
C1B CLA RK . -5.97 -28.10 -66.31
C2B CLA RK . -5.17 -26.93 -65.82
C3B CLA RK . -3.86 -27.18 -66.13
C4B CLA RK . -3.82 -28.51 -66.80
CMB CLA RK . -5.78 -25.78 -65.15
CAB CLA RK . -2.68 -26.42 -65.87
CBB CLA RK . -2.40 -25.80 -64.73
NC CLA RK . -3.72 -31.15 -68.27
C1C CLA RK . -2.64 -30.37 -67.94
C2C CLA RK . -1.40 -31.02 -68.33
C3C CLA RK . -1.75 -32.28 -68.81
C4C CLA RK . -3.21 -32.35 -68.79
CMC CLA RK . -0.04 -30.48 -68.17
CAC CLA RK . -0.83 -33.30 -69.32
CBC CLA RK . -0.15 -34.02 -68.16
ND CLA RK . -6.15 -32.46 -68.63
C1D CLA RK . -5.35 -33.49 -69.21
C2D CLA RK . -6.24 -34.59 -69.68
C3D CLA RK . -7.53 -34.21 -69.32
C4D CLA RK . -7.40 -32.91 -68.63
CMD CLA RK . -5.80 -35.78 -70.38
CAD CLA RK . -8.93 -34.56 -69.33
OBD CLA RK . -9.49 -35.52 -69.84
CBD CLA RK . -9.69 -33.47 -68.50
CGD CLA RK . -10.79 -32.85 -69.31
O1D CLA RK . -12.00 -33.07 -69.22
O2D CLA RK . -10.35 -31.95 -70.22
CED CLA RK . -11.25 -30.91 -70.64
C1 CLA RK . -8.24 -28.79 -62.53
C2 CLA RK . -6.76 -28.83 -62.50
C3 CLA RK . -6.05 -28.04 -61.68
C4 CLA RK . -6.72 -27.08 -60.76
C5 CLA RK . -4.56 -28.09 -61.66
C6 CLA RK . -4.01 -28.52 -60.32
C7 CLA RK . -2.49 -28.64 -60.38
C8 CLA RK . -1.92 -29.41 -59.20
C9 CLA RK . -2.24 -28.70 -57.89
C10 CLA RK . -0.41 -29.57 -59.35
C11 CLA RK . 0.04 -30.98 -59.08
C12 CLA RK . 1.54 -31.11 -59.12
C13 CLA RK . 2.05 -31.21 -60.55
C14 CLA RK . 2.34 -32.66 -60.91
C15 CLA RK . 3.29 -30.36 -60.77
MG CLA SK . -0.09 -21.87 -63.02
CHA CLA SK . -2.93 -20.42 -61.62
CHB CLA SK . -1.00 -24.86 -61.59
CHC CLA SK . 3.07 -23.13 -63.62
CHD CLA SK . 1.16 -18.60 -63.65
NA CLA SK . -1.72 -22.53 -61.86
C1A CLA SK . -2.81 -21.76 -61.40
C2A CLA SK . -3.79 -22.63 -60.59
C3A CLA SK . -3.26 -24.06 -60.83
C4A CLA SK . -1.89 -23.83 -61.46
CMA CLA SK . -3.19 -24.80 -59.52
CAA CLA SK . -5.23 -22.52 -61.05
CBA CLA SK . -6.14 -22.18 -59.87
CGA CLA SK . -6.50 -23.41 -59.10
O1A CLA SK . -6.90 -24.50 -59.51
O2A CLA SK . -6.34 -23.25 -57.75
NB CLA SK . 0.84 -23.64 -62.68
C1B CLA SK . 0.28 -24.75 -62.14
C2B CLA SK . 1.25 -25.88 -62.20
C3B CLA SK . 2.40 -25.41 -62.77
C4B CLA SK . 2.15 -23.97 -63.09
CMB CLA SK . 0.96 -27.22 -61.68
CAB CLA SK . 3.65 -26.07 -63.03
CBB CLA SK . 4.85 -25.63 -62.68
NC CLA SK . 1.74 -21.03 -63.61
C1C CLA SK . 2.88 -21.74 -63.87
C2C CLA SK . 3.93 -20.86 -64.35
C3C CLA SK . 3.43 -19.57 -64.26
C4C CLA SK . 2.05 -19.68 -63.81
CMC CLA SK . 5.28 -21.26 -64.76
CAC CLA SK . 4.13 -18.34 -64.64
CBC CLA SK . 4.08 -18.17 -66.13
ND CLA SK . -0.70 -19.96 -62.80
C1D CLA SK . -0.12 -18.71 -63.17
C2D CLA SK . -1.11 -17.63 -62.95
C3D CLA SK . -2.21 -18.24 -62.40
C4D CLA SK . -1.90 -19.67 -62.28
CMD CLA SK . -0.88 -16.22 -63.27
CAD CLA SK . -3.55 -18.06 -61.87
OBD CLA SK . -4.25 -17.06 -61.88
CBD CLA SK . -4.00 -19.42 -61.27
CGD CLA SK . -4.24 -19.33 -59.80
O1D CLA SK . -3.40 -19.36 -58.88
O2D CLA SK . -5.56 -19.17 -59.47
CED CLA SK . -6.09 -17.85 -59.42
MG CLA TK . 13.45 -15.20 -78.36
CHA CLA TK . 16.67 -13.99 -78.00
CHB CLA TK . 12.56 -13.54 -75.50
CHC CLA TK . 10.14 -15.68 -79.13
CHD CLA TK . 14.31 -16.22 -81.66
NA CLA TK . 14.47 -13.99 -76.99
C1A CLA TK . 15.82 -13.61 -77.02
C2A CLA TK . 16.18 -12.72 -75.82
C3A CLA TK . 14.89 -12.71 -74.98
C4A CLA TK . 13.88 -13.46 -75.88
CMA CLA TK . 15.08 -13.40 -73.65
CAA CLA TK . 16.59 -11.34 -76.30
NB CLA TK . 11.70 -14.61 -77.54
C1B CLA TK . 11.57 -14.19 -76.25
C2B CLA TK . 10.23 -14.52 -75.72
C3B CLA TK . 9.53 -15.12 -76.74
C4B CLA TK . 10.46 -15.18 -77.91
CMB CLA TK . 9.80 -14.18 -74.37
CAB CLA TK . 8.19 -15.61 -76.79
CBB CLA TK . 7.15 -14.98 -76.25
NC CLA TK . 12.42 -15.85 -80.07
C1C CLA TK . 11.06 -16.00 -80.16
C2C CLA TK . 10.69 -16.51 -81.47
C3C CLA TK . 11.86 -16.62 -82.20
C4C CLA TK . 12.95 -16.22 -81.31
CMC CLA TK . 9.32 -16.80 -81.91
CAC CLA TK . 12.01 -17.11 -83.59
CBC CLA TK . 12.23 -16.00 -84.59
ND CLA TK . 15.08 -15.25 -79.55
C1D CLA TK . 15.33 -15.78 -80.84
C2D CLA TK . 16.79 -15.73 -81.11
C3D CLA TK . 17.35 -15.07 -80.04
C4D CLA TK . 16.25 -14.76 -79.13
CMD CLA TK . 17.46 -16.24 -82.29
CAD CLA TK . 18.58 -14.58 -79.43
OBD CLA TK . 19.74 -14.71 -79.81
CBD CLA TK . 18.16 -13.78 -78.16
CGD CLA TK . 18.92 -14.24 -76.94
O1D CLA TK . 19.07 -15.39 -76.52
O2D CLA TK . 19.49 -13.21 -76.25
CED CLA TK . 20.82 -13.37 -75.80
MG CLA UK . 10.99 -9.55 -73.12
CHA CLA UK . 11.45 -7.51 -75.90
CHB CLA UK . 7.76 -10.09 -74.12
CHC CLA UK . 10.79 -12.22 -70.96
CHD CLA UK . 14.52 -9.49 -72.64
NA CLA UK . 9.81 -8.88 -74.71
C1A CLA UK . 10.20 -8.04 -75.77
C2A CLA UK . 9.03 -7.76 -76.72
C3A CLA UK . 7.82 -8.40 -75.98
C4A CLA UK . 8.49 -9.20 -74.87
CMA CLA UK . 6.88 -7.34 -75.46
CAA CLA UK . 9.26 -8.34 -78.12
CBA CLA UK . 9.82 -9.75 -78.17
CGA CLA UK . 8.81 -10.76 -77.75
O1A CLA UK . 7.70 -11.00 -78.24
O2A CLA UK . 9.22 -11.51 -76.68
NB CLA UK . 9.58 -10.93 -72.69
C1B CLA UK . 8.28 -10.88 -73.08
C2B CLA UK . 7.45 -11.77 -72.24
C3B CLA UK . 8.29 -12.38 -71.34
C4B CLA UK . 9.65 -11.85 -71.62
CMB CLA UK . 6.01 -11.92 -72.42
CAB CLA UK . 8.01 -13.34 -70.30
CBB CLA UK . 6.96 -13.31 -69.50
NC CLA UK . 12.38 -10.62 -71.97
C1C CLA UK . 12.07 -11.63 -71.12
C2C CLA UK . 13.28 -12.10 -70.43
C3C CLA UK . 14.34 -11.37 -70.96
C4C CLA UK . 13.77 -10.43 -71.91
CMC CLA UK . 13.35 -13.17 -69.43
CAC CLA UK . 15.75 -11.48 -70.58
CBC CLA UK . 16.07 -10.68 -69.34
ND CLA UK . 12.61 -8.65 -73.93
C1D CLA UK . 14.00 -8.65 -73.60
C2D CLA UK . 14.71 -7.64 -74.42
C3D CLA UK . 13.77 -7.15 -75.31
C4D CLA UK . 12.51 -7.85 -74.99
CMD CLA UK . 16.12 -7.30 -74.30
CAD CLA UK . 13.50 -6.24 -76.41
OBD CLA UK . 14.21 -5.38 -76.90
CBD CLA UK . 12.04 -6.53 -76.88
CGD CLA UK . 11.22 -5.27 -76.97
O1D CLA UK . 10.68 -4.66 -76.04
O2D CLA UK . 11.07 -4.79 -78.24
CED CLA UK . 10.54 -3.47 -78.40
MG CHL VK . 13.51 -16.50 -62.79
CHA CHL VK . 14.89 -13.62 -61.48
CHB CHL VK . 16.51 -18.01 -62.58
CHC CHL VK . 11.94 -19.42 -63.66
CHD CHL VK . 10.42 -14.72 -63.10
NA CHL VK . 15.34 -15.95 -62.17
C1A CHL VK . 15.72 -14.84 -61.64
C2A CHL VK . 17.15 -14.81 -61.19
C3A CHL VK . 17.68 -16.07 -61.78
C4A CHL VK . 16.42 -16.74 -62.22
CMA CHL VK . 18.62 -15.83 -62.95
CAA CHL VK . 17.25 -14.77 -59.67
NB CHL VK . 14.12 -18.43 -63.08
C1B CHL VK . 15.39 -18.89 -62.96
C2B CHL VK . 15.59 -20.33 -63.23
C3B CHL VK . 14.22 -20.77 -63.54
C4B CHL VK . 13.40 -19.52 -63.42
CMB CHL VK . 16.86 -21.13 -63.16
CAB CHL VK . 13.93 -22.19 -63.87
CBB CHL VK . 12.74 -22.73 -64.09
NC CHL VK . 11.57 -16.97 -63.29
C1C CHL VK . 11.10 -18.20 -63.60
C2C CHL VK . 9.65 -18.24 -63.92
C3C CHL VK . 9.20 -16.86 -63.76
C4C CHL VK . 10.46 -16.17 -63.39
CMC CHL VK . 8.80 -19.39 -64.30
OMC CHL VK . 9.27 -20.51 -64.41
CAC CHL VK . 7.81 -16.28 -63.95
CBC CHL VK . 7.68 -15.69 -65.33
ND CHL VK . 12.75 -14.65 -62.42
C1D CHL VK . 11.56 -13.99 -62.56
C2D CHL VK . 11.56 -12.56 -62.10
C3D CHL VK . 12.96 -12.46 -61.65
C4D CHL VK . 13.51 -13.64 -61.88
CMD CHL VK . 10.61 -11.40 -61.98
CAD CHL VK . 13.96 -11.53 -61.07
OBD CHL VK . 13.75 -10.31 -60.74
CBD CHL VK . 15.25 -12.27 -60.94
CGD CHL VK . 16.33 -11.60 -61.73
MG CLA WK . -5.55 -10.70 -75.49
CHA CLA WK . -4.21 -13.89 -75.82
CHB CLA WK . -2.56 -9.38 -76.52
CHC CLA WK . -7.09 -7.67 -76.01
CHD CLA WK . -8.75 -12.19 -75.07
NA CLA WK . -3.70 -11.51 -76.05
C1A CLA WK . -3.35 -12.87 -76.12
C2A CLA WK . -1.90 -13.04 -76.56
C3A CLA WK . -1.35 -11.59 -76.56
C4A CLA WK . -2.61 -10.75 -76.38
CMA CLA WK . -0.34 -11.36 -75.46
CAA CLA WK . -1.78 -13.71 -77.92
CBA CLA WK . -2.38 -12.93 -79.07
CGA CLA WK . -3.64 -13.60 -79.53
O1A CLA WK . -4.80 -13.24 -79.34
O2A CLA WK . -3.44 -14.76 -80.24
NB CLA WK . -4.96 -8.91 -76.20
C1B CLA WK . -3.67 -8.52 -76.38
C2B CLA WK . -3.56 -7.04 -76.41
C3B CLA WK . -4.84 -6.55 -76.27
C4B CLA WK . -5.73 -7.73 -76.14
CMB CLA WK . -2.30 -6.33 -76.59
CAB CLA WK . -5.32 -5.20 -76.25
CBB CLA WK . -4.95 -4.25 -77.10
NC CLA WK . -7.55 -10.05 -75.50
C1C CLA WK . -7.95 -8.75 -75.71
C2C CLA WK . -9.40 -8.65 -75.61
C3C CLA WK . -9.87 -9.94 -75.38
C4C CLA WK . -8.70 -10.81 -75.30
CMC CLA WK . -10.18 -7.43 -75.78
CAC CLA WK . -11.27 -10.36 -75.21
CBC CLA WK . -11.87 -10.86 -76.50
ND CLA WK . -6.35 -12.56 -75.38
C1D CLA WK . -7.66 -13.03 -75.11
C2D CLA WK . -7.62 -14.50 -74.91
C3D CLA WK . -6.32 -14.88 -75.15
C4D CLA WK . -5.58 -13.64 -75.48
CMD CLA WK . -8.78 -15.33 -74.55
CAD CLA WK . -5.36 -15.98 -75.21
OBD CLA WK . -5.53 -17.16 -74.94
CBD CLA WK . -4.01 -15.39 -75.70
CGD CLA WK . -2.90 -15.75 -74.77
O1D CLA WK . -2.97 -15.93 -73.55
O2D CLA WK . -1.69 -15.93 -75.36
CED CLA WK . -0.53 -15.73 -74.54
C1 CLA WK . -2.71 -14.72 -81.49
C2 CLA WK . -3.21 -13.60 -82.32
C3 CLA WK . -2.56 -13.17 -83.42
C4 CLA WK . -1.28 -13.79 -83.84
C5 CLA WK . -3.08 -12.05 -84.24
MG CLA XK . -2.23 -13.27 -65.96
CHA CLA XK . -4.46 -15.91 -65.29
CHB CLA XK . -4.17 -11.30 -63.91
CHC CLA XK . 0.43 -11.13 -65.44
CHD CLA XK . 0.11 -15.78 -66.93
NA CLA XK . -4.03 -13.53 -64.92
C1A CLA XK . -4.80 -14.71 -64.76
C2A CLA XK . -6.06 -14.44 -63.93
C3A CLA XK . -6.11 -12.90 -63.90
C4A CLA XK . -4.67 -12.53 -64.26
CMA CLA XK . -7.01 -12.37 -64.98
CAA CLA XK . -5.94 -15.04 -62.54
NB CLA XK . -1.90 -11.63 -64.80
C1B CLA XK . -2.88 -10.88 -64.22
C2B CLA XK . -2.44 -9.45 -64.03
C3B CLA XK . -1.14 -9.39 -64.47
C4B CLA XK . -0.78 -10.75 -64.96
CMB CLA XK . -3.27 -8.40 -63.46
CAB CLA XK . -0.26 -8.27 -64.50
CBB CLA XK . 1.01 -8.26 -64.09
NC CLA XK . -0.15 -13.38 -66.29
C1C CLA XK . 0.73 -12.36 -66.09
C2C CLA XK . 2.07 -12.76 -66.49
C3C CLA XK . 1.99 -14.11 -66.80
C4C CLA XK . 0.59 -14.49 -66.68
CMC CLA XK . 3.27 -11.92 -66.46
CAC CLA XK . 3.09 -14.97 -67.27
CBC CLA XK . 3.39 -14.80 -68.74
ND CLA XK . -2.23 -15.26 -66.39
C1D CLA XK . -1.20 -16.17 -66.77
C2D CLA XK . -1.76 -17.52 -66.98
C3D CLA XK . -3.06 -17.46 -66.49
C4D CLA XK . -3.24 -16.07 -66.02
CMD CLA XK . -1.03 -18.66 -67.53
CAD CLA XK . -4.32 -18.15 -66.26
OBD CLA XK . -4.73 -19.20 -66.73
CBD CLA XK . -5.13 -17.27 -65.27
CGD CLA XK . -6.59 -17.21 -65.64
O1D CLA XK . -7.49 -17.99 -65.31
O2D CLA XK . -6.92 -16.14 -66.43
CED CLA XK . -8.30 -15.75 -66.45
MG CLA YK . -5.28 -21.30 -81.01
CHA CLA YK . -8.11 -19.69 -82.21
CHB CLA YK . -5.91 -23.86 -83.22
CHC CLA YK . -1.98 -22.30 -80.81
CHD CLA YK . -4.38 -18.25 -79.42
NA CLA YK . -6.80 -21.72 -82.38
C1A CLA YK . -7.88 -20.91 -82.77
C2A CLA YK . -8.74 -21.61 -83.80
C3A CLA YK . -8.26 -23.07 -83.71
C4A CLA YK . -6.88 -22.88 -83.09
CMA CLA YK . -9.16 -23.87 -82.81
CAA CLA YK . -8.56 -21.06 -85.23
CBA CLA YK . -7.33 -20.19 -85.47
CGA CLA YK . -6.04 -20.94 -85.31
O1A CLA YK . -5.22 -20.85 -84.40
O2A CLA YK . -5.78 -21.83 -86.33
NB CLA YK . -4.17 -22.73 -81.90
C1B CLA YK . -4.64 -23.76 -82.65
C2B CLA YK . -3.61 -24.83 -82.81
C3B CLA YK . -2.50 -24.40 -82.13
C4B CLA YK . -2.83 -23.06 -81.55
CMB CLA YK . -3.85 -26.06 -83.56
CAB CLA YK . -1.22 -25.04 -81.97
CBB CLA YK . -0.62 -25.74 -82.92
NC CLA YK . -3.54 -20.48 -80.16
C1C CLA YK . -2.32 -21.09 -80.14
C2C CLA YK . -1.34 -20.28 -79.42
C3C CLA YK . -1.99 -19.08 -79.11
C4C CLA YK . -3.37 -19.23 -79.57
CMC CLA YK . 0.06 -20.61 -79.19
CAC CLA YK . -1.42 -17.95 -78.39
CBC CLA YK . -0.78 -16.94 -79.32
ND CLA YK . -6.10 -19.49 -80.65
C1D CLA YK . -5.65 -18.34 -79.93
C2D CLA YK . -6.74 -17.34 -79.87
C3D CLA YK . -7.72 -17.83 -80.72
C4D CLA YK . -7.24 -19.12 -81.23
CMD CLA YK . -6.70 -16.11 -79.11
CAD CLA YK . -9.04 -17.61 -81.28
OBD CLA YK . -9.90 -16.77 -81.00
CBD CLA YK . -9.25 -18.69 -82.38
CGD CLA YK . -10.60 -19.35 -82.29
O1D CLA YK . -10.90 -20.38 -81.68
O2D CLA YK . -11.58 -18.68 -82.95
CED CLA YK . -12.86 -18.57 -82.32
C1 CLA YK . -4.52 -22.53 -86.27
C2 CLA YK . -4.29 -23.15 -87.60
C3 CLA YK . -3.12 -23.68 -87.99
C4 CLA YK . -2.99 -24.28 -89.33
C5 CLA YK . -1.89 -23.71 -87.12
C6 CLA YK . -0.72 -22.99 -87.76
C7 CLA YK . 0.29 -22.55 -86.73
C8 CLA YK . 1.41 -21.70 -87.31
C9 CLA YK . 2.16 -22.43 -88.40
C10 CLA YK . 2.39 -21.27 -86.22
MG CLA ZK . -1.58 -39.01 -81.51
CHA CLA ZK . -3.21 -36.46 -83.24
CHB CLA ZK . -3.00 -41.27 -83.66
CHC CLA ZK . 0.68 -41.38 -80.48
CHD CLA ZK . 0.43 -36.50 -79.99
NA CLA ZK . -2.93 -38.88 -83.11
C1A CLA ZK . -3.49 -37.72 -83.67
C2A CLA ZK . -4.43 -38.06 -84.83
C3A CLA ZK . -4.52 -39.59 -84.77
C4A CLA ZK . -3.41 -39.96 -83.78
CMA CLA ZK . -5.87 -40.04 -84.27
CAA CLA ZK . -3.81 -37.57 -86.13
CBA CLA ZK . -4.76 -37.71 -87.30
CGA CLA ZK . -4.15 -37.09 -88.52
O1A CLA ZK . -3.02 -37.28 -88.98
O2A CLA ZK . -4.98 -36.21 -89.13
NB CLA ZK . -1.16 -40.91 -82.06
C1B CLA ZK . -1.99 -41.70 -82.80
C2B CLA ZK . -1.67 -43.14 -82.59
C3B CLA ZK . -0.64 -43.18 -81.69
C4B CLA ZK . -0.30 -41.78 -81.33
CMB CLA ZK . -2.39 -44.22 -83.26
CAB CLA ZK . 0.03 -44.33 -81.15
CBB CLA ZK . 1.36 -44.47 -81.04
NC CLA ZK . 0.17 -38.96 -80.36
C1C CLA ZK . 0.89 -40.06 -79.99
C2C CLA ZK . 2.00 -39.68 -79.12
C3C CLA ZK . 2.00 -38.29 -79.07
C4C CLA ZK . 0.83 -37.84 -79.83
CMC CLA ZK . 2.96 -40.60 -78.52
CAC CLA ZK . 2.93 -37.45 -78.30
CBC CLA ZK . 4.30 -37.38 -78.92
ND CLA ZK . -1.54 -37.00 -81.38
C1D CLA ZK . -0.66 -36.09 -80.72
C2D CLA ZK . -1.13 -34.72 -80.94
C3D CLA ZK . -2.16 -34.80 -81.86
C4D CLA ZK . -2.30 -36.23 -82.16
CMD CLA ZK . -0.56 -33.53 -80.30
CAD CLA ZK . -3.17 -34.10 -82.63
OBD CLA ZK . -3.57 -32.94 -82.52
CBD CLA ZK . -3.70 -35.10 -83.70
CGD CLA ZK . -5.19 -35.07 -83.92
O1D CLA ZK . -5.79 -35.44 -84.93
O2D CLA ZK . -5.95 -34.56 -82.91
CED CLA ZK . -7.31 -34.31 -83.24
C1 CLA ZK . -5.51 -36.63 -90.42
MG CLA AL . 2.16 -30.25 -83.35
CHA CLA AL . -0.31 -30.62 -85.78
CHB CLA AL . 2.64 -27.01 -84.51
CHC CLA AL . 5.37 -30.15 -82.02
CHD CLA AL . 2.38 -33.81 -83.25
NA CLA AL . 1.23 -29.01 -84.79
C1A CLA AL . 0.22 -29.36 -85.69
C2A CLA AL . -0.17 -28.18 -86.58
C3A CLA AL . 0.56 -27.00 -85.91
C4A CLA AL . 1.55 -27.70 -85.00
CMA CLA AL . 1.26 -26.15 -86.95
CAA CLA AL . -1.67 -27.90 -86.58
CBA CLA AL . -2.20 -27.79 -88.00
CGA CLA AL . -3.63 -28.24 -88.11
O1A CLA AL . -4.11 -29.36 -87.93
O2A CLA AL . -4.48 -27.22 -88.48
NB CLA AL . 3.68 -28.88 -83.30
C1B CLA AL . 3.62 -27.58 -83.69
C2B CLA AL . 4.77 -26.80 -83.18
C3B CLA AL . 5.56 -27.67 -82.47
C4B CLA AL . 4.88 -29.01 -82.54
CMB CLA AL . 4.98 -25.39 -83.46
CAB CLA AL . 6.82 -27.45 -81.80
CBB CLA AL . 7.87 -26.81 -82.31
NC CLA AL . 3.51 -31.68 -82.62
C1C CLA AL . 4.71 -31.40 -82.02
C2C CLA AL . 5.34 -32.61 -81.52
C3C CLA AL . 4.58 -33.68 -82.01
C4C CLA AL . 3.43 -33.08 -82.68
CMC CLA AL . 6.59 -32.67 -80.78
CAC CLA AL . 4.83 -35.11 -81.76
CBC CLA AL . 5.84 -35.71 -82.71
ND CLA AL . 1.14 -31.85 -84.06
C1D CLA AL . 1.31 -33.25 -83.91
C2D CLA AL . 0.19 -33.94 -84.57
C3D CLA AL . -0.51 -32.98 -85.26
C4D CLA AL . 0.20 -31.71 -84.99
CMD CLA AL . -0.07 -35.38 -84.50
CAD CLA AL . -1.63 -32.68 -86.13
OBD CLA AL . -2.58 -33.38 -86.46
CBD CLA AL . -1.41 -31.22 -86.64
CGD CLA AL . -1.07 -31.17 -88.10
O1D CLA AL . 0.02 -31.43 -88.64
O2D CLA AL . -2.11 -30.81 -88.89
CED CLA AL . -2.49 -31.70 -89.95
C1 CLA AL . -5.41 -27.51 -89.54
MG CLA BL . 13.53 -34.28 -69.85
CHA CLA BL . 16.64 -35.77 -69.36
CHB CLA BL . 13.62 -35.32 -73.13
CHC CLA BL . 10.09 -33.89 -70.12
CHD CLA BL . 13.19 -34.06 -66.32
NA CLA BL . 14.93 -35.31 -71.04
C1A CLA BL . 16.15 -35.86 -70.64
C2A CLA BL . 16.89 -36.51 -71.82
C3A CLA BL . 16.06 -36.03 -73.03
C4A CLA BL . 14.76 -35.54 -72.38
CMA CLA BL . 16.76 -34.99 -73.83
CAA CLA BL . 17.00 -38.03 -71.76
CBA CLA BL . 16.29 -38.74 -70.61
CGA CLA BL . 14.81 -38.57 -70.70
O1A CLA BL . 14.09 -38.83 -71.65
O2A CLA BL . 14.24 -38.06 -69.57
NB CLA BL . 12.17 -34.49 -71.33
C1B CLA BL . 12.39 -34.88 -72.61
C2B CLA BL . 11.14 -34.81 -73.41
C3B CLA BL . 10.15 -34.41 -72.56
C4B CLA BL . 10.78 -34.21 -71.24
CMB CLA BL . 11.06 -35.18 -74.82
CAB CLA BL . 8.74 -34.23 -72.78
CBB CLA BL . 7.93 -35.13 -73.35
NC CLA BL . 11.95 -33.98 -68.49
C1C CLA BL . 10.63 -33.79 -68.82
C2C CLA BL . 9.83 -33.52 -67.62
C3C CLA BL . 10.70 -33.65 -66.54
C4C CLA BL . 12.02 -33.91 -67.10
CMC CLA BL . 8.39 -33.26 -67.59
CAC CLA BL . 10.36 -33.47 -65.12
CBC CLA BL . 10.04 -34.78 -64.44
ND CLA BL . 14.58 -34.81 -68.19
C1D CLA BL . 14.39 -34.49 -66.82
C2D CLA BL . 15.67 -34.69 -66.08
C3D CLA BL . 16.56 -35.21 -67.01
C4D CLA BL . 15.82 -35.28 -68.29
CMD CLA BL . 15.85 -34.41 -64.67
CAD CLA BL . 17.91 -35.68 -67.26
OBD CLA BL . 18.86 -35.78 -66.49
CBD CLA BL . 17.99 -36.07 -68.78
CGD CLA BL . 19.09 -35.34 -69.51
O1D CLA BL . 19.75 -35.76 -70.46
O2D CLA BL . 19.35 -34.09 -69.05
CED CLA BL . 20.65 -33.56 -69.32
C1 CLA BL . 13.19 -38.84 -68.97
C2 CLA BL . 12.39 -37.94 -68.10
C3 CLA BL . 11.18 -38.29 -67.62
C4 CLA BL . 10.55 -39.59 -67.93
C5 CLA BL . 10.42 -37.35 -66.76
MG CLA CL . 15.85 -41.92 -76.22
CHA CLA CL . 14.46 -43.18 -73.31
CHB CLA CL . 17.63 -44.85 -76.57
CHC CLA CL . 16.59 -41.09 -79.48
CHD CLA CL . 13.46 -39.30 -76.13
NA CLA CL . 16.03 -43.67 -75.09
C1A CLA CL . 15.37 -44.00 -73.90
C2A CLA CL . 15.80 -45.37 -73.39
C3A CLA CL . 17.02 -45.71 -74.27
C4A CLA CL . 16.90 -44.69 -75.41
CMA CLA CL . 18.32 -45.57 -73.52
CAA CLA CL . 14.68 -46.40 -73.48
CBA CLA CL . 14.04 -46.55 -74.85
CGA CLA CL . 14.87 -47.43 -75.74
NB CLA CL . 16.92 -42.78 -77.70
C1B CLA CL . 17.59 -43.97 -77.65
C2B CLA CL . 18.28 -44.23 -78.94
C3B CLA CL . 17.98 -43.17 -79.77
C4B CLA CL . 17.11 -42.24 -78.99
CMB CLA CL . 19.06 -45.45 -79.20
CAB CLA CL . 18.36 -42.93 -81.13
CBB CLA CL . 18.37 -43.86 -82.10
NC CLA CL . 15.20 -40.42 -77.53
C1C CLA CL . 15.69 -40.22 -78.79
C2C CLA CL . 15.08 -39.04 -79.39
C3C CLA CL . 14.13 -38.59 -78.48
C4C CLA CL . 14.23 -39.45 -77.30
CMC CLA CL . 15.37 -38.50 -80.73
CAC CLA CL . 13.26 -37.40 -78.61
CBC CLA CL . 11.80 -37.76 -78.83
ND CLA CL . 14.34 -41.31 -75.03
C1D CLA CL . 13.49 -40.17 -75.06
C2D CLA CL . 12.71 -40.10 -73.80
C3D CLA CL . 13.07 -41.23 -73.07
C4D CLA CL . 14.05 -41.95 -73.90
CMD CLA CL . 11.77 -39.04 -73.45
CAD CLA CL . 12.89 -41.98 -71.85
OBD CLA CL . 12.20 -41.72 -70.86
CBD CLA CL . 13.74 -43.29 -71.98
CGD CLA CL . 14.69 -43.44 -70.84
O1D CLA CL . 15.90 -43.64 -70.88
O2D CLA CL . 14.10 -43.33 -69.61
CED CLA CL . 14.70 -42.44 -68.67
MG CLA DL . 17.71 -41.55 -55.95
CHA CLA DL . 19.19 -38.54 -55.01
CHB CLA DL . 15.03 -39.78 -57.15
CHC CLA DL . 15.83 -44.44 -55.99
CHD CLA DL . 20.10 -43.21 -53.89
NA CLA DL . 17.25 -39.51 -56.12
C1A CLA DL . 18.00 -38.41 -55.67
C2A CLA DL . 17.31 -37.09 -56.01
C3A CLA DL . 16.14 -37.53 -56.91
C4A CLA DL . 16.12 -39.04 -56.73
CMA CLA DL . 14.84 -36.88 -56.47
CAA CLA DL . 18.24 -36.17 -56.77
CBA CLA DL . 18.52 -34.87 -56.03
CGA CLA DL . 19.80 -34.26 -56.54
O1A CLA DL . 20.90 -34.80 -56.65
O2A CLA DL . 19.66 -32.96 -56.90
NB CLA DL . 15.78 -41.99 -56.38
C1B CLA DL . 14.91 -41.17 -57.03
C2B CLA DL . 13.80 -41.95 -57.63
C3B CLA DL . 14.02 -43.26 -57.30
C4B CLA DL . 15.29 -43.31 -56.52
CMB CLA DL . 12.70 -41.35 -58.39
CAB CLA DL . 13.26 -44.45 -57.61
CBB CLA DL . 12.69 -44.69 -58.79
NC CLA DL . 17.97 -43.49 -55.18
C1C CLA DL . 17.11 -44.53 -55.37
C2C CLA DL . 17.62 -45.75 -54.76
C3C CLA DL . 18.79 -45.38 -54.08
C4C CLA DL . 19.00 -43.97 -54.36
CMC CLA DL . 16.98 -47.06 -54.80
CAC CLA DL . 19.69 -46.24 -53.30
CBC CLA DL . 20.96 -46.61 -54.03
ND CLA DL . 19.41 -41.10 -54.94
C1D CLA DL . 20.30 -41.87 -54.15
C2D CLA DL . 21.41 -41.02 -53.67
C3D CLA DL . 21.06 -39.73 -54.03
C4D CLA DL . 19.77 -39.83 -54.73
CMD CLA DL . 22.59 -41.49 -52.95
CAD CLA DL . 21.44 -38.33 -54.03
OBD CLA DL . 22.51 -37.79 -53.77
CBD CLA DL . 20.16 -37.54 -54.45
CGD CLA DL . 19.55 -36.84 -53.27
O1D CLA DL . 18.40 -36.99 -52.82
O2D CLA DL . 20.37 -35.95 -52.65
CED CLA DL . 19.74 -34.89 -51.92
C1 CLA DL . 20.89 -32.27 -57.26
C1 LUT EL . 13.69 -32.07 -76.71
C2 LUT EL . 14.89 -32.04 -75.75
C3 LUT EL . 14.54 -32.10 -74.28
C4 LUT EL . 13.49 -31.06 -73.95
C5 LUT EL . 12.27 -31.34 -74.77
C6 LUT EL . 12.36 -31.68 -76.07
C7 LUT EL . 11.17 -31.71 -76.92
C8 LUT EL . 10.43 -30.66 -77.38
C9 LUT EL . 9.04 -30.67 -77.53
C10 LUT EL . 8.32 -29.60 -78.13
C11 LUT EL . 6.95 -29.39 -78.14
C12 LUT EL . 6.27 -28.18 -78.06
C13 LUT EL . 5.01 -27.84 -78.58
C14 LUT EL . 4.61 -26.53 -78.90
C15 LUT EL . 3.63 -26.11 -79.78
C16 LUT EL . 13.57 -33.49 -77.25
C17 LUT EL . 13.99 -31.15 -77.89
C18 LUT EL . 10.98 -31.23 -74.00
C19 LUT EL . 8.25 -31.83 -77.06
C20 LUT EL . 4.04 -28.94 -78.78
O3 LUT EL . 15.70 -31.87 -73.48
C21 LUT EL . -3.08 -18.02 -86.56
C22 LUT EL . -4.24 -18.00 -87.56
C23 LUT EL . -5.29 -16.95 -87.21
C24 LUT EL . -5.65 -16.98 -85.75
C25 LUT EL . -4.81 -17.35 -84.80
C26 LUT EL . -3.59 -18.20 -85.11
C27 LUT EL . -2.51 -18.05 -84.08
C28 LUT EL . -2.00 -19.00 -83.27
C29 LUT EL . -0.65 -19.34 -83.17
C30 LUT EL . -0.16 -20.65 -83.32
C31 LUT EL . 1.01 -21.19 -82.81
C32 LUT EL . 1.31 -22.50 -82.46
C33 LUT EL . 2.33 -22.97 -81.61
C34 LUT EL . 2.40 -24.28 -81.08
C35 LUT EL . 3.44 -24.87 -80.38
C36 LUT EL . -2.26 -16.73 -86.68
C37 LUT EL . -2.15 -19.20 -86.93
C38 LUT EL . -5.00 -16.96 -83.36
C39 LUT EL . 0.35 -18.28 -82.90
C40 LUT EL . 3.40 -22.02 -81.22
O23 LUT EL . -6.48 -17.13 -88.01
C1 XAT FL . -3.80 -33.64 -61.51
C2 XAT FL . -5.06 -34.46 -61.41
C3 XAT FL . -6.30 -33.64 -61.67
C4 XAT FL . -6.26 -33.27 -63.14
C5 XAT FL . -5.09 -32.34 -63.44
C6 XAT FL . -3.82 -32.51 -62.58
C7 XAT FL . -2.56 -32.33 -63.40
C8 XAT FL . -1.98 -31.14 -63.43
C9 XAT FL . -0.78 -30.90 -64.25
C10 XAT FL . -0.35 -29.64 -64.33
C11 XAT FL . 0.77 -29.25 -65.17
C12 XAT FL . 1.01 -27.95 -65.30
C13 XAT FL . 2.03 -27.46 -66.23
C14 XAT FL . 1.96 -26.18 -66.56
C15 XAT FL . 2.86 -25.57 -67.52
C16 XAT FL . -2.65 -34.61 -61.78
C17 XAT FL . -3.57 -33.01 -60.15
C18 XAT FL . -4.76 -32.11 -64.93
C19 XAT FL . -0.09 -32.01 -65.00
C20 XAT FL . 3.02 -28.39 -66.87
O3 XAT FL . -7.47 -34.41 -61.37
O4 XAT FL . -4.69 -31.39 -62.44
C21 XAT FL . 11.10 -18.17 -71.61
C22 XAT FL . 12.53 -17.86 -72.06
C23 XAT FL . 13.12 -16.58 -71.53
C24 XAT FL . 13.07 -16.72 -70.03
C25 XAT FL . 11.63 -16.59 -69.56
C26 XAT FL . 10.58 -17.35 -70.39
C27 XAT FL . 9.34 -17.79 -69.58
C28 XAT FL . 8.45 -18.67 -70.03
C29 XAT FL . 7.24 -19.05 -69.26
C30 XAT FL . 6.44 -19.94 -69.89
C31 XAT FL . 5.27 -20.52 -69.26
C32 XAT FL . 4.78 -21.68 -69.67
C33 XAT FL . 3.74 -22.31 -68.84
C34 XAT FL . 3.66 -23.65 -68.71
C35 XAT FL . 2.73 -24.28 -67.78
C36 XAT FL . 11.04 -19.69 -71.41
C37 XAT FL . 10.18 -17.74 -72.76
C38 XAT FL . 11.40 -16.66 -68.05
C39 XAT FL . 6.90 -18.47 -67.88
C40 XAT FL . 2.86 -21.36 -68.08
O23 XAT FL . 14.48 -16.47 -71.99
O24 XAT FL . 10.72 -15.92 -70.45
O1 LHG GL . -4.98 -44.21 -80.56
C1 LHG GL . -5.14 -44.14 -79.14
C2 LHG GL . -6.12 -43.03 -78.81
O2 LHG GL . -7.37 -43.29 -79.44
C3 LHG GL . -5.58 -41.70 -79.34
O3 LHG GL . -4.44 -41.30 -78.60
P LHG GL . -3.66 -39.95 -78.99
O4 LHG GL . -2.67 -40.27 -80.08
O5 LHG GL . -4.68 -38.86 -79.20
O6 LHG GL . -2.85 -39.64 -77.64
C4 LHG GL . -1.85 -38.64 -77.60
C5 LHG GL . -1.48 -38.36 -76.15
C6 LHG GL . -0.72 -39.55 -75.58
O7 LHG GL . -0.69 -37.19 -76.06
C7 LHG GL . -1.50 -35.98 -76.02
O9 LHG GL . -2.67 -36.01 -76.34
C8 LHG GL . -0.87 -34.70 -75.55
C9 LHG GL . -0.67 -34.74 -74.05
C10 LHG GL . 0.38 -35.78 -73.64
O8 LHG GL . -0.70 -39.49 -74.16
C23 LHG GL . 0.29 -40.22 -73.39
O10 LHG GL . 1.33 -40.57 -73.92
C24 LHG GL . 0.05 -40.55 -71.93
C11 LHG GL . 0.63 -35.69 -72.15
C12 LHG GL . 1.58 -36.77 -71.64
C13 LHG GL . 1.69 -36.66 -70.13
C14 LHG GL . 2.63 -37.70 -69.52
C15 LHG GL . 3.03 -37.29 -68.11
C16 LHG GL . 1.86 -37.35 -67.13
C17 LHG GL . 2.22 -36.69 -65.80
C18 LHG GL . 1.01 -36.68 -64.86
C25 LHG GL . 1.31 -41.10 -71.29
C26 LHG GL . 1.07 -41.46 -69.83
C27 LHG GL . 2.39 -41.60 -69.07
C28 LHG GL . 2.15 -41.76 -67.57
C29 LHG GL . 3.28 -41.13 -66.76
C30 LHG GL . 4.63 -41.73 -67.13
MG CHL HL . 0.11 -99.95 -1.90
CHA CHL HL . -0.31 -101.04 1.36
CHB CHL HL . 1.14 -96.97 -0.76
CHC CHL HL . 0.87 -99.12 -5.14
CHD CHL HL . -1.36 -103.02 -3.00
NA CHL HL . 0.43 -99.16 -0.08
C1A CHL HL . 0.30 -99.72 1.09
C2A CHL HL . 0.79 -98.87 2.22
C3A CHL HL . 0.93 -97.52 1.57
C4A CHL HL . 0.82 -97.89 0.13
CMA CHL HL . -0.16 -96.56 1.97
CAA CHL HL . 2.05 -99.42 2.89
CBA CHL HL . 3.34 -99.33 2.09
CGA CHL HL . 4.45 -98.96 3.05
O1A CHL HL . 4.57 -99.58 4.10
O2A CHL HL . 5.38 -97.89 2.76
NB CHL HL . 0.89 -98.30 -2.82
C1B CHL HL . 1.25 -97.14 -2.21
C2B CHL HL . 1.78 -96.08 -3.09
C3B CHL HL . 1.73 -96.72 -4.40
C4B CHL HL . 1.16 -98.09 -4.13
CMB CHL HL . 2.27 -94.71 -2.71
CAB CHL HL . 2.18 -95.99 -5.64
CBB CHL HL . 2.17 -96.45 -6.88
NC CHL HL . -0.19 -100.89 -3.70
C1C CHL HL . 0.20 -100.42 -4.91
C2C CHL HL . -0.15 -101.31 -6.05
C3C CHL HL . -0.82 -102.47 -5.44
C4C CHL HL . -0.78 -102.09 -4.00
CMC CHL HL . 0.10 -101.15 -7.50
OMC CHL HL . 0.66 -100.15 -7.92
CAC CHL HL . -1.39 -103.69 -6.09
CBC CHL HL . -2.84 -103.45 -6.43
ND CHL HL . -0.67 -101.66 -1.11
C1D CHL HL . -1.24 -102.81 -1.56
C2D CHL HL . -1.67 -103.77 -0.47
C3D CHL HL . -1.27 -103.00 0.69
C4D CHL HL . -0.74 -101.86 0.25
CMD CHL HL . -2.30 -105.13 -0.33
CAD CHL HL . -1.23 -103.03 2.17
OBD CHL HL . -1.67 -103.97 2.92
CBD CHL HL . -0.63 -101.74 2.64
CGD CHL HL . -1.66 -101.04 3.46
O1D CHL HL . -1.40 -100.04 4.11
O2D CHL HL . -3.01 -101.57 3.50
CED CHL HL . -4.01 -100.87 4.22
C1 CHL HL . 6.68 -97.92 3.35
C2 CHL HL . 7.73 -98.13 2.27
C3 CHL HL . 8.46 -97.13 1.75
C4 CHL HL . 8.32 -95.71 2.20
C5 CHL HL . 9.46 -97.46 0.67
C6 CHL HL . 10.68 -98.11 1.30
C7 CHL HL . 11.53 -98.83 0.27
C8 CHL HL . 11.32 -100.34 0.21
C9 CHL HL . 11.53 -101.01 1.57
C10 CHL HL . 12.28 -100.90 -0.84
C11 CHL HL . 12.12 -102.39 -1.11
C12 CHL HL . 13.41 -103.12 -0.74
C13 CHL HL . 13.53 -104.57 -1.22
C14 CHL HL . 12.75 -104.86 -2.49
C15 CHL HL . 13.14 -105.56 -0.11
C16 CHL HL . 13.95 -106.86 -0.20
C17 CHL HL . 14.58 -107.24 1.14
C18 CHL HL . 14.47 -108.73 1.46
C19 CHL HL . 13.03 -109.14 1.77
C20 CHL HL . 15.05 -109.58 0.33
MG CHL IL . 0.54 -93.11 -13.55
CHA CHL IL . -2.66 -94.10 -12.74
CHB CHL IL . -0.72 -90.93 -15.79
CHC CHL IL . 3.77 -92.14 -14.26
CHD CHL IL . 1.76 -95.54 -11.21
NA CHL IL . -1.29 -92.61 -14.15
C1A CHL IL . -2.44 -93.01 -13.72
C2A CHL IL . -3.61 -92.22 -14.20
C3A CHL IL . -3.00 -91.50 -15.39
C4A CHL IL . -1.56 -91.69 -15.10
CMA CHL IL . -3.39 -92.14 -16.71
CAA CHL IL . -4.09 -91.35 -13.04
CBA CHL IL . -4.84 -90.07 -13.42
CGA CHL IL . -4.00 -88.89 -12.96
O1A CHL IL . -4.13 -88.47 -11.83
O2A CHL IL . -3.05 -88.26 -13.87
NB CHL IL . 1.41 -91.75 -14.83
C1B CHL IL . 0.75 -90.93 -15.68
C2B CHL IL . 1.58 -90.03 -16.51
C3B CHL IL . 2.93 -90.36 -16.04
C4B CHL IL . 2.72 -91.44 -15.02
CMB CHL IL . 1.18 -89.00 -17.53
CAB CHL IL . 4.10 -89.67 -16.67
CBB CHL IL . 5.37 -89.94 -16.46
NC CHL IL . 2.39 -93.73 -12.86
C1C CHL IL . 3.58 -93.22 -13.26
C2C CHL IL . 4.74 -93.86 -12.60
C3C CHL IL . 4.19 -94.86 -11.70
C4C CHL IL . 2.73 -94.70 -11.95
CMC CHL IL . 6.17 -93.54 -12.79
OMC CHL IL . 7.01 -94.18 -12.18
CAC CHL IL . 4.93 -95.80 -10.77
CBC CHL IL . 5.17 -95.10 -9.45
ND CHL IL . -0.18 -94.51 -12.26
C1D CHL IL . 0.31 -95.43 -11.38
C2D CHL IL . -0.74 -96.26 -10.66
C3D CHL IL . -1.94 -95.66 -11.26
C4D CHL IL . -1.52 -94.73 -12.11
CMD CHL IL . -0.82 -97.35 -9.63
CAD CHL IL . -3.42 -95.73 -11.25
OBD CHL IL . -4.14 -96.51 -10.54
CBD CHL IL . -3.93 -94.71 -12.22
CGD CHL IL . -4.71 -95.33 -13.34
O1D CHL IL . -5.73 -94.81 -13.74
O2D CHL IL . -4.21 -96.52 -13.99
CED CHL IL . -4.54 -96.76 -15.36
C1 CHL IL . -2.20 -87.21 -13.39
C2 CHL IL . -0.74 -87.54 -13.53
C3 CHL IL . 0.15 -86.72 -14.13
C4 CHL IL . -0.24 -85.40 -14.71
C5 CHL IL . 1.60 -87.15 -14.21
C6 CHL IL . 2.33 -86.74 -12.94
C7 CHL IL . 2.55 -85.23 -12.85
C8 CHL IL . 3.87 -84.88 -12.19
C9 CHL IL . 4.03 -85.50 -10.81
C10 CHL IL . 3.97 -83.35 -12.09
MG CLA JL . 7.87 -86.13 -18.80
CHA CLA JL . 5.34 -84.37 -20.36
CHB CLA JL . 6.15 -85.93 -15.85
CHC CLA JL . 10.63 -87.37 -17.12
CHD CLA JL . 9.85 -85.75 -21.70
NA CLA JL . 6.03 -85.32 -18.22
C1A CLA JL . 5.10 -84.64 -19.04
C2A CLA JL . 3.86 -84.24 -18.25
C3A CLA JL . 4.12 -84.84 -16.85
C4A CLA JL . 5.53 -85.42 -16.96
CMA CLA JL . 4.04 -83.76 -15.80
CAA CLA JL . 2.65 -84.94 -18.86
CBA CLA JL . 1.35 -84.69 -18.12
CGA CLA JL . 0.67 -83.50 -18.74
O1A CLA JL . -0.04 -83.45 -19.74
O2A CLA JL . 0.91 -82.34 -18.05
NB CLA JL . 8.26 -86.66 -16.90
C1B CLA JL . 7.46 -86.44 -15.81
C2B CLA JL . 8.17 -86.77 -14.55
C3B CLA JL . 9.43 -87.18 -14.90
C4B CLA JL . 9.51 -87.11 -16.39
CMB CLA JL . 7.55 -86.60 -13.24
CAB CLA JL . 10.54 -87.55 -14.06
CBB CLA JL . 10.91 -86.91 -12.97
NC CLA JL . 9.86 -86.52 -19.33
C1C CLA JL . 10.81 -87.08 -18.51
C2C CLA JL . 12.05 -87.30 -19.24
C3C CLA JL . 11.85 -86.77 -20.52
C4C CLA JL . 10.47 -86.32 -20.57
CMC CLA JL . 13.28 -87.89 -18.71
CAC CLA JL . 12.78 -86.79 -21.65
CBC CLA JL . 12.38 -87.90 -22.59
ND CLA JL . 7.75 -85.19 -20.59
C1D CLA JL . 8.60 -85.20 -21.73
C2D CLA JL . 7.90 -84.57 -22.86
C3D CLA JL . 6.64 -84.22 -22.39
C4D CLA JL . 6.60 -84.65 -20.97
CMD CLA JL . 8.49 -84.36 -24.18
CAD CLA JL . 5.37 -83.59 -22.69
OBD CLA JL . 5.00 -83.06 -23.73
CBD CLA JL . 4.49 -83.71 -21.42
CGD CLA JL . 4.00 -82.37 -20.95
O1D CLA JL . 4.67 -81.39 -20.61
O2D CLA JL . 2.64 -82.26 -20.94
CED CLA JL . 2.01 -81.84 -22.16
C1 CLA JL . -0.24 -81.54 -17.71
MG CLA KL . 21.94 -97.16 -26.48
CHA CLA KL . 25.19 -96.69 -27.59
CHB CLA KL . 21.40 -93.78 -26.79
CHC CLA KL . 18.55 -97.68 -26.26
CHD CLA KL . 22.41 -100.66 -26.89
NA CLA KL . 23.11 -95.52 -27.07
C1A CLA KL . 24.45 -95.55 -27.50
C2A CLA KL . 24.95 -94.15 -27.82
C3A CLA KL . 23.79 -93.24 -27.38
C4A CLA KL . 22.67 -94.23 -27.06
CMA CLA KL . 24.19 -92.39 -26.21
CAA CLA KL . 25.27 -94.00 -29.30
CBA CLA KL . 24.08 -94.35 -30.19
CGA CLA KL . 24.43 -94.12 -31.62
O1A CLA KL . 25.41 -93.55 -32.11
O2A CLA KL . 23.48 -94.63 -32.47
NB CLA KL . 20.30 -95.97 -26.53
C1B CLA KL . 20.30 -94.61 -26.52
C2B CLA KL . 18.93 -94.10 -26.22
C3B CLA KL . 18.12 -95.20 -26.08
C4B CLA KL . 18.98 -96.39 -26.27
CMB CLA KL . 18.61 -92.68 -26.17
CAB CLA KL . 16.69 -95.30 -25.84
CBB CLA KL . 15.98 -94.52 -25.03
NC CLA KL . 20.71 -98.86 -26.51
C1C CLA KL . 19.35 -98.85 -26.36
C2C CLA KL . 18.82 -100.22 -26.37
C3C CLA KL . 19.91 -101.05 -26.60
C4C CLA KL . 21.09 -100.20 -26.69
CMC CLA KL . 17.41 -100.59 -26.22
CAC CLA KL . 19.88 -102.52 -26.71
CBC CLA KL . 19.85 -103.22 -25.37
ND CLA KL . 23.40 -98.43 -27.05
C1D CLA KL . 23.50 -99.85 -27.07
C2D CLA KL . 24.90 -100.25 -27.30
C3D CLA KL . 25.61 -99.07 -27.49
C4D CLA KL . 24.62 -97.98 -27.35
CMD CLA KL . 25.40 -101.63 -27.33
CAD CLA KL . 26.89 -98.45 -27.75
OBD CLA KL . 28.01 -98.97 -27.86
CBD CLA KL . 26.65 -96.92 -27.89
CGD CLA KL . 27.52 -96.13 -26.96
O1D CLA KL . 27.25 -95.74 -25.81
O2D CLA KL . 28.75 -95.84 -27.46
CED CLA KL . 29.86 -95.98 -26.58
C1 CLA KL . 23.92 -95.08 -33.76
C2 CLA KL . 22.69 -95.34 -34.54
C3 CLA KL . 22.01 -96.49 -34.48
C4 CLA KL . 20.77 -96.70 -35.28
C5 CLA KL . 22.46 -97.61 -33.61
MG CHL LL . 20.67 -90.28 -31.18
CHA CHL LL . 21.10 -91.31 -34.44
CHB CHL LL . 17.35 -90.60 -31.50
CHC CHL LL . 20.39 -89.48 -27.84
CHD CHL LL . 24.24 -89.87 -30.97
NA CHL LL . 19.46 -90.84 -32.67
C1A CHL LL . 19.74 -91.25 -33.86
C2A CHL LL . 18.58 -91.70 -34.68
C3A CHL LL . 17.43 -91.24 -33.85
C4A CHL LL . 18.11 -90.85 -32.57
CMA CHL LL . 16.65 -90.07 -34.45
CAA CHL LL . 18.58 -93.21 -34.93
CBA CHL LL . 18.55 -93.55 -36.41
CGA CHL LL . 17.13 -93.44 -36.92
O1A CHL LL . 16.46 -92.45 -36.69
O2A CHL LL . 16.56 -94.54 -37.67
NB CHL LL . 19.12 -90.06 -29.86
C1B CHL LL . 17.81 -90.23 -30.16
C2B CHL LL . 16.86 -90.02 -29.04
C3B CHL LL . 17.76 -89.69 -27.94
C4B CHL LL . 19.12 -89.74 -28.55
CMB CHL LL . 15.36 -90.12 -29.05
CAB CHL LL . 17.21 -89.39 -26.58
CBB CHL LL . 17.92 -89.09 -25.51
NC CHL LL . 22.04 -89.77 -29.71
C1C CHL LL . 21.75 -89.48 -28.42
C2C CHL LL . 22.94 -89.15 -27.60
C3C CHL LL . 24.07 -89.25 -28.50
C4C CHL LL . 23.41 -89.64 -29.77
CMC CHL LL . 23.04 -88.77 -26.17
OMC CHL LL . 22.03 -88.64 -25.50
CAC CHL LL . 25.54 -89.03 -28.22
CBC CHL LL . 25.93 -87.60 -28.54
ND CHL LL . 22.32 -90.50 -32.35
C1D CHL LL . 23.68 -90.33 -32.25
C2D CHL LL . 24.45 -90.66 -33.49
C3D CHL LL . 23.36 -91.06 -34.36
C4D CHL LL . 22.24 -90.93 -33.64
CMD CHL LL . 25.88 -90.68 -33.97
CAD CHL LL . 23.03 -91.54 -35.72
OBD CHL LL . 23.87 -91.77 -36.67
CBD CHL LL . 21.54 -91.71 -35.81
CGD CHL LL . 21.00 -90.79 -36.87
O1D CHL LL . 21.08 -89.58 -36.73
O2D CHL LL . 20.37 -91.32 -38.05
CED CHL LL . 19.72 -90.44 -38.97
MG CHL ML . 22.23 -85.78 -22.52
CHA CHL ML . 25.18 -84.75 -21.04
CHB CHL ML . 21.10 -86.78 -19.51
CHC CHL ML . 19.18 -86.35 -23.99
CHD CHL ML . 23.58 -84.77 -25.67
NA CHL ML . 22.98 -85.78 -20.66
C1A CHL ML . 24.10 -85.32 -20.21
C2A CHL ML . 24.30 -85.44 -18.73
C3A CHL ML . 23.11 -86.27 -18.32
C4A CHL ML . 22.33 -86.30 -19.58
CMA CHL ML . 23.50 -87.68 -17.89
CAA CHL ML . 24.34 -84.09 -18.02
CBA CHL ML . 23.21 -83.15 -18.43
CGA CHL ML . 22.62 -82.50 -17.19
O1A CHL ML . 23.34 -82.05 -16.32
O2A CHL ML . 21.17 -82.41 -17.05
NB CHL ML . 20.41 -86.45 -21.86
C1B CHL ML . 20.11 -86.84 -20.60
C2B CHL ML . 18.73 -87.30 -20.36
C3B CHL ML . 18.14 -87.16 -21.69
C4B CHL ML . 19.26 -86.64 -22.54
CMB CHL ML . 18.10 -87.77 -19.07
CAB CHL ML . 16.71 -87.51 -21.93
CBB CHL ML . 16.03 -87.34 -23.06
NC CHL ML . 21.53 -85.60 -24.45
C1C CHL ML . 20.27 -85.86 -24.86
C2C CHL ML . 20.06 -85.64 -26.32
C3C CHL ML . 21.35 -85.18 -26.83
C4C CHL ML . 22.18 -85.20 -25.59
CMC CHL ML . 18.83 -85.82 -27.14
OMC CHL ML . 17.79 -86.21 -26.63
CAC CHL ML . 21.75 -84.80 -28.23
CBC CHL ML . 22.34 -85.99 -28.95
ND CHL ML . 23.94 -84.97 -23.27
C1D CHL ML . 24.43 -84.60 -24.48
C2D CHL ML . 25.82 -84.01 -24.46
C3D CHL ML . 26.08 -84.09 -23.03
C4D CHL ML . 25.00 -84.63 -22.47
CMD CHL ML . 26.83 -83.45 -25.42
CAD CHL ML . 27.10 -83.80 -22.00
OBD CHL ML . 28.25 -83.29 -22.20
CBD CHL ML . 26.54 -84.21 -20.67
CGD CHL ML . 27.42 -85.23 -20.00
O1D CHL ML . 28.17 -85.92 -20.67
O2D CHL ML . 27.43 -85.35 -18.55
CED CHL ML . 28.58 -85.86 -17.88
C1 CHL ML . 20.61 -81.38 -16.24
MG CHL NL . 5.10 -93.86 -33.96
CHA CHL NL . 5.74 -95.01 -30.77
CHB CHL NL . 8.37 -94.18 -34.73
CHC CHL NL . 4.31 -93.00 -37.19
CHD CHL NL . 1.67 -93.46 -33.00
NA CHL NL . 6.73 -94.46 -32.97
C1A CHL NL . 6.84 -94.92 -31.77
C2A CHL NL . 8.21 -95.37 -31.38
C3A CHL NL . 9.05 -94.89 -32.53
C4A CHL NL . 7.98 -94.47 -33.49
CMA CHL NL . 9.96 -93.73 -32.17
CAA CHL NL . 8.33 -96.88 -31.16
CBA CHL NL . 7.73 -97.70 -32.31
CGA CHL NL . 8.77 -98.65 -32.85
O1A CHL NL . 8.47 -99.81 -33.10
O2A CHL NL . 10.12 -98.20 -33.09
NB CHL NL . 6.17 -93.62 -35.70
C1B CHL NL . 7.50 -93.79 -35.85
C2B CHL NL . 8.05 -93.56 -37.20
C3B CHL NL . 6.83 -93.22 -37.96
C4B CHL NL . 5.74 -93.28 -36.94
CMB CHL NL . 9.47 -93.67 -37.68
CAB CHL NL . 6.90 -92.91 -39.42
CBB CHL NL . 5.89 -92.62 -40.21
NC CHL NL . 3.34 -93.34 -34.90
C1C CHL NL . 3.21 -93.03 -36.21
C2C CHL NL . 1.81 -92.70 -36.60
C3C CHL NL . 1.02 -92.81 -35.39
C4C CHL NL . 2.06 -93.22 -34.40
CMC CHL NL . 1.27 -92.30 -37.93
OMC CHL NL . 2.03 -92.20 -38.86
CAC CHL NL . -0.47 -92.59 -35.24
CBC CHL NL . -1.20 -93.72 -35.93
ND CHL NL . 3.91 -94.14 -32.34
C1D CHL NL . 2.61 -93.96 -32.00
C2D CHL NL . 2.25 -94.35 -30.58
C3D CHL NL . 3.57 -94.78 -30.13
C4D CHL NL . 4.40 -94.61 -31.16
CMD CHL NL . 1.06 -94.39 -29.67
CAD CHL NL . 4.30 -95.29 -28.96
OBD CHL NL . 3.78 -95.55 -27.82
CBD CHL NL . 5.74 -95.49 -29.36
CGD CHL NL . 6.71 -94.74 -28.51
O1D CHL NL . 6.46 -93.65 -28.03
O2D CHL NL . 8.02 -95.37 -28.26
CED CHL NL . 9.03 -94.69 -27.53
C1 CHL NL . 10.92 -98.79 -34.12
C2 CHL NL . 11.01 -97.84 -35.29
MG CLA OL . 7.10 -85.54 -28.13
CHA CLA OL . 4.62 -85.69 -25.70
CHB CLA OL . 5.16 -83.26 -29.83
CHC CLA OL . 9.86 -84.53 -29.94
CHD CLA OL . 9.23 -87.35 -25.95
NA CLA OL . 5.20 -84.70 -27.84
C1A CLA OL . 4.33 -84.88 -26.77
C2A CLA OL . 3.04 -84.10 -26.95
C3A CLA OL . 3.10 -83.71 -28.44
C4A CLA OL . 4.60 -83.87 -28.74
CMA CLA OL . 2.28 -84.65 -29.29
CAA CLA OL . 2.98 -82.89 -26.03
CBA CLA OL . 4.11 -81.90 -26.26
CGA CLA OL . 3.97 -80.72 -25.35
O1A CLA OL . 3.01 -79.95 -25.22
O2A CLA OL . 5.08 -80.51 -24.59
NB CLA OL . 7.44 -84.16 -29.58
C1B CLA OL . 6.51 -83.37 -30.17
C2B CLA OL . 7.13 -82.61 -31.30
C3B CLA OL . 8.46 -82.96 -31.33
C4B CLA OL . 8.68 -83.95 -30.25
CMB CLA OL . 6.36 -81.67 -32.12
CAB CLA OL . 9.49 -82.49 -32.20
CBB CLA OL . 9.61 -81.21 -32.60
NC CLA OL . 9.15 -85.94 -28.01
C1C CLA OL . 10.09 -85.48 -28.90
C2C CLA OL . 11.40 -86.02 -28.56
C3C CLA OL . 11.25 -86.75 -27.39
C4C CLA OL . 9.82 -86.72 -27.06
CMC CLA OL . 12.65 -85.76 -29.29
CAC CLA OL . 12.30 -87.48 -26.67
CBC CLA OL . 13.15 -86.57 -25.82
ND CLA OL . 6.99 -86.43 -26.32
C1D CLA OL . 7.90 -87.22 -25.58
C2D CLA OL . 7.21 -87.79 -24.40
C3D CLA OL . 5.95 -87.22 -24.39
C4D CLA OL . 5.88 -86.36 -25.58
CMD CLA OL . 7.82 -88.72 -23.44
CAD CLA OL . 4.67 -87.12 -23.72
OBD CLA OL . 4.25 -87.69 -22.71
CBD CLA OL . 3.79 -86.10 -24.51
CGD CLA OL . 2.49 -86.72 -24.94
O1D CLA OL . 2.29 -87.45 -25.91
O2D CLA OL . 1.43 -86.44 -24.13
CED CLA OL . 0.17 -87.01 -24.49
C1 CLA OL . 6.22 -79.93 -25.25
C2 CLA OL . 7.39 -80.19 -24.37
C3 CLA OL . 7.65 -79.47 -23.26
C4 CLA OL . 6.78 -78.33 -22.84
C5 CLA OL . 8.83 -79.76 -22.42
C6 CLA OL . 8.43 -80.25 -21.02
C7 CLA OL . 9.61 -80.83 -20.29
C8 CLA OL . 9.18 -81.63 -19.06
C9 CLA OL . 8.54 -80.72 -18.02
C10 CLA OL . 10.36 -82.37 -18.46
MG CLA PL . 3.97 -102.21 -26.33
CHA CLA PL . 1.69 -102.77 -28.89
CHB CLA PL . 2.94 -105.14 -24.89
CHC CLA PL . 6.91 -102.39 -24.54
CHD CLA PL . 5.46 -99.70 -28.38
NA CLA PL . 2.52 -103.64 -26.78
C1A CLA PL . 1.69 -103.71 -27.90
C2A CLA PL . 0.78 -104.93 -27.82
C3A CLA PL . 0.87 -105.30 -26.33
C4A CLA PL . 2.22 -104.69 -25.96
CMA CLA PL . -0.27 -104.71 -25.54
CAA CLA PL . 1.39 -105.99 -28.71
CBA CLA PL . 1.35 -107.42 -28.17
CGA CLA PL . 2.49 -107.72 -27.23
O1A CLA PL . 2.48 -107.74 -26.00
O2A CLA PL . 3.67 -108.04 -27.85
NB CLA PL . 4.77 -103.52 -25.01
C1B CLA PL . 4.16 -104.61 -24.48
C2B CLA PL . 4.97 -105.19 -23.37
C3B CLA PL . 6.09 -104.41 -23.27
C4B CLA PL . 5.98 -103.33 -24.30
CMB CLA PL . 4.57 -106.37 -22.62
CAB CLA PL . 7.22 -104.51 -22.38
CBB CLA PL . 8.07 -105.54 -22.35
NC CLA PL . 5.79 -101.16 -26.38
C1C CLA PL . 6.82 -101.35 -25.50
C2C CLA PL . 7.89 -100.40 -25.77
C3C CLA PL . 7.54 -99.72 -26.92
C4C CLA PL . 6.20 -100.17 -27.28
CMC CLA PL . 9.15 -100.31 -25.03
CAC CLA PL . 8.33 -98.65 -27.56
CBC CLA PL . 9.26 -99.20 -28.62
ND CLA PL . 3.61 -101.28 -28.09
C1D CLA PL . 4.26 -100.21 -28.78
C2D CLA PL . 3.41 -99.81 -29.93
C3D CLA PL . 2.41 -100.74 -30.01
C4D CLA PL . 2.61 -101.68 -28.88
CMD CLA PL . 3.71 -98.66 -30.79
CAD CLA PL . 1.20 -101.17 -30.70
OBD CLA PL . 0.56 -100.61 -31.57
CBD CLA PL . 0.82 -102.56 -30.10
CGD CLA PL . -0.65 -102.62 -29.78
O1D CLA PL . -1.19 -102.89 -28.70
O2D CLA PL . -1.45 -102.33 -30.84
CED CLA PL . -2.70 -103.01 -30.97
C1 CLA PL . 4.87 -107.95 -27.05
C2 CLA PL . 5.12 -109.29 -26.43
C3 CLA PL . 6.23 -109.60 -25.74
C4 CLA PL . 6.40 -110.95 -25.15
C5 CLA PL . 7.36 -108.64 -25.52
C6 CLA PL . 8.63 -109.07 -26.22
C7 CLA PL . 9.60 -107.90 -26.34
C8 CLA PL . 10.95 -108.22 -26.98
C9 CLA PL . 11.00 -109.61 -27.61
C10 CLA PL . 12.12 -108.09 -26.00
C11 CLA PL . 12.91 -106.82 -26.21
C12 CLA PL . 14.30 -106.89 -25.60
C13 CLA PL . 15.04 -105.57 -25.77
C14 CLA PL . 15.57 -105.42 -27.19
C15 CLA PL . 16.19 -105.46 -24.77
MG CLA QL . 3.28 -108.59 -9.57
CHA CLA QL . 2.43 -109.17 -12.87
CHB CLA QL . 1.11 -111.07 -8.61
CHC CLA QL . 4.65 -108.56 -6.41
CHD CLA QL . 5.87 -106.45 -10.67
NA CLA QL . 1.99 -109.89 -10.59
C1A CLA QL . 1.78 -109.97 -11.97
C2A CLA QL . 0.74 -111.03 -12.31
C3A CLA QL . 0.17 -111.43 -10.92
C4A CLA QL . 1.16 -110.78 -9.95
CMA CLA QL . -1.24 -110.95 -10.72
CAA CLA QL . 1.36 -112.20 -13.08
CBA CLA QL . 2.34 -113.04 -12.29
CGA CLA QL . 3.68 -113.02 -12.95
O1A CLA QL . 4.46 -112.08 -13.07
O2A CLA QL . 4.04 -114.24 -13.47
NB CLA QL . 2.93 -109.61 -7.86
C1B CLA QL . 1.96 -110.52 -7.64
C2B CLA QL . 1.92 -110.91 -6.19
C3B CLA QL . 2.93 -110.20 -5.58
C4B CLA QL . 3.58 -109.38 -6.62
CMB CLA QL . 0.99 -111.89 -5.65
CAB CLA QL . 3.37 -110.20 -4.21
CBB CLA QL . 3.68 -111.29 -3.51
NC CLA QL . 4.94 -107.66 -8.70
C1C CLA QL . 5.30 -107.75 -7.38
C2C CLA QL . 6.46 -106.92 -7.10
C3C CLA QL . 6.83 -106.36 -8.32
C4C CLA QL . 5.86 -106.81 -9.31
CMC CLA QL . 7.12 -106.77 -5.81
CAC CLA QL . 7.95 -105.44 -8.54
CBC CLA QL . 9.25 -106.20 -8.62
ND CLA QL . 4.07 -107.96 -11.32
C1D CLA QL . 5.04 -106.97 -11.63
C2D CLA QL . 5.00 -106.67 -13.08
C3D CLA QL . 4.01 -107.49 -13.60
C4D CLA QL . 3.47 -108.27 -12.48
CMD CLA QL . 5.85 -105.70 -13.75
CAD CLA QL . 3.30 -107.91 -14.80
OBD CLA QL . 3.44 -107.55 -15.96
CBD CLA QL . 2.24 -108.97 -14.36
CGD CLA QL . 0.84 -108.51 -14.65
O1D CLA QL . 0.34 -107.43 -14.37
O2D CLA QL . 0.07 -109.44 -15.29
CED CLA QL . -1.32 -109.48 -14.94
MG CLA RL . 9.77 -107.32 -17.08
CHA CLA RL . 7.09 -109.51 -17.56
CHB CLA RL . 10.39 -107.45 -20.46
CHC CLA RL . 13.01 -106.20 -16.59
CHD CLA RL . 9.71 -108.27 -13.64
NA CLA RL . 8.83 -108.24 -18.72
C1A CLA RL . 7.72 -109.11 -18.72
C2A CLA RL . 7.37 -109.55 -20.16
C3A CLA RL . 8.25 -108.63 -21.04
C4A CLA RL . 9.24 -108.06 -20.01
CMA CLA RL . 8.97 -109.40 -22.12
CAA CLA RL . 5.90 -109.39 -20.52
CBA CLA RL . 5.61 -110.00 -21.87
CGA CLA RL . 4.28 -110.70 -21.81
O1A CLA RL . 3.16 -110.23 -21.59
O2A CLA RL . 4.39 -112.05 -22.02
NB CLA RL . 11.37 -106.95 -18.27
C1B CLA RL . 11.37 -106.91 -19.63
C2B CLA RL . 12.56 -106.18 -20.15
C3B CLA RL . 13.31 -105.83 -19.06
C4B CLA RL . 12.56 -106.30 -17.86
CMB CLA RL . 12.84 -106.00 -21.57
CAB CLA RL . 14.59 -105.16 -18.97
CBB CLA RL . 15.59 -105.36 -19.82
NC CLA RL . 11.05 -107.15 -15.41
C1C CLA RL . 12.29 -106.58 -15.43
C2C CLA RL . 12.88 -106.54 -14.10
C3C CLA RL . 12.00 -107.24 -13.29
C4C CLA RL . 10.85 -107.61 -14.11
CMC CLA RL . 14.18 -105.98 -13.74
CAC CLA RL . 12.15 -107.52 -11.86
CBC CLA RL . 11.32 -106.60 -10.99
ND CLA RL . 8.59 -108.38 -15.82
C1D CLA RL . 8.65 -108.65 -14.41
C2D CLA RL . 7.43 -109.37 -14.01
C3D CLA RL . 6.76 -109.68 -15.17
C4D CLA RL . 7.58 -109.12 -16.28
CMD CLA RL . 7.06 -109.70 -12.63
CAD CLA RL . 5.60 -110.32 -15.77
OBD CLA RL . 4.58 -110.75 -15.25
CBD CLA RL . 5.89 -110.38 -17.30
CGD CLA RL . 6.13 -111.79 -17.76
O1D CLA RL . 7.22 -112.32 -18.02
O2D CLA RL . 5.00 -112.56 -17.91
CED CLA RL . 5.08 -113.69 -18.78
MG CLA SL . 18.21 -96.45 -6.05
CHA CLA SL . 20.80 -96.57 -3.73
CHB CLA SL . 18.00 -99.89 -5.87
CHC CLA SL . 15.00 -96.37 -7.32
CHD CLA SL . 17.97 -92.95 -5.44
NA CLA SL . 19.28 -97.96 -5.05
C1A CLA SL . 20.31 -97.79 -4.11
C2A CLA SL . 20.85 -99.14 -3.63
C3A CLA SL . 20.16 -100.15 -4.57
C4A CLA SL . 19.05 -99.30 -5.21
CMA CLA SL . 21.10 -100.72 -5.59
CAA CLA SL . 20.56 -99.36 -2.15
CBA CLA SL . 19.10 -99.25 -1.77
CGA CLA SL . 18.74 -97.87 -1.30
O1A CLA SL . 19.44 -97.07 -0.69
O2A CLA SL . 17.46 -97.53 -1.63
NB CLA SL . 16.83 -97.84 -6.55
C1B CLA SL . 16.93 -99.20 -6.46
C2B CLA SL . 15.72 -99.87 -7.05
C3B CLA SL . 14.88 -98.86 -7.46
C4B CLA SL . 15.55 -97.58 -7.13
CMB CLA SL . 15.52 -101.32 -7.06
CAB CLA SL . 13.55 -98.92 -8.03
CBB CLA SL . 13.10 -99.84 -8.87
NC CLA SL . 16.80 -94.95 -6.38
C1C CLA SL . 15.57 -95.13 -6.97
C2C CLA SL . 14.87 -93.85 -7.11
C3C CLA SL . 15.68 -92.89 -6.51
C4C CLA SL . 16.89 -93.58 -6.08
CMC CLA SL . 13.54 -93.66 -7.69
CAC CLA SL . 15.41 -91.46 -6.41
CBC CLA SL . 14.82 -91.08 -5.07
ND CLA SL . 19.15 -95.04 -4.94
C1D CLA SL . 19.04 -93.62 -4.89
C2D CLA SL . 20.20 -93.06 -4.19
C3D CLA SL . 20.91 -94.15 -3.72
C4D CLA SL . 20.19 -95.35 -4.18
CMD CLA SL . 20.47 -91.63 -4.04
CAD CLA SL . 22.08 -94.62 -3.01
OBD CLA SL . 23.02 -93.98 -2.56
CBD CLA SL . 22.00 -96.17 -2.91
CGD CLA SL . 23.27 -96.84 -3.37
O1D CLA SL . 23.93 -96.57 -4.38
O2D CLA SL . 23.71 -97.84 -2.56
CED CLA SL . 24.75 -98.68 -3.05
C1 CLA SL . 17.11 -96.13 -1.61
C2 CLA SL . 15.76 -96.03 -2.24
C3 CLA SL . 15.06 -94.88 -2.23
C4 CLA SL . 15.60 -93.66 -1.58
C5 CLA SL . 13.72 -94.77 -2.85
C6 CLA SL . 12.90 -96.05 -2.82
C7 CLA SL . 12.96 -96.83 -4.13
C8 CLA SL . 11.59 -97.12 -4.74
C9 CLA SL . 10.79 -95.85 -4.95
C10 CLA SL . 10.79 -98.10 -3.90
C11 CLA SL . 10.96 -99.53 -4.36
C12 CLA SL . 10.04 -99.88 -5.52
C13 CLA SL . 9.86 -101.38 -5.70
C14 CLA SL . 8.86 -101.95 -4.71
C15 CLA SL . 11.20 -102.11 -5.59
C16 CLA SL . 11.13 -103.48 -6.24
C17 CLA SL . 12.50 -104.10 -6.36
C18 CLA SL . 12.41 -105.52 -6.91
C19 CLA SL . 13.00 -105.60 -8.30
C20 CLA SL . 13.08 -106.51 -5.98
MG CLA TL . 18.27 -104.14 -0.58
CHA CLA TL . 16.75 -101.59 1.22
CHB CLA TL . 18.85 -105.81 2.37
CHC CLA TL . 19.06 -106.98 -2.36
CHD CLA TL . 17.06 -102.66 -3.56
NA CLA TL . 17.91 -103.72 1.45
C1A CLA TL . 17.27 -102.59 1.99
C2A CLA TL . 17.24 -102.66 3.52
C3A CLA TL . 18.13 -103.88 3.84
C4A CLA TL . 18.32 -104.54 2.47
CMA CLA TL . 19.45 -103.48 4.46
CAA CLA TL . 15.83 -102.74 4.09
CBA CLA TL . 15.01 -103.91 3.58
CGA CLA TL . 13.56 -103.56 3.68
O1A CLA TL . 13.02 -102.46 3.63
O2A CLA TL . 12.76 -104.66 3.81
NB CLA TL . 18.91 -105.98 -0.09
C1B CLA TL . 19.04 -106.50 1.16
C2B CLA TL . 19.38 -107.94 1.11
C3B CLA TL . 19.44 -108.28 -0.23
C4B CLA TL . 19.15 -107.05 -1.00
CMB CLA TL . 19.56 -108.77 2.31
CAB CLA TL . 19.70 -109.54 -0.87
CBB CLA TL . 20.60 -110.45 -0.46
NC CLA TL . 18.15 -104.68 -2.59
C1C CLA TL . 18.60 -105.87 -3.11
C2C CLA TL . 18.47 -105.87 -4.57
C3C CLA TL . 17.81 -104.69 -4.91
C4C CLA TL . 17.64 -103.93 -3.66
CMC CLA TL . 18.87 -106.96 -5.47
CAC CLA TL . 17.48 -104.22 -6.26
CBC CLA TL . 16.15 -104.72 -6.76
ND CLA TL . 17.14 -102.54 -1.12
C1D CLA TL . 16.80 -102.00 -2.38
C2D CLA TL . 16.17 -100.68 -2.19
C3D CLA TL . 16.13 -100.45 -0.82
C4D CLA TL . 16.74 -101.65 -0.21
CMD CLA TL . 15.69 -99.81 -3.27
CAD CLA TL . 15.75 -99.56 0.24
OBD CLA TL . 15.23 -98.46 0.18
CBD CLA TL . 16.12 -100.26 1.59
CGD CLA TL . 17.03 -99.41 2.42
O1D CLA TL . 18.04 -99.76 3.05
O2D CLA TL . 16.68 -98.10 2.44
CED CLA TL . 17.55 -97.17 3.08
C1 CLA TL . 11.38 -104.49 3.39
C2 CLA TL . 10.74 -105.83 3.42
C3 CLA TL . 9.46 -106.02 3.09
C4 CLA TL . 8.83 -107.35 3.13
C5 CLA TL . 8.61 -104.87 2.65
MG CHL UL . 4.99 -96.77 -45.06
CHA CHL UL . 5.12 -100.08 -45.98
CHB CHL UL . 7.57 -96.12 -47.15
CHC CHL UL . 4.82 -93.50 -44.08
CHD CHL UL . 2.47 -97.63 -42.67
NA CHL UL . 6.10 -97.86 -46.33
C1A CHL UL . 5.99 -99.10 -46.65
C2A CHL UL . 6.84 -99.53 -47.81
C3A CHL UL . 7.81 -98.38 -47.91
C4A CHL UL . 7.12 -97.37 -47.07
CMA CHL UL . 9.20 -98.71 -47.36
CAA CHL UL . 5.99 -99.71 -49.06
CBA CHL UL . 6.05 -101.14 -49.63
CGA CHL UL . 4.67 -101.59 -50.00
O1A CHL UL . 3.98 -100.95 -50.76
O2A CHL UL . 4.14 -102.82 -49.43
NB CHL UL . 6.03 -95.07 -45.54
C1B CHL UL . 7.05 -94.97 -46.40
C2B CHL UL . 7.64 -93.62 -46.58
C3B CHL UL . 6.81 -92.83 -45.66
C4B CHL UL . 5.85 -93.81 -45.07
CMB CHL UL . 8.78 -93.18 -47.46
CAB CHL UL . 7.03 -91.36 -45.49
CBB CHL UL . 6.36 -90.53 -44.70
NC CHL UL . 3.87 -95.77 -43.66
C1C CHL UL . 3.93 -94.45 -43.39
C2C CHL UL . 3.00 -94.00 -42.34
C3C CHL UL . 2.29 -95.19 -41.90
C4C CHL UL . 2.91 -96.23 -42.78
CMC CHL UL . 2.80 -92.62 -41.80
OMC CHL UL . 3.45 -91.68 -42.22
CAC CHL UL . 1.23 -95.29 -40.83
CBC CHL UL . -0.09 -94.81 -41.41
ND CHL UL . 3.99 -98.41 -44.40
C1D CHL UL . 3.02 -98.71 -43.49
C2D CHL UL . 2.63 -100.16 -43.43
C3D CHL UL . 3.52 -100.68 -44.47
C4D CHL UL . 4.22 -99.65 -44.94
CMD CHL UL . 1.68 -101.05 -42.67
CAD CHL UL . 3.92 -101.92 -45.18
OBD CHL UL . 3.45 -103.10 -44.98
CBD CHL UL . 4.98 -101.56 -46.18
CGD CHL UL . 6.28 -102.26 -45.87
O1D CHL UL . 7.04 -102.56 -46.76
O2D CHL UL . 6.65 -102.58 -44.50
CED CHL UL . 8.01 -102.84 -44.20
C1 CHL UL . 3.13 -103.55 -50.12
C1 LUT VL . 7.68 -106.60 -31.36
C2 LUT VL . 6.41 -107.39 -31.74
C3 LUT VL . 5.12 -106.62 -31.60
C4 LUT VL . 5.02 -106.05 -30.20
C5 LUT VL . 6.21 -105.18 -29.96
C6 LUT VL . 7.45 -105.60 -30.25
C7 LUT VL . 8.64 -105.14 -29.53
C8 LUT VL . 8.59 -104.63 -28.29
C9 LUT VL . 9.82 -104.29 -27.54
C10 LUT VL . 9.65 -103.99 -26.24
C11 LUT VL . 10.75 -103.69 -25.33
C12 LUT VL . 10.47 -103.44 -24.05
C13 LUT VL . 11.50 -103.16 -23.03
C14 LUT VL . 11.08 -103.13 -21.75
C15 LUT VL . 12.01 -102.90 -20.64
C16 LUT VL . 8.21 -105.86 -32.57
C17 LUT VL . 8.71 -107.62 -30.89
C18 LUT VL . 5.93 -103.76 -29.53
C19 LUT VL . 11.16 -104.36 -28.19
C20 LUT VL . 12.94 -102.97 -23.40
O3 LUT VL . 3.99 -107.46 -31.86
C21 LUT VL . 19.09 -101.82 -10.46
C22 LUT VL . 20.50 -101.33 -10.16
C23 LUT VL . 20.52 -100.11 -9.25
C24 LUT VL . 19.41 -99.13 -9.58
C25 LUT VL . 18.43 -99.41 -10.44
C26 LUT VL . 18.34 -100.71 -11.18
C27 LUT VL . 16.90 -101.08 -11.40
C28 LUT VL . 16.52 -101.42 -12.63
C29 LUT VL . 15.13 -101.77 -12.98
C30 LUT VL . 14.90 -101.98 -14.28
C31 LUT VL . 13.60 -102.28 -14.89
C32 LUT VL . 13.59 -102.34 -16.20
C33 LUT VL . 12.39 -102.61 -17.03
C34 LUT VL . 12.62 -102.64 -18.35
C35 LUT VL . 11.60 -102.89 -19.37
C36 LUT VL . 18.37 -102.24 -9.18
C37 LUT VL . 19.18 -103.03 -11.39
C38 LUT VL . 17.38 -98.36 -10.70
C39 LUT VL . 14.06 -101.85 -11.93
C40 LUT VL . 11.03 -102.79 -16.40
O23 LUT VL . 21.79 -99.45 -9.35
C1 XAT WL . 20.88 -91.18 -22.46
C2 XAT WL . 22.14 -91.58 -23.20
C3 XAT WL . 22.87 -92.79 -22.61
C4 XAT WL . 22.02 -94.04 -22.78
C5 XAT WL . 20.61 -93.83 -22.19
C6 XAT WL . 20.04 -92.39 -22.03
C7 XAT WL . 18.54 -92.21 -22.17
C8 XAT WL . 17.79 -92.04 -21.09
C9 XAT WL . 16.32 -91.87 -21.17
C10 XAT WL . 15.72 -91.70 -20.00
C11 XAT WL . 14.28 -91.52 -19.85
C12 XAT WL . 13.82 -91.29 -18.65
C13 XAT WL . 12.39 -91.09 -18.37
C14 XAT WL . 12.06 -90.93 -17.09
C15 XAT WL . 10.68 -90.76 -16.67
C16 XAT WL . 20.09 -90.28 -23.40
C17 XAT WL . 21.25 -90.37 -21.22
C18 XAT WL . 19.63 -94.95 -22.53
C19 XAT WL . 15.56 -91.92 -22.47
C20 XAT WL . 11.35 -91.11 -19.46
O3 XAT WL . 24.13 -92.93 -23.27
O4 XAT WL . 20.18 -93.04 -23.27
C21 XAT WL . 0.57 -88.16 -8.47
C22 XAT WL . -0.73 -88.62 -7.84
C23 XAT WL . -1.72 -88.72 -8.99
C24 XAT WL . -1.39 -89.93 -9.86
C25 XAT WL . 0.05 -89.89 -10.39
C26 XAT WL . 1.13 -89.01 -9.64
C27 XAT WL . 2.62 -89.32 -9.61
C28 XAT WL . 3.27 -89.61 -10.74
C29 XAT WL . 4.74 -89.84 -10.74
C30 XAT WL . 5.34 -90.00 -11.92
C31 XAT WL . 6.77 -90.18 -12.11
C32 XAT WL . 7.21 -90.25 -13.35
C33 XAT WL . 8.64 -90.41 -13.66
C34 XAT WL . 9.02 -90.50 -14.95
C35 XAT WL . 10.41 -90.66 -15.38
C36 XAT WL . 1.26 -86.85 -8.09
C37 XAT WL . 1.31 -88.82 -7.27
C38 XAT WL . 0.42 -91.19 -11.11
C39 XAT WL . 5.52 -89.79 -9.46
C40 XAT WL . 9.62 -90.45 -12.53
O23 XAT WL . -3.03 -88.87 -8.45
O24 XAT WL . 0.68 -90.28 -9.21
C1 BCR XL . 5.06 -86.95 -47.95
C2 BCR XL . 4.05 -85.81 -48.04
C3 BCR XL . 4.19 -84.84 -46.89
C4 BCR XL . 5.53 -84.12 -46.92
C5 BCR XL . 6.56 -85.04 -47.51
C6 BCR XL . 6.39 -86.35 -47.54
C7 BCR XL . 7.50 -87.20 -47.08
C8 BCR XL . 8.41 -86.74 -46.20
C9 BCR XL . 9.32 -87.75 -45.63
C10 BCR XL . 9.66 -87.73 -44.34
C11 BCR XL . 10.40 -88.86 -43.76
C33 BCR XL . 7.78 -84.48 -48.18
C31 BCR XL . 5.09 -87.72 -49.26
C32 BCR XL . 4.61 -87.91 -46.85
C34 BCR XL . 9.76 -88.88 -46.50
C12 BCR XL . 10.64 -88.93 -42.44
C13 BCR XL . 11.31 -90.08 -41.80
C14 BCR XL . 11.38 -90.11 -40.47
C15 BCR XL . 12.00 -91.24 -39.73
C16 BCR XL . 12.07 -91.23 -38.40
C17 BCR XL . 12.68 -92.37 -37.70
C18 BCR XL . 12.79 -92.44 -36.34
C19 BCR XL . 13.45 -93.61 -35.69
C20 BCR XL . 13.81 -93.59 -34.40
C21 BCR XL . 14.57 -94.64 -33.68
C22 BCR XL . 15.10 -94.41 -32.47
C23 BCR XL . 16.01 -95.37 -31.82
C24 BCR XL . 17.03 -94.88 -31.09
C25 BCR XL . 18.10 -95.78 -30.61
C26 BCR XL . 17.85 -97.07 -30.38
C27 BCR XL . 18.80 -98.17 -30.79
C28 BCR XL . 20.25 -97.70 -30.78
C29 BCR XL . 20.46 -96.39 -30.04
C30 BCR XL . 19.53 -95.28 -30.52
C35 BCR XL . 11.84 -91.25 -42.59
C36 BCR XL . 12.30 -91.30 -35.48
C37 BCR XL . 14.88 -93.10 -31.79
C38 BCR XL . 16.64 -97.46 -29.57
C39 BCR XL . 19.92 -94.85 -31.93
C40 BCR XL . 19.70 -94.05 -29.64
O1 LHG YL . -4.17 -108.78 -7.59
C1 LHG YL . -3.24 -109.41 -6.69
C2 LHG YL . -2.11 -108.44 -6.40
O2 LHG YL . -2.63 -107.30 -5.72
C3 LHG YL . -1.46 -107.97 -7.70
O3 LHG YL . -0.51 -106.96 -7.37
P LHG YL . 0.63 -106.55 -8.42
O4 LHG YL . 1.52 -107.77 -8.59
O5 LHG YL . -0.04 -105.92 -9.61
O6 LHG YL . 1.46 -105.43 -7.65
C4 LHG YL . 2.88 -105.55 -7.61
C5 LHG YL . 3.56 -104.20 -7.42
C6 LHG YL . 3.49 -103.43 -8.73
O7 LHG YL . 2.91 -103.44 -6.40
C7 LHG YL . 3.78 -103.01 -5.32
O9 LHG YL . 4.89 -103.51 -5.17
C8 LHG YL . 3.29 -101.95 -4.36
C9 LHG YL . 4.40 -101.53 -3.40
C10 LHG YL . 3.85 -100.67 -2.28
O8 LHG YL . 4.41 -102.34 -8.71
C23 LHG YL . 4.21 -101.19 -9.59
O10 LHG YL . 3.08 -100.85 -9.89
C24 LHG YL . 5.40 -100.43 -10.13
C11 LHG YL . 4.95 -100.15 -1.37
C12 LHG YL . 5.74 -99.03 -2.03
C25 LHG YL . 5.59 -99.16 -9.32
C26 LHG YL . 5.92 -99.46 -7.87
C27 LHG YL . 5.97 -98.18 -7.04
C28 LHG YL . 6.20 -98.50 -5.58
C29 LHG YL . 6.73 -97.28 -4.81
C30 LHG YL . 5.63 -96.26 -4.54
C31 LHG YL . 6.18 -95.09 -3.73
MG CLA ZL . -6.69 -93.88 30.95
CHA CLA ZL . -9.95 -93.51 32.00
CHB CLA ZL . -7.59 -92.82 27.82
CHC CLA ZL . -3.34 -93.64 30.10
CHD CLA ZL . -5.73 -94.44 34.32
NA CLA ZL . -8.48 -93.25 30.07
C1A CLA ZL . -9.73 -93.17 30.69
C2A CLA ZL . -10.79 -92.67 29.70
C3A CLA ZL . -10.06 -92.70 28.34
C4A CLA ZL . -8.60 -92.91 28.75
CMA CLA ZL . -10.60 -93.76 27.41
CAA CLA ZL . -11.26 -91.28 30.06
CBA CLA ZL . -10.17 -90.22 30.20
CGA CLA ZL . -9.49 -89.87 28.91
O1A CLA ZL . -9.98 -89.55 27.83
O2A CLA ZL . -8.13 -89.92 29.00
NB CLA ZL . -5.67 -93.32 29.31
C1B CLA ZL . -6.22 -93.03 28.09
C2B CLA ZL . -5.16 -92.99 27.05
C3B CLA ZL . -3.96 -93.23 27.69
C4B CLA ZL . -4.28 -93.42 29.14
CMB CLA ZL . -5.43 -92.71 25.64
CAB CLA ZL . -2.62 -93.26 27.19
CBB CLA ZL . -2.16 -92.47 26.22
NC CLA ZL . -4.88 -93.98 32.02
C1C CLA ZL . -3.62 -93.88 31.47
C2C CLA ZL . -2.61 -94.09 32.52
C3C CLA ZL . -3.29 -94.27 33.71
C4C CLA ZL . -4.71 -94.23 33.38
CMC CLA ZL . -1.16 -94.06 32.36
CAC CLA ZL . -2.70 -94.50 35.03
CBC CLA ZL . -2.74 -93.24 35.87
ND CLA ZL . -7.55 -93.87 32.78
C1D CLA ZL . -7.07 -94.28 34.06
C2D CLA ZL . -8.21 -94.50 34.98
C3D CLA ZL . -9.34 -94.19 34.24
C4D CLA ZL . -8.88 -93.82 32.88
CMD CLA ZL . -8.09 -94.95 36.36
CAD CLA ZL . -10.79 -94.11 34.23
OBD CLA ZL . -11.58 -94.32 35.13
CBD CLA ZL . -11.22 -93.71 32.78
CGD CLA ZL . -12.08 -94.81 32.22
O1D CLA ZL . -12.95 -95.43 32.82
O2D CLA ZL . -11.85 -95.13 30.91
CED CLA ZL . -12.00 -96.51 30.58
C1 CLA ZL . -7.42 -89.39 27.86
C2 CLA ZL . -5.97 -89.42 28.13
C3 CLA ZL . -5.10 -88.70 27.40
C4 CLA ZL . -5.57 -87.85 26.28
C5 CLA ZL . -3.64 -88.74 27.70
C6 CLA ZL . -3.15 -87.49 28.41
C7 CLA ZL . -1.84 -86.98 27.84
C8 CLA ZL . -1.21 -85.95 28.78
C9 CLA ZL . -0.60 -84.81 28.00
C10 CLA ZL . -0.16 -86.59 29.67
C11 CLA ZL . -0.01 -85.85 30.98
C12 CLA ZL . 0.85 -86.65 31.94
C13 CLA ZL . 2.33 -86.45 31.66
C14 CLA ZL . 3.09 -87.75 31.88
C15 CLA ZL . 2.91 -85.33 32.51
MG CLA AM . 1.90 -91.96 23.11
CHA CLA AM . -0.58 -91.24 20.82
CHB CLA AM . 0.14 -90.17 25.48
CHC CLA AM . 4.65 -91.97 25.20
CHD CLA AM . 4.00 -92.97 20.44
NA CLA AM . 0.07 -90.93 23.14
C1A CLA AM . -0.84 -90.78 22.08
C2A CLA AM . -2.07 -89.98 22.50
C3A CLA AM . -1.86 -89.76 24.01
C4A CLA AM . -0.46 -90.33 24.26
CMA CLA AM . -1.94 -88.29 24.32
CAA CLA AM . -3.34 -90.77 22.28
CBA CLA AM . -4.40 -89.93 21.61
CGA CLA AM . -5.25 -89.26 22.66
O1A CLA AM . -5.77 -89.77 23.65
O2A CLA AM . -5.41 -87.92 22.45
NB CLA AM . 2.28 -91.30 24.99
C1B CLA AM . 1.43 -90.60 25.80
C2B CLA AM . 2.09 -90.29 27.10
C3B CLA AM . 3.36 -90.79 27.04
C4B CLA AM . 3.51 -91.44 25.70
CMB CLA AM . 1.44 -89.51 28.15
CAB CLA AM . 4.43 -90.68 27.99
CBB CLA AM . 5.21 -91.66 28.43
NC CLA AM . 3.93 -92.46 22.88
C1C CLA AM . 4.86 -92.46 23.88
C2C CLA AM . 6.14 -92.94 23.38
C3C CLA AM . 5.99 -93.13 22.01
C4C CLA AM . 4.59 -92.85 21.71
CMC CLA AM . 7.37 -93.08 24.18
CAC CLA AM . 7.01 -93.61 21.07
CBC CLA AM . 7.19 -95.11 21.10
ND CLA AM . 1.82 -92.07 21.09
C1D CLA AM . 2.71 -92.61 20.12
C2D CLA AM . 2.01 -92.70 18.82
C3D CLA AM . 0.74 -92.21 19.03
C4D CLA AM . 0.68 -91.81 20.45
CMD CLA AM . 2.60 -93.21 17.58
CAD CLA AM . -0.55 -91.89 18.44
OBD CLA AM . -0.94 -92.04 17.29
CBD CLA AM . -1.44 -91.26 19.57
CGD CLA AM . -1.97 -89.90 19.21
O1D CLA AM . -1.43 -88.80 19.43
O2D CLA AM . -3.18 -89.93 18.59
CED CLA AM . -3.70 -88.72 18.04
MG CLA BM . 14.53 -105.59 22.99
CHA CLA BM . 17.86 -106.14 22.18
CHB CLA BM . 14.36 -103.29 20.45
CHC CLA BM . 11.10 -105.67 23.16
CHD CLA BM . 14.65 -108.47 25.08
NA CLA BM . 15.89 -104.84 21.60
C1A CLA BM . 17.24 -105.20 21.41
C2A CLA BM . 17.89 -104.40 20.30
C3A CLA BM . 16.84 -103.32 19.99
C4A CLA BM . 15.59 -103.85 20.71
CMA CLA BM . 17.26 -102.00 20.56
CAA CLA BM . 18.23 -105.26 19.09
CBA CLA BM . 17.04 -105.95 18.44
CGA CLA BM . 17.54 -106.87 17.37
O1A CLA BM . 18.68 -107.32 17.22
O2A CLA BM . 16.59 -107.23 16.45
NB CLA BM . 13.04 -104.67 21.99
C1B CLA BM . 13.17 -103.69 21.06
C2B CLA BM . 11.84 -103.09 20.74
C3B CLA BM . 10.91 -103.76 21.51
C4B CLA BM . 11.66 -104.78 22.31
CMB CLA BM . 11.67 -102.02 19.76
CAB CLA BM . 9.49 -103.62 21.58
CBB CLA BM . 8.83 -102.45 21.58
NC CLA BM . 13.15 -106.81 23.98
C1C CLA BM . 11.79 -106.63 23.96
C2C CLA BM . 11.12 -107.61 24.79
C3C CLA BM . 12.13 -108.45 25.28
C4C CLA BM . 13.39 -107.93 24.77
CMC CLA BM . 9.68 -107.72 25.01
CAC CLA BM . 11.96 -109.61 26.17
CBC CLA BM . 11.93 -110.92 25.43
ND CLA BM . 15.89 -106.97 23.58
C1D CLA BM . 15.85 -108.04 24.52
C2D CLA BM . 17.21 -108.55 24.76
C3D CLA BM . 18.03 -107.84 23.89
C4D CLA BM . 17.16 -106.91 23.17
CMD CLA BM . 17.56 -109.60 25.71
CAD CLA BM . 19.38 -107.62 23.41
OBD CLA BM . 20.44 -108.13 23.79
CBD CLA BM . 19.31 -106.58 22.25
CGD CLA BM . 20.22 -105.41 22.48
O1D CLA BM . 20.73 -104.67 21.64
O2D CLA BM . 20.49 -105.18 23.80
CED CLA BM . 20.11 -103.91 24.33
C1 CLA BM . 15.91 -108.48 16.71
C2 CLA BM . 15.76 -109.18 15.41
C3 CLA BM . 14.92 -110.22 15.25
C4 CLA BM . 14.76 -110.91 13.94
C5 CLA BM . 14.10 -110.72 16.38
MG CLA CM . 14.15 -102.32 15.35
CHA CLA CM . 14.57 -105.35 13.74
CHB CLA CM . 10.75 -102.75 15.17
CHC CLA CM . 13.71 -99.73 17.58
CHD CLA CM . 17.61 -102.33 16.13
NA CLA CM . 12.89 -103.79 14.56
C1A CLA CM . 13.27 -104.98 13.91
C2A CLA CM . 12.07 -105.77 13.45
C3A CLA CM . 10.88 -104.83 13.76
C4A CLA CM . 11.54 -103.70 14.56
CMA CLA CM . 10.19 -104.32 12.52
CAA CLA CM . 11.97 -107.12 14.14
CBA CLA CM . 11.53 -108.19 13.17
CGA CLA CM . 11.20 -109.48 13.84
O1A CLA CM . 10.96 -110.58 13.32
O2A CLA CM . 11.20 -109.39 15.21
NB CLA CM . 12.56 -101.44 16.22
C1B CLA CM . 11.25 -101.69 15.94
C2B CLA CM . 10.37 -100.68 16.60
C3B CLA CM . 11.21 -99.84 17.28
C4B CLA CM . 12.60 -100.29 17.04
CMB CLA CM . 8.91 -100.68 16.50
CAB CLA CM . 10.92 -98.69 18.09
CBB CLA CM . 10.09 -98.72 19.13
NC CLA CM . 15.43 -101.21 16.59
C1C CLA CM . 15.05 -100.16 17.38
C2C CLA CM . 16.20 -99.57 18.04
C3C CLA CM . 17.29 -100.35 17.68
C4C CLA CM . 16.81 -101.37 16.76
CMC CLA CM . 16.19 -98.42 18.95
CAC CLA CM . 18.69 -100.16 18.09
CBC CLA CM . 19.37 -99.11 17.25
ND CLA CM . 15.76 -103.49 15.01
C1D CLA CM . 17.14 -103.34 15.31
C2D CLA CM . 17.92 -104.40 14.62
C3D CLA CM . 16.97 -105.19 13.97
C4D CLA CM . 15.65 -104.60 14.29
CMD CLA CM . 19.36 -104.55 14.65
CAD CLA CM . 16.73 -106.36 13.14
OBD CLA CM . 17.54 -107.12 12.60
CBD CLA CM . 15.19 -106.53 13.01
CGD CLA CM . 14.74 -106.59 11.58
O1D CLA CM . 13.97 -105.81 10.99
O2D CLA CM . 15.24 -107.65 10.88
CED CLA CM . 14.41 -108.28 9.92
C1 CLA CM . 10.26 -110.25 15.89
MG CLA DM . 16.10 -91.04 19.11
CHA CLA DM . 15.52 -93.62 16.89
CHB CLA DM . 18.81 -90.08 17.26
CHC CLA DM . 16.92 -88.79 21.55
CHD CLA DM . 13.54 -92.33 21.19
NA CLA DM . 17.04 -91.78 17.39
C1A CLA DM . 16.62 -92.86 16.60
C2A CLA DM . 17.56 -93.06 15.40
C3A CLA DM . 18.59 -91.92 15.55
C4A CLA DM . 18.14 -91.20 16.82
CMA CLA DM . 19.99 -92.43 15.63
CAA CLA DM . 16.81 -93.02 14.07
CBA CLA DM . 15.77 -91.92 13.93
CGA CLA DM . 16.42 -90.59 13.68
O1A CLA DM . 17.18 -90.27 12.76
O2A CLA DM . 16.11 -89.66 14.63
NB CLA DM . 17.64 -89.76 19.40
C1B CLA DM . 18.48 -89.36 18.42
C2B CLA DM . 19.06 -88.03 18.75
C3B CLA DM . 18.54 -87.65 19.96
C4B CLA DM . 17.63 -88.75 20.39
CMB CLA DM . 20.02 -87.34 17.89
CAB CLA DM . 18.77 -86.49 20.76
CBB CLA DM . 18.90 -85.25 20.28
NC CLA DM . 15.40 -90.67 21.04
C1C CLA DM . 15.89 -89.71 21.88
C2C CLA DM . 15.15 -89.71 23.14
C3C CLA DM . 14.18 -90.70 23.03
C4C CLA DM . 14.33 -91.29 21.71
CMC CLA DM . 15.42 -88.83 24.28
CAC CLA DM . 13.19 -91.08 24.04
CBC CLA DM . 13.73 -92.13 24.98
ND CLA DM . 14.85 -92.63 19.14
C1D CLA DM . 13.76 -92.97 19.99
C2D CLA DM . 12.98 -94.07 19.37
C3D CLA DM . 13.61 -94.36 18.18
C4D CLA DM . 14.76 -93.44 18.09
CMD CLA DM . 11.79 -94.69 19.96
CAD CLA DM . 13.61 -95.17 16.97
OBD CLA DM . 12.84 -96.05 16.63
CBD CLA DM . 14.84 -94.73 16.12
CGD CLA DM . 15.76 -95.88 15.83
O1D CLA DM . 16.92 -96.05 16.23
O2D CLA DM . 15.21 -96.83 15.01
CED CLA DM . 16.07 -97.82 14.46
MG CHL EM . -1.24 -106.08 13.59
CHA CHL EM . -0.67 -105.49 16.95
CHB CHL EM . 2.02 -106.73 13.15
CHC CHL EM . -1.99 -106.96 10.36
CHD CHL EM . -4.68 -105.22 14.15
NA CHL EM . 0.36 -106.12 14.78
C1A CHL EM . 0.43 -105.92 16.06
C2A CHL EM . 1.79 -106.15 16.66
C3A CHL EM . 2.65 -106.30 15.44
C4A CHL EM . 1.61 -106.39 14.37
CMA CHL EM . 3.59 -105.13 15.21
CAA CHL EM . 1.86 -107.35 17.59
CBA CHL EM . 1.35 -108.64 16.94
CGA CHL EM . 0.18 -109.19 17.70
O1A CHL EM . -0.83 -108.52 17.86
O2A CHL EM . 0.23 -110.54 18.25
NB CHL EM . -0.15 -106.74 11.99
C1B CHL EM . 1.18 -106.96 11.97
C2B CHL EM . 1.74 -107.45 10.70
C3B CHL EM . 0.54 -107.53 9.85
C4B CHL EM . -0.56 -107.08 10.74
CMB CHL EM . 3.17 -107.78 10.36
CAB CHL EM . 0.63 -107.98 8.43
CBB CHL EM . -0.38 -108.14 7.59
NC CHL EM . -2.98 -106.08 12.48
C1C CHL EM . -3.10 -106.48 11.19
C2C CHL EM . -4.48 -106.38 10.65
C3C CHL EM . -5.28 -105.86 11.75
C4C CHL EM . -4.27 -105.71 12.82
CMC CHL EM . -5.00 -106.71 9.30
OMC CHL EM . -4.25 -107.13 8.43
CAC CHL EM . -6.77 -105.58 11.76
CBC CHL EM . -7.46 -106.93 11.84
ND CHL EM . -2.46 -105.49 15.11
C1D CHL EM . -3.77 -105.16 15.30
C2D CHL EM . -4.13 -104.78 16.70
C3D CHL EM . -2.84 -104.93 17.33
C4D CHL EM . -1.99 -105.33 16.38
CMD CHL EM . -5.33 -104.34 17.51
CAD CHL EM . -2.14 -104.80 18.62
OBD CHL EM . -2.68 -104.46 19.73
CBD CHL EM . -0.70 -105.19 18.42
CGD CHL EM . 0.26 -104.12 18.82
O1D CHL EM . -0.02 -102.93 18.74
O2D CHL EM . 1.56 -104.51 19.36
CED CHL EM . 2.48 -103.55 19.86
MG CLA FM . 1.40 -96.49 14.91
CHA CLA FM . -1.38 -95.31 16.70
CHB CLA FM . -0.12 -95.37 12.05
CHC CLA FM . 4.48 -96.32 13.36
CHD CLA FM . 3.12 -96.46 18.04
NA CLA FM . -0.45 -95.60 14.47
C1A CLA FM . -1.46 -95.20 15.35
C2A CLA FM . -2.62 -94.58 14.60
C3A CLA FM . -2.38 -95.09 13.17
C4A CLA FM . -0.88 -95.35 13.20
CMA CLA FM . -3.20 -96.34 12.99
CAA CLA FM . -2.42 -93.08 14.71
CBA CLA FM . -2.57 -92.32 13.41
CGA CLA FM . -2.48 -90.85 13.71
O1A CLA FM . -3.01 -89.91 13.11
O2A CLA FM . -1.66 -90.57 14.77
NB CLA FM . 2.07 -95.79 13.13
C1B CLA FM . 1.26 -95.64 12.04
C2B CLA FM . 2.00 -95.90 10.77
C3B CLA FM . 3.30 -96.17 11.13
C4B CLA FM . 3.35 -96.10 12.63
CMB CLA FM . 1.42 -95.90 9.44
CAB CLA FM . 4.44 -96.48 10.30
CBB CLA FM . 4.89 -95.78 9.25
NC CLA FM . 3.40 -96.58 15.58
C1C CLA FM . 4.50 -96.62 14.76
C2C CLA FM . 5.73 -96.80 15.52
C3C CLA FM . 5.37 -96.67 16.86
C4C CLA FM . 3.90 -96.55 16.89
CMC CLA FM . 7.07 -96.99 14.98
CAC CLA FM . 6.26 -96.83 18.02
CBC CLA FM . 6.53 -98.30 18.26
ND CLA FM . 0.94 -96.39 16.90
C1D CLA FM . 1.75 -96.37 18.08
C2D CLA FM . 0.90 -96.21 19.27
C3D CLA FM . -0.36 -95.88 18.79
C4D CLA FM . -0.22 -95.87 17.32
CMD CLA FM . 1.35 -96.33 20.66
CAD CLA FM . -1.73 -95.50 19.11
OBD CLA FM . -2.34 -95.58 20.17
CBD CLA FM . -2.36 -94.93 17.79
CGD CLA FM . -3.74 -95.49 17.53
O1D CLA FM . -3.99 -96.54 16.94
O2D CLA FM . -4.78 -94.73 17.98
CED CLA FM . -6.05 -95.36 18.18
C1 CLA FM . -0.48 -89.81 14.47
C2 CLA FM . -0.10 -89.06 15.70
C3 CLA FM . 1.12 -88.51 15.85
C4 CLA FM . 2.16 -88.63 14.80
C5 CLA FM . 1.49 -87.76 17.08
C6 CLA FM . 2.56 -88.43 17.92
C7 CLA FM . 3.12 -87.47 18.94
C8 CLA FM . 4.03 -88.12 19.99
C9 CLA FM . 5.07 -89.01 19.32
C10 CLA FM . 3.25 -88.93 21.03
C11 CLA FM . 2.42 -88.05 21.93
C12 CLA FM . 2.26 -88.65 23.31
MG CLA GM . -3.69 -109.33 24.70
CHA CLA GM . -6.21 -110.71 22.75
CHB CLA GM . -5.04 -110.88 27.44
CHC CLA GM . -0.79 -108.71 26.46
CHD CLA GM . -2.05 -108.32 21.72
NA CLA GM . -5.35 -110.55 25.02
C1A CLA GM . -6.27 -111.02 24.08
C2A CLA GM . -7.35 -111.89 24.72
C3A CLA GM . -7.13 -111.64 26.23
C4A CLA GM . -5.74 -111.00 26.26
CMA CLA GM . -8.19 -110.73 26.80
CAA CLA GM . -7.13 -113.32 24.26
CBA CLA GM . -6.49 -114.27 25.27
CGA CLA GM . -5.05 -113.94 25.57
O1A CLA GM . -4.31 -113.16 24.97
O2A CLA GM . -4.55 -114.64 26.63
NB CLA GM . -3.03 -109.77 26.57
C1B CLA GM . -3.78 -110.31 27.56
C2B CLA GM . -3.06 -110.21 28.86
C3B CLA GM . -1.86 -109.58 28.60
C4B CLA GM . -1.82 -109.29 27.14
CMB CLA GM . -3.63 -110.69 30.12
CAB CLA GM . -0.80 -109.25 29.52
CBB CLA GM . -0.97 -108.67 30.70
NC CLA GM . -1.80 -108.60 24.18
C1C CLA GM . -0.77 -108.37 25.07
C2C CLA GM . 0.36 -107.79 24.37
C3C CLA GM . 0.03 -107.75 23.01
C4C CLA GM . -1.34 -108.25 22.91
CMC CLA GM . 1.64 -107.38 24.96
CAC CLA GM . 0.86 -107.24 21.93
CBC CLA GM . 1.66 -108.34 21.27
ND CLA GM . -4.02 -109.39 22.71
C1D CLA GM . -3.31 -108.86 21.59
C2D CLA GM . -4.15 -108.99 20.37
C3D CLA GM . -5.28 -109.70 20.76
C4D CLA GM . -5.13 -109.94 22.22
CMD CLA GM . -3.78 -108.50 19.05
CAD CLA GM . -6.56 -110.24 20.36
OBD CLA GM . -7.13 -110.19 19.28
CBD CLA GM . -7.14 -110.99 21.60
CGD CLA GM . -8.55 -110.53 21.90
O1D CLA GM . -9.01 -110.14 22.98
O2D CLA GM . -9.38 -110.56 20.83
CED CLA GM . -10.65 -111.19 20.99
C1 CLA GM . -3.52 -114.01 27.43
C2 CLA GM . -2.95 -115.06 28.33
C3 CLA GM . -1.80 -114.93 29.03
C4 CLA GM . -1.33 -116.02 29.90
C5 CLA GM . -0.94 -113.71 28.97
C6 CLA GM . 0.35 -113.93 28.20
C7 CLA GM . 1.58 -113.92 29.09
C8 CLA GM . 2.86 -113.74 28.30
C9 CLA GM . 2.98 -114.74 27.18
C10 CLA GM . 4.08 -113.85 29.22
MG CLA HM . -4.89 -104.35 42.41
CHA CLA HM . -5.75 -106.67 39.96
CHB CLA HM . -7.10 -105.92 44.53
CHC CLA HM . -3.42 -102.76 45.07
CHD CLA HM . -2.09 -103.45 40.40
NA CLA HM . -6.21 -105.97 42.23
C1A CLA HM . -6.43 -106.81 41.12
C2A CLA HM . -7.48 -107.87 41.40
C3A CLA HM . -8.05 -107.45 42.78
C4A CLA HM . -7.06 -106.38 43.23
CMA CLA HM . -9.46 -106.92 42.66
CAA CLA HM . -6.84 -109.25 41.46
NB CLA HM . -5.16 -104.39 44.41
C1B CLA HM . -6.22 -104.95 45.05
C2B CLA HM . -6.36 -104.39 46.42
C3B CLA HM . -5.33 -103.50 46.59
C4B CLA HM . -4.55 -103.49 45.32
CMB CLA HM . -7.40 -104.80 47.36
CAB CLA HM . -4.97 -102.71 47.73
CBB CLA HM . -5.10 -101.38 47.81
NC CLA HM . -3.13 -103.24 42.66
C1C CLA HM . -2.76 -102.63 43.82
C2C CLA HM . -1.52 -101.89 43.64
C3C CLA HM . -1.10 -102.15 42.32
C4C CLA HM . -2.13 -102.99 41.72
CMC CLA HM . -0.83 -101.09 44.66
CAC CLA HM . 0.10 -101.62 41.66
CBC CLA HM . 1.24 -102.62 41.60
ND CLA HM . -4.15 -104.78 40.57
C1D CLA HM . -3.02 -104.30 39.84
C2D CLA HM . -3.06 -104.85 38.47
C3D CLA HM . -4.13 -105.73 38.44
C4D CLA HM . -4.72 -105.69 39.79
CMD CLA HM . -2.13 -104.51 37.40
CAD CLA HM . -4.92 -106.67 37.64
OBD CLA HM . -4.89 -106.89 36.44
CBD CLA HM . -5.88 -107.40 38.63
CGD CLA HM . -7.30 -107.44 38.14
O1D CLA HM . -8.04 -106.48 37.89
O2D CLA HM . -7.82 -108.69 37.98
CED CLA HM . -9.22 -108.86 38.20
MG CLA IM . 1.24 -109.26 35.57
CHA CLA IM . -1.74 -110.91 36.23
CHB CLA IM . 1.75 -111.30 32.88
CHC CLA IM . 4.54 -108.26 35.44
CHD CLA IM . 0.97 -107.70 38.76
NA CLA IM . 0.16 -110.82 34.69
C1A CLA IM . -1.07 -111.36 35.10
C2A CLA IM . -1.52 -112.48 34.17
C3A CLA IM . -0.48 -112.44 33.04
C4A CLA IM . 0.57 -111.47 33.56
CMA CLA IM . 0.12 -113.80 32.77
CAA CLA IM . -2.92 -112.25 33.62
CBA CLA IM . -3.40 -113.37 32.71
CGA CLA IM . -3.65 -114.60 33.52
O1A CLA IM . -4.57 -114.83 34.30
O2A CLA IM . -2.70 -115.57 33.31
NB CLA IM . 2.85 -109.76 34.43
C1B CLA IM . 2.78 -110.44 33.26
C2B CLA IM . 3.98 -110.17 32.42
C3B CLA IM . 4.78 -109.31 33.14
C4B CLA IM . 4.07 -109.05 34.43
CMB CLA IM . 4.19 -110.79 31.11
CAB CLA IM . 6.06 -108.72 32.83
CBB CLA IM . 6.50 -108.48 31.60
NC CLA IM . 2.49 -108.16 36.84
C1C CLA IM . 3.79 -107.84 36.57
C2C CLA IM . 4.35 -107.02 37.64
C3C CLA IM . 3.36 -106.89 38.60
C4C CLA IM . 2.19 -107.60 38.09
CMC CLA IM . 5.71 -106.48 37.69
CAC CLA IM . 3.43 -106.15 39.87
CBC CLA IM . 3.97 -106.99 41.01
ND CLA IM . -0.07 -109.18 37.11
C1D CLA IM . -0.10 -108.45 38.32
C2D CLA IM . -1.40 -108.65 39.00
C3D CLA IM . -2.07 -109.58 38.23
C4D CLA IM . -1.19 -109.91 37.09
CMD CLA IM . -1.81 -107.99 40.24
CAD CLA IM . -3.28 -110.37 38.08
OBD CLA IM . -4.30 -110.39 38.76
CBD CLA IM . -3.07 -111.28 36.83
CGD CLA IM . -3.12 -112.74 37.19
O1D CLA IM . -2.21 -113.42 37.69
O2D CLA IM . -4.30 -113.34 36.93
CED CLA IM . -4.68 -114.48 37.70
MG CLA JM . 10.63 -94.72 40.17
CHA CLA JM . 13.51 -94.06 41.97
CHB CLA JM . 10.41 -97.77 41.72
CHC CLA JM . 7.35 -95.01 39.15
CHD CLA JM . 10.50 -91.26 39.31
NA CLA JM . 11.79 -95.73 41.57
C1A CLA JM . 12.96 -95.29 42.20
C2A CLA JM . 13.53 -96.34 43.15
C3A CLA JM . 12.65 -97.57 42.88
C4A CLA JM . 11.53 -97.00 42.00
CMA CLA JM . 13.41 -98.70 42.22
CAA CLA JM . 13.48 -95.87 44.60
CBA CLA JM . 12.08 -95.56 45.12
CGA CLA JM . 11.74 -94.12 44.87
O1A CLA JM . 12.37 -93.11 45.19
O2A CLA JM . 10.55 -93.98 44.21
NB CLA JM . 9.16 -96.09 40.43
C1B CLA JM . 9.32 -97.32 40.96
C2B CLA JM . 8.16 -98.20 40.60
C3B CLA JM . 7.29 -97.42 39.87
C4B CLA JM . 7.92 -96.08 39.75
CMB CLA JM . 8.03 -99.58 41.03
CAB CLA JM . 6.00 -97.76 39.33
CBB CLA JM . 5.61 -97.49 38.08
NC CLA JM . 9.22 -93.40 39.32
C1C CLA JM . 7.96 -93.74 38.94
C2C CLA JM . 7.26 -92.62 38.34
C3C CLA JM . 8.13 -91.53 38.46
C4C CLA JM . 9.36 -92.03 39.07
CMC CLA JM . 5.90 -92.63 37.81
CAC CLA JM . 7.85 -90.16 38.01
CBC CLA JM . 7.01 -89.40 39.01
ND CLA JM . 11.75 -93.05 40.43
C1D CLA JM . 11.64 -91.72 39.95
C2D CLA JM . 12.88 -90.98 40.27
C3D CLA JM . 13.66 -91.85 41.00
C4D CLA JM . 12.88 -93.09 41.13
CMD CLA JM . 13.16 -89.61 39.85
CAD CLA JM . 14.92 -92.05 41.71
OBD CLA JM . 15.91 -91.32 41.77
CBD CLA JM . 14.81 -93.43 42.44
CGD CLA JM . 16.00 -94.31 42.13
O1D CLA JM . 16.41 -94.64 41.01
O2D CLA JM . 16.67 -94.75 43.24
CED CLA JM . 18.02 -95.18 43.06
C1 CLA JM . 10.13 -92.65 43.86
C2 CLA JM . 8.81 -92.78 43.21
C3 CLA JM . 8.14 -91.71 42.76
C4 CLA JM . 8.67 -90.34 42.91
C5 CLA JM . 6.80 -91.81 42.10
C6 CLA JM . 6.10 -93.15 42.30
C7 CLA JM . 4.65 -93.04 41.88
C8 CLA JM . 3.98 -94.39 41.71
C9 CLA JM . 4.44 -95.39 42.76
C10 CLA JM . 4.24 -94.96 40.31
MG CLA KM . 11.25 -99.12 48.83
CHA CLA KM . 9.73 -96.03 49.27
CHB CLA KM . 12.18 -99.07 52.13
CHC CLA KM . 12.05 -102.46 48.65
CHD CLA KM . 9.68 -99.36 45.66
NA CLA KM . 11.00 -97.76 50.41
C1A CLA KM . 10.34 -96.53 50.38
C2A CLA KM . 10.40 -95.83 51.73
C3A CLA KM . 11.36 -96.72 52.55
C4A CLA KM . 11.53 -97.95 51.65
CMA CLA KM . 12.68 -96.04 52.81
CAA CLA KM . 9.02 -95.78 52.36
NB CLA KM . 11.93 -100.49 50.14
C1B CLA KM . 12.39 -100.24 51.40
C2B CLA KM . 13.16 -101.40 51.92
C3B CLA KM . 13.12 -102.37 50.94
C4B CLA KM . 12.34 -101.81 49.81
CMB CLA KM . 13.76 -101.42 53.25
CAB CLA KM . 13.68 -103.70 50.91
CBB CLA KM . 14.90 -104.03 51.33
NC CLA KM . 10.95 -100.62 47.40
C1C CLA KM . 11.40 -101.91 47.51
C2C CLA KM . 11.07 -102.67 46.31
C3C CLA KM . 10.36 -101.80 45.48
C4C CLA KM . 10.29 -100.52 46.16
CMC CLA KM . 11.40 -104.08 46.07
CAC CLA KM . 9.81 -102.11 44.14
CBC CLA KM . 8.41 -102.66 44.20
ND CLA KM . 10.03 -98.00 47.67
C1D CLA KM . 9.54 -98.17 46.34
C2D CLA KM . 8.90 -96.91 45.89
C3D CLA KM . 8.97 -96.05 46.97
C4D CLA KM . 9.65 -96.79 48.05
CMD CLA KM . 8.33 -96.69 44.57
CAD CLA KM . 8.65 -94.72 47.48
OBD CLA KM . 8.14 -93.76 46.92
CBD CLA KM . 9.09 -94.69 48.98
CGD CLA KM . 10.02 -93.54 49.26
O1D CLA KM . 11.05 -93.54 49.96
O2D CLA KM . 9.66 -92.38 48.65
CED CLA KM . 8.53 -91.69 49.18
MG CLA LM . 21.53 -112.09 21.85
CHA CLA LM . 24.37 -111.55 19.92
CHB CLA LM . 19.84 -109.82 19.88
CHC CLA LM . 18.54 -113.20 23.13
CHD CLA LM . 23.14 -114.91 23.27
NA CLA LM . 22.05 -110.88 20.21
C1A CLA LM . 23.29 -110.81 19.55
C2A CLA LM . 23.27 -109.80 18.41
C3A CLA LM . 21.89 -109.12 18.58
C4A CLA LM . 21.19 -110.00 19.62
CMA CLA LM . 22.02 -107.69 19.05
CAA CLA LM . 23.38 -110.51 17.07
NB CLA LM . 19.58 -111.64 21.51
C1B CLA LM . 19.12 -110.57 20.82
C2B CLA LM . 17.70 -110.30 21.16
C3B CLA LM . 17.32 -111.25 22.07
C4B CLA LM . 18.52 -112.12 22.31
CMB CLA LM . 16.90 -109.22 20.58
CAB CLA LM . 16.06 -111.48 22.72
CBB CLA LM . 14.88 -111.37 22.11
NC CLA LM . 20.97 -113.72 23.02
C1C CLA LM . 19.70 -113.95 23.48
C2C CLA LM . 19.66 -115.15 24.32
C3C CLA LM . 20.96 -115.67 24.31
C4C CLA LM . 21.77 -114.76 23.51
CMC CLA LM . 18.49 -115.69 24.99
CAC CLA LM . 21.43 -116.87 25.02
CBC CLA LM . 21.38 -118.11 24.16
ND CLA LM . 23.34 -113.00 21.75
C1D CLA LM . 23.90 -114.11 22.45
C2D CLA LM . 25.34 -114.20 22.13
C3D CLA LM . 25.58 -113.22 21.18
C4D CLA LM . 24.30 -112.54 20.95
CMD CLA LM . 26.27 -115.16 22.72
CAD CLA LM . 26.57 -112.57 20.33
OBD CLA LM . 27.78 -112.74 20.28
CBD CLA LM . 25.80 -111.56 19.42
CGD CLA LM . 26.41 -110.18 19.46
O1D CLA LM . 26.48 -109.36 18.54
O2D CLA LM . 26.95 -109.86 20.67
MG CLA MM . 0.76 -93.09 6.54
CHA CLA MM . 2.09 -92.88 3.36
CHB CLA MM . 3.89 -92.52 7.82
CHC CLA MM . -0.62 -92.41 9.63
CHD CLA MM . -2.48 -93.00 5.10
NA CLA MM . 2.66 -92.80 5.72
C1A CLA MM . 3.00 -92.74 4.35
C2A CLA MM . 4.50 -92.53 4.17
C3A CLA MM . 5.06 -92.72 5.60
C4A CLA MM . 3.79 -92.66 6.45
CMA CLA MM . 5.78 -94.04 5.75
CAA CLA MM . 4.78 -91.15 3.63
CBA CLA MM . 5.75 -91.20 2.47
CGA CLA MM . 7.05 -91.81 2.90
O1A CLA MM . 7.74 -91.54 3.88
O2A CLA MM . 7.49 -92.79 2.05
NB CLA MM . 1.48 -92.54 8.35
C1B CLA MM . 2.80 -92.46 8.69
C2B CLA MM . 2.94 -92.29 10.17
C3B CLA MM . 1.67 -92.27 10.69
C4B CLA MM . 0.73 -92.42 9.54
CMB CLA MM . 4.24 -92.16 10.83
CAB CLA MM . 1.22 -92.10 12.04
CBB CLA MM . 1.79 -92.66 13.10
NC CLA MM . -1.20 -92.80 7.23
C1C CLA MM . -1.54 -92.59 8.55
C2C CLA MM . -2.99 -92.51 8.68
C3C CLA MM . -3.51 -92.62 7.40
C4C CLA MM . -2.39 -92.82 6.49
CMC CLA MM . -3.73 -92.29 9.93
CAC CLA MM . -4.93 -92.60 7.01
CBC CLA MM . -5.59 -93.94 7.25
ND CLA MM . -0.08 -93.00 4.70
C1D CLA MM . -1.42 -93.08 4.24
C2D CLA MM . -1.43 -93.22 2.77
C3D CLA MM . -0.11 -93.14 2.37
C4D CLA MM . 0.69 -92.99 3.61
CMD CLA MM . -2.62 -93.37 1.94
CAD CLA MM . 0.83 -93.16 1.26
OBD CLA MM . 0.61 -93.30 0.06
CBD CLA MM . 2.26 -92.97 1.86
CGD CLA MM . 3.16 -94.12 1.51
O1D CLA MM . 3.51 -95.04 2.26
O2D CLA MM . 3.65 -94.11 0.24
CED CLA MM . 4.81 -94.91 -0.01
C1 CLA MM . 7.95 -92.37 0.75
C1 LUT NM . 11.41 -101.69 39.23
C2 LUT NM . 12.81 -101.04 39.34
C3 LUT NM . 13.04 -99.78 38.50
C4 LUT NM . 12.37 -99.93 37.15
C5 LUT NM . 10.91 -100.04 37.46
C6 LUT NM . 10.50 -101.08 38.19
C7 LUT NM . 9.20 -101.74 37.94
C8 LUT NM . 8.63 -101.68 36.72
C9 LUT NM . 7.42 -102.49 36.43
C10 LUT NM . 7.10 -102.71 35.14
C11 LUT NM . 6.00 -103.59 34.72
C12 LUT NM . 5.88 -103.89 33.42
C13 LUT NM . 4.87 -104.86 32.94
C14 LUT NM . 5.02 -105.34 31.68
C15 LUT NM . 4.16 -106.33 31.05
C16 LUT NM . 10.77 -101.70 40.61
C17 LUT NM . 11.57 -103.14 38.76
C18 LUT NM . 9.97 -98.91 37.10
C19 LUT NM . 6.64 -103.08 37.57
C20 LUT NM . 3.77 -105.28 33.86
O3 LUT NM . 14.45 -99.56 38.34
C21 LUT NM . -1.02 -115.18 23.75
C22 LUT NM . -2.29 -115.99 23.55
C23 LUT NM . -2.85 -115.87 22.15
C24 LUT NM . -2.76 -114.44 21.62
C25 LUT NM . -2.07 -113.48 22.25
C26 LUT NM . -1.34 -113.70 23.54
C27 LUT NM . -0.08 -112.86 23.57
C28 LUT NM . 0.27 -112.25 24.69
C29 LUT NM . 1.47 -111.40 24.82
C30 LUT NM . 1.69 -110.83 26.02
C31 LUT NM . 2.80 -109.93 26.34
C32 LUT NM . 2.81 -109.33 27.53
C33 LUT NM . 3.81 -108.35 28.00
C34 LUT NM . 3.59 -107.82 29.22
C35 LUT NM . 4.45 -106.80 29.84
C36 LUT NM . 0.08 -115.68 22.82
C37 LUT NM . -0.56 -115.38 25.20
C38 LUT NM . -2.03 -112.11 21.63
C39 LUT NM . 2.39 -111.20 23.65
C40 LUT NM . 4.96 -107.93 27.12
O23 LUT NM . -4.22 -116.30 22.12
C1 XAT OM . 12.73 -100.05 24.80
C2 XAT OM . 14.25 -99.98 24.83
C3 XAT OM . 14.94 -100.19 23.50
C4 XAT OM . 14.56 -99.03 22.60
C5 XAT OM . 13.04 -98.93 22.39
C6 XAT OM . 12.09 -99.52 23.51
C7 XAT OM . 10.66 -98.99 23.67
C8 XAT OM . 9.80 -98.98 22.63
C9 XAT OM . 8.39 -98.45 22.67
C10 XAT OM . 7.79 -98.05 23.81
C11 XAT OM . 6.44 -97.44 23.92
C12 XAT OM . 6.06 -96.94 25.09
C13 XAT OM . 4.74 -96.26 25.32
C14 XAT OM . 4.48 -95.81 26.57
C15 XAT OM . 3.23 -95.09 26.91
C16 XAT OM . 12.32 -99.24 26.04
C17 XAT OM . 12.29 -101.51 24.94
C18 XAT OM . 12.67 -97.67 21.60
C19 XAT OM . 7.70 -98.37 21.35
C20 XAT OM . 3.79 -96.07 24.18
O3 XAT OM . 16.36 -100.25 23.75
O4 XAT OM . 12.74 -98.27 23.60
C21 XAT OM . -4.92 -86.59 32.57
C22 XAT OM . -6.18 -86.18 33.32
C23 XAT OM . -7.47 -86.69 32.69
C24 XAT OM . -7.56 -88.22 32.78
C25 XAT OM . -6.28 -88.89 32.24
C26 XAT OM . -4.94 -88.09 32.18
C27 XAT OM . -3.60 -88.77 32.41
C28 XAT OM . -3.14 -89.63 31.49
C29 XAT OM . -1.83 -90.30 31.63
C30 XAT OM . -1.44 -91.07 30.60
C31 XAT OM . -0.16 -91.77 30.55
C32 XAT OM . 0.19 -92.44 29.46
C33 XAT OM . 1.51 -93.12 29.44
C34 XAT OM . 1.82 -93.78 28.31
C35 XAT OM . 3.07 -94.51 28.09
C36 XAT OM . -3.73 -86.21 33.45
C37 XAT OM . -4.78 -85.74 31.32
C38 XAT OM . -6.21 -90.40 32.50
C39 XAT OM . -0.94 -90.14 32.84
C40 XAT OM . 2.42 -93.05 30.62
O23 XAT OM . -8.57 -86.08 33.37
O24 XAT OM . -5.51 -88.57 33.37
C1 BCR PM . 2.13 -105.82 -1.98
C2 BCR PM . 1.61 -105.40 -3.37
C3 BCR PM . 0.51 -106.30 -3.92
C4 BCR PM . 1.01 -107.73 -3.98
C5 BCR PM . 1.39 -108.10 -2.57
C6 BCR PM . 2.21 -107.33 -1.86
C7 BCR PM . 3.11 -108.01 -0.90
C8 BCR PM . 3.55 -107.37 0.19
C9 BCR PM . 4.35 -108.04 1.24
C10 BCR PM . 4.49 -107.40 2.41
C11 BCR PM . 5.21 -107.98 3.53
C33 BCR PM . 0.71 -109.29 -1.96
C31 BCR PM . 1.21 -105.23 -0.92
C32 BCR PM . 3.54 -105.21 -1.88
C34 BCR PM . 4.96 -109.40 1.03
C12 BCR PM . 5.25 -107.30 4.67
C13 BCR PM . 5.94 -107.80 5.88
C14 BCR PM . 5.79 -107.10 7.02
C15 BCR PM . 6.43 -107.45 8.28
C16 BCR PM . 6.26 -106.68 9.35
C17 BCR PM . 6.95 -107.02 10.59
C18 BCR PM . 6.86 -106.29 11.73
C19 BCR PM . 7.68 -106.75 12.88
C20 BCR PM . 7.70 -106.13 14.07
C21 BCR PM . 8.59 -106.66 15.12
C22 BCR PM . 8.66 -106.15 16.35
C23 BCR PM . 9.60 -106.82 17.30
C24 BCR PM . 9.71 -106.55 18.61
C25 BCR PM . 10.64 -107.49 19.28
C26 BCR PM . 11.87 -107.65 18.76
C27 BCR PM . 12.77 -108.72 19.31
C28 BCR PM . 12.65 -108.61 20.82
C29 BCR PM . 11.26 -109.00 21.26
C30 BCR PM . 10.15 -108.47 20.33
C35 BCR PM . 6.80 -109.04 5.84
C36 BCR PM . 6.04 -105.04 11.83
C37 BCR PM . 7.83 -104.94 16.72
C38 BCR PM . 12.50 -106.72 17.75
C39 BCR PM . 9.02 -107.90 21.18
C40 BCR PM . 9.61 -109.68 19.56
C1 BCR QM . 3.56 -112.36 9.89
C2 BCR QM . 2.66 -112.55 8.67
C3 BCR QM . 1.19 -112.36 8.99
C4 BCR QM . 0.89 -113.03 10.31
C5 BCR QM . 1.56 -112.17 11.34
C6 BCR QM . 2.84 -111.81 11.11
C7 BCR QM . 3.61 -110.98 12.08
C8 BCR QM . 3.41 -111.09 13.40
C9 BCR QM . 4.23 -110.38 14.41
C10 BCR QM . 3.99 -110.69 15.70
C11 BCR QM . 4.72 -110.11 16.82
C33 BCR QM . 0.65 -111.64 12.41
C31 BCR QM . 4.75 -111.50 9.46
C32 BCR QM . 4.09 -113.73 10.34
C34 BCR QM . 5.28 -109.37 14.03
C12 BCR QM . 4.43 -110.52 18.05
C13 BCR QM . 5.14 -110.01 19.24
C14 BCR QM . 4.98 -110.65 20.42
C15 BCR QM . 5.66 -110.27 21.66
C16 BCR QM . 5.51 -111.03 22.74
C17 BCR QM . 6.20 -110.69 23.98
C18 BCR QM . 6.20 -111.47 25.09
C19 BCR QM . 6.98 -110.99 26.25
C20 BCR QM . 7.23 -111.72 27.33
C21 BCR QM . 8.08 -111.15 28.38
C22 BCR QM . 8.56 -111.87 29.42
C23 BCR QM . 9.48 -111.16 30.34
C24 BCR QM . 10.23 -111.75 31.26
C25 BCR QM . 11.21 -110.91 32.00
C26 BCR QM . 10.99 -109.61 32.13
C27 BCR QM . 12.03 -108.61 31.76
C28 BCR QM . 13.18 -108.97 32.69
C29 BCR QM . 13.64 -110.40 32.42
C30 BCR QM . 12.53 -111.47 32.49
C35 BCR QM . 6.02 -108.80 19.09
C36 BCR QM . 5.40 -112.75 25.14
C37 BCR QM . 8.15 -113.30 29.60
C38 BCR QM . 9.70 -109.15 32.75
C39 BCR QM . 12.38 -111.99 33.92
C40 BCR QM . 12.96 -112.58 31.55
O1 LHG RM . -4.48 -97.67 43.25
C1 LHG RM . -5.47 -97.64 44.27
C2 LHG RM . -5.41 -98.91 45.09
O2 LHG RM . -4.25 -98.89 45.92
C3 LHG RM . -5.30 -100.12 44.17
O3 LHG RM . -6.22 -100.00 43.10
P LHG RM . -6.24 -101.05 41.87
O4 LHG RM . -5.22 -102.15 42.13
O5 LHG RM . -7.66 -101.41 41.58
O6 LHG RM . -5.71 -100.08 40.69
C4 LHG RM . -6.06 -100.33 39.32
C5 LHG RM . -5.50 -99.21 38.44
C6 LHG RM . -6.20 -97.88 38.70
O7 LHG RM . -4.10 -99.05 38.69
C7 LHG RM . -3.27 -99.98 37.93
O9 LHG RM . -3.78 -100.71 37.10
C8 LHG RM . -1.79 -100.02 38.20
C9 LHG RM . -1.24 -98.61 38.33
C10 LHG RM . -0.19 -98.56 39.44
O8 LHG RM . -5.51 -97.13 39.71
C23 LHG RM . -4.84 -95.90 39.32
O10 LHG RM . -4.08 -95.93 38.36
C24 LHG RM . -5.09 -94.60 40.05
C11 LHG RM . 0.58 -97.24 39.43
C12 LHG RM . -0.33 -96.04 39.65
C13 LHG RM . 0.48 -94.76 39.75
C14 LHG RM . -0.41 -93.58 40.15
C25 LHG RM . -4.20 -93.50 39.47
C26 LHG RM . -4.73 -92.11 39.81
C27 LHG RM . -3.96 -91.03 39.06
C28 LHG RM . -2.68 -90.64 39.79
C29 LHG RM . -1.72 -89.88 38.88
C30 LHG RM . -2.35 -88.63 38.29
C31 LHG RM . -1.31 -87.79 37.56
MG CLA SM . 2.24 -80.07 -43.87
CHA CLA SM . 2.77 -82.46 -41.41
CHB CLA SM . 4.04 -77.84 -42.01
CHC CLA SM . 2.44 -77.99 -46.60
CHD CLA SM . 1.07 -82.67 -46.00
NA CLA SM . 3.21 -80.15 -42.01
C1A CLA SM . 3.32 -81.24 -41.14
C2A CLA SM . 4.09 -80.88 -39.87
C3A CLA SM . 4.35 -79.37 -40.03
C4A CLA SM . 3.85 -79.07 -41.45
CMA CLA SM . 3.65 -78.55 -38.98
CAA CLA SM . 5.35 -81.71 -39.69
CBA CLA SM . 6.27 -81.70 -40.89
CGA CLA SM . 7.69 -81.67 -40.44
O1A CLA SM . 8.20 -81.00 -39.53
O2A CLA SM . 8.50 -82.51 -41.16
NB CLA SM . 3.16 -78.31 -44.26
C1B CLA SM . 3.64 -77.48 -43.30
C2B CLA SM . 3.69 -76.08 -43.81
C3B CLA SM . 3.24 -76.10 -45.11
C4B CLA SM . 2.90 -77.52 -45.41
CMB CLA SM . 4.17 -74.95 -43.01
CAB CLA SM . 3.12 -75.01 -46.04
CBB CLA SM . 3.41 -75.04 -47.34
NC CLA SM . 1.81 -80.29 -45.90
C1C CLA SM . 1.93 -79.30 -46.83
C2C CLA SM . 1.48 -79.77 -48.14
C3C CLA SM . 1.14 -81.11 -47.99
C4C CLA SM . 1.34 -81.42 -46.58
CMC CLA SM . 1.45 -79.00 -49.37
CAC CLA SM . 0.63 -82.03 -49.00
CBC CLA SM . -0.88 -81.99 -49.08
ND CLA SM . 1.87 -82.06 -43.77
C1D CLA SM . 1.32 -82.99 -44.69
C2D CLA SM . 1.08 -84.27 -44.00
C3D CLA SM . 1.59 -84.11 -42.73
C4D CLA SM . 2.12 -82.73 -42.65
CMD CLA SM . 0.42 -85.44 -44.59
CAD CLA SM . 1.79 -84.70 -41.43
OBD CLA SM . 1.36 -85.77 -41.02
CBD CLA SM . 2.68 -83.73 -40.60
CGD CLA SM . 2.11 -83.47 -39.22
O1D CLA SM . 2.72 -83.39 -38.16
O2D CLA SM . 0.75 -83.31 -39.20
CED CLA SM . 0.12 -83.19 -37.93
C1 CLA SM . 9.88 -82.59 -40.73
C2 CLA SM . 10.60 -83.38 -41.76
C3 CLA SM . 10.80 -82.92 -43.01
C4 CLA SM . 11.52 -83.73 -44.02
C5 CLA SM . 10.29 -81.59 -43.43
MG CLA TM . 0.53 -69.24 -51.03
CHA CLA TM . -2.53 -70.63 -50.09
CHB CLA TM . -0.97 -66.14 -50.99
CHC CLA TM . 3.63 -67.73 -50.90
CHD CLA TM . 2.07 -72.32 -50.09
NA CLA TM . -1.42 -68.55 -50.67
C1A CLA TM . -2.54 -69.28 -50.29
C2A CLA TM . -3.76 -68.37 -50.14
C3A CLA TM . -3.30 -67.06 -50.79
C4A CLA TM . -1.77 -67.23 -50.81
CMA CLA TM . -3.86 -66.91 -52.18
CAA CLA TM . -4.14 -68.18 -48.67
CBA CLA TM . -3.05 -67.58 -47.80
CGA CLA TM . -3.00 -66.08 -47.86
O1A CLA TM . -3.94 -65.28 -47.82
O2A CLA TM . -1.72 -65.60 -47.96
NB CLA TM . 1.18 -67.33 -50.90
C1B CLA TM . 0.43 -66.21 -51.06
C2B CLA TM . 1.29 -65.03 -51.35
C3B CLA TM . 2.60 -65.48 -51.33
C4B CLA TM . 2.54 -66.94 -51.05
CMB CLA TM . 0.77 -63.69 -51.56
CAB CLA TM . 3.83 -64.77 -51.51
CBB CLA TM . 4.06 -63.52 -51.11
NC CLA TM . 2.48 -69.92 -50.66
C1C CLA TM . 3.60 -69.14 -50.73
C2C CLA TM . 4.80 -69.94 -50.50
C3C CLA TM . 4.36 -71.22 -50.17
C4C CLA TM . 2.90 -71.20 -50.29
CMC CLA TM . 6.18 -69.45 -50.51
CAC CLA TM . 5.20 -72.38 -49.84
CBC CLA TM . 5.62 -72.36 -48.38
ND CLA TM . -0.03 -71.09 -50.44
C1D CLA TM . 0.69 -72.29 -50.15
C2D CLA TM . -0.26 -73.40 -49.93
C3D CLA TM . -1.52 -72.82 -49.96
C4D CLA TM . -1.31 -71.38 -50.19
CMD CLA TM . 0.12 -74.80 -49.73
CAD CLA TM . -2.95 -73.04 -49.86
OBD CLA TM . -3.57 -74.10 -49.82
CBD CLA TM . -3.62 -71.64 -49.79
CGD CLA TM . -4.77 -71.55 -50.76
O1D CLA TM . -5.86 -72.15 -50.67
O2D CLA TM . -4.59 -70.74 -51.83
CED CLA TM . -5.34 -71.02 -53.01
C1 CLA TM . -1.49 -64.27 -47.48
C2 CLA TM . -0.01 -64.10 -47.45
C3 CLA TM . 0.61 -62.93 -47.20
C4 CLA TM . -0.14 -61.68 -46.93
C5 CLA TM . 2.09 -62.88 -47.20
C6 CLA TM . 2.68 -62.43 -45.88
C7 CLA TM . 4.15 -62.81 -45.77
C8 CLA TM . 4.73 -62.49 -44.40
C9 CLA TM . 4.39 -61.07 -43.99
C10 CLA TM . 6.24 -62.66 -44.36
C11 CLA TM . 6.69 -64.10 -44.50
C12 CLA TM . 8.18 -64.23 -44.24
C13 CLA TM . 8.68 -65.65 -44.52
C14 CLA TM . 8.50 -66.54 -43.32
C15 CLA TM . 10.14 -65.64 -44.97
MG CLA UM . 6.92 -59.51 -52.53
CHA CLA UM . 4.24 -57.31 -52.74
CHB CLA UM . 5.50 -60.89 -49.72
CHC CLA UM . 9.87 -61.17 -51.86
CHD CLA UM . 8.63 -57.52 -54.93
NA CLA UM . 5.14 -59.19 -51.46
C1A CLA UM . 4.15 -58.22 -51.73
C2A CLA UM . 2.99 -58.33 -50.74
C3A CLA UM . 3.34 -59.61 -49.93
C4A CLA UM . 4.76 -59.94 -50.38
CMA CLA UM . 3.27 -59.35 -48.45
CAA CLA UM . 1.68 -58.52 -51.47
CBA CLA UM . 0.74 -57.36 -51.26
CGA CLA UM . -0.60 -57.85 -50.80
O1A CLA UM . -1.25 -58.80 -51.24
O2A CLA UM . -1.11 -57.11 -49.78
NB CLA UM . 7.53 -60.81 -51.12
C1B CLA UM . 6.82 -61.24 -50.05
C2B CLA UM . 7.65 -62.18 -49.23
C3B CLA UM . 8.88 -62.27 -49.83
C4B CLA UM . 8.83 -61.39 -51.03
CMB CLA UM . 7.15 -62.79 -48.00
CAB CLA UM . 10.07 -62.99 -49.44
CBB CLA UM . 10.49 -63.16 -48.18
NC CLA UM . 8.85 -59.40 -53.30
C1C CLA UM . 9.89 -60.23 -52.93
C2C CLA UM . 11.06 -59.98 -53.76
C3C CLA UM . 10.74 -58.87 -54.55
C4C CLA UM . 9.35 -58.53 -54.28
CMC CLA UM . 12.34 -60.69 -53.68
CAC CLA UM . 11.59 -58.25 -55.58
CBC CLA UM . 11.31 -58.91 -56.91
ND CLA UM . 6.57 -57.84 -53.62
C1D CLA UM . 7.34 -57.17 -54.62
C2D CLA UM . 6.51 -56.10 -55.23
C3D CLA UM . 5.30 -56.13 -54.57
C4D CLA UM . 5.41 -57.21 -53.56
CMD CLA UM . 6.96 -55.22 -56.30
CAD CLA UM . 3.97 -55.56 -54.45
OBD CLA UM . 3.42 -54.70 -55.14
CBD CLA UM . 3.28 -56.25 -53.22
CGD CLA UM . 2.94 -55.26 -52.14
O1D CLA UM . 1.88 -54.66 -51.97
O2D CLA UM . 3.96 -55.04 -51.26
CED CLA UM . 3.66 -54.38 -50.03
C1 CLA UM . -0.99 -57.66 -48.46
C2 CLA UM . -1.74 -56.75 -47.54
C3 CLA UM . -1.23 -55.62 -47.04
C4 CLA UM . -2.05 -54.77 -46.13
C5 CLA UM . 0.15 -55.14 -47.32
C6 CLA UM . 1.13 -55.53 -46.22
C7 CLA UM . 2.56 -55.24 -46.65
C8 CLA UM . 3.51 -55.19 -45.44
C9 CLA UM . 3.98 -53.76 -45.22
C10 CLA UM . 4.69 -56.12 -45.65
MG CLA VM . 19.56 -64.07 -66.57
CHA CLA VM . 22.63 -62.90 -67.67
CHB CLA VM . 18.93 -61.00 -65.15
CHC CLA VM . 16.25 -64.93 -66.17
CHD CLA VM . 19.98 -66.89 -68.71
NA CLA VM . 20.63 -62.28 -66.43
C1A CLA VM . 21.90 -62.00 -66.95
C2A CLA VM . 22.34 -60.57 -66.62
C3A CLA VM . 21.21 -60.06 -65.70
C4A CLA VM . 20.17 -61.18 -65.75
CMA CLA VM . 21.69 -59.80 -64.29
CAA CLA VM . 22.49 -59.71 -67.87
CBA CLA VM . 21.24 -59.60 -68.71
CGA CLA VM . 21.60 -59.32 -70.13
O1A CLA VM . 22.67 -59.50 -70.72
O2A CLA VM . 20.56 -58.80 -70.85
NB CLA VM . 17.92 -63.14 -65.82
C1B CLA VM . 17.90 -61.95 -65.16
C2B CLA VM . 16.58 -61.76 -64.47
C3B CLA VM . 15.83 -62.87 -64.76
C4B CLA VM . 16.67 -63.76 -65.63
CMB CLA VM . 16.19 -60.58 -63.72
CAB CLA VM . 14.48 -63.20 -64.40
CBB CLA VM . 13.42 -62.42 -64.57
NC CLA VM . 18.35 -65.63 -67.29
C1C CLA VM . 17.03 -65.82 -66.97
C2C CLA VM . 16.51 -67.04 -67.58
C3C CLA VM . 17.55 -67.56 -68.35
C4C CLA VM . 18.70 -66.68 -68.14
CMC CLA VM . 15.15 -67.55 -67.48
CAC CLA VM . 17.52 -68.78 -69.18
CBC CLA VM . 17.64 -70.07 -68.39
ND CLA VM . 20.94 -64.79 -67.87
C1D CLA VM . 21.03 -66.01 -68.60
C2D CLA VM . 22.40 -66.15 -69.16
C3D CLA VM . 23.06 -64.98 -68.81
C4D CLA VM . 22.10 -64.17 -68.05
CMD CLA VM . 22.89 -67.30 -69.92
CAD CLA VM . 24.31 -64.24 -68.88
OBD CLA VM . 25.39 -64.57 -69.34
CBD CLA VM . 24.04 -62.84 -68.22
CGD CLA VM . 25.04 -62.53 -67.15
O1D CLA VM . 25.32 -63.19 -66.14
O2D CLA VM . 25.70 -61.35 -67.35
CED CLA VM . 27.04 -61.44 -67.86
C1 CLA VM . 20.03 -59.62 -71.90
C2 CLA VM . 19.00 -58.84 -72.61
C3 CLA VM . 18.13 -59.38 -73.47
C4 CLA VM . 17.11 -58.57 -74.17
C5 CLA VM . 18.17 -60.84 -73.77
MG CHL WM . 17.27 -55.81 -66.76
CHA CHL WM . 17.29 -55.34 -70.19
CHB CHL WM . 13.93 -55.99 -66.84
CHC CHL WM . 17.38 -56.71 -63.44
CHD CHL WM . 20.84 -55.57 -66.82
NA CHL WM . 15.88 -55.67 -68.20
C1A CHL WM . 16.00 -55.51 -69.47
C2A CHL WM . 14.72 -55.43 -70.25
C3A CHL WM . 13.70 -55.45 -69.15
C4A CHL WM . 14.56 -55.72 -67.97
CMA CHL WM . 12.96 -54.12 -68.98
CAA CHL WM . 14.51 -56.57 -71.24
CBA CHL WM . 13.55 -56.16 -72.35
CGA CHL WM . 13.00 -57.37 -73.06
O1A CHL WM . 12.08 -57.25 -73.84
O2A CHL WM . 13.58 -58.69 -72.83
NB CHL WM . 15.87 -56.28 -65.34
C1B CHL WM . 14.54 -56.30 -65.53
C2B CHL WM . 13.72 -56.66 -64.37
C3B CHL WM . 14.74 -56.89 -63.34
C4B CHL WM . 16.03 -56.63 -64.05
CMB CHL WM . 12.22 -56.79 -64.27
CAB CHL WM . 14.34 -57.30 -61.96
CBB CHL WM . 15.16 -57.55 -60.95
NC CHL WM . 18.80 -56.08 -65.41
C1C CHL WM . 18.67 -56.44 -64.10
C2C CHL WM . 19.97 -56.55 -63.38
C3C CHL WM . 20.98 -56.21 -64.36
C4C CHL WM . 20.16 -55.94 -65.57
CMC CHL WM . 20.22 -56.92 -61.95
OMC CHL WM . 19.29 -57.17 -61.20
CAC CHL WM . 22.48 -56.15 -64.20
CBC CHL WM . 22.94 -54.71 -64.11
ND CHL WM . 18.78 -55.52 -68.11
C1D CHL WM . 20.13 -55.42 -68.10
C2D CHL WM . 20.77 -55.20 -69.44
C3D CHL WM . 19.56 -55.17 -70.27
C4D CHL WM . 18.53 -55.35 -69.44
CMD CHL WM . 22.13 -55.04 -70.05
CAD CHL WM . 19.07 -55.01 -71.65
OBD CHL WM . 19.80 -54.83 -72.69
CBD CHL WM . 17.58 -55.11 -71.65
CGD CHL WM . 16.95 -53.84 -72.13
O1D CHL WM . 17.43 -52.77 -71.82
O2D CHL WM . 15.77 -53.88 -72.98
CED CHL WM . 15.23 -52.68 -73.50
MG CHL XM . 20.90 -55.55 -57.12
CHA CHL XM . 24.01 -54.89 -55.76
CHB CHL XM . 20.48 -58.02 -54.86
CHC CHL XM . 17.65 -55.78 -58.18
CHD CHL XM . 21.53 -52.98 -59.53
NA CHL XM . 22.01 -56.33 -55.64
C1A CHL XM . 23.15 -55.95 -55.18
C2A CHL XM . 23.61 -56.65 -53.95
C3A CHL XM . 22.68 -57.84 -53.92
C4A CHL XM . 21.64 -57.38 -54.89
CMA CHL XM . 23.34 -59.14 -54.36
CAA CHL XM . 23.51 -55.79 -52.69
CBA CHL XM . 22.20 -55.02 -52.58
CGA CHL XM . 21.72 -55.03 -51.15
O1A CHL XM . 22.46 -54.67 -50.24
O2A CHL XM . 20.38 -55.47 -50.83
NB CHL XM . 19.30 -56.72 -56.61
C1B CHL XM . 19.30 -57.69 -55.66
C2B CHL XM . 18.02 -58.40 -55.46
C3B CHL XM . 17.16 -57.73 -56.44
C4B CHL XM . 18.04 -56.72 -57.10
CMB CHL XM . 17.66 -59.51 -54.50
CAB CHL XM . 15.73 -58.13 -56.60
CBB CHL XM . 14.84 -57.57 -57.39
NC CHL XM . 19.82 -54.58 -58.57
C1C CHL XM . 18.51 -54.79 -58.86
C2C CHL XM . 17.99 -53.93 -59.96
C3C CHL XM . 19.13 -53.11 -60.37
C4C CHL XM . 20.20 -53.60 -59.46
CMC CHL XM . 16.64 -53.88 -60.55
OMC CHL XM . 15.75 -54.60 -60.15
CAC CHL XM . 19.20 -52.05 -61.45
CBC CHL XM . 19.68 -52.65 -62.74
ND CHL XM . 22.37 -54.22 -57.61
C1D CHL XM . 22.58 -53.26 -58.55
C2D CHL XM . 23.91 -52.54 -58.43
C3D CHL XM . 24.45 -53.25 -57.27
C4D CHL XM . 23.55 -54.15 -56.91
CMD CHL XM . 24.69 -51.45 -59.11
CAD CHL XM . 25.64 -53.33 -56.38
OBD CHL XM . 26.70 -52.62 -56.46
CBD CHL XM . 25.37 -54.41 -55.37
CGD CHL XM . 26.41 -55.49 -55.44
O1D CHL XM . 26.94 -55.76 -56.51
O2D CHL XM . 26.80 -56.20 -54.25
CED CHL XM . 27.81 -57.21 -54.32
MG CHL YM . 1.78 -59.05 -69.08
CHA CHL YM . 3.07 -61.53 -67.05
CHB CHL YM . 4.87 -58.46 -70.28
CHC CHL YM . 0.36 -56.87 -71.32
CHD CHL YM . -1.43 -59.68 -67.62
NA CHL YM . 3.61 -59.81 -68.74
C1A CHL YM . 3.96 -60.79 -67.97
C2A CHL YM . 5.43 -61.13 -68.02
C3A CHL YM . 5.99 -59.98 -68.82
C4A CHL YM . 4.73 -59.36 -69.32
CMA CHL YM . 6.77 -59.00 -67.96
CAA CHL YM . 5.75 -62.50 -68.62
CBA CHL YM . 5.42 -62.61 -70.10
CGA CHL YM . 4.87 -63.98 -70.38
O1A CHL YM . 3.75 -64.28 -70.00
O2A CHL YM . 5.66 -64.97 -71.10
NB CHL YM . 2.49 -57.85 -70.58
C1B CHL YM . 3.79 -57.70 -70.94
C2B CHL YM . 4.07 -56.77 -72.05
C3B CHL YM . 2.72 -56.30 -72.38
C4B CHL YM . 1.83 -57.01 -71.41
CMB CHL YM . 5.39 -56.41 -72.68
CAB CHL YM . 2.50 -55.31 -73.48
CBB CHL YM . 1.35 -54.82 -73.89
NC CHL YM . -0.15 -58.41 -69.39
C1C CHL YM . -0.55 -57.53 -70.36
C2C CHL YM . -2.01 -57.27 -70.34
C3C CHL YM . -2.55 -58.07 -69.26
C4C CHL YM . -1.31 -58.73 -68.75
CMC CHL YM . -2.81 -56.37 -71.20
OMC CHL YM . -2.26 -55.73 -72.08
CAC CHL YM . -3.99 -58.18 -68.81
CBC CHL YM . -4.78 -58.96 -69.83
ND CHL YM . 0.93 -60.26 -67.68
C1D CHL YM . -0.30 -60.47 -67.15
C2D CHL YM . -0.35 -61.55 -66.09
C3D CHL YM . 1.05 -61.95 -66.10
C4D CHL YM . 1.67 -61.19 -66.99
CMD CHL YM . -1.35 -62.22 -65.18
CAD CHL YM . 2.01 -62.87 -65.46
OBD CHL YM . 1.73 -63.74 -64.55
CBD CHL YM . 3.36 -62.63 -66.07
CGD CHL YM . 4.39 -62.25 -65.05
O1D CHL YM . 4.08 -61.63 -64.05
O2D CHL YM . 5.77 -62.62 -65.28
CED CHL YM . 6.80 -62.09 -64.46
C1 CHL YM . 5.05 -66.11 -71.68
C2 CHL YM . 5.45 -66.24 -73.14
C3 CHL YM . 6.67 -66.64 -73.50
C4 CHL YM . 7.71 -67.00 -72.48
C5 CHL YM . 7.00 -66.76 -74.97
MG CLA ZM . 4.85 -54.41 -59.27
CHA CLA ZM . 2.40 -56.28 -57.70
CHB CLA ZM . 2.50 -52.06 -60.09
CHC CLA ZM . 7.23 -52.67 -61.00
CHD CLA ZM . 7.07 -57.15 -58.97
NA CLA ZM . 2.79 -54.24 -58.98
C1A CLA ZM . 1.96 -55.12 -58.26
C2A CLA ZM . 0.52 -54.61 -58.24
C3A CLA ZM . 0.56 -53.40 -59.19
C4A CLA ZM . 2.05 -53.19 -59.44
CMA CLA ZM . -0.13 -53.74 -60.48
CAA CLA ZM . 0.18 -54.14 -56.83
CBA CLA ZM . 0.93 -52.89 -56.42
CGA CLA ZM . 0.82 -52.65 -54.95
O1A CLA ZM . -0.18 -52.37 -54.28
O2A CLA ZM . 2.03 -52.75 -54.31
NB CLA ZM . 4.85 -52.73 -60.39
C1B CLA ZM . 3.84 -51.81 -60.40
C2B CLA ZM . 4.35 -50.49 -60.86
C3B CLA ZM . 5.69 -50.66 -61.12
C4B CLA ZM . 6.01 -52.08 -60.83
CMB CLA ZM . 3.50 -49.31 -61.01
CAB CLA ZM . 6.67 -49.73 -61.61
CBB CLA ZM . 6.75 -48.44 -61.26
NC CLA ZM . 6.78 -54.86 -59.91
C1C CLA ZM . 7.59 -53.98 -60.59
C2C CLA ZM . 8.90 -54.59 -60.81
C3C CLA ZM . 8.85 -55.87 -60.27
C4C CLA ZM . 7.51 -56.03 -59.69
CMC CLA ZM . 10.03 -53.94 -61.48
CAC CLA ZM . 9.95 -56.85 -60.25
CBC CLA ZM . 11.11 -56.42 -59.39
ND CLA ZM . 4.79 -56.32 -58.60
C1D CLA ZM . 5.80 -57.30 -58.44
C2D CLA ZM . 5.28 -58.42 -57.61
C3D CLA ZM . 3.97 -58.06 -57.27
C4D CLA ZM . 3.73 -56.76 -57.93
CMD CLA ZM . 6.03 -59.60 -57.22
CAD CLA ZM . 2.76 -58.44 -56.59
OBD CLA ZM . 2.52 -59.44 -55.92
CBD CLA ZM . 1.71 -57.31 -56.83
CGD CLA ZM . 0.46 -57.86 -57.47
O1D CLA ZM . 0.30 -58.18 -58.65
O2D CLA ZM . -0.59 -58.00 -56.61
CED CLA ZM . -1.82 -58.45 -57.14
C1 CLA ZM . 2.75 -51.52 -54.04
C2 CLA ZM . 4.11 -51.91 -53.59
C3 CLA ZM . 4.99 -51.02 -53.09
C4 CLA ZM . 4.65 -49.59 -52.95
C5 CLA ZM . 6.36 -51.41 -52.64
C6 CLA ZM . 6.55 -52.90 -52.34
C7 CLA ZM . 7.83 -53.13 -51.57
C8 CLA ZM . 8.19 -54.61 -51.48
C9 CLA ZM . 7.90 -55.14 -50.08
C10 CLA ZM . 9.65 -54.85 -51.83
MG CLA AN . 2.40 -70.22 -66.67
CHA CLA AN . -0.37 -69.68 -68.71
CHB CLA AN . 1.68 -73.57 -66.74
CHC CLA AN . 5.62 -70.93 -65.68
CHD CLA AN . 3.38 -66.88 -67.33
NA CLA AN . 0.88 -71.39 -67.52
C1A CLA AN . -0.16 -70.98 -68.36
C2A CLA AN . -1.05 -72.17 -68.73
C3A CLA AN . -0.63 -73.23 -67.71
C4A CLA AN . 0.76 -72.73 -67.30
CMA CLA AN . -1.55 -73.22 -66.52
CAA CLA AN . -0.84 -72.63 -70.17
CBA CLA AN . 0.59 -72.88 -70.59
CGA CLA AN . 1.10 -74.19 -70.11
O1A CLA AN . 0.55 -75.30 -70.13
O2A CLA AN . 2.37 -74.12 -69.59
NB CLA AN . 3.46 -71.91 -66.35
C1B CLA AN . 2.94 -73.18 -66.32
C2B CLA AN . 3.93 -74.12 -65.72
C3B CLA AN . 5.05 -73.40 -65.42
C4B CLA AN . 4.76 -71.97 -65.80
CMB CLA AN . 3.65 -75.54 -65.56
CAB CLA AN . 6.29 -73.83 -64.85
CBB CLA AN . 6.99 -74.88 -65.29
NC CLA AN . 4.14 -69.08 -66.44
C1C CLA AN . 5.33 -69.56 -65.97
C2C CLA AN . 6.31 -68.49 -65.87
C3C CLA AN . 5.71 -67.36 -66.43
C4C CLA AN . 4.34 -67.73 -66.77
CMC CLA AN . 7.68 -68.61 -65.37
CAC CLA AN . 6.31 -66.02 -66.55
CBC CLA AN . 7.11 -65.87 -67.83
ND CLA AN . 1.64 -68.58 -67.58
C1D CLA AN . 2.13 -67.25 -67.74
C2D CLA AN . 1.07 -66.43 -68.37
C3D CLA AN . 0.07 -67.31 -68.74
C4D CLA AN . 0.52 -68.64 -68.28
CMD CLA AN . 1.14 -64.98 -68.57
CAD CLA AN . -1.25 -67.48 -69.33
OBD CLA AN . -2.09 -66.64 -69.63
CBD CLA AN . -1.48 -69.01 -69.50
CGD CLA AN . -2.84 -69.42 -69.04
O1D CLA AN . -3.15 -70.25 -68.18
O2D CLA AN . -3.85 -68.77 -69.69
CED CLA AN . -5.01 -69.53 -70.05
C1 CLA AN . 3.20 -75.29 -69.75
C2 CLA AN . 4.55 -74.95 -69.23
C3 CLA AN . 5.62 -75.73 -69.42
C4 CLA AN . 5.54 -77.00 -70.18
C5 CLA AN . 6.96 -75.35 -68.89
C6 CLA AN . 7.97 -75.00 -69.97
C7 CLA AN . 9.36 -74.86 -69.39
C8 CLA AN . 10.37 -74.38 -70.43
C9 CLA AN . 11.13 -75.55 -71.01
C10 CLA AN . 11.33 -73.37 -69.84
MG CLA BN . 4.65 -84.11 -54.99
CHA CLA BN . 3.18 -82.82 -57.85
CHB CLA BN . 2.80 -86.98 -55.44
CHC CLA BN . 6.67 -85.75 -52.73
CHD CLA BN . 7.05 -81.49 -55.14
NA CLA BN . 3.20 -84.75 -56.37
C1A CLA BN . 2.73 -84.04 -57.48
C2A CLA BN . 1.67 -84.84 -58.23
C3A CLA BN . 1.37 -86.01 -57.27
C4A CLA BN . 2.53 -85.93 -56.29
CMA CLA BN . 0.04 -85.84 -56.58
CAA CLA BN . 2.21 -85.32 -59.58
CBA CLA BN . 3.57 -85.95 -59.51
CGA CLA BN . 4.00 -86.44 -60.85
O1A CLA BN . 3.43 -87.24 -61.60
O2A CLA BN . 5.19 -85.90 -61.25
NB CLA BN . 4.70 -85.98 -54.22
C1B CLA BN . 3.85 -87.00 -54.52
C2B CLA BN . 4.19 -88.21 -53.71
C3B CLA BN . 5.28 -87.87 -52.94
C4B CLA BN . 5.62 -86.45 -53.25
CMB CLA BN . 3.45 -89.46 -53.81
CAB CLA BN . 5.99 -88.70 -52.00
CBB CLA BN . 7.31 -88.75 -51.84
NC CLA BN . 6.46 -83.65 -54.04
C1C CLA BN . 7.05 -84.42 -53.08
C2C CLA BN . 8.25 -83.75 -52.55
C3C CLA BN . 8.43 -82.60 -53.33
C4C CLA BN . 7.29 -82.53 -54.23
CMC CLA BN . 9.12 -84.26 -51.50
CAC CLA BN . 9.48 -81.59 -53.16
CBC CLA BN . 10.68 -81.82 -54.04
ND CLA BN . 5.02 -82.48 -56.11
C1D CLA BN . 6.01 -81.45 -56.05
C2D CLA BN . 5.70 -80.41 -57.05
C3D CLA BN . 4.58 -80.85 -57.74
C4D CLA BN . 4.24 -82.16 -57.15
CMD CLA BN . 6.49 -79.19 -57.23
CAD CLA BN . 3.63 -80.60 -58.81
OBD CLA BN . 3.49 -79.60 -59.49
CBD CLA BN . 2.75 -81.90 -58.96
CGD CLA BN . 1.28 -81.63 -58.89
O1D CLA BN . 0.58 -81.54 -57.88
O2D CLA BN . 0.66 -81.49 -60.10
CED CLA BN . -0.66 -82.04 -60.23
C1 CLA BN . 6.25 -86.82 -61.57
C2 CLA BN . 7.20 -86.11 -62.47
C3 CLA BN . 8.49 -85.86 -62.18
C4 CLA BN . 9.13 -86.26 -60.90
C5 CLA BN . 9.34 -85.13 -63.16
C6 CLA BN . 9.31 -83.63 -62.98
C7 CLA BN . 10.12 -82.89 -64.01
C8 CLA BN . 11.63 -83.15 -63.93
C9 CLA BN . 12.20 -82.78 -62.59
C10 CLA BN . 12.35 -82.38 -65.03
MG CLA CN . 9.44 -78.96 -62.18
CHA CLA CN . 6.69 -80.80 -63.24
CHB CLA CN . 9.55 -77.46 -65.27
CHC CLA CN . 12.63 -77.85 -61.53
CHD CLA CN . 9.70 -81.16 -59.40
NA CLA CN . 8.28 -79.09 -63.93
C1A CLA CN . 7.16 -79.91 -64.17
C2A CLA CN . 6.60 -79.69 -65.57
C3A CLA CN . 7.43 -78.51 -66.11
C4A CLA CN . 8.51 -78.32 -65.03
CMA CLA CN . 8.04 -78.82 -67.45
CAA CLA CN . 5.11 -79.39 -65.53
CBA CLA CN . 4.51 -78.91 -66.85
CGA CLA CN . 4.01 -80.07 -67.64
O1A CLA CN . 2.96 -80.70 -67.48
O2A CLA CN . 4.85 -80.45 -68.64
NB CLA CN . 10.84 -77.93 -63.22
C1B CLA CN . 10.61 -77.23 -64.38
C2B CLA CN . 11.65 -76.19 -64.58
C3B CLA CN . 12.53 -76.29 -63.53
C4B CLA CN . 12.02 -77.40 -62.66
CMB CLA CN . 11.67 -75.30 -65.73
CAB CLA CN . 13.73 -75.54 -63.26
CBB CLA CN . 14.91 -76.06 -62.94
NC CLA CN . 10.86 -79.38 -60.70
C1C CLA CN . 12.08 -78.76 -60.59
C2C CLA CN . 12.79 -79.23 -59.41
C3C CLA CN . 11.99 -80.22 -58.84
C4C CLA CN . 10.78 -80.29 -59.64
CMC CLA CN . 14.10 -78.77 -58.97
CAC CLA CN . 12.28 -80.99 -57.61
CBC CLA CN . 13.28 -82.10 -57.84
ND CLA CN . 8.42 -80.50 -61.37
C1D CLA CN . 8.60 -81.28 -60.20
C2D CLA CN . 7.44 -82.17 -60.02
C3D CLA CN . 6.66 -82.01 -61.14
C4D CLA CN . 7.34 -81.00 -61.97
CMD CLA CN . 7.24 -83.06 -58.87
CAD CLA CN . 5.45 -82.42 -61.84
OBD CLA CN . 4.54 -83.15 -61.48
CBD CLA CN . 5.50 -81.73 -63.25
CGD CLA CN . 5.59 -82.74 -64.36
O1D CLA CN . 4.73 -83.56 -64.70
O2D CLA CN . 6.75 -82.69 -65.07
CED CLA CN . 6.90 -83.58 -66.17
C1 CLA CN . 4.27 -81.20 -69.72
MG CLA DN . 19.42 -73.75 -47.77
CHA CLA DN . 22.34 -74.58 -46.14
CHB CLA DN . 19.45 -76.81 -49.32
CHC CLA DN . 16.06 -73.41 -48.59
CHD CLA DN . 19.07 -70.97 -45.57
NA CLA DN . 20.71 -75.39 -47.75
C1A CLA DN . 21.88 -75.54 -47.00
C2A CLA DN . 22.56 -76.87 -47.29
C3A CLA DN . 21.78 -77.39 -48.52
C4A CLA DN . 20.54 -76.49 -48.55
CMA CLA DN . 22.59 -77.27 -49.78
CAA CLA DN . 22.44 -77.82 -46.10
CBA CLA DN . 21.09 -77.80 -45.40
CGA CLA DN . 21.13 -76.92 -44.20
O1A CLA DN . 21.85 -77.00 -43.20
O2A CLA DN . 20.23 -75.89 -44.27
NB CLA DN . 18.05 -74.88 -48.75
C1B CLA DN . 18.28 -76.05 -49.40
C2B CLA DN . 17.08 -76.44 -50.21
C3B CLA DN . 16.13 -75.48 -50.00
C4B CLA DN . 16.72 -74.49 -49.08
CMB CLA DN . 17.01 -77.66 -51.00
CAB CLA DN . 14.78 -75.39 -50.50
CBB CLA DN . 14.41 -75.65 -51.75
NC CLA DN . 17.88 -72.41 -47.22
C1C CLA DN . 16.60 -72.43 -47.72
C2C CLA DN . 15.83 -71.33 -47.18
C3C CLA DN . 16.65 -70.68 -46.27
C4C CLA DN . 17.95 -71.35 -46.32
CMC CLA DN . 14.42 -71.03 -47.49
CAC CLA DN . 16.32 -69.50 -45.46
CBC CLA DN . 15.81 -69.89 -44.10
ND CLA DN . 20.43 -72.91 -46.23
C1D CLA DN . 20.24 -71.70 -45.50
C2D CLA DN . 21.47 -71.41 -44.72
C3D CLA DN . 22.31 -72.49 -44.93
C4D CLA DN . 21.60 -73.40 -45.84
CMD CLA DN . 21.67 -70.22 -43.90
CAD CLA DN . 23.61 -73.08 -44.64
OBD CLA DN . 24.54 -72.65 -43.97
CBD CLA DN . 23.64 -74.47 -45.38
CGD CLA DN . 24.83 -74.58 -46.29
O1D CLA DN . 25.26 -73.72 -47.06
O2D CLA DN . 25.48 -75.78 -46.23
CED CLA DN . 26.19 -76.19 -47.40
C1 CLA DN . 18.84 -76.23 -44.10
C2 CLA DN . 18.14 -74.99 -43.70
C3 CLA DN . 16.80 -74.82 -43.72
C4 CLA DN . 16.21 -73.53 -43.29
C5 CLA DN . 15.84 -75.88 -44.15
C6 CLA DN . 14.80 -75.37 -45.12
C7 CLA DN . 14.24 -76.50 -45.97
C8 CLA DN . 12.77 -76.27 -46.31
C9 CLA DN . 12.29 -77.36 -47.25
C10 CLA DN . 12.56 -74.90 -46.95
MG CLA EN . 20.93 -82.96 -46.91
CHA CLA EN . 19.30 -81.85 -44.03
CHB CLA EN . 22.33 -85.47 -45.03
CHC CLA EN . 21.60 -84.72 -49.79
CHD CLA EN . 18.87 -80.77 -48.80
NA CLA EN . 20.86 -83.50 -44.88
C1A CLA EN . 20.11 -82.93 -43.84
C2A CLA EN . 20.38 -83.66 -42.54
C3A CLA EN . 21.69 -84.41 -42.84
C4A CLA EN . 21.62 -84.51 -44.36
CMA CLA EN . 22.90 -83.65 -42.37
CAA CLA EN . 19.31 -84.70 -42.32
CBA CLA EN . 18.19 -84.28 -41.38
CGA CLA EN . 16.90 -84.82 -41.90
O1A CLA EN . 16.61 -85.99 -42.17
O2A CLA EN . 15.95 -83.85 -42.09
NB CLA EN . 21.80 -84.73 -47.32
C1B CLA EN . 22.34 -85.61 -46.43
C2B CLA EN . 22.98 -86.74 -47.14
C3B CLA EN . 22.77 -86.55 -48.48
C4B CLA EN . 22.03 -85.26 -48.62
CMB CLA EN . 23.63 -87.85 -46.44
CAB CLA EN . 23.15 -87.34 -49.61
CBB CLA EN . 24.33 -87.93 -49.77
NC CLA EN . 20.41 -82.72 -48.92
C1C CLA EN . 20.85 -83.52 -49.95
C2C CLA EN . 20.36 -83.02 -51.22
C3C CLA EN . 19.51 -81.97 -50.93
C4C CLA EN . 19.57 -81.77 -49.49
CMC CLA EN . 20.66 -83.62 -52.53
CAC CLA EN . 18.77 -81.12 -51.90
CBC CLA EN . 17.30 -81.47 -51.96
ND CLA EN . 19.49 -81.56 -46.56
C1D CLA EN . 18.80 -80.66 -47.42
C2D CLA EN . 18.06 -79.68 -46.61
C3D CLA EN . 18.22 -80.09 -45.29
C4D CLA EN . 19.09 -81.28 -45.33
CMD CLA EN . 17.29 -78.55 -47.13
CAD CLA EN . 17.92 -79.82 -43.90
OBD CLA EN . 17.28 -78.88 -43.41
CBD CLA EN . 18.54 -80.97 -43.06
CGD CLA EN . 19.42 -80.44 -41.96
O1D CLA EN . 20.13 -81.07 -41.18
O2D CLA EN . 19.43 -79.07 -41.87
CED CLA EN . 19.22 -78.51 -40.58
MG CHL FN . 0.34 -56.00 -79.71
CHA CHL FN . 0.37 -58.32 -82.29
CHB CHL FN . 2.77 -54.28 -81.28
CHC CHL FN . 0.12 -53.68 -77.21
CHD CHL FN . -1.94 -58.14 -77.97
NA CHL FN . 1.33 -56.19 -81.45
C1A CHL FN . 1.18 -57.08 -82.38
C2A CHL FN . 1.92 -56.79 -83.64
C3A CHL FN . 2.90 -55.76 -83.17
C4A CHL FN . 2.31 -55.37 -81.86
CMA CHL FN . 4.32 -56.31 -83.01
CAA CHL FN . 1.00 -56.27 -84.74
CBA CHL FN . 1.75 -56.00 -86.03
NB CHL FN . 1.30 -54.24 -79.30
C1B CHL FN . 2.27 -53.68 -80.03
C2B CHL FN . 2.81 -52.40 -79.53
C3B CHL FN . 2.01 -52.20 -78.31
C4B CHL FN . 1.11 -53.40 -78.26
CMB CHL FN . 3.89 -51.51 -80.12
CAB CHL FN . 2.20 -51.01 -77.44
CBB CHL FN . 1.53 -50.69 -76.35
NC CHL FN . -0.70 -55.93 -77.94
C1C CHL FN . -0.68 -54.91 -77.05
C2C CHL FN . -1.54 -55.12 -75.86
C3C CHL FN . -2.15 -56.43 -76.06
C4C CHL FN . -1.57 -56.83 -77.37
CMC CHL FN . -1.75 -54.23 -74.69
OMC CHL FN . -1.20 -53.14 -74.63
CAC CHL FN . -3.12 -57.15 -75.15
CBC CHL FN . -4.52 -56.63 -75.38
ND CHL FN . -0.60 -57.80 -79.96
C1D CHL FN . -1.46 -58.58 -79.27
C2D CHL FN . -1.85 -59.86 -79.97
C3D CHL FN . -1.08 -59.70 -81.21
C4D CHL FN . -0.43 -58.55 -81.10
CMD CHL FN . -2.72 -61.07 -79.75
CAD CHL FN . -0.74 -60.35 -82.50
OBD CHL FN . -1.20 -61.48 -82.91
CBD CHL FN . 0.20 -59.46 -83.24
CGD CHL FN . 1.49 -60.16 -83.52
O1D CHL FN . 1.93 -60.99 -82.75
O2D CHL FN . 2.24 -59.87 -84.74
CED CHL FN . 3.33 -60.69 -85.14
C1 LUT GN . 20.16 -76.54 -54.13
C2 LUT GN . 21.42 -76.02 -53.41
C3 LUT GN . 21.33 -74.62 -52.80
C4 LUT GN . 20.55 -73.73 -53.74
C5 LUT GN . 19.17 -74.31 -53.72
C6 LUT GN . 19.01 -75.56 -54.17
C7 LUT GN . 17.76 -75.99 -54.84
C8 LUT GN . 16.96 -75.10 -55.45
C9 LUT GN . 15.79 -75.52 -56.24
C10 LUT GN . 15.19 -74.57 -56.98
C11 LUT GN . 14.08 -74.83 -57.89
C12 LUT GN . 13.68 -73.85 -58.70
C13 LUT GN . 12.63 -74.07 -59.71
C14 LUT GN . 12.54 -73.18 -60.73
C15 LUT GN . 11.62 -73.31 -61.85
C16 LUT GN . 19.75 -77.89 -53.51
C17 LUT GN . 20.45 -76.79 -55.61
C18 LUT GN . 18.09 -73.51 -53.06
C19 LUT GN . 15.33 -76.95 -56.24
C20 LUT GN . 11.78 -75.30 -59.60
O3 LUT GN . 22.64 -74.10 -52.57
C21 LUT GN . 5.31 -71.99 -72.83
C22 LUT GN . 4.07 -72.55 -73.48
C23 LUT GN . 2.97 -71.50 -73.61
C24 LUT GN . 2.86 -70.63 -72.38
C25 LUT GN . 3.78 -70.63 -71.40
C26 LUT GN . 4.96 -71.54 -71.42
C27 LUT GN . 6.15 -70.87 -70.77
C28 LUT GN . 6.74 -71.48 -69.73
C29 LUT GN . 7.89 -70.91 -69.00
C30 LUT GN . 8.32 -71.63 -67.96
C31 LUT GN . 9.41 -71.24 -67.07
C32 LUT GN . 9.66 -72.03 -66.02
C33 LUT GN . 10.70 -71.73 -65.02
C34 LUT GN . 10.76 -72.57 -63.97
C35 LUT GN . 11.68 -72.43 -62.85
C36 LUT GN . 5.90 -70.87 -73.68
C37 LUT GN . 6.32 -73.14 -72.75
C38 LUT GN . 3.61 -69.70 -70.23
C39 LUT GN . 8.52 -69.60 -69.42
C40 LUT GN . 11.59 -70.53 -65.17
O23 LUT GN . 1.72 -72.13 -73.86
C1 XAT HN . 2.08 -67.80 -46.55
C2 XAT HN . 0.57 -67.78 -46.27
C3 XAT HN . 0.18 -68.18 -44.87
C4 XAT HN . 0.82 -67.24 -43.85
C5 XAT HN . 2.31 -67.21 -44.01
C6 XAT HN . 2.94 -67.52 -45.31
C7 XAT HN . 4.31 -66.96 -45.60
C8 XAT HN . 5.45 -67.67 -45.67
C9 XAT HN . 6.32 -67.71 -46.77
C10 XAT HN . 6.31 -66.78 -47.83
C11 XAT HN . 7.38 -66.35 -48.60
C12 XAT HN . 7.42 -65.99 -49.95
C13 XAT HN . 8.55 -65.97 -50.79
C14 XAT HN . 8.63 -65.23 -51.99
C15 XAT HN . 9.77 -64.88 -52.70
C16 XAT HN . 2.36 -66.69 -47.57
C17 XAT HN . 2.41 -69.15 -47.18
C18 XAT HN . 3.05 -66.38 -43.01
C19 XAT HN . 7.33 -68.80 -46.85
C20 XAT HN . 9.73 -66.75 -50.38
O3 XAT HN . -1.24 -68.13 -44.73
O4 XAT HN . 2.89 -68.52 -44.27
C21 XAT HN . 19.45 -61.52 -60.78
C22 XAT HN . 20.94 -61.23 -60.52
C23 XAT HN . 21.16 -60.13 -59.51
C24 XAT HN . 20.68 -60.59 -58.14
C25 XAT HN . 19.28 -61.11 -58.24
C26 XAT HN . 18.61 -61.47 -59.50
C27 XAT HN . 17.32 -62.27 -59.49
C28 XAT HN . 16.12 -61.67 -59.53
C29 XAT HN . 14.84 -62.19 -59.24
C30 XAT HN . 14.51 -62.88 -58.06
C31 XAT HN . 13.26 -63.32 -57.63
C32 XAT HN . 12.76 -63.39 -56.34
C33 XAT HN . 11.44 -63.63 -55.89
C34 XAT HN . 11.12 -64.47 -54.81
C35 XAT HN . 9.97 -64.48 -54.02
C36 XAT HN . 19.32 -62.85 -61.53
C37 XAT HN . 19.01 -60.37 -61.69
C38 XAT HN . 18.74 -61.72 -56.98
C39 XAT HN . 13.75 -61.98 -60.22
C40 XAT HN . 10.33 -62.94 -56.60
O23 XAT HN . 22.53 -59.76 -59.46
O24 XAT HN . 18.40 -60.17 -58.92
C1 BCR IN . 15.88 -60.43 -68.81
C2 BCR IN . 16.71 -61.18 -69.87
C3 BCR IN . 16.39 -62.67 -69.92
C4 BCR IN . 14.92 -62.87 -70.26
C5 BCR IN . 14.16 -62.20 -69.15
C6 BCR IN . 14.45 -60.95 -68.77
C7 BCR IN . 13.33 -60.04 -68.45
C8 BCR IN . 12.20 -60.16 -69.16
C9 BCR IN . 11.24 -59.06 -69.01
C10 BCR IN . 10.60 -58.57 -70.09
C11 BCR IN . 9.79 -57.35 -70.04
C33 BCR IN . 13.09 -62.96 -68.42
C31 BCR IN . 15.92 -58.95 -69.14
C32 BCR IN . 16.53 -60.59 -67.46
C34 BCR IN . 11.12 -58.39 -67.67
C12 BCR IN . 9.33 -56.77 -71.15
C13 BCR IN . 8.59 -55.48 -71.08
C14 BCR IN . 8.36 -54.79 -72.21
C15 BCR IN . 7.70 -53.48 -72.22
C16 BCR IN . 7.51 -52.83 -73.36
C17 BCR IN . 6.82 -51.55 -73.33
C18 BCR IN . 6.53 -50.87 -74.45
C19 BCR IN . 5.76 -49.60 -74.31
C20 BCR IN . 5.20 -49.01 -75.36
C21 BCR IN . 4.38 -47.80 -75.26
C22 BCR IN . 3.76 -47.21 -76.31
C23 BCR IN . 2.84 -46.07 -76.02
C24 BCR IN . 1.67 -46.07 -76.66
C25 BCR IN . 0.55 -45.13 -76.38
C26 BCR IN . -0.64 -45.45 -76.91
C27 BCR IN . -1.92 -45.21 -76.16
C28 BCR IN . -1.82 -44.03 -75.22
C29 BCR IN . -0.65 -43.13 -75.58
C30 BCR IN . 0.66 -43.89 -75.53
C35 BCR IN . 8.17 -54.94 -69.74
C36 BCR IN . 6.99 -51.42 -75.77
C37 BCR IN . 3.90 -47.73 -77.73
C38 BCR IN . -0.73 -46.10 -78.25
C39 BCR IN . 0.95 -44.17 -74.06
C40 BCR IN . 1.68 -42.94 -76.13
O1 LHG JN . 1.12 -87.50 -49.38
C1 LHG JN . 1.31 -86.68 -50.55
C2 LHG JN . 0.27 -85.56 -50.57
O2 LHG JN . -1.02 -86.12 -50.79
C3 LHG JN . 0.58 -84.61 -51.71
O3 LHG JN . 1.80 -83.92 -51.46
P LHG JN . 2.29 -82.82 -52.51
O4 LHG JN . 3.04 -83.52 -53.62
O5 LHG JN . 1.12 -81.93 -52.82
O6 LHG JN . 3.35 -81.99 -51.62
C4 LHG JN . 4.20 -81.02 -52.22
C5 LHG JN . 4.87 -80.20 -51.12
C6 LHG JN . 5.56 -81.11 -50.12
O7 LHG JN . 5.84 -79.31 -51.66
C7 LHG JN . 5.28 -77.99 -51.91
O9 LHG JN . 4.10 -77.87 -52.20
C8 LHG JN . 6.19 -76.78 -51.81
C9 LHG JN . 6.03 -76.13 -50.45
C10 LHG JN . 6.78 -76.87 -49.35
O8 LHG JN . 5.92 -80.39 -48.95
C23 LHG JN . 7.06 -80.84 -48.16
O10 LHG JN . 7.77 -81.71 -48.62
C24 LHG JN . 7.37 -80.24 -46.81
C11 LHG JN . 6.97 -75.94 -48.14
C12 LHG JN . 7.82 -76.56 -47.04
C13 LHG JN . 8.50 -75.47 -46.21
C14 LHG JN . 7.49 -74.62 -45.46
C15 LHG JN . 8.18 -73.49 -44.70
C16 LHG JN . 7.15 -72.55 -44.07
C17 LHG JN . 7.83 -71.35 -43.43
C18 LHG JN . 6.80 -70.43 -42.77
C25 LHG JN . 6.21 -80.37 -45.83
C26 LHG JN . 6.67 -80.15 -44.40
C27 LHG JN . 7.18 -78.72 -44.17
C28 LHG JN . 7.59 -78.50 -42.72
C29 LHG JN . 8.05 -77.07 -42.50
C30 LHG JN . 8.36 -76.79 -41.03
C31 LHG JN . 9.54 -77.62 -40.55
MG CHL KN . -3.66 -60.67 -21.85
CHA CHL KN . -4.90 -57.62 -20.77
CHB CHL KN . -2.80 -59.25 -24.78
CHC CHL KN . -2.18 -63.64 -22.70
CHD CHL KN . -4.62 -62.04 -18.68
NA CHL KN . -3.81 -58.83 -22.64
C1A CHL KN . -4.30 -57.75 -22.12
C2A CHL KN . -4.20 -56.51 -22.97
C3A CHL KN . -3.65 -57.07 -24.25
C4A CHL KN . -3.41 -58.50 -23.87
CMA CHL KN . -4.61 -56.97 -25.42
CAA CHL KN . -3.31 -55.47 -22.32
NB CHL KN . -2.65 -61.35 -23.49
C1B CHL KN . -2.39 -60.66 -24.61
C2B CHL KN . -1.64 -61.38 -25.68
C3B CHL KN . -1.44 -62.69 -25.05
C4B CHL KN . -2.11 -62.58 -23.72
CMB CHL KN . -1.19 -60.88 -27.02
CAB CHL KN . -0.71 -63.77 -25.78
CBB CHL KN . -0.45 -65.00 -25.33
NC CHL KN . -3.45 -62.48 -20.87
C1C CHL KN . -2.82 -63.57 -21.37
C2C CHL KN . -2.82 -64.74 -20.45
C3C CHL KN . -3.53 -64.29 -19.26
C4C CHL KN . -3.88 -62.89 -19.64
CMC CHL KN . -2.23 -66.10 -20.65
OMC CHL KN . -1.64 -66.37 -21.68
CAC CHL KN . -3.82 -65.06 -18.00
CBC CHL KN . -2.56 -65.29 -17.21
ND CHL KN . -4.54 -60.07 -20.11
C1D CHL KN . -4.90 -60.62 -18.93
C2D CHL KN . -5.53 -59.65 -17.96
C3D CHL KN . -5.52 -58.45 -18.77
C4D CHL KN . -4.95 -58.77 -19.92
CMD CHL KN . -6.13 -59.62 -16.58
CAD CHL KN . -5.90 -57.01 -18.76
OBD CHL KN . -6.47 -56.38 -17.80
CBD CHL KN . -5.50 -56.43 -20.08
CGD CHL KN . -6.68 -55.87 -20.81
MG CLA LN . -5.83 -68.57 -11.89
CHA CLA LN . -8.51 -68.50 -14.08
CHB CLA LN . -6.67 -71.77 -11.02
CHC CLA LN . -2.77 -68.94 -10.37
CHD CLA LN . -4.61 -65.60 -13.46
NA CLA LN . -7.36 -69.88 -12.45
C1A CLA LN . -8.38 -69.66 -13.37
C2A CLA LN . -9.29 -70.87 -13.49
C3A CLA LN . -8.84 -71.76 -12.32
C4A CLA LN . -7.51 -71.12 -11.89
CMA CLA LN . -9.87 -71.70 -11.23
CAA CLA LN . -9.16 -71.55 -14.85
CBA CLA LN . -7.76 -71.69 -15.42
CGA CLA LN . -7.00 -72.81 -14.78
O1A CLA LN . -7.35 -73.99 -14.63
O2A CLA LN . -5.76 -72.44 -14.33
NB CLA LN . -4.88 -70.09 -10.94
C1B CLA LN . -5.45 -71.26 -10.58
C2B CLA LN . -4.59 -71.97 -9.58
C3B CLA LN . -3.49 -71.18 -9.38
C4B CLA LN . -3.66 -69.97 -10.25
CMB CLA LN . -4.95 -73.26 -9.01
CAB CLA LN . -2.34 -71.39 -8.55
CBB CLA LN . -1.83 -72.58 -8.27
NC CLA LN . -4.07 -67.43 -11.85
C1C CLA LN . -2.98 -67.75 -11.11
C2C CLA LN . -1.98 -66.72 -11.24
C3C CLA LN . -2.42 -65.82 -12.20
C4C CLA LN . -3.76 -66.28 -12.57
CMC CLA LN . -0.71 -66.75 -10.51
CAC CLA LN . -1.77 -64.59 -12.67
CBC CLA LN . -1.05 -64.74 -13.99
ND CLA LN . -6.41 -67.25 -13.31
C1D CLA LN . -5.86 -66.05 -13.83
C2D CLA LN . -6.82 -65.42 -14.75
C3D CLA LN . -7.89 -66.30 -14.84
C4D CLA LN . -7.55 -67.45 -13.98
CMD CLA LN . -6.62 -64.13 -15.40
CAD CLA LN . -9.18 -66.58 -15.45
OBD CLA LN . -9.88 -65.86 -16.15
CBD CLA LN . -9.58 -68.03 -15.04
CGD CLA LN . -10.93 -68.05 -14.37
O1D CLA LN . -11.90 -68.77 -14.61
O2D CLA LN . -11.06 -67.12 -13.38
CED CLA LN . -11.69 -67.52 -12.15
C1 CLA LN . -4.65 -73.34 -14.54
C2 CLA LN . -3.83 -73.27 -13.31
C3 CLA LN . -2.54 -73.63 -13.16
C4 CLA LN . -1.95 -73.46 -11.81
C5 CLA LN . -1.70 -74.18 -14.28
C6 CLA LN . -0.23 -73.87 -14.18
C7 CLA LN . 0.52 -74.27 -15.43
C8 CLA LN . 1.92 -73.68 -15.58
C9 CLA LN . 2.74 -74.68 -16.37
C10 CLA LN . 2.61 -73.36 -14.25
C11 CLA LN . 3.92 -72.61 -14.44
C12 CLA LN . 3.82 -71.17 -13.96
C13 CLA LN . 5.18 -70.50 -13.97
C14 CLA LN . 5.90 -70.73 -12.66
C15 CLA LN . 5.06 -69.01 -14.25
MG CLA MN . 1.21 -74.81 -5.55
CHA CLA MN . -1.20 -77.30 -5.56
CHB CLA MN . 0.82 -74.53 -8.97
CHC CLA MN . 4.22 -73.12 -5.78
CHD CLA MN . 2.16 -75.87 -2.29
NA CLA MN . -0.03 -75.71 -6.97
C1A CLA MN . -0.98 -76.71 -6.76
C2A CLA MN . -1.69 -77.09 -8.07
C3A CLA MN . -1.24 -75.97 -9.03
C4A CLA MN . -0.06 -75.35 -8.30
CMA CLA MN . -0.85 -76.56 -10.35
CAA CLA MN . -3.20 -77.04 -7.90
CBA CLA MN . -3.90 -76.86 -9.23
NB CLA MN . 2.26 -73.94 -7.05
C1B CLA MN . 1.95 -73.94 -8.37
C2B CLA MN . 2.97 -73.20 -9.16
C3B CLA MN . 3.93 -72.80 -8.28
C4B CLA MN . 3.51 -73.27 -6.92
CMB CLA MN . 2.93 -73.04 -10.61
CAB CLA MN . 5.17 -72.10 -8.54
CBB CLA MN . 5.69 -71.11 -7.82
NC CLA MN . 2.81 -74.46 -4.24
C1C CLA MN . 3.90 -73.67 -4.51
C2C CLA MN . 4.75 -73.56 -3.35
C3C CLA MN . 4.23 -74.43 -2.41
C4C CLA MN . 3.00 -74.98 -2.96
CMC CLA MN . 5.96 -72.73 -3.25
CAC CLA MN . 4.73 -74.63 -1.06
CBC CLA MN . 4.08 -73.61 -0.15
ND CLA MN . 0.62 -76.17 -4.17
C1D CLA MN . 1.04 -76.45 -2.84
C2D CLA MN . 0.12 -77.43 -2.24
C3D CLA MN . -0.79 -77.76 -3.22
C4D CLA MN . -0.40 -76.98 -4.42
CMD CLA MN . 0.22 -77.93 -0.86
CAD CLA MN . -1.95 -78.57 -3.59
OBD CLA MN . -2.63 -79.32 -2.90
CBD CLA MN . -2.20 -78.34 -5.11
CGD CLA MN . -2.11 -79.62 -5.90
O1D CLA MN . -3.03 -80.37 -6.23
O2D CLA MN . -0.83 -79.93 -6.28
CED CLA MN . -0.66 -80.73 -7.46
MG CLA NN . 9.81 -64.15 8.16
CHA CLA NN . 12.64 -63.74 10.13
CHB CLA NN . 10.29 -67.55 8.30
CHC CLA NN . 6.63 -64.64 6.94
CHD CLA NN . 9.02 -60.74 8.74
NA CLA NN . 11.24 -65.40 9.05
C1A CLA NN . 12.34 -65.03 9.84
C2A CLA NN . 13.15 -66.25 10.29
C3A CLA NN . 12.47 -67.42 9.54
C4A CLA NN . 11.24 -66.76 8.92
CMA CLA NN . 13.38 -68.03 8.51
CAA CLA NN . 13.07 -66.42 11.80
CBA CLA NN . 11.70 -66.87 12.27
CGA CLA NN . 11.59 -66.69 13.75
NB CLA NN . 8.65 -65.78 7.78
C1B CLA NN . 9.12 -67.05 7.70
C2B CLA NN . 8.23 -67.89 6.86
C3B CLA NN . 7.18 -67.10 6.48
C4B CLA NN . 7.43 -65.74 7.06
CMB CLA NN . 8.48 -69.31 6.61
CAB CLA NN . 6.03 -67.44 5.67
CBB CLA NN . 4.77 -67.11 5.95
NC CLA NN . 8.15 -62.91 7.87
C1C CLA NN . 6.96 -63.31 7.32
C2C CLA NN . 6.04 -62.18 7.23
C3C CLA NN . 6.69 -61.09 7.78
C4C CLA NN . 8.02 -61.55 8.17
CMC CLA NN . 4.67 -62.23 6.68
CAC CLA NN . 6.19 -59.72 7.91
CBC CLA NN . 5.60 -59.45 9.28
ND CLA NN . 10.62 -62.55 9.11
C1D CLA NN . 10.24 -61.19 9.19
C2D CLA NN . 11.34 -60.41 9.80
C3D CLA NN . 12.31 -61.34 10.15
C4D CLA NN . 11.79 -62.66 9.75
CMD CLA NN . 11.35 -58.97 9.98
CAD CLA NN . 13.62 -61.56 10.75
OBD CLA NN . 14.44 -60.74 11.15
CBD CLA NN . 13.82 -63.11 10.83
CGD CLA NN . 15.13 -63.53 10.19
O1D CLA NN . 16.05 -64.17 10.71
O2D CLA NN . 15.24 -63.14 8.89
CED CLA NN . 15.52 -64.15 7.93
MG CHL ON . 15.19 -71.63 21.32
CHA CHL ON . 13.10 -69.22 22.66
CHB CHL ON . 17.66 -70.57 23.34
CHC CHL ON . 17.05 -74.31 20.23
CHD CHL ON . 12.42 -72.72 19.33
NA CHL ON . 15.39 -70.17 22.66
C1A CHL ON . 14.52 -69.32 23.09
C2A CHL ON . 14.98 -68.36 24.13
C3A CHL ON . 16.45 -68.69 24.21
C4A CHL ON . 16.52 -69.91 23.34
CMA CHL ON . 17.33 -67.57 23.67
CAA CHL ON . 14.26 -68.56 25.46
NB CHL ON . 17.07 -72.33 21.71
C1B CHL ON . 17.96 -71.79 22.56
C2B CHL ON . 19.27 -72.48 22.69
C3B CHL ON . 19.09 -73.60 21.77
C4B CHL ON . 17.71 -73.43 21.21
CMB CHL ON . 20.44 -72.12 23.55
CAB CHL ON . 20.17 -74.61 21.56
CBB CHL ON . 20.10 -75.72 20.86
NC CHL ON . 14.81 -73.19 20.03
C1C CHL ON . 15.68 -74.18 19.70
C2C CHL ON . 15.12 -75.18 18.75
C3C CHL ON . 13.76 -74.72 18.47
C4C CHL ON . 13.68 -73.50 19.30
CMC CHL ON . 15.75 -76.37 18.15
OMC CHL ON . 16.90 -76.68 18.45
CAC CHL ON . 12.71 -75.32 17.58
ND CHL ON . 13.23 -71.16 20.99
C1D CHL ON . 12.20 -71.59 20.22
C2D CHL ON . 10.90 -70.83 20.39
C3D CHL ON . 11.33 -69.88 21.41
C4D CHL ON . 12.60 -70.13 21.66
CMD CHL ON . 9.48 -70.84 19.88
CAD CHL ON . 10.86 -68.73 22.23
OBD CHL ON . 9.69 -68.23 22.24
CBD CHL ON . 12.02 -68.28 23.07
CGD CHL ON . 12.37 -66.85 22.78
MG CHL PN . 9.23 -72.17 10.87
CHA CHL PN . 8.64 -71.43 14.21
CHB CHL PN . 5.92 -72.37 10.36
CHC CHL PN . 9.90 -72.82 7.56
CHD CHL PN . 12.70 -71.57 11.46
NA CHL PN . 7.61 -72.04 12.05
C1A CHL PN . 7.52 -71.80 13.32
C2A CHL PN . 6.14 -71.97 13.90
C3A CHL PN . 5.31 -72.19 12.67
C4A CHL PN . 6.35 -72.19 11.61
CMA CHL PN . 4.54 -73.49 12.69
CAA CHL PN . 5.59 -70.81 14.73
CBA CHL PN . 5.82 -69.45 14.07
CGA CHL PN . 4.61 -68.59 14.36
NB CHL PN . 8.10 -72.55 9.21
C1B CHL PN . 6.75 -72.60 9.17
C2B CHL PN . 6.14 -72.89 7.85
C3B CHL PN . 7.32 -73.03 6.99
C4B CHL PN . 8.47 -72.81 7.93
CMB CHL PN . 4.70 -73.02 7.46
CAB CHL PN . 7.18 -73.32 5.54
CBB CHL PN . 8.15 -73.42 4.65
NC CHL PN . 10.96 -72.19 9.74
C1C CHL PN . 11.05 -72.50 8.42
C2C CHL PN . 12.43 -72.43 7.87
C3C CHL PN . 13.27 -72.05 9.00
C4C CHL PN . 12.26 -71.94 10.10
CMC CHL PN . 12.92 -72.69 6.50
OMC CHL PN . 12.14 -73.02 5.62
CAC CHL PN . 14.76 -71.85 9.02
CBC CHL PN . 15.43 -73.21 9.01
ND CHL PN . 10.46 -71.63 12.40
C1D CHL PN . 11.79 -71.42 12.60
C2D CHL PN . 12.17 -71.02 14.00
C3D CHL PN . 10.85 -71.04 14.61
C4D CHL PN . 9.99 -71.39 13.66
CMD CHL PN . 13.39 -70.66 14.80
CAD CHL PN . 10.15 -70.82 15.88
OBD CHL PN . 10.72 -70.48 16.99
CBD CHL PN . 8.69 -71.07 15.66
CGD CHL PN . 8.22 -72.19 16.53
O1D CHL PN . 8.80 -73.26 16.54
O2D CHL PN . 7.07 -72.00 17.41
CED CHL PN . 6.78 -72.96 18.42
MG CHL QN . 13.59 -74.89 2.47
CHA CHL QN . 16.97 -75.06 1.88
CHB CHL QN . 13.17 -73.23 -0.41
CHC CHL QN . 10.22 -75.31 2.89
CHD CHL QN . 14.18 -76.22 5.73
NA CHL QN . 14.80 -74.32 1.00
C1A CHL QN . 16.06 -74.54 0.85
C2A CHL QN . 16.60 -74.18 -0.51
C3A CHL QN . 15.53 -73.22 -0.97
C4A CHL QN . 14.40 -73.58 -0.06
CMA CHL QN . 15.96 -71.77 -0.78
CAA CHL QN . 16.75 -75.38 -1.43
CBA CHL QN . 15.66 -76.41 -1.17
NB CHL QN . 11.93 -74.35 1.40
C1B CHL QN . 11.93 -73.66 0.24
C2B CHL QN . 10.60 -73.38 -0.35
C3B CHL QN . 9.71 -74.03 0.63
C4B CHL QN . 10.62 -74.59 1.67
CMB CHL QN . 10.27 -72.66 -1.63
CAB CHL QN . 8.22 -74.03 0.47
CBB CHL QN . 7.36 -74.67 1.23
NC CHL QN . 12.43 -75.62 4.01
C1C CHL QN . 11.08 -75.73 4.01
C2C CHL QN . 10.52 -76.28 5.26
C3C CHL QN . 11.67 -76.54 6.10
C4C CHL QN . 12.79 -76.08 5.24
CMC CHL QN . 9.11 -76.56 5.64
OMC CHL QN . 8.19 -76.34 4.86
CAC CHL QN . 11.73 -77.11 7.48
CBC CHL QN . 11.73 -76.03 8.55
ND CHL QN . 15.14 -75.51 3.62
C1D CHL QN . 15.34 -75.99 4.87
C2D CHL QN . 16.77 -76.31 5.21
C3D CHL QN . 17.41 -75.89 3.96
C4D CHL QN . 16.43 -75.48 3.16
CMD CHL QN . 17.57 -76.83 6.38
CAD CHL QN . 18.71 -75.78 3.26
OBD CHL QN . 19.86 -76.10 3.74
CBD CHL QN . 18.46 -75.23 1.89
CGD CHL QN . 19.16 -73.92 1.71
O1D CHL QN . 19.15 -73.09 2.60
O2D CHL QN . 19.85 -73.61 0.46
CED CHL QN . 20.80 -72.56 0.42
MG CHL RN . -7.18 -71.95 10.05
CHA CHL RN . -5.90 -70.00 7.51
CHB CHL RN . -4.33 -71.53 11.78
CHC CHL RN . -8.70 -73.53 12.70
CHD CHL RN . -10.12 -72.41 8.07
NA CHL RN . -5.46 -71.00 9.72
C1A CHL RN . -5.11 -70.23 8.74
C2A CHL RN . -3.78 -69.56 8.88
C3A CHL RN . -3.18 -70.32 10.03
C4A CHL RN . -4.41 -71.01 10.56
CMA CHL RN . -2.13 -71.33 9.59
CAA CHL RN . -3.90 -68.07 9.19
CBA CHL RN . -4.88 -67.83 10.35
NB CHL RN . -6.61 -72.46 11.95
C1B CHL RN . -5.41 -72.22 12.50
C2B CHL RN . -5.23 -72.69 13.89
C3B CHL RN . -6.54 -73.27 14.18
C4B CHL RN . -7.31 -73.09 12.93
CMB CHL RN . -4.04 -72.56 14.78
CAB CHL RN . -6.81 -73.88 15.53
CBB CHL RN . -7.93 -74.45 15.93
NC CHL RN . -9.04 -72.80 10.32
C1C CHL RN . -9.49 -73.39 11.45
C2C CHL RN . -10.87 -73.91 11.36
C3C CHL RN . -11.30 -73.59 10.00
C4C CHL RN . -10.10 -72.93 9.46
CMC CHL RN . -11.70 -74.61 12.37
OMC CHL RN . -11.25 -74.82 13.50
CAC CHL RN . -12.63 -73.88 9.33
CBC CHL RN . -13.53 -72.68 9.45
ND CHL RN . -7.92 -71.39 8.24
C1D CHL RN . -9.04 -71.59 7.50
C2D CHL RN . -9.06 -70.91 6.17
C3D CHL RN . -7.75 -70.26 6.22
C4D CHL RN . -7.21 -70.59 7.39
CMD CHL RN . -9.97 -70.75 4.98
CAD CHL RN . -6.82 -69.40 5.45
OBD CHL RN . -7.04 -68.90 4.29
CBD CHL RN . -5.59 -69.18 6.29
CGD CHL RN . -4.34 -69.62 5.60
O1D CHL RN . -4.27 -70.72 5.07
O2D CHL RN . -3.20 -68.71 5.56
CED CHL RN . -2.04 -69.04 4.81
MG CLA SN . -1.53 -78.15 3.13
CHA CLA SN . -3.60 -77.69 0.38
CHB CLA SN . -3.14 -81.02 3.81
CHC CLA SN . 0.97 -78.88 5.36
CHD CLA SN . 0.10 -75.09 2.26
NA CLA SN . -3.08 -79.14 2.31
C1A CLA SN . -3.75 -78.88 1.24
C2A CLA SN . -4.77 -79.91 0.87
C3A CLA SN . -4.79 -80.77 2.09
C4A CLA SN . -3.59 -80.27 2.82
CMA CLA SN . -6.04 -80.56 2.93
CAA CLA SN . -4.39 -80.68 -0.39
CBA CLA SN . -2.91 -81.05 -0.39
CGA CLA SN . -2.65 -82.18 -1.37
O1A CLA SN . -3.56 -82.64 -2.06
O2A CLA SN . -1.32 -82.73 -1.51
NB CLA SN . -1.15 -79.71 4.40
C1B CLA SN . -1.91 -80.80 4.58
C2B CLA SN . -1.43 -81.79 5.56
C3B CLA SN . -0.18 -81.17 6.03
C4B CLA SN . -0.09 -79.90 5.24
CMB CLA SN . -2.04 -83.11 5.97
CAB CLA SN . 0.67 -81.84 7.06
CBB CLA SN . 1.80 -81.38 7.57
NC CLA SN . 0.18 -77.17 3.70
C1C CLA SN . 1.08 -77.61 4.62
C2C CLA SN . 2.23 -76.69 4.83
C3C CLA SN . 1.99 -75.56 3.93
C4C CLA SN . 0.71 -75.96 3.29
CMC CLA SN . 3.39 -76.82 5.75
CAC CLA SN . 2.86 -74.34 3.75
CBC CLA SN . 4.18 -74.74 3.13
ND CLA SN . -1.65 -76.69 1.71
C1D CLA SN . -1.02 -75.52 1.41
C2D CLA SN . -1.53 -74.82 0.18
C3D CLA SN . -2.59 -75.75 -0.20
C4D CLA SN . -2.58 -76.73 0.70
CMD CLA SN . -1.29 -73.59 -0.65
CAD CLA SN . -3.65 -75.99 -1.20
OBD CLA SN . -3.94 -75.23 -2.20
CBD CLA SN . -4.34 -77.27 -0.85
CGD CLA SN . -5.79 -77.00 -0.62
O1D CLA SN . -6.15 -76.17 0.21
O2D CLA SN . -6.81 -77.67 -1.40
CED CLA SN . -7.90 -76.93 -1.95
MG CLA TN . -8.54 -62.70 3.01
CHA CLA TN . -11.56 -63.14 4.68
CHB CLA TN . -9.85 -59.86 1.59
CHC CLA TN . -5.37 -61.61 2.27
CHD CLA TN . -7.14 -65.20 5.12
NA CLA TN . -10.40 -61.74 3.07
C1A CLA TN . -11.52 -62.07 3.84
C2A CLA TN . -12.67 -61.11 3.54
C3A CLA TN . -12.22 -60.45 2.23
C4A CLA TN . -10.71 -60.67 2.29
CMA CLA TN . -12.81 -61.13 1.02
CAA CLA TN . -12.89 -60.05 4.62
CBA CLA TN . -11.79 -59.89 5.68
CGA CLA TN . -10.54 -59.27 5.16
O1A CLA TN . -9.56 -59.82 4.68
O2A CLA TN . -10.52 -57.91 5.29
NB CLA TN . -7.77 -61.09 2.08
C1B CLA TN . -8.46 -60.03 1.59
C2B CLA TN . -7.53 -59.02 1.03
C3B CLA TN . -6.27 -59.50 1.20
C4B CLA TN . -6.39 -60.83 1.88
CMB CLA TN . -7.97 -57.76 0.42
CAB CLA TN . -5.01 -58.90 0.85
CBB CLA TN . -4.79 -58.21 -0.26
NC CLA TN . -6.61 -63.36 3.51
C1C CLA TN . -5.46 -62.81 3.02
C2C CLA TN . -4.30 -63.58 3.49
C3C CLA TN . -4.79 -64.52 4.39
C4C CLA TN . -6.25 -64.40 4.37
CMC CLA TN . -2.90 -63.29 3.16
CAC CLA TN . -4.02 -65.53 5.12
CBC CLA TN . -3.60 -65.05 6.49
ND CLA TN . -9.15 -63.97 4.47
C1D CLA TN . -8.50 -65.01 5.19
C2D CLA TN . -9.50 -65.77 5.97
C3D CLA TN . -10.69 -65.10 5.81
C4D CLA TN . -10.41 -63.97 4.90
CMD CLA TN . -9.20 -66.95 6.78
CAD CLA TN . -12.11 -65.04 6.13
OBD CLA TN . -12.80 -65.83 6.78
CBD CLA TN . -12.68 -63.74 5.49
CGD CLA TN . -13.88 -64.01 4.63
O1D CLA TN . -13.92 -64.13 3.41
O2D CLA TN . -15.06 -64.13 5.32
CED CLA TN . -16.24 -63.66 4.66
C1 CLA TN . -9.90 -57.11 4.26
C2 CLA TN . -8.42 -57.18 4.44
C3 CLA TN . -7.59 -56.24 3.97
C4 CLA TN . -8.08 -55.07 3.21
C5 CLA TN . -6.11 -56.35 4.17
C6 CLA TN . -5.52 -55.22 4.98
C7 CLA TN . -4.00 -55.27 4.93
C8 CLA TN . -3.40 -56.24 5.93
C9 CLA TN . -3.39 -55.65 7.33
C10 CLA TN . -1.99 -56.64 5.52
MG CLA UN . -5.30 -52.90 -11.98
CHA CLA UN . -7.30 -53.22 -9.15
CHB CLA UN . -7.46 -50.50 -13.15
CHC CLA UN . -2.89 -51.78 -14.18
CHD CLA UN . -2.81 -54.82 -10.32
NA CLA UN . -7.09 -52.05 -11.28
C1A CLA UN . -7.76 -52.30 -10.07
C2A CLA UN . -9.04 -51.46 -9.98
C3A CLA UN . -9.22 -50.98 -11.43
C4A CLA UN . -7.82 -51.15 -12.00
CMA CLA UN . -10.24 -51.76 -12.23
CAA CLA UN . -8.90 -50.18 -9.17
CBA CLA UN . -8.17 -50.22 -7.84
CGA CLA UN . -7.23 -49.08 -7.67
O1A CLA UN . -6.76 -48.35 -8.55
O2A CLA UN . -6.89 -48.87 -6.37
NB CLA UN . -5.20 -51.44 -13.37
C1B CLA UN . -6.21 -50.60 -13.76
C2B CLA UN . -5.80 -49.79 -14.94
C3B CLA UN . -4.52 -50.15 -15.23
C4B CLA UN . -4.11 -51.20 -14.24
CMB CLA UN . -6.66 -48.80 -15.59
CAB CLA UN . -3.64 -49.63 -16.25
CBB CLA UN . -2.43 -49.14 -16.00
NC CLA UN . -3.26 -53.30 -12.25
C1C CLA UN . -2.48 -52.79 -13.26
C2C CLA UN . -1.13 -53.34 -13.20
C3C CLA UN . -1.09 -54.14 -12.06
C4C CLA UN . -2.43 -54.12 -11.48
CMC CLA UN . -0.05 -53.04 -14.14
CAC CLA UN . 0.05 -54.92 -11.57
CBC CLA UN . 1.04 -53.98 -10.92
ND CLA UN . -5.08 -53.89 -10.22
C1D CLA UN . -4.04 -54.71 -9.70
C2D CLA UN . -4.53 -55.36 -8.47
C3D CLA UN . -5.78 -54.86 -8.23
C4D CLA UN . -6.06 -53.91 -9.32
CMD CLA UN . -3.77 -56.34 -7.69
CAD CLA UN . -6.95 -54.86 -7.35
OBD CLA UN . -7.17 -55.57 -6.38
CBD CLA UN . -7.91 -53.75 -7.87
CGD CLA UN . -9.32 -54.25 -8.08
O1D CLA UN . -9.86 -54.52 -9.15
O2D CLA UN . -10.04 -54.39 -6.94
CED CLA UN . -11.46 -54.29 -7.04
C1 CLA UN . -6.03 -47.75 -6.04
C2 CLA UN . -4.65 -48.27 -5.91
C3 CLA UN . -3.87 -48.09 -4.83
C4 CLA UN . -4.33 -47.35 -3.62
C5 CLA UN . -2.48 -48.63 -4.80
C6 CLA UN . -2.13 -49.35 -3.50
C7 CLA UN . -1.13 -50.45 -3.76
C8 CLA UN . -0.25 -50.79 -2.58
C9 CLA UN . -1.06 -50.86 -1.29
C10 CLA UN . 0.89 -49.79 -2.45
C11 CLA UN . 2.10 -50.20 -3.27
C12 CLA UN . 2.95 -51.22 -2.57
C13 CLA UN . 3.83 -50.59 -1.49
C14 CLA UN . 5.18 -50.24 -2.07
C15 CLA UN . 4.02 -51.47 -0.27
C16 CLA UN . 2.70 -51.85 0.40
C17 CLA UN . 2.68 -51.70 1.91
C18 CLA UN . 1.55 -50.81 2.38
C19 CLA UN . 1.87 -50.18 3.72
C20 CLA UN . 0.26 -51.61 2.49
MG CLA VN . -2.29 -54.31 -2.79
CHA CLA VN . -5.42 -52.83 -2.72
CHB CLA VN . -2.52 -54.79 0.60
CHC CLA VN . 1.09 -54.89 -2.64
CHD CLA VN . -1.89 -53.07 -6.10
NA CLA VN . -3.75 -53.92 -1.34
C1A CLA VN . -4.99 -53.30 -1.52
C2A CLA VN . -5.78 -53.22 -0.21
C3A CLA VN . -4.90 -54.03 0.77
C4A CLA VN . -3.63 -54.28 -0.03
CMA CLA VN . -4.65 -53.23 2.02
CAA CLA VN . -7.14 -53.86 -0.37
CBA CLA VN . -7.06 -55.05 -1.30
NB CLA VN . -0.97 -54.71 -1.31
C1B CLA VN . -1.29 -55.03 -0.02
C2B CLA VN . -0.14 -55.66 0.67
C3B CLA VN . 0.89 -55.70 -0.25
C4B CLA VN . 0.38 -55.09 -1.50
CMB CLA VN . -0.19 -56.11 2.06
CAB CLA VN . 2.23 -56.19 -0.06
CBB CLA VN . 3.35 -55.59 -0.45
NC CLA VN . -0.71 -54.10 -4.15
C1C CLA VN . 0.57 -54.45 -3.90
C2C CLA VN . 1.40 -54.22 -5.07
C3C CLA VN . 0.58 -53.64 -6.03
C4C CLA VN . -0.76 -53.59 -5.46
CMC CLA VN . 2.83 -54.47 -5.16
CAC CLA VN . 0.97 -53.22 -7.39
CBC CLA VN . 1.78 -51.96 -7.36
ND CLA VN . -3.38 -53.32 -4.17
C1D CLA VN . -3.12 -52.92 -5.51
C2D CLA VN . -4.34 -52.34 -6.09
C3D CLA VN . -5.27 -52.30 -5.07
C4D CLA VN . -4.60 -52.87 -3.89
CMD CLA VN . -4.43 -51.88 -7.47
CAD CLA VN . -6.62 -51.94 -4.66
OBD CLA VN . -7.56 -51.51 -5.33
CBD CLA VN . -6.71 -52.18 -3.13
CGD CLA VN . -6.96 -50.91 -2.36
MG CLA WN . 11.39 -61.21 -13.14
CHA CLA WN . 14.62 -60.50 -14.21
CHB CLA WN . 10.94 -57.89 -12.44
CHC CLA WN . 8.01 -61.74 -12.84
CHD CLA WN . 11.74 -64.45 -14.55
NA CLA WN . 12.59 -59.50 -13.28
C1A CLA WN . 13.92 -59.42 -13.75
C2A CLA WN . 14.45 -58.00 -13.67
C3A CLA WN . 13.32 -57.22 -12.94
C4A CLA WN . 12.19 -58.26 -12.88
CMA CLA WN . 13.75 -56.76 -11.57
CAA CLA WN . 14.77 -57.43 -15.04
CBA CLA WN . 13.74 -57.74 -16.10
CGA CLA WN . 14.10 -57.01 -17.36
O1A CLA WN . 15.20 -56.90 -17.89
O2A CLA WN . 13.02 -56.42 -17.97
NB CLA WN . 9.80 -60.05 -12.76
C1B CLA WN . 9.84 -58.75 -12.36
C2B CLA WN . 8.52 -58.33 -11.83
C3B CLA WN . 7.67 -59.41 -11.92
C4B CLA WN . 8.48 -60.52 -12.53
CMB CLA WN . 8.27 -56.98 -11.34
CAB CLA WN . 6.28 -59.50 -11.57
CBB CLA WN . 5.71 -60.54 -10.97
NC CLA WN . 10.12 -62.82 -13.58
C1C CLA WN . 8.77 -62.84 -13.34
C2C CLA WN . 8.21 -64.13 -13.71
C3C CLA WN . 9.26 -64.87 -14.24
C4C CLA WN . 10.45 -64.05 -14.14
CMC CLA WN . 6.79 -64.51 -13.58
CAC CLA WN . 9.20 -66.25 -14.75
CBC CLA WN . 9.14 -66.30 -16.27
ND CLA WN . 12.81 -62.30 -14.11
C1D CLA WN . 12.86 -63.64 -14.55
C2D CLA WN . 14.24 -63.96 -14.97
C3D CLA WN . 14.96 -62.80 -14.85
C4D CLA WN . 14.02 -61.78 -14.34
CMD CLA WN . 14.68 -65.28 -15.44
CAD CLA WN . 16.26 -62.15 -15.00
OBD CLA WN . 17.34 -62.64 -15.32
CBD CLA WN . 16.06 -60.64 -14.65
CGD CLA WN . 17.02 -60.20 -13.58
O1D CLA WN . 17.05 -60.57 -12.40
O2D CLA WN . 17.93 -59.28 -13.99
CED CLA WN . 18.42 -58.34 -13.02
C1 CLA WN . 13.29 -55.81 -19.24
C2 CLA WN . 11.98 -55.43 -19.84
C3 CLA WN . 11.04 -56.33 -20.14
C4 CLA WN . 11.22 -57.79 -19.92
C5 CLA WN . 9.74 -55.90 -20.73
C6 CLA WN . 8.56 -56.11 -19.80
C7 CLA WN . 7.32 -55.42 -20.32
C1 LUT XN . 10.43 -56.21 -7.48
C2 LUT XN . 11.92 -56.58 -7.57
C3 LUT XN . 12.26 -58.06 -7.63
C4 LUT XN . 11.35 -58.82 -6.69
C5 LUT XN . 9.99 -58.63 -7.27
C6 LUT XN . 9.49 -57.41 -7.35
C7 LUT XN . 8.04 -57.14 -7.21
C8 LUT XN . 7.25 -58.01 -6.56
C9 LUT XN . 5.84 -57.71 -6.26
C10 LUT XN . 5.24 -58.46 -5.32
C11 LUT XN . 3.89 -58.21 -4.85
C12 LUT XN . 3.47 -58.89 -3.79
C13 LUT XN . 2.16 -58.64 -3.15
C14 LUT XN . 1.99 -59.14 -1.91
C15 LUT XN . 0.80 -58.96 -1.07
C16 LUT XN . 10.03 -55.30 -8.64
C17 LUT XN . 10.18 -55.44 -6.18
C18 LUT XN . 9.31 -59.83 -7.88
C19 LUT XN . 5.08 -56.58 -6.89
C20 LUT XN . 1.15 -57.81 -3.87
O3 LUT XN . 13.63 -58.26 -7.27
C21 LUT XN . -7.10 -58.90 9.00
C22 LUT XN . -8.52 -58.36 9.17
C23 LUT XN . -9.57 -59.46 9.17
C24 LUT XN . -9.20 -60.67 8.33
C25 LUT XN . -8.03 -60.78 7.68
C26 LUT XN . -7.03 -59.68 7.70
C27 LUT XN . -5.63 -60.19 7.45
C28 LUT XN . -5.01 -59.83 6.34
C29 LUT XN . -3.64 -60.25 5.98
C30 LUT XN . -3.19 -59.77 4.81
C31 LUT XN . -1.87 -60.05 4.24
C32 LUT XN . -1.61 -59.56 3.04
C33 LUT XN . -0.36 -59.78 2.30
C34 LUT XN . -0.30 -59.30 1.05
C35 LUT XN . 0.84 -59.45 0.16
C36 LUT XN . -6.70 -59.71 10.24
C37 LUT XN . -6.16 -57.70 8.89
C38 LUT XN . -7.76 -62.03 6.89
C39 LUT XN . -2.82 -61.14 6.87
C40 LUT XN . 0.76 -60.56 2.93
O23 LUT XN . -10.81 -58.93 8.70
C1 LUT YN . 10.84 -69.77 3.23
C2 LUT YN . 11.92 -69.11 4.11
C3 LUT YN . 11.84 -67.60 4.25
C4 LUT YN . 11.19 -67.01 3.02
C5 LUT YN . 9.79 -67.57 3.03
C6 LUT YN . 9.64 -68.89 2.93
C7 LUT YN . 8.38 -69.50 2.40
C8 LUT YN . 7.58 -68.85 1.54
C9 LUT YN . 6.43 -69.53 0.90
C10 LUT YN . 5.90 -68.95 -0.18
C11 LUT YN . 4.85 -69.60 -0.97
C12 LUT YN . 4.52 -69.06 -2.14
C13 LUT YN . 3.56 -69.68 -3.07
C14 LUT YN . 3.57 -69.26 -4.36
C15 LUT YN . 2.73 -69.83 -5.42
C16 LUT YN . 10.44 -71.09 3.89
C17 LUT YN . 11.43 -70.10 1.86
C18 LUT YN . 8.70 -66.60 3.35
C19 LUT YN . 5.89 -70.86 1.36
C20 LUT YN . 2.67 -70.78 -2.58
O3 LUT YN . 13.15 -67.05 4.43
C21 LUT YN . -2.16 -70.59 -17.82
C22 LUT YN . -3.31 -71.31 -18.50
C23 LUT YN . -4.65 -70.58 -18.36
C24 LUT YN . -4.77 -69.78 -17.08
C25 LUT YN . -3.78 -69.70 -16.17
C26 LUT YN . -2.50 -70.47 -16.34
C27 LUT YN . -1.39 -69.82 -15.54
C28 LUT YN . -1.03 -70.33 -14.35
C29 LUT YN . 0.04 -69.72 -13.53
C30 LUT YN . 0.25 -70.20 -12.28
C31 LUT YN . 1.22 -69.66 -11.33
C32 LUT YN . 1.27 -70.11 -10.07
C33 LUT YN . 2.18 -69.52 -9.06
C34 LUT YN . 2.07 -69.92 -7.77
C35 LUT YN . 2.89 -69.38 -6.66
C36 LUT YN . -1.90 -69.26 -18.52
C37 LUT YN . -0.92 -71.46 -17.95
C38 LUT YN . -4.00 -68.86 -14.95
C39 LUT YN . 0.81 -68.57 -14.12
C40 LUT YN . 3.14 -68.45 -9.50
O23 LUT YN . -5.73 -71.51 -18.43
C1 NEX ZN . -7.87 -78.86 24.55
C2 NEX ZN . -8.65 -80.09 24.11
C3 NEX ZN . -10.13 -79.79 23.84
C4 NEX ZN . -10.30 -78.70 22.79
C5 NEX ZN . -9.50 -77.42 23.06
C6 NEX ZN . -8.09 -77.77 23.51
C7 NEX ZN . -7.09 -77.23 22.96
C8 NEX ZN . -6.14 -76.65 22.41
C9 NEX ZN . -5.87 -76.73 20.95
C10 NEX ZN . -4.82 -76.02 20.50
C11 NEX ZN . -4.44 -75.97 19.07
C12 NEX ZN . -3.41 -75.18 18.77
C13 NEX ZN . -2.94 -74.99 17.37
C14 NEX ZN . -2.00 -74.04 17.18
C15 NEX ZN . -1.48 -73.69 15.85
C16 NEX ZN . -6.39 -79.24 24.67
C17 NEX ZN . -8.36 -78.37 25.92
C18 NEX ZN . -9.48 -76.55 21.80
C19 NEX ZN . -6.72 -77.58 20.04
C20 NEX ZN . -3.55 -75.82 16.28
O3 NEX ZN . -10.76 -80.96 23.32
O4 NEX ZN . -10.11 -76.63 24.07
C21 NEX ZN . 4.86 -65.13 10.83
C22 NEX ZN . 6.08 -64.23 10.76
C23 NEX ZN . 7.15 -64.64 11.75
C24 NEX ZN . 7.70 -65.97 11.26
C25 NEX ZN . 6.64 -67.07 11.27
C26 NEX ZN . 5.17 -66.63 11.01
C27 NEX ZN . 4.43 -67.60 10.12
C28 NEX ZN . 3.56 -68.43 10.68
C29 NEX ZN . 2.79 -69.44 9.92
C30 NEX ZN . 1.94 -70.31 10.52
C31 NEX ZN . 1.70 -70.34 11.97
C32 NEX ZN . 0.89 -71.28 12.47
C33 NEX ZN . 0.60 -71.39 13.93
C34 NEX ZN . -0.22 -72.39 14.30
C35 NEX ZN . -0.64 -72.68 15.66
C36 NEX ZN . 4.06 -64.93 9.55
C37 NEX ZN . 3.98 -64.69 12.00
C38 NEX ZN . 7.00 -68.37 10.55
C39 NEX ZN . 2.94 -69.52 8.42
C40 NEX ZN . 1.22 -70.44 14.91
O23 NEX ZN . 8.19 -63.65 11.80
O24 NEX ZN . 5.63 -67.10 12.28
C1 LUT AO . 18.08 -71.60 -5.04
C2 LUT AO . 19.52 -71.23 -5.35
C3 LUT AO . 19.69 -70.86 -6.81
C4 LUT AO . 19.42 -72.10 -7.63
C5 LUT AO . 18.13 -72.76 -7.24
C6 LUT AO . 17.42 -72.38 -6.15
C7 LUT AO . 15.98 -72.62 -5.92
C8 LUT AO . 15.09 -73.02 -6.84
C9 LUT AO . 13.64 -73.19 -6.51
C10 LUT AO . 12.86 -73.62 -7.51
C11 LUT AO . 11.43 -73.86 -7.37
C12 LUT AO . 10.75 -74.26 -8.45
C13 LUT AO . 9.31 -74.57 -8.42
C14 LUT AO . 8.80 -75.02 -9.58
C15 LUT AO . 7.39 -75.39 -9.74
C16 LUT AO . 17.28 -70.32 -4.88
C17 LUT AO . 18.03 -72.44 -3.76
C18 LUT AO . 17.74 -73.95 -8.08
C19 LUT AO . 13.11 -72.97 -5.11
C20 LUT AO . 8.49 -74.48 -7.15
O3 LUT AO . 21.01 -70.38 -7.06
C21 LUT AO . -3.41 -80.79 -13.87
C22 LUT AO . -4.89 -81.16 -13.67
C23 LUT AO . -5.90 -80.01 -13.69
C24 LUT AO . -5.33 -78.65 -13.35
C25 LUT AO . -4.02 -78.36 -13.27
C26 LUT AO . -2.94 -79.42 -13.35
C27 LUT AO . -1.65 -79.01 -14.06
C28 LUT AO . -0.69 -78.46 -13.33
C29 LUT AO . 0.64 -78.10 -13.87
C30 LUT AO . 1.50 -77.62 -12.97
C31 LUT AO . 2.88 -77.25 -13.26
C32 LUT AO . 3.61 -76.87 -12.22
C33 LUT AO . 5.03 -76.50 -12.28
C34 LUT AO . 5.57 -76.15 -11.11
C35 LUT AO . 6.97 -75.76 -10.94
C36 LUT AO . -2.42 -81.80 -14.47
C37 LUT AO . -3.69 -80.32 -15.34
C38 LUT AO . -3.64 -76.92 -13.06
C39 LUT AO . 1.02 -78.30 -15.31
C40 LUT AO . 5.83 -76.56 -13.56
O23 LUT AO . -6.94 -80.31 -12.74
O1 LHG BO . -8.14 -52.92 -19.63
C1 LHG BO . -7.79 -53.29 -18.30
C2 LHG BO . -9.05 -53.23 -17.44
O2 LHG BO . -9.48 -51.86 -17.25
C3 LHG BO . -8.83 -53.96 -16.11
O3 LHG BO . -7.46 -54.30 -15.95
P LHG BO . -6.92 -54.73 -14.49
O4 LHG BO . -6.42 -53.50 -13.78
O5 LHG BO . -8.00 -55.52 -13.79
O6 LHG BO . -5.68 -55.70 -14.80
C4 LHG BO . -4.93 -56.18 -13.69
C5 LHG BO . -4.11 -57.40 -14.08
C6 LHG BO . -3.31 -57.17 -15.37
O7 LHG BO . -3.22 -57.62 -12.99
C7 LHG BO . -3.65 -58.69 -12.10
O9 LHG BO . -4.83 -58.83 -11.82
C8 LHG BO . -2.56 -59.55 -11.54
C9 LHG BO . -1.34 -59.21 -12.38
C10 LHG BO . -0.70 -60.47 -12.94
O8 LHG BO . -2.45 -58.30 -15.59
C23 LHG BO . -1.53 -58.45 -16.71
O10 LHG BO . -1.45 -57.62 -17.62
C24 LHG BO . -0.64 -59.67 -16.71
C11 LHG BO . 0.79 -60.22 -13.04
C12 LHG BO . 1.12 -58.74 -13.11
C25 LHG BO . 0.31 -59.66 -17.89
C26 LHG BO . 0.68 -61.07 -18.38
C27 LHG BO . 1.07 -61.99 -17.23
#